data_7TNT
#
_entry.id   7TNT
#
loop_
_entity.id
_entity.type
_entity.pdbx_description
1 polymer 'Tubulin alpha chain'
2 polymer 'Tubulin beta chain'
#
loop_
_entity_poly.entity_id
_entity_poly.type
_entity_poly.pdbx_seq_one_letter_code
_entity_poly.pdbx_strand_id
1 'polypeptide(L)'
;MREVISIHVGQAGIQIGNACWELFCLEHGIQPDGQMPSDKTIGGGDDAFNTFFSETGAGKHVPRCVFLDLEPTVVDEVRT
GTYRHLFHPEQLISGKEDAANNFARGHYTIGKEIVDLSLDRIRKLADNCTGLQGFLMFNAVGGGTGSGLGCLLLERLSVD
YGKKSKLNFCSWPSPQVSTAVVEPYNSVLSTHSLLEHTDVAVMLDNEAIYDICRRNLDIERPTYTNLNRLIAQVISSLTA
SLRFDGALNVDVTEFQTNLVPYPRIHFMLSSYAPIISAEKAYHEQLSVAEITNSAFEPASMMAKCDPRHGKYMACCLMYR
GDVVPKDVNAAVATIKTKRTIQFVDWCPTGFKCGINYQPPTVVPGGDLAKVMRAVCMISNSTAIAEVFSRMDHKFDLMYA
KRAFVHWYVGEGMEEGEFSEAREDLAALEKDYEEVGI
;
2A,2B,2C,2D,2E,2F,2G,2H,2I,4A,4B,4C,4D,4E,4F,4G,4H,4I
2 'polypeptide(L)'
;MREIVHVQGGQCGNQIGAKFWEVISDEHGIDPTGTYCGDSDLQLERINVFYNEATGGRFVPRAILMDLEPGTMDSVRAGP
FGQLFRPDNFVFGQTGAGNNWAKGHYTEGAELIDSVLDVVRKEAEGCDCLQGFQITHSLGGGTGSGMGTLLISKVREEYP
DRIMETFSVFPSPKVSDTVVEPYNATLSVHQLVENADEVQVIDNEALYDICFRTLKLTTPTYGDLNHLVSAAMSGVTCCL
RFPGQLNSDLRKLAVNLIPFPRLHFFLIGFAPLTSRGSQQYRALSVPELTQQMFDAKNMMCASDPRHGRYLTASAMFRGR
MSTKEVDEQMLNVQNKNSSYFVEWIPNNMKSSVCDIPPKGLKMSVTFVGNSTAIQEMFKRVSDQFTAMFRRKAFLHWYTG
EGMDEMEFTEAESNMNDLVSEYQQYQ
;
3A,3B,3C,3D,3E,3F,3G,3H,3I,5A,5B,5C,5D,5E,5F,5G,5H,5I
#
# COMPACT_ATOMS: atom_id res chain seq x y z
N MET A 1 -44.15 78.05 87.40
CA MET A 1 -44.70 79.23 88.09
C MET A 1 -45.84 79.78 87.24
N ARG A 2 -45.41 80.35 86.10
CA ARG A 2 -46.36 80.83 85.08
C ARG A 2 -46.13 79.99 83.86
N GLU A 3 -46.92 78.97 83.57
CA GLU A 3 -46.67 78.10 82.43
C GLU A 3 -48.00 77.59 81.94
N VAL A 4 -47.98 76.92 80.78
CA VAL A 4 -49.12 76.28 80.17
C VAL A 4 -48.68 74.90 79.68
N ILE A 5 -49.61 73.94 79.73
CA ILE A 5 -49.30 72.57 79.34
C ILE A 5 -49.97 72.32 77.97
N SER A 6 -49.18 71.85 77.04
CA SER A 6 -49.59 71.60 75.67
C SER A 6 -49.83 70.10 75.50
N ILE A 7 -50.97 69.75 74.92
CA ILE A 7 -51.32 68.36 74.65
C ILE A 7 -51.45 68.20 73.14
N HIS A 8 -50.83 67.18 72.59
CA HIS A 8 -51.01 66.81 71.20
C HIS A 8 -51.62 65.42 71.13
N VAL A 9 -52.88 65.36 70.62
CA VAL A 9 -53.54 64.11 70.45
C VAL A 9 -53.87 63.90 68.98
N GLY A 10 -53.54 62.73 68.46
CA GLY A 10 -53.86 62.44 67.06
C GLY A 10 -52.71 62.83 66.12
N GLN A 11 -52.79 62.37 64.87
CA GLN A 11 -51.69 62.49 63.95
C GLN A 11 -51.46 63.95 63.54
N ALA A 12 -52.57 64.63 63.28
CA ALA A 12 -52.55 66.06 62.96
C ALA A 12 -52.00 66.87 64.12
N GLY A 13 -52.37 66.53 65.32
CA GLY A 13 -51.88 67.19 66.53
C GLY A 13 -50.38 67.02 66.69
N ILE A 14 -49.87 65.83 66.40
CA ILE A 14 -48.46 65.54 66.60
C ILE A 14 -47.63 66.30 65.57
N GLN A 15 -48.06 66.27 64.28
CA GLN A 15 -47.19 66.88 63.29
C GLN A 15 -47.32 68.40 63.31
N ILE A 16 -48.45 68.94 63.76
CA ILE A 16 -48.54 70.38 64.03
C ILE A 16 -47.64 70.69 65.22
N GLY A 17 -47.66 69.84 66.22
CA GLY A 17 -46.88 70.07 67.43
C GLY A 17 -45.39 69.96 67.21
N ASN A 18 -45.00 69.13 66.27
CA ASN A 18 -43.58 69.01 65.92
C ASN A 18 -43.09 70.29 65.28
N ALA A 19 -43.93 70.89 64.44
CA ALA A 19 -43.58 72.16 63.82
C ALA A 19 -43.64 73.30 64.85
N CYS A 20 -44.56 73.21 65.82
CA CYS A 20 -44.70 74.23 66.82
C CYS A 20 -43.53 74.25 67.78
N TRP A 21 -43.08 73.10 68.17
CA TRP A 21 -41.95 73.00 69.10
C TRP A 21 -40.59 73.21 68.45
N GLU A 22 -40.53 73.08 67.11
CA GLU A 22 -39.30 73.45 66.46
C GLU A 22 -39.19 74.97 66.38
N LEU A 23 -40.31 75.66 66.24
CA LEU A 23 -40.30 77.11 66.20
C LEU A 23 -40.02 77.67 67.59
N PHE A 24 -40.59 77.07 68.63
CA PHE A 24 -40.40 77.52 69.99
C PHE A 24 -38.96 77.39 70.47
N CYS A 25 -38.31 76.32 70.01
CA CYS A 25 -36.93 76.08 70.39
C CYS A 25 -36.03 77.09 69.70
N LEU A 26 -36.33 77.42 68.44
CA LEU A 26 -35.46 78.31 67.68
C LEU A 26 -35.65 79.76 68.10
N GLU A 27 -36.85 80.11 68.55
CA GLU A 27 -37.12 81.47 69.00
C GLU A 27 -36.44 81.77 70.32
N HIS A 28 -36.34 80.78 71.20
CA HIS A 28 -35.65 80.92 72.46
C HIS A 28 -34.15 80.55 72.37
N GLY A 29 -33.72 80.07 71.19
CA GLY A 29 -32.36 79.75 70.96
C GLY A 29 -31.84 78.53 71.71
N ILE A 30 -32.71 77.54 71.93
CA ILE A 30 -32.25 76.29 72.54
C ILE A 30 -32.05 75.31 71.39
N GLN A 31 -31.04 74.46 71.51
CA GLN A 31 -30.68 73.47 70.52
C GLN A 31 -31.63 72.29 70.61
N PRO A 32 -31.73 71.42 69.59
CA PRO A 32 -32.39 70.13 69.72
C PRO A 32 -31.98 69.23 70.89
N ASP A 33 -30.77 69.45 71.47
CA ASP A 33 -30.43 68.72 72.67
C ASP A 33 -31.27 69.23 73.84
N GLY A 34 -31.47 70.54 73.90
CA GLY A 34 -32.34 71.10 74.93
C GLY A 34 -31.65 72.16 75.79
N GLN A 35 -30.39 72.44 75.52
CA GLN A 35 -29.60 73.33 76.35
C GLN A 35 -29.10 74.46 75.45
N MET A 36 -29.08 75.70 75.98
CA MET A 36 -28.60 76.80 75.16
C MET A 36 -27.08 76.87 75.24
N PRO A 37 -26.39 77.28 74.16
CA PRO A 37 -24.97 77.58 74.21
C PRO A 37 -24.68 78.96 74.86
N ASP A 47 -35.37 84.13 82.01
CA ASP A 47 -36.62 83.52 82.53
C ASP A 47 -37.74 83.63 81.50
N ALA A 48 -37.35 83.90 80.25
CA ALA A 48 -38.29 84.01 79.14
C ALA A 48 -38.80 82.63 78.72
N PHE A 49 -37.99 81.57 78.99
CA PHE A 49 -38.35 80.25 78.50
C PHE A 49 -39.31 79.50 79.45
N ASN A 50 -39.66 80.13 80.59
CA ASN A 50 -40.28 79.34 81.65
C ASN A 50 -41.73 78.99 81.34
N THR A 51 -42.32 79.72 80.38
CA THR A 51 -43.74 79.51 80.10
C THR A 51 -43.97 78.26 79.25
N PHE A 52 -42.91 77.75 78.61
CA PHE A 52 -43.02 76.63 77.70
C PHE A 52 -42.09 75.48 78.06
N PHE A 53 -41.04 75.76 78.87
CA PHE A 53 -40.03 74.78 79.15
C PHE A 53 -39.91 74.64 80.65
N SER A 54 -39.57 73.42 81.09
CA SER A 54 -39.06 73.25 82.44
C SER A 54 -37.54 73.35 82.43
N GLU A 55 -36.96 73.17 83.61
CA GLU A 55 -35.50 73.10 83.73
C GLU A 55 -35.11 71.72 84.25
N THR A 56 -34.32 71.01 83.43
CA THR A 56 -33.92 69.66 83.77
C THR A 56 -32.42 69.56 84.07
N GLY A 57 -32.12 69.20 85.32
CA GLY A 57 -30.70 68.99 85.65
C GLY A 57 -29.90 70.27 85.79
N ALA A 58 -28.93 70.51 84.87
CA ALA A 58 -28.07 71.62 84.82
C ALA A 58 -28.14 72.14 83.38
N GLY A 59 -28.95 73.20 83.21
CA GLY A 59 -28.89 74.08 82.04
C GLY A 59 -29.60 73.46 80.83
N LYS A 60 -30.39 72.38 81.04
CA LYS A 60 -31.21 71.93 79.94
C LYS A 60 -32.62 72.52 80.10
N HIS A 61 -33.42 72.25 79.08
CA HIS A 61 -34.86 72.36 79.12
C HIS A 61 -35.45 71.06 78.64
N VAL A 62 -36.59 70.70 79.22
CA VAL A 62 -37.59 69.81 78.63
C VAL A 62 -38.85 70.60 78.35
N PRO A 63 -39.52 70.37 77.21
CA PRO A 63 -40.81 70.99 76.94
C PRO A 63 -41.91 70.52 77.86
N ARG A 64 -42.90 71.39 78.05
CA ARG A 64 -44.10 71.07 78.76
C ARG A 64 -45.19 70.54 77.83
N CYS A 65 -44.92 69.38 77.26
CA CYS A 65 -45.83 68.83 76.28
C CYS A 65 -45.96 67.34 76.44
N VAL A 66 -47.10 66.80 75.98
CA VAL A 66 -47.32 65.38 75.92
C VAL A 66 -47.73 64.98 74.51
N PHE A 67 -47.19 63.85 74.04
CA PHE A 67 -47.57 63.36 72.71
C PHE A 67 -48.38 62.08 72.90
N LEU A 68 -49.59 62.08 72.37
CA LEU A 68 -50.49 60.95 72.67
C LEU A 68 -51.12 60.50 71.38
N ASP A 69 -50.96 59.22 71.06
CA ASP A 69 -51.53 58.63 69.88
C ASP A 69 -51.63 57.13 70.06
N LEU A 70 -52.61 56.48 69.46
CA LEU A 70 -52.83 55.07 69.59
C LEU A 70 -51.99 54.29 68.59
N GLU A 71 -51.78 54.82 67.36
CA GLU A 71 -50.85 54.20 66.46
C GLU A 71 -49.44 54.62 66.83
N PRO A 72 -48.46 53.71 66.86
CA PRO A 72 -47.08 54.11 67.16
C PRO A 72 -46.37 54.82 66.02
N THR A 73 -46.88 54.73 64.80
CA THR A 73 -46.09 54.99 63.60
C THR A 73 -45.78 56.46 63.41
N VAL A 74 -46.44 57.39 64.11
CA VAL A 74 -46.11 58.80 63.94
C VAL A 74 -45.25 59.30 65.12
N VAL A 75 -45.40 58.69 66.28
CA VAL A 75 -44.74 59.16 67.48
C VAL A 75 -43.39 58.47 67.63
N ASP A 76 -43.26 57.23 67.15
CA ASP A 76 -41.97 56.53 67.20
C ASP A 76 -40.99 57.18 66.23
N GLU A 77 -41.51 57.77 65.15
CA GLU A 77 -40.66 58.43 64.18
C GLU A 77 -40.12 59.75 64.72
N VAL A 78 -40.79 60.34 65.70
CA VAL A 78 -40.25 61.48 66.42
C VAL A 78 -39.19 60.99 67.40
N ARG A 79 -39.39 59.82 67.99
CA ARG A 79 -38.43 59.25 68.93
C ARG A 79 -37.13 58.87 68.21
N THR A 80 -37.16 58.68 66.90
CA THR A 80 -36.01 58.33 66.12
C THR A 80 -35.48 59.47 65.28
N GLY A 81 -36.13 60.61 65.29
CA GLY A 81 -35.78 61.77 64.49
C GLY A 81 -34.64 62.59 65.09
N THR A 82 -34.57 63.84 64.69
CA THR A 82 -33.58 64.76 65.23
C THR A 82 -33.95 65.22 66.63
N TYR A 83 -35.24 65.30 66.95
CA TYR A 83 -35.69 65.73 68.25
C TYR A 83 -35.81 64.57 69.23
N ARG A 84 -34.76 63.77 69.39
CA ARG A 84 -34.89 62.61 70.24
C ARG A 84 -34.78 63.00 71.71
N HIS A 85 -33.78 63.82 72.02
CA HIS A 85 -33.44 64.06 73.43
C HIS A 85 -34.01 65.36 73.95
N LEU A 86 -34.77 66.07 73.10
CA LEU A 86 -35.48 67.25 73.56
C LEU A 86 -36.62 66.82 74.48
N PHE A 87 -37.38 65.79 74.06
CA PHE A 87 -38.52 65.38 74.85
C PHE A 87 -38.13 64.38 75.91
N HIS A 88 -38.81 64.48 77.05
CA HIS A 88 -38.69 63.48 78.09
C HIS A 88 -39.30 62.18 77.54
N PRO A 89 -38.63 61.03 77.79
CA PRO A 89 -39.04 59.79 77.17
C PRO A 89 -40.46 59.32 77.51
N GLU A 90 -41.04 59.74 78.64
CA GLU A 90 -42.20 59.06 79.18
C GLU A 90 -43.51 59.61 78.65
N GLN A 91 -43.48 60.83 78.11
CA GLN A 91 -44.72 61.40 77.63
C GLN A 91 -44.77 61.37 76.11
N LEU A 92 -43.77 60.73 75.45
CA LEU A 92 -44.04 60.36 74.04
C LEU A 92 -44.71 58.99 73.94
N ILE A 93 -46.04 59.00 74.06
CA ILE A 93 -46.82 57.79 74.30
C ILE A 93 -47.40 57.34 72.95
N SER A 94 -47.21 56.04 72.73
CA SER A 94 -47.88 55.26 71.73
C SER A 94 -48.68 54.15 72.41
N GLY A 95 -49.83 53.88 71.80
CA GLY A 95 -50.69 52.77 72.12
C GLY A 95 -50.27 51.47 71.42
N LYS A 96 -51.27 50.66 71.08
CA LYS A 96 -50.97 49.44 70.33
C LYS A 96 -51.58 49.46 68.93
N GLU A 97 -52.85 49.82 68.85
CA GLU A 97 -53.58 49.77 67.57
C GLU A 97 -54.28 51.11 67.34
N ASP A 98 -54.37 51.54 66.09
CA ASP A 98 -54.91 52.84 65.73
C ASP A 98 -56.44 52.86 65.96
N ALA A 99 -56.95 54.08 66.17
CA ALA A 99 -58.37 54.26 66.39
C ALA A 99 -59.17 54.05 65.12
N ALA A 100 -58.53 54.24 63.94
CA ALA A 100 -59.12 53.85 62.66
C ALA A 100 -60.43 54.60 62.38
N ASN A 101 -60.36 55.94 62.37
CA ASN A 101 -61.42 56.82 61.87
C ASN A 101 -62.75 56.59 62.58
N ASN A 102 -62.71 56.08 63.81
CA ASN A 102 -63.92 55.74 64.53
C ASN A 102 -63.92 56.54 65.82
N PHE A 103 -64.98 57.32 66.00
CA PHE A 103 -65.17 58.04 67.24
C PHE A 103 -65.37 57.09 68.42
N ALA A 104 -66.11 56.04 68.18
CA ALA A 104 -66.48 55.09 69.23
C ALA A 104 -65.25 54.31 69.68
N ARG A 105 -64.30 54.06 68.78
CA ARG A 105 -63.12 53.33 69.16
C ARG A 105 -62.23 54.17 70.07
N GLY A 106 -62.07 55.45 69.70
CA GLY A 106 -61.17 56.35 70.42
C GLY A 106 -61.73 56.75 71.79
N HIS A 107 -63.04 56.64 71.97
CA HIS A 107 -63.72 57.13 73.14
C HIS A 107 -64.05 56.04 74.13
N TYR A 108 -64.39 54.83 73.67
CA TYR A 108 -64.88 53.81 74.56
C TYR A 108 -63.91 52.63 74.71
N THR A 109 -63.42 52.08 73.60
CA THR A 109 -62.84 50.75 73.70
C THR A 109 -61.35 50.81 73.96
N ILE A 110 -60.61 51.42 73.02
CA ILE A 110 -59.16 51.37 73.14
C ILE A 110 -58.58 52.61 73.81
N GLY A 111 -59.42 53.65 73.97
CA GLY A 111 -58.93 54.83 74.66
C GLY A 111 -58.86 54.71 76.15
N LYS A 112 -59.52 53.73 76.78
CA LYS A 112 -59.58 53.63 78.23
C LYS A 112 -58.21 53.30 78.87
N GLU A 113 -57.42 52.55 78.10
CA GLU A 113 -56.20 51.96 78.63
C GLU A 113 -55.08 53.00 78.61
N ILE A 114 -55.19 54.06 77.84
CA ILE A 114 -54.11 54.97 77.56
C ILE A 114 -54.37 56.32 78.22
N VAL A 115 -55.62 56.62 78.59
CA VAL A 115 -55.89 57.92 79.20
C VAL A 115 -55.36 57.90 80.62
N ASP A 116 -55.41 56.77 81.31
CA ASP A 116 -54.94 56.73 82.69
C ASP A 116 -53.44 57.03 82.81
N LEU A 117 -52.67 56.50 81.83
CA LEU A 117 -51.25 56.80 81.84
C LEU A 117 -50.97 58.23 81.43
N SER A 118 -51.86 58.79 80.57
CA SER A 118 -51.69 60.16 80.11
C SER A 118 -51.97 61.17 81.21
N LEU A 119 -53.01 60.91 81.99
CA LEU A 119 -53.41 61.80 83.07
C LEU A 119 -52.41 61.77 84.20
N ASP A 120 -51.69 60.66 84.40
CA ASP A 120 -50.66 60.59 85.41
C ASP A 120 -49.49 61.52 85.03
N ARG A 121 -49.16 61.58 83.74
CA ARG A 121 -48.08 62.42 83.28
C ARG A 121 -48.47 63.88 83.35
N ILE A 122 -49.71 64.18 83.02
CA ILE A 122 -50.19 65.57 83.04
C ILE A 122 -50.23 66.09 84.48
N ARG A 123 -50.65 65.23 85.40
CA ARG A 123 -50.75 65.61 86.80
C ARG A 123 -49.37 65.80 87.41
N LYS A 124 -48.40 65.02 87.03
CA LYS A 124 -47.03 65.16 87.52
C LYS A 124 -46.39 66.44 86.97
N LEU A 125 -46.81 66.85 85.77
CA LEU A 125 -46.26 68.03 85.14
C LEU A 125 -46.95 69.30 85.64
N ALA A 126 -48.20 69.17 86.15
CA ALA A 126 -48.94 70.32 86.64
C ALA A 126 -48.70 70.60 88.13
N ASP A 127 -48.21 69.63 88.87
CA ASP A 127 -48.01 69.73 90.30
C ASP A 127 -46.63 70.21 90.67
N ASN A 128 -45.81 70.64 89.69
CA ASN A 128 -44.56 71.30 89.99
C ASN A 128 -44.79 72.66 90.67
N CYS A 129 -45.72 73.45 90.17
CA CYS A 129 -45.97 74.82 90.57
C CYS A 129 -47.47 75.08 90.44
N THR A 130 -47.97 75.99 91.29
CA THR A 130 -49.29 76.56 91.11
C THR A 130 -49.26 77.66 90.06
N GLY A 131 -50.42 78.26 89.80
CA GLY A 131 -50.51 79.38 88.89
C GLY A 131 -50.40 78.95 87.43
N LEU A 132 -50.84 77.74 87.16
CA LEU A 132 -50.88 77.18 85.81
C LEU A 132 -51.86 77.95 84.97
N GLN A 133 -51.42 78.45 83.82
CA GLN A 133 -52.25 79.29 82.98
C GLN A 133 -53.37 78.50 82.30
N GLY A 134 -53.03 77.35 81.73
CA GLY A 134 -54.12 76.62 81.05
C GLY A 134 -53.58 75.42 80.27
N PHE A 135 -54.37 74.98 79.28
CA PHE A 135 -54.08 73.87 78.43
C PHE A 135 -54.10 74.35 76.98
N LEU A 136 -53.23 73.75 76.17
CA LEU A 136 -53.27 73.94 74.73
C LEU A 136 -53.45 72.57 74.15
N MET A 137 -54.61 72.22 73.68
CA MET A 137 -54.90 70.98 72.97
C MET A 137 -54.70 71.24 71.46
N PHE A 138 -54.04 70.31 70.80
CA PHE A 138 -53.99 70.28 69.36
C PHE A 138 -54.56 68.96 68.90
N ASN A 139 -55.56 69.02 68.03
CA ASN A 139 -56.09 67.81 67.46
C ASN A 139 -56.74 68.12 66.12
N ALA A 140 -56.98 67.06 65.34
CA ALA A 140 -57.97 67.04 64.30
C ALA A 140 -59.36 66.57 64.81
N VAL A 141 -60.31 66.99 64.03
CA VAL A 141 -61.72 66.79 64.37
C VAL A 141 -62.23 65.60 63.59
N GLY A 142 -61.85 65.47 62.31
CA GLY A 142 -62.43 64.49 61.43
C GLY A 142 -61.86 63.08 61.61
N GLY A 143 -60.72 62.98 62.32
CA GLY A 143 -60.09 61.68 62.49
C GLY A 143 -60.61 60.89 63.69
N GLY A 144 -59.98 59.76 63.96
CA GLY A 144 -60.44 58.85 64.98
C GLY A 144 -59.89 59.16 66.36
N THR A 145 -58.57 59.11 66.48
CA THR A 145 -57.92 59.32 67.78
C THR A 145 -57.84 60.78 68.10
N GLY A 146 -57.83 61.66 67.06
CA GLY A 146 -57.80 63.09 67.33
C GLY A 146 -59.12 63.57 67.94
N SER A 147 -60.21 62.92 67.60
CA SER A 147 -61.53 63.30 68.04
C SER A 147 -61.92 62.52 69.28
N GLY A 148 -61.76 61.19 69.22
CA GLY A 148 -62.25 60.30 70.27
C GLY A 148 -61.39 60.44 71.52
N LEU A 149 -60.07 60.26 71.36
CA LEU A 149 -59.20 60.34 72.50
C LEU A 149 -59.07 61.78 73.02
N GLY A 150 -59.28 62.74 72.13
CA GLY A 150 -59.25 64.14 72.52
C GLY A 150 -60.37 64.48 73.49
N CYS A 151 -61.57 63.92 73.25
CA CYS A 151 -62.68 64.16 74.15
C CYS A 151 -62.41 63.50 75.50
N LEU A 152 -61.91 62.26 75.50
CA LEU A 152 -61.75 61.51 76.74
C LEU A 152 -60.72 62.18 77.64
N LEU A 153 -59.65 62.72 77.01
CA LEU A 153 -58.65 63.39 77.81
C LEU A 153 -59.19 64.73 78.37
N LEU A 154 -59.99 65.41 77.55
CA LEU A 154 -60.44 66.73 77.96
C LEU A 154 -61.54 66.67 78.99
N GLU A 155 -62.35 65.61 78.95
CA GLU A 155 -63.39 65.43 79.95
C GLU A 155 -62.78 65.15 81.30
N ARG A 156 -61.70 64.36 81.35
CA ARG A 156 -61.09 64.05 82.62
C ARG A 156 -60.32 65.23 83.21
N LEU A 157 -59.77 66.08 82.34
CA LEU A 157 -59.10 67.28 82.82
C LEU A 157 -60.10 68.31 83.30
N SER A 158 -61.30 68.34 82.71
CA SER A 158 -62.33 69.27 83.11
C SER A 158 -62.86 68.97 84.51
N VAL A 159 -62.89 67.71 84.90
CA VAL A 159 -63.38 67.29 86.19
C VAL A 159 -62.36 67.63 87.28
N ASP A 160 -61.08 67.48 87.00
CA ASP A 160 -60.05 67.61 88.00
C ASP A 160 -59.60 69.06 88.13
N TYR A 161 -59.15 69.63 87.02
CA TYR A 161 -58.74 71.03 86.98
C TYR A 161 -59.85 71.86 86.35
N GLY A 162 -60.86 72.15 87.18
CA GLY A 162 -62.11 72.73 86.71
C GLY A 162 -61.99 74.18 86.20
N LYS A 163 -61.21 74.99 86.93
CA LYS A 163 -61.27 76.43 86.69
C LYS A 163 -60.10 76.91 85.89
N LYS A 164 -59.62 76.09 85.02
CA LYS A 164 -58.45 76.37 84.15
C LYS A 164 -58.93 76.62 82.73
N SER A 165 -58.21 77.47 81.99
CA SER A 165 -58.48 77.70 80.58
C SER A 165 -58.07 76.49 79.74
N LYS A 166 -58.85 76.18 78.72
CA LYS A 166 -58.50 75.19 77.72
C LYS A 166 -58.66 75.80 76.35
N LEU A 167 -57.60 75.79 75.58
CA LEU A 167 -57.52 76.31 74.23
C LEU A 167 -57.46 75.10 73.35
N ASN A 168 -58.45 74.94 72.40
CA ASN A 168 -58.53 73.77 71.59
C ASN A 168 -58.27 74.17 70.14
N PHE A 169 -57.08 73.95 69.62
CA PHE A 169 -56.74 74.52 68.32
C PHE A 169 -57.03 73.57 67.17
N CYS A 170 -58.30 73.45 66.84
CA CYS A 170 -58.85 72.27 66.14
C CYS A 170 -58.83 72.46 64.63
N SER A 171 -58.25 71.48 63.94
CA SER A 171 -58.21 71.46 62.48
C SER A 171 -59.52 70.89 61.96
N TRP A 172 -60.48 71.78 61.76
CA TRP A 172 -61.78 71.51 61.22
C TRP A 172 -61.72 70.91 59.84
N PRO A 173 -62.58 69.96 59.48
CA PRO A 173 -62.68 69.50 58.10
C PRO A 173 -63.16 70.59 57.14
N SER A 174 -62.61 70.54 55.94
CA SER A 174 -62.79 71.53 54.92
C SER A 174 -64.15 71.44 54.28
N PRO A 175 -64.66 72.54 53.68
CA PRO A 175 -65.87 72.48 52.87
C PRO A 175 -65.82 71.53 51.68
N GLN A 176 -64.68 71.48 50.97
CA GLN A 176 -64.66 70.65 49.75
C GLN A 176 -63.87 69.34 49.96
N VAL A 177 -62.67 69.41 50.56
CA VAL A 177 -61.83 68.24 50.68
C VAL A 177 -62.09 67.60 52.03
N SER A 178 -62.30 66.29 52.07
CA SER A 178 -62.59 65.69 53.36
C SER A 178 -61.73 64.46 53.66
N THR A 179 -61.51 63.60 52.63
CA THR A 179 -60.62 62.45 52.67
C THR A 179 -61.06 61.45 53.76
N ALA A 180 -62.34 61.49 54.15
CA ALA A 180 -63.00 60.32 54.75
C ALA A 180 -64.50 60.37 54.48
N VAL A 181 -65.14 59.24 54.58
CA VAL A 181 -66.61 59.24 54.65
C VAL A 181 -67.08 59.56 56.08
N VAL A 182 -66.20 59.44 57.06
CA VAL A 182 -66.60 59.55 58.45
C VAL A 182 -66.24 60.95 58.93
N GLU A 183 -65.91 61.87 58.05
CA GLU A 183 -65.73 63.25 58.52
C GLU A 183 -67.06 63.90 59.09
N PRO A 184 -68.24 63.68 58.45
CA PRO A 184 -69.45 64.19 59.08
C PRO A 184 -69.79 63.49 60.39
N TYR A 185 -69.48 62.21 60.44
CA TYR A 185 -69.76 61.32 61.54
C TYR A 185 -68.82 61.66 62.68
N ASN A 186 -67.50 61.98 62.37
CA ASN A 186 -66.63 62.30 63.47
C ASN A 186 -66.87 63.71 63.97
N SER A 187 -67.20 64.63 63.11
CA SER A 187 -67.14 66.06 63.49
C SER A 187 -68.33 66.46 64.34
N VAL A 188 -69.54 65.94 64.02
CA VAL A 188 -70.70 66.29 64.79
C VAL A 188 -70.64 65.65 66.19
N LEU A 189 -70.10 64.45 66.27
CA LEU A 189 -69.98 63.75 67.53
C LEU A 189 -68.92 64.37 68.43
N SER A 190 -67.89 64.97 67.82
CA SER A 190 -66.84 65.56 68.63
C SER A 190 -67.29 66.92 69.16
N THR A 191 -68.03 67.68 68.33
CA THR A 191 -68.44 69.02 68.73
C THR A 191 -69.48 68.96 69.84
N HIS A 192 -70.26 67.91 69.87
CA HIS A 192 -71.20 67.67 70.96
C HIS A 192 -70.45 67.44 72.26
N SER A 193 -69.31 66.78 72.20
CA SER A 193 -68.59 66.42 73.39
C SER A 193 -67.50 67.43 73.76
N LEU A 194 -67.24 68.40 72.89
CA LEU A 194 -66.27 69.46 73.14
C LEU A 194 -66.92 70.78 73.40
N LEU A 195 -68.24 70.94 73.17
CA LEU A 195 -68.89 72.21 73.38
C LEU A 195 -68.98 72.57 74.87
N GLU A 196 -69.25 71.57 75.71
CA GLU A 196 -69.40 71.79 77.13
C GLU A 196 -68.15 71.41 77.90
N HIS A 197 -67.02 71.22 77.25
CA HIS A 197 -65.78 70.99 77.93
C HIS A 197 -64.64 71.96 77.59
N THR A 198 -64.75 72.70 76.48
CA THR A 198 -63.63 73.58 76.14
C THR A 198 -64.05 75.04 76.35
N ASP A 199 -63.03 75.85 76.52
CA ASP A 199 -63.25 77.26 76.81
C ASP A 199 -63.21 78.10 75.54
N VAL A 200 -62.19 77.86 74.74
CA VAL A 200 -61.92 78.62 73.52
C VAL A 200 -61.47 77.60 72.47
N ALA A 201 -62.23 77.58 71.33
CA ALA A 201 -61.90 76.64 70.28
C ALA A 201 -61.62 77.47 69.03
N VAL A 202 -60.37 77.31 68.54
CA VAL A 202 -59.94 78.11 67.40
C VAL A 202 -60.05 77.33 66.10
N MET A 203 -60.73 77.86 65.12
CA MET A 203 -61.15 77.10 63.94
C MET A 203 -60.12 77.17 62.82
N LEU A 204 -59.54 76.02 62.48
CA LEU A 204 -58.47 75.96 61.50
C LEU A 204 -58.96 75.06 60.39
N ASP A 205 -58.75 75.45 59.14
CA ASP A 205 -59.05 74.64 57.97
C ASP A 205 -57.74 74.28 57.21
N ASN A 206 -57.82 73.33 56.34
CA ASN A 206 -56.68 72.88 55.57
C ASN A 206 -56.66 73.58 54.24
N GLU A 207 -57.76 73.53 53.51
CA GLU A 207 -57.74 74.01 52.13
C GLU A 207 -57.82 75.51 52.07
N ALA A 208 -58.14 76.17 53.16
CA ALA A 208 -58.03 77.60 53.32
C ALA A 208 -56.56 78.02 53.24
N ILE A 209 -55.65 77.28 53.84
CA ILE A 209 -54.25 77.57 53.87
C ILE A 209 -53.61 77.05 52.58
N TYR A 210 -54.25 76.13 51.86
CA TYR A 210 -53.75 75.71 50.56
C TYR A 210 -53.70 76.91 49.58
N ASP A 211 -54.76 77.64 49.53
CA ASP A 211 -54.90 78.76 48.61
C ASP A 211 -54.19 79.97 49.16
N ILE A 212 -53.94 80.10 50.45
CA ILE A 212 -53.09 81.14 51.00
C ILE A 212 -51.67 80.92 50.49
N CYS A 213 -51.20 79.66 50.50
CA CYS A 213 -49.86 79.39 50.05
C CYS A 213 -49.74 79.50 48.52
N ARG A 214 -50.88 79.44 47.80
CA ARG A 214 -50.86 79.60 46.37
C ARG A 214 -50.74 81.08 45.97
N ARG A 215 -51.51 81.92 46.62
CA ARG A 215 -51.63 83.32 46.13
C ARG A 215 -50.63 84.23 46.82
N ASN A 216 -50.34 84.01 48.11
CA ASN A 216 -49.49 84.92 48.86
C ASN A 216 -48.05 84.43 48.81
N LEU A 217 -47.84 83.12 49.09
CA LEU A 217 -46.50 82.61 49.24
C LEU A 217 -45.91 82.16 47.90
N ASP A 218 -46.78 82.05 46.85
CA ASP A 218 -46.38 81.63 45.52
C ASP A 218 -45.68 80.25 45.55
N ILE A 219 -46.32 79.32 46.25
CA ILE A 219 -45.91 77.91 46.20
C ILE A 219 -46.99 77.18 45.41
N GLU A 220 -46.60 76.54 44.34
CA GLU A 220 -47.49 75.78 43.50
C GLU A 220 -47.89 74.43 44.12
N ARG A 221 -47.02 73.84 44.93
CA ARG A 221 -47.18 72.47 45.39
C ARG A 221 -46.95 72.39 46.90
N PRO A 222 -47.84 72.95 47.75
CA PRO A 222 -47.55 72.93 49.17
C PRO A 222 -47.96 71.62 49.82
N THR A 223 -47.23 71.32 50.89
CA THR A 223 -47.40 70.04 51.57
C THR A 223 -47.85 70.31 53.01
N TYR A 224 -47.98 69.24 53.79
CA TYR A 224 -48.52 69.35 55.14
C TYR A 224 -47.53 70.08 56.05
N THR A 225 -46.21 69.97 55.74
CA THR A 225 -45.26 70.63 56.61
C THR A 225 -45.29 72.15 56.41
N ASN A 226 -45.66 72.60 55.21
CA ASN A 226 -45.78 74.02 54.98
C ASN A 226 -47.07 74.60 55.53
N LEU A 227 -48.07 73.75 55.72
CA LEU A 227 -49.29 74.14 56.46
C LEU A 227 -48.89 74.34 57.93
N ASN A 228 -48.05 73.45 58.47
CA ASN A 228 -47.81 73.41 59.89
C ASN A 228 -46.88 74.55 60.33
N ARG A 229 -46.04 75.06 59.43
CA ARG A 229 -45.20 76.19 59.74
C ARG A 229 -46.08 77.43 59.97
N LEU A 230 -47.14 77.58 59.13
CA LEU A 230 -48.01 78.72 59.22
C LEU A 230 -48.85 78.65 60.51
N ILE A 231 -49.22 77.44 60.91
CA ILE A 231 -49.97 77.26 62.14
C ILE A 231 -49.05 77.59 63.33
N ALA A 232 -47.77 77.21 63.21
CA ALA A 232 -46.83 77.44 64.30
C ALA A 232 -46.60 78.94 64.52
N GLN A 233 -46.64 79.72 63.42
CA GLN A 233 -46.46 81.16 63.54
C GLN A 233 -47.61 81.83 64.26
N VAL A 234 -48.82 81.27 64.07
CA VAL A 234 -50.00 81.83 64.72
C VAL A 234 -49.92 81.57 66.22
N ILE A 235 -49.51 80.37 66.60
CA ILE A 235 -49.46 79.99 68.01
C ILE A 235 -48.37 80.77 68.71
N SER A 236 -47.25 81.01 68.03
CA SER A 236 -46.16 81.80 68.58
C SER A 236 -46.59 83.24 68.84
N SER A 237 -47.37 83.79 67.91
CA SER A 237 -47.85 85.16 68.05
C SER A 237 -48.93 85.26 69.15
N LEU A 238 -49.64 84.16 69.40
CA LEU A 238 -50.68 84.14 70.42
C LEU A 238 -50.05 84.20 71.81
N THR A 239 -48.99 83.44 72.01
CA THR A 239 -48.37 83.30 73.32
C THR A 239 -47.10 84.12 73.43
N ALA A 240 -46.92 85.11 72.55
CA ALA A 240 -45.77 85.99 72.60
C ALA A 240 -45.86 86.92 73.81
N SER A 241 -47.06 87.25 74.25
CA SER A 241 -47.20 88.16 75.38
C SER A 241 -46.84 87.48 76.69
N LEU A 242 -47.06 86.18 76.78
CA LEU A 242 -46.67 85.41 77.95
C LEU A 242 -45.15 85.25 78.00
N ARG A 243 -44.48 85.21 76.87
CA ARG A 243 -43.08 84.85 76.82
C ARG A 243 -42.23 86.13 77.02
N PHE A 244 -42.60 87.22 76.31
CA PHE A 244 -41.74 88.37 76.21
C PHE A 244 -42.48 89.60 76.73
N ASP A 245 -41.76 90.71 76.94
CA ASP A 245 -42.26 91.98 77.27
C ASP A 245 -42.91 92.63 76.05
N GLY A 246 -43.76 93.60 76.27
CA GLY A 246 -44.25 94.54 75.30
C GLY A 246 -44.82 95.74 75.97
N ALA A 247 -45.22 96.73 75.16
CA ALA A 247 -45.89 97.94 75.61
C ALA A 247 -47.27 97.64 76.18
N LEU A 248 -48.01 96.70 75.53
CA LEU A 248 -49.34 96.40 76.03
C LEU A 248 -49.59 94.92 75.90
N ASN A 249 -49.39 94.17 77.00
CA ASN A 249 -49.45 92.74 76.96
C ASN A 249 -50.88 92.23 77.23
N VAL A 250 -51.14 91.01 76.74
CA VAL A 250 -52.29 90.27 77.20
C VAL A 250 -51.87 88.86 77.73
N ASP A 251 -52.87 88.13 77.98
CA ASP A 251 -52.66 86.83 78.65
C ASP A 251 -53.75 85.88 78.15
N VAL A 252 -53.50 84.58 78.40
CA VAL A 252 -54.41 83.57 77.88
C VAL A 252 -55.60 83.40 78.79
N THR A 253 -55.53 83.81 80.05
CA THR A 253 -56.71 83.89 80.91
C THR A 253 -57.63 85.03 80.48
N GLU A 254 -57.09 86.06 79.87
CA GLU A 254 -57.84 87.24 79.50
C GLU A 254 -58.21 87.14 78.03
N PHE A 255 -58.18 85.96 77.38
CA PHE A 255 -58.81 85.83 76.07
C PHE A 255 -60.33 85.71 76.27
N GLN A 256 -60.72 84.77 77.16
CA GLN A 256 -62.14 84.42 77.16
C GLN A 256 -62.98 85.50 77.79
N THR A 257 -62.44 86.37 78.57
CA THR A 257 -63.10 87.56 79.11
C THR A 257 -63.43 88.56 78.02
N ASN A 258 -62.65 88.62 76.94
CA ASN A 258 -62.84 89.57 75.87
C ASN A 258 -63.51 88.93 74.64
N LEU A 259 -63.55 87.59 74.57
CA LEU A 259 -63.94 86.97 73.32
C LEU A 259 -65.18 86.09 73.43
N VAL A 260 -65.58 85.71 74.65
CA VAL A 260 -66.73 84.83 74.76
C VAL A 260 -67.84 85.60 75.44
N PRO A 261 -68.84 86.09 74.70
CA PRO A 261 -69.90 86.90 75.32
C PRO A 261 -70.97 86.11 76.04
N TYR A 262 -71.23 84.90 75.56
CA TYR A 262 -72.25 84.01 76.09
C TYR A 262 -71.58 82.62 76.20
N PRO A 263 -72.00 81.79 77.18
CA PRO A 263 -71.26 80.58 77.53
C PRO A 263 -71.04 79.58 76.41
N ARG A 264 -72.01 79.46 75.49
CA ARG A 264 -71.88 78.46 74.44
C ARG A 264 -71.09 78.99 73.24
N ILE A 265 -71.00 80.32 73.09
CA ILE A 265 -70.47 80.91 71.88
C ILE A 265 -68.98 81.14 72.01
N HIS A 266 -68.20 80.13 71.67
CA HIS A 266 -66.77 80.17 71.82
C HIS A 266 -66.13 79.41 70.66
N PHE A 267 -66.68 79.56 69.45
CA PHE A 267 -65.93 79.12 68.26
C PHE A 267 -65.43 80.32 67.51
N MET A 268 -64.13 80.48 67.39
CA MET A 268 -63.59 81.70 66.77
C MET A 268 -62.57 81.34 65.69
N LEU A 269 -62.35 82.28 64.77
CA LEU A 269 -61.48 82.09 63.64
C LEU A 269 -60.07 82.60 63.98
N SER A 270 -59.19 82.47 62.98
CA SER A 270 -57.85 82.98 63.09
C SER A 270 -57.42 83.64 61.79
N SER A 271 -56.47 84.58 61.87
CA SER A 271 -55.90 85.22 60.71
C SER A 271 -54.48 85.66 61.03
N TYR A 272 -53.64 85.71 60.00
CA TYR A 272 -52.28 86.18 60.14
C TYR A 272 -51.98 87.04 58.92
N ALA A 273 -51.20 88.11 59.14
CA ALA A 273 -50.57 88.85 58.09
C ALA A 273 -49.30 89.46 58.65
N PRO A 274 -48.21 89.59 57.89
CA PRO A 274 -48.13 89.14 56.50
C PRO A 274 -47.69 87.68 56.35
N ILE A 275 -48.15 87.03 55.30
CA ILE A 275 -47.47 85.90 54.70
C ILE A 275 -46.99 86.37 53.32
N ILE A 276 -45.72 86.80 53.31
CA ILE A 276 -45.18 87.26 52.04
C ILE A 276 -43.89 86.53 51.72
N SER A 277 -43.76 86.19 50.43
CA SER A 277 -42.56 85.48 49.98
C SER A 277 -41.41 86.47 49.81
N ALA A 278 -40.21 85.93 49.68
CA ALA A 278 -39.02 86.75 49.60
C ALA A 278 -38.94 87.51 48.27
N GLU A 279 -39.64 87.07 47.25
CA GLU A 279 -39.60 87.73 45.96
C GLU A 279 -40.44 89.01 46.02
N LYS A 280 -41.55 89.00 46.75
CA LYS A 280 -42.50 90.08 46.73
C LYS A 280 -42.29 91.06 47.90
N ALA A 281 -41.52 90.67 48.91
CA ALA A 281 -41.28 91.51 50.07
C ALA A 281 -40.39 92.70 49.74
N TYR A 282 -39.59 92.55 48.66
CA TYR A 282 -38.73 93.60 48.20
C TYR A 282 -39.53 94.81 47.68
N HIS A 283 -40.73 94.55 47.15
CA HIS A 283 -41.58 95.54 46.59
C HIS A 283 -42.62 96.14 47.54
N GLU A 284 -42.57 95.77 48.80
CA GLU A 284 -43.56 96.31 49.74
C GLU A 284 -42.88 96.78 51.01
N GLN A 285 -43.19 98.02 51.40
CA GLN A 285 -42.77 98.42 52.76
C GLN A 285 -43.93 98.04 53.65
N LEU A 286 -43.74 97.23 54.65
CA LEU A 286 -44.85 96.64 55.37
C LEU A 286 -45.33 97.45 56.58
N SER A 287 -46.12 98.48 56.31
CA SER A 287 -46.53 99.40 57.34
C SER A 287 -47.78 98.86 58.06
N VAL A 288 -47.98 99.36 59.28
CA VAL A 288 -49.04 98.92 60.16
C VAL A 288 -50.40 99.19 59.53
N ALA A 289 -50.50 100.25 58.72
CA ALA A 289 -51.74 100.56 58.03
C ALA A 289 -52.14 99.46 57.02
N GLU A 290 -51.17 98.92 56.33
CA GLU A 290 -51.48 98.00 55.26
C GLU A 290 -51.56 96.56 55.77
N ILE A 291 -50.80 96.21 56.80
CA ILE A 291 -50.80 94.80 57.24
C ILE A 291 -52.07 94.51 58.03
N THR A 292 -52.70 95.55 58.59
CA THR A 292 -53.96 95.33 59.28
C THR A 292 -55.13 95.31 58.30
N ASN A 293 -54.99 95.93 57.12
CA ASN A 293 -56.00 95.83 56.09
C ASN A 293 -55.98 94.43 55.50
N SER A 294 -54.79 93.89 55.28
CA SER A 294 -54.65 92.55 54.74
C SER A 294 -55.09 91.47 55.72
N ALA A 295 -55.07 91.79 57.03
CA ALA A 295 -55.51 90.83 58.04
C ALA A 295 -57.01 90.62 57.99
N PHE A 296 -57.74 91.69 57.72
CA PHE A 296 -59.20 91.66 57.70
C PHE A 296 -59.75 91.31 56.34
N GLU A 297 -58.88 91.17 55.33
CA GLU A 297 -59.29 90.83 53.98
C GLU A 297 -59.79 89.39 54.00
N PRO A 298 -60.99 89.11 53.43
CA PRO A 298 -61.64 87.82 53.68
C PRO A 298 -60.91 86.63 53.07
N ALA A 299 -60.06 86.86 52.05
CA ALA A 299 -59.35 85.75 51.47
C ALA A 299 -58.09 85.39 52.26
N SER A 300 -57.74 86.18 53.28
CA SER A 300 -56.51 86.00 54.01
C SER A 300 -56.75 85.37 55.37
N MET A 301 -58.01 85.02 55.69
CA MET A 301 -58.20 84.31 56.95
C MET A 301 -57.90 82.84 56.72
N MET A 302 -57.78 82.08 57.79
CA MET A 302 -57.35 80.70 57.70
C MET A 302 -58.48 79.72 58.09
N ALA A 303 -59.70 80.08 57.73
CA ALA A 303 -60.77 79.07 57.64
C ALA A 303 -61.64 79.27 56.39
N LYS A 304 -61.49 80.39 55.64
CA LYS A 304 -62.39 80.87 54.64
C LYS A 304 -63.85 80.68 54.92
N CYS A 305 -64.28 80.76 56.15
CA CYS A 305 -65.68 80.80 56.49
C CYS A 305 -66.09 82.30 56.31
N ASP A 306 -66.80 82.51 55.25
CA ASP A 306 -66.80 83.77 54.52
C ASP A 306 -67.44 84.86 55.38
N PRO A 307 -66.70 85.90 55.78
CA PRO A 307 -67.27 86.92 56.66
C PRO A 307 -68.11 87.98 55.98
N ARG A 308 -68.33 87.89 54.66
CA ARG A 308 -69.14 88.92 54.02
C ARG A 308 -70.62 88.83 54.44
N HIS A 309 -71.08 87.64 54.68
CA HIS A 309 -72.36 87.39 55.39
C HIS A 309 -72.17 87.25 56.89
N GLY A 310 -70.93 87.39 57.37
CA GLY A 310 -70.70 87.46 58.80
C GLY A 310 -70.96 88.83 59.40
N LYS A 311 -71.03 88.90 60.67
CA LYS A 311 -71.35 90.11 61.39
C LYS A 311 -70.51 90.01 62.64
N TYR A 312 -69.41 90.78 62.71
CA TYR A 312 -68.41 90.60 63.73
C TYR A 312 -68.93 90.85 65.13
N MET A 313 -68.42 89.97 66.09
CA MET A 313 -68.85 90.17 67.47
C MET A 313 -67.77 90.71 68.41
N ALA A 314 -66.56 90.22 68.23
CA ALA A 314 -65.43 90.55 69.09
C ALA A 314 -64.15 90.20 68.35
N CYS A 315 -63.13 91.06 68.47
CA CYS A 315 -61.90 90.81 67.72
C CYS A 315 -60.72 91.14 68.63
N CYS A 316 -59.70 90.27 68.59
CA CYS A 316 -58.54 90.45 69.43
C CYS A 316 -57.28 90.45 68.57
N LEU A 317 -56.61 91.67 68.53
CA LEU A 317 -55.52 91.80 67.58
C LEU A 317 -54.18 91.90 68.28
N MET A 318 -53.29 90.96 67.98
CA MET A 318 -52.03 90.87 68.67
C MET A 318 -50.91 91.28 67.71
N TYR A 319 -50.50 92.55 67.80
CA TYR A 319 -49.46 93.08 66.97
C TYR A 319 -48.10 92.74 67.55
N ARG A 320 -47.16 92.48 66.65
CA ARG A 320 -45.89 91.88 67.09
C ARG A 320 -44.78 92.55 66.30
N GLY A 321 -43.76 93.04 67.00
CA GLY A 321 -42.66 93.71 66.31
C GLY A 321 -42.63 95.21 66.56
N ASP A 322 -41.92 95.92 65.74
CA ASP A 322 -41.72 97.36 65.84
C ASP A 322 -42.99 98.10 65.41
N VAL A 323 -44.00 98.00 66.25
CA VAL A 323 -45.25 98.69 66.07
C VAL A 323 -45.41 99.64 67.27
N VAL A 324 -45.61 100.91 66.95
CA VAL A 324 -45.86 101.94 67.93
C VAL A 324 -47.36 102.00 68.19
N PRO A 325 -47.82 102.34 69.40
CA PRO A 325 -49.24 102.56 69.65
C PRO A 325 -49.92 103.69 68.89
N LYS A 326 -49.15 104.65 68.35
CA LYS A 326 -49.71 105.78 67.69
C LYS A 326 -50.33 105.43 66.34
N ASP A 327 -49.81 104.46 65.64
CA ASP A 327 -50.37 104.14 64.34
C ASP A 327 -51.32 102.97 64.50
N VAL A 328 -51.24 102.16 65.53
CA VAL A 328 -52.17 101.05 65.68
C VAL A 328 -53.58 101.56 65.95
N ASN A 329 -53.68 102.56 66.85
CA ASN A 329 -54.95 103.22 67.10
C ASN A 329 -55.46 103.95 65.84
N ALA A 330 -54.58 104.50 65.07
CA ALA A 330 -54.85 105.11 63.78
C ALA A 330 -55.43 104.12 62.76
N ALA A 331 -54.86 102.93 62.75
CA ALA A 331 -55.18 101.90 61.76
C ALA A 331 -56.50 101.24 62.10
N VAL A 332 -56.76 101.03 63.39
CA VAL A 332 -58.00 100.40 63.79
C VAL A 332 -59.17 101.38 63.65
N ALA A 333 -58.89 102.67 63.74
CA ALA A 333 -59.93 103.68 63.54
C ALA A 333 -60.40 103.70 62.10
N THR A 334 -59.50 103.48 61.16
CA THR A 334 -59.87 103.43 59.76
C THR A 334 -60.76 102.22 59.47
N ILE A 335 -60.50 101.11 60.16
CA ILE A 335 -61.28 99.90 59.99
C ILE A 335 -62.71 100.13 60.47
N LYS A 336 -62.87 100.81 61.61
CA LYS A 336 -64.18 101.06 62.17
C LYS A 336 -65.02 101.93 61.21
N THR A 337 -64.36 102.90 60.57
CA THR A 337 -65.10 103.78 59.69
C THR A 337 -65.42 103.12 58.35
N LYS A 338 -64.67 102.10 57.96
CA LYS A 338 -64.93 101.37 56.73
C LYS A 338 -66.25 100.61 56.85
N ARG A 339 -66.99 100.64 55.73
CA ARG A 339 -68.40 100.21 55.80
C ARG A 339 -68.60 98.70 55.51
N THR A 340 -67.62 98.10 54.87
CA THR A 340 -67.78 96.69 54.53
C THR A 340 -67.43 95.81 55.73
N ILE A 341 -66.62 96.32 56.68
CA ILE A 341 -66.35 95.56 57.88
C ILE A 341 -67.44 95.90 58.92
N GLN A 342 -68.28 94.89 59.19
CA GLN A 342 -69.54 95.24 59.86
C GLN A 342 -69.56 94.61 61.25
N PHE A 343 -69.78 95.45 62.27
CA PHE A 343 -69.92 94.92 63.61
C PHE A 343 -71.40 94.82 63.97
N VAL A 344 -71.67 93.99 64.98
CA VAL A 344 -73.02 93.81 65.44
C VAL A 344 -73.44 95.02 66.26
N ASP A 345 -74.75 95.28 66.28
CA ASP A 345 -75.28 96.52 66.85
C ASP A 345 -75.13 96.53 68.36
N TRP A 346 -75.17 95.36 69.04
CA TRP A 346 -75.19 95.39 70.49
C TRP A 346 -73.80 95.52 71.14
N CYS A 347 -72.75 95.50 70.31
CA CYS A 347 -71.39 95.50 70.81
C CYS A 347 -70.64 96.68 70.20
N PRO A 348 -70.73 97.88 70.82
CA PRO A 348 -70.20 99.08 70.20
C PRO A 348 -68.67 99.12 70.14
N THR A 349 -68.00 98.67 71.22
CA THR A 349 -66.55 98.46 71.10
C THR A 349 -66.31 96.99 70.87
N GLY A 350 -65.55 96.66 69.82
CA GLY A 350 -65.28 95.28 69.50
C GLY A 350 -63.80 95.01 69.24
N PHE A 351 -62.91 95.92 69.69
CA PHE A 351 -61.50 95.67 69.47
C PHE A 351 -60.72 95.67 70.80
N LYS A 352 -59.84 94.68 70.89
CA LYS A 352 -58.87 94.67 71.99
C LYS A 352 -57.51 94.43 71.39
N CYS A 353 -56.58 95.36 71.58
CA CYS A 353 -55.31 95.27 70.91
C CYS A 353 -54.20 94.97 71.92
N GLY A 354 -53.20 94.21 71.47
CA GLY A 354 -52.02 93.94 72.22
C GLY A 354 -50.76 94.09 71.35
N ILE A 355 -49.72 94.56 71.98
CA ILE A 355 -48.46 94.95 71.35
C ILE A 355 -47.34 94.19 72.05
N ASN A 356 -46.51 93.52 71.24
CA ASN A 356 -45.32 92.86 71.75
C ASN A 356 -44.11 93.41 70.99
N TYR A 357 -42.96 93.40 71.65
CA TYR A 357 -41.79 94.08 71.13
C TYR A 357 -40.98 93.17 70.19
N GLN A 358 -41.03 91.84 70.41
CA GLN A 358 -40.26 90.91 69.66
C GLN A 358 -40.77 90.78 68.23
N PRO A 359 -39.90 90.99 67.22
CA PRO A 359 -40.25 90.66 65.84
C PRO A 359 -40.48 89.18 65.64
N PRO A 360 -41.26 88.77 64.63
CA PRO A 360 -41.44 87.35 64.34
C PRO A 360 -40.15 86.68 63.94
N THR A 361 -39.94 85.45 64.43
CA THR A 361 -38.77 84.68 64.09
C THR A 361 -39.02 83.86 62.83
N VAL A 362 -38.04 83.84 61.92
CA VAL A 362 -38.17 83.06 60.71
C VAL A 362 -37.21 81.88 60.84
N VAL A 363 -37.71 80.70 60.47
CA VAL A 363 -36.90 79.51 60.46
C VAL A 363 -36.03 79.55 59.20
N PRO A 364 -34.72 79.26 59.31
CA PRO A 364 -33.88 79.04 58.13
C PRO A 364 -34.36 77.83 57.33
N GLY A 365 -34.33 78.00 56.01
CA GLY A 365 -34.79 76.98 55.09
C GLY A 365 -36.32 76.84 55.08
N GLY A 366 -37.03 77.78 55.71
CA GLY A 366 -38.48 77.73 55.68
C GLY A 366 -39.04 78.36 54.41
N ASP A 367 -40.25 78.90 54.53
CA ASP A 367 -40.88 79.56 53.39
C ASP A 367 -41.08 81.06 53.62
N LEU A 368 -41.00 81.50 54.88
CA LEU A 368 -41.47 82.84 55.18
C LEU A 368 -40.31 83.80 55.07
N ALA A 369 -40.63 85.07 54.79
CA ALA A 369 -39.59 86.09 54.68
C ALA A 369 -39.53 86.97 55.93
N LYS A 370 -38.36 87.56 56.15
CA LYS A 370 -38.09 88.29 57.37
C LYS A 370 -38.86 89.60 57.36
N VAL A 371 -39.81 89.74 58.31
CA VAL A 371 -40.63 90.93 58.35
C VAL A 371 -40.38 91.63 59.68
N MET A 372 -40.64 92.94 59.71
CA MET A 372 -40.36 93.71 60.91
C MET A 372 -41.58 93.69 61.84
N ARG A 373 -42.78 93.44 61.29
CA ARG A 373 -43.99 93.50 62.09
C ARG A 373 -45.01 92.48 61.54
N ALA A 374 -45.88 92.03 62.44
CA ALA A 374 -46.92 91.10 62.06
C ALA A 374 -48.17 91.34 62.91
N VAL A 375 -49.30 90.89 62.31
CA VAL A 375 -50.58 90.96 62.98
C VAL A 375 -51.20 89.57 63.03
N CYS A 376 -51.67 89.21 64.22
CA CYS A 376 -52.36 87.97 64.43
C CYS A 376 -53.72 88.28 65.00
N MET A 377 -54.78 87.77 64.34
CA MET A 377 -56.14 88.04 64.72
C MET A 377 -56.80 86.75 65.21
N ILE A 378 -57.48 86.83 66.36
CA ILE A 378 -58.51 85.87 66.69
C ILE A 378 -59.84 86.63 66.78
N SER A 379 -60.81 86.19 65.97
CA SER A 379 -62.09 86.91 65.93
C SER A 379 -63.25 85.97 66.15
N ASN A 380 -64.23 86.42 66.92
CA ASN A 380 -65.49 85.72 67.08
C ASN A 380 -66.51 86.42 66.15
N SER A 381 -67.15 85.63 65.31
CA SER A 381 -67.98 86.15 64.26
C SER A 381 -69.20 85.24 64.10
N THR A 382 -70.25 85.81 63.46
CA THR A 382 -71.43 85.03 63.23
C THR A 382 -71.35 84.30 61.90
N ALA A 383 -70.20 84.39 61.23
CA ALA A 383 -70.00 83.64 59.98
C ALA A 383 -69.82 82.14 60.21
N ILE A 384 -69.61 81.74 61.47
CA ILE A 384 -69.46 80.34 61.83
C ILE A 384 -70.75 79.57 61.69
N ALA A 385 -71.87 80.26 61.49
CA ALA A 385 -73.14 79.59 61.21
C ALA A 385 -73.07 78.75 59.94
N GLU A 386 -72.29 79.19 58.96
CA GLU A 386 -72.23 78.48 57.68
C GLU A 386 -71.37 77.22 57.81
N VAL A 387 -70.34 77.27 58.67
CA VAL A 387 -69.44 76.12 58.75
C VAL A 387 -70.11 74.97 59.52
N PHE A 388 -71.08 75.30 60.37
CA PHE A 388 -71.84 74.30 61.06
C PHE A 388 -73.03 73.83 60.26
N SER A 389 -73.61 74.72 59.43
CA SER A 389 -74.79 74.36 58.66
C SER A 389 -74.41 73.40 57.53
N ARG A 390 -73.20 73.60 56.99
CA ARG A 390 -72.79 72.76 55.87
C ARG A 390 -72.41 71.37 56.35
N MET A 391 -71.85 71.28 57.54
CA MET A 391 -71.54 70.01 58.16
C MET A 391 -72.82 69.31 58.60
N ASP A 392 -73.83 70.09 58.98
CA ASP A 392 -75.13 69.56 59.35
C ASP A 392 -75.76 68.90 58.13
N HIS A 393 -75.60 69.52 56.96
CA HIS A 393 -76.21 69.02 55.75
C HIS A 393 -75.57 67.72 55.30
N LYS A 394 -74.24 67.61 55.48
CA LYS A 394 -73.54 66.40 55.10
C LYS A 394 -73.89 65.24 56.03
N PHE A 395 -74.22 65.55 57.30
CA PHE A 395 -74.59 64.49 58.23
C PHE A 395 -75.98 63.94 57.91
N ASP A 396 -76.88 64.81 57.49
CA ASP A 396 -78.27 64.47 57.27
C ASP A 396 -78.42 63.61 56.02
N LEU A 397 -77.53 63.83 55.01
CA LEU A 397 -77.56 63.03 53.81
C LEU A 397 -77.10 61.60 54.10
N MET A 398 -76.08 61.49 54.93
CA MET A 398 -75.46 60.20 55.23
C MET A 398 -76.37 59.38 56.13
N TYR A 399 -76.97 60.02 57.11
CA TYR A 399 -77.85 59.41 58.07
C TYR A 399 -79.22 59.14 57.55
N ALA A 400 -79.55 59.61 56.35
CA ALA A 400 -80.84 59.41 55.69
C ALA A 400 -81.20 57.92 55.59
N LYS A 401 -80.22 57.11 55.26
CA LYS A 401 -80.46 55.67 55.25
C LYS A 401 -79.31 54.96 55.93
N ARG A 402 -78.91 55.53 57.07
CA ARG A 402 -78.18 54.87 58.15
C ARG A 402 -76.87 54.26 57.64
N ALA A 403 -76.09 55.04 56.87
CA ALA A 403 -74.84 54.54 56.34
C ALA A 403 -73.78 54.63 57.43
N PHE A 404 -72.91 53.60 57.47
CA PHE A 404 -71.75 53.53 58.35
C PHE A 404 -72.14 53.51 59.83
N VAL A 405 -73.40 53.25 60.16
CA VAL A 405 -73.82 53.37 61.54
C VAL A 405 -73.44 52.12 62.36
N HIS A 406 -73.41 50.97 61.67
CA HIS A 406 -73.14 49.68 62.27
C HIS A 406 -71.71 49.62 62.79
N TRP A 407 -70.80 50.42 62.24
CA TRP A 407 -69.46 50.47 62.80
C TRP A 407 -69.43 51.16 64.16
N TYR A 408 -70.31 52.16 64.32
CA TYR A 408 -70.32 52.93 65.55
C TYR A 408 -71.11 52.23 66.64
N VAL A 409 -72.25 51.64 66.25
CA VAL A 409 -73.09 50.97 67.23
C VAL A 409 -72.46 49.65 67.64
N GLY A 410 -71.78 49.01 66.76
CA GLY A 410 -71.09 47.73 66.97
C GLY A 410 -69.87 47.90 67.86
N GLU A 411 -69.34 49.11 67.98
CA GLU A 411 -68.14 49.35 68.77
C GLU A 411 -68.42 49.61 70.24
N GLY A 412 -69.63 50.03 70.55
CA GLY A 412 -70.06 50.21 71.93
C GLY A 412 -70.92 51.44 72.17
N MET A 413 -70.91 52.40 71.25
CA MET A 413 -71.63 53.63 71.44
C MET A 413 -73.08 53.42 71.05
N GLU A 414 -74.03 54.01 71.80
CA GLU A 414 -75.43 53.66 71.69
C GLU A 414 -76.14 54.39 70.55
N GLU A 415 -76.97 53.66 69.83
CA GLU A 415 -77.72 54.23 68.73
C GLU A 415 -78.66 55.29 69.26
N GLY A 416 -78.53 56.50 68.65
CA GLY A 416 -79.38 57.61 69.01
C GLY A 416 -78.57 58.74 69.67
N GLU A 417 -77.32 58.46 69.98
CA GLU A 417 -76.37 59.48 70.35
C GLU A 417 -76.04 60.41 69.19
N PHE A 418 -76.20 59.90 67.97
CA PHE A 418 -76.29 60.69 66.74
C PHE A 418 -77.45 61.68 66.82
N SER A 419 -78.59 61.31 67.34
CA SER A 419 -79.74 62.19 67.42
C SER A 419 -79.52 63.28 68.46
N GLU A 420 -78.93 62.98 69.58
CA GLU A 420 -78.68 64.00 70.61
C GLU A 420 -77.59 64.98 70.16
N ALA A 421 -76.59 64.47 69.41
CA ALA A 421 -75.55 65.32 68.89
C ALA A 421 -76.11 66.28 67.81
N ARG A 422 -77.08 65.78 67.05
CA ARG A 422 -77.68 66.56 65.98
C ARG A 422 -78.52 67.68 66.55
N GLU A 423 -79.30 67.42 67.59
CA GLU A 423 -80.12 68.45 68.19
C GLU A 423 -79.27 69.49 68.92
N ASP A 424 -78.10 69.05 69.41
CA ASP A 424 -77.19 70.00 70.03
C ASP A 424 -76.62 70.95 68.96
N LEU A 425 -76.27 70.41 67.80
CA LEU A 425 -75.81 71.24 66.71
C LEU A 425 -76.92 72.12 66.16
N ALA A 426 -78.17 71.61 66.17
CA ALA A 426 -79.31 72.41 65.78
C ALA A 426 -79.51 73.58 66.74
N ALA A 427 -79.26 73.33 68.04
CA ALA A 427 -79.36 74.39 69.04
C ALA A 427 -78.27 75.44 68.81
N LEU A 428 -77.09 75.00 68.37
CA LEU A 428 -75.99 75.93 68.15
C LEU A 428 -76.27 76.80 66.93
N GLU A 429 -76.90 76.20 65.91
CA GLU A 429 -77.22 76.93 64.69
C GLU A 429 -78.27 77.99 64.95
N LYS A 430 -79.24 77.67 65.80
CA LYS A 430 -80.28 78.65 66.12
C LYS A 430 -79.69 79.75 66.99
N ASP A 431 -78.68 79.45 67.80
CA ASP A 431 -78.14 80.45 68.72
C ASP A 431 -77.40 81.56 67.99
N TYR A 432 -76.63 81.20 66.98
CA TYR A 432 -75.93 82.20 66.19
C TYR A 432 -76.87 83.08 65.39
N GLU A 433 -78.01 82.48 64.93
CA GLU A 433 -78.96 83.23 64.16
C GLU A 433 -79.73 84.20 65.04
N GLU A 434 -79.99 83.81 66.29
CA GLU A 434 -80.77 84.67 67.18
C GLU A 434 -79.95 85.85 67.68
N VAL A 435 -78.64 85.68 67.78
CA VAL A 435 -77.77 86.73 68.28
C VAL A 435 -77.58 87.81 67.22
N GLY A 436 -77.54 87.42 65.95
CA GLY A 436 -77.23 88.30 64.84
C GLY A 436 -78.40 89.15 64.39
N ILE A 437 -79.53 89.19 65.07
CA ILE A 437 -80.69 89.95 64.67
C ILE A 437 -80.54 91.47 64.96
N MET B 1 -16.36 49.87 119.67
CA MET B 1 -17.32 50.94 119.98
C MET B 1 -18.67 50.30 120.30
N ARG B 2 -19.72 50.74 119.64
CA ARG B 2 -21.05 50.20 119.80
C ARG B 2 -21.31 49.51 118.47
N GLU B 3 -21.62 48.22 118.45
CA GLU B 3 -21.57 47.46 117.23
C GLU B 3 -22.80 46.56 117.05
N VAL B 4 -22.96 46.00 115.86
CA VAL B 4 -24.12 45.21 115.52
C VAL B 4 -23.70 43.89 114.89
N ILE B 5 -24.41 42.83 115.22
CA ILE B 5 -24.10 41.49 114.75
C ILE B 5 -25.12 41.10 113.68
N SER B 6 -24.62 40.71 112.51
CA SER B 6 -25.45 40.25 111.43
C SER B 6 -25.49 38.73 111.38
N ILE B 7 -26.69 38.16 111.29
CA ILE B 7 -26.89 36.74 111.17
C ILE B 7 -27.59 36.48 109.84
N HIS B 8 -27.03 35.58 109.05
CA HIS B 8 -27.60 35.19 107.78
C HIS B 8 -27.91 33.70 107.82
N VAL B 9 -29.20 33.38 107.70
CA VAL B 9 -29.64 31.99 107.74
C VAL B 9 -30.42 31.71 106.47
N GLY B 10 -30.09 30.58 105.85
CA GLY B 10 -30.73 30.17 104.62
C GLY B 10 -29.99 30.68 103.39
N GLN B 11 -30.41 30.22 102.23
CA GLN B 11 -29.78 30.57 100.96
C GLN B 11 -30.02 32.04 100.63
N ALA B 12 -31.26 32.49 100.86
CA ALA B 12 -31.62 33.89 100.63
C ALA B 12 -30.86 34.79 101.56
N GLY B 13 -30.70 34.36 102.84
CA GLY B 13 -29.96 35.16 103.80
C GLY B 13 -28.49 35.30 103.39
N ILE B 14 -27.91 34.23 102.88
CA ILE B 14 -26.49 34.24 102.54
C ILE B 14 -26.25 35.14 101.33
N GLN B 15 -27.08 35.00 100.29
CA GLN B 15 -26.82 35.73 99.07
C GLN B 15 -27.16 37.22 99.22
N ILE B 16 -28.15 37.53 100.06
CA ILE B 16 -28.41 38.94 100.37
C ILE B 16 -27.26 39.46 101.21
N GLY B 17 -26.77 38.63 102.14
CA GLY B 17 -25.66 39.08 102.99
C GLY B 17 -24.36 39.22 102.23
N ASN B 18 -24.20 38.47 101.12
CA ASN B 18 -23.01 38.64 100.30
C ASN B 18 -23.01 40.01 99.64
N ALA B 19 -24.18 40.46 99.20
CA ALA B 19 -24.29 41.77 98.61
C ALA B 19 -24.20 42.85 99.66
N CYS B 20 -24.67 42.57 100.90
CA CYS B 20 -24.56 43.54 101.97
C CYS B 20 -23.09 43.77 102.38
N TRP B 21 -22.33 42.67 102.40
CA TRP B 21 -20.95 42.75 102.77
C TRP B 21 -20.02 43.27 101.72
N GLU B 22 -20.46 43.22 100.48
CA GLU B 22 -19.71 43.84 99.39
C GLU B 22 -19.85 45.35 99.48
N LEU B 23 -21.04 45.81 99.87
CA LEU B 23 -21.28 47.24 99.95
C LEU B 23 -20.55 47.83 101.15
N PHE B 24 -20.57 47.10 102.28
CA PHE B 24 -19.97 47.63 103.50
C PHE B 24 -18.44 47.69 103.38
N CYS B 25 -17.86 46.73 102.63
CA CYS B 25 -16.42 46.72 102.45
C CYS B 25 -15.99 47.89 101.56
N LEU B 26 -16.80 48.18 100.53
CA LEU B 26 -16.43 49.21 99.58
C LEU B 26 -16.65 50.60 100.15
N GLU B 27 -17.64 50.74 101.04
CA GLU B 27 -17.92 52.08 101.56
C GLU B 27 -16.88 52.50 102.58
N HIS B 28 -16.34 51.54 103.34
CA HIS B 28 -15.29 51.84 104.29
C HIS B 28 -13.89 51.67 103.68
N GLY B 29 -13.83 51.26 102.40
CA GLY B 29 -12.57 51.31 101.65
C GLY B 29 -11.66 50.16 102.06
N ILE B 30 -12.21 49.00 102.50
CA ILE B 30 -11.32 47.89 102.75
C ILE B 30 -11.38 46.98 101.53
N GLN B 31 -10.23 46.36 101.25
CA GLN B 31 -10.07 45.46 100.12
C GLN B 31 -10.69 44.10 100.47
N PRO B 32 -11.00 43.25 99.46
CA PRO B 32 -11.37 41.86 99.74
C PRO B 32 -10.41 41.04 100.59
N ASP B 33 -9.13 41.47 100.73
CA ASP B 33 -8.27 40.79 101.68
C ASP B 33 -8.71 41.11 103.10
N GLY B 34 -9.10 42.37 103.34
CA GLY B 34 -9.59 42.77 104.65
C GLY B 34 -8.76 43.89 105.28
N GLN B 35 -7.76 44.39 104.58
CA GLN B 35 -6.91 45.43 105.13
C GLN B 35 -7.00 46.68 104.27
N MET B 36 -7.14 47.84 104.91
CA MET B 36 -7.35 49.04 104.14
C MET B 36 -6.02 49.62 103.67
N PRO B 37 -5.96 50.22 102.46
CA PRO B 37 -4.76 50.93 102.02
C PRO B 37 -4.66 52.33 102.62
N ASP B 47 -12.43 55.22 113.08
CA ASP B 47 -13.11 54.23 113.95
C ASP B 47 -14.60 54.17 113.59
N ALA B 48 -14.94 54.69 112.41
CA ALA B 48 -16.31 54.69 111.93
C ALA B 48 -16.76 53.31 111.47
N PHE B 49 -15.80 52.47 111.07
CA PHE B 49 -16.10 51.15 110.54
C PHE B 49 -16.27 50.09 111.64
N ASN B 50 -16.16 50.48 112.89
CA ASN B 50 -16.17 49.59 114.04
C ASN B 50 -17.53 48.95 114.26
N THR B 51 -18.57 49.50 113.69
CA THR B 51 -19.91 48.95 113.88
C THR B 51 -20.14 47.68 113.08
N PHE B 52 -19.31 47.42 112.07
CA PHE B 52 -19.46 46.29 111.16
C PHE B 52 -18.20 45.46 111.08
N PHE B 53 -17.03 46.04 111.40
CA PHE B 53 -15.78 45.32 111.25
C PHE B 53 -15.01 45.36 112.53
N SER B 54 -14.32 44.28 112.86
CA SER B 54 -13.43 44.22 113.99
C SER B 54 -12.01 44.58 113.56
N GLU B 55 -11.10 44.52 114.50
CA GLU B 55 -9.67 44.67 114.28
C GLU B 55 -8.99 43.34 114.57
N THR B 56 -8.18 42.89 113.60
CA THR B 56 -7.44 41.65 113.72
C THR B 56 -5.97 41.94 113.38
N GLY B 57 -5.21 42.27 114.43
CA GLY B 57 -3.75 42.20 114.35
C GLY B 57 -3.13 43.29 113.49
N ALA B 58 -2.44 42.87 112.38
CA ALA B 58 -1.83 43.84 111.51
C ALA B 58 -2.83 44.46 110.53
N GLY B 59 -3.68 45.34 111.06
CA GLY B 59 -4.45 46.30 110.30
C GLY B 59 -5.63 45.74 109.46
N LYS B 60 -5.93 44.48 109.71
CA LYS B 60 -6.91 43.76 108.92
C LYS B 60 -8.24 43.77 109.67
N HIS B 61 -9.35 43.83 108.95
CA HIS B 61 -10.67 43.99 109.53
C HIS B 61 -11.58 42.86 109.07
N VAL B 62 -12.19 42.21 110.07
CA VAL B 62 -12.98 41.00 109.83
C VAL B 62 -14.44 41.32 110.23
N PRO B 63 -15.40 40.91 109.38
CA PRO B 63 -16.80 41.28 109.62
C PRO B 63 -17.40 40.58 110.82
N ARG B 64 -18.41 41.25 111.37
CA ARG B 64 -19.11 40.71 112.56
C ARG B 64 -20.38 39.98 112.07
N CYS B 65 -20.17 38.90 111.30
CA CYS B 65 -21.29 38.20 110.73
C CYS B 65 -21.11 36.71 110.82
N VAL B 66 -22.23 35.99 110.81
CA VAL B 66 -22.22 34.54 110.75
C VAL B 66 -23.10 34.08 109.60
N PHE B 67 -22.60 33.09 108.87
CA PHE B 67 -23.29 32.54 107.72
C PHE B 67 -23.71 31.12 108.10
N LEU B 68 -25.01 30.86 108.00
CA LEU B 68 -25.54 29.56 108.35
C LEU B 68 -26.37 29.04 107.20
N ASP B 69 -26.01 27.81 106.76
CA ASP B 69 -26.91 27.05 105.91
C ASP B 69 -26.63 25.56 106.20
N LEU B 70 -27.70 24.76 105.97
CA LEU B 70 -27.53 23.33 106.18
C LEU B 70 -26.96 22.64 104.94
N GLU B 71 -27.37 23.08 103.73
CA GLU B 71 -26.71 22.57 102.53
C GLU B 71 -25.40 23.34 102.32
N PRO B 72 -24.30 22.65 102.01
CA PRO B 72 -23.02 23.32 101.89
C PRO B 72 -22.82 24.12 100.61
N THR B 73 -23.66 23.92 99.62
CA THR B 73 -23.46 24.34 98.26
C THR B 73 -23.46 25.84 98.06
N VAL B 74 -23.95 26.66 99.03
CA VAL B 74 -23.84 28.10 98.80
C VAL B 74 -22.71 28.70 99.63
N VAL B 75 -22.41 28.08 100.76
CA VAL B 75 -21.46 28.65 101.69
C VAL B 75 -20.05 28.15 101.41
N ASP B 76 -19.89 26.96 100.85
CA ASP B 76 -18.58 26.51 100.40
C ASP B 76 -18.11 27.33 99.19
N GLU B 77 -19.05 27.79 98.40
CA GLU B 77 -18.78 28.58 97.22
C GLU B 77 -18.34 29.98 97.59
N VAL B 78 -18.70 30.46 98.77
CA VAL B 78 -18.15 31.69 99.30
C VAL B 78 -16.73 31.44 99.80
N ARG B 79 -16.47 30.25 100.38
CA ARG B 79 -15.13 29.94 100.84
C ARG B 79 -14.14 29.80 99.67
N THR B 80 -14.62 29.57 98.46
CA THR B 80 -13.74 29.49 97.33
C THR B 80 -13.81 30.71 96.42
N GLY B 81 -14.67 31.67 96.74
CA GLY B 81 -14.86 32.88 95.97
C GLY B 81 -13.78 33.92 96.16
N THR B 82 -14.08 35.16 95.78
CA THR B 82 -13.14 36.26 95.88
C THR B 82 -12.93 36.68 97.34
N TYR B 83 -14.00 36.60 98.14
CA TYR B 83 -13.94 37.01 99.52
C TYR B 83 -13.61 35.81 100.40
N ARG B 84 -12.49 35.16 100.14
CA ARG B 84 -12.17 33.94 100.87
C ARG B 84 -11.55 34.32 102.21
N HIS B 85 -10.63 35.30 102.23
CA HIS B 85 -9.94 35.65 103.47
C HIS B 85 -10.56 36.85 104.16
N LEU B 86 -11.64 37.34 103.66
CA LEU B 86 -12.35 38.44 104.29
C LEU B 86 -13.04 37.98 105.57
N PHE B 87 -13.72 36.86 105.46
CA PHE B 87 -14.46 36.25 106.56
C PHE B 87 -13.58 35.33 107.37
N HIS B 88 -13.86 35.25 108.64
CA HIS B 88 -13.24 34.25 109.50
C HIS B 88 -13.70 32.87 109.04
N PRO B 89 -12.81 31.87 108.94
CA PRO B 89 -13.24 30.55 108.47
C PRO B 89 -14.28 29.83 109.30
N GLU B 90 -14.41 30.17 110.58
CA GLU B 90 -15.42 29.61 111.45
C GLU B 90 -16.73 30.37 111.45
N GLN B 91 -16.74 31.55 110.83
CA GLN B 91 -17.98 32.29 110.72
C GLN B 91 -18.88 31.78 109.60
N LEU B 92 -18.38 30.90 108.75
CA LEU B 92 -19.14 30.33 107.66
C LEU B 92 -19.40 28.88 108.03
N ILE B 93 -20.58 28.62 108.57
CA ILE B 93 -20.91 27.34 109.14
C ILE B 93 -21.82 26.61 108.18
N SER B 94 -21.46 25.35 107.88
CA SER B 94 -22.21 24.50 106.99
C SER B 94 -22.64 23.20 107.70
N GLY B 95 -23.80 22.73 107.28
CA GLY B 95 -24.26 21.42 107.73
C GLY B 95 -23.82 20.29 106.81
N LYS B 96 -24.67 19.27 106.72
CA LYS B 96 -24.43 18.16 105.82
C LYS B 96 -25.52 18.06 104.76
N GLU B 97 -26.79 18.14 105.18
CA GLU B 97 -27.91 17.89 104.27
C GLU B 97 -28.91 19.02 104.36
N ASP B 98 -29.55 19.35 103.24
CA ASP B 98 -30.50 20.45 103.13
C ASP B 98 -31.76 20.15 103.95
N ALA B 99 -32.43 21.24 104.37
CA ALA B 99 -33.69 21.11 105.10
C ALA B 99 -34.82 20.66 104.16
N ALA B 100 -34.70 20.98 102.87
CA ALA B 100 -35.64 20.63 101.83
C ALA B 100 -37.06 21.12 102.13
N ASN B 101 -37.22 22.44 102.24
CA ASN B 101 -38.52 23.11 102.27
C ASN B 101 -39.41 22.60 103.40
N ASN B 102 -38.79 22.10 104.46
CA ASN B 102 -39.56 21.52 105.55
C ASN B 102 -39.19 22.27 106.81
N PHE B 103 -40.21 22.95 107.38
CA PHE B 103 -39.97 23.68 108.61
C PHE B 103 -39.69 22.71 109.74
N ALA B 104 -40.38 21.54 109.73
CA ALA B 104 -40.21 20.57 110.80
C ALA B 104 -38.82 19.95 110.75
N ARG B 105 -38.23 19.83 109.57
CA ARG B 105 -36.92 19.23 109.45
C ARG B 105 -35.86 20.17 110.02
N GLY B 106 -35.99 21.44 109.67
CA GLY B 106 -35.03 22.47 110.05
C GLY B 106 -35.10 22.81 111.54
N HIS B 107 -36.21 22.50 112.18
CA HIS B 107 -36.46 22.86 113.56
C HIS B 107 -36.24 21.71 114.54
N TYR B 108 -36.52 20.46 114.12
CA TYR B 108 -36.48 19.36 115.04
C TYR B 108 -35.34 18.38 114.82
N THR B 109 -35.12 17.96 113.58
CA THR B 109 -34.19 16.85 113.37
C THR B 109 -32.78 17.37 113.12
N ILE B 110 -32.58 18.17 112.08
CA ILE B 110 -31.25 18.52 111.66
C ILE B 110 -30.81 19.89 112.16
N GLY B 111 -31.74 20.65 112.72
CA GLY B 111 -31.51 21.96 113.31
C GLY B 111 -30.65 21.91 114.57
N LYS B 112 -30.76 20.82 115.33
CA LYS B 112 -30.13 20.81 116.67
C LYS B 112 -28.60 20.68 116.57
N GLU B 113 -28.12 20.07 115.48
CA GLU B 113 -26.71 19.77 115.39
C GLU B 113 -25.89 21.01 115.00
N ILE B 114 -26.55 22.02 114.42
CA ILE B 114 -25.83 23.15 113.86
C ILE B 114 -26.07 24.41 114.70
N VAL B 115 -27.11 24.43 115.51
CA VAL B 115 -27.45 25.64 116.27
C VAL B 115 -26.44 25.79 117.39
N ASP B 116 -25.96 24.69 117.98
CA ASP B 116 -24.95 24.78 119.03
C ASP B 116 -23.64 25.35 118.52
N LEU B 117 -23.27 25.01 117.30
CA LEU B 117 -22.07 25.58 116.69
C LEU B 117 -22.29 27.05 116.34
N SER B 118 -23.54 27.43 116.01
CA SER B 118 -23.84 28.80 115.65
C SER B 118 -23.75 29.71 116.87
N LEU B 119 -24.34 29.23 117.99
CA LEU B 119 -24.37 30.01 119.21
C LEU B 119 -23.03 30.15 119.83
N ASP B 120 -22.09 29.22 119.59
CA ASP B 120 -20.73 29.35 120.08
C ASP B 120 -20.04 30.53 119.41
N ARG B 121 -20.29 30.68 118.10
CA ARG B 121 -19.66 31.78 117.37
C ARG B 121 -20.29 33.10 117.74
N ILE B 122 -21.60 33.11 117.96
CA ILE B 122 -22.29 34.33 118.32
C ILE B 122 -21.86 34.80 119.72
N ARG B 123 -21.64 33.87 120.63
CA ARG B 123 -21.25 34.19 121.98
C ARG B 123 -19.85 34.81 121.99
N LYS B 124 -18.93 34.26 121.17
CA LYS B 124 -17.58 34.77 121.15
C LYS B 124 -17.54 36.14 120.50
N LEU B 125 -18.48 36.39 119.58
CA LEU B 125 -18.49 37.65 118.84
C LEU B 125 -19.23 38.73 119.60
N ALA B 126 -20.10 38.33 120.57
CA ALA B 126 -20.81 39.31 121.38
C ALA B 126 -20.04 39.68 122.63
N ASP B 127 -19.14 38.83 123.09
CA ASP B 127 -18.39 39.06 124.32
C ASP B 127 -17.06 39.72 124.06
N ASN B 128 -16.79 40.16 122.80
CA ASN B 128 -15.59 40.95 122.55
C ASN B 128 -15.71 42.33 123.21
N CYS B 129 -16.87 42.97 123.08
CA CYS B 129 -17.10 44.25 123.74
C CYS B 129 -18.53 44.28 124.27
N THR B 130 -18.72 44.97 125.41
CA THR B 130 -20.08 45.30 125.83
C THR B 130 -20.61 46.51 125.05
N GLY B 131 -21.85 46.84 125.28
CA GLY B 131 -22.44 48.05 124.71
C GLY B 131 -22.80 47.86 123.22
N LEU B 132 -23.01 46.63 122.81
CA LEU B 132 -23.43 46.34 121.48
C LEU B 132 -24.94 46.60 121.35
N GLN B 133 -25.28 46.96 120.13
CA GLN B 133 -26.60 47.49 119.84
C GLN B 133 -27.63 46.40 119.77
N GLY B 134 -27.34 45.32 119.03
CA GLY B 134 -28.40 44.38 118.68
C GLY B 134 -28.06 43.58 117.42
N PHE B 135 -29.06 42.90 116.89
CA PHE B 135 -28.89 41.83 115.92
C PHE B 135 -29.67 42.14 114.65
N LEU B 136 -29.05 41.93 113.50
CA LEU B 136 -29.77 41.83 112.23
C LEU B 136 -29.83 40.36 111.79
N MET B 137 -31.05 39.91 111.50
CA MET B 137 -31.25 38.58 110.96
C MET B 137 -31.79 38.71 109.53
N PHE B 138 -31.19 37.96 108.60
CA PHE B 138 -31.68 37.87 107.25
C PHE B 138 -32.10 36.44 106.94
N ASN B 139 -33.35 36.23 106.55
CA ASN B 139 -33.81 34.87 106.32
C ASN B 139 -34.96 34.81 105.35
N ALA B 140 -35.17 33.61 104.79
CA ALA B 140 -36.24 33.41 103.83
C ALA B 140 -37.37 32.69 104.53
N VAL B 141 -38.57 33.24 104.49
CA VAL B 141 -39.70 32.68 105.20
C VAL B 141 -40.25 31.42 104.50
N GLY B 142 -40.14 31.42 103.18
CA GLY B 142 -40.71 30.33 102.39
C GLY B 142 -39.80 29.13 102.30
N GLY B 143 -38.53 29.26 102.73
CA GLY B 143 -37.60 28.16 102.66
C GLY B 143 -37.67 27.25 103.87
N GLY B 144 -36.80 26.24 103.85
CA GLY B 144 -36.74 25.27 104.91
C GLY B 144 -35.85 25.73 106.08
N THR B 145 -34.57 25.93 105.76
CA THR B 145 -33.60 26.26 106.77
C THR B 145 -33.71 27.74 107.18
N GLY B 146 -34.20 28.58 106.29
CA GLY B 146 -34.38 29.98 106.59
C GLY B 146 -35.50 30.19 107.61
N SER B 147 -36.51 29.33 107.59
CA SER B 147 -37.60 29.39 108.55
C SER B 147 -37.32 28.55 109.79
N GLY B 148 -36.82 27.33 109.57
CA GLY B 148 -36.57 26.35 110.62
C GLY B 148 -35.46 26.81 111.57
N LEU B 149 -34.31 26.99 111.00
CA LEU B 149 -33.13 27.38 111.78
C LEU B 149 -33.24 28.81 112.25
N GLY B 150 -33.98 29.63 111.52
CA GLY B 150 -34.23 31.02 111.91
C GLY B 150 -35.00 31.09 113.22
N CYS B 151 -36.00 30.22 113.37
CA CYS B 151 -36.75 30.18 114.61
C CYS B 151 -35.88 29.69 115.77
N LEU B 152 -35.07 28.68 115.55
CA LEU B 152 -34.27 28.07 116.61
C LEU B 152 -33.24 29.09 117.13
N LEU B 153 -32.66 29.89 116.20
CA LEU B 153 -31.71 30.86 116.64
C LEU B 153 -32.42 32.01 117.39
N LEU B 154 -33.64 32.37 116.94
CA LEU B 154 -34.31 33.48 117.57
C LEU B 154 -34.88 33.12 118.94
N GLU B 155 -35.28 31.85 119.12
CA GLU B 155 -35.73 31.40 120.42
C GLU B 155 -34.57 31.41 121.41
N ARG B 156 -33.44 30.91 120.97
CA ARG B 156 -32.33 30.72 121.91
C ARG B 156 -31.63 32.00 122.26
N LEU B 157 -31.59 32.90 121.32
CA LEU B 157 -31.01 34.25 121.55
C LEU B 157 -31.95 35.08 122.38
N SER B 158 -33.28 34.86 122.28
CA SER B 158 -34.20 35.60 123.13
C SER B 158 -34.08 35.25 124.62
N VAL B 159 -33.75 33.99 124.91
CA VAL B 159 -33.63 33.54 126.28
C VAL B 159 -32.32 34.04 126.89
N ASP B 160 -31.25 34.10 126.13
CA ASP B 160 -29.93 34.40 126.66
C ASP B 160 -29.69 35.89 126.68
N TYR B 161 -29.77 36.52 125.51
CA TYR B 161 -29.64 37.97 125.41
C TYR B 161 -31.02 38.62 125.32
N GLY B 162 -31.66 38.72 126.47
CA GLY B 162 -33.05 39.07 126.60
C GLY B 162 -33.40 40.48 126.23
N LYS B 163 -32.56 41.42 126.64
CA LYS B 163 -32.90 42.86 126.65
C LYS B 163 -32.72 43.50 125.24
N LYS B 164 -31.90 42.83 124.42
CA LYS B 164 -31.32 43.46 123.25
C LYS B 164 -32.26 43.40 122.03
N SER B 165 -32.04 44.35 121.13
CA SER B 165 -32.92 44.51 119.99
C SER B 165 -32.55 43.48 118.92
N LYS B 166 -33.59 42.95 118.25
CA LYS B 166 -33.40 41.96 117.21
C LYS B 166 -34.27 42.42 116.04
N LEU B 167 -33.62 42.95 115.01
CA LEU B 167 -34.28 43.31 113.77
C LEU B 167 -34.21 42.15 112.78
N ASN B 168 -35.30 41.92 112.10
CA ASN B 168 -35.39 40.85 111.13
C ASN B 168 -35.75 41.45 109.78
N PHE B 169 -35.10 40.95 108.73
CA PHE B 169 -35.41 41.36 107.36
C PHE B 169 -35.76 40.11 106.58
N CYS B 170 -37.05 39.79 106.56
CA CYS B 170 -37.56 38.55 106.04
C CYS B 170 -38.00 38.73 104.60
N SER B 171 -37.47 37.85 103.72
CA SER B 171 -37.93 37.78 102.34
C SER B 171 -39.22 36.97 102.29
N TRP B 172 -40.31 37.67 102.54
CA TRP B 172 -41.66 37.15 102.58
C TRP B 172 -42.04 36.70 101.16
N PRO B 173 -42.81 35.58 101.04
CA PRO B 173 -43.27 35.16 99.73
C PRO B 173 -44.24 36.13 99.07
N SER B 174 -44.14 36.21 97.76
CA SER B 174 -44.89 37.14 96.96
C SER B 174 -46.31 36.62 96.74
N PRO B 175 -47.27 37.52 96.46
CA PRO B 175 -48.67 37.13 96.36
C PRO B 175 -48.99 36.16 95.22
N GLN B 176 -48.40 36.36 94.04
CA GLN B 176 -48.72 35.49 92.91
C GLN B 176 -47.60 34.49 92.60
N VAL B 177 -46.39 34.94 92.56
CA VAL B 177 -45.16 34.23 92.31
C VAL B 177 -44.69 33.57 93.62
N SER B 178 -44.32 32.30 93.52
CA SER B 178 -44.03 31.57 94.75
C SER B 178 -42.66 30.89 94.70
N THR B 179 -42.35 30.19 93.61
CA THR B 179 -41.20 29.29 93.46
C THR B 179 -41.20 28.18 94.50
N ALA B 180 -42.38 27.84 95.02
CA ALA B 180 -42.64 26.77 95.95
C ALA B 180 -44.12 26.42 95.97
N VAL B 181 -44.43 25.17 96.34
CA VAL B 181 -45.83 24.85 96.60
C VAL B 181 -46.03 24.70 98.11
N VAL B 182 -44.97 24.40 98.89
CA VAL B 182 -45.22 24.12 100.29
C VAL B 182 -44.98 25.36 101.15
N GLU B 183 -44.72 26.47 100.48
CA GLU B 183 -44.40 27.73 101.17
C GLU B 183 -45.56 28.30 101.98
N PRO B 184 -46.87 28.15 101.67
CA PRO B 184 -47.89 28.53 102.66
C PRO B 184 -47.78 27.82 104.00
N TYR B 185 -47.32 26.57 104.00
CA TYR B 185 -47.09 25.89 105.26
C TYR B 185 -45.92 26.47 106.05
N ASN B 186 -44.84 26.77 105.35
CA ASN B 186 -43.65 27.28 106.03
C ASN B 186 -43.87 28.71 106.52
N SER B 187 -44.71 29.48 105.82
CA SER B 187 -44.91 30.87 106.17
C SER B 187 -45.74 31.04 107.45
N VAL B 188 -46.83 30.24 107.56
CA VAL B 188 -47.68 30.35 108.71
C VAL B 188 -46.99 29.80 109.95
N LEU B 189 -46.18 28.77 109.79
CA LEU B 189 -45.44 28.19 110.91
C LEU B 189 -44.33 29.09 111.40
N SER B 190 -43.78 29.90 110.50
CA SER B 190 -42.70 30.81 110.88
C SER B 190 -43.27 32.01 111.57
N THR B 191 -44.40 32.50 111.11
CA THR B 191 -45.03 33.70 111.66
C THR B 191 -45.49 33.48 113.11
N HIS B 192 -45.84 32.25 113.46
CA HIS B 192 -46.12 31.91 114.83
C HIS B 192 -44.93 32.11 115.72
N SER B 193 -43.76 31.76 115.19
CA SER B 193 -42.55 31.70 115.98
C SER B 193 -41.76 33.02 115.87
N LEU B 194 -42.14 33.94 114.92
CA LEU B 194 -41.48 35.19 114.85
C LEU B 194 -42.32 36.34 115.34
N LEU B 195 -43.59 36.11 115.73
CA LEU B 195 -44.38 37.07 116.47
C LEU B 195 -43.79 37.38 117.86
N GLU B 196 -43.41 36.33 118.57
CA GLU B 196 -43.08 36.55 119.99
C GLU B 196 -41.58 36.47 120.21
N HIS B 197 -40.78 36.47 119.16
CA HIS B 197 -39.33 36.33 119.33
C HIS B 197 -38.51 37.45 118.72
N THR B 198 -39.06 38.21 117.78
CA THR B 198 -38.29 39.28 117.18
C THR B 198 -38.91 40.62 117.60
N ASP B 199 -38.15 41.66 117.45
CA ASP B 199 -38.58 42.98 117.94
C ASP B 199 -39.21 43.78 116.81
N VAL B 200 -38.54 43.81 115.65
CA VAL B 200 -39.02 44.55 114.49
C VAL B 200 -38.73 43.69 113.26
N ALA B 201 -39.78 43.39 112.47
CA ALA B 201 -39.64 42.64 111.25
C ALA B 201 -40.06 43.51 110.06
N VAL B 202 -39.18 43.55 109.06
CA VAL B 202 -39.42 44.24 107.83
C VAL B 202 -39.68 43.22 106.72
N MET B 203 -40.79 43.42 106.03
CA MET B 203 -41.30 42.43 105.07
C MET B 203 -40.81 42.80 103.68
N LEU B 204 -40.11 41.88 103.04
CA LEU B 204 -39.56 42.10 101.71
C LEU B 204 -40.21 41.11 100.75
N ASP B 205 -40.58 41.64 99.56
CA ASP B 205 -41.16 40.80 98.52
C ASP B 205 -40.24 40.76 97.30
N ASN B 206 -40.21 39.60 96.64
CA ASN B 206 -39.32 39.45 95.49
C ASN B 206 -39.88 40.15 94.25
N GLU B 207 -41.16 39.92 94.01
CA GLU B 207 -41.76 40.43 92.79
C GLU B 207 -42.08 41.91 92.91
N ALA B 208 -42.09 42.43 94.13
CA ALA B 208 -42.16 43.88 94.31
C ALA B 208 -40.89 44.56 93.79
N ILE B 209 -39.74 43.97 94.08
CA ILE B 209 -38.49 44.55 93.61
C ILE B 209 -38.26 44.21 92.14
N TYR B 210 -38.91 43.15 91.64
CA TYR B 210 -38.96 42.91 90.20
C TYR B 210 -39.65 44.06 89.48
N ASP B 211 -40.77 44.53 90.02
CA ASP B 211 -41.52 45.59 89.39
C ASP B 211 -40.84 46.96 89.54
N ILE B 212 -40.09 47.14 90.63
CA ILE B 212 -39.34 48.34 90.83
C ILE B 212 -38.24 48.42 89.76
N CYS B 213 -37.57 47.28 89.51
CA CYS B 213 -36.50 47.28 88.54
C CYS B 213 -37.03 47.35 87.11
N ARG B 214 -38.31 47.06 86.90
CA ARG B 214 -38.89 47.13 85.57
C ARG B 214 -39.25 48.58 85.22
N ARG B 215 -39.86 49.30 86.18
CA ARG B 215 -40.48 50.57 85.78
C ARG B 215 -39.57 51.72 86.15
N ASN B 216 -38.84 51.67 87.27
CA ASN B 216 -37.99 52.78 87.63
C ASN B 216 -36.60 52.69 86.94
N LEU B 217 -36.02 51.52 86.98
CA LEU B 217 -34.68 51.29 86.54
C LEU B 217 -34.61 50.82 85.09
N ASP B 218 -35.74 50.44 84.52
CA ASP B 218 -35.91 49.97 83.14
C ASP B 218 -34.95 48.79 82.86
N ILE B 219 -34.92 47.82 83.80
CA ILE B 219 -34.27 46.55 83.55
C ILE B 219 -35.34 45.53 83.21
N GLU B 220 -35.28 45.10 81.93
CA GLU B 220 -36.22 44.12 81.42
C GLU B 220 -36.00 42.71 81.95
N ARG B 221 -34.75 42.38 82.24
CA ARG B 221 -34.32 41.03 82.54
C ARG B 221 -33.50 40.97 83.83
N PRO B 222 -34.10 41.19 85.01
CA PRO B 222 -33.30 41.20 86.24
C PRO B 222 -33.07 39.82 86.79
N THR B 223 -32.11 39.72 87.69
CA THR B 223 -31.74 38.49 88.36
C THR B 223 -31.61 38.78 89.87
N TYR B 224 -31.22 37.75 90.62
CA TYR B 224 -31.15 37.83 92.07
C TYR B 224 -30.01 38.74 92.49
N THR B 225 -28.99 38.93 91.68
CA THR B 225 -27.91 39.83 92.08
C THR B 225 -28.35 41.29 92.02
N ASN B 226 -29.31 41.60 91.18
CA ASN B 226 -29.88 42.95 91.09
C ASN B 226 -30.86 43.17 92.23
N LEU B 227 -31.50 42.11 92.74
CA LEU B 227 -32.39 42.24 93.86
C LEU B 227 -31.55 42.60 95.12
N ASN B 228 -30.40 41.91 95.27
CA ASN B 228 -29.69 41.95 96.51
C ASN B 228 -28.90 43.25 96.67
N ARG B 229 -28.56 43.91 95.54
CA ARG B 229 -27.93 45.21 95.63
C ARG B 229 -28.88 46.24 96.22
N LEU B 230 -30.16 46.15 95.82
CA LEU B 230 -31.17 47.09 96.28
C LEU B 230 -31.47 46.86 97.77
N ILE B 231 -31.41 45.60 98.21
CA ILE B 231 -31.60 45.29 99.61
C ILE B 231 -30.43 45.81 100.41
N ALA B 232 -29.21 45.72 99.83
CA ALA B 232 -28.02 46.15 100.52
C ALA B 232 -28.03 47.67 100.73
N GLN B 233 -28.63 48.41 99.79
CA GLN B 233 -28.69 49.86 99.92
C GLN B 233 -29.64 50.26 101.04
N VAL B 234 -30.69 49.47 101.26
CA VAL B 234 -31.65 49.76 102.31
C VAL B 234 -30.99 49.53 103.67
N ILE B 235 -30.23 48.45 103.80
CA ILE B 235 -29.61 48.13 105.08
C ILE B 235 -28.52 49.12 105.40
N SER B 236 -27.80 49.57 104.38
CA SER B 236 -26.76 50.58 104.57
C SER B 236 -27.37 51.90 105.04
N SER B 237 -28.52 52.27 104.49
CA SER B 237 -29.21 53.48 104.87
C SER B 237 -29.81 53.38 106.27
N LEU B 238 -30.14 52.16 106.71
CA LEU B 238 -30.68 51.97 108.05
C LEU B 238 -29.59 52.21 109.11
N THR B 239 -28.40 51.69 108.87
CA THR B 239 -27.32 51.71 109.82
C THR B 239 -26.30 52.81 109.50
N ALA B 240 -26.68 53.78 108.68
CA ALA B 240 -25.79 54.87 108.30
C ALA B 240 -25.52 55.80 109.46
N SER B 241 -26.51 55.93 110.35
CA SER B 241 -26.40 56.86 111.47
C SER B 241 -25.41 56.35 112.51
N LEU B 242 -25.32 55.01 112.64
CA LEU B 242 -24.37 54.42 113.56
C LEU B 242 -22.94 54.60 113.06
N ARG B 243 -22.74 54.63 111.73
CA ARG B 243 -21.38 54.62 111.21
C ARG B 243 -20.87 56.05 111.03
N PHE B 244 -21.72 56.95 110.51
CA PHE B 244 -21.20 58.23 110.07
C PHE B 244 -21.92 59.34 110.83
N ASP B 245 -21.22 60.48 110.97
CA ASP B 245 -21.75 61.62 111.67
C ASP B 245 -22.81 62.33 110.82
N GLY B 246 -23.82 62.88 111.48
CA GLY B 246 -24.92 63.48 110.75
C GLY B 246 -25.55 64.62 111.53
N ALA B 247 -26.48 65.29 110.86
CA ALA B 247 -27.21 66.41 111.42
C ALA B 247 -28.15 65.98 112.55
N LEU B 248 -28.82 64.86 112.35
CA LEU B 248 -29.76 64.34 113.33
C LEU B 248 -29.77 62.83 113.18
N ASN B 249 -28.97 62.14 114.01
CA ASN B 249 -28.87 60.71 113.88
C ASN B 249 -29.90 59.93 114.66
N VAL B 250 -30.23 58.75 114.18
CA VAL B 250 -31.14 57.86 114.87
C VAL B 250 -30.59 56.45 114.84
N ASP B 251 -30.55 55.76 115.96
CA ASP B 251 -29.91 54.45 116.06
C ASP B 251 -31.00 53.35 115.97
N VAL B 252 -30.55 52.11 116.13
CA VAL B 252 -31.43 50.97 115.97
C VAL B 252 -32.24 50.75 117.23
N THR B 253 -31.83 51.27 118.37
CA THR B 253 -32.59 51.13 119.60
C THR B 253 -33.86 51.99 119.56
N GLU B 254 -33.79 53.12 118.84
CA GLU B 254 -34.91 54.04 118.84
C GLU B 254 -35.81 53.78 117.65
N PHE B 255 -35.57 52.75 116.85
CA PHE B 255 -36.47 52.34 115.77
C PHE B 255 -37.73 51.73 116.34
N GLN B 256 -37.57 50.89 117.32
CA GLN B 256 -38.71 50.21 117.93
C GLN B 256 -39.54 51.17 118.76
N THR B 257 -38.95 52.21 119.29
CA THR B 257 -39.63 53.20 120.10
C THR B 257 -40.55 54.08 119.26
N ASN B 258 -40.18 54.28 117.96
CA ASN B 258 -40.96 55.18 117.12
C ASN B 258 -41.88 54.44 116.15
N LEU B 259 -41.73 53.15 116.01
CA LEU B 259 -42.41 52.40 114.96
C LEU B 259 -43.25 51.27 115.51
N VAL B 260 -43.09 50.87 116.77
CA VAL B 260 -43.90 49.74 117.25
C VAL B 260 -44.82 50.28 118.33
N PRO B 261 -46.11 50.51 118.03
CA PRO B 261 -47.03 51.04 119.04
C PRO B 261 -47.53 50.02 120.05
N TYR B 262 -47.66 48.77 119.61
CA TYR B 262 -48.15 47.69 120.47
C TYR B 262 -47.22 46.51 120.28
N PRO B 263 -47.02 45.62 121.28
CA PRO B 263 -46.02 44.57 121.20
C PRO B 263 -46.17 43.59 120.03
N ARG B 264 -47.42 43.32 119.61
CA ARG B 264 -47.60 42.35 118.53
C ARG B 264 -47.51 42.99 117.16
N ILE B 265 -47.68 44.31 117.08
CA ILE B 265 -47.73 44.99 115.80
C ILE B 265 -46.33 45.51 115.50
N HIS B 266 -45.53 44.71 114.83
CA HIS B 266 -44.20 45.14 114.44
C HIS B 266 -43.87 44.63 113.04
N PHE B 267 -44.87 44.54 112.17
CA PHE B 267 -44.64 44.17 110.79
C PHE B 267 -44.76 45.40 109.90
N MET B 268 -43.69 45.77 109.25
CA MET B 268 -43.56 47.11 108.66
C MET B 268 -42.93 46.94 107.29
N LEU B 269 -43.23 47.86 106.40
CA LEU B 269 -42.85 47.79 104.98
C LEU B 269 -41.58 48.63 104.83
N SER B 270 -41.09 48.67 103.59
CA SER B 270 -39.87 49.38 103.26
C SER B 270 -40.02 50.11 101.94
N SER B 271 -39.22 51.15 101.78
CA SER B 271 -39.25 51.94 100.54
C SER B 271 -37.94 52.65 100.38
N TYR B 272 -37.52 52.85 99.14
CA TYR B 272 -36.24 53.53 98.88
C TYR B 272 -36.41 54.41 97.68
N ALA B 273 -35.83 55.60 97.74
CA ALA B 273 -35.84 56.53 96.61
C ALA B 273 -34.54 57.34 96.69
N PRO B 274 -33.88 57.62 95.55
CA PRO B 274 -34.30 57.19 94.23
C PRO B 274 -33.80 55.81 93.81
N ILE B 275 -34.57 55.13 92.97
CA ILE B 275 -34.09 53.97 92.26
C ILE B 275 -34.08 54.32 90.77
N ILE B 276 -32.95 54.85 90.31
CA ILE B 276 -32.77 55.53 89.08
C ILE B 276 -31.49 55.02 88.43
N SER B 277 -31.48 55.06 87.09
CA SER B 277 -30.42 54.48 86.31
C SER B 277 -29.23 55.40 86.24
N ALA B 278 -28.21 55.02 85.47
CA ALA B 278 -27.01 55.83 85.27
C ALA B 278 -27.35 56.93 84.29
N GLU B 279 -28.02 56.52 83.17
CA GLU B 279 -28.30 57.48 82.11
C GLU B 279 -29.44 58.37 82.52
N LYS B 280 -30.39 57.89 83.31
CA LYS B 280 -31.61 58.60 83.62
C LYS B 280 -31.39 59.69 84.71
N ALA B 281 -30.38 59.47 85.57
CA ALA B 281 -30.34 60.29 86.79
C ALA B 281 -29.73 61.67 86.44
N TYR B 282 -28.84 61.66 85.45
CA TYR B 282 -27.92 62.76 85.21
C TYR B 282 -28.64 64.01 84.76
N HIS B 283 -29.77 63.84 84.10
CA HIS B 283 -30.59 64.86 83.50
C HIS B 283 -31.65 65.50 84.40
N GLU B 284 -31.76 65.04 85.62
CA GLU B 284 -32.93 65.42 86.45
C GLU B 284 -32.43 65.71 87.85
N GLN B 285 -32.92 66.81 88.44
CA GLN B 285 -32.60 67.20 89.76
C GLN B 285 -33.29 66.31 90.78
N LEU B 286 -32.50 65.71 91.67
CA LEU B 286 -33.03 64.95 92.78
C LEU B 286 -33.34 65.85 93.98
N SER B 287 -34.35 66.72 93.85
CA SER B 287 -34.68 67.65 94.89
C SER B 287 -35.30 66.92 96.09
N VAL B 288 -35.18 67.55 97.27
CA VAL B 288 -35.59 66.90 98.50
C VAL B 288 -37.10 66.71 98.50
N ALA B 289 -37.81 67.64 97.86
CA ALA B 289 -39.27 67.56 97.83
C ALA B 289 -39.72 66.39 96.96
N GLU B 290 -39.00 66.18 95.84
CA GLU B 290 -39.49 65.22 94.88
C GLU B 290 -38.97 63.82 95.16
N ILE B 291 -37.86 63.68 95.88
CA ILE B 291 -37.34 62.42 96.34
C ILE B 291 -38.22 61.83 97.43
N THR B 292 -38.98 62.63 98.14
CA THR B 292 -39.93 62.04 99.08
C THR B 292 -41.27 61.78 98.39
N ASN B 293 -41.58 62.51 97.38
CA ASN B 293 -42.78 62.27 96.58
C ASN B 293 -42.64 61.00 95.75
N SER B 294 -41.41 60.62 95.42
CA SER B 294 -41.09 59.35 94.80
C SER B 294 -40.95 58.27 95.82
N ALA B 295 -41.40 58.38 97.06
CA ALA B 295 -41.30 57.42 98.13
C ALA B 295 -42.68 56.94 98.58
N PHE B 296 -43.62 57.83 98.60
CA PHE B 296 -44.95 57.60 99.18
C PHE B 296 -45.93 57.01 98.17
N GLU B 297 -45.52 56.93 96.89
CA GLU B 297 -46.40 56.26 95.94
C GLU B 297 -46.37 54.77 96.24
N PRO B 298 -47.48 54.05 96.24
CA PRO B 298 -47.51 52.61 96.42
C PRO B 298 -46.69 51.78 95.43
N ALA B 299 -46.42 52.34 94.21
CA ALA B 299 -45.64 51.51 93.30
C ALA B 299 -44.14 51.66 93.52
N SER B 300 -43.72 52.52 94.48
CA SER B 300 -42.35 52.53 94.97
C SER B 300 -42.20 51.70 96.26
N MET B 301 -43.33 51.13 96.76
CA MET B 301 -43.21 50.44 98.02
C MET B 301 -42.67 49.06 97.76
N MET B 302 -42.06 48.42 98.77
CA MET B 302 -41.18 47.28 98.42
C MET B 302 -41.73 46.00 99.06
N ALA B 303 -43.02 45.81 98.93
CA ALA B 303 -43.68 44.65 99.50
C ALA B 303 -44.84 44.14 98.66
N LYS B 304 -45.24 44.88 97.60
CA LYS B 304 -46.45 44.61 96.84
C LYS B 304 -47.66 44.54 97.79
N CYS B 305 -47.87 45.66 98.47
CA CYS B 305 -48.92 45.76 99.46
C CYS B 305 -49.45 47.17 99.44
N ASP B 306 -50.57 47.38 98.78
CA ASP B 306 -51.03 48.73 98.44
C ASP B 306 -51.46 49.42 99.70
N PRO B 307 -50.82 50.51 100.15
CA PRO B 307 -51.22 51.18 101.37
C PRO B 307 -52.44 52.09 101.29
N ARG B 308 -53.04 52.21 100.09
CA ARG B 308 -54.18 53.08 99.91
C ARG B 308 -55.41 52.56 100.64
N HIS B 309 -55.54 51.24 100.77
CA HIS B 309 -56.54 50.62 101.63
C HIS B 309 -55.90 50.20 102.93
N GLY B 310 -54.95 51.02 103.41
CA GLY B 310 -54.35 50.85 104.73
C GLY B 310 -54.20 52.22 105.40
N LYS B 311 -53.92 52.17 106.70
CA LYS B 311 -53.78 53.39 107.48
C LYS B 311 -52.38 53.42 108.06
N TYR B 312 -51.65 54.51 107.81
CA TYR B 312 -50.26 54.59 108.26
C TYR B 312 -50.27 54.84 109.77
N MET B 313 -49.62 53.94 110.48
CA MET B 313 -49.55 54.11 111.94
C MET B 313 -48.37 54.96 112.34
N ALA B 314 -47.23 54.78 111.69
CA ALA B 314 -45.95 55.37 112.07
C ALA B 314 -45.03 55.33 110.86
N CYS B 315 -44.19 56.35 110.70
CA CYS B 315 -43.32 56.40 109.53
C CYS B 315 -41.96 56.93 109.92
N CYS B 316 -40.90 56.32 109.39
CA CYS B 316 -39.54 56.71 109.77
C CYS B 316 -38.73 56.94 108.49
N LEU B 317 -38.22 58.16 108.33
CA LEU B 317 -37.50 58.55 107.14
C LEU B 317 -36.04 58.81 107.43
N MET B 318 -35.17 58.06 106.74
CA MET B 318 -33.75 58.20 106.87
C MET B 318 -33.18 58.85 105.62
N TYR B 319 -32.85 60.13 105.74
CA TYR B 319 -32.18 60.83 104.65
C TYR B 319 -30.69 60.60 104.71
N ARG B 320 -30.06 60.52 103.54
CA ARG B 320 -28.64 60.43 103.44
C ARG B 320 -28.11 61.33 102.35
N GLY B 321 -27.14 62.19 102.69
CA GLY B 321 -26.47 62.99 101.69
C GLY B 321 -26.62 64.49 101.98
N ASP B 322 -26.56 65.30 100.93
CA ASP B 322 -26.74 66.72 100.92
C ASP B 322 -28.21 67.07 101.19
N VAL B 323 -28.61 66.85 102.43
CA VAL B 323 -29.98 67.12 102.84
C VAL B 323 -29.98 68.20 103.91
N VAL B 324 -30.63 69.31 103.62
CA VAL B 324 -30.74 70.39 104.60
C VAL B 324 -31.99 70.16 105.43
N PRO B 325 -32.00 70.45 106.74
CA PRO B 325 -33.18 70.18 107.55
C PRO B 325 -34.42 71.01 107.27
N LYS B 326 -34.25 72.16 106.59
CA LYS B 326 -35.43 72.97 106.27
C LYS B 326 -36.23 72.35 105.13
N ASP B 327 -35.56 71.67 104.19
CA ASP B 327 -36.28 71.04 103.10
C ASP B 327 -36.93 69.73 103.55
N VAL B 328 -36.47 69.15 104.65
CA VAL B 328 -37.12 67.99 105.21
C VAL B 328 -38.48 68.41 105.78
N ASN B 329 -38.48 69.51 106.54
CA ASN B 329 -39.66 70.02 107.19
C ASN B 329 -40.68 70.47 106.16
N ALA B 330 -40.19 71.06 105.05
CA ALA B 330 -41.09 71.49 103.99
C ALA B 330 -41.68 70.30 103.25
N ALA B 331 -40.89 69.24 103.10
CA ALA B 331 -41.30 68.08 102.31
C ALA B 331 -42.29 67.21 103.08
N VAL B 332 -42.12 67.11 104.41
CA VAL B 332 -43.02 66.32 105.20
C VAL B 332 -44.35 67.07 105.37
N ALA B 333 -44.32 68.39 105.31
CA ALA B 333 -45.53 69.15 105.54
C ALA B 333 -46.48 69.01 104.36
N THR B 334 -45.91 68.96 103.16
CA THR B 334 -46.73 68.81 101.97
C THR B 334 -47.34 67.41 101.95
N ILE B 335 -46.61 66.40 102.45
CA ILE B 335 -47.15 65.05 102.50
C ILE B 335 -48.35 64.96 103.42
N LYS B 336 -48.25 65.61 104.57
CA LYS B 336 -49.34 65.55 105.56
C LYS B 336 -50.58 66.22 105.01
N THR B 337 -50.39 67.31 104.25
CA THR B 337 -51.56 68.02 103.75
C THR B 337 -52.18 67.32 102.56
N LYS B 338 -51.41 66.49 101.84
CA LYS B 338 -51.92 65.73 100.70
C LYS B 338 -52.87 64.67 101.21
N ARG B 339 -53.95 64.48 100.50
CA ARG B 339 -55.11 63.77 101.10
C ARG B 339 -55.12 62.26 100.74
N THR B 340 -54.31 61.84 99.75
CA THR B 340 -54.57 60.52 99.20
C THR B 340 -54.03 59.38 100.09
N ILE B 341 -53.13 59.70 101.01
CA ILE B 341 -52.79 58.81 102.11
C ILE B 341 -53.56 59.27 103.35
N GLN B 342 -53.85 58.28 104.17
CA GLN B 342 -54.56 58.47 105.42
C GLN B 342 -53.61 58.07 106.54
N PHE B 343 -53.53 58.91 107.57
CA PHE B 343 -52.90 58.52 108.82
C PHE B 343 -53.99 58.10 109.82
N VAL B 344 -53.55 57.39 110.87
CA VAL B 344 -54.47 56.98 111.89
C VAL B 344 -54.77 58.17 112.80
N ASP B 345 -55.97 58.21 113.40
CA ASP B 345 -56.43 59.42 114.06
C ASP B 345 -55.69 59.58 115.40
N TRP B 346 -55.28 58.47 116.05
CA TRP B 346 -54.71 58.59 117.38
C TRP B 346 -53.21 58.82 117.36
N CYS B 347 -52.60 58.96 116.18
CA CYS B 347 -51.17 59.18 116.09
C CYS B 347 -50.91 60.44 115.28
N PRO B 348 -50.95 61.63 115.91
CA PRO B 348 -50.77 62.88 115.16
C PRO B 348 -49.35 63.07 114.62
N THR B 349 -48.35 62.75 115.45
CA THR B 349 -46.97 63.05 115.11
C THR B 349 -46.37 61.73 114.64
N GLY B 350 -46.71 61.49 113.40
CA GLY B 350 -46.46 60.19 112.75
C GLY B 350 -45.14 60.09 111.99
N PHE B 351 -44.26 61.09 112.16
CA PHE B 351 -43.03 61.10 111.38
C PHE B 351 -41.80 61.19 112.27
N LYS B 352 -40.79 60.43 111.90
CA LYS B 352 -39.51 60.47 112.57
C LYS B 352 -38.42 60.65 111.55
N CYS B 353 -37.69 61.76 111.64
CA CYS B 353 -36.77 62.10 110.56
C CYS B 353 -35.33 61.92 111.04
N GLY B 354 -34.50 61.41 110.14
CA GLY B 354 -33.09 61.23 110.44
C GLY B 354 -32.25 61.66 109.25
N ILE B 355 -31.21 62.46 109.52
CA ILE B 355 -30.40 63.03 108.45
C ILE B 355 -28.96 62.61 108.68
N ASN B 356 -28.33 62.11 107.62
CA ASN B 356 -26.92 61.75 107.67
C ASN B 356 -26.21 62.51 106.57
N TYR B 357 -24.91 62.78 106.81
CA TYR B 357 -24.15 63.61 105.91
C TYR B 357 -23.59 62.86 104.71
N GLN B 358 -23.26 61.58 104.96
CA GLN B 358 -22.59 60.74 104.01
C GLN B 358 -23.51 60.37 102.84
N PRO B 359 -23.10 60.68 101.60
CA PRO B 359 -23.87 60.30 100.43
C PRO B 359 -23.89 58.79 100.25
N PRO B 360 -24.88 58.25 99.53
CA PRO B 360 -24.90 56.83 99.19
C PRO B 360 -23.69 56.41 98.37
N THR B 361 -23.13 55.25 98.72
CA THR B 361 -22.07 54.69 97.90
C THR B 361 -22.66 53.84 96.76
N VAL B 362 -21.95 53.90 95.64
CA VAL B 362 -22.33 53.14 94.46
C VAL B 362 -21.33 51.99 94.30
N VAL B 363 -21.85 50.82 93.96
CA VAL B 363 -20.97 49.73 93.57
C VAL B 363 -20.49 49.93 92.15
N PRO B 364 -19.18 49.89 91.86
CA PRO B 364 -18.70 50.11 90.50
C PRO B 364 -19.15 48.99 89.58
N GLY B 365 -19.55 49.36 88.37
CA GLY B 365 -20.04 48.40 87.39
C GLY B 365 -21.43 47.87 87.73
N GLY B 366 -22.07 48.43 88.74
CA GLY B 366 -23.34 47.86 89.21
C GLY B 366 -24.45 48.57 88.49
N ASP B 367 -25.61 48.76 89.19
CA ASP B 367 -26.86 49.04 88.53
C ASP B 367 -27.29 50.52 88.77
N LEU B 368 -27.03 50.96 90.00
CA LEU B 368 -27.42 52.32 90.40
C LEU B 368 -26.31 53.29 89.97
N ALA B 369 -26.59 54.58 90.07
CA ALA B 369 -25.68 55.67 89.85
C ALA B 369 -25.29 56.29 91.19
N LYS B 370 -24.36 57.26 91.19
CA LYS B 370 -24.24 58.30 92.19
C LYS B 370 -25.50 59.19 92.09
N VAL B 371 -26.20 59.34 93.18
CA VAL B 371 -27.05 60.50 93.45
C VAL B 371 -26.51 61.20 94.69
N MET B 372 -26.87 62.46 94.85
CA MET B 372 -26.31 63.26 95.90
C MET B 372 -27.13 63.14 97.18
N ARG B 373 -28.37 62.64 97.10
CA ARG B 373 -29.16 62.40 98.31
C ARG B 373 -30.11 61.22 98.04
N ALA B 374 -30.44 60.53 99.13
CA ALA B 374 -31.39 59.43 99.03
C ALA B 374 -32.21 59.32 100.33
N VAL B 375 -33.35 58.65 100.20
CA VAL B 375 -34.26 58.49 101.33
C VAL B 375 -34.66 57.05 101.46
N CYS B 376 -34.59 56.52 102.67
CA CYS B 376 -35.07 55.18 102.97
C CYS B 376 -36.16 55.27 104.01
N MET B 377 -37.30 54.66 103.71
CA MET B 377 -38.49 54.71 104.51
C MET B 377 -38.76 53.31 105.11
N ILE B 378 -39.01 53.34 106.40
CA ILE B 378 -39.51 52.14 107.09
C ILE B 378 -40.80 52.57 107.78
N SER B 379 -41.90 51.97 107.36
CA SER B 379 -43.23 52.52 107.70
C SER B 379 -44.11 51.39 108.18
N ASN B 380 -44.83 51.63 109.26
CA ASN B 380 -45.73 50.65 109.83
C ASN B 380 -47.13 51.09 109.42
N SER B 381 -47.90 50.17 108.82
CA SER B 381 -49.24 50.45 108.42
C SER B 381 -50.16 49.28 108.75
N THR B 382 -51.45 49.52 108.62
CA THR B 382 -52.47 48.50 108.77
C THR B 382 -52.73 47.82 107.44
N ALA B 383 -51.96 48.12 106.39
CA ALA B 383 -52.11 47.44 105.12
C ALA B 383 -51.56 46.01 105.18
N ILE B 384 -50.83 45.66 106.23
CA ILE B 384 -50.26 44.32 106.37
C ILE B 384 -51.36 43.28 106.64
N ALA B 385 -52.60 43.75 106.94
CA ALA B 385 -53.72 42.84 107.10
C ALA B 385 -53.98 42.03 105.82
N GLU B 386 -53.72 42.63 104.65
CA GLU B 386 -54.01 41.94 103.41
C GLU B 386 -52.95 40.85 103.13
N VAL B 387 -51.72 41.06 103.56
CA VAL B 387 -50.67 40.13 103.19
C VAL B 387 -50.76 38.89 104.08
N PHE B 388 -51.35 39.04 105.27
CA PHE B 388 -51.57 37.88 106.11
C PHE B 388 -52.89 37.20 105.82
N SER B 389 -53.88 37.96 105.32
CA SER B 389 -55.14 37.37 104.91
C SER B 389 -54.97 36.54 103.65
N ARG B 390 -54.07 36.96 102.77
CA ARG B 390 -53.87 36.24 101.52
C ARG B 390 -53.09 34.96 101.78
N MET B 391 -52.16 34.98 102.75
CA MET B 391 -51.46 33.80 103.14
C MET B 391 -52.41 32.82 103.87
N ASP B 392 -53.36 33.38 104.60
CA ASP B 392 -54.36 32.62 105.31
C ASP B 392 -55.24 31.88 104.32
N HIS B 393 -55.56 32.52 103.22
CA HIS B 393 -56.41 31.93 102.18
C HIS B 393 -55.72 30.78 101.48
N LYS B 394 -54.41 30.91 101.26
CA LYS B 394 -53.63 29.83 100.66
C LYS B 394 -53.53 28.64 101.62
N PHE B 395 -53.46 28.92 102.92
CA PHE B 395 -53.19 27.88 103.89
C PHE B 395 -54.40 26.99 104.12
N ASP B 396 -55.58 27.58 104.08
CA ASP B 396 -56.85 26.92 104.29
C ASP B 396 -57.16 25.93 103.20
N LEU B 397 -56.76 26.24 101.99
CA LEU B 397 -56.98 25.36 100.84
C LEU B 397 -56.14 24.11 100.95
N MET B 398 -54.90 24.28 101.41
CA MET B 398 -53.96 23.17 101.54
C MET B 398 -54.36 22.26 102.70
N TYR B 399 -54.73 22.89 103.81
CA TYR B 399 -55.12 22.23 105.03
C TYR B 399 -56.50 21.60 104.97
N ALA B 400 -57.31 21.97 103.97
CA ALA B 400 -58.65 21.42 103.75
C ALA B 400 -58.64 19.90 103.68
N LYS B 401 -57.67 19.35 102.98
CA LYS B 401 -57.56 17.89 102.93
C LYS B 401 -56.15 17.45 103.19
N ARG B 402 -55.44 18.17 104.05
CA ARG B 402 -54.21 17.72 104.68
C ARG B 402 -53.12 17.31 103.69
N ALA B 403 -52.91 18.13 102.68
CA ALA B 403 -51.89 17.95 101.68
C ALA B 403 -50.54 18.32 102.27
N PHE B 404 -49.53 17.49 101.92
CA PHE B 404 -48.13 17.71 102.30
C PHE B 404 -47.90 17.70 103.82
N VAL B 405 -48.86 17.14 104.56
CA VAL B 405 -48.80 17.14 106.01
C VAL B 405 -47.89 16.03 106.50
N HIS B 406 -47.89 14.89 105.76
CA HIS B 406 -47.21 13.68 106.21
C HIS B 406 -45.70 13.87 106.21
N TRP B 407 -45.19 14.83 105.40
CA TRP B 407 -43.77 15.14 105.52
C TRP B 407 -43.42 15.85 106.82
N TYR B 408 -44.36 16.67 107.30
CA TYR B 408 -44.09 17.46 108.49
C TYR B 408 -44.33 16.63 109.76
N VAL B 409 -45.39 15.81 109.75
CA VAL B 409 -45.74 15.07 110.94
C VAL B 409 -44.73 13.91 111.12
N GLY B 410 -44.21 13.37 110.02
CA GLY B 410 -43.41 12.16 110.08
C GLY B 410 -42.04 12.35 110.68
N GLU B 411 -41.57 13.58 110.85
CA GLU B 411 -40.22 13.78 111.43
C GLU B 411 -40.19 13.79 112.96
N GLY B 412 -41.33 14.19 113.51
CA GLY B 412 -41.47 14.44 114.93
C GLY B 412 -42.18 15.73 115.30
N MET B 413 -42.66 16.51 114.29
CA MET B 413 -43.54 17.60 114.66
C MET B 413 -44.96 17.06 114.90
N GLU B 414 -45.67 17.60 115.92
CA GLU B 414 -46.98 17.07 116.20
C GLU B 414 -48.05 17.74 115.31
N GLU B 415 -48.97 16.93 114.80
CA GLU B 415 -50.13 17.44 114.14
C GLU B 415 -50.96 18.30 115.07
N GLY B 416 -51.22 19.55 114.66
CA GLY B 416 -52.04 20.42 115.48
C GLY B 416 -51.32 21.74 115.77
N GLU B 417 -50.00 21.71 115.59
CA GLU B 417 -49.19 22.92 115.52
C GLU B 417 -49.54 23.72 114.28
N PHE B 418 -50.04 23.09 113.23
CA PHE B 418 -50.67 23.80 112.13
C PHE B 418 -51.90 24.58 112.60
N SER B 419 -52.70 23.95 113.46
CA SER B 419 -53.94 24.54 113.91
C SER B 419 -53.65 25.71 114.87
N GLU B 420 -52.66 25.54 115.74
CA GLU B 420 -52.32 26.58 116.69
C GLU B 420 -51.68 27.79 116.00
N ALA B 421 -50.89 27.53 114.98
CA ALA B 421 -50.26 28.61 114.22
C ALA B 421 -51.31 29.37 113.41
N ARG B 422 -52.35 28.67 112.95
CA ARG B 422 -53.41 29.30 112.16
C ARG B 422 -54.22 30.23 113.03
N GLU B 423 -54.56 29.80 114.25
CA GLU B 423 -55.36 30.64 115.14
C GLU B 423 -54.54 31.83 115.63
N ASP B 424 -53.21 31.66 115.71
CA ASP B 424 -52.36 32.77 116.05
C ASP B 424 -52.35 33.81 114.94
N LEU B 425 -52.29 33.37 113.70
CA LEU B 425 -52.37 34.28 112.56
C LEU B 425 -53.77 34.90 112.48
N ALA B 426 -54.81 34.15 112.85
CA ALA B 426 -56.15 34.71 112.91
C ALA B 426 -56.23 35.81 113.97
N ALA B 427 -55.54 35.60 115.09
CA ALA B 427 -55.49 36.60 116.16
C ALA B 427 -54.74 37.84 115.69
N LEU B 428 -53.71 37.65 114.86
CA LEU B 428 -52.93 38.77 114.36
C LEU B 428 -53.75 39.60 113.37
N GLU B 429 -54.58 38.91 112.57
CA GLU B 429 -55.44 39.58 111.61
C GLU B 429 -56.49 40.42 112.30
N LYS B 430 -57.05 39.90 113.40
CA LYS B 430 -58.07 40.63 114.12
C LYS B 430 -57.45 41.81 114.85
N ASP B 431 -56.16 41.72 115.22
CA ASP B 431 -55.50 42.80 115.93
C ASP B 431 -55.28 44.01 115.02
N TYR B 432 -54.91 43.74 113.75
CA TYR B 432 -54.74 44.82 112.79
C TYR B 432 -56.06 45.49 112.44
N GLU B 433 -57.14 44.72 112.43
CA GLU B 433 -58.44 45.28 112.11
C GLU B 433 -58.94 46.16 113.26
N GLU B 434 -58.63 45.77 114.52
CA GLU B 434 -59.13 46.51 115.65
C GLU B 434 -58.38 47.83 115.84
N VAL B 435 -57.11 47.86 115.41
CA VAL B 435 -56.30 49.04 115.63
C VAL B 435 -56.65 50.11 114.61
N GLY B 436 -57.16 49.77 113.42
CA GLY B 436 -57.49 50.71 112.39
C GLY B 436 -58.77 51.50 112.60
N ILE B 437 -59.42 51.45 113.72
CA ILE B 437 -60.70 52.10 113.95
C ILE B 437 -60.57 53.62 114.20
N MET C 1 33.06 32.19 127.63
CA MET C 1 32.30 33.00 128.58
C MET C 1 31.21 32.16 129.20
N ARG C 2 29.95 32.62 129.05
CA ARG C 2 28.77 31.94 129.58
C ARG C 2 28.20 31.01 128.50
N GLU C 3 28.33 29.73 128.75
CA GLU C 3 28.09 28.74 127.69
C GLU C 3 27.39 27.52 128.31
N VAL C 4 26.75 26.75 127.45
CA VAL C 4 26.01 25.55 127.88
C VAL C 4 26.32 24.45 126.89
N ILE C 5 26.47 23.23 127.39
CA ILE C 5 26.83 22.08 126.60
C ILE C 5 25.60 21.21 126.43
N SER C 6 25.26 20.90 125.16
CA SER C 6 24.14 20.04 124.84
C SER C 6 24.63 18.63 124.55
N ILE C 7 23.99 17.64 125.19
CA ILE C 7 24.30 16.24 124.99
C ILE C 7 23.05 15.58 124.44
N HIS C 8 23.22 14.88 123.31
CA HIS C 8 22.14 14.14 122.71
C HIS C 8 22.52 12.67 122.69
N VAL C 9 21.76 11.86 123.41
CA VAL C 9 22.02 10.43 123.52
C VAL C 9 20.79 9.68 123.01
N GLY C 10 21.06 8.73 122.11
CA GLY C 10 20.03 7.88 121.57
C GLY C 10 19.45 8.45 120.29
N GLN C 11 18.56 7.67 119.65
CA GLN C 11 17.96 8.10 118.41
C GLN C 11 17.04 9.31 118.61
N ALA C 12 16.27 9.28 119.70
CA ALA C 12 15.38 10.35 120.06
C ALA C 12 16.14 11.62 120.35
N GLY C 13 17.26 11.47 121.06
CA GLY C 13 18.09 12.62 121.41
C GLY C 13 18.66 13.26 120.16
N ILE C 14 19.10 12.44 119.20
CA ILE C 14 19.76 12.96 118.00
C ILE C 14 18.73 13.70 117.13
N GLN C 15 17.55 13.11 116.92
CA GLN C 15 16.59 13.71 116.03
C GLN C 15 15.93 14.95 116.65
N ILE C 16 15.79 14.97 117.97
CA ILE C 16 15.35 16.20 118.64
C ILE C 16 16.45 17.24 118.52
N GLY C 17 17.71 16.80 118.67
CA GLY C 17 18.85 17.71 118.57
C GLY C 17 19.02 18.26 117.14
N ASN C 18 18.60 17.49 116.14
CA ASN C 18 18.67 17.97 114.77
C ASN C 18 17.72 19.12 114.56
N ALA C 19 16.53 19.03 115.16
CA ALA C 19 15.56 20.10 115.08
C ALA C 19 16.00 21.28 115.94
N CYS C 20 16.66 21.01 117.07
CA CYS C 20 17.08 22.05 117.97
C CYS C 20 18.18 22.91 117.35
N TRP C 21 19.12 22.25 116.68
CA TRP C 21 20.24 22.96 116.11
C TRP C 21 19.91 23.60 114.77
N GLU C 22 18.82 23.17 114.13
CA GLU C 22 18.39 23.88 112.95
C GLU C 22 17.73 25.18 113.34
N LEU C 23 17.03 25.20 114.49
CA LEU C 23 16.39 26.42 114.94
C LEU C 23 17.46 27.42 115.43
N PHE C 24 18.48 26.94 116.11
CA PHE C 24 19.52 27.79 116.66
C PHE C 24 20.36 28.44 115.58
N CYS C 25 20.56 27.72 114.47
CA CYS C 25 21.32 28.25 113.36
C CYS C 25 20.54 29.36 112.66
N LEU C 26 19.21 29.18 112.54
CA LEU C 26 18.42 30.18 111.86
C LEU C 26 18.20 31.43 112.72
N GLU C 27 18.16 31.25 114.04
CA GLU C 27 17.95 32.33 114.96
C GLU C 27 19.13 33.30 115.01
N HIS C 28 20.33 32.74 114.95
CA HIS C 28 21.55 33.54 114.97
C HIS C 28 22.03 33.86 113.56
N GLY C 29 21.34 33.33 112.55
CA GLY C 29 21.64 33.64 111.16
C GLY C 29 22.95 33.03 110.68
N ILE C 30 23.34 31.87 111.20
CA ILE C 30 24.50 31.18 110.63
C ILE C 30 24.02 30.17 109.59
N GLN C 31 24.81 29.99 108.54
CA GLN C 31 24.52 29.08 107.46
C GLN C 31 24.95 27.68 107.88
N PRO C 32 24.44 26.62 107.19
CA PRO C 32 24.98 25.28 107.33
C PRO C 32 26.48 25.10 107.15
N ASP C 33 27.17 26.05 106.49
CA ASP C 33 28.62 25.98 106.44
C ASP C 33 29.19 26.26 107.85
N GLY C 34 28.60 27.22 108.56
CA GLY C 34 29.03 27.56 109.88
C GLY C 34 29.34 29.03 110.02
N GLN C 35 29.32 29.80 108.95
CA GLN C 35 29.83 31.17 109.00
C GLN C 35 28.69 32.13 108.65
N MET C 36 28.53 33.18 109.47
CA MET C 36 27.40 34.06 109.22
C MET C 36 27.76 35.10 108.15
N PRO C 37 26.81 35.50 107.29
CA PRO C 37 27.06 36.60 106.36
C PRO C 37 26.96 37.98 107.02
N ASP C 47 27.63 38.94 119.77
CA ASP C 47 28.21 37.99 120.77
C ASP C 47 27.09 37.32 121.54
N ALA C 48 25.87 37.38 120.99
CA ALA C 48 24.71 36.72 121.56
C ALA C 48 24.75 35.20 121.39
N PHE C 49 25.44 34.76 120.35
CA PHE C 49 25.47 33.36 119.95
C PHE C 49 26.54 32.57 120.70
N ASN C 50 27.28 33.21 121.63
CA ASN C 50 28.37 32.55 122.30
C ASN C 50 27.92 31.43 123.23
N THR C 51 26.65 31.44 123.61
CA THR C 51 26.17 30.44 124.57
C THR C 51 25.96 29.07 123.92
N PHE C 52 25.89 29.03 122.58
CA PHE C 52 25.63 27.81 121.86
C PHE C 52 26.68 27.51 120.81
N PHE C 53 27.42 28.54 120.34
CA PHE C 53 28.36 28.29 119.28
C PHE C 53 29.73 28.80 119.68
N SER C 54 30.78 28.08 119.23
CA SER C 54 32.12 28.49 119.52
C SER C 54 32.65 29.32 118.34
N GLU C 55 33.94 29.62 118.39
CA GLU C 55 34.58 30.42 117.34
C GLU C 55 35.69 29.54 116.75
N THR C 56 35.64 29.34 115.44
CA THR C 56 36.69 28.60 114.76
C THR C 56 37.16 29.39 113.57
N GLY C 57 38.37 29.96 113.60
CA GLY C 57 38.93 30.61 112.45
C GLY C 57 38.20 31.88 111.96
N ALA C 58 38.02 31.88 110.67
CA ALA C 58 37.54 33.07 109.93
C ALA C 58 36.03 32.97 109.87
N GLY C 59 35.34 33.41 110.91
CA GLY C 59 33.91 33.64 110.93
C GLY C 59 33.10 32.36 111.11
N LYS C 60 33.72 31.20 111.19
CA LYS C 60 32.99 29.97 111.39
C LYS C 60 32.62 29.76 112.84
N HIS C 61 31.43 29.25 113.09
CA HIS C 61 30.96 28.92 114.42
C HIS C 61 30.51 27.47 114.44
N VAL C 62 30.98 26.71 115.42
CA VAL C 62 30.73 25.28 115.54
C VAL C 62 29.96 25.03 116.83
N PRO C 63 28.93 24.17 116.81
CA PRO C 63 28.07 23.99 117.97
C PRO C 63 28.78 23.29 119.13
N ARG C 64 28.28 23.59 120.32
CA ARG C 64 28.79 23.05 121.56
C ARG C 64 27.96 21.82 121.94
N CYS C 65 28.01 20.80 121.10
CA CYS C 65 27.14 19.65 121.26
C CYS C 65 27.91 18.37 120.99
N VAL C 66 27.40 17.28 121.56
CA VAL C 66 27.86 15.94 121.27
C VAL C 66 26.66 15.09 120.89
N PHE C 67 26.85 14.28 119.85
CA PHE C 67 25.91 13.26 119.44
C PHE C 67 26.45 11.89 119.82
N LEU C 68 25.68 11.16 120.61
CA LEU C 68 26.05 9.83 121.03
C LEU C 68 24.96 8.85 120.66
N ASP C 69 25.30 7.82 119.89
CA ASP C 69 24.49 6.63 119.78
C ASP C 69 25.39 5.44 119.53
N LEU C 70 24.99 4.27 120.00
CA LEU C 70 25.64 3.03 119.67
C LEU C 70 25.26 2.51 118.28
N GLU C 71 24.09 2.91 117.78
CA GLU C 71 23.71 2.57 116.44
C GLU C 71 24.21 3.62 115.46
N PRO C 72 24.85 3.22 114.36
CA PRO C 72 25.45 4.24 113.47
C PRO C 72 24.43 4.90 112.54
N THR C 73 23.23 4.28 112.37
CA THR C 73 22.48 4.59 111.15
C THR C 73 21.80 5.96 111.21
N VAL C 74 21.71 6.55 112.39
CA VAL C 74 21.05 7.83 112.58
C VAL C 74 22.06 8.96 112.70
N VAL C 75 23.27 8.67 113.14
CA VAL C 75 24.29 9.69 113.28
C VAL C 75 25.10 9.81 111.99
N ASP C 76 25.27 8.70 111.28
CA ASP C 76 25.98 8.73 110.00
C ASP C 76 25.17 9.46 108.93
N GLU C 77 23.84 9.41 109.10
CA GLU C 77 22.94 10.07 108.16
C GLU C 77 22.97 11.58 108.37
N VAL C 78 23.37 12.05 109.55
CA VAL C 78 23.63 13.45 109.75
C VAL C 78 24.97 13.83 109.13
N ARG C 79 25.94 12.92 109.17
CA ARG C 79 27.24 13.18 108.55
C ARG C 79 27.12 13.23 107.03
N THR C 80 26.07 12.68 106.45
CA THR C 80 25.83 12.65 105.03
C THR C 80 24.82 13.71 104.56
N GLY C 81 24.11 14.33 105.52
CA GLY C 81 23.06 15.25 105.19
C GLY C 81 23.55 16.65 104.90
N THR C 82 22.66 17.64 105.06
CA THR C 82 22.94 19.02 104.70
C THR C 82 23.94 19.65 105.69
N TYR C 83 23.83 19.29 106.96
CA TYR C 83 24.70 19.86 107.98
C TYR C 83 25.90 18.94 108.19
N ARG C 84 26.70 18.82 107.16
CA ARG C 84 27.92 18.01 107.31
C ARG C 84 28.99 18.83 108.05
N HIS C 85 29.18 20.05 107.57
CA HIS C 85 30.35 20.85 108.02
C HIS C 85 29.98 21.85 109.09
N LEU C 86 28.72 21.85 109.52
CA LEU C 86 28.36 22.60 110.72
C LEU C 86 28.95 21.91 111.94
N PHE C 87 28.81 20.56 111.99
CA PHE C 87 29.28 19.85 113.14
C PHE C 87 30.75 19.46 113.03
N HIS C 88 31.36 19.45 114.20
CA HIS C 88 32.72 18.99 114.32
C HIS C 88 32.77 17.51 114.00
N PRO C 89 33.78 17.05 113.24
CA PRO C 89 33.83 15.66 112.82
C PRO C 89 33.80 14.59 113.92
N GLU C 90 34.32 14.94 115.11
CA GLU C 90 34.31 13.93 116.17
C GLU C 90 33.44 14.41 117.30
N GLN C 91 32.54 15.38 117.10
CA GLN C 91 31.44 15.55 118.05
C GLN C 91 30.29 14.58 117.77
N LEU C 92 30.34 13.84 116.66
CA LEU C 92 29.33 12.86 116.32
C LEU C 92 29.99 11.51 116.54
N ILE C 93 29.71 10.88 117.69
CA ILE C 93 30.31 9.63 118.08
C ILE C 93 29.32 8.51 117.82
N SER C 94 29.79 7.48 117.11
CA SER C 94 28.95 6.35 116.75
C SER C 94 29.63 5.06 117.20
N GLY C 95 28.80 4.13 117.64
CA GLY C 95 29.26 2.80 118.02
C GLY C 95 29.17 1.87 116.83
N LYS C 96 29.08 0.57 117.13
CA LYS C 96 29.05 -0.45 116.10
C LYS C 96 27.74 -1.20 116.09
N GLU C 97 27.23 -1.58 117.30
CA GLU C 97 26.00 -2.32 117.39
C GLU C 97 25.02 -1.62 118.32
N ASP C 98 23.74 -1.81 118.05
CA ASP C 98 22.62 -1.22 118.76
C ASP C 98 22.55 -1.79 120.18
N ALA C 99 21.95 -0.93 121.06
CA ALA C 99 21.74 -1.40 122.44
C ALA C 99 20.59 -2.41 122.51
N ALA C 100 19.68 -2.35 121.53
CA ALA C 100 18.52 -3.20 121.39
C ALA C 100 17.65 -3.22 122.64
N ASN C 101 17.11 -2.03 123.00
CA ASN C 101 16.05 -1.90 124.00
C ASN C 101 16.43 -2.52 125.34
N ASN C 102 17.73 -2.59 125.63
CA ASN C 102 18.17 -3.29 126.84
C ASN C 102 18.97 -2.29 127.68
N PHE C 103 18.48 -2.05 128.88
CA PHE C 103 19.19 -1.20 129.82
C PHE C 103 20.52 -1.82 130.22
N ALA C 104 20.54 -3.13 130.39
CA ALA C 104 21.74 -3.83 130.82
C ALA C 104 22.83 -3.76 129.74
N ARG C 105 22.43 -3.78 128.47
CA ARG C 105 23.38 -3.71 127.39
C ARG C 105 24.03 -2.32 127.33
N GLY C 106 23.21 -1.31 127.44
CA GLY C 106 23.62 0.11 127.32
C GLY C 106 24.47 0.56 128.51
N HIS C 107 24.36 -0.12 129.64
CA HIS C 107 25.00 0.26 130.87
C HIS C 107 26.26 -0.54 131.16
N TYR C 108 26.29 -1.84 130.82
CA TYR C 108 27.36 -2.71 131.24
C TYR C 108 28.15 -3.22 130.04
N THR C 109 27.54 -3.72 128.99
CA THR C 109 28.26 -4.58 128.06
C THR C 109 28.87 -3.77 126.92
N ILE C 110 28.04 -3.05 126.16
CA ILE C 110 28.52 -2.42 124.95
C ILE C 110 28.82 -0.93 125.19
N GLY C 111 28.32 -0.38 126.31
CA GLY C 111 28.44 1.04 126.49
C GLY C 111 29.81 1.49 126.96
N LYS C 112 30.67 0.60 127.48
CA LYS C 112 31.85 1.03 128.18
C LYS C 112 32.94 1.54 127.23
N GLU C 113 32.90 1.07 125.98
CA GLU C 113 33.98 1.51 125.09
C GLU C 113 33.69 2.82 124.44
N ILE C 114 32.48 3.35 124.55
CA ILE C 114 32.10 4.61 123.93
C ILE C 114 32.02 5.75 124.97
N VAL C 115 31.93 5.43 126.25
CA VAL C 115 31.82 6.42 127.29
C VAL C 115 33.16 7.18 127.41
N ASP C 116 34.26 6.47 127.29
CA ASP C 116 35.58 7.08 127.40
C ASP C 116 35.83 8.06 126.27
N LEU C 117 35.34 7.74 125.06
CA LEU C 117 35.45 8.64 123.94
C LEU C 117 34.52 9.85 124.12
N SER C 118 33.39 9.65 124.80
CA SER C 118 32.43 10.72 125.03
C SER C 118 32.98 11.72 126.04
N LEU C 119 33.59 11.22 127.12
CA LEU C 119 34.12 12.09 128.15
C LEU C 119 35.32 12.90 127.65
N ASP C 120 36.07 12.36 126.69
CA ASP C 120 37.16 13.10 126.11
C ASP C 120 36.66 14.32 125.33
N ARG C 121 35.54 14.15 124.65
CA ARG C 121 34.96 15.23 123.85
C ARG C 121 34.34 16.27 124.77
N ILE C 122 33.69 15.82 125.84
CA ILE C 122 33.03 16.73 126.75
C ILE C 122 34.08 17.59 127.49
N ARG C 123 35.21 16.95 127.86
CA ARG C 123 36.22 17.68 128.62
C ARG C 123 36.88 18.74 127.73
N LYS C 124 37.12 18.41 126.47
CA LYS C 124 37.74 19.36 125.56
C LYS C 124 36.80 20.51 125.24
N LEU C 125 35.48 20.25 125.28
CA LEU C 125 34.50 21.27 124.97
C LEU C 125 34.19 22.13 126.19
N ALA C 126 34.44 21.61 127.39
CA ALA C 126 34.14 22.36 128.61
C ALA C 126 35.30 23.24 129.05
N ASP C 127 36.55 22.89 128.66
CA ASP C 127 37.70 23.57 129.19
C ASP C 127 38.19 24.66 128.24
N ASN C 128 37.41 25.03 127.24
CA ASN C 128 37.71 26.21 126.44
C ASN C 128 37.57 27.50 127.27
N CYS C 129 36.51 27.59 128.07
CA CYS C 129 36.27 28.76 128.91
C CYS C 129 35.60 28.29 130.20
N THR C 130 35.85 29.00 131.30
CA THR C 130 35.09 28.87 132.52
C THR C 130 33.77 29.61 132.40
N GLY C 131 32.98 29.56 133.47
CA GLY C 131 31.65 30.19 133.48
C GLY C 131 30.66 29.38 132.66
N LEU C 132 30.89 28.07 132.58
CA LEU C 132 29.92 27.13 132.01
C LEU C 132 28.71 27.07 132.88
N GLN C 133 27.54 27.36 132.30
CA GLN C 133 26.28 27.36 133.01
C GLN C 133 25.86 25.93 133.40
N GLY C 134 25.96 24.99 132.47
CA GLY C 134 25.37 23.70 132.72
C GLY C 134 25.35 22.78 131.49
N PHE C 135 24.58 21.71 131.61
CA PHE C 135 24.41 20.70 130.61
C PHE C 135 22.94 20.55 130.28
N LEU C 136 22.62 20.46 128.99
CA LEU C 136 21.34 19.94 128.54
C LEU C 136 21.50 18.51 128.00
N MET C 137 20.68 17.63 128.56
CA MET C 137 20.70 16.22 128.13
C MET C 137 19.36 15.90 127.46
N PHE C 138 19.43 15.31 126.28
CA PHE C 138 18.22 14.87 125.58
C PHE C 138 18.29 13.37 125.36
N ASN C 139 17.30 12.65 125.87
CA ASN C 139 17.32 11.20 125.71
C ASN C 139 15.91 10.64 125.80
N ALA C 140 15.77 9.39 125.33
CA ALA C 140 14.53 8.66 125.54
C ALA C 140 14.77 7.66 126.66
N VAL C 141 13.97 7.64 127.67
CA VAL C 141 14.05 6.65 128.72
C VAL C 141 13.43 5.32 128.31
N GLY C 142 12.59 5.28 127.28
CA GLY C 142 12.02 4.04 126.79
C GLY C 142 12.98 3.21 125.94
N GLY C 143 14.03 3.85 125.44
CA GLY C 143 14.99 3.20 124.56
C GLY C 143 16.08 2.46 125.31
N GLY C 144 16.98 1.86 124.55
CA GLY C 144 18.12 1.15 125.13
C GLY C 144 19.29 2.08 125.41
N THR C 145 19.83 2.75 124.39
CA THR C 145 21.02 3.55 124.56
C THR C 145 20.65 4.90 125.16
N GLY C 146 19.42 5.36 124.97
CA GLY C 146 19.04 6.64 125.60
C GLY C 146 18.90 6.49 127.10
N SER C 147 18.55 5.31 127.58
CA SER C 147 18.39 5.06 129.00
C SER C 147 19.70 4.53 129.60
N GLY C 148 20.28 3.51 128.97
CA GLY C 148 21.45 2.82 129.49
C GLY C 148 22.69 3.69 129.46
N LEU C 149 23.02 4.14 128.25
CA LEU C 149 24.23 4.96 128.08
C LEU C 149 24.00 6.35 128.67
N GLY C 150 22.74 6.79 128.68
CA GLY C 150 22.40 8.08 129.28
C GLY C 150 22.70 8.10 130.76
N CYS C 151 22.39 7.02 131.45
CA CYS C 151 22.67 6.92 132.88
C CYS C 151 24.18 6.90 133.10
N LEU C 152 24.90 6.11 132.31
CA LEU C 152 26.31 5.87 132.52
C LEU C 152 27.10 7.15 132.31
N LEU C 153 26.66 8.00 131.35
CA LEU C 153 27.26 9.31 131.21
C LEU C 153 27.05 10.22 132.42
N LEU C 154 25.96 10.09 133.09
CA LEU C 154 25.58 10.93 134.21
C LEU C 154 26.37 10.57 135.45
N GLU C 155 26.71 9.27 135.66
CA GLU C 155 27.57 8.99 136.79
C GLU C 155 28.97 9.60 136.64
N ARG C 156 29.49 9.49 135.40
CA ARG C 156 30.84 9.98 135.16
C ARG C 156 30.89 11.50 135.13
N LEU C 157 29.80 12.14 134.69
CA LEU C 157 29.74 13.59 134.69
C LEU C 157 29.62 14.14 136.12
N SER C 158 28.89 13.41 136.97
CA SER C 158 28.58 13.98 138.29
C SER C 158 29.79 13.94 139.19
N VAL C 159 30.68 12.98 138.99
CA VAL C 159 31.88 12.86 139.80
C VAL C 159 32.92 13.90 139.38
N ASP C 160 33.01 14.26 138.12
CA ASP C 160 34.06 15.18 137.67
C ASP C 160 33.55 16.63 137.80
N TYR C 161 32.45 16.91 137.09
CA TYR C 161 31.87 18.24 137.06
C TYR C 161 30.68 18.27 138.02
N GLY C 162 30.99 18.43 139.30
CA GLY C 162 30.06 18.18 140.39
C GLY C 162 28.96 19.22 140.51
N LYS C 163 29.40 20.48 140.68
CA LYS C 163 28.54 21.59 141.05
C LYS C 163 27.85 22.24 139.87
N LYS C 164 28.17 21.79 138.63
CA LYS C 164 27.48 22.31 137.48
C LYS C 164 26.11 21.69 137.28
N SER C 165 25.16 22.49 136.80
CA SER C 165 23.79 22.12 136.64
C SER C 165 23.61 21.14 135.49
N LYS C 166 22.72 20.14 135.68
CA LYS C 166 22.42 19.21 134.60
C LYS C 166 20.91 19.15 134.42
N LEU C 167 20.41 19.79 133.37
CA LEU C 167 19.01 19.68 132.98
C LEU C 167 18.79 18.51 132.02
N ASN C 168 17.71 17.79 132.21
CA ASN C 168 17.39 16.64 131.37
C ASN C 168 16.01 16.87 130.78
N PHE C 169 15.87 16.49 129.50
CA PHE C 169 14.59 16.59 128.79
C PHE C 169 14.31 15.18 128.27
N CYS C 170 13.60 14.41 129.09
CA CYS C 170 13.42 12.99 128.91
C CYS C 170 12.08 12.76 128.24
N SER C 171 12.10 12.04 127.10
CA SER C 171 10.93 11.66 126.37
C SER C 171 10.37 10.39 127.02
N TRP C 172 9.52 10.64 128.03
CA TRP C 172 8.86 9.61 128.78
C TRP C 172 7.91 8.82 127.90
N PRO C 173 7.78 7.49 128.10
CA PRO C 173 6.81 6.72 127.36
C PRO C 173 5.36 7.11 127.64
N SER C 174 4.56 7.04 126.59
CA SER C 174 3.16 7.40 126.62
C SER C 174 2.34 6.33 127.34
N PRO C 175 1.22 6.74 128.00
CA PRO C 175 0.42 5.78 128.75
C PRO C 175 -0.23 4.68 127.92
N GLN C 176 -0.70 5.03 126.70
CA GLN C 176 -1.25 4.07 125.79
C GLN C 176 -0.31 3.63 124.68
N VAL C 177 0.52 4.50 124.15
CA VAL C 177 1.41 4.20 123.06
C VAL C 177 2.79 3.88 123.63
N SER C 178 3.42 2.82 123.13
CA SER C 178 4.73 2.47 123.63
C SER C 178 5.77 2.30 122.53
N THR C 179 5.41 1.70 121.39
CA THR C 179 6.31 1.34 120.30
C THR C 179 7.46 0.43 120.75
N ALA C 180 7.25 -0.28 121.86
CA ALA C 180 8.20 -1.23 122.41
C ALA C 180 7.50 -1.96 123.55
N VAL C 181 7.91 -3.22 123.81
CA VAL C 181 7.19 -3.98 124.80
C VAL C 181 8.01 -4.10 126.09
N VAL C 182 9.33 -3.89 126.00
CA VAL C 182 10.14 -4.05 127.20
C VAL C 182 10.40 -2.70 127.86
N GLU C 183 9.72 -1.68 127.38
CA GLU C 183 9.89 -0.31 127.86
C GLU C 183 9.48 -0.10 129.30
N PRO C 184 8.50 -0.78 129.94
CA PRO C 184 8.37 -0.67 131.40
C PRO C 184 9.62 -1.05 132.19
N TYR C 185 10.39 -2.02 131.68
CA TYR C 185 11.65 -2.35 132.34
C TYR C 185 12.70 -1.24 132.19
N ASN C 186 12.79 -0.67 131.01
CA ASN C 186 13.78 0.39 130.79
C ASN C 186 13.40 1.68 131.55
N SER C 187 12.11 1.91 131.74
CA SER C 187 11.63 3.11 132.37
C SER C 187 11.89 3.12 133.89
N VAL C 188 11.66 2.01 134.55
CA VAL C 188 11.85 1.91 135.98
C VAL C 188 13.35 1.95 136.31
N LEU C 189 14.17 1.36 135.46
CA LEU C 189 15.60 1.36 135.69
C LEU C 189 16.22 2.72 135.45
N SER C 190 15.62 3.50 134.56
CA SER C 190 16.15 4.83 134.26
C SER C 190 15.76 5.80 135.37
N THR C 191 14.51 5.67 135.84
CA THR C 191 13.99 6.61 136.81
C THR C 191 14.67 6.43 138.15
N HIS C 192 15.16 5.23 138.45
CA HIS C 192 15.97 4.98 139.62
C HIS C 192 17.24 5.86 139.60
N SER C 193 17.83 5.89 138.42
CA SER C 193 19.21 6.30 138.26
C SER C 193 19.29 7.73 137.80
N LEU C 194 18.18 8.35 137.38
CA LEU C 194 18.18 9.77 137.09
C LEU C 194 17.68 10.63 138.26
N LEU C 195 17.40 10.02 139.39
CA LEU C 195 16.95 10.77 140.56
C LEU C 195 18.09 11.59 141.17
N GLU C 196 19.24 10.91 141.32
CA GLU C 196 20.35 11.51 142.05
C GLU C 196 21.42 12.00 141.12
N HIS C 197 21.15 12.03 139.81
CA HIS C 197 22.17 12.47 138.84
C HIS C 197 21.66 13.59 137.95
N THR C 198 20.37 13.90 137.93
CA THR C 198 19.87 15.03 137.19
C THR C 198 19.35 16.03 138.23
N ASP C 199 19.51 17.31 137.90
CA ASP C 199 19.09 18.37 138.80
C ASP C 199 17.67 18.81 138.53
N VAL C 200 17.29 18.90 137.26
CA VAL C 200 15.95 19.21 136.82
C VAL C 200 15.65 18.33 135.62
N ALA C 201 14.55 17.57 135.71
CA ALA C 201 14.07 16.72 134.65
C ALA C 201 12.69 17.21 134.20
N VAL C 202 12.55 17.38 132.90
CA VAL C 202 11.31 17.82 132.28
C VAL C 202 10.75 16.64 131.49
N MET C 203 9.49 16.34 131.68
CA MET C 203 8.82 15.23 131.06
C MET C 203 8.20 15.61 129.72
N LEU C 204 8.63 14.91 128.67
CA LEU C 204 8.05 15.02 127.36
C LEU C 204 7.36 13.71 127.00
N ASP C 205 6.12 13.81 126.53
CA ASP C 205 5.34 12.63 126.14
C ASP C 205 5.01 12.71 124.65
N ASN C 206 4.87 11.57 124.00
CA ASN C 206 4.65 11.54 122.57
C ASN C 206 3.19 11.88 122.23
N GLU C 207 2.25 11.29 122.97
CA GLU C 207 0.86 11.51 122.59
C GLU C 207 0.35 12.86 123.08
N ALA C 208 1.09 13.46 124.03
CA ALA C 208 0.80 14.83 124.42
C ALA C 208 1.10 15.80 123.27
N ILE C 209 2.19 15.58 122.55
CA ILE C 209 2.52 16.44 121.42
C ILE C 209 1.65 16.07 120.22
N TYR C 210 1.22 14.82 120.17
CA TYR C 210 0.34 14.37 119.09
C TYR C 210 -0.99 15.11 119.13
N ASP C 211 -1.58 15.22 120.31
CA ASP C 211 -2.91 15.83 120.38
C ASP C 211 -2.77 17.35 120.39
N ILE C 212 -1.61 17.91 120.78
CA ILE C 212 -1.38 19.34 120.59
C ILE C 212 -1.39 19.67 119.10
N CYS C 213 -0.73 18.84 118.31
CA CYS C 213 -0.66 19.09 116.88
C CYS C 213 -2.00 18.80 116.19
N ARG C 214 -2.87 18.03 116.84
CA ARG C 214 -4.17 17.71 116.24
C ARG C 214 -5.15 18.86 116.46
N ARG C 215 -5.14 19.46 117.66
CA ARG C 215 -6.16 20.46 117.94
C ARG C 215 -5.67 21.88 117.65
N ASN C 216 -4.40 22.18 117.80
CA ASN C 216 -3.93 23.55 117.63
C ASN C 216 -3.48 23.81 116.19
N LEU C 217 -2.68 22.91 115.64
CA LEU C 217 -2.17 23.07 114.29
C LEU C 217 -3.11 22.47 113.25
N ASP C 218 -4.08 21.67 113.70
CA ASP C 218 -5.01 20.93 112.86
C ASP C 218 -4.27 20.08 111.83
N ILE C 219 -3.24 19.35 112.31
CA ILE C 219 -2.54 18.41 111.47
C ILE C 219 -2.95 17.01 111.88
N GLU C 220 -3.64 16.34 110.94
CA GLU C 220 -4.24 15.04 111.24
C GLU C 220 -3.21 13.92 111.23
N ARG C 221 -2.14 14.05 110.47
CA ARG C 221 -1.11 13.06 110.29
C ARG C 221 0.27 13.70 110.52
N PRO C 222 0.66 13.99 111.77
CA PRO C 222 2.00 14.49 112.01
C PRO C 222 3.05 13.38 112.06
N THR C 223 4.30 13.78 111.95
CA THR C 223 5.41 12.84 112.00
C THR C 223 6.34 13.26 113.13
N TYR C 224 7.47 12.55 113.27
CA TYR C 224 8.39 12.82 114.36
C TYR C 224 9.11 14.17 114.15
N THR C 225 9.24 14.59 112.89
CA THR C 225 9.91 15.85 112.64
C THR C 225 9.02 17.03 113.03
N ASN C 226 7.72 16.86 112.99
CA ASN C 226 6.80 17.89 113.42
C ASN C 226 6.73 17.96 114.95
N LEU C 227 6.98 16.83 115.62
CA LEU C 227 7.04 16.83 117.07
C LEU C 227 8.28 17.58 117.53
N ASN C 228 9.38 17.37 116.82
CA ASN C 228 10.68 17.87 117.27
C ASN C 228 10.82 19.36 117.04
N ARG C 229 10.09 19.94 116.11
CA ARG C 229 10.05 21.38 115.94
C ARG C 229 9.44 22.05 117.17
N LEU C 230 8.37 21.45 117.70
CA LEU C 230 7.69 21.99 118.87
C LEU C 230 8.57 21.88 120.11
N ILE C 231 9.34 20.79 120.19
CA ILE C 231 10.28 20.60 121.29
C ILE C 231 11.38 21.64 121.19
N ALA C 232 11.82 21.93 119.96
CA ALA C 232 12.91 22.88 119.72
C ALA C 232 12.50 24.28 120.13
N GLN C 233 11.20 24.61 119.96
CA GLN C 233 10.72 25.94 120.33
C GLN C 233 10.70 26.09 121.84
N VAL C 234 10.48 25.00 122.58
CA VAL C 234 10.48 25.06 124.03
C VAL C 234 11.90 25.29 124.53
N ILE C 235 12.87 24.61 123.94
CA ILE C 235 14.25 24.73 124.40
C ILE C 235 14.78 26.13 124.07
N SER C 236 14.39 26.67 122.92
CA SER C 236 14.84 27.99 122.52
C SER C 236 14.26 29.03 123.48
N SER C 237 13.01 28.86 123.89
CA SER C 237 12.37 29.80 124.80
C SER C 237 12.94 29.68 126.21
N LEU C 238 13.46 28.50 126.56
CA LEU C 238 14.04 28.28 127.87
C LEU C 238 15.36 29.04 128.00
N THR C 239 16.18 28.98 126.96
CA THR C 239 17.51 29.53 126.98
C THR C 239 17.58 30.88 126.25
N ALA C 240 16.43 31.52 126.03
CA ALA C 240 16.40 32.78 125.33
C ALA C 240 16.94 33.90 126.23
N SER C 241 16.85 33.75 127.55
CA SER C 241 17.33 34.75 128.47
C SER C 241 18.87 34.82 128.47
N LEU C 242 19.52 33.66 128.27
CA LEU C 242 20.96 33.65 128.21
C LEU C 242 21.46 34.27 126.92
N ARG C 243 20.69 34.19 125.83
CA ARG C 243 21.18 34.62 124.54
C ARG C 243 20.88 36.10 124.31
N PHE C 244 19.66 36.53 124.67
CA PHE C 244 19.25 37.88 124.34
C PHE C 244 18.92 38.68 125.57
N ASP C 245 19.05 39.99 125.44
CA ASP C 245 18.84 40.91 126.55
C ASP C 245 17.33 41.09 126.76
N GLY C 246 16.96 41.27 128.03
CA GLY C 246 15.56 41.31 128.37
C GLY C 246 15.25 42.29 129.50
N ALA C 247 13.96 42.51 129.71
CA ALA C 247 13.48 43.38 130.78
C ALA C 247 13.75 42.77 132.17
N LEU C 248 13.52 41.48 132.28
CA LEU C 248 13.65 40.76 133.54
C LEU C 248 14.10 39.35 133.20
N ASN C 249 15.40 39.11 133.29
CA ASN C 249 15.92 37.82 132.91
C ASN C 249 16.01 36.86 134.08
N VAL C 250 15.81 35.55 133.80
CA VAL C 250 16.22 34.49 134.68
C VAL C 250 17.00 33.48 133.82
N ASP C 251 18.11 32.98 134.38
CA ASP C 251 19.02 32.10 133.71
C ASP C 251 18.77 30.63 134.04
N VAL C 252 19.67 29.74 133.65
CA VAL C 252 19.50 28.32 133.82
C VAL C 252 19.75 27.91 135.29
N THR C 253 20.62 28.66 135.97
CA THR C 253 21.00 28.27 137.30
C THR C 253 19.89 28.62 138.31
N GLU C 254 19.07 29.63 137.97
CA GLU C 254 18.05 30.09 138.91
C GLU C 254 16.76 29.31 138.70
N PHE C 255 16.67 28.38 137.74
CA PHE C 255 15.51 27.52 137.62
C PHE C 255 15.42 26.52 138.76
N GLN C 256 16.57 25.95 139.13
CA GLN C 256 16.53 24.93 140.17
C GLN C 256 16.33 25.55 141.53
N THR C 257 16.63 26.80 141.73
CA THR C 257 16.36 27.50 142.97
C THR C 257 14.84 27.72 143.16
N ASN C 258 14.12 27.89 142.06
CA ASN C 258 12.73 28.29 142.12
C ASN C 258 11.77 27.16 141.81
N LEU C 259 12.25 26.04 141.28
CA LEU C 259 11.38 24.95 140.93
C LEU C 259 11.62 23.65 141.70
N VAL C 260 12.73 23.53 142.41
CA VAL C 260 13.00 22.27 143.08
C VAL C 260 12.96 22.53 144.58
N PRO C 261 11.88 22.21 145.28
CA PRO C 261 11.80 22.51 146.71
C PRO C 261 12.56 21.52 147.60
N TYR C 262 12.61 20.27 147.16
CA TYR C 262 13.27 19.18 147.86
C TYR C 262 14.15 18.45 146.88
N PRO C 263 15.27 17.83 147.32
CA PRO C 263 16.21 17.20 146.39
C PRO C 263 15.64 16.11 145.49
N ARG C 264 14.66 15.36 145.98
CA ARG C 264 14.08 14.25 145.27
C ARG C 264 12.98 14.70 144.29
N ILE C 265 12.39 15.86 144.52
CA ILE C 265 11.26 16.31 143.73
C ILE C 265 11.82 17.24 142.65
N HIS C 266 12.14 16.69 141.48
CA HIS C 266 12.58 17.55 140.41
C HIS C 266 11.97 17.10 139.06
N PHE C 267 10.75 16.64 139.10
CA PHE C 267 10.02 16.25 137.89
C PHE C 267 8.95 17.26 137.59
N MET C 268 9.04 17.90 136.45
CA MET C 268 8.17 19.02 136.10
C MET C 268 7.60 18.80 134.70
N LEU C 269 6.49 19.47 134.41
CA LEU C 269 5.80 19.47 133.15
C LEU C 269 6.37 20.60 132.26
N SER C 270 5.78 20.68 131.07
CA SER C 270 6.11 21.74 130.13
C SER C 270 4.86 22.15 129.39
N SER C 271 4.84 23.39 128.87
CA SER C 271 3.73 23.86 128.07
C SER C 271 4.17 25.06 127.26
N TYR C 272 3.60 25.24 126.08
CA TYR C 272 4.00 26.33 125.22
C TYR C 272 2.77 26.92 124.56
N ALA C 273 2.74 28.25 124.49
CA ALA C 273 1.57 28.93 123.94
C ALA C 273 2.02 30.28 123.43
N PRO C 274 1.55 30.76 122.25
CA PRO C 274 0.63 30.03 121.40
C PRO C 274 1.33 29.10 120.39
N ILE C 275 0.65 28.01 120.05
CA ILE C 275 1.02 27.17 118.94
C ILE C 275 -0.11 27.28 117.93
N ILE C 276 0.07 28.20 116.99
CA ILE C 276 -0.98 28.51 116.04
C ILE C 276 -0.41 28.47 114.63
N SER C 277 -1.22 27.88 113.75
CA SER C 277 -0.84 27.79 112.34
C SER C 277 -1.14 29.08 111.63
N ALA C 278 -0.87 29.13 110.33
CA ALA C 278 -1.17 30.27 109.49
C ALA C 278 -2.69 30.43 109.29
N GLU C 279 -3.48 29.35 109.49
CA GLU C 279 -4.91 29.52 109.28
C GLU C 279 -5.56 30.34 110.42
N LYS C 280 -5.10 30.07 111.63
CA LYS C 280 -5.77 30.64 112.81
C LYS C 280 -5.17 32.00 113.23
N ALA C 281 -3.95 32.30 112.76
CA ALA C 281 -3.19 33.43 113.23
C ALA C 281 -3.77 34.78 112.83
N TYR C 282 -4.64 34.76 111.84
CA TYR C 282 -5.30 35.93 111.31
C TYR C 282 -6.28 36.49 112.40
N HIS C 283 -6.84 35.60 113.25
CA HIS C 283 -8.20 35.86 113.74
C HIS C 283 -8.23 36.00 115.24
N GLU C 284 -7.15 36.25 115.89
CA GLU C 284 -7.09 36.56 117.32
C GLU C 284 -6.08 37.67 117.49
N GLN C 285 -6.25 38.58 118.44
CA GLN C 285 -5.24 39.13 119.33
C GLN C 285 -4.45 37.98 120.00
N LEU C 286 -3.11 38.02 119.81
CA LEU C 286 -2.32 37.18 120.70
C LEU C 286 -1.98 37.90 121.99
N SER C 287 -3.00 38.34 122.73
CA SER C 287 -2.78 39.19 123.89
C SER C 287 -2.16 38.38 125.02
N VAL C 288 -1.47 39.09 125.92
CA VAL C 288 -0.70 38.45 126.96
C VAL C 288 -1.62 37.72 127.92
N ALA C 289 -2.84 38.21 128.09
CA ALA C 289 -3.84 37.59 128.95
C ALA C 289 -4.28 36.25 128.39
N GLU C 290 -4.43 36.15 127.07
CA GLU C 290 -5.03 34.98 126.47
C GLU C 290 -3.97 33.89 126.22
N ILE C 291 -2.72 34.29 125.97
CA ILE C 291 -1.67 33.29 125.77
C ILE C 291 -1.27 32.67 127.09
N THR C 292 -1.51 33.36 128.20
CA THR C 292 -1.21 32.77 129.49
C THR C 292 -2.37 31.94 129.99
N ASN C 293 -3.58 32.20 129.50
CA ASN C 293 -4.73 31.36 129.80
C ASN C 293 -4.59 30.03 129.07
N SER C 294 -4.13 30.07 127.83
CA SER C 294 -3.92 28.86 127.04
C SER C 294 -2.73 28.04 127.55
N ALA C 295 -1.80 28.68 128.25
CA ALA C 295 -0.65 27.98 128.78
C ALA C 295 -1.07 27.06 129.95
N PHE C 296 -2.02 27.53 130.76
CA PHE C 296 -2.46 26.81 131.92
C PHE C 296 -3.62 25.87 131.63
N GLU C 297 -4.10 25.86 130.37
CA GLU C 297 -5.19 25.00 129.97
C GLU C 297 -4.70 23.56 130.06
N PRO C 298 -5.48 22.63 130.66
CA PRO C 298 -5.05 21.25 130.81
C PRO C 298 -4.80 20.48 129.53
N ALA C 299 -5.42 20.92 128.43
CA ALA C 299 -5.23 20.26 127.15
C ALA C 299 -3.92 20.67 126.47
N SER C 300 -3.23 21.67 127.02
CA SER C 300 -2.01 22.20 126.43
C SER C 300 -0.77 21.75 127.18
N MET C 301 -0.93 20.80 128.10
CA MET C 301 0.23 20.17 128.71
C MET C 301 1.01 19.31 127.75
N MET C 302 2.31 19.17 128.05
CA MET C 302 3.16 18.45 127.09
C MET C 302 3.68 17.17 127.71
N ALA C 303 2.89 16.55 128.60
CA ALA C 303 3.29 15.34 129.28
C ALA C 303 2.16 14.35 129.44
N LYS C 304 0.94 14.65 129.01
CA LYS C 304 -0.22 13.76 129.15
C LYS C 304 -0.41 13.38 130.62
N CYS C 305 -0.62 14.42 131.42
CA CYS C 305 -1.06 14.30 132.78
C CYS C 305 -1.97 15.51 133.01
N ASP C 306 -3.24 15.22 133.20
CA ASP C 306 -4.22 16.26 133.45
C ASP C 306 -3.98 16.87 134.84
N PRO C 307 -3.63 18.16 134.94
CA PRO C 307 -3.03 18.66 136.20
C PRO C 307 -4.08 19.14 137.21
N ARG C 308 -5.36 18.92 136.93
CA ARG C 308 -6.41 19.23 137.87
C ARG C 308 -6.36 18.34 139.08
N HIS C 309 -5.78 17.09 139.00
CA HIS C 309 -5.70 16.26 140.16
C HIS C 309 -4.39 16.40 140.93
N GLY C 310 -3.76 17.58 140.82
CA GLY C 310 -2.59 17.85 141.61
C GLY C 310 -2.60 19.31 142.10
N LYS C 311 -1.54 19.65 142.80
CA LYS C 311 -1.29 20.96 143.34
C LYS C 311 -0.01 21.47 142.71
N TYR C 312 -0.08 22.72 142.17
CA TYR C 312 1.09 23.30 141.55
C TYR C 312 2.05 23.71 142.67
N MET C 313 3.20 23.09 142.67
CA MET C 313 4.17 23.29 143.75
C MET C 313 4.99 24.55 143.52
N ALA C 314 5.38 24.80 142.26
CA ALA C 314 6.12 25.93 141.81
C ALA C 314 5.88 26.06 140.30
N CYS C 315 5.96 27.27 139.76
CA CYS C 315 5.70 27.50 138.35
C CYS C 315 6.67 28.55 137.83
N CYS C 316 7.16 28.40 136.59
CA CYS C 316 8.00 29.39 135.96
C CYS C 316 7.41 29.76 134.60
N LEU C 317 7.25 31.08 134.38
CA LEU C 317 6.80 31.58 133.09
C LEU C 317 7.93 32.33 132.38
N MET C 318 8.16 31.93 131.17
CA MET C 318 9.04 32.65 130.25
C MET C 318 8.30 33.32 129.17
N TYR C 319 8.49 34.64 128.99
CA TYR C 319 7.89 35.46 127.97
C TYR C 319 8.92 35.79 126.92
N ARG C 320 8.43 35.89 125.67
CA ARG C 320 9.25 36.33 124.59
C ARG C 320 8.48 37.28 123.70
N GLY C 321 9.25 38.31 123.24
CA GLY C 321 8.64 39.29 122.35
C GLY C 321 8.06 40.52 123.04
N ASP C 322 7.04 41.10 122.42
CA ASP C 322 6.60 42.45 122.84
C ASP C 322 5.63 42.25 124.01
N VAL C 323 6.22 41.95 125.16
CA VAL C 323 5.49 41.74 126.40
C VAL C 323 5.91 42.81 127.40
N VAL C 324 4.94 43.59 127.83
CA VAL C 324 5.17 44.64 128.81
C VAL C 324 4.99 44.02 130.20
N PRO C 325 5.75 44.44 131.22
CA PRO C 325 5.63 43.85 132.54
C PRO C 325 4.32 44.08 133.28
N LYS C 326 3.55 45.08 132.88
CA LYS C 326 2.27 45.33 133.54
C LYS C 326 1.23 44.31 133.12
N ASP C 327 1.29 43.82 131.87
CA ASP C 327 0.36 42.80 131.43
C ASP C 327 0.72 41.42 132.00
N VAL C 328 1.96 41.23 132.41
CA VAL C 328 2.34 40.00 133.05
C VAL C 328 1.69 39.93 134.43
N ASN C 329 1.78 41.03 135.17
CA ASN C 329 1.23 41.12 136.52
C ASN C 329 -0.29 41.03 136.47
N ALA C 330 -0.91 41.60 135.43
CA ALA C 330 -2.37 41.50 135.30
C ALA C 330 -2.79 40.07 134.97
N ALA C 331 -1.96 39.38 134.15
CA ALA C 331 -2.31 38.06 133.66
C ALA C 331 -2.13 37.00 134.76
N VAL C 332 -1.09 37.17 135.58
CA VAL C 332 -0.82 36.18 136.61
C VAL C 332 -1.79 36.37 137.77
N ALA C 333 -2.32 37.58 137.94
CA ALA C 333 -3.32 37.81 138.99
C ALA C 333 -4.62 37.11 138.65
N THR C 334 -4.97 37.07 137.36
CA THR C 334 -6.18 36.38 136.94
C THR C 334 -6.05 34.87 137.19
N ILE C 335 -4.85 34.33 137.01
CA ILE C 335 -4.61 32.91 137.20
C ILE C 335 -4.79 32.54 138.66
N LYS C 336 -4.26 33.40 139.56
CA LYS C 336 -4.36 33.13 140.99
C LYS C 336 -5.81 33.15 141.44
N THR C 337 -6.61 34.05 140.86
CA THR C 337 -7.99 34.18 141.29
C THR C 337 -8.85 33.06 140.71
N LYS C 338 -8.45 32.44 139.59
CA LYS C 338 -9.20 31.34 139.03
C LYS C 338 -9.04 30.12 139.93
N ARG C 339 -10.15 29.42 140.19
CA ARG C 339 -10.16 28.43 141.25
C ARG C 339 -9.94 27.02 140.76
N THR C 340 -9.91 26.80 139.45
CA THR C 340 -9.60 25.49 138.89
C THR C 340 -8.12 25.16 139.04
N ILE C 341 -7.26 26.17 139.12
CA ILE C 341 -5.86 25.93 139.43
C ILE C 341 -5.69 26.06 140.92
N GLN C 342 -5.22 25.00 141.57
CA GLN C 342 -5.01 24.93 142.98
C GLN C 342 -3.51 24.93 143.28
N PHE C 343 -3.17 25.59 144.39
CA PHE C 343 -1.79 25.70 144.84
C PHE C 343 -1.58 24.92 146.13
N VAL C 344 -0.33 24.56 146.39
CA VAL C 344 0.00 23.90 147.63
C VAL C 344 0.05 24.95 148.73
N ASP C 345 -0.23 24.52 149.97
CA ASP C 345 -0.43 25.46 151.06
C ASP C 345 0.90 26.07 151.48
N TRP C 346 2.04 25.36 151.33
CA TRP C 346 3.27 25.89 151.88
C TRP C 346 4.01 26.84 150.93
N CYS C 347 3.44 27.08 149.73
CA CYS C 347 4.09 27.94 148.76
C CYS C 347 3.13 29.05 148.35
N PRO C 348 3.03 30.14 149.16
CA PRO C 348 1.98 31.14 148.92
C PRO C 348 2.20 31.95 147.65
N THR C 349 3.45 32.35 147.40
CA THR C 349 3.83 32.90 146.12
C THR C 349 4.50 31.79 145.32
N GLY C 350 4.01 31.55 144.11
CA GLY C 350 4.45 30.36 143.39
C GLY C 350 4.82 30.61 141.94
N PHE C 351 5.19 31.85 141.63
CA PHE C 351 5.45 32.22 140.24
C PHE C 351 6.81 32.88 140.11
N LYS C 352 7.50 32.50 139.03
CA LYS C 352 8.73 33.20 138.67
C LYS C 352 8.63 33.63 137.23
N CYS C 353 8.72 34.95 136.99
CA CYS C 353 8.49 35.48 135.67
C CYS C 353 9.79 35.90 135.00
N GLY C 354 9.85 35.65 133.71
CA GLY C 354 10.98 36.05 132.88
C GLY C 354 10.50 36.66 131.58
N ILE C 355 11.01 37.84 131.23
CA ILE C 355 10.58 38.52 130.02
C ILE C 355 11.82 38.79 129.18
N ASN C 356 11.77 38.47 127.91
CA ASN C 356 12.78 38.73 126.95
C ASN C 356 12.15 39.50 125.79
N TYR C 357 13.00 40.28 125.11
CA TYR C 357 12.50 41.15 124.06
C TYR C 357 12.39 40.44 122.72
N GLN C 358 13.20 39.44 122.49
CA GLN C 358 13.38 38.87 121.13
C GLN C 358 12.24 37.96 120.80
N PRO C 359 11.46 38.21 119.73
CA PRO C 359 10.33 37.34 119.41
C PRO C 359 10.81 35.99 118.91
N PRO C 360 10.01 34.92 119.01
CA PRO C 360 10.43 33.62 118.48
C PRO C 360 10.56 33.66 116.97
N THR C 361 11.60 33.03 116.44
CA THR C 361 11.79 32.98 115.00
C THR C 361 11.13 31.72 114.47
N VAL C 362 10.47 31.82 113.30
CA VAL C 362 9.82 30.69 112.70
C VAL C 362 10.70 30.08 111.60
N VAL C 363 10.73 28.76 111.58
CA VAL C 363 11.41 28.05 110.53
C VAL C 363 10.56 28.09 109.27
N PRO C 364 11.17 28.44 108.10
CA PRO C 364 10.46 28.35 106.82
C PRO C 364 10.09 26.92 106.50
N GLY C 365 8.88 26.77 105.96
CA GLY C 365 8.37 25.45 105.62
C GLY C 365 7.94 24.65 106.86
N GLY C 366 7.91 25.30 108.03
CA GLY C 366 7.35 24.66 109.21
C GLY C 366 5.83 24.77 109.24
N ASP C 367 5.27 24.58 110.42
CA ASP C 367 3.83 24.58 110.58
C ASP C 367 3.36 25.67 111.53
N LEU C 368 4.27 26.26 112.33
CA LEU C 368 3.90 27.41 113.14
C LEU C 368 3.86 28.68 112.30
N ALA C 369 3.11 29.67 112.81
CA ALA C 369 3.08 30.99 112.21
C ALA C 369 3.97 31.95 112.98
N LYS C 370 4.32 33.05 112.31
CA LYS C 370 5.13 34.10 112.93
C LYS C 370 4.29 34.85 113.95
N VAL C 371 4.71 34.76 115.21
CA VAL C 371 3.95 35.35 116.29
C VAL C 371 4.81 36.40 116.97
N MET C 372 4.15 37.39 117.53
CA MET C 372 4.84 38.54 118.09
C MET C 372 5.24 38.28 119.53
N ARG C 373 4.59 37.32 120.21
CA ARG C 373 4.89 37.00 121.58
C ARG C 373 4.60 35.54 121.86
N ALA C 374 5.32 34.93 122.80
CA ALA C 374 5.05 33.56 123.20
C ALA C 374 5.43 33.36 124.65
N VAL C 375 4.88 32.28 125.23
CA VAL C 375 5.09 31.91 126.61
C VAL C 375 5.52 30.45 126.64
N CYS C 376 6.55 30.19 127.46
CA CYS C 376 6.91 28.84 127.82
C CYS C 376 6.76 28.65 129.32
N MET C 377 5.90 27.70 129.70
CA MET C 377 5.55 27.53 131.10
C MET C 377 6.03 26.15 131.53
N ILE C 378 6.88 26.18 132.55
CA ILE C 378 7.48 24.95 133.05
C ILE C 378 7.19 24.89 134.54
N SER C 379 6.41 23.89 134.96
CA SER C 379 5.83 23.91 136.29
C SER C 379 6.06 22.58 136.94
N ASN C 380 6.39 22.61 138.26
CA ASN C 380 6.43 21.40 139.06
C ASN C 380 5.07 21.31 139.78
N SER C 381 4.46 20.10 139.68
CA SER C 381 3.22 19.81 140.32
C SER C 381 3.31 18.48 141.11
N THR C 382 2.19 18.21 141.78
CA THR C 382 2.04 16.94 142.46
C THR C 382 1.31 15.98 141.58
N ALA C 383 0.84 16.39 140.38
CA ALA C 383 0.07 15.49 139.54
C ALA C 383 0.99 14.47 138.87
N ILE C 384 2.34 14.64 138.97
CA ILE C 384 3.23 13.66 138.38
C ILE C 384 3.23 12.33 139.14
N ALA C 385 2.58 12.31 140.33
CA ALA C 385 2.45 11.07 141.07
C ALA C 385 1.68 10.02 140.28
N GLU C 386 0.72 10.46 139.45
CA GLU C 386 -0.11 9.53 138.71
C GLU C 386 0.67 8.92 137.53
N VAL C 387 1.58 9.69 136.93
CA VAL C 387 2.23 9.19 135.74
C VAL C 387 3.33 8.21 136.12
N PHE C 388 3.84 8.30 137.37
CA PHE C 388 4.78 7.31 137.86
C PHE C 388 4.04 6.09 138.44
N SER C 389 2.81 6.30 138.94
CA SER C 389 2.04 5.23 139.50
C SER C 389 1.54 4.28 138.40
N ARG C 390 1.23 4.88 137.22
CA ARG C 390 0.66 4.04 136.18
C ARG C 390 1.74 3.22 135.51
N MET C 391 2.96 3.79 135.42
CA MET C 391 4.08 3.03 134.89
C MET C 391 4.53 1.98 135.92
N ASP C 392 4.35 2.26 137.20
CA ASP C 392 4.65 1.32 138.25
C ASP C 392 3.75 0.10 138.15
N HIS C 393 2.49 0.34 137.81
CA HIS C 393 1.52 -0.74 137.72
C HIS C 393 1.82 -1.65 136.54
N LYS C 394 2.28 -1.07 135.42
CA LYS C 394 2.62 -1.84 134.25
C LYS C 394 3.88 -2.68 134.49
N PHE C 395 4.80 -2.17 135.34
CA PHE C 395 6.01 -2.92 135.60
C PHE C 395 5.75 -4.11 136.50
N ASP C 396 4.80 -3.99 137.44
CA ASP C 396 4.53 -5.02 138.40
C ASP C 396 3.83 -6.20 137.74
N LEU C 397 3.05 -5.97 136.69
CA LEU C 397 2.37 -7.05 136.00
C LEU C 397 3.39 -7.91 135.23
N MET C 398 4.37 -7.20 134.60
CA MET C 398 5.28 -7.89 133.72
C MET C 398 6.34 -8.62 134.54
N TYR C 399 6.80 -8.00 135.62
CA TYR C 399 7.84 -8.58 136.45
C TYR C 399 7.34 -9.71 137.35
N ALA C 400 6.02 -9.81 137.52
CA ALA C 400 5.48 -10.75 138.49
C ALA C 400 5.83 -12.20 138.18
N LYS C 401 5.89 -12.55 136.90
CA LYS C 401 6.36 -13.86 136.51
C LYS C 401 7.44 -13.74 135.45
N ARG C 402 8.35 -12.79 135.67
CA ARG C 402 9.69 -12.77 135.13
C ARG C 402 9.72 -12.82 133.58
N ALA C 403 8.94 -11.91 132.98
CA ALA C 403 9.01 -11.77 131.53
C ALA C 403 10.21 -10.90 131.17
N PHE C 404 10.90 -11.29 130.09
CA PHE C 404 12.01 -10.57 129.49
C PHE C 404 13.19 -10.38 130.42
N VAL C 405 13.27 -11.16 131.50
CA VAL C 405 14.30 -10.93 132.51
C VAL C 405 15.62 -11.56 132.07
N HIS C 406 15.54 -12.66 131.30
CA HIS C 406 16.72 -13.41 130.90
C HIS C 406 17.59 -12.61 129.94
N TRP C 407 16.98 -11.63 129.22
CA TRP C 407 17.80 -10.75 128.40
C TRP C 407 18.67 -9.82 129.25
N TYR C 408 18.12 -9.41 130.41
CA TYR C 408 18.80 -8.43 131.23
C TYR C 408 19.82 -9.11 132.13
N VAL C 409 19.48 -10.29 132.66
CA VAL C 409 20.38 -10.98 133.58
C VAL C 409 21.55 -11.57 132.81
N GLY C 410 21.32 -11.98 131.54
CA GLY C 410 22.39 -12.53 130.73
C GLY C 410 23.39 -11.47 130.27
N GLU C 411 23.03 -10.21 130.32
CA GLU C 411 23.85 -9.14 129.83
C GLU C 411 24.75 -8.51 130.87
N GLY C 412 24.54 -8.81 132.13
CA GLY C 412 25.49 -8.43 133.15
C GLY C 412 24.85 -8.05 134.50
N MET C 413 23.60 -7.56 134.44
CA MET C 413 22.95 -7.06 135.62
C MET C 413 22.39 -8.21 136.45
N GLU C 414 22.31 -7.93 137.76
CA GLU C 414 21.93 -9.02 138.69
C GLU C 414 20.46 -8.90 139.03
N GLU C 415 19.74 -10.02 139.06
CA GLU C 415 18.31 -9.93 139.38
C GLU C 415 18.14 -9.52 140.84
N GLY C 416 17.52 -8.41 141.13
CA GLY C 416 17.72 -7.71 142.39
C GLY C 416 17.92 -6.24 142.13
N GLU C 417 18.48 -5.91 140.96
CA GLU C 417 18.47 -4.52 140.48
C GLU C 417 17.04 -4.10 140.16
N PHE C 418 16.25 -5.04 139.72
CA PHE C 418 14.84 -4.82 139.43
C PHE C 418 14.07 -4.45 140.69
N SER C 419 14.35 -5.21 141.75
CA SER C 419 13.61 -5.05 143.01
C SER C 419 14.07 -3.76 143.69
N GLU C 420 15.38 -3.45 143.61
CA GLU C 420 15.89 -2.24 144.22
C GLU C 420 15.35 -0.98 143.51
N ALA C 421 15.24 -1.04 142.20
CA ALA C 421 14.74 0.10 141.43
C ALA C 421 13.24 0.28 141.69
N ARG C 422 12.52 -0.82 141.93
CA ARG C 422 11.10 -0.75 142.18
C ARG C 422 10.83 -0.11 143.53
N GLU C 423 11.60 -0.47 144.55
CA GLU C 423 11.40 0.11 145.88
C GLU C 423 11.84 1.57 145.90
N ASP C 424 12.78 1.93 145.03
CA ASP C 424 13.17 3.33 144.92
C ASP C 424 12.02 4.13 144.30
N LEU C 425 11.37 3.59 143.29
CA LEU C 425 10.20 4.24 142.71
C LEU C 425 9.04 4.25 143.70
N ALA C 426 8.92 3.22 144.53
CA ALA C 426 7.91 3.21 145.58
C ALA C 426 8.19 4.33 146.61
N ALA C 427 9.47 4.57 146.88
CA ALA C 427 9.86 5.66 147.78
C ALA C 427 9.52 7.02 147.15
N LEU C 428 9.64 7.12 145.82
CA LEU C 428 9.34 8.37 145.13
C LEU C 428 7.82 8.62 145.16
N GLU C 429 7.03 7.55 145.05
CA GLU C 429 5.58 7.67 145.09
C GLU C 429 5.11 8.17 146.46
N LYS C 430 5.74 7.65 147.52
CA LYS C 430 5.35 8.04 148.85
C LYS C 430 5.80 9.47 149.13
N ASP C 431 6.88 9.93 148.49
CA ASP C 431 7.38 11.27 148.74
C ASP C 431 6.46 12.32 148.14
N TYR C 432 5.92 12.02 146.92
CA TYR C 432 4.97 12.92 146.30
C TYR C 432 3.66 13.00 147.08
N GLU C 433 3.26 11.87 147.67
CA GLU C 433 2.02 11.81 148.42
C GLU C 433 2.14 12.59 149.72
N GLU C 434 3.33 12.55 150.35
CA GLU C 434 3.50 13.18 151.64
C GLU C 434 3.60 14.70 151.49
N VAL C 435 4.11 15.16 150.35
CA VAL C 435 4.29 16.59 150.17
C VAL C 435 2.93 17.26 149.88
N GLY C 436 2.05 16.55 149.19
CA GLY C 436 0.82 17.07 148.65
C GLY C 436 -0.30 17.24 149.70
N ILE C 437 -0.08 16.86 150.96
CA ILE C 437 -1.13 16.95 151.96
C ILE C 437 -1.27 18.38 152.53
N MET D 1 66.12 41.07 88.55
CA MET D 1 66.76 41.91 89.59
C MET D 1 67.34 41.02 90.71
N ARG D 2 66.42 40.54 91.54
CA ARG D 2 66.70 39.56 92.57
C ARG D 2 66.02 38.26 92.14
N GLU D 3 66.81 37.21 91.84
CA GLU D 3 66.22 35.95 91.45
C GLU D 3 67.12 34.85 91.95
N VAL D 4 66.57 33.61 91.85
CA VAL D 4 67.27 32.40 92.09
C VAL D 4 67.03 31.43 90.91
N ILE D 5 68.06 30.61 90.69
CA ILE D 5 68.04 29.62 89.66
C ILE D 5 67.86 28.25 90.26
N SER D 6 66.84 27.52 89.81
CA SER D 6 66.57 26.17 90.26
C SER D 6 67.15 25.13 89.28
N ILE D 7 67.89 24.17 89.82
CA ILE D 7 68.45 23.09 89.05
C ILE D 7 67.89 21.77 89.57
N HIS D 8 67.35 20.98 88.67
CA HIS D 8 66.80 19.67 89.03
C HIS D 8 67.53 18.60 88.24
N VAL D 9 68.22 17.73 88.94
CA VAL D 9 69.06 16.71 88.32
C VAL D 9 68.59 15.36 88.87
N GLY D 10 68.39 14.44 87.91
CA GLY D 10 67.94 13.09 88.26
C GLY D 10 66.42 13.00 88.23
N GLN D 11 65.93 11.79 88.35
CA GLN D 11 64.50 11.53 88.36
C GLN D 11 63.81 12.10 89.58
N ALA D 12 64.44 11.95 90.72
CA ALA D 12 63.91 12.48 91.99
C ALA D 12 63.90 13.98 91.95
N GLY D 13 64.95 14.60 91.36
CA GLY D 13 64.99 16.05 91.28
C GLY D 13 63.85 16.59 90.39
N ILE D 14 63.58 15.87 89.28
CA ILE D 14 62.57 16.34 88.34
C ILE D 14 61.17 16.22 88.98
N GLN D 15 60.88 15.08 89.61
CA GLN D 15 59.53 14.88 90.12
C GLN D 15 59.25 15.74 91.36
N ILE D 16 60.32 16.02 92.16
CA ILE D 16 60.15 16.96 93.24
C ILE D 16 59.99 18.35 92.66
N GLY D 17 60.72 18.65 91.59
CA GLY D 17 60.61 19.95 90.91
C GLY D 17 59.23 20.14 90.27
N ASN D 18 58.61 19.05 89.84
CA ASN D 18 57.29 19.13 89.25
C ASN D 18 56.26 19.58 90.28
N ALA D 19 56.40 19.04 91.50
CA ALA D 19 55.48 19.46 92.57
C ALA D 19 55.84 20.86 93.05
N CYS D 20 57.13 21.21 93.01
CA CYS D 20 57.54 22.54 93.44
C CYS D 20 57.02 23.64 92.51
N TRP D 21 57.08 23.37 91.22
CA TRP D 21 56.65 24.34 90.24
C TRP D 21 55.16 24.42 90.04
N GLU D 22 54.44 23.35 90.48
CA GLU D 22 52.99 23.44 90.49
C GLU D 22 52.56 24.37 91.62
N LEU D 23 53.25 24.31 92.74
CA LEU D 23 52.89 25.12 93.89
C LEU D 23 53.24 26.59 93.64
N PHE D 24 54.38 26.83 93.02
CA PHE D 24 54.83 28.20 92.76
C PHE D 24 53.94 28.92 91.75
N CYS D 25 53.43 28.14 90.78
CA CYS D 25 52.55 28.73 89.77
C CYS D 25 51.20 29.08 90.40
N LEU D 26 50.71 28.22 91.30
CA LEU D 26 49.39 28.42 91.86
C LEU D 26 49.39 29.53 92.91
N GLU D 27 50.53 29.68 93.60
CA GLU D 27 50.55 30.69 94.67
C GLU D 27 50.67 32.08 94.10
N HIS D 28 51.38 32.23 92.98
CA HIS D 28 51.49 33.51 92.29
C HIS D 28 50.37 33.70 91.25
N GLY D 29 49.52 32.69 91.06
CA GLY D 29 48.35 32.83 90.25
C GLY D 29 48.64 32.86 88.77
N ILE D 30 49.67 32.16 88.30
CA ILE D 30 49.83 32.03 86.86
C ILE D 30 49.26 30.68 86.44
N GLN D 31 48.65 30.65 85.27
CA GLN D 31 48.09 29.46 84.65
C GLN D 31 49.20 28.57 84.11
N PRO D 32 48.92 27.29 83.82
CA PRO D 32 49.84 26.45 83.04
C PRO D 32 50.32 27.01 81.70
N ASP D 33 49.60 27.97 81.10
CA ASP D 33 50.15 28.60 79.90
C ASP D 33 51.35 29.49 80.29
N GLY D 34 51.19 30.19 81.41
CA GLY D 34 52.21 31.10 81.89
C GLY D 34 51.80 32.56 81.96
N GLN D 35 50.50 32.81 81.66
CA GLN D 35 50.01 34.17 81.69
C GLN D 35 49.04 34.38 82.86
N MET D 36 49.32 35.42 83.68
CA MET D 36 48.44 35.58 84.82
C MET D 36 47.17 36.34 84.44
N PRO D 37 45.99 35.97 84.98
CA PRO D 37 44.77 36.62 84.56
C PRO D 37 44.52 37.83 85.45
N ASP D 47 55.60 42.64 91.17
CA ASP D 47 57.02 42.26 90.98
C ASP D 47 57.41 41.23 92.05
N ALA D 48 56.42 40.61 92.67
CA ALA D 48 56.65 39.58 93.66
C ALA D 48 57.07 38.25 93.03
N PHE D 49 56.67 38.05 91.76
CA PHE D 49 56.97 36.80 91.06
C PHE D 49 58.36 36.80 90.43
N ASN D 50 59.11 37.89 90.54
CA ASN D 50 60.31 38.08 89.76
C ASN D 50 61.44 37.17 90.26
N THR D 51 61.33 36.65 91.49
CA THR D 51 62.40 35.82 92.01
C THR D 51 62.39 34.41 91.43
N PHE D 52 61.27 34.01 90.84
CA PHE D 52 61.15 32.66 90.27
C PHE D 52 60.76 32.65 88.80
N PHE D 53 60.13 33.73 88.33
CA PHE D 53 59.61 33.73 86.97
C PHE D 53 60.17 34.93 86.21
N SER D 54 60.38 34.74 84.92
CA SER D 54 60.83 35.79 84.05
C SER D 54 59.64 36.51 83.43
N GLU D 55 59.94 37.51 82.61
CA GLU D 55 58.96 38.20 81.79
C GLU D 55 59.28 37.91 80.31
N THR D 56 58.25 37.46 79.61
CA THR D 56 58.40 37.09 78.21
C THR D 56 57.22 37.68 77.44
N GLY D 57 57.40 38.91 76.99
CA GLY D 57 56.48 39.59 76.09
C GLY D 57 55.17 39.96 76.76
N ALA D 58 54.06 39.59 76.13
CA ALA D 58 52.74 40.00 76.57
C ALA D 58 52.25 39.21 77.79
N GLY D 59 52.81 39.56 78.94
CA GLY D 59 52.37 39.09 80.25
C GLY D 59 52.65 37.61 80.59
N LYS D 60 53.50 37.00 79.74
CA LYS D 60 53.79 35.59 79.97
C LYS D 60 55.01 35.46 80.88
N HIS D 61 54.98 34.47 81.75
CA HIS D 61 56.07 34.24 82.68
C HIS D 61 56.60 32.82 82.57
N VAL D 62 57.91 32.70 82.43
CA VAL D 62 58.57 31.42 82.25
C VAL D 62 59.49 31.16 83.45
N PRO D 63 59.50 29.94 83.99
CA PRO D 63 60.30 29.67 85.20
C PRO D 63 61.79 29.65 84.90
N ARG D 64 62.53 29.96 85.97
CA ARG D 64 63.99 30.01 85.90
C ARG D 64 64.54 28.69 86.39
N CYS D 65 64.25 27.63 85.65
CA CYS D 65 64.69 26.31 86.07
C CYS D 65 65.21 25.50 84.90
N VAL D 66 66.08 24.54 85.23
CA VAL D 66 66.58 23.59 84.26
C VAL D 66 66.32 22.17 84.78
N PHE D 67 65.85 21.34 83.86
CA PHE D 67 65.56 19.94 84.16
C PHE D 67 66.59 19.08 83.45
N LEU D 68 67.31 18.28 84.21
CA LEU D 68 68.41 17.49 83.67
C LEU D 68 68.18 16.03 84.07
N ASP D 69 68.09 15.16 83.05
CA ASP D 69 68.26 13.75 83.27
C ASP D 69 68.92 13.15 82.01
N LEU D 70 69.67 12.08 82.24
CA LEU D 70 70.25 11.33 81.15
C LEU D 70 69.23 10.36 80.52
N GLU D 71 68.22 9.97 81.27
CA GLU D 71 67.25 9.05 80.73
C GLU D 71 66.01 9.84 80.30
N PRO D 72 65.46 9.61 79.10
CA PRO D 72 64.51 10.55 78.52
C PRO D 72 63.10 10.42 79.06
N THR D 73 62.79 9.34 79.73
CA THR D 73 61.37 8.96 79.97
C THR D 73 60.64 9.94 80.92
N VAL D 74 61.39 10.49 81.88
CA VAL D 74 60.74 11.34 82.90
C VAL D 74 60.63 12.83 82.47
N VAL D 75 61.50 13.18 81.53
CA VAL D 75 61.49 14.54 81.00
C VAL D 75 60.59 14.63 79.79
N ASP D 76 60.42 13.53 79.04
CA ASP D 76 59.47 13.52 77.93
C ASP D 76 58.02 13.67 78.43
N GLU D 77 57.82 13.08 79.62
CA GLU D 77 56.45 13.04 80.12
C GLU D 77 56.09 14.39 80.74
N VAL D 78 57.10 15.20 81.10
CA VAL D 78 56.80 16.57 81.50
C VAL D 78 56.51 17.38 80.25
N ARG D 79 57.27 17.10 79.17
CA ARG D 79 57.19 17.91 77.96
C ARG D 79 55.89 17.66 77.23
N THR D 80 55.18 16.58 77.53
CA THR D 80 53.93 16.31 76.80
C THR D 80 52.73 16.47 77.69
N GLY D 81 52.93 16.81 78.96
CA GLY D 81 51.85 16.86 79.98
C GLY D 81 51.02 18.13 79.87
N THR D 82 50.45 18.57 80.99
CA THR D 82 49.70 19.81 81.06
C THR D 82 50.64 21.03 80.97
N TYR D 83 51.83 20.90 81.60
CA TYR D 83 52.75 22.01 81.67
C TYR D 83 53.75 21.93 80.54
N ARG D 84 53.26 21.92 79.30
CA ARG D 84 54.20 21.85 78.17
C ARG D 84 54.79 23.25 77.91
N HIS D 85 53.89 24.23 77.89
CA HIS D 85 54.27 25.58 77.45
C HIS D 85 54.52 26.50 78.62
N LEU D 86 54.47 25.97 79.86
CA LEU D 86 55.04 26.75 80.95
C LEU D 86 56.56 26.79 80.84
N PHE D 87 57.16 25.62 80.56
CA PHE D 87 58.60 25.58 80.49
C PHE D 87 59.11 25.90 79.10
N HIS D 88 60.27 26.57 79.07
CA HIS D 88 60.97 26.77 77.83
C HIS D 88 61.41 25.44 77.28
N PRO D 89 61.29 25.19 75.96
CA PRO D 89 61.64 23.87 75.42
C PRO D 89 63.09 23.43 75.61
N GLU D 90 64.01 24.38 75.74
CA GLU D 90 65.40 24.07 75.94
C GLU D 90 65.79 24.03 77.40
N GLN D 91 64.85 24.33 78.32
CA GLN D 91 65.14 24.17 79.73
C GLN D 91 64.98 22.72 80.19
N LEU D 92 64.42 21.85 79.33
CA LEU D 92 64.23 20.45 79.69
C LEU D 92 65.25 19.69 78.85
N ILE D 93 66.39 19.35 79.43
CA ILE D 93 67.50 18.72 78.75
C ILE D 93 67.49 17.23 79.03
N SER D 94 67.55 16.45 77.96
CA SER D 94 67.47 15.00 78.05
C SER D 94 68.68 14.38 77.34
N GLY D 95 69.12 13.27 77.91
CA GLY D 95 70.17 12.46 77.30
C GLY D 95 69.53 11.37 76.45
N LYS D 96 70.32 10.32 76.22
CA LYS D 96 69.90 9.18 75.43
C LYS D 96 69.84 7.92 76.27
N GLU D 97 70.86 7.68 77.13
CA GLU D 97 70.87 6.49 77.95
C GLU D 97 71.04 6.85 79.42
N ASP D 98 70.44 6.05 80.30
CA ASP D 98 70.46 6.26 81.72
C ASP D 98 71.87 6.09 82.29
N ALA D 99 72.15 6.77 83.43
CA ALA D 99 73.38 6.53 84.17
C ALA D 99 73.42 5.16 84.83
N ALA D 100 72.27 4.60 85.11
CA ALA D 100 72.01 3.24 85.58
C ALA D 100 72.75 3.01 86.91
N ASN D 101 72.36 3.78 87.94
CA ASN D 101 72.78 3.60 89.32
C ASN D 101 74.29 3.57 89.47
N ASN D 102 75.00 4.26 88.57
CA ASN D 102 76.44 4.30 88.61
C ASN D 102 76.85 5.76 88.77
N PHE D 103 77.62 6.00 89.84
CA PHE D 103 78.32 7.27 89.96
C PHE D 103 79.33 7.45 88.85
N ALA D 104 79.99 6.37 88.45
CA ALA D 104 81.03 6.45 87.44
C ALA D 104 80.45 6.83 86.08
N ARG D 105 79.24 6.38 85.79
CA ARG D 105 78.64 6.67 84.51
C ARG D 105 78.23 8.13 84.44
N GLY D 106 77.65 8.64 85.52
CA GLY D 106 77.13 10.00 85.59
C GLY D 106 78.26 11.05 85.61
N HIS D 107 79.45 10.64 86.04
CA HIS D 107 80.54 11.56 86.27
C HIS D 107 81.54 11.56 85.12
N TYR D 108 81.83 10.39 84.54
CA TYR D 108 83.00 10.27 83.66
C TYR D 108 82.56 9.90 82.26
N THR D 109 81.64 8.91 82.08
CA THR D 109 81.46 8.33 80.78
C THR D 109 80.43 9.09 79.94
N ILE D 110 79.21 9.16 80.43
CA ILE D 110 78.12 9.72 79.63
C ILE D 110 77.82 11.14 80.09
N GLY D 111 78.28 11.53 81.28
CA GLY D 111 77.88 12.77 81.93
C GLY D 111 78.38 14.05 81.20
N LYS D 112 79.57 13.90 80.58
CA LYS D 112 80.25 15.08 80.05
C LYS D 112 79.61 15.59 78.75
N GLU D 113 78.84 14.80 78.09
CA GLU D 113 78.19 15.17 76.84
C GLU D 113 76.98 16.06 77.08
N ILE D 114 76.44 16.11 78.30
CA ILE D 114 75.22 16.85 78.56
C ILE D 114 75.51 18.10 79.39
N VAL D 115 76.66 18.14 80.08
CA VAL D 115 76.98 19.24 80.98
C VAL D 115 77.22 20.51 80.16
N ASP D 116 77.79 20.40 78.97
CA ASP D 116 78.01 21.55 78.10
C ASP D 116 76.71 22.25 77.71
N LEU D 117 75.69 21.45 77.43
CA LEU D 117 74.37 21.98 77.10
C LEU D 117 73.71 22.55 78.35
N SER D 118 74.00 22.00 79.53
CA SER D 118 73.42 22.48 80.76
C SER D 118 74.00 23.86 81.14
N LEU D 119 75.33 24.01 80.99
CA LEU D 119 75.98 25.25 81.31
C LEU D 119 75.58 26.39 80.38
N ASP D 120 75.25 26.06 79.13
CA ASP D 120 74.80 27.07 78.20
C ASP D 120 73.45 27.65 78.62
N ARG D 121 72.57 26.76 79.13
CA ARG D 121 71.24 27.20 79.53
C ARG D 121 71.34 28.00 80.83
N ILE D 122 72.22 27.56 81.74
CA ILE D 122 72.34 28.25 83.01
C ILE D 122 72.95 29.62 82.83
N ARG D 123 73.89 29.75 81.90
CA ARG D 123 74.54 31.05 81.66
C ARG D 123 73.54 32.04 81.07
N LYS D 124 72.68 31.57 80.16
CA LYS D 124 71.70 32.45 79.56
C LYS D 124 70.64 32.87 80.58
N LEU D 125 70.38 31.99 81.56
CA LEU D 125 69.36 32.29 82.56
C LEU D 125 69.93 33.16 83.68
N ALA D 126 71.25 33.13 83.88
CA ALA D 126 71.86 33.86 84.98
C ALA D 126 72.33 35.26 84.57
N ASP D 127 72.46 35.52 83.29
CA ASP D 127 72.92 36.79 82.75
C ASP D 127 71.82 37.84 82.58
N ASN D 128 70.59 37.49 82.94
CA ASN D 128 69.46 38.39 82.76
C ASN D 128 69.57 39.62 83.65
N CYS D 129 69.91 39.43 84.91
CA CYS D 129 70.19 40.52 85.84
C CYS D 129 71.34 40.09 86.74
N THR D 130 72.16 41.07 87.17
CA THR D 130 73.09 40.80 88.26
C THR D 130 72.38 40.86 89.60
N GLY D 131 73.10 40.49 90.64
CA GLY D 131 72.53 40.28 91.96
C GLY D 131 71.68 39.02 92.01
N LEU D 132 72.13 38.02 91.24
CA LEU D 132 71.60 36.65 91.31
C LEU D 132 71.83 36.08 92.71
N GLN D 133 70.77 35.65 93.34
CA GLN D 133 70.84 35.41 94.78
C GLN D 133 71.54 34.10 95.10
N GLY D 134 71.21 33.06 94.36
CA GLY D 134 71.92 31.80 94.45
C GLY D 134 71.28 30.73 93.58
N PHE D 135 71.71 29.49 93.79
CA PHE D 135 71.28 28.32 93.05
C PHE D 135 70.68 27.30 94.00
N LEU D 136 69.52 26.79 93.62
CA LEU D 136 68.85 25.72 94.36
C LEU D 136 68.96 24.44 93.53
N MET D 137 69.61 23.43 94.11
CA MET D 137 69.85 22.18 93.42
C MET D 137 69.06 21.08 94.11
N PHE D 138 68.37 20.28 93.32
CA PHE D 138 67.61 19.14 93.78
C PHE D 138 68.15 17.87 93.18
N ASN D 139 68.54 16.91 94.00
CA ASN D 139 69.06 15.66 93.47
C ASN D 139 68.87 14.51 94.41
N ALA D 140 69.00 13.30 93.88
CA ALA D 140 68.95 12.09 94.69
C ALA D 140 70.38 11.59 94.86
N VAL D 141 70.80 11.39 96.10
CA VAL D 141 72.16 10.95 96.38
C VAL D 141 72.39 9.47 96.02
N GLY D 142 71.31 8.70 96.14
CA GLY D 142 71.38 7.25 95.92
C GLY D 142 71.33 6.86 94.46
N GLY D 143 70.99 7.81 93.56
CA GLY D 143 70.86 7.50 92.16
C GLY D 143 72.16 7.60 91.40
N GLY D 144 72.06 7.38 90.09
CA GLY D 144 73.21 7.47 89.20
C GLY D 144 73.47 8.89 88.74
N THR D 145 72.51 9.45 88.02
CA THR D 145 72.63 10.75 87.41
C THR D 145 72.43 11.84 88.45
N GLY D 146 71.68 11.56 89.50
CA GLY D 146 71.49 12.58 90.55
C GLY D 146 72.77 12.79 91.35
N SER D 147 73.57 11.75 91.48
CA SER D 147 74.81 11.83 92.23
C SER D 147 75.98 12.18 91.32
N GLY D 148 76.10 11.46 90.21
CA GLY D 148 77.23 11.60 89.31
C GLY D 148 77.24 12.91 88.57
N LEU D 149 76.14 13.14 87.85
CA LEU D 149 76.04 14.38 87.06
C LEU D 149 75.86 15.58 87.99
N GLY D 150 75.28 15.35 89.16
CA GLY D 150 75.08 16.39 90.15
C GLY D 150 76.42 16.94 90.64
N CYS D 151 77.38 16.05 90.87
CA CYS D 151 78.71 16.47 91.29
C CYS D 151 79.40 17.23 90.16
N LEU D 152 79.30 16.71 88.94
CA LEU D 152 80.02 17.22 87.78
C LEU D 152 79.56 18.65 87.47
N LEU D 153 78.24 18.89 87.63
CA LEU D 153 77.71 20.23 87.43
C LEU D 153 78.28 21.23 88.46
N LEU D 154 78.53 20.78 89.64
CA LEU D 154 78.99 21.57 90.75
C LEU D 154 80.43 21.99 90.59
N GLU D 155 81.30 21.23 89.98
CA GLU D 155 82.66 21.75 89.74
C GLU D 155 82.64 22.91 88.74
N ARG D 156 81.82 22.79 87.70
CA ARG D 156 81.77 23.83 86.70
C ARG D 156 81.04 25.07 87.18
N LEU D 157 80.06 24.89 88.10
CA LEU D 157 79.40 26.04 88.67
C LEU D 157 80.32 26.75 89.66
N SER D 158 81.18 26.00 90.35
CA SER D 158 82.06 26.59 91.35
C SER D 158 83.15 27.44 90.70
N VAL D 159 83.58 27.05 89.49
CA VAL D 159 84.65 27.77 88.83
C VAL D 159 84.10 29.04 88.21
N ASP D 160 82.86 29.04 87.72
CA ASP D 160 82.31 30.17 87.03
C ASP D 160 81.69 31.17 88.01
N TYR D 161 80.71 30.69 88.77
CA TYR D 161 79.96 31.53 89.70
C TYR D 161 80.45 31.22 91.09
N GLY D 162 81.59 31.83 91.44
CA GLY D 162 82.27 31.54 92.70
C GLY D 162 81.55 31.95 93.97
N LYS D 163 81.20 33.24 94.01
CA LYS D 163 80.68 33.92 95.20
C LYS D 163 79.17 33.71 95.42
N LYS D 164 78.52 33.06 94.48
CA LYS D 164 77.09 32.85 94.58
C LYS D 164 76.79 31.62 95.44
N SER D 165 75.71 31.71 96.22
CA SER D 165 75.37 30.69 97.21
C SER D 165 74.75 29.49 96.49
N LYS D 166 75.08 28.28 96.97
CA LYS D 166 74.64 27.06 96.32
C LYS D 166 73.98 26.14 97.33
N LEU D 167 72.65 26.18 97.38
CA LEU D 167 71.89 25.35 98.32
C LEU D 167 71.48 24.03 97.66
N ASN D 168 71.60 22.95 98.41
CA ASN D 168 71.33 21.62 97.88
C ASN D 168 70.25 20.99 98.77
N PHE D 169 69.30 20.32 98.11
CA PHE D 169 68.27 19.54 98.77
C PHE D 169 68.46 18.08 98.27
N CYS D 170 69.14 17.30 99.09
CA CYS D 170 69.51 15.93 98.77
C CYS D 170 68.50 14.97 99.37
N SER D 171 67.96 14.11 98.51
CA SER D 171 67.03 13.04 98.91
C SER D 171 67.88 11.86 99.37
N TRP D 172 68.26 11.94 100.66
CA TRP D 172 69.20 11.04 101.25
C TRP D 172 68.63 9.66 101.35
N PRO D 173 69.46 8.59 101.18
CA PRO D 173 68.98 7.23 101.40
C PRO D 173 68.58 6.96 102.85
N SER D 174 67.53 6.14 102.96
CA SER D 174 66.91 5.85 104.24
C SER D 174 67.73 4.87 105.04
N PRO D 175 67.58 4.83 106.37
CA PRO D 175 68.23 3.78 107.19
C PRO D 175 67.81 2.35 106.84
N GLN D 176 66.52 2.12 106.60
CA GLN D 176 66.05 0.77 106.37
C GLN D 176 65.69 0.52 104.90
N VAL D 177 64.92 1.41 104.30
CA VAL D 177 64.42 1.27 102.94
C VAL D 177 65.47 1.75 101.94
N SER D 178 65.71 0.95 100.90
CA SER D 178 66.77 1.34 99.99
C SER D 178 66.32 1.57 98.54
N THR D 179 65.59 0.59 98.01
CA THR D 179 65.18 0.53 96.59
C THR D 179 66.37 0.59 95.63
N ALA D 180 67.55 0.20 96.12
CA ALA D 180 68.80 0.16 95.37
C ALA D 180 69.80 -0.65 96.18
N VAL D 181 70.70 -1.35 95.48
CA VAL D 181 71.65 -2.16 96.26
C VAL D 181 73.03 -1.48 96.26
N VAL D 182 73.30 -0.72 95.21
CA VAL D 182 74.66 -0.19 95.07
C VAL D 182 74.75 1.23 95.62
N GLU D 183 73.63 1.70 96.19
CA GLU D 183 73.55 3.08 96.67
C GLU D 183 74.42 3.37 97.87
N PRO D 184 74.87 2.50 98.78
CA PRO D 184 75.98 2.86 99.67
C PRO D 184 77.25 3.32 98.97
N TYR D 185 77.54 2.77 97.81
CA TYR D 185 78.69 3.25 97.04
C TYR D 185 78.44 4.64 96.45
N ASN D 186 77.25 4.89 95.95
CA ASN D 186 76.96 6.18 95.34
C ASN D 186 76.86 7.28 96.41
N SER D 187 76.44 6.91 97.63
CA SER D 187 76.21 7.90 98.67
C SER D 187 77.52 8.40 99.26
N VAL D 188 78.48 7.50 99.49
CA VAL D 188 79.75 7.89 100.05
C VAL D 188 80.57 8.69 99.04
N LEU D 189 80.45 8.35 97.77
CA LEU D 189 81.15 9.05 96.72
C LEU D 189 80.60 10.45 96.48
N SER D 190 79.31 10.61 96.72
CA SER D 190 78.67 11.91 96.51
C SER D 190 78.99 12.82 97.68
N THR D 191 78.98 12.28 98.89
CA THR D 191 79.15 13.06 100.09
C THR D 191 80.57 13.62 100.18
N HIS D 192 81.53 12.89 99.62
CA HIS D 192 82.89 13.38 99.52
C HIS D 192 82.96 14.63 98.65
N SER D 193 82.18 14.63 97.58
CA SER D 193 82.32 15.61 96.54
C SER D 193 81.32 16.74 96.70
N LEU D 194 80.35 16.61 97.62
CA LEU D 194 79.48 17.72 97.96
C LEU D 194 79.93 18.46 99.22
N LEU D 195 81.04 18.05 99.81
CA LEU D 195 81.64 18.82 100.91
C LEU D 195 82.27 20.12 100.39
N GLU D 196 82.97 20.02 99.26
CA GLU D 196 83.74 21.13 98.75
C GLU D 196 83.02 21.87 97.64
N HIS D 197 81.73 21.49 97.35
CA HIS D 197 81.03 22.13 96.26
C HIS D 197 79.66 22.64 96.66
N THR D 198 79.28 22.67 97.94
CA THR D 198 77.95 23.02 98.35
C THR D 198 78.08 23.88 99.60
N ASP D 199 77.28 24.95 99.69
CA ASP D 199 77.32 25.86 100.81
C ASP D 199 76.41 25.41 101.94
N VAL D 200 75.20 24.98 101.60
CA VAL D 200 74.18 24.52 102.52
C VAL D 200 73.51 23.30 101.93
N ALA D 201 73.51 22.21 102.66
CA ALA D 201 72.88 20.95 102.24
C ALA D 201 71.81 20.60 103.27
N VAL D 202 70.61 20.34 102.79
CA VAL D 202 69.52 19.87 103.62
C VAL D 202 69.25 18.42 103.23
N MET D 203 69.20 17.55 104.25
CA MET D 203 68.89 16.15 104.05
C MET D 203 67.38 15.92 104.15
N LEU D 204 66.82 15.38 103.07
CA LEU D 204 65.46 14.89 103.06
C LEU D 204 65.45 13.38 102.94
N ASP D 205 64.84 12.71 103.91
CA ASP D 205 64.82 11.24 103.90
C ASP D 205 63.43 10.75 103.54
N ASN D 206 63.37 9.61 102.87
CA ASN D 206 62.11 9.07 102.39
C ASN D 206 61.26 8.47 103.50
N GLU D 207 61.87 7.75 104.44
CA GLU D 207 61.03 7.14 105.46
C GLU D 207 60.61 8.13 106.54
N ALA D 208 61.33 9.28 106.60
CA ALA D 208 60.91 10.36 107.46
C ALA D 208 59.63 10.98 106.93
N ILE D 209 59.47 11.13 105.62
CA ILE D 209 58.25 11.67 105.08
C ILE D 209 57.16 10.60 105.11
N TYR D 210 57.55 9.33 105.03
CA TYR D 210 56.58 8.25 105.05
C TYR D 210 55.85 8.22 106.38
N ASP D 211 56.60 8.31 107.47
CA ASP D 211 55.96 8.16 108.78
C ASP D 211 55.34 9.47 109.21
N ILE D 212 55.80 10.62 108.65
CA ILE D 212 55.12 11.87 108.92
C ILE D 212 53.75 11.84 108.29
N CYS D 213 53.62 11.28 107.09
CA CYS D 213 52.33 11.23 106.43
C CYS D 213 51.44 10.19 107.08
N ARG D 214 52.02 9.16 107.76
CA ARG D 214 51.19 8.14 108.34
C ARG D 214 50.61 8.58 109.68
N ARG D 215 51.35 9.37 110.47
CA ARG D 215 50.85 9.79 111.77
C ARG D 215 50.10 11.12 111.69
N ASN D 216 50.58 12.08 110.90
CA ASN D 216 50.03 13.40 110.90
C ASN D 216 48.81 13.58 109.98
N LEU D 217 49.03 13.13 108.74
CA LEU D 217 47.94 13.25 107.75
C LEU D 217 47.04 12.05 107.74
N ASP D 218 47.44 10.97 108.48
CA ASP D 218 46.72 9.70 108.57
C ASP D 218 46.40 9.16 107.18
N ILE D 219 47.40 9.07 106.33
CA ILE D 219 47.24 8.36 105.05
C ILE D 219 48.04 7.08 105.16
N GLU D 220 47.37 5.95 105.03
CA GLU D 220 48.02 4.64 105.14
C GLU D 220 48.79 4.28 103.88
N ARG D 221 48.35 4.78 102.69
CA ARG D 221 49.04 4.44 101.47
C ARG D 221 49.36 5.67 100.65
N PRO D 222 50.32 6.52 101.07
CA PRO D 222 50.77 7.60 100.19
C PRO D 222 51.79 7.10 99.17
N THR D 223 51.99 7.90 98.14
CA THR D 223 52.95 7.60 97.10
C THR D 223 53.98 8.72 97.01
N TYR D 224 54.85 8.70 96.01
CA TYR D 224 55.90 9.68 95.84
C TYR D 224 55.34 11.07 95.55
N THR D 225 54.15 11.16 94.96
CA THR D 225 53.59 12.48 94.71
C THR D 225 53.11 13.15 95.99
N ASN D 226 52.75 12.38 97.00
CA ASN D 226 52.38 12.93 98.28
C ASN D 226 53.61 13.33 99.08
N LEU D 227 54.75 12.68 98.83
CA LEU D 227 56.01 13.09 99.43
C LEU D 227 56.42 14.46 98.83
N ASN D 228 56.21 14.65 97.53
CA ASN D 228 56.73 15.79 96.84
C ASN D 228 55.95 17.07 97.14
N ARG D 229 54.68 16.93 97.50
CA ARG D 229 53.88 18.06 97.94
C ARG D 229 54.46 18.63 99.25
N LEU D 230 54.85 17.74 100.15
CA LEU D 230 55.40 18.13 101.44
C LEU D 230 56.77 18.80 101.27
N ILE D 231 57.55 18.33 100.30
CA ILE D 231 58.84 18.92 100.00
C ILE D 231 58.61 20.32 99.41
N ALA D 232 57.57 20.45 98.57
CA ALA D 232 57.27 21.72 97.93
C ALA D 232 56.87 22.78 98.96
N GLN D 233 56.20 22.36 100.04
CA GLN D 233 55.78 23.28 101.07
C GLN D 233 56.99 23.79 101.86
N VAL D 234 58.02 22.96 102.01
CA VAL D 234 59.21 23.37 102.73
C VAL D 234 59.96 24.42 101.92
N ILE D 235 60.07 24.19 100.60
CA ILE D 235 60.84 25.12 99.78
C ILE D 235 60.08 26.44 99.65
N SER D 236 58.76 26.39 99.59
CA SER D 236 57.96 27.60 99.50
C SER D 236 58.11 28.42 100.77
N SER D 237 58.16 27.77 101.94
CA SER D 237 58.30 28.48 103.19
C SER D 237 59.71 29.03 103.36
N LEU D 238 60.70 28.38 102.71
CA LEU D 238 62.08 28.84 102.79
C LEU D 238 62.25 30.15 102.02
N THR D 239 61.65 30.24 100.84
CA THR D 239 61.84 31.36 99.94
C THR D 239 60.65 32.30 99.97
N ALA D 240 59.82 32.23 101.03
CA ALA D 240 58.68 33.12 101.13
C ALA D 240 59.09 34.57 101.39
N SER D 241 60.22 34.75 102.07
CA SER D 241 60.68 36.08 102.42
C SER D 241 61.21 36.81 101.19
N LEU D 242 61.74 36.11 100.21
CA LEU D 242 62.17 36.74 98.97
C LEU D 242 60.98 37.22 98.14
N ARG D 243 59.88 36.47 98.22
CA ARG D 243 58.75 36.72 97.30
C ARG D 243 57.78 37.74 97.87
N PHE D 244 57.55 37.68 99.20
CA PHE D 244 56.51 38.49 99.81
C PHE D 244 57.13 39.38 100.87
N ASP D 245 56.37 40.39 101.28
CA ASP D 245 56.73 41.27 102.38
C ASP D 245 56.60 40.53 103.71
N GLY D 246 57.47 40.84 104.66
CA GLY D 246 57.26 40.32 106.00
C GLY D 246 57.71 41.27 107.09
N ALA D 247 57.36 40.90 108.31
CA ALA D 247 57.68 41.70 109.49
C ALA D 247 59.17 41.61 109.82
N LEU D 248 59.75 40.40 109.65
CA LEU D 248 61.19 40.22 109.78
C LEU D 248 61.62 39.20 108.76
N ASN D 249 62.14 39.65 107.64
CA ASN D 249 62.48 38.81 106.50
C ASN D 249 63.91 38.28 106.64
N VAL D 250 64.13 37.17 105.96
CA VAL D 250 65.40 36.49 105.91
C VAL D 250 65.75 36.17 104.45
N ASP D 251 67.00 36.48 104.11
CA ASP D 251 67.51 36.21 102.77
C ASP D 251 68.27 34.86 102.77
N VAL D 252 68.59 34.40 101.57
CA VAL D 252 69.20 33.09 101.42
C VAL D 252 70.69 33.12 101.77
N THR D 253 71.31 34.30 101.61
CA THR D 253 72.69 34.46 102.04
C THR D 253 72.82 34.48 103.57
N GLU D 254 71.74 34.82 104.26
CA GLU D 254 71.75 34.91 105.71
C GLU D 254 71.47 33.57 106.36
N PHE D 255 71.11 32.51 105.62
CA PHE D 255 71.05 31.18 106.18
C PHE D 255 72.45 30.63 106.45
N GLN D 256 73.35 30.85 105.50
CA GLN D 256 74.69 30.27 105.65
C GLN D 256 75.48 31.04 106.70
N THR D 257 75.17 32.29 106.95
CA THR D 257 75.82 33.08 107.98
C THR D 257 75.38 32.62 109.38
N ASN D 258 74.15 32.12 109.50
CA ASN D 258 73.52 31.85 110.76
C ASN D 258 73.52 30.37 111.10
N LEU D 259 73.81 29.50 110.14
CA LEU D 259 73.64 28.07 110.41
C LEU D 259 74.94 27.29 110.18
N VAL D 260 75.97 27.89 109.59
CA VAL D 260 77.18 27.17 109.31
C VAL D 260 78.29 27.71 110.20
N PRO D 261 78.65 27.02 111.30
CA PRO D 261 79.69 27.55 112.19
C PRO D 261 81.12 27.33 111.70
N TYR D 262 81.34 26.25 110.99
CA TYR D 262 82.64 25.87 110.43
C TYR D 262 82.35 25.33 109.05
N PRO D 263 83.29 25.50 108.06
CA PRO D 263 83.01 25.23 106.66
C PRO D 263 82.54 23.81 106.34
N ARG D 264 83.00 22.80 107.11
CA ARG D 264 82.64 21.43 106.79
C ARG D 264 81.32 21.01 107.41
N ILE D 265 80.82 21.75 108.42
CA ILE D 265 79.51 21.43 108.97
C ILE D 265 78.47 22.27 108.25
N HIS D 266 77.87 21.68 107.21
CA HIS D 266 76.71 22.36 106.62
C HIS D 266 75.62 21.34 106.28
N PHE D 267 75.44 20.35 107.14
CA PHE D 267 74.40 19.35 106.96
C PHE D 267 73.31 19.60 107.99
N MET D 268 72.10 19.94 107.54
CA MET D 268 71.04 20.32 108.39
C MET D 268 69.78 19.47 108.14
N LEU D 269 68.93 19.39 109.18
CA LEU D 269 67.68 18.72 109.08
C LEU D 269 66.57 19.66 108.61
N SER D 270 65.37 19.11 108.58
CA SER D 270 64.18 19.92 108.33
C SER D 270 63.05 19.47 109.26
N SER D 271 62.12 20.37 109.50
CA SER D 271 60.84 20.04 110.08
C SER D 271 59.80 21.05 109.59
N TYR D 272 58.57 20.55 109.42
CA TYR D 272 57.49 21.46 109.03
C TYR D 272 56.26 21.19 109.87
N ALA D 273 55.63 22.28 110.29
CA ALA D 273 54.50 22.15 111.21
C ALA D 273 53.62 23.36 111.04
N PRO D 274 52.28 23.22 110.98
CA PRO D 274 51.59 21.93 111.02
C PRO D 274 51.44 21.29 109.64
N ILE D 275 51.46 19.95 109.60
CA ILE D 275 50.95 19.21 108.48
C ILE D 275 49.80 18.40 109.02
N ILE D 276 48.60 18.97 108.87
CA ILE D 276 47.40 18.34 109.34
C ILE D 276 46.36 18.33 108.22
N SER D 277 45.55 17.27 108.20
CA SER D 277 44.54 17.07 107.20
C SER D 277 43.30 17.91 107.49
N ALA D 278 42.29 17.80 106.64
CA ALA D 278 41.09 18.58 106.76
C ALA D 278 40.22 18.12 107.94
N GLU D 279 40.38 16.83 108.33
CA GLU D 279 39.54 16.33 109.41
C GLU D 279 40.15 16.70 110.71
N LYS D 280 41.42 17.01 110.86
CA LYS D 280 42.09 17.27 112.10
C LYS D 280 42.27 18.78 112.31
N ALA D 281 42.27 19.58 111.23
CA ALA D 281 42.49 21.01 111.34
C ALA D 281 41.31 21.73 112.02
N TYR D 282 40.16 21.10 111.91
CA TYR D 282 38.90 21.56 112.46
C TYR D 282 38.94 21.59 113.99
N HIS D 283 39.72 20.74 114.59
CA HIS D 283 39.77 20.56 116.02
C HIS D 283 41.01 21.20 116.63
N GLU D 284 41.99 21.68 115.84
CA GLU D 284 43.19 22.20 116.42
C GLU D 284 43.11 23.73 116.51
N GLN D 285 43.46 24.27 117.70
CA GLN D 285 43.83 25.68 117.72
C GLN D 285 45.29 25.78 117.30
N LEU D 286 45.53 26.47 116.18
CA LEU D 286 46.87 26.46 115.64
C LEU D 286 47.73 27.59 116.14
N SER D 287 47.96 27.63 117.46
CA SER D 287 48.70 28.73 118.08
C SER D 287 50.16 28.68 117.68
N VAL D 288 50.82 29.83 117.72
CA VAL D 288 52.23 29.92 117.38
C VAL D 288 53.05 29.11 118.39
N ALA D 289 52.57 29.02 119.65
CA ALA D 289 53.29 28.28 120.66
C ALA D 289 53.26 26.78 120.36
N GLU D 290 52.12 26.27 119.86
CA GLU D 290 51.99 24.83 119.73
C GLU D 290 52.54 24.33 118.40
N ILE D 291 52.54 25.18 117.37
CA ILE D 291 53.12 24.75 116.10
C ILE D 291 54.64 24.76 116.16
N THR D 292 55.20 25.54 117.09
CA THR D 292 56.65 25.52 117.24
C THR D 292 57.09 24.42 118.18
N ASN D 293 56.19 23.95 119.04
CA ASN D 293 56.46 22.80 119.88
C ASN D 293 56.47 21.53 119.01
N SER D 294 55.53 21.45 118.08
CA SER D 294 55.46 20.32 117.17
C SER D 294 56.59 20.31 116.15
N ALA D 295 57.17 21.47 115.89
CA ALA D 295 58.29 21.56 114.94
C ALA D 295 59.55 20.93 115.54
N PHE D 296 59.74 21.10 116.84
CA PHE D 296 60.93 20.59 117.49
C PHE D 296 60.74 19.15 117.99
N GLU D 297 59.54 18.60 117.85
CA GLU D 297 59.27 17.26 118.30
C GLU D 297 60.05 16.28 117.42
N PRO D 298 60.78 15.31 118.00
CA PRO D 298 61.69 14.48 117.20
C PRO D 298 60.98 13.57 116.20
N ALA D 299 59.70 13.28 116.42
CA ALA D 299 58.94 12.43 115.53
C ALA D 299 58.43 13.21 114.32
N SER D 300 58.57 14.53 114.30
CA SER D 300 58.10 15.35 113.20
C SER D 300 59.24 15.83 112.29
N MET D 301 60.39 15.22 112.45
CA MET D 301 61.60 15.64 111.73
C MET D 301 61.65 14.90 110.40
N MET D 302 62.38 15.48 109.47
CA MET D 302 62.30 15.14 108.06
C MET D 302 63.64 14.57 107.58
N ALA D 303 64.35 13.85 108.47
CA ALA D 303 65.54 13.15 108.11
C ALA D 303 65.65 11.76 108.73
N LYS D 304 64.72 11.40 109.66
CA LYS D 304 64.81 10.18 110.44
C LYS D 304 66.15 10.09 111.16
N CYS D 305 66.38 11.11 112.00
CA CYS D 305 67.62 11.21 112.76
C CYS D 305 67.24 11.86 114.07
N ASP D 306 67.18 11.05 115.12
CA ASP D 306 66.64 11.48 116.41
C ASP D 306 67.63 12.46 117.01
N PRO D 307 67.24 13.74 117.24
CA PRO D 307 68.19 14.71 117.79
C PRO D 307 68.38 14.66 119.31
N ARG D 308 67.77 13.71 119.98
CA ARG D 308 67.94 13.55 121.41
C ARG D 308 69.35 13.11 121.78
N HIS D 309 70.01 12.36 120.92
CA HIS D 309 71.41 12.02 121.06
C HIS D 309 72.27 12.92 120.19
N GLY D 310 71.87 14.18 120.08
CA GLY D 310 72.68 15.20 119.45
C GLY D 310 72.55 16.52 120.21
N LYS D 311 73.42 17.48 119.86
CA LYS D 311 73.31 18.81 120.40
C LYS D 311 73.03 19.77 119.24
N TYR D 312 72.01 20.62 119.43
CA TYR D 312 71.69 21.58 118.41
C TYR D 312 72.76 22.67 118.38
N MET D 313 73.41 22.79 117.24
CA MET D 313 74.41 23.84 117.06
C MET D 313 73.79 25.20 116.74
N ALA D 314 72.75 25.19 115.93
CA ALA D 314 72.14 26.39 115.38
C ALA D 314 70.76 26.02 114.86
N CYS D 315 69.80 26.92 114.92
CA CYS D 315 68.45 26.65 114.50
C CYS D 315 67.86 27.86 113.83
N CYS D 316 67.09 27.67 112.75
CA CYS D 316 66.48 28.72 111.97
C CYS D 316 64.98 28.42 111.84
N LEU D 317 64.18 29.35 112.29
CA LEU D 317 62.72 29.18 112.33
C LEU D 317 62.08 30.20 111.41
N MET D 318 61.33 29.69 110.43
CA MET D 318 60.65 30.55 109.47
C MET D 318 59.16 30.45 109.71
N TYR D 319 58.60 31.44 110.37
CA TYR D 319 57.17 31.50 110.59
C TYR D 319 56.51 32.16 109.39
N ARG D 320 55.32 31.70 109.06
CA ARG D 320 54.64 32.16 107.87
C ARG D 320 53.16 32.27 108.14
N GLY D 321 52.57 33.44 108.04
CA GLY D 321 51.14 33.61 108.19
C GLY D 321 50.84 34.71 109.19
N ASP D 322 49.69 34.61 109.90
CA ASP D 322 49.32 35.65 110.86
C ASP D 322 50.06 35.35 112.15
N VAL D 323 51.36 35.59 112.16
CA VAL D 323 52.20 35.44 113.32
C VAL D 323 52.72 36.81 113.76
N VAL D 324 52.44 37.12 115.01
CA VAL D 324 52.92 38.35 115.63
C VAL D 324 54.29 38.07 116.24
N PRO D 325 55.23 39.03 116.24
CA PRO D 325 56.54 38.79 116.82
C PRO D 325 56.61 38.58 118.33
N LYS D 326 55.56 38.96 119.06
CA LYS D 326 55.56 38.71 120.50
C LYS D 326 55.31 37.24 120.81
N ASP D 327 54.53 36.55 120.00
CA ASP D 327 54.28 35.13 120.25
C ASP D 327 55.46 34.27 119.81
N VAL D 328 56.31 34.81 118.92
CA VAL D 328 57.53 34.11 118.57
C VAL D 328 58.46 34.11 119.76
N ASN D 329 58.62 35.27 120.41
CA ASN D 329 59.52 35.40 121.53
C ASN D 329 59.05 34.57 122.73
N ALA D 330 57.71 34.52 122.90
CA ALA D 330 57.16 33.72 123.99
C ALA D 330 57.36 32.21 123.71
N ALA D 331 57.27 31.82 122.44
CA ALA D 331 57.33 30.43 122.10
C ALA D 331 58.78 29.90 122.13
N VAL D 332 59.72 30.72 121.68
CA VAL D 332 61.10 30.26 121.58
C VAL D 332 61.73 30.24 122.97
N ALA D 333 61.20 31.06 123.91
CA ALA D 333 61.71 31.04 125.26
C ALA D 333 61.36 29.71 125.94
N THR D 334 60.17 29.18 125.66
CA THR D 334 59.76 27.92 126.22
C THR D 334 60.65 26.78 125.72
N ILE D 335 61.06 26.86 124.45
CA ILE D 335 61.90 25.83 123.86
C ILE D 335 63.27 25.83 124.53
N LYS D 336 63.82 27.01 124.79
CA LYS D 336 65.13 27.11 125.40
C LYS D 336 65.10 26.55 126.82
N THR D 337 64.00 26.78 127.53
CA THR D 337 63.94 26.33 128.92
C THR D 337 63.68 24.83 129.02
N LYS D 338 63.10 24.22 127.96
CA LYS D 338 62.87 22.79 127.98
C LYS D 338 64.18 22.01 127.99
N ARG D 339 64.23 20.96 128.81
CA ARG D 339 65.51 20.32 129.07
C ARG D 339 65.77 19.10 128.20
N THR D 340 64.72 18.60 127.54
CA THR D 340 64.93 17.45 126.65
C THR D 340 65.58 17.89 125.34
N ILE D 341 65.41 19.14 124.96
CA ILE D 341 66.15 19.75 123.85
C ILE D 341 67.30 20.57 124.48
N GLN D 342 68.48 20.31 123.99
CA GLN D 342 69.68 20.87 124.54
C GLN D 342 70.43 21.50 123.38
N PHE D 343 71.19 22.53 123.74
CA PHE D 343 72.01 23.33 122.84
C PHE D 343 73.47 23.12 123.16
N VAL D 344 74.32 23.47 122.20
CA VAL D 344 75.75 23.36 122.43
C VAL D 344 76.20 24.55 123.27
N ASP D 345 77.28 24.36 124.03
CA ASP D 345 77.69 25.32 125.04
C ASP D 345 78.26 26.58 124.38
N TRP D 346 78.87 26.46 123.18
CA TRP D 346 79.56 27.62 122.64
C TRP D 346 78.66 28.52 121.79
N CYS D 347 77.37 28.18 121.69
CA CYS D 347 76.43 28.95 120.91
C CYS D 347 75.26 29.36 121.80
N PRO D 348 75.39 30.46 122.56
CA PRO D 348 74.34 30.83 123.52
C PRO D 348 73.04 31.29 122.86
N THR D 349 73.17 32.10 121.80
CA THR D 349 71.99 32.47 121.04
C THR D 349 72.00 31.62 119.78
N GLY D 350 71.17 30.62 119.83
CA GLY D 350 71.11 29.56 118.82
C GLY D 350 69.89 29.66 117.91
N PHE D 351 69.32 30.87 117.81
CA PHE D 351 68.09 31.05 117.06
C PHE D 351 68.22 32.12 116.03
N LYS D 352 67.59 31.89 114.88
CA LYS D 352 67.31 32.91 113.88
C LYS D 352 65.81 32.85 113.59
N CYS D 353 65.16 33.99 113.73
CA CYS D 353 63.71 33.99 113.55
C CYS D 353 63.36 34.78 112.28
N GLY D 354 62.38 34.27 111.55
CA GLY D 354 61.86 35.00 110.41
C GLY D 354 60.34 34.92 110.39
N ILE D 355 59.70 36.04 110.13
CA ILE D 355 58.25 36.13 110.06
C ILE D 355 57.86 36.67 108.70
N ASN D 356 56.94 35.97 108.03
CA ASN D 356 56.43 36.40 106.74
C ASN D 356 54.90 36.49 106.83
N TYR D 357 54.32 37.32 105.98
CA TYR D 357 52.92 37.64 106.07
C TYR D 357 52.04 36.65 105.33
N GLN D 358 52.52 36.15 104.20
CA GLN D 358 51.63 35.45 103.28
C GLN D 358 51.40 34.02 103.78
N PRO D 359 50.14 33.60 103.98
CA PRO D 359 49.89 32.28 104.56
C PRO D 359 50.18 31.21 103.51
N PRO D 360 50.45 29.96 103.92
CA PRO D 360 50.75 28.90 102.96
C PRO D 360 49.54 28.59 102.07
N THR D 361 49.82 28.38 100.78
CA THR D 361 48.78 28.15 99.82
C THR D 361 48.53 26.65 99.71
N VAL D 362 47.25 26.25 99.61
CA VAL D 362 46.94 24.84 99.50
C VAL D 362 46.58 24.51 98.05
N VAL D 363 47.14 23.40 97.58
CA VAL D 363 46.78 22.91 96.26
C VAL D 363 45.43 22.21 96.37
N PRO D 364 44.48 22.48 95.47
CA PRO D 364 43.21 21.76 95.45
C PRO D 364 43.42 20.29 95.12
N GLY D 365 42.69 19.44 95.84
CA GLY D 365 42.80 18.01 95.68
C GLY D 365 44.02 17.46 96.38
N GLY D 366 44.89 18.26 96.97
CA GLY D 366 45.95 17.76 97.80
C GLY D 366 45.47 17.47 99.22
N ASP D 367 46.37 17.00 100.04
CA ASP D 367 45.97 16.37 101.31
C ASP D 367 46.24 17.22 102.55
N LEU D 368 46.93 18.32 102.36
CA LEU D 368 47.05 19.32 103.43
C LEU D 368 45.79 20.20 103.47
N ALA D 369 45.56 20.80 104.62
CA ALA D 369 44.44 21.70 104.82
C ALA D 369 44.92 23.14 104.81
N LYS D 370 43.95 24.05 104.58
CA LYS D 370 44.24 25.47 104.57
C LYS D 370 44.48 25.94 106.00
N VAL D 371 45.70 26.42 106.26
CA VAL D 371 46.10 26.77 107.61
C VAL D 371 46.47 28.24 107.62
N MET D 372 46.30 28.86 108.78
CA MET D 372 46.48 30.29 108.89
C MET D 372 47.94 30.63 109.16
N ARG D 373 48.71 29.68 109.69
CA ARG D 373 50.10 29.91 110.01
C ARG D 373 50.84 28.57 109.95
N ALA D 374 52.14 28.65 109.64
CA ALA D 374 53.00 27.50 109.63
C ALA D 374 54.42 27.90 110.04
N VAL D 375 55.23 26.87 110.35
CA VAL D 375 56.62 27.00 110.67
C VAL D 375 57.39 26.01 109.80
N CYS D 376 58.51 26.50 109.28
CA CYS D 376 59.52 25.63 108.70
C CYS D 376 60.82 25.82 109.47
N MET D 377 61.37 24.70 109.91
CA MET D 377 62.54 24.72 110.76
C MET D 377 63.69 24.01 110.06
N ILE D 378 64.84 24.70 109.98
CA ILE D 378 66.06 24.09 109.51
C ILE D 378 67.09 24.19 110.62
N SER D 379 67.59 23.04 111.07
CA SER D 379 68.45 23.02 112.26
C SER D 379 69.73 22.26 111.95
N ASN D 380 70.85 22.79 112.43
CA ASN D 380 72.11 22.09 112.35
C ASN D 380 72.37 21.46 113.71
N SER D 381 72.66 20.17 113.72
CA SER D 381 72.90 19.46 114.96
C SER D 381 74.07 18.49 114.80
N THR D 382 74.57 18.00 115.94
CA THR D 382 75.62 17.01 115.93
C THR D 382 75.04 15.60 115.85
N ALA D 383 73.73 15.49 115.67
CA ALA D 383 73.08 14.20 115.48
C ALA D 383 73.38 13.63 114.07
N ILE D 384 73.95 14.41 113.18
CA ILE D 384 74.31 13.98 111.84
C ILE D 384 75.45 12.96 111.87
N ALA D 385 76.13 12.82 113.04
CA ALA D 385 77.16 11.80 113.18
C ALA D 385 76.60 10.39 112.94
N GLU D 386 75.34 10.17 113.33
CA GLU D 386 74.78 8.83 113.22
C GLU D 386 74.40 8.51 111.77
N VAL D 387 74.02 9.54 110.99
CA VAL D 387 73.53 9.27 109.65
C VAL D 387 74.71 8.98 108.72
N PHE D 388 75.90 9.47 109.07
CA PHE D 388 77.10 9.11 108.33
C PHE D 388 77.71 7.79 108.83
N SER D 389 77.49 7.47 110.10
CA SER D 389 77.95 6.27 110.73
C SER D 389 77.20 5.07 110.18
N ARG D 390 75.90 5.24 109.76
CA ARG D 390 75.20 4.08 109.31
C ARG D 390 75.68 3.64 107.90
N MET D 391 76.02 4.64 107.08
CA MET D 391 76.53 4.28 105.77
C MET D 391 77.98 3.82 105.88
N ASP D 392 78.68 4.35 106.90
CA ASP D 392 80.07 3.95 107.15
C ASP D 392 80.13 2.49 107.54
N HIS D 393 79.08 1.98 108.27
CA HIS D 393 78.98 0.56 108.49
C HIS D 393 78.67 -0.18 107.18
N LYS D 394 77.74 0.43 106.40
CA LYS D 394 77.22 -0.36 105.28
C LYS D 394 78.23 -0.39 104.14
N PHE D 395 79.01 0.68 104.03
CA PHE D 395 80.02 0.77 102.99
C PHE D 395 81.19 -0.17 103.24
N ASP D 396 81.56 -0.31 104.51
CA ASP D 396 82.62 -1.20 104.92
C ASP D 396 82.29 -2.66 104.70
N LEU D 397 81.04 -3.02 104.85
CA LEU D 397 80.58 -4.37 104.62
C LEU D 397 80.67 -4.73 103.13
N MET D 398 80.30 -3.80 102.30
CA MET D 398 80.22 -3.98 100.86
C MET D 398 81.64 -4.08 100.26
N TYR D 399 82.48 -3.15 100.71
CA TYR D 399 83.81 -2.98 100.13
C TYR D 399 84.79 -4.00 100.69
N ALA D 400 84.44 -4.70 101.78
CA ALA D 400 85.43 -5.59 102.41
C ALA D 400 85.85 -6.73 101.51
N LYS D 401 84.91 -7.24 100.72
CA LYS D 401 85.26 -8.24 99.71
C LYS D 401 84.86 -7.78 98.31
N ARG D 402 85.02 -6.50 98.07
CA ARG D 402 85.20 -5.88 96.76
C ARG D 402 84.02 -6.18 95.81
N ALA D 403 82.82 -5.96 96.31
CA ALA D 403 81.62 -6.25 95.56
C ALA D 403 81.22 -5.01 94.76
N PHE D 404 80.70 -5.23 93.55
CA PHE D 404 80.17 -4.24 92.65
C PHE D 404 81.20 -3.20 92.22
N VAL D 405 82.50 -3.46 92.44
CA VAL D 405 83.48 -2.46 92.14
C VAL D 405 83.87 -2.48 90.67
N HIS D 406 83.76 -3.63 90.03
CA HIS D 406 84.11 -3.84 88.63
C HIS D 406 83.20 -3.04 87.70
N TRP D 407 81.98 -2.70 88.17
CA TRP D 407 81.13 -1.82 87.40
C TRP D 407 81.67 -0.39 87.38
N TYR D 408 82.30 0.02 88.47
CA TYR D 408 82.81 1.37 88.56
C TYR D 408 84.18 1.48 87.87
N VAL D 409 85.04 0.51 88.12
CA VAL D 409 86.43 0.57 87.70
C VAL D 409 86.53 0.40 86.19
N GLY D 410 85.68 -0.47 85.66
CA GLY D 410 85.70 -0.77 84.22
C GLY D 410 85.15 0.39 83.38
N GLU D 411 84.38 1.28 84.02
CA GLU D 411 83.65 2.31 83.33
C GLU D 411 84.41 3.63 83.25
N GLY D 412 85.53 3.76 84.01
CA GLY D 412 86.38 4.91 83.76
C GLY D 412 86.97 5.57 85.00
N MET D 413 86.37 5.31 86.17
CA MET D 413 87.04 5.79 87.37
C MET D 413 88.03 4.74 87.83
N GLU D 414 89.11 5.22 88.50
CA GLU D 414 90.11 4.27 89.00
C GLU D 414 89.79 3.84 90.44
N GLU D 415 90.29 2.71 90.77
CA GLU D 415 90.29 2.21 92.14
C GLU D 415 91.10 3.16 93.04
N GLY D 416 90.46 3.62 94.09
CA GLY D 416 91.19 4.44 95.05
C GLY D 416 90.39 5.67 95.42
N GLU D 417 89.46 6.05 94.52
CA GLU D 417 88.46 7.04 94.86
C GLU D 417 87.47 6.47 95.87
N PHE D 418 87.32 5.17 95.95
CA PHE D 418 86.62 4.56 97.08
C PHE D 418 87.36 4.82 98.40
N SER D 419 88.70 4.69 98.33
CA SER D 419 89.50 4.81 99.53
C SER D 419 89.55 6.27 99.98
N GLU D 420 89.66 7.20 99.00
CA GLU D 420 89.73 8.60 99.31
C GLU D 420 88.40 9.11 99.88
N ALA D 421 87.28 8.61 99.35
CA ALA D 421 85.98 9.03 99.82
C ALA D 421 85.73 8.51 101.21
N ARG D 422 86.25 7.31 101.52
CA ARG D 422 86.01 6.71 102.81
C ARG D 422 86.75 7.49 103.90
N GLU D 423 88.02 7.86 103.60
CA GLU D 423 88.80 8.56 104.60
C GLU D 423 88.28 9.99 104.78
N ASP D 424 87.68 10.55 103.71
CA ASP D 424 87.10 11.89 103.86
C ASP D 424 85.86 11.81 104.73
N LEU D 425 85.05 10.79 104.57
CA LEU D 425 83.90 10.60 105.46
C LEU D 425 84.33 10.28 106.88
N ALA D 426 85.45 9.56 107.03
CA ALA D 426 86.00 9.30 108.36
C ALA D 426 86.46 10.60 109.02
N ALA D 427 87.02 11.51 108.20
CA ALA D 427 87.46 12.81 108.70
C ALA D 427 86.24 13.64 109.11
N LEU D 428 85.12 13.49 108.41
CA LEU D 428 83.93 14.25 108.73
C LEU D 428 83.31 13.78 110.03
N GLU D 429 83.38 12.46 110.28
CA GLU D 429 82.85 11.91 111.51
C GLU D 429 83.64 12.39 112.73
N LYS D 430 84.98 12.48 112.56
CA LYS D 430 85.80 12.94 113.65
C LYS D 430 85.60 14.44 113.87
N ASP D 431 85.25 15.18 112.82
CA ASP D 431 85.05 16.62 112.93
C ASP D 431 83.78 16.94 113.72
N TYR D 432 82.72 16.16 113.47
CA TYR D 432 81.47 16.35 114.20
C TYR D 432 81.62 15.98 115.68
N GLU D 433 82.46 14.97 115.94
CA GLU D 433 82.69 14.53 117.30
C GLU D 433 83.50 15.54 118.08
N GLU D 434 84.45 16.20 117.42
CA GLU D 434 85.33 17.15 118.09
C GLU D 434 84.60 18.45 118.41
N VAL D 435 83.59 18.80 117.61
CA VAL D 435 82.88 20.03 117.81
C VAL D 435 81.93 19.92 119.03
N GLY D 436 81.36 18.76 119.22
CA GLY D 436 80.34 18.51 120.22
C GLY D 436 80.90 18.30 121.61
N ILE D 437 82.18 18.50 121.90
CA ILE D 437 82.79 18.06 123.14
C ILE D 437 82.47 18.99 124.33
N MET E 1 59.02 58.77 41.13
CA MET E 1 60.13 59.51 41.77
C MET E 1 61.36 58.62 41.97
N ARG E 2 61.50 58.05 43.15
CA ARG E 2 62.67 57.28 43.51
C ARG E 2 62.25 55.83 43.59
N GLU E 3 62.93 54.97 42.81
CA GLU E 3 62.58 53.57 42.78
C GLU E 3 63.82 52.70 42.68
N VAL E 4 63.64 51.41 42.81
CA VAL E 4 64.66 50.39 42.69
C VAL E 4 64.18 49.29 41.77
N ILE E 5 65.10 48.81 40.93
CA ILE E 5 64.79 47.81 39.94
C ILE E 5 65.38 46.49 40.38
N SER E 6 64.54 45.45 40.44
CA SER E 6 64.94 44.11 40.82
C SER E 6 65.16 43.26 39.56
N ILE E 7 66.29 42.56 39.53
CA ILE E 7 66.64 41.63 38.49
C ILE E 7 66.78 40.26 39.13
N HIS E 8 66.09 39.28 38.57
CA HIS E 8 66.19 37.89 39.02
C HIS E 8 66.69 37.04 37.86
N VAL E 9 67.86 36.45 38.06
CA VAL E 9 68.52 35.66 37.05
C VAL E 9 68.71 34.22 37.58
N GLY E 10 68.26 33.27 36.77
CA GLY E 10 68.40 31.89 37.13
C GLY E 10 67.19 31.34 37.87
N GLN E 11 67.24 30.02 38.12
CA GLN E 11 66.10 29.39 38.78
C GLN E 11 65.97 29.86 40.24
N ALA E 12 67.14 29.95 40.91
CA ALA E 12 67.15 30.37 42.30
C ALA E 12 66.73 31.81 42.43
N GLY E 13 67.14 32.66 41.45
CA GLY E 13 66.76 34.06 41.46
C GLY E 13 65.23 34.21 41.34
N ILE E 14 64.64 33.39 40.45
CA ILE E 14 63.22 33.52 40.18
C ILE E 14 62.41 33.06 41.39
N GLN E 15 62.77 31.91 41.98
CA GLN E 15 61.96 31.38 43.06
C GLN E 15 62.14 32.18 44.35
N ILE E 16 63.31 32.77 44.55
CA ILE E 16 63.49 33.69 45.66
C ILE E 16 62.68 34.95 45.39
N GLY E 17 62.69 35.39 44.13
CA GLY E 17 61.91 36.56 43.74
C GLY E 17 60.40 36.33 43.85
N ASN E 18 59.95 35.08 43.68
CA ASN E 18 58.57 34.74 43.85
C ASN E 18 58.12 34.94 45.30
N ALA E 19 58.99 34.55 46.23
CA ALA E 19 58.71 34.75 47.63
C ALA E 19 58.84 36.23 48.01
N CYS E 20 59.75 36.94 47.35
CA CYS E 20 59.98 38.34 47.67
C CYS E 20 58.78 39.20 47.24
N TRP E 21 58.25 38.90 46.06
CA TRP E 21 57.16 39.67 45.54
C TRP E 21 55.80 39.29 46.11
N GLU E 22 55.72 38.10 46.72
CA GLU E 22 54.50 37.76 47.44
C GLU E 22 54.45 38.54 48.75
N LEU E 23 55.63 38.76 49.37
CA LEU E 23 55.68 39.51 50.61
C LEU E 23 55.42 41.00 50.36
N PHE E 24 55.98 41.53 49.26
CA PHE E 24 55.82 42.93 48.93
C PHE E 24 54.40 43.30 48.58
N CYS E 25 53.68 42.37 47.97
CA CYS E 25 52.29 42.61 47.60
C CYS E 25 51.42 42.63 48.86
N LEU E 26 51.72 41.76 49.82
CA LEU E 26 50.91 41.70 51.02
C LEU E 26 51.21 42.87 51.97
N GLU E 27 52.43 43.36 51.95
CA GLU E 27 52.82 44.44 52.83
C GLU E 27 52.20 45.77 52.40
N HIS E 28 52.09 45.98 51.09
CA HIS E 28 51.44 47.18 50.59
C HIS E 28 49.96 46.97 50.31
N GLY E 29 49.47 45.76 50.54
CA GLY E 29 48.05 45.45 50.47
C GLY E 29 47.50 45.47 49.07
N ILE E 30 48.31 45.07 48.07
CA ILE E 30 47.74 44.93 46.73
C ILE E 30 47.40 43.46 46.51
N GLN E 31 46.37 43.22 45.77
CA GLN E 31 45.86 41.92 45.40
C GLN E 31 46.72 41.34 44.29
N PRO E 32 46.77 40.00 44.09
CA PRO E 32 47.43 39.42 42.96
C PRO E 32 47.13 39.95 41.56
N ASP E 33 45.94 40.56 41.40
CA ASP E 33 45.68 41.19 40.11
C ASP E 33 46.57 42.43 39.94
N GLY E 34 46.69 43.18 41.03
CA GLY E 34 47.56 44.36 41.00
C GLY E 34 46.86 45.66 41.35
N GLN E 35 45.58 45.54 41.78
CA GLN E 35 44.87 46.74 42.18
C GLN E 35 44.61 46.70 43.69
N MET E 36 44.90 47.81 44.36
CA MET E 36 44.59 47.85 45.80
C MET E 36 43.12 48.29 45.96
N PRO E 37 42.39 47.74 46.94
CA PRO E 37 41.05 48.24 47.25
C PRO E 37 41.10 49.50 48.12
N ASP E 47 51.77 56.97 48.21
CA ASP E 47 52.89 56.86 47.24
C ASP E 47 54.12 56.29 47.91
N ALA E 48 53.89 55.64 49.06
CA ALA E 48 54.94 54.94 49.81
C ALA E 48 55.39 53.67 49.12
N PHE E 49 54.50 53.06 48.34
CA PHE E 49 54.77 51.83 47.61
C PHE E 49 55.43 52.12 46.26
N ASN E 50 55.69 53.39 45.94
CA ASN E 50 56.10 53.75 44.58
C ASN E 50 57.55 53.32 44.32
N THR E 51 58.30 52.96 45.32
CA THR E 51 59.68 52.53 45.20
C THR E 51 59.77 51.12 44.61
N PHE E 52 58.71 50.33 44.63
CA PHE E 52 58.72 49.00 44.06
C PHE E 52 57.66 48.76 42.99
N PHE E 53 56.61 49.56 42.95
CA PHE E 53 55.54 49.34 42.00
C PHE E 53 55.32 50.59 41.14
N SER E 54 54.94 50.34 39.90
CA SER E 54 54.62 51.42 38.99
C SER E 54 53.13 51.65 38.96
N GLU E 55 52.64 52.89 38.84
CA GLU E 55 51.28 53.15 38.51
C GLU E 55 50.99 52.92 37.03
N THR E 56 49.94 52.14 36.80
CA THR E 56 49.51 51.81 35.46
C THR E 56 48.00 51.97 35.41
N GLY E 57 47.55 53.20 35.12
CA GLY E 57 46.16 53.56 34.99
C GLY E 57 45.38 53.43 36.31
N ALA E 58 44.25 52.75 36.26
CA ALA E 58 43.18 52.93 37.26
C ALA E 58 43.46 52.19 38.56
N GLY E 59 44.39 52.77 39.34
CA GLY E 59 44.76 52.24 40.65
C GLY E 59 45.69 51.01 40.60
N LYS E 60 46.10 50.62 39.42
CA LYS E 60 46.74 49.35 39.18
C LYS E 60 48.25 49.46 39.23
N HIS E 61 48.89 48.43 39.81
CA HIS E 61 50.32 48.54 40.11
C HIS E 61 51.03 47.34 39.52
N VAL E 62 52.11 47.61 38.77
CA VAL E 62 52.92 46.53 38.21
C VAL E 62 54.31 46.59 38.83
N PRO E 63 54.89 45.43 39.22
CA PRO E 63 56.20 45.46 39.87
C PRO E 63 57.33 45.83 38.92
N ARG E 64 58.38 46.38 39.51
CA ARG E 64 59.56 46.80 38.80
C ARG E 64 60.58 45.69 38.88
N CYS E 65 60.28 44.59 38.21
CA CYS E 65 61.18 43.45 38.21
C CYS E 65 61.24 42.82 36.84
N VAL E 66 62.36 42.14 36.57
CA VAL E 66 62.53 41.31 35.41
C VAL E 66 62.95 39.91 35.84
N PHE E 67 62.36 38.91 35.19
CA PHE E 67 62.67 37.52 35.43
C PHE E 67 63.41 36.98 34.21
N LEU E 68 64.63 36.52 34.41
CA LEU E 68 65.47 36.06 33.31
C LEU E 68 65.95 34.66 33.59
N ASP E 69 65.56 33.72 32.71
CA ASP E 69 66.10 32.39 32.76
C ASP E 69 66.09 31.84 31.35
N LEU E 70 67.07 30.99 31.03
CA LEU E 70 67.13 30.26 29.82
C LEU E 70 66.17 29.07 29.77
N GLU E 71 65.80 28.57 30.96
CA GLU E 71 64.86 27.48 31.00
C GLU E 71 63.44 28.06 31.04
N PRO E 72 62.51 27.56 30.21
CA PRO E 72 61.12 27.99 30.32
C PRO E 72 60.36 27.35 31.47
N THR E 73 60.90 26.26 32.03
CA THR E 73 60.17 25.43 32.96
C THR E 73 59.99 26.09 34.32
N VAL E 74 60.70 27.18 34.62
CA VAL E 74 60.55 27.83 35.89
C VAL E 74 59.68 29.09 35.78
N VAL E 75 59.68 29.71 34.61
CA VAL E 75 59.00 30.98 34.42
C VAL E 75 57.55 30.75 33.98
N ASP E 76 57.27 29.65 33.32
CA ASP E 76 55.96 29.33 32.80
C ASP E 76 54.95 29.11 33.92
N GLU E 77 55.43 28.64 35.09
CA GLU E 77 54.51 28.43 36.18
C GLU E 77 54.09 29.74 36.83
N VAL E 78 54.89 30.77 36.66
CA VAL E 78 54.49 32.12 37.06
C VAL E 78 53.49 32.68 36.05
N ARG E 79 53.71 32.34 34.77
CA ARG E 79 52.82 32.81 33.71
C ARG E 79 51.42 32.19 33.84
N THR E 80 51.33 31.06 34.48
CA THR E 80 50.08 30.31 34.56
C THR E 80 49.60 30.21 35.98
N GLY E 81 50.33 30.76 36.93
CA GLY E 81 50.00 30.63 38.37
C GLY E 81 48.94 31.60 38.82
N THR E 82 48.92 31.93 40.10
CA THR E 82 48.02 32.94 40.65
C THR E 82 48.41 34.36 40.20
N TYR E 83 49.74 34.59 40.12
CA TYR E 83 50.26 35.88 39.74
C TYR E 83 50.52 35.93 38.26
N ARG E 84 49.47 35.69 37.45
CA ARG E 84 49.66 35.80 36.01
C ARG E 84 49.68 37.28 35.59
N HIS E 85 48.71 38.04 36.13
CA HIS E 85 48.49 39.40 35.68
C HIS E 85 49.11 40.40 36.61
N LEU E 86 49.86 39.95 37.63
CA LEU E 86 50.65 40.87 38.41
C LEU E 86 51.77 41.47 37.55
N PHE E 87 52.47 40.57 36.87
CA PHE E 87 53.66 40.98 36.13
C PHE E 87 53.27 41.33 34.71
N HIS E 88 53.94 42.33 34.15
CA HIS E 88 53.86 42.59 32.73
C HIS E 88 54.45 41.45 31.96
N PRO E 89 53.80 40.96 30.89
CA PRO E 89 54.25 39.71 30.24
C PRO E 89 55.65 39.75 29.65
N GLU E 90 56.18 40.96 29.31
CA GLU E 90 57.55 40.97 28.81
C GLU E 90 58.57 41.27 29.89
N GLN E 91 58.15 41.35 31.13
CA GLN E 91 59.12 41.32 32.23
C GLN E 91 59.53 39.88 32.54
N LEU E 92 58.81 38.86 32.05
CA LEU E 92 59.20 37.50 32.28
C LEU E 92 59.78 36.92 30.99
N ILE E 93 61.10 36.93 30.90
CA ILE E 93 61.81 36.62 29.68
C ILE E 93 62.36 35.21 29.77
N SER E 94 62.07 34.40 28.75
CA SER E 94 62.50 33.01 28.75
C SER E 94 63.28 32.68 27.50
N GLY E 95 64.31 31.85 27.65
CA GLY E 95 65.01 31.25 26.54
C GLY E 95 64.38 29.93 26.13
N LYS E 96 65.20 29.13 25.47
CA LYS E 96 64.73 27.87 24.87
C LYS E 96 65.45 26.68 25.49
N GLU E 97 66.78 26.79 25.69
CA GLU E 97 67.54 25.70 26.25
C GLU E 97 68.35 26.20 27.46
N ASP E 98 68.52 25.29 28.43
CA ASP E 98 69.17 25.57 29.68
C ASP E 98 70.66 25.86 29.48
N ALA E 99 71.26 26.59 30.42
CA ALA E 99 72.71 26.77 30.45
C ALA E 99 73.43 25.50 30.86
N ALA E 100 72.77 24.61 31.57
CA ALA E 100 73.21 23.27 31.95
C ALA E 100 74.53 23.35 32.74
N ASN E 101 74.50 24.04 33.88
CA ASN E 101 75.54 24.17 34.86
C ASN E 101 76.89 24.56 34.25
N ASN E 102 76.84 25.32 33.17
CA ASN E 102 78.04 25.71 32.45
C ASN E 102 78.09 27.24 32.46
N PHE E 103 79.17 27.75 33.05
CA PHE E 103 79.44 29.19 32.99
C PHE E 103 79.68 29.62 31.55
N ALA E 104 80.35 28.78 30.76
CA ALA E 104 80.68 29.10 29.39
C ALA E 104 79.42 29.20 28.53
N ARG E 105 78.42 28.44 28.80
CA ARG E 105 77.18 28.46 28.06
C ARG E 105 76.43 29.77 28.33
N GLY E 106 76.36 30.14 29.61
CA GLY E 106 75.59 31.31 30.01
C GLY E 106 76.27 32.63 29.63
N HIS E 107 77.58 32.59 29.36
CA HIS E 107 78.36 33.78 29.13
C HIS E 107 78.65 34.00 27.66
N TYR E 108 78.86 32.93 26.88
CA TYR E 108 79.31 33.09 25.51
C TYR E 108 78.24 32.69 24.49
N THR E 109 77.63 31.52 24.64
CA THR E 109 76.96 30.91 23.50
C THR E 109 75.50 31.31 23.43
N ILE E 110 74.75 30.95 24.48
CA ILE E 110 73.33 31.25 24.51
C ILE E 110 73.03 32.53 25.29
N GLY E 111 74.06 33.33 25.49
CA GLY E 111 74.01 34.55 26.30
C GLY E 111 73.39 35.69 25.51
N LYS E 112 73.92 35.89 24.30
CA LYS E 112 73.63 37.11 23.54
C LYS E 112 72.19 37.19 23.03
N GLU E 113 71.51 36.07 22.95
CA GLU E 113 70.14 36.06 22.45
C GLU E 113 69.13 36.59 23.47
N ILE E 114 69.49 36.58 24.76
CA ILE E 114 68.50 36.98 25.75
C ILE E 114 68.84 38.36 26.37
N VAL E 115 70.10 38.73 26.32
CA VAL E 115 70.52 39.91 27.07
C VAL E 115 70.05 41.18 26.37
N ASP E 116 70.00 41.19 25.09
CA ASP E 116 69.48 42.29 24.28
C ASP E 116 68.01 42.56 24.60
N LEU E 117 67.22 41.48 24.77
CA LEU E 117 65.84 41.65 25.13
C LEU E 117 65.69 42.12 26.59
N SER E 118 66.64 41.71 27.44
CA SER E 118 66.60 42.06 28.84
C SER E 118 66.92 43.54 29.04
N LEU E 119 67.92 44.04 28.30
CA LEU E 119 68.33 45.43 28.42
C LEU E 119 67.26 46.37 27.89
N ASP E 120 66.45 45.94 26.93
CA ASP E 120 65.35 46.74 26.44
C ASP E 120 64.29 46.96 27.52
N ARG E 121 64.03 45.88 28.30
CA ARG E 121 63.02 45.97 29.35
C ARG E 121 63.57 46.82 30.50
N ILE E 122 64.85 46.68 30.82
CA ILE E 122 65.43 47.42 31.92
C ILE E 122 65.46 48.91 31.60
N ARG E 123 65.76 49.26 30.34
CA ARG E 123 65.85 50.64 29.95
C ARG E 123 64.48 51.31 30.01
N LYS E 124 63.44 50.59 29.59
CA LYS E 124 62.09 51.13 29.60
C LYS E 124 61.59 51.30 31.03
N LEU E 125 62.07 50.45 31.93
CA LEU E 125 61.63 50.49 33.32
C LEU E 125 62.42 51.51 34.13
N ALA E 126 63.63 51.88 33.67
CA ALA E 126 64.47 52.80 34.41
C ALA E 126 64.26 54.24 33.97
N ASP E 127 63.68 54.49 32.78
CA ASP E 127 63.52 55.81 32.26
C ASP E 127 62.19 56.47 32.67
N ASN E 128 61.44 55.84 33.60
CA ASN E 128 60.18 56.42 34.02
C ASN E 128 60.44 57.63 34.90
N CYS E 129 61.25 57.44 35.97
CA CYS E 129 61.43 58.53 36.93
C CYS E 129 62.88 58.57 37.39
N THR E 130 63.64 59.44 36.72
CA THR E 130 65.09 59.47 36.89
C THR E 130 65.51 60.07 38.26
N GLY E 131 66.53 59.50 38.91
CA GLY E 131 66.63 59.60 40.34
C GLY E 131 66.39 58.26 41.03
N LEU E 132 66.41 57.16 40.29
CA LEU E 132 66.26 55.85 40.85
C LEU E 132 67.53 55.49 41.68
N GLN E 133 67.23 54.72 42.67
CA GLN E 133 68.15 54.40 43.74
C GLN E 133 69.21 53.39 43.28
N GLY E 134 68.81 52.33 42.59
CA GLY E 134 69.78 51.33 42.19
C GLY E 134 69.14 50.03 41.73
N PHE E 135 69.97 48.98 41.67
CA PHE E 135 69.57 47.68 41.14
C PHE E 135 69.76 46.61 42.20
N LEU E 136 68.79 45.73 42.36
CA LEU E 136 68.95 44.49 43.11
C LEU E 136 69.00 43.31 42.17
N MET E 137 70.06 42.52 42.28
CA MET E 137 70.27 41.34 41.46
C MET E 137 70.23 40.10 42.37
N PHE E 138 69.47 39.10 41.94
CA PHE E 138 69.32 37.84 42.64
C PHE E 138 69.76 36.70 41.77
N ASN E 139 70.69 35.90 42.26
CA ASN E 139 71.27 34.84 41.43
C ASN E 139 71.88 33.77 42.32
N ALA E 140 72.08 32.60 41.72
CA ALA E 140 72.78 31.51 42.36
C ALA E 140 74.16 31.45 41.75
N VAL E 141 75.21 31.47 42.58
CA VAL E 141 76.56 31.50 42.07
C VAL E 141 77.02 30.14 41.51
N GLY E 142 76.44 29.06 42.07
CA GLY E 142 76.87 27.74 41.67
C GLY E 142 76.24 27.24 40.38
N GLY E 143 75.19 27.96 39.89
CA GLY E 143 74.51 27.55 38.69
C GLY E 143 75.20 27.99 37.41
N GLY E 144 74.53 27.67 36.30
CA GLY E 144 75.00 28.04 34.97
C GLY E 144 74.53 29.45 34.59
N THR E 145 73.21 29.65 34.52
CA THR E 145 72.71 30.92 34.01
C THR E 145 72.78 31.99 35.10
N GLY E 146 72.75 31.61 36.35
CA GLY E 146 72.85 32.57 37.45
C GLY E 146 74.26 33.16 37.52
N SER E 147 75.27 32.41 37.13
CA SER E 147 76.63 32.88 37.12
C SER E 147 77.00 33.49 35.76
N GLY E 148 76.62 32.81 34.67
CA GLY E 148 77.02 33.21 33.34
C GLY E 148 76.29 34.47 32.90
N LEU E 149 74.99 34.46 32.93
CA LEU E 149 74.19 35.61 32.55
C LEU E 149 74.32 36.72 33.59
N GLY E 150 74.62 36.40 34.81
CA GLY E 150 74.88 37.37 35.86
C GLY E 150 76.10 38.24 35.54
N CYS E 151 77.15 37.64 34.99
CA CYS E 151 78.33 38.40 34.57
C CYS E 151 77.92 39.36 33.40
N LEU E 152 77.20 38.80 32.42
CA LEU E 152 77.01 39.50 31.16
C LEU E 152 76.09 40.70 31.38
N LEU E 153 75.10 40.53 32.24
CA LEU E 153 74.15 41.60 32.50
C LEU E 153 74.80 42.65 33.37
N LEU E 154 75.70 42.29 34.26
CA LEU E 154 76.38 43.27 35.10
C LEU E 154 77.42 44.07 34.31
N GLU E 155 78.06 43.45 33.31
CA GLU E 155 78.93 44.17 32.43
C GLU E 155 78.18 45.26 31.64
N ARG E 156 77.01 44.91 31.13
CA ARG E 156 76.25 45.84 30.31
C ARG E 156 75.61 46.94 31.15
N LEU E 157 75.25 46.60 32.40
CA LEU E 157 74.69 47.61 33.29
C LEU E 157 75.78 48.57 33.76
N SER E 158 77.01 48.10 33.90
CA SER E 158 78.10 48.93 34.36
C SER E 158 78.49 49.98 33.33
N VAL E 159 78.37 49.63 32.05
CA VAL E 159 78.76 50.51 30.98
C VAL E 159 77.68 51.57 30.77
N ASP E 160 76.43 51.24 30.96
CA ASP E 160 75.31 52.14 30.68
C ASP E 160 75.02 53.03 31.88
N TYR E 161 74.72 52.42 33.01
CA TYR E 161 74.45 53.14 34.24
C TYR E 161 75.68 53.07 35.13
N GLY E 162 76.64 53.95 34.82
CA GLY E 162 77.96 53.89 35.43
C GLY E 162 77.99 54.25 36.92
N LYS E 163 77.24 55.28 37.29
CA LYS E 163 77.34 55.87 38.61
C LYS E 163 76.32 55.32 39.59
N LYS E 164 75.86 54.13 39.40
CA LYS E 164 74.67 53.49 39.96
C LYS E 164 75.06 52.52 41.05
N SER E 165 74.11 52.31 41.99
CA SER E 165 74.37 51.33 43.06
C SER E 165 73.87 49.99 42.56
N LYS E 166 74.69 48.90 42.74
CA LYS E 166 74.24 47.60 42.26
C LYS E 166 74.43 46.60 43.39
N LEU E 167 73.35 46.25 44.04
CA LEU E 167 73.37 45.28 45.14
C LEU E 167 73.07 43.88 44.63
N ASN E 168 73.85 42.91 45.08
CA ASN E 168 73.78 41.54 44.60
C ASN E 168 73.51 40.66 45.82
N PHE E 169 72.58 39.73 45.68
CA PHE E 169 72.25 38.76 46.71
C PHE E 169 72.56 37.37 46.10
N CYS E 170 73.69 36.85 46.52
CA CYS E 170 74.22 35.61 45.94
C CYS E 170 73.85 34.46 46.86
N SER E 171 73.24 33.43 46.31
CA SER E 171 73.04 32.16 47.02
C SER E 171 74.31 31.35 46.86
N TRP E 172 75.31 31.65 47.71
CA TRP E 172 76.62 31.06 47.63
C TRP E 172 76.52 29.57 47.97
N PRO E 173 77.32 28.69 47.32
CA PRO E 173 77.38 27.30 47.70
C PRO E 173 77.89 27.06 49.12
N SER E 174 77.32 26.05 49.74
CA SER E 174 77.63 25.64 51.09
C SER E 174 78.99 24.92 51.14
N PRO E 175 79.67 24.92 52.30
CA PRO E 175 80.88 24.14 52.47
C PRO E 175 80.75 22.63 52.24
N GLN E 176 79.64 22.03 52.72
CA GLN E 176 79.53 20.59 52.57
C GLN E 176 78.51 20.17 51.53
N VAL E 177 77.34 20.81 51.44
CA VAL E 177 76.30 20.35 50.55
C VAL E 177 76.35 21.24 49.31
N SER E 178 76.30 20.62 48.12
CA SER E 178 76.39 21.41 46.92
C SER E 178 75.23 21.21 45.94
N THR E 179 74.81 19.98 45.72
CA THR E 179 73.82 19.57 44.73
C THR E 179 74.25 19.95 43.30
N ALA E 180 75.56 20.09 43.10
CA ALA E 180 76.19 19.97 41.78
C ALA E 180 77.68 19.65 41.95
N VAL E 181 78.35 19.26 40.88
CA VAL E 181 79.74 18.88 40.93
C VAL E 181 80.62 19.98 40.36
N VAL E 182 80.05 20.86 39.52
CA VAL E 182 80.90 21.78 38.78
C VAL E 182 80.99 23.13 39.51
N GLU E 183 80.47 23.20 40.68
CA GLU E 183 80.37 24.44 41.46
C GLU E 183 81.72 24.98 41.91
N PRO E 184 82.82 24.26 42.16
CA PRO E 184 84.10 24.96 42.31
C PRO E 184 84.53 25.74 41.08
N TYR E 185 84.19 25.25 39.90
CA TYR E 185 84.50 26.01 38.67
C TYR E 185 83.58 27.21 38.55
N ASN E 186 82.30 27.03 38.84
CA ASN E 186 81.33 28.08 38.62
C ASN E 186 81.52 29.25 39.59
N SER E 187 81.95 28.93 40.82
CA SER E 187 82.02 29.94 41.87
C SER E 187 83.24 30.84 41.68
N VAL E 188 84.38 30.24 41.30
CA VAL E 188 85.59 31.03 41.12
C VAL E 188 85.47 31.93 39.88
N LEU E 189 84.82 31.42 38.85
CA LEU E 189 84.62 32.20 37.63
C LEU E 189 83.62 33.33 37.82
N SER E 190 82.67 33.14 38.73
CA SER E 190 81.68 34.18 38.98
C SER E 190 82.28 35.30 39.81
N THR E 191 83.12 34.94 40.79
CA THR E 191 83.66 35.92 41.70
C THR E 191 84.66 36.84 40.99
N HIS E 192 85.29 36.39 39.91
CA HIS E 192 86.08 37.27 39.07
C HIS E 192 85.24 38.38 38.47
N SER E 193 84.04 38.02 38.05
CA SER E 193 83.18 39.00 37.37
C SER E 193 82.26 39.76 38.32
N LEU E 194 82.13 39.29 39.55
CA LEU E 194 81.43 40.02 40.59
C LEU E 194 82.34 41.04 41.29
N LEU E 195 83.67 40.84 41.21
CA LEU E 195 84.58 41.77 41.82
C LEU E 195 84.63 43.10 41.10
N GLU E 196 84.58 43.07 39.75
CA GLU E 196 84.69 44.36 39.06
C GLU E 196 83.32 44.97 38.72
N HIS E 197 82.22 44.21 38.99
CA HIS E 197 80.97 44.63 38.38
C HIS E 197 79.82 44.76 39.35
N THR E 198 79.94 44.32 40.59
CA THR E 198 78.90 44.61 41.57
C THR E 198 79.46 45.59 42.62
N ASP E 199 78.56 46.22 43.28
CA ASP E 199 78.88 47.34 44.19
C ASP E 199 78.82 46.84 45.65
N VAL E 200 77.81 46.05 46.00
CA VAL E 200 77.71 45.42 47.30
C VAL E 200 77.18 44.01 47.09
N ALA E 201 77.87 42.99 47.59
CA ALA E 201 77.44 41.62 47.49
C ALA E 201 77.18 41.01 48.87
N VAL E 202 76.01 40.43 49.05
CA VAL E 202 75.69 39.68 50.27
C VAL E 202 75.65 38.20 49.95
N MET E 203 76.41 37.44 50.73
CA MET E 203 76.48 35.99 50.62
C MET E 203 75.43 35.35 51.52
N LEU E 204 74.61 34.53 50.89
CA LEU E 204 73.61 33.72 51.62
C LEU E 204 73.96 32.26 51.31
N ASP E 205 73.96 31.43 52.34
CA ASP E 205 74.22 30.01 52.22
C ASP E 205 72.95 29.19 52.48
N ASN E 206 72.86 28.06 51.82
CA ASN E 206 71.66 27.25 51.91
C ASN E 206 71.63 26.44 53.21
N GLU E 207 72.76 25.88 53.62
CA GLU E 207 72.73 25.04 54.80
C GLU E 207 72.77 25.91 56.06
N ALA E 208 73.12 27.18 55.93
CA ALA E 208 72.95 28.11 57.04
C ALA E 208 71.47 28.33 57.35
N ILE E 209 70.65 28.47 56.33
CA ILE E 209 69.23 28.69 56.53
C ILE E 209 68.56 27.36 56.89
N TYR E 210 69.16 26.23 56.46
CA TYR E 210 68.68 24.93 56.90
C TYR E 210 68.81 24.79 58.40
N ASP E 211 69.96 25.18 58.95
CA ASP E 211 70.16 24.93 60.37
C ASP E 211 69.47 25.98 61.21
N ILE E 212 69.24 27.17 60.65
CA ILE E 212 68.43 28.19 61.34
C ILE E 212 67.01 27.67 61.47
N CYS E 213 66.47 27.08 60.42
CA CYS E 213 65.12 26.55 60.48
C CYS E 213 65.00 25.30 61.35
N ARG E 214 66.14 24.62 61.60
CA ARG E 214 66.10 23.44 62.44
C ARG E 214 66.09 23.83 63.93
N ARG E 215 66.84 24.84 64.31
CA ARG E 215 66.95 25.17 65.71
C ARG E 215 65.91 26.22 66.18
N ASN E 216 65.61 27.20 65.32
CA ASN E 216 64.74 28.28 65.70
C ASN E 216 63.29 27.99 65.36
N LEU E 217 62.97 27.34 64.26
CA LEU E 217 61.58 27.07 63.96
C LEU E 217 61.21 25.63 64.32
N ASP E 218 62.18 24.75 64.57
CA ASP E 218 62.01 23.33 64.76
C ASP E 218 61.24 22.69 63.57
N ILE E 219 61.65 23.04 62.36
CA ILE E 219 61.24 22.31 61.16
C ILE E 219 62.42 21.45 60.70
N GLU E 220 62.24 20.15 60.78
CA GLU E 220 63.31 19.22 60.43
C GLU E 220 63.38 18.95 58.95
N ARG E 221 62.33 19.23 58.18
CA ARG E 221 62.29 18.94 56.75
C ARG E 221 61.88 20.16 55.95
N PRO E 222 62.69 21.23 55.87
CA PRO E 222 62.23 22.42 55.12
C PRO E 222 62.48 22.25 53.63
N THR E 223 61.60 22.87 52.89
CA THR E 223 61.72 22.87 51.43
C THR E 223 62.38 24.15 51.00
N TYR E 224 62.48 24.35 49.68
CA TYR E 224 63.01 25.61 49.14
C TYR E 224 62.10 26.77 49.45
N THR E 225 60.81 26.53 49.61
CA THR E 225 59.87 27.60 49.90
C THR E 225 60.09 28.17 51.31
N ASN E 226 60.56 27.33 52.27
CA ASN E 226 60.72 27.93 53.59
C ASN E 226 62.05 28.67 53.73
N LEU E 227 63.01 28.33 52.86
CA LEU E 227 64.24 29.12 52.75
C LEU E 227 63.91 30.45 52.13
N ASN E 228 63.03 30.48 51.13
CA ASN E 228 62.84 31.69 50.37
C ASN E 228 62.01 32.74 51.12
N ARG E 229 61.15 32.26 52.03
CA ARG E 229 60.39 33.16 52.88
C ARG E 229 61.35 33.91 53.82
N LEU E 230 62.35 33.21 54.34
CA LEU E 230 63.31 33.80 55.25
C LEU E 230 64.19 34.82 54.55
N ILE E 231 64.52 34.54 53.28
CA ILE E 231 65.30 35.48 52.48
C ILE E 231 64.45 36.71 52.19
N ALA E 232 63.16 36.50 51.95
CA ALA E 232 62.25 37.60 51.63
C ALA E 232 62.10 38.53 52.82
N GLN E 233 62.16 38.00 54.05
CA GLN E 233 62.02 38.82 55.24
C GLN E 233 63.26 39.70 55.43
N VAL E 234 64.43 39.20 55.01
CA VAL E 234 65.64 39.97 55.14
C VAL E 234 65.60 41.16 54.17
N ILE E 235 65.15 40.89 52.92
CA ILE E 235 65.15 41.94 51.92
C ILE E 235 64.08 42.97 52.23
N SER E 236 62.96 42.55 52.80
CA SER E 236 61.91 43.48 53.18
C SER E 236 62.39 44.41 54.28
N SER E 237 63.16 43.85 55.25
CA SER E 237 63.67 44.68 56.33
C SER E 237 64.80 45.59 55.85
N LEU E 238 65.48 45.20 54.79
CA LEU E 238 66.57 46.01 54.23
C LEU E 238 66.01 47.26 53.55
N THR E 239 64.92 47.10 52.81
CA THR E 239 64.34 48.18 52.03
C THR E 239 63.12 48.78 52.72
N ALA E 240 62.94 48.53 54.01
CA ALA E 240 61.82 49.06 54.75
C ALA E 240 61.96 50.57 54.95
N SER E 241 63.19 51.05 55.04
CA SER E 241 63.43 52.47 55.26
C SER E 241 63.08 53.31 54.03
N LEU E 242 63.28 52.72 52.85
CA LEU E 242 62.92 53.39 51.61
C LEU E 242 61.40 53.49 51.47
N ARG E 243 60.66 52.52 51.98
CA ARG E 243 59.24 52.46 51.74
C ARG E 243 58.44 53.20 52.79
N PHE E 244 58.86 53.09 54.05
CA PHE E 244 58.05 53.64 55.15
C PHE E 244 58.85 54.68 55.89
N ASP E 245 58.15 55.52 56.65
CA ASP E 245 58.74 56.49 57.54
C ASP E 245 59.35 55.80 58.76
N GLY E 246 60.44 56.37 59.26
CA GLY E 246 61.04 55.86 60.46
C GLY E 246 61.73 56.96 61.26
N ALA E 247 62.15 56.62 62.46
CA ALA E 247 62.86 57.51 63.36
C ALA E 247 64.26 57.81 62.84
N LEU E 248 64.94 56.80 62.27
CA LEU E 248 66.23 57.03 61.67
C LEU E 248 66.36 56.14 60.44
N ASN E 249 66.05 56.71 59.27
CA ASN E 249 66.03 55.91 58.07
C ASN E 249 67.33 56.02 57.31
N VAL E 250 67.62 54.99 56.51
CA VAL E 250 68.76 54.96 55.63
C VAL E 250 68.29 54.36 54.32
N ASP E 251 68.69 54.91 53.17
CA ASP E 251 68.54 54.34 51.87
C ASP E 251 69.72 53.46 51.45
N VAL E 252 69.72 53.03 50.19
CA VAL E 252 70.66 52.05 49.73
C VAL E 252 71.99 52.71 49.40
N THR E 253 72.04 54.02 49.17
CA THR E 253 73.26 54.66 48.78
C THR E 253 74.26 54.77 49.94
N GLU E 254 73.71 54.83 51.18
CA GLU E 254 74.56 55.02 52.34
C GLU E 254 75.02 53.68 52.91
N PHE E 255 74.67 52.55 52.31
CA PHE E 255 75.27 51.27 52.65
C PHE E 255 76.72 51.20 52.24
N GLN E 256 77.04 51.71 51.07
CA GLN E 256 78.41 51.72 50.59
C GLN E 256 79.33 52.58 51.42
N THR E 257 78.81 53.67 51.96
CA THR E 257 79.61 54.60 52.76
C THR E 257 79.96 53.99 54.14
N ASN E 258 79.06 53.14 54.64
CA ASN E 258 79.06 52.68 56.00
C ASN E 258 79.50 51.24 56.10
N LEU E 259 79.60 50.51 55.01
CA LEU E 259 79.95 49.09 55.12
C LEU E 259 81.17 48.75 54.30
N VAL E 260 81.57 49.58 53.31
CA VAL E 260 82.63 49.13 52.42
C VAL E 260 83.84 50.02 52.66
N PRO E 261 84.86 49.55 53.40
CA PRO E 261 86.01 50.40 53.71
C PRO E 261 87.02 50.53 52.57
N TYR E 262 87.14 49.47 51.77
CA TYR E 262 88.06 49.41 50.64
C TYR E 262 87.29 48.91 49.45
N PRO E 263 87.67 49.30 48.20
CA PRO E 263 86.88 48.97 47.02
C PRO E 263 86.66 47.48 46.76
N ARG E 264 87.63 46.64 47.12
CA ARG E 264 87.48 45.21 46.83
C ARG E 264 86.73 44.48 47.94
N ILE E 265 86.68 45.06 49.14
CA ILE E 265 86.08 44.38 50.29
C ILE E 265 84.64 44.84 50.39
N HIS E 266 83.74 44.10 49.75
CA HIS E 266 82.33 44.41 49.82
C HIS E 266 81.52 43.10 49.86
N PHE E 267 82.02 42.15 50.66
CA PHE E 267 81.37 40.89 50.90
C PHE E 267 80.78 40.90 52.28
N MET E 268 79.49 40.66 52.33
CA MET E 268 78.71 40.85 53.56
C MET E 268 77.90 39.63 53.95
N LEU E 269 77.78 39.48 55.27
CA LEU E 269 76.98 38.41 55.85
C LEU E 269 75.62 38.98 56.20
N SER E 270 74.77 38.06 56.66
CA SER E 270 73.42 38.46 57.08
C SER E 270 73.02 37.72 58.35
N SER E 271 72.15 38.37 59.12
CA SER E 271 71.51 37.69 60.24
C SER E 271 70.14 38.33 60.49
N TYR E 272 69.18 37.50 60.86
CA TYR E 272 67.86 38.02 61.14
C TYR E 272 67.34 37.45 62.45
N ALA E 273 66.77 38.34 63.24
CA ALA E 273 66.37 37.96 64.60
C ALA E 273 65.23 38.88 65.03
N PRO E 274 64.14 38.34 65.64
CA PRO E 274 63.95 36.92 65.89
C PRO E 274 63.29 36.18 64.73
N ILE E 275 63.65 34.91 64.56
CA ILE E 275 62.94 34.01 63.68
C ILE E 275 62.33 32.93 64.56
N ILE E 276 61.10 33.16 65.00
CA ILE E 276 60.50 32.34 66.02
C ILE E 276 59.10 31.93 65.57
N SER E 277 58.75 30.69 65.91
CA SER E 277 57.45 30.14 65.59
C SER E 277 56.44 30.59 66.61
N ALA E 278 55.20 30.09 66.51
CA ALA E 278 54.14 30.36 67.45
C ALA E 278 54.40 29.66 68.80
N GLU E 279 55.25 28.63 68.84
CA GLU E 279 55.56 27.97 70.08
C GLU E 279 56.53 28.83 70.90
N LYS E 280 57.43 29.55 70.24
CA LYS E 280 58.43 30.32 70.95
C LYS E 280 58.02 31.77 71.18
N ALA E 281 57.14 32.33 70.33
CA ALA E 281 56.75 33.72 70.49
C ALA E 281 55.83 33.95 71.68
N TYR E 282 55.15 32.86 72.08
CA TYR E 282 54.33 32.81 73.28
C TYR E 282 55.16 33.03 74.53
N HIS E 283 56.42 32.59 74.50
CA HIS E 283 57.17 32.52 75.76
C HIS E 283 58.28 33.54 75.83
N GLU E 284 58.74 34.10 74.71
CA GLU E 284 59.74 35.12 74.75
C GLU E 284 59.13 36.50 74.87
N GLN E 285 59.65 37.37 75.76
CA GLN E 285 59.78 38.78 75.53
C GLN E 285 60.80 39.03 74.39
N LEU E 286 60.39 39.98 73.55
CA LEU E 286 61.26 40.31 72.43
C LEU E 286 61.77 41.72 72.61
N SER E 287 62.54 41.98 73.64
CA SER E 287 63.10 43.28 73.91
C SER E 287 64.22 43.56 72.91
N VAL E 288 64.51 44.85 72.72
CA VAL E 288 65.49 45.28 71.73
C VAL E 288 66.87 44.76 72.12
N ALA E 289 67.12 44.63 73.44
CA ALA E 289 68.40 44.14 73.91
C ALA E 289 68.59 42.69 73.55
N GLU E 290 67.52 41.88 73.61
CA GLU E 290 67.65 40.45 73.47
C GLU E 290 67.65 40.04 71.99
N ILE E 291 66.93 40.79 71.15
CA ILE E 291 66.91 40.44 69.73
C ILE E 291 68.21 40.86 69.06
N THR E 292 68.92 41.82 69.66
CA THR E 292 70.21 42.19 69.11
C THR E 292 71.32 41.29 69.62
N ASN E 293 71.10 40.64 70.76
CA ASN E 293 72.04 39.64 71.26
C ASN E 293 71.96 38.40 70.38
N SER E 294 70.74 38.01 70.00
CA SER E 294 70.55 36.85 69.13
C SER E 294 71.00 37.11 67.71
N ALA E 295 71.07 38.38 67.30
CA ALA E 295 71.53 38.71 65.95
C ALA E 295 73.04 38.47 65.82
N PHE E 296 73.79 38.75 66.89
CA PHE E 296 75.23 38.61 66.86
C PHE E 296 75.68 37.22 67.28
N GLU E 297 74.74 36.35 67.67
CA GLU E 297 75.08 35.00 68.08
C GLU E 297 75.59 34.24 66.85
N PRO E 298 76.73 33.53 66.93
CA PRO E 298 77.39 33.04 65.72
C PRO E 298 76.59 31.94 65.01
N ALA E 299 75.68 31.23 65.75
CA ALA E 299 74.95 30.20 65.03
C ALA E 299 73.71 30.74 64.37
N SER E 300 73.39 32.00 64.57
CA SER E 300 72.25 32.66 63.94
C SER E 300 72.64 33.45 62.69
N MET E 301 73.94 33.39 62.32
CA MET E 301 74.40 33.94 61.08
C MET E 301 73.91 33.08 59.91
N MET E 302 73.79 33.72 58.76
CA MET E 302 73.02 33.13 57.66
C MET E 302 73.96 32.94 56.48
N ALA E 303 75.20 32.53 56.76
CA ALA E 303 76.18 32.26 55.70
C ALA E 303 77.03 31.04 56.03
N LYS E 304 76.88 30.40 57.21
CA LYS E 304 77.72 29.30 57.62
C LYS E 304 79.19 29.68 57.60
N CYS E 305 79.49 30.73 58.36
CA CYS E 305 80.85 31.25 58.47
C CYS E 305 80.94 31.81 59.87
N ASP E 306 81.62 31.05 60.74
CA ASP E 306 81.65 31.37 62.15
C ASP E 306 82.49 32.63 62.33
N PRO E 307 81.90 33.74 62.85
CA PRO E 307 82.63 34.98 62.99
C PRO E 307 83.52 35.08 64.24
N ARG E 308 83.66 34.00 65.00
CA ARG E 308 84.55 33.98 66.13
C ARG E 308 86.02 34.12 65.71
N HIS E 309 86.37 33.56 64.52
CA HIS E 309 87.73 33.63 64.08
C HIS E 309 87.93 34.74 63.05
N GLY E 310 87.14 35.81 63.18
CA GLY E 310 87.32 36.97 62.32
C GLY E 310 87.06 38.23 63.16
N LYS E 311 87.36 39.37 62.51
CA LYS E 311 87.17 40.66 63.11
C LYS E 311 86.16 41.44 62.31
N TYR E 312 85.18 42.01 62.99
CA TYR E 312 84.10 42.75 62.36
C TYR E 312 84.70 44.08 61.89
N MET E 313 84.63 44.30 60.60
CA MET E 313 85.14 45.54 60.00
C MET E 313 84.11 46.67 60.13
N ALA E 314 82.84 46.34 59.94
CA ALA E 314 81.75 47.29 59.96
C ALA E 314 80.46 46.50 60.10
N CYS E 315 79.47 47.09 60.80
CA CYS E 315 78.21 46.38 61.02
C CYS E 315 77.06 47.35 60.90
N CYS E 316 75.97 46.90 60.31
CA CYS E 316 74.80 47.74 60.03
C CYS E 316 73.55 47.05 60.52
N LEU E 317 72.85 47.71 61.45
CA LEU E 317 71.69 47.15 62.11
C LEU E 317 70.42 47.87 61.69
N MET E 318 69.47 47.10 61.22
CA MET E 318 68.17 47.60 60.78
C MET E 318 67.12 47.14 61.74
N TYR E 319 66.71 47.99 62.66
CA TYR E 319 65.61 47.64 63.57
C TYR E 319 64.31 48.02 62.89
N ARG E 320 63.29 47.19 63.13
CA ARG E 320 62.01 47.38 62.49
C ARG E 320 60.92 47.07 63.50
N GLY E 321 60.08 48.04 63.83
CA GLY E 321 58.96 47.79 64.70
C GLY E 321 58.91 48.79 65.83
N ASP E 322 58.34 48.38 66.97
CA ASP E 322 58.14 49.24 68.13
C ASP E 322 59.50 49.35 68.86
N VAL E 323 60.40 50.09 68.26
CA VAL E 323 61.77 50.19 68.76
C VAL E 323 62.03 51.67 69.08
N VAL E 324 62.35 51.94 70.33
CA VAL E 324 62.72 53.29 70.73
C VAL E 324 64.23 53.46 70.54
N PRO E 325 64.72 54.63 70.13
CA PRO E 325 66.15 54.78 69.88
C PRO E 325 67.06 54.72 71.11
N LYS E 326 66.50 54.89 72.32
CA LYS E 326 67.31 54.79 73.51
C LYS E 326 67.67 53.35 73.84
N ASP E 327 66.82 52.39 73.50
CA ASP E 327 67.13 51.00 73.74
C ASP E 327 68.12 50.45 72.72
N VAL E 328 68.18 51.10 71.54
CA VAL E 328 69.15 50.72 70.54
C VAL E 328 70.55 51.08 71.03
N ASN E 329 70.69 52.28 71.57
CA ASN E 329 71.97 52.79 72.04
C ASN E 329 72.45 51.99 73.25
N ALA E 330 71.52 51.55 74.11
CA ALA E 330 71.88 50.73 75.24
C ALA E 330 72.29 49.33 74.81
N ALA E 331 71.64 48.83 73.75
CA ALA E 331 71.87 47.44 73.31
C ALA E 331 73.17 47.34 72.54
N VAL E 332 73.53 48.37 71.76
CA VAL E 332 74.77 48.35 71.02
C VAL E 332 75.96 48.56 71.96
N ALA E 333 75.72 49.25 73.07
CA ALA E 333 76.77 49.46 74.07
C ALA E 333 77.12 48.14 74.76
N THR E 334 76.12 47.29 74.99
CA THR E 334 76.36 46.01 75.61
C THR E 334 77.20 45.12 74.68
N ILE E 335 76.97 45.22 73.36
CA ILE E 335 77.69 44.42 72.40
C ILE E 335 79.17 44.83 72.39
N LYS E 336 79.43 46.13 72.45
CA LYS E 336 80.79 46.64 72.41
C LYS E 336 81.56 46.18 73.65
N THR E 337 80.88 46.15 74.80
CA THR E 337 81.55 45.77 76.03
C THR E 337 81.78 44.27 76.11
N LYS E 338 80.98 43.47 75.41
CA LYS E 338 81.16 42.02 75.42
C LYS E 338 82.44 41.68 74.66
N ARG E 339 83.20 40.72 75.20
CA ARG E 339 84.55 40.49 74.76
C ARG E 339 84.65 39.36 73.73
N THR E 340 83.57 38.62 73.49
CA THR E 340 83.64 37.47 72.61
C THR E 340 83.66 37.89 71.15
N ILE E 341 83.16 39.10 70.82
CA ILE E 341 83.28 39.61 69.47
C ILE E 341 84.61 40.35 69.38
N GLN E 342 85.17 40.40 68.21
CA GLN E 342 86.37 41.21 67.99
C GLN E 342 86.07 42.26 66.96
N PHE E 343 86.29 43.54 67.23
CA PHE E 343 86.26 44.55 66.17
C PHE E 343 87.69 44.86 65.74
N VAL E 344 87.81 45.39 64.54
CA VAL E 344 89.11 45.80 64.04
C VAL E 344 89.50 47.12 64.68
N ASP E 345 90.80 47.36 64.82
CA ASP E 345 91.27 48.44 65.69
C ASP E 345 91.01 49.81 65.00
N TRP E 346 91.07 49.85 63.69
CA TRP E 346 91.02 51.11 62.96
C TRP E 346 89.60 51.51 62.60
N CYS E 347 88.59 50.78 63.08
CA CYS E 347 87.20 51.21 62.96
C CYS E 347 86.59 51.29 64.34
N PRO E 348 86.73 52.44 65.04
CA PRO E 348 86.08 52.59 66.34
C PRO E 348 84.54 52.63 66.29
N THR E 349 84.01 53.34 65.29
CA THR E 349 82.57 53.53 65.18
C THR E 349 82.07 52.47 64.20
N GLY E 350 81.96 51.31 64.79
CA GLY E 350 81.74 50.05 64.08
C GLY E 350 80.27 49.77 63.75
N PHE E 351 79.37 50.70 64.06
CA PHE E 351 77.96 50.48 64.00
C PHE E 351 77.25 51.56 63.22
N LYS E 352 76.25 51.14 62.42
CA LYS E 352 75.24 52.03 61.93
C LYS E 352 73.88 51.52 62.36
N CYS E 353 73.13 52.35 63.05
CA CYS E 353 71.81 52.07 63.52
C CYS E 353 70.72 52.55 62.57
N GLY E 354 69.62 51.87 62.52
CA GLY E 354 68.50 52.34 61.68
C GLY E 354 67.22 51.81 62.23
N ILE E 355 66.21 52.67 62.30
CA ILE E 355 64.94 52.39 62.96
C ILE E 355 63.83 52.66 61.97
N ASN E 356 62.93 51.69 61.85
CA ASN E 356 61.71 51.87 61.06
C ASN E 356 60.50 51.56 61.94
N TYR E 357 59.36 52.14 61.62
CA TYR E 357 58.20 52.08 62.47
C TYR E 357 57.36 50.85 62.22
N GLN E 358 57.25 50.46 60.96
CA GLN E 358 56.27 49.46 60.55
C GLN E 358 56.78 48.07 60.91
N PRO E 359 56.03 47.29 61.70
CA PRO E 359 56.48 45.97 62.11
C PRO E 359 56.52 45.01 60.91
N PRO E 360 57.37 43.96 60.99
CA PRO E 360 57.48 43.03 59.88
C PRO E 360 56.19 42.27 59.60
N THR E 361 55.83 42.15 58.32
CA THR E 361 54.59 41.53 57.95
C THR E 361 54.72 40.00 57.87
N VAL E 362 53.63 39.37 58.19
CA VAL E 362 53.56 37.90 58.21
C VAL E 362 52.76 37.46 57.01
N VAL E 363 53.27 36.44 56.32
CA VAL E 363 52.46 35.76 55.31
C VAL E 363 51.51 34.82 56.03
N PRO E 364 50.20 34.85 55.72
CA PRO E 364 49.26 33.90 56.31
C PRO E 364 49.57 32.48 55.85
N GLY E 365 49.46 31.55 56.80
CA GLY E 365 49.77 30.15 56.56
C GLY E 365 51.27 29.89 56.41
N GLY E 366 52.10 30.89 56.74
CA GLY E 366 53.53 30.69 56.72
C GLY E 366 54.01 30.03 58.02
N ASP E 367 55.30 30.19 58.28
CA ASP E 367 55.91 29.47 59.40
C ASP E 367 56.41 30.40 60.48
N LEU E 368 56.55 31.70 60.19
CA LEU E 368 56.87 32.68 61.22
C LEU E 368 55.62 33.06 62.01
N ALA E 369 55.83 33.64 63.16
CA ALA E 369 54.80 34.24 63.99
C ALA E 369 54.85 35.76 63.86
N LYS E 370 53.79 36.42 64.30
CA LYS E 370 53.72 37.85 64.43
C LYS E 370 54.71 38.37 65.47
N VAL E 371 55.65 39.17 65.02
CA VAL E 371 56.63 39.74 65.94
C VAL E 371 56.47 41.25 65.96
N MET E 372 56.71 41.83 67.12
CA MET E 372 56.45 43.26 67.25
C MET E 372 57.68 44.07 66.81
N ARG E 373 58.86 43.46 66.88
CA ARG E 373 60.09 44.16 66.51
C ARG E 373 61.09 43.09 66.07
N ALA E 374 61.93 43.49 65.11
CA ALA E 374 62.89 42.58 64.50
C ALA E 374 64.12 43.36 64.07
N VAL E 375 65.22 42.62 63.89
CA VAL E 375 66.51 43.17 63.52
C VAL E 375 67.01 42.38 62.31
N CYS E 376 67.53 43.15 61.34
CA CYS E 376 68.31 42.59 60.27
C CYS E 376 69.71 43.18 60.33
N MET E 377 70.71 42.28 60.35
CA MET E 377 72.09 42.71 60.50
C MET E 377 72.86 42.33 59.24
N ILE E 378 73.56 43.32 58.67
CA ILE E 378 74.45 43.09 57.57
C ILE E 378 75.84 43.55 57.98
N SER E 379 76.78 42.58 57.95
CA SER E 379 78.09 42.80 58.57
C SER E 379 79.18 42.51 57.55
N ASN E 380 80.22 43.30 57.64
CA ASN E 380 81.44 43.01 56.90
C ASN E 380 82.45 42.51 57.89
N SER E 381 83.04 41.34 57.63
CA SER E 381 84.03 40.82 58.59
C SER E 381 85.21 40.20 57.85
N THR E 382 86.27 39.93 58.57
CA THR E 382 87.43 39.25 58.04
C THR E 382 87.29 37.74 58.15
N ALA E 383 86.12 37.26 58.63
CA ALA E 383 85.87 35.83 58.67
C ALA E 383 85.59 35.26 57.28
N ILE E 384 85.33 36.13 56.30
CA ILE E 384 85.06 35.74 54.94
C ILE E 384 86.27 35.15 54.25
N ALA E 385 87.46 35.27 54.88
CA ALA E 385 88.66 34.60 54.35
C ALA E 385 88.46 33.08 54.27
N GLU E 386 87.69 32.50 55.19
CA GLU E 386 87.52 31.06 55.19
C GLU E 386 86.59 30.59 54.06
N VAL E 387 85.59 31.43 53.72
CA VAL E 387 84.58 30.98 52.78
C VAL E 387 85.14 31.06 51.36
N PHE E 388 86.17 31.92 51.16
CA PHE E 388 86.78 31.95 49.83
C PHE E 388 87.95 30.97 49.79
N SER E 389 88.63 30.71 50.94
CA SER E 389 89.76 29.83 50.90
C SER E 389 89.32 28.38 50.74
N ARG E 390 88.11 28.04 51.22
CA ARG E 390 87.65 26.67 51.07
C ARG E 390 87.26 26.38 49.62
N MET E 391 86.70 27.34 48.96
CA MET E 391 86.37 27.19 47.55
C MET E 391 87.64 27.22 46.70
N ASP E 392 88.65 27.96 47.17
CA ASP E 392 89.95 28.00 46.53
C ASP E 392 90.59 26.61 46.56
N HIS E 393 90.41 25.90 47.66
CA HIS E 393 90.97 24.56 47.80
C HIS E 393 90.27 23.59 46.86
N LYS E 394 88.97 23.68 46.80
CA LYS E 394 88.18 22.68 46.06
C LYS E 394 88.33 22.86 44.57
N PHE E 395 88.60 24.09 44.10
CA PHE E 395 88.96 24.33 42.73
C PHE E 395 90.33 23.78 42.38
N ASP E 396 91.27 23.80 43.33
CA ASP E 396 92.56 23.25 43.16
C ASP E 396 92.57 21.73 42.97
N LEU E 397 91.69 21.04 43.65
CA LEU E 397 91.58 19.60 43.56
C LEU E 397 91.03 19.21 42.16
N MET E 398 90.06 19.97 41.69
CA MET E 398 89.36 19.63 40.47
C MET E 398 90.25 19.92 39.26
N TYR E 399 90.92 21.09 39.32
CA TYR E 399 91.73 21.55 38.20
C TYR E 399 93.09 20.91 38.17
N ALA E 400 93.45 20.13 39.23
CA ALA E 400 94.72 19.42 39.32
C ALA E 400 94.97 18.55 38.09
N LYS E 401 93.96 17.85 37.64
CA LYS E 401 94.10 17.07 36.43
C LYS E 401 92.95 17.31 35.47
N ARG E 402 92.45 18.53 35.45
CA ARG E 402 91.58 19.04 34.41
C ARG E 402 90.29 18.24 34.21
N ALA E 403 89.60 18.05 35.32
CA ALA E 403 88.28 17.40 35.30
C ALA E 403 87.26 18.46 34.93
N PHE E 404 86.29 18.05 34.10
CA PHE E 404 85.12 18.85 33.69
C PHE E 404 85.51 20.13 32.95
N VAL E 405 86.72 20.21 32.46
CA VAL E 405 87.24 21.40 31.81
C VAL E 405 86.80 21.42 30.35
N HIS E 406 86.68 20.23 29.73
CA HIS E 406 86.41 20.10 28.31
C HIS E 406 85.01 20.59 27.97
N TRP E 407 84.11 20.61 28.93
CA TRP E 407 82.80 21.19 28.73
C TRP E 407 82.86 22.69 28.64
N TYR E 408 83.81 23.33 29.30
CA TYR E 408 83.94 24.77 29.23
C TYR E 408 84.75 25.14 27.99
N VAL E 409 85.90 24.51 27.82
CA VAL E 409 86.93 25.04 26.91
C VAL E 409 86.50 24.74 25.49
N GLY E 410 85.87 23.57 25.27
CA GLY E 410 85.46 23.23 23.90
C GLY E 410 84.26 24.05 23.41
N GLU E 411 83.53 24.57 24.39
CA GLU E 411 82.19 25.17 24.24
C GLU E 411 82.33 26.69 24.28
N GLY E 412 83.52 27.30 24.31
CA GLY E 412 83.64 28.66 23.79
C GLY E 412 84.61 29.56 24.56
N MET E 413 84.97 29.20 25.75
CA MET E 413 85.90 30.02 26.51
C MET E 413 87.29 29.40 26.41
N GLU E 414 88.30 30.22 26.69
CA GLU E 414 89.70 29.86 26.44
C GLU E 414 90.35 29.35 27.72
N GLU E 415 91.23 28.37 27.56
CA GLU E 415 91.94 27.80 28.71
C GLU E 415 92.92 28.89 29.21
N GLY E 416 92.76 29.24 30.50
CA GLY E 416 93.56 30.35 30.97
C GLY E 416 92.73 31.37 31.71
N GLU E 417 91.44 31.41 31.36
CA GLU E 417 90.50 32.18 32.14
C GLU E 417 90.25 31.53 33.49
N PHE E 418 90.45 30.19 33.57
CA PHE E 418 90.47 29.54 34.88
C PHE E 418 91.66 30.04 35.70
N SER E 419 92.83 30.20 35.03
CA SER E 419 94.03 30.56 35.75
C SER E 419 93.96 32.02 36.18
N GLU E 420 93.40 32.89 35.32
CA GLU E 420 93.30 34.31 35.60
C GLU E 420 92.31 34.56 36.74
N ALA E 421 91.22 33.79 36.77
CA ALA E 421 90.22 33.93 37.82
C ALA E 421 90.78 33.44 39.15
N ARG E 422 91.65 32.42 39.10
CA ARG E 422 92.25 31.86 40.30
C ARG E 422 93.21 32.86 40.93
N GLU E 423 94.03 33.54 40.12
CA GLU E 423 94.94 34.51 40.66
C GLU E 423 94.19 35.74 41.20
N ASP E 424 93.03 36.05 40.64
CA ASP E 424 92.23 37.11 41.19
C ASP E 424 91.69 36.74 42.58
N LEU E 425 91.25 35.50 42.72
CA LEU E 425 90.81 35.02 44.02
C LEU E 425 91.99 34.92 45.01
N ALA E 426 93.17 34.58 44.49
CA ALA E 426 94.36 34.55 45.33
C ALA E 426 94.71 35.97 45.81
N ALA E 427 94.49 36.96 44.94
CA ALA E 427 94.73 38.36 45.30
C ALA E 427 93.73 38.81 46.37
N LEU E 428 92.50 38.29 46.30
CA LEU E 428 91.49 38.66 47.28
C LEU E 428 91.83 38.07 48.65
N GLU E 429 92.41 36.86 48.68
CA GLU E 429 92.80 36.26 49.92
C GLU E 429 93.91 37.01 50.61
N LYS E 430 94.88 37.51 49.81
CA LYS E 430 95.94 38.27 50.41
C LYS E 430 95.43 39.64 50.88
N ASP E 431 94.39 40.17 50.24
CA ASP E 431 93.83 41.46 50.60
C ASP E 431 93.14 41.39 51.97
N TYR E 432 92.40 40.29 52.20
CA TYR E 432 91.73 40.13 53.49
C TYR E 432 92.72 39.92 54.62
N GLU E 433 93.84 39.25 54.31
CA GLU E 433 94.85 38.97 55.31
C GLU E 433 95.59 40.27 55.69
N GLU E 434 95.81 41.15 54.71
CA GLU E 434 96.59 42.35 54.96
C GLU E 434 95.78 43.38 55.72
N VAL E 435 94.46 43.35 55.57
CA VAL E 435 93.62 44.34 56.23
C VAL E 435 93.50 44.02 57.73
N GLY E 436 93.49 42.74 58.07
CA GLY E 436 93.26 42.28 59.42
C GLY E 436 94.43 42.45 60.39
N ILE E 437 95.58 42.92 59.93
CA ILE E 437 96.78 43.03 60.74
C ILE E 437 96.75 44.23 61.71
N MET F 1 34.31 73.16 -1.35
CA MET F 1 35.22 74.23 -0.85
C MET F 1 36.62 73.69 -0.90
N ARG F 2 37.38 73.74 0.16
CA ARG F 2 38.70 73.17 0.34
C ARG F 2 38.78 71.64 0.54
N GLU F 3 39.41 70.97 -0.39
CA GLU F 3 39.14 69.53 -0.61
C GLU F 3 40.40 68.90 -1.15
N VAL F 4 40.48 67.58 -0.94
CA VAL F 4 41.66 66.80 -1.30
C VAL F 4 41.17 65.51 -1.96
N ILE F 5 41.88 65.10 -3.01
CA ILE F 5 41.43 64.01 -3.86
C ILE F 5 42.31 62.81 -3.60
N SER F 6 41.70 61.68 -3.30
CA SER F 6 42.41 60.42 -3.09
C SER F 6 42.38 59.55 -4.34
N ILE F 7 43.53 59.07 -4.78
CA ILE F 7 43.61 58.20 -5.94
C ILE F 7 44.19 56.86 -5.50
N HIS F 8 43.48 55.75 -5.86
CA HIS F 8 43.99 54.44 -5.51
C HIS F 8 44.23 53.63 -6.77
N VAL F 9 45.51 53.35 -7.07
CA VAL F 9 45.87 52.67 -8.27
C VAL F 9 46.59 51.38 -7.95
N GLY F 10 46.07 50.27 -8.53
CA GLY F 10 46.65 48.97 -8.21
C GLY F 10 45.98 48.33 -6.98
N GLN F 11 46.20 47.03 -6.81
CA GLN F 11 45.45 46.24 -5.87
C GLN F 11 45.73 46.66 -4.43
N ALA F 12 46.96 46.89 -4.12
CA ALA F 12 47.43 47.31 -2.80
C ALA F 12 46.82 48.68 -2.45
N GLY F 13 46.79 49.59 -3.46
CA GLY F 13 46.21 50.89 -3.23
C GLY F 13 44.72 50.81 -2.92
N ILE F 14 44.04 49.93 -3.66
CA ILE F 14 42.58 49.81 -3.51
C ILE F 14 42.25 49.18 -2.18
N GLN F 15 42.92 48.14 -1.77
CA GLN F 15 42.59 47.46 -0.50
C GLN F 15 43.00 48.29 0.72
N ILE F 16 44.04 49.09 0.60
CA ILE F 16 44.36 50.07 1.64
C ILE F 16 43.27 51.14 1.65
N GLY F 17 42.84 51.56 0.47
CA GLY F 17 41.78 52.56 0.36
C GLY F 17 40.41 52.03 0.82
N ASN F 18 40.20 50.74 0.68
CA ASN F 18 38.99 50.10 1.17
C ASN F 18 38.94 50.16 2.68
N ALA F 19 40.07 49.96 3.34
CA ALA F 19 40.18 50.10 4.78
C ALA F 19 40.08 51.58 5.20
N CYS F 20 40.56 52.47 4.37
CA CYS F 20 40.50 53.90 4.65
C CYS F 20 39.02 54.41 4.70
N TRP F 21 38.26 53.94 3.71
CA TRP F 21 36.92 54.46 3.55
C TRP F 21 35.88 53.86 4.51
N GLU F 22 36.17 52.86 5.32
CA GLU F 22 35.19 52.66 6.40
C GLU F 22 35.44 53.67 7.52
N LEU F 23 36.71 53.97 7.75
CA LEU F 23 37.12 54.77 8.89
C LEU F 23 36.74 56.24 8.66
N PHE F 24 36.87 56.74 7.42
CA PHE F 24 36.41 58.07 7.13
C PHE F 24 34.89 58.23 7.23
N CYS F 25 34.20 57.17 6.85
CA CYS F 25 32.75 57.10 6.90
C CYS F 25 32.28 57.07 8.34
N LEU F 26 33.00 56.33 9.20
CA LEU F 26 32.59 56.19 10.57
C LEU F 26 32.91 57.44 11.39
N GLU F 27 33.95 58.16 11.01
CA GLU F 27 34.34 59.35 11.75
C GLU F 27 33.38 60.50 11.50
N HIS F 28 32.87 60.60 10.29
CA HIS F 28 31.87 61.62 9.98
C HIS F 28 30.45 61.14 10.16
N GLY F 29 30.30 59.85 10.50
CA GLY F 29 28.99 59.28 10.81
C GLY F 29 28.10 59.16 9.57
N ILE F 30 28.68 58.92 8.39
CA ILE F 30 27.85 58.60 7.25
C ILE F 30 27.71 57.08 7.14
N GLN F 31 26.65 56.62 6.59
CA GLN F 31 26.29 55.23 6.50
C GLN F 31 26.84 54.69 5.19
N PRO F 32 26.94 53.35 4.99
CA PRO F 32 27.19 52.77 3.69
C PRO F 32 26.34 53.24 2.51
N ASP F 33 25.11 53.75 2.80
CA ASP F 33 24.42 54.33 1.61
C ASP F 33 25.10 55.63 1.15
N GLY F 34 25.47 56.42 2.18
CA GLY F 34 26.11 57.71 1.90
C GLY F 34 25.28 58.89 2.38
N GLN F 35 24.24 58.64 3.18
CA GLN F 35 23.52 59.76 3.77
C GLN F 35 23.63 59.64 5.30
N MET F 36 23.76 60.76 5.99
CA MET F 36 23.70 60.80 7.42
C MET F 36 22.24 60.74 7.91
N PRO F 37 21.98 60.06 9.04
CA PRO F 37 20.66 60.10 9.65
C PRO F 37 20.42 61.38 10.46
N ASP F 47 29.91 70.96 8.31
CA ASP F 47 30.55 71.23 7.01
C ASP F 47 32.06 71.01 7.12
N ALA F 48 32.47 70.29 8.17
CA ALA F 48 33.85 69.86 8.33
C ALA F 48 34.19 68.70 7.39
N PHE F 49 33.14 67.92 6.99
CA PHE F 49 33.37 66.75 6.18
C PHE F 49 33.39 67.07 4.69
N ASN F 50 33.30 68.34 4.31
CA ASN F 50 33.39 68.82 2.96
C ASN F 50 34.76 68.59 2.34
N THR F 51 35.78 68.35 3.13
CA THR F 51 37.11 68.17 2.58
C THR F 51 37.31 66.77 1.97
N PHE F 52 36.44 65.82 2.34
CA PHE F 52 36.50 64.48 1.76
C PHE F 52 35.20 64.04 1.10
N PHE F 53 34.09 64.65 1.45
CA PHE F 53 32.81 64.27 0.90
C PHE F 53 32.14 65.41 0.13
N SER F 54 31.65 65.06 -1.04
CA SER F 54 30.91 66.06 -1.82
C SER F 54 29.42 65.99 -1.54
N GLU F 55 28.70 67.07 -1.39
CA GLU F 55 27.28 67.03 -1.21
C GLU F 55 26.59 66.65 -2.51
N THR F 56 25.70 65.70 -2.44
CA THR F 56 24.92 65.24 -3.59
C THR F 56 23.43 65.23 -3.24
N GLY F 57 22.80 66.39 -3.31
CA GLY F 57 21.39 66.55 -3.10
C GLY F 57 20.99 66.36 -1.63
N ALA F 58 19.94 65.56 -1.45
CA ALA F 58 19.24 65.47 -0.15
C ALA F 58 19.99 64.59 0.84
N GLY F 59 21.08 65.13 1.38
CA GLY F 59 21.82 64.55 2.48
C GLY F 59 22.75 63.42 2.07
N LYS F 60 22.81 63.07 0.78
CA LYS F 60 23.78 62.09 0.34
C LYS F 60 25.15 62.75 0.16
N HIS F 61 26.19 61.99 0.49
CA HIS F 61 27.57 62.41 0.33
C HIS F 61 28.29 61.35 -0.50
N VAL F 62 29.11 61.83 -1.45
CA VAL F 62 29.94 60.91 -2.23
C VAL F 62 31.40 61.19 -1.91
N PRO F 63 32.23 60.16 -1.71
CA PRO F 63 33.65 60.36 -1.54
C PRO F 63 34.37 60.94 -2.73
N ARG F 64 35.46 61.64 -2.41
CA ARG F 64 36.33 62.19 -3.43
C ARG F 64 37.49 61.24 -3.67
N CYS F 65 37.16 60.05 -4.14
CA CYS F 65 38.15 59.04 -4.41
C CYS F 65 37.87 58.34 -5.73
N VAL F 66 38.96 58.01 -6.41
CA VAL F 66 38.88 57.39 -7.72
C VAL F 66 39.68 56.10 -7.74
N PHE F 67 39.01 55.03 -8.19
CA PHE F 67 39.59 53.69 -8.06
C PHE F 67 39.93 53.21 -9.47
N LEU F 68 41.21 52.91 -9.68
CA LEU F 68 41.72 52.67 -11.01
C LEU F 68 42.52 51.39 -10.94
N ASP F 69 42.12 50.43 -11.77
CA ASP F 69 42.78 49.13 -11.75
C ASP F 69 42.53 48.44 -13.06
N LEU F 70 43.61 47.79 -13.57
CA LEU F 70 43.39 47.16 -14.90
C LEU F 70 42.76 45.78 -14.79
N GLU F 71 42.86 45.17 -13.59
CA GLU F 71 42.07 43.97 -13.29
C GLU F 71 40.67 44.46 -12.92
N PRO F 72 39.61 43.78 -13.43
CA PRO F 72 38.28 43.99 -12.84
C PRO F 72 38.09 43.33 -11.50
N THR F 73 38.91 42.36 -11.12
CA THR F 73 38.58 41.43 -10.04
C THR F 73 38.73 42.09 -8.68
N VAL F 74 39.33 43.28 -8.56
CA VAL F 74 39.41 43.95 -7.28
C VAL F 74 38.37 45.07 -7.15
N VAL F 75 37.96 45.61 -8.25
CA VAL F 75 37.08 46.78 -8.28
C VAL F 75 35.63 46.31 -8.36
N ASP F 76 35.38 45.22 -9.08
CA ASP F 76 34.00 44.76 -9.25
C ASP F 76 33.46 44.18 -7.96
N GLU F 77 34.36 43.67 -7.12
CA GLU F 77 33.99 43.11 -5.83
C GLU F 77 33.64 44.22 -4.86
N VAL F 78 34.10 45.43 -5.07
CA VAL F 78 33.65 46.59 -4.32
C VAL F 78 32.26 47.00 -4.83
N ARG F 79 32.06 46.89 -6.14
CA ARG F 79 30.78 47.28 -6.73
C ARG F 79 29.65 46.35 -6.30
N THR F 80 29.99 45.13 -5.88
CA THR F 80 28.97 44.19 -5.46
C THR F 80 28.96 43.99 -3.95
N GLY F 81 29.91 44.60 -3.23
CA GLY F 81 29.98 44.58 -1.79
C GLY F 81 28.99 45.57 -1.15
N THR F 82 29.18 45.76 0.15
CA THR F 82 28.22 46.51 0.94
C THR F 82 28.34 48.01 0.70
N TYR F 83 29.51 48.51 0.33
CA TYR F 83 29.65 49.90 -0.09
C TYR F 83 29.45 50.03 -1.59
N ARG F 84 28.29 49.57 -2.08
CA ARG F 84 27.97 49.68 -3.48
C ARG F 84 27.53 51.10 -3.80
N HIS F 85 26.70 51.71 -2.95
CA HIS F 85 26.11 52.99 -3.26
C HIS F 85 26.83 54.14 -2.58
N LEU F 86 27.96 53.87 -1.94
CA LEU F 86 28.76 54.94 -1.42
C LEU F 86 29.43 55.72 -2.57
N PHE F 87 30.00 54.99 -3.48
CA PHE F 87 30.80 55.58 -4.56
C PHE F 87 29.85 55.81 -5.75
N HIS F 88 30.15 56.81 -6.54
CA HIS F 88 29.56 57.00 -7.84
C HIS F 88 29.87 55.82 -8.74
N PRO F 89 28.88 55.30 -9.49
CA PRO F 89 29.12 54.11 -10.30
C PRO F 89 30.18 54.22 -11.38
N GLU F 90 30.46 55.46 -11.85
CA GLU F 90 31.49 55.70 -12.84
C GLU F 90 32.87 55.93 -12.24
N GLN F 91 32.91 56.14 -10.94
CA GLN F 91 34.15 56.50 -10.26
C GLN F 91 35.00 55.28 -9.94
N LEU F 92 34.50 54.07 -10.15
CA LEU F 92 35.29 52.85 -10.06
C LEU F 92 35.55 52.40 -11.49
N ILE F 93 36.78 52.64 -11.95
CA ILE F 93 37.17 52.36 -13.32
C ILE F 93 37.93 51.04 -13.37
N SER F 94 37.53 50.16 -14.27
CA SER F 94 38.15 48.87 -14.44
C SER F 94 38.59 48.66 -15.88
N GLY F 95 39.72 47.97 -16.03
CA GLY F 95 40.23 47.62 -17.34
C GLY F 95 39.72 46.25 -17.79
N LYS F 96 40.54 45.62 -18.62
CA LYS F 96 40.24 44.27 -19.10
C LYS F 96 41.35 43.32 -18.69
N GLU F 97 42.63 43.71 -18.88
CA GLU F 97 43.72 42.75 -18.72
C GLU F 97 44.78 43.32 -17.79
N ASP F 98 45.39 42.41 -17.01
CA ASP F 98 46.29 42.77 -15.93
C ASP F 98 47.59 43.34 -16.51
N ALA F 99 48.29 44.17 -15.72
CA ALA F 99 49.64 44.58 -16.08
C ALA F 99 50.64 43.44 -15.92
N ALA F 100 50.36 42.51 -15.04
CA ALA F 100 51.13 41.30 -14.80
C ALA F 100 52.59 41.60 -14.47
N ASN F 101 52.80 42.31 -13.35
CA ASN F 101 54.09 42.59 -12.75
C ASN F 101 55.08 43.19 -13.74
N ASN F 102 54.59 43.91 -14.72
CA ASN F 102 55.42 44.47 -15.77
C ASN F 102 55.24 45.98 -15.78
N PHE F 103 56.35 46.67 -15.56
CA PHE F 103 56.30 48.13 -15.58
C PHE F 103 55.98 48.64 -16.98
N ALA F 104 56.52 47.96 -17.99
CA ALA F 104 56.29 48.30 -19.38
C ALA F 104 54.83 48.13 -19.76
N ARG F 105 54.12 47.18 -19.21
CA ARG F 105 52.74 46.94 -19.58
C ARG F 105 51.86 48.06 -19.02
N GLY F 106 52.14 48.42 -17.74
CA GLY F 106 51.33 49.38 -17.04
C GLY F 106 51.55 50.81 -17.55
N HIS F 107 52.71 51.06 -18.20
CA HIS F 107 53.10 52.38 -18.59
C HIS F 107 52.90 52.64 -20.05
N TYR F 108 53.07 51.65 -20.92
CA TYR F 108 53.17 51.91 -22.36
C TYR F 108 51.96 51.33 -23.11
N THR F 109 51.60 50.06 -22.86
CA THR F 109 50.69 49.41 -23.77
C THR F 109 49.26 49.56 -23.31
N ILE F 110 48.95 48.96 -22.15
CA ILE F 110 47.55 48.99 -21.70
C ILE F 110 47.27 50.16 -20.74
N GLY F 111 48.30 51.01 -20.61
CA GLY F 111 48.14 52.32 -19.95
C GLY F 111 47.21 53.33 -20.60
N LYS F 112 47.41 53.60 -21.91
CA LYS F 112 46.76 54.77 -22.50
C LYS F 112 45.25 54.62 -22.70
N GLU F 113 44.76 53.40 -22.66
CA GLU F 113 43.36 53.09 -22.84
C GLU F 113 42.52 53.47 -21.62
N ILE F 114 43.12 53.61 -20.43
CA ILE F 114 42.34 53.84 -19.26
C ILE F 114 42.64 55.21 -18.67
N VAL F 115 43.81 55.76 -18.96
CA VAL F 115 44.26 56.98 -18.26
C VAL F 115 43.42 58.17 -18.71
N ASP F 116 43.01 58.20 -19.97
CA ASP F 116 42.15 59.27 -20.48
C ASP F 116 40.81 59.31 -19.77
N LEU F 117 40.25 58.14 -19.46
CA LEU F 117 39.00 58.10 -18.70
C LEU F 117 39.23 58.50 -17.25
N SER F 118 40.43 58.22 -16.72
CA SER F 118 40.75 58.56 -15.34
C SER F 118 40.90 60.08 -15.17
N LEU F 119 41.59 60.71 -16.12
CA LEU F 119 41.82 62.14 -16.07
C LEU F 119 40.53 62.94 -16.25
N ASP F 120 39.58 62.39 -17.02
CA ASP F 120 38.31 63.05 -17.18
C ASP F 120 37.52 63.04 -15.87
N ARG F 121 37.63 61.95 -15.13
CA ARG F 121 36.92 61.82 -13.87
C ARG F 121 37.54 62.74 -12.82
N ILE F 122 38.88 62.83 -12.82
CA ILE F 122 39.55 63.65 -11.84
C ILE F 122 39.30 65.12 -12.10
N ARG F 123 39.23 65.50 -13.37
CA ARG F 123 38.98 66.90 -13.73
C ARG F 123 37.57 67.32 -13.30
N LYS F 124 36.59 66.43 -13.49
CA LYS F 124 35.23 66.74 -13.12
C LYS F 124 35.07 66.81 -11.61
N LEU F 125 35.90 66.05 -10.88
CA LEU F 125 35.83 66.02 -9.43
C LEU F 125 36.60 67.20 -8.82
N ALA F 126 37.57 67.74 -9.55
CA ALA F 126 38.42 68.80 -9.01
C ALA F 126 37.84 70.19 -9.30
N ASP F 127 37.02 70.33 -10.35
CA ASP F 127 36.63 71.66 -10.78
C ASP F 127 35.28 72.09 -10.19
N ASN F 128 34.74 71.34 -9.26
CA ASN F 128 33.54 71.78 -8.54
C ASN F 128 33.87 72.95 -7.63
N CYS F 129 35.02 72.91 -6.92
CA CYS F 129 35.43 73.98 -6.05
C CYS F 129 36.92 74.28 -6.24
N THR F 130 37.27 75.53 -6.01
CA THR F 130 38.64 75.97 -5.85
C THR F 130 39.14 75.65 -4.46
N GLY F 131 40.38 76.07 -4.18
CA GLY F 131 40.98 75.85 -2.88
C GLY F 131 41.38 74.39 -2.66
N LEU F 132 41.78 73.76 -3.77
CA LEU F 132 42.26 72.39 -3.79
C LEU F 132 43.51 72.25 -2.93
N GLN F 133 43.46 71.28 -2.02
CA GLN F 133 44.60 71.07 -1.16
C GLN F 133 45.67 70.29 -1.92
N GLY F 134 45.28 69.14 -2.47
CA GLY F 134 46.31 68.16 -2.84
C GLY F 134 45.76 66.87 -3.38
N PHE F 135 46.62 65.89 -3.56
CA PHE F 135 46.34 64.56 -3.98
C PHE F 135 46.92 63.58 -2.97
N LEU F 136 46.20 62.50 -2.72
CA LEU F 136 46.62 61.42 -1.86
C LEU F 136 46.61 60.20 -2.77
N MET F 137 47.79 59.82 -3.22
CA MET F 137 47.91 58.68 -4.15
C MET F 137 48.41 57.44 -3.44
N PHE F 138 47.75 56.31 -3.62
CA PHE F 138 48.07 55.07 -2.94
C PHE F 138 48.45 54.05 -4.01
N ASN F 139 49.64 53.48 -3.88
CA ASN F 139 50.09 52.50 -4.83
C ASN F 139 51.15 51.61 -4.16
N ALA F 140 51.39 50.45 -4.80
CA ALA F 140 52.51 49.61 -4.45
C ALA F 140 53.59 49.82 -5.51
N VAL F 141 54.81 50.00 -5.08
CA VAL F 141 55.96 50.15 -5.93
C VAL F 141 56.36 48.86 -6.68
N GLY F 142 56.11 47.71 -6.03
CA GLY F 142 56.68 46.48 -6.60
C GLY F 142 55.82 45.87 -7.68
N GLY F 143 54.60 46.36 -7.86
CA GLY F 143 53.66 45.75 -8.79
C GLY F 143 53.83 46.38 -10.18
N GLY F 144 52.97 45.91 -11.08
CA GLY F 144 52.91 46.37 -12.45
C GLY F 144 52.05 47.63 -12.57
N THR F 145 50.76 47.53 -12.20
CA THR F 145 49.87 48.65 -12.35
C THR F 145 50.16 49.78 -11.31
N GLY F 146 50.65 49.39 -10.15
CA GLY F 146 50.86 50.44 -9.15
C GLY F 146 52.14 51.22 -9.41
N SER F 147 53.07 50.68 -10.17
CA SER F 147 54.27 51.38 -10.58
C SER F 147 54.04 52.04 -11.95
N GLY F 148 53.48 51.28 -12.90
CA GLY F 148 53.46 51.74 -14.28
C GLY F 148 52.36 52.79 -14.45
N LEU F 149 51.15 52.44 -14.04
CA LEU F 149 50.04 53.35 -14.20
C LEU F 149 50.12 54.52 -13.27
N GLY F 150 50.82 54.33 -12.12
CA GLY F 150 51.06 55.42 -11.18
C GLY F 150 51.86 56.57 -11.83
N CYS F 151 52.90 56.16 -12.54
CA CYS F 151 53.80 57.10 -13.19
C CYS F 151 53.06 57.82 -14.33
N LEU F 152 52.27 57.06 -15.12
CA LEU F 152 51.53 57.62 -16.21
C LEU F 152 50.50 58.65 -15.72
N LEU F 153 49.89 58.37 -14.58
CA LEU F 153 48.94 59.28 -13.97
C LEU F 153 49.62 60.54 -13.46
N LEU F 154 50.83 60.36 -12.89
CA LEU F 154 51.51 61.50 -12.29
C LEU F 154 52.13 62.38 -13.35
N GLU F 155 52.50 61.84 -14.52
CA GLU F 155 52.91 62.66 -15.63
C GLU F 155 51.81 63.62 -16.10
N ARG F 156 50.60 63.13 -16.20
CA ARG F 156 49.50 63.97 -16.70
C ARG F 156 49.06 64.97 -15.62
N LEU F 157 49.16 64.57 -14.34
CA LEU F 157 48.77 65.47 -13.28
C LEU F 157 49.78 66.61 -13.10
N SER F 158 51.06 66.31 -13.34
CA SER F 158 52.11 67.30 -13.18
C SER F 158 52.05 68.33 -14.28
N VAL F 159 51.58 68.00 -15.46
CA VAL F 159 51.47 68.92 -16.56
C VAL F 159 50.30 69.89 -16.35
N ASP F 160 49.18 69.41 -15.81
CA ASP F 160 48.00 70.30 -15.79
C ASP F 160 47.98 71.01 -14.44
N TYR F 161 48.08 70.29 -13.31
CA TYR F 161 48.13 70.94 -12.02
C TYR F 161 49.57 71.01 -11.52
N GLY F 162 50.29 72.00 -12.07
CA GLY F 162 51.73 72.11 -11.90
C GLY F 162 52.12 72.54 -10.48
N LYS F 163 51.39 73.52 -9.97
CA LYS F 163 51.68 74.17 -8.71
C LYS F 163 50.92 73.51 -7.56
N LYS F 164 50.22 72.39 -7.80
CA LYS F 164 49.51 71.77 -6.71
C LYS F 164 50.36 70.66 -6.10
N SER F 165 50.24 70.54 -4.77
CA SER F 165 50.92 69.48 -4.04
C SER F 165 50.23 68.13 -4.26
N LYS F 166 50.97 67.08 -4.31
CA LYS F 166 50.50 65.71 -4.43
C LYS F 166 51.44 64.89 -3.59
N LEU F 167 50.89 64.08 -2.71
CA LEU F 167 51.53 63.21 -1.75
C LEU F 167 51.19 61.75 -2.00
N ASN F 168 52.21 60.88 -1.93
CA ASN F 168 52.11 59.51 -2.29
C ASN F 168 52.39 58.58 -1.10
N PHE F 169 51.69 57.47 -1.04
CA PHE F 169 51.93 56.42 -0.07
C PHE F 169 52.34 55.13 -0.77
N CYS F 170 53.64 54.90 -0.80
CA CYS F 170 54.22 53.81 -1.53
C CYS F 170 54.48 52.63 -0.58
N SER F 171 53.94 51.46 -0.97
CA SER F 171 54.16 50.25 -0.20
C SER F 171 55.46 49.61 -0.67
N TRP F 172 56.58 50.12 -0.14
CA TRP F 172 57.90 49.75 -0.59
C TRP F 172 58.17 48.28 -0.25
N PRO F 173 58.87 47.53 -1.16
CA PRO F 173 59.20 46.15 -0.86
C PRO F 173 60.19 46.02 0.28
N SER F 174 60.00 44.97 1.08
CA SER F 174 60.84 44.63 2.21
C SER F 174 62.11 43.98 1.69
N PRO F 175 63.18 43.95 2.51
CA PRO F 175 64.33 43.08 2.24
C PRO F 175 64.01 41.60 2.10
N GLN F 176 63.16 41.06 2.99
CA GLN F 176 63.04 39.60 3.05
C GLN F 176 61.68 39.15 2.52
N VAL F 177 60.58 39.80 2.98
CA VAL F 177 59.27 39.40 2.47
C VAL F 177 58.92 40.20 1.22
N SER F 178 58.68 39.54 0.13
CA SER F 178 58.61 40.22 -1.16
C SER F 178 57.45 39.74 -2.01
N THR F 179 57.15 38.41 -2.00
CA THR F 179 55.93 37.86 -2.57
C THR F 179 55.80 38.07 -4.06
N ALA F 180 56.91 38.38 -4.73
CA ALA F 180 57.05 38.51 -6.17
C ALA F 180 58.54 38.69 -6.48
N VAL F 181 58.95 38.28 -7.70
CA VAL F 181 60.37 38.10 -7.95
C VAL F 181 60.90 39.24 -8.83
N VAL F 182 60.02 39.94 -9.55
CA VAL F 182 60.52 40.98 -10.44
C VAL F 182 60.40 42.34 -9.78
N GLU F 183 60.13 42.36 -8.48
CA GLU F 183 60.00 43.60 -7.72
C GLU F 183 61.26 44.46 -7.68
N PRO F 184 62.53 43.96 -7.66
CA PRO F 184 63.67 44.86 -7.84
C PRO F 184 63.66 45.64 -9.15
N TYR F 185 63.13 45.05 -10.20
CA TYR F 185 63.01 45.76 -11.47
C TYR F 185 61.95 46.85 -11.40
N ASN F 186 60.82 46.52 -10.79
CA ASN F 186 59.69 47.43 -10.71
C ASN F 186 60.01 48.61 -9.79
N SER F 187 60.85 48.37 -8.77
CA SER F 187 61.16 49.38 -7.79
C SER F 187 62.06 50.48 -8.35
N VAL F 188 63.10 50.09 -9.06
CA VAL F 188 64.08 51.06 -9.54
C VAL F 188 63.48 51.88 -10.67
N LEU F 189 62.66 51.24 -11.51
CA LEU F 189 62.01 51.96 -12.59
C LEU F 189 60.93 52.93 -12.09
N SER F 190 60.31 52.59 -10.97
CA SER F 190 59.25 53.45 -10.44
C SER F 190 59.87 54.67 -9.74
N THR F 191 60.95 54.39 -8.99
CA THR F 191 61.55 55.44 -8.17
C THR F 191 62.25 56.45 -9.02
N HIS F 192 62.66 56.11 -10.25
CA HIS F 192 63.19 57.09 -11.18
C HIS F 192 62.14 58.15 -11.50
N SER F 193 60.87 57.73 -11.62
CA SER F 193 59.89 58.69 -12.03
C SER F 193 59.11 59.22 -10.85
N LEU F 194 59.22 58.63 -9.65
CA LEU F 194 58.62 59.20 -8.46
C LEU F 194 59.55 60.19 -7.68
N LEU F 195 60.56 60.60 -8.37
CA LEU F 195 61.41 61.70 -7.89
C LEU F 195 60.76 63.00 -8.34
N GLU F 196 60.41 63.10 -9.63
CA GLU F 196 60.12 64.39 -10.22
C GLU F 196 58.63 64.63 -10.36
N HIS F 197 57.78 63.75 -9.77
CA HIS F 197 56.35 63.91 -9.85
C HIS F 197 55.66 63.91 -8.52
N THR F 198 56.35 63.89 -7.40
CA THR F 198 55.77 63.73 -6.09
C THR F 198 56.48 64.63 -5.09
N ASP F 199 55.71 65.29 -4.23
CA ASP F 199 56.21 66.23 -3.27
C ASP F 199 56.54 65.59 -1.94
N VAL F 200 55.66 64.66 -1.50
CA VAL F 200 55.89 63.93 -0.25
C VAL F 200 55.63 62.45 -0.50
N ALA F 201 56.64 61.63 -0.20
CA ALA F 201 56.56 60.20 -0.54
C ALA F 201 56.78 59.46 0.76
N VAL F 202 55.71 58.82 1.26
CA VAL F 202 55.83 58.16 2.59
C VAL F 202 55.96 56.66 2.36
N MET F 203 57.06 56.11 2.91
CA MET F 203 57.44 54.75 2.64
C MET F 203 56.86 53.82 3.68
N LEU F 204 56.02 52.87 3.23
CA LEU F 204 55.44 51.88 4.08
C LEU F 204 55.96 50.50 3.69
N ASP F 205 56.30 49.71 4.69
CA ASP F 205 56.89 48.42 4.48
C ASP F 205 56.08 47.33 5.10
N ASN F 206 55.94 46.16 4.45
CA ASN F 206 55.00 45.15 4.92
C ASN F 206 55.52 44.40 6.13
N GLU F 207 56.80 44.06 6.15
CA GLU F 207 57.32 43.27 7.25
C GLU F 207 57.54 44.13 8.49
N ALA F 208 57.60 45.46 8.30
CA ALA F 208 57.63 46.33 9.46
C ALA F 208 56.30 46.29 10.22
N ILE F 209 55.20 46.27 9.49
CA ILE F 209 53.89 46.22 10.12
C ILE F 209 53.60 44.80 10.57
N TYR F 210 54.24 43.80 9.96
CA TYR F 210 54.17 42.43 10.46
C TYR F 210 54.77 42.34 11.85
N ASP F 211 55.91 42.96 12.07
CA ASP F 211 56.58 42.88 13.35
C ASP F 211 55.91 43.76 14.41
N ILE F 212 55.27 44.84 13.96
CA ILE F 212 54.47 45.66 14.87
C ILE F 212 53.29 44.87 15.38
N CYS F 213 52.64 44.13 14.51
CA CYS F 213 51.49 43.32 14.91
C CYS F 213 51.89 42.12 15.74
N ARG F 214 53.18 41.72 15.67
CA ARG F 214 53.63 40.58 16.45
C ARG F 214 53.91 41.01 17.90
N ARG F 215 54.54 42.18 18.08
CA ARG F 215 54.95 42.57 19.41
C ARG F 215 53.89 43.39 20.15
N ASN F 216 53.12 44.22 19.44
CA ASN F 216 52.20 45.13 20.09
C ASN F 216 50.82 44.49 20.23
N LEU F 217 50.31 43.92 19.14
CA LEU F 217 48.97 43.34 19.16
C LEU F 217 49.02 41.88 19.61
N ASP F 218 50.22 41.26 19.61
CA ASP F 218 50.38 39.82 19.78
C ASP F 218 49.49 39.00 18.85
N ILE F 219 49.48 39.40 17.58
CA ILE F 219 48.87 38.60 16.52
C ILE F 219 49.99 37.94 15.73
N GLU F 220 50.02 36.61 15.82
CA GLU F 220 51.05 35.83 15.17
C GLU F 220 50.92 35.73 13.65
N ARG F 221 49.70 35.75 13.18
CA ARG F 221 49.35 35.50 11.78
C ARG F 221 48.43 36.60 11.28
N PRO F 222 48.91 37.83 11.03
CA PRO F 222 48.01 38.85 10.51
C PRO F 222 47.88 38.77 9.01
N THR F 223 46.72 39.24 8.53
CA THR F 223 46.42 39.16 7.11
C THR F 223 46.62 40.52 6.48
N TYR F 224 46.28 40.71 5.21
CA TYR F 224 46.34 42.02 4.58
C TYR F 224 45.39 43.03 5.24
N THR F 225 44.28 42.52 5.74
CA THR F 225 43.23 43.46 6.19
C THR F 225 43.61 44.05 7.53
N ASN F 226 44.41 43.35 8.32
CA ASN F 226 44.86 43.87 9.60
C ASN F 226 46.02 44.85 9.37
N LEU F 227 46.77 44.70 8.27
CA LEU F 227 47.77 45.70 7.93
C LEU F 227 47.10 46.99 7.49
N ASN F 228 46.04 46.88 6.74
CA ASN F 228 45.40 48.03 6.09
C ASN F 228 44.61 48.86 7.08
N ARG F 229 44.12 48.24 8.17
CA ARG F 229 43.45 48.99 9.22
C ARG F 229 44.44 49.94 9.89
N LEU F 230 45.66 49.43 10.12
CA LEU F 230 46.70 50.21 10.79
C LEU F 230 47.19 51.33 9.91
N ILE F 231 47.23 51.09 8.58
CA ILE F 231 47.60 52.12 7.62
C ILE F 231 46.52 53.18 7.59
N ALA F 232 45.26 52.77 7.70
CA ALA F 232 44.13 53.69 7.65
C ALA F 232 44.15 54.64 8.84
N GLN F 233 44.63 54.15 10.00
CA GLN F 233 44.71 55.00 11.18
C GLN F 233 45.79 56.07 11.02
N VAL F 234 46.85 55.74 10.29
CA VAL F 234 47.92 56.70 10.05
C VAL F 234 47.43 57.79 9.12
N ILE F 235 46.69 57.43 8.08
CA ILE F 235 46.23 58.41 7.12
C ILE F 235 45.18 59.32 7.76
N SER F 236 44.34 58.75 8.64
CA SER F 236 43.33 59.54 9.30
C SER F 236 43.97 60.56 10.24
N SER F 237 45.02 60.15 10.93
CA SER F 237 45.69 61.05 11.87
C SER F 237 46.50 62.10 11.11
N LEU F 238 46.94 61.78 9.89
CA LEU F 238 47.71 62.71 9.09
C LEU F 238 46.86 63.87 8.62
N THR F 239 45.63 63.57 8.19
CA THR F 239 44.81 64.58 7.53
C THR F 239 43.77 65.20 8.50
N ALA F 240 43.90 64.82 9.82
CA ALA F 240 42.85 65.23 10.73
C ALA F 240 42.88 66.73 11.02
N SER F 241 44.02 67.38 10.82
CA SER F 241 44.15 68.79 11.11
C SER F 241 43.36 69.65 10.13
N LEU F 242 43.27 69.18 8.86
CA LEU F 242 42.52 69.93 7.88
C LEU F 242 41.02 69.82 8.13
N ARG F 243 40.56 68.73 8.75
CA ARG F 243 39.18 68.31 8.74
C ARG F 243 38.50 68.59 10.07
N PHE F 244 39.23 68.52 11.18
CA PHE F 244 38.64 68.70 12.51
C PHE F 244 39.32 69.90 13.19
N ASP F 245 38.65 70.44 14.19
CA ASP F 245 39.11 71.67 14.80
C ASP F 245 40.16 71.28 15.86
N GLY F 246 41.16 72.13 16.02
CA GLY F 246 42.41 71.67 16.63
C GLY F 246 43.08 72.87 17.33
N ALA F 247 43.85 72.55 18.40
CA ALA F 247 44.53 73.53 19.20
C ALA F 247 45.66 74.21 18.42
N LEU F 248 46.41 73.41 17.70
CA LEU F 248 47.49 73.90 16.84
C LEU F 248 47.54 73.01 15.60
N ASN F 249 46.91 73.46 14.53
CA ASN F 249 46.74 72.59 13.37
C ASN F 249 47.81 72.89 12.32
N VAL F 250 48.11 71.86 11.53
CA VAL F 250 49.04 72.01 10.41
C VAL F 250 48.48 71.28 9.21
N ASP F 251 48.40 71.97 8.05
CA ASP F 251 47.76 71.35 6.90
C ASP F 251 48.85 70.85 5.93
N VAL F 252 48.39 70.38 4.77
CA VAL F 252 49.21 69.62 3.86
C VAL F 252 50.10 70.54 3.02
N THR F 253 49.70 71.82 2.87
CA THR F 253 50.60 72.74 2.20
C THR F 253 51.80 73.12 3.09
N GLU F 254 51.63 73.00 4.41
CA GLU F 254 52.72 73.40 5.28
C GLU F 254 53.58 72.18 5.64
N PHE F 255 53.24 70.96 5.23
CA PHE F 255 54.08 69.81 5.49
C PHE F 255 55.39 69.87 4.69
N GLN F 256 55.26 70.27 3.42
CA GLN F 256 56.43 70.26 2.57
C GLN F 256 57.38 71.38 2.94
N THR F 257 56.93 72.45 3.54
CA THR F 257 57.80 73.50 4.04
C THR F 257 58.57 73.04 5.28
N ASN F 258 57.99 72.13 6.06
CA ASN F 258 58.64 71.73 7.31
C ASN F 258 59.51 70.47 7.19
N LEU F 259 59.19 69.61 6.18
CA LEU F 259 59.82 68.30 6.21
C LEU F 259 60.75 68.04 5.02
N VAL F 260 60.72 68.89 4.00
CA VAL F 260 61.49 68.62 2.80
C VAL F 260 62.57 69.69 2.69
N PRO F 261 63.83 69.41 3.09
CA PRO F 261 64.83 70.47 3.15
C PRO F 261 65.45 70.83 1.80
N TYR F 262 65.53 69.83 0.90
CA TYR F 262 66.11 69.97 -0.42
C TYR F 262 65.11 69.35 -1.40
N PRO F 263 65.09 69.81 -2.67
CA PRO F 263 64.05 69.42 -3.62
C PRO F 263 63.90 67.92 -3.87
N ARG F 264 65.02 67.19 -3.86
CA ARG F 264 64.92 65.76 -4.18
C ARG F 264 64.71 64.93 -2.93
N ILE F 265 65.07 65.46 -1.73
CA ILE F 265 64.99 64.65 -0.53
C ILE F 265 63.63 64.79 0.12
N HIS F 266 62.73 63.91 -0.25
CA HIS F 266 61.35 64.00 0.22
C HIS F 266 60.81 62.59 0.50
N PHE F 267 61.63 61.69 0.95
CA PHE F 267 61.21 60.36 1.33
C PHE F 267 61.19 60.22 2.84
N MET F 268 59.98 60.00 3.43
CA MET F 268 59.93 59.99 4.86
C MET F 268 59.33 58.67 5.39
N LEU F 269 59.68 58.37 6.64
CA LEU F 269 59.17 57.20 7.32
C LEU F 269 57.90 57.53 8.08
N SER F 270 57.33 56.55 8.72
CA SER F 270 56.12 56.75 9.53
C SER F 270 56.17 55.90 10.79
N SER F 271 55.48 56.36 11.83
CA SER F 271 55.29 55.57 13.04
C SER F 271 54.02 56.03 13.72
N TYR F 272 53.36 55.09 14.41
CA TYR F 272 52.14 55.39 15.11
C TYR F 272 52.18 54.79 16.50
N ALA F 273 51.68 55.55 17.47
CA ALA F 273 51.73 55.13 18.86
C ALA F 273 50.61 55.82 19.60
N PRO F 274 49.83 55.12 20.47
CA PRO F 274 49.97 53.68 20.71
C PRO F 274 49.17 52.82 19.74
N ILE F 275 49.69 51.63 19.47
CA ILE F 275 48.94 50.57 18.82
C ILE F 275 48.81 49.44 19.83
N ILE F 276 47.72 49.48 20.59
CA ILE F 276 47.57 48.62 21.74
C ILE F 276 46.25 47.89 21.67
N SER F 277 46.33 46.61 22.06
CA SER F 277 45.16 45.74 22.01
C SER F 277 44.33 45.95 23.27
N ALA F 278 43.20 45.27 23.36
CA ALA F 278 42.28 45.38 24.46
C ALA F 278 42.86 44.80 25.76
N GLU F 279 43.85 43.93 25.69
CA GLU F 279 44.47 43.34 26.84
C GLU F 279 45.36 44.38 27.55
N LYS F 280 46.01 45.29 26.80
CA LYS F 280 47.08 46.06 27.38
C LYS F 280 46.66 47.47 27.78
N ALA F 281 45.58 47.99 27.16
CA ALA F 281 45.01 49.27 27.56
C ALA F 281 44.35 49.24 28.92
N TYR F 282 44.04 48.06 29.40
CA TYR F 282 43.69 47.69 30.77
C TYR F 282 44.81 48.11 31.76
N HIS F 283 46.10 48.05 31.31
CA HIS F 283 47.12 48.15 32.33
C HIS F 283 47.88 49.47 32.21
N GLU F 284 48.04 50.01 30.96
CA GLU F 284 48.79 51.22 30.80
C GLU F 284 47.81 52.41 30.91
N GLN F 285 48.15 53.47 31.64
CA GLN F 285 47.94 54.85 31.22
C GLN F 285 48.83 55.21 30.02
N LEU F 286 48.21 55.89 29.06
CA LEU F 286 48.89 56.27 27.85
C LEU F 286 49.21 57.76 27.85
N SER F 287 50.01 58.24 28.77
CA SER F 287 50.34 59.63 28.91
C SER F 287 51.22 60.10 27.74
N VAL F 288 51.20 61.41 27.52
CA VAL F 288 51.80 62.05 26.38
C VAL F 288 53.31 61.80 26.38
N ALA F 289 53.92 61.67 27.56
CA ALA F 289 55.35 61.42 27.61
C ALA F 289 55.71 60.02 27.09
N GLU F 290 54.85 59.05 27.40
CA GLU F 290 55.21 57.67 27.09
C GLU F 290 54.78 57.29 25.67
N ILE F 291 53.73 57.93 25.14
CA ILE F 291 53.33 57.61 23.78
C ILE F 291 54.29 58.26 22.78
N THR F 292 54.99 59.31 23.21
CA THR F 292 55.97 59.92 22.31
C THR F 292 57.31 59.22 22.43
N ASN F 293 57.56 58.53 23.55
CA ASN F 293 58.75 57.70 23.68
C ASN F 293 58.62 56.47 22.81
N SER F 294 57.42 55.89 22.77
CA SER F 294 57.16 54.72 21.96
C SER F 294 57.14 55.04 20.46
N ALA F 295 56.88 56.31 20.13
CA ALA F 295 56.87 56.71 18.72
C ALA F 295 58.29 56.72 18.16
N PHE F 296 59.27 57.14 18.97
CA PHE F 296 60.64 57.21 18.54
C PHE F 296 61.41 55.92 18.73
N GLU F 297 60.78 54.93 19.33
CA GLU F 297 61.41 53.63 19.56
C GLU F 297 61.65 52.96 18.21
N PRO F 298 62.85 52.44 17.93
CA PRO F 298 63.19 52.03 16.57
C PRO F 298 62.40 50.84 16.05
N ALA F 299 61.84 50.02 16.95
CA ALA F 299 61.06 48.88 16.48
C ALA F 299 59.62 49.27 16.16
N SER F 300 59.23 50.51 16.41
CA SER F 300 57.88 50.98 16.13
C SER F 300 57.82 51.81 14.84
N MET F 301 58.95 51.92 14.13
CA MET F 301 58.89 52.52 12.82
C MET F 301 58.32 51.55 11.80
N MET F 302 57.78 52.12 10.72
CA MET F 302 56.91 51.35 9.83
C MET F 302 57.55 51.22 8.46
N ALA F 303 58.88 51.05 8.45
CA ALA F 303 59.60 50.85 7.20
C ALA F 303 60.65 49.74 7.24
N LYS F 304 60.95 49.22 8.46
CA LYS F 304 62.07 48.33 8.70
C LYS F 304 63.36 48.98 8.22
N CYS F 305 63.63 50.16 8.82
CA CYS F 305 64.80 50.94 8.46
C CYS F 305 65.27 51.56 9.78
N ASP F 306 66.31 50.92 10.32
CA ASP F 306 66.68 51.13 11.71
C ASP F 306 67.33 52.50 11.79
N PRO F 307 66.80 53.48 12.54
CA PRO F 307 67.34 54.82 12.50
C PRO F 307 68.56 55.06 13.40
N ARG F 308 69.13 54.03 13.96
CA ARG F 308 70.41 54.12 14.65
C ARG F 308 71.55 54.41 13.66
N HIS F 309 71.44 53.93 12.41
CA HIS F 309 72.48 54.20 11.45
C HIS F 309 72.06 55.31 10.49
N GLY F 310 71.31 56.27 11.00
CA GLY F 310 71.12 57.53 10.30
C GLY F 310 70.95 58.67 11.25
N LYS F 311 70.89 59.87 10.66
CA LYS F 311 70.71 61.08 11.49
C LYS F 311 69.43 61.75 11.01
N TYR F 312 68.55 62.04 11.97
CA TYR F 312 67.27 62.68 11.70
C TYR F 312 67.48 64.10 11.15
N MET F 313 66.63 64.51 10.21
CA MET F 313 66.72 65.84 9.65
C MET F 313 65.53 66.71 9.99
N ALA F 314 64.33 66.10 9.92
CA ALA F 314 63.09 66.74 10.36
C ALA F 314 62.18 65.70 11.00
N CYS F 315 61.37 66.17 11.92
CA CYS F 315 60.33 65.30 12.48
C CYS F 315 59.04 66.11 12.59
N CYS F 316 57.93 65.45 12.24
CA CYS F 316 56.63 66.05 12.36
C CYS F 316 55.72 65.17 13.18
N LEU F 317 55.27 65.67 14.33
CA LEU F 317 54.47 64.93 15.27
C LEU F 317 53.05 65.46 15.31
N MET F 318 52.10 64.56 15.04
CA MET F 318 50.69 64.88 15.05
C MET F 318 50.07 64.21 16.27
N TYR F 319 49.82 64.99 17.29
CA TYR F 319 49.14 64.50 18.48
C TYR F 319 47.64 64.66 18.25
N ARG F 320 46.89 63.68 18.75
CA ARG F 320 45.46 63.62 18.42
C ARG F 320 44.74 63.15 19.67
N GLY F 321 43.86 63.97 20.22
CA GLY F 321 43.15 63.56 21.42
C GLY F 321 43.23 64.58 22.53
N ASP F 322 42.98 64.10 23.74
CA ASP F 322 43.10 64.84 25.00
C ASP F 322 44.62 65.00 25.30
N VAL F 323 45.24 65.86 24.53
CA VAL F 323 46.64 66.20 24.70
C VAL F 323 46.69 67.72 24.92
N VAL F 324 47.32 68.13 26.01
CA VAL F 324 47.54 69.54 26.24
C VAL F 324 48.88 69.93 25.62
N PRO F 325 49.03 71.15 25.07
CA PRO F 325 50.30 71.52 24.45
C PRO F 325 51.48 71.71 25.38
N LYS F 326 51.25 71.82 26.68
CA LYS F 326 52.21 71.96 27.71
C LYS F 326 52.97 70.65 27.91
N ASP F 327 52.31 69.51 27.77
CA ASP F 327 52.96 68.23 27.91
C ASP F 327 53.71 67.84 26.66
N VAL F 328 53.31 68.40 25.51
CA VAL F 328 54.00 68.16 24.26
C VAL F 328 55.40 68.76 24.33
N ASN F 329 55.49 69.99 24.82
CA ASN F 329 56.76 70.70 24.93
C ASN F 329 57.69 70.00 25.91
N ALA F 330 57.15 69.46 26.97
CA ALA F 330 57.94 68.72 27.95
C ALA F 330 58.41 67.38 27.38
N ALA F 331 57.57 66.76 26.55
CA ALA F 331 57.86 65.44 26.00
C ALA F 331 58.91 65.52 24.88
N VAL F 332 58.85 66.58 24.08
CA VAL F 332 59.81 66.75 23.02
C VAL F 332 61.18 67.17 23.59
N ALA F 333 61.17 67.82 24.75
CA ALA F 333 62.40 68.21 25.41
C ALA F 333 63.15 66.98 25.91
N THR F 334 62.44 65.97 26.37
CA THR F 334 63.08 64.75 26.81
C THR F 334 63.72 64.02 25.64
N ILE F 335 63.11 64.08 24.47
CA ILE F 335 63.62 63.45 23.28
C ILE F 335 64.94 64.11 22.87
N LYS F 336 64.99 65.44 22.93
CA LYS F 336 66.19 66.17 22.55
C LYS F 336 67.34 65.84 23.49
N THR F 337 67.05 65.66 24.76
CA THR F 337 68.10 65.39 25.73
C THR F 337 68.59 63.95 25.65
N LYS F 338 67.76 63.03 25.14
CA LYS F 338 68.16 61.64 24.98
C LYS F 338 69.23 61.56 23.89
N ARG F 339 70.24 60.73 24.14
CA ARG F 339 71.46 60.82 23.34
C ARG F 339 71.51 59.80 22.21
N THR F 340 70.58 58.82 22.20
CA THR F 340 70.57 57.87 21.10
C THR F 340 69.94 58.48 19.86
N ILE F 341 69.08 59.49 20.02
CA ILE F 341 68.43 60.10 18.88
C ILE F 341 69.29 61.23 18.34
N GLN F 342 69.79 61.04 17.11
CA GLN F 342 70.91 61.92 16.72
C GLN F 342 70.47 62.81 15.56
N PHE F 343 70.52 64.14 15.76
CA PHE F 343 70.07 65.05 14.75
C PHE F 343 71.24 65.57 13.92
N VAL F 344 70.88 66.08 12.73
CA VAL F 344 71.85 66.66 11.85
C VAL F 344 72.22 68.05 12.37
N ASP F 345 73.44 68.48 12.07
CA ASP F 345 74.03 69.64 12.74
C ASP F 345 73.34 70.93 12.26
N TRP F 346 72.90 70.99 11.04
CA TRP F 346 72.41 72.23 10.44
C TRP F 346 70.90 72.39 10.65
N CYS F 347 70.26 71.54 11.46
CA CYS F 347 68.85 71.71 11.75
C CYS F 347 68.70 71.78 13.27
N PRO F 348 68.80 72.99 13.86
CA PRO F 348 68.50 73.15 15.28
C PRO F 348 67.03 72.93 15.65
N THR F 349 66.12 73.45 14.82
CA THR F 349 64.71 73.42 15.15
C THR F 349 64.08 72.19 14.48
N GLY F 350 64.38 71.09 15.12
CA GLY F 350 64.20 69.74 14.59
C GLY F 350 62.78 69.21 14.65
N PHE F 351 61.89 69.90 15.37
CA PHE F 351 60.55 69.36 15.60
C PHE F 351 59.48 70.38 15.15
N LYS F 352 58.43 69.82 14.57
CA LYS F 352 57.22 70.61 14.32
C LYS F 352 56.04 69.83 14.84
N CYS F 353 55.29 70.40 15.77
CA CYS F 353 54.22 69.72 16.45
C CYS F 353 52.84 70.16 16.01
N GLY F 354 51.88 69.26 16.11
CA GLY F 354 50.49 69.54 15.81
C GLY F 354 49.58 68.84 16.79
N ILE F 355 48.56 69.54 17.25
CA ILE F 355 47.62 69.04 18.23
C ILE F 355 46.21 69.16 17.63
N ASN F 356 45.46 68.06 17.74
CA ASN F 356 44.08 68.03 17.35
C ASN F 356 43.22 67.53 18.49
N TYR F 357 41.92 67.87 18.52
CA TYR F 357 41.09 67.58 19.62
C TYR F 357 40.51 66.17 19.73
N GLN F 358 39.77 65.74 18.72
CA GLN F 358 38.87 64.60 18.85
C GLN F 358 39.69 63.34 18.71
N PRO F 359 39.66 62.40 19.68
CA PRO F 359 40.46 61.20 19.65
C PRO F 359 40.16 60.27 18.49
N PRO F 360 41.09 59.41 18.08
CA PRO F 360 40.83 58.45 17.00
C PRO F 360 39.69 57.50 17.33
N THR F 361 38.87 57.23 16.34
CA THR F 361 37.74 56.34 16.49
C THR F 361 38.19 54.93 16.17
N VAL F 362 37.63 53.95 16.92
CA VAL F 362 37.92 52.56 16.70
C VAL F 362 36.84 51.92 15.84
N VAL F 363 37.32 51.11 14.89
CA VAL F 363 36.41 50.35 14.05
C VAL F 363 35.88 49.16 14.85
N PRO F 364 34.55 48.93 14.86
CA PRO F 364 34.00 47.77 15.56
C PRO F 364 34.45 46.48 14.90
N GLY F 365 34.76 45.50 15.75
CA GLY F 365 35.26 44.22 15.30
C GLY F 365 36.70 44.28 14.79
N GLY F 366 37.38 45.41 15.01
CA GLY F 366 38.78 45.52 14.68
C GLY F 366 39.66 44.92 15.77
N ASP F 367 40.92 45.32 15.76
CA ASP F 367 41.89 44.77 16.68
C ASP F 367 42.41 45.85 17.65
N LEU F 368 42.25 47.16 17.31
CA LEU F 368 42.76 48.18 18.17
C LEU F 368 41.80 48.46 19.35
N ALA F 369 42.37 49.02 20.41
CA ALA F 369 41.55 49.45 21.54
C ALA F 369 41.35 50.97 21.51
N LYS F 370 40.30 51.41 22.19
CA LYS F 370 39.95 52.81 22.23
C LYS F 370 40.96 53.56 23.09
N VAL F 371 41.67 54.51 22.48
CA VAL F 371 42.63 55.28 23.26
C VAL F 371 42.19 56.75 23.26
N MET F 372 42.57 57.44 24.33
CA MET F 372 42.17 58.82 24.48
C MET F 372 43.09 59.78 23.76
N ARG F 373 44.30 59.34 23.43
CA ARG F 373 45.24 60.15 22.67
C ARG F 373 46.13 59.20 21.86
N ALA F 374 46.64 59.73 20.73
CA ALA F 374 47.58 59.05 19.89
C ALA F 374 48.55 60.05 19.27
N VAL F 375 49.63 59.51 18.71
CA VAL F 375 50.64 60.25 17.98
C VAL F 375 50.84 59.53 16.65
N CYS F 376 50.95 60.35 15.60
CA CYS F 376 51.46 59.89 14.32
C CYS F 376 52.69 60.72 13.98
N MET F 377 53.76 60.02 13.69
CA MET F 377 55.06 60.67 13.49
C MET F 377 55.53 60.38 12.08
N ILE F 378 55.93 61.43 11.39
CA ILE F 378 56.51 61.35 10.06
C ILE F 378 57.88 61.99 10.11
N SER F 379 58.90 61.18 9.81
CA SER F 379 60.28 61.60 10.06
C SER F 379 61.11 61.50 8.79
N ASN F 380 61.92 62.51 8.59
CA ASN F 380 62.84 62.55 7.46
C ASN F 380 64.21 62.26 8.02
N SER F 381 64.89 61.24 7.51
CA SER F 381 66.16 60.84 8.12
C SER F 381 67.12 60.41 7.03
N THR F 382 68.40 60.29 7.40
CA THR F 382 69.38 59.81 6.44
C THR F 382 69.50 58.29 6.51
N ALA F 383 68.63 57.64 7.29
CA ALA F 383 68.66 56.19 7.40
C ALA F 383 68.13 55.50 6.16
N ILE F 384 67.34 56.29 5.34
CA ILE F 384 66.72 55.60 4.19
C ILE F 384 67.75 55.44 3.08
N ALA F 385 68.97 55.87 3.26
CA ALA F 385 70.08 55.55 2.34
C ALA F 385 70.30 54.04 2.23
N GLU F 386 70.05 53.31 3.32
CA GLU F 386 70.25 51.87 3.29
C GLU F 386 69.13 51.17 2.57
N VAL F 387 67.95 51.68 2.54
CA VAL F 387 66.80 51.02 1.87
C VAL F 387 66.93 51.18 0.36
N PHE F 388 67.55 52.27 -0.06
CA PHE F 388 67.79 52.46 -1.49
C PHE F 388 69.07 51.79 -1.99
N SER F 389 70.04 51.60 -1.06
CA SER F 389 71.21 50.82 -1.36
C SER F 389 70.84 49.34 -1.48
N ARG F 390 69.83 48.88 -0.71
CA ARG F 390 69.48 47.50 -0.70
C ARG F 390 68.76 47.14 -2.00
N MET F 391 67.93 48.05 -2.49
CA MET F 391 67.23 47.78 -3.73
C MET F 391 68.20 47.93 -4.91
N ASP F 392 69.22 48.78 -4.73
CA ASP F 392 70.24 48.94 -5.76
C ASP F 392 71.04 47.65 -5.91
N HIS F 393 71.27 46.96 -4.79
CA HIS F 393 72.03 45.73 -4.80
C HIS F 393 71.25 44.61 -5.47
N LYS F 394 69.94 44.55 -5.19
CA LYS F 394 69.14 43.45 -5.72
C LYS F 394 68.90 43.60 -7.21
N PHE F 395 68.88 44.82 -7.70
CA PHE F 395 68.83 45.11 -9.12
C PHE F 395 70.11 44.70 -9.85
N ASP F 396 71.27 44.88 -9.20
CA ASP F 396 72.52 44.73 -9.93
C ASP F 396 72.82 43.28 -10.19
N LEU F 397 72.38 42.37 -9.30
CA LEU F 397 72.64 40.96 -9.52
C LEU F 397 71.79 40.43 -10.68
N MET F 398 70.54 40.93 -10.75
CA MET F 398 69.60 40.38 -11.71
C MET F 398 69.92 40.93 -13.10
N TYR F 399 70.26 42.23 -13.15
CA TYR F 399 70.51 42.87 -14.44
C TYR F 399 71.91 42.52 -14.98
N ALA F 400 72.77 41.91 -14.16
CA ALA F 400 74.11 41.53 -14.57
C ALA F 400 74.11 40.59 -15.77
N LYS F 401 73.15 39.65 -15.81
CA LYS F 401 73.02 38.88 -17.04
C LYS F 401 71.57 38.83 -17.49
N ARG F 402 70.90 39.95 -17.35
CA ARG F 402 69.67 40.26 -18.07
C ARG F 402 68.56 39.26 -17.86
N ALA F 403 68.30 38.89 -16.62
CA ALA F 403 67.13 38.10 -16.24
C ALA F 403 65.89 38.96 -16.31
N PHE F 404 64.80 38.40 -16.82
CA PHE F 404 63.48 39.00 -16.91
C PHE F 404 63.47 40.25 -17.77
N VAL F 405 64.51 40.52 -18.56
CA VAL F 405 64.59 41.78 -19.27
C VAL F 405 63.76 41.74 -20.54
N HIS F 406 63.66 40.57 -21.15
CA HIS F 406 62.98 40.37 -22.42
C HIS F 406 61.48 40.59 -22.26
N TRP F 407 60.94 40.45 -21.05
CA TRP F 407 59.55 40.84 -20.83
C TRP F 407 59.33 42.33 -20.92
N TYR F 408 60.32 43.09 -20.47
CA TYR F 408 60.19 44.56 -20.48
C TYR F 408 60.50 45.10 -21.87
N VAL F 409 61.57 44.62 -22.46
CA VAL F 409 62.13 45.26 -23.67
C VAL F 409 61.25 44.88 -24.85
N GLY F 410 60.73 43.64 -24.85
CA GLY F 410 59.94 43.16 -25.99
C GLY F 410 58.56 43.79 -26.06
N GLU F 411 58.23 44.61 -25.08
CA GLU F 411 56.88 45.10 -24.80
C GLU F 411 56.77 46.60 -24.99
N GLY F 412 57.90 47.31 -25.11
CA GLY F 412 57.84 48.71 -25.53
C GLY F 412 58.86 49.61 -24.86
N MET F 413 59.61 49.13 -23.91
CA MET F 413 60.71 49.90 -23.38
C MET F 413 61.97 49.65 -24.19
N GLU F 414 62.93 50.57 -24.08
CA GLU F 414 64.25 50.36 -24.70
C GLU F 414 65.26 50.01 -23.63
N GLU F 415 66.12 49.00 -23.89
CA GLU F 415 67.10 48.64 -22.88
C GLU F 415 68.13 49.74 -22.76
N GLY F 416 68.31 50.37 -21.62
CA GLY F 416 68.77 51.74 -21.55
C GLY F 416 67.85 52.54 -20.66
N GLU F 417 66.57 52.12 -20.54
CA GLU F 417 65.75 52.68 -19.47
C GLU F 417 66.25 52.17 -18.10
N PHE F 418 66.76 50.94 -18.13
CA PHE F 418 67.23 50.28 -16.92
C PHE F 418 68.47 50.98 -16.42
N SER F 419 69.38 51.34 -17.36
CA SER F 419 70.66 51.91 -16.97
C SER F 419 70.44 53.34 -16.50
N GLU F 420 69.52 54.08 -17.18
CA GLU F 420 69.25 55.44 -16.78
C GLU F 420 68.59 55.51 -15.38
N ALA F 421 67.70 54.57 -15.11
CA ALA F 421 67.00 54.55 -13.84
C ALA F 421 67.97 54.17 -12.71
N ARG F 422 68.94 53.31 -13.03
CA ARG F 422 69.87 52.85 -12.01
C ARG F 422 70.83 53.98 -11.63
N GLU F 423 71.29 54.74 -12.61
CA GLU F 423 72.18 55.87 -12.31
C GLU F 423 71.41 56.99 -11.59
N ASP F 424 70.13 57.09 -11.82
CA ASP F 424 69.30 58.02 -11.10
C ASP F 424 69.22 57.65 -9.62
N LEU F 425 69.03 56.36 -9.36
CA LEU F 425 69.01 55.86 -7.98
C LEU F 425 70.41 55.98 -7.37
N ALA F 426 71.46 55.79 -8.16
CA ALA F 426 72.81 55.98 -7.67
C ALA F 426 73.06 57.45 -7.31
N ALA F 427 72.46 58.37 -8.07
CA ALA F 427 72.55 59.79 -7.77
C ALA F 427 71.82 60.11 -6.48
N LEU F 428 70.70 59.41 -6.22
CA LEU F 428 69.92 59.65 -5.01
C LEU F 428 70.70 59.14 -3.79
N GLU F 429 71.43 58.03 -3.96
CA GLU F 429 72.22 57.51 -2.86
C GLU F 429 73.36 58.44 -2.47
N LYS F 430 73.98 59.04 -3.48
CA LYS F 430 75.06 59.97 -3.21
C LYS F 430 74.52 61.25 -2.60
N ASP F 431 73.27 61.62 -2.91
CA ASP F 431 72.65 62.82 -2.36
C ASP F 431 72.39 62.67 -0.86
N TYR F 432 71.95 61.50 -0.43
CA TYR F 432 71.73 61.24 0.98
C TYR F 432 73.03 61.22 1.76
N GLU F 433 74.10 60.74 1.14
CA GLU F 433 75.39 60.72 1.82
C GLU F 433 75.96 62.14 1.95
N GLU F 434 75.71 63.00 0.98
CA GLU F 434 76.23 64.35 1.02
C GLU F 434 75.48 65.22 2.06
N VAL F 435 74.21 64.93 2.25
CA VAL F 435 73.38 65.74 3.13
C VAL F 435 73.66 65.33 4.56
N GLY F 436 74.03 64.08 4.85
CA GLY F 436 74.25 63.58 6.20
C GLY F 436 75.48 64.19 6.96
N ILE F 437 76.43 64.66 6.14
CA ILE F 437 77.69 65.15 6.72
C ILE F 437 77.56 66.62 7.13
N MET G 1 -1.21 86.38 -35.75
CA MET G 1 -0.28 87.38 -36.34
C MET G 1 1.11 86.75 -36.49
N ARG G 2 1.90 86.82 -35.39
CA ARG G 2 3.26 86.30 -35.45
C ARG G 2 3.36 84.86 -34.94
N GLU G 3 3.43 83.90 -35.85
CA GLU G 3 3.40 82.49 -35.59
C GLU G 3 4.32 81.74 -36.55
N VAL G 4 4.45 80.44 -36.39
CA VAL G 4 5.48 79.68 -37.09
C VAL G 4 4.92 78.40 -37.67
N ILE G 5 5.33 78.11 -38.88
CA ILE G 5 4.80 76.97 -39.67
C ILE G 5 5.93 75.96 -39.77
N SER G 6 5.61 74.75 -39.44
CA SER G 6 6.60 73.63 -39.40
C SER G 6 6.31 72.74 -40.59
N ILE G 7 7.33 72.37 -41.31
CA ILE G 7 7.31 71.48 -42.46
C ILE G 7 8.15 70.25 -42.15
N HIS G 8 7.57 69.09 -42.36
CA HIS G 8 8.27 67.82 -42.14
C HIS G 8 8.25 67.06 -43.47
N VAL G 9 9.42 66.88 -44.05
CA VAL G 9 9.55 66.23 -45.34
C VAL G 9 10.47 65.05 -45.21
N GLY G 10 10.04 63.88 -45.68
CA GLY G 10 10.86 62.68 -45.59
C GLY G 10 10.64 61.90 -44.29
N GLN G 11 10.96 60.64 -44.20
CA GLN G 11 10.49 59.87 -43.04
C GLN G 11 11.32 60.18 -41.81
N ALA G 12 12.59 60.61 -41.91
CA ALA G 12 13.27 61.17 -40.76
C ALA G 12 12.56 62.45 -40.25
N GLY G 13 12.11 63.28 -41.16
CA GLY G 13 11.39 64.47 -40.90
C GLY G 13 10.09 64.20 -40.13
N ILE G 14 9.38 63.18 -40.56
CA ILE G 14 8.08 62.83 -40.02
C ILE G 14 8.26 62.29 -38.61
N GLN G 15 9.20 61.37 -38.40
CA GLN G 15 9.34 60.74 -37.10
C GLN G 15 9.97 61.68 -36.06
N ILE G 16 10.83 62.59 -36.52
CA ILE G 16 11.32 63.64 -35.63
C ILE G 16 10.16 64.57 -35.32
N GLY G 17 9.32 64.88 -36.33
CA GLY G 17 8.14 65.69 -36.08
C GLY G 17 7.11 64.98 -35.23
N ASN G 18 7.07 63.68 -35.26
CA ASN G 18 6.19 62.88 -34.44
C ASN G 18 6.57 63.04 -32.98
N ALA G 19 7.89 63.06 -32.69
CA ALA G 19 8.36 63.28 -31.34
C ALA G 19 8.16 64.73 -30.94
N CYS G 20 8.30 65.66 -31.89
CA CYS G 20 8.22 67.08 -31.62
C CYS G 20 6.80 67.48 -31.27
N TRP G 21 5.82 66.87 -31.95
CA TRP G 21 4.43 67.14 -31.67
C TRP G 21 3.95 66.26 -30.53
N GLU G 22 4.72 65.31 -30.00
CA GLU G 22 4.41 64.70 -28.73
C GLU G 22 4.62 65.75 -27.60
N LEU G 23 5.78 66.40 -27.72
CA LEU G 23 6.28 67.25 -26.65
C LEU G 23 5.49 68.54 -26.58
N PHE G 24 5.11 69.09 -27.75
CA PHE G 24 4.32 70.32 -27.78
C PHE G 24 2.92 70.12 -27.20
N CYS G 25 2.35 68.94 -27.39
CA CYS G 25 1.06 68.60 -26.88
C CYS G 25 1.08 68.52 -25.36
N LEU G 26 2.15 67.92 -24.82
CA LEU G 26 2.23 67.72 -23.39
C LEU G 26 2.58 69.01 -22.67
N GLU G 27 3.34 69.89 -23.32
CA GLU G 27 3.75 71.13 -22.67
C GLU G 27 2.59 72.10 -22.52
N HIS G 28 1.70 72.12 -23.53
CA HIS G 28 0.52 72.96 -23.44
C HIS G 28 -0.68 72.24 -22.84
N GLY G 29 -0.53 70.96 -22.55
CA GLY G 29 -1.55 70.18 -21.87
C GLY G 29 -2.77 69.93 -22.77
N ILE G 30 -2.54 69.73 -24.08
CA ILE G 30 -3.65 69.41 -24.93
C ILE G 30 -3.78 67.88 -25.07
N GLN G 31 -5.03 67.45 -25.00
CA GLN G 31 -5.42 66.06 -25.07
C GLN G 31 -5.38 65.58 -26.53
N PRO G 32 -5.03 64.29 -26.75
CA PRO G 32 -4.82 63.84 -28.13
C PRO G 32 -5.95 63.99 -29.12
N ASP G 33 -7.17 64.18 -28.64
CA ASP G 33 -8.30 64.53 -29.52
C ASP G 33 -8.08 65.93 -30.09
N GLY G 34 -7.56 66.86 -29.32
CA GLY G 34 -7.18 68.16 -29.90
C GLY G 34 -7.76 69.30 -29.10
N GLN G 35 -8.47 69.01 -28.01
CA GLN G 35 -9.05 70.08 -27.18
C GLN G 35 -8.46 69.91 -25.78
N MET G 36 -8.05 71.03 -25.17
CA MET G 36 -7.51 70.98 -23.84
C MET G 36 -8.66 70.97 -22.82
N PRO G 37 -8.51 70.26 -21.69
CA PRO G 37 -9.55 70.19 -20.67
C PRO G 37 -9.50 71.43 -19.75
N ASP G 47 -2.77 82.50 -24.13
CA ASP G 47 -2.70 82.58 -25.62
C ASP G 47 -1.33 82.10 -26.09
N ALA G 48 -0.68 81.31 -25.24
CA ALA G 48 0.61 80.71 -25.54
C ALA G 48 0.52 79.58 -26.57
N PHE G 49 -0.65 78.96 -26.67
CA PHE G 49 -0.90 77.91 -27.64
C PHE G 49 -1.17 78.42 -29.07
N ASN G 50 -1.38 79.75 -29.16
CA ASN G 50 -1.68 80.33 -30.45
C ASN G 50 -0.45 80.37 -31.37
N THR G 51 0.76 80.21 -30.78
CA THR G 51 1.95 80.32 -31.60
C THR G 51 2.21 79.06 -32.43
N PHE G 52 1.55 77.94 -32.05
CA PHE G 52 1.73 76.68 -32.75
C PHE G 52 0.44 76.08 -33.28
N PHE G 53 -0.70 76.53 -32.83
CA PHE G 53 -1.97 75.89 -33.10
C PHE G 53 -2.94 76.86 -33.75
N SER G 54 -4.01 76.22 -34.24
CA SER G 54 -5.12 76.99 -34.84
C SER G 54 -6.37 76.71 -34.03
N GLU G 55 -7.22 77.76 -33.81
CA GLU G 55 -8.49 77.44 -33.18
C GLU G 55 -9.52 76.92 -34.20
N THR G 56 -9.80 75.65 -34.07
CA THR G 56 -10.72 74.96 -34.95
C THR G 56 -12.05 74.81 -34.25
N GLY G 57 -12.71 75.97 -34.13
CA GLY G 57 -13.99 76.11 -33.44
C GLY G 57 -13.86 75.87 -31.93
N ALA G 58 -14.73 75.02 -31.41
CA ALA G 58 -15.03 74.97 -29.98
C ALA G 58 -13.96 74.24 -29.17
N GLY G 59 -12.85 74.95 -28.97
CA GLY G 59 -11.75 74.50 -28.11
C GLY G 59 -10.83 73.51 -28.75
N LYS G 60 -11.09 73.10 -30.01
CA LYS G 60 -10.18 72.18 -30.68
C LYS G 60 -9.00 72.98 -31.25
N HIS G 61 -7.81 72.40 -31.18
CA HIS G 61 -6.62 72.96 -31.75
C HIS G 61 -6.06 71.96 -32.81
N VAL G 62 -5.77 72.58 -33.98
CA VAL G 62 -5.06 71.81 -34.99
C VAL G 62 -3.68 72.38 -35.19
N PRO G 63 -2.62 71.55 -35.22
CA PRO G 63 -1.25 72.13 -35.26
C PRO G 63 -0.97 72.68 -36.68
N ARG G 64 -0.03 73.58 -36.73
CA ARG G 64 0.44 74.24 -37.92
C ARG G 64 1.65 73.48 -38.46
N CYS G 65 1.37 72.29 -38.94
CA CYS G 65 2.40 71.46 -39.54
C CYS G 65 1.89 70.77 -40.78
N VAL G 66 2.81 70.50 -41.70
CA VAL G 66 2.48 69.74 -42.91
C VAL G 66 3.43 68.57 -43.06
N PHE G 67 2.87 67.42 -43.40
CA PHE G 67 3.67 66.17 -43.47
C PHE G 67 3.74 65.75 -44.94
N LEU G 68 4.97 65.69 -45.48
CA LEU G 68 5.11 65.51 -46.91
C LEU G 68 5.99 64.31 -47.20
N ASP G 69 5.47 63.26 -47.82
CA ASP G 69 6.36 62.17 -48.22
C ASP G 69 5.81 61.48 -49.44
N LEU G 70 6.66 61.08 -50.36
CA LEU G 70 6.25 60.22 -51.47
C LEU G 70 6.19 58.76 -51.04
N GLU G 71 6.90 58.40 -49.97
CA GLU G 71 6.82 57.05 -49.42
C GLU G 71 5.63 56.96 -48.50
N PRO G 72 4.54 56.21 -48.86
CA PRO G 72 3.29 56.29 -48.11
C PRO G 72 3.32 55.56 -46.78
N THR G 73 4.30 54.69 -46.56
CA THR G 73 4.39 53.81 -45.43
C THR G 73 4.69 54.55 -44.15
N VAL G 74 5.15 55.82 -44.18
CA VAL G 74 5.42 56.52 -42.94
C VAL G 74 4.30 57.50 -42.58
N VAL G 75 3.54 57.95 -43.57
CA VAL G 75 2.46 58.89 -43.32
C VAL G 75 1.16 58.14 -43.00
N ASP G 76 0.98 56.94 -43.58
CA ASP G 76 -0.21 56.17 -43.25
C ASP G 76 -0.12 55.61 -41.83
N GLU G 77 1.12 55.41 -41.33
CA GLU G 77 1.25 54.90 -39.97
C GLU G 77 1.00 56.01 -38.96
N VAL G 78 1.14 57.26 -39.37
CA VAL G 78 0.68 58.36 -38.50
C VAL G 78 -0.86 58.44 -38.57
N ARG G 79 -1.42 58.20 -39.78
CA ARG G 79 -2.85 58.29 -39.95
C ARG G 79 -3.59 57.19 -39.18
N THR G 80 -2.86 56.07 -38.90
CA THR G 80 -3.48 54.95 -38.22
C THR G 80 -3.12 54.91 -36.74
N GLY G 81 -2.11 55.72 -36.33
CA GLY G 81 -1.71 55.79 -34.95
C GLY G 81 -2.64 56.69 -34.11
N THR G 82 -2.23 56.94 -32.89
CA THR G 82 -3.13 57.50 -31.89
C THR G 82 -3.41 58.98 -32.11
N TYR G 83 -2.51 59.70 -32.77
CA TYR G 83 -2.75 61.07 -33.19
C TYR G 83 -3.30 61.06 -34.61
N ARG G 84 -4.45 60.37 -34.80
CA ARG G 84 -5.16 60.45 -36.06
C ARG G 84 -5.96 61.75 -36.05
N HIS G 85 -6.59 62.16 -34.94
CA HIS G 85 -7.48 63.27 -34.95
C HIS G 85 -6.83 64.57 -34.48
N LEU G 86 -5.53 64.52 -34.19
CA LEU G 86 -4.84 65.74 -33.86
C LEU G 86 -4.69 66.63 -35.09
N PHE G 87 -4.28 66.03 -36.19
CA PHE G 87 -3.98 66.78 -37.41
C PHE G 87 -5.25 66.85 -38.24
N HIS G 88 -5.41 68.00 -38.92
CA HIS G 88 -6.47 68.09 -39.90
C HIS G 88 -6.19 67.11 -41.04
N PRO G 89 -7.19 66.38 -41.55
CA PRO G 89 -6.93 65.18 -42.31
C PRO G 89 -6.09 65.29 -43.58
N GLU G 90 -5.82 66.45 -44.05
CA GLU G 90 -5.26 66.70 -45.37
C GLU G 90 -4.04 67.62 -45.25
N GLN G 91 -3.47 67.83 -44.03
CA GLN G 91 -2.06 68.26 -44.12
C GLN G 91 -1.09 67.08 -44.22
N LEU G 92 -1.61 65.83 -44.06
CA LEU G 92 -0.78 64.67 -44.29
C LEU G 92 -0.92 64.18 -45.73
N ILE G 93 -0.09 64.77 -46.63
CA ILE G 93 -0.22 64.42 -48.04
C ILE G 93 0.91 63.43 -48.36
N SER G 94 0.49 62.32 -48.96
CA SER G 94 1.32 61.17 -49.20
C SER G 94 1.20 60.76 -50.64
N GLY G 95 2.32 60.36 -51.25
CA GLY G 95 2.37 60.12 -52.68
C GLY G 95 2.07 58.67 -53.01
N LYS G 96 2.77 58.13 -54.03
CA LYS G 96 2.53 56.77 -54.45
C LYS G 96 3.75 55.88 -54.23
N GLU G 97 4.91 56.33 -54.51
CA GLU G 97 6.15 55.54 -54.41
C GLU G 97 7.29 56.40 -54.02
N ASP G 98 8.22 55.85 -53.23
CA ASP G 98 9.27 56.62 -52.54
C ASP G 98 10.28 57.14 -53.60
N ALA G 99 10.96 58.20 -53.23
CA ALA G 99 12.04 58.77 -54.03
C ALA G 99 13.27 57.86 -54.11
N ALA G 100 13.42 56.97 -53.12
CA ALA G 100 14.38 55.86 -53.15
C ALA G 100 15.81 56.42 -53.23
N ASN G 101 16.19 57.19 -52.19
CA ASN G 101 17.56 57.59 -51.93
C ASN G 101 18.22 58.29 -53.12
N ASN G 102 17.40 58.93 -53.94
CA ASN G 102 17.90 59.58 -55.14
C ASN G 102 17.54 61.03 -55.16
N PHE G 103 18.50 61.94 -55.18
CA PHE G 103 18.22 63.36 -55.31
C PHE G 103 17.49 63.65 -56.62
N ALA G 104 17.88 62.96 -57.71
CA ALA G 104 17.32 63.28 -59.01
C ALA G 104 15.84 62.88 -59.07
N ARG G 105 15.48 61.79 -58.36
CA ARG G 105 14.13 61.30 -58.40
C ARG G 105 13.23 62.26 -57.64
N GLY G 106 13.68 62.74 -56.47
CA GLY G 106 12.88 63.58 -55.60
C GLY G 106 12.69 64.99 -56.16
N HIS G 107 13.63 65.41 -57.01
CA HIS G 107 13.70 66.80 -57.46
C HIS G 107 13.09 66.95 -58.86
N TYR G 108 13.13 65.91 -59.72
CA TYR G 108 12.62 66.05 -61.04
C TYR G 108 11.34 65.25 -61.29
N THR G 109 11.38 63.95 -60.99
CA THR G 109 10.41 63.06 -61.66
C THR G 109 9.16 62.90 -60.80
N ILE G 110 9.35 62.34 -59.59
CA ILE G 110 8.23 62.00 -58.75
C ILE G 110 7.97 63.05 -57.69
N GLY G 111 8.62 64.21 -57.85
CA GLY G 111 8.43 65.38 -56.98
C GLY G 111 7.12 66.10 -57.38
N LYS G 112 6.92 66.32 -58.68
CA LYS G 112 6.21 67.51 -59.15
C LYS G 112 4.71 67.45 -58.91
N GLU G 113 4.18 66.21 -58.76
CA GLU G 113 2.72 66.08 -58.62
C GLU G 113 2.30 66.37 -57.18
N ILE G 114 3.23 66.39 -56.20
CA ILE G 114 2.81 66.63 -54.84
C ILE G 114 3.26 68.01 -54.37
N VAL G 115 4.22 68.63 -55.00
CA VAL G 115 4.74 69.92 -54.57
C VAL G 115 3.68 71.01 -54.75
N ASP G 116 2.92 70.93 -55.82
CA ASP G 116 1.81 71.85 -56.07
C ASP G 116 0.74 71.73 -54.99
N LEU G 117 0.46 70.52 -54.52
CA LEU G 117 -0.48 70.30 -53.44
C LEU G 117 0.09 70.81 -52.11
N SER G 118 1.41 70.73 -51.96
CA SER G 118 2.08 71.15 -50.73
C SER G 118 2.09 72.66 -50.65
N LEU G 119 2.33 73.35 -51.71
CA LEU G 119 2.34 74.82 -51.74
C LEU G 119 0.96 75.40 -51.52
N ASP G 120 -0.03 74.69 -52.06
CA ASP G 120 -1.45 75.07 -51.86
C ASP G 120 -1.82 74.80 -50.43
N ARG G 121 -1.27 73.75 -49.80
CA ARG G 121 -1.53 73.48 -48.38
C ARG G 121 -0.95 74.58 -47.48
N ILE G 122 0.26 75.00 -47.80
CA ILE G 122 0.97 75.97 -46.99
C ILE G 122 0.27 77.32 -47.12
N ARG G 123 -0.24 77.66 -48.31
CA ARG G 123 -0.76 78.98 -48.55
C ARG G 123 -1.94 79.37 -47.65
N LYS G 124 -2.85 78.44 -47.43
CA LYS G 124 -4.02 78.77 -46.60
C LYS G 124 -3.63 78.91 -45.13
N LEU G 125 -2.60 78.18 -44.75
CA LEU G 125 -2.14 78.22 -43.35
C LEU G 125 -1.20 79.41 -43.10
N ALA G 126 -0.58 79.96 -44.17
CA ALA G 126 0.27 81.12 -44.05
C ALA G 126 -0.52 82.45 -44.06
N ASP G 127 -1.65 82.46 -44.77
CA ASP G 127 -2.57 83.56 -44.82
C ASP G 127 -3.69 83.40 -43.82
N ASN G 128 -3.59 82.51 -42.85
CA ASN G 128 -4.46 82.49 -41.70
C ASN G 128 -4.34 83.75 -40.83
N CYS G 129 -3.08 84.26 -40.66
CA CYS G 129 -2.88 85.63 -40.19
C CYS G 129 -1.88 86.37 -41.09
N THR G 130 -1.42 87.48 -40.58
CA THR G 130 -0.45 88.30 -41.30
C THR G 130 0.78 88.56 -40.41
N GLY G 131 2.01 88.54 -40.99
CA GLY G 131 3.12 88.81 -40.15
C GLY G 131 3.59 87.54 -39.44
N LEU G 132 3.55 86.42 -40.17
CA LEU G 132 4.06 85.14 -39.73
C LEU G 132 5.58 85.22 -39.73
N GLN G 133 6.11 84.54 -38.72
CA GLN G 133 7.51 84.71 -38.30
C GLN G 133 8.36 83.88 -39.21
N GLY G 134 8.18 82.54 -39.28
CA GLY G 134 9.26 81.67 -39.74
C GLY G 134 8.71 80.33 -40.21
N PHE G 135 9.65 79.58 -40.80
CA PHE G 135 9.45 78.25 -41.34
C PHE G 135 10.43 77.31 -40.64
N LEU G 136 9.91 76.10 -40.40
CA LEU G 136 10.64 75.07 -39.66
C LEU G 136 10.68 73.92 -40.59
N MET G 137 11.73 73.62 -41.28
CA MET G 137 11.96 72.39 -42.03
C MET G 137 12.59 71.32 -41.19
N PHE G 138 12.13 70.10 -41.35
CA PHE G 138 12.73 68.89 -40.77
C PHE G 138 12.97 67.94 -41.90
N ASN G 139 14.18 67.45 -42.07
CA ASN G 139 14.45 66.58 -43.21
C ASN G 139 15.77 65.87 -42.95
N ALA G 140 15.94 64.75 -43.69
CA ALA G 140 17.22 64.06 -43.71
C ALA G 140 17.86 64.37 -45.04
N VAL G 141 19.08 64.91 -45.01
CA VAL G 141 19.80 65.30 -46.18
C VAL G 141 20.50 64.11 -46.81
N GLY G 142 20.60 62.95 -46.16
CA GLY G 142 21.23 61.80 -46.77
C GLY G 142 20.26 61.06 -47.72
N GLY G 143 18.92 61.28 -47.51
CA GLY G 143 18.05 60.42 -48.31
C GLY G 143 17.57 61.11 -49.57
N GLY G 144 16.57 60.51 -50.22
CA GLY G 144 16.03 61.03 -51.44
C GLY G 144 14.99 62.08 -51.30
N THR G 145 13.91 61.76 -50.62
CA THR G 145 12.73 62.61 -50.58
C THR G 145 12.92 63.77 -49.64
N GLY G 146 13.76 63.63 -48.64
CA GLY G 146 14.09 64.65 -47.67
C GLY G 146 14.92 65.71 -48.35
N SER G 147 15.89 65.25 -49.17
CA SER G 147 16.90 66.13 -49.75
C SER G 147 16.40 66.78 -51.05
N GLY G 148 15.91 65.95 -51.97
CA GLY G 148 15.45 66.42 -53.27
C GLY G 148 14.16 67.23 -53.11
N LEU G 149 13.13 66.65 -52.48
CA LEU G 149 11.87 67.33 -52.33
C LEU G 149 12.00 68.48 -51.33
N GLY G 150 12.93 68.36 -50.40
CA GLY G 150 13.17 69.41 -49.42
C GLY G 150 13.68 70.68 -50.10
N CYS G 151 14.55 70.52 -51.10
CA CYS G 151 15.03 71.66 -51.87
C CYS G 151 13.90 72.28 -52.67
N LEU G 152 13.04 71.49 -53.30
CA LEU G 152 11.96 72.00 -54.13
C LEU G 152 10.97 72.81 -53.28
N LEU G 153 10.72 72.34 -52.06
CA LEU G 153 9.85 73.05 -51.17
C LEU G 153 10.49 74.32 -50.66
N LEU G 154 11.80 74.33 -50.48
CA LEU G 154 12.52 75.54 -50.09
C LEU G 154 12.56 76.60 -51.22
N GLU G 155 12.75 76.14 -52.41
CA GLU G 155 12.96 77.05 -53.56
C GLU G 155 11.67 77.76 -53.88
N ARG G 156 10.59 77.04 -53.87
CA ARG G 156 9.27 77.58 -54.20
C ARG G 156 8.77 78.49 -53.08
N LEU G 157 9.12 78.17 -51.80
CA LEU G 157 8.76 79.06 -50.72
C LEU G 157 9.59 80.35 -50.75
N SER G 158 10.82 80.27 -51.21
CA SER G 158 11.70 81.42 -51.27
C SER G 158 11.21 82.46 -52.29
N VAL G 159 10.60 81.98 -53.38
CA VAL G 159 10.18 82.88 -54.44
C VAL G 159 8.87 83.54 -54.05
N ASP G 160 8.00 82.87 -53.32
CA ASP G 160 6.70 83.40 -52.97
C ASP G 160 6.79 84.26 -51.70
N TYR G 161 7.23 83.64 -50.61
CA TYR G 161 7.35 84.30 -49.32
C TYR G 161 8.81 84.63 -49.09
N GLY G 162 9.24 85.73 -49.69
CA GLY G 162 10.64 86.11 -49.73
C GLY G 162 11.13 86.64 -48.38
N LYS G 163 10.29 87.36 -47.63
CA LYS G 163 10.71 88.13 -46.50
C LYS G 163 10.68 87.35 -45.20
N LYS G 164 10.37 86.03 -45.26
CA LYS G 164 10.25 85.23 -44.06
C LYS G 164 11.54 84.44 -43.79
N SER G 165 11.81 84.24 -42.52
CA SER G 165 12.88 83.39 -42.04
C SER G 165 12.56 81.92 -42.27
N LYS G 166 13.54 81.13 -42.64
CA LYS G 166 13.32 79.69 -42.83
C LYS G 166 14.42 78.94 -42.07
N LEU G 167 13.94 78.28 -40.99
CA LEU G 167 14.82 77.44 -40.21
C LEU G 167 14.79 76.00 -40.69
N ASN G 168 15.94 75.37 -40.75
CA ASN G 168 16.09 73.99 -41.15
C ASN G 168 16.76 73.22 -40.00
N PHE G 169 16.29 72.00 -39.77
CA PHE G 169 16.90 71.06 -38.89
C PHE G 169 17.33 69.82 -39.65
N CYS G 170 18.55 69.82 -40.17
CA CYS G 170 18.95 68.81 -41.13
C CYS G 170 19.75 67.73 -40.44
N SER G 171 19.33 66.47 -40.59
CA SER G 171 20.02 65.36 -39.95
C SER G 171 21.16 64.91 -40.85
N TRP G 172 22.29 65.60 -40.64
CA TRP G 172 23.48 65.48 -41.46
C TRP G 172 24.08 64.09 -41.37
N PRO G 173 24.58 63.52 -42.47
CA PRO G 173 25.10 62.15 -42.42
C PRO G 173 26.37 62.03 -41.59
N SER G 174 26.50 60.91 -40.91
CA SER G 174 27.54 60.66 -39.94
C SER G 174 28.89 60.40 -40.61
N PRO G 175 30.01 60.66 -39.91
CA PRO G 175 31.32 60.33 -40.47
C PRO G 175 31.56 58.85 -40.74
N GLN G 176 31.14 58.00 -39.86
CA GLN G 176 31.31 56.56 -39.95
C GLN G 176 30.02 55.84 -40.38
N VAL G 177 28.89 56.19 -39.78
CA VAL G 177 27.66 55.47 -39.88
C VAL G 177 26.84 55.96 -41.07
N SER G 178 26.33 55.01 -41.85
CA SER G 178 25.68 55.50 -43.09
C SER G 178 24.22 55.07 -43.21
N THR G 179 23.96 53.79 -43.12
CA THR G 179 22.64 53.16 -43.36
C THR G 179 22.05 53.51 -44.73
N ALA G 180 22.91 53.89 -45.68
CA ALA G 180 22.54 54.15 -47.07
C ALA G 180 23.79 54.59 -47.81
N VAL G 181 24.07 54.06 -49.00
CA VAL G 181 25.42 54.15 -49.54
C VAL G 181 25.57 55.28 -50.55
N VAL G 182 24.48 55.88 -50.93
CA VAL G 182 24.46 56.97 -51.89
C VAL G 182 24.45 58.30 -51.15
N GLU G 183 24.62 58.28 -49.83
CA GLU G 183 24.58 59.52 -49.07
C GLU G 183 25.73 60.49 -49.36
N PRO G 184 26.96 60.14 -49.77
CA PRO G 184 27.87 61.18 -50.27
C PRO G 184 27.36 61.94 -51.49
N TYR G 185 26.64 61.23 -52.35
CA TYR G 185 26.05 61.86 -53.54
C TYR G 185 24.88 62.73 -53.14
N ASN G 186 24.07 62.25 -52.21
CA ASN G 186 22.86 62.92 -51.79
C ASN G 186 23.20 64.15 -51.00
N SER G 187 24.37 64.22 -50.32
CA SER G 187 24.73 65.35 -49.50
C SER G 187 25.10 66.54 -50.41
N VAL G 188 26.02 66.30 -51.35
CA VAL G 188 26.63 67.40 -52.09
C VAL G 188 25.64 67.99 -53.08
N LEU G 189 24.75 67.19 -53.63
CA LEU G 189 23.67 67.63 -54.47
C LEU G 189 22.62 68.46 -53.68
N SER G 190 22.50 68.22 -52.42
CA SER G 190 21.63 68.96 -51.55
C SER G 190 22.24 70.29 -51.19
N THR G 191 23.49 70.31 -50.80
CA THR G 191 24.10 71.44 -50.08
C THR G 191 24.22 72.65 -50.98
N HIS G 192 24.41 72.42 -52.31
CA HIS G 192 24.42 73.60 -53.17
C HIS G 192 23.03 74.24 -53.22
N SER G 193 22.03 73.35 -53.23
CA SER G 193 20.66 73.79 -53.53
C SER G 193 19.88 74.10 -52.23
N LEU G 194 20.57 73.96 -51.08
CA LEU G 194 20.00 74.40 -49.81
C LEU G 194 20.71 75.64 -49.33
N LEU G 195 21.97 75.89 -49.75
CA LEU G 195 22.74 76.92 -49.05
C LEU G 195 22.26 78.32 -49.38
N GLU G 196 21.95 78.54 -50.69
CA GLU G 196 21.55 79.91 -51.04
C GLU G 196 20.02 80.15 -51.00
N HIS G 197 19.33 79.20 -50.36
CA HIS G 197 17.88 79.29 -50.28
C HIS G 197 17.36 79.22 -48.84
N THR G 198 18.16 78.75 -47.87
CA THR G 198 17.60 78.75 -46.53
C THR G 198 18.44 79.73 -45.69
N ASP G 199 17.79 80.21 -44.63
CA ASP G 199 18.37 81.24 -43.78
C ASP G 199 19.26 80.67 -42.70
N VAL G 200 18.82 79.64 -42.05
CA VAL G 200 19.38 79.15 -40.78
C VAL G 200 19.24 77.64 -40.78
N ALA G 201 20.30 76.89 -40.64
CA ALA G 201 20.28 75.43 -40.65
C ALA G 201 21.09 74.97 -39.45
N VAL G 202 20.55 74.00 -38.69
CA VAL G 202 21.25 73.37 -37.61
C VAL G 202 21.64 71.95 -38.01
N MET G 203 22.91 71.63 -37.83
CA MET G 203 23.47 70.30 -37.96
C MET G 203 23.17 69.34 -36.79
N LEU G 204 22.55 68.25 -37.11
CA LEU G 204 22.39 67.15 -36.14
C LEU G 204 22.99 65.92 -36.79
N ASP G 205 23.81 65.21 -35.98
CA ASP G 205 24.44 63.99 -36.45
C ASP G 205 23.97 62.80 -35.62
N ASN G 206 23.84 61.65 -36.25
CA ASN G 206 23.22 60.50 -35.60
C ASN G 206 24.17 59.82 -34.62
N GLU G 207 25.41 59.66 -35.00
CA GLU G 207 26.33 58.97 -34.11
C GLU G 207 26.83 59.86 -33.00
N ALA G 208 26.67 61.17 -33.19
CA ALA G 208 26.95 62.10 -32.09
C ALA G 208 25.91 61.93 -30.98
N ILE G 209 24.64 61.75 -31.35
CA ILE G 209 23.61 61.58 -30.33
C ILE G 209 23.64 60.15 -29.81
N TYR G 210 24.20 59.22 -30.58
CA TYR G 210 24.49 57.87 -30.08
C TYR G 210 25.48 57.94 -28.93
N ASP G 211 26.53 58.73 -29.07
CA ASP G 211 27.53 58.82 -28.04
C ASP G 211 27.08 59.64 -26.84
N ILE G 212 26.17 60.59 -27.06
CA ILE G 212 25.54 61.32 -25.98
C ILE G 212 24.73 60.32 -25.13
N CYS G 213 23.96 59.45 -25.79
CA CYS G 213 23.08 58.58 -25.06
C CYS G 213 23.84 57.44 -24.39
N ARG G 214 25.04 57.17 -24.84
CA ARG G 214 25.86 56.10 -24.23
C ARG G 214 26.51 56.59 -22.95
N ARG G 215 27.03 57.83 -22.98
CA ARG G 215 27.81 58.31 -21.86
C ARG G 215 26.98 59.04 -20.80
N ASN G 216 25.99 59.83 -21.22
CA ASN G 216 25.26 60.65 -20.28
C ASN G 216 24.06 59.93 -19.66
N LEU G 217 23.25 59.41 -20.52
CA LEU G 217 22.00 58.71 -20.14
C LEU G 217 22.26 57.22 -19.91
N ASP G 218 23.43 56.73 -20.25
CA ASP G 218 23.89 55.36 -19.97
C ASP G 218 22.91 54.33 -20.57
N ILE G 219 22.56 54.53 -21.81
CA ILE G 219 21.91 53.48 -22.60
C ILE G 219 22.90 53.05 -23.66
N GLU G 220 23.22 51.78 -23.71
CA GLU G 220 24.11 51.24 -24.71
C GLU G 220 23.46 51.13 -26.10
N ARG G 221 22.17 50.84 -26.12
CA ARG G 221 21.52 50.25 -27.30
C ARG G 221 20.22 51.00 -27.59
N PRO G 222 20.25 52.28 -28.03
CA PRO G 222 19.04 53.05 -28.24
C PRO G 222 18.36 52.73 -29.56
N THR G 223 17.17 53.32 -29.73
CA THR G 223 16.43 53.22 -30.97
C THR G 223 16.30 54.62 -31.58
N TYR G 224 15.65 54.70 -32.73
CA TYR G 224 15.46 56.01 -33.38
C TYR G 224 14.49 56.89 -32.58
N THR G 225 13.61 56.30 -31.84
CA THR G 225 12.64 56.99 -31.02
C THR G 225 13.32 57.62 -29.82
N ASN G 226 14.45 57.09 -29.33
CA ASN G 226 15.20 57.73 -28.28
C ASN G 226 16.02 58.88 -28.83
N LEU G 227 16.40 58.81 -30.08
CA LEU G 227 17.14 59.90 -30.73
C LEU G 227 16.23 61.09 -30.92
N ASN G 228 15.00 60.82 -31.37
CA ASN G 228 14.11 61.90 -31.80
C ASN G 228 13.48 62.61 -30.61
N ARG G 229 13.39 61.92 -29.46
CA ARG G 229 12.91 62.56 -28.24
C ARG G 229 13.91 63.61 -27.80
N LEU G 230 15.20 63.30 -27.91
CA LEU G 230 16.26 64.21 -27.50
C LEU G 230 16.32 65.41 -28.42
N ILE G 231 16.05 65.19 -29.71
CA ILE G 231 16.02 66.27 -30.69
C ILE G 231 14.83 67.16 -30.39
N ALA G 232 13.70 66.56 -29.98
CA ALA G 232 12.48 67.30 -29.69
C ALA G 232 12.69 68.23 -28.49
N GLN G 233 13.55 67.87 -27.53
CA GLN G 233 13.84 68.75 -26.42
C GLN G 233 14.57 70.03 -26.84
N VAL G 234 15.44 69.88 -27.86
CA VAL G 234 16.18 71.01 -28.38
C VAL G 234 15.23 71.95 -29.12
N ILE G 235 14.32 71.40 -29.91
CA ILE G 235 13.41 72.23 -30.69
C ILE G 235 12.45 72.98 -29.76
N SER G 236 12.01 72.30 -28.69
CA SER G 236 11.11 72.94 -27.75
C SER G 236 11.81 74.10 -27.03
N SER G 237 13.07 73.90 -26.68
CA SER G 237 13.84 74.93 -25.99
C SER G 237 14.20 76.08 -26.93
N LEU G 238 14.26 75.81 -28.24
CA LEU G 238 14.57 76.84 -29.22
C LEU G 238 13.39 77.80 -29.36
N THR G 239 12.19 77.25 -29.41
CA THR G 239 10.99 78.03 -29.65
C THR G 239 10.24 78.32 -28.36
N ALA G 240 10.88 78.16 -27.21
CA ALA G 240 10.26 78.39 -25.91
C ALA G 240 9.99 79.86 -25.71
N SER G 241 10.79 80.74 -26.29
CA SER G 241 10.58 82.18 -26.09
C SER G 241 9.34 82.68 -26.82
N LEU G 242 9.04 82.06 -27.96
CA LEU G 242 7.81 82.35 -28.69
C LEU G 242 6.59 81.85 -27.92
N ARG G 243 6.67 80.82 -27.12
CA ARG G 243 5.51 80.29 -26.43
C ARG G 243 5.32 81.01 -25.08
N PHE G 244 6.37 81.08 -24.29
CA PHE G 244 6.21 81.32 -22.84
C PHE G 244 6.95 82.59 -22.44
N ASP G 245 6.44 83.22 -21.38
CA ASP G 245 7.01 84.48 -20.93
C ASP G 245 8.28 84.20 -20.12
N GLY G 246 9.24 85.11 -20.26
CA GLY G 246 10.51 84.95 -19.62
C GLY G 246 11.11 86.30 -19.27
N ALA G 247 12.27 86.23 -18.59
CA ALA G 247 13.02 87.40 -18.17
C ALA G 247 13.63 88.13 -19.35
N LEU G 248 14.15 87.40 -20.30
CA LEU G 248 14.85 87.92 -21.47
C LEU G 248 14.60 86.94 -22.61
N ASN G 249 13.67 87.31 -23.49
CA ASN G 249 13.31 86.38 -24.55
C ASN G 249 14.08 86.70 -25.84
N VAL G 250 14.27 85.64 -26.63
CA VAL G 250 14.91 85.79 -27.93
C VAL G 250 14.15 85.00 -28.97
N ASP G 251 13.73 85.66 -30.06
CA ASP G 251 12.75 85.03 -30.96
C ASP G 251 13.45 84.44 -32.17
N VAL G 252 12.67 83.92 -33.12
CA VAL G 252 13.23 83.23 -34.27
C VAL G 252 13.75 84.24 -35.32
N THR G 253 13.22 85.43 -35.32
CA THR G 253 13.54 86.39 -36.35
C THR G 253 14.94 87.00 -36.16
N GLU G 254 15.52 86.86 -34.98
CA GLU G 254 16.78 87.51 -34.70
C GLU G 254 17.89 86.46 -34.74
N PHE G 255 17.79 85.46 -35.58
CA PHE G 255 18.85 84.51 -35.85
C PHE G 255 19.75 84.97 -36.95
N GLN G 256 19.19 85.61 -37.98
CA GLN G 256 20.02 86.32 -38.96
C GLN G 256 20.71 87.52 -38.30
N THR G 257 20.09 88.12 -37.32
CA THR G 257 20.57 89.33 -36.69
C THR G 257 21.79 89.00 -35.79
N ASN G 258 21.78 87.82 -35.18
CA ASN G 258 22.66 87.63 -34.01
C ASN G 258 23.65 86.54 -34.35
N LEU G 259 23.33 85.61 -35.28
CA LEU G 259 24.20 84.46 -35.45
C LEU G 259 24.78 84.37 -36.86
N VAL G 260 24.35 85.18 -37.82
CA VAL G 260 24.88 84.96 -39.19
C VAL G 260 25.75 86.15 -39.56
N PRO G 261 27.08 86.04 -39.50
CA PRO G 261 27.94 87.19 -39.73
C PRO G 261 28.14 87.54 -41.20
N TYR G 262 28.11 86.51 -42.06
CA TYR G 262 28.26 86.67 -43.49
C TYR G 262 27.15 85.81 -44.12
N PRO G 263 26.59 86.25 -45.29
CA PRO G 263 25.33 85.71 -45.77
C PRO G 263 25.30 84.21 -46.04
N ARG G 264 26.43 83.64 -46.45
CA ARG G 264 26.42 82.21 -46.77
C ARG G 264 26.66 81.33 -45.55
N ILE G 265 27.26 81.91 -44.48
CA ILE G 265 27.67 81.12 -43.34
C ILE G 265 26.54 81.15 -42.31
N HIS G 266 25.71 80.10 -42.39
CA HIS G 266 24.62 79.96 -41.47
C HIS G 266 24.45 78.48 -41.12
N PHE G 267 25.56 77.77 -40.94
CA PHE G 267 25.48 76.40 -40.46
C PHE G 267 25.96 76.35 -39.01
N MET G 268 25.07 75.92 -38.11
CA MET G 268 25.34 75.94 -36.72
C MET G 268 25.22 74.54 -36.09
N LEU G 269 25.91 74.39 -34.95
CA LEU G 269 25.86 73.19 -34.17
C LEU G 269 24.74 73.29 -33.15
N SER G 270 24.59 72.23 -32.37
CA SER G 270 23.66 72.25 -31.24
C SER G 270 24.28 71.53 -30.05
N SER G 271 23.80 71.90 -28.86
CA SER G 271 24.17 71.23 -27.62
C SER G 271 23.01 71.38 -26.65
N TYR G 272 22.91 70.42 -25.73
CA TYR G 272 21.89 70.47 -24.71
C TYR G 272 22.53 70.00 -23.43
N ALA G 273 22.13 70.61 -22.31
CA ALA G 273 22.62 70.20 -21.01
C ALA G 273 21.62 70.70 -19.99
N PRO G 274 21.31 69.95 -18.92
CA PRO G 274 21.82 68.59 -18.69
C PRO G 274 20.98 67.50 -19.34
N ILE G 275 21.65 66.43 -19.71
CA ILE G 275 20.99 65.24 -20.23
C ILE G 275 21.33 64.10 -19.29
N ILE G 276 20.52 63.92 -18.26
CA ILE G 276 20.84 63.03 -17.19
C ILE G 276 19.62 62.16 -16.89
N SER G 277 19.88 60.93 -16.46
CA SER G 277 18.87 59.97 -16.13
C SER G 277 18.32 60.27 -14.74
N ALA G 278 17.41 59.39 -14.28
CA ALA G 278 17.06 59.32 -12.87
C ALA G 278 18.24 58.77 -12.04
N GLU G 279 19.21 58.10 -12.67
CA GLU G 279 20.28 57.47 -11.96
C GLU G 279 21.25 58.51 -11.35
N LYS G 280 21.54 59.56 -12.15
CA LYS G 280 22.56 60.47 -11.59
C LYS G 280 21.97 61.81 -11.28
N ALA G 281 20.66 62.04 -11.44
CA ALA G 281 20.04 63.28 -10.98
C ALA G 281 20.04 63.38 -9.46
N TYR G 282 19.93 62.17 -8.83
CA TYR G 282 19.94 62.09 -7.37
C TYR G 282 21.30 62.44 -6.83
N HIS G 283 22.33 62.08 -7.60
CA HIS G 283 23.71 62.24 -7.15
C HIS G 283 24.36 63.56 -7.59
N GLU G 284 23.64 64.33 -8.40
CA GLU G 284 24.23 65.58 -8.87
C GLU G 284 23.31 66.77 -8.68
N GLN G 285 23.80 67.81 -8.06
CA GLN G 285 23.13 69.11 -8.05
C GLN G 285 23.53 69.81 -9.33
N LEU G 286 22.59 70.40 -10.01
CA LEU G 286 22.79 70.98 -11.32
C LEU G 286 22.89 72.50 -11.22
N SER G 287 24.05 72.98 -10.80
CA SER G 287 24.21 74.44 -10.69
C SER G 287 24.57 74.99 -12.07
N VAL G 288 24.25 76.26 -12.23
CA VAL G 288 24.42 77.07 -13.39
C VAL G 288 25.85 77.06 -13.85
N ALA G 289 26.81 76.96 -12.91
CA ALA G 289 28.22 76.92 -13.27
C ALA G 289 28.59 75.69 -14.13
N GLU G 290 28.03 74.55 -13.76
CA GLU G 290 28.51 73.34 -14.45
C GLU G 290 27.61 73.05 -15.64
N ILE G 291 26.36 73.45 -15.63
CA ILE G 291 25.49 73.19 -16.77
C ILE G 291 25.85 74.04 -17.99
N THR G 292 26.50 75.18 -17.74
CA THR G 292 27.16 75.91 -18.80
C THR G 292 28.53 75.31 -19.11
N ASN G 293 29.15 74.62 -18.12
CA ASN G 293 30.40 73.95 -18.41
C ASN G 293 30.13 72.71 -19.25
N SER G 294 29.07 72.01 -18.93
CA SER G 294 28.71 70.78 -19.64
C SER G 294 28.18 71.09 -21.05
N ALA G 295 27.68 72.33 -21.25
CA ALA G 295 27.19 72.67 -22.59
C ALA G 295 28.34 72.84 -23.58
N PHE G 296 29.44 73.40 -23.07
CA PHE G 296 30.60 73.67 -23.92
C PHE G 296 31.58 72.51 -24.00
N GLU G 297 31.29 71.44 -23.26
CA GLU G 297 32.15 70.26 -23.25
C GLU G 297 32.10 69.60 -24.61
N PRO G 298 33.26 69.27 -25.21
CA PRO G 298 33.29 68.84 -26.61
C PRO G 298 32.58 67.52 -26.89
N ALA G 299 32.41 66.68 -25.88
CA ALA G 299 31.74 65.40 -26.09
C ALA G 299 30.23 65.56 -25.93
N SER G 300 29.71 66.76 -25.74
CA SER G 300 28.30 67.01 -25.47
C SER G 300 27.66 67.79 -26.62
N MET G 301 28.36 67.97 -27.73
CA MET G 301 27.69 68.44 -28.93
C MET G 301 26.82 67.37 -29.58
N MET G 302 26.10 67.78 -30.60
CA MET G 302 25.23 66.88 -31.34
C MET G 302 25.69 66.76 -32.77
N ALA G 303 27.00 66.97 -33.07
CA ALA G 303 27.42 66.94 -34.46
C ALA G 303 28.87 66.42 -34.57
N LYS G 304 29.35 65.61 -33.65
CA LYS G 304 30.66 64.96 -33.72
C LYS G 304 31.73 66.05 -33.69
N CYS G 305 31.57 67.35 -33.81
CA CYS G 305 32.54 68.14 -34.52
C CYS G 305 33.47 68.73 -33.47
N ASP G 306 34.69 68.20 -33.43
CA ASP G 306 35.59 68.44 -32.30
C ASP G 306 36.05 69.91 -32.43
N PRO G 307 35.74 70.77 -31.44
CA PRO G 307 36.03 72.21 -31.61
C PRO G 307 37.44 72.59 -31.20
N ARG G 308 38.30 71.62 -30.84
CA ARG G 308 39.66 72.00 -30.47
C ARG G 308 40.47 72.51 -31.65
N HIS G 309 40.18 72.00 -32.82
CA HIS G 309 40.73 72.48 -34.09
C HIS G 309 39.68 73.36 -34.76
N GLY G 310 38.93 74.13 -33.96
CA GLY G 310 38.23 75.28 -34.49
C GLY G 310 38.21 76.44 -33.55
N LYS G 311 37.64 77.54 -34.03
CA LYS G 311 37.50 78.77 -33.24
C LYS G 311 36.03 79.08 -33.19
N TYR G 312 35.51 79.32 -31.98
CA TYR G 312 34.15 79.84 -31.81
C TYR G 312 33.95 81.20 -32.45
N MET G 313 32.78 81.41 -33.05
CA MET G 313 32.46 82.72 -33.61
C MET G 313 31.31 83.39 -32.86
N ALA G 314 30.27 82.63 -32.64
CA ALA G 314 29.00 83.17 -32.10
C ALA G 314 28.27 82.08 -31.35
N CYS G 315 27.71 82.44 -30.20
CA CYS G 315 27.03 81.45 -29.38
C CYS G 315 25.74 82.07 -28.84
N CYS G 316 24.67 81.23 -28.90
CA CYS G 316 23.39 81.72 -28.38
C CYS G 316 22.86 80.70 -27.38
N LEU G 317 22.66 81.13 -26.16
CA LEU G 317 22.35 80.24 -25.05
C LEU G 317 20.97 80.57 -24.53
N MET G 318 20.05 79.58 -24.59
CA MET G 318 18.71 79.84 -24.08
C MET G 318 18.52 79.02 -22.81
N TYR G 319 18.69 79.67 -21.65
CA TYR G 319 18.49 79.06 -20.38
C TYR G 319 17.02 79.01 -20.01
N ARG G 320 16.62 77.92 -19.37
CA ARG G 320 15.23 77.68 -19.11
C ARG G 320 15.08 77.14 -17.70
N GLY G 321 14.06 77.68 -17.05
CA GLY G 321 13.85 77.29 -15.64
C GLY G 321 14.27 78.40 -14.66
N ASP G 322 14.50 77.99 -13.45
CA ASP G 322 14.83 78.84 -12.31
C ASP G 322 16.31 79.27 -12.46
N VAL G 323 16.51 80.19 -13.38
CA VAL G 323 17.83 80.75 -13.62
C VAL G 323 17.76 82.25 -13.36
N VAL G 324 18.54 82.74 -12.41
CA VAL G 324 18.61 84.16 -12.15
C VAL G 324 19.67 84.80 -13.05
N PRO G 325 19.46 86.02 -13.56
CA PRO G 325 20.42 86.59 -14.52
C PRO G 325 21.79 86.96 -13.97
N LYS G 326 21.90 87.09 -12.64
CA LYS G 326 23.14 87.54 -12.03
C LYS G 326 24.22 86.45 -12.09
N ASP G 327 23.84 85.22 -11.93
CA ASP G 327 24.75 84.11 -12.01
C ASP G 327 25.02 83.68 -13.45
N VAL G 328 24.20 84.07 -14.36
CA VAL G 328 24.42 83.85 -15.79
C VAL G 328 25.64 84.65 -16.23
N ASN G 329 25.70 85.94 -15.81
CA ASN G 329 26.78 86.81 -16.18
C ASN G 329 28.10 86.33 -15.57
N ALA G 330 28.05 85.81 -14.37
CA ALA G 330 29.23 85.28 -13.70
C ALA G 330 29.69 83.99 -14.37
N ALA G 331 28.75 83.18 -14.84
CA ALA G 331 29.08 81.87 -15.40
C ALA G 331 29.66 82.02 -16.82
N VAL G 332 29.16 82.99 -17.58
CA VAL G 332 29.69 83.22 -18.90
C VAL G 332 31.08 83.88 -18.83
N ALA G 333 31.33 84.62 -17.78
CA ALA G 333 32.63 85.25 -17.54
C ALA G 333 33.69 84.19 -17.28
N THR G 334 33.34 83.12 -16.59
CA THR G 334 34.27 82.05 -16.33
C THR G 334 34.66 81.34 -17.64
N ILE G 335 33.72 81.23 -18.56
CA ILE G 335 33.97 80.58 -19.83
C ILE G 335 34.97 81.41 -20.65
N LYS G 336 34.77 82.73 -20.65
CA LYS G 336 35.64 83.63 -21.41
C LYS G 336 37.07 83.60 -20.86
N THR G 337 37.20 83.47 -19.55
CA THR G 337 38.53 83.46 -18.94
C THR G 337 39.22 82.11 -19.12
N LYS G 338 38.47 81.04 -19.34
CA LYS G 338 39.06 79.72 -19.60
C LYS G 338 39.74 79.75 -20.97
N ARG G 339 40.90 79.12 -21.03
CA ARG G 339 41.79 79.28 -22.17
C ARG G 339 41.62 78.20 -23.25
N THR G 340 40.89 77.13 -22.94
CA THR G 340 40.82 76.01 -23.85
C THR G 340 39.93 76.31 -25.06
N ILE G 341 38.99 77.22 -24.91
CA ILE G 341 38.08 77.63 -25.95
C ILE G 341 38.61 78.96 -26.48
N GLN G 342 38.81 79.02 -27.81
CA GLN G 342 39.40 80.24 -28.34
C GLN G 342 38.37 80.95 -29.21
N PHE G 343 38.11 82.20 -28.93
CA PHE G 343 37.16 82.93 -29.77
C PHE G 343 37.95 83.59 -30.89
N VAL G 344 37.26 83.94 -31.97
CA VAL G 344 37.90 84.58 -33.10
C VAL G 344 38.20 86.04 -32.73
N ASP G 345 39.22 86.61 -33.35
CA ASP G 345 39.76 87.90 -32.97
C ASP G 345 38.77 89.02 -33.31
N TRP G 346 37.97 88.88 -34.38
CA TRP G 346 37.15 90.00 -34.80
C TRP G 346 35.80 90.11 -34.06
N CYS G 347 35.53 89.15 -33.16
CA CYS G 347 34.26 89.11 -32.48
C CYS G 347 34.51 89.09 -30.96
N PRO G 348 34.68 90.27 -30.34
CA PRO G 348 35.07 90.33 -28.93
C PRO G 348 33.99 89.84 -27.98
N THR G 349 32.73 90.23 -28.23
CA THR G 349 31.64 89.64 -27.48
C THR G 349 31.00 88.59 -28.35
N GLY G 350 30.86 87.36 -27.81
CA GLY G 350 30.36 86.27 -28.62
C GLY G 350 29.24 85.47 -27.95
N PHE G 351 28.56 86.10 -26.99
CA PHE G 351 27.47 85.44 -26.30
C PHE G 351 26.19 86.25 -26.36
N LYS G 352 25.09 85.51 -26.54
CA LYS G 352 23.74 86.02 -26.40
C LYS G 352 23.04 85.10 -25.39
N CYS G 353 22.49 85.77 -24.37
CA CYS G 353 21.84 85.01 -23.31
C CYS G 353 20.34 85.25 -23.39
N GLY G 354 19.60 84.15 -23.13
CA GLY G 354 18.15 84.21 -23.04
C GLY G 354 17.68 83.40 -21.84
N ILE G 355 16.71 83.94 -21.11
CA ILE G 355 16.16 83.32 -19.93
C ILE G 355 14.66 83.14 -20.13
N ASN G 356 14.19 81.92 -19.87
CA ASN G 356 12.78 81.61 -19.86
C ASN G 356 12.40 81.05 -18.50
N TYR G 357 11.14 81.26 -18.11
CA TYR G 357 10.67 80.91 -16.79
C TYR G 357 10.23 79.46 -16.73
N GLN G 358 9.82 78.83 -17.84
CA GLN G 358 9.31 77.49 -17.78
C GLN G 358 10.41 76.48 -17.60
N PRO G 359 10.34 75.59 -16.60
CA PRO G 359 11.25 74.44 -16.54
C PRO G 359 10.97 73.46 -17.66
N PRO G 360 11.97 72.66 -18.08
CA PRO G 360 11.73 71.67 -19.15
C PRO G 360 10.75 70.61 -18.69
N THR G 361 9.88 70.19 -19.59
CA THR G 361 8.97 69.09 -19.31
C THR G 361 9.64 67.77 -19.71
N VAL G 362 9.42 66.73 -18.92
CA VAL G 362 9.77 65.38 -19.32
C VAL G 362 8.49 64.65 -19.70
N VAL G 363 8.58 63.90 -20.77
CA VAL G 363 7.56 62.97 -21.18
C VAL G 363 7.54 61.77 -20.24
N PRO G 364 6.36 61.36 -19.75
CA PRO G 364 6.24 60.18 -18.90
C PRO G 364 6.66 58.91 -19.62
N GLY G 365 7.39 58.07 -18.90
CA GLY G 365 7.90 56.84 -19.45
C GLY G 365 9.07 57.06 -20.40
N GLY G 366 9.58 58.28 -20.51
CA GLY G 366 10.77 58.56 -21.29
C GLY G 366 11.99 58.31 -20.43
N ASP G 367 13.14 58.84 -20.92
CA ASP G 367 14.42 58.48 -20.38
C ASP G 367 15.17 59.73 -19.91
N LEU G 368 14.66 60.95 -20.08
CA LEU G 368 15.30 62.09 -19.45
C LEU G 368 14.63 62.30 -18.10
N ALA G 369 15.38 62.98 -17.19
CA ALA G 369 14.85 63.26 -15.88
C ALA G 369 14.40 64.70 -15.74
N LYS G 370 13.44 64.92 -14.80
CA LYS G 370 12.89 66.27 -14.68
C LYS G 370 13.94 67.18 -14.03
N VAL G 371 14.56 67.97 -14.84
CA VAL G 371 15.65 68.83 -14.37
C VAL G 371 15.05 70.15 -13.95
N MET G 372 15.71 70.87 -13.08
CA MET G 372 15.12 72.12 -12.59
C MET G 372 15.48 73.28 -13.54
N ARG G 373 16.61 73.16 -14.25
CA ARG G 373 17.02 74.20 -15.16
C ARG G 373 17.91 73.62 -16.24
N ALA G 374 17.85 74.18 -17.46
CA ALA G 374 18.49 73.58 -18.59
C ALA G 374 18.94 74.62 -19.63
N VAL G 375 19.92 74.22 -20.44
CA VAL G 375 20.53 75.10 -21.41
C VAL G 375 20.55 74.44 -22.76
N CYS G 376 20.11 75.17 -23.77
CA CYS G 376 20.21 74.78 -25.15
C CYS G 376 21.10 75.77 -25.90
N MET G 377 22.09 75.24 -26.57
CA MET G 377 23.17 76.08 -27.12
C MET G 377 23.22 75.86 -28.62
N ILE G 378 23.20 76.98 -29.37
CA ILE G 378 23.38 76.94 -30.80
C ILE G 378 24.61 77.79 -31.14
N SER G 379 25.59 77.18 -31.79
CA SER G 379 26.88 77.80 -31.94
C SER G 379 27.34 77.83 -33.40
N ASN G 380 28.00 78.93 -33.80
CA ASN G 380 28.81 78.95 -34.98
C ASN G 380 30.26 78.75 -34.50
N SER G 381 30.93 77.78 -35.19
CA SER G 381 32.36 77.70 -35.05
C SER G 381 33.02 77.56 -36.44
N THR G 382 34.34 77.73 -36.44
CA THR G 382 35.12 77.51 -37.64
C THR G 382 35.55 76.04 -37.76
N ALA G 383 35.10 75.20 -36.83
CA ALA G 383 35.32 73.77 -36.83
C ALA G 383 34.43 73.12 -37.84
N ILE G 384 33.48 73.77 -38.46
CA ILE G 384 32.60 73.19 -39.46
C ILE G 384 33.37 72.83 -40.75
N ALA G 385 34.60 73.29 -40.87
CA ALA G 385 35.50 72.91 -41.96
C ALA G 385 35.71 71.40 -42.01
N GLU G 386 35.73 70.74 -40.84
CA GLU G 386 35.93 69.30 -40.80
C GLU G 386 34.69 68.54 -41.26
N VAL G 387 33.52 69.08 -41.01
CA VAL G 387 32.25 68.47 -41.29
C VAL G 387 32.01 68.43 -42.81
N PHE G 388 32.52 69.48 -43.47
CA PHE G 388 32.37 69.61 -44.89
C PHE G 388 33.50 68.90 -45.64
N SER G 389 34.67 68.77 -45.00
CA SER G 389 35.80 68.20 -45.71
C SER G 389 35.63 66.70 -45.96
N ARG G 390 34.99 66.03 -45.00
CA ARG G 390 34.98 64.55 -45.17
C ARG G 390 33.94 64.16 -46.21
N MET G 391 32.84 64.93 -46.19
CA MET G 391 31.77 64.68 -47.18
C MET G 391 32.21 65.17 -48.54
N ASP G 392 33.11 66.17 -48.59
CA ASP G 392 33.85 66.46 -49.84
C ASP G 392 34.73 65.25 -50.19
N HIS G 393 35.34 64.69 -49.14
CA HIS G 393 36.29 63.60 -49.32
C HIS G 393 35.58 62.34 -49.72
N LYS G 394 34.39 62.09 -49.23
CA LYS G 394 33.57 60.97 -49.69
C LYS G 394 33.17 61.08 -51.16
N PHE G 395 32.89 62.29 -51.57
CA PHE G 395 32.28 62.54 -52.90
C PHE G 395 33.33 62.35 -54.00
N ASP G 396 34.54 62.82 -53.73
CA ASP G 396 35.56 62.88 -54.79
C ASP G 396 36.12 61.49 -55.02
N LEU G 397 36.15 60.64 -54.04
CA LEU G 397 36.59 59.25 -54.19
C LEU G 397 35.57 58.48 -55.01
N MET G 398 34.30 58.72 -54.77
CA MET G 398 33.22 58.00 -55.41
C MET G 398 33.09 58.37 -56.88
N TYR G 399 33.19 59.68 -57.14
CA TYR G 399 33.07 60.22 -58.48
C TYR G 399 34.32 59.97 -59.33
N ALA G 400 35.42 59.64 -58.69
CA ALA G 400 36.73 59.53 -59.34
C ALA G 400 36.74 58.56 -60.51
N LYS G 401 36.04 57.46 -60.40
CA LYS G 401 35.76 56.64 -61.59
C LYS G 401 34.28 56.27 -61.57
N ARG G 402 33.45 57.25 -61.28
CA ARG G 402 32.08 57.41 -61.75
C ARG G 402 31.20 56.24 -61.33
N ALA G 403 31.17 55.99 -60.04
CA ALA G 403 30.27 54.99 -59.47
C ALA G 403 28.86 55.60 -59.36
N PHE G 404 27.85 54.81 -59.61
CA PHE G 404 26.44 55.11 -59.39
C PHE G 404 25.94 56.32 -60.17
N VAL G 405 26.65 56.70 -61.22
CA VAL G 405 26.32 57.94 -61.92
C VAL G 405 25.14 57.75 -62.87
N HIS G 406 24.99 56.55 -63.40
CA HIS G 406 23.99 56.21 -64.41
C HIS G 406 22.58 56.31 -63.82
N TRP G 407 22.43 56.18 -62.49
CA TRP G 407 21.11 56.43 -61.94
C TRP G 407 20.73 57.90 -61.95
N TYR G 408 21.76 58.75 -61.75
CA TYR G 408 21.52 60.19 -61.72
C TYR G 408 21.37 60.78 -63.12
N VAL G 409 22.18 60.32 -64.06
CA VAL G 409 22.17 60.83 -65.41
C VAL G 409 20.90 60.42 -66.14
N GLY G 410 20.44 59.18 -65.85
CA GLY G 410 19.25 58.66 -66.51
C GLY G 410 17.97 59.32 -66.01
N GLU G 411 18.03 59.94 -64.82
CA GLU G 411 16.86 60.44 -64.17
C GLU G 411 16.59 61.91 -64.51
N GLY G 412 17.64 62.63 -64.99
CA GLY G 412 17.39 64.02 -65.32
C GLY G 412 18.47 65.00 -64.93
N MET G 413 19.17 64.72 -63.83
CA MET G 413 20.35 65.56 -63.52
C MET G 413 21.52 65.17 -64.43
N GLU G 414 21.95 66.05 -65.34
CA GLU G 414 23.01 65.79 -66.22
C GLU G 414 24.40 65.95 -65.56
N GLU G 415 25.38 65.47 -66.30
CA GLU G 415 26.75 65.62 -65.91
C GLU G 415 27.14 67.09 -65.82
N GLY G 416 27.65 67.46 -64.66
CA GLY G 416 28.21 68.81 -64.52
C GLY G 416 27.65 69.47 -63.27
N GLU G 417 26.45 69.05 -62.87
CA GLU G 417 25.96 69.42 -61.54
C GLU G 417 26.73 68.71 -60.45
N PHE G 418 27.31 67.55 -60.76
CA PHE G 418 28.31 66.93 -59.90
C PHE G 418 29.54 67.82 -59.79
N SER G 419 29.97 68.38 -60.91
CA SER G 419 31.15 69.23 -60.95
C SER G 419 30.84 70.56 -60.24
N GLU G 420 29.72 71.14 -60.54
CA GLU G 420 29.48 72.55 -60.15
C GLU G 420 29.17 72.62 -58.68
N ALA G 421 28.45 71.63 -58.14
CA ALA G 421 28.21 71.60 -56.69
C ALA G 421 29.52 71.28 -55.97
N ARG G 422 30.43 70.56 -56.53
CA ARG G 422 31.70 70.24 -55.94
C ARG G 422 32.57 71.50 -55.71
N GLU G 423 32.62 72.36 -56.80
CA GLU G 423 33.35 73.60 -56.58
C GLU G 423 32.61 74.56 -55.66
N ASP G 424 31.31 74.43 -55.56
CA ASP G 424 30.51 75.16 -54.61
C ASP G 424 30.90 74.81 -53.17
N LEU G 425 31.04 73.51 -52.91
CA LEU G 425 31.47 73.06 -51.61
C LEU G 425 32.91 73.42 -51.35
N ALA G 426 33.74 73.42 -52.41
CA ALA G 426 35.12 73.88 -52.28
C ALA G 426 35.17 75.37 -51.92
N ALA G 427 34.24 76.14 -52.48
CA ALA G 427 34.13 77.56 -52.18
C ALA G 427 33.71 77.77 -50.73
N LEU G 428 32.86 76.88 -50.22
CA LEU G 428 32.39 77.01 -48.85
C LEU G 428 33.52 76.68 -47.87
N GLU G 429 34.36 75.69 -48.24
CA GLU G 429 35.49 75.32 -47.39
C GLU G 429 36.50 76.46 -47.30
N LYS G 430 36.75 77.08 -48.43
CA LYS G 430 37.74 78.15 -48.45
C LYS G 430 37.23 79.39 -47.75
N ASP G 431 35.90 79.58 -47.70
CA ASP G 431 35.33 80.74 -47.02
C ASP G 431 35.51 80.65 -45.51
N TYR G 432 35.34 79.43 -44.96
CA TYR G 432 35.54 79.23 -43.53
C TYR G 432 37.01 79.37 -43.15
N GLU G 433 37.92 79.00 -44.05
CA GLU G 433 39.34 79.14 -43.76
C GLU G 433 39.77 80.60 -43.79
N GLU G 434 39.15 81.39 -44.67
CA GLU G 434 39.45 82.81 -44.82
C GLU G 434 38.94 83.62 -43.62
N VAL G 435 37.88 83.18 -42.98
CA VAL G 435 37.29 83.86 -41.87
C VAL G 435 38.17 83.70 -40.62
N GLY G 436 38.77 82.54 -40.45
CA GLY G 436 39.48 82.16 -39.24
C GLY G 436 40.87 82.81 -39.07
N ILE G 437 41.35 83.56 -40.09
CA ILE G 437 42.70 84.10 -39.93
C ILE G 437 42.61 85.50 -39.36
N MET H 1 -48.46 89.61 -55.70
CA MET H 1 -47.62 90.79 -55.51
C MET H 1 -46.46 90.67 -56.47
N ARG H 2 -45.26 90.96 -55.98
CA ARG H 2 -43.98 90.81 -56.67
C ARG H 2 -43.44 89.35 -56.57
N GLU H 3 -43.06 88.84 -57.69
CA GLU H 3 -42.99 87.39 -57.96
C GLU H 3 -41.99 87.19 -59.07
N VAL H 4 -41.51 85.95 -59.17
CA VAL H 4 -40.63 85.52 -60.25
C VAL H 4 -41.14 84.18 -60.74
N ILE H 5 -41.11 84.00 -62.07
CA ILE H 5 -41.56 82.76 -62.66
C ILE H 5 -40.36 81.94 -63.11
N SER H 6 -40.31 80.68 -62.69
CA SER H 6 -39.23 79.79 -63.06
C SER H 6 -39.68 78.88 -64.20
N ILE H 7 -38.86 78.77 -65.24
CA ILE H 7 -39.12 77.90 -66.36
C ILE H 7 -38.04 76.82 -66.44
N HIS H 8 -38.44 75.57 -66.52
CA HIS H 8 -37.50 74.46 -66.60
C HIS H 8 -37.72 73.69 -67.88
N VAL H 9 -36.78 73.76 -68.81
CA VAL H 9 -36.91 73.14 -70.11
C VAL H 9 -35.78 72.15 -70.31
N GLY H 10 -36.08 70.94 -70.71
CA GLY H 10 -35.04 69.94 -70.88
C GLY H 10 -34.87 69.08 -69.64
N GLN H 11 -34.14 67.96 -69.80
CA GLN H 11 -33.95 67.03 -68.70
C GLN H 11 -33.09 67.67 -67.60
N ALA H 12 -32.06 68.47 -68.01
CA ALA H 12 -31.23 69.10 -67.01
C ALA H 12 -32.02 70.13 -66.21
N GLY H 13 -32.89 70.85 -66.90
CA GLY H 13 -33.74 71.86 -66.23
C GLY H 13 -34.71 71.19 -65.25
N ILE H 14 -35.24 70.03 -65.60
CA ILE H 14 -36.22 69.37 -64.75
C ILE H 14 -35.54 68.85 -63.46
N GLN H 15 -34.38 68.20 -63.62
CA GLN H 15 -33.73 67.65 -62.44
C GLN H 15 -33.11 68.73 -61.54
N ILE H 16 -32.68 69.82 -62.14
CA ILE H 16 -32.27 70.98 -61.35
C ILE H 16 -33.49 71.58 -60.67
N GLY H 17 -34.61 71.62 -61.36
CA GLY H 17 -35.86 72.13 -60.80
C GLY H 17 -36.39 71.27 -59.66
N ASN H 18 -36.12 69.96 -59.73
CA ASN H 18 -36.52 69.07 -58.66
C ASN H 18 -35.73 69.41 -57.37
N ALA H 19 -34.45 69.69 -57.54
CA ALA H 19 -33.58 70.03 -56.46
C ALA H 19 -33.88 71.45 -55.95
N CYS H 20 -34.28 72.34 -56.89
CA CYS H 20 -34.50 73.73 -56.50
C CYS H 20 -35.79 73.85 -55.72
N TRP H 21 -36.80 73.08 -56.11
CA TRP H 21 -38.08 73.18 -55.43
C TRP H 21 -38.14 72.37 -54.16
N GLU H 22 -37.19 71.43 -53.97
CA GLU H 22 -37.11 70.78 -52.68
C GLU H 22 -36.49 71.75 -51.65
N LEU H 23 -35.56 72.60 -52.10
CA LEU H 23 -34.94 73.54 -51.21
C LEU H 23 -35.92 74.65 -50.84
N PHE H 24 -36.70 75.12 -51.81
CA PHE H 24 -37.67 76.18 -51.58
C PHE H 24 -38.80 75.77 -50.67
N CYS H 25 -39.17 74.52 -50.71
CA CYS H 25 -40.17 73.93 -49.80
C CYS H 25 -39.64 73.95 -48.36
N LEU H 26 -38.39 73.60 -48.20
CA LEU H 26 -37.82 73.45 -46.86
C LEU H 26 -37.48 74.81 -46.26
N GLU H 27 -37.15 75.80 -47.09
CA GLU H 27 -36.78 77.09 -46.58
C GLU H 27 -38.01 77.85 -46.02
N HIS H 28 -39.16 77.68 -46.70
CA HIS H 28 -40.38 78.30 -46.24
C HIS H 28 -41.20 77.34 -45.37
N GLY H 29 -40.73 76.14 -45.18
CA GLY H 29 -41.34 75.20 -44.25
C GLY H 29 -42.67 74.63 -44.74
N ILE H 30 -42.83 74.48 -46.03
CA ILE H 30 -44.11 74.02 -46.59
C ILE H 30 -43.93 72.53 -46.87
N GLN H 31 -44.91 71.71 -46.41
CA GLN H 31 -44.74 70.27 -46.55
C GLN H 31 -45.13 69.83 -47.95
N PRO H 32 -44.62 68.67 -48.42
CA PRO H 32 -44.86 68.21 -49.78
C PRO H 32 -46.30 68.08 -50.24
N ASP H 33 -47.27 68.05 -49.33
CA ASP H 33 -48.68 68.17 -49.70
C ASP H 33 -48.97 69.52 -50.23
N GLY H 34 -48.31 70.58 -49.77
CA GLY H 34 -48.43 71.92 -50.35
C GLY H 34 -48.92 72.91 -49.29
N GLN H 35 -49.06 72.50 -48.00
CA GLN H 35 -49.38 73.48 -46.98
C GLN H 35 -48.23 73.47 -45.97
N MET H 36 -48.38 74.37 -45.06
CA MET H 36 -47.53 74.52 -43.88
C MET H 36 -48.33 74.03 -42.67
N PRO H 37 -47.69 73.41 -41.66
CA PRO H 37 -48.34 73.18 -40.37
C PRO H 37 -48.40 74.43 -39.49
N ASP H 47 -45.95 86.76 -45.36
CA ASP H 47 -46.19 86.97 -46.80
C ASP H 47 -44.88 86.95 -47.58
N ALA H 48 -43.87 86.34 -46.95
CA ALA H 48 -42.51 86.28 -47.49
C ALA H 48 -42.43 85.26 -48.65
N PHE H 49 -43.34 84.26 -48.63
CA PHE H 49 -43.24 83.19 -49.60
C PHE H 49 -43.96 83.51 -50.91
N ASN H 50 -44.52 84.72 -51.03
CA ASN H 50 -45.31 85.06 -52.20
C ASN H 50 -44.49 85.14 -53.49
N THR H 51 -43.19 85.36 -53.32
CA THR H 51 -42.32 85.60 -54.48
C THR H 51 -42.00 84.29 -55.22
N PHE H 52 -42.19 83.14 -54.56
CA PHE H 52 -41.95 81.87 -55.22
C PHE H 52 -43.17 80.95 -55.26
N PHE H 53 -44.02 81.09 -54.26
CA PHE H 53 -45.18 80.20 -54.13
C PHE H 53 -46.46 81.06 -54.10
N SER H 54 -47.53 80.52 -54.60
CA SER H 54 -48.82 81.17 -54.64
C SER H 54 -49.62 80.72 -53.41
N GLU H 55 -50.83 81.27 -53.34
CA GLU H 55 -51.77 80.94 -52.27
C GLU H 55 -53.02 80.40 -52.92
N THR H 56 -53.47 79.24 -52.49
CA THR H 56 -54.67 78.61 -53.03
C THR H 56 -55.55 78.14 -51.87
N GLY H 57 -56.36 79.08 -51.37
CA GLY H 57 -57.37 78.81 -50.38
C GLY H 57 -56.78 78.50 -49.02
N ALA H 58 -57.29 77.40 -48.44
CA ALA H 58 -57.03 77.03 -47.05
C ALA H 58 -55.63 76.41 -46.88
N GLY H 59 -54.64 77.30 -46.88
CA GLY H 59 -53.27 76.98 -46.52
C GLY H 59 -52.48 76.32 -47.62
N LYS H 60 -53.07 76.03 -48.78
CA LYS H 60 -52.29 75.33 -49.81
C LYS H 60 -51.48 76.32 -50.62
N HIS H 61 -50.27 75.96 -50.97
CA HIS H 61 -49.37 76.81 -51.74
C HIS H 61 -48.88 76.04 -52.96
N VAL H 62 -48.92 76.70 -54.11
CA VAL H 62 -48.48 76.06 -55.35
C VAL H 62 -47.32 76.82 -55.91
N PRO H 63 -46.25 76.17 -56.40
CA PRO H 63 -45.08 76.90 -56.94
C PRO H 63 -45.42 77.60 -58.25
N ARG H 64 -44.66 78.65 -58.50
CA ARG H 64 -44.75 79.43 -59.72
C ARG H 64 -43.70 78.91 -60.69
N CYS H 65 -43.90 77.66 -61.15
CA CYS H 65 -42.97 77.08 -62.09
C CYS H 65 -43.74 76.36 -63.20
N VAL H 66 -43.05 76.19 -64.32
CA VAL H 66 -43.52 75.30 -65.38
C VAL H 66 -42.40 74.34 -65.73
N PHE H 67 -42.78 73.08 -65.89
CA PHE H 67 -41.90 72.01 -66.29
C PHE H 67 -42.20 71.60 -67.71
N LEU H 68 -41.21 71.69 -68.58
CA LEU H 68 -41.43 71.49 -70.01
C LEU H 68 -40.43 70.52 -70.55
N ASP H 69 -40.88 69.43 -71.12
CA ASP H 69 -39.96 68.38 -71.62
C ASP H 69 -40.75 67.54 -72.61
N LEU H 70 -40.03 67.04 -73.63
CA LEU H 70 -40.71 66.31 -74.70
C LEU H 70 -40.77 64.84 -74.35
N GLU H 71 -39.68 64.30 -73.77
CA GLU H 71 -39.69 62.89 -73.43
C GLU H 71 -40.42 62.68 -72.10
N PRO H 72 -41.40 61.76 -72.04
CA PRO H 72 -42.32 61.75 -70.91
C PRO H 72 -41.77 61.12 -69.64
N THR H 73 -40.64 60.41 -69.74
CA THR H 73 -40.13 59.63 -68.65
C THR H 73 -39.60 60.46 -67.48
N VAL H 74 -39.38 61.77 -67.66
CA VAL H 74 -38.88 62.58 -66.56
C VAL H 74 -40.00 63.39 -65.90
N VAL H 75 -41.08 63.65 -66.64
CA VAL H 75 -42.16 64.46 -66.10
C VAL H 75 -43.20 63.55 -65.41
N ASP H 76 -43.39 62.35 -65.93
CA ASP H 76 -44.36 61.46 -65.27
C ASP H 76 -43.76 60.91 -63.99
N GLU H 77 -42.43 60.86 -63.89
CA GLU H 77 -41.77 60.41 -62.68
C GLU H 77 -41.88 61.46 -61.58
N VAL H 78 -42.05 62.73 -61.95
CA VAL H 78 -42.37 63.74 -60.97
C VAL H 78 -43.84 63.64 -60.56
N ARG H 79 -44.69 63.31 -61.53
CA ARG H 79 -46.13 63.15 -61.28
C ARG H 79 -46.40 61.96 -60.35
N THR H 80 -45.48 61.01 -60.29
CA THR H 80 -45.62 59.82 -59.48
C THR H 80 -44.65 59.79 -58.33
N GLY H 81 -43.96 60.84 -58.07
CA GLY H 81 -42.86 60.98 -57.11
C GLY H 81 -43.40 61.24 -55.72
N THR H 82 -42.51 61.86 -54.89
CA THR H 82 -42.90 62.27 -53.56
C THR H 82 -43.67 63.59 -53.64
N TYR H 83 -43.21 64.53 -54.46
CA TYR H 83 -43.85 65.85 -54.49
C TYR H 83 -44.95 65.89 -55.55
N ARG H 84 -45.95 65.03 -55.36
CA ARG H 84 -46.92 64.81 -56.42
C ARG H 84 -47.96 65.92 -56.38
N HIS H 85 -48.43 66.29 -55.17
CA HIS H 85 -49.48 67.27 -55.05
C HIS H 85 -48.96 68.68 -54.77
N LEU H 86 -47.66 68.86 -54.79
CA LEU H 86 -47.09 70.18 -54.68
C LEU H 86 -47.41 71.00 -55.93
N PHE H 87 -47.17 70.38 -57.09
CA PHE H 87 -47.29 71.05 -58.35
C PHE H 87 -48.72 70.95 -58.87
N HIS H 88 -49.08 72.00 -59.60
CA HIS H 88 -50.32 72.03 -60.33
C HIS H 88 -50.30 70.96 -61.40
N PRO H 89 -51.37 70.21 -61.62
CA PRO H 89 -51.43 69.17 -62.62
C PRO H 89 -51.02 69.55 -64.06
N GLU H 90 -51.24 70.82 -64.44
CA GLU H 90 -50.86 71.18 -65.81
C GLU H 90 -49.73 72.20 -65.78
N GLN H 91 -49.02 72.36 -64.67
CA GLN H 91 -47.72 73.02 -64.79
C GLN H 91 -46.61 72.06 -65.19
N LEU H 92 -46.90 70.75 -65.26
CA LEU H 92 -45.99 69.78 -65.78
C LEU H 92 -46.51 69.40 -67.17
N ILE H 93 -45.86 69.97 -68.18
CA ILE H 93 -46.22 69.72 -69.57
C ILE H 93 -45.27 68.71 -70.16
N SER H 94 -45.83 67.64 -70.74
CA SER H 94 -45.03 66.55 -71.26
C SER H 94 -45.44 66.30 -72.70
N GLY H 95 -44.44 65.97 -73.52
CA GLY H 95 -44.69 65.73 -74.93
C GLY H 95 -44.99 64.26 -75.18
N LYS H 96 -44.67 63.80 -76.38
CA LYS H 96 -44.82 62.40 -76.73
C LYS H 96 -43.47 61.81 -77.08
N GLU H 97 -42.71 62.50 -77.96
CA GLU H 97 -41.44 61.96 -78.44
C GLU H 97 -40.34 62.98 -78.18
N ASP H 98 -39.15 62.46 -77.85
CA ASP H 98 -38.01 63.26 -77.44
C ASP H 98 -37.47 64.07 -78.64
N ALA H 99 -36.78 65.15 -78.35
CA ALA H 99 -36.08 65.92 -79.38
C ALA H 99 -34.82 65.17 -79.83
N ALA H 100 -34.16 64.44 -78.92
CA ALA H 100 -33.02 63.63 -79.18
C ALA H 100 -31.89 64.33 -79.94
N ASN H 101 -31.33 65.34 -79.27
CA ASN H 101 -30.02 65.94 -79.68
C ASN H 101 -30.08 66.50 -81.09
N ASN H 102 -31.28 66.89 -81.53
CA ASN H 102 -31.46 67.60 -82.77
C ASN H 102 -32.07 68.97 -82.42
N PHE H 103 -31.31 70.02 -82.75
CA PHE H 103 -31.80 71.35 -82.49
C PHE H 103 -33.00 71.67 -83.38
N ALA H 104 -32.97 71.18 -84.61
CA ALA H 104 -34.02 71.48 -85.57
C ALA H 104 -35.34 70.82 -85.16
N ARG H 105 -35.26 69.65 -84.52
CA ARG H 105 -36.48 69.01 -84.01
C ARG H 105 -37.07 69.80 -82.85
N GLY H 106 -36.21 70.40 -82.00
CA GLY H 106 -36.61 71.34 -80.98
C GLY H 106 -37.34 72.61 -81.44
N HIS H 107 -36.99 73.02 -82.69
CA HIS H 107 -37.66 74.26 -83.18
C HIS H 107 -38.93 73.99 -84.03
N TYR H 108 -38.81 73.05 -84.94
CA TYR H 108 -39.67 73.08 -86.12
C TYR H 108 -40.67 71.96 -86.25
N THR H 109 -40.22 70.71 -85.94
CA THR H 109 -41.09 69.57 -86.13
C THR H 109 -42.01 69.31 -84.94
N ILE H 110 -41.45 69.10 -83.75
CA ILE H 110 -42.26 68.73 -82.62
C ILE H 110 -42.47 69.96 -81.73
N GLY H 111 -41.58 71.00 -81.86
CA GLY H 111 -41.55 71.98 -80.79
C GLY H 111 -42.64 73.02 -80.92
N LYS H 112 -43.24 73.16 -82.11
CA LYS H 112 -44.31 74.10 -82.35
C LYS H 112 -45.63 73.69 -81.67
N GLU H 113 -45.78 72.37 -81.40
CA GLU H 113 -47.03 71.89 -80.85
C GLU H 113 -47.13 72.18 -79.33
N ILE H 114 -45.96 72.36 -78.70
CA ILE H 114 -45.94 72.36 -77.24
C ILE H 114 -45.62 73.72 -76.65
N VAL H 115 -45.10 74.63 -77.49
CA VAL H 115 -44.84 75.98 -77.02
C VAL H 115 -46.16 76.72 -76.84
N ASP H 116 -47.14 76.45 -77.70
CA ASP H 116 -48.45 77.08 -77.57
C ASP H 116 -49.16 76.70 -76.28
N LEU H 117 -49.01 75.41 -75.89
CA LEU H 117 -49.57 74.99 -74.61
C LEU H 117 -48.81 75.59 -73.43
N SER H 118 -47.50 75.81 -73.61
CA SER H 118 -46.66 76.34 -72.56
C SER H 118 -47.00 77.81 -72.29
N LEU H 119 -47.19 78.58 -73.36
CA LEU H 119 -47.49 80.00 -73.23
C LEU H 119 -48.86 80.25 -72.59
N ASP H 120 -49.79 79.34 -72.70
CA ASP H 120 -51.04 79.45 -71.98
C ASP H 120 -50.87 79.44 -70.46
N ARG H 121 -49.97 78.57 -70.01
CA ARG H 121 -49.66 78.44 -68.61
C ARG H 121 -48.89 79.65 -68.10
N ILE H 122 -47.96 80.16 -68.92
CA ILE H 122 -47.16 81.30 -68.48
C ILE H 122 -48.05 82.55 -68.41
N ARG H 123 -48.99 82.68 -69.33
CA ARG H 123 -49.87 83.84 -69.37
C ARG H 123 -50.79 83.86 -68.15
N LYS H 124 -51.29 82.69 -67.76
CA LYS H 124 -52.17 82.58 -66.61
C LYS H 124 -51.39 82.85 -65.31
N LEU H 125 -50.10 82.53 -65.31
CA LEU H 125 -49.27 82.71 -64.13
C LEU H 125 -48.77 84.15 -64.03
N ALA H 126 -48.71 84.87 -65.15
CA ALA H 126 -48.18 86.23 -65.17
C ALA H 126 -49.27 87.27 -64.92
N ASP H 127 -50.54 86.92 -65.19
CA ASP H 127 -51.60 87.92 -65.14
C ASP H 127 -52.30 87.95 -63.78
N ASN H 128 -51.78 87.27 -62.80
CA ASN H 128 -52.29 87.39 -61.43
C ASN H 128 -51.95 88.75 -60.84
N CYS H 129 -50.72 89.23 -61.05
CA CYS H 129 -50.25 90.50 -60.51
C CYS H 129 -49.37 91.17 -61.59
N THR H 130 -49.28 92.49 -61.51
CA THR H 130 -48.13 93.22 -62.03
C THR H 130 -46.95 93.11 -61.07
N GLY H 131 -45.84 93.71 -61.47
CA GLY H 131 -44.63 93.68 -60.66
C GLY H 131 -43.94 92.33 -60.76
N LEU H 132 -44.12 91.66 -61.91
CA LEU H 132 -43.34 90.45 -62.19
C LEU H 132 -41.88 90.79 -62.31
N GLN H 133 -41.06 90.28 -61.39
CA GLN H 133 -39.69 90.70 -61.27
C GLN H 133 -38.83 90.18 -62.41
N GLY H 134 -39.01 88.90 -62.76
CA GLY H 134 -38.37 88.41 -63.95
C GLY H 134 -38.73 86.96 -64.25
N PHE H 135 -37.95 86.39 -65.20
CA PHE H 135 -38.11 84.96 -65.50
C PHE H 135 -36.80 84.25 -65.23
N LEU H 136 -36.76 83.22 -64.36
CA LEU H 136 -35.64 82.29 -64.35
C LEU H 136 -35.80 81.10 -65.31
N MET H 137 -34.84 80.84 -66.13
CA MET H 137 -34.99 79.75 -67.08
C MET H 137 -33.80 78.81 -66.99
N PHE H 138 -34.05 77.52 -66.88
CA PHE H 138 -33.00 76.54 -66.65
C PHE H 138 -32.98 75.53 -67.78
N ASN H 139 -31.84 75.38 -68.44
CA ASN H 139 -31.80 74.51 -69.59
C ASN H 139 -30.40 73.98 -69.83
N ALA H 140 -30.34 72.89 -70.61
CA ALA H 140 -29.14 72.31 -71.10
C ALA H 140 -28.85 72.80 -72.53
N VAL H 141 -27.55 72.94 -72.81
CA VAL H 141 -27.12 73.43 -74.10
C VAL H 141 -26.79 72.26 -75.03
N GLY H 142 -26.15 71.22 -74.48
CA GLY H 142 -25.67 70.13 -75.32
C GLY H 142 -26.75 69.14 -75.75
N GLY H 143 -27.87 69.18 -75.05
CA GLY H 143 -29.03 68.35 -75.40
C GLY H 143 -29.92 69.04 -76.44
N GLY H 144 -30.98 68.34 -76.77
CA GLY H 144 -31.90 68.76 -77.82
C GLY H 144 -33.00 69.63 -77.29
N THR H 145 -33.81 69.14 -76.34
CA THR H 145 -35.02 69.86 -75.98
C THR H 145 -34.76 71.02 -75.06
N GLY H 146 -33.64 70.97 -74.32
CA GLY H 146 -33.18 72.10 -73.50
C GLY H 146 -32.78 73.27 -74.44
N SER H 147 -32.24 72.97 -75.63
CA SER H 147 -31.71 74.02 -76.45
C SER H 147 -32.73 74.53 -77.48
N GLY H 148 -33.38 73.54 -78.14
CA GLY H 148 -34.27 73.83 -79.25
C GLY H 148 -35.56 74.46 -78.75
N LEU H 149 -36.22 73.78 -77.77
CA LEU H 149 -37.47 74.28 -77.29
C LEU H 149 -37.28 75.57 -76.48
N GLY H 150 -36.10 75.70 -75.86
CA GLY H 150 -35.82 76.87 -75.06
C GLY H 150 -35.75 78.12 -75.93
N CYS H 151 -35.18 78.01 -77.15
CA CYS H 151 -35.07 79.14 -78.01
C CYS H 151 -36.44 79.61 -78.47
N LEU H 152 -37.33 78.65 -78.86
CA LEU H 152 -38.66 79.02 -79.27
C LEU H 152 -39.43 79.67 -78.11
N LEU H 153 -39.20 79.19 -76.90
CA LEU H 153 -39.86 79.77 -75.76
C LEU H 153 -39.33 81.17 -75.46
N LEU H 154 -38.03 81.38 -75.65
CA LEU H 154 -37.47 82.69 -75.33
C LEU H 154 -37.82 83.73 -76.38
N GLU H 155 -37.93 83.29 -77.64
CA GLU H 155 -38.31 84.22 -78.70
C GLU H 155 -39.74 84.67 -78.50
N ARG H 156 -40.64 83.73 -78.10
CA ARG H 156 -42.02 84.10 -77.96
C ARG H 156 -42.27 84.92 -76.70
N LEU H 157 -41.47 84.67 -75.65
CA LEU H 157 -41.60 85.46 -74.44
C LEU H 157 -41.04 86.87 -74.63
N SER H 158 -40.04 87.02 -75.50
CA SER H 158 -39.48 88.33 -75.79
C SER H 158 -40.49 89.23 -76.53
N VAL H 159 -41.33 88.66 -77.35
CA VAL H 159 -42.32 89.38 -78.11
C VAL H 159 -43.47 89.86 -77.22
N ASP H 160 -43.88 89.05 -76.25
CA ASP H 160 -45.04 89.41 -75.44
C ASP H 160 -44.62 90.25 -74.24
N TYR H 161 -43.76 89.65 -73.42
CA TYR H 161 -43.30 90.29 -72.19
C TYR H 161 -41.91 90.87 -72.38
N GLY H 162 -41.83 91.96 -73.12
CA GLY H 162 -40.59 92.46 -73.71
C GLY H 162 -39.63 93.05 -72.66
N LYS H 163 -40.23 93.84 -71.77
CA LYS H 163 -39.49 94.74 -70.88
C LYS H 163 -38.98 94.03 -69.60
N LYS H 164 -39.44 92.81 -69.39
CA LYS H 164 -39.04 92.08 -68.20
C LYS H 164 -37.68 91.42 -68.37
N SER H 165 -36.94 91.38 -67.25
CA SER H 165 -35.59 90.84 -67.27
C SER H 165 -35.66 89.31 -67.29
N LYS H 166 -34.79 88.65 -68.02
CA LYS H 166 -34.76 87.22 -68.07
C LYS H 166 -33.39 86.66 -67.73
N LEU H 167 -33.36 85.85 -66.68
CA LEU H 167 -32.15 85.15 -66.30
C LEU H 167 -32.14 83.75 -66.94
N ASN H 168 -30.98 83.35 -67.45
CA ASN H 168 -30.77 82.05 -68.01
C ASN H 168 -29.68 81.32 -67.21
N PHE H 169 -29.90 80.00 -67.04
CA PHE H 169 -28.90 79.13 -66.44
C PHE H 169 -28.57 78.05 -67.39
N CYS H 170 -27.53 78.24 -68.22
CA CYS H 170 -27.16 77.22 -69.19
C CYS H 170 -26.10 76.27 -68.64
N SER H 171 -26.39 74.97 -68.76
CA SER H 171 -25.43 73.95 -68.40
C SER H 171 -24.42 73.72 -69.53
N TRP H 172 -23.47 74.59 -69.64
CA TRP H 172 -22.50 74.70 -70.71
C TRP H 172 -21.61 73.48 -70.77
N PRO H 173 -21.30 72.95 -71.97
CA PRO H 173 -20.53 71.69 -72.02
C PRO H 173 -19.10 71.88 -71.54
N SER H 174 -18.57 70.84 -70.91
CA SER H 174 -17.21 70.79 -70.45
C SER H 174 -16.21 70.69 -71.60
N PRO H 175 -14.95 71.13 -71.39
CA PRO H 175 -13.90 70.84 -72.35
C PRO H 175 -13.62 69.36 -72.58
N GLN H 176 -13.67 68.53 -71.52
CA GLN H 176 -13.37 67.12 -71.69
C GLN H 176 -14.55 66.17 -71.78
N VAL H 177 -15.48 66.32 -70.86
CA VAL H 177 -16.66 65.43 -70.79
C VAL H 177 -17.77 66.03 -71.65
N SER H 178 -18.38 65.20 -72.48
CA SER H 178 -19.39 65.67 -73.40
C SER H 178 -20.72 64.94 -73.27
N THR H 179 -20.67 63.59 -73.16
CA THR H 179 -21.83 62.71 -73.11
C THR H 179 -22.70 62.84 -74.36
N ALA H 180 -22.11 63.32 -75.46
CA ALA H 180 -22.79 63.47 -76.75
C ALA H 180 -21.75 63.94 -77.76
N VAL H 181 -21.95 63.57 -79.03
CA VAL H 181 -20.97 63.94 -80.04
C VAL H 181 -21.47 65.07 -80.91
N VAL H 182 -22.80 65.28 -80.96
CA VAL H 182 -23.36 66.34 -81.78
C VAL H 182 -23.58 67.59 -80.93
N GLU H 183 -23.05 67.58 -79.70
CA GLU H 183 -23.19 68.70 -78.78
C GLU H 183 -22.52 69.97 -79.26
N PRO H 184 -21.41 70.06 -80.02
CA PRO H 184 -21.00 71.37 -80.54
C PRO H 184 -22.04 72.01 -81.46
N TYR H 185 -22.79 71.17 -82.21
CA TYR H 185 -23.80 71.69 -83.09
C TYR H 185 -25.00 72.22 -82.33
N ASN H 186 -25.37 71.52 -81.21
CA ASN H 186 -26.42 72.07 -80.37
C ASN H 186 -25.94 73.32 -79.65
N SER H 187 -24.62 73.43 -79.39
CA SER H 187 -24.07 74.55 -78.66
C SER H 187 -24.10 75.83 -79.44
N VAL H 188 -23.70 75.84 -80.63
CA VAL H 188 -23.54 77.14 -81.39
C VAL H 188 -24.93 77.61 -81.80
N LEU H 189 -25.81 76.62 -82.17
CA LEU H 189 -27.14 77.01 -82.59
C LEU H 189 -28.01 77.42 -81.44
N SER H 190 -27.64 77.04 -80.15
CA SER H 190 -28.20 77.78 -79.02
C SER H 190 -27.56 79.18 -78.93
N THR H 191 -26.27 79.27 -79.17
CA THR H 191 -25.52 80.45 -78.75
C THR H 191 -25.90 81.68 -79.53
N HIS H 192 -26.21 81.43 -80.81
CA HIS H 192 -26.64 82.56 -81.65
C HIS H 192 -27.99 83.05 -81.20
N SER H 193 -28.85 82.13 -80.73
CA SER H 193 -30.22 82.50 -80.44
C SER H 193 -30.41 82.82 -78.97
N LEU H 194 -29.37 82.65 -78.12
CA LEU H 194 -29.41 83.10 -76.76
C LEU H 194 -28.65 84.39 -76.53
N LEU H 195 -27.78 84.78 -77.47
CA LEU H 195 -27.10 86.06 -77.34
C LEU H 195 -28.05 87.23 -77.61
N GLU H 196 -29.02 87.08 -78.49
CA GLU H 196 -29.93 88.18 -78.77
C GLU H 196 -31.20 88.14 -77.92
N HIS H 197 -31.41 87.05 -77.11
CA HIS H 197 -32.56 87.01 -76.29
C HIS H 197 -32.34 86.83 -74.78
N THR H 198 -31.13 86.71 -74.31
CA THR H 198 -31.00 86.49 -72.85
C THR H 198 -30.43 87.74 -72.24
N ASP H 199 -30.97 88.18 -71.09
CA ASP H 199 -30.45 89.40 -70.49
C ASP H 199 -29.23 89.14 -69.57
N VAL H 200 -29.30 88.08 -68.77
CA VAL H 200 -28.15 87.61 -68.02
C VAL H 200 -28.13 86.09 -68.10
N ALA H 201 -27.03 85.52 -68.65
CA ALA H 201 -26.87 84.09 -68.69
C ALA H 201 -25.67 83.66 -67.85
N VAL H 202 -25.88 82.73 -66.94
CA VAL H 202 -24.77 82.21 -66.14
C VAL H 202 -24.46 80.79 -66.58
N MET H 203 -23.22 80.52 -66.97
CA MET H 203 -22.85 79.22 -67.47
C MET H 203 -22.29 78.39 -66.33
N LEU H 204 -23.02 77.24 -66.03
CA LEU H 204 -22.51 76.37 -65.00
C LEU H 204 -22.05 75.05 -65.65
N ASP H 205 -20.79 74.75 -65.46
CA ASP H 205 -20.14 73.64 -66.11
C ASP H 205 -20.16 72.39 -65.28
N ASN H 206 -20.19 71.21 -65.84
CA ASN H 206 -20.21 69.99 -65.10
C ASN H 206 -18.88 69.66 -64.43
N GLU H 207 -17.75 69.91 -65.14
CA GLU H 207 -16.51 69.42 -64.58
C GLU H 207 -15.98 70.30 -63.47
N ALA H 208 -16.47 71.58 -63.44
CA ALA H 208 -16.13 72.39 -62.27
C ALA H 208 -16.83 71.88 -61.01
N ILE H 209 -18.11 71.49 -61.17
CA ILE H 209 -18.88 70.97 -60.07
C ILE H 209 -18.46 69.53 -59.80
N TYR H 210 -17.91 68.83 -60.78
CA TYR H 210 -17.37 67.51 -60.58
C TYR H 210 -16.18 67.60 -59.60
N ASP H 211 -15.28 68.53 -59.87
CA ASP H 211 -13.98 68.43 -59.15
C ASP H 211 -14.10 69.18 -57.85
N ILE H 212 -15.08 70.11 -57.72
CA ILE H 212 -15.28 70.75 -56.42
C ILE H 212 -15.79 69.74 -55.42
N CYS H 213 -16.53 68.66 -55.81
CA CYS H 213 -16.79 67.63 -54.85
C CYS H 213 -15.55 66.78 -54.56
N ARG H 214 -14.52 66.83 -55.39
CA ARG H 214 -13.42 65.91 -55.23
C ARG H 214 -12.41 66.45 -54.19
N ARG H 215 -12.05 67.69 -54.37
CA ARG H 215 -11.01 68.40 -53.66
C ARG H 215 -11.55 68.99 -52.31
N ASN H 216 -12.78 69.39 -52.29
CA ASN H 216 -13.30 70.21 -51.23
C ASN H 216 -14.15 69.35 -50.33
N LEU H 217 -15.09 68.60 -50.92
CA LEU H 217 -16.03 67.83 -50.15
C LEU H 217 -15.49 66.45 -49.80
N ASP H 218 -14.40 66.02 -50.49
CA ASP H 218 -13.87 64.66 -50.42
C ASP H 218 -14.96 63.60 -50.68
N ILE H 219 -15.79 63.85 -51.71
CA ILE H 219 -16.69 62.85 -52.26
C ILE H 219 -16.10 62.35 -53.58
N GLU H 220 -15.77 61.08 -53.60
CA GLU H 220 -15.13 60.52 -54.78
C GLU H 220 -16.13 60.17 -55.88
N ARG H 221 -17.31 59.73 -55.47
CA ARG H 221 -18.28 59.15 -56.40
C ARG H 221 -19.65 59.78 -56.23
N PRO H 222 -19.87 61.05 -56.64
CA PRO H 222 -21.21 61.64 -56.56
C PRO H 222 -22.02 61.26 -57.80
N THR H 223 -23.31 61.57 -57.73
CA THR H 223 -24.22 61.41 -58.83
C THR H 223 -24.81 62.78 -59.21
N TYR H 224 -25.73 62.77 -60.18
CA TYR H 224 -26.26 64.01 -60.71
C TYR H 224 -27.14 64.72 -59.68
N THR H 225 -27.73 63.97 -58.76
CA THR H 225 -28.59 64.62 -57.77
C THR H 225 -27.75 65.37 -56.74
N ASN H 226 -26.51 64.94 -56.50
CA ASN H 226 -25.62 65.67 -55.63
C ASN H 226 -25.03 66.88 -56.32
N LEU H 227 -24.94 66.86 -57.63
CA LEU H 227 -24.55 68.04 -58.41
C LEU H 227 -25.65 69.11 -58.30
N ASN H 228 -26.90 68.69 -58.34
CA ASN H 228 -28.03 69.58 -58.40
C ASN H 228 -28.30 70.28 -57.08
N ARG H 229 -27.88 69.73 -55.98
CA ARG H 229 -27.91 70.33 -54.67
C ARG H 229 -27.06 71.60 -54.65
N LEU H 230 -25.88 71.54 -55.28
CA LEU H 230 -24.99 72.68 -55.33
C LEU H 230 -25.56 73.81 -56.17
N ILE H 231 -26.25 73.43 -57.26
CA ILE H 231 -26.90 74.40 -58.12
C ILE H 231 -28.06 75.03 -57.37
N ALA H 232 -28.77 74.22 -56.57
CA ALA H 232 -29.92 74.71 -55.82
C ALA H 232 -29.49 75.75 -54.78
N GLN H 233 -28.28 75.57 -54.20
CA GLN H 233 -27.77 76.52 -53.24
C GLN H 233 -27.47 77.86 -53.88
N VAL H 234 -27.02 77.85 -55.14
CA VAL H 234 -26.64 79.07 -55.80
C VAL H 234 -27.89 79.87 -56.12
N ILE H 235 -28.93 79.18 -56.61
CA ILE H 235 -30.15 79.89 -56.99
C ILE H 235 -30.86 80.40 -55.76
N SER H 236 -30.81 79.65 -54.66
CA SER H 236 -31.45 80.11 -53.43
C SER H 236 -30.75 81.35 -52.90
N SER H 237 -29.42 81.39 -52.99
CA SER H 237 -28.69 82.53 -52.49
C SER H 237 -28.85 83.74 -53.40
N LEU H 238 -29.15 83.51 -54.70
CA LEU H 238 -29.35 84.60 -55.63
C LEU H 238 -30.64 85.34 -55.33
N THR H 239 -31.70 84.56 -55.06
CA THR H 239 -33.03 85.12 -54.92
C THR H 239 -33.43 85.25 -53.45
N ALA H 240 -32.46 85.13 -52.53
CA ALA H 240 -32.89 85.18 -51.12
C ALA H 240 -33.18 86.61 -50.73
N SER H 241 -32.51 87.57 -51.35
CA SER H 241 -32.64 88.97 -50.97
C SER H 241 -33.99 89.53 -51.40
N LEU H 242 -34.56 88.98 -52.52
CA LEU H 242 -35.96 89.28 -52.80
C LEU H 242 -36.90 88.60 -51.81
N ARG H 243 -36.50 87.47 -51.23
CA ARG H 243 -37.34 86.66 -50.39
C ARG H 243 -37.44 87.17 -48.94
N PHE H 244 -36.33 87.52 -48.37
CA PHE H 244 -36.18 87.82 -46.97
C PHE H 244 -35.59 89.21 -46.81
N ASP H 245 -35.84 89.79 -45.62
CA ASP H 245 -35.34 91.11 -45.30
C ASP H 245 -33.86 91.04 -44.94
N GLY H 246 -33.13 92.08 -45.28
CA GLY H 246 -31.70 92.11 -45.00
C GLY H 246 -31.20 93.53 -44.87
N ALA H 247 -29.91 93.64 -44.56
CA ALA H 247 -29.22 94.92 -44.39
C ALA H 247 -29.14 95.72 -45.67
N LEU H 248 -28.83 95.06 -46.75
CA LEU H 248 -28.66 95.67 -48.07
C LEU H 248 -29.12 94.64 -49.10
N ASN H 249 -30.35 94.80 -49.55
CA ASN H 249 -30.99 93.81 -50.40
C ASN H 249 -30.83 94.21 -51.86
N VAL H 250 -30.94 93.22 -52.73
CA VAL H 250 -30.82 93.37 -54.18
C VAL H 250 -31.89 92.47 -54.80
N ASP H 251 -32.59 93.00 -55.81
CA ASP H 251 -33.42 92.19 -56.68
C ASP H 251 -32.68 91.86 -57.98
N VAL H 252 -33.38 91.26 -58.94
CA VAL H 252 -32.75 90.79 -60.15
C VAL H 252 -32.62 91.91 -61.14
N THR H 253 -33.33 92.96 -61.03
CA THR H 253 -33.22 94.11 -61.96
C THR H 253 -31.89 94.85 -61.79
N GLU H 254 -31.41 94.86 -60.53
CA GLU H 254 -30.14 95.56 -60.27
C GLU H 254 -28.96 94.59 -60.44
N PHE H 255 -29.17 93.33 -60.73
CA PHE H 255 -28.20 92.42 -61.36
C PHE H 255 -27.95 92.86 -62.78
N GLN H 256 -29.03 93.23 -63.53
CA GLN H 256 -28.83 93.45 -64.95
C GLN H 256 -28.02 94.76 -65.15
N THR H 257 -28.52 95.78 -64.52
CA THR H 257 -27.96 97.12 -64.77
C THR H 257 -26.59 97.33 -64.11
N ASN H 258 -26.17 96.44 -63.21
CA ASN H 258 -24.85 96.54 -62.67
C ASN H 258 -23.85 95.57 -63.32
N LEU H 259 -24.34 94.53 -64.02
CA LEU H 259 -23.38 93.50 -64.43
C LEU H 259 -23.34 93.30 -65.95
N VAL H 260 -24.11 94.05 -66.73
CA VAL H 260 -23.93 94.01 -68.18
C VAL H 260 -23.41 95.37 -68.60
N PRO H 261 -22.12 95.50 -68.93
CA PRO H 261 -21.62 96.78 -69.43
C PRO H 261 -21.98 97.07 -70.89
N TYR H 262 -22.07 96.03 -71.71
CA TYR H 262 -22.40 96.15 -73.12
C TYR H 262 -23.44 95.11 -73.44
N PRO H 263 -24.35 95.34 -74.41
CA PRO H 263 -25.43 94.40 -74.70
C PRO H 263 -25.01 92.97 -75.06
N ARG H 264 -23.85 92.82 -75.72
CA ARG H 264 -23.46 91.48 -76.13
C ARG H 264 -22.71 90.72 -75.02
N ILE H 265 -22.14 91.47 -74.07
CA ILE H 265 -21.38 90.81 -73.00
C ILE H 265 -22.31 90.66 -71.81
N HIS H 266 -22.96 89.50 -71.74
CA HIS H 266 -23.81 89.20 -70.60
C HIS H 266 -23.67 87.74 -70.20
N PHE H 267 -22.42 87.26 -70.21
CA PHE H 267 -22.02 85.94 -69.82
C PHE H 267 -21.30 86.08 -68.48
N MET H 268 -21.55 85.01 -67.64
CA MET H 268 -21.12 85.00 -66.29
C MET H 268 -20.25 83.83 -65.90
N LEU H 269 -19.44 84.04 -64.81
CA LEU H 269 -18.86 82.89 -64.11
C LEU H 269 -19.23 82.94 -62.65
N SER H 270 -19.50 81.80 -61.97
CA SER H 270 -20.12 81.83 -60.68
C SER H 270 -19.38 81.04 -59.61
N SER H 271 -19.66 81.31 -58.34
CA SER H 271 -19.07 80.57 -57.26
C SER H 271 -19.95 80.64 -56.03
N TYR H 272 -19.87 79.59 -55.21
CA TYR H 272 -20.53 79.59 -53.92
C TYR H 272 -19.55 79.11 -52.86
N ALA H 273 -19.64 79.71 -51.69
CA ALA H 273 -18.65 79.47 -50.63
C ALA H 273 -19.31 79.83 -49.32
N PRO H 274 -19.16 79.06 -48.23
CA PRO H 274 -18.37 77.84 -48.21
C PRO H 274 -19.15 76.58 -48.60
N ILE H 275 -18.42 75.68 -49.28
CA ILE H 275 -19.02 74.44 -49.75
C ILE H 275 -18.21 73.33 -49.10
N ILE H 276 -18.56 72.93 -47.92
CA ILE H 276 -17.69 72.23 -46.99
C ILE H 276 -18.53 71.18 -46.30
N SER H 277 -17.89 70.02 -46.03
CA SER H 277 -18.59 68.88 -45.53
C SER H 277 -18.84 69.04 -44.01
N ALA H 278 -19.69 68.11 -43.53
CA ALA H 278 -20.24 68.25 -42.20
C ALA H 278 -19.24 68.02 -41.08
N GLU H 279 -18.06 67.55 -41.39
CA GLU H 279 -17.01 67.07 -40.50
C GLU H 279 -15.71 67.84 -40.67
N LYS H 280 -15.49 68.42 -41.84
CA LYS H 280 -14.41 69.42 -41.98
C LYS H 280 -14.86 70.80 -41.46
N ALA H 281 -16.20 71.03 -41.36
CA ALA H 281 -16.56 72.46 -41.14
C ALA H 281 -16.44 72.87 -39.69
N TYR H 282 -17.09 72.13 -38.74
CA TYR H 282 -17.21 72.60 -37.39
C TYR H 282 -15.88 72.69 -36.67
N HIS H 283 -14.94 71.95 -37.07
CA HIS H 283 -13.50 72.04 -36.74
C HIS H 283 -12.78 73.19 -37.44
N GLU H 284 -13.51 74.07 -38.12
CA GLU H 284 -12.92 75.29 -38.62
C GLU H 284 -13.81 76.48 -38.27
N GLN H 285 -13.16 77.58 -37.87
CA GLN H 285 -13.85 78.86 -37.74
C GLN H 285 -14.08 79.47 -39.12
N LEU H 286 -15.34 79.71 -39.43
CA LEU H 286 -15.69 80.18 -40.76
C LEU H 286 -15.83 81.68 -40.75
N SER H 287 -14.73 82.42 -41.01
CA SER H 287 -14.83 83.87 -40.90
C SER H 287 -15.13 84.49 -42.27
N VAL H 288 -15.70 85.67 -42.22
CA VAL H 288 -16.12 86.42 -43.40
C VAL H 288 -14.91 86.77 -44.25
N ALA H 289 -13.76 86.96 -43.64
CA ALA H 289 -12.53 87.25 -44.35
C ALA H 289 -12.07 86.07 -45.19
N GLU H 290 -12.23 84.86 -44.66
CA GLU H 290 -11.65 83.70 -45.32
C GLU H 290 -12.62 83.10 -46.32
N ILE H 291 -13.93 83.28 -46.13
CA ILE H 291 -14.87 82.78 -47.15
C ILE H 291 -14.87 83.70 -48.36
N THR H 292 -14.44 84.93 -48.20
CA THR H 292 -14.33 85.84 -49.35
C THR H 292 -12.99 85.62 -50.09
N ASN H 293 -11.97 85.10 -49.37
CA ASN H 293 -10.76 84.73 -50.04
C ASN H 293 -10.95 83.45 -50.85
N SER H 294 -11.77 82.52 -50.31
CA SER H 294 -12.15 81.30 -50.99
C SER H 294 -13.03 81.58 -52.21
N ALA H 295 -13.75 82.70 -52.22
CA ALA H 295 -14.72 82.97 -53.26
C ALA H 295 -14.02 83.26 -54.59
N PHE H 296 -12.90 84.02 -54.50
CA PHE H 296 -12.22 84.38 -55.74
C PHE H 296 -11.17 83.35 -56.17
N GLU H 297 -10.95 82.36 -55.29
CA GLU H 297 -9.92 81.36 -55.64
C GLU H 297 -10.45 80.47 -56.75
N PRO H 298 -9.66 80.24 -57.83
CA PRO H 298 -10.18 79.59 -59.03
C PRO H 298 -10.66 78.15 -58.85
N ALA H 299 -10.20 77.47 -57.80
CA ALA H 299 -10.66 76.09 -57.59
C ALA H 299 -12.04 76.03 -56.91
N SER H 300 -12.59 77.21 -56.50
CA SER H 300 -13.99 77.32 -56.14
C SER H 300 -14.87 77.85 -57.27
N MET H 301 -14.28 78.02 -58.47
CA MET H 301 -15.06 78.54 -59.57
C MET H 301 -15.94 77.44 -60.14
N MET H 302 -17.06 77.85 -60.76
CA MET H 302 -18.09 76.86 -61.08
C MET H 302 -18.30 76.82 -62.58
N ALA H 303 -17.24 77.09 -63.37
CA ALA H 303 -17.34 76.91 -64.81
C ALA H 303 -16.12 76.26 -65.45
N LYS H 304 -15.06 76.02 -64.67
CA LYS H 304 -13.79 75.48 -65.16
C LYS H 304 -13.22 76.43 -66.22
N CYS H 305 -12.97 77.64 -65.75
CA CYS H 305 -12.50 78.71 -66.58
C CYS H 305 -11.44 79.51 -65.84
N ASP H 306 -10.18 79.38 -66.32
CA ASP H 306 -9.05 79.97 -65.69
C ASP H 306 -9.16 81.49 -65.66
N PRO H 307 -9.21 82.12 -64.48
CA PRO H 307 -9.25 83.59 -64.44
C PRO H 307 -7.91 84.29 -64.62
N ARG H 308 -6.81 83.53 -64.78
CA ARG H 308 -5.52 84.23 -64.84
C ARG H 308 -5.35 84.95 -66.18
N HIS H 309 -5.92 84.38 -67.21
CA HIS H 309 -5.76 84.94 -68.56
C HIS H 309 -7.02 85.70 -68.95
N GLY H 310 -7.70 86.27 -67.96
CA GLY H 310 -8.78 87.20 -68.22
C GLY H 310 -8.74 88.36 -67.22
N LYS H 311 -9.64 89.32 -67.49
CA LYS H 311 -9.75 90.49 -66.63
C LYS H 311 -11.18 90.50 -66.13
N TYR H 312 -11.35 90.70 -64.80
CA TYR H 312 -12.68 90.76 -64.24
C TYR H 312 -13.29 92.12 -64.64
N MET H 313 -14.41 92.06 -65.32
CA MET H 313 -15.13 93.25 -65.73
C MET H 313 -15.98 93.82 -64.60
N ALA H 314 -16.63 92.93 -63.85
CA ALA H 314 -17.58 93.34 -62.80
C ALA H 314 -17.72 92.16 -61.86
N CYS H 315 -17.98 92.43 -60.58
CA CYS H 315 -18.23 91.37 -59.63
C CYS H 315 -19.43 91.74 -58.74
N CYS H 316 -20.23 90.75 -58.41
CA CYS H 316 -21.37 90.91 -57.53
C CYS H 316 -21.35 89.85 -56.44
N LEU H 317 -21.22 90.29 -55.18
CA LEU H 317 -21.08 89.36 -54.07
C LEU H 317 -22.29 89.39 -53.16
N MET H 318 -23.00 88.30 -53.02
CA MET H 318 -24.22 88.21 -52.27
C MET H 318 -24.03 87.39 -50.99
N TYR H 319 -23.91 88.11 -49.89
CA TYR H 319 -23.67 87.50 -48.60
C TYR H 319 -25.03 87.14 -48.00
N ARG H 320 -25.02 86.10 -47.19
CA ARG H 320 -26.15 85.72 -46.41
C ARG H 320 -25.71 85.24 -45.05
N GLY H 321 -26.50 85.54 -44.06
CA GLY H 321 -26.31 85.10 -42.69
C GLY H 321 -25.87 86.27 -41.78
N ASP H 322 -25.14 85.90 -40.70
CA ASP H 322 -24.83 86.80 -39.64
C ASP H 322 -23.73 87.74 -39.99
N VAL H 323 -23.86 88.55 -41.06
CA VAL H 323 -22.77 89.35 -41.55
C VAL H 323 -23.05 90.81 -41.30
N VAL H 324 -22.25 91.44 -40.41
CA VAL H 324 -22.49 92.84 -40.12
C VAL H 324 -21.67 93.68 -41.13
N PRO H 325 -22.22 94.78 -41.68
CA PRO H 325 -21.73 95.28 -42.97
C PRO H 325 -20.36 95.98 -42.92
N LYS H 326 -19.75 96.13 -41.76
CA LYS H 326 -18.41 96.67 -41.70
C LYS H 326 -17.37 95.69 -42.25
N ASP H 327 -17.53 94.43 -41.92
CA ASP H 327 -16.40 93.49 -42.17
C ASP H 327 -16.34 93.05 -43.61
N VAL H 328 -17.45 93.18 -44.32
CA VAL H 328 -17.48 92.96 -45.76
C VAL H 328 -16.67 94.05 -46.44
N ASN H 329 -16.81 95.29 -46.06
CA ASN H 329 -16.10 96.41 -46.63
C ASN H 329 -14.60 96.29 -46.36
N ALA H 330 -14.23 95.82 -45.19
CA ALA H 330 -12.82 95.62 -44.86
C ALA H 330 -12.23 94.45 -45.68
N ALA H 331 -13.06 93.41 -45.90
CA ALA H 331 -12.60 92.20 -46.54
C ALA H 331 -12.44 92.40 -48.06
N VAL H 332 -13.35 93.18 -48.64
CA VAL H 332 -13.28 93.42 -50.07
C VAL H 332 -12.19 94.44 -50.37
N ALA H 333 -11.80 95.26 -49.42
CA ALA H 333 -10.67 96.17 -49.56
C ALA H 333 -9.36 95.39 -49.69
N THR H 334 -9.23 94.30 -48.96
CA THR H 334 -8.03 93.47 -49.09
C THR H 334 -7.96 92.82 -50.46
N ILE H 335 -9.10 92.45 -51.02
CA ILE H 335 -9.19 91.87 -52.37
C ILE H 335 -8.71 92.91 -53.40
N LYS H 336 -9.11 94.17 -53.25
CA LYS H 336 -8.72 95.23 -54.14
C LYS H 336 -7.21 95.43 -54.15
N THR H 337 -6.60 95.32 -52.97
CA THR H 337 -5.18 95.53 -52.82
C THR H 337 -4.39 94.31 -53.35
N LYS H 338 -4.99 93.12 -53.37
CA LYS H 338 -4.32 91.95 -53.87
C LYS H 338 -4.18 92.07 -55.38
N ARG H 339 -3.01 91.66 -55.87
CA ARG H 339 -2.56 91.99 -57.20
C ARG H 339 -2.67 90.81 -58.12
N THR H 340 -3.46 89.78 -57.85
CA THR H 340 -3.78 88.65 -58.67
C THR H 340 -5.26 88.61 -59.03
N ILE H 341 -6.09 89.57 -58.55
CA ILE H 341 -7.44 89.66 -59.08
C ILE H 341 -7.47 90.94 -59.88
N GLN H 342 -7.48 90.88 -61.22
CA GLN H 342 -7.16 92.05 -61.99
C GLN H 342 -8.38 92.64 -62.67
N PHE H 343 -8.62 93.92 -62.47
CA PHE H 343 -9.73 94.62 -63.04
C PHE H 343 -9.47 95.29 -64.38
N VAL H 344 -10.51 95.62 -65.09
CA VAL H 344 -10.35 96.38 -66.32
C VAL H 344 -10.22 97.85 -65.91
N ASP H 345 -9.53 98.61 -66.77
CA ASP H 345 -9.15 99.99 -66.44
C ASP H 345 -10.38 100.89 -66.47
N TRP H 346 -11.40 100.60 -67.31
CA TRP H 346 -12.49 101.56 -67.44
C TRP H 346 -13.61 101.32 -66.42
N CYS H 347 -13.43 100.38 -65.51
CA CYS H 347 -14.43 100.11 -64.49
C CYS H 347 -13.74 100.19 -63.13
N PRO H 348 -13.65 101.41 -62.53
CA PRO H 348 -13.01 101.53 -61.22
C PRO H 348 -13.80 100.93 -60.08
N THR H 349 -15.16 101.05 -60.13
CA THR H 349 -15.96 100.42 -59.07
C THR H 349 -16.20 98.94 -59.36
N GLY H 350 -15.57 98.07 -58.57
CA GLY H 350 -15.40 96.69 -58.97
C GLY H 350 -16.49 95.74 -58.41
N PHE H 351 -17.24 96.21 -57.43
CA PHE H 351 -17.96 95.34 -56.53
C PHE H 351 -19.34 95.86 -56.30
N LYS H 352 -20.33 94.93 -56.26
CA LYS H 352 -21.61 95.19 -55.64
C LYS H 352 -21.87 94.24 -54.50
N CYS H 353 -22.07 94.80 -53.30
CA CYS H 353 -22.22 93.92 -52.15
C CYS H 353 -23.68 93.94 -51.68
N GLY H 354 -24.15 92.78 -51.30
CA GLY H 354 -25.51 92.62 -50.78
C GLY H 354 -25.49 91.63 -49.63
N ILE H 355 -26.19 92.03 -48.53
CA ILE H 355 -26.20 91.24 -47.31
C ILE H 355 -27.66 90.92 -47.01
N ASN H 356 -27.95 89.65 -46.72
CA ASN H 356 -29.21 89.17 -46.24
C ASN H 356 -29.05 88.51 -44.88
N TYR H 357 -30.13 88.44 -44.11
CA TYR H 357 -30.06 87.99 -42.73
C TYR H 357 -30.15 86.47 -42.63
N GLN H 358 -30.95 85.83 -43.46
CA GLN H 358 -31.38 84.44 -43.12
C GLN H 358 -30.31 83.46 -43.51
N PRO H 359 -29.79 82.66 -42.57
CA PRO H 359 -28.64 81.78 -42.93
C PRO H 359 -29.16 80.61 -43.76
N PRO H 360 -28.33 79.98 -44.61
CA PRO H 360 -28.87 79.04 -45.60
C PRO H 360 -29.41 77.78 -44.96
N THR H 361 -30.68 77.41 -45.36
CA THR H 361 -31.29 76.30 -44.63
C THR H 361 -30.90 75.02 -45.35
N VAL H 362 -30.16 74.20 -44.68
CA VAL H 362 -29.48 73.05 -45.26
C VAL H 362 -30.45 71.91 -45.53
N VAL H 363 -30.28 71.28 -46.67
CA VAL H 363 -31.05 70.10 -47.01
C VAL H 363 -30.51 68.91 -46.20
N PRO H 364 -31.41 68.15 -45.54
CA PRO H 364 -31.00 66.94 -44.83
C PRO H 364 -30.48 65.89 -45.80
N GLY H 365 -29.42 65.21 -45.39
CA GLY H 365 -28.81 64.18 -46.21
C GLY H 365 -27.98 64.79 -47.35
N GLY H 366 -27.76 66.13 -47.32
CA GLY H 366 -26.82 66.72 -48.24
C GLY H 366 -25.37 66.52 -47.83
N ASP H 367 -24.49 67.32 -48.40
CA ASP H 367 -23.09 67.32 -48.02
C ASP H 367 -22.66 68.67 -47.42
N LEU H 368 -23.58 69.55 -47.10
CA LEU H 368 -23.28 70.79 -46.43
C LEU H 368 -23.33 70.54 -44.93
N ALA H 369 -22.71 71.47 -44.17
CA ALA H 369 -22.97 71.66 -42.76
C ALA H 369 -23.92 72.85 -42.58
N LYS H 370 -24.39 73.04 -41.34
CA LYS H 370 -25.00 74.28 -40.93
C LYS H 370 -23.95 75.40 -40.88
N VAL H 371 -24.13 76.38 -41.78
CA VAL H 371 -23.18 77.47 -41.81
C VAL H 371 -23.95 78.73 -41.41
N MET H 372 -23.22 79.55 -40.69
CA MET H 372 -23.77 80.79 -40.17
C MET H 372 -23.68 81.90 -41.22
N ARG H 373 -22.90 81.71 -42.27
CA ARG H 373 -22.65 82.69 -43.31
C ARG H 373 -22.34 81.97 -44.62
N ALA H 374 -22.72 82.61 -45.71
CA ALA H 374 -22.44 82.07 -47.04
C ALA H 374 -22.38 83.19 -48.06
N VAL H 375 -21.65 82.97 -49.14
CA VAL H 375 -21.41 83.98 -50.19
C VAL H 375 -21.67 83.34 -51.53
N CYS H 376 -22.40 84.06 -52.36
CA CYS H 376 -22.60 83.67 -53.75
C CYS H 376 -22.05 84.77 -54.66
N MET H 377 -21.18 84.39 -55.55
CA MET H 377 -20.44 85.38 -56.35
C MET H 377 -20.72 85.14 -57.81
N ILE H 378 -21.14 86.19 -58.53
CA ILE H 378 -21.32 86.16 -59.96
C ILE H 378 -20.45 87.27 -60.53
N SER H 379 -19.61 86.91 -61.52
CA SER H 379 -18.74 87.78 -62.19
C SER H 379 -19.05 87.90 -63.71
N ASN H 380 -18.77 89.10 -64.25
CA ASN H 380 -18.35 89.23 -65.63
C ASN H 380 -16.84 89.17 -65.73
N SER H 381 -16.31 88.32 -66.59
CA SER H 381 -14.87 88.37 -66.89
C SER H 381 -14.65 88.17 -68.36
N THR H 382 -13.48 88.59 -68.84
CA THR H 382 -13.09 88.36 -70.21
C THR H 382 -12.39 87.02 -70.36
N ALA H 383 -12.37 86.22 -69.33
CA ALA H 383 -11.91 84.83 -69.33
C ALA H 383 -12.85 83.94 -70.11
N ILE H 384 -14.05 84.38 -70.46
CA ILE H 384 -15.00 83.67 -71.28
C ILE H 384 -14.49 83.47 -72.71
N ALA H 385 -13.41 84.17 -73.10
CA ALA H 385 -12.78 83.95 -74.38
C ALA H 385 -12.30 82.50 -74.54
N GLU H 386 -11.88 81.88 -73.43
CA GLU H 386 -11.33 80.53 -73.50
C GLU H 386 -12.46 79.51 -73.65
N VAL H 387 -13.63 79.78 -73.07
CA VAL H 387 -14.67 78.79 -73.09
C VAL H 387 -15.33 78.74 -74.47
N PHE H 388 -15.24 79.84 -75.22
CA PHE H 388 -15.81 79.88 -76.54
C PHE H 388 -14.80 79.47 -77.58
N SER H 389 -13.53 79.81 -77.38
CA SER H 389 -12.55 79.63 -78.49
C SER H 389 -12.22 78.18 -78.68
N ARG H 390 -12.29 77.38 -77.62
CA ARG H 390 -12.22 75.91 -77.76
C ARG H 390 -13.50 75.40 -78.41
N MET H 391 -14.63 75.99 -78.12
CA MET H 391 -15.88 75.47 -78.64
C MET H 391 -16.03 75.79 -80.12
N ASP H 392 -15.48 76.92 -80.51
CA ASP H 392 -15.48 77.36 -81.91
C ASP H 392 -14.63 76.42 -82.73
N HIS H 393 -13.52 75.98 -82.13
CA HIS H 393 -12.62 75.02 -82.81
C HIS H 393 -13.32 73.67 -83.01
N LYS H 394 -14.05 73.22 -82.03
CA LYS H 394 -14.71 71.92 -82.08
C LYS H 394 -15.85 71.92 -83.08
N PHE H 395 -16.49 73.08 -83.32
CA PHE H 395 -17.45 73.21 -84.39
C PHE H 395 -16.80 73.11 -85.78
N ASP H 396 -15.60 73.66 -85.91
CA ASP H 396 -14.97 73.81 -87.19
C ASP H 396 -14.51 72.48 -87.77
N LEU H 397 -14.09 71.56 -86.88
CA LEU H 397 -13.68 70.23 -87.27
C LEU H 397 -14.87 69.42 -87.79
N MET H 398 -16.07 69.66 -87.21
CA MET H 398 -17.25 68.95 -87.57
C MET H 398 -17.75 69.45 -88.93
N TYR H 399 -17.99 70.79 -89.00
CA TYR H 399 -18.78 71.33 -90.10
C TYR H 399 -17.95 71.42 -91.41
N ALA H 400 -16.64 71.35 -91.29
CA ALA H 400 -15.78 71.50 -92.46
C ALA H 400 -16.02 70.45 -93.53
N LYS H 401 -16.36 69.20 -93.09
CA LYS H 401 -16.71 68.18 -94.02
C LYS H 401 -18.09 67.58 -93.68
N ARG H 402 -19.02 68.53 -93.40
CA ARG H 402 -20.45 68.33 -93.43
C ARG H 402 -20.91 67.11 -92.62
N ALA H 403 -20.29 66.85 -91.45
CA ALA H 403 -20.63 65.65 -90.70
C ALA H 403 -21.91 65.93 -89.92
N PHE H 404 -22.76 64.87 -89.87
CA PHE H 404 -24.01 64.87 -89.13
C PHE H 404 -25.00 65.92 -89.64
N VAL H 405 -24.81 66.44 -90.85
CA VAL H 405 -25.62 67.57 -91.30
C VAL H 405 -26.98 67.10 -91.80
N HIS H 406 -27.06 65.88 -92.34
CA HIS H 406 -28.28 65.38 -92.94
C HIS H 406 -29.37 65.16 -91.87
N TRP H 407 -28.95 64.97 -90.61
CA TRP H 407 -29.93 64.88 -89.55
C TRP H 407 -30.55 66.23 -89.25
N TYR H 408 -29.80 67.31 -89.43
CA TYR H 408 -30.32 68.63 -89.17
C TYR H 408 -31.16 69.15 -90.33
N VAL H 409 -30.64 68.97 -91.54
CA VAL H 409 -31.24 69.60 -92.70
C VAL H 409 -32.50 68.87 -93.07
N GLY H 410 -32.70 67.58 -92.75
CA GLY H 410 -33.80 66.82 -93.22
C GLY H 410 -35.21 67.36 -92.76
N GLU H 411 -35.19 67.99 -91.61
CA GLU H 411 -36.50 68.11 -90.89
C GLU H 411 -36.91 69.58 -90.84
N GLY H 412 -36.26 70.49 -91.57
CA GLY H 412 -36.97 71.75 -91.81
C GLY H 412 -36.06 72.99 -91.88
N MET H 413 -34.93 72.95 -91.15
CA MET H 413 -34.01 74.07 -91.39
C MET H 413 -33.08 73.73 -92.57
N GLU H 414 -32.42 74.74 -93.08
CA GLU H 414 -31.47 74.58 -94.16
C GLU H 414 -30.10 74.89 -93.63
N GLU H 415 -29.11 74.49 -94.40
CA GLU H 415 -27.72 74.84 -94.31
C GLU H 415 -27.59 76.33 -94.53
N GLY H 416 -26.61 76.90 -93.81
CA GLY H 416 -26.25 78.30 -93.83
C GLY H 416 -26.70 78.98 -92.51
N GLU H 417 -27.69 78.34 -91.85
CA GLU H 417 -27.96 78.72 -90.47
C GLU H 417 -26.84 78.26 -89.55
N PHE H 418 -26.12 77.19 -89.95
CA PHE H 418 -24.86 76.86 -89.29
C PHE H 418 -23.83 77.95 -89.51
N SER H 419 -23.78 78.49 -90.71
CA SER H 419 -22.80 79.46 -91.10
C SER H 419 -23.10 80.80 -90.43
N GLU H 420 -24.38 81.16 -90.35
CA GLU H 420 -24.79 82.42 -89.74
C GLU H 420 -24.53 82.40 -88.24
N ALA H 421 -24.79 81.24 -87.61
CA ALA H 421 -24.59 81.12 -86.19
C ALA H 421 -23.10 81.14 -85.84
N ARG H 422 -22.28 80.59 -86.74
CA ARG H 422 -20.84 80.52 -86.48
C ARG H 422 -20.24 81.90 -86.58
N GLU H 423 -20.64 82.69 -87.57
CA GLU H 423 -20.10 84.04 -87.71
C GLU H 423 -20.56 84.95 -86.60
N ASP H 424 -21.77 84.66 -86.06
CA ASP H 424 -22.24 85.44 -84.93
C ASP H 424 -21.39 85.14 -83.69
N LEU H 425 -21.07 83.87 -83.48
CA LEU H 425 -20.19 83.51 -82.38
C LEU H 425 -18.78 84.03 -82.59
N ALA H 426 -18.34 84.05 -83.85
CA ALA H 426 -17.01 84.59 -84.18
C ALA H 426 -16.96 86.08 -83.89
N ALA H 427 -18.13 86.80 -84.07
CA ALA H 427 -18.17 88.19 -83.71
C ALA H 427 -17.94 88.43 -82.19
N LEU H 428 -18.43 87.49 -81.40
CA LEU H 428 -18.40 87.63 -79.96
C LEU H 428 -16.98 87.48 -79.44
N GLU H 429 -16.11 86.67 -80.06
CA GLU H 429 -14.74 86.63 -79.60
C GLU H 429 -13.99 87.94 -79.86
N LYS H 430 -14.26 88.54 -80.97
CA LYS H 430 -13.67 89.84 -81.29
C LYS H 430 -14.22 90.94 -80.38
N ASP H 431 -15.43 90.79 -79.90
CA ASP H 431 -16.07 91.77 -79.04
C ASP H 431 -15.41 91.76 -77.66
N TYR H 432 -15.11 90.57 -77.14
CA TYR H 432 -14.44 90.45 -75.85
C TYR H 432 -13.02 90.97 -75.89
N GLU H 433 -12.37 90.77 -77.05
CA GLU H 433 -10.97 91.19 -77.22
C GLU H 433 -10.87 92.68 -77.32
N GLU H 434 -11.84 93.30 -77.97
CA GLU H 434 -11.83 94.76 -78.14
C GLU H 434 -12.17 95.48 -76.85
N VAL H 435 -12.95 94.87 -76.01
CA VAL H 435 -13.27 95.40 -74.68
C VAL H 435 -12.06 95.24 -73.77
N GLY H 436 -11.31 94.17 -73.91
CA GLY H 436 -10.20 93.83 -73.03
C GLY H 436 -8.92 94.67 -73.24
N ILE H 437 -8.89 95.56 -74.22
CA ILE H 437 -7.84 96.56 -74.31
C ILE H 437 -8.45 97.91 -74.65
N MET I 1 -99.75 89.16 -64.41
CA MET I 1 -98.96 90.41 -64.21
C MET I 1 -97.92 90.54 -65.31
N ARG I 2 -96.63 90.56 -64.97
CA ARG I 2 -95.55 90.56 -65.91
C ARG I 2 -95.02 89.15 -66.13
N GLU I 3 -95.16 88.67 -67.37
CA GLU I 3 -94.87 87.26 -67.61
C GLU I 3 -94.23 87.12 -68.99
N VAL I 4 -93.54 86.01 -69.17
CA VAL I 4 -92.93 85.68 -70.44
C VAL I 4 -93.28 84.26 -70.84
N ILE I 5 -93.58 84.09 -72.13
CA ILE I 5 -94.08 82.84 -72.65
C ILE I 5 -93.00 82.16 -73.45
N SER I 6 -92.62 80.90 -73.05
CA SER I 6 -91.61 80.15 -73.73
C SER I 6 -92.19 79.16 -74.72
N ILE I 7 -91.64 79.17 -75.94
CA ILE I 7 -92.26 78.43 -77.06
C ILE I 7 -91.13 77.58 -77.59
N HIS I 8 -91.16 76.25 -77.31
CA HIS I 8 -90.14 75.32 -77.67
C HIS I 8 -90.56 74.41 -78.84
N VAL I 9 -89.86 74.55 -79.95
CA VAL I 9 -90.29 73.98 -81.23
C VAL I 9 -89.12 73.13 -81.73
N GLY I 10 -89.46 71.90 -82.11
CA GLY I 10 -88.49 70.94 -82.55
C GLY I 10 -88.00 70.09 -81.38
N GLN I 11 -87.22 69.04 -81.76
CA GLN I 11 -86.66 68.20 -80.75
C GLN I 11 -85.45 68.88 -80.11
N ALA I 12 -84.78 69.86 -80.70
CA ALA I 12 -83.77 70.59 -79.98
C ALA I 12 -84.41 71.53 -79.01
N GLY I 13 -85.50 72.16 -79.39
CA GLY I 13 -86.21 73.09 -78.50
C GLY I 13 -86.74 72.38 -77.25
N ILE I 14 -87.23 71.13 -77.43
CA ILE I 14 -87.77 70.39 -76.31
C ILE I 14 -86.67 70.00 -75.33
N GLN I 15 -85.57 69.49 -75.82
CA GLN I 15 -84.49 69.01 -74.94
C GLN I 15 -83.75 70.17 -74.27
N ILE I 16 -83.65 71.32 -74.95
CA ILE I 16 -83.13 72.50 -74.31
C ILE I 16 -84.12 72.95 -73.23
N GLY I 17 -85.43 72.88 -73.56
CA GLY I 17 -86.46 73.27 -72.63
C GLY I 17 -86.56 72.35 -71.43
N ASN I 18 -86.19 71.07 -71.60
CA ASN I 18 -86.21 70.16 -70.48
C ASN I 18 -85.16 70.56 -69.44
N ALA I 19 -83.99 70.98 -69.94
CA ALA I 19 -82.94 71.44 -69.04
C ALA I 19 -83.28 72.81 -68.47
N CYS I 20 -83.98 73.65 -69.25
CA CYS I 20 -84.31 74.99 -68.81
C CYS I 20 -85.35 74.96 -67.69
N TRP I 21 -86.32 74.06 -67.81
CA TRP I 21 -87.36 73.98 -66.82
C TRP I 21 -86.95 73.19 -65.58
N GLU I 22 -85.89 72.40 -65.69
CA GLU I 22 -85.33 71.76 -64.52
C GLU I 22 -84.61 72.81 -63.66
N LEU I 23 -83.97 73.78 -64.32
CA LEU I 23 -83.24 74.79 -63.60
C LEU I 23 -84.22 75.77 -62.93
N PHE I 24 -85.29 76.12 -63.63
CA PHE I 24 -86.28 77.05 -63.11
C PHE I 24 -87.05 76.49 -61.91
N CYS I 25 -87.26 75.19 -61.92
CA CYS I 25 -87.96 74.54 -60.82
C CYS I 25 -87.05 74.52 -59.59
N LEU I 26 -85.76 74.27 -59.78
CA LEU I 26 -84.86 74.16 -58.66
C LEU I 26 -84.53 75.54 -58.06
N GLU I 27 -84.53 76.56 -58.90
CA GLU I 27 -84.19 77.89 -58.43
C GLU I 27 -85.30 78.50 -57.58
N HIS I 28 -86.54 78.22 -57.94
CA HIS I 28 -87.67 78.68 -57.15
C HIS I 28 -88.12 77.67 -56.11
N GLY I 29 -87.46 76.49 -56.09
CA GLY I 29 -87.71 75.49 -55.08
C GLY I 29 -89.09 74.83 -55.21
N ILE I 30 -89.56 74.65 -56.44
CA ILE I 30 -90.80 73.91 -56.62
C ILE I 30 -90.42 72.47 -57.01
N GLN I 31 -91.22 71.54 -56.54
CA GLN I 31 -90.96 70.12 -56.67
C GLN I 31 -91.41 69.68 -58.06
N PRO I 32 -90.93 68.55 -58.62
CA PRO I 32 -91.50 67.98 -59.83
C PRO I 32 -93.02 67.76 -59.85
N ASP I 33 -93.66 67.67 -58.67
CA ASP I 33 -95.10 67.59 -58.64
C ASP I 33 -95.68 68.95 -59.06
N GLY I 34 -95.08 70.04 -58.60
CA GLY I 34 -95.52 71.36 -59.02
C GLY I 34 -95.94 72.27 -57.86
N GLN I 35 -95.83 71.78 -56.63
CA GLN I 35 -96.13 72.64 -55.51
C GLN I 35 -94.90 72.81 -54.66
N MET I 36 -94.63 74.01 -54.19
CA MET I 36 -93.57 74.23 -53.24
C MET I 36 -94.04 73.90 -51.83
N PRO I 37 -93.18 73.32 -50.96
CA PRO I 37 -93.54 73.13 -49.56
C PRO I 37 -93.32 74.42 -48.75
N ASP I 47 -94.24 85.93 -54.65
CA ASP I 47 -94.93 86.09 -55.96
C ASP I 47 -93.97 86.65 -56.99
N ALA I 48 -92.66 86.55 -56.69
CA ALA I 48 -91.61 86.96 -57.60
C ALA I 48 -91.45 86.00 -58.78
N PHE I 49 -91.83 84.74 -58.58
CA PHE I 49 -91.67 83.70 -59.55
C PHE I 49 -92.82 83.63 -60.56
N ASN I 50 -93.74 84.56 -60.50
CA ASN I 50 -94.93 84.65 -61.31
C ASN I 50 -94.62 84.81 -62.79
N THR I 51 -93.42 85.25 -63.17
CA THR I 51 -93.12 85.47 -64.55
C THR I 51 -92.90 84.16 -65.33
N PHE I 52 -92.63 83.06 -64.61
CA PHE I 52 -92.43 81.79 -65.27
C PHE I 52 -93.40 80.67 -64.86
N PHE I 53 -94.00 80.82 -63.68
CA PHE I 53 -94.97 79.79 -63.26
C PHE I 53 -96.30 80.45 -62.97
N SER I 54 -97.37 79.74 -63.26
CA SER I 54 -98.71 80.24 -63.01
C SER I 54 -99.18 79.69 -61.65
N GLU I 55 -100.43 80.02 -61.32
CA GLU I 55 -101.03 79.60 -60.09
C GLU I 55 -102.20 78.72 -60.39
N THR I 56 -102.23 77.48 -59.85
CA THR I 56 -103.45 76.69 -59.92
C THR I 56 -103.90 76.24 -58.52
N GLY I 57 -104.51 77.17 -57.80
CA GLY I 57 -105.07 76.95 -56.48
C GLY I 57 -104.00 76.69 -55.42
N ALA I 58 -104.18 75.59 -54.68
CA ALA I 58 -103.44 75.24 -53.50
C ALA I 58 -102.01 74.79 -53.80
N GLY I 59 -101.16 75.81 -53.97
CA GLY I 59 -99.70 75.58 -53.96
C GLY I 59 -99.19 75.26 -55.34
N LYS I 60 -100.01 74.94 -56.31
CA LYS I 60 -99.54 74.33 -57.53
C LYS I 60 -99.09 75.41 -58.52
N HIS I 61 -97.98 75.13 -59.22
CA HIS I 61 -97.49 76.03 -60.24
C HIS I 61 -97.36 75.25 -61.52
N VAL I 62 -97.94 75.75 -62.63
CA VAL I 62 -97.72 75.18 -63.93
C VAL I 62 -96.88 76.13 -64.78
N PRO I 63 -95.89 75.61 -65.53
CA PRO I 63 -95.05 76.44 -66.35
C PRO I 63 -95.76 77.12 -67.50
N ARG I 64 -95.22 78.29 -67.90
CA ARG I 64 -95.79 79.06 -68.97
C ARG I 64 -95.13 78.74 -70.30
N CYS I 65 -95.22 77.48 -70.71
CA CYS I 65 -94.48 77.03 -71.88
C CYS I 65 -95.33 76.10 -72.72
N VAL I 66 -95.02 76.06 -74.01
CA VAL I 66 -95.63 75.12 -74.92
C VAL I 66 -94.54 74.35 -75.66
N PHE I 67 -94.74 73.04 -75.75
CA PHE I 67 -93.85 72.13 -76.41
C PHE I 67 -94.45 71.66 -77.70
N LEU I 68 -93.75 71.89 -78.80
CA LEU I 68 -94.22 71.52 -80.12
C LEU I 68 -93.20 70.66 -80.81
N ASP I 69 -93.65 69.46 -81.22
CA ASP I 69 -92.84 68.66 -82.15
C ASP I 69 -93.82 67.77 -82.94
N LEU I 70 -93.45 67.53 -84.20
CA LEU I 70 -94.27 66.70 -85.05
C LEU I 70 -94.03 65.21 -84.82
N GLU I 71 -92.87 64.86 -84.24
CA GLU I 71 -92.60 63.48 -83.94
C GLU I 71 -93.07 63.20 -82.51
N PRO I 72 -93.72 62.05 -82.28
CA PRO I 72 -94.27 61.79 -80.96
C PRO I 72 -93.25 61.32 -79.94
N THR I 73 -92.08 60.85 -80.42
CA THR I 73 -91.22 60.09 -79.48
C THR I 73 -90.57 61.01 -78.41
N VAL I 74 -90.32 62.28 -78.81
CA VAL I 74 -89.59 63.17 -77.90
C VAL I 74 -90.52 63.87 -76.88
N VAL I 75 -91.79 63.96 -77.25
CA VAL I 75 -92.75 64.61 -76.37
C VAL I 75 -93.40 63.58 -75.46
N ASP I 76 -93.54 62.32 -75.93
CA ASP I 76 -94.09 61.29 -75.07
C ASP I 76 -93.11 60.91 -73.98
N GLU I 77 -91.81 61.11 -74.22
CA GLU I 77 -90.81 60.81 -73.23
C GLU I 77 -90.83 61.82 -72.06
N VAL I 78 -91.32 63.03 -72.36
CA VAL I 78 -91.54 63.99 -71.30
C VAL I 78 -92.82 63.64 -70.54
N ARG I 79 -93.81 63.12 -71.27
CA ARG I 79 -95.08 62.73 -70.64
C ARG I 79 -94.90 61.54 -69.72
N THR I 80 -93.84 60.76 -69.90
CA THR I 80 -93.60 59.54 -69.16
C THR I 80 -92.49 59.71 -68.13
N GLY I 81 -91.77 60.87 -68.16
CA GLY I 81 -90.63 61.00 -67.27
C GLY I 81 -91.01 61.48 -65.89
N THR I 82 -90.07 62.12 -65.20
CA THR I 82 -90.28 62.59 -63.84
C THR I 82 -91.22 63.81 -63.81
N TYR I 83 -91.12 64.65 -64.83
CA TYR I 83 -91.95 65.86 -64.87
C TYR I 83 -93.20 65.61 -65.68
N ARG I 84 -93.98 64.60 -65.27
CA ARG I 84 -95.20 64.25 -65.94
C ARG I 84 -96.27 65.22 -65.46
N HIS I 85 -96.32 65.58 -64.15
CA HIS I 85 -97.40 66.39 -63.66
C HIS I 85 -97.01 67.82 -63.44
N LEU I 86 -95.76 68.19 -63.71
CA LEU I 86 -95.40 69.60 -63.68
C LEU I 86 -96.05 70.30 -64.89
N PHE I 87 -95.96 69.67 -66.08
CA PHE I 87 -96.53 70.29 -67.24
C PHE I 87 -98.00 69.97 -67.42
N HIS I 88 -98.71 70.98 -67.92
CA HIS I 88 -100.10 70.81 -68.24
C HIS I 88 -100.23 69.83 -69.39
N PRO I 89 -101.19 68.90 -69.37
CA PRO I 89 -101.27 67.87 -70.38
C PRO I 89 -101.39 68.32 -71.83
N GLU I 90 -101.96 69.50 -72.06
CA GLU I 90 -102.00 69.95 -73.49
C GLU I 90 -101.12 71.18 -73.67
N GLN I 91 -100.16 71.39 -72.81
CA GLN I 91 -99.01 72.22 -73.18
C GLN I 91 -97.99 71.45 -74.02
N LEU I 92 -98.06 70.13 -74.03
CA LEU I 92 -97.16 69.30 -74.78
C LEU I 92 -97.93 68.77 -75.98
N ILE I 93 -97.75 69.42 -77.13
CA ILE I 93 -98.48 69.11 -78.33
C ILE I 93 -97.60 68.25 -79.24
N SER I 94 -98.12 67.11 -79.68
CA SER I 94 -97.36 66.18 -80.48
C SER I 94 -98.13 65.83 -81.75
N GLY I 95 -97.39 65.70 -82.84
CA GLY I 95 -97.99 65.23 -84.08
C GLY I 95 -97.87 63.70 -84.19
N LYS I 96 -98.00 63.27 -85.44
CA LYS I 96 -97.93 61.82 -85.70
C LYS I 96 -96.73 61.45 -86.58
N GLU I 97 -96.43 62.29 -87.61
CA GLU I 97 -95.29 61.98 -88.44
C GLU I 97 -94.29 63.16 -88.40
N ASP I 98 -93.02 62.79 -88.51
CA ASP I 98 -91.95 63.76 -88.45
C ASP I 98 -91.91 64.66 -89.67
N ALA I 99 -91.38 65.88 -89.57
CA ALA I 99 -91.15 66.74 -90.70
C ALA I 99 -90.05 66.21 -91.63
N ALA I 100 -89.14 65.42 -91.08
CA ALA I 100 -88.12 64.67 -91.80
C ALA I 100 -87.21 65.62 -92.58
N ASN I 101 -86.53 66.51 -91.87
CA ASN I 101 -85.45 67.36 -92.36
C ASN I 101 -85.85 68.17 -93.58
N ASN I 102 -87.13 68.48 -93.70
CA ASN I 102 -87.63 69.19 -94.85
C ASN I 102 -88.31 70.46 -94.37
N PHE I 103 -87.81 71.59 -94.83
CA PHE I 103 -88.44 72.87 -94.52
C PHE I 103 -89.83 72.95 -95.14
N ALA I 104 -89.97 72.41 -96.36
CA ALA I 104 -91.25 72.51 -97.07
C ALA I 104 -92.32 71.66 -96.38
N ARG I 105 -91.92 70.56 -95.77
CA ARG I 105 -92.87 69.68 -95.11
C ARG I 105 -93.40 70.35 -93.85
N GLY I 106 -92.50 70.96 -93.09
CA GLY I 106 -92.84 71.56 -91.81
C GLY I 106 -93.64 72.85 -91.97
N HIS I 107 -93.56 73.48 -93.14
CA HIS I 107 -94.13 74.79 -93.37
C HIS I 107 -95.48 74.70 -94.12
N TYR I 108 -95.62 73.74 -95.06
CA TYR I 108 -96.75 73.76 -95.94
C TYR I 108 -97.73 72.62 -95.71
N THR I 109 -97.20 71.37 -95.59
CA THR I 109 -98.11 70.25 -95.61
C THR I 109 -98.59 69.90 -94.19
N ILE I 110 -97.65 69.50 -93.35
CA ILE I 110 -98.01 68.84 -92.11
C ILE I 110 -97.94 69.80 -90.94
N GLY I 111 -97.24 70.94 -91.12
CA GLY I 111 -97.12 71.92 -90.06
C GLY I 111 -98.40 72.71 -89.80
N LYS I 112 -99.28 72.81 -90.82
CA LYS I 112 -100.51 73.55 -90.69
C LYS I 112 -101.53 72.83 -89.79
N GLU I 113 -101.39 71.56 -89.58
CA GLU I 113 -102.33 70.77 -88.81
C GLU I 113 -102.16 70.99 -87.31
N ILE I 114 -100.98 71.47 -86.87
CA ILE I 114 -100.73 71.58 -85.46
C ILE I 114 -100.60 73.03 -85.03
N VAL I 115 -100.47 73.96 -85.95
CA VAL I 115 -100.31 75.38 -85.63
C VAL I 115 -101.62 75.91 -85.05
N ASP I 116 -102.75 75.44 -85.54
CA ASP I 116 -104.04 75.87 -85.01
C ASP I 116 -104.23 75.48 -83.54
N LEU I 117 -103.75 74.28 -83.18
CA LEU I 117 -103.80 73.84 -81.81
C LEU I 117 -102.79 74.61 -80.95
N SER I 118 -101.68 75.02 -81.55
CA SER I 118 -100.64 75.74 -80.83
C SER I 118 -101.09 77.16 -80.50
N LEU I 119 -101.75 77.82 -81.47
CA LEU I 119 -102.19 79.19 -81.25
C LEU I 119 -103.32 79.25 -80.22
N ASP I 120 -104.12 78.19 -80.14
CA ASP I 120 -105.18 78.15 -79.14
C ASP I 120 -104.60 78.09 -77.73
N ARG I 121 -103.51 77.34 -77.58
CA ARG I 121 -102.88 77.18 -76.29
C ARG I 121 -102.16 78.47 -75.89
N ILE I 122 -101.53 79.14 -76.87
CA ILE I 122 -100.80 80.35 -76.57
C ILE I 122 -101.77 81.46 -76.19
N ARG I 123 -102.93 81.52 -76.86
CA ARG I 123 -103.91 82.56 -76.59
C ARG I 123 -104.49 82.40 -75.19
N LYS I 124 -104.76 81.14 -74.77
CA LYS I 124 -105.30 80.90 -73.46
C LYS I 124 -104.28 81.23 -72.37
N LEU I 125 -103.01 81.07 -72.69
CA LEU I 125 -101.94 81.27 -71.72
C LEU I 125 -101.52 82.74 -71.65
N ALA I 126 -101.85 83.53 -72.71
CA ALA I 126 -101.45 84.92 -72.75
C ALA I 126 -102.53 85.87 -72.33
N ASP I 127 -103.81 85.48 -72.40
CA ASP I 127 -104.88 86.50 -72.25
C ASP I 127 -105.39 86.59 -70.82
N ASN I 128 -104.73 85.89 -69.88
CA ASN I 128 -105.08 86.04 -68.47
C ASN I 128 -104.64 87.42 -67.97
N CYS I 129 -103.45 87.92 -68.40
CA CYS I 129 -103.02 89.24 -68.04
C CYS I 129 -102.55 90.05 -69.27
N THR I 130 -102.66 91.36 -69.14
CA THR I 130 -101.77 92.29 -69.86
C THR I 130 -100.44 92.35 -69.15
N GLY I 131 -99.53 93.11 -69.73
CA GLY I 131 -98.15 93.16 -69.28
C GLY I 131 -97.41 91.88 -69.65
N LEU I 132 -97.84 91.24 -70.77
CA LEU I 132 -97.06 90.15 -71.34
C LEU I 132 -95.77 90.73 -71.90
N GLN I 133 -94.66 90.33 -71.32
CA GLN I 133 -93.39 90.97 -71.60
C GLN I 133 -92.86 90.64 -72.98
N GLY I 134 -92.90 89.36 -73.29
CA GLY I 134 -92.60 88.90 -74.65
C GLY I 134 -92.72 87.38 -74.77
N PHE I 135 -92.14 86.86 -75.85
CA PHE I 135 -92.06 85.47 -76.17
C PHE I 135 -90.60 85.06 -76.33
N LEU I 136 -90.27 83.89 -75.81
CA LEU I 136 -88.99 83.26 -76.03
C LEU I 136 -89.22 82.04 -76.92
N MET I 137 -88.46 81.94 -78.04
CA MET I 137 -88.49 80.81 -78.89
C MET I 137 -87.17 80.00 -78.77
N PHE I 138 -87.33 78.68 -78.65
CA PHE I 138 -86.16 77.82 -78.75
C PHE I 138 -86.31 76.87 -79.92
N ASN I 139 -85.42 76.90 -80.89
CA ASN I 139 -85.55 76.06 -82.05
C ASN I 139 -84.22 75.78 -82.71
N ALA I 140 -84.23 74.73 -83.54
CA ALA I 140 -83.08 74.37 -84.36
C ALA I 140 -83.40 74.83 -85.78
N VAL I 141 -82.48 75.56 -86.39
CA VAL I 141 -82.66 75.87 -87.81
C VAL I 141 -82.11 74.77 -88.70
N GLY I 142 -81.45 73.75 -88.16
CA GLY I 142 -80.90 72.67 -88.96
C GLY I 142 -81.91 71.59 -89.24
N GLY I 143 -83.15 71.68 -88.79
CA GLY I 143 -84.09 70.59 -88.90
C GLY I 143 -85.33 70.96 -89.67
N GLY I 144 -86.30 70.03 -89.66
CA GLY I 144 -87.55 70.21 -90.39
C GLY I 144 -88.56 71.00 -89.57
N THR I 145 -88.94 70.45 -88.39
CA THR I 145 -90.03 71.02 -87.63
C THR I 145 -89.58 72.27 -86.88
N GLY I 146 -88.29 72.35 -86.54
CA GLY I 146 -87.78 73.48 -85.79
C GLY I 146 -87.73 74.74 -86.65
N SER I 147 -87.36 74.49 -87.93
CA SER I 147 -87.16 75.57 -88.91
C SER I 147 -88.45 75.87 -89.64
N GLY I 148 -89.17 74.85 -90.06
CA GLY I 148 -90.40 75.01 -90.83
C GLY I 148 -91.53 75.57 -89.99
N LEU I 149 -91.82 74.83 -88.93
CA LEU I 149 -92.95 75.21 -88.06
C LEU I 149 -92.58 76.43 -87.24
N GLY I 150 -91.28 76.68 -87.02
CA GLY I 150 -90.85 77.90 -86.36
C GLY I 150 -91.28 79.17 -87.10
N CYS I 151 -91.10 79.14 -88.41
CA CYS I 151 -91.49 80.27 -89.25
C CYS I 151 -93.02 80.43 -89.25
N LEU I 152 -93.73 79.34 -89.38
CA LEU I 152 -95.20 79.38 -89.49
C LEU I 152 -95.83 79.93 -88.21
N LEU I 153 -95.26 79.54 -87.07
CA LEU I 153 -95.75 80.01 -85.78
C LEU I 153 -95.37 81.46 -85.60
N LEU I 154 -94.20 81.90 -86.09
CA LEU I 154 -93.81 83.28 -85.87
C LEU I 154 -94.59 84.23 -86.78
N GLU I 155 -94.95 83.77 -87.98
CA GLU I 155 -95.79 84.57 -88.86
C GLU I 155 -97.17 84.78 -88.26
N ARG I 156 -97.74 83.74 -87.68
CA ARG I 156 -99.08 83.85 -87.10
C ARG I 156 -99.06 84.66 -85.81
N LEU I 157 -97.97 84.58 -85.05
CA LEU I 157 -97.87 85.33 -83.82
C LEU I 157 -97.64 86.82 -84.10
N SER I 158 -96.95 87.13 -85.20
CA SER I 158 -96.67 88.53 -85.53
C SER I 158 -97.95 89.24 -85.97
N VAL I 159 -98.88 88.53 -86.59
CA VAL I 159 -100.10 89.15 -87.05
C VAL I 159 -101.05 89.39 -85.89
N ASP I 160 -101.09 88.50 -84.90
CA ASP I 160 -102.07 88.59 -83.83
C ASP I 160 -101.53 89.49 -82.70
N TYR I 161 -100.40 89.09 -82.15
CA TYR I 161 -99.75 89.81 -81.07
C TYR I 161 -98.61 90.65 -81.62
N GLY I 162 -98.96 91.80 -82.17
CA GLY I 162 -98.06 92.60 -82.99
C GLY I 162 -96.85 93.21 -82.30
N LYS I 163 -97.08 93.96 -81.19
CA LYS I 163 -96.01 94.76 -80.65
C LYS I 163 -95.19 94.04 -79.59
N LYS I 164 -95.44 92.75 -79.37
CA LYS I 164 -94.73 92.05 -78.31
C LYS I 164 -93.32 91.64 -78.76
N SER I 165 -92.41 91.67 -77.80
CA SER I 165 -91.01 91.36 -78.08
C SER I 165 -90.80 89.86 -78.26
N LYS I 166 -89.97 89.47 -79.22
CA LYS I 166 -89.82 88.12 -79.68
C LYS I 166 -88.35 87.77 -79.71
N LEU I 167 -87.89 87.06 -78.65
CA LEU I 167 -86.48 86.64 -78.64
C LEU I 167 -86.36 85.22 -79.20
N ASN I 168 -85.32 84.99 -79.97
CA ASN I 168 -85.13 83.71 -80.61
C ASN I 168 -83.78 83.13 -80.23
N PHE I 169 -83.73 81.85 -79.93
CA PHE I 169 -82.48 81.16 -79.59
C PHE I 169 -82.34 80.01 -80.58
N CYS I 170 -81.58 80.29 -81.64
CA CYS I 170 -81.41 79.37 -82.73
C CYS I 170 -80.14 78.55 -82.53
N SER I 171 -80.29 77.21 -82.54
CA SER I 171 -79.19 76.30 -82.47
C SER I 171 -78.63 76.14 -83.90
N TRP I 172 -77.78 77.07 -84.24
CA TRP I 172 -77.29 77.27 -85.59
C TRP I 172 -76.34 76.15 -85.93
N PRO I 173 -76.34 75.66 -87.20
CA PRO I 173 -75.41 74.60 -87.59
C PRO I 173 -73.95 75.00 -87.52
N SER I 174 -73.13 74.02 -87.12
CA SER I 174 -71.71 74.29 -86.84
C SER I 174 -70.95 74.36 -88.17
N PRO I 175 -69.78 75.01 -88.19
CA PRO I 175 -68.88 74.91 -89.33
C PRO I 175 -68.43 73.49 -89.72
N GLN I 176 -68.10 72.68 -88.72
CA GLN I 176 -67.47 71.39 -89.07
C GLN I 176 -68.43 70.22 -88.81
N VAL I 177 -69.07 70.19 -87.62
CA VAL I 177 -69.92 69.08 -87.24
C VAL I 177 -71.35 69.36 -87.70
N SER I 178 -72.00 68.36 -88.31
CA SER I 178 -73.22 68.71 -89.02
C SER I 178 -74.48 67.97 -88.52
N THR I 179 -74.40 66.67 -88.40
CA THR I 179 -75.54 65.78 -88.07
C THR I 179 -76.71 65.94 -89.05
N ALA I 180 -76.41 66.40 -90.26
CA ALA I 180 -77.37 66.55 -91.34
C ALA I 180 -76.65 66.81 -92.66
N VAL I 181 -77.29 66.49 -93.79
CA VAL I 181 -76.67 66.86 -95.04
C VAL I 181 -77.46 68.02 -95.66
N VAL I 182 -78.80 68.04 -95.42
CA VAL I 182 -79.60 68.97 -96.19
C VAL I 182 -79.84 70.27 -95.42
N GLU I 183 -79.14 70.40 -94.30
CA GLU I 183 -79.24 71.55 -93.41
C GLU I 183 -78.80 72.85 -94.01
N PRO I 184 -77.86 73.01 -94.96
CA PRO I 184 -77.70 74.31 -95.64
C PRO I 184 -78.97 74.79 -96.34
N TYR I 185 -79.79 73.87 -96.86
CA TYR I 185 -81.05 74.29 -97.43
C TYR I 185 -82.05 74.78 -96.39
N ASN I 186 -82.13 74.08 -95.27
CA ASN I 186 -83.08 74.47 -94.24
C ASN I 186 -82.66 75.76 -93.54
N SER I 187 -81.35 76.01 -93.46
CA SER I 187 -80.83 77.13 -92.73
C SER I 187 -81.01 78.42 -93.51
N VAL I 188 -80.80 78.42 -94.82
CA VAL I 188 -80.98 79.57 -95.65
C VAL I 188 -82.45 79.98 -95.73
N LEU I 189 -83.33 78.98 -95.79
CA LEU I 189 -84.75 79.24 -95.89
C LEU I 189 -85.32 79.76 -94.58
N SER I 190 -84.71 79.35 -93.45
CA SER I 190 -85.21 79.78 -92.16
C SER I 190 -84.75 81.20 -91.87
N THR I 191 -83.49 81.49 -92.24
CA THR I 191 -82.92 82.79 -91.91
C THR I 191 -83.56 83.89 -92.72
N HIS I 192 -84.06 83.56 -93.92
CA HIS I 192 -84.81 84.52 -94.71
C HIS I 192 -86.10 84.89 -93.98
N SER I 193 -86.73 83.92 -93.33
CA SER I 193 -88.08 84.06 -92.92
C SER I 193 -88.17 84.34 -91.44
N LEU I 194 -87.10 84.23 -90.67
CA LEU I 194 -87.03 84.77 -89.32
C LEU I 194 -86.46 86.19 -89.28
N LEU I 195 -86.10 86.72 -90.42
CA LEU I 195 -85.52 88.05 -90.53
C LEU I 195 -86.56 89.11 -90.31
N GLU I 196 -87.75 88.93 -90.88
CA GLU I 196 -88.82 89.91 -90.72
C GLU I 196 -89.81 89.55 -89.62
N HIS I 197 -89.53 88.51 -88.84
CA HIS I 197 -90.45 87.97 -87.87
C HIS I 197 -89.92 87.91 -86.45
N THR I 198 -88.64 88.09 -86.23
CA THR I 198 -88.09 88.06 -84.88
C THR I 198 -87.59 89.48 -84.54
N ASP I 199 -87.36 89.68 -83.29
CA ASP I 199 -86.83 90.96 -82.79
C ASP I 199 -85.34 90.82 -82.57
N VAL I 200 -84.97 89.79 -81.79
CA VAL I 200 -83.57 89.62 -81.35
C VAL I 200 -83.26 88.13 -81.44
N ALA I 201 -82.23 87.78 -82.22
CA ALA I 201 -81.86 86.38 -82.39
C ALA I 201 -80.44 86.18 -81.83
N VAL I 202 -80.33 85.23 -80.92
CA VAL I 202 -79.07 84.81 -80.37
C VAL I 202 -78.70 83.45 -80.95
N MET I 203 -77.46 83.38 -81.46
CA MET I 203 -76.97 82.19 -82.12
C MET I 203 -76.24 81.32 -81.08
N LEU I 204 -76.71 80.08 -80.95
CA LEU I 204 -75.98 79.05 -80.26
C LEU I 204 -75.47 78.01 -81.24
N ASP I 205 -74.17 77.70 -81.14
CA ASP I 205 -73.57 76.65 -81.94
C ASP I 205 -73.20 75.49 -81.02
N ASN I 206 -73.33 74.27 -81.58
CA ASN I 206 -73.09 73.07 -80.80
C ASN I 206 -71.61 72.82 -80.59
N GLU I 207 -70.81 73.02 -81.61
CA GLU I 207 -69.39 72.75 -81.52
C GLU I 207 -68.65 73.81 -80.69
N ALA I 208 -69.27 74.98 -80.55
CA ALA I 208 -68.74 75.99 -79.65
C ALA I 208 -68.84 75.53 -78.20
N ILE I 209 -69.98 74.93 -77.84
CA ILE I 209 -70.17 74.47 -76.48
C ILE I 209 -69.40 73.18 -76.26
N TYR I 210 -69.14 72.41 -77.35
CA TYR I 210 -68.29 71.25 -77.24
C TYR I 210 -66.88 71.65 -76.83
N ASP I 211 -66.34 72.71 -77.45
CA ASP I 211 -64.97 73.08 -77.17
C ASP I 211 -64.86 73.78 -75.81
N ILE I 212 -65.94 74.46 -75.39
CA ILE I 212 -65.93 75.11 -74.09
C ILE I 212 -65.88 74.03 -73.00
N CYS I 213 -66.68 72.96 -73.18
CA CYS I 213 -66.70 71.96 -72.14
C CYS I 213 -65.46 71.08 -72.15
N ARG I 214 -64.69 71.11 -73.27
CA ARG I 214 -63.41 70.41 -73.28
C ARG I 214 -62.33 71.19 -72.52
N ARG I 215 -62.28 72.49 -72.68
CA ARG I 215 -61.27 73.33 -72.09
C ARG I 215 -61.52 73.80 -70.66
N ASN I 216 -62.74 74.07 -70.34
CA ASN I 216 -63.10 74.74 -69.08
C ASN I 216 -63.55 73.69 -68.10
N LEU I 217 -64.42 72.73 -68.50
CA LEU I 217 -64.89 71.74 -67.56
C LEU I 217 -63.99 70.51 -67.56
N ASP I 218 -63.13 70.38 -68.57
CA ASP I 218 -62.35 69.17 -68.83
C ASP I 218 -63.24 67.92 -68.90
N ILE I 219 -64.36 68.05 -69.63
CA ILE I 219 -65.20 66.91 -69.96
C ILE I 219 -64.89 66.51 -71.41
N GLU I 220 -64.28 65.33 -71.52
CA GLU I 220 -63.73 64.91 -72.82
C GLU I 220 -64.80 64.41 -73.78
N ARG I 221 -65.83 63.80 -73.23
CA ARG I 221 -66.87 63.11 -73.95
C ARG I 221 -68.24 63.58 -73.45
N PRO I 222 -68.68 64.82 -73.75
CA PRO I 222 -69.99 65.26 -73.31
C PRO I 222 -71.12 64.75 -74.22
N THR I 223 -72.32 64.89 -73.68
CA THR I 223 -73.53 64.56 -74.41
C THR I 223 -74.38 65.81 -74.56
N TYR I 224 -75.56 65.65 -75.15
CA TYR I 224 -76.50 66.75 -75.31
C TYR I 224 -77.04 67.25 -73.98
N THR I 225 -77.07 66.39 -72.97
CA THR I 225 -77.57 66.77 -71.67
C THR I 225 -76.58 67.68 -70.96
N ASN I 226 -75.31 67.58 -71.25
CA ASN I 226 -74.30 68.48 -70.71
C ASN I 226 -74.36 69.83 -71.42
N LEU I 227 -74.71 69.82 -72.70
CA LEU I 227 -74.80 71.05 -73.46
C LEU I 227 -75.96 71.89 -73.00
N ASN I 228 -77.07 71.24 -72.70
CA ASN I 228 -78.32 71.94 -72.45
C ASN I 228 -78.33 72.58 -71.06
N ARG I 229 -77.53 72.07 -70.13
CA ARG I 229 -77.36 72.68 -68.83
C ARG I 229 -76.70 74.04 -68.97
N LEU I 230 -75.71 74.13 -69.85
CA LEU I 230 -74.98 75.37 -70.08
C LEU I 230 -75.87 76.41 -70.77
N ILE I 231 -76.77 75.93 -71.65
CA ILE I 231 -77.72 76.82 -72.30
C ILE I 231 -78.72 77.33 -71.26
N ALA I 232 -79.11 76.44 -70.33
CA ALA I 232 -80.08 76.79 -69.31
C ALA I 232 -79.53 77.86 -68.37
N GLN I 233 -78.22 77.85 -68.12
CA GLN I 233 -77.61 78.85 -67.25
C GLN I 233 -77.61 80.21 -67.92
N VAL I 234 -77.51 80.24 -69.25
CA VAL I 234 -77.53 81.51 -69.98
C VAL I 234 -78.93 82.10 -69.91
N ILE I 235 -79.95 81.27 -70.08
CA ILE I 235 -81.33 81.75 -70.06
C ILE I 235 -81.71 82.21 -68.65
N SER I 236 -81.21 81.54 -67.63
CA SER I 236 -81.44 81.91 -66.24
C SER I 236 -80.86 83.28 -65.94
N SER I 237 -79.63 83.53 -66.48
CA SER I 237 -78.97 84.79 -66.24
C SER I 237 -79.63 85.92 -67.03
N LEU I 238 -80.27 85.57 -68.16
CA LEU I 238 -80.94 86.55 -68.99
C LEU I 238 -82.19 87.07 -68.31
N THR I 239 -82.97 86.16 -67.70
CA THR I 239 -84.26 86.50 -67.14
C THR I 239 -84.17 86.58 -65.63
N ALA I 240 -82.97 86.76 -65.07
CA ALA I 240 -82.81 86.89 -63.62
C ALA I 240 -83.45 88.18 -63.11
N SER I 241 -83.44 89.24 -63.95
CA SER I 241 -83.92 90.53 -63.45
C SER I 241 -85.45 90.54 -63.31
N LEU I 242 -86.12 89.74 -64.16
CA LEU I 242 -87.56 89.61 -64.07
C LEU I 242 -87.98 88.89 -62.78
N ARG I 243 -87.15 88.01 -62.24
CA ARG I 243 -87.52 87.13 -61.16
C ARG I 243 -87.05 87.67 -59.80
N PHE I 244 -85.83 88.22 -59.77
CA PHE I 244 -85.24 88.63 -58.51
C PHE I 244 -84.94 90.11 -58.48
N ASP I 245 -84.84 90.64 -57.25
CA ASP I 245 -84.51 92.04 -57.06
C ASP I 245 -83.01 92.24 -57.25
N GLY I 246 -82.66 93.38 -57.85
CA GLY I 246 -81.26 93.65 -58.12
C GLY I 246 -80.94 95.14 -57.96
N ALA I 247 -79.63 95.40 -57.96
CA ALA I 247 -79.10 96.75 -57.80
C ALA I 247 -79.36 97.60 -59.04
N LEU I 248 -79.23 96.98 -60.24
CA LEU I 248 -79.64 97.64 -61.47
C LEU I 248 -80.26 96.60 -62.37
N ASN I 249 -81.60 96.55 -62.36
CA ASN I 249 -82.27 95.50 -63.12
C ASN I 249 -82.63 96.00 -64.52
N VAL I 250 -82.66 95.04 -65.44
CA VAL I 250 -82.88 95.31 -66.84
C VAL I 250 -83.78 94.24 -67.39
N ASP I 251 -84.83 94.57 -68.15
CA ASP I 251 -85.86 93.62 -68.49
C ASP I 251 -85.63 93.05 -69.89
N VAL I 252 -86.52 92.15 -70.30
CA VAL I 252 -86.40 91.46 -71.55
C VAL I 252 -87.04 92.26 -72.63
N THR I 253 -87.48 93.53 -72.45
CA THR I 253 -87.88 94.45 -73.45
C THR I 253 -86.75 95.43 -73.83
N GLU I 254 -85.78 95.62 -72.94
CA GLU I 254 -84.76 96.62 -73.10
C GLU I 254 -83.55 96.04 -73.83
N PHE I 255 -83.53 94.75 -74.23
CA PHE I 255 -82.49 94.24 -75.09
C PHE I 255 -82.63 94.81 -76.50
N GLN I 256 -83.87 94.90 -77.01
CA GLN I 256 -84.05 95.34 -78.36
C GLN I 256 -83.78 96.82 -78.51
N THR I 257 -83.93 97.61 -77.46
CA THR I 257 -83.60 99.02 -77.48
C THR I 257 -82.07 99.22 -77.52
N ASN I 258 -81.33 98.30 -76.90
CA ASN I 258 -79.95 98.51 -76.58
C ASN I 258 -79.01 97.73 -77.49
N LEU I 259 -79.50 96.77 -78.21
CA LEU I 259 -78.60 95.82 -78.91
C LEU I 259 -78.92 95.76 -80.39
N VAL I 260 -80.03 96.33 -80.86
CA VAL I 260 -80.38 96.28 -82.26
C VAL I 260 -80.25 97.68 -82.83
N PRO I 261 -79.18 98.00 -83.55
CA PRO I 261 -78.99 99.35 -84.08
C PRO I 261 -79.83 99.67 -85.31
N TYR I 262 -80.06 98.66 -86.13
CA TYR I 262 -80.84 98.75 -87.37
C TYR I 262 -81.78 97.57 -87.38
N PRO I 263 -82.97 97.68 -88.01
CA PRO I 263 -84.00 96.63 -87.89
C PRO I 263 -83.58 95.24 -88.37
N ARG I 264 -82.73 95.17 -89.39
CA ARG I 264 -82.35 93.88 -89.94
C ARG I 264 -81.15 93.27 -89.19
N ILE I 265 -80.38 94.10 -88.50
CA ILE I 265 -79.16 93.63 -87.86
C ILE I 265 -79.49 93.33 -86.40
N HIS I 266 -79.84 92.09 -86.14
CA HIS I 266 -80.13 91.69 -84.76
C HIS I 266 -79.60 90.29 -84.50
N PHE I 267 -78.50 89.90 -85.15
CA PHE I 267 -77.92 88.62 -84.91
C PHE I 267 -76.66 88.70 -84.05
N MET I 268 -76.67 88.10 -82.90
CA MET I 268 -75.78 88.46 -81.78
C MET I 268 -75.31 87.18 -81.11
N LEU I 269 -74.18 87.27 -80.44
CA LEU I 269 -73.45 86.14 -79.87
C LEU I 269 -73.84 85.99 -78.41
N SER I 270 -73.24 85.00 -77.77
CA SER I 270 -73.36 84.83 -76.33
C SER I 270 -72.02 84.45 -75.73
N SER I 271 -71.86 84.73 -74.44
CA SER I 271 -70.78 84.20 -73.65
C SER I 271 -71.19 84.10 -72.19
N TYR I 272 -70.65 83.09 -71.51
CA TYR I 272 -70.93 82.93 -70.10
C TYR I 272 -69.64 82.63 -69.36
N ALA I 273 -69.50 83.26 -68.19
CA ALA I 273 -68.27 83.11 -67.44
C ALA I 273 -68.59 83.41 -65.99
N PRO I 274 -68.04 82.68 -64.99
CA PRO I 274 -67.15 81.53 -65.24
C PRO I 274 -67.88 80.21 -65.39
N ILE I 275 -67.30 79.33 -66.20
CA ILE I 275 -67.74 77.95 -66.31
C ILE I 275 -66.57 77.10 -65.82
N ILE I 276 -66.64 76.76 -64.54
CA ILE I 276 -65.55 76.04 -63.91
C ILE I 276 -66.09 74.82 -63.17
N SER I 277 -65.30 73.77 -63.17
CA SER I 277 -65.65 72.54 -62.48
C SER I 277 -65.38 72.68 -60.97
N ALA I 278 -65.79 71.65 -60.24
CA ALA I 278 -65.65 71.66 -58.80
C ALA I 278 -64.22 71.50 -58.33
N GLU I 279 -63.37 70.92 -59.18
CA GLU I 279 -61.91 70.89 -58.95
C GLU I 279 -61.36 72.28 -59.25
N LYS I 280 -61.89 72.96 -60.25
CA LYS I 280 -61.33 74.21 -60.72
C LYS I 280 -61.66 75.42 -59.84
N ALA I 281 -62.78 75.29 -59.10
CA ALA I 281 -63.26 76.28 -58.16
C ALA I 281 -62.36 76.33 -56.94
N TYR I 282 -61.62 75.26 -56.67
CA TYR I 282 -60.76 75.14 -55.52
C TYR I 282 -59.61 76.18 -55.57
N HIS I 283 -59.16 76.44 -56.82
CA HIS I 283 -57.88 77.09 -56.99
C HIS I 283 -58.00 78.53 -57.43
N GLU I 284 -59.20 79.08 -57.49
CA GLU I 284 -59.36 80.37 -58.16
C GLU I 284 -60.16 81.32 -57.28
N GLN I 285 -59.67 82.56 -57.16
CA GLN I 285 -60.54 83.66 -56.75
C GLN I 285 -61.36 84.10 -57.95
N LEU I 286 -62.70 84.03 -57.85
CA LEU I 286 -63.51 84.43 -58.98
C LEU I 286 -63.87 85.91 -58.90
N SER I 287 -62.87 86.77 -59.08
CA SER I 287 -63.07 88.20 -58.95
C SER I 287 -63.89 88.73 -60.12
N VAL I 288 -64.51 89.88 -59.92
CA VAL I 288 -65.32 90.54 -60.93
C VAL I 288 -64.42 90.94 -62.11
N ALA I 289 -63.16 91.24 -61.85
CA ALA I 289 -62.23 91.58 -62.91
C ALA I 289 -61.94 90.39 -63.82
N GLU I 290 -61.84 89.21 -63.23
CA GLU I 290 -61.39 88.04 -63.99
C GLU I 290 -62.56 87.36 -64.69
N ILE I 291 -63.77 87.45 -64.13
CA ILE I 291 -64.91 86.84 -64.80
C ILE I 291 -65.34 87.68 -66.00
N THR I 292 -65.00 88.98 -65.98
CA THR I 292 -65.32 89.80 -67.12
C THR I 292 -64.23 89.70 -68.19
N ASN I 293 -63.01 89.34 -67.80
CA ASN I 293 -61.94 89.14 -68.75
C ASN I 293 -62.17 87.87 -69.54
N SER I 294 -62.64 86.81 -68.82
CA SER I 294 -62.92 85.55 -69.48
C SER I 294 -64.17 85.62 -70.36
N ALA I 295 -65.05 86.58 -70.10
CA ALA I 295 -66.25 86.74 -70.90
C ALA I 295 -65.90 87.27 -72.29
N PHE I 296 -64.93 88.17 -72.35
CA PHE I 296 -64.55 88.79 -73.61
C PHE I 296 -63.47 88.00 -74.35
N GLU I 297 -62.99 86.91 -73.75
CA GLU I 297 -61.98 86.07 -74.36
C GLU I 297 -62.56 85.42 -75.60
N PRO I 298 -61.88 85.44 -76.75
CA PRO I 298 -62.48 84.92 -77.99
C PRO I 298 -62.76 83.42 -78.00
N ALA I 299 -62.08 82.67 -77.14
CA ALA I 299 -62.26 81.24 -77.04
C ALA I 299 -63.49 80.88 -76.19
N SER I 300 -64.11 81.87 -75.55
CA SER I 300 -65.24 81.64 -74.66
C SER I 300 -66.55 82.07 -75.27
N MET I 301 -66.54 82.34 -76.56
CA MET I 301 -67.81 82.63 -77.26
C MET I 301 -68.59 81.31 -77.44
N MET I 302 -69.91 81.48 -77.59
CA MET I 302 -70.76 80.30 -77.67
C MET I 302 -71.41 80.19 -79.05
N ALA I 303 -70.67 80.59 -80.08
CA ALA I 303 -71.17 80.52 -81.45
C ALA I 303 -70.13 80.05 -82.46
N LYS I 304 -68.88 79.87 -82.05
CA LYS I 304 -67.79 79.47 -82.95
C LYS I 304 -67.66 80.50 -84.09
N CYS I 305 -67.40 81.72 -83.67
CA CYS I 305 -67.09 82.80 -84.60
C CYS I 305 -66.14 83.72 -83.87
N ASP I 306 -64.88 83.71 -84.34
CA ASP I 306 -63.81 84.48 -83.71
C ASP I 306 -64.10 85.96 -83.90
N PRO I 307 -64.30 86.72 -82.79
CA PRO I 307 -64.63 88.12 -82.88
C PRO I 307 -63.46 89.06 -83.13
N ARG I 308 -62.24 88.52 -83.33
CA ARG I 308 -61.12 89.35 -83.70
C ARG I 308 -61.29 90.06 -85.06
N HIS I 309 -61.94 89.37 -85.98
CA HIS I 309 -62.10 89.91 -87.33
C HIS I 309 -63.51 90.47 -87.50
N GLY I 310 -64.09 90.99 -86.40
CA GLY I 310 -65.26 91.84 -86.52
C GLY I 310 -65.15 93.04 -85.58
N LYS I 311 -66.12 93.94 -85.70
CA LYS I 311 -66.21 95.09 -84.82
C LYS I 311 -67.48 95.04 -84.01
N TYR I 312 -67.34 95.05 -82.69
CA TYR I 312 -68.45 95.05 -81.75
C TYR I 312 -69.27 96.34 -81.92
N MET I 313 -70.62 96.19 -81.87
CA MET I 313 -71.49 97.31 -82.02
C MET I 313 -72.27 97.60 -80.72
N ALA I 314 -72.74 96.52 -80.02
CA ALA I 314 -73.34 96.82 -78.72
C ALA I 314 -73.14 95.61 -77.83
N CYS I 315 -72.82 95.83 -76.56
CA CYS I 315 -72.64 94.74 -75.65
C CYS I 315 -73.51 94.94 -74.40
N CYS I 316 -74.10 93.83 -73.96
CA CYS I 316 -74.94 93.79 -72.80
C CYS I 316 -74.41 92.77 -71.81
N LEU I 317 -74.05 93.25 -70.63
CA LEU I 317 -73.44 92.44 -69.59
C LEU I 317 -74.41 92.31 -68.41
N MET I 318 -74.65 91.06 -68.07
CA MET I 318 -75.55 90.71 -66.97
C MET I 318 -74.72 90.11 -65.87
N TYR I 319 -74.40 90.90 -64.84
CA TYR I 319 -73.73 90.36 -63.66
C TYR I 319 -74.76 89.77 -62.71
N ARG I 320 -74.36 88.70 -62.05
CA ARG I 320 -75.28 88.00 -61.15
C ARG I 320 -74.49 87.55 -59.94
N GLY I 321 -74.85 87.99 -58.75
CA GLY I 321 -74.28 87.44 -57.53
C GLY I 321 -73.77 88.57 -56.64
N ASP I 322 -72.68 88.31 -55.87
CA ASP I 322 -72.12 89.30 -54.98
C ASP I 322 -71.26 90.25 -55.82
N VAL I 323 -71.94 91.08 -56.61
CA VAL I 323 -71.28 91.99 -57.53
C VAL I 323 -71.56 93.41 -57.06
N VAL I 324 -70.48 94.09 -56.68
CA VAL I 324 -70.60 95.49 -56.26
C VAL I 324 -70.53 96.38 -57.48
N PRO I 325 -71.29 97.46 -57.60
CA PRO I 325 -71.27 98.28 -58.81
C PRO I 325 -69.98 99.01 -59.15
N LYS I 326 -69.11 99.19 -58.15
CA LYS I 326 -67.85 99.85 -58.28
C LYS I 326 -66.86 98.96 -59.05
N ASP I 327 -66.92 97.63 -58.86
CA ASP I 327 -66.06 96.76 -59.59
C ASP I 327 -66.59 96.46 -60.97
N VAL I 328 -67.83 96.72 -61.26
CA VAL I 328 -68.33 96.69 -62.63
C VAL I 328 -67.68 97.81 -63.43
N ASN I 329 -67.70 98.99 -62.88
CA ASN I 329 -67.14 100.19 -63.52
C ASN I 329 -65.63 100.06 -63.65
N ALA I 330 -65.00 99.45 -62.64
CA ALA I 330 -63.56 99.21 -62.65
C ALA I 330 -63.20 98.19 -63.79
N ALA I 331 -64.06 97.21 -63.99
CA ALA I 331 -63.75 96.15 -64.91
C ALA I 331 -64.08 96.54 -66.35
N VAL I 332 -65.17 97.25 -66.59
CA VAL I 332 -65.59 97.53 -67.96
C VAL I 332 -64.71 98.63 -68.55
N ALA I 333 -64.10 99.47 -67.71
CA ALA I 333 -63.18 100.48 -68.17
C ALA I 333 -61.91 99.83 -68.73
N THR I 334 -61.47 98.74 -68.10
CA THR I 334 -60.28 98.04 -68.54
C THR I 334 -60.54 97.40 -69.91
N ILE I 335 -61.77 96.90 -70.13
CA ILE I 335 -62.11 96.25 -71.37
C ILE I 335 -62.11 97.26 -72.51
N LYS I 336 -62.67 98.45 -72.23
CA LYS I 336 -62.77 99.51 -73.23
C LYS I 336 -61.39 99.98 -73.63
N THR I 337 -60.47 100.04 -72.67
CA THR I 337 -59.14 100.56 -72.98
C THR I 337 -58.29 99.53 -73.69
N LYS I 338 -58.59 98.24 -73.52
CA LYS I 338 -57.62 97.25 -74.08
C LYS I 338 -57.79 97.19 -75.58
N ARG I 339 -56.72 97.11 -76.33
CA ARG I 339 -56.73 97.50 -77.74
C ARG I 339 -57.03 96.36 -78.70
N THR I 340 -57.05 95.12 -78.21
CA THR I 340 -57.38 94.00 -79.08
C THR I 340 -58.88 93.91 -79.34
N ILE I 341 -59.71 94.51 -78.52
CA ILE I 341 -61.14 94.66 -78.74
C ILE I 341 -61.37 95.92 -79.54
N GLN I 342 -62.11 95.79 -80.64
CA GLN I 342 -62.53 96.85 -81.48
C GLN I 342 -63.98 97.27 -81.25
N PHE I 343 -64.19 98.57 -81.36
CA PHE I 343 -65.58 99.10 -81.38
C PHE I 343 -65.82 99.87 -82.64
N VAL I 344 -67.07 99.93 -83.07
CA VAL I 344 -67.44 100.67 -84.26
C VAL I 344 -67.43 102.16 -83.91
N ASP I 345 -67.16 102.99 -84.93
CA ASP I 345 -66.95 104.41 -84.75
C ASP I 345 -68.22 105.12 -84.32
N TRP I 346 -69.39 104.64 -84.80
CA TRP I 346 -70.62 105.42 -84.59
C TRP I 346 -71.30 105.08 -83.26
N CYS I 347 -70.71 104.20 -82.45
CA CYS I 347 -71.28 103.82 -81.18
C CYS I 347 -70.25 104.07 -80.09
N PRO I 348 -70.15 105.31 -79.56
CA PRO I 348 -69.11 105.63 -78.58
C PRO I 348 -69.32 104.94 -77.23
N THR I 349 -70.56 104.94 -76.75
CA THR I 349 -70.87 104.22 -75.52
C THR I 349 -71.55 102.92 -75.92
N GLY I 350 -71.00 101.78 -75.50
CA GLY I 350 -71.42 100.53 -76.09
C GLY I 350 -71.63 99.43 -75.06
N PHE I 351 -71.86 99.80 -73.81
CA PHE I 351 -72.08 98.84 -72.75
C PHE I 351 -73.35 99.12 -71.99
N LYS I 352 -74.13 98.08 -71.72
CA LYS I 352 -75.32 98.25 -70.91
C LYS I 352 -75.29 97.20 -69.83
N CYS I 353 -75.26 97.65 -68.56
CA CYS I 353 -74.96 96.77 -67.46
C CYS I 353 -76.21 96.42 -66.67
N GLY I 354 -76.23 95.18 -66.18
CA GLY I 354 -77.28 94.74 -65.29
C GLY I 354 -76.68 93.97 -64.12
N ILE I 355 -77.09 94.29 -62.90
CA ILE I 355 -76.58 93.64 -61.71
C ILE I 355 -77.74 93.02 -60.95
N ASN I 356 -77.61 91.74 -60.60
CA ASN I 356 -78.64 91.04 -59.86
C ASN I 356 -78.02 90.47 -58.58
N TYR I 357 -78.90 90.24 -57.58
CA TYR I 357 -78.37 89.82 -56.29
C TYR I 357 -78.19 88.31 -56.19
N GLN I 358 -79.10 87.56 -56.81
CA GLN I 358 -79.23 86.14 -56.51
C GLN I 358 -78.14 85.37 -57.24
N PRO I 359 -77.30 84.59 -56.51
CA PRO I 359 -76.21 83.89 -57.17
C PRO I 359 -76.78 82.72 -57.99
N PRO I 360 -76.06 82.26 -59.04
CA PRO I 360 -76.59 81.22 -59.90
C PRO I 360 -76.72 79.89 -59.15
N THR I 361 -77.80 79.18 -59.40
CA THR I 361 -78.11 77.96 -58.67
C THR I 361 -77.53 76.78 -59.42
N VAL I 362 -76.95 75.82 -58.66
CA VAL I 362 -76.31 74.68 -59.28
C VAL I 362 -77.20 73.47 -59.10
N VAL I 363 -77.33 72.71 -60.18
CA VAL I 363 -78.07 71.47 -60.13
C VAL I 363 -77.22 70.40 -59.46
N PRO I 364 -77.77 69.67 -58.47
CA PRO I 364 -77.04 68.58 -57.83
C PRO I 364 -76.76 67.46 -58.83
N GLY I 365 -75.55 66.91 -58.73
CA GLY I 365 -75.09 65.87 -59.63
C GLY I 365 -74.80 66.38 -61.05
N GLY I 366 -74.77 67.71 -61.22
CA GLY I 366 -74.38 68.27 -62.50
C GLY I 366 -72.86 68.34 -62.63
N ASP I 367 -72.42 69.21 -63.53
CA ASP I 367 -71.00 69.35 -63.79
C ASP I 367 -70.47 70.73 -63.47
N LEU I 368 -71.35 71.73 -63.29
CA LEU I 368 -70.90 73.04 -62.83
C LEU I 368 -70.66 73.01 -61.31
N ALA I 369 -69.89 73.98 -60.84
CA ALA I 369 -69.64 74.22 -59.44
C ALA I 369 -70.52 75.34 -58.90
N LYS I 370 -70.64 75.40 -57.57
CA LYS I 370 -71.29 76.50 -56.90
C LYS I 370 -70.42 77.74 -57.02
N VAL I 371 -70.91 78.78 -57.68
CA VAL I 371 -70.14 79.99 -57.88
C VAL I 371 -70.84 81.16 -57.20
N MET I 372 -70.06 82.15 -56.80
CA MET I 372 -70.60 83.25 -56.04
C MET I 372 -71.06 84.36 -56.99
N ARG I 373 -70.46 84.45 -58.19
CA ARG I 373 -70.80 85.51 -59.12
C ARG I 373 -70.56 84.98 -60.54
N ALA I 374 -71.34 85.53 -61.48
CA ALA I 374 -71.25 85.11 -62.87
C ALA I 374 -71.64 86.28 -63.77
N VAL I 375 -71.21 86.17 -65.04
CA VAL I 375 -71.53 87.13 -66.07
C VAL I 375 -72.11 86.36 -67.26
N CYS I 376 -73.18 86.93 -67.81
CA CYS I 376 -73.68 86.52 -69.10
C CYS I 376 -73.62 87.71 -70.05
N MET I 377 -72.98 87.50 -71.19
CA MET I 377 -72.78 88.56 -72.16
C MET I 377 -73.52 88.24 -73.45
N ILE I 378 -74.27 89.21 -73.95
CA ILE I 378 -74.81 89.16 -75.29
C ILE I 378 -74.31 90.35 -76.08
N SER I 379 -73.59 90.08 -77.17
CA SER I 379 -72.96 91.14 -77.94
C SER I 379 -73.35 91.09 -79.41
N ASN I 380 -73.60 92.24 -80.01
CA ASN I 380 -73.87 92.32 -81.43
C ASN I 380 -72.58 92.76 -82.13
N SER I 381 -72.12 91.99 -83.12
CA SER I 381 -70.87 92.27 -83.76
C SER I 381 -70.98 92.05 -85.26
N THR I 382 -69.99 92.56 -85.98
CA THR I 382 -69.93 92.39 -87.41
C THR I 382 -69.17 91.11 -87.75
N ALA I 383 -68.83 90.29 -86.75
CA ALA I 383 -68.24 88.99 -86.99
C ALA I 383 -69.29 87.96 -87.48
N ILE I 384 -70.53 88.31 -87.48
CA ILE I 384 -71.65 87.54 -88.00
C ILE I 384 -71.60 87.42 -89.52
N ALA I 385 -70.80 88.26 -90.16
CA ALA I 385 -70.59 88.15 -91.61
C ALA I 385 -69.98 86.81 -91.98
N GLU I 386 -69.17 86.24 -91.13
CA GLU I 386 -68.49 84.98 -91.38
C GLU I 386 -69.46 83.80 -91.25
N VAL I 387 -70.46 83.89 -90.38
CA VAL I 387 -71.34 82.75 -90.19
C VAL I 387 -72.35 82.69 -91.33
N PHE I 388 -72.59 83.80 -91.99
CA PHE I 388 -73.49 83.86 -93.13
C PHE I 388 -72.78 83.61 -94.42
N SER I 389 -71.50 83.97 -94.50
CA SER I 389 -70.66 83.68 -95.67
C SER I 389 -70.38 82.18 -95.75
N ARG I 390 -70.35 81.48 -94.64
CA ARG I 390 -70.13 80.05 -94.65
C ARG I 390 -71.34 79.30 -95.23
N MET I 391 -72.51 79.77 -94.88
CA MET I 391 -73.73 79.22 -95.43
C MET I 391 -73.91 79.62 -96.88
N ASP I 392 -73.39 80.79 -97.26
CA ASP I 392 -73.39 81.28 -98.62
C ASP I 392 -72.58 80.31 -99.50
N HIS I 393 -71.45 79.80 -98.96
CA HIS I 393 -70.63 78.91 -99.73
C HIS I 393 -71.31 77.56 -99.92
N LYS I 394 -71.95 77.08 -98.88
CA LYS I 394 -72.50 75.74 -98.90
C LYS I 394 -73.73 75.68 -99.77
N PHE I 395 -74.50 76.74 -99.77
CA PHE I 395 -75.77 76.78 -100.48
C PHE I 395 -75.56 76.84 -101.98
N ASP I 396 -74.56 77.60 -102.42
CA ASP I 396 -74.15 77.69 -103.79
C ASP I 396 -73.63 76.35 -104.33
N LEU I 397 -72.93 75.60 -103.45
CA LEU I 397 -72.36 74.36 -103.85
C LEU I 397 -73.42 73.30 -104.18
N MET I 398 -74.59 73.40 -103.49
CA MET I 398 -75.61 72.42 -103.70
C MET I 398 -76.61 72.87 -104.75
N TYR I 399 -77.01 74.12 -104.71
CA TYR I 399 -78.08 74.62 -105.55
C TYR I 399 -77.65 74.88 -106.98
N ALA I 400 -76.35 74.95 -107.22
CA ALA I 400 -75.83 75.13 -108.58
C ALA I 400 -76.28 74.00 -109.53
N LYS I 401 -76.33 72.78 -109.01
CA LYS I 401 -76.86 71.68 -109.77
C LYS I 401 -77.90 70.92 -108.98
N ARG I 402 -78.75 71.65 -108.29
CA ARG I 402 -80.10 71.23 -107.92
C ARG I 402 -80.15 69.92 -107.15
N ALA I 403 -79.24 69.72 -106.21
CA ALA I 403 -79.22 68.59 -105.32
C ALA I 403 -80.31 68.76 -104.27
N PHE I 404 -81.02 67.66 -103.98
CA PHE I 404 -82.05 67.58 -102.95
C PHE I 404 -83.22 68.51 -103.18
N VAL I 405 -83.37 69.06 -104.40
CA VAL I 405 -84.38 70.07 -104.62
C VAL I 405 -85.75 69.43 -104.84
N HIS I 406 -85.75 68.19 -105.42
CA HIS I 406 -87.00 67.53 -105.78
C HIS I 406 -87.76 67.10 -104.54
N TRP I 407 -87.07 66.96 -103.39
CA TRP I 407 -87.80 66.72 -102.15
C TRP I 407 -88.62 67.95 -101.71
N TYR I 408 -88.08 69.14 -101.99
CA TYR I 408 -88.72 70.34 -101.55
C TYR I 408 -89.82 70.78 -102.51
N VAL I 409 -89.55 70.65 -103.82
CA VAL I 409 -90.52 71.16 -104.78
C VAL I 409 -91.71 70.21 -104.87
N GLY I 410 -91.45 68.91 -104.68
CA GLY I 410 -92.53 67.92 -104.73
C GLY I 410 -93.39 67.96 -103.47
N GLU I 411 -92.94 68.59 -102.42
CA GLU I 411 -93.65 68.65 -101.16
C GLU I 411 -94.67 69.79 -101.08
N GLY I 412 -94.52 70.80 -101.91
CA GLY I 412 -95.58 71.78 -102.07
C GLY I 412 -95.07 73.19 -102.29
N MET I 413 -93.76 73.47 -101.99
CA MET I 413 -93.35 74.84 -102.25
C MET I 413 -92.80 74.93 -103.68
N GLU I 414 -92.65 76.17 -104.13
CA GLU I 414 -92.32 76.43 -105.52
C GLU I 414 -90.81 76.70 -105.63
N GLU I 415 -90.22 76.21 -106.73
CA GLU I 415 -88.91 76.64 -107.14
C GLU I 415 -88.86 78.15 -107.37
N GLY I 416 -87.95 78.80 -106.67
CA GLY I 416 -87.83 80.24 -106.75
C GLY I 416 -87.81 80.85 -105.36
N GLU I 417 -88.42 80.13 -104.40
CA GLU I 417 -88.26 80.47 -103.00
C GLU I 417 -86.84 80.17 -102.54
N PHE I 418 -86.14 79.23 -103.21
CA PHE I 418 -84.71 79.11 -103.00
C PHE I 418 -83.96 80.38 -103.43
N SER I 419 -84.39 80.93 -104.59
CA SER I 419 -83.70 82.07 -105.16
C SER I 419 -83.97 83.33 -104.33
N GLU I 420 -85.24 83.46 -103.86
CA GLU I 420 -85.63 84.62 -103.08
C GLU I 420 -84.94 84.61 -101.71
N ALA I 421 -84.81 83.43 -101.11
CA ALA I 421 -84.16 83.33 -99.81
C ALA I 421 -82.67 83.62 -99.93
N ARG I 422 -82.08 83.23 -101.09
CA ARG I 422 -80.66 83.42 -101.28
C ARG I 422 -80.35 84.91 -101.45
N GLU I 423 -81.18 85.62 -102.23
CA GLU I 423 -80.93 87.03 -102.44
C GLU I 423 -81.20 87.84 -101.19
N ASP I 424 -82.11 87.33 -100.32
CA ASP I 424 -82.34 88.00 -99.05
C ASP I 424 -81.12 87.87 -98.17
N LEU I 425 -80.52 86.68 -98.14
CA LEU I 425 -79.29 86.48 -97.37
C LEU I 425 -78.14 87.27 -97.97
N ALA I 426 -78.12 87.40 -99.31
CA ALA I 426 -77.10 88.21 -99.96
C ALA I 426 -77.26 89.69 -99.57
N ALA I 427 -78.52 90.13 -99.43
CA ALA I 427 -78.80 91.49 -99.01
C ALA I 427 -78.35 91.70 -97.56
N LEU I 428 -78.48 90.67 -96.74
CA LEU I 428 -78.11 90.77 -95.33
C LEU I 428 -76.60 90.85 -95.19
N GLU I 429 -75.88 90.12 -96.06
CA GLU I 429 -74.41 90.15 -96.01
C GLU I 429 -73.88 91.51 -96.42
N LYS I 430 -74.53 92.14 -97.42
CA LYS I 430 -74.09 93.45 -97.83
C LYS I 430 -74.45 94.50 -96.78
N ASP I 431 -75.50 94.26 -95.99
CA ASP I 431 -75.92 95.18 -94.95
C ASP I 431 -74.91 95.23 -93.81
N TYR I 432 -74.40 94.04 -93.42
CA TYR I 432 -73.40 93.98 -92.37
C TYR I 432 -72.08 94.61 -92.80
N GLU I 433 -71.75 94.48 -94.09
CA GLU I 433 -70.52 95.03 -94.62
C GLU I 433 -70.60 96.55 -94.68
N GLU I 434 -71.77 97.09 -94.99
CA GLU I 434 -71.93 98.53 -95.14
C GLU I 434 -71.92 99.24 -93.79
N VAL I 435 -72.36 98.54 -92.74
CA VAL I 435 -72.38 99.16 -91.42
C VAL I 435 -70.96 99.30 -90.83
N GLY I 436 -70.12 98.33 -91.12
CA GLY I 436 -68.79 98.20 -90.52
C GLY I 436 -67.75 99.11 -91.15
N ILE I 437 -68.09 100.01 -92.09
CA ILE I 437 -67.07 100.80 -92.75
C ILE I 437 -66.78 102.07 -91.95
N MET J 1 -45.59 44.61 68.23
CA MET J 1 -46.30 45.59 67.38
C MET J 1 -47.51 44.91 66.73
N ARG J 2 -47.73 45.23 65.46
CA ARG J 2 -48.77 44.63 64.64
C ARG J 2 -48.18 43.54 63.77
N GLU J 3 -48.93 42.41 63.71
CA GLU J 3 -48.49 41.26 62.89
C GLU J 3 -49.65 40.88 61.95
N ILE J 4 -49.28 40.52 60.74
CA ILE J 4 -50.24 39.95 59.77
C ILE J 4 -49.81 38.52 59.54
N VAL J 5 -50.76 37.62 59.73
CA VAL J 5 -50.54 36.20 59.48
C VAL J 5 -51.05 35.90 58.08
N HIS J 6 -50.18 35.30 57.28
CA HIS J 6 -50.52 34.98 55.88
C HIS J 6 -50.86 33.51 55.78
N VAL J 7 -51.96 33.20 55.13
CA VAL J 7 -52.37 31.85 54.80
C VAL J 7 -52.59 31.80 53.28
N GLN J 8 -51.95 30.79 52.65
CA GLN J 8 -52.15 30.58 51.24
C GLN J 8 -52.79 29.22 51.02
N GLY J 9 -53.94 29.23 50.33
CA GLY J 9 -54.65 28.02 50.06
C GLY J 9 -54.88 27.78 48.57
N GLY J 10 -54.81 26.53 48.16
CA GLY J 10 -55.04 26.12 46.79
C GLY J 10 -53.85 26.32 45.86
N GLN J 11 -54.00 25.83 44.63
CA GLN J 11 -52.91 25.93 43.66
C GLN J 11 -52.70 27.38 43.22
N CYS J 12 -53.79 28.09 43.01
CA CYS J 12 -53.77 29.49 42.66
C CYS J 12 -53.20 30.33 43.80
N GLY J 13 -53.61 30.04 45.03
CA GLY J 13 -53.15 30.80 46.17
C GLY J 13 -51.67 30.64 46.46
N ASN J 14 -51.16 29.43 46.22
CA ASN J 14 -49.76 29.15 46.47
C ASN J 14 -48.88 29.85 45.42
N GLN J 15 -49.32 29.86 44.16
CA GLN J 15 -48.53 30.48 43.13
C GLN J 15 -48.61 32.02 43.17
N ILE J 16 -49.75 32.54 43.61
CA ILE J 16 -49.86 33.99 43.75
C ILE J 16 -49.16 34.44 45.02
N GLY J 17 -49.16 33.58 46.05
CA GLY J 17 -48.54 33.94 47.30
C GLY J 17 -47.03 33.78 47.27
N ALA J 18 -46.53 32.89 46.38
CA ALA J 18 -45.11 32.75 46.18
C ALA J 18 -44.52 34.04 45.60
N LYS J 19 -45.28 34.69 44.72
CA LYS J 19 -44.80 35.91 44.12
C LYS J 19 -45.08 37.09 45.01
N PHE J 20 -46.01 36.95 45.96
CA PHE J 20 -46.23 38.00 46.94
C PHE J 20 -45.01 38.14 47.85
N TRP J 21 -44.47 37.00 48.26
CA TRP J 21 -43.29 37.02 49.11
C TRP J 21 -42.03 37.38 48.35
N GLU J 22 -42.10 37.35 47.03
CA GLU J 22 -41.00 37.81 46.20
C GLU J 22 -40.96 39.34 46.23
N VAL J 23 -42.12 39.99 46.22
CA VAL J 23 -42.13 41.43 46.11
C VAL J 23 -41.95 42.07 47.49
N ILE J 24 -42.42 41.40 48.56
CA ILE J 24 -42.27 41.96 49.88
C ILE J 24 -40.84 41.82 50.37
N SER J 25 -40.20 40.69 50.01
CA SER J 25 -38.78 40.52 50.32
C SER J 25 -37.93 41.52 49.54
N ASP J 26 -38.32 41.85 48.31
CA ASP J 26 -37.63 42.82 47.51
C ASP J 26 -37.85 44.22 48.04
N GLU J 27 -39.01 44.49 48.61
CA GLU J 27 -39.35 45.81 49.11
C GLU J 27 -38.58 46.05 50.42
N HIS J 28 -38.35 44.98 51.23
CA HIS J 28 -37.57 45.19 52.41
C HIS J 28 -36.10 44.94 52.21
N GLY J 29 -35.74 44.28 51.07
CA GLY J 29 -34.34 43.87 50.89
C GLY J 29 -33.99 42.66 51.80
N ILE J 30 -34.80 41.59 51.69
CA ILE J 30 -34.34 40.31 52.20
C ILE J 30 -33.82 39.43 51.05
N ASP J 31 -32.61 38.97 51.17
CA ASP J 31 -31.98 37.97 50.33
C ASP J 31 -32.75 36.64 50.46
N PRO J 32 -32.94 35.87 49.38
CA PRO J 32 -33.69 34.64 49.44
C PRO J 32 -33.24 33.61 50.48
N THR J 33 -31.97 33.69 50.88
CA THR J 33 -31.49 32.83 51.95
C THR J 33 -31.96 33.34 53.32
N GLY J 34 -32.48 34.55 53.41
CA GLY J 34 -33.07 35.03 54.65
C GLY J 34 -32.34 36.22 55.24
N THR J 35 -31.13 36.47 54.79
CA THR J 35 -30.31 37.55 55.34
C THR J 35 -30.73 38.90 54.77
N TYR J 36 -30.27 39.94 55.46
CA TYR J 36 -30.67 41.29 55.04
C TYR J 36 -29.51 41.95 54.26
N CYS J 37 -29.89 42.66 53.22
CA CYS J 37 -28.93 43.56 52.55
C CYS J 37 -29.76 44.73 52.05
N GLY J 38 -29.26 45.95 52.12
CA GLY J 38 -30.13 47.08 51.79
C GLY J 38 -29.85 48.34 52.56
N ASP J 39 -29.08 48.22 53.66
CA ASP J 39 -28.49 49.30 54.45
C ASP J 39 -29.34 50.55 54.63
N SER J 40 -30.59 50.37 55.02
CA SER J 40 -31.47 51.50 55.33
C SER J 40 -32.28 51.12 56.55
N ASP J 41 -32.33 52.06 57.51
CA ASP J 41 -33.01 51.79 58.78
C ASP J 41 -34.52 51.86 58.59
N LEU J 42 -34.97 52.72 57.68
CA LEU J 42 -36.37 52.94 57.39
C LEU J 42 -37.02 51.69 56.76
N GLN J 43 -36.23 50.83 56.10
CA GLN J 43 -36.80 49.70 55.43
C GLN J 43 -37.34 48.64 56.40
N LEU J 44 -36.56 48.43 57.48
CA LEU J 44 -36.88 47.26 58.32
C LEU J 44 -37.17 47.77 59.72
N GLU J 45 -37.50 49.05 59.94
CA GLU J 45 -38.02 49.51 61.24
C GLU J 45 -39.32 48.85 61.64
N ARG J 46 -40.14 48.55 60.66
CA ARG J 46 -41.33 47.75 60.82
C ARG J 46 -41.21 46.55 59.89
N ILE J 47 -40.59 45.52 60.44
CA ILE J 47 -40.36 44.27 59.71
C ILE J 47 -41.14 43.13 60.37
N ASN J 48 -41.55 43.32 61.62
CA ASN J 48 -42.29 42.29 62.32
C ASN J 48 -43.72 42.20 61.83
N VAL J 49 -44.14 43.07 60.92
CA VAL J 49 -45.47 42.96 60.34
C VAL J 49 -45.61 41.71 59.49
N PHE J 50 -44.47 41.27 58.88
CA PHE J 50 -44.54 40.08 58.04
C PHE J 50 -43.50 39.02 58.37
N TYR J 51 -42.51 39.36 59.20
CA TYR J 51 -41.38 38.47 59.39
C TYR J 51 -41.17 38.19 60.88
N ASN J 52 -40.37 37.15 61.13
CA ASN J 52 -39.95 36.77 62.45
C ASN J 52 -38.46 36.61 62.49
N GLU J 53 -37.82 37.14 63.55
CA GLU J 53 -36.40 36.90 63.82
C GLU J 53 -36.21 35.43 64.18
N ALA J 54 -35.05 34.88 63.78
CA ALA J 54 -34.80 33.45 63.96
C ALA J 54 -33.50 33.18 64.71
N THR J 55 -33.00 34.18 65.44
CA THR J 55 -31.79 34.15 66.27
C THR J 55 -30.54 33.64 65.53
N GLY J 56 -30.63 33.69 64.20
CA GLY J 56 -29.49 33.50 63.31
C GLY J 56 -29.29 34.79 62.53
N GLY J 57 -30.21 35.74 62.79
CA GLY J 57 -30.27 36.97 62.03
C GLY J 57 -31.18 36.88 60.81
N ARG J 58 -31.67 35.69 60.49
CA ARG J 58 -32.49 35.51 59.30
C ARG J 58 -33.96 35.78 59.65
N PHE J 59 -34.70 36.15 58.62
CA PHE J 59 -36.09 36.48 58.74
C PHE J 59 -36.93 35.43 58.06
N VAL J 60 -37.87 34.86 58.80
CA VAL J 60 -38.74 33.86 58.23
C VAL J 60 -40.15 34.44 58.11
N PRO J 61 -40.82 34.24 56.96
CA PRO J 61 -42.17 34.77 56.80
C PRO J 61 -43.18 34.09 57.69
N ARG J 62 -44.19 34.86 58.09
CA ARG J 62 -45.26 34.34 58.93
C ARG J 62 -46.36 33.78 58.04
N ALA J 63 -45.99 32.81 57.19
CA ALA J 63 -46.90 32.30 56.18
C ALA J 63 -47.18 30.82 56.41
N ILE J 64 -48.42 30.42 56.20
CA ILE J 64 -48.88 29.05 56.32
C ILE J 64 -49.33 28.58 54.96
N LEU J 65 -48.64 27.58 54.44
CA LEU J 65 -48.88 27.08 53.11
C LEU J 65 -49.75 25.85 53.18
N MET J 66 -50.90 25.86 52.46
CA MET J 66 -51.99 24.96 52.93
C MET J 66 -52.72 24.43 51.74
N ASP J 67 -52.80 23.10 51.62
CA ASP J 67 -53.32 22.47 50.40
C ASP J 67 -53.68 21.04 50.73
N LEU J 68 -54.11 20.30 49.74
CA LEU J 68 -54.39 18.88 49.81
C LEU J 68 -53.56 18.12 48.80
N GLU J 69 -52.92 18.85 47.81
CA GLU J 69 -52.19 18.07 46.80
C GLU J 69 -50.71 18.37 46.83
N PRO J 70 -49.86 17.33 47.14
CA PRO J 70 -48.51 17.64 47.64
C PRO J 70 -47.52 18.07 46.56
N GLY J 71 -47.94 18.09 45.28
CA GLY J 71 -47.03 18.54 44.24
C GLY J 71 -46.94 20.04 44.23
N THR J 72 -47.99 20.82 44.45
CA THR J 72 -47.97 22.21 44.02
C THR J 72 -47.15 23.06 45.02
N MET J 73 -47.16 22.62 46.30
CA MET J 73 -46.28 23.43 47.18
C MET J 73 -44.95 22.74 47.28
N ASP J 74 -44.71 21.58 46.71
CA ASP J 74 -43.35 21.09 46.41
C ASP J 74 -42.73 22.01 45.34
N SER J 75 -43.54 22.52 44.41
CA SER J 75 -43.08 23.43 43.40
C SER J 75 -42.63 24.77 43.99
N VAL J 76 -43.30 25.25 44.98
CA VAL J 76 -43.00 26.51 45.65
C VAL J 76 -41.70 26.35 46.44
N ARG J 77 -41.48 25.21 47.10
CA ARG J 77 -40.25 24.97 47.82
C ARG J 77 -39.04 24.89 46.90
N ALA J 78 -39.18 24.27 45.73
CA ALA J 78 -38.03 24.07 44.84
C ALA J 78 -37.63 25.36 44.10
N GLY J 79 -38.57 26.28 43.97
CA GLY J 79 -38.37 27.49 43.21
C GLY J 79 -37.58 28.52 44.03
N PRO J 80 -37.35 29.71 43.44
CA PRO J 80 -36.61 30.75 44.13
C PRO J 80 -37.44 31.31 45.26
N PHE J 81 -36.73 31.76 46.32
CA PHE J 81 -37.34 32.27 47.54
C PHE J 81 -38.22 31.20 48.17
N GLY J 82 -37.84 29.93 48.02
CA GLY J 82 -38.60 28.81 48.55
C GLY J 82 -37.95 28.30 49.85
N GLN J 83 -36.69 28.70 50.10
CA GLN J 83 -36.04 28.36 51.34
C GLN J 83 -36.42 29.35 52.44
N LEU J 84 -37.25 30.36 52.13
CA LEU J 84 -37.63 31.29 53.16
C LEU J 84 -38.61 30.67 54.17
N PHE J 85 -39.54 29.89 53.63
CA PHE J 85 -40.65 29.38 54.41
C PHE J 85 -40.21 28.30 55.40
N ARG J 86 -40.94 28.26 56.51
CA ARG J 86 -40.69 27.28 57.54
C ARG J 86 -41.18 25.92 57.06
N PRO J 87 -40.40 24.84 57.23
CA PRO J 87 -40.87 23.49 56.92
C PRO J 87 -42.07 23.01 57.73
N ASP J 88 -42.21 23.50 58.95
CA ASP J 88 -43.35 23.16 59.79
C ASP J 88 -44.61 23.86 59.31
N ASN J 89 -44.46 24.97 58.60
CA ASN J 89 -45.61 25.72 58.10
C ASN J 89 -46.28 25.04 56.91
N PHE J 90 -45.59 24.09 56.26
CA PHE J 90 -46.22 23.24 55.29
C PHE J 90 -47.22 22.28 55.94
N VAL J 91 -48.45 22.25 55.39
CA VAL J 91 -49.39 21.25 55.80
C VAL J 91 -49.83 20.52 54.54
N PHE J 92 -49.21 19.39 54.29
CA PHE J 92 -49.48 18.61 53.10
C PHE J 92 -50.84 17.90 53.16
N GLY J 93 -51.30 17.54 51.99
CA GLY J 93 -52.32 16.52 51.89
C GLY J 93 -51.84 15.50 50.88
N GLN J 94 -52.55 14.35 50.93
CA GLN J 94 -52.08 13.25 50.07
C GLN J 94 -53.04 12.97 48.95
N THR J 95 -54.35 13.14 49.18
CA THR J 95 -55.35 12.70 48.22
C THR J 95 -55.60 13.75 47.14
N GLY J 96 -55.92 14.96 47.58
CA GLY J 96 -56.23 16.06 46.67
C GLY J 96 -57.73 16.15 46.39
N ALA J 97 -58.33 17.30 46.72
CA ALA J 97 -59.75 17.51 46.60
C ALA J 97 -60.05 17.86 45.13
N GLY J 98 -60.68 16.90 44.45
CA GLY J 98 -60.67 16.91 43.00
C GLY J 98 -61.74 17.87 42.47
N ASN J 99 -61.47 19.18 42.62
CA ASN J 99 -62.35 20.26 42.17
C ASN J 99 -63.75 20.11 42.75
N ASN J 100 -63.85 19.54 43.95
CA ASN J 100 -65.11 19.33 44.61
C ASN J 100 -65.10 20.15 45.87
N TRP J 101 -66.00 21.15 45.95
CA TRP J 101 -66.13 21.99 47.13
C TRP J 101 -66.57 21.18 48.34
N ALA J 102 -67.40 20.13 48.11
CA ALA J 102 -67.91 19.35 49.20
C ALA J 102 -66.80 18.62 49.93
N LYS J 103 -65.89 17.97 49.19
CA LYS J 103 -64.84 17.25 49.86
C LYS J 103 -63.73 18.18 50.31
N GLY J 104 -63.68 19.42 49.80
CA GLY J 104 -62.77 20.41 50.36
C GLY J 104 -63.25 20.91 51.72
N HIS J 105 -64.59 21.04 51.84
CA HIS J 105 -65.12 21.62 53.08
C HIS J 105 -65.52 20.55 54.12
N TYR J 106 -66.17 19.47 53.66
CA TYR J 106 -66.79 18.59 54.64
C TYR J 106 -66.01 17.32 54.91
N THR J 107 -65.67 16.58 53.86
CA THR J 107 -65.21 15.22 54.09
C THR J 107 -63.69 15.11 54.15
N GLU J 108 -63.00 15.57 53.12
CA GLU J 108 -61.58 15.28 53.04
C GLU J 108 -60.72 16.33 53.78
N GLY J 109 -61.26 17.56 53.82
CA GLY J 109 -60.60 18.68 54.41
C GLY J 109 -60.60 18.63 55.95
N ALA J 110 -61.57 17.88 56.52
CA ALA J 110 -61.80 17.92 57.94
C ALA J 110 -60.69 17.23 58.75
N GLU J 111 -60.01 16.28 58.16
CA GLU J 111 -58.92 15.59 58.81
C GLU J 111 -57.63 16.37 58.71
N LEU J 112 -57.59 17.48 57.98
CA LEU J 112 -56.38 18.29 57.92
C LEU J 112 -56.46 19.57 58.77
N ILE J 113 -57.69 19.96 59.13
CA ILE J 113 -57.92 21.19 59.86
C ILE J 113 -57.32 21.15 61.24
N ASP J 114 -57.28 19.98 61.85
CA ASP J 114 -56.66 19.77 63.14
C ASP J 114 -55.16 20.10 63.09
N SER J 115 -54.52 19.87 61.96
CA SER J 115 -53.11 20.19 61.83
C SER J 115 -52.93 21.70 61.57
N VAL J 116 -53.71 22.25 60.65
CA VAL J 116 -53.44 23.59 60.16
C VAL J 116 -53.89 24.62 61.18
N LEU J 117 -54.93 24.32 61.98
CA LEU J 117 -55.34 25.24 63.03
C LEU J 117 -54.31 25.28 64.16
N ASP J 118 -53.58 24.19 64.33
CA ASP J 118 -52.56 24.10 65.37
C ASP J 118 -51.41 25.05 65.00
N VAL J 119 -51.04 25.06 63.71
CA VAL J 119 -49.87 25.83 63.32
C VAL J 119 -50.23 27.31 63.26
N VAL J 120 -51.50 27.63 62.93
CA VAL J 120 -51.86 29.04 62.87
C VAL J 120 -51.98 29.60 64.28
N ARG J 121 -52.41 28.79 65.23
CA ARG J 121 -52.49 29.29 66.60
C ARG J 121 -51.12 29.44 67.20
N LYS J 122 -50.18 28.59 66.82
CA LYS J 122 -48.82 28.65 67.37
C LYS J 122 -48.15 29.95 66.97
N GLU J 123 -48.35 30.36 65.72
CA GLU J 123 -47.77 31.60 65.24
C GLU J 123 -48.53 32.84 65.73
N ALA J 124 -49.84 32.73 65.86
CA ALA J 124 -50.70 33.84 66.25
C ALA J 124 -50.48 34.25 67.71
N GLU J 125 -50.44 33.25 68.61
CA GLU J 125 -50.38 33.52 70.02
C GLU J 125 -48.96 33.92 70.45
N GLY J 126 -47.97 33.61 69.61
CA GLY J 126 -46.56 33.80 69.93
C GLY J 126 -46.15 35.26 70.05
N CYS J 127 -46.92 36.18 69.46
CA CYS J 127 -46.57 37.59 69.48
C CYS J 127 -47.27 38.29 70.63
N ASP J 128 -47.18 39.62 70.67
CA ASP J 128 -47.88 40.45 71.63
C ASP J 128 -49.39 40.40 71.37
N CYS J 129 -49.79 40.91 70.21
CA CYS J 129 -51.20 41.04 69.85
C CYS J 129 -51.30 41.17 68.34
N LEU J 130 -52.07 40.33 67.69
CA LEU J 130 -52.20 40.25 66.25
C LEU J 130 -53.15 41.31 65.66
N GLN J 131 -52.84 41.72 64.43
CA GLN J 131 -53.62 42.74 63.79
C GLN J 131 -54.63 42.14 62.84
N GLY J 132 -54.17 41.24 61.95
CA GLY J 132 -55.04 40.76 60.92
C GLY J 132 -54.48 39.50 60.23
N PHE J 133 -55.33 39.04 59.29
CA PHE J 133 -55.04 37.90 58.47
C PHE J 133 -55.09 38.31 57.02
N GLN J 134 -54.32 37.58 56.19
CA GLN J 134 -54.48 37.62 54.76
C GLN J 134 -54.63 36.18 54.22
N ILE J 135 -55.57 36.05 53.32
CA ILE J 135 -55.83 34.77 52.67
C ILE J 135 -55.80 34.95 51.18
N THR J 136 -54.94 34.15 50.52
CA THR J 136 -54.89 34.22 49.06
C THR J 136 -55.35 32.88 48.48
N HIS J 137 -56.39 32.95 47.66
CA HIS J 137 -57.05 31.74 47.19
C HIS J 137 -57.78 32.04 45.89
N SER J 138 -58.34 30.97 45.34
CA SER J 138 -59.21 31.03 44.16
C SER J 138 -60.60 30.56 44.59
N LEU J 139 -61.64 31.17 44.01
CA LEU J 139 -62.98 30.75 44.30
C LEU J 139 -63.60 29.94 43.15
N GLY J 140 -62.79 29.28 42.40
CA GLY J 140 -63.19 28.46 41.27
C GLY J 140 -62.80 27.03 41.48
N GLY J 141 -61.76 26.76 42.27
CA GLY J 141 -61.21 25.42 42.39
C GLY J 141 -61.85 24.64 43.55
N GLY J 142 -61.26 23.50 43.93
CA GLY J 142 -61.72 22.74 45.06
C GLY J 142 -61.06 23.07 46.39
N THR J 143 -59.73 23.03 46.39
CA THR J 143 -58.99 23.08 47.64
C THR J 143 -58.79 24.50 48.13
N GLY J 144 -58.90 25.48 47.23
CA GLY J 144 -58.81 26.88 47.65
C GLY J 144 -60.20 27.39 48.02
N SER J 145 -61.21 27.02 47.25
CA SER J 145 -62.56 27.52 47.41
C SER J 145 -63.35 26.81 48.53
N GLY J 146 -63.11 25.51 48.69
CA GLY J 146 -63.78 24.81 49.76
C GLY J 146 -63.02 24.79 51.04
N MET J 147 -61.81 24.28 50.95
CA MET J 147 -61.05 23.93 52.15
C MET J 147 -60.38 25.19 52.72
N GLY J 148 -60.11 26.16 51.84
CA GLY J 148 -59.64 27.48 52.24
C GLY J 148 -60.71 28.24 53.01
N THR J 149 -61.98 28.09 52.62
CA THR J 149 -63.04 28.78 53.26
C THR J 149 -63.39 28.17 54.62
N LEU J 150 -63.03 26.87 54.83
CA LEU J 150 -63.19 26.30 56.14
C LEU J 150 -62.23 26.93 57.14
N LEU J 151 -61.02 27.21 56.67
CA LEU J 151 -60.04 27.88 57.51
C LEU J 151 -60.49 29.29 57.85
N ILE J 152 -61.16 29.96 56.90
CA ILE J 152 -61.71 31.29 57.11
C ILE J 152 -62.74 31.24 58.27
N SER J 153 -63.58 30.22 58.24
CA SER J 153 -64.67 30.11 59.20
C SER J 153 -64.16 29.80 60.60
N LYS J 154 -63.16 28.96 60.68
CA LYS J 154 -62.64 28.52 61.99
C LYS J 154 -61.82 29.62 62.67
N VAL J 155 -61.07 30.41 61.90
CA VAL J 155 -60.19 31.39 62.53
C VAL J 155 -60.98 32.63 62.91
N ARG J 156 -62.12 32.87 62.27
CA ARG J 156 -62.98 34.00 62.66
C ARG J 156 -63.67 33.68 63.99
N GLU J 157 -64.00 32.40 64.22
CA GLU J 157 -64.63 32.03 65.47
C GLU J 157 -63.63 32.05 66.61
N GLU J 158 -62.36 31.86 66.32
CA GLU J 158 -61.33 31.86 67.36
C GLU J 158 -60.85 33.26 67.67
N TYR J 159 -60.75 34.13 66.64
CA TYR J 159 -60.36 35.50 66.82
C TYR J 159 -61.45 36.41 66.27
N PRO J 160 -62.49 36.72 67.06
CA PRO J 160 -63.64 37.45 66.54
C PRO J 160 -63.44 38.95 66.35
N ASP J 161 -62.51 39.53 67.12
CA ASP J 161 -62.23 40.94 67.14
C ASP J 161 -61.08 41.33 66.22
N ARG J 162 -60.47 40.38 65.52
CA ARG J 162 -59.42 40.66 64.56
C ARG J 162 -60.07 40.81 63.20
N ILE J 163 -59.32 41.43 62.26
CA ILE J 163 -59.77 41.54 60.89
C ILE J 163 -59.12 40.48 60.01
N MET J 164 -59.67 40.20 58.88
CA MET J 164 -59.04 39.37 57.86
C MET J 164 -59.51 39.81 56.49
N GLU J 165 -58.57 39.98 55.60
CA GLU J 165 -58.81 40.52 54.27
C GLU J 165 -58.20 39.59 53.25
N THR J 166 -58.91 39.28 52.15
CA THR J 166 -58.52 38.26 51.24
C THR J 166 -58.42 38.71 49.79
N PHE J 167 -57.53 38.03 49.09
CA PHE J 167 -57.40 38.21 47.64
C PHE J 167 -57.96 37.00 46.98
N SER J 168 -59.17 37.09 46.42
CA SER J 168 -59.75 35.97 45.69
C SER J 168 -59.82 36.29 44.21
N VAL J 169 -59.44 35.31 43.39
CA VAL J 169 -59.79 35.38 41.97
C VAL J 169 -61.14 34.72 41.73
N PHE J 170 -61.86 35.25 40.77
CA PHE J 170 -63.20 34.80 40.42
C PHE J 170 -63.21 34.13 39.07
N PRO J 171 -64.25 33.34 38.74
CA PRO J 171 -64.48 32.95 37.35
C PRO J 171 -64.53 34.11 36.38
N SER J 172 -63.97 33.87 35.21
CA SER J 172 -63.89 34.80 34.12
C SER J 172 -65.07 34.59 33.15
N PRO J 173 -65.51 35.65 32.47
CA PRO J 173 -66.74 35.55 31.67
C PRO J 173 -66.71 34.66 30.46
N LYS J 174 -65.75 34.91 29.58
CA LYS J 174 -65.71 34.18 28.30
C LYS J 174 -64.99 32.84 28.47
N VAL J 175 -63.75 32.89 28.83
CA VAL J 175 -62.95 31.73 29.19
C VAL J 175 -63.26 31.27 30.63
N SER J 176 -63.34 29.97 30.76
CA SER J 176 -63.73 29.32 31.99
C SER J 176 -62.89 28.07 32.06
N ASP J 177 -62.00 27.95 33.04
CA ASP J 177 -61.48 26.67 33.43
C ASP J 177 -62.53 25.90 34.24
N THR J 178 -62.27 24.65 34.57
CA THR J 178 -62.74 24.01 35.82
C THR J 178 -64.27 23.99 35.85
N VAL J 179 -64.86 23.10 35.05
CA VAL J 179 -66.25 23.17 34.57
C VAL J 179 -67.26 23.42 35.70
N VAL J 180 -66.95 22.94 36.91
CA VAL J 180 -67.77 23.35 38.04
C VAL J 180 -67.18 24.62 38.64
N GLU J 181 -67.37 25.72 37.90
CA GLU J 181 -67.10 27.05 38.45
C GLU J 181 -68.29 27.56 39.28
N PRO J 182 -69.55 27.59 38.77
CA PRO J 182 -70.57 28.30 39.52
C PRO J 182 -70.98 27.58 40.79
N TYR J 183 -70.78 26.25 40.85
CA TYR J 183 -71.03 25.51 42.07
C TYR J 183 -70.02 25.90 43.14
N ASN J 184 -68.75 26.04 42.74
CA ASN J 184 -67.70 26.37 43.70
C ASN J 184 -67.82 27.82 44.14
N ALA J 185 -68.16 28.71 43.21
CA ALA J 185 -68.21 30.13 43.48
C ALA J 185 -69.38 30.47 44.38
N THR J 186 -70.58 29.95 44.07
CA THR J 186 -71.76 30.34 44.81
C THR J 186 -71.73 29.78 46.23
N LEU J 187 -71.21 28.54 46.37
CA LEU J 187 -71.09 27.94 47.69
C LEU J 187 -70.02 28.63 48.53
N SER J 188 -69.04 29.28 47.87
CA SER J 188 -67.99 29.94 48.63
C SER J 188 -68.40 31.35 49.00
N VAL J 189 -69.21 32.02 48.18
CA VAL J 189 -69.55 33.40 48.46
C VAL J 189 -70.49 33.49 49.66
N HIS J 190 -71.43 32.54 49.80
CA HIS J 190 -72.39 32.68 50.88
C HIS J 190 -71.74 32.34 52.22
N GLN J 191 -70.61 31.72 52.22
CA GLN J 191 -69.83 31.52 53.44
C GLN J 191 -68.81 32.67 53.62
N LEU J 192 -68.48 33.35 52.53
CA LEU J 192 -67.50 34.42 52.57
C LEU J 192 -68.14 35.75 52.92
N VAL J 193 -69.45 35.89 52.68
CA VAL J 193 -70.12 37.11 53.11
C VAL J 193 -70.39 37.07 54.61
N GLU J 194 -70.41 35.88 55.19
CA GLU J 194 -70.72 35.70 56.59
C GLU J 194 -69.47 35.65 57.46
N ASN J 195 -68.29 35.34 56.88
CA ASN J 195 -67.13 35.13 57.73
C ASN J 195 -65.91 35.91 57.29
N ALA J 196 -66.02 36.81 56.34
CA ALA J 196 -64.82 37.56 55.91
C ALA J 196 -65.16 39.05 55.90
N ASP J 197 -64.17 39.84 56.26
CA ASP J 197 -64.34 41.25 56.48
C ASP J 197 -64.19 42.05 55.20
N GLU J 198 -63.21 41.70 54.38
CA GLU J 198 -62.88 42.45 53.17
C GLU J 198 -62.41 41.46 52.12
N VAL J 199 -62.94 41.59 50.91
CA VAL J 199 -62.56 40.76 49.79
C VAL J 199 -62.19 41.69 48.65
N GLN J 200 -61.04 41.43 48.00
CA GLN J 200 -60.68 42.07 46.77
C GLN J 200 -60.76 41.06 45.62
N VAL J 201 -61.54 41.46 44.61
CA VAL J 201 -61.83 40.58 43.50
C VAL J 201 -60.83 40.79 42.36
N ILE J 202 -60.37 39.68 41.79
CA ILE J 202 -59.48 39.65 40.65
C ILE J 202 -60.11 38.76 39.60
N ASP J 203 -60.02 39.18 38.32
CA ASP J 203 -60.48 38.37 37.23
C ASP J 203 -59.32 38.10 36.26
N ASN J 204 -59.33 36.91 35.69
CA ASN J 204 -58.15 36.47 34.94
C ASN J 204 -58.12 37.18 33.58
N GLU J 205 -59.32 37.40 33.00
CA GLU J 205 -59.31 37.99 31.65
C GLU J 205 -59.11 39.48 31.79
N ALA J 206 -59.34 40.10 32.92
CA ALA J 206 -58.94 41.48 33.15
C ALA J 206 -57.41 41.57 33.20
N LEU J 207 -56.76 40.59 33.79
CA LEU J 207 -55.30 40.57 33.91
C LEU J 207 -54.67 40.34 32.51
N TYR J 208 -55.32 39.53 31.68
CA TYR J 208 -54.87 39.31 30.33
C TYR J 208 -55.00 40.59 29.50
N ASP J 209 -56.07 41.35 29.75
CA ASP J 209 -56.29 42.61 29.05
C ASP J 209 -55.21 43.63 29.42
N ILE J 210 -54.79 43.63 30.67
CA ILE J 210 -53.74 44.52 31.14
C ILE J 210 -52.41 44.19 30.43
N CYS J 211 -52.10 42.89 30.32
CA CYS J 211 -50.82 42.53 29.72
C CYS J 211 -50.81 42.71 28.19
N PHE J 212 -51.99 42.80 27.58
CA PHE J 212 -52.05 43.05 26.14
C PHE J 212 -51.99 44.55 25.84
N ARG J 213 -52.86 45.32 26.48
CA ARG J 213 -53.10 46.68 26.05
C ARG J 213 -52.21 47.71 26.76
N THR J 214 -51.76 47.42 27.98
CA THR J 214 -50.90 48.36 28.69
C THR J 214 -49.44 47.91 28.62
N LEU J 215 -49.19 46.65 29.00
CA LEU J 215 -47.81 46.21 29.14
C LEU J 215 -47.15 45.91 27.80
N LYS J 216 -47.98 45.71 26.73
CA LYS J 216 -47.55 45.34 25.41
C LYS J 216 -46.68 44.08 25.41
N LEU J 217 -47.00 43.13 26.26
CA LEU J 217 -46.22 41.90 26.32
C LEU J 217 -47.00 40.89 25.50
N THR J 218 -46.34 40.14 24.60
CA THR J 218 -47.12 39.29 23.69
C THR J 218 -47.43 37.97 24.39
N THR J 219 -46.36 37.33 24.92
CA THR J 219 -46.54 36.02 25.53
C THR J 219 -45.94 35.98 26.90
N PRO J 220 -46.49 36.61 27.95
CA PRO J 220 -46.17 36.22 29.32
C PRO J 220 -46.93 35.07 29.95
N THR J 221 -46.31 34.44 30.92
CA THR J 221 -46.84 33.34 31.69
C THR J 221 -47.55 33.87 32.92
N TYR J 222 -47.91 32.99 33.84
CA TYR J 222 -48.50 33.32 35.11
C TYR J 222 -47.60 34.14 36.00
N GLY J 223 -46.28 34.11 35.74
CA GLY J 223 -45.36 34.95 36.48
C GLY J 223 -45.65 36.43 36.35
N ASP J 224 -46.09 36.92 35.16
CA ASP J 224 -46.34 38.34 35.08
C ASP J 224 -47.69 38.74 35.65
N LEU J 225 -48.66 37.86 35.57
CA LEU J 225 -49.99 38.14 36.14
C LEU J 225 -49.92 38.17 37.67
N ASN J 226 -49.14 37.25 38.24
CA ASN J 226 -48.97 37.20 39.68
C ASN J 226 -48.19 38.39 40.21
N HIS J 227 -47.31 38.94 39.35
CA HIS J 227 -46.52 40.08 39.74
C HIS J 227 -47.40 41.31 39.88
N LEU J 228 -48.45 41.40 39.03
CA LEU J 228 -49.34 42.54 39.07
C LEU J 228 -50.22 42.49 40.32
N VAL J 229 -50.70 41.28 40.68
CA VAL J 229 -51.53 41.15 41.85
C VAL J 229 -50.70 41.38 43.10
N SER J 230 -49.43 40.94 43.08
CA SER J 230 -48.56 41.12 44.22
C SER J 230 -48.23 42.60 44.45
N ALA J 231 -48.20 43.39 43.36
CA ALA J 231 -47.92 44.81 43.49
C ALA J 231 -49.05 45.51 44.23
N ALA J 232 -50.30 45.10 43.93
CA ALA J 232 -51.46 45.69 44.54
C ALA J 232 -51.60 45.20 45.98
N MET J 233 -51.13 43.98 46.27
CA MET J 233 -51.22 43.47 47.63
C MET J 233 -50.24 44.19 48.54
N SER J 234 -49.09 44.57 48.00
CA SER J 234 -48.10 45.33 48.77
C SER J 234 -48.54 46.77 48.90
N GLY J 235 -49.32 47.30 47.95
CA GLY J 235 -49.70 48.70 48.00
C GLY J 235 -50.73 49.00 49.10
N VAL J 236 -51.55 47.98 49.42
CA VAL J 236 -52.63 48.19 50.36
C VAL J 236 -52.07 48.18 51.79
N THR J 237 -50.92 47.48 51.98
CA THR J 237 -50.33 47.35 53.29
C THR J 237 -48.97 48.02 53.36
N CYS J 238 -48.76 49.02 52.48
CA CYS J 238 -47.49 49.77 52.53
C CYS J 238 -47.46 50.63 53.81
N CYS J 239 -48.60 51.18 54.19
CA CYS J 239 -48.69 52.15 55.23
C CYS J 239 -48.47 51.54 56.61
N LEU J 240 -48.69 50.21 56.76
CA LEU J 240 -48.28 49.56 58.00
C LEU J 240 -46.77 49.56 58.18
N ARG J 241 -46.06 49.41 57.09
CA ARG J 241 -44.64 49.10 57.10
C ARG J 241 -43.77 50.35 57.03
N PHE J 242 -44.34 51.46 56.49
CA PHE J 242 -43.56 52.66 56.27
C PHE J 242 -44.33 53.87 56.75
N PRO J 243 -43.67 54.97 57.12
CA PRO J 243 -44.35 56.19 57.50
C PRO J 243 -44.99 56.91 56.31
N GLY J 244 -45.82 57.89 56.64
CA GLY J 244 -46.32 58.77 55.61
C GLY J 244 -47.03 59.99 56.17
N GLN J 245 -47.57 60.80 55.26
CA GLN J 245 -48.23 62.05 55.73
C GLN J 245 -49.64 61.70 56.24
N LEU J 246 -50.37 61.02 55.38
CA LEU J 246 -51.73 60.63 55.71
C LEU J 246 -51.81 59.13 55.81
N ASN J 247 -51.81 58.66 57.06
CA ASN J 247 -51.59 57.26 57.37
C ASN J 247 -52.82 56.40 57.11
N SER J 248 -52.58 55.13 56.86
CA SER J 248 -53.62 54.14 56.68
C SER J 248 -53.25 52.80 57.34
N ASP J 249 -54.23 52.22 58.01
CA ASP J 249 -54.21 50.83 58.45
C ASP J 249 -55.26 50.03 57.65
N LEU J 250 -55.29 48.73 57.85
CA LEU J 250 -56.25 47.89 57.18
C LEU J 250 -57.63 48.08 57.78
N ARG J 251 -57.71 48.24 59.09
CA ARG J 251 -59.01 48.43 59.74
C ARG J 251 -59.52 49.86 59.47
N LYS J 252 -58.60 50.79 59.29
CA LYS J 252 -58.95 52.16 58.97
C LYS J 252 -59.64 52.24 57.62
N LEU J 253 -59.12 51.48 56.70
CA LEU J 253 -59.70 51.41 55.33
C LEU J 253 -60.94 50.58 55.35
N ALA J 254 -61.11 49.64 56.24
CA ALA J 254 -62.30 48.82 56.36
C ALA J 254 -63.50 49.62 56.83
N VAL J 255 -63.30 50.46 57.83
CA VAL J 255 -64.38 51.26 58.42
C VAL J 255 -64.73 52.37 57.49
N ASN J 256 -63.82 52.80 56.62
CA ASN J 256 -64.07 53.92 55.73
C ASN J 256 -64.75 53.48 54.43
N LEU J 257 -64.54 52.24 54.01
CA LEU J 257 -65.10 51.76 52.77
C LEU J 257 -66.53 51.15 52.80
N ILE J 258 -66.90 50.39 53.83
CA ILE J 258 -68.08 49.56 53.73
C ILE J 258 -69.24 50.25 54.45
N PRO J 259 -70.29 50.70 53.74
CA PRO J 259 -71.41 51.33 54.40
C PRO J 259 -72.30 50.35 55.16
N PHE J 260 -72.49 49.13 54.61
CA PHE J 260 -73.29 48.10 55.22
C PHE J 260 -72.47 46.83 55.26
N PRO J 261 -72.62 45.98 56.29
CA PRO J 261 -71.70 44.86 56.49
C PRO J 261 -71.74 43.77 55.42
N ARG J 262 -72.82 43.70 54.65
CA ARG J 262 -72.98 42.66 53.67
C ARG J 262 -72.12 42.92 52.42
N LEU J 263 -71.92 44.19 52.10
CA LEU J 263 -71.28 44.51 50.83
C LEU J 263 -69.85 44.96 51.07
N HIS J 264 -68.89 44.06 50.85
CA HIS J 264 -67.50 44.37 51.12
C HIS J 264 -66.61 43.74 50.05
N PHE J 265 -67.04 43.77 48.80
CA PHE J 265 -66.24 43.27 47.69
C PHE J 265 -65.73 44.46 46.89
N PHE J 266 -64.42 44.48 46.69
CA PHE J 266 -63.74 45.68 46.22
C PHE J 266 -63.05 45.39 44.90
N LEU J 267 -62.90 46.42 44.10
CA LEU J 267 -62.18 46.38 42.83
C LEU J 267 -60.78 46.93 43.09
N ILE J 268 -59.80 46.44 42.29
CA ILE J 268 -58.45 46.87 42.38
C ILE J 268 -57.99 47.63 41.18
N GLY J 269 -57.11 48.60 41.40
CA GLY J 269 -56.40 49.31 40.36
C GLY J 269 -54.90 49.40 40.69
N PHE J 270 -54.04 49.46 39.67
CA PHE J 270 -52.67 49.80 39.94
C PHE J 270 -52.16 50.73 38.87
N ALA J 271 -51.34 51.71 39.24
CA ALA J 271 -50.66 52.58 38.31
C ALA J 271 -49.31 52.94 38.88
N PRO J 272 -48.25 53.17 38.08
CA PRO J 272 -48.28 53.21 36.61
C PRO J 272 -48.07 51.85 35.98
N LEU J 273 -48.54 51.70 34.72
CA LEU J 273 -48.29 50.48 33.97
C LEU J 273 -47.95 50.85 32.54
N THR J 274 -46.66 50.99 32.24
CA THR J 274 -46.24 51.45 30.93
C THR J 274 -45.25 50.47 30.34
N SER J 275 -45.28 50.37 29.02
CA SER J 275 -44.38 49.52 28.26
C SER J 275 -43.00 50.14 28.29
N ARG J 276 -41.99 49.38 27.86
CA ARG J 276 -40.66 49.87 27.67
C ARG J 276 -40.57 50.98 26.65
N GLY J 277 -41.36 50.87 25.59
CA GLY J 277 -41.45 51.86 24.54
C GLY J 277 -42.01 53.20 25.00
N SER J 278 -43.05 53.13 25.83
CA SER J 278 -43.79 54.32 26.24
C SER J 278 -43.31 54.85 27.61
N GLN J 279 -42.20 54.33 28.11
CA GLN J 279 -41.64 54.78 29.37
C GLN J 279 -41.07 56.20 29.21
N GLN J 280 -40.45 56.46 28.07
CA GLN J 280 -39.78 57.74 27.89
C GLN J 280 -40.73 58.84 27.40
N TYR J 281 -41.97 58.47 27.06
CA TYR J 281 -42.96 59.49 26.71
C TYR J 281 -43.78 60.08 27.87
N ARG J 282 -43.81 59.34 28.98
CA ARG J 282 -44.41 59.88 30.20
C ARG J 282 -43.38 60.50 31.19
N ALA J 283 -43.70 61.67 31.66
CA ALA J 283 -42.98 62.23 32.82
C ALA J 283 -43.94 62.08 33.98
N LEU J 284 -43.68 61.19 34.90
CA LEU J 284 -44.69 60.69 35.85
C LEU J 284 -45.05 61.69 36.96
N SER J 285 -46.24 62.24 36.91
CA SER J 285 -46.71 63.22 37.84
C SER J 285 -48.16 62.90 38.20
N VAL J 286 -48.66 63.52 39.26
CA VAL J 286 -49.91 63.21 39.90
C VAL J 286 -51.13 63.23 38.95
N PRO J 287 -51.30 64.22 38.01
CA PRO J 287 -52.55 64.17 37.25
C PRO J 287 -52.75 62.98 36.32
N GLU J 288 -51.61 62.46 35.78
CA GLU J 288 -51.74 61.30 34.92
C GLU J 288 -51.99 60.01 35.68
N LEU J 289 -51.55 59.97 36.91
CA LEU J 289 -51.80 58.80 37.78
C LEU J 289 -53.30 58.68 38.06
N THR J 290 -53.93 59.80 38.35
CA THR J 290 -55.33 59.79 38.74
C THR J 290 -56.23 59.57 37.52
N GLN J 291 -55.75 59.85 36.29
CA GLN J 291 -56.54 59.60 35.13
C GLN J 291 -56.50 58.11 34.78
N GLN J 292 -55.37 57.43 35.02
CA GLN J 292 -55.37 56.01 34.76
C GLN J 292 -55.99 55.27 35.89
N MET J 293 -56.20 55.84 37.08
CA MET J 293 -56.94 55.21 38.15
C MET J 293 -58.42 55.03 37.76
N PHE J 294 -59.02 56.09 37.22
CA PHE J 294 -60.41 56.01 36.75
C PHE J 294 -60.50 55.69 35.28
N ASP J 295 -59.94 54.54 34.90
CA ASP J 295 -60.04 54.02 33.56
C ASP J 295 -60.52 52.58 33.65
N ALA J 296 -61.47 52.24 32.80
CA ALA J 296 -62.08 50.90 32.90
C ALA J 296 -61.06 49.83 32.44
N LYS J 297 -60.18 50.22 31.55
CA LYS J 297 -59.20 49.26 31.01
C LYS J 297 -58.04 49.08 31.96
N ASN J 298 -57.97 49.83 33.04
CA ASN J 298 -56.92 49.66 34.06
C ASN J 298 -57.42 48.94 35.33
N MET J 299 -58.69 48.62 35.34
CA MET J 299 -59.30 47.96 36.46
C MET J 299 -58.95 46.48 36.50
N MET J 300 -58.74 45.97 37.68
CA MET J 300 -58.18 44.60 37.80
C MET J 300 -59.28 43.54 37.81
N CYS J 301 -60.54 43.97 37.73
CA CYS J 301 -61.66 43.06 37.57
C CYS J 301 -62.39 43.54 36.31
N ALA J 302 -62.78 42.62 35.41
CA ALA J 302 -63.40 43.01 34.18
C ALA J 302 -64.91 43.06 34.42
N SER J 303 -65.29 43.93 35.41
CA SER J 303 -66.67 44.43 35.47
C SER J 303 -66.68 45.93 35.20
N ASP J 304 -67.34 46.31 34.09
CA ASP J 304 -67.16 47.62 33.50
C ASP J 304 -67.80 48.68 34.41
N PRO J 305 -66.99 49.58 35.03
CA PRO J 305 -67.51 50.42 36.10
C PRO J 305 -68.39 51.56 35.61
N ARG J 306 -68.45 51.80 34.30
CA ARG J 306 -69.31 52.83 33.77
C ARG J 306 -70.78 52.43 33.76
N HIS J 307 -71.06 51.14 34.00
CA HIS J 307 -72.46 50.73 34.08
C HIS J 307 -73.14 51.09 35.43
N GLY J 308 -72.28 51.31 36.43
CA GLY J 308 -72.71 51.56 37.79
C GLY J 308 -72.10 52.84 38.36
N ARG J 309 -72.32 53.02 39.65
CA ARG J 309 -71.85 54.25 40.32
C ARG J 309 -71.04 53.79 41.54
N TYR J 310 -69.87 54.40 41.72
CA TYR J 310 -69.00 54.09 42.80
C TYR J 310 -69.62 54.56 44.11
N LEU J 311 -69.84 53.56 44.99
CA LEU J 311 -70.41 53.87 46.28
C LEU J 311 -69.39 54.62 47.15
N THR J 312 -68.18 54.09 47.27
CA THR J 312 -67.05 54.82 47.82
C THR J 312 -65.78 54.19 47.26
N ALA J 313 -64.69 54.84 47.43
CA ALA J 313 -63.41 54.46 46.87
C ALA J 313 -62.30 55.00 47.73
N SER J 314 -61.12 54.36 47.63
CA SER J 314 -59.91 54.80 48.29
C SER J 314 -58.73 54.73 47.31
N ALA J 315 -57.78 55.64 47.54
CA ALA J 315 -56.59 55.69 46.70
C ALA J 315 -55.38 55.85 47.62
N MET J 316 -54.51 54.83 47.63
CA MET J 316 -53.34 54.86 48.47
C MET J 316 -52.15 55.24 47.60
N PHE J 317 -51.78 56.55 47.66
CA PHE J 317 -50.67 57.01 46.85
C PHE J 317 -49.37 56.76 47.59
N ARG J 318 -48.30 56.57 46.84
CA ARG J 318 -47.04 56.10 47.40
C ARG J 318 -45.89 56.89 46.78
N GLY J 319 -45.07 57.51 47.67
CA GLY J 319 -43.98 58.31 47.12
C GLY J 319 -43.86 59.67 47.69
N ARG J 320 -43.08 60.52 47.04
CA ARG J 320 -42.97 61.90 47.48
C ARG J 320 -43.88 62.61 46.52
N MET J 321 -45.12 62.97 47.05
CA MET J 321 -46.03 63.79 46.31
C MET J 321 -46.25 65.13 47.07
N SER J 322 -46.73 66.12 46.33
CA SER J 322 -47.19 67.34 46.99
C SER J 322 -48.70 67.22 47.19
N THR J 323 -49.16 67.51 48.42
CA THR J 323 -50.46 66.94 48.79
C THR J 323 -51.64 67.78 48.33
N LYS J 324 -51.39 69.03 47.93
CA LYS J 324 -52.48 69.81 47.35
C LYS J 324 -52.84 69.24 46.00
N GLU J 325 -51.81 68.91 45.16
CA GLU J 325 -52.14 68.32 43.88
C GLU J 325 -52.73 66.91 44.04
N VAL J 326 -52.45 66.26 45.15
CA VAL J 326 -53.10 65.03 45.47
C VAL J 326 -54.60 65.27 45.74
N ASP J 327 -54.88 66.14 46.68
CA ASP J 327 -56.26 66.18 47.23
C ASP J 327 -57.14 67.06 46.37
N GLU J 328 -56.58 68.11 45.69
CA GLU J 328 -57.46 68.90 44.81
C GLU J 328 -57.83 68.13 43.54
N GLN J 329 -56.92 67.33 43.07
CA GLN J 329 -57.17 66.45 41.94
C GLN J 329 -58.15 65.33 42.29
N MET J 330 -58.08 64.86 43.52
CA MET J 330 -59.03 63.88 44.02
C MET J 330 -60.44 64.49 44.14
N LEU J 331 -60.51 65.79 44.40
CA LEU J 331 -61.76 66.51 44.35
C LEU J 331 -62.20 66.70 42.91
N ASN J 332 -61.23 66.95 42.03
CA ASN J 332 -61.48 67.24 40.62
C ASN J 332 -62.10 66.04 39.92
N VAL J 333 -61.65 64.84 40.28
CA VAL J 333 -62.16 63.63 39.65
C VAL J 333 -63.59 63.33 40.11
N GLN J 334 -63.94 63.72 41.34
CA GLN J 334 -65.30 63.50 41.80
C GLN J 334 -66.26 64.50 41.15
N ASN J 335 -65.78 65.68 40.86
CA ASN J 335 -66.59 66.73 40.24
C ASN J 335 -66.74 66.49 38.75
N LYS J 336 -65.68 66.03 38.07
CA LYS J 336 -65.74 65.77 36.64
C LYS J 336 -66.52 64.50 36.30
N ASN J 337 -66.29 63.42 37.02
CA ASN J 337 -67.07 62.22 36.84
C ASN J 337 -68.21 62.21 37.84
N SER J 338 -69.12 63.16 37.69
CA SER J 338 -70.18 63.40 38.68
C SER J 338 -71.23 62.28 38.65
N SER J 339 -71.51 61.72 37.47
CA SER J 339 -72.50 60.66 37.40
C SER J 339 -71.89 59.31 37.76
N TYR J 340 -70.57 59.22 37.86
CA TYR J 340 -69.90 57.95 38.15
C TYR J 340 -69.74 57.68 39.64
N PHE J 341 -70.20 58.62 40.47
CA PHE J 341 -70.19 58.45 41.89
C PHE J 341 -71.62 58.58 42.42
N VAL J 342 -71.80 58.10 43.66
CA VAL J 342 -73.10 58.11 44.27
C VAL J 342 -73.32 59.47 44.90
N GLU J 343 -74.61 59.91 44.94
CA GLU J 343 -74.95 61.27 45.34
C GLU J 343 -75.14 61.42 46.85
N TRP J 344 -75.67 60.37 47.52
CA TRP J 344 -76.07 60.57 48.90
C TRP J 344 -74.92 60.43 49.90
N ILE J 345 -73.70 60.20 49.39
CA ILE J 345 -72.50 60.35 50.18
C ILE J 345 -71.71 61.54 49.63
N PRO J 346 -71.59 62.62 50.41
CA PRO J 346 -70.59 63.65 50.10
C PRO J 346 -69.17 63.14 50.35
N ASN J 347 -68.24 63.59 49.53
CA ASN J 347 -66.85 63.16 49.51
C ASN J 347 -66.78 61.63 49.44
N ASN J 348 -67.12 61.14 48.25
CA ASN J 348 -66.98 59.73 47.88
C ASN J 348 -65.53 59.20 47.86
N MET J 349 -64.56 60.10 47.70
CA MET J 349 -63.24 59.56 47.21
C MET J 349 -62.21 59.96 48.24
N LYS J 350 -61.24 59.07 48.50
CA LYS J 350 -60.35 59.20 49.65
C LYS J 350 -58.89 59.18 49.17
N SER J 351 -58.03 59.87 49.90
CA SER J 351 -56.61 59.87 49.67
C SER J 351 -55.86 59.38 50.91
N SER J 352 -54.68 58.82 50.69
CA SER J 352 -53.67 58.59 51.66
C SER J 352 -52.30 58.71 50.95
N VAL J 353 -51.31 59.11 51.72
CA VAL J 353 -49.94 59.26 51.31
C VAL J 353 -49.09 58.31 52.12
N CYS J 354 -48.42 57.39 51.43
CA CYS J 354 -47.41 56.50 51.99
C CYS J 354 -46.10 56.97 51.37
N ASP J 355 -45.13 57.26 52.22
CA ASP J 355 -43.99 58.10 51.88
C ASP J 355 -42.86 57.36 51.13
N ILE J 356 -42.97 56.04 51.03
CA ILE J 356 -41.95 55.22 50.41
C ILE J 356 -42.45 54.66 49.09
N PRO J 357 -41.88 55.10 47.96
CA PRO J 357 -42.32 54.59 46.67
C PRO J 357 -41.75 53.21 46.44
N PRO J 358 -42.33 52.40 45.51
CA PRO J 358 -41.77 51.09 45.25
C PRO J 358 -40.45 51.24 44.53
N LYS J 359 -39.64 50.16 44.59
CA LYS J 359 -38.37 50.13 43.91
C LYS J 359 -38.53 50.20 42.40
N GLY J 360 -37.80 51.15 41.79
CA GLY J 360 -37.78 51.32 40.35
C GLY J 360 -38.75 52.38 39.85
N LEU J 361 -39.69 52.82 40.73
CA LEU J 361 -40.58 53.93 40.40
C LEU J 361 -40.24 55.08 41.32
N LYS J 362 -40.84 56.24 41.06
CA LYS J 362 -40.80 57.36 41.98
C LYS J 362 -42.18 57.67 42.55
N MET J 363 -43.25 57.21 41.87
CA MET J 363 -44.59 57.41 42.41
C MET J 363 -45.47 56.25 41.94
N SER J 364 -46.35 55.80 42.83
CA SER J 364 -47.31 54.75 42.50
C SER J 364 -48.59 54.96 43.30
N VAL J 365 -49.65 54.34 42.86
CA VAL J 365 -50.97 54.48 43.45
C VAL J 365 -51.71 53.17 43.29
N THR J 366 -52.41 52.79 44.35
CA THR J 366 -53.22 51.59 44.36
C THR J 366 -54.64 52.00 44.66
N PHE J 367 -55.57 51.41 43.92
CA PHE J 367 -56.96 51.79 44.00
C PHE J 367 -57.82 50.69 44.57
N VAL J 368 -58.55 51.00 45.64
CA VAL J 368 -59.54 50.07 46.15
C VAL J 368 -60.90 50.75 46.06
N GLY J 369 -61.80 50.18 45.30
CA GLY J 369 -63.07 50.90 45.08
C GLY J 369 -64.29 49.99 45.23
N ASN J 370 -65.23 50.45 46.05
CA ASN J 370 -66.45 49.70 46.30
C ASN J 370 -67.50 50.21 45.29
N SER J 371 -67.65 49.46 44.20
CA SER J 371 -68.57 49.85 43.14
C SER J 371 -69.80 48.97 43.15
N THR J 372 -70.88 49.46 42.58
CA THR J 372 -72.08 48.66 42.37
C THR J 372 -72.05 47.99 40.99
N ALA J 373 -70.94 48.08 40.29
CA ALA J 373 -70.75 47.37 39.03
C ALA J 373 -70.44 45.88 39.24
N ILE J 374 -70.32 45.46 40.48
CA ILE J 374 -70.20 44.03 40.79
C ILE J 374 -71.55 43.34 40.77
N GLN J 375 -72.60 44.08 40.54
CA GLN J 375 -73.94 43.52 40.39
C GLN J 375 -74.00 42.61 39.14
N GLU J 376 -73.22 43.06 38.10
CA GLU J 376 -73.32 42.33 36.82
C GLU J 376 -72.60 40.97 36.94
N MET J 377 -71.56 40.96 37.71
CA MET J 377 -70.67 39.80 37.81
C MET J 377 -71.31 38.72 38.68
N PHE J 378 -71.95 39.13 39.78
CA PHE J 378 -72.70 38.17 40.59
C PHE J 378 -73.94 37.69 39.82
N LYS J 379 -74.50 38.49 38.95
CA LYS J 379 -75.56 38.04 38.07
C LYS J 379 -75.09 37.01 37.05
N ARG J 380 -73.88 37.13 36.56
CA ARG J 380 -73.31 36.21 35.57
C ARG J 380 -73.05 34.86 36.21
N VAL J 381 -72.58 34.85 37.47
CA VAL J 381 -72.38 33.58 38.13
C VAL J 381 -73.72 32.98 38.54
N SER J 382 -74.70 33.81 38.87
CA SER J 382 -76.01 33.34 39.27
C SER J 382 -76.71 32.66 38.09
N ASP J 383 -76.59 33.24 36.85
CA ASP J 383 -77.22 32.63 35.74
C ASP J 383 -76.58 31.29 35.32
N GLN J 384 -75.26 31.24 35.50
CA GLN J 384 -74.53 30.02 35.24
C GLN J 384 -74.87 28.98 36.29
N PHE J 385 -75.12 29.42 37.53
CA PHE J 385 -75.52 28.50 38.59
C PHE J 385 -76.90 27.95 38.33
N THR J 386 -77.81 28.81 37.93
CA THR J 386 -79.18 28.40 37.73
C THR J 386 -79.31 27.50 36.48
N ALA J 387 -78.39 27.65 35.51
CA ALA J 387 -78.42 26.80 34.34
C ALA J 387 -78.08 25.34 34.68
N MET J 388 -77.08 25.17 35.57
CA MET J 388 -76.73 23.79 35.89
C MET J 388 -77.43 23.23 37.11
N PHE J 389 -78.35 23.97 37.73
CA PHE J 389 -79.08 23.59 38.91
C PHE J 389 -80.53 23.12 38.64
N ARG J 390 -81.10 23.62 37.56
CA ARG J 390 -82.47 23.37 37.23
C ARG J 390 -82.71 21.86 36.94
N ARG J 391 -81.70 21.20 36.35
CA ARG J 391 -81.87 19.74 36.37
C ARG J 391 -80.62 19.06 36.86
N LYS J 392 -80.01 19.66 37.88
CA LYS J 392 -79.12 18.93 38.84
C LYS J 392 -77.95 18.29 38.11
N ALA J 393 -77.32 19.08 37.26
CA ALA J 393 -76.07 18.69 36.59
C ALA J 393 -74.89 18.69 37.57
N PHE J 394 -74.03 17.69 37.46
CA PHE J 394 -72.81 17.52 38.24
C PHE J 394 -73.06 17.52 39.76
N LEU J 395 -74.25 17.18 40.19
CA LEU J 395 -74.59 17.35 41.61
C LEU J 395 -74.17 16.16 42.46
N HIS J 396 -74.01 14.99 41.85
CA HIS J 396 -73.86 13.77 42.59
C HIS J 396 -72.47 13.67 43.21
N TRP J 397 -71.49 14.45 42.69
CA TRP J 397 -70.22 14.47 43.40
C TRP J 397 -70.26 15.30 44.65
N TYR J 398 -71.17 16.27 44.70
CA TYR J 398 -71.37 17.07 45.92
C TYR J 398 -72.32 16.35 46.88
N THR J 399 -73.36 15.74 46.35
CA THR J 399 -74.36 15.06 47.13
C THR J 399 -73.82 13.77 47.78
N GLY J 400 -72.79 13.18 47.15
CA GLY J 400 -72.16 12.00 47.66
C GLY J 400 -71.23 12.26 48.85
N GLU J 401 -70.92 13.50 49.14
CA GLU J 401 -70.04 13.88 50.22
C GLU J 401 -70.74 14.47 51.40
N GLY J 402 -72.08 14.36 51.42
CA GLY J 402 -72.92 14.76 52.56
C GLY J 402 -73.59 16.13 52.38
N MET J 403 -73.72 16.58 51.15
CA MET J 403 -74.48 17.77 50.87
C MET J 403 -75.99 17.51 50.89
N ASP J 404 -76.70 18.62 50.94
CA ASP J 404 -78.17 18.55 50.88
C ASP J 404 -78.64 19.23 49.61
N GLU J 405 -79.87 18.94 49.20
CA GLU J 405 -80.53 19.69 48.13
C GLU J 405 -80.87 21.12 48.59
N MET J 406 -81.16 21.24 49.85
CA MET J 406 -81.65 22.49 50.44
C MET J 406 -80.53 23.50 50.57
N GLU J 407 -79.31 23.02 50.79
CA GLU J 407 -78.21 23.96 51.04
C GLU J 407 -77.79 24.63 49.73
N PHE J 408 -78.04 23.97 48.57
CA PHE J 408 -77.78 24.64 47.31
C PHE J 408 -78.76 25.80 47.05
N THR J 409 -80.01 25.58 47.40
CA THR J 409 -81.01 26.60 47.22
C THR J 409 -80.76 27.76 48.17
N GLU J 410 -80.26 27.48 49.38
CA GLU J 410 -79.91 28.53 50.31
C GLU J 410 -78.72 29.33 49.78
N ALA J 411 -77.77 28.65 49.14
CA ALA J 411 -76.58 29.33 48.64
C ALA J 411 -76.96 30.32 47.52
N GLU J 412 -77.87 29.88 46.64
CA GLU J 412 -78.33 30.74 45.57
C GLU J 412 -79.16 31.91 46.11
N SER J 413 -79.97 31.66 47.13
CA SER J 413 -80.84 32.70 47.67
C SER J 413 -79.99 33.75 48.40
N ASN J 414 -78.95 33.31 49.10
CA ASN J 414 -78.09 34.24 49.82
C ASN J 414 -77.25 35.08 48.84
N MET J 415 -76.86 34.50 47.72
CA MET J 415 -76.07 35.27 46.77
C MET J 415 -76.97 36.16 45.89
N ASN J 416 -78.21 35.73 45.66
CA ASN J 416 -79.16 36.57 44.95
C ASN J 416 -79.57 37.77 45.78
N ASP J 417 -79.59 37.63 47.11
CA ASP J 417 -79.82 38.76 47.97
C ASP J 417 -78.69 39.76 47.92
N LEU J 418 -77.45 39.28 47.69
CA LEU J 418 -76.32 40.19 47.55
C LEU J 418 -76.45 40.99 46.25
N VAL J 419 -77.01 40.39 45.22
CA VAL J 419 -77.26 41.07 43.96
C VAL J 419 -78.32 42.14 44.18
N SER J 420 -79.36 41.82 44.99
CA SER J 420 -80.48 42.71 45.17
C SER J 420 -80.08 43.92 46.00
N GLU J 421 -79.14 43.73 46.94
CA GLU J 421 -78.72 44.84 47.78
C GLU J 421 -77.85 45.83 47.01
N TYR J 422 -77.10 45.35 46.02
CA TYR J 422 -76.37 46.28 45.16
C TYR J 422 -77.31 47.07 44.27
N GLN J 423 -78.37 46.43 43.80
CA GLN J 423 -79.28 47.05 42.85
C GLN J 423 -80.11 48.14 43.50
N GLN J 424 -80.38 47.95 44.78
CA GLN J 424 -81.21 48.88 45.57
C GLN J 424 -80.53 50.23 45.71
N TYR J 425 -79.20 50.27 45.70
CA TYR J 425 -78.40 51.43 46.06
C TYR J 425 -77.74 51.97 44.77
N GLN J 426 -78.60 52.25 43.83
CA GLN J 426 -78.26 52.85 42.55
C GLN J 426 -79.26 53.99 42.31
N MET K 1 -19.56 14.99 101.77
CA MET K 1 -20.85 15.53 101.74
C MET K 1 -21.92 14.51 101.43
N ARG K 2 -22.69 14.66 100.33
CA ARG K 2 -23.67 13.71 99.90
C ARG K 2 -23.08 12.86 98.75
N GLU K 3 -23.43 11.58 98.75
CA GLU K 3 -23.17 10.72 97.61
C GLU K 3 -24.47 9.98 97.27
N ILE K 4 -24.65 9.73 95.96
CA ILE K 4 -25.71 8.92 95.44
C ILE K 4 -25.13 7.60 94.92
N VAL K 5 -25.72 6.53 95.38
CA VAL K 5 -25.32 5.20 94.99
C VAL K 5 -26.19 4.75 93.82
N HIS K 6 -25.53 4.36 92.72
CA HIS K 6 -26.23 3.93 91.53
C HIS K 6 -26.29 2.41 91.48
N VAL K 7 -27.50 1.89 91.21
CA VAL K 7 -27.70 0.47 91.03
C VAL K 7 -28.36 0.25 89.68
N GLN K 8 -27.78 -0.63 88.90
CA GLN K 8 -28.24 -0.90 87.53
C GLN K 8 -28.63 -2.35 87.45
N GLY K 9 -29.90 -2.60 87.14
CA GLY K 9 -30.43 -3.96 87.12
C GLY K 9 -31.09 -4.25 85.78
N GLY K 10 -30.85 -5.48 85.27
CA GLY K 10 -31.51 -5.92 84.05
C GLY K 10 -30.77 -5.45 82.79
N GLN K 11 -31.25 -5.93 81.64
CA GLN K 11 -30.65 -5.59 80.37
C GLN K 11 -30.90 -4.11 80.04
N CYS K 12 -32.13 -3.65 80.31
CA CYS K 12 -32.47 -2.27 80.05
C CYS K 12 -31.71 -1.34 80.97
N GLY K 13 -31.61 -1.72 82.25
CA GLY K 13 -30.95 -0.91 83.24
C GLY K 13 -29.45 -0.75 82.98
N ASN K 14 -28.84 -1.81 82.48
CA ASN K 14 -27.41 -1.78 82.19
C ASN K 14 -27.12 -0.90 80.98
N GLN K 15 -27.95 -0.96 79.95
CA GLN K 15 -27.69 -0.20 78.74
C GLN K 15 -28.05 1.29 78.92
N ILE K 16 -29.07 1.55 79.77
CA ILE K 16 -29.39 2.94 80.02
C ILE K 16 -28.45 3.49 81.05
N GLY K 17 -27.91 2.66 81.92
CA GLY K 17 -26.95 3.12 82.92
C GLY K 17 -25.56 3.28 82.34
N ALA K 18 -25.21 2.47 81.35
CA ALA K 18 -23.92 2.60 80.68
C ALA K 18 -23.81 3.95 79.96
N LYS K 19 -24.95 4.38 79.39
CA LYS K 19 -24.98 5.64 78.68
C LYS K 19 -25.14 6.81 79.66
N PHE K 20 -25.66 6.53 80.86
CA PHE K 20 -25.74 7.54 81.88
C PHE K 20 -24.34 7.97 82.33
N TRP K 21 -23.48 6.99 82.52
CA TRP K 21 -22.13 7.28 82.97
C TRP K 21 -21.28 7.86 81.87
N GLU K 22 -21.76 7.76 80.61
CA GLU K 22 -21.10 8.38 79.51
C GLU K 22 -21.30 9.90 79.56
N VAL K 23 -22.53 10.33 79.93
CA VAL K 23 -22.80 11.74 79.85
C VAL K 23 -22.36 12.44 81.12
N ILE K 24 -22.35 11.74 82.27
CA ILE K 24 -21.89 12.37 83.50
C ILE K 24 -20.38 12.50 83.51
N SER K 25 -19.68 11.52 82.94
CA SER K 25 -18.23 11.61 82.76
C SER K 25 -17.85 12.73 81.82
N ASP K 26 -18.65 12.94 80.78
CA ASP K 26 -18.44 14.02 79.82
C ASP K 26 -18.69 15.38 80.48
N GLU K 27 -19.68 15.42 81.37
CA GLU K 27 -20.03 16.67 82.02
C GLU K 27 -19.00 17.05 83.06
N HIS K 28 -18.40 16.08 83.72
CA HIS K 28 -17.34 16.33 84.69
C HIS K 28 -15.97 16.27 84.06
N GLY K 29 -15.87 15.89 82.78
CA GLY K 29 -14.60 15.92 82.05
C GLY K 29 -13.67 14.75 82.45
N ILE K 30 -14.22 13.55 82.54
CA ILE K 30 -13.47 12.38 82.90
C ILE K 30 -13.18 11.59 81.62
N ASP K 31 -11.89 11.35 81.40
CA ASP K 31 -11.39 10.48 80.36
C ASP K 31 -11.88 9.06 80.64
N PRO K 32 -12.21 8.25 79.60
CA PRO K 32 -12.51 6.84 79.83
C PRO K 32 -11.44 6.04 80.53
N THR K 33 -10.20 6.54 80.53
CA THR K 33 -9.13 5.92 81.32
C THR K 33 -9.30 6.18 82.83
N GLY K 34 -10.06 7.23 83.16
CA GLY K 34 -10.35 7.58 84.56
C GLY K 34 -9.66 8.84 85.02
N THR K 35 -8.85 9.46 84.13
CA THR K 35 -8.18 10.69 84.52
C THR K 35 -9.11 11.87 84.30
N TYR K 36 -8.66 13.04 84.70
CA TYR K 36 -9.40 14.27 84.48
C TYR K 36 -8.70 15.11 83.41
N CYS K 37 -9.48 15.77 82.56
CA CYS K 37 -8.98 16.79 81.67
C CYS K 37 -10.02 17.89 81.57
N GLY K 38 -9.61 19.16 81.55
CA GLY K 38 -10.60 20.21 81.37
C GLY K 38 -10.39 21.47 82.18
N ASP K 39 -9.41 21.45 83.09
CA ASP K 39 -8.89 22.54 83.88
C ASP K 39 -9.90 23.59 84.35
N SER K 40 -10.98 23.13 84.98
CA SER K 40 -11.98 24.01 85.57
C SER K 40 -12.34 23.48 86.95
N ASP K 41 -12.47 24.39 87.92
CA ASP K 41 -12.67 24.04 89.31
C ASP K 41 -14.11 23.54 89.53
N LEU K 42 -15.08 24.08 88.78
CA LEU K 42 -16.47 23.81 89.10
C LEU K 42 -16.89 22.36 88.85
N GLN K 43 -16.21 21.73 87.92
CA GLN K 43 -16.46 20.34 87.55
C GLN K 43 -15.98 19.41 88.64
N LEU K 44 -14.86 19.77 89.32
CA LEU K 44 -14.22 18.82 90.21
C LEU K 44 -14.55 19.05 91.69
N GLU K 45 -15.16 20.21 91.98
CA GLU K 45 -15.39 20.58 93.38
C GLU K 45 -16.44 19.66 94.02
N ARG K 46 -17.41 19.24 93.24
CA ARG K 46 -18.40 18.31 93.73
C ARG K 46 -18.42 17.10 92.83
N ILE K 47 -17.48 16.19 93.09
CA ILE K 47 -17.34 15.00 92.25
C ILE K 47 -17.64 13.74 93.06
N ASN K 48 -17.57 13.84 94.36
CA ASN K 48 -17.80 12.72 95.24
C ASN K 48 -19.29 12.36 95.31
N VAL K 49 -20.16 13.10 94.65
CA VAL K 49 -21.55 12.71 94.58
C VAL K 49 -21.73 11.44 93.75
N PHE K 50 -20.86 11.23 92.77
CA PHE K 50 -20.99 10.11 91.85
C PHE K 50 -19.69 9.31 91.70
N TYR K 51 -18.58 9.82 92.21
CA TYR K 51 -17.30 9.19 91.98
C TYR K 51 -16.57 8.96 93.29
N ASN K 52 -15.56 8.10 93.21
CA ASN K 52 -14.69 7.78 94.31
C ASN K 52 -13.25 7.89 93.86
N GLU K 53 -12.42 8.54 94.69
CA GLU K 53 -10.99 8.59 94.49
C GLU K 53 -10.40 7.20 94.69
N ALA K 54 -9.35 6.88 93.90
CA ALA K 54 -8.80 5.53 93.94
C ALA K 54 -7.31 5.50 94.25
N THR K 55 -6.81 6.56 94.91
CA THR K 55 -5.41 6.77 95.31
C THR K 55 -4.40 6.60 94.17
N GLY K 56 -4.93 6.70 92.96
CA GLY K 56 -4.10 6.76 91.75
C GLY K 56 -4.43 8.06 91.05
N GLY K 57 -5.42 8.77 91.63
CA GLY K 57 -5.99 9.95 90.99
C GLY K 57 -7.14 9.65 90.04
N ARG K 58 -7.44 8.37 89.82
CA ARG K 58 -8.52 8.00 88.93
C ARG K 58 -9.85 7.94 89.69
N PHE K 59 -10.92 8.18 88.93
CA PHE K 59 -12.23 8.26 89.54
C PHE K 59 -13.07 7.07 89.09
N VAL K 60 -13.60 6.33 90.05
CA VAL K 60 -14.40 5.17 89.74
C VAL K 60 -15.84 5.47 90.14
N PRO K 61 -16.82 5.10 89.30
CA PRO K 61 -18.22 5.33 89.62
C PRO K 61 -18.69 4.54 90.82
N ARG K 62 -19.62 5.14 91.56
CA ARG K 62 -20.26 4.47 92.68
C ARG K 62 -21.46 3.67 92.19
N ALA K 63 -21.22 2.77 91.22
CA ALA K 63 -22.27 2.07 90.52
C ALA K 63 -22.13 0.57 90.76
N ILE K 64 -23.27 -0.09 90.94
CA ILE K 64 -23.33 -1.53 91.15
C ILE K 64 -24.10 -2.12 89.99
N LEU K 65 -23.42 -2.91 89.17
CA LEU K 65 -24.00 -3.59 88.03
C LEU K 65 -24.51 -4.97 88.41
N MET K 66 -25.76 -5.22 88.03
CA MET K 66 -26.42 -6.44 88.53
C MET K 66 -27.25 -7.03 87.41
N ASP K 67 -27.02 -8.31 87.10
CA ASP K 67 -27.76 -8.99 86.04
C ASP K 67 -27.66 -10.49 86.30
N LEU K 68 -28.58 -11.26 85.68
CA LEU K 68 -28.56 -12.68 85.77
C LEU K 68 -27.91 -13.39 84.57
N GLU K 69 -27.50 -12.58 83.57
CA GLU K 69 -26.78 -13.15 82.45
C GLU K 69 -25.49 -12.36 82.29
N PRO K 70 -24.34 -13.02 82.04
CA PRO K 70 -23.10 -12.29 81.81
C PRO K 70 -22.96 -11.66 80.42
N GLY K 71 -23.95 -11.84 79.55
CA GLY K 71 -23.90 -11.37 78.18
C GLY K 71 -23.95 -9.86 78.05
N THR K 72 -24.90 -9.24 78.76
CA THR K 72 -25.08 -7.80 78.65
C THR K 72 -24.04 -7.06 79.47
N MET K 73 -23.48 -7.67 80.48
CA MET K 73 -22.43 -7.07 81.27
C MET K 73 -21.11 -7.11 80.50
N ASP K 74 -20.94 -8.14 79.64
CA ASP K 74 -19.77 -8.19 78.78
C ASP K 74 -19.85 -7.08 77.74
N SER K 75 -21.07 -6.75 77.29
CA SER K 75 -21.28 -5.73 76.28
C SER K 75 -20.96 -4.35 76.83
N VAL K 76 -21.31 -4.13 78.10
CA VAL K 76 -21.07 -2.84 78.73
C VAL K 76 -19.57 -2.64 78.96
N ARG K 77 -18.88 -3.71 79.37
CA ARG K 77 -17.45 -3.65 79.63
C ARG K 77 -16.65 -3.40 78.36
N ALA K 78 -17.06 -4.05 77.27
CA ALA K 78 -16.32 -4.01 76.02
C ALA K 78 -16.48 -2.68 75.28
N GLY K 79 -17.56 -1.95 75.58
CA GLY K 79 -17.86 -0.70 74.92
C GLY K 79 -16.99 0.43 75.45
N PRO K 80 -17.19 1.65 74.93
CA PRO K 80 -16.50 2.81 75.47
C PRO K 80 -17.06 3.13 76.85
N PHE K 81 -16.20 3.74 77.68
CA PHE K 81 -16.50 4.03 79.07
C PHE K 81 -16.86 2.77 79.83
N GLY K 82 -16.27 1.64 79.44
CA GLY K 82 -16.56 0.37 80.08
C GLY K 82 -15.46 -0.01 81.08
N GLN K 83 -14.29 0.59 80.89
CA GLN K 83 -13.17 0.34 81.79
C GLN K 83 -13.27 1.23 83.03
N LEU K 84 -14.29 2.10 83.08
CA LEU K 84 -14.43 3.04 84.18
C LEU K 84 -14.89 2.30 85.44
N PHE K 85 -15.78 1.33 85.27
CA PHE K 85 -16.38 0.65 86.41
C PHE K 85 -15.38 -0.31 87.06
N ARG K 86 -15.57 -0.49 88.36
CA ARG K 86 -14.76 -1.44 89.11
C ARG K 86 -15.22 -2.85 88.78
N PRO K 87 -14.28 -3.79 88.48
CA PRO K 87 -14.64 -5.18 88.23
C PRO K 87 -15.31 -5.91 89.39
N ASP K 88 -15.02 -5.51 90.61
CA ASP K 88 -15.66 -6.10 91.77
C ASP K 88 -17.13 -5.66 91.89
N ASN K 89 -17.47 -4.52 91.29
CA ASN K 89 -18.82 -4.01 91.37
C ASN K 89 -19.79 -4.78 90.44
N PHE K 90 -19.25 -5.53 89.48
CA PHE K 90 -20.05 -6.44 88.71
C PHE K 90 -20.46 -7.65 89.56
N VAL K 91 -21.74 -7.98 89.53
CA VAL K 91 -22.21 -9.25 90.05
C VAL K 91 -22.89 -10.03 88.94
N PHE K 92 -22.52 -11.31 88.81
CA PHE K 92 -23.03 -12.13 87.72
C PHE K 92 -24.09 -13.11 88.17
N GLY K 93 -24.94 -13.44 87.20
CA GLY K 93 -25.82 -14.59 87.41
C GLY K 93 -25.60 -15.66 86.40
N GLN K 94 -25.62 -16.93 86.86
CA GLN K 94 -25.17 -18.05 86.08
C GLN K 94 -26.29 -18.68 85.19
N THR K 95 -27.54 -18.38 85.54
CA THR K 95 -28.65 -19.11 84.97
C THR K 95 -29.44 -18.20 84.01
N GLY K 96 -29.87 -17.04 84.49
CA GLY K 96 -30.69 -16.16 83.70
C GLY K 96 -32.19 -16.37 83.88
N ALA K 97 -32.87 -15.31 84.31
CA ALA K 97 -34.30 -15.34 84.53
C ALA K 97 -34.97 -15.11 83.17
N GLY K 98 -35.64 -16.14 82.68
CA GLY K 98 -36.41 -16.08 81.47
C GLY K 98 -37.72 -15.31 81.66
N ASN K 99 -37.61 -13.98 81.76
CA ASN K 99 -38.77 -13.07 81.79
C ASN K 99 -39.67 -13.37 82.94
N ASN K 100 -39.21 -14.04 84.03
CA ASN K 100 -40.08 -14.53 85.06
C ASN K 100 -39.82 -13.74 86.32
N TRP K 101 -40.82 -12.99 86.78
CA TRP K 101 -40.73 -12.23 88.01
C TRP K 101 -40.57 -13.13 89.21
N ALA K 102 -41.16 -14.31 89.19
CA ALA K 102 -41.05 -15.27 90.26
C ALA K 102 -39.62 -15.70 90.51
N LYS K 103 -38.93 -16.10 89.48
CA LYS K 103 -37.55 -16.57 89.64
C LYS K 103 -36.60 -15.39 89.77
N GLY K 104 -37.03 -14.17 89.39
CA GLY K 104 -36.23 -12.99 89.66
C GLY K 104 -36.30 -12.62 91.16
N HIS K 105 -37.46 -12.85 91.78
CA HIS K 105 -37.67 -12.39 93.12
C HIS K 105 -37.54 -13.50 94.16
N TYR K 106 -38.09 -14.66 93.90
CA TYR K 106 -38.23 -15.70 94.93
C TYR K 106 -37.15 -16.76 94.87
N THR K 107 -36.94 -17.35 93.67
CA THR K 107 -36.14 -18.55 93.61
C THR K 107 -34.68 -18.21 93.28
N GLU K 108 -34.46 -17.62 92.11
CA GLU K 108 -33.08 -17.56 91.63
C GLU K 108 -32.40 -16.27 92.07
N GLY K 109 -33.22 -15.20 92.20
CA GLY K 109 -32.72 -13.93 92.68
C GLY K 109 -32.42 -13.93 94.17
N ALA K 110 -33.02 -14.87 94.92
CA ALA K 110 -32.83 -14.92 96.36
C ALA K 110 -31.44 -15.40 96.74
N GLU K 111 -30.82 -16.23 95.91
CA GLU K 111 -29.46 -16.68 96.19
C GLU K 111 -28.43 -15.63 95.78
N LEU K 112 -28.81 -14.60 95.06
CA LEU K 112 -27.83 -13.67 94.52
C LEU K 112 -27.86 -12.32 95.23
N ILE K 113 -28.96 -12.03 95.92
CA ILE K 113 -29.10 -10.78 96.65
C ILE K 113 -28.13 -10.72 97.81
N ASP K 114 -27.80 -11.85 98.40
CA ASP K 114 -26.84 -11.87 99.49
C ASP K 114 -25.45 -11.46 99.00
N SER K 115 -25.12 -11.74 97.72
CA SER K 115 -23.87 -11.26 97.18
C SER K 115 -23.91 -9.76 96.87
N VAL K 116 -25.02 -9.31 96.31
CA VAL K 116 -25.09 -7.96 95.82
C VAL K 116 -25.30 -6.98 96.97
N LEU K 117 -25.96 -7.42 98.03
CA LEU K 117 -26.16 -6.57 99.21
C LEU K 117 -24.87 -6.35 99.96
N ASP K 118 -23.91 -7.30 99.83
CA ASP K 118 -22.61 -7.11 100.44
C ASP K 118 -21.88 -5.95 99.76
N VAL K 119 -21.98 -5.86 98.44
CA VAL K 119 -21.25 -4.88 97.68
C VAL K 119 -21.87 -3.49 97.90
N VAL K 120 -23.22 -3.45 98.06
CA VAL K 120 -23.86 -2.16 98.23
C VAL K 120 -23.57 -1.63 99.62
N ARG K 121 -23.46 -2.52 100.62
CA ARG K 121 -23.14 -2.07 101.96
C ARG K 121 -21.70 -1.59 102.03
N LYS K 122 -20.80 -2.23 101.26
CA LYS K 122 -19.40 -1.88 101.31
C LYS K 122 -19.19 -0.47 100.80
N GLU K 123 -19.90 -0.12 99.72
CA GLU K 123 -19.73 1.20 99.13
C GLU K 123 -20.51 2.27 99.91
N ALA K 124 -21.67 1.91 100.45
CA ALA K 124 -22.54 2.85 101.13
C ALA K 124 -21.95 3.30 102.47
N GLU K 125 -21.46 2.33 103.26
CA GLU K 125 -21.02 2.66 104.61
C GLU K 125 -19.63 3.27 104.61
N GLY K 126 -18.90 3.10 103.47
CA GLY K 126 -17.55 3.64 103.34
C GLY K 126 -17.53 5.16 103.22
N CYS K 127 -18.65 5.78 102.91
CA CYS K 127 -18.71 7.20 102.64
C CYS K 127 -19.09 7.94 103.93
N ASP K 128 -18.98 9.27 103.85
CA ASP K 128 -19.20 10.13 105.01
C ASP K 128 -20.65 10.10 105.40
N CYS K 129 -21.53 10.59 104.47
CA CYS K 129 -22.94 10.74 104.70
C CYS K 129 -23.69 10.40 103.43
N LEU K 130 -24.65 9.49 103.56
CA LEU K 130 -25.41 9.04 102.39
C LEU K 130 -26.59 9.98 102.13
N GLN K 131 -26.87 10.21 100.83
CA GLN K 131 -28.12 10.93 100.55
C GLN K 131 -29.18 9.88 100.17
N GLY K 132 -28.87 9.05 99.19
CA GLY K 132 -29.87 8.15 98.67
C GLY K 132 -29.36 7.33 97.51
N PHE K 133 -30.30 6.60 96.92
CA PHE K 133 -30.03 5.62 95.90
C PHE K 133 -30.81 5.98 94.64
N GLN K 134 -30.24 5.56 93.51
CA GLN K 134 -30.97 5.63 92.26
C GLN K 134 -30.82 4.29 91.56
N ILE K 135 -31.98 3.80 91.07
CA ILE K 135 -32.04 2.51 90.42
C ILE K 135 -32.60 2.68 89.02
N THR K 136 -31.89 2.12 88.02
CA THR K 136 -32.39 2.09 86.67
C THR K 136 -32.69 0.64 86.28
N HIS K 137 -33.93 0.39 85.88
CA HIS K 137 -34.36 -0.94 85.54
C HIS K 137 -35.55 -0.88 84.59
N SER K 138 -35.95 -2.08 84.17
CA SER K 138 -37.14 -2.31 83.38
C SER K 138 -38.20 -3.06 84.19
N LEU K 139 -39.47 -2.84 83.86
CA LEU K 139 -40.52 -3.59 84.50
C LEU K 139 -41.10 -4.68 83.63
N GLY K 140 -40.80 -4.72 82.34
CA GLY K 140 -41.39 -5.70 81.44
C GLY K 140 -40.75 -7.10 81.53
N GLY K 141 -39.44 -7.03 81.78
CA GLY K 141 -38.58 -8.20 81.84
C GLY K 141 -38.51 -8.80 83.25
N GLY K 142 -37.62 -9.78 83.37
CA GLY K 142 -37.61 -10.62 84.57
C GLY K 142 -36.60 -10.22 85.62
N THR K 143 -35.36 -9.96 85.21
CA THR K 143 -34.33 -9.66 86.18
C THR K 143 -34.35 -8.20 86.59
N GLY K 144 -34.91 -7.31 85.74
CA GLY K 144 -34.96 -5.90 86.13
C GLY K 144 -36.17 -5.64 87.08
N SER K 145 -37.26 -6.37 86.79
CA SER K 145 -38.52 -6.18 87.52
C SER K 145 -38.51 -7.05 88.77
N GLY K 146 -37.87 -8.25 88.73
CA GLY K 146 -37.98 -9.18 89.82
C GLY K 146 -36.90 -8.91 90.87
N MET K 147 -35.63 -9.00 90.39
CA MET K 147 -34.53 -8.90 91.30
C MET K 147 -34.21 -7.43 91.61
N GLY K 148 -34.59 -6.54 90.70
CA GLY K 148 -34.43 -5.11 90.94
C GLY K 148 -35.36 -4.60 92.04
N THR K 149 -36.57 -5.14 92.09
CA THR K 149 -37.50 -4.72 93.11
C THR K 149 -37.18 -5.40 94.44
N LEU K 150 -36.51 -6.56 94.40
CA LEU K 150 -36.12 -7.22 95.65
C LEU K 150 -34.99 -6.39 96.28
N LEU K 151 -34.10 -5.81 95.44
CA LEU K 151 -33.07 -4.98 96.00
C LEU K 151 -33.64 -3.72 96.63
N ILE K 152 -34.71 -3.20 96.03
CA ILE K 152 -35.41 -2.04 96.56
C ILE K 152 -35.97 -2.34 97.94
N SER K 153 -36.53 -3.55 98.10
CA SER K 153 -37.11 -3.95 99.38
C SER K 153 -36.03 -4.12 100.44
N LYS K 154 -34.87 -4.66 100.05
CA LYS K 154 -33.85 -4.99 101.04
C LYS K 154 -33.13 -3.72 101.52
N VAL K 155 -32.90 -2.76 100.59
CA VAL K 155 -32.11 -1.61 100.99
C VAL K 155 -33.00 -0.59 101.71
N ARG K 156 -34.31 -0.64 101.47
CA ARG K 156 -35.22 0.25 102.18
C ARG K 156 -35.34 -0.14 103.66
N GLU K 157 -35.29 -1.46 103.90
CA GLU K 157 -35.38 -1.95 105.26
C GLU K 157 -34.10 -1.72 106.00
N GLU K 158 -32.98 -1.62 105.31
CA GLU K 158 -31.69 -1.38 105.99
C GLU K 158 -31.48 0.11 106.22
N TYR K 159 -31.82 0.94 105.22
CA TYR K 159 -31.62 2.38 105.30
C TYR K 159 -32.96 3.04 105.07
N PRO K 160 -33.77 3.23 106.15
CA PRO K 160 -35.10 3.77 105.99
C PRO K 160 -35.18 5.28 105.73
N ASP K 161 -34.15 6.01 106.15
CA ASP K 161 -34.09 7.47 106.15
C ASP K 161 -33.67 8.11 104.78
N ARG K 162 -33.01 7.30 103.97
CA ARG K 162 -32.49 7.83 102.72
C ARG K 162 -33.50 7.71 101.59
N ILE K 163 -33.39 8.62 100.65
CA ILE K 163 -34.30 8.70 99.52
C ILE K 163 -34.00 7.57 98.54
N MET K 164 -35.02 7.21 97.78
CA MET K 164 -34.80 6.28 96.68
C MET K 164 -35.62 6.70 95.47
N GLU K 165 -34.93 6.88 94.36
CA GLU K 165 -35.57 7.24 93.12
C GLU K 165 -35.24 6.17 92.08
N THR K 166 -36.23 5.86 91.26
CA THR K 166 -36.12 4.83 90.25
C THR K 166 -36.46 5.41 88.88
N PHE K 167 -35.57 5.14 87.90
CA PHE K 167 -35.88 5.37 86.52
C PHE K 167 -36.31 4.06 85.87
N SER K 168 -37.63 3.87 85.80
CA SER K 168 -38.20 2.62 85.38
C SER K 168 -38.89 2.83 84.04
N VAL K 169 -38.60 1.92 83.10
CA VAL K 169 -39.37 1.86 81.89
C VAL K 169 -40.53 0.91 82.11
N PHE K 170 -41.66 1.24 81.51
CA PHE K 170 -42.88 0.47 81.65
C PHE K 170 -43.12 -0.34 80.38
N PRO K 171 -44.01 -1.34 80.41
CA PRO K 171 -44.51 -1.90 79.16
C PRO K 171 -45.08 -0.86 78.20
N SER K 172 -44.82 -1.12 76.92
CA SER K 172 -45.22 -0.18 75.89
C SER K 172 -46.71 -0.33 75.61
N PRO K 173 -47.40 0.78 75.24
CA PRO K 173 -48.82 0.71 74.91
C PRO K 173 -49.20 -0.15 73.71
N LYS K 174 -48.56 0.07 72.56
CA LYS K 174 -49.14 -0.48 71.33
C LYS K 174 -48.64 -1.89 71.08
N VAL K 175 -47.35 -2.07 70.93
CA VAL K 175 -46.78 -3.40 70.74
C VAL K 175 -46.05 -3.74 72.02
N SER K 176 -45.65 -4.95 72.15
CA SER K 176 -45.14 -5.46 73.43
C SER K 176 -43.96 -6.37 73.18
N ASP K 177 -42.96 -6.25 74.09
CA ASP K 177 -41.99 -7.30 74.34
C ASP K 177 -42.28 -7.89 75.71
N THR K 178 -41.70 -9.07 76.00
CA THR K 178 -41.90 -9.81 77.22
C THR K 178 -43.38 -10.06 77.47
N VAL K 179 -43.96 -11.01 76.74
CA VAL K 179 -45.40 -11.24 76.60
C VAL K 179 -46.15 -11.24 77.94
N VAL K 180 -45.49 -11.71 78.98
CA VAL K 180 -46.03 -11.56 80.33
C VAL K 180 -45.56 -10.22 80.89
N GLU K 181 -46.16 -9.15 80.36
CA GLU K 181 -45.90 -7.81 80.90
C GLU K 181 -46.74 -7.45 82.10
N PRO K 182 -48.09 -7.69 82.14
CA PRO K 182 -48.82 -7.47 83.39
C PRO K 182 -48.46 -8.47 84.47
N TYR K 183 -47.93 -9.64 84.12
CA TYR K 183 -47.41 -10.55 85.09
C TYR K 183 -46.19 -10.07 85.77
N ASN K 184 -45.37 -9.22 85.16
CA ASN K 184 -44.18 -8.61 85.68
C ASN K 184 -44.47 -7.17 86.14
N ALA K 185 -45.27 -6.42 85.40
CA ALA K 185 -45.48 -5.01 85.74
C ALA K 185 -46.32 -4.85 87.01
N THR K 186 -47.42 -5.57 87.08
CA THR K 186 -48.36 -5.40 88.21
C THR K 186 -47.74 -5.94 89.49
N LEU K 187 -46.99 -7.05 89.36
CA LEU K 187 -46.31 -7.62 90.51
C LEU K 187 -45.17 -6.72 91.00
N SER K 188 -44.62 -5.90 90.12
CA SER K 188 -43.54 -5.00 90.53
C SER K 188 -44.10 -3.71 91.12
N VAL K 189 -45.22 -3.23 90.62
CA VAL K 189 -45.70 -1.92 91.01
C VAL K 189 -46.23 -1.95 92.43
N HIS K 190 -46.88 -3.01 92.85
CA HIS K 190 -47.49 -3.04 94.17
C HIS K 190 -46.41 -3.16 95.25
N GLN K 191 -45.20 -3.59 94.88
CA GLN K 191 -44.11 -3.55 95.82
C GLN K 191 -43.29 -2.28 95.66
N LEU K 192 -43.42 -1.60 94.52
CA LEU K 192 -42.70 -0.37 94.27
C LEU K 192 -43.47 0.84 94.83
N VAL K 193 -44.78 0.71 95.06
CA VAL K 193 -45.51 1.75 95.75
C VAL K 193 -45.21 1.73 97.25
N GLU K 194 -44.73 0.62 97.76
CA GLU K 194 -44.47 0.44 99.17
C GLU K 194 -43.02 0.79 99.55
N ASN K 195 -42.07 0.72 98.58
CA ASN K 195 -40.70 0.90 98.97
C ASN K 195 -39.93 1.87 98.10
N ALA K 196 -40.60 2.73 97.35
CA ALA K 196 -39.89 3.75 96.58
C ALA K 196 -40.47 5.12 96.93
N ASP K 197 -39.55 6.09 96.99
CA ASP K 197 -39.96 7.46 97.26
C ASP K 197 -40.39 8.18 95.98
N GLU K 198 -39.66 7.94 94.88
CA GLU K 198 -39.95 8.56 93.62
C GLU K 198 -39.78 7.53 92.51
N VAL K 199 -40.75 7.47 91.62
CA VAL K 199 -40.69 6.66 90.43
C VAL K 199 -40.91 7.54 89.23
N GLN K 200 -40.02 7.48 88.27
CA GLN K 200 -40.07 8.32 87.08
C GLN K 200 -40.26 7.38 85.88
N VAL K 201 -41.33 7.61 85.17
CA VAL K 201 -41.88 6.59 84.26
C VAL K 201 -41.46 6.93 82.85
N ILE K 202 -40.98 5.92 82.12
CA ILE K 202 -40.51 6.07 80.74
C ILE K 202 -41.22 4.99 79.92
N ASP K 203 -41.65 5.38 78.71
CA ASP K 203 -42.13 4.47 77.73
C ASP K 203 -41.22 4.47 76.51
N ASN K 204 -41.06 3.32 75.88
CA ASN K 204 -40.30 3.24 74.65
C ASN K 204 -41.06 3.89 73.49
N GLU K 205 -42.37 3.78 73.48
CA GLU K 205 -43.14 4.35 72.39
C GLU K 205 -43.19 5.86 72.50
N ALA K 206 -43.08 6.40 73.71
CA ALA K 206 -42.97 7.84 73.88
C ALA K 206 -41.63 8.32 73.33
N LEU K 207 -40.56 7.53 73.54
CA LEU K 207 -39.24 7.90 73.09
C LEU K 207 -39.15 7.83 71.57
N TYR K 208 -39.84 6.85 70.97
CA TYR K 208 -39.90 6.75 69.52
C TYR K 208 -40.64 7.95 68.93
N ASP K 209 -41.68 8.39 69.62
CA ASP K 209 -42.48 9.52 69.15
C ASP K 209 -41.67 10.81 69.16
N ILE K 210 -40.86 10.95 70.22
CA ILE K 210 -40.00 12.13 70.35
C ILE K 210 -38.97 12.14 69.24
N CYS K 211 -38.36 10.99 68.98
CA CYS K 211 -37.24 10.92 68.02
C CYS K 211 -37.77 11.00 66.59
N PHE K 212 -39.09 10.79 66.35
CA PHE K 212 -39.61 10.95 65.01
C PHE K 212 -39.97 12.41 64.72
N ARG K 213 -40.74 13.03 65.60
CA ARG K 213 -41.20 14.37 65.17
C ARG K 213 -40.37 15.52 65.65
N THR K 214 -39.54 15.34 66.69
CA THR K 214 -38.73 16.46 67.19
C THR K 214 -37.30 16.39 66.68
N LEU K 215 -36.68 15.24 66.89
CA LEU K 215 -35.30 15.04 66.50
C LEU K 215 -35.17 14.78 65.02
N LYS K 216 -36.28 14.36 64.36
CA LYS K 216 -36.30 14.04 62.94
C LYS K 216 -35.27 12.99 62.59
N LEU K 217 -35.04 12.02 63.44
CA LEU K 217 -34.06 10.98 63.16
C LEU K 217 -34.78 9.88 62.42
N THR K 218 -34.19 9.42 61.28
CA THR K 218 -34.77 8.37 60.49
C THR K 218 -34.68 6.99 61.17
N THR K 219 -33.51 6.72 61.78
CA THR K 219 -33.18 5.38 62.24
C THR K 219 -32.75 5.42 63.69
N PRO K 220 -33.68 5.49 64.66
CA PRO K 220 -33.28 5.54 66.05
C PRO K 220 -32.94 4.15 66.61
N THR K 221 -31.70 3.97 67.02
CA THR K 221 -31.25 2.77 67.69
C THR K 221 -31.47 2.94 69.19
N TYR K 222 -31.02 1.96 69.97
CA TYR K 222 -31.01 2.09 71.41
C TYR K 222 -30.05 3.14 71.92
N GLY K 223 -29.07 3.42 71.15
CA GLY K 223 -28.00 4.35 71.50
C GLY K 223 -28.53 5.75 71.72
N ASP K 224 -29.43 6.19 70.81
CA ASP K 224 -29.89 7.58 70.92
C ASP K 224 -31.03 7.68 71.94
N LEU K 225 -31.81 6.61 72.09
CA LEU K 225 -32.88 6.61 73.08
C LEU K 225 -32.32 6.63 74.50
N ASN K 226 -31.24 5.87 74.73
CA ASN K 226 -30.61 5.86 76.04
C ASN K 226 -29.92 7.18 76.33
N HIS K 227 -29.46 7.85 75.29
CA HIS K 227 -28.77 9.14 75.44
C HIS K 227 -29.81 10.18 75.81
N LEU K 228 -31.03 10.04 75.28
CA LEU K 228 -32.08 11.01 75.55
C LEU K 228 -32.56 10.88 77.00
N VAL K 229 -32.69 9.59 77.45
CA VAL K 229 -33.14 9.34 78.80
C VAL K 229 -32.06 9.77 79.79
N SER K 230 -30.81 9.58 79.43
CA SER K 230 -29.69 9.99 80.28
C SER K 230 -29.61 11.50 80.40
N ALA K 231 -30.04 12.24 79.40
CA ALA K 231 -30.10 13.70 79.44
C ALA K 231 -31.08 14.17 80.53
N ALA K 232 -32.21 13.49 80.63
CA ALA K 232 -33.17 13.83 81.68
C ALA K 232 -32.67 13.38 83.06
N MET K 233 -31.92 12.28 83.10
CA MET K 233 -31.40 11.75 84.34
C MET K 233 -30.34 12.69 84.94
N SER K 234 -29.57 13.35 84.07
CA SER K 234 -28.55 14.27 84.56
C SER K 234 -29.17 15.59 84.98
N GLY K 235 -30.33 15.94 84.38
CA GLY K 235 -30.95 17.21 84.74
C GLY K 235 -31.57 17.20 86.14
N VAL K 236 -31.98 16.03 86.61
CA VAL K 236 -32.63 15.89 87.88
C VAL K 236 -31.63 16.07 89.03
N THR K 237 -30.38 15.72 88.77
CA THR K 237 -29.34 15.73 89.79
C THR K 237 -28.26 16.76 89.46
N CYS K 238 -28.61 17.79 88.65
CA CYS K 238 -27.58 18.75 88.27
C CYS K 238 -27.21 19.64 89.47
N CYS K 239 -28.21 19.99 90.25
CA CYS K 239 -28.07 20.94 91.33
C CYS K 239 -27.23 20.38 92.49
N LEU K 240 -27.15 19.06 92.62
CA LEU K 240 -26.25 18.43 93.56
C LEU K 240 -24.79 18.67 93.17
N ARG K 241 -24.51 18.66 91.88
CA ARG K 241 -23.14 18.61 91.40
C ARG K 241 -22.61 20.01 91.05
N PHE K 242 -23.49 20.98 90.85
CA PHE K 242 -23.06 22.29 90.43
C PHE K 242 -23.74 23.35 91.28
N PRO K 243 -23.08 24.50 91.53
CA PRO K 243 -23.74 25.58 92.25
C PRO K 243 -24.77 26.29 91.39
N GLY K 244 -25.57 27.13 92.04
CA GLY K 244 -26.67 27.77 91.34
C GLY K 244 -27.36 28.79 92.22
N GLN K 245 -28.26 29.54 91.61
CA GLN K 245 -29.00 30.60 92.27
C GLN K 245 -30.08 30.00 93.18
N LEU K 246 -30.75 28.94 92.71
CA LEU K 246 -31.74 28.29 93.52
C LEU K 246 -31.53 26.79 93.53
N ASN K 247 -30.94 26.27 94.58
CA ASN K 247 -30.46 24.88 94.58
C ASN K 247 -31.61 23.92 94.88
N SER K 248 -31.50 22.70 94.32
CA SER K 248 -32.58 21.74 94.51
C SER K 248 -32.11 20.33 94.46
N ASP K 249 -32.06 19.60 95.58
CA ASP K 249 -31.57 18.22 95.51
C ASP K 249 -32.77 17.30 95.40
N LEU K 250 -32.56 15.99 95.62
CA LEU K 250 -33.62 15.02 95.40
C LEU K 250 -34.67 15.13 96.48
N ARG K 251 -34.26 15.41 97.73
CA ARG K 251 -35.21 15.51 98.81
C ARG K 251 -36.01 16.80 98.72
N LYS K 252 -35.40 17.84 98.10
CA LYS K 252 -36.13 19.07 97.82
C LYS K 252 -37.28 18.77 96.86
N LEU K 253 -37.05 17.90 95.89
CA LEU K 253 -38.07 17.57 94.91
C LEU K 253 -39.15 16.69 95.55
N ALA K 254 -38.74 15.83 96.49
CA ALA K 254 -39.68 14.82 97.01
C ALA K 254 -40.68 15.43 97.96
N VAL K 255 -40.25 16.43 98.76
CA VAL K 255 -41.17 17.13 99.62
C VAL K 255 -42.11 18.02 98.81
N ASN K 256 -41.73 18.39 97.62
CA ASN K 256 -42.37 19.39 96.81
C ASN K 256 -43.46 18.83 95.87
N LEU K 257 -43.31 17.62 95.47
CA LEU K 257 -44.07 17.01 94.39
C LEU K 257 -45.02 15.96 94.92
N ILE K 258 -44.86 15.53 96.17
CA ILE K 258 -45.63 14.40 96.68
C ILE K 258 -46.53 14.98 97.75
N PRO K 259 -47.82 15.14 97.49
CA PRO K 259 -48.75 15.58 98.55
C PRO K 259 -49.09 14.46 99.53
N PHE K 260 -49.28 13.27 99.01
CA PHE K 260 -49.65 12.10 99.80
C PHE K 260 -48.78 10.95 99.38
N PRO K 261 -48.26 10.12 100.32
CA PRO K 261 -47.10 9.27 100.04
C PRO K 261 -47.34 8.16 99.03
N ARG K 262 -48.59 7.78 98.82
CA ARG K 262 -48.90 6.66 97.94
C ARG K 262 -48.85 7.05 96.50
N LEU K 263 -49.07 8.31 96.17
CA LEU K 263 -48.99 8.75 94.77
C LEU K 263 -47.65 9.44 94.49
N HIS K 264 -46.71 8.70 93.91
CA HIS K 264 -45.38 9.21 93.70
C HIS K 264 -44.82 8.71 92.37
N PHE K 265 -45.65 8.72 91.32
CA PHE K 265 -45.22 8.44 89.97
C PHE K 265 -45.18 9.75 89.21
N PHE K 266 -44.13 9.93 88.43
CA PHE K 266 -43.83 11.16 87.73
C PHE K 266 -43.80 10.98 86.23
N LEU K 267 -43.96 12.14 85.54
CA LEU K 267 -43.83 12.26 84.10
C LEU K 267 -42.62 13.12 83.78
N ILE K 268 -41.75 12.68 82.87
CA ILE K 268 -40.44 13.32 82.70
C ILE K 268 -40.33 13.88 81.27
N GLY K 269 -39.75 15.08 81.19
CA GLY K 269 -39.59 15.74 79.90
C GLY K 269 -38.26 16.46 79.87
N PHE K 270 -37.79 16.74 78.66
CA PHE K 270 -36.54 17.46 78.49
C PHE K 270 -36.68 18.44 77.34
N ALA K 271 -36.06 19.62 77.49
CA ALA K 271 -36.04 20.63 76.45
C ALA K 271 -34.70 21.35 76.54
N PRO K 272 -34.12 21.84 75.42
CA PRO K 272 -34.71 21.81 74.08
C PRO K 272 -34.38 20.54 73.30
N LEU K 273 -35.21 20.22 72.30
CA LEU K 273 -34.98 19.07 71.44
C LEU K 273 -35.25 19.46 70.00
N THR K 274 -34.16 19.74 69.28
CA THR K 274 -34.24 20.17 67.90
C THR K 274 -33.35 19.29 67.04
N SER K 275 -33.72 19.17 65.76
CA SER K 275 -32.97 18.41 64.79
C SER K 275 -31.66 19.14 64.49
N ARG K 276 -30.76 18.42 63.82
CA ARG K 276 -29.48 19.00 63.45
C ARG K 276 -29.65 20.12 62.43
N GLY K 277 -30.64 19.94 61.53
CA GLY K 277 -30.94 20.94 60.51
C GLY K 277 -31.48 22.25 61.09
N SER K 278 -32.34 22.13 62.11
CA SER K 278 -33.04 23.27 62.66
C SER K 278 -32.34 23.84 63.91
N GLN K 279 -31.11 23.41 64.15
CA GLN K 279 -30.36 23.74 65.37
C GLN K 279 -30.10 25.24 65.47
N GLN K 280 -29.73 25.85 64.33
CA GLN K 280 -29.23 27.22 64.45
C GLN K 280 -30.38 28.19 64.22
N TYR K 281 -31.61 27.73 63.99
CA TYR K 281 -32.69 28.61 63.53
C TYR K 281 -33.64 29.06 64.63
N ARG K 282 -33.42 28.62 65.86
CA ARG K 282 -34.29 28.86 66.98
C ARG K 282 -33.65 29.92 67.89
N ALA K 283 -34.51 30.69 68.55
CA ALA K 283 -34.14 31.58 69.64
C ALA K 283 -34.19 30.82 70.94
N LEU K 284 -33.01 30.51 71.54
CA LEU K 284 -32.99 29.67 72.72
C LEU K 284 -33.17 30.58 73.94
N SER K 285 -34.40 30.75 74.33
CA SER K 285 -34.75 31.78 75.32
C SER K 285 -35.85 31.19 76.20
N VAL K 286 -36.05 31.82 77.34
CA VAL K 286 -36.93 31.37 78.38
C VAL K 286 -38.37 31.25 77.93
N PRO K 287 -38.99 32.13 77.08
CA PRO K 287 -40.29 31.79 76.51
C PRO K 287 -40.34 30.51 75.70
N GLU K 288 -39.29 30.22 74.95
CA GLU K 288 -39.36 29.09 74.02
C GLU K 288 -39.10 27.78 74.74
N LEU K 289 -38.33 27.85 75.86
CA LEU K 289 -38.06 26.63 76.61
C LEU K 289 -39.35 26.20 77.32
N THR K 290 -40.12 27.15 77.83
CA THR K 290 -41.27 26.77 78.62
C THR K 290 -42.41 26.29 77.73
N GLN K 291 -42.42 26.71 76.45
CA GLN K 291 -43.48 26.23 75.58
C GLN K 291 -43.19 24.81 75.13
N GLN K 292 -41.88 24.49 74.91
CA GLN K 292 -41.56 23.15 74.51
C GLN K 292 -41.68 22.18 75.68
N MET K 293 -41.49 22.70 76.91
CA MET K 293 -41.50 21.83 78.08
C MET K 293 -42.91 21.42 78.43
N PHE K 294 -43.85 22.31 78.31
CA PHE K 294 -45.27 21.98 78.55
C PHE K 294 -45.92 21.68 77.21
N ASP K 295 -45.53 20.51 76.68
CA ASP K 295 -46.15 20.00 75.47
C ASP K 295 -46.45 18.55 75.72
N ALA K 296 -47.60 18.07 75.25
CA ALA K 296 -47.92 16.65 75.27
C ALA K 296 -46.91 15.84 74.43
N LYS K 297 -46.39 16.45 73.39
CA LYS K 297 -45.51 15.83 72.43
C LYS K 297 -44.09 15.79 72.99
N ASN K 298 -43.80 16.26 74.21
CA ASN K 298 -42.45 16.33 74.71
C ASN K 298 -42.18 15.35 75.83
N MET K 299 -43.24 14.74 76.36
CA MET K 299 -43.10 13.89 77.54
C MET K 299 -42.50 12.55 77.16
N MET K 300 -41.68 12.00 78.03
CA MET K 300 -41.05 10.71 77.83
C MET K 300 -41.93 9.58 78.36
N CYS K 301 -43.15 9.88 78.79
CA CYS K 301 -44.06 8.82 79.23
C CYS K 301 -45.35 8.95 78.44
N ALA K 302 -45.82 7.95 77.68
CA ALA K 302 -46.84 8.14 76.68
C ALA K 302 -48.22 8.07 77.30
N SER K 303 -48.42 8.83 78.37
CA SER K 303 -49.73 9.09 78.96
C SER K 303 -50.10 10.55 78.69
N ASP K 304 -51.26 10.74 78.08
CA ASP K 304 -51.68 12.02 77.55
C ASP K 304 -51.91 13.01 78.71
N PRO K 305 -51.13 14.09 78.81
CA PRO K 305 -51.23 14.93 80.00
C PRO K 305 -52.41 15.88 79.95
N ARG K 306 -52.97 16.18 78.71
CA ARG K 306 -54.06 17.14 78.75
C ARG K 306 -55.36 16.44 79.09
N HIS K 307 -55.36 15.08 79.21
CA HIS K 307 -56.58 14.40 79.65
C HIS K 307 -56.76 14.45 81.18
N GLY K 308 -55.74 14.91 81.91
CA GLY K 308 -55.72 14.92 83.36
C GLY K 308 -55.35 16.32 83.87
N ARG K 309 -55.10 16.38 85.19
CA ARG K 309 -54.69 17.61 85.81
C ARG K 309 -53.33 17.43 86.49
N TYR K 310 -52.45 18.41 86.27
CA TYR K 310 -51.20 18.40 87.01
C TYR K 310 -51.43 18.66 88.49
N LEU K 311 -51.12 17.68 89.32
CA LEU K 311 -51.33 17.88 90.76
C LEU K 311 -50.27 18.84 91.30
N THR K 312 -49.01 18.52 91.02
CA THR K 312 -47.86 19.33 91.34
C THR K 312 -46.80 19.05 90.28
N ALA K 313 -46.00 20.04 89.95
CA ALA K 313 -44.98 19.89 88.92
C ALA K 313 -43.78 20.72 89.26
N SER K 314 -42.63 20.34 88.68
CA SER K 314 -41.38 21.04 88.88
C SER K 314 -40.65 21.23 87.56
N ALA K 315 -39.95 22.40 87.49
CA ALA K 315 -39.14 22.62 86.27
C ALA K 315 -37.77 23.10 86.72
N MET K 316 -36.77 22.25 86.49
CA MET K 316 -35.42 22.49 86.96
C MET K 316 -34.61 23.01 85.78
N PHE K 317 -34.44 24.34 85.77
CA PHE K 317 -33.78 24.99 84.67
C PHE K 317 -32.26 24.93 84.87
N ARG K 318 -31.55 25.01 83.75
CA ARG K 318 -30.12 24.95 83.76
C ARG K 318 -29.54 26.01 82.84
N GLY K 319 -28.46 26.64 83.34
CA GLY K 319 -27.64 27.51 82.50
C GLY K 319 -27.38 28.81 83.21
N ARG K 320 -26.54 29.66 82.62
CA ARG K 320 -26.36 31.03 83.04
C ARG K 320 -27.52 31.90 82.57
N MET K 321 -28.47 32.18 83.46
CA MET K 321 -29.82 32.58 83.15
C MET K 321 -30.28 33.39 84.36
N SER K 322 -31.57 33.78 84.45
CA SER K 322 -32.06 34.98 85.08
C SER K 322 -33.52 34.77 85.57
N THR K 323 -33.81 35.23 86.76
CA THR K 323 -34.76 34.53 87.63
C THR K 323 -36.17 35.09 87.56
N LYS K 324 -36.42 36.10 86.69
CA LYS K 324 -37.70 36.75 86.73
C LYS K 324 -38.53 36.29 85.53
N GLU K 325 -37.96 36.25 84.32
CA GLU K 325 -38.74 35.75 83.21
C GLU K 325 -39.01 34.24 83.31
N VAL K 326 -38.10 33.56 83.99
CA VAL K 326 -38.33 32.15 84.30
C VAL K 326 -39.38 32.07 85.36
N ASP K 327 -39.51 33.03 86.29
CA ASP K 327 -40.60 33.02 87.24
C ASP K 327 -41.94 33.49 86.62
N GLU K 328 -41.86 34.44 85.66
CA GLU K 328 -43.05 34.97 85.07
C GLU K 328 -43.68 33.96 84.11
N GLN K 329 -42.84 33.15 83.43
CA GLN K 329 -43.37 32.13 82.56
C GLN K 329 -44.06 31.01 83.32
N MET K 330 -43.59 30.70 84.51
CA MET K 330 -44.25 29.71 85.33
C MET K 330 -45.61 30.21 85.82
N LEU K 331 -45.69 31.55 86.01
CA LEU K 331 -46.98 32.16 86.30
C LEU K 331 -47.85 32.18 85.05
N ASN K 332 -47.24 32.38 83.88
CA ASN K 332 -47.96 32.51 82.63
C ASN K 332 -48.65 31.20 82.27
N VAL K 333 -47.93 30.11 82.48
CA VAL K 333 -48.45 28.80 82.09
C VAL K 333 -49.53 28.36 83.07
N GLN K 334 -49.44 28.83 84.35
CA GLN K 334 -50.45 28.46 85.31
C GLN K 334 -51.75 29.21 85.07
N ASN K 335 -51.65 30.43 84.55
CA ASN K 335 -52.81 31.27 84.34
C ASN K 335 -53.56 30.88 83.09
N LYS K 336 -52.84 30.54 82.02
CA LYS K 336 -53.48 30.18 80.76
C LYS K 336 -54.04 28.77 80.82
N ASN K 337 -53.28 27.80 81.36
CA ASN K 337 -53.78 26.46 81.44
C ASN K 337 -54.33 26.24 82.84
N SER K 338 -55.39 26.98 83.17
CA SER K 338 -56.02 26.86 84.48
C SER K 338 -56.77 25.54 84.63
N SER K 339 -57.35 25.04 83.55
CA SER K 339 -58.09 23.80 83.57
C SER K 339 -57.16 22.59 83.55
N TYR K 340 -55.87 22.78 83.22
CA TYR K 340 -54.94 21.66 83.18
C TYR K 340 -54.22 21.43 84.51
N PHE K 341 -54.54 22.27 85.51
CA PHE K 341 -53.98 22.18 86.82
C PHE K 341 -55.12 21.98 87.83
N VAL K 342 -54.69 21.54 89.01
CA VAL K 342 -55.60 21.28 90.11
C VAL K 342 -55.89 22.60 90.79
N GLU K 343 -57.09 22.71 91.38
CA GLU K 343 -57.54 23.98 91.96
C GLU K 343 -57.13 24.13 93.44
N TRP K 344 -57.18 23.03 94.17
CA TRP K 344 -57.03 23.12 95.62
C TRP K 344 -55.59 23.16 96.08
N ILE K 345 -54.63 23.12 95.14
CA ILE K 345 -53.25 23.48 95.39
C ILE K 345 -52.95 24.76 94.62
N PRO K 346 -52.74 25.89 95.35
CA PRO K 346 -52.19 27.08 94.73
C PRO K 346 -50.71 26.88 94.29
N ASN K 347 -50.38 27.62 93.26
CA ASN K 347 -48.98 27.85 92.86
C ASN K 347 -48.18 26.58 92.70
N ASN K 348 -48.65 25.67 91.88
CA ASN K 348 -48.21 24.31 91.71
C ASN K 348 -46.80 24.20 91.14
N MET K 349 -46.23 25.25 90.51
CA MET K 349 -44.96 25.08 89.85
C MET K 349 -43.77 25.28 90.78
N LYS K 350 -42.67 24.62 90.51
CA LYS K 350 -41.42 24.88 91.18
C LYS K 350 -40.39 25.38 90.18
N SER K 351 -39.59 26.37 90.56
CA SER K 351 -38.45 26.74 89.73
C SER K 351 -37.12 26.50 90.45
N SER K 352 -36.16 25.98 89.67
CA SER K 352 -34.83 25.78 90.29
C SER K 352 -33.81 26.16 89.23
N VAL K 353 -32.81 26.93 89.59
CA VAL K 353 -31.84 27.47 88.65
C VAL K 353 -30.51 26.83 88.97
N CYS K 354 -30.00 26.09 87.95
CA CYS K 354 -28.74 25.38 88.12
C CYS K 354 -27.84 26.08 87.11
N ASP K 355 -26.72 26.66 87.58
CA ASP K 355 -26.08 27.73 86.82
C ASP K 355 -25.13 27.25 85.68
N ILE K 356 -24.96 25.98 85.61
CA ILE K 356 -24.11 25.31 84.65
C ILE K 356 -25.02 24.54 83.68
N PRO K 357 -25.03 24.95 82.38
CA PRO K 357 -25.91 24.32 81.41
C PRO K 357 -25.26 23.00 81.00
N PRO K 358 -26.03 22.09 80.35
CA PRO K 358 -25.44 20.86 79.84
C PRO K 358 -24.47 21.18 78.68
N LYS K 359 -23.62 20.21 78.40
CA LYS K 359 -22.52 20.39 77.48
C LYS K 359 -23.04 20.57 76.05
N GLY K 360 -22.61 21.65 75.40
CA GLY K 360 -22.98 21.95 74.04
C GLY K 360 -24.17 22.91 73.91
N LEU K 361 -24.95 23.09 74.99
CA LEU K 361 -26.08 24.00 74.95
C LEU K 361 -25.80 25.22 75.82
N LYS K 362 -26.72 26.19 75.78
CA LYS K 362 -26.60 27.39 76.56
C LYS K 362 -27.66 27.41 77.68
N MET K 363 -28.81 26.80 77.41
CA MET K 363 -29.91 26.84 78.38
C MET K 363 -30.73 25.58 78.16
N SER K 364 -31.22 24.98 79.25
CA SER K 364 -32.02 23.78 79.18
C SER K 364 -32.98 23.73 80.35
N VAL K 365 -33.96 22.79 80.29
CA VAL K 365 -34.79 22.51 81.42
C VAL K 365 -35.13 21.04 81.43
N THR K 366 -35.29 20.48 82.63
CA THR K 366 -35.92 19.19 82.81
C THR K 366 -37.23 19.35 83.58
N PHE K 367 -38.22 18.61 83.15
CA PHE K 367 -39.56 18.71 83.71
C PHE K 367 -39.90 17.42 84.45
N VAL K 368 -40.26 17.56 85.71
CA VAL K 368 -40.80 16.44 86.45
C VAL K 368 -42.18 16.81 86.95
N GLY K 369 -43.20 16.07 86.55
CA GLY K 369 -44.55 16.43 86.98
C GLY K 369 -45.33 15.27 87.55
N ASN K 370 -45.96 15.50 88.70
CA ASN K 370 -46.85 14.53 89.31
C ASN K 370 -48.28 14.78 88.80
N SER K 371 -48.66 14.03 87.79
CA SER K 371 -49.92 14.24 87.10
C SER K 371 -50.87 13.11 87.44
N THR K 372 -52.18 13.41 87.36
CA THR K 372 -53.17 12.36 87.51
C THR K 372 -53.54 11.76 86.15
N ALA K 373 -52.85 12.20 85.07
CA ALA K 373 -53.12 11.66 83.75
C ALA K 373 -52.38 10.33 83.55
N ILE K 374 -51.53 9.93 84.54
CA ILE K 374 -50.87 8.64 84.36
C ILE K 374 -51.78 7.52 84.87
N GLN K 375 -52.99 7.85 85.27
CA GLN K 375 -54.00 6.85 85.61
C GLN K 375 -54.37 6.02 84.39
N GLU K 376 -54.21 6.56 83.18
CA GLU K 376 -54.56 5.87 81.95
C GLU K 376 -53.62 4.68 81.72
N MET K 377 -52.38 4.80 82.15
CA MET K 377 -51.42 3.73 81.99
C MET K 377 -51.65 2.61 83.00
N PHE K 378 -51.97 2.97 84.22
CA PHE K 378 -52.22 1.95 85.23
C PHE K 378 -53.50 1.18 84.94
N LYS K 379 -54.49 1.86 84.34
CA LYS K 379 -55.70 1.15 83.96
C LYS K 379 -55.45 0.22 82.78
N ARG K 380 -54.56 0.64 81.86
CA ARG K 380 -54.31 -0.15 80.67
C ARG K 380 -53.53 -1.42 81.01
N VAL K 381 -52.61 -1.31 81.96
CA VAL K 381 -51.91 -2.51 82.40
C VAL K 381 -52.81 -3.38 83.26
N SER K 382 -53.70 -2.77 84.02
CA SER K 382 -54.68 -3.50 84.82
C SER K 382 -55.67 -4.22 83.92
N ASP K 383 -56.12 -3.61 82.85
CA ASP K 383 -57.04 -4.24 81.92
C ASP K 383 -56.39 -5.41 81.16
N GLN K 384 -55.12 -5.27 80.85
CA GLN K 384 -54.36 -6.36 80.24
C GLN K 384 -54.18 -7.49 81.25
N PHE K 385 -53.98 -7.12 82.52
CA PHE K 385 -53.79 -8.10 83.58
C PHE K 385 -55.06 -8.87 83.83
N THR K 386 -56.21 -8.19 83.82
CA THR K 386 -57.45 -8.85 84.11
C THR K 386 -57.86 -9.84 83.01
N ALA K 387 -57.45 -9.57 81.77
CA ALA K 387 -57.80 -10.45 80.67
C ALA K 387 -57.04 -11.75 80.76
N MET K 388 -55.76 -11.68 81.19
CA MET K 388 -55.00 -12.92 81.31
C MET K 388 -55.26 -13.66 82.62
N PHE K 389 -55.65 -12.95 83.64
CA PHE K 389 -55.82 -13.52 84.99
C PHE K 389 -57.14 -14.24 85.15
N ARG K 390 -58.15 -13.74 84.43
CA ARG K 390 -59.48 -14.39 84.51
C ARG K 390 -59.42 -15.76 83.89
N ARG K 391 -58.57 -15.92 82.86
CA ARG K 391 -58.41 -17.16 82.14
C ARG K 391 -57.23 -17.98 82.65
N LYS K 392 -56.55 -17.49 83.73
CA LYS K 392 -55.50 -18.26 84.39
C LYS K 392 -54.36 -18.62 83.42
N ALA K 393 -54.05 -17.73 82.48
CA ALA K 393 -53.07 -17.96 81.45
C ALA K 393 -51.70 -17.65 82.04
N PHE K 394 -50.72 -18.49 81.64
CA PHE K 394 -49.31 -18.35 81.98
C PHE K 394 -49.05 -18.31 83.48
N LEU K 395 -49.96 -18.92 84.26
CA LEU K 395 -49.81 -18.84 85.70
C LEU K 395 -48.92 -19.95 86.25
N HIS K 396 -48.79 -21.06 85.49
CA HIS K 396 -48.11 -22.22 86.00
C HIS K 396 -46.59 -21.98 86.05
N TRP K 397 -46.08 -21.03 85.29
CA TRP K 397 -44.66 -20.75 85.46
C TRP K 397 -44.39 -19.94 86.74
N TYR K 398 -45.41 -19.16 87.17
CA TYR K 398 -45.27 -18.37 88.38
C TYR K 398 -45.59 -19.17 89.63
N THR K 399 -46.64 -19.99 89.53
CA THR K 399 -47.02 -20.83 90.65
C THR K 399 -46.03 -21.98 90.83
N GLY K 400 -45.37 -22.36 89.76
CA GLY K 400 -44.38 -23.44 89.77
C GLY K 400 -43.10 -23.06 90.48
N GLU K 401 -42.82 -21.76 90.59
CA GLU K 401 -41.57 -21.27 91.14
C GLU K 401 -41.72 -20.74 92.56
N GLY K 402 -42.90 -20.91 93.15
CA GLY K 402 -43.08 -20.63 94.58
C GLY K 402 -44.00 -19.46 94.89
N MET K 403 -44.87 -19.08 93.93
CA MET K 403 -45.70 -17.91 94.20
C MET K 403 -47.16 -18.32 94.42
N ASP K 404 -47.82 -17.78 95.46
CA ASP K 404 -49.16 -18.22 95.72
C ASP K 404 -50.15 -17.50 94.81
N GLU K 405 -51.35 -18.08 94.72
CA GLU K 405 -52.42 -17.55 93.93
C GLU K 405 -52.95 -16.22 94.46
N MET K 406 -52.84 -16.08 95.81
CA MET K 406 -53.43 -14.94 96.48
C MET K 406 -52.65 -13.67 96.24
N GLU K 407 -51.37 -13.77 95.95
CA GLU K 407 -50.52 -12.61 95.75
C GLU K 407 -50.87 -11.90 94.44
N PHE K 408 -51.42 -12.63 93.44
CA PHE K 408 -51.83 -11.94 92.24
C PHE K 408 -53.08 -11.09 92.47
N THR K 409 -54.00 -11.64 93.27
CA THR K 409 -55.23 -10.93 93.57
C THR K 409 -54.94 -9.72 94.43
N GLU K 410 -53.94 -9.84 95.33
CA GLU K 410 -53.54 -8.70 96.16
C GLU K 410 -52.88 -7.64 95.30
N ALA K 411 -52.12 -8.05 94.29
CA ALA K 411 -51.42 -7.08 93.44
C ALA K 411 -52.42 -6.26 92.64
N GLU K 412 -53.47 -6.93 92.12
CA GLU K 412 -54.48 -6.24 91.36
C GLU K 412 -55.31 -5.32 92.23
N SER K 413 -55.60 -5.76 93.48
CA SER K 413 -56.37 -4.96 94.40
C SER K 413 -55.59 -3.70 94.81
N ASN K 414 -54.28 -3.84 95.01
CA ASN K 414 -53.43 -2.73 95.34
C ASN K 414 -53.37 -1.67 94.21
N MET K 415 -53.30 -2.16 93.00
CA MET K 415 -53.13 -1.24 91.86
C MET K 415 -54.48 -0.66 91.41
N ASN K 416 -55.56 -1.37 91.62
CA ASN K 416 -56.90 -0.82 91.43
C ASN K 416 -57.20 0.29 92.44
N ASP K 417 -56.69 0.17 93.66
CA ASP K 417 -56.85 1.23 94.63
C ASP K 417 -56.01 2.45 94.23
N LEU K 418 -54.86 2.20 93.58
CA LEU K 418 -54.02 3.31 93.14
C LEU K 418 -54.70 4.08 92.00
N VAL K 419 -55.47 3.33 91.16
CA VAL K 419 -56.20 4.01 90.10
C VAL K 419 -57.33 4.84 90.70
N SER K 420 -57.96 4.31 91.75
CA SER K 420 -59.12 4.98 92.33
C SER K 420 -58.71 6.25 93.07
N GLU K 421 -57.49 6.23 93.66
CA GLU K 421 -57.04 7.39 94.40
C GLU K 421 -56.64 8.52 93.45
N TYR K 422 -56.13 8.20 92.28
CA TYR K 422 -55.85 9.22 91.28
C TYR K 422 -57.15 9.79 90.71
N GLN K 423 -58.16 8.91 90.54
CA GLN K 423 -59.38 9.31 89.90
C GLN K 423 -60.20 10.25 90.76
N GLN K 424 -60.05 10.09 92.09
CA GLN K 424 -60.82 10.88 93.05
C GLN K 424 -60.42 12.36 92.99
N TYR K 425 -59.17 12.65 92.62
CA TYR K 425 -58.66 14.01 92.62
C TYR K 425 -58.56 14.59 91.20
N GLN K 426 -59.25 13.99 90.23
CA GLN K 426 -59.41 14.63 88.94
C GLN K 426 -60.71 15.42 88.84
N MET L 1 31.37 -2.28 109.79
CA MET L 1 30.00 -2.21 110.33
C MET L 1 29.43 -3.62 110.44
N ARG L 2 28.13 -3.70 110.31
CA ARG L 2 27.32 -4.91 110.51
C ARG L 2 27.15 -5.70 109.22
N GLU L 3 27.35 -7.01 109.30
CA GLU L 3 27.17 -7.90 108.18
C GLU L 3 26.28 -9.07 108.61
N ILE L 4 25.45 -9.57 107.72
CA ILE L 4 24.74 -10.81 107.88
C ILE L 4 25.30 -11.84 106.92
N VAL L 5 25.65 -12.97 107.47
CA VAL L 5 26.18 -14.08 106.69
C VAL L 5 25.01 -15.01 106.38
N HIS L 6 24.82 -15.27 105.09
CA HIS L 6 23.67 -16.03 104.61
C HIS L 6 24.12 -17.44 104.30
N VAL L 7 23.35 -18.41 104.81
CA VAL L 7 23.63 -19.81 104.59
C VAL L 7 22.37 -20.46 104.03
N GLN L 8 22.50 -21.12 102.90
CA GLN L 8 21.37 -21.72 102.21
C GLN L 8 21.63 -23.22 102.12
N GLY L 9 20.72 -24.00 102.69
CA GLY L 9 20.92 -25.43 102.75
C GLY L 9 19.69 -26.18 102.24
N GLY L 10 19.98 -27.26 101.47
CA GLY L 10 18.97 -28.07 100.85
C GLY L 10 18.39 -27.49 99.57
N GLN L 11 17.54 -28.27 98.90
CA GLN L 11 16.96 -27.87 97.63
C GLN L 11 15.98 -26.71 97.86
N CYS L 12 15.18 -26.79 98.93
CA CYS L 12 14.24 -25.73 99.23
C CYS L 12 14.96 -24.45 99.63
N GLY L 13 16.01 -24.59 100.44
CA GLY L 13 16.75 -23.44 100.94
C GLY L 13 17.48 -22.69 99.81
N ASN L 14 17.98 -23.46 98.84
CA ASN L 14 18.69 -22.87 97.72
C ASN L 14 17.78 -22.15 96.78
N GLN L 15 16.59 -22.69 96.53
CA GLN L 15 15.66 -22.04 95.61
C GLN L 15 14.95 -20.86 96.26
N ILE L 16 14.76 -20.90 97.58
CA ILE L 16 14.20 -19.75 98.26
C ILE L 16 15.28 -18.66 98.42
N GLY L 17 16.55 -19.10 98.57
CA GLY L 17 17.63 -18.16 98.72
C GLY L 17 18.06 -17.55 97.40
N ALA L 18 17.90 -18.27 96.30
CA ALA L 18 18.19 -17.76 94.98
C ALA L 18 17.26 -16.61 94.62
N LYS L 19 16.00 -16.73 95.09
CA LYS L 19 15.04 -15.67 94.82
C LYS L 19 15.20 -14.51 95.83
N PHE L 20 15.79 -14.82 96.99
CA PHE L 20 16.06 -13.79 97.95
C PHE L 20 17.09 -12.80 97.41
N TRP L 21 18.13 -13.35 96.77
CA TRP L 21 19.17 -12.50 96.25
C TRP L 21 18.74 -11.78 94.98
N GLU L 22 17.62 -12.22 94.40
CA GLU L 22 17.04 -11.52 93.28
C GLU L 22 16.40 -10.21 93.75
N VAL L 23 15.74 -10.25 94.90
CA VAL L 23 14.98 -9.08 95.32
C VAL L 23 15.91 -8.09 96.04
N ILE L 24 16.96 -8.59 96.70
CA ILE L 24 17.88 -7.69 97.39
C ILE L 24 18.78 -6.97 96.39
N SER L 25 19.18 -7.68 95.32
CA SER L 25 19.95 -7.05 94.26
C SER L 25 19.11 -5.99 93.54
N ASP L 26 17.81 -6.26 93.36
CA ASP L 26 16.93 -5.32 92.74
C ASP L 26 16.69 -4.08 93.62
N GLU L 27 16.66 -4.31 94.93
CA GLU L 27 16.40 -3.24 95.87
C GLU L 27 17.60 -2.33 95.99
N HIS L 28 18.79 -2.90 95.90
CA HIS L 28 20.02 -2.13 95.94
C HIS L 28 20.51 -1.72 94.56
N GLY L 29 19.85 -2.20 93.50
CA GLY L 29 20.16 -1.77 92.14
C GLY L 29 21.44 -2.41 91.59
N ILE L 30 21.60 -3.70 91.81
CA ILE L 30 22.74 -4.46 91.33
C ILE L 30 22.33 -5.21 90.08
N ASP L 31 23.09 -4.96 88.99
CA ASP L 31 23.04 -5.71 87.76
C ASP L 31 23.41 -7.15 88.02
N PRO L 32 22.77 -8.15 87.38
CA PRO L 32 23.19 -9.54 87.58
C PRO L 32 24.64 -9.82 87.19
N THR L 33 25.25 -8.93 86.39
CA THR L 33 26.67 -9.07 86.12
C THR L 33 27.52 -8.57 87.29
N GLY L 34 26.94 -7.87 88.25
CA GLY L 34 27.64 -7.52 89.47
C GLY L 34 27.89 -6.02 89.63
N THR L 35 27.59 -5.25 88.55
CA THR L 35 27.86 -3.83 88.61
C THR L 35 26.69 -3.12 89.30
N TYR L 36 26.81 -1.81 89.42
CA TYR L 36 25.76 -1.00 90.00
C TYR L 36 25.13 -0.13 88.93
N CYS L 37 23.81 0.07 89.04
CA CYS L 37 23.07 1.00 88.23
C CYS L 37 22.00 1.70 89.06
N GLY L 38 21.85 3.01 88.86
CA GLY L 38 20.71 3.66 89.50
C GLY L 38 20.99 5.12 89.92
N ASP L 39 22.27 5.39 90.23
CA ASP L 39 22.82 6.66 90.68
C ASP L 39 21.99 7.29 91.81
N SER L 40 21.89 6.56 92.94
CA SER L 40 21.31 7.07 94.16
C SER L 40 22.17 6.64 95.34
N ASP L 41 22.36 7.58 96.27
CA ASP L 41 23.24 7.38 97.42
C ASP L 41 22.63 6.41 98.42
N LEU L 42 21.31 6.46 98.56
CA LEU L 42 20.58 5.69 99.56
C LEU L 42 20.66 4.18 99.32
N GLN L 43 20.90 3.77 98.08
CA GLN L 43 21.03 2.38 97.72
C GLN L 43 22.35 1.83 98.24
N LEU L 44 23.42 2.64 98.40
CA LEU L 44 24.77 2.16 98.40
C LEU L 44 25.45 2.39 99.73
N GLU L 45 24.89 3.20 100.64
CA GLU L 45 25.66 3.53 101.85
C GLU L 45 25.79 2.32 102.78
N ARG L 46 24.76 1.48 102.79
CA ARG L 46 24.81 0.28 103.60
C ARG L 46 24.66 -0.95 102.75
N ILE L 47 25.77 -1.37 102.17
CA ILE L 47 25.80 -2.48 101.23
C ILE L 47 26.63 -3.62 101.80
N ASN L 48 27.48 -3.33 102.83
CA ASN L 48 28.29 -4.39 103.37
C ASN L 48 27.49 -5.37 104.22
N VAL L 49 26.19 -5.08 104.45
CA VAL L 49 25.37 -5.97 105.22
C VAL L 49 25.13 -7.26 104.44
N PHE L 50 25.15 -7.22 103.11
CA PHE L 50 24.88 -8.39 102.31
C PHE L 50 25.92 -8.64 101.23
N TYR L 51 26.80 -7.67 100.96
CA TYR L 51 27.69 -7.79 99.83
C TYR L 51 29.14 -7.58 100.26
N ASN L 52 30.04 -7.99 99.35
CA ASN L 52 31.46 -7.78 99.51
C ASN L 52 31.99 -7.13 98.24
N GLU L 53 32.87 -6.15 98.40
CA GLU L 53 33.65 -5.58 97.31
C GLU L 53 34.63 -6.61 96.79
N ALA L 54 34.88 -6.60 95.47
CA ALA L 54 35.70 -7.64 94.85
C ALA L 54 36.86 -7.05 94.05
N THR L 55 37.26 -5.82 94.38
CA THR L 55 38.40 -5.08 93.82
C THR L 55 38.37 -4.98 92.31
N GLY L 56 37.22 -5.29 91.70
CA GLY L 56 36.98 -5.03 90.30
C GLY L 56 35.72 -4.20 90.21
N GLY L 57 35.24 -3.79 91.40
CA GLY L 57 34.07 -2.93 91.47
C GLY L 57 32.76 -3.71 91.59
N ARG L 58 32.81 -5.03 91.46
CA ARG L 58 31.59 -5.82 91.51
C ARG L 58 31.30 -6.23 92.95
N PHE L 59 30.01 -6.51 93.19
CA PHE L 59 29.58 -6.89 94.51
C PHE L 59 29.17 -8.35 94.51
N VAL L 60 29.76 -9.13 95.40
CA VAL L 60 29.48 -10.55 95.46
C VAL L 60 28.72 -10.82 96.76
N PRO L 61 27.65 -11.64 96.70
CA PRO L 61 26.86 -11.89 97.88
C PRO L 61 27.59 -12.69 98.95
N ARG L 62 27.20 -12.38 100.20
CA ARG L 62 27.76 -12.92 101.39
C ARG L 62 27.09 -14.25 101.74
N ALA L 63 27.04 -15.17 100.80
CA ALA L 63 26.16 -16.34 100.85
C ALA L 63 27.02 -17.58 100.74
N ILE L 64 26.60 -18.62 101.45
CA ILE L 64 27.18 -19.96 101.37
C ILE L 64 26.06 -20.85 100.86
N LEU L 65 26.28 -21.47 99.71
CA LEU L 65 25.39 -22.45 99.13
C LEU L 65 25.81 -23.85 99.53
N MET L 66 24.86 -24.61 100.05
CA MET L 66 25.17 -25.93 100.65
C MET L 66 24.10 -26.92 100.20
N ASP L 67 24.56 -28.07 99.71
CA ASP L 67 23.67 -29.17 99.36
C ASP L 67 24.50 -30.44 99.33
N LEU L 68 23.80 -31.60 99.42
CA LEU L 68 24.49 -32.87 99.35
C LEU L 68 24.29 -33.54 98.00
N GLU L 69 23.78 -32.86 97.01
CA GLU L 69 23.64 -33.38 95.66
C GLU L 69 23.78 -32.19 94.75
N PRO L 70 24.51 -32.29 93.62
CA PRO L 70 24.88 -31.10 92.86
C PRO L 70 23.79 -30.57 91.92
N GLY L 71 22.62 -31.21 91.91
CA GLY L 71 21.57 -30.90 90.96
C GLY L 71 20.97 -29.50 91.07
N THR L 72 20.64 -29.12 92.30
CA THR L 72 19.98 -27.84 92.53
C THR L 72 20.95 -26.68 92.46
N MET L 73 22.22 -26.91 92.65
CA MET L 73 23.24 -25.90 92.49
C MET L 73 23.47 -25.55 91.02
N ASP L 74 23.26 -26.54 90.12
CA ASP L 74 23.33 -26.28 88.71
C ASP L 74 22.18 -25.39 88.29
N SER L 75 21.01 -25.59 88.92
CA SER L 75 19.82 -24.83 88.58
C SER L 75 19.97 -23.37 89.00
N VAL L 76 20.60 -23.15 90.15
CA VAL L 76 20.78 -21.79 90.67
C VAL L 76 21.79 -21.04 89.81
N ARG L 77 22.86 -21.72 89.40
CA ARG L 77 23.89 -21.10 88.59
C ARG L 77 23.37 -20.73 87.21
N ALA L 78 22.56 -21.60 86.62
CA ALA L 78 22.11 -21.42 85.25
C ALA L 78 21.03 -20.35 85.13
N GLY L 79 20.33 -20.05 86.23
CA GLY L 79 19.24 -19.10 86.22
C GLY L 79 19.72 -17.67 86.16
N PRO L 80 18.77 -16.71 86.15
CA PRO L 80 19.14 -15.30 86.24
C PRO L 80 19.66 -15.00 87.64
N PHE L 81 20.56 -14.02 87.72
CA PHE L 81 21.26 -13.66 88.93
C PHE L 81 22.04 -14.85 89.50
N GLY L 82 22.53 -15.71 88.60
CA GLY L 82 23.23 -16.91 89.03
C GLY L 82 24.74 -16.75 88.93
N GLN L 83 25.16 -15.78 88.13
CA GLN L 83 26.58 -15.50 87.99
C GLN L 83 27.06 -14.57 89.10
N LEU L 84 26.13 -14.15 89.97
CA LEU L 84 26.48 -13.19 91.02
C LEU L 84 27.31 -13.87 92.11
N PHE L 85 26.97 -15.14 92.42
CA PHE L 85 27.61 -15.82 93.53
C PHE L 85 29.04 -16.21 93.23
N ARG L 86 29.84 -16.25 94.29
CA ARG L 86 31.22 -16.68 94.17
C ARG L 86 31.27 -18.20 94.01
N PRO L 87 32.03 -18.72 93.03
CA PRO L 87 32.05 -20.17 92.79
C PRO L 87 32.63 -21.00 93.93
N ASP L 88 33.56 -20.40 94.71
CA ASP L 88 34.10 -21.10 95.86
C ASP L 88 33.10 -21.20 97.00
N ASN L 89 32.09 -20.34 97.02
CA ASN L 89 31.06 -20.43 98.04
C ASN L 89 30.10 -21.61 97.87
N PHE L 90 30.06 -22.19 96.69
CA PHE L 90 29.36 -23.45 96.50
C PHE L 90 30.13 -24.59 97.13
N VAL L 91 29.44 -25.41 97.92
CA VAL L 91 29.97 -26.68 98.38
C VAL L 91 29.03 -27.78 97.90
N PHE L 92 29.65 -28.83 97.34
CA PHE L 92 28.89 -29.91 96.75
C PHE L 92 28.91 -31.14 97.61
N GLY L 93 27.84 -31.95 97.42
CA GLY L 93 27.94 -33.33 97.83
C GLY L 93 27.67 -34.21 96.62
N GLN L 94 28.13 -35.46 96.77
CA GLN L 94 28.01 -36.41 95.66
C GLN L 94 26.94 -37.44 95.92
N THR L 95 26.76 -37.86 97.15
CA THR L 95 25.90 -39.01 97.44
C THR L 95 24.44 -38.60 97.56
N GLY L 96 24.16 -37.63 98.44
CA GLY L 96 22.82 -37.17 98.71
C GLY L 96 22.19 -37.93 99.85
N ALA L 97 21.73 -37.18 100.88
CA ALA L 97 20.89 -37.75 101.93
C ALA L 97 19.47 -37.89 101.41
N GLY L 98 19.05 -39.13 101.17
CA GLY L 98 17.79 -39.41 100.53
C GLY L 98 16.61 -39.18 101.48
N ASN L 99 16.33 -37.92 101.76
CA ASN L 99 15.35 -37.45 102.74
C ASN L 99 15.44 -38.14 104.07
N ASN L 100 16.66 -38.43 104.47
CA ASN L 100 16.94 -39.10 105.71
C ASN L 100 17.68 -38.18 106.65
N TRP L 101 17.10 -37.83 107.77
CA TRP L 101 17.71 -37.00 108.78
C TRP L 101 18.98 -37.60 109.35
N ALA L 102 18.99 -38.93 109.51
CA ALA L 102 20.16 -39.54 110.19
C ALA L 102 21.37 -39.44 109.27
N LYS L 103 21.20 -39.72 107.97
CA LYS L 103 22.31 -39.66 107.05
C LYS L 103 22.68 -38.19 106.72
N GLY L 104 21.77 -37.25 106.96
CA GLY L 104 22.13 -35.86 106.81
C GLY L 104 22.93 -35.35 107.98
N HIS L 105 22.65 -35.88 109.18
CA HIS L 105 23.26 -35.36 110.40
C HIS L 105 24.41 -36.22 110.89
N TYR L 106 24.46 -37.49 110.56
CA TYR L 106 25.50 -38.35 111.09
C TYR L 106 26.46 -38.76 110.00
N THR L 107 25.95 -39.32 108.90
CA THR L 107 26.82 -40.07 108.01
C THR L 107 27.37 -39.21 106.87
N GLU L 108 26.49 -38.68 106.07
CA GLU L 108 26.88 -38.05 104.80
C GLU L 108 27.17 -36.57 105.01
N GLY L 109 26.46 -35.97 105.97
CA GLY L 109 26.65 -34.56 106.31
C GLY L 109 27.95 -34.34 107.08
N ALA L 110 28.44 -35.38 107.76
CA ALA L 110 29.54 -35.19 108.71
C ALA L 110 30.86 -35.00 107.96
N GLU L 111 30.99 -35.67 106.77
CA GLU L 111 32.30 -35.48 106.11
C GLU L 111 32.29 -34.25 105.23
N LEU L 112 31.15 -33.56 105.12
CA LEU L 112 31.12 -32.31 104.36
C LEU L 112 31.11 -31.07 105.27
N ILE L 113 30.71 -31.27 106.54
CA ILE L 113 30.50 -30.12 107.41
C ILE L 113 31.82 -29.47 107.77
N ASP L 114 32.91 -30.26 107.82
CA ASP L 114 34.22 -29.69 108.09
C ASP L 114 34.65 -28.74 106.97
N SER L 115 34.23 -29.03 105.75
CA SER L 115 34.60 -28.22 104.60
C SER L 115 33.79 -26.93 104.55
N VAL L 116 32.50 -27.04 104.84
CA VAL L 116 31.64 -25.88 104.73
C VAL L 116 31.84 -24.96 105.94
N LEU L 117 32.25 -25.51 107.09
CA LEU L 117 32.60 -24.69 108.24
C LEU L 117 33.87 -23.86 107.98
N ASP L 118 34.74 -24.34 107.10
CA ASP L 118 35.88 -23.54 106.69
C ASP L 118 35.45 -22.34 105.88
N VAL L 119 34.47 -22.47 105.05
CA VAL L 119 34.01 -21.38 104.19
C VAL L 119 33.25 -20.34 105.02
N VAL L 120 32.51 -20.80 106.04
CA VAL L 120 31.77 -19.89 106.88
C VAL L 120 32.74 -19.07 107.75
N ARG L 121 33.80 -19.72 108.22
CA ARG L 121 34.77 -19.01 109.04
C ARG L 121 35.58 -18.04 108.18
N LYS L 122 35.82 -18.36 106.91
CA LYS L 122 36.50 -17.45 106.00
C LYS L 122 35.70 -16.16 105.84
N GLU L 123 34.38 -16.28 105.74
CA GLU L 123 33.52 -15.14 105.62
C GLU L 123 33.31 -14.39 106.94
N ALA L 124 33.23 -15.12 108.02
CA ALA L 124 32.88 -14.58 109.34
C ALA L 124 34.04 -13.76 109.92
N GLU L 125 35.24 -14.32 109.87
CA GLU L 125 36.40 -13.69 110.47
C GLU L 125 36.96 -12.59 109.60
N GLY L 126 36.56 -12.55 108.33
CA GLY L 126 37.08 -11.58 107.37
C GLY L 126 36.67 -10.13 107.65
N CYS L 127 35.61 -9.94 108.40
CA CYS L 127 35.09 -8.60 108.64
C CYS L 127 35.48 -8.15 110.06
N ASP L 128 35.01 -6.97 110.42
CA ASP L 128 35.33 -6.33 111.69
C ASP L 128 34.68 -7.10 112.84
N CYS L 129 33.36 -7.10 112.87
CA CYS L 129 32.53 -7.82 113.80
C CYS L 129 31.15 -8.01 113.15
N LEU L 130 30.67 -9.25 113.09
CA LEU L 130 29.47 -9.52 112.33
C LEU L 130 28.24 -9.35 113.24
N GLN L 131 27.12 -9.05 112.62
CA GLN L 131 25.84 -8.87 113.26
C GLN L 131 25.11 -10.18 113.50
N GLY L 132 25.15 -11.10 112.57
CA GLY L 132 24.52 -12.39 112.78
C GLY L 132 24.47 -13.27 111.56
N PHE L 133 23.73 -14.37 111.70
CA PHE L 133 23.61 -15.34 110.61
C PHE L 133 22.15 -15.55 110.26
N GLN L 134 21.91 -15.85 108.99
CA GLN L 134 20.55 -16.16 108.55
C GLN L 134 20.60 -17.40 107.68
N ILE L 135 19.74 -18.36 108.01
CA ILE L 135 19.75 -19.69 107.44
C ILE L 135 18.36 -19.98 106.85
N THR L 136 18.35 -20.40 105.58
CA THR L 136 17.11 -20.79 104.95
C THR L 136 17.20 -22.27 104.60
N HIS L 137 16.24 -23.04 105.08
CA HIS L 137 16.24 -24.47 104.88
C HIS L 137 14.81 -25.01 105.02
N SER L 138 14.72 -26.31 104.75
CA SER L 138 13.44 -27.01 104.88
C SER L 138 13.58 -28.07 105.98
N LEU L 139 12.54 -28.24 106.78
CA LEU L 139 12.59 -29.23 107.84
C LEU L 139 11.94 -30.57 107.49
N GLY L 140 11.46 -30.68 106.25
CA GLY L 140 10.89 -31.94 105.81
C GLY L 140 11.94 -32.82 105.12
N GLY L 141 13.03 -32.21 104.66
CA GLY L 141 13.96 -32.99 103.85
C GLY L 141 15.12 -33.51 104.66
N GLY L 142 16.11 -34.03 103.91
CA GLY L 142 17.28 -34.62 104.55
C GLY L 142 18.44 -33.69 104.66
N THR L 143 18.82 -33.07 103.52
CA THR L 143 20.04 -32.26 103.53
C THR L 143 19.78 -30.84 104.05
N GLY L 144 18.52 -30.42 104.05
CA GLY L 144 18.12 -29.14 104.58
C GLY L 144 17.88 -29.22 106.06
N SER L 145 17.20 -30.30 106.49
CA SER L 145 16.88 -30.44 107.93
C SER L 145 18.04 -31.00 108.71
N GLY L 146 18.63 -32.09 108.20
CA GLY L 146 19.64 -32.86 108.94
C GLY L 146 21.01 -32.23 109.00
N MET L 147 21.49 -31.91 107.81
CA MET L 147 22.79 -31.30 107.66
C MET L 147 22.72 -29.80 107.93
N GLY L 148 21.53 -29.22 107.70
CA GLY L 148 21.37 -27.80 107.99
C GLY L 148 21.32 -27.54 109.49
N THR L 149 20.71 -28.46 110.24
CA THR L 149 20.66 -28.25 111.68
C THR L 149 21.97 -28.62 112.34
N LEU L 150 22.79 -29.42 111.68
CA LEU L 150 24.12 -29.71 112.20
C LEU L 150 24.99 -28.46 112.11
N LEU L 151 24.83 -27.71 111.04
CA LEU L 151 25.56 -26.46 110.90
C LEU L 151 25.12 -25.46 111.98
N ILE L 152 23.83 -25.47 112.31
CA ILE L 152 23.29 -24.60 113.35
C ILE L 152 23.94 -24.92 114.68
N SER L 153 24.13 -26.21 114.97
CA SER L 153 24.75 -26.62 116.22
C SER L 153 26.22 -26.23 116.27
N LYS L 154 26.92 -26.36 115.15
CA LYS L 154 28.35 -26.09 115.13
C LYS L 154 28.66 -24.59 115.18
N VAL L 155 27.84 -23.78 114.49
CA VAL L 155 28.17 -22.37 114.40
C VAL L 155 27.66 -21.66 115.64
N ARG L 156 26.69 -22.23 116.37
CA ARG L 156 26.31 -21.65 117.65
C ARG L 156 27.38 -21.83 118.71
N GLU L 157 28.09 -22.96 118.64
CA GLU L 157 29.16 -23.23 119.58
C GLU L 157 30.37 -22.34 119.30
N GLU L 158 30.55 -21.92 118.05
CA GLU L 158 31.70 -21.10 117.71
C GLU L 158 31.40 -19.63 117.92
N TYR L 159 30.18 -19.20 117.61
CA TYR L 159 29.75 -17.82 117.82
C TYR L 159 28.55 -17.79 118.73
N PRO L 160 28.73 -17.80 120.06
CA PRO L 160 27.59 -17.92 120.97
C PRO L 160 26.78 -16.62 121.13
N ASP L 161 27.42 -15.47 120.94
CA ASP L 161 26.75 -14.21 121.29
C ASP L 161 26.11 -13.54 120.06
N ARG L 162 26.34 -14.09 118.85
CA ARG L 162 25.70 -13.52 117.69
C ARG L 162 24.35 -14.20 117.46
N ILE L 163 23.46 -13.45 116.84
CA ILE L 163 22.08 -13.87 116.70
C ILE L 163 21.98 -14.94 115.61
N MET L 164 20.90 -15.67 115.65
CA MET L 164 20.68 -16.82 114.80
C MET L 164 19.26 -16.85 114.27
N GLU L 165 19.10 -16.42 113.03
CA GLU L 165 17.72 -16.30 112.48
C GLU L 165 17.51 -17.33 111.38
N THR L 166 16.42 -18.09 111.50
CA THR L 166 16.18 -19.15 110.54
C THR L 166 14.84 -18.98 109.88
N PHE L 167 14.82 -19.07 108.54
CA PHE L 167 13.57 -19.14 107.79
C PHE L 167 13.37 -20.61 107.40
N SER L 168 12.51 -21.28 108.16
CA SER L 168 12.30 -22.70 107.98
C SER L 168 10.89 -22.94 107.48
N VAL L 169 10.78 -23.77 106.45
CA VAL L 169 9.49 -24.29 106.05
C VAL L 169 9.23 -25.59 106.80
N PHE L 170 7.98 -25.82 107.12
CA PHE L 170 7.56 -26.98 107.89
C PHE L 170 6.76 -27.95 107.02
N PRO L 171 6.61 -29.21 107.44
CA PRO L 171 5.63 -30.09 106.78
C PRO L 171 4.23 -29.52 106.79
N SER L 172 3.54 -29.75 105.66
CA SER L 172 2.17 -29.27 105.49
C SER L 172 1.26 -30.20 106.28
N PRO L 173 0.09 -29.74 106.76
CA PRO L 173 -1.00 -30.63 107.16
C PRO L 173 -1.55 -31.56 106.06
N LYS L 174 -1.95 -31.00 104.92
CA LYS L 174 -2.86 -31.70 104.04
C LYS L 174 -2.12 -32.59 103.06
N VAL L 175 -1.20 -32.04 102.26
CA VAL L 175 -0.40 -32.81 101.35
C VAL L 175 0.78 -33.48 102.06
N SER L 176 1.10 -34.67 101.58
CA SER L 176 2.26 -35.37 102.09
C SER L 176 3.43 -35.55 101.08
N ASP L 177 4.39 -34.64 101.27
CA ASP L 177 5.61 -34.85 100.48
C ASP L 177 6.64 -35.36 101.45
N THR L 178 7.55 -36.24 100.93
CA THR L 178 8.59 -36.88 101.72
C THR L 178 8.01 -37.59 102.93
N VAL L 179 7.39 -38.75 102.70
CA VAL L 179 6.49 -39.46 103.60
C VAL L 179 7.03 -39.57 105.03
N VAL L 180 8.35 -39.64 105.18
CA VAL L 180 8.90 -39.51 106.53
C VAL L 180 9.17 -38.03 106.82
N GLU L 181 8.08 -37.29 106.96
CA GLU L 181 8.11 -35.89 107.33
C GLU L 181 8.15 -35.73 108.83
N PRO L 182 7.27 -36.33 109.66
CA PRO L 182 7.31 -36.09 111.09
C PRO L 182 8.57 -36.64 111.75
N TYR L 183 9.23 -37.65 111.15
CA TYR L 183 10.51 -38.06 111.68
C TYR L 183 11.59 -36.98 111.54
N ASN L 184 11.59 -36.35 110.38
CA ASN L 184 12.59 -35.34 110.06
C ASN L 184 12.29 -34.06 110.84
N ALA L 185 11.01 -33.71 110.96
CA ALA L 185 10.58 -32.50 111.63
C ALA L 185 10.84 -32.56 113.12
N THR L 186 10.46 -33.66 113.78
CA THR L 186 10.59 -33.76 115.23
C THR L 186 12.05 -33.80 115.65
N LEU L 187 12.88 -34.53 114.86
CA LEU L 187 14.29 -34.60 115.15
C LEU L 187 15.01 -33.27 114.90
N SER L 188 14.43 -32.43 114.04
CA SER L 188 15.06 -31.15 113.76
C SER L 188 14.64 -30.09 114.77
N VAL L 189 13.41 -30.17 115.27
CA VAL L 189 12.91 -29.12 116.12
C VAL L 189 13.59 -29.17 117.49
N HIS L 190 13.85 -30.37 118.01
CA HIS L 190 14.36 -30.48 119.36
C HIS L 190 15.81 -30.06 119.39
N GLN L 191 16.50 -30.00 118.24
CA GLN L 191 17.83 -29.42 118.23
C GLN L 191 17.77 -27.93 117.87
N LEU L 192 16.68 -27.52 117.22
CA LEU L 192 16.57 -26.15 116.75
C LEU L 192 15.96 -25.25 117.82
N VAL L 193 15.32 -25.81 118.82
CA VAL L 193 14.74 -25.03 119.91
C VAL L 193 15.82 -24.55 120.86
N GLU L 194 16.95 -25.27 120.91
CA GLU L 194 17.97 -24.82 121.86
C GLU L 194 19.10 -24.09 121.16
N ASN L 195 19.16 -24.06 119.85
CA ASN L 195 20.29 -23.53 119.12
C ASN L 195 19.97 -22.45 118.09
N ALA L 196 18.70 -22.02 118.02
CA ALA L 196 18.34 -20.92 117.14
C ALA L 196 17.65 -19.83 117.97
N ASP L 197 17.97 -18.59 117.61
CA ASP L 197 17.54 -17.46 118.46
C ASP L 197 16.14 -16.99 118.03
N GLU L 198 15.87 -16.94 116.73
CA GLU L 198 14.54 -16.66 116.24
C GLU L 198 14.27 -17.50 115.00
N VAL L 199 13.11 -18.11 114.97
CA VAL L 199 12.72 -19.10 114.00
C VAL L 199 11.37 -18.68 113.43
N GLN L 200 11.30 -18.57 112.10
CA GLN L 200 10.12 -18.04 111.47
C GLN L 200 9.53 -19.13 110.57
N VAL L 201 8.27 -19.47 110.84
CA VAL L 201 7.71 -20.68 110.27
C VAL L 201 6.92 -20.36 109.02
N ILE L 202 7.11 -21.18 107.98
CA ILE L 202 6.42 -21.07 106.71
C ILE L 202 5.82 -22.45 106.40
N ASP L 203 4.59 -22.46 105.92
CA ASP L 203 3.92 -23.66 105.46
C ASP L 203 3.51 -23.41 104.02
N ASN L 204 3.55 -24.47 103.21
CA ASN L 204 3.18 -24.34 101.82
C ASN L 204 1.67 -24.17 101.65
N GLU L 205 0.87 -24.76 102.52
CA GLU L 205 -0.55 -24.62 102.45
C GLU L 205 -1.00 -23.21 102.78
N ALA L 206 -0.24 -22.50 103.64
CA ALA L 206 -0.55 -21.13 103.91
C ALA L 206 -0.27 -20.27 102.68
N LEU L 207 0.83 -20.60 101.98
CA LEU L 207 1.21 -19.86 100.78
C LEU L 207 0.23 -20.09 99.65
N TYR L 208 -0.32 -21.30 99.56
CA TYR L 208 -1.34 -21.61 98.57
C TYR L 208 -2.61 -20.85 98.85
N ASP L 209 -2.94 -20.71 100.14
CA ASP L 209 -4.14 -19.97 100.54
C ASP L 209 -4.02 -18.50 100.17
N ILE L 210 -2.81 -17.95 100.32
CA ILE L 210 -2.54 -16.58 99.95
C ILE L 210 -2.72 -16.40 98.43
N CYS L 211 -2.19 -17.36 97.65
CA CYS L 211 -2.27 -17.29 96.23
C CYS L 211 -3.67 -17.56 95.70
N PHE L 212 -4.56 -18.15 96.47
CA PHE L 212 -5.93 -18.39 96.07
C PHE L 212 -6.78 -17.11 96.32
N ARG L 213 -6.76 -16.66 97.57
CA ARG L 213 -7.77 -15.73 98.01
C ARG L 213 -7.33 -14.28 97.88
N THR L 214 -6.01 -13.99 97.91
CA THR L 214 -5.56 -12.62 97.87
C THR L 214 -4.99 -12.28 96.50
N LEU L 215 -4.03 -13.08 96.06
CA LEU L 215 -3.32 -12.76 94.83
C LEU L 215 -4.12 -13.12 93.58
N LYS L 216 -5.07 -14.04 93.76
CA LYS L 216 -5.96 -14.53 92.70
C LYS L 216 -5.15 -15.08 91.53
N LEU L 217 -3.97 -15.75 91.80
CA LEU L 217 -3.27 -16.42 90.76
C LEU L 217 -3.90 -17.78 90.51
N THR L 218 -4.06 -18.12 89.23
CA THR L 218 -4.59 -19.42 88.87
C THR L 218 -3.52 -20.51 88.98
N THR L 219 -2.30 -20.18 88.50
CA THR L 219 -1.23 -21.17 88.53
C THR L 219 0.01 -20.59 89.22
N PRO L 220 0.06 -20.57 90.55
CA PRO L 220 1.32 -20.21 91.22
C PRO L 220 2.30 -21.40 91.26
N THR L 221 3.47 -21.17 90.65
CA THR L 221 4.54 -22.15 90.71
C THR L 221 5.38 -21.90 91.97
N TYR L 222 6.48 -22.63 92.10
CA TYR L 222 7.43 -22.40 93.15
C TYR L 222 8.16 -21.07 93.01
N GLY L 223 8.19 -20.53 91.79
CA GLY L 223 8.75 -19.21 91.57
C GLY L 223 7.97 -18.14 92.30
N ASP L 224 6.64 -18.25 92.29
CA ASP L 224 5.81 -17.22 92.87
C ASP L 224 5.72 -17.40 94.39
N LEU L 225 5.78 -18.65 94.87
CA LEU L 225 5.73 -18.88 96.30
C LEU L 225 7.00 -18.37 96.98
N ASN L 226 8.15 -18.61 96.33
CA ASN L 226 9.41 -18.21 96.90
C ASN L 226 9.54 -16.67 96.86
N HIS L 227 8.86 -16.03 95.92
CA HIS L 227 8.89 -14.60 95.81
C HIS L 227 8.20 -13.94 96.99
N LEU L 228 7.15 -14.60 97.50
CA LEU L 228 6.41 -14.08 98.63
C LEU L 228 7.22 -14.21 99.91
N VAL L 229 7.91 -15.34 100.07
CA VAL L 229 8.71 -15.56 101.27
C VAL L 229 9.92 -14.63 101.24
N SER L 230 10.47 -14.39 100.04
CA SER L 230 11.61 -13.50 99.91
C SER L 230 11.23 -12.05 100.22
N ALA L 231 9.97 -11.68 99.98
CA ALA L 231 9.50 -10.34 100.31
C ALA L 231 9.53 -10.11 101.82
N ALA L 232 9.14 -11.14 102.58
CA ALA L 232 9.17 -11.03 104.02
C ALA L 232 10.60 -11.09 104.55
N MET L 233 11.47 -11.82 103.85
CA MET L 233 12.87 -11.93 104.24
C MET L 233 13.60 -10.58 104.08
N SER L 234 13.22 -9.83 103.05
CA SER L 234 13.82 -8.52 102.86
C SER L 234 13.25 -7.49 103.84
N GLY L 235 11.98 -7.70 104.22
CA GLY L 235 11.29 -6.71 105.04
C GLY L 235 11.75 -6.76 106.50
N VAL L 236 12.22 -7.95 106.92
CA VAL L 236 12.59 -8.11 108.32
C VAL L 236 13.97 -7.48 108.55
N THR L 237 14.78 -7.34 107.51
CA THR L 237 16.11 -6.78 107.61
C THR L 237 16.22 -5.45 106.87
N CYS L 238 15.07 -4.75 106.65
CA CYS L 238 15.13 -3.55 105.84
C CYS L 238 15.86 -2.42 106.58
N CYS L 239 15.63 -2.35 107.89
CA CYS L 239 16.11 -1.24 108.68
C CYS L 239 17.61 -1.32 108.92
N LEU L 240 18.21 -2.46 108.75
CA LEU L 240 19.68 -2.59 108.71
C LEU L 240 20.26 -1.85 107.50
N ARG L 241 19.56 -1.92 106.38
CA ARG L 241 20.14 -1.48 105.11
C ARG L 241 19.72 -0.08 104.74
N PHE L 242 18.65 0.45 105.34
CA PHE L 242 18.14 1.75 104.98
C PHE L 242 17.85 2.55 106.24
N PRO L 243 17.92 3.89 106.18
CA PRO L 243 17.56 4.71 107.34
C PRO L 243 16.05 4.75 107.56
N GLY L 244 15.66 5.30 108.70
CA GLY L 244 14.27 5.52 108.97
C GLY L 244 14.07 6.27 110.28
N GLN L 245 12.79 6.49 110.58
CA GLN L 245 12.37 7.32 111.69
C GLN L 245 12.59 6.59 113.01
N LEU L 246 12.28 5.30 113.04
CA LEU L 246 12.42 4.49 114.23
C LEU L 246 13.14 3.20 113.81
N ASN L 247 14.36 3.05 114.33
CA ASN L 247 15.22 1.97 113.95
C ASN L 247 14.85 0.63 114.59
N SER L 248 15.16 -0.45 113.91
CA SER L 248 15.06 -1.78 114.42
C SER L 248 16.07 -2.64 113.63
N ASP L 249 16.70 -3.59 114.31
CA ASP L 249 17.37 -4.72 113.65
C ASP L 249 16.83 -6.00 114.28
N LEU L 250 17.54 -7.12 114.04
CA LEU L 250 17.08 -8.43 114.44
C LEU L 250 17.18 -8.57 115.94
N ARG L 251 18.15 -7.96 116.61
CA ARG L 251 18.22 -8.07 118.06
C ARG L 251 17.15 -7.23 118.74
N LYS L 252 16.70 -6.18 118.09
CA LYS L 252 15.56 -5.39 118.55
C LYS L 252 14.31 -6.24 118.53
N LEU L 253 14.18 -7.10 117.51
CA LEU L 253 13.04 -8.00 117.44
C LEU L 253 13.15 -9.12 118.47
N ALA L 254 14.36 -9.53 118.79
CA ALA L 254 14.62 -10.62 119.73
C ALA L 254 14.26 -10.24 121.17
N VAL L 255 14.62 -9.02 121.56
CA VAL L 255 14.37 -8.55 122.92
C VAL L 255 12.89 -8.29 123.13
N ASN L 256 12.17 -8.03 122.06
CA ASN L 256 10.81 -7.54 122.11
C ASN L 256 9.80 -8.64 121.83
N LEU L 257 10.22 -9.82 121.40
CA LEU L 257 9.27 -10.86 121.03
C LEU L 257 9.53 -12.09 121.85
N ILE L 258 10.61 -12.20 122.62
CA ILE L 258 10.88 -13.46 123.32
C ILE L 258 10.74 -13.18 124.79
N PRO L 259 9.64 -13.60 125.43
CA PRO L 259 9.52 -13.47 126.89
C PRO L 259 10.36 -14.52 127.63
N PHE L 260 10.35 -15.73 127.11
CA PHE L 260 11.06 -16.86 127.71
C PHE L 260 11.83 -17.56 126.62
N PRO L 261 13.09 -18.03 126.87
CA PRO L 261 13.98 -18.40 125.79
C PRO L 261 13.56 -19.63 124.97
N ARG L 262 12.67 -20.46 125.53
CA ARG L 262 12.27 -21.67 124.86
C ARG L 262 11.28 -21.41 123.73
N LEU L 263 10.50 -20.35 123.83
CA LEU L 263 9.51 -20.05 122.81
C LEU L 263 10.03 -18.93 121.91
N HIS L 264 10.46 -19.30 120.71
CA HIS L 264 10.99 -18.34 119.76
C HIS L 264 10.52 -18.67 118.33
N PHE L 265 9.27 -19.14 118.20
CA PHE L 265 8.69 -19.48 116.92
C PHE L 265 7.68 -18.42 116.56
N PHE L 266 7.80 -17.96 115.30
CA PHE L 266 7.05 -16.81 114.85
C PHE L 266 6.12 -17.17 113.70
N LEU L 267 5.09 -16.31 113.52
CA LEU L 267 4.26 -16.28 112.33
C LEU L 267 4.60 -15.05 111.49
N ILE L 268 4.65 -15.24 110.18
CA ILE L 268 5.14 -14.21 109.27
C ILE L 268 4.04 -13.77 108.32
N GLY L 269 3.95 -12.48 108.09
CA GLY L 269 2.92 -11.92 107.23
C GLY L 269 3.48 -10.80 106.36
N PHE L 270 2.86 -10.60 105.19
CA PHE L 270 3.24 -9.46 104.38
C PHE L 270 1.99 -8.77 103.86
N ALA L 271 2.04 -7.44 103.82
CA ALA L 271 0.97 -6.63 103.28
C ALA L 271 1.62 -5.44 102.57
N PRO L 272 1.02 -4.90 101.49
CA PRO L 272 -0.27 -5.33 100.91
C PRO L 272 -0.11 -6.46 99.90
N LEU L 273 -1.17 -7.21 99.69
CA LEU L 273 -1.24 -8.26 98.70
C LEU L 273 -2.60 -8.18 98.04
N THR L 274 -2.60 -7.61 96.83
CA THR L 274 -3.78 -7.56 95.98
C THR L 274 -3.42 -8.11 94.61
N SER L 275 -4.45 -8.58 93.89
CA SER L 275 -4.33 -9.12 92.57
C SER L 275 -3.98 -7.99 91.60
N ARG L 276 -3.60 -8.40 90.39
CA ARG L 276 -3.26 -7.44 89.34
C ARG L 276 -4.48 -6.60 88.94
N GLY L 277 -5.65 -7.22 88.95
CA GLY L 277 -6.92 -6.59 88.65
C GLY L 277 -7.30 -5.49 89.64
N SER L 278 -7.08 -5.77 90.91
CA SER L 278 -7.55 -4.90 92.00
C SER L 278 -6.44 -4.01 92.51
N GLN L 279 -5.33 -3.91 91.77
CA GLN L 279 -4.18 -3.08 92.09
C GLN L 279 -4.56 -1.61 92.09
N GLN L 280 -5.38 -1.21 91.10
CA GLN L 280 -5.64 0.21 90.94
C GLN L 280 -6.79 0.69 91.81
N TYR L 281 -7.51 -0.24 92.45
CA TYR L 281 -8.75 0.05 93.17
C TYR L 281 -8.53 0.09 94.67
N ARG L 282 -7.31 -0.15 95.17
CA ARG L 282 -7.11 -0.11 96.61
C ARG L 282 -6.47 1.22 97.01
N ALA L 283 -6.97 1.78 98.11
CA ALA L 283 -6.43 2.99 98.69
C ALA L 283 -5.32 2.62 99.66
N LEU L 284 -4.05 2.94 99.31
CA LEU L 284 -2.95 2.39 100.11
C LEU L 284 -2.66 3.26 101.32
N SER L 285 -3.28 2.88 102.45
CA SER L 285 -3.21 3.73 103.63
C SER L 285 -2.91 2.88 104.85
N VAL L 286 -2.46 3.52 105.92
CA VAL L 286 -1.99 2.80 107.09
C VAL L 286 -3.12 1.98 107.75
N PRO L 287 -4.40 2.45 107.87
CA PRO L 287 -5.43 1.56 108.38
C PRO L 287 -5.71 0.32 107.55
N GLU L 288 -5.56 0.42 106.22
CA GLU L 288 -5.76 -0.74 105.37
C GLU L 288 -4.61 -1.71 105.44
N LEU L 289 -3.42 -1.24 105.73
CA LEU L 289 -2.27 -2.13 105.91
C LEU L 289 -2.51 -3.03 107.15
N THR L 290 -2.94 -2.41 108.21
CA THR L 290 -2.96 -3.06 109.51
C THR L 290 -4.14 -4.02 109.61
N GLN L 291 -5.19 -3.80 108.82
CA GLN L 291 -6.33 -4.73 108.84
C GLN L 291 -6.00 -5.97 108.04
N GLN L 292 -5.23 -5.81 106.96
CA GLN L 292 -4.81 -6.98 106.19
C GLN L 292 -3.73 -7.76 106.94
N MET L 293 -2.95 -7.09 107.78
CA MET L 293 -1.87 -7.71 108.51
C MET L 293 -2.41 -8.62 109.61
N PHE L 294 -3.47 -8.19 110.31
CA PHE L 294 -4.16 -9.02 111.28
C PHE L 294 -5.30 -9.79 110.66
N ASP L 295 -4.98 -10.63 109.70
CA ASP L 295 -5.90 -11.56 109.11
C ASP L 295 -5.24 -12.94 109.08
N ALA L 296 -6.03 -13.96 109.39
CA ALA L 296 -5.58 -15.34 109.29
C ALA L 296 -5.25 -15.71 107.84
N LYS L 297 -5.91 -15.07 106.88
CA LYS L 297 -5.67 -15.39 105.49
C LYS L 297 -4.38 -14.78 104.95
N ASN L 298 -3.67 -13.96 105.75
CA ASN L 298 -2.43 -13.37 105.31
C ASN L 298 -1.22 -14.02 105.97
N MET L 299 -1.40 -14.84 106.96
CA MET L 299 -0.29 -15.46 107.64
C MET L 299 0.35 -16.57 106.80
N MET L 300 1.70 -16.62 106.83
CA MET L 300 2.43 -17.59 106.08
C MET L 300 2.67 -18.85 106.91
N CYS L 301 1.99 -18.97 108.07
CA CYS L 301 1.95 -20.26 108.76
C CYS L 301 0.49 -20.72 108.82
N ALA L 302 0.30 -22.02 108.55
CA ALA L 302 -1.05 -22.57 108.39
C ALA L 302 -1.67 -22.92 109.75
N SER L 303 -1.51 -22.01 110.72
CA SER L 303 -2.10 -22.17 112.02
C SER L 303 -2.92 -20.91 112.30
N ASP L 304 -4.22 -21.13 112.58
CA ASP L 304 -5.15 -20.03 112.66
C ASP L 304 -4.87 -19.24 113.95
N PRO L 305 -4.47 -17.95 113.86
CA PRO L 305 -4.19 -17.16 115.02
C PRO L 305 -5.38 -16.77 115.89
N ARG L 306 -6.58 -16.99 115.39
CA ARG L 306 -7.77 -16.63 116.17
C ARG L 306 -8.06 -17.69 117.23
N HIS L 307 -7.43 -18.85 117.13
CA HIS L 307 -7.63 -19.86 118.19
C HIS L 307 -6.82 -19.59 119.47
N GLY L 308 -5.73 -18.86 119.25
CA GLY L 308 -4.68 -18.66 120.25
C GLY L 308 -4.70 -17.19 120.66
N ARG L 309 -3.70 -16.80 121.45
CA ARG L 309 -3.50 -15.42 121.85
C ARG L 309 -2.09 -15.00 121.45
N TYR L 310 -2.01 -13.81 120.83
CA TYR L 310 -0.71 -13.25 120.50
C TYR L 310 0.00 -12.84 121.78
N LEU L 311 1.12 -13.51 122.05
CA LEU L 311 1.91 -13.22 123.24
C LEU L 311 2.60 -11.88 123.07
N THR L 312 3.30 -11.70 121.95
CA THR L 312 3.84 -10.42 121.52
C THR L 312 3.84 -10.42 120.00
N ALA L 313 3.71 -9.25 119.39
CA ALA L 313 3.83 -9.12 117.95
C ALA L 313 4.61 -7.88 117.59
N SER L 314 5.15 -7.87 116.37
CA SER L 314 5.92 -6.72 115.89
C SER L 314 5.54 -6.47 114.43
N ALA L 315 5.64 -5.20 114.05
CA ALA L 315 5.27 -4.78 112.71
C ALA L 315 6.35 -3.82 112.22
N MET L 316 7.04 -4.21 111.15
CA MET L 316 8.06 -3.37 110.55
C MET L 316 7.45 -2.69 109.33
N PHE L 317 7.05 -1.43 109.51
CA PHE L 317 6.47 -0.68 108.42
C PHE L 317 7.59 -0.09 107.54
N ARG L 318 7.23 0.11 106.28
CA ARG L 318 8.20 0.56 105.30
C ARG L 318 7.56 1.65 104.42
N GLY L 319 8.26 2.81 104.33
CA GLY L 319 7.81 3.84 103.46
C GLY L 319 7.61 5.20 104.10
N ARG L 320 7.23 6.15 103.27
CA ARG L 320 6.93 7.49 103.72
C ARG L 320 5.51 7.56 104.32
N MET L 321 5.44 7.60 105.62
CA MET L 321 4.17 7.40 106.30
C MET L 321 4.23 8.15 107.61
N SER L 322 3.04 8.59 108.09
CA SER L 322 3.02 9.43 109.28
C SER L 322 2.95 8.55 110.52
N THR L 323 3.71 8.89 111.55
CA THR L 323 3.94 7.96 112.62
C THR L 323 2.84 7.98 113.67
N LYS L 324 1.97 8.97 113.69
CA LYS L 324 0.86 8.90 114.62
C LYS L 324 -0.12 7.81 114.21
N GLU L 325 -0.44 7.74 112.93
CA GLU L 325 -1.30 6.69 112.42
C GLU L 325 -0.61 5.33 112.49
N VAL L 326 0.71 5.31 112.49
CA VAL L 326 1.41 4.07 112.81
C VAL L 326 1.16 3.68 114.27
N ASP L 327 1.20 4.69 115.15
CA ASP L 327 1.12 4.42 116.57
C ASP L 327 -0.31 4.21 117.06
N GLU L 328 -1.26 4.94 116.45
CA GLU L 328 -2.65 4.83 116.87
C GLU L 328 -3.23 3.50 116.38
N GLN L 329 -2.80 3.03 115.22
CA GLN L 329 -3.38 1.81 114.68
C GLN L 329 -2.96 0.57 115.45
N MET L 330 -1.73 0.59 115.97
CA MET L 330 -1.30 -0.53 116.81
C MET L 330 -2.04 -0.51 118.16
N LEU L 331 -2.43 0.70 118.61
CA LEU L 331 -3.29 0.81 119.77
C LEU L 331 -4.72 0.36 119.42
N ASN L 332 -5.15 0.67 118.21
CA ASN L 332 -6.52 0.44 117.74
C ASN L 332 -6.79 -1.05 117.66
N VAL L 333 -5.79 -1.80 117.19
CA VAL L 333 -5.97 -3.23 117.02
C VAL L 333 -5.97 -3.94 118.37
N GLN L 334 -5.29 -3.39 119.36
CA GLN L 334 -5.25 -4.00 120.68
C GLN L 334 -6.58 -3.75 121.40
N ASN L 335 -7.27 -2.63 121.11
CA ASN L 335 -8.50 -2.35 121.77
C ASN L 335 -9.69 -3.21 121.32
N LYS L 336 -9.82 -3.42 120.03
CA LYS L 336 -10.92 -4.25 119.54
C LYS L 336 -10.66 -5.74 119.74
N ASN L 337 -9.45 -6.17 119.36
CA ASN L 337 -9.13 -7.58 119.51
C ASN L 337 -8.44 -7.85 120.85
N SER L 338 -9.14 -7.51 121.91
CA SER L 338 -8.68 -7.60 123.28
C SER L 338 -8.62 -9.04 123.72
N SER L 339 -9.48 -9.92 123.24
CA SER L 339 -9.45 -11.33 123.60
C SER L 339 -8.33 -12.07 122.85
N TYR L 340 -7.79 -11.49 121.78
CA TYR L 340 -6.76 -12.14 120.99
C TYR L 340 -5.35 -11.83 121.46
N PHE L 341 -5.23 -11.01 122.49
CA PHE L 341 -3.95 -10.65 123.05
C PHE L 341 -3.88 -11.06 124.51
N VAL L 342 -2.68 -11.27 124.98
CA VAL L 342 -2.42 -11.73 126.33
C VAL L 342 -2.49 -10.55 127.28
N GLU L 343 -2.90 -10.81 128.53
CA GLU L 343 -3.27 -9.74 129.46
C GLU L 343 -2.10 -9.21 130.27
N TRP L 344 -1.19 -10.06 130.65
CA TRP L 344 -0.16 -9.74 131.62
C TRP L 344 1.04 -9.03 130.98
N ILE L 345 1.00 -8.76 129.69
CA ILE L 345 1.89 -7.81 129.05
C ILE L 345 1.02 -6.69 128.54
N PRO L 346 1.12 -5.45 129.07
CA PRO L 346 0.52 -4.30 128.41
C PRO L 346 1.29 -3.92 127.14
N ASN L 347 0.55 -3.47 126.13
CA ASN L 347 1.06 -3.06 124.83
C ASN L 347 1.98 -4.15 124.26
N ASN L 348 1.31 -5.21 123.79
CA ASN L 348 1.98 -6.33 123.13
C ASN L 348 2.67 -6.03 121.79
N MET L 349 2.42 -4.87 121.22
CA MET L 349 2.78 -4.61 119.83
C MET L 349 3.97 -3.65 119.76
N LYS L 350 4.90 -3.96 118.85
CA LYS L 350 6.06 -3.14 118.63
C LYS L 350 6.04 -2.64 117.18
N SER L 351 6.30 -1.36 117.01
CA SER L 351 6.21 -0.75 115.69
C SER L 351 7.50 -0.08 115.30
N SER L 352 7.88 -0.16 114.02
CA SER L 352 9.13 0.34 113.53
C SER L 352 9.01 0.85 112.11
N VAL L 353 9.66 1.97 111.80
CA VAL L 353 9.44 2.68 110.55
C VAL L 353 10.75 2.72 109.78
N CYS L 354 10.73 2.13 108.59
CA CYS L 354 11.87 2.10 107.68
C CYS L 354 11.42 2.91 106.48
N ASP L 355 12.08 4.04 106.17
CA ASP L 355 11.49 5.04 105.32
C ASP L 355 11.80 4.82 103.83
N ILE L 356 12.35 3.66 103.49
CA ILE L 356 12.51 3.28 102.10
C ILE L 356 11.56 2.14 101.77
N PRO L 357 10.54 2.37 100.93
CA PRO L 357 9.57 1.32 100.65
C PRO L 357 10.17 0.36 99.64
N PRO L 358 9.58 -0.85 99.50
CA PRO L 358 10.06 -1.78 98.50
C PRO L 358 9.78 -1.25 97.10
N LYS L 359 10.48 -1.82 96.13
CA LYS L 359 10.40 -1.43 94.75
C LYS L 359 9.01 -1.72 94.18
N GLY L 360 8.40 -0.68 93.60
CA GLY L 360 7.11 -0.80 92.95
C GLY L 360 5.94 -0.37 93.84
N LEU L 361 6.16 -0.32 95.18
CA LEU L 361 5.12 0.11 96.09
C LEU L 361 5.47 1.46 96.68
N LYS L 362 4.52 2.03 97.44
CA LYS L 362 4.78 3.23 98.20
C LYS L 362 4.76 2.93 99.71
N MET L 363 4.12 1.84 100.13
CA MET L 363 4.07 1.53 101.54
C MET L 363 3.88 0.05 101.74
N SER L 364 4.58 -0.55 102.70
CA SER L 364 4.45 -1.96 103.00
C SER L 364 4.67 -2.21 104.49
N VAL L 365 4.29 -3.41 104.93
CA VAL L 365 4.52 -3.83 106.29
C VAL L 365 4.83 -5.32 106.31
N THR L 366 5.74 -5.71 107.21
CA THR L 366 6.03 -7.09 107.44
C THR L 366 5.74 -7.41 108.90
N PHE L 367 5.05 -8.53 109.13
CA PHE L 367 4.55 -8.85 110.44
C PHE L 367 5.27 -10.07 111.00
N VAL L 368 5.84 -9.92 112.19
CA VAL L 368 6.39 -11.06 112.88
C VAL L 368 5.69 -11.16 114.23
N GLY L 369 5.03 -12.28 114.46
CA GLY L 369 4.20 -12.38 115.66
C GLY L 369 4.44 -13.69 116.41
N ASN L 370 4.67 -13.55 117.72
CA ASN L 370 4.87 -14.70 118.59
C ASN L 370 3.52 -15.11 119.17
N SER L 371 2.90 -16.10 118.55
CA SER L 371 1.55 -16.49 118.92
C SER L 371 1.62 -17.86 119.60
N THR L 372 0.64 -18.11 120.49
CA THR L 372 0.51 -19.43 121.07
C THR L 372 -0.42 -20.31 120.23
N ALA L 373 -0.88 -19.79 119.09
CA ALA L 373 -1.64 -20.59 118.14
C ALA L 373 -0.71 -21.42 117.26
N ILE L 374 0.61 -21.25 117.40
CA ILE L 374 1.55 -22.10 116.66
C ILE L 374 1.70 -23.47 117.37
N GLN L 375 1.04 -23.63 118.51
CA GLN L 375 0.90 -24.91 119.16
C GLN L 375 0.13 -25.89 118.28
N GLU L 376 -0.72 -25.43 117.41
CA GLU L 376 -1.56 -26.26 116.57
C GLU L 376 -0.71 -27.01 115.54
N MET L 377 0.40 -26.39 115.09
CA MET L 377 1.29 -27.08 114.17
C MET L 377 2.13 -28.14 114.91
N PHE L 378 2.61 -27.80 116.07
CA PHE L 378 3.46 -28.71 116.82
C PHE L 378 2.70 -29.93 117.32
N LYS L 379 1.40 -29.74 117.61
CA LYS L 379 0.59 -30.86 118.03
C LYS L 379 0.30 -31.79 116.87
N ARG L 380 0.15 -31.23 115.66
CA ARG L 380 -0.13 -32.03 114.48
C ARG L 380 1.07 -32.88 114.09
N VAL L 381 2.28 -32.33 114.25
CA VAL L 381 3.45 -33.10 113.94
C VAL L 381 3.70 -34.12 115.03
N SER L 382 3.36 -33.79 116.29
CA SER L 382 3.59 -34.72 117.38
C SER L 382 2.69 -35.95 117.26
N ASP L 383 1.42 -35.73 116.87
CA ASP L 383 0.51 -36.83 116.72
C ASP L 383 0.84 -37.72 115.53
N GLN L 384 1.37 -37.10 114.47
CA GLN L 384 1.82 -37.88 113.33
C GLN L 384 3.08 -38.64 113.68
N PHE L 385 3.92 -38.06 114.53
CA PHE L 385 5.15 -38.74 114.92
C PHE L 385 4.83 -39.91 115.85
N THR L 386 3.88 -39.72 116.76
CA THR L 386 3.51 -40.79 117.66
C THR L 386 2.76 -41.88 116.93
N ALA L 387 2.10 -41.57 115.81
CA ALA L 387 1.42 -42.55 114.98
C ALA L 387 2.42 -43.55 114.38
N MET L 388 3.56 -43.04 113.90
CA MET L 388 4.50 -43.95 113.26
C MET L 388 5.44 -44.60 114.26
N PHE L 389 5.76 -43.90 115.35
CA PHE L 389 6.84 -44.38 116.23
C PHE L 389 6.35 -45.46 117.19
N ARG L 390 5.03 -45.47 117.49
CA ARG L 390 4.48 -46.50 118.35
C ARG L 390 4.57 -47.86 117.69
N ARG L 391 4.44 -47.89 116.37
CA ARG L 391 4.56 -49.13 115.63
C ARG L 391 5.95 -49.31 115.00
N LYS L 392 6.85 -48.39 115.27
CA LYS L 392 8.27 -48.44 114.91
C LYS L 392 8.43 -48.60 113.39
N ALA L 393 7.62 -47.86 112.64
CA ALA L 393 7.67 -47.84 111.19
C ALA L 393 8.83 -46.95 110.76
N PHE L 394 9.52 -47.37 109.68
CA PHE L 394 10.58 -46.62 109.01
C PHE L 394 11.73 -46.24 109.95
N LEU L 395 11.90 -47.02 111.03
CA LEU L 395 12.91 -46.68 112.00
C LEU L 395 14.28 -47.24 111.62
N HIS L 396 14.31 -48.29 110.80
CA HIS L 396 15.52 -49.07 110.64
C HIS L 396 16.52 -48.32 109.78
N TRP L 397 16.09 -47.35 108.98
CA TRP L 397 17.11 -46.54 108.30
C TRP L 397 17.77 -45.53 109.24
N TYR L 398 16.98 -45.11 110.25
CA TYR L 398 17.48 -44.12 111.20
C TYR L 398 18.32 -44.75 112.32
N THR L 399 17.87 -45.94 112.75
CA THR L 399 18.65 -46.69 113.74
C THR L 399 19.88 -47.32 113.09
N GLY L 400 19.80 -47.56 111.82
CA GLY L 400 20.86 -48.22 111.05
C GLY L 400 21.91 -47.24 110.63
N GLU L 401 21.78 -45.93 110.91
CA GLU L 401 22.78 -44.98 110.49
C GLU L 401 23.66 -44.49 111.62
N GLY L 402 23.74 -45.26 112.69
CA GLY L 402 24.49 -45.01 113.93
C GLY L 402 23.80 -44.10 114.94
N MET L 403 22.47 -44.01 114.83
CA MET L 403 21.72 -43.21 115.81
C MET L 403 20.93 -44.11 116.73
N ASP L 404 20.92 -43.86 118.05
CA ASP L 404 20.22 -44.74 118.93
C ASP L 404 18.74 -44.43 118.97
N GLU L 405 17.97 -45.41 119.45
CA GLU L 405 16.52 -45.33 119.55
C GLU L 405 16.09 -44.29 120.58
N MET L 406 16.96 -44.04 121.59
CA MET L 406 16.56 -43.17 122.68
C MET L 406 16.53 -41.71 122.30
N GLU L 407 17.20 -41.31 121.21
CA GLU L 407 17.10 -39.97 120.71
C GLU L 407 15.72 -39.65 120.15
N PHE L 408 14.97 -40.62 119.70
CA PHE L 408 13.61 -40.40 119.27
C PHE L 408 12.69 -40.11 120.44
N THR L 409 12.89 -40.81 121.55
CA THR L 409 12.08 -40.59 122.73
C THR L 409 12.41 -39.23 123.33
N GLU L 410 13.69 -38.82 123.24
CA GLU L 410 14.07 -37.50 123.72
C GLU L 410 13.46 -36.42 122.85
N ALA L 411 13.38 -36.66 121.53
CA ALA L 411 12.87 -35.69 120.59
C ALA L 411 11.40 -35.43 120.85
N GLU L 412 10.65 -36.52 121.11
CA GLU L 412 9.22 -36.38 121.35
C GLU L 412 8.98 -35.72 122.70
N SER L 413 9.81 -36.05 123.69
CA SER L 413 9.60 -35.49 125.03
C SER L 413 9.91 -34.01 125.04
N ASN L 414 10.95 -33.58 124.29
CA ASN L 414 11.29 -32.18 124.24
C ASN L 414 10.21 -31.35 123.51
N MET L 415 9.67 -31.95 122.46
CA MET L 415 8.71 -31.18 121.66
C MET L 415 7.32 -31.21 122.25
N ASN L 416 6.98 -32.27 122.98
CA ASN L 416 5.74 -32.28 123.75
C ASN L 416 5.80 -31.31 124.92
N ASP L 417 6.98 -31.11 125.48
CA ASP L 417 7.14 -30.11 126.53
C ASP L 417 6.99 -28.70 125.94
N LEU L 418 7.38 -28.50 124.67
CA LEU L 418 7.21 -27.22 124.04
C LEU L 418 5.72 -26.91 123.82
N VAL L 419 4.94 -27.95 123.55
CA VAL L 419 3.51 -27.83 123.40
C VAL L 419 2.89 -27.46 124.74
N SER L 420 3.40 -28.07 125.82
CA SER L 420 2.83 -27.88 127.15
C SER L 420 3.08 -26.46 127.65
N GLU L 421 4.24 -25.91 127.29
CA GLU L 421 4.59 -24.59 127.76
C GLU L 421 3.79 -23.50 127.04
N TYR L 422 3.36 -23.75 125.81
CA TYR L 422 2.44 -22.87 125.14
C TYR L 422 1.07 -22.79 125.82
N GLN L 423 0.61 -23.91 126.36
CA GLN L 423 -0.74 -24.02 126.91
C GLN L 423 -0.95 -23.14 128.14
N GLN L 424 0.13 -22.93 128.92
CA GLN L 424 -0.01 -22.19 130.16
C GLN L 424 -0.22 -20.71 129.90
N TYR L 425 0.19 -20.21 128.77
CA TYR L 425 0.02 -18.78 128.45
C TYR L 425 -1.11 -18.53 127.45
N GLN L 426 -1.95 -19.52 127.20
CA GLN L 426 -3.11 -19.35 126.36
C GLN L 426 -4.36 -19.12 127.21
N MET M 1 65.80 6.98 70.20
CA MET M 1 66.09 6.68 71.68
C MET M 1 66.70 5.29 71.79
N ARG M 2 66.19 4.46 72.69
CA ARG M 2 66.69 3.12 72.93
C ARG M 2 65.87 2.09 72.14
N GLU M 3 66.58 1.16 71.52
CA GLU M 3 65.92 0.03 70.85
C GLU M 3 66.60 -1.26 71.36
N ILE M 4 65.78 -2.30 71.44
CA ILE M 4 66.23 -3.66 71.69
C ILE M 4 66.01 -4.47 70.41
N VAL M 5 67.08 -5.10 69.95
CA VAL M 5 67.02 -6.00 68.83
C VAL M 5 66.79 -7.42 69.32
N HIS M 6 65.70 -8.05 68.83
CA HIS M 6 65.33 -9.37 69.26
C HIS M 6 65.82 -10.41 68.25
N VAL M 7 66.39 -11.46 68.78
CA VAL M 7 67.03 -12.52 68.01
C VAL M 7 66.46 -13.83 68.54
N GLN M 8 65.92 -14.63 67.63
CA GLN M 8 65.39 -15.93 67.95
C GLN M 8 66.22 -17.00 67.27
N GLY M 9 66.72 -17.94 68.07
CA GLY M 9 67.40 -19.09 67.50
C GLY M 9 66.81 -20.42 67.94
N GLY M 10 66.71 -21.33 66.98
CA GLY M 10 66.22 -22.66 67.19
C GLY M 10 64.69 -22.74 67.12
N GLN M 11 64.20 -23.99 67.17
CA GLN M 11 62.75 -24.21 67.12
C GLN M 11 62.11 -23.74 68.43
N CYS M 12 62.77 -23.96 69.57
CA CYS M 12 62.30 -23.43 70.82
C CYS M 12 62.29 -21.90 70.82
N GLY M 13 63.32 -21.28 70.33
CA GLY M 13 63.47 -19.84 70.29
C GLY M 13 62.42 -19.16 69.41
N ASN M 14 62.08 -19.81 68.29
CA ASN M 14 61.10 -19.26 67.37
C ASN M 14 59.70 -19.31 67.98
N GLN M 15 59.38 -20.44 68.65
CA GLN M 15 58.05 -20.60 69.18
C GLN M 15 57.85 -19.83 70.47
N ILE M 16 58.92 -19.60 71.24
CA ILE M 16 58.77 -18.80 72.46
C ILE M 16 58.71 -17.31 72.08
N GLY M 17 59.45 -16.97 70.99
CA GLY M 17 59.48 -15.58 70.58
C GLY M 17 58.25 -15.21 69.76
N ALA M 18 57.60 -16.17 69.12
CA ALA M 18 56.35 -15.94 68.42
C ALA M 18 55.25 -15.50 69.40
N LYS M 19 55.28 -16.06 70.61
CA LYS M 19 54.30 -15.68 71.60
C LYS M 19 54.68 -14.40 72.31
N PHE M 20 55.98 -14.08 72.29
CA PHE M 20 56.42 -12.82 72.84
C PHE M 20 55.88 -11.64 72.03
N TRP M 21 55.92 -11.79 70.72
CA TRP M 21 55.43 -10.73 69.86
C TRP M 21 53.91 -10.64 69.83
N GLU M 22 53.27 -11.71 70.32
CA GLU M 22 51.83 -11.69 70.46
C GLU M 22 51.43 -10.77 71.63
N VAL M 23 52.20 -10.84 72.70
CA VAL M 23 51.80 -10.15 73.91
C VAL M 23 52.26 -8.69 73.85
N ILE M 24 53.37 -8.41 73.16
CA ILE M 24 53.81 -7.03 73.06
C ILE M 24 52.94 -6.25 72.09
N SER M 25 52.53 -6.91 71.00
CA SER M 25 51.65 -6.28 70.04
C SER M 25 50.29 -5.99 70.65
N ASP M 26 49.79 -6.89 71.50
CA ASP M 26 48.54 -6.70 72.18
C ASP M 26 48.63 -5.57 73.21
N GLU M 27 49.79 -5.45 73.85
CA GLU M 27 49.96 -4.44 74.86
C GLU M 27 50.08 -3.05 74.24
N HIS M 28 50.70 -2.97 73.06
CA HIS M 28 50.82 -1.72 72.35
C HIS M 28 49.70 -1.50 71.35
N GLY M 29 48.81 -2.48 71.21
CA GLY M 29 47.59 -2.28 70.41
C GLY M 29 47.83 -2.38 68.91
N ILE M 30 48.62 -3.36 68.48
CA ILE M 30 48.93 -3.55 67.06
C ILE M 30 48.12 -4.74 66.57
N ASP M 31 47.39 -4.54 65.51
CA ASP M 31 46.71 -5.60 64.75
C ASP M 31 47.74 -6.52 64.15
N PRO M 32 47.51 -7.83 64.01
CA PRO M 32 48.37 -8.68 63.17
C PRO M 32 48.65 -8.19 61.75
N THR M 33 47.79 -7.35 61.20
CA THR M 33 48.07 -6.75 59.91
C THR M 33 49.08 -5.60 60.04
N GLY M 34 49.34 -5.11 61.24
CA GLY M 34 50.42 -4.14 61.45
C GLY M 34 49.92 -2.73 61.80
N THR M 35 48.57 -2.56 61.82
CA THR M 35 48.15 -1.17 62.03
C THR M 35 47.85 -1.01 63.50
N TYR M 36 47.86 0.24 63.97
CA TYR M 36 47.51 0.54 65.35
C TYR M 36 46.03 0.75 65.50
N CYS M 37 45.48 0.31 66.65
CA CYS M 37 44.15 0.63 67.12
C CYS M 37 44.29 0.90 68.63
N GLY M 38 43.36 1.74 69.13
CA GLY M 38 43.23 1.88 70.57
C GLY M 38 43.41 3.30 71.12
N ASP M 39 43.69 4.26 70.25
CA ASP M 39 43.71 5.69 70.44
C ASP M 39 44.17 6.20 71.81
N SER M 40 45.35 5.73 72.24
CA SER M 40 45.95 6.20 73.47
C SER M 40 47.42 6.54 73.25
N ASP M 41 47.85 7.66 73.80
CA ASP M 41 49.15 8.24 73.48
C ASP M 41 50.27 7.45 74.13
N LEU M 42 50.01 6.88 75.32
CA LEU M 42 50.99 6.11 76.06
C LEU M 42 51.42 4.83 75.34
N GLN M 43 50.54 4.30 74.50
CA GLN M 43 50.82 3.11 73.72
C GLN M 43 51.88 3.38 72.65
N LEU M 44 51.92 4.62 72.09
CA LEU M 44 52.69 4.89 70.92
C LEU M 44 53.92 5.74 71.23
N GLU M 45 54.01 6.30 72.41
CA GLU M 45 55.06 7.27 72.74
C GLU M 45 56.44 6.62 72.74
N ARG M 46 56.51 5.39 73.18
CA ARG M 46 57.73 4.62 73.19
C ARG M 46 57.42 3.31 72.50
N ILE M 47 57.49 3.37 71.17
CA ILE M 47 57.21 2.21 70.35
C ILE M 47 58.47 1.79 69.59
N ASN M 48 59.43 2.69 69.46
CA ASN M 48 60.64 2.39 68.74
C ASN M 48 61.56 1.48 69.55
N VAL M 49 61.20 1.12 70.78
CA VAL M 49 61.99 0.16 71.53
C VAL M 49 61.92 -1.22 70.88
N PHE M 50 60.78 -1.52 70.23
CA PHE M 50 60.63 -2.85 69.62
C PHE M 50 60.21 -2.79 68.14
N TYR M 51 59.73 -1.64 67.69
CA TYR M 51 59.13 -1.59 66.36
C TYR M 51 59.81 -0.55 65.48
N ASN M 52 59.56 -0.69 64.18
CA ASN M 52 60.07 0.25 63.21
C ASN M 52 58.92 0.72 62.33
N GLU M 53 58.88 2.03 62.12
CA GLU M 53 57.91 2.63 61.21
C GLU M 53 58.26 2.23 59.76
N ALA M 54 57.23 2.07 58.94
CA ALA M 54 57.37 1.69 57.56
C ALA M 54 56.78 2.72 56.59
N THR M 55 56.47 3.94 57.09
CA THR M 55 55.96 5.06 56.29
C THR M 55 54.73 4.72 55.42
N GLY M 56 54.09 3.62 55.77
CA GLY M 56 52.79 3.24 55.27
C GLY M 56 51.89 3.06 56.47
N GLY M 57 52.38 3.49 57.61
CA GLY M 57 51.69 3.49 58.88
C GLY M 57 52.04 2.25 59.69
N ARG M 58 52.58 1.18 59.08
CA ARG M 58 52.62 -0.08 59.78
C ARG M 58 53.91 -0.22 60.58
N PHE M 59 53.85 -1.06 61.60
CA PHE M 59 54.97 -1.30 62.48
C PHE M 59 55.49 -2.71 62.25
N VAL M 60 56.79 -2.82 61.97
CA VAL M 60 57.40 -4.12 61.81
C VAL M 60 58.33 -4.37 62.99
N PRO M 61 58.33 -5.59 63.55
CA PRO M 61 59.22 -5.86 64.70
C PRO M 61 60.68 -5.90 64.26
N ARG M 62 61.52 -5.52 65.23
CA ARG M 62 62.96 -5.54 65.09
C ARG M 62 63.47 -6.94 65.48
N ALA M 63 62.97 -7.96 64.78
CA ALA M 63 63.22 -9.34 65.18
C ALA M 63 63.94 -10.07 64.07
N ILE M 64 64.92 -10.90 64.42
CA ILE M 64 65.66 -11.72 63.49
C ILE M 64 65.39 -13.17 63.82
N LEU M 65 64.64 -13.88 62.95
CA LEU M 65 64.38 -15.29 63.10
C LEU M 65 65.49 -16.12 62.45
N MET M 66 65.95 -17.11 63.19
CA MET M 66 67.04 -17.95 62.71
C MET M 66 66.80 -19.37 63.10
N ASP M 67 66.89 -20.29 62.16
CA ASP M 67 66.84 -21.72 62.41
C ASP M 67 67.54 -22.40 61.24
N LEU M 68 67.97 -23.65 61.49
CA LEU M 68 68.68 -24.42 60.49
C LEU M 68 67.80 -25.44 59.78
N GLU M 69 66.49 -25.43 60.04
CA GLU M 69 65.51 -26.15 59.30
C GLU M 69 64.45 -25.17 58.80
N PRO M 70 63.89 -25.42 57.60
CA PRO M 70 62.80 -24.56 57.12
C PRO M 70 61.43 -24.81 57.75
N GLY M 71 61.33 -25.82 58.63
CA GLY M 71 60.01 -26.29 59.07
C GLY M 71 59.34 -25.30 60.03
N THR M 72 60.10 -24.86 61.03
CA THR M 72 59.52 -24.16 62.15
C THR M 72 59.26 -22.71 61.80
N MET M 73 59.99 -22.16 60.81
CA MET M 73 59.70 -20.80 60.41
C MET M 73 58.47 -20.74 59.53
N ASP M 74 58.13 -21.82 58.84
CA ASP M 74 56.86 -21.89 58.13
C ASP M 74 55.70 -21.88 59.11
N SER M 75 55.90 -22.52 60.26
CA SER M 75 54.86 -22.62 61.28
C SER M 75 54.59 -21.25 61.91
N VAL M 76 55.65 -20.48 62.11
CA VAL M 76 55.53 -19.17 62.73
C VAL M 76 54.84 -18.20 61.76
N ARG M 77 55.19 -18.29 60.47
CA ARG M 77 54.59 -17.42 59.46
C ARG M 77 53.11 -17.71 59.27
N ALA M 78 52.74 -18.99 59.29
CA ALA M 78 51.38 -19.41 59.00
C ALA M 78 50.41 -19.11 60.15
N GLY M 79 50.94 -18.99 61.36
CA GLY M 79 50.14 -18.78 62.55
C GLY M 79 49.66 -17.34 62.64
N PRO M 80 48.93 -17.01 63.72
CA PRO M 80 48.50 -15.63 63.95
C PRO M 80 49.71 -14.80 64.33
N PHE M 81 49.64 -13.52 63.99
CA PHE M 81 50.73 -12.56 64.16
C PHE M 81 51.99 -13.03 63.44
N GLY M 82 51.79 -13.71 62.30
CA GLY M 82 52.91 -14.24 61.54
C GLY M 82 53.23 -13.35 60.33
N GLN M 83 52.26 -12.53 59.95
CA GLN M 83 52.47 -11.61 58.84
C GLN M 83 53.13 -10.32 59.34
N LEU M 84 53.39 -10.23 60.65
CA LEU M 84 53.96 -9.02 61.23
C LEU M 84 55.43 -8.88 60.86
N PHE M 85 56.13 -10.02 60.84
CA PHE M 85 57.57 -9.99 60.65
C PHE M 85 57.91 -9.72 59.19
N ARG M 86 59.08 -9.11 59.00
CA ARG M 86 59.63 -8.91 57.66
C ARG M 86 60.12 -10.24 57.11
N PRO M 87 59.77 -10.60 55.86
CA PRO M 87 60.21 -11.88 55.31
C PRO M 87 61.73 -12.00 55.10
N ASP M 88 62.41 -10.87 54.91
CA ASP M 88 63.84 -10.85 54.77
C ASP M 88 64.53 -11.12 56.10
N ASN M 89 63.84 -10.87 57.23
CA ASN M 89 64.42 -11.13 58.53
C ASN M 89 64.49 -12.61 58.88
N PHE M 90 63.75 -13.45 58.18
CA PHE M 90 63.92 -14.89 58.31
C PHE M 90 65.23 -15.33 57.64
N VAL M 91 66.01 -16.13 58.35
CA VAL M 91 67.14 -16.79 57.73
C VAL M 91 66.99 -18.31 57.80
N PHE M 92 67.15 -18.97 56.68
CA PHE M 92 66.81 -20.40 56.58
C PHE M 92 68.05 -21.27 56.55
N GLY M 93 67.91 -22.47 57.13
CA GLY M 93 68.90 -23.49 56.85
C GLY M 93 68.24 -24.69 56.18
N GLN M 94 69.02 -25.46 55.46
CA GLN M 94 68.42 -26.59 54.77
C GLN M 94 68.84 -27.92 55.40
N THR M 95 70.03 -27.99 56.02
CA THR M 95 70.54 -29.26 56.47
C THR M 95 70.03 -29.57 57.88
N GLY M 96 70.28 -28.62 58.83
CA GLY M 96 69.85 -28.85 60.17
C GLY M 96 70.86 -29.57 61.08
N ALA M 97 71.03 -29.01 62.26
CA ALA M 97 71.87 -29.60 63.30
C ALA M 97 71.04 -30.63 64.03
N GLY M 98 71.39 -31.90 63.87
CA GLY M 98 70.65 -32.97 64.50
C GLY M 98 70.93 -33.10 66.00
N ASN M 99 70.62 -32.09 66.79
CA ASN M 99 70.92 -32.04 68.21
C ASN M 99 72.41 -32.22 68.48
N ASN M 100 73.24 -31.76 67.54
CA ASN M 100 74.67 -31.87 67.66
C ASN M 100 75.21 -30.43 67.77
N TRP M 101 75.85 -30.16 68.89
CA TRP M 101 76.36 -28.82 69.17
C TRP M 101 77.53 -28.51 68.26
N ALA M 102 78.32 -29.55 67.92
CA ALA M 102 79.53 -29.32 67.11
C ALA M 102 79.13 -28.85 65.71
N LYS M 103 78.15 -29.50 65.09
CA LYS M 103 77.75 -29.11 63.76
C LYS M 103 76.89 -27.85 63.79
N GLY M 104 76.32 -27.49 64.94
CA GLY M 104 75.65 -26.20 65.08
C GLY M 104 76.67 -25.07 65.16
N HIS M 105 77.78 -25.31 65.83
CA HIS M 105 78.74 -24.26 66.15
C HIS M 105 79.93 -24.23 65.19
N TYR M 106 80.29 -25.34 64.58
CA TYR M 106 81.45 -25.36 63.71
C TYR M 106 81.05 -25.51 62.26
N THR M 107 80.25 -26.52 61.92
CA THR M 107 80.20 -26.87 60.49
C THR M 107 79.03 -26.24 59.75
N GLU M 108 77.83 -26.51 60.22
CA GLU M 108 76.62 -26.11 59.50
C GLU M 108 76.20 -24.67 59.86
N GLY M 109 76.56 -24.25 61.08
CA GLY M 109 76.29 -22.90 61.50
C GLY M 109 77.23 -21.87 60.87
N ALA M 110 78.38 -22.31 60.37
CA ALA M 110 79.40 -21.40 59.89
C ALA M 110 79.00 -20.76 58.56
N GLU M 111 78.29 -21.54 57.72
CA GLU M 111 77.93 -20.92 56.43
C GLU M 111 76.63 -20.14 56.54
N LEU M 112 75.98 -20.17 57.69
CA LEU M 112 74.75 -19.41 57.89
C LEU M 112 74.97 -18.17 58.74
N ILE M 113 76.05 -18.18 59.55
CA ILE M 113 76.26 -17.06 60.46
C ILE M 113 76.65 -15.82 59.69
N ASP M 114 77.31 -15.97 58.55
CA ASP M 114 77.70 -14.84 57.72
C ASP M 114 76.45 -14.15 57.19
N SER M 115 75.37 -14.91 56.94
CA SER M 115 74.15 -14.32 56.43
C SER M 115 73.36 -13.63 57.54
N VAL M 116 73.27 -14.27 58.69
CA VAL M 116 72.41 -13.75 59.75
C VAL M 116 73.09 -12.58 60.45
N LEU M 117 74.41 -12.56 60.51
CA LEU M 117 75.12 -11.42 61.07
C LEU M 117 75.04 -10.21 60.17
N ASP M 118 74.85 -10.43 58.87
CA ASP M 118 74.63 -9.35 57.93
C ASP M 118 73.30 -8.67 58.23
N VAL M 119 72.28 -9.45 58.53
CA VAL M 119 70.95 -8.91 58.74
C VAL M 119 70.88 -8.18 60.09
N VAL M 120 71.62 -8.69 61.09
CA VAL M 120 71.57 -8.07 62.40
C VAL M 120 72.32 -6.76 62.37
N ARG M 121 73.40 -6.66 61.56
CA ARG M 121 74.09 -5.39 61.44
C ARG M 121 73.20 -4.38 60.69
N LYS M 122 72.45 -4.85 59.71
CA LYS M 122 71.64 -3.99 58.88
C LYS M 122 70.55 -3.33 59.72
N GLU M 123 69.94 -4.11 60.61
CA GLU M 123 68.85 -3.56 61.41
C GLU M 123 69.37 -2.76 62.60
N ALA M 124 70.49 -3.15 63.16
CA ALA M 124 71.07 -2.52 64.34
C ALA M 124 71.63 -1.13 64.02
N GLU M 125 72.38 -1.02 62.92
CA GLU M 125 73.05 0.24 62.62
C GLU M 125 72.11 1.21 61.95
N GLY M 126 70.95 0.74 61.48
CA GLY M 126 69.94 1.60 60.85
C GLY M 126 69.22 2.49 61.85
N CYS M 127 69.34 2.24 63.17
CA CYS M 127 68.76 3.08 64.17
C CYS M 127 69.73 4.17 64.63
N ASP M 128 69.27 4.97 65.59
CA ASP M 128 70.06 6.12 66.07
C ASP M 128 71.29 5.62 66.83
N CYS M 129 71.04 4.95 67.96
CA CYS M 129 72.03 4.32 68.81
C CYS M 129 71.30 3.25 69.60
N LEU M 130 71.83 2.04 69.62
CA LEU M 130 71.18 0.85 70.16
C LEU M 130 71.30 0.76 71.69
N GLN M 131 70.36 0.08 72.31
CA GLN M 131 70.42 -0.15 73.74
C GLN M 131 71.04 -1.52 74.01
N GLY M 132 70.46 -2.56 73.43
CA GLY M 132 70.90 -3.91 73.72
C GLY M 132 70.36 -4.88 72.67
N PHE M 133 70.69 -6.15 72.92
CA PHE M 133 70.14 -7.28 72.21
C PHE M 133 69.49 -8.22 73.20
N GLN M 134 68.50 -8.97 72.72
CA GLN M 134 67.95 -10.07 73.46
C GLN M 134 67.84 -11.30 72.61
N ILE M 135 68.18 -12.45 73.21
CA ILE M 135 68.22 -13.73 72.55
C ILE M 135 67.32 -14.71 73.29
N THR M 136 66.45 -15.40 72.55
CA THR M 136 65.66 -16.49 73.09
C THR M 136 66.06 -17.76 72.37
N HIS M 137 66.48 -18.77 73.15
CA HIS M 137 66.96 -20.01 72.56
C HIS M 137 66.88 -21.11 73.62
N SER M 138 67.25 -22.32 73.17
CA SER M 138 67.26 -23.50 74.03
C SER M 138 68.68 -24.02 74.11
N LEU M 139 69.05 -24.60 75.26
CA LEU M 139 70.37 -25.14 75.44
C LEU M 139 70.42 -26.65 75.36
N GLY M 140 69.28 -27.31 75.19
CA GLY M 140 69.27 -28.73 74.94
C GLY M 140 69.37 -29.09 73.47
N GLY M 141 69.17 -28.11 72.59
CA GLY M 141 68.98 -28.39 71.17
C GLY M 141 70.31 -28.32 70.44
N GLY M 142 70.25 -28.40 69.10
CA GLY M 142 71.40 -28.23 68.27
C GLY M 142 71.60 -26.82 67.76
N THR M 143 70.58 -26.27 67.13
CA THR M 143 70.73 -24.98 66.45
C THR M 143 70.52 -23.83 67.44
N GLY M 144 69.76 -24.07 68.52
CA GLY M 144 69.57 -23.01 69.51
C GLY M 144 70.77 -22.89 70.47
N SER M 145 71.43 -24.03 70.69
CA SER M 145 72.55 -24.08 71.63
C SER M 145 73.87 -23.89 70.88
N GLY M 146 73.97 -24.39 69.64
CA GLY M 146 75.24 -24.39 68.94
C GLY M 146 75.40 -23.13 68.14
N MET M 147 74.49 -22.90 67.22
CA MET M 147 74.64 -21.77 66.28
C MET M 147 74.27 -20.45 66.93
N GLY M 148 73.38 -20.54 67.92
CA GLY M 148 72.86 -19.42 68.67
C GLY M 148 73.97 -18.80 69.52
N THR M 149 74.83 -19.65 70.12
CA THR M 149 75.85 -19.07 70.96
C THR M 149 77.02 -18.54 70.13
N LEU M 150 77.14 -19.00 68.88
CA LEU M 150 78.17 -18.46 68.01
C LEU M 150 77.81 -17.03 67.62
N LEU M 151 76.50 -16.77 67.42
CA LEU M 151 76.09 -15.40 67.12
C LEU M 151 76.37 -14.49 68.34
N ILE M 152 76.19 -15.04 69.55
CA ILE M 152 76.43 -14.28 70.75
C ILE M 152 77.90 -13.89 70.83
N SER M 153 78.79 -14.81 70.46
CA SER M 153 80.22 -14.55 70.50
C SER M 153 80.63 -13.51 69.46
N LYS M 154 80.02 -13.58 68.27
CA LYS M 154 80.43 -12.70 67.19
C LYS M 154 79.91 -11.29 67.39
N VAL M 155 78.67 -11.15 67.91
CA VAL M 155 78.12 -9.80 68.01
C VAL M 155 78.64 -9.12 69.26
N ARG M 156 79.09 -9.89 70.26
CA ARG M 156 79.71 -9.27 71.43
C ARG M 156 81.07 -8.68 71.10
N GLU M 157 81.80 -9.31 70.15
CA GLU M 157 83.05 -8.77 69.70
C GLU M 157 82.84 -7.52 68.85
N GLU M 158 81.67 -7.40 68.19
CA GLU M 158 81.41 -6.25 67.37
C GLU M 158 80.93 -5.04 68.19
N TYR M 159 80.04 -5.33 69.14
CA TYR M 159 79.40 -4.35 70.00
C TYR M 159 79.69 -4.69 71.44
N PRO M 160 80.85 -4.27 71.98
CA PRO M 160 81.28 -4.75 73.29
C PRO M 160 80.56 -4.11 74.48
N ASP M 161 80.08 -2.88 74.31
CA ASP M 161 79.57 -2.11 75.43
C ASP M 161 78.06 -2.13 75.48
N ARG M 162 77.38 -2.84 74.60
CA ARG M 162 75.93 -2.92 74.61
C ARG M 162 75.48 -4.09 75.47
N ILE M 163 74.28 -3.97 76.00
CA ILE M 163 73.77 -5.01 76.88
C ILE M 163 73.35 -6.27 76.11
N MET M 164 73.43 -7.39 76.80
CA MET M 164 73.17 -8.63 76.08
C MET M 164 72.52 -9.66 76.94
N GLU M 165 71.22 -9.88 76.74
CA GLU M 165 70.38 -10.57 77.72
C GLU M 165 69.70 -11.73 77.01
N THR M 166 69.67 -12.88 77.65
CA THR M 166 69.24 -14.12 77.06
C THR M 166 68.17 -14.76 77.95
N PHE M 167 67.08 -15.21 77.28
CA PHE M 167 66.17 -16.16 77.92
C PHE M 167 66.50 -17.55 77.39
N SER M 168 67.23 -18.30 78.21
CA SER M 168 67.64 -19.64 77.79
C SER M 168 66.93 -20.67 78.65
N VAL M 169 66.32 -21.65 77.99
CA VAL M 169 65.72 -22.75 78.71
C VAL M 169 66.78 -23.85 78.81
N PHE M 170 66.96 -24.36 80.04
CA PHE M 170 68.00 -25.33 80.28
C PHE M 170 67.44 -26.70 80.00
N PRO M 171 68.30 -27.74 79.91
CA PRO M 171 67.83 -29.11 80.01
C PRO M 171 66.97 -29.39 81.24
N SER M 172 65.94 -30.21 80.98
CA SER M 172 64.93 -30.45 82.01
C SER M 172 65.46 -31.47 83.02
N PRO M 173 65.17 -31.29 84.33
CA PRO M 173 65.86 -32.11 85.33
C PRO M 173 65.47 -33.58 85.35
N LYS M 174 64.18 -33.84 85.49
CA LYS M 174 63.69 -35.19 85.76
C LYS M 174 63.48 -35.93 84.44
N VAL M 175 62.56 -35.41 83.63
CA VAL M 175 62.32 -36.06 82.34
C VAL M 175 63.09 -35.26 81.29
N SER M 176 63.93 -35.96 80.53
CA SER M 176 64.99 -35.17 79.86
C SER M 176 65.14 -35.67 78.42
N ASP M 177 64.53 -34.89 77.53
CA ASP M 177 64.49 -35.28 76.13
C ASP M 177 65.76 -34.84 75.45
N THR M 178 65.99 -35.28 74.21
CA THR M 178 67.21 -35.05 73.43
C THR M 178 68.43 -35.51 74.25
N VAL M 179 68.63 -36.83 74.24
CA VAL M 179 69.51 -37.61 75.09
C VAL M 179 70.90 -36.99 75.24
N VAL M 180 71.39 -36.28 74.22
CA VAL M 180 72.60 -35.51 74.43
C VAL M 180 72.21 -34.11 74.93
N GLU M 181 71.76 -34.08 76.17
CA GLU M 181 71.54 -32.82 76.90
C GLU M 181 72.84 -32.31 77.52
N PRO M 182 73.60 -33.10 78.33
CA PRO M 182 74.67 -32.47 79.08
C PRO M 182 75.85 -32.04 78.23
N TYR M 183 76.03 -32.68 77.06
CA TYR M 183 77.06 -32.25 76.13
C TYR M 183 76.68 -30.91 75.51
N ASN M 184 75.39 -30.71 75.18
CA ASN M 184 75.01 -29.44 74.61
C ASN M 184 75.01 -28.33 75.64
N ALA M 185 74.56 -28.65 76.85
CA ALA M 185 74.42 -27.66 77.91
C ALA M 185 75.77 -27.16 78.39
N THR M 186 76.72 -28.09 78.66
CA THR M 186 77.98 -27.69 79.25
C THR M 186 78.81 -26.93 78.24
N LEU M 187 78.76 -27.34 76.96
CA LEU M 187 79.49 -26.65 75.93
C LEU M 187 78.91 -25.27 75.65
N SER M 188 77.63 -25.08 75.93
CA SER M 188 77.02 -23.78 75.69
C SER M 188 77.23 -22.83 76.87
N VAL M 189 77.26 -23.36 78.07
CA VAL M 189 77.35 -22.50 79.25
C VAL M 189 78.74 -21.88 79.36
N HIS M 190 79.77 -22.63 79.05
CA HIS M 190 81.13 -22.13 79.26
C HIS M 190 81.47 -21.07 78.23
N GLN M 191 80.70 -21.03 77.12
CA GLN M 191 80.85 -19.98 76.14
C GLN M 191 79.89 -18.84 76.43
N LEU M 192 78.84 -19.09 77.22
CA LEU M 192 77.87 -18.09 77.57
C LEU M 192 78.29 -17.34 78.84
N VAL M 193 79.22 -17.90 79.63
CA VAL M 193 79.65 -17.23 80.83
C VAL M 193 80.58 -16.06 80.54
N GLU M 194 81.24 -16.11 79.36
CA GLU M 194 82.14 -15.03 79.02
C GLU M 194 81.48 -13.98 78.11
N ASN M 195 80.33 -14.22 77.57
CA ASN M 195 79.77 -13.51 76.45
C ASN M 195 78.34 -13.05 76.65
N ALA M 196 77.75 -13.25 77.86
CA ALA M 196 76.43 -12.75 78.14
C ALA M 196 76.48 -11.84 79.37
N ASP M 197 75.66 -10.79 79.34
CA ASP M 197 75.62 -9.92 80.51
C ASP M 197 74.58 -10.42 81.51
N GLU M 198 73.39 -10.81 81.01
CA GLU M 198 72.37 -11.38 81.84
C GLU M 198 71.79 -12.64 81.16
N VAL M 199 71.64 -13.64 81.97
CA VAL M 199 71.13 -14.95 81.56
C VAL M 199 70.01 -15.29 82.52
N GLN M 200 68.82 -15.55 82.00
CA GLN M 200 67.69 -15.94 82.82
C GLN M 200 67.34 -17.40 82.52
N VAL M 201 67.32 -18.19 83.58
CA VAL M 201 67.22 -19.63 83.38
C VAL M 201 65.76 -20.06 83.56
N ILE M 202 65.28 -20.90 82.65
CA ILE M 202 63.94 -21.41 82.65
C ILE M 202 64.05 -22.92 82.49
N ASP M 203 63.22 -23.68 83.24
CA ASP M 203 63.06 -25.08 83.07
C ASP M 203 61.64 -25.42 82.65
N ASN M 204 61.50 -26.47 81.87
CA ASN M 204 60.18 -26.94 81.47
C ASN M 204 59.47 -27.58 82.64
N GLU M 205 60.21 -28.29 83.51
CA GLU M 205 59.56 -28.96 84.62
C GLU M 205 59.13 -27.97 85.68
N ALA M 206 59.81 -26.85 85.78
CA ALA M 206 59.37 -25.78 86.67
C ALA M 206 58.04 -25.19 86.15
N LEU M 207 57.94 -25.05 84.83
CA LEU M 207 56.76 -24.47 84.21
C LEU M 207 55.58 -25.42 84.34
N TYR M 208 55.83 -26.75 84.26
CA TYR M 208 54.78 -27.73 84.45
C TYR M 208 54.30 -27.71 85.89
N ASP M 209 55.21 -27.49 86.83
CA ASP M 209 54.85 -27.46 88.24
C ASP M 209 53.97 -26.25 88.54
N ILE M 210 54.26 -25.12 87.87
CA ILE M 210 53.44 -23.94 88.01
C ILE M 210 52.02 -24.22 87.47
N CYS M 211 51.93 -24.94 86.33
CA CYS M 211 50.65 -25.18 85.75
C CYS M 211 49.77 -26.17 86.54
N PHE M 212 50.40 -26.99 87.38
CA PHE M 212 49.56 -27.88 88.21
C PHE M 212 49.13 -27.19 89.51
N ARG M 213 50.12 -26.64 90.22
CA ARG M 213 49.90 -26.23 91.59
C ARG M 213 49.36 -24.81 91.74
N THR M 214 49.63 -23.93 90.79
CA THR M 214 49.10 -22.59 90.84
C THR M 214 47.97 -22.44 89.82
N LEU M 215 48.26 -22.69 88.55
CA LEU M 215 47.32 -22.34 87.49
C LEU M 215 46.18 -23.34 87.38
N LYS M 216 46.45 -24.58 87.86
CA LYS M 216 45.45 -25.65 87.79
C LYS M 216 44.85 -25.86 86.35
N LEU M 217 45.76 -25.93 85.41
CA LEU M 217 45.41 -26.19 84.03
C LEU M 217 45.43 -27.70 83.82
N THR M 218 44.42 -28.22 83.14
CA THR M 218 44.33 -29.67 82.96
C THR M 218 45.23 -30.13 81.81
N THR M 219 45.19 -29.36 80.71
CA THR M 219 45.96 -29.72 79.51
C THR M 219 46.82 -28.57 79.06
N PRO M 220 47.97 -28.29 79.70
CA PRO M 220 48.80 -27.17 79.25
C PRO M 220 49.68 -27.60 78.06
N THR M 221 49.48 -26.87 76.94
CA THR M 221 50.28 -27.16 75.76
C THR M 221 51.58 -26.31 75.82
N TYR M 222 52.38 -26.38 74.76
CA TYR M 222 53.49 -25.45 74.64
C TYR M 222 53.06 -24.02 74.41
N GLY M 223 51.88 -23.85 73.89
CA GLY M 223 51.24 -22.55 73.68
C GLY M 223 51.01 -21.86 75.01
N ASP M 224 50.58 -22.60 76.03
CA ASP M 224 50.25 -21.96 77.29
C ASP M 224 51.52 -21.70 78.11
N LEU M 225 52.53 -22.60 77.98
CA LEU M 225 53.76 -22.39 78.72
C LEU M 225 54.56 -21.25 78.14
N ASN M 226 54.54 -21.05 76.84
CA ASN M 226 55.21 -19.92 76.20
C ASN M 226 54.56 -18.61 76.57
N HIS M 227 53.26 -18.63 76.89
CA HIS M 227 52.57 -17.43 77.31
C HIS M 227 53.09 -16.99 78.68
N LEU M 228 53.45 -17.94 79.53
CA LEU M 228 53.95 -17.62 80.85
C LEU M 228 55.36 -17.03 80.77
N VAL M 229 56.20 -17.58 79.89
CA VAL M 229 57.55 -17.09 79.74
C VAL M 229 57.52 -15.71 79.08
N SER M 230 56.57 -15.51 78.16
CA SER M 230 56.45 -14.23 77.48
C SER M 230 55.97 -13.13 78.43
N ALA M 231 55.19 -13.51 79.46
CA ALA M 231 54.75 -12.56 80.47
C ALA M 231 55.93 -12.02 81.27
N ALA M 232 56.89 -12.90 81.58
CA ALA M 232 58.08 -12.52 82.32
C ALA M 232 59.01 -11.71 81.42
N MET M 233 59.02 -12.00 80.10
CA MET M 233 59.86 -11.29 79.17
C MET M 233 59.40 -9.82 79.03
N SER M 234 58.08 -9.62 79.09
CA SER M 234 57.54 -8.28 79.00
C SER M 234 57.78 -7.48 80.30
N GLY M 235 57.86 -8.20 81.44
CA GLY M 235 57.99 -7.51 82.69
C GLY M 235 59.37 -6.91 82.92
N VAL M 236 60.39 -7.55 82.30
CA VAL M 236 61.75 -7.09 82.56
C VAL M 236 62.04 -5.84 81.74
N THR M 237 61.28 -5.62 80.66
CA THR M 237 61.48 -4.48 79.78
C THR M 237 60.28 -3.54 79.84
N CYS M 238 59.53 -3.53 80.95
CA CYS M 238 58.36 -2.68 81.06
C CYS M 238 58.78 -1.19 81.09
N CYS M 239 59.85 -0.91 81.82
CA CYS M 239 60.22 0.47 82.08
C CYS M 239 60.84 1.15 80.86
N LEU M 240 61.32 0.38 79.93
CA LEU M 240 61.76 0.87 78.62
C LEU M 240 60.58 1.46 77.84
N ARG M 241 59.41 0.87 77.99
CA ARG M 241 58.28 1.18 77.11
C ARG M 241 57.28 2.12 77.78
N PHE M 242 57.27 2.20 79.10
CA PHE M 242 56.26 2.94 79.81
C PHE M 242 56.92 3.78 80.88
N PRO M 243 56.34 4.95 81.24
CA PRO M 243 56.88 5.76 82.33
C PRO M 243 56.59 5.14 83.69
N GLY M 244 57.22 5.70 84.71
CA GLY M 244 57.08 5.09 86.02
C GLY M 244 57.40 6.02 87.16
N GLN M 245 57.00 5.62 88.37
CA GLN M 245 57.38 6.36 89.58
C GLN M 245 58.86 6.18 89.91
N LEU M 246 59.33 4.96 89.77
CA LEU M 246 60.72 4.63 89.94
C LEU M 246 61.18 3.84 88.73
N ASN M 247 61.99 4.46 87.88
CA ASN M 247 62.45 3.93 86.65
C ASN M 247 63.44 2.76 86.76
N SER M 248 63.42 1.92 85.73
CA SER M 248 64.49 0.95 85.56
C SER M 248 64.81 0.80 84.04
N ASP M 249 65.65 -0.09 83.82
CA ASP M 249 66.21 -0.46 82.51
C ASP M 249 66.93 -1.79 82.71
N LEU M 250 67.46 -2.32 81.62
CA LEU M 250 68.17 -3.60 81.67
C LEU M 250 69.52 -3.41 82.31
N ARG M 251 70.17 -2.26 82.07
CA ARG M 251 71.49 -2.03 82.64
C ARG M 251 71.37 -1.71 84.13
N LYS M 252 70.21 -1.15 84.55
CA LYS M 252 69.96 -0.94 85.95
C LYS M 252 69.86 -2.27 86.67
N LEU M 253 69.29 -3.28 86.02
CA LEU M 253 69.22 -4.61 86.60
C LEU M 253 70.58 -5.28 86.67
N ALA M 254 71.44 -4.99 85.69
CA ALA M 254 72.77 -5.63 85.63
C ALA M 254 73.68 -5.13 86.75
N VAL M 255 73.65 -3.83 87.00
CA VAL M 255 74.51 -3.22 88.00
C VAL M 255 74.06 -3.60 89.41
N ASN M 256 72.79 -3.93 89.56
CA ASN M 256 72.17 -4.15 90.84
C ASN M 256 71.92 -5.60 91.15
N LEU M 257 72.28 -6.52 90.30
CA LEU M 257 72.10 -7.95 90.61
C LEU M 257 73.41 -8.67 90.46
N ILE M 258 74.43 -8.11 89.82
CA ILE M 258 75.63 -8.89 89.50
C ILE M 258 76.75 -8.31 90.34
N PRO M 259 77.15 -8.99 91.43
CA PRO M 259 78.20 -8.45 92.29
C PRO M 259 79.59 -8.66 91.71
N PHE M 260 79.80 -9.80 91.07
CA PHE M 260 81.02 -10.23 90.44
C PHE M 260 80.66 -10.73 89.05
N PRO M 261 81.53 -10.51 88.03
CA PRO M 261 81.07 -10.57 86.64
C PRO M 261 80.69 -11.96 86.14
N ARG M 262 81.15 -13.03 86.81
CA ARG M 262 80.91 -14.37 86.37
C ARG M 262 79.52 -14.84 86.71
N LEU M 263 78.95 -14.31 87.79
CA LEU M 263 77.67 -14.78 88.35
C LEU M 263 76.54 -13.83 87.84
N HIS M 264 76.00 -14.28 86.70
CA HIS M 264 74.94 -13.54 86.04
C HIS M 264 73.83 -14.50 85.53
N PHE M 265 73.57 -15.55 86.31
CA PHE M 265 72.45 -16.43 86.03
C PHE M 265 71.38 -16.15 87.08
N PHE M 266 70.17 -15.92 86.55
CA PHE M 266 69.08 -15.43 87.36
C PHE M 266 67.95 -16.43 87.40
N LEU M 267 67.14 -16.31 88.43
CA LEU M 267 65.87 -17.02 88.55
C LEU M 267 64.77 -16.04 88.20
N ILE M 268 63.76 -16.50 87.45
CA ILE M 268 62.65 -15.67 87.06
C ILE M 268 61.38 -16.19 87.75
N GLY M 269 60.53 -15.23 88.10
CA GLY M 269 59.22 -15.53 88.63
C GLY M 269 58.20 -14.53 88.15
N PHE M 270 56.93 -14.93 88.16
CA PHE M 270 55.86 -14.00 87.81
C PHE M 270 54.71 -14.17 88.78
N ALA M 271 54.06 -13.05 89.11
CA ALA M 271 52.94 -13.03 90.03
C ALA M 271 52.03 -11.89 89.62
N PRO M 272 50.68 -12.01 89.74
CA PRO M 272 50.00 -13.18 90.32
C PRO M 272 49.69 -14.25 89.27
N LEU M 273 49.51 -15.49 89.74
CA LEU M 273 49.18 -16.61 88.89
C LEU M 273 48.06 -17.43 89.51
N THR M 274 46.84 -17.21 89.02
CA THR M 274 45.67 -17.85 89.59
C THR M 274 44.88 -18.57 88.50
N SER M 275 44.17 -19.61 88.91
CA SER M 275 43.27 -20.36 88.07
C SER M 275 42.07 -19.50 87.70
N ARG M 276 41.30 -19.96 86.72
CA ARG M 276 40.07 -19.30 86.32
C ARG M 276 39.04 -19.27 87.43
N GLY M 277 38.98 -20.35 88.19
CA GLY M 277 38.08 -20.49 89.33
C GLY M 277 38.38 -19.50 90.47
N SER M 278 39.67 -19.33 90.75
CA SER M 278 40.13 -18.56 91.90
C SER M 278 40.51 -17.15 91.52
N GLN M 279 40.17 -16.72 90.29
CA GLN M 279 40.43 -15.35 89.87
C GLN M 279 39.55 -14.38 90.65
N GLN M 280 38.29 -14.78 90.84
CA GLN M 280 37.28 -13.91 91.39
C GLN M 280 37.29 -13.91 92.90
N TYR M 281 38.07 -14.80 93.53
CA TYR M 281 38.14 -14.91 94.98
C TYR M 281 39.39 -14.24 95.55
N ARG M 282 40.30 -13.71 94.69
CA ARG M 282 41.58 -13.32 95.25
C ARG M 282 41.67 -11.80 95.36
N ALA M 283 42.16 -11.35 96.52
CA ALA M 283 42.52 -9.96 96.77
C ALA M 283 43.88 -9.63 96.17
N LEU M 284 43.88 -8.79 95.12
CA LEU M 284 45.13 -8.41 94.48
C LEU M 284 45.69 -7.17 95.17
N SER M 285 46.73 -7.34 95.94
CA SER M 285 47.31 -6.24 96.68
C SER M 285 48.82 -6.46 96.74
N VAL M 286 49.55 -5.38 96.95
CA VAL M 286 51.02 -5.44 96.85
C VAL M 286 51.61 -6.34 97.94
N PRO M 287 51.17 -6.36 99.19
CA PRO M 287 51.67 -7.37 100.15
C PRO M 287 51.38 -8.83 99.76
N GLU M 288 50.25 -9.07 99.11
CA GLU M 288 49.90 -10.40 98.65
C GLU M 288 50.72 -10.82 97.44
N LEU M 289 51.09 -9.83 96.60
CA LEU M 289 51.90 -10.08 95.43
C LEU M 289 53.30 -10.54 95.84
N THR M 290 53.84 -9.90 96.85
CA THR M 290 55.24 -10.14 97.23
C THR M 290 55.37 -11.48 97.94
N GLN M 291 54.30 -11.96 98.57
CA GLN M 291 54.35 -13.25 99.23
C GLN M 291 54.16 -14.36 98.22
N GLN M 292 53.40 -14.14 97.20
CA GLN M 292 53.26 -15.14 96.13
C GLN M 292 54.51 -15.20 95.26
N MET M 293 55.27 -14.11 95.22
CA MET M 293 56.49 -14.03 94.45
C MET M 293 57.60 -14.85 95.08
N PHE M 294 57.73 -14.84 96.40
CA PHE M 294 58.77 -15.55 97.12
C PHE M 294 58.33 -16.97 97.51
N ASP M 295 58.07 -17.77 96.50
CA ASP M 295 57.73 -19.16 96.66
C ASP M 295 58.56 -19.97 95.67
N ALA M 296 58.99 -21.16 96.07
CA ALA M 296 59.58 -22.12 95.15
C ALA M 296 58.58 -22.56 94.09
N LYS M 297 57.32 -22.56 94.41
CA LYS M 297 56.24 -22.97 93.52
C LYS M 297 55.96 -21.92 92.45
N ASN M 298 56.54 -20.73 92.54
CA ASN M 298 56.26 -19.67 91.60
C ASN M 298 57.44 -19.35 90.68
N MET M 299 58.58 -19.91 90.96
CA MET M 299 59.79 -19.67 90.19
C MET M 299 59.72 -20.51 88.91
N MET M 300 60.18 -19.97 87.82
CA MET M 300 60.20 -20.61 86.51
C MET M 300 61.50 -21.37 86.33
N CYS M 301 62.33 -21.48 87.39
CA CYS M 301 63.57 -22.25 87.28
C CYS M 301 63.51 -23.37 88.35
N ALA M 302 63.87 -24.58 87.98
CA ALA M 302 63.57 -25.75 88.80
C ALA M 302 64.65 -25.98 89.84
N SER M 303 65.01 -24.92 90.56
CA SER M 303 65.91 -25.06 91.68
C SER M 303 65.23 -24.42 92.89
N ASP M 304 65.17 -25.15 93.99
CA ASP M 304 64.57 -24.66 95.21
C ASP M 304 65.41 -23.56 95.83
N PRO M 305 64.92 -22.30 95.91
CA PRO M 305 65.71 -21.21 96.44
C PRO M 305 65.94 -21.25 97.94
N ARG M 306 65.20 -22.11 98.66
CA ARG M 306 65.41 -22.18 100.11
C ARG M 306 66.67 -22.99 100.46
N HIS M 307 67.23 -23.70 99.48
CA HIS M 307 68.45 -24.45 99.74
C HIS M 307 69.68 -23.59 99.66
N GLY M 308 69.56 -22.34 99.18
CA GLY M 308 70.64 -21.41 99.02
C GLY M 308 70.31 -20.07 99.65
N ARG M 309 71.04 -19.03 99.26
CA ARG M 309 70.85 -17.67 99.72
C ARG M 309 70.69 -16.82 98.46
N TYR M 310 69.74 -15.90 98.50
CA TYR M 310 69.68 -14.85 97.49
C TYR M 310 70.84 -13.90 97.71
N LEU M 311 71.74 -13.86 96.73
CA LEU M 311 72.88 -12.95 96.79
C LEU M 311 72.36 -11.52 96.57
N THR M 312 71.61 -11.30 95.48
CA THR M 312 70.86 -10.07 95.31
C THR M 312 69.60 -10.41 94.53
N ALA M 313 68.49 -9.71 94.86
CA ALA M 313 67.26 -9.97 94.12
C ALA M 313 66.56 -8.64 93.79
N SER M 314 65.68 -8.70 92.80
CA SER M 314 65.00 -7.52 92.30
C SER M 314 63.54 -7.84 92.00
N ALA M 315 62.69 -6.85 92.16
CA ALA M 315 61.27 -6.99 91.88
C ALA M 315 60.79 -5.80 91.07
N MET M 316 60.41 -6.05 89.81
CA MET M 316 59.93 -5.01 88.93
C MET M 316 58.40 -5.06 88.93
N PHE M 317 57.81 -4.13 89.68
CA PHE M 317 56.37 -4.07 89.79
C PHE M 317 55.76 -3.31 88.63
N ARG M 318 54.53 -3.66 88.31
CA ARG M 318 53.77 -2.98 87.28
C ARG M 318 52.37 -2.64 87.75
N GLY M 319 51.97 -1.40 87.62
CA GLY M 319 50.62 -0.98 87.95
C GLY M 319 50.60 0.27 88.81
N ARG M 320 49.39 0.75 89.04
CA ARG M 320 49.12 1.91 89.87
C ARG M 320 49.18 1.51 91.36
N MET M 321 50.27 1.89 92.01
CA MET M 321 50.47 1.40 93.36
C MET M 321 51.16 2.47 94.18
N SER M 322 51.11 2.33 95.50
CA SER M 322 51.78 3.17 96.45
C SER M 322 53.19 2.65 96.71
N THR M 323 54.05 3.55 97.11
CA THR M 323 55.48 3.34 97.14
C THR M 323 55.93 2.82 98.50
N LYS M 324 55.11 2.78 99.54
CA LYS M 324 55.62 2.04 100.71
C LYS M 324 55.59 0.54 100.43
N GLU M 325 54.49 0.08 99.85
CA GLU M 325 54.26 -1.36 99.75
C GLU M 325 55.21 -1.99 98.73
N VAL M 326 55.78 -1.23 97.84
CA VAL M 326 56.94 -1.67 97.09
C VAL M 326 58.13 -1.86 98.03
N ASP M 327 58.34 -1.02 99.04
CA ASP M 327 59.63 -0.91 99.69
C ASP M 327 59.63 -1.45 101.12
N GLU M 328 58.56 -1.27 101.84
CA GLU M 328 58.31 -1.83 103.18
C GLU M 328 58.10 -3.32 103.07
N GLN M 329 57.54 -3.83 101.99
CA GLN M 329 57.47 -5.23 101.72
C GLN M 329 58.81 -5.86 101.49
N MET M 330 59.71 -5.19 100.91
CA MET M 330 61.10 -5.63 100.75
C MET M 330 61.81 -5.75 102.11
N LEU M 331 61.43 -4.83 103.02
CA LEU M 331 61.93 -4.96 104.38
C LEU M 331 61.22 -6.08 105.11
N ASN M 332 59.94 -6.30 104.79
CA ASN M 332 59.15 -7.36 105.41
C ASN M 332 59.74 -8.74 105.07
N VAL M 333 60.12 -8.89 103.82
CA VAL M 333 60.62 -10.17 103.33
C VAL M 333 62.02 -10.41 103.85
N GLN M 334 62.80 -9.33 104.02
CA GLN M 334 64.19 -9.52 104.41
C GLN M 334 64.27 -9.89 105.90
N ASN M 335 63.34 -9.42 106.72
CA ASN M 335 63.57 -9.56 108.17
C ASN M 335 63.14 -10.92 108.68
N LYS M 336 62.01 -11.42 108.16
CA LYS M 336 61.51 -12.71 108.63
C LYS M 336 62.26 -13.86 107.98
N ASN M 337 62.47 -13.78 106.66
CA ASN M 337 63.21 -14.78 105.95
C ASN M 337 64.70 -14.42 105.90
N SER M 338 65.30 -14.28 107.05
CA SER M 338 66.62 -13.75 107.23
C SER M 338 67.67 -14.74 106.80
N SER M 339 67.43 -16.05 106.90
CA SER M 339 68.40 -17.05 106.52
C SER M 339 68.51 -17.19 104.99
N TYR M 340 67.53 -16.69 104.24
CA TYR M 340 67.55 -16.90 102.80
C TYR M 340 68.14 -15.70 102.07
N PHE M 341 68.63 -14.72 102.82
CA PHE M 341 69.38 -13.62 102.21
C PHE M 341 70.77 -13.57 102.78
N VAL M 342 71.71 -13.08 102.02
CA VAL M 342 73.11 -13.05 102.41
C VAL M 342 73.33 -11.81 103.28
N GLU M 343 74.30 -11.88 104.18
CA GLU M 343 74.50 -10.88 105.22
C GLU M 343 75.41 -9.73 104.75
N TRP M 344 76.43 -10.04 103.94
CA TRP M 344 77.46 -9.01 103.72
C TRP M 344 77.09 -8.04 102.60
N ILE M 345 75.90 -8.21 102.00
CA ILE M 345 75.28 -7.13 101.22
C ILE M 345 74.03 -6.67 101.93
N PRO M 346 74.03 -5.49 102.55
CA PRO M 346 72.85 -5.06 103.31
C PRO M 346 71.75 -4.60 102.35
N ASN M 347 70.49 -4.88 102.73
CA ASN M 347 69.34 -4.47 101.96
C ASN M 347 69.43 -4.89 100.50
N ASN M 348 69.35 -6.19 100.25
CA ASN M 348 69.64 -6.78 98.96
C ASN M 348 68.59 -6.52 97.88
N MET M 349 67.54 -5.78 98.11
CA MET M 349 66.46 -5.76 97.13
C MET M 349 66.46 -4.49 96.30
N LYS M 350 66.25 -4.66 94.97
CA LYS M 350 65.93 -3.51 94.12
C LYS M 350 64.45 -3.57 93.71
N SER M 351 63.85 -2.38 93.81
CA SER M 351 62.46 -2.22 93.44
C SER M 351 62.30 -1.23 92.31
N SER M 352 61.31 -1.44 91.46
CA SER M 352 60.98 -0.53 90.38
C SER M 352 59.47 -0.57 90.17
N VAL M 353 58.89 0.58 89.87
CA VAL M 353 57.47 0.71 89.60
C VAL M 353 57.33 1.19 88.14
N CYS M 354 56.62 0.38 87.37
CA CYS M 354 56.12 0.77 86.06
C CYS M 354 54.60 1.05 86.19
N ASP M 355 54.08 2.06 85.52
CA ASP M 355 52.73 2.46 85.91
C ASP M 355 51.61 1.76 85.14
N ILE M 356 51.95 1.13 84.01
CA ILE M 356 51.00 0.44 83.15
C ILE M 356 51.06 -1.04 83.42
N PRO M 357 49.99 -1.65 83.96
CA PRO M 357 50.03 -3.07 84.26
C PRO M 357 49.80 -3.84 82.94
N PRO M 358 50.07 -5.15 82.91
CA PRO M 358 49.65 -5.97 81.79
C PRO M 358 48.14 -6.04 81.66
N LYS M 359 47.71 -6.39 80.46
CA LYS M 359 46.31 -6.21 80.05
C LYS M 359 45.41 -7.19 80.81
N GLY M 360 44.38 -6.64 81.46
CA GLY M 360 43.42 -7.45 82.20
C GLY M 360 43.74 -7.58 83.70
N LEU M 361 44.94 -7.19 84.10
CA LEU M 361 45.24 -7.14 85.54
C LEU M 361 45.41 -5.68 85.94
N LYS M 362 45.38 -5.44 87.25
CA LYS M 362 45.61 -4.11 87.75
C LYS M 362 46.98 -3.97 88.40
N MET M 363 47.59 -5.10 88.83
CA MET M 363 48.92 -5.07 89.37
C MET M 363 49.60 -6.41 89.06
N SER M 364 50.89 -6.34 88.78
CA SER M 364 51.70 -7.51 88.55
C SER M 364 53.14 -7.22 89.01
N VAL M 365 53.93 -8.29 89.13
CA VAL M 365 55.34 -8.15 89.47
C VAL M 365 56.09 -9.26 88.79
N THR M 366 57.31 -8.94 88.36
CA THR M 366 58.25 -9.92 87.87
C THR M 366 59.47 -9.93 88.77
N PHE M 367 59.93 -11.14 89.05
CA PHE M 367 60.99 -11.32 90.03
C PHE M 367 62.24 -11.84 89.37
N VAL M 368 63.34 -11.14 89.57
CA VAL M 368 64.62 -11.54 89.01
C VAL M 368 65.59 -11.66 90.17
N GLY M 369 66.09 -12.87 90.43
CA GLY M 369 66.91 -13.06 91.61
C GLY M 369 68.20 -13.81 91.32
N ASN M 370 69.35 -13.25 91.75
CA ASN M 370 70.63 -13.90 91.62
C ASN M 370 70.89 -14.76 92.85
N SER M 371 70.61 -16.07 92.71
CA SER M 371 70.67 -16.97 93.85
C SER M 371 71.88 -17.89 93.72
N THR M 372 72.37 -18.38 94.85
CA THR M 372 73.38 -19.40 94.90
C THR M 372 72.73 -20.79 94.98
N ALA M 373 71.43 -20.86 94.88
CA ALA M 373 70.72 -22.14 94.75
C ALA M 373 70.79 -22.68 93.32
N ILE M 374 71.35 -21.89 92.39
CA ILE M 374 71.48 -22.40 91.02
C ILE M 374 72.75 -23.26 90.91
N GLN M 375 73.47 -23.43 92.04
CA GLN M 375 74.59 -24.36 92.02
C GLN M 375 74.08 -25.79 91.88
N GLU M 376 72.82 -26.06 92.31
CA GLU M 376 72.31 -27.43 92.26
C GLU M 376 72.00 -27.82 90.83
N MET M 377 71.71 -26.89 89.94
CA MET M 377 71.43 -27.21 88.56
C MET M 377 72.76 -27.43 87.84
N PHE M 378 73.77 -26.60 88.09
CA PHE M 378 75.01 -26.77 87.37
C PHE M 378 75.75 -28.04 87.83
N LYS M 379 75.54 -28.45 89.08
CA LYS M 379 76.11 -29.69 89.56
C LYS M 379 75.41 -30.89 88.94
N ARG M 380 74.09 -30.78 88.70
CA ARG M 380 73.30 -31.85 88.14
C ARG M 380 73.70 -32.10 86.68
N VAL M 381 73.99 -31.02 85.95
CA VAL M 381 74.45 -31.18 84.59
C VAL M 381 75.89 -31.68 84.57
N SER M 382 76.69 -31.26 85.53
CA SER M 382 78.10 -31.60 85.60
C SER M 382 78.28 -33.12 85.84
N ASP M 383 77.48 -33.69 86.75
CA ASP M 383 77.64 -35.09 87.01
C ASP M 383 77.15 -35.97 85.83
N GLN M 384 76.12 -35.48 85.15
CA GLN M 384 75.60 -36.13 83.98
C GLN M 384 76.62 -36.03 82.83
N PHE M 385 77.34 -34.90 82.78
CA PHE M 385 78.35 -34.72 81.74
C PHE M 385 79.54 -35.61 82.01
N THR M 386 79.94 -35.69 83.28
CA THR M 386 81.12 -36.46 83.63
C THR M 386 80.84 -37.95 83.54
N ALA M 387 79.57 -38.37 83.69
CA ALA M 387 79.21 -39.78 83.55
C ALA M 387 79.37 -40.23 82.10
N MET M 388 79.00 -39.39 81.18
CA MET M 388 79.03 -39.77 79.77
C MET M 388 80.41 -39.57 79.15
N PHE M 389 81.18 -38.60 79.67
CA PHE M 389 82.45 -38.27 79.06
C PHE M 389 83.56 -39.22 79.49
N ARG M 390 83.41 -39.84 80.67
CA ARG M 390 84.39 -40.79 81.17
C ARG M 390 84.42 -42.03 80.28
N ARG M 391 83.24 -42.39 79.73
CA ARG M 391 83.13 -43.56 78.90
C ARG M 391 83.10 -43.20 77.43
N LYS M 392 83.36 -41.89 77.10
CA LYS M 392 83.46 -41.46 75.72
C LYS M 392 82.23 -41.77 74.89
N ALA M 393 81.05 -41.68 75.49
CA ALA M 393 79.80 -41.99 74.84
C ALA M 393 79.38 -40.78 74.01
N PHE M 394 78.86 -41.04 72.80
CA PHE M 394 78.38 -40.03 71.87
C PHE M 394 79.44 -39.01 71.49
N LEU M 395 80.70 -39.35 71.62
CA LEU M 395 81.76 -38.36 71.42
C LEU M 395 82.18 -38.26 69.97
N HIS M 396 81.99 -39.33 69.21
CA HIS M 396 82.47 -39.37 67.83
C HIS M 396 81.60 -38.49 66.92
N TRP M 397 80.37 -38.21 67.34
CA TRP M 397 79.57 -37.25 66.61
C TRP M 397 80.05 -35.82 66.81
N TYR M 398 80.68 -35.55 67.95
CA TYR M 398 81.22 -34.24 68.24
C TYR M 398 82.64 -34.06 67.72
N THR M 399 83.45 -35.08 67.89
CA THR M 399 84.85 -35.06 67.44
C THR M 399 84.93 -35.12 65.93
N GLY M 400 83.90 -35.68 65.28
CA GLY M 400 83.89 -35.84 63.84
C GLY M 400 83.68 -34.52 63.11
N GLU M 401 83.19 -33.46 63.81
CA GLU M 401 82.86 -32.24 63.12
C GLU M 401 83.94 -31.14 63.30
N GLY M 402 85.08 -31.50 63.89
CA GLY M 402 86.20 -30.59 64.01
C GLY M 402 86.53 -30.17 65.44
N MET M 403 85.79 -30.64 66.41
CA MET M 403 86.14 -30.46 67.81
C MET M 403 87.31 -31.34 68.24
N ASP M 404 87.93 -30.90 69.29
CA ASP M 404 89.00 -31.65 69.94
C ASP M 404 88.50 -32.14 71.31
N GLU M 405 89.27 -33.08 71.85
CA GLU M 405 88.98 -33.68 73.15
C GLU M 405 89.20 -32.69 74.28
N MET M 406 90.10 -31.72 74.07
CA MET M 406 90.50 -30.81 75.13
C MET M 406 89.44 -29.77 75.42
N GLU M 407 88.58 -29.47 74.46
CA GLU M 407 87.52 -28.48 74.65
C GLU M 407 86.44 -29.03 75.57
N PHE M 408 86.27 -30.32 75.66
CA PHE M 408 85.30 -30.88 76.60
C PHE M 408 85.81 -30.76 78.03
N THR M 409 87.10 -30.96 78.23
CA THR M 409 87.68 -30.83 79.55
C THR M 409 87.67 -29.37 79.99
N GLU M 410 87.85 -28.45 79.03
CA GLU M 410 87.78 -27.03 79.32
C GLU M 410 86.34 -26.65 79.68
N ALA M 411 85.38 -27.24 79.02
CA ALA M 411 83.96 -26.95 79.25
C ALA M 411 83.57 -27.36 80.65
N GLU M 412 84.03 -28.54 81.10
CA GLU M 412 83.73 -28.99 82.44
C GLU M 412 84.43 -28.10 83.49
N SER M 413 85.67 -27.71 83.20
CA SER M 413 86.45 -26.97 84.17
C SER M 413 85.91 -25.55 84.36
N ASN M 414 85.46 -24.94 83.24
CA ASN M 414 84.80 -23.64 83.30
C ASN M 414 83.43 -23.78 83.91
N MET M 415 82.76 -24.93 83.89
CA MET M 415 81.56 -25.13 84.64
C MET M 415 81.84 -25.31 86.14
N ASN M 416 82.87 -26.12 86.43
CA ASN M 416 83.07 -26.56 87.81
C ASN M 416 83.57 -25.44 88.66
N ASP M 417 84.36 -24.52 88.07
CA ASP M 417 84.80 -23.35 88.81
C ASP M 417 83.61 -22.42 89.07
N LEU M 418 82.63 -22.40 88.18
CA LEU M 418 81.44 -21.59 88.40
C LEU M 418 80.60 -22.14 89.55
N VAL M 419 80.61 -23.44 89.71
CA VAL M 419 79.94 -24.10 90.82
C VAL M 419 80.66 -23.74 92.12
N SER M 420 82.00 -23.72 92.08
CA SER M 420 82.80 -23.49 93.27
C SER M 420 82.68 -22.04 93.74
N GLU M 421 82.52 -21.12 92.79
CA GLU M 421 82.43 -19.71 93.12
C GLU M 421 81.07 -19.37 93.72
N TYR M 422 80.02 -20.09 93.37
CA TYR M 422 78.75 -19.97 94.06
C TYR M 422 78.83 -20.49 95.48
N GLN M 423 79.58 -21.55 95.70
CA GLN M 423 79.73 -22.20 96.98
C GLN M 423 80.45 -21.30 97.99
N GLN M 424 81.37 -20.45 97.47
CA GLN M 424 82.13 -19.61 98.38
C GLN M 424 81.27 -18.52 99.00
N TYR M 425 80.16 -18.16 98.43
CA TYR M 425 79.29 -17.11 98.97
C TYR M 425 78.07 -17.68 99.67
N GLN M 426 78.10 -18.97 100.06
CA GLN M 426 76.97 -19.63 100.66
C GLN M 426 77.48 -20.24 101.97
N MET N 1 59.38 24.15 21.78
CA MET N 1 60.18 24.07 23.07
C MET N 1 61.38 23.16 22.84
N ARG N 2 61.64 22.25 23.76
CA ARG N 2 62.66 21.23 23.63
C ARG N 2 62.00 19.89 23.28
N GLU N 3 62.61 19.17 22.37
CA GLU N 3 61.99 17.98 21.78
C GLU N 3 63.00 16.84 21.72
N ILE N 4 62.56 15.63 22.06
CA ILE N 4 63.38 14.45 21.93
C ILE N 4 62.82 13.58 20.82
N VAL N 5 63.66 13.24 19.85
CA VAL N 5 63.25 12.30 18.83
C VAL N 5 63.67 10.89 19.23
N HIS N 6 62.70 9.96 19.25
CA HIS N 6 62.94 8.61 19.65
C HIS N 6 63.19 7.70 18.44
N VAL N 7 64.25 6.90 18.53
CA VAL N 7 64.56 5.90 17.54
C VAL N 7 64.67 4.56 18.23
N GLN N 8 63.93 3.57 17.70
CA GLN N 8 63.98 2.23 18.26
C GLN N 8 64.50 1.28 17.19
N GLY N 9 65.61 0.61 17.50
CA GLY N 9 66.29 -0.24 16.53
C GLY N 9 66.51 -1.65 17.06
N GLY N 10 66.26 -2.61 16.16
CA GLY N 10 66.33 -4.02 16.47
C GLY N 10 65.08 -4.55 17.16
N GLN N 11 65.04 -5.87 17.35
CA GLN N 11 63.95 -6.52 18.02
C GLN N 11 63.89 -6.15 19.49
N CYS N 12 65.04 -6.06 20.13
CA CYS N 12 65.09 -5.69 21.54
C CYS N 12 64.68 -4.22 21.70
N GLY N 13 65.14 -3.35 20.81
CA GLY N 13 64.86 -1.94 20.90
C GLY N 13 63.37 -1.63 20.69
N ASN N 14 62.74 -2.40 19.80
CA ASN N 14 61.33 -2.20 19.50
C ASN N 14 60.45 -2.64 20.67
N GLN N 15 60.82 -3.75 21.30
CA GLN N 15 60.00 -4.28 22.38
C GLN N 15 60.25 -3.53 23.69
N ILE N 16 61.45 -2.94 23.87
CA ILE N 16 61.68 -2.10 25.01
C ILE N 16 61.10 -0.74 24.79
N GLY N 17 61.04 -0.29 23.54
CA GLY N 17 60.48 1.01 23.20
C GLY N 17 58.96 0.97 23.19
N ALA N 18 58.37 -0.18 22.87
CA ALA N 18 56.92 -0.31 22.87
C ALA N 18 56.36 -0.14 24.28
N LYS N 19 57.09 -0.61 25.27
CA LYS N 19 56.65 -0.48 26.65
C LYS N 19 57.01 0.90 27.21
N PHE N 20 58.00 1.56 26.58
CA PHE N 20 58.32 2.92 26.98
C PHE N 20 57.18 3.86 26.61
N TRP N 21 56.58 3.66 25.45
CA TRP N 21 55.46 4.49 25.04
C TRP N 21 54.19 4.14 25.79
N GLU N 22 54.17 2.98 26.40
CA GLU N 22 53.05 2.58 27.26
C GLU N 22 53.13 3.36 28.57
N VAL N 23 54.34 3.51 29.10
CA VAL N 23 54.49 4.08 30.42
C VAL N 23 54.46 5.61 30.35
N ILE N 24 54.91 6.18 29.22
CA ILE N 24 54.89 7.63 29.10
C ILE N 24 53.49 8.09 28.77
N SER N 25 52.77 7.35 27.95
CA SER N 25 51.42 7.76 27.56
C SER N 25 50.47 7.68 28.76
N ASP N 26 50.65 6.69 29.62
CA ASP N 26 49.87 6.55 30.82
C ASP N 26 50.21 7.65 31.84
N GLU N 27 51.47 8.07 31.87
CA GLU N 27 51.91 9.11 32.78
C GLU N 27 51.38 10.49 32.34
N HIS N 28 51.27 10.70 31.03
CA HIS N 28 50.69 11.93 30.52
C HIS N 28 49.18 11.82 30.29
N GLY N 29 48.62 10.61 30.42
CA GLY N 29 47.18 10.44 30.30
C GLY N 29 46.69 10.45 28.83
N ILE N 30 47.36 9.69 27.98
CA ILE N 30 46.91 9.53 26.60
C ILE N 30 46.29 8.15 26.47
N ASP N 31 45.08 8.10 25.97
CA ASP N 31 44.37 6.88 25.58
C ASP N 31 45.12 6.23 24.42
N PRO N 32 45.16 4.91 24.30
CA PRO N 32 45.66 4.25 23.09
C PRO N 32 45.05 4.72 21.76
N THR N 33 43.86 5.32 21.82
CA THR N 33 43.28 5.94 20.62
C THR N 33 44.02 7.24 20.22
N GLY N 34 44.74 7.83 21.19
CA GLY N 34 45.49 9.06 20.99
C GLY N 34 44.83 10.29 21.60
N THR N 35 43.72 10.08 22.33
CA THR N 35 43.00 11.23 22.83
C THR N 35 43.55 11.48 24.23
N TYR N 36 43.34 12.71 24.70
CA TYR N 36 43.67 13.02 26.09
C TYR N 36 42.51 12.72 27.05
N CYS N 37 42.83 12.17 28.20
CA CYS N 37 41.84 12.08 29.27
C CYS N 37 42.54 12.31 30.60
N GLY N 38 41.90 13.06 31.51
CA GLY N 38 42.47 13.16 32.85
C GLY N 38 42.47 14.56 33.46
N ASP N 39 41.96 15.54 32.71
CA ASP N 39 41.70 16.91 33.11
C ASP N 39 42.67 17.54 34.10
N SER N 40 43.97 17.47 33.79
CA SER N 40 44.97 18.12 34.63
C SER N 40 45.98 18.86 33.77
N ASP N 41 46.32 20.09 34.13
CA ASP N 41 47.03 20.98 33.25
C ASP N 41 48.51 20.60 33.14
N LEU N 42 49.06 20.10 34.22
CA LEU N 42 50.46 19.70 34.32
C LEU N 42 50.78 18.53 33.41
N GLN N 43 49.78 17.69 33.08
CA GLN N 43 50.01 16.59 32.17
C GLN N 43 50.29 17.08 30.73
N LEU N 44 49.62 18.17 30.34
CA LEU N 44 49.58 18.55 28.95
C LEU N 44 50.49 19.74 28.63
N GLU N 45 51.00 20.41 29.68
CA GLU N 45 51.75 21.65 29.46
C GLU N 45 53.08 21.37 28.76
N ARG N 46 53.69 20.21 29.07
CA ARG N 46 54.91 19.87 28.38
C ARG N 46 54.72 18.49 27.77
N ILE N 47 54.08 18.49 26.59
CA ILE N 47 53.78 17.26 25.89
C ILE N 47 54.51 17.25 24.57
N ASN N 48 54.94 18.42 24.07
CA ASN N 48 55.65 18.49 22.81
C ASN N 48 57.07 17.93 22.90
N VAL N 49 57.51 17.54 24.07
CA VAL N 49 58.79 16.89 24.25
C VAL N 49 58.81 15.52 23.58
N PHE N 50 57.66 14.86 23.50
CA PHE N 50 57.57 13.51 22.97
C PHE N 50 56.45 13.34 21.96
N TYR N 51 55.55 14.32 21.84
CA TYR N 51 54.38 14.15 21.00
C TYR N 51 54.25 15.29 20.02
N ASN N 52 53.41 15.03 18.99
CA ASN N 52 53.12 15.99 17.96
C ASN N 52 51.61 16.07 17.80
N GLU N 53 51.10 17.32 17.74
CA GLU N 53 49.71 17.57 17.42
C GLU N 53 49.41 17.17 15.98
N ALA N 54 48.21 16.64 15.74
CA ALA N 54 47.84 16.12 14.44
C ALA N 54 46.58 16.78 13.87
N THR N 55 46.23 17.97 14.36
CA THR N 55 45.13 18.83 13.95
C THR N 55 43.77 18.12 13.96
N GLY N 56 43.72 16.95 14.61
CA GLY N 56 42.46 16.27 14.84
C GLY N 56 42.32 16.06 16.35
N GLY N 57 43.22 16.72 17.07
CA GLY N 57 43.25 16.65 18.52
C GLY N 57 44.20 15.58 19.02
N ARG N 58 44.64 14.66 18.17
CA ARG N 58 45.32 13.46 18.64
C ARG N 58 46.82 13.72 18.71
N PHE N 59 47.47 12.94 19.56
CA PHE N 59 48.91 13.11 19.75
C PHE N 59 49.62 11.88 19.20
N VAL N 60 50.58 12.10 18.32
CA VAL N 60 51.35 11.00 17.77
C VAL N 60 52.78 11.07 18.31
N PRO N 61 53.38 9.95 18.69
CA PRO N 61 54.75 9.95 19.16
C PRO N 61 55.75 10.34 18.09
N ARG N 62 56.83 10.97 18.54
CA ARG N 62 57.93 11.32 17.66
C ARG N 62 58.91 10.16 17.57
N ALA N 63 58.42 8.98 17.22
CA ALA N 63 59.19 7.75 17.32
C ALA N 63 59.36 7.14 15.93
N ILE N 64 60.56 6.63 15.66
CA ILE N 64 60.91 5.99 14.42
C ILE N 64 61.23 4.55 14.73
N LEU N 65 60.44 3.63 14.17
CA LEU N 65 60.72 2.22 14.37
C LEU N 65 61.54 1.66 13.23
N MET N 66 62.68 1.02 13.53
CA MET N 66 63.58 0.55 12.55
C MET N 66 64.04 -0.86 12.87
N ASP N 67 63.94 -1.74 11.88
CA ASP N 67 64.41 -3.12 11.95
C ASP N 67 64.63 -3.58 10.51
N LEU N 68 65.36 -4.68 10.37
CA LEU N 68 65.58 -5.30 9.08
C LEU N 68 64.69 -6.51 8.84
N GLU N 69 63.81 -6.84 9.81
CA GLU N 69 62.97 -7.99 9.69
C GLU N 69 61.54 -7.55 9.99
N PRO N 70 60.55 -8.00 9.19
CA PRO N 70 59.20 -7.46 9.32
C PRO N 70 58.39 -8.05 10.50
N GLY N 71 58.96 -9.02 11.22
CA GLY N 71 58.09 -9.82 12.10
C GLY N 71 57.67 -9.06 13.37
N THR N 72 58.68 -8.53 14.01
CA THR N 72 58.52 -8.04 15.39
C THR N 72 57.91 -6.65 15.38
N MET N 73 58.04 -5.92 14.29
CA MET N 73 57.39 -4.62 14.18
C MET N 73 55.89 -4.78 13.92
N ASP N 74 55.49 -5.87 13.30
CA ASP N 74 54.08 -6.19 13.15
C ASP N 74 53.47 -6.50 14.52
N SER N 75 54.25 -7.12 15.41
CA SER N 75 53.81 -7.49 16.74
C SER N 75 53.59 -6.25 17.60
N VAL N 76 54.42 -5.24 17.42
CA VAL N 76 54.30 -3.98 18.15
C VAL N 76 53.04 -3.23 17.68
N ARG N 77 52.76 -3.24 16.38
CA ARG N 77 51.60 -2.55 15.86
C ARG N 77 50.29 -3.21 16.31
N ALA N 78 50.28 -4.55 16.34
CA ALA N 78 49.10 -5.33 16.63
C ALA N 78 48.72 -5.30 18.11
N GLY N 79 49.69 -5.00 18.98
CA GLY N 79 49.49 -4.98 20.41
C GLY N 79 48.72 -3.77 20.88
N PRO N 80 48.47 -3.66 22.19
CA PRO N 80 47.86 -2.45 22.75
C PRO N 80 48.86 -1.30 22.67
N PHE N 81 48.32 -0.09 22.54
CA PHE N 81 49.09 1.13 22.33
C PHE N 81 49.96 1.01 21.08
N GLY N 82 49.50 0.28 20.09
CA GLY N 82 50.26 0.06 18.87
C GLY N 82 49.75 0.94 17.73
N GLN N 83 48.51 1.40 17.87
CA GLN N 83 47.91 2.29 16.90
C GLN N 83 48.32 3.73 17.15
N LEU N 84 49.13 3.97 18.19
CA LEU N 84 49.56 5.31 18.53
C LEU N 84 50.54 5.86 17.51
N PHE N 85 51.43 4.99 17.01
CA PHE N 85 52.49 5.46 16.11
C PHE N 85 51.94 5.76 14.72
N ARG N 86 52.61 6.68 14.05
CA ARG N 86 52.34 6.98 12.66
C ARG N 86 52.84 5.82 11.78
N PRO N 87 51.98 5.32 10.85
CA PRO N 87 52.37 4.21 10.00
C PRO N 87 53.54 4.48 9.06
N ASP N 88 53.76 5.71 8.69
CA ASP N 88 54.88 6.08 7.85
C ASP N 88 56.20 6.01 8.61
N ASN N 89 56.15 6.11 9.95
CA ASN N 89 57.35 6.07 10.74
C ASN N 89 57.90 4.64 10.87
N PHE N 90 57.10 3.63 10.56
CA PHE N 90 57.61 2.27 10.48
C PHE N 90 58.44 2.11 9.20
N VAL N 91 59.69 1.73 9.34
CA VAL N 91 60.53 1.41 8.20
C VAL N 91 60.99 -0.05 8.41
N PHE N 92 60.47 -0.83 7.50
CA PHE N 92 60.76 -2.28 7.46
C PHE N 92 62.12 -2.55 6.86
N GLY N 93 62.59 -3.73 6.97
CA GLY N 93 63.51 -4.39 6.05
C GLY N 93 62.91 -5.71 5.69
N GLN N 94 63.37 -6.29 4.55
CA GLN N 94 62.70 -7.53 4.11
C GLN N 94 63.52 -8.80 4.45
N THR N 95 64.84 -8.69 4.25
CA THR N 95 65.64 -9.93 4.29
C THR N 95 66.16 -10.19 5.72
N GLY N 96 66.81 -9.14 6.29
CA GLY N 96 67.27 -9.30 7.64
C GLY N 96 68.69 -9.72 7.77
N ALA N 97 69.42 -8.98 8.61
CA ALA N 97 70.81 -9.33 8.92
C ALA N 97 70.78 -10.38 10.03
N GLY N 98 71.16 -11.61 9.65
CA GLY N 98 71.15 -12.74 10.54
C GLY N 98 72.30 -12.66 11.56
N ASN N 99 72.08 -11.80 12.56
CA ASN N 99 72.96 -11.62 13.71
C ASN N 99 74.40 -11.31 13.27
N ASN N 100 74.51 -10.57 12.18
CA ASN N 100 75.79 -10.22 11.60
C ASN N 100 75.97 -8.72 11.72
N TRP N 101 76.97 -8.29 12.45
CA TRP N 101 77.27 -6.87 12.57
C TRP N 101 77.70 -6.24 11.24
N ALA N 102 78.44 -7.03 10.47
CA ALA N 102 78.96 -6.56 9.19
C ALA N 102 77.82 -6.31 8.23
N LYS N 103 76.88 -7.24 8.12
CA LYS N 103 75.76 -7.07 7.21
C LYS N 103 74.75 -6.02 7.74
N GLY N 104 74.76 -5.80 9.05
CA GLY N 104 73.93 -4.76 9.61
C GLY N 104 74.50 -3.35 9.37
N HIS N 105 75.83 -3.26 9.30
CA HIS N 105 76.46 -1.97 9.16
C HIS N 105 76.85 -1.68 7.70
N TYR N 106 77.39 -2.68 7.00
CA TYR N 106 77.99 -2.39 5.70
C TYR N 106 77.07 -2.73 4.53
N THR N 107 76.55 -3.95 4.50
CA THR N 107 75.90 -4.40 3.28
C THR N 107 74.40 -4.21 3.25
N GLU N 108 73.74 -4.79 4.21
CA GLU N 108 72.25 -4.88 4.20
C GLU N 108 71.64 -3.61 4.81
N GLY N 109 72.38 -2.99 5.77
CA GLY N 109 71.91 -1.79 6.39
C GLY N 109 72.01 -0.55 5.46
N ALA N 110 72.89 -0.65 4.46
CA ALA N 110 73.23 0.48 3.62
C ALA N 110 72.08 0.85 2.68
N GLU N 111 71.31 -0.15 2.25
CA GLU N 111 70.22 0.20 1.32
C GLU N 111 68.97 0.65 2.06
N LEU N 112 68.98 0.57 3.40
CA LEU N 112 67.82 1.02 4.18
C LEU N 112 68.10 2.38 4.85
N ILE N 113 69.40 2.73 5.01
CA ILE N 113 69.74 3.83 5.89
C ILE N 113 69.30 5.16 5.32
N ASP N 114 69.29 5.26 4.02
CA ASP N 114 68.80 6.46 3.31
C ASP N 114 67.32 6.70 3.61
N SER N 115 66.55 5.64 3.80
CA SER N 115 65.14 5.74 4.06
C SER N 115 64.88 6.11 5.51
N VAL N 116 65.65 5.58 6.44
CA VAL N 116 65.45 5.93 7.84
C VAL N 116 66.00 7.35 8.11
N LEU N 117 67.03 7.79 7.36
CA LEU N 117 67.54 9.12 7.47
C LEU N 117 66.54 10.15 6.96
N ASP N 118 65.70 9.74 5.99
CA ASP N 118 64.67 10.63 5.51
C ASP N 118 63.64 10.89 6.61
N VAL N 119 63.27 9.84 7.32
CA VAL N 119 62.15 9.98 8.26
C VAL N 119 62.63 10.67 9.52
N VAL N 120 63.89 10.47 9.88
CA VAL N 120 64.40 11.10 11.11
C VAL N 120 64.64 12.57 10.81
N ARG N 121 65.01 12.95 9.59
CA ARG N 121 65.18 14.37 9.30
C ARG N 121 63.82 15.07 9.26
N LYS N 122 62.80 14.36 8.79
CA LYS N 122 61.47 14.97 8.65
C LYS N 122 60.91 15.32 10.01
N GLU N 123 61.12 14.46 10.98
CA GLU N 123 60.59 14.69 12.33
C GLU N 123 61.48 15.70 13.11
N ALA N 124 62.81 15.65 12.87
CA ALA N 124 63.74 16.47 13.62
C ALA N 124 63.63 17.95 13.22
N GLU N 125 63.59 18.21 11.91
CA GLU N 125 63.67 19.57 11.42
C GLU N 125 62.31 20.26 11.52
N GLY N 126 61.23 19.45 11.69
CA GLY N 126 59.87 19.98 11.55
C GLY N 126 59.44 20.92 12.66
N CYS N 127 60.14 20.86 13.81
CA CYS N 127 59.76 21.73 14.92
C CYS N 127 60.61 23.00 14.94
N ASP N 128 60.59 23.73 16.04
CA ASP N 128 61.40 24.89 16.30
C ASP N 128 62.89 24.51 16.32
N CYS N 129 63.28 23.73 17.32
CA CYS N 129 64.72 23.62 17.64
C CYS N 129 64.92 22.45 18.57
N LEU N 130 65.68 21.42 18.18
CA LEU N 130 65.65 20.11 18.83
C LEU N 130 66.60 20.08 20.03
N GLN N 131 66.29 19.23 20.98
CA GLN N 131 67.04 19.14 22.23
C GLN N 131 67.98 17.94 22.14
N GLY N 132 67.48 16.78 21.72
CA GLY N 132 68.34 15.62 21.61
C GLY N 132 67.63 14.47 20.91
N PHE N 133 68.34 13.34 20.91
CA PHE N 133 67.79 12.08 20.44
C PHE N 133 67.85 11.06 21.57
N GLN N 134 67.00 10.05 21.50
CA GLN N 134 67.16 8.88 22.33
C GLN N 134 67.00 7.62 21.49
N ILE N 135 67.95 6.70 21.65
CA ILE N 135 68.03 5.49 20.86
C ILE N 135 68.04 4.28 21.78
N THR N 136 67.15 3.33 21.53
CA THR N 136 67.10 2.11 22.33
C THR N 136 67.41 0.93 21.42
N HIS N 137 68.43 0.15 21.77
CA HIS N 137 68.91 -0.93 20.95
C HIS N 137 69.68 -1.95 21.80
N SER N 138 70.10 -3.01 21.13
CA SER N 138 70.84 -4.10 21.76
C SER N 138 72.22 -4.20 21.12
N LEU N 139 73.23 -4.55 21.90
CA LEU N 139 74.58 -4.67 21.37
C LEU N 139 75.01 -6.14 21.27
N GLY N 140 74.05 -7.03 21.14
CA GLY N 140 74.31 -8.45 20.94
C GLY N 140 73.88 -8.89 19.56
N GLY N 141 72.83 -8.23 19.00
CA GLY N 141 72.23 -8.67 17.77
C GLY N 141 72.89 -8.09 16.53
N GLY N 142 72.22 -8.27 15.39
CA GLY N 142 72.69 -7.76 14.13
C GLY N 142 72.14 -6.40 13.75
N THR N 143 70.84 -6.24 13.75
CA THR N 143 70.24 -4.99 13.28
C THR N 143 70.24 -3.93 14.39
N GLY N 144 70.24 -4.38 15.65
CA GLY N 144 70.24 -3.42 16.75
C GLY N 144 71.64 -2.85 17.03
N SER N 145 72.66 -3.69 16.74
CA SER N 145 74.03 -3.32 17.01
C SER N 145 74.66 -2.79 15.74
N GLY N 146 74.25 -3.26 14.55
CA GLY N 146 74.98 -2.92 13.33
C GLY N 146 74.40 -1.62 12.73
N MET N 147 73.10 -1.72 12.41
CA MET N 147 72.55 -0.56 11.71
C MET N 147 72.04 0.47 12.68
N GLY N 148 71.86 0.12 13.95
CA GLY N 148 71.54 1.04 15.02
C GLY N 148 72.70 2.04 15.24
N THR N 149 73.90 1.50 15.23
CA THR N 149 75.07 2.34 15.48
C THR N 149 75.46 3.09 14.21
N LEU N 150 75.07 2.60 13.06
CA LEU N 150 75.28 3.34 11.81
C LEU N 150 74.42 4.59 11.80
N LEU N 151 73.20 4.47 12.32
CA LEU N 151 72.34 5.63 12.44
C LEU N 151 72.93 6.65 13.41
N ILE N 152 73.57 6.17 14.48
CA ILE N 152 74.22 7.04 15.45
C ILE N 152 75.33 7.83 14.77
N SER N 153 76.10 7.18 13.88
CA SER N 153 77.17 7.85 13.18
C SER N 153 76.65 8.90 12.20
N LYS N 154 75.54 8.57 11.53
CA LYS N 154 75.01 9.46 10.51
C LYS N 154 74.30 10.68 11.11
N VAL N 155 73.61 10.48 12.23
CA VAL N 155 72.83 11.58 12.80
C VAL N 155 73.74 12.47 13.63
N ARG N 156 74.87 11.98 14.10
CA ARG N 156 75.86 12.83 14.75
C ARG N 156 76.52 13.78 13.74
N GLU N 157 76.70 13.31 12.51
CA GLU N 157 77.30 14.14 11.48
C GLU N 157 76.32 15.22 11.02
N GLU N 158 75.02 14.96 11.13
CA GLU N 158 74.02 15.92 10.71
C GLU N 158 73.75 16.94 11.84
N TYR N 159 73.70 16.46 13.08
CA TYR N 159 73.40 17.28 14.24
C TYR N 159 74.53 17.17 15.24
N PRO N 160 75.61 17.96 15.09
CA PRO N 160 76.82 17.72 15.89
C PRO N 160 76.75 18.20 17.34
N ASP N 161 75.92 19.22 17.59
CA ASP N 161 75.92 19.90 18.85
C ASP N 161 74.79 19.41 19.76
N ARG N 162 73.95 18.51 19.30
CA ARG N 162 72.79 18.08 20.07
C ARG N 162 73.19 16.81 20.80
N ILE N 163 72.53 16.59 21.95
CA ILE N 163 72.90 15.44 22.75
C ILE N 163 72.24 14.19 22.15
N MET N 164 72.84 13.05 22.49
CA MET N 164 72.42 11.79 21.90
C MET N 164 72.59 10.72 22.98
N GLU N 165 71.44 10.34 23.58
CA GLU N 165 71.47 9.38 24.67
C GLU N 165 70.99 8.00 24.19
N THR N 166 71.76 7.00 24.58
CA THR N 166 71.51 5.66 24.05
C THR N 166 71.34 4.66 25.18
N PHE N 167 70.25 3.91 25.13
CA PHE N 167 69.94 2.87 26.10
C PHE N 167 70.29 1.54 25.44
N SER N 168 71.46 1.02 25.77
CA SER N 168 71.95 -0.19 25.16
C SER N 168 71.99 -1.31 26.20
N VAL N 169 71.45 -2.47 25.80
CA VAL N 169 71.66 -3.64 26.61
C VAL N 169 72.94 -4.35 26.15
N PHE N 170 73.78 -4.72 27.10
CA PHE N 170 75.03 -5.35 26.79
C PHE N 170 74.83 -6.85 26.73
N PRO N 171 75.79 -7.60 26.14
CA PRO N 171 75.86 -9.03 26.39
C PRO N 171 75.88 -9.41 27.86
N SER N 172 75.23 -10.52 28.15
CA SER N 172 75.17 -11.09 29.48
C SER N 172 76.51 -11.74 29.83
N PRO N 173 76.94 -11.66 31.11
CA PRO N 173 78.25 -12.19 31.48
C PRO N 173 78.39 -13.71 31.40
N LYS N 174 77.48 -14.45 32.04
CA LYS N 174 77.73 -15.86 32.24
C LYS N 174 77.23 -16.67 31.04
N VAL N 175 75.93 -16.61 30.81
CA VAL N 175 75.26 -17.39 29.79
C VAL N 175 74.74 -16.41 28.74
N SER N 176 74.78 -16.80 27.49
CA SER N 176 74.68 -15.88 26.39
C SER N 176 73.68 -16.37 25.33
N ASP N 177 72.79 -15.51 24.90
CA ASP N 177 72.14 -15.69 23.62
C ASP N 177 73.14 -15.34 22.51
N THR N 178 72.89 -15.77 21.29
CA THR N 178 73.48 -15.22 20.07
C THR N 178 75.01 -15.28 20.14
N VAL N 179 75.54 -16.50 19.94
CA VAL N 179 76.89 -16.92 20.30
C VAL N 179 77.97 -15.93 19.89
N VAL N 180 77.76 -15.21 18.79
CA VAL N 180 78.65 -14.11 18.47
C VAL N 180 78.13 -12.83 19.14
N GLU N 181 78.27 -12.81 20.48
CA GLU N 181 78.09 -11.60 21.26
C GLU N 181 79.35 -10.73 21.26
N PRO N 182 80.55 -11.22 21.59
CA PRO N 182 81.68 -10.31 21.75
C PRO N 182 82.13 -9.67 20.44
N TYR N 183 81.87 -10.34 19.29
CA TYR N 183 82.14 -9.70 18.02
C TYR N 183 81.21 -8.50 17.77
N ASN N 184 79.96 -8.66 18.12
CA ASN N 184 78.99 -7.59 17.89
C ASN N 184 79.21 -6.45 18.88
N ALA N 185 79.55 -6.80 20.13
CA ALA N 185 79.68 -5.81 21.19
C ALA N 185 80.93 -4.96 20.97
N THR N 186 82.08 -5.61 20.67
CA THR N 186 83.32 -4.88 20.59
C THR N 186 83.34 -3.99 19.36
N LEU N 187 82.76 -4.48 18.25
CA LEU N 187 82.68 -3.67 17.04
C LEU N 187 81.74 -2.50 17.19
N SER N 188 80.75 -2.62 18.10
CA SER N 188 79.81 -1.54 18.27
C SER N 188 80.33 -0.48 19.22
N VAL N 189 81.10 -0.91 20.23
CA VAL N 189 81.52 0.03 21.25
C VAL N 189 82.58 0.97 20.70
N HIS N 190 83.46 0.53 19.77
CA HIS N 190 84.60 1.38 19.48
C HIS N 190 84.18 2.61 18.68
N GLN N 191 83.04 2.57 18.04
CA GLN N 191 82.59 3.78 17.34
C GLN N 191 81.33 4.23 18.07
N LEU N 192 80.86 3.61 19.17
CA LEU N 192 79.91 4.25 20.06
C LEU N 192 80.61 5.08 21.13
N VAL N 193 81.92 4.86 21.35
CA VAL N 193 82.67 5.72 22.23
C VAL N 193 82.96 7.08 21.58
N GLU N 194 82.98 7.08 20.22
CA GLU N 194 83.33 8.28 19.51
C GLU N 194 82.10 8.92 18.93
N ASN N 195 80.91 8.36 19.01
CA ASN N 195 79.75 8.97 18.40
C ASN N 195 78.56 9.17 19.32
N ALA N 196 78.66 8.77 20.60
CA ALA N 196 77.48 8.85 21.46
C ALA N 196 77.80 9.66 22.71
N ASP N 197 76.84 10.47 23.12
CA ASP N 197 77.14 11.52 24.10
C ASP N 197 76.99 10.98 25.54
N GLU N 198 75.99 10.18 25.78
CA GLU N 198 75.80 9.49 27.04
C GLU N 198 75.14 8.14 26.73
N VAL N 199 75.70 7.10 27.31
CA VAL N 199 75.41 5.72 27.03
C VAL N 199 75.09 5.04 28.36
N GLN N 200 73.94 4.40 28.43
CA GLN N 200 73.44 3.87 29.69
C GLN N 200 73.31 2.37 29.52
N VAL N 201 73.94 1.65 30.42
CA VAL N 201 74.17 0.22 30.26
C VAL N 201 73.09 -0.53 31.04
N ILE N 202 72.54 -1.57 30.39
CA ILE N 202 71.58 -2.47 30.96
C ILE N 202 72.09 -3.89 30.72
N ASP N 203 71.94 -4.78 31.67
CA ASP N 203 72.22 -6.19 31.52
C ASP N 203 70.96 -6.96 31.84
N ASN N 204 70.77 -8.06 31.12
CA ASN N 204 69.60 -8.91 31.34
C ASN N 204 69.79 -9.67 32.65
N GLU N 205 71.01 -10.05 33.01
CA GLU N 205 71.19 -10.87 34.19
C GLU N 205 71.02 -10.01 35.44
N ALA N 206 71.28 -8.68 35.34
CA ALA N 206 71.00 -7.84 36.48
C ALA N 206 69.48 -7.70 36.65
N LEU N 207 68.75 -7.65 35.54
CA LEU N 207 67.30 -7.50 35.58
C LEU N 207 66.65 -8.78 36.13
N TYR N 208 67.22 -9.95 35.80
CA TYR N 208 66.73 -11.20 36.34
C TYR N 208 66.97 -11.27 37.83
N ASP N 209 68.11 -10.73 38.28
CA ASP N 209 68.44 -10.75 39.70
C ASP N 209 67.47 -9.86 40.49
N ILE N 210 67.09 -8.72 39.88
CA ILE N 210 66.15 -7.81 40.53
C ILE N 210 64.79 -8.48 40.65
N CYS N 211 64.35 -9.15 39.58
CA CYS N 211 63.03 -9.74 39.55
C CYS N 211 62.97 -11.00 40.42
N PHE N 212 64.10 -11.61 40.78
CA PHE N 212 64.07 -12.76 41.66
C PHE N 212 64.10 -12.32 43.12
N ARG N 213 65.10 -11.51 43.45
CA ARG N 213 65.49 -11.29 44.84
C ARG N 213 64.73 -10.12 45.45
N THR N 214 64.31 -9.11 44.67
CA THR N 214 63.67 -7.96 45.25
C THR N 214 62.17 -7.98 44.98
N LEU N 215 61.80 -8.11 43.70
CA LEU N 215 60.40 -8.11 43.32
C LEU N 215 59.74 -9.45 43.64
N LYS N 216 60.53 -10.51 43.78
CA LYS N 216 60.06 -11.84 44.11
C LYS N 216 58.99 -12.35 43.16
N LEU N 217 59.15 -12.05 41.88
CA LEU N 217 58.23 -12.49 40.84
C LEU N 217 58.72 -13.88 40.41
N THR N 218 57.77 -14.80 40.31
CA THR N 218 58.08 -16.20 40.04
C THR N 218 58.44 -16.43 38.58
N THR N 219 57.68 -15.77 37.69
CA THR N 219 57.82 -15.95 36.25
C THR N 219 57.96 -14.59 35.59
N PRO N 220 59.17 -13.99 35.59
CA PRO N 220 59.37 -12.73 34.88
C PRO N 220 59.55 -12.93 33.38
N THR N 221 58.61 -12.37 32.59
CA THR N 221 58.74 -12.44 31.15
C THR N 221 59.53 -11.21 30.68
N TYR N 222 59.69 -11.09 29.37
CA TYR N 222 60.28 -9.91 28.80
C TYR N 222 59.41 -8.68 28.94
N GLY N 223 58.11 -8.88 29.15
CA GLY N 223 57.18 -7.80 29.42
C GLY N 223 57.52 -7.10 30.73
N ASP N 224 57.90 -7.86 31.74
CA ASP N 224 58.15 -7.30 33.04
C ASP N 224 59.55 -6.69 33.11
N LEU N 225 60.51 -7.28 32.37
CA LEU N 225 61.86 -6.73 32.34
C LEU N 225 61.87 -5.37 31.62
N ASN N 226 61.13 -5.28 30.52
CA ASN N 226 61.05 -4.04 29.75
C ASN N 226 60.33 -2.95 30.52
N HIS N 227 59.42 -3.35 31.42
CA HIS N 227 58.69 -2.40 32.22
C HIS N 227 59.62 -1.71 33.22
N LEU N 228 60.62 -2.46 33.70
CA LEU N 228 61.57 -1.94 34.66
C LEU N 228 62.53 -0.96 33.98
N VAL N 229 62.96 -1.28 32.76
CA VAL N 229 63.85 -0.40 32.04
C VAL N 229 63.10 0.87 31.62
N SER N 230 61.81 0.72 31.27
CA SER N 230 61.02 1.86 30.88
C SER N 230 60.80 2.82 32.05
N ALA N 231 60.73 2.27 33.28
CA ALA N 231 60.55 3.10 34.45
C ALA N 231 61.75 4.01 34.67
N ALA N 232 62.95 3.46 34.44
CA ALA N 232 64.17 4.22 34.62
C ALA N 232 64.34 5.23 33.49
N MET N 233 63.86 4.86 32.28
CA MET N 233 64.00 5.75 31.14
C MET N 233 63.09 6.95 31.27
N SER N 234 61.94 6.78 31.92
CA SER N 234 61.03 7.92 32.16
C SER N 234 61.58 8.81 33.26
N GLY N 235 62.34 8.24 34.19
CA GLY N 235 62.83 9.04 35.32
C GLY N 235 63.94 10.01 34.92
N VAL N 236 64.67 9.69 33.84
CA VAL N 236 65.78 10.53 33.44
C VAL N 236 65.27 11.79 32.73
N THR N 237 64.06 11.73 32.19
CA THR N 237 63.44 12.88 31.52
C THR N 237 62.21 13.34 32.30
N CYS N 238 62.19 13.20 33.60
CA CYS N 238 61.16 13.77 34.47
C CYS N 238 61.12 15.29 34.39
N CYS N 239 62.32 15.89 34.42
CA CYS N 239 62.43 17.33 34.59
C CYS N 239 62.02 18.07 33.31
N LEU N 240 62.12 17.39 32.17
CA LEU N 240 61.74 18.05 30.93
C LEU N 240 60.22 18.21 30.88
N ARG N 241 59.49 17.21 31.43
CA ARG N 241 58.08 17.08 31.20
C ARG N 241 57.28 17.64 32.34
N PHE N 242 57.87 17.85 33.52
CA PHE N 242 57.13 18.32 34.69
C PHE N 242 57.96 19.34 35.41
N PRO N 243 57.34 20.27 36.14
CA PRO N 243 58.09 21.25 36.94
C PRO N 243 58.71 20.62 38.18
N GLY N 244 59.58 21.37 38.82
CA GLY N 244 60.33 20.82 39.95
C GLY N 244 60.99 21.93 40.76
N GLN N 245 61.37 21.60 42.00
CA GLN N 245 62.06 22.51 42.87
C GLN N 245 63.50 22.70 42.45
N LEU N 246 64.16 21.60 42.01
CA LEU N 246 65.51 21.75 41.50
C LEU N 246 65.62 21.05 40.15
N ASN N 247 65.56 21.84 39.09
CA ASN N 247 65.36 21.28 37.74
C ASN N 247 66.70 20.89 37.17
N SER N 248 66.69 19.86 36.30
CA SER N 248 67.91 19.31 35.73
C SER N 248 67.56 18.59 34.46
N ASP N 249 67.95 19.10 33.28
CA ASP N 249 67.71 18.51 32.00
C ASP N 249 68.71 17.39 31.72
N LEU N 250 68.70 16.90 30.50
CA LEU N 250 69.60 15.81 30.13
C LEU N 250 71.03 16.35 30.00
N ARG N 251 71.17 17.59 29.48
CA ARG N 251 72.51 18.13 29.32
C ARG N 251 73.06 18.58 30.66
N LYS N 252 72.18 18.92 31.61
CA LYS N 252 72.61 19.21 32.96
C LYS N 252 73.19 17.97 33.61
N LEU N 253 72.62 16.81 33.31
CA LEU N 253 73.12 15.54 33.83
C LEU N 253 74.44 15.17 33.16
N ALA N 254 74.61 15.55 31.89
CA ALA N 254 75.81 15.20 31.14
C ALA N 254 77.04 15.96 31.64
N VAL N 255 76.87 17.24 31.93
CA VAL N 255 77.97 18.08 32.38
C VAL N 255 78.39 17.72 33.79
N ASN N 256 77.45 17.18 34.56
CA ASN N 256 77.66 16.84 35.96
C ASN N 256 78.18 15.40 36.16
N LEU N 257 78.13 14.58 35.10
CA LEU N 257 78.54 13.21 35.25
C LEU N 257 79.90 12.87 34.64
N ILE N 258 80.24 13.43 33.47
CA ILE N 258 81.35 12.87 32.71
C ILE N 258 82.57 13.77 32.85
N PRO N 259 83.62 13.37 33.57
CA PRO N 259 84.76 14.24 33.74
C PRO N 259 85.66 14.33 32.51
N PHE N 260 85.82 13.21 31.79
CA PHE N 260 86.66 13.17 30.60
C PHE N 260 85.87 12.61 29.43
N PRO N 261 86.06 13.10 28.21
CA PRO N 261 85.11 12.84 27.12
C PRO N 261 85.01 11.40 26.65
N ARG N 262 86.02 10.57 26.96
CA ARG N 262 86.05 9.21 26.48
C ARG N 262 85.09 8.31 27.30
N LEU N 263 84.91 8.65 28.58
CA LEU N 263 84.18 7.77 29.45
C LEU N 263 82.79 8.35 29.71
N HIS N 264 81.79 7.72 29.07
CA HIS N 264 80.42 8.19 29.27
C HIS N 264 79.45 6.99 29.38
N PHE N 265 79.89 5.96 30.09
CA PHE N 265 79.09 4.75 30.27
C PHE N 265 78.57 4.73 31.70
N PHE N 266 77.24 4.59 31.80
CA PHE N 266 76.57 4.81 33.04
C PHE N 266 75.86 3.56 33.52
N LEU N 267 75.70 3.49 34.87
CA LEU N 267 74.91 2.46 35.46
C LEU N 267 73.56 3.04 35.86
N ILE N 268 72.48 2.32 35.62
CA ILE N 268 71.14 2.77 35.96
C ILE N 268 70.52 1.94 37.08
N GLY N 269 69.86 2.61 38.02
CA GLY N 269 69.13 1.98 39.10
C GLY N 269 67.78 2.63 39.31
N PHE N 270 66.86 1.87 39.92
CA PHE N 270 65.55 2.40 40.21
C PHE N 270 65.14 1.99 41.63
N ALA N 271 64.46 2.92 42.32
CA ALA N 271 63.89 2.63 43.62
C ALA N 271 62.63 3.47 43.76
N PRO N 272 61.62 3.04 44.51
CA PRO N 272 61.59 1.77 45.29
C PRO N 272 61.12 0.58 44.48
N LEU N 273 61.51 -0.60 44.88
CA LEU N 273 61.14 -1.85 44.23
C LEU N 273 60.84 -2.87 45.31
N THR N 274 59.53 -3.08 45.54
CA THR N 274 59.06 -4.00 46.54
C THR N 274 58.08 -4.98 45.92
N SER N 275 58.00 -6.17 46.52
CA SER N 275 57.06 -7.20 46.11
C SER N 275 55.65 -6.76 46.46
N ARG N 276 54.67 -7.49 45.94
CA ARG N 276 53.27 -7.25 46.29
C ARG N 276 53.00 -7.50 47.77
N GLY N 277 53.65 -8.53 48.31
CA GLY N 277 53.57 -8.89 49.71
C GLY N 277 54.10 -7.81 50.66
N SER N 278 55.21 -7.23 50.29
CA SER N 278 55.97 -6.31 51.16
C SER N 278 55.67 -4.87 50.82
N GLN N 279 54.63 -4.61 50.01
CA GLN N 279 54.28 -3.24 49.65
C GLN N 279 53.76 -2.46 50.85
N GLN N 280 52.97 -3.14 51.67
CA GLN N 280 52.29 -2.46 52.76
C GLN N 280 53.16 -2.41 54.01
N TYR N 281 54.30 -3.05 54.02
CA TYR N 281 55.15 -3.11 55.20
C TYR N 281 56.34 -2.13 55.14
N ARG N 282 56.52 -1.45 54.00
CA ARG N 282 57.79 -0.74 53.85
C ARG N 282 57.60 0.76 54.01
N ALA N 283 58.45 1.40 54.80
CA ALA N 283 58.76 2.81 54.86
C ALA N 283 59.13 3.51 53.55
N LEU N 284 58.30 4.38 53.04
CA LEU N 284 58.74 5.24 51.94
C LEU N 284 59.19 6.58 52.46
N SER N 285 60.45 6.86 52.51
CA SER N 285 61.01 8.15 52.90
C SER N 285 62.34 8.32 52.23
N VAL N 286 62.90 9.51 52.24
CA VAL N 286 64.13 9.82 51.53
C VAL N 286 65.31 8.99 52.06
N PRO N 287 65.52 8.81 53.38
CA PRO N 287 66.71 8.03 53.80
C PRO N 287 66.67 6.57 53.42
N GLU N 288 65.49 5.96 53.36
CA GLU N 288 65.39 4.56 52.96
C GLU N 288 65.62 4.40 51.44
N LEU N 289 65.18 5.43 50.70
CA LEU N 289 65.18 5.38 49.26
C LEU N 289 66.58 5.45 48.75
N THR N 290 67.42 6.27 49.39
CA THR N 290 68.83 6.41 48.99
C THR N 290 69.61 5.15 49.34
N GLN N 291 69.16 4.36 50.32
CA GLN N 291 69.83 3.14 50.68
C GLN N 291 69.56 2.04 49.68
N GLN N 292 68.33 2.01 49.12
CA GLN N 292 68.05 1.02 48.09
C GLN N 292 68.72 1.41 46.77
N MET N 293 68.92 2.71 46.55
CA MET N 293 69.52 3.23 45.35
C MET N 293 71.02 2.86 45.26
N PHE N 294 71.73 2.94 46.39
CA PHE N 294 73.12 2.57 46.47
C PHE N 294 73.25 1.13 46.94
N ASP N 295 72.70 0.20 46.15
CA ASP N 295 72.89 -1.20 46.41
C ASP N 295 73.36 -1.85 45.13
N ALA N 296 74.29 -2.80 45.25
CA ALA N 296 74.65 -3.66 44.14
C ALA N 296 73.49 -4.51 43.64
N LYS N 297 72.56 -4.83 44.56
CA LYS N 297 71.42 -5.66 44.23
C LYS N 297 70.36 -4.90 43.44
N ASN N 298 70.49 -3.57 43.31
CA ASN N 298 69.47 -2.79 42.63
C ASN N 298 69.97 -2.21 41.32
N MET N 299 71.26 -2.35 41.02
CA MET N 299 71.81 -1.74 39.83
C MET N 299 71.46 -2.60 38.62
N MET N 300 71.17 -1.93 37.50
CA MET N 300 70.71 -2.66 36.32
C MET N 300 71.88 -3.08 35.44
N CYS N 301 73.12 -2.95 35.93
CA CYS N 301 74.27 -3.62 35.33
C CYS N 301 74.84 -4.61 36.35
N ALA N 302 75.16 -5.81 35.87
CA ALA N 302 75.58 -6.89 36.78
C ALA N 302 77.07 -6.78 37.08
N SER N 303 77.51 -5.57 37.44
CA SER N 303 78.88 -5.33 37.81
C SER N 303 78.86 -4.67 39.19
N ASP N 304 79.60 -5.29 40.13
CA ASP N 304 79.57 -4.88 41.49
C ASP N 304 80.24 -3.54 41.68
N PRO N 305 79.52 -2.47 42.09
CA PRO N 305 80.10 -1.16 42.28
C PRO N 305 81.10 -1.03 43.43
N ARG N 306 81.10 -2.00 44.33
CA ARG N 306 82.00 -1.93 45.47
C ARG N 306 83.43 -2.32 45.08
N HIS N 307 83.61 -2.89 43.90
CA HIS N 307 84.95 -3.24 43.43
C HIS N 307 85.69 -2.06 42.85
N GLY N 308 84.98 -0.93 42.61
CA GLY N 308 85.58 0.27 42.07
C GLY N 308 85.19 1.49 42.89
N ARG N 309 85.29 2.67 42.29
CA ARG N 309 84.92 3.93 42.89
C ARG N 309 83.90 4.59 41.96
N TYR N 310 82.89 5.19 42.56
CA TYR N 310 82.01 6.11 41.83
C TYR N 310 82.80 7.36 41.53
N LEU N 311 83.01 7.64 40.24
CA LEU N 311 83.68 8.87 39.82
C LEU N 311 82.74 10.05 40.08
N THR N 312 81.50 9.97 39.56
CA THR N 312 80.45 10.89 39.96
C THR N 312 79.15 10.12 39.75
N ALA N 313 78.14 10.42 40.59
CA ALA N 313 76.84 9.85 40.46
C ALA N 313 75.76 10.92 40.59
N SER N 314 74.58 10.60 40.08
CA SER N 314 73.47 11.56 40.12
C SER N 314 72.18 10.80 40.45
N ALA N 315 71.30 11.50 41.14
CA ALA N 315 70.06 10.95 41.63
C ALA N 315 68.94 11.92 41.34
N MET N 316 68.03 11.47 40.45
CA MET N 316 66.89 12.27 40.02
C MET N 316 65.70 11.79 40.82
N PHE N 317 65.35 12.56 41.82
CA PHE N 317 64.27 12.21 42.73
C PHE N 317 62.98 12.77 42.11
N ARG N 318 61.88 12.09 42.41
CA ARG N 318 60.58 12.50 41.92
C ARG N 318 59.56 12.41 43.05
N GLY N 319 58.78 13.50 43.22
CA GLY N 319 57.76 13.55 44.23
C GLY N 319 57.87 14.76 45.14
N ARG N 320 56.83 14.97 45.94
CA ARG N 320 56.79 16.07 46.89
C ARG N 320 57.62 15.75 48.13
N MET N 321 58.80 16.32 48.23
CA MET N 321 59.73 15.89 49.26
C MET N 321 60.56 17.07 49.70
N SER N 322 61.23 16.91 50.86
CA SER N 322 61.92 18.04 51.45
C SER N 322 63.37 18.02 50.98
N THR N 323 63.89 19.20 50.67
CA THR N 323 65.17 19.27 50.00
C THR N 323 66.36 19.16 50.93
N LYS N 324 66.14 19.31 52.24
CA LYS N 324 67.19 19.01 53.19
C LYS N 324 67.47 17.52 53.22
N GLU N 325 66.45 16.68 53.22
CA GLU N 325 66.72 15.25 53.19
C GLU N 325 67.30 14.82 51.83
N VAL N 326 66.99 15.60 50.79
CA VAL N 326 67.61 15.39 49.51
C VAL N 326 69.07 15.80 49.58
N ASP N 327 69.43 16.77 50.42
CA ASP N 327 70.80 17.23 50.51
C ASP N 327 71.58 16.35 51.49
N GLU N 328 70.99 16.10 52.67
CA GLU N 328 71.78 15.59 53.79
C GLU N 328 72.09 14.12 53.59
N GLN N 329 71.21 13.38 52.91
CA GLN N 329 71.45 11.97 52.65
C GLN N 329 72.59 11.80 51.63
N MET N 330 72.73 12.72 50.68
CA MET N 330 73.83 12.65 49.76
C MET N 330 75.14 13.01 50.44
N LEU N 331 75.07 13.82 51.49
CA LEU N 331 76.24 14.05 52.34
C LEU N 331 76.51 12.80 53.20
N ASN N 332 75.44 12.13 53.64
CA ASN N 332 75.55 11.00 54.52
C ASN N 332 76.25 9.83 53.85
N VAL N 333 75.96 9.63 52.54
CA VAL N 333 76.55 8.53 51.84
C VAL N 333 78.05 8.79 51.58
N GLN N 334 78.44 10.04 51.43
CA GLN N 334 79.83 10.33 51.16
C GLN N 334 80.67 10.23 52.42
N ASN N 335 80.05 10.48 53.58
CA ASN N 335 80.74 10.33 54.85
C ASN N 335 80.80 8.86 55.25
N LYS N 336 79.73 8.09 55.02
CA LYS N 336 79.71 6.71 55.47
C LYS N 336 80.51 5.81 54.55
N ASN N 337 80.23 5.88 53.28
CA ASN N 337 80.90 5.05 52.27
C ASN N 337 81.98 5.97 51.68
N SER N 338 83.02 6.21 52.52
CA SER N 338 84.12 7.06 52.10
C SER N 338 84.99 6.41 51.03
N SER N 339 85.14 5.09 51.09
CA SER N 339 86.09 4.39 50.22
C SER N 339 85.51 4.20 48.82
N TYR N 340 84.20 4.35 48.65
CA TYR N 340 83.59 3.99 47.37
C TYR N 340 83.45 5.22 46.45
N PHE N 341 83.95 6.37 46.91
CA PHE N 341 83.92 7.58 46.12
C PHE N 341 85.33 8.08 45.90
N VAL N 342 85.52 8.77 44.78
CA VAL N 342 86.84 9.22 44.39
C VAL N 342 87.15 10.52 45.13
N GLU N 343 88.45 10.75 45.40
CA GLU N 343 88.81 11.77 46.39
C GLU N 343 89.05 13.12 45.76
N TRP N 344 89.56 13.15 44.49
CA TRP N 344 89.90 14.42 43.90
C TRP N 344 88.69 15.10 43.26
N ILE N 345 87.50 14.52 43.37
CA ILE N 345 86.29 15.25 43.01
C ILE N 345 85.44 15.49 44.25
N PRO N 346 85.40 16.71 44.80
CA PRO N 346 84.65 16.92 46.03
C PRO N 346 83.17 17.00 45.74
N ASN N 347 82.34 16.48 46.65
CA ASN N 347 80.90 16.32 46.48
C ASN N 347 80.58 15.65 45.14
N ASN N 348 80.88 14.36 45.08
CA ASN N 348 80.62 13.55 43.90
C ASN N 348 79.15 13.34 43.51
N MET N 349 78.22 13.65 44.43
CA MET N 349 76.83 13.34 44.17
C MET N 349 76.05 14.57 43.69
N LYS N 350 75.15 14.31 42.74
CA LYS N 350 74.30 15.34 42.17
C LYS N 350 72.86 14.97 42.46
N SER N 351 72.07 15.96 42.90
CA SER N 351 70.68 15.76 43.24
C SER N 351 69.79 16.66 42.41
N SER N 352 68.58 16.17 42.17
CA SER N 352 67.58 16.88 41.38
C SER N 352 66.22 16.44 41.88
N VAL N 353 65.31 17.39 42.04
CA VAL N 353 63.98 17.11 42.56
C VAL N 353 62.96 17.50 41.50
N CYS N 354 62.19 16.54 41.05
CA CYS N 354 61.04 16.74 40.17
C CYS N 354 59.80 16.49 41.01
N ASP N 355 58.76 17.31 40.85
CA ASP N 355 57.67 17.40 41.77
C ASP N 355 56.55 16.43 41.45
N ILE N 356 56.57 15.74 40.30
CA ILE N 356 55.48 14.85 39.94
C ILE N 356 55.97 13.41 40.00
N PRO N 357 55.49 12.61 40.97
CA PRO N 357 56.01 11.25 41.11
C PRO N 357 55.34 10.37 40.05
N PRO N 358 55.88 9.17 39.79
CA PRO N 358 55.19 8.22 38.92
C PRO N 358 53.91 7.72 39.58
N LYS N 359 53.01 7.21 38.73
CA LYS N 359 51.65 6.92 39.14
C LYS N 359 51.62 5.76 40.13
N GLY N 360 50.96 6.01 41.27
CA GLY N 360 50.78 4.99 42.29
C GLY N 360 51.81 5.13 43.42
N LEU N 361 52.94 5.79 43.18
CA LEU N 361 53.93 5.92 44.24
C LEU N 361 54.02 7.37 44.69
N LYS N 362 54.36 7.54 45.98
CA LYS N 362 54.44 8.91 46.47
C LYS N 362 55.80 9.54 46.15
N MET N 363 56.80 8.71 45.94
CA MET N 363 58.19 9.13 45.85
C MET N 363 58.96 8.06 45.09
N SER N 364 59.86 8.48 44.22
CA SER N 364 60.70 7.56 43.47
C SER N 364 61.99 8.24 43.10
N VAL N 365 63.00 7.44 42.74
CA VAL N 365 64.28 7.96 42.35
C VAL N 365 64.82 7.07 41.22
N THR N 366 65.52 7.74 40.30
CA THR N 366 66.35 7.05 39.34
C THR N 366 67.81 7.44 39.58
N PHE N 367 68.68 6.44 39.52
CA PHE N 367 70.07 6.64 39.78
C PHE N 367 70.88 6.44 38.51
N VAL N 368 71.70 7.42 38.17
CA VAL N 368 72.65 7.29 37.08
C VAL N 368 74.03 7.52 37.67
N GLY N 369 74.89 6.51 37.59
CA GLY N 369 76.21 6.65 38.18
C GLY N 369 77.34 6.29 37.21
N ASN N 370 78.34 7.18 37.18
CA ASN N 370 79.52 6.94 36.38
C ASN N 370 80.57 6.28 37.26
N SER N 371 80.65 4.94 37.20
CA SER N 371 81.56 4.21 38.05
C SER N 371 82.69 3.63 37.22
N THR N 372 83.82 3.37 37.89
CA THR N 372 84.94 2.67 37.31
C THR N 372 84.83 1.16 37.53
N ALA N 373 83.70 0.70 38.04
CA ALA N 373 83.35 -0.71 38.08
C ALA N 373 82.81 -1.17 36.75
N ILE N 374 82.62 -0.29 35.78
CA ILE N 374 82.19 -0.71 34.45
C ILE N 374 83.38 -1.27 33.63
N GLN N 375 84.57 -1.15 34.21
CA GLN N 375 85.71 -1.76 33.54
C GLN N 375 85.66 -3.23 33.71
N GLU N 376 84.89 -3.81 34.63
CA GLU N 376 84.82 -5.27 34.81
C GLU N 376 84.13 -5.90 33.60
N MET N 377 83.16 -5.18 33.02
CA MET N 377 82.45 -5.71 31.87
C MET N 377 83.28 -5.52 30.62
N PHE N 378 83.97 -4.39 30.49
CA PHE N 378 84.79 -4.16 29.32
C PHE N 378 85.98 -5.12 29.25
N LYS N 379 86.50 -5.49 30.41
CA LYS N 379 87.57 -6.48 30.47
C LYS N 379 87.04 -7.86 30.09
N ARG N 380 85.81 -8.17 30.55
CA ARG N 380 85.25 -9.49 30.40
C ARG N 380 84.91 -9.77 28.92
N VAL N 381 84.34 -8.74 28.28
CA VAL N 381 83.96 -8.97 26.89
C VAL N 381 85.18 -8.83 26.02
N SER N 382 86.24 -8.07 26.46
CA SER N 382 87.49 -8.07 25.73
C SER N 382 88.14 -9.46 25.77
N ASP N 383 88.09 -10.16 26.92
CA ASP N 383 88.70 -11.45 26.99
C ASP N 383 87.96 -12.51 26.17
N GLN N 384 86.65 -12.38 26.10
CA GLN N 384 85.85 -13.26 25.27
C GLN N 384 86.11 -12.95 23.79
N PHE N 385 86.36 -11.66 23.47
CA PHE N 385 86.64 -11.31 22.11
C PHE N 385 88.02 -11.80 21.68
N THR N 386 88.99 -11.66 22.59
CA THR N 386 90.35 -12.03 22.27
C THR N 386 90.51 -13.51 22.22
N ALA N 387 89.67 -14.27 22.93
CA ALA N 387 89.71 -15.74 22.87
C ALA N 387 89.30 -16.23 21.49
N MET N 388 88.29 -15.61 20.93
CA MET N 388 87.74 -16.09 19.65
C MET N 388 88.52 -15.52 18.46
N PHE N 389 89.12 -14.34 18.62
CA PHE N 389 89.79 -13.68 17.52
C PHE N 389 91.18 -14.24 17.22
N ARG N 390 91.82 -14.83 18.23
CA ARG N 390 93.14 -15.42 18.04
C ARG N 390 93.04 -16.63 17.10
N ARG N 391 91.91 -17.36 17.20
CA ARG N 391 91.71 -18.53 16.38
C ARG N 391 90.81 -18.21 15.18
N LYS N 392 90.42 -16.94 14.99
CA LYS N 392 89.68 -16.53 13.81
C LYS N 392 88.36 -17.29 13.65
N ALA N 393 87.68 -17.50 14.77
CA ALA N 393 86.39 -18.18 14.76
C ALA N 393 85.32 -17.21 14.29
N PHE N 394 84.39 -17.71 13.44
CA PHE N 394 83.24 -17.01 12.94
C PHE N 394 83.59 -15.69 12.24
N LEU N 395 84.83 -15.56 11.73
CA LEU N 395 85.26 -14.28 11.20
C LEU N 395 84.81 -14.07 9.75
N HIS N 396 84.65 -15.14 9.02
CA HIS N 396 84.43 -14.96 7.56
C HIS N 396 82.98 -14.69 7.32
N TRP N 397 82.08 -14.67 8.29
CA TRP N 397 80.79 -14.02 8.21
C TRP N 397 80.87 -12.52 8.47
N TYR N 398 81.98 -11.93 8.62
CA TYR N 398 82.22 -10.51 8.65
C TYR N 398 83.22 -10.09 7.59
N THR N 399 84.23 -10.91 7.39
CA THR N 399 85.28 -10.70 6.39
C THR N 399 84.71 -10.81 4.97
N GLY N 400 83.69 -11.67 4.84
CA GLY N 400 83.15 -11.95 3.52
C GLY N 400 82.29 -10.81 2.93
N GLU N 401 81.80 -9.95 3.87
CA GLU N 401 80.92 -8.89 3.38
C GLU N 401 81.58 -7.52 3.56
N GLY N 402 82.91 -7.51 3.43
CA GLY N 402 83.70 -6.30 3.18
C GLY N 402 84.34 -5.67 4.43
N MET N 403 84.29 -6.39 5.56
CA MET N 403 84.94 -5.81 6.74
C MET N 403 86.27 -6.51 6.90
N ASP N 404 87.39 -5.75 6.74
CA ASP N 404 88.67 -6.37 6.71
C ASP N 404 89.22 -6.62 8.13
N GLU N 405 90.40 -7.19 8.17
CA GLU N 405 91.01 -7.72 9.36
C GLU N 405 91.43 -6.60 10.32
N MET N 406 91.76 -5.40 9.73
CA MET N 406 92.39 -4.37 10.55
C MET N 406 91.38 -3.70 11.48
N GLU N 407 90.07 -3.70 11.09
CA GLU N 407 89.12 -3.00 11.94
C GLU N 407 88.82 -3.80 13.20
N PHE N 408 89.05 -5.09 13.20
CA PHE N 408 88.87 -5.88 14.43
C PHE N 408 89.98 -5.55 15.44
N THR N 409 91.21 -5.40 14.94
CA THR N 409 92.33 -5.07 15.78
C THR N 409 92.19 -3.66 16.32
N GLU N 410 91.63 -2.76 15.50
CA GLU N 410 91.36 -1.38 15.93
C GLU N 410 90.29 -1.38 17.00
N ALA N 411 89.29 -2.25 16.88
CA ALA N 411 88.19 -2.30 17.84
C ALA N 411 88.70 -2.76 19.20
N GLU N 412 89.59 -3.75 19.20
CA GLU N 412 90.16 -4.25 20.44
C GLU N 412 91.07 -3.22 21.08
N SER N 413 91.84 -2.50 20.26
CA SER N 413 92.76 -1.49 20.76
C SER N 413 91.99 -0.30 21.35
N ASN N 414 90.89 0.08 20.72
CA ASN N 414 90.08 1.19 21.12
C ASN N 414 89.26 0.88 22.33
N MET N 415 89.10 -0.40 22.75
CA MET N 415 88.35 -0.79 23.90
C MET N 415 89.28 -1.24 25.05
N ASN N 416 90.46 -1.79 24.74
CA ASN N 416 91.42 -2.09 25.77
C ASN N 416 92.00 -0.82 26.39
N ASP N 417 92.11 0.23 25.59
CA ASP N 417 92.54 1.51 26.14
C ASP N 417 91.46 2.11 27.03
N LEU N 418 90.19 1.82 26.76
CA LEU N 418 89.11 2.29 27.62
C LEU N 418 89.16 1.60 28.98
N VAL N 419 89.59 0.33 29.00
CA VAL N 419 89.75 -0.36 30.26
C VAL N 419 90.91 0.26 31.05
N SER N 420 91.98 0.63 30.33
CA SER N 420 93.17 1.15 30.96
C SER N 420 92.93 2.54 31.55
N GLU N 421 92.08 3.32 30.88
CA GLU N 421 91.80 4.68 31.32
C GLU N 421 90.93 4.68 32.57
N TYR N 422 90.05 3.69 32.72
CA TYR N 422 89.29 3.54 33.95
C TYR N 422 90.18 3.14 35.12
N GLN N 423 91.21 2.33 34.84
CA GLN N 423 92.17 1.95 35.86
C GLN N 423 93.02 3.14 36.30
N GLN N 424 93.21 4.11 35.39
CA GLN N 424 94.02 5.28 35.66
C GLN N 424 93.42 6.15 36.77
N TYR N 425 92.08 6.16 36.88
CA TYR N 425 91.41 6.96 37.87
C TYR N 425 90.85 6.12 39.00
N GLN N 426 91.40 4.97 39.26
CA GLN N 426 90.79 4.00 40.18
C GLN N 426 91.25 4.21 41.65
N MET O 1 35.51 39.88 -20.34
CA MET O 1 36.68 39.78 -19.45
C MET O 1 37.73 38.88 -20.09
N ARG O 2 38.40 38.09 -19.23
CA ARG O 2 39.44 37.16 -19.68
C ARG O 2 38.88 35.74 -19.79
N GLU O 3 39.19 35.12 -20.93
CA GLU O 3 38.56 33.86 -21.31
C GLU O 3 39.60 32.88 -21.78
N ILE O 4 39.46 31.61 -21.39
CA ILE O 4 40.40 30.58 -21.77
C ILE O 4 39.69 29.62 -22.71
N VAL O 5 40.26 29.43 -23.90
CA VAL O 5 39.76 28.44 -24.83
C VAL O 5 40.50 27.13 -24.62
N HIS O 6 39.74 26.06 -24.41
CA HIS O 6 40.31 24.75 -24.16
C HIS O 6 40.33 23.93 -25.45
N VAL O 7 41.47 23.31 -25.73
CA VAL O 7 41.63 22.38 -26.81
C VAL O 7 42.15 21.06 -26.24
N GLN O 8 41.44 19.96 -26.57
CA GLN O 8 41.86 18.66 -26.12
C GLN O 8 42.24 17.80 -27.31
N GLY O 9 43.48 17.34 -27.36
CA GLY O 9 43.97 16.59 -28.50
C GLY O 9 44.55 15.23 -28.08
N GLY O 10 44.19 14.22 -28.89
CA GLY O 10 44.61 12.87 -28.66
C GLY O 10 43.78 12.12 -27.62
N GLN O 11 44.08 10.83 -27.48
CA GLN O 11 43.38 9.98 -26.53
C GLN O 11 43.72 10.40 -25.10
N CYS O 12 44.97 10.75 -24.83
CA CYS O 12 45.36 11.18 -23.51
C CYS O 12 44.71 12.51 -23.16
N GLY O 13 44.70 13.44 -24.12
CA GLY O 13 44.15 14.75 -23.90
C GLY O 13 42.66 14.74 -23.66
N ASN O 14 41.96 13.83 -24.34
CA ASN O 14 40.51 13.75 -24.18
C ASN O 14 40.15 13.15 -22.84
N GLN O 15 40.89 12.16 -22.36
CA GLN O 15 40.56 11.55 -21.09
C GLN O 15 41.00 12.41 -19.90
N ILE O 16 42.08 13.21 -20.08
CA ILE O 16 42.47 14.12 -19.04
C ILE O 16 41.58 15.36 -19.08
N GLY O 17 41.06 15.71 -20.24
CA GLY O 17 40.21 16.87 -20.38
C GLY O 17 38.79 16.58 -19.99
N ALA O 18 38.34 15.35 -20.22
CA ALA O 18 36.98 14.97 -19.80
C ALA O 18 36.93 14.90 -18.31
N LYS O 19 38.02 14.61 -17.60
CA LYS O 19 37.97 14.64 -16.16
C LYS O 19 38.15 16.08 -15.62
N PHE O 20 38.79 16.92 -16.43
CA PHE O 20 39.04 18.29 -16.03
C PHE O 20 37.73 19.05 -15.89
N TRP O 21 36.81 18.82 -16.84
CA TRP O 21 35.54 19.52 -16.81
C TRP O 21 34.64 18.99 -15.68
N GLU O 22 34.97 17.83 -15.09
CA GLU O 22 34.19 17.51 -13.90
C GLU O 22 34.58 18.29 -12.67
N VAL O 23 35.86 18.58 -12.57
CA VAL O 23 36.36 19.26 -11.35
C VAL O 23 36.12 20.77 -11.44
N ILE O 24 36.04 21.31 -12.67
CA ILE O 24 35.66 22.70 -12.83
C ILE O 24 34.16 22.88 -12.55
N SER O 25 33.34 22.00 -13.15
CA SER O 25 31.90 22.21 -13.14
C SER O 25 31.34 22.03 -11.75
N ASP O 26 31.86 21.11 -10.99
CA ASP O 26 31.46 20.86 -9.63
C ASP O 26 31.88 22.01 -8.72
N GLU O 27 33.02 22.64 -9.02
CA GLU O 27 33.50 23.76 -8.25
C GLU O 27 32.66 25.00 -8.52
N HIS O 28 32.17 25.16 -9.75
CA HIS O 28 31.26 26.27 -10.01
C HIS O 28 29.78 25.90 -9.81
N GLY O 29 29.49 24.61 -9.58
CA GLY O 29 28.14 24.17 -9.34
C GLY O 29 27.29 24.09 -10.61
N ILE O 30 27.84 23.48 -11.65
CA ILE O 30 27.10 23.21 -12.87
C ILE O 30 26.70 21.75 -12.90
N ASP O 31 25.40 21.52 -13.06
CA ASP O 31 24.89 20.15 -13.31
C ASP O 31 25.38 19.65 -14.65
N PRO O 32 25.60 18.36 -14.85
CA PRO O 32 25.77 17.79 -16.19
C PRO O 32 24.76 18.19 -17.27
N THR O 33 23.56 18.62 -16.86
CA THR O 33 22.60 19.13 -17.83
C THR O 33 22.91 20.55 -18.21
N GLY O 34 23.86 21.23 -17.53
CA GLY O 34 24.26 22.61 -17.80
C GLY O 34 23.54 23.61 -16.90
N THR O 35 22.69 23.13 -15.98
CA THR O 35 21.88 24.07 -15.23
C THR O 35 22.67 24.40 -13.98
N TYR O 36 22.41 25.57 -13.40
CA TYR O 36 23.13 25.92 -12.17
C TYR O 36 22.39 25.43 -10.92
N CYS O 37 23.13 24.94 -9.94
CA CYS O 37 22.55 24.69 -8.63
C CYS O 37 23.59 25.01 -7.58
N GLY O 38 23.24 25.68 -6.49
CA GLY O 38 24.25 25.98 -5.49
C GLY O 38 24.17 27.39 -4.89
N ASP O 39 23.26 28.20 -5.38
CA ASP O 39 22.81 29.48 -4.83
C ASP O 39 23.87 30.35 -4.16
N SER O 40 24.99 30.57 -4.85
CA SER O 40 26.02 31.47 -4.37
C SER O 40 26.45 32.38 -5.53
N ASP O 41 26.60 33.66 -5.20
CA ASP O 41 26.87 34.67 -6.23
C ASP O 41 28.32 34.57 -6.71
N LEU O 42 29.23 34.20 -5.82
CA LEU O 42 30.64 34.06 -6.07
C LEU O 42 30.95 33.00 -7.12
N GLN O 43 30.07 31.96 -7.23
CA GLN O 43 30.34 30.95 -8.22
C GLN O 43 30.15 31.43 -9.66
N LEU O 44 29.15 32.27 -9.84
CA LEU O 44 28.63 32.59 -11.20
C LEU O 44 29.19 33.94 -11.68
N GLU O 45 29.81 34.71 -10.77
CA GLU O 45 30.25 36.06 -11.12
C GLU O 45 31.42 36.03 -12.09
N ARG O 46 32.25 35.01 -12.01
CA ARG O 46 33.22 34.79 -13.09
C ARG O 46 33.04 33.36 -13.57
N ILE O 47 32.08 33.24 -14.52
CA ILE O 47 31.90 31.93 -15.14
C ILE O 47 32.27 31.93 -16.62
N ASN O 48 32.35 33.12 -17.18
CA ASN O 48 32.64 33.31 -18.58
C ASN O 48 34.09 33.00 -18.91
N VAL O 49 34.94 32.70 -17.90
CA VAL O 49 36.31 32.34 -18.20
C VAL O 49 36.35 30.94 -18.89
N PHE O 50 35.35 30.08 -18.58
CA PHE O 50 35.35 28.75 -19.12
C PHE O 50 34.01 28.35 -19.76
N TYR O 51 32.97 29.15 -19.58
CA TYR O 51 31.65 28.76 -20.04
C TYR O 51 31.04 29.83 -20.91
N ASN O 52 30.01 29.40 -21.66
CA ASN O 52 29.25 30.28 -22.52
C ASN O 52 27.77 30.08 -22.21
N GLU O 53 27.02 31.19 -22.10
CA GLU O 53 25.58 31.12 -22.02
C GLU O 53 24.97 30.70 -23.33
N ALA O 54 23.92 29.87 -23.34
CA ALA O 54 23.35 29.29 -24.51
C ALA O 54 21.83 29.56 -24.57
N THR O 55 21.38 30.68 -24.00
CA THR O 55 20.07 31.30 -24.13
C THR O 55 18.93 30.37 -23.78
N GLY O 56 19.25 29.22 -23.13
CA GLY O 56 18.27 28.37 -22.50
C GLY O 56 18.58 28.32 -21.02
N GLY O 57 19.56 29.12 -20.64
CA GLY O 57 20.10 29.20 -19.30
C GLY O 57 21.26 28.22 -19.07
N ARG O 58 21.53 27.34 -20.04
CA ARG O 58 22.56 26.34 -19.83
C ARG O 58 23.94 26.86 -20.23
N PHE O 59 24.95 26.26 -19.61
CA PHE O 59 26.31 26.67 -19.77
C PHE O 59 27.07 25.58 -20.52
N VAL O 60 27.70 25.98 -21.64
CA VAL O 60 28.45 25.06 -22.42
C VAL O 60 29.92 25.39 -22.29
N PRO O 61 30.80 24.37 -22.17
CA PRO O 61 32.23 24.63 -22.10
C PRO O 61 32.79 25.19 -23.39
N ARG O 62 33.82 26.03 -23.23
CA ARG O 62 34.52 26.57 -24.41
C ARG O 62 35.62 25.62 -24.85
N ALA O 63 35.25 24.35 -25.10
CA ALA O 63 36.22 23.30 -25.33
C ALA O 63 36.07 22.75 -26.75
N ILE O 64 37.20 22.47 -27.38
CA ILE O 64 37.25 21.91 -28.72
C ILE O 64 37.92 20.54 -28.60
N LEU O 65 37.18 19.51 -29.00
CA LEU O 65 37.72 18.16 -28.93
C LEU O 65 38.28 17.76 -30.29
N MET O 66 39.56 17.32 -30.35
CA MET O 66 40.15 16.88 -31.53
C MET O 66 40.82 15.50 -31.36
N ASP O 67 40.48 14.60 -32.33
CA ASP O 67 41.20 13.37 -32.48
C ASP O 67 41.21 12.94 -33.94
N LEU O 68 41.86 11.84 -34.24
CA LEU O 68 41.77 11.24 -35.57
C LEU O 68 41.04 9.92 -35.54
N GLU O 69 40.52 9.50 -34.39
CA GLU O 69 39.74 8.28 -34.31
C GLU O 69 38.44 8.63 -33.59
N PRO O 70 37.29 8.09 -34.04
CA PRO O 70 36.02 8.38 -33.39
C PRO O 70 35.77 7.65 -32.07
N GLY O 71 36.70 6.79 -31.65
CA GLY O 71 36.52 5.91 -30.51
C GLY O 71 36.45 6.65 -29.18
N THR O 72 37.39 7.55 -28.96
CA THR O 72 37.55 8.14 -27.63
C THR O 72 36.51 9.22 -27.37
N MET O 73 36.04 9.84 -28.44
CA MET O 73 35.01 10.86 -28.32
C MET O 73 33.65 10.23 -28.10
N ASP O 74 33.46 8.98 -28.56
CA ASP O 74 32.25 8.24 -28.24
C ASP O 74 32.22 7.94 -26.73
N SER O 75 33.39 7.66 -26.16
CA SER O 75 33.51 7.31 -24.76
C SER O 75 33.20 8.52 -23.87
N VAL O 76 33.64 9.71 -24.31
CA VAL O 76 33.43 10.91 -23.54
C VAL O 76 31.95 11.29 -23.57
N ARG O 77 31.31 11.15 -24.73
CA ARG O 77 29.91 11.48 -24.89
C ARG O 77 29.01 10.56 -24.08
N ALA O 78 29.35 9.27 -24.06
CA ALA O 78 28.49 8.26 -23.43
C ALA O 78 28.59 8.29 -21.91
N GLY O 79 29.68 8.83 -21.39
CA GLY O 79 29.91 8.87 -19.95
C GLY O 79 29.10 9.99 -19.31
N PRO O 80 29.22 10.16 -17.99
CA PRO O 80 28.64 11.32 -17.32
C PRO O 80 29.42 12.56 -17.72
N PHE O 81 28.71 13.70 -17.69
CA PHE O 81 29.28 15.01 -17.99
C PHE O 81 29.82 15.02 -19.42
N GLY O 82 29.16 14.26 -20.31
CA GLY O 82 29.46 14.37 -21.73
C GLY O 82 28.41 15.14 -22.47
N GLN O 83 27.30 15.43 -21.82
CA GLN O 83 26.21 16.19 -22.43
C GLN O 83 26.46 17.67 -22.36
N LEU O 84 27.57 18.06 -21.72
CA LEU O 84 27.88 19.49 -21.58
C LEU O 84 28.36 20.04 -22.92
N PHE O 85 29.15 19.26 -23.63
CA PHE O 85 29.85 19.70 -24.82
C PHE O 85 28.89 19.91 -25.98
N ARG O 86 29.26 20.86 -26.83
CA ARG O 86 28.54 21.07 -28.07
C ARG O 86 28.87 19.94 -29.03
N PRO O 87 27.91 19.32 -29.71
CA PRO O 87 28.21 18.36 -30.78
C PRO O 87 29.00 18.90 -31.96
N ASP O 88 28.86 20.19 -32.25
CA ASP O 88 29.58 20.87 -33.30
C ASP O 88 31.06 21.04 -32.90
N ASN O 89 31.34 21.10 -31.61
CA ASN O 89 32.70 21.28 -31.13
C ASN O 89 33.57 20.04 -31.30
N PHE O 90 32.94 18.87 -31.49
CA PHE O 90 33.66 17.68 -31.85
C PHE O 90 34.14 17.77 -33.29
N VAL O 91 35.41 17.43 -33.52
CA VAL O 91 35.88 17.10 -34.86
C VAL O 91 36.37 15.66 -34.88
N PHE O 92 35.94 14.93 -35.91
CA PHE O 92 36.31 13.52 -36.02
C PHE O 92 37.35 13.34 -37.11
N GLY O 93 38.20 12.31 -36.92
CA GLY O 93 38.89 11.65 -38.00
C GLY O 93 38.42 10.22 -38.11
N GLN O 94 38.55 9.61 -39.28
CA GLN O 94 38.12 8.24 -39.41
C GLN O 94 39.28 7.25 -39.55
N THR O 95 40.43 7.70 -40.02
CA THR O 95 41.54 6.83 -40.32
C THR O 95 42.39 6.52 -39.08
N GLY O 96 42.84 7.55 -38.39
CA GLY O 96 43.65 7.39 -37.21
C GLY O 96 45.13 7.44 -37.51
N ALA O 97 45.84 8.38 -36.90
CA ALA O 97 47.27 8.48 -36.97
C ALA O 97 47.89 7.48 -36.01
N GLY O 98 48.45 6.41 -36.55
CA GLY O 98 48.79 5.24 -35.77
C GLY O 98 50.15 5.46 -35.12
N ASN O 99 50.18 6.21 -34.01
CA ASN O 99 51.41 6.48 -33.26
C ASN O 99 52.51 7.09 -34.14
N ASN O 100 52.08 7.86 -35.12
CA ASN O 100 53.02 8.41 -36.09
C ASN O 100 52.92 9.90 -36.04
N TRP O 101 54.00 10.57 -35.67
CA TRP O 101 54.05 12.03 -35.64
C TRP O 101 53.90 12.63 -37.03
N ALA O 102 54.44 11.95 -38.02
CA ALA O 102 54.42 12.42 -39.39
C ALA O 102 52.99 12.52 -39.92
N LYS O 103 52.21 11.47 -39.72
CA LYS O 103 50.86 11.47 -40.26
C LYS O 103 49.93 12.24 -39.30
N GLY O 104 50.36 12.57 -38.09
CA GLY O 104 49.61 13.50 -37.27
C GLY O 104 49.83 14.94 -37.71
N HIS O 105 51.04 15.25 -38.16
CA HIS O 105 51.40 16.63 -38.43
C HIS O 105 51.43 16.97 -39.90
N TYR O 106 51.69 16.04 -40.80
CA TYR O 106 51.86 16.40 -42.20
C TYR O 106 50.65 15.98 -43.03
N THR O 107 50.27 14.71 -42.97
CA THR O 107 49.41 14.16 -44.00
C THR O 107 47.96 14.13 -43.51
N GLU O 108 47.68 13.53 -42.34
CA GLU O 108 46.31 13.25 -41.99
C GLU O 108 45.72 14.29 -41.08
N GLY O 109 46.56 14.97 -40.31
CA GLY O 109 46.20 16.13 -39.50
C GLY O 109 45.88 17.36 -40.34
N ALA O 110 46.49 17.42 -41.52
CA ALA O 110 46.35 18.56 -42.42
C ALA O 110 45.00 18.61 -43.07
N GLU O 111 44.37 17.46 -43.28
CA GLU O 111 43.02 17.38 -43.82
C GLU O 111 41.97 17.66 -42.76
N LEU O 112 42.32 17.77 -41.51
CA LEU O 112 41.38 18.06 -40.46
C LEU O 112 41.56 19.49 -39.94
N ILE O 113 42.74 20.07 -40.14
CA ILE O 113 43.12 21.29 -39.43
C ILE O 113 42.29 22.46 -39.93
N ASP O 114 41.88 22.44 -41.21
CA ASP O 114 41.05 23.52 -41.70
C ASP O 114 39.68 23.51 -41.03
N SER O 115 39.20 22.31 -40.67
CA SER O 115 37.90 22.18 -40.02
C SER O 115 37.97 22.60 -38.55
N VAL O 116 39.05 22.21 -37.87
CA VAL O 116 39.13 22.46 -36.43
C VAL O 116 39.50 23.93 -36.20
N LEU O 117 40.24 24.55 -37.14
CA LEU O 117 40.61 25.94 -36.95
C LEU O 117 39.40 26.88 -37.09
N ASP O 118 38.39 26.45 -37.84
CA ASP O 118 37.14 27.19 -37.92
C ASP O 118 36.43 27.21 -36.59
N VAL O 119 36.42 26.11 -35.89
CA VAL O 119 35.70 26.00 -34.63
C VAL O 119 36.43 26.77 -33.53
N VAL O 120 37.78 26.79 -33.59
CA VAL O 120 38.54 27.49 -32.58
C VAL O 120 38.39 28.99 -32.78
N ARG O 121 38.30 29.44 -34.04
CA ARG O 121 38.11 30.87 -34.29
C ARG O 121 36.69 31.28 -33.88
N LYS O 122 35.73 30.42 -34.05
CA LYS O 122 34.34 30.74 -33.74
C LYS O 122 34.17 31.00 -32.24
N GLU O 123 34.84 30.20 -31.42
CA GLU O 123 34.75 30.34 -29.98
C GLU O 123 35.65 31.52 -29.49
N ALA O 124 36.80 31.76 -30.15
CA ALA O 124 37.74 32.75 -29.76
C ALA O 124 37.21 34.18 -30.00
N GLU O 125 36.63 34.41 -31.21
CA GLU O 125 36.25 35.73 -31.63
C GLU O 125 34.90 36.11 -31.01
N GLY O 126 34.18 35.15 -30.44
CA GLY O 126 32.79 35.37 -30.02
C GLY O 126 32.66 36.27 -28.81
N CYS O 127 33.74 36.62 -28.08
CA CYS O 127 33.58 37.60 -27.02
C CYS O 127 34.52 38.78 -27.19
N ASP O 128 34.81 39.51 -26.12
CA ASP O 128 35.50 40.79 -26.15
C ASP O 128 36.93 40.61 -26.63
N CYS O 129 37.73 39.93 -25.82
CA CYS O 129 39.17 39.77 -25.98
C CYS O 129 39.57 38.61 -25.06
N LEU O 130 40.32 37.65 -25.60
CA LEU O 130 40.60 36.44 -24.85
C LEU O 130 41.92 36.63 -24.14
N GLN O 131 42.09 35.91 -23.02
CA GLN O 131 43.32 35.79 -22.28
C GLN O 131 44.32 34.80 -22.92
N GLY O 132 43.81 33.64 -23.33
CA GLY O 132 44.65 32.69 -23.96
C GLY O 132 44.06 31.31 -24.09
N PHE O 133 44.98 30.34 -24.32
CA PHE O 133 44.56 28.99 -24.60
C PHE O 133 45.10 28.04 -23.55
N GLN O 134 44.45 26.90 -23.44
CA GLN O 134 45.03 25.73 -22.78
C GLN O 134 44.83 24.52 -23.69
N ILE O 135 45.91 23.77 -23.84
CA ILE O 135 45.94 22.55 -24.63
C ILE O 135 46.38 21.40 -23.73
N THR O 136 45.57 20.32 -23.73
CA THR O 136 45.94 19.12 -23.02
C THR O 136 46.19 17.99 -24.01
N HIS O 137 47.40 17.44 -23.97
CA HIS O 137 47.80 16.46 -24.97
C HIS O 137 48.96 15.64 -24.41
N SER O 138 49.36 14.65 -25.21
CA SER O 138 50.49 13.79 -24.91
C SER O 138 51.61 14.02 -25.93
N LEU O 139 52.85 13.84 -25.49
CA LEU O 139 53.99 13.90 -26.39
C LEU O 139 54.59 12.51 -26.62
N GLY O 140 53.75 11.51 -26.61
CA GLY O 140 54.21 10.15 -26.97
C GLY O 140 53.54 9.71 -28.24
N GLY O 141 52.30 10.18 -28.50
CA GLY O 141 51.48 9.54 -29.50
C GLY O 141 51.64 10.09 -30.89
N GLY O 142 50.63 9.83 -31.74
CA GLY O 142 50.59 10.41 -33.08
C GLY O 142 49.70 11.65 -33.12
N THR O 143 48.45 11.50 -32.67
CA THR O 143 47.49 12.58 -32.82
C THR O 143 47.61 13.59 -31.67
N GLY O 144 48.15 13.15 -30.53
CA GLY O 144 48.29 14.11 -29.43
C GLY O 144 49.58 14.92 -29.58
N SER O 145 50.59 14.34 -30.20
CA SER O 145 51.90 14.92 -30.36
C SER O 145 52.03 15.66 -31.68
N GLY O 146 51.41 15.11 -32.72
CA GLY O 146 51.61 15.62 -34.08
C GLY O 146 50.57 16.65 -34.41
N MET O 147 49.28 16.28 -34.26
CA MET O 147 48.23 17.17 -34.69
C MET O 147 47.99 18.28 -33.64
N GLY O 148 48.29 17.94 -32.38
CA GLY O 148 48.14 18.93 -31.32
C GLY O 148 49.17 20.04 -31.41
N THR O 149 50.41 19.67 -31.82
CA THR O 149 51.43 20.67 -31.96
C THR O 149 51.25 21.47 -33.25
N LEU O 150 50.54 20.92 -34.21
CA LEU O 150 50.22 21.66 -35.42
C LEU O 150 49.26 22.79 -35.10
N LEU O 151 48.31 22.52 -34.22
CA LEU O 151 47.38 23.55 -33.79
C LEU O 151 48.12 24.66 -33.04
N ILE O 152 49.12 24.27 -32.25
CA ILE O 152 49.94 25.22 -31.51
C ILE O 152 50.65 26.17 -32.47
N SER O 153 51.17 25.62 -33.56
CA SER O 153 51.87 26.42 -34.55
C SER O 153 50.93 27.37 -35.29
N LYS O 154 49.73 26.88 -35.60
CA LYS O 154 48.79 27.69 -36.37
C LYS O 154 48.15 28.80 -35.55
N VAL O 155 47.88 28.53 -34.27
CA VAL O 155 47.17 29.53 -33.47
C VAL O 155 48.15 30.57 -32.96
N ARG O 156 49.44 30.23 -32.87
CA ARG O 156 50.44 31.23 -32.50
C ARG O 156 50.66 32.23 -33.62
N GLU O 157 50.53 31.78 -34.88
CA GLU O 157 50.61 32.68 -36.01
C GLU O 157 49.38 33.58 -36.08
N GLU O 158 48.23 33.12 -35.56
CA GLU O 158 47.03 33.91 -35.64
C GLU O 158 46.95 34.95 -34.52
N TYR O 159 47.28 34.50 -33.32
CA TYR O 159 47.09 35.28 -32.09
C TYR O 159 48.40 35.39 -31.35
N PRO O 160 49.28 36.34 -31.76
CA PRO O 160 50.67 36.29 -31.29
C PRO O 160 50.88 36.80 -29.86
N ASP O 161 50.01 37.66 -29.39
CA ASP O 161 50.14 38.38 -28.16
C ASP O 161 49.29 37.77 -27.06
N ARG O 162 48.63 36.68 -27.27
CA ARG O 162 47.88 35.95 -26.25
C ARG O 162 48.74 34.86 -25.64
N ILE O 163 48.45 34.50 -24.41
CA ILE O 163 49.18 33.44 -23.75
C ILE O 163 48.74 32.08 -24.26
N MET O 164 49.59 31.09 -24.17
CA MET O 164 49.12 29.70 -24.24
C MET O 164 49.87 28.85 -23.22
N GLU O 165 49.12 27.98 -22.58
CA GLU O 165 49.63 26.94 -21.72
C GLU O 165 49.34 25.58 -22.33
N THR O 166 50.31 24.67 -22.21
CA THR O 166 50.09 23.29 -22.55
C THR O 166 50.37 22.36 -21.38
N PHE O 167 49.43 21.47 -21.11
CA PHE O 167 49.59 20.48 -20.05
C PHE O 167 49.92 19.13 -20.69
N SER O 168 51.21 18.83 -20.78
CA SER O 168 51.75 17.80 -21.61
C SER O 168 52.32 16.68 -20.77
N VAL O 169 51.94 15.47 -21.09
CA VAL O 169 52.63 14.32 -20.45
C VAL O 169 53.76 13.89 -21.38
N PHE O 170 54.78 13.38 -20.81
CA PHE O 170 56.05 13.03 -21.44
C PHE O 170 56.21 11.49 -21.38
N PRO O 171 57.07 10.92 -22.25
CA PRO O 171 57.48 9.54 -22.06
C PRO O 171 58.07 9.25 -20.67
N SER O 172 57.76 8.06 -20.19
CA SER O 172 58.37 7.57 -18.97
C SER O 172 59.73 6.98 -19.28
N PRO O 173 60.73 7.11 -18.38
CA PRO O 173 61.99 6.38 -18.52
C PRO O 173 61.89 4.85 -18.47
N LYS O 174 61.30 4.32 -17.40
CA LYS O 174 61.60 2.95 -17.01
C LYS O 174 60.72 1.93 -17.75
N VAL O 175 59.39 2.16 -17.83
CA VAL O 175 58.60 1.47 -18.82
C VAL O 175 58.14 2.50 -19.85
N SER O 176 58.22 2.09 -21.11
CA SER O 176 57.72 2.96 -22.16
C SER O 176 56.84 2.13 -23.10
N ASP O 177 55.56 2.40 -23.03
CA ASP O 177 54.64 1.98 -24.09
C ASP O 177 54.81 2.93 -25.28
N THR O 178 54.31 2.51 -26.42
CA THR O 178 54.46 3.19 -27.71
C THR O 178 55.94 3.38 -28.02
N VAL O 179 56.59 2.30 -28.46
CA VAL O 179 58.02 2.11 -28.67
C VAL O 179 58.67 3.30 -29.39
N VAL O 180 57.94 3.99 -30.25
CA VAL O 180 58.44 5.24 -30.78
C VAL O 180 58.01 6.37 -29.85
N GLU O 181 58.63 6.41 -28.67
CA GLU O 181 58.52 7.55 -27.78
C GLU O 181 59.47 8.68 -28.15
N PRO O 182 60.80 8.45 -28.31
CA PRO O 182 61.70 9.60 -28.47
C PRO O 182 61.54 10.31 -29.79
N TYR O 183 61.05 9.63 -30.82
CA TYR O 183 60.79 10.23 -32.10
C TYR O 183 59.59 11.18 -31.99
N ASN O 184 58.55 10.77 -31.25
CA ASN O 184 57.42 11.68 -31.08
C ASN O 184 57.79 12.84 -30.15
N ALA O 185 58.58 12.57 -29.11
CA ALA O 185 58.83 13.57 -28.09
C ALA O 185 59.74 14.67 -28.63
N THR O 186 60.84 14.28 -29.30
CA THR O 186 61.84 15.23 -29.75
C THR O 186 61.28 16.08 -30.88
N LEU O 187 60.48 15.48 -31.76
CA LEU O 187 59.86 16.24 -32.84
C LEU O 187 58.80 17.21 -32.34
N SER O 188 58.22 16.90 -31.18
CA SER O 188 57.18 17.76 -30.64
C SER O 188 57.76 18.89 -29.81
N VAL O 189 58.90 18.65 -29.16
CA VAL O 189 59.49 19.65 -28.29
C VAL O 189 60.06 20.77 -29.12
N HIS O 190 60.62 20.57 -30.29
CA HIS O 190 61.23 21.76 -30.97
C HIS O 190 60.16 22.66 -31.56
N GLN O 191 58.93 22.13 -31.70
CA GLN O 191 57.83 23.05 -32.04
C GLN O 191 57.16 23.63 -30.78
N LEU O 192 57.38 22.95 -29.66
CA LEU O 192 56.79 23.39 -28.40
C LEU O 192 57.68 24.41 -27.69
N VAL O 193 58.97 24.39 -27.96
CA VAL O 193 59.88 25.40 -27.42
C VAL O 193 59.72 26.70 -28.19
N GLU O 194 59.29 26.58 -29.45
CA GLU O 194 59.23 27.71 -30.36
C GLU O 194 57.86 28.40 -30.35
N ASN O 195 56.78 27.67 -29.90
CA ASN O 195 55.47 28.26 -30.12
C ASN O 195 54.60 28.24 -28.86
N ALA O 196 55.15 28.10 -27.70
CA ALA O 196 54.43 27.91 -26.46
C ALA O 196 55.07 28.77 -25.40
N ASP O 197 54.28 29.11 -24.37
CA ASP O 197 54.64 30.02 -23.32
C ASP O 197 54.78 29.37 -21.97
N GLU O 198 53.92 28.42 -21.67
CA GLU O 198 54.05 27.68 -20.38
C GLU O 198 53.81 26.21 -20.61
N VAL O 199 54.84 25.32 -20.44
CA VAL O 199 54.54 23.93 -20.67
C VAL O 199 54.77 23.15 -19.38
N GLN O 200 53.69 22.61 -18.86
CA GLN O 200 53.71 21.84 -17.65
C GLN O 200 53.97 20.39 -17.92
N VAL O 201 55.02 19.87 -17.27
CA VAL O 201 55.50 18.52 -17.60
C VAL O 201 54.89 17.55 -16.60
N ILE O 202 54.41 16.41 -17.12
CA ILE O 202 53.83 15.34 -16.36
C ILE O 202 54.52 14.07 -16.80
N ASP O 203 54.75 13.16 -15.85
CA ASP O 203 55.18 11.81 -16.17
C ASP O 203 54.16 10.88 -15.52
N ASN O 204 53.96 9.72 -16.16
CA ASN O 204 53.04 8.74 -15.60
C ASN O 204 53.63 8.08 -14.36
N GLU O 205 54.96 7.88 -14.35
CA GLU O 205 55.57 7.17 -13.25
C GLU O 205 55.66 8.09 -12.05
N ALA O 206 55.65 9.40 -12.21
CA ALA O 206 55.56 10.28 -11.07
C ALA O 206 54.17 10.16 -10.42
N LEU O 207 53.13 10.03 -11.28
CA LEU O 207 51.78 9.91 -10.77
C LEU O 207 51.57 8.56 -10.08
N TYR O 208 52.21 7.51 -10.59
CA TYR O 208 52.13 6.19 -9.98
C TYR O 208 52.82 6.22 -8.60
N ASP O 209 53.92 6.98 -8.49
CA ASP O 209 54.65 7.06 -7.25
C ASP O 209 53.83 7.79 -6.19
N ILE O 210 53.10 8.82 -6.63
CA ILE O 210 52.23 9.56 -5.72
C ILE O 210 51.11 8.67 -5.22
N CYS O 211 50.52 7.89 -6.10
CA CYS O 211 49.41 7.02 -5.76
C CYS O 211 49.85 5.83 -4.87
N PHE O 212 51.13 5.48 -4.87
CA PHE O 212 51.59 4.43 -3.99
C PHE O 212 51.96 4.96 -2.61
N ARG O 213 52.82 5.97 -2.60
CA ARG O 213 53.58 6.34 -1.42
C ARG O 213 52.87 7.45 -0.66
N THR O 214 52.00 8.25 -1.25
CA THR O 214 51.22 9.21 -0.50
C THR O 214 49.79 8.71 -0.33
N LEU O 215 49.11 8.41 -1.44
CA LEU O 215 47.67 8.19 -1.36
C LEU O 215 47.34 6.79 -0.88
N LYS O 216 48.28 5.87 -0.96
CA LYS O 216 48.16 4.47 -0.57
C LYS O 216 46.96 3.80 -1.24
N LEU O 217 46.72 4.13 -2.52
CA LEU O 217 45.67 3.51 -3.29
C LEU O 217 46.16 2.16 -3.82
N THR O 218 45.29 1.16 -3.68
CA THR O 218 45.68 -0.21 -4.01
C THR O 218 45.60 -0.44 -5.52
N THR O 219 44.50 0.05 -6.13
CA THR O 219 44.27 -0.16 -7.55
C THR O 219 44.00 1.15 -8.25
N PRO O 220 45.02 1.99 -8.52
CA PRO O 220 44.75 3.28 -9.17
C PRO O 220 44.59 3.16 -10.67
N THR O 221 43.43 3.50 -11.17
CA THR O 221 43.14 3.47 -12.60
C THR O 221 43.50 4.82 -13.19
N TYR O 222 43.34 4.96 -14.50
CA TYR O 222 43.58 6.25 -15.15
C TYR O 222 42.52 7.28 -14.77
N GLY O 223 41.38 6.85 -14.23
CA GLY O 223 40.41 7.79 -13.71
C GLY O 223 40.96 8.55 -12.50
N ASP O 224 41.74 7.88 -11.64
CA ASP O 224 42.24 8.53 -10.46
C ASP O 224 43.49 9.35 -10.78
N LEU O 225 44.29 8.92 -11.75
CA LEU O 225 45.47 9.69 -12.15
C LEU O 225 45.06 11.02 -12.81
N ASN O 226 44.02 10.96 -13.64
CA ASN O 226 43.52 12.15 -14.30
C ASN O 226 42.90 13.13 -13.31
N HIS O 227 42.40 12.62 -12.20
CA HIS O 227 41.78 13.45 -11.18
C HIS O 227 42.85 14.29 -10.49
N LEU O 228 44.04 13.72 -10.34
CA LEU O 228 45.14 14.43 -9.71
C LEU O 228 45.67 15.54 -10.62
N VAL O 229 45.77 15.27 -11.88
CA VAL O 229 46.25 16.27 -12.83
C VAL O 229 45.21 17.35 -13.02
N SER O 230 43.93 16.98 -12.96
CA SER O 230 42.84 17.97 -13.06
C SER O 230 42.82 18.90 -11.86
N ALA O 231 43.25 18.41 -10.69
CA ALA O 231 43.31 19.23 -9.49
C ALA O 231 44.37 20.33 -9.66
N ALA O 232 45.49 19.98 -10.28
CA ALA O 232 46.55 20.93 -10.52
C ALA O 232 46.18 21.91 -11.62
N MET O 233 45.38 21.45 -12.59
CA MET O 233 44.97 22.30 -13.70
C MET O 233 43.98 23.35 -13.22
N SER O 234 43.16 22.99 -12.24
CA SER O 234 42.20 23.94 -11.66
C SER O 234 42.87 24.95 -10.77
N GLY O 235 44.03 24.56 -10.15
CA GLY O 235 44.70 25.48 -9.25
C GLY O 235 45.39 26.62 -9.98
N VAL O 236 45.82 26.37 -11.19
CA VAL O 236 46.67 27.34 -11.89
C VAL O 236 45.82 28.46 -12.46
N THR O 237 44.56 28.18 -12.73
CA THR O 237 43.61 29.17 -13.25
C THR O 237 42.51 29.47 -12.24
N CYS O 238 42.76 29.22 -10.96
CA CYS O 238 41.79 29.51 -9.92
C CYS O 238 41.68 31.00 -9.72
N CYS O 239 42.79 31.73 -9.83
CA CYS O 239 42.82 33.13 -9.51
C CYS O 239 42.09 33.98 -10.57
N LEU O 240 41.94 33.46 -11.78
CA LEU O 240 41.13 34.10 -12.79
C LEU O 240 39.65 34.06 -12.39
N ARG O 241 39.22 32.97 -11.77
CA ARG O 241 37.81 32.69 -11.58
C ARG O 241 37.32 33.16 -10.20
N PHE O 242 38.23 33.35 -9.24
CA PHE O 242 37.86 33.68 -7.91
C PHE O 242 38.68 34.84 -7.39
N PRO O 243 38.10 35.67 -6.50
CA PRO O 243 38.89 36.75 -5.88
C PRO O 243 39.84 36.19 -4.84
N GLY O 244 40.71 37.06 -4.35
CA GLY O 244 41.47 36.77 -3.15
C GLY O 244 42.24 37.96 -2.65
N GLN O 245 43.17 37.76 -1.75
CA GLN O 245 43.98 38.82 -1.20
C GLN O 245 45.01 39.32 -2.23
N LEU O 246 45.62 38.42 -2.94
CA LEU O 246 46.71 38.72 -3.83
C LEU O 246 46.44 37.98 -5.14
N ASN O 247 46.14 38.81 -6.16
CA ASN O 247 45.75 38.26 -7.45
C ASN O 247 46.95 37.87 -8.29
N SER O 248 46.78 36.81 -9.10
CA SER O 248 47.81 36.43 -10.05
C SER O 248 47.20 35.66 -11.19
N ASP O 249 47.16 36.19 -12.41
CA ASP O 249 46.59 35.45 -13.53
C ASP O 249 47.73 34.72 -14.24
N LEU O 250 47.42 34.24 -15.46
CA LEU O 250 48.34 33.42 -16.19
C LEU O 250 49.51 34.23 -16.70
N ARG O 251 49.30 35.49 -17.06
CA ARG O 251 50.39 36.33 -17.53
C ARG O 251 51.32 36.71 -16.39
N LYS O 252 50.81 36.78 -15.17
CA LYS O 252 51.60 37.02 -13.98
C LYS O 252 52.56 35.85 -13.79
N LEU O 253 52.09 34.61 -14.06
CA LEU O 253 53.00 33.50 -13.87
C LEU O 253 53.97 33.40 -15.02
N ALA O 254 53.61 33.91 -16.21
CA ALA O 254 54.56 33.97 -17.33
C ALA O 254 55.72 34.93 -17.09
N VAL O 255 55.44 36.09 -16.49
CA VAL O 255 56.46 37.10 -16.28
C VAL O 255 57.41 36.65 -15.17
N ASN O 256 56.85 35.89 -14.22
CA ASN O 256 57.60 35.66 -12.98
C ASN O 256 58.40 34.38 -12.96
N LEU O 257 58.03 33.41 -13.81
CA LEU O 257 58.71 32.12 -13.78
C LEU O 257 59.73 32.00 -14.93
N ILE O 258 59.69 32.92 -15.93
CA ILE O 258 60.50 32.69 -17.10
C ILE O 258 61.58 33.75 -17.11
N PRO O 259 62.84 33.41 -16.80
CA PRO O 259 63.92 34.39 -16.87
C PRO O 259 64.37 34.67 -18.30
N PHE O 260 64.42 33.63 -19.11
CA PHE O 260 64.89 33.69 -20.49
C PHE O 260 63.89 32.92 -21.34
N PRO O 261 63.55 33.41 -22.56
CA PRO O 261 62.31 32.97 -23.22
C PRO O 261 62.31 31.52 -23.69
N ARG O 262 63.49 30.88 -23.81
CA ARG O 262 63.55 29.52 -24.32
C ARG O 262 63.11 28.51 -23.24
N LEU O 263 63.37 28.83 -21.97
CA LEU O 263 63.21 27.84 -20.93
C LEU O 263 61.94 28.13 -20.15
N HIS O 264 60.88 27.37 -20.43
CA HIS O 264 59.61 27.58 -19.80
C HIS O 264 58.94 26.23 -19.51
N PHE O 265 59.70 25.21 -19.15
CA PHE O 265 59.08 23.94 -18.81
C PHE O 265 59.07 23.70 -17.30
N PHE O 266 57.86 23.47 -16.75
CA PHE O 266 57.67 23.68 -15.32
C PHE O 266 57.25 22.37 -14.69
N LEU O 267 57.56 22.19 -13.44
CA LEU O 267 57.12 21.05 -12.64
C LEU O 267 55.79 21.46 -12.00
N ILE O 268 54.84 20.53 -11.88
CA ILE O 268 53.61 20.83 -11.18
C ILE O 268 53.53 19.89 -9.98
N GLY O 269 52.98 20.45 -8.88
CA GLY O 269 52.66 19.68 -7.74
C GLY O 269 51.35 20.13 -7.11
N PHE O 270 50.80 19.21 -6.30
CA PHE O 270 49.60 19.54 -5.57
C PHE O 270 49.72 19.09 -4.11
N ALA O 271 49.17 19.90 -3.22
CA ALA O 271 49.21 19.61 -1.79
C ALA O 271 47.95 20.18 -1.16
N PRO O 272 47.26 19.51 -0.23
CA PRO O 272 47.67 18.24 0.36
C PRO O 272 47.25 17.00 -0.42
N LEU O 273 47.97 15.92 -0.23
CA LEU O 273 47.69 14.63 -0.82
C LEU O 273 47.84 13.55 0.24
N THR O 274 46.68 13.09 0.72
CA THR O 274 46.72 12.26 1.93
C THR O 274 45.97 10.95 1.70
N SER O 275 46.40 9.92 2.40
CA SER O 275 45.73 8.62 2.33
C SER O 275 44.39 8.74 3.07
N ARG O 276 43.50 7.78 2.82
CA ARG O 276 42.15 7.89 3.38
C ARG O 276 42.19 7.68 4.90
N GLY O 277 43.07 6.77 5.32
CA GLY O 277 43.23 6.42 6.74
C GLY O 277 43.85 7.58 7.53
N SER O 278 44.83 8.27 6.89
CA SER O 278 45.63 9.25 7.58
C SER O 278 45.13 10.68 7.35
N GLN O 279 43.93 10.81 6.78
CA GLN O 279 43.36 12.14 6.59
C GLN O 279 42.95 12.76 7.93
N GLN O 280 42.40 11.91 8.79
CA GLN O 280 41.83 12.35 10.06
C GLN O 280 42.88 12.43 11.14
N TYR O 281 44.13 12.03 10.88
CA TYR O 281 45.23 12.19 11.80
C TYR O 281 46.12 13.39 11.47
N ARG O 282 45.84 14.16 10.44
CA ARG O 282 46.81 15.05 9.85
C ARG O 282 46.50 16.50 10.19
N ALA O 283 47.53 17.26 10.56
CA ALA O 283 47.50 18.70 10.70
C ALA O 283 47.63 19.41 9.34
N LEU O 284 46.55 20.05 8.88
CA LEU O 284 46.66 21.01 7.80
C LEU O 284 46.84 22.40 8.43
N SER O 285 48.01 22.98 8.25
CA SER O 285 48.30 24.38 8.43
C SER O 285 49.29 24.80 7.37
N VAL O 286 49.51 26.10 7.20
CA VAL O 286 50.40 26.64 6.20
C VAL O 286 51.84 26.17 6.39
N PRO O 287 52.44 26.12 7.62
CA PRO O 287 53.82 25.60 7.69
C PRO O 287 53.94 24.11 7.34
N GLU O 288 52.89 23.36 7.67
CA GLU O 288 52.83 21.94 7.41
C GLU O 288 52.66 21.59 5.95
N LEU O 289 52.03 22.53 5.17
CA LEU O 289 51.75 22.38 3.79
C LEU O 289 52.96 22.66 2.91
N THR O 290 53.80 23.56 3.37
CA THR O 290 54.96 23.97 2.59
C THR O 290 56.04 22.89 2.55
N GLN O 291 56.04 22.00 3.52
CA GLN O 291 56.97 20.88 3.54
C GLN O 291 56.53 19.81 2.56
N GLN O 292 55.25 19.59 2.40
CA GLN O 292 54.74 18.65 1.43
C GLN O 292 54.88 19.21 0.02
N MET O 293 54.86 20.53 -0.13
CA MET O 293 55.02 21.18 -1.42
C MET O 293 56.44 21.01 -1.98
N PHE O 294 57.44 21.18 -1.12
CA PHE O 294 58.83 21.01 -1.46
C PHE O 294 59.32 19.62 -1.15
N ASP O 295 58.77 18.65 -1.83
CA ASP O 295 59.21 17.26 -1.67
C ASP O 295 59.28 16.65 -3.03
N ALA O 296 60.34 15.87 -3.32
CA ALA O 296 60.42 15.14 -4.58
C ALA O 296 59.29 14.12 -4.71
N LYS O 297 58.81 13.60 -3.60
CA LYS O 297 57.74 12.62 -3.58
C LYS O 297 56.37 13.19 -4.00
N ASN O 298 56.26 14.51 -3.97
CA ASN O 298 54.96 15.16 -4.20
C ASN O 298 55.08 16.08 -5.41
N MET O 299 55.86 15.70 -6.39
CA MET O 299 55.93 16.40 -7.67
C MET O 299 55.36 15.43 -8.72
N MET O 300 54.60 16.01 -9.70
CA MET O 300 54.06 15.17 -10.75
C MET O 300 55.00 15.12 -11.95
N CYS O 301 56.26 15.48 -11.78
CA CYS O 301 57.29 15.23 -12.76
C CYS O 301 58.34 14.30 -12.17
N ALA O 302 58.73 13.27 -12.94
CA ALA O 302 59.60 12.22 -12.42
C ALA O 302 61.07 12.63 -12.51
N SER O 303 61.37 13.83 -12.03
CA SER O 303 62.72 14.33 -11.98
C SER O 303 62.93 14.85 -10.58
N ASP O 304 63.99 14.37 -9.90
CA ASP O 304 64.32 14.82 -8.58
C ASP O 304 64.82 16.25 -8.63
N PRO O 305 64.10 17.23 -8.00
CA PRO O 305 64.59 18.59 -7.96
C PRO O 305 65.81 18.83 -7.07
N ARG O 306 66.21 17.87 -6.30
CA ARG O 306 67.36 18.00 -5.43
C ARG O 306 68.66 17.87 -6.22
N HIS O 307 68.58 17.40 -7.49
CA HIS O 307 69.75 17.27 -8.33
C HIS O 307 70.11 18.56 -8.99
N GLY O 308 69.27 19.60 -8.91
CA GLY O 308 69.45 20.87 -9.59
C GLY O 308 69.22 22.02 -8.63
N ARG O 309 68.97 23.20 -9.19
CA ARG O 309 68.55 24.38 -8.48
C ARG O 309 67.23 24.85 -9.05
N TYR O 310 66.30 25.23 -8.17
CA TYR O 310 65.09 25.91 -8.60
C TYR O 310 65.46 27.31 -9.06
N LEU O 311 65.26 27.56 -10.34
CA LEU O 311 65.57 28.86 -10.93
C LEU O 311 64.56 29.88 -10.44
N THR O 312 63.25 29.57 -10.61
CA THR O 312 62.20 30.30 -9.91
C THR O 312 61.10 29.31 -9.57
N ALA O 313 60.47 29.51 -8.41
CA ALA O 313 59.33 28.65 -8.08
C ALA O 313 58.18 29.48 -7.49
N SER O 314 56.97 29.01 -7.70
CA SER O 314 55.78 29.80 -7.39
C SER O 314 54.72 28.90 -6.76
N ALA O 315 53.93 29.48 -5.86
CA ALA O 315 52.95 28.73 -5.11
C ALA O 315 51.64 29.47 -5.08
N MET O 316 50.63 28.87 -5.63
CA MET O 316 49.28 29.41 -5.74
C MET O 316 48.42 28.82 -4.65
N PHE O 317 48.30 29.53 -3.54
CA PHE O 317 47.58 29.07 -2.36
C PHE O 317 46.11 29.37 -2.54
N ARG O 318 45.31 28.51 -1.90
CA ARG O 318 43.86 28.63 -2.02
C ARG O 318 43.26 28.40 -0.65
N GLY O 319 42.36 29.32 -0.21
CA GLY O 319 41.73 29.16 1.09
C GLY O 319 41.97 30.36 2.04
N ARG O 320 41.65 30.16 3.27
CA ARG O 320 41.70 31.18 4.28
C ARG O 320 43.04 31.06 4.96
N MET O 321 43.93 32.05 4.78
CA MET O 321 45.19 32.04 5.47
C MET O 321 45.58 33.46 5.87
N SER O 322 46.67 33.58 6.63
CA SER O 322 47.27 34.86 6.89
C SER O 322 48.43 35.05 5.91
N THR O 323 48.55 36.30 5.44
CA THR O 323 49.51 36.59 4.42
C THR O 323 50.92 36.79 4.94
N LYS O 324 51.11 36.97 6.24
CA LYS O 324 52.46 36.75 6.80
C LYS O 324 52.81 35.26 6.68
N GLU O 325 51.93 34.41 7.13
CA GLU O 325 52.37 33.00 7.31
C GLU O 325 52.59 32.30 5.96
N VAL O 326 51.80 32.81 4.97
CA VAL O 326 52.03 32.28 3.64
C VAL O 326 53.36 32.83 3.12
N ASP O 327 53.80 34.02 3.52
CA ASP O 327 54.99 34.56 2.98
C ASP O 327 56.23 34.22 3.83
N GLU O 328 56.11 34.11 5.13
CA GLU O 328 57.23 33.81 6.00
C GLU O 328 57.69 32.36 5.85
N GLN O 329 56.77 31.46 5.56
CA GLN O 329 57.15 30.09 5.28
C GLN O 329 57.90 29.94 3.95
N MET O 330 57.50 30.75 2.97
CA MET O 330 58.21 30.76 1.71
C MET O 330 59.56 31.44 1.86
N LEU O 331 59.75 32.30 2.83
CA LEU O 331 61.06 32.81 3.20
C LEU O 331 61.83 31.71 3.91
N ASN O 332 61.15 30.93 4.74
CA ASN O 332 61.81 29.88 5.51
C ASN O 332 62.42 28.80 4.61
N VAL O 333 61.69 28.47 3.54
CA VAL O 333 62.12 27.46 2.60
C VAL O 333 63.32 27.95 1.78
N GLN O 334 63.41 29.23 1.52
CA GLN O 334 64.54 29.75 0.76
C GLN O 334 65.79 29.79 1.62
N ASN O 335 65.63 30.04 2.91
CA ASN O 335 66.77 30.22 3.79
C ASN O 335 67.32 28.87 4.23
N LYS O 336 66.43 27.91 4.50
CA LYS O 336 66.85 26.60 4.97
C LYS O 336 67.39 25.76 3.82
N ASN O 337 66.67 25.74 2.66
CA ASN O 337 67.16 24.98 1.53
C ASN O 337 67.90 25.93 0.60
N SER O 338 68.99 26.50 1.09
CA SER O 338 69.67 27.59 0.41
C SER O 338 70.41 27.10 -0.85
N SER O 339 70.93 25.86 -0.79
CA SER O 339 71.70 25.32 -1.88
C SER O 339 70.80 24.82 -3.01
N TYR O 340 69.48 24.69 -2.79
CA TYR O 340 68.56 24.22 -3.80
C TYR O 340 67.93 25.35 -4.60
N PHE O 341 68.35 26.57 -4.35
CA PHE O 341 67.91 27.73 -5.10
C PHE O 341 69.10 28.40 -5.77
N VAL O 342 68.82 29.13 -6.83
CA VAL O 342 69.84 29.78 -7.63
C VAL O 342 70.26 31.07 -6.94
N GLU O 343 71.52 31.45 -7.14
CA GLU O 343 72.15 32.48 -6.29
C GLU O 343 71.99 33.88 -6.85
N TRP O 344 72.02 34.02 -8.18
CA TRP O 344 72.04 35.33 -8.79
C TRP O 344 70.65 35.94 -8.92
N ILE O 345 69.61 35.24 -8.46
CA ILE O 345 68.31 35.86 -8.25
C ILE O 345 68.03 35.85 -6.76
N PRO O 346 67.99 37.03 -6.13
CA PRO O 346 67.40 37.14 -4.78
C PRO O 346 65.89 36.96 -4.84
N ASN O 347 65.34 36.33 -3.79
CA ASN O 347 63.91 36.04 -3.65
C ASN O 347 63.38 35.35 -4.91
N ASN O 348 63.75 34.11 -5.03
CA ASN O 348 63.24 33.11 -5.96
C ASN O 348 61.77 32.76 -5.76
N MET O 349 61.19 33.05 -4.63
CA MET O 349 59.83 32.79 -4.24
C MET O 349 58.75 33.61 -4.96
N LYS O 350 57.66 33.00 -5.31
CA LYS O 350 56.44 33.77 -5.60
C LYS O 350 55.31 33.15 -4.84
N SER O 351 54.51 33.97 -4.19
CA SER O 351 53.28 33.48 -3.57
C SER O 351 52.10 34.26 -4.12
N SER O 352 50.96 33.58 -4.20
CA SER O 352 49.68 34.18 -4.49
C SER O 352 48.61 33.48 -3.66
N VAL O 353 47.72 34.23 -3.08
CA VAL O 353 46.73 33.70 -2.15
C VAL O 353 45.36 34.05 -2.72
N CYS O 354 44.59 33.02 -3.06
CA CYS O 354 43.21 33.10 -3.38
C CYS O 354 42.37 32.65 -2.18
N ASP O 355 41.08 32.97 -2.27
CA ASP O 355 40.20 32.97 -1.12
C ASP O 355 39.21 31.82 -1.17
N ILE O 356 39.02 31.12 -2.30
CA ILE O 356 38.08 30.04 -2.37
C ILE O 356 38.83 28.73 -2.50
N PRO O 357 38.79 27.86 -1.48
CA PRO O 357 39.54 26.60 -1.55
C PRO O 357 38.77 25.61 -2.41
N PRO O 358 39.40 24.52 -2.86
CA PRO O 358 38.66 23.46 -3.55
C PRO O 358 37.68 22.77 -2.62
N LYS O 359 36.71 22.12 -3.22
CA LYS O 359 35.56 21.60 -2.48
C LYS O 359 35.97 20.44 -1.58
N GLY O 360 35.66 20.54 -0.29
CA GLY O 360 36.00 19.52 0.69
C GLY O 360 37.28 19.81 1.46
N LEU O 361 38.17 20.61 0.90
CA LEU O 361 39.43 20.93 1.60
C LEU O 361 39.39 22.35 2.12
N LYS O 362 39.94 22.56 3.29
CA LYS O 362 39.95 23.93 3.82
C LYS O 362 41.04 24.79 3.16
N MET O 363 42.06 24.12 2.62
CA MET O 363 43.26 24.77 2.12
C MET O 363 43.85 23.87 1.02
N SER O 364 44.42 24.51 0.01
CA SER O 364 45.24 23.79 -0.95
C SER O 364 46.32 24.74 -1.48
N VAL O 365 47.32 24.12 -2.13
CA VAL O 365 48.30 24.84 -2.89
C VAL O 365 48.59 24.05 -4.17
N THR O 366 48.83 24.80 -5.24
CA THR O 366 49.39 24.26 -6.44
C THR O 366 50.75 24.89 -6.69
N PHE O 367 51.73 24.01 -6.98
CA PHE O 367 53.11 24.45 -7.01
C PHE O 367 53.63 24.34 -8.42
N VAL O 368 54.17 25.44 -8.92
CA VAL O 368 54.73 25.53 -10.25
C VAL O 368 56.20 25.93 -10.10
N GLY O 369 57.09 25.03 -10.52
CA GLY O 369 58.50 25.34 -10.27
C GLY O 369 59.36 25.17 -11.53
N ASN O 370 60.10 26.22 -11.87
CA ASN O 370 60.99 26.20 -13.00
C ASN O 370 62.36 25.73 -12.54
N SER O 371 62.64 24.43 -12.70
CA SER O 371 63.86 23.86 -12.16
C SER O 371 64.82 23.53 -13.30
N THR O 372 66.11 23.52 -12.97
CA THR O 372 67.12 23.07 -13.91
C THR O 372 67.37 21.56 -13.77
N ALA O 373 66.60 20.89 -12.91
CA ALA O 373 66.67 19.44 -12.79
C ALA O 373 65.90 18.74 -13.91
N ILE O 374 65.17 19.54 -14.75
CA ILE O 374 64.47 18.90 -15.86
C ILE O 374 65.43 18.71 -17.04
N GLN O 375 66.70 19.07 -16.87
CA GLN O 375 67.74 18.69 -17.81
C GLN O 375 67.89 17.16 -17.88
N GLU O 376 67.62 16.48 -16.78
CA GLU O 376 67.79 15.04 -16.69
C GLU O 376 66.79 14.30 -17.53
N MET O 377 65.57 14.86 -17.71
CA MET O 377 64.60 14.26 -18.60
C MET O 377 64.99 14.53 -20.06
N PHE O 378 65.42 15.73 -20.36
CA PHE O 378 65.72 16.08 -21.72
C PHE O 378 66.97 15.34 -22.23
N LYS O 379 67.91 15.07 -21.29
CA LYS O 379 69.09 14.32 -21.67
C LYS O 379 68.73 12.85 -21.90
N ARG O 380 67.76 12.32 -21.15
CA ARG O 380 67.38 10.92 -21.26
C ARG O 380 66.67 10.67 -22.59
N VAL O 381 65.83 11.63 -22.99
CA VAL O 381 65.12 11.43 -24.24
C VAL O 381 66.04 11.70 -25.41
N SER O 382 67.03 12.60 -25.23
CA SER O 382 68.05 12.81 -26.26
C SER O 382 68.90 11.54 -26.47
N ASP O 383 69.25 10.85 -25.39
CA ASP O 383 70.05 9.65 -25.50
C ASP O 383 69.29 8.50 -26.13
N GLN O 384 67.99 8.43 -25.85
CA GLN O 384 67.12 7.43 -26.44
C GLN O 384 66.91 7.74 -27.91
N PHE O 385 66.87 9.05 -28.26
CA PHE O 385 66.71 9.43 -29.65
C PHE O 385 68.01 9.10 -30.41
N THR O 386 69.16 9.39 -29.80
CA THR O 386 70.41 9.20 -30.50
C THR O 386 70.74 7.72 -30.64
N ALA O 387 70.21 6.86 -29.73
CA ALA O 387 70.45 5.44 -29.86
C ALA O 387 69.74 4.86 -31.08
N MET O 388 68.50 5.33 -31.30
CA MET O 388 67.73 4.80 -32.42
C MET O 388 68.07 5.47 -33.75
N PHE O 389 68.52 6.70 -33.72
CA PHE O 389 68.77 7.47 -34.94
C PHE O 389 70.08 7.11 -35.61
N ARG O 390 71.04 6.61 -34.81
CA ARG O 390 72.33 6.17 -35.32
C ARG O 390 72.13 4.97 -36.25
N ARG O 391 71.15 4.12 -35.93
CA ARG O 391 70.87 2.96 -36.73
C ARG O 391 69.68 3.16 -37.66
N LYS O 392 69.08 4.35 -37.63
CA LYS O 392 67.96 4.70 -38.51
C LYS O 392 66.78 3.73 -38.33
N ALA O 393 66.52 3.33 -37.10
CA ALA O 393 65.47 2.41 -36.77
C ALA O 393 64.14 3.15 -36.76
N PHE O 394 63.09 2.50 -37.30
CA PHE O 394 61.73 2.99 -37.36
C PHE O 394 61.61 4.34 -38.08
N LEU O 395 62.56 4.71 -38.91
CA LEU O 395 62.61 6.01 -39.53
C LEU O 395 61.82 6.03 -40.82
N HIS O 396 61.65 4.82 -41.47
CA HIS O 396 61.10 4.80 -42.80
C HIS O 396 59.59 5.06 -42.75
N TRP O 397 58.96 4.92 -41.61
CA TRP O 397 57.54 5.32 -41.55
C TRP O 397 57.41 6.84 -41.49
N TYR O 398 58.44 7.53 -40.96
CA TYR O 398 58.39 8.98 -40.89
C TYR O 398 58.87 9.60 -42.18
N THR O 399 59.96 9.03 -42.77
CA THR O 399 60.49 9.58 -44.00
C THR O 399 59.55 9.27 -45.19
N GLY O 400 58.86 8.17 -45.09
CA GLY O 400 57.99 7.73 -46.17
C GLY O 400 56.65 8.45 -46.19
N GLU O 401 56.35 9.23 -45.15
CA GLU O 401 55.12 9.99 -45.04
C GLU O 401 55.35 11.47 -45.36
N GLY O 402 56.51 11.84 -45.89
CA GLY O 402 56.69 13.17 -46.45
C GLY O 402 57.75 14.01 -45.69
N MET O 403 58.75 13.30 -45.18
CA MET O 403 59.73 13.96 -44.32
C MET O 403 61.09 13.95 -45.00
N ASP O 404 61.93 14.86 -44.49
CA ASP O 404 63.35 14.83 -44.85
C ASP O 404 64.16 14.43 -43.60
N GLU O 405 65.36 13.94 -43.92
CA GLU O 405 66.30 13.43 -42.92
C GLU O 405 66.83 14.57 -42.03
N MET O 406 66.91 15.75 -42.62
CA MET O 406 67.56 16.90 -42.00
C MET O 406 66.72 17.48 -40.87
N GLU O 407 65.37 17.28 -40.90
CA GLU O 407 64.59 17.88 -39.83
C GLU O 407 64.78 17.13 -38.51
N PHE O 408 65.16 15.83 -38.58
CA PHE O 408 65.48 15.12 -37.36
C PHE O 408 66.77 15.62 -36.71
N THR O 409 67.76 15.94 -37.52
CA THR O 409 68.98 16.51 -36.99
C THR O 409 68.72 17.90 -36.42
N GLU O 410 67.81 18.64 -37.04
CA GLU O 410 67.36 19.93 -36.52
C GLU O 410 66.73 19.80 -35.11
N ALA O 411 65.91 18.75 -34.97
CA ALA O 411 65.16 18.51 -33.75
C ALA O 411 66.15 18.22 -32.61
N GLU O 412 67.10 17.36 -32.92
CA GLU O 412 68.05 16.89 -31.91
C GLU O 412 69.01 17.98 -31.54
N SER O 413 69.39 18.83 -32.49
CA SER O 413 70.29 19.96 -32.19
C SER O 413 69.67 20.97 -31.20
N ASN O 414 68.40 21.26 -31.39
CA ASN O 414 67.81 22.28 -30.51
C ASN O 414 67.28 21.61 -29.31
N MET O 415 67.16 20.29 -29.14
CA MET O 415 66.96 19.73 -27.82
C MET O 415 68.31 19.61 -27.11
N ASN O 416 69.40 19.34 -27.83
CA ASN O 416 70.73 19.36 -27.26
C ASN O 416 71.14 20.77 -26.88
N ASP O 417 70.68 21.79 -27.57
CA ASP O 417 70.86 23.16 -27.16
C ASP O 417 70.17 23.45 -25.80
N LEU O 418 69.03 22.80 -25.56
CA LEU O 418 68.23 23.11 -24.42
C LEU O 418 68.92 22.72 -23.11
N VAL O 419 69.64 21.58 -23.18
CA VAL O 419 70.41 21.12 -22.04
C VAL O 419 71.56 22.06 -21.81
N SER O 420 72.16 22.71 -22.83
CA SER O 420 73.28 23.58 -22.66
C SER O 420 72.92 24.82 -21.84
N GLU O 421 71.69 25.34 -22.02
CA GLU O 421 71.45 26.59 -21.22
C GLU O 421 71.16 26.25 -19.75
N TYR O 422 70.60 25.05 -19.52
CA TYR O 422 70.36 24.60 -18.18
C TYR O 422 71.64 24.31 -17.40
N GLN O 423 72.69 23.84 -18.13
CA GLN O 423 74.02 23.75 -17.54
C GLN O 423 74.63 25.10 -17.28
N GLN O 424 74.26 26.06 -18.11
CA GLN O 424 74.80 27.42 -18.04
C GLN O 424 74.35 28.11 -16.75
N TYR O 425 73.14 27.77 -16.28
CA TYR O 425 72.56 28.40 -15.10
C TYR O 425 72.62 27.53 -13.86
N GLN O 426 73.39 26.45 -13.91
CA GLN O 426 73.48 25.52 -12.80
C GLN O 426 74.81 25.87 -12.10
N MET P 1 -2.02 52.13 -54.31
CA MET P 1 -0.88 51.60 -53.79
C MET P 1 0.02 50.87 -54.81
N ARG P 2 1.04 50.25 -54.25
CA ARG P 2 2.01 49.53 -55.09
C ARG P 2 1.77 48.04 -54.97
N GLU P 3 1.77 47.37 -56.15
CA GLU P 3 1.56 45.93 -56.19
C GLU P 3 2.70 45.33 -57.03
N ILE P 4 3.06 44.10 -56.65
CA ILE P 4 4.02 43.29 -57.34
C ILE P 4 3.29 42.12 -58.01
N VAL P 5 3.49 42.05 -59.35
CA VAL P 5 2.90 41.02 -60.13
C VAL P 5 3.91 39.87 -60.26
N HIS P 6 3.45 38.67 -59.89
CA HIS P 6 4.29 37.52 -59.81
C HIS P 6 4.11 36.66 -61.05
N VAL P 7 5.26 36.22 -61.60
CA VAL P 7 5.27 35.26 -62.67
C VAL P 7 6.04 34.00 -62.28
N GLN P 8 5.43 32.85 -62.47
CA GLN P 8 6.12 31.58 -62.24
C GLN P 8 6.26 30.81 -63.55
N GLY P 9 7.49 30.50 -63.89
CA GLY P 9 7.79 29.92 -65.19
C GLY P 9 8.70 28.74 -65.05
N GLY P 10 8.46 27.68 -65.82
CA GLY P 10 9.29 26.50 -65.83
C GLY P 10 9.00 25.53 -64.71
N GLN P 11 9.67 24.39 -64.75
CA GLN P 11 9.49 23.34 -63.76
C GLN P 11 9.98 23.80 -62.39
N CYS P 12 11.16 24.43 -62.38
CA CYS P 12 11.75 24.86 -61.11
C CYS P 12 10.94 26.02 -60.54
N GLY P 13 10.56 26.95 -61.46
CA GLY P 13 9.88 28.17 -61.00
C GLY P 13 8.51 27.89 -60.44
N ASN P 14 7.82 26.85 -60.97
CA ASN P 14 6.49 26.56 -60.46
C ASN P 14 6.54 25.96 -59.07
N GLN P 15 7.52 25.10 -58.81
CA GLN P 15 7.64 24.48 -57.50
C GLN P 15 8.23 25.44 -56.46
N ILE P 16 9.09 26.38 -56.90
CA ILE P 16 9.59 27.36 -55.97
C ILE P 16 8.54 28.44 -55.70
N GLY P 17 7.70 28.71 -56.70
CA GLY P 17 6.67 29.71 -56.53
C GLY P 17 5.44 29.19 -55.75
N ALA P 18 5.24 27.86 -55.82
CA ALA P 18 4.21 27.20 -55.03
C ALA P 18 4.55 27.31 -53.55
N LYS P 19 5.83 27.24 -53.21
CA LYS P 19 6.23 27.33 -51.83
C LYS P 19 6.34 28.79 -51.38
N PHE P 20 6.49 29.70 -52.35
CA PHE P 20 6.49 31.11 -52.03
C PHE P 20 5.13 31.55 -51.50
N TRP P 21 4.07 31.06 -52.16
CA TRP P 21 2.73 31.51 -51.73
C TRP P 21 2.30 30.76 -50.51
N GLU P 22 3.02 29.65 -50.19
CA GLU P 22 2.75 28.95 -48.94
C GLU P 22 3.28 29.76 -47.77
N VAL P 23 4.45 30.37 -47.95
CA VAL P 23 5.11 31.02 -46.84
C VAL P 23 4.54 32.42 -46.64
N ILE P 24 4.08 33.07 -47.71
CA ILE P 24 3.58 34.43 -47.58
C ILE P 24 2.17 34.36 -46.96
N SER P 25 1.38 33.33 -47.38
CA SER P 25 -0.02 33.36 -47.01
C SER P 25 -0.19 33.11 -45.50
N ASP P 26 0.64 32.23 -44.95
CA ASP P 26 0.49 31.96 -43.53
C ASP P 26 1.18 33.03 -42.74
N GLU P 27 2.13 33.79 -43.29
CA GLU P 27 2.67 34.90 -42.51
C GLU P 27 1.70 36.07 -42.47
N HIS P 28 0.93 36.27 -43.55
CA HIS P 28 -0.12 37.28 -43.53
C HIS P 28 -1.48 36.73 -43.00
N GLY P 29 -1.55 35.43 -42.76
CA GLY P 29 -2.70 34.81 -42.12
C GLY P 29 -3.89 34.58 -43.01
N ILE P 30 -3.65 34.17 -44.28
CA ILE P 30 -4.69 33.79 -45.21
C ILE P 30 -4.79 32.26 -45.23
N ASP P 31 -5.99 31.78 -44.98
CA ASP P 31 -6.38 30.39 -45.17
C ASP P 31 -6.22 30.00 -46.62
N PRO P 32 -5.83 28.75 -46.94
CA PRO P 32 -5.86 28.27 -48.32
C PRO P 32 -7.22 28.40 -49.03
N THR P 33 -8.31 28.55 -48.29
CA THR P 33 -9.59 28.83 -48.92
C THR P 33 -9.68 30.30 -49.37
N GLY P 34 -8.78 31.17 -48.89
CA GLY P 34 -8.75 32.55 -49.31
C GLY P 34 -9.11 33.54 -48.21
N THR P 35 -9.76 33.06 -47.19
CA THR P 35 -10.29 33.92 -46.15
C THR P 35 -9.20 34.30 -45.14
N TYR P 36 -9.44 35.38 -44.43
CA TYR P 36 -8.46 35.85 -43.46
C TYR P 36 -8.77 35.30 -42.07
N CYS P 37 -7.71 34.95 -41.34
CA CYS P 37 -7.79 34.63 -39.94
C CYS P 37 -6.57 35.24 -39.23
N GLY P 38 -6.77 35.71 -37.99
CA GLY P 38 -5.59 36.08 -37.21
C GLY P 38 -5.75 37.29 -36.32
N ASP P 39 -6.68 38.19 -36.71
CA ASP P 39 -7.03 39.45 -36.04
C ASP P 39 -5.76 40.24 -35.62
N SER P 40 -4.95 40.59 -36.63
CA SER P 40 -3.97 41.66 -36.49
C SER P 40 -4.10 42.62 -37.68
N ASP P 41 -4.12 43.91 -37.36
CA ASP P 41 -4.39 44.94 -38.33
C ASP P 41 -3.21 45.16 -39.27
N LEU P 42 -2.01 45.00 -38.72
CA LEU P 42 -0.76 45.16 -39.45
C LEU P 42 -0.59 44.11 -40.55
N GLN P 43 -1.23 42.94 -40.37
CA GLN P 43 -1.18 41.90 -41.38
C GLN P 43 -1.98 42.28 -42.62
N LEU P 44 -3.03 43.08 -42.50
CA LEU P 44 -4.00 43.28 -43.54
C LEU P 44 -3.79 44.66 -44.20
N GLU P 45 -3.12 45.61 -43.51
CA GLU P 45 -3.15 46.98 -43.97
C GLU P 45 -2.40 47.17 -45.30
N ARG P 46 -1.35 46.39 -45.48
CA ARG P 46 -0.74 46.23 -46.80
C ARG P 46 -0.82 44.75 -47.17
N ILE P 47 -1.95 44.44 -47.81
CA ILE P 47 -2.13 43.10 -48.39
C ILE P 47 -2.20 43.20 -49.92
N ASN P 48 -2.50 44.38 -50.43
CA ASN P 48 -2.68 44.60 -51.85
C ASN P 48 -1.35 44.58 -52.58
N VAL P 49 -0.21 44.45 -51.89
CA VAL P 49 1.06 44.30 -52.57
C VAL P 49 1.12 42.95 -53.30
N PHE P 50 0.40 41.94 -52.81
CA PHE P 50 0.47 40.61 -53.40
C PHE P 50 -0.91 40.00 -53.66
N TYR P 51 -1.99 40.61 -53.13
CA TYR P 51 -3.29 40.01 -53.27
C TYR P 51 -4.30 40.95 -53.89
N ASN P 52 -5.39 40.36 -54.36
CA ASN P 52 -6.46 41.13 -54.98
C ASN P 52 -7.79 40.72 -54.40
N GLU P 53 -8.55 41.70 -53.91
CA GLU P 53 -9.85 41.44 -53.25
C GLU P 53 -10.86 40.97 -54.28
N ALA P 54 -11.74 40.05 -53.95
CA ALA P 54 -12.55 39.32 -54.94
C ALA P 54 -14.03 39.32 -54.56
N THR P 55 -14.47 40.38 -53.85
CA THR P 55 -15.90 40.70 -53.61
C THR P 55 -16.70 39.55 -52.99
N GLY P 56 -15.95 38.61 -52.42
CA GLY P 56 -16.53 37.57 -51.58
C GLY P 56 -15.90 37.69 -50.21
N GLY P 57 -14.92 38.65 -50.13
CA GLY P 57 -14.07 38.73 -48.95
C GLY P 57 -12.81 37.88 -49.05
N ARG P 58 -12.69 37.06 -50.11
CA ARG P 58 -11.52 36.24 -50.31
C ARG P 58 -10.45 37.02 -51.07
N PHE P 59 -9.24 36.58 -50.96
CA PHE P 59 -8.13 37.07 -51.76
C PHE P 59 -7.73 36.08 -52.87
N VAL P 60 -7.19 36.65 -53.89
CA VAL P 60 -6.53 35.83 -54.94
C VAL P 60 -5.14 36.37 -55.07
N PRO P 61 -4.10 35.52 -55.16
CA PRO P 61 -2.75 36.00 -55.48
C PRO P 61 -2.66 36.58 -56.87
N ARG P 62 -1.78 37.58 -57.01
CA ARG P 62 -1.53 38.17 -58.30
C ARG P 62 -0.40 37.41 -58.99
N ALA P 63 -0.60 36.11 -59.17
CA ALA P 63 0.44 35.25 -59.75
C ALA P 63 -0.03 34.66 -61.06
N ILE P 64 0.86 34.60 -62.04
CA ILE P 64 0.57 34.05 -63.34
C ILE P 64 1.46 32.82 -63.53
N LEU P 65 0.78 31.67 -63.70
CA LEU P 65 1.49 30.42 -63.82
C LEU P 65 1.67 30.08 -65.31
N MET P 66 2.91 29.79 -65.69
CA MET P 66 3.19 29.78 -67.13
C MET P 66 4.17 28.67 -67.43
N ASP P 67 3.84 27.76 -68.33
CA ASP P 67 4.61 26.54 -68.54
C ASP P 67 4.14 25.87 -69.80
N LEU P 68 4.99 25.04 -70.42
CA LEU P 68 4.66 24.39 -71.67
C LEU P 68 4.29 22.95 -71.48
N GLU P 69 4.25 22.45 -70.27
CA GLU P 69 3.97 21.02 -70.06
C GLU P 69 2.93 20.91 -68.95
N PRO P 70 1.81 20.19 -69.16
CA PRO P 70 0.65 20.37 -68.29
C PRO P 70 0.72 19.62 -66.97
N GLY P 71 1.83 18.87 -66.73
CA GLY P 71 2.01 18.12 -65.51
C GLY P 71 2.16 18.98 -64.27
N THR P 72 2.99 20.00 -64.34
CA THR P 72 3.41 20.75 -63.18
C THR P 72 2.33 21.73 -62.75
N MET P 73 1.42 22.14 -63.64
CA MET P 73 0.34 22.97 -63.14
C MET P 73 -0.73 22.14 -62.38
N ASP P 74 -0.85 20.88 -62.78
CA ASP P 74 -1.72 19.97 -62.04
C ASP P 74 -1.12 19.69 -60.65
N SER P 75 0.22 19.66 -60.58
CA SER P 75 0.92 19.41 -59.34
C SER P 75 0.72 20.56 -58.35
N VAL P 76 0.71 21.78 -58.86
CA VAL P 76 0.54 22.97 -58.02
C VAL P 76 -0.90 23.03 -57.50
N ARG P 77 -1.87 22.70 -58.34
CA ARG P 77 -3.26 22.73 -57.95
C ARG P 77 -3.57 21.67 -56.88
N ALA P 78 -2.97 20.47 -57.04
CA ALA P 78 -3.26 19.35 -56.16
C ALA P 78 -2.62 19.49 -54.79
N GLY P 79 -1.55 20.28 -54.70
CA GLY P 79 -0.82 20.50 -53.47
C GLY P 79 -1.58 21.49 -52.59
N PRO P 80 -1.16 21.61 -51.31
CA PRO P 80 -1.81 22.51 -50.38
C PRO P 80 -1.53 23.95 -50.80
N PHE P 81 -2.47 24.83 -50.46
CA PHE P 81 -2.43 26.24 -50.84
C PHE P 81 -2.41 26.37 -52.36
N GLY P 82 -3.05 25.44 -53.06
CA GLY P 82 -3.05 25.46 -54.51
C GLY P 82 -4.37 25.96 -55.05
N GLN P 83 -5.39 26.03 -54.20
CA GLN P 83 -6.70 26.50 -54.62
C GLN P 83 -6.77 28.02 -54.60
N LEU P 84 -5.66 28.68 -54.21
CA LEU P 84 -5.66 30.13 -54.12
C LEU P 84 -5.68 30.76 -55.51
N PHE P 85 -4.94 30.16 -56.46
CA PHE P 85 -4.75 30.81 -57.75
C PHE P 85 -6.01 30.71 -58.61
N ARG P 86 -6.17 31.72 -59.47
CA ARG P 86 -7.29 31.77 -60.38
C ARG P 86 -7.03 30.77 -61.50
N PRO P 87 -8.02 29.93 -61.88
CA PRO P 87 -7.88 29.04 -63.02
C PRO P 87 -7.67 29.73 -64.37
N ASP P 88 -8.11 30.92 -64.53
CA ASP P 88 -7.91 31.72 -65.74
C ASP P 88 -6.43 32.16 -65.85
N ASN P 89 -5.76 32.27 -64.71
CA ASN P 89 -4.37 32.72 -64.69
C ASN P 89 -3.41 31.62 -65.17
N PHE P 90 -3.86 30.37 -65.16
CA PHE P 90 -3.09 29.26 -65.64
C PHE P 90 -3.05 29.30 -67.17
N VAL P 91 -1.84 29.22 -67.73
CA VAL P 91 -1.70 29.11 -69.17
C VAL P 91 -0.81 27.92 -69.40
N PHE P 92 -1.44 26.83 -69.75
CA PHE P 92 -0.69 25.57 -69.98
C PHE P 92 -0.07 25.54 -71.36
N GLY P 93 0.71 24.60 -71.64
CA GLY P 93 1.12 24.15 -72.94
C GLY P 93 0.94 22.66 -73.01
N GLN P 94 0.95 22.13 -74.23
CA GLN P 94 0.74 20.72 -74.43
C GLN P 94 1.93 19.96 -74.92
N THR P 95 2.82 20.60 -75.61
CA THR P 95 3.96 20.01 -76.29
C THR P 95 5.12 19.72 -75.34
N GLY P 96 5.57 20.71 -74.62
CA GLY P 96 6.65 20.60 -73.66
C GLY P 96 7.98 21.00 -74.30
N ALA P 97 8.64 22.01 -73.72
CA ALA P 97 9.89 22.51 -74.27
C ALA P 97 11.02 21.59 -73.80
N GLY P 98 11.55 20.78 -74.73
CA GLY P 98 12.26 19.59 -74.27
C GLY P 98 13.70 19.92 -73.92
N ASN P 99 13.94 20.75 -72.89
CA ASN P 99 15.23 21.23 -72.47
C ASN P 99 16.02 21.83 -73.62
N ASN P 100 15.34 22.42 -74.57
CA ASN P 100 15.91 23.00 -75.77
C ASN P 100 15.56 24.47 -75.75
N TRP P 101 16.55 25.34 -75.60
CA TRP P 101 16.28 26.74 -75.30
C TRP P 101 15.58 27.46 -76.42
N ALA P 102 15.95 27.07 -77.66
CA ALA P 102 15.33 27.66 -78.84
C ALA P 102 13.84 27.35 -78.88
N LYS P 103 13.45 26.11 -78.64
CA LYS P 103 12.04 25.79 -78.76
C LYS P 103 11.22 26.27 -77.56
N GLY P 104 11.93 26.58 -76.43
CA GLY P 104 11.29 27.25 -75.34
C GLY P 104 10.93 28.71 -75.63
N HIS P 105 11.74 29.35 -76.43
CA HIS P 105 11.73 30.75 -76.73
C HIS P 105 11.03 31.04 -78.06
N TYR P 106 11.26 30.21 -79.09
CA TYR P 106 10.72 30.50 -80.37
C TYR P 106 9.60 29.54 -80.75
N THR P 107 9.79 28.25 -80.68
CA THR P 107 9.09 27.30 -81.55
C THR P 107 7.74 26.83 -81.02
N GLU P 108 7.68 26.37 -79.76
CA GLU P 108 6.38 26.40 -79.06
C GLU P 108 6.36 27.60 -78.15
N GLY P 109 7.45 28.36 -77.94
CA GLY P 109 7.48 29.48 -77.06
C GLY P 109 6.64 30.69 -77.52
N ALA P 110 6.52 30.80 -78.81
CA ALA P 110 5.87 32.00 -79.40
C ALA P 110 4.34 31.89 -79.25
N GLU P 111 3.82 30.65 -79.28
CA GLU P 111 2.39 30.49 -79.39
C GLU P 111 1.73 30.53 -78.03
N LEU P 112 2.50 30.65 -76.92
CA LEU P 112 1.82 30.93 -75.65
C LEU P 112 1.93 32.40 -75.21
N ILE P 113 2.82 33.14 -75.80
CA ILE P 113 3.09 34.53 -75.50
C ILE P 113 1.87 35.41 -75.66
N ASP P 114 1.03 35.13 -76.69
CA ASP P 114 -0.15 35.99 -76.84
C ASP P 114 -1.12 35.81 -75.68
N SER P 115 -1.15 34.56 -75.14
CA SER P 115 -2.08 34.22 -74.08
C SER P 115 -1.57 34.77 -72.74
N VAL P 116 -0.24 34.63 -72.53
CA VAL P 116 0.31 35.00 -71.25
C VAL P 116 0.43 36.50 -71.13
N LEU P 117 0.65 37.19 -72.26
CA LEU P 117 0.74 38.65 -72.20
C LEU P 117 -0.64 39.24 -72.01
N ASP P 118 -1.67 38.52 -72.46
CA ASP P 118 -3.05 39.02 -72.33
C ASP P 118 -3.42 38.99 -70.83
N VAL P 119 -3.02 37.93 -70.14
CA VAL P 119 -3.45 37.76 -68.76
C VAL P 119 -2.63 38.70 -67.86
N VAL P 120 -1.38 38.97 -68.23
CA VAL P 120 -0.58 39.87 -67.40
C VAL P 120 -1.05 41.30 -67.58
N ARG P 121 -1.50 41.65 -68.77
CA ARG P 121 -2.00 43.01 -68.98
C ARG P 121 -3.33 43.21 -68.29
N LYS P 122 -4.15 42.14 -68.19
CA LYS P 122 -5.43 42.25 -67.50
C LYS P 122 -5.18 42.55 -66.02
N GLU P 123 -4.19 41.92 -65.42
CA GLU P 123 -3.83 42.16 -64.04
C GLU P 123 -3.09 43.48 -63.81
N ALA P 124 -2.27 43.89 -64.76
CA ALA P 124 -1.42 45.08 -64.64
C ALA P 124 -2.24 46.35 -64.72
N GLU P 125 -3.18 46.41 -65.72
CA GLU P 125 -3.90 47.63 -65.96
C GLU P 125 -5.03 47.82 -64.94
N GLY P 126 -5.42 46.72 -64.26
CA GLY P 126 -6.60 46.75 -63.41
C GLY P 126 -6.42 47.61 -62.14
N CYS P 127 -5.17 47.85 -61.75
CA CYS P 127 -4.79 48.23 -60.40
C CYS P 127 -4.62 49.74 -60.33
N ASP P 128 -4.05 50.22 -59.21
CA ASP P 128 -3.74 51.62 -59.01
C ASP P 128 -2.67 52.09 -60.02
N CYS P 129 -1.48 51.56 -59.85
CA CYS P 129 -0.28 51.73 -60.62
C CYS P 129 0.71 50.69 -60.01
N LEU P 130 1.34 49.85 -60.85
CA LEU P 130 2.21 48.84 -60.35
C LEU P 130 3.66 49.30 -60.06
N GLN P 131 4.33 48.54 -59.21
CA GLN P 131 5.68 48.88 -58.86
C GLN P 131 6.66 47.97 -59.64
N GLY P 132 6.42 46.65 -59.63
CA GLY P 132 7.42 45.74 -60.06
C GLY P 132 6.95 44.35 -60.41
N PHE P 133 7.82 43.65 -61.15
CA PHE P 133 7.51 42.27 -61.53
C PHE P 133 8.52 41.30 -61.00
N GLN P 134 8.13 40.37 -60.10
CA GLN P 134 9.07 39.34 -59.69
C GLN P 134 8.73 38.07 -60.45
N ILE P 135 9.79 37.44 -60.99
CA ILE P 135 9.68 36.19 -61.72
C ILE P 135 10.60 35.16 -61.06
N THR P 136 10.09 33.95 -60.94
CA THR P 136 10.81 32.80 -60.44
C THR P 136 10.96 31.79 -61.56
N HIS P 137 12.21 31.46 -61.87
CA HIS P 137 12.53 30.59 -63.00
C HIS P 137 13.90 29.97 -62.80
N SER P 138 14.28 29.14 -63.75
CA SER P 138 15.54 28.40 -63.72
C SER P 138 16.32 28.74 -64.94
N LEU P 139 17.66 28.75 -64.85
CA LEU P 139 18.49 29.01 -66.04
C LEU P 139 19.14 27.73 -66.54
N GLY P 140 18.68 26.57 -66.06
CA GLY P 140 19.34 25.32 -66.47
C GLY P 140 18.52 24.63 -67.54
N GLY P 141 17.17 24.65 -67.33
CA GLY P 141 16.24 23.95 -68.18
C GLY P 141 15.82 24.78 -69.41
N GLY P 142 14.83 24.25 -70.13
CA GLY P 142 14.44 24.84 -71.41
C GLY P 142 13.24 25.79 -71.30
N THR P 143 12.18 25.38 -70.62
CA THR P 143 10.99 26.21 -70.55
C THR P 143 11.11 27.27 -69.45
N GLY P 144 12.02 27.06 -68.48
CA GLY P 144 12.21 28.09 -67.46
C GLY P 144 13.12 29.24 -67.95
N SER P 145 14.07 28.87 -68.78
CA SER P 145 15.08 29.74 -69.34
C SER P 145 14.60 30.39 -70.66
N GLY P 146 13.78 29.64 -71.39
CA GLY P 146 13.40 30.04 -72.75
C GLY P 146 12.13 30.87 -72.69
N MET P 147 11.10 30.27 -72.16
CA MET P 147 9.73 30.76 -72.24
C MET P 147 9.51 31.87 -71.21
N GLY P 148 10.22 31.77 -70.08
CA GLY P 148 10.09 32.85 -69.09
C GLY P 148 10.83 34.08 -69.56
N THR P 149 11.99 33.89 -70.19
CA THR P 149 12.88 34.96 -70.56
C THR P 149 12.35 35.70 -71.78
N LEU P 150 11.52 35.03 -72.60
CA LEU P 150 10.79 35.77 -73.64
C LEU P 150 9.74 36.66 -73.00
N LEU P 151 9.14 36.20 -71.95
CA LEU P 151 8.22 36.97 -71.14
C LEU P 151 8.90 38.20 -70.55
N ILE P 152 10.14 38.06 -70.12
CA ILE P 152 10.93 39.18 -69.62
C ILE P 152 11.11 40.23 -70.73
N SER P 153 11.40 39.77 -71.92
CA SER P 153 11.76 40.66 -73.03
C SER P 153 10.56 41.43 -73.52
N LYS P 154 9.44 40.77 -73.60
CA LYS P 154 8.19 41.37 -74.08
C LYS P 154 7.59 42.30 -73.03
N VAL P 155 7.70 42.02 -71.75
CA VAL P 155 7.14 42.87 -70.74
C VAL P 155 7.98 44.13 -70.52
N ARG P 156 9.28 44.00 -70.70
CA ARG P 156 10.17 45.13 -70.43
C ARG P 156 10.05 46.20 -71.48
N GLU P 157 9.81 45.78 -72.72
CA GLU P 157 9.50 46.73 -73.82
C GLU P 157 8.14 47.35 -73.60
N GLU P 158 7.22 46.66 -72.94
CA GLU P 158 5.89 47.19 -72.70
C GLU P 158 5.82 48.16 -71.51
N TYR P 159 6.54 47.88 -70.46
CA TYR P 159 6.68 48.67 -69.27
C TYR P 159 8.16 48.99 -69.07
N PRO P 160 8.68 50.07 -69.72
CA PRO P 160 10.10 50.33 -69.69
C PRO P 160 10.66 50.91 -68.40
N ASP P 161 9.81 51.62 -67.66
CA ASP P 161 10.38 52.36 -66.50
C ASP P 161 10.15 51.63 -65.19
N ARG P 162 9.41 50.51 -65.21
CA ARG P 162 9.10 49.86 -63.92
C ARG P 162 10.16 48.80 -63.64
N ILE P 163 10.37 48.55 -62.35
CA ILE P 163 11.40 47.61 -61.94
C ILE P 163 10.94 46.17 -62.20
N MET P 164 11.87 45.27 -62.35
CA MET P 164 11.53 43.86 -62.37
C MET P 164 12.72 43.08 -61.89
N GLU P 165 12.47 42.07 -61.07
CA GLU P 165 13.43 41.25 -60.37
C GLU P 165 13.21 39.80 -60.79
N THR P 166 14.27 39.03 -60.80
CA THR P 166 14.21 37.59 -61.07
C THR P 166 14.92 36.83 -59.97
N PHE P 167 14.27 35.77 -59.52
CA PHE P 167 14.87 34.81 -58.59
C PHE P 167 15.21 33.58 -59.40
N SER P 168 16.46 33.50 -59.84
CA SER P 168 16.89 32.51 -60.82
C SER P 168 17.86 31.55 -60.17
N VAL P 169 17.60 30.26 -60.37
CA VAL P 169 18.61 29.26 -60.02
C VAL P 169 19.58 29.05 -61.18
N PHE P 170 20.80 28.75 -60.85
CA PHE P 170 21.87 28.67 -61.84
C PHE P 170 22.33 27.22 -61.95
N PRO P 171 23.05 26.86 -63.02
CA PRO P 171 23.79 25.61 -63.01
C PRO P 171 24.71 25.39 -61.85
N SER P 172 24.75 24.15 -61.36
CA SER P 172 25.61 23.79 -60.26
C SER P 172 27.03 23.66 -60.77
N PRO P 173 28.05 24.03 -59.93
CA PRO P 173 29.43 23.76 -60.28
C PRO P 173 29.83 22.31 -60.42
N LYS P 174 29.52 21.48 -59.40
CA LYS P 174 30.09 20.15 -59.33
C LYS P 174 29.30 19.16 -60.16
N VAL P 175 27.98 18.99 -59.86
CA VAL P 175 27.22 18.09 -60.74
C VAL P 175 26.15 18.94 -61.38
N SER P 176 25.89 18.74 -62.68
CA SER P 176 24.73 19.34 -63.26
C SER P 176 23.66 18.31 -63.74
N ASP P 177 22.45 18.67 -63.50
CA ASP P 177 21.33 18.04 -64.22
C ASP P 177 21.27 18.67 -65.63
N THR P 178 20.45 18.13 -66.51
CA THR P 178 20.07 18.70 -67.78
C THR P 178 21.30 19.08 -68.63
N VAL P 179 21.92 18.05 -69.23
CA VAL P 179 23.30 18.04 -69.70
C VAL P 179 23.67 19.28 -70.53
N VAL P 180 22.71 19.83 -71.25
CA VAL P 180 22.94 21.10 -71.90
C VAL P 180 22.57 22.23 -70.93
N GLU P 181 23.39 22.37 -69.88
CA GLU P 181 23.36 23.52 -69.00
C GLU P 181 24.12 24.71 -69.57
N PRO P 182 25.37 24.63 -70.02
CA PRO P 182 26.07 25.82 -70.44
C PRO P 182 25.49 26.51 -71.67
N TYR P 183 24.81 25.73 -72.52
CA TYR P 183 24.11 26.36 -73.65
C TYR P 183 22.90 27.15 -73.16
N ASN P 184 22.18 26.64 -72.21
CA ASN P 184 20.98 27.30 -71.72
C ASN P 184 21.34 28.52 -70.88
N ALA P 185 22.41 28.40 -70.08
CA ALA P 185 22.76 29.46 -69.14
C ALA P 185 23.32 30.67 -69.91
N THR P 186 24.23 30.43 -70.84
CA THR P 186 24.90 31.47 -71.58
C THR P 186 23.92 32.24 -72.48
N LEU P 187 23.02 31.50 -73.11
CA LEU P 187 21.97 32.09 -73.94
C LEU P 187 20.97 32.92 -73.12
N SER P 188 20.81 32.56 -71.85
CA SER P 188 19.85 33.25 -71.01
C SER P 188 20.46 34.47 -70.36
N VAL P 189 21.77 34.45 -70.10
CA VAL P 189 22.42 35.56 -69.42
C VAL P 189 22.47 36.77 -70.35
N HIS P 190 22.70 36.59 -71.65
CA HIS P 190 22.82 37.72 -72.53
C HIS P 190 21.45 38.24 -72.92
N GLN P 191 20.39 37.70 -72.49
CA GLN P 191 19.08 38.34 -72.50
C GLN P 191 18.79 38.98 -71.14
N LEU P 192 19.43 38.47 -70.11
CA LEU P 192 19.16 38.95 -68.75
C LEU P 192 20.02 40.16 -68.40
N VAL P 193 21.16 40.34 -69.11
CA VAL P 193 21.95 41.53 -68.93
C VAL P 193 21.33 42.72 -69.64
N GLU P 194 20.49 42.48 -70.61
CA GLU P 194 19.84 43.55 -71.34
C GLU P 194 18.46 43.90 -70.79
N ASN P 195 17.81 42.97 -70.10
CA ASN P 195 16.39 43.13 -69.80
C ASN P 195 16.04 42.82 -68.36
N ALA P 196 17.00 42.67 -67.48
CA ALA P 196 16.68 42.36 -66.08
C ALA P 196 17.39 43.35 -65.15
N ASP P 197 16.69 43.78 -64.15
CA ASP P 197 17.16 44.87 -63.30
C ASP P 197 17.94 44.31 -62.13
N GLU P 198 17.44 43.25 -61.50
CA GLU P 198 18.19 42.57 -60.46
C GLU P 198 17.94 41.08 -60.57
N VAL P 199 19.08 40.34 -60.58
CA VAL P 199 19.00 38.90 -60.72
C VAL P 199 19.65 38.29 -59.50
N GLN P 200 18.83 37.58 -58.72
CA GLN P 200 19.30 37.05 -57.45
C GLN P 200 19.53 35.55 -57.56
N VAL P 201 20.82 35.17 -57.36
CA VAL P 201 21.30 33.89 -57.84
C VAL P 201 21.20 32.85 -56.73
N ILE P 202 20.70 31.65 -57.11
CA ILE P 202 20.55 30.53 -56.21
C ILE P 202 21.25 29.32 -56.82
N ASP P 203 21.98 28.61 -56.01
CA ASP P 203 22.76 27.48 -56.54
C ASP P 203 22.49 26.24 -55.72
N ASN P 204 22.23 25.10 -56.35
CA ASN P 204 21.61 23.98 -55.66
C ASN P 204 22.60 23.31 -54.71
N GLU P 205 23.87 23.26 -55.14
CA GLU P 205 24.86 22.57 -54.31
C GLU P 205 25.20 23.40 -53.07
N ALA P 206 25.08 24.72 -53.20
CA ALA P 206 25.26 25.58 -52.04
C ALA P 206 24.11 25.37 -51.06
N LEU P 207 22.89 25.14 -51.55
CA LEU P 207 21.74 24.90 -50.70
C LEU P 207 21.87 23.56 -49.98
N TYR P 208 22.42 22.58 -50.62
CA TYR P 208 22.68 21.28 -50.00
C TYR P 208 23.74 21.42 -48.91
N ASP P 209 24.71 22.26 -49.15
CA ASP P 209 25.78 22.49 -48.19
C ASP P 209 25.27 23.20 -46.94
N ILE P 210 24.29 24.11 -47.13
CA ILE P 210 23.55 24.71 -46.02
C ILE P 210 22.83 23.61 -45.23
N CYS P 211 22.17 22.67 -45.94
CA CYS P 211 21.55 21.55 -45.33
C CYS P 211 22.51 20.55 -44.71
N PHE P 212 23.77 20.56 -45.09
CA PHE P 212 24.79 19.69 -44.50
C PHE P 212 25.31 20.20 -43.15
N ARG P 213 25.77 21.52 -43.17
CA ARG P 213 26.38 21.89 -41.90
C ARG P 213 25.35 22.66 -41.00
N THR P 214 24.78 23.69 -41.63
CA THR P 214 24.11 24.73 -40.83
C THR P 214 22.73 24.37 -40.28
N LEU P 215 22.10 23.40 -40.99
CA LEU P 215 20.87 22.82 -40.51
C LEU P 215 21.13 21.43 -39.96
N LYS P 216 22.16 20.70 -40.45
CA LYS P 216 22.36 19.30 -40.04
C LYS P 216 21.13 18.42 -40.35
N LEU P 217 20.44 18.71 -41.48
CA LEU P 217 19.38 17.88 -41.94
C LEU P 217 19.86 16.64 -42.65
N THR P 218 19.15 15.52 -42.44
CA THR P 218 19.61 14.25 -43.00
C THR P 218 19.10 14.09 -44.41
N THR P 219 17.78 14.25 -44.64
CA THR P 219 17.20 13.87 -45.91
C THR P 219 16.40 15.03 -46.50
N PRO P 220 17.05 16.02 -47.13
CA PRO P 220 16.32 17.12 -47.72
C PRO P 220 15.71 16.81 -49.06
N THR P 221 14.38 16.88 -49.14
CA THR P 221 13.64 16.75 -50.38
C THR P 221 13.50 18.12 -51.02
N TYR P 222 12.69 18.24 -52.07
CA TYR P 222 12.37 19.48 -52.70
C TYR P 222 11.49 20.33 -51.84
N GLY P 223 10.88 19.80 -50.77
CA GLY P 223 10.04 20.60 -49.90
C GLY P 223 10.91 21.64 -49.18
N ASP P 224 11.93 21.13 -48.47
CA ASP P 224 12.59 22.03 -47.49
C ASP P 224 13.66 22.82 -48.19
N LEU P 225 14.20 22.42 -49.35
CA LEU P 225 15.09 23.30 -50.10
C LEU P 225 14.36 24.57 -50.61
N ASN P 226 13.18 24.36 -51.13
CA ASN P 226 12.34 25.42 -51.66
C ASN P 226 11.85 26.34 -50.54
N HIS P 227 11.70 25.77 -49.34
CA HIS P 227 11.24 26.54 -48.20
C HIS P 227 12.29 27.54 -47.77
N LEU P 228 13.55 27.16 -47.92
CA LEU P 228 14.66 28.03 -47.55
C LEU P 228 14.82 29.15 -48.55
N VAL P 229 14.65 28.87 -49.83
CA VAL P 229 14.74 29.91 -50.85
C VAL P 229 13.55 30.86 -50.72
N SER P 230 12.39 30.33 -50.37
CA SER P 230 11.20 31.15 -50.17
C SER P 230 11.35 32.07 -48.95
N ALA P 231 12.12 31.66 -47.96
CA ALA P 231 12.41 32.49 -46.80
C ALA P 231 13.20 33.75 -47.20
N ALA P 232 14.16 33.57 -48.11
CA ALA P 232 14.93 34.71 -48.60
C ALA P 232 14.08 35.56 -49.55
N MET P 233 13.16 34.96 -50.27
CA MET P 233 12.29 35.68 -51.19
C MET P 233 11.33 36.61 -50.41
N SER P 234 10.89 36.15 -49.22
CA SER P 234 10.02 36.95 -48.39
C SER P 234 10.79 38.07 -47.71
N GLY P 235 12.08 37.86 -47.45
CA GLY P 235 12.84 38.86 -46.71
C GLY P 235 13.18 40.08 -47.55
N VAL P 236 13.24 39.90 -48.89
CA VAL P 236 13.64 41.02 -49.73
C VAL P 236 12.45 41.97 -49.93
N THR P 237 11.23 41.45 -49.77
CA THR P 237 10.02 42.25 -49.93
C THR P 237 9.27 42.40 -48.61
N CYS P 238 9.95 42.18 -47.50
CA CYS P 238 9.35 42.30 -46.17
C CYS P 238 9.01 43.74 -45.86
N CYS P 239 9.92 44.61 -46.23
CA CYS P 239 9.87 46.02 -45.82
C CYS P 239 8.77 46.76 -46.58
N LEU P 240 8.40 46.26 -47.77
CA LEU P 240 7.29 46.83 -48.52
C LEU P 240 5.99 46.53 -47.79
N ARG P 241 5.85 45.38 -47.15
CA ARG P 241 4.57 44.92 -46.66
C ARG P 241 4.27 45.38 -45.21
N PHE P 242 5.35 45.73 -44.48
CA PHE P 242 5.22 46.02 -43.08
C PHE P 242 5.96 47.31 -42.76
N PRO P 243 5.50 48.06 -41.74
CA PRO P 243 6.23 49.25 -41.32
C PRO P 243 7.50 48.90 -40.55
N GLY P 244 8.29 49.89 -40.23
CA GLY P 244 9.50 49.70 -39.49
C GLY P 244 10.12 51.00 -39.06
N GLN P 245 11.27 50.89 -38.40
CA GLN P 245 12.07 52.02 -37.98
C GLN P 245 12.75 52.69 -39.18
N LEU P 246 13.25 51.86 -40.12
CA LEU P 246 13.78 52.42 -41.36
C LEU P 246 13.19 51.62 -42.51
N ASN P 247 12.18 52.21 -43.17
CA ASN P 247 11.51 51.58 -44.26
C ASN P 247 12.29 51.65 -45.57
N SER P 248 12.08 50.62 -46.40
CA SER P 248 12.93 50.43 -47.57
C SER P 248 12.13 49.65 -48.61
N ASP P 249 12.16 50.14 -49.85
CA ASP P 249 11.39 49.54 -50.95
C ASP P 249 12.32 48.71 -51.81
N LEU P 250 11.77 48.08 -52.83
CA LEU P 250 12.58 47.30 -53.76
C LEU P 250 13.39 48.23 -54.66
N ARG P 251 12.78 49.36 -55.05
CA ARG P 251 13.50 50.29 -55.91
C ARG P 251 14.55 51.07 -55.13
N LYS P 252 14.32 51.23 -53.83
CA LYS P 252 15.31 51.82 -52.95
C LYS P 252 16.56 50.94 -52.89
N LEU P 253 16.35 49.63 -52.89
CA LEU P 253 17.45 48.68 -52.86
C LEU P 253 18.19 48.67 -54.19
N ALA P 254 17.45 48.90 -55.30
CA ALA P 254 18.06 48.96 -56.62
C ALA P 254 18.97 50.19 -56.77
N VAL P 255 18.57 51.34 -56.22
CA VAL P 255 19.34 52.55 -56.35
C VAL P 255 20.69 52.47 -55.62
N ASN P 256 20.73 51.67 -54.56
CA ASN P 256 22.00 51.77 -53.79
C ASN P 256 22.81 50.50 -53.92
N LEU P 257 22.35 49.46 -54.66
CA LEU P 257 23.19 48.30 -54.83
C LEU P 257 23.88 48.20 -56.18
N ILE P 258 23.39 48.85 -57.24
CA ILE P 258 23.89 48.60 -58.55
C ILE P 258 24.75 49.78 -59.02
N PRO P 259 26.10 49.64 -59.01
CA PRO P 259 26.96 50.78 -59.24
C PRO P 259 27.06 51.15 -60.71
N PHE P 260 27.05 50.15 -61.59
CA PHE P 260 27.14 50.27 -63.02
C PHE P 260 26.03 49.39 -63.61
N PRO P 261 25.45 49.75 -64.78
CA PRO P 261 24.19 49.16 -65.21
C PRO P 261 24.26 47.69 -65.59
N ARG P 262 25.47 47.16 -65.89
CA ARG P 262 25.52 45.78 -66.36
C ARG P 262 25.58 44.83 -65.19
N LEU P 263 26.33 45.24 -64.10
CA LEU P 263 26.62 44.27 -63.05
C LEU P 263 25.55 44.31 -61.95
N HIS P 264 24.57 43.39 -62.07
CA HIS P 264 23.45 43.45 -61.16
C HIS P 264 23.05 42.04 -60.68
N PHE P 265 24.05 41.23 -60.38
CA PHE P 265 23.82 39.86 -59.92
C PHE P 265 24.13 39.77 -58.45
N PHE P 266 23.15 39.25 -57.69
CA PHE P 266 23.20 39.27 -56.27
C PHE P 266 23.36 37.93 -55.60
N LEU P 267 24.18 37.90 -54.55
CA LEU P 267 24.33 36.72 -53.71
C LEU P 267 23.46 36.90 -52.47
N ILE P 268 22.82 35.78 -52.09
CA ILE P 268 21.68 35.83 -51.16
C ILE P 268 22.03 35.03 -49.93
N GLY P 269 21.69 35.53 -48.76
CA GLY P 269 21.96 34.91 -47.48
C GLY P 269 20.77 35.04 -46.55
N PHE P 270 20.57 34.03 -45.69
CA PHE P 270 19.55 34.17 -44.67
C PHE P 270 20.10 33.71 -43.33
N ALA P 271 19.69 34.44 -42.28
CA ALA P 271 20.09 34.13 -40.92
C ALA P 271 18.88 34.43 -40.03
N PRO P 272 18.60 33.65 -38.97
CA PRO P 272 19.43 32.54 -38.49
C PRO P 272 19.12 31.20 -39.19
N LEU P 273 20.13 30.33 -39.21
CA LEU P 273 20.02 29.01 -39.79
C LEU P 273 20.69 27.99 -38.88
N THR P 274 19.85 27.29 -38.10
CA THR P 274 20.38 26.59 -36.93
C THR P 274 19.93 25.13 -36.95
N SER P 275 20.76 24.28 -36.37
CA SER P 275 20.38 22.86 -36.25
C SER P 275 19.31 22.75 -35.18
N ARG P 276 18.58 21.63 -35.20
CA ARG P 276 17.50 21.47 -34.22
C ARG P 276 18.07 21.28 -32.81
N GLY P 277 19.19 20.60 -32.74
CA GLY P 277 19.90 20.33 -31.48
C GLY P 277 20.46 21.62 -30.86
N SER P 278 21.00 22.50 -31.71
CA SER P 278 21.70 23.69 -31.24
C SER P 278 20.81 24.93 -31.24
N GLN P 279 19.52 24.74 -31.40
CA GLN P 279 18.56 25.84 -31.38
C GLN P 279 18.45 26.42 -29.96
N GLN P 280 18.49 25.53 -28.96
CA GLN P 280 18.28 25.97 -27.59
C GLN P 280 19.55 26.54 -26.95
N TYR P 281 20.71 26.33 -27.60
CA TYR P 281 22.01 26.61 -27.04
C TYR P 281 22.62 27.90 -27.59
N ARG P 282 21.89 28.69 -28.35
CA ARG P 282 22.44 29.74 -29.19
C ARG P 282 21.92 31.10 -28.72
N ALA P 283 22.80 32.10 -28.71
CA ALA P 283 22.47 33.48 -28.44
C ALA P 283 22.00 34.15 -29.73
N LEU P 284 20.69 34.49 -29.81
CA LEU P 284 20.24 35.32 -30.93
C LEU P 284 20.41 36.79 -30.58
N SER P 285 21.47 37.40 -31.13
CA SER P 285 21.66 38.83 -30.90
C SER P 285 22.05 39.48 -32.23
N VAL P 286 21.95 40.80 -32.30
CA VAL P 286 22.35 41.52 -33.49
C VAL P 286 23.86 41.40 -33.76
N PRO P 287 24.78 41.44 -32.78
CA PRO P 287 26.17 41.06 -33.07
C PRO P 287 26.33 39.62 -33.58
N GLU P 288 25.48 38.67 -33.12
CA GLU P 288 25.67 37.32 -33.58
C GLU P 288 25.10 37.10 -34.99
N LEU P 289 24.05 37.82 -35.30
CA LEU P 289 23.41 37.70 -36.62
C LEU P 289 24.34 38.22 -37.71
N THR P 290 25.08 39.29 -37.41
CA THR P 290 26.02 39.85 -38.35
C THR P 290 27.22 38.95 -38.64
N GLN P 291 27.54 38.05 -37.76
CA GLN P 291 28.58 37.07 -37.94
C GLN P 291 28.16 35.98 -38.92
N GLN P 292 26.92 35.55 -38.84
CA GLN P 292 26.41 34.58 -39.82
C GLN P 292 26.16 35.25 -41.14
N MET P 293 25.92 36.56 -41.18
CA MET P 293 25.82 37.32 -42.43
C MET P 293 27.08 37.22 -43.34
N PHE P 294 28.27 37.41 -42.73
CA PHE P 294 29.53 37.26 -43.42
C PHE P 294 30.13 35.91 -43.15
N ASP P 295 29.38 34.87 -43.54
CA ASP P 295 29.89 33.51 -43.42
C ASP P 295 29.89 32.94 -44.82
N ALA P 296 31.05 32.40 -45.20
CA ALA P 296 31.16 31.81 -46.54
C ALA P 296 30.28 30.58 -46.69
N LYS P 297 30.08 29.88 -45.58
CA LYS P 297 29.29 28.65 -45.55
C LYS P 297 27.81 28.98 -45.50
N ASN P 298 27.38 30.21 -45.50
CA ASN P 298 26.01 30.61 -45.24
C ASN P 298 25.37 31.18 -46.50
N MET P 299 26.15 31.47 -47.56
CA MET P 299 25.52 32.05 -48.73
C MET P 299 24.77 31.02 -49.56
N MET P 300 23.68 31.45 -50.13
CA MET P 300 22.89 30.62 -51.06
C MET P 300 23.45 30.64 -52.49
N CYS P 301 24.46 31.41 -52.71
CA CYS P 301 25.33 31.31 -53.90
C CYS P 301 26.42 30.26 -53.63
N ALA P 302 26.84 29.51 -54.61
CA ALA P 302 27.95 28.63 -54.59
C ALA P 302 29.31 29.24 -54.51
N SER P 303 29.56 30.42 -54.99
CA SER P 303 30.94 30.92 -55.05
C SER P 303 31.50 31.24 -53.68
N ASP P 304 32.82 31.05 -53.46
CA ASP P 304 33.43 31.48 -52.22
C ASP P 304 33.54 33.01 -52.23
N PRO P 305 32.88 33.71 -51.31
CA PRO P 305 32.98 35.18 -51.33
C PRO P 305 34.30 35.71 -50.76
N ARG P 306 35.09 34.86 -50.14
CA ARG P 306 36.36 35.25 -49.57
C ARG P 306 37.42 35.40 -50.64
N HIS P 307 37.15 34.92 -51.88
CA HIS P 307 38.11 35.09 -52.96
C HIS P 307 38.01 36.46 -53.60
N GLY P 308 36.95 37.22 -53.31
CA GLY P 308 36.75 38.53 -53.86
C GLY P 308 36.44 39.57 -52.78
N ARG P 309 35.97 40.74 -53.27
CA ARG P 309 35.54 41.81 -52.41
C ARG P 309 34.10 42.18 -52.75
N TYR P 310 33.31 42.38 -51.71
CA TYR P 310 31.93 42.84 -51.88
C TYR P 310 32.01 44.30 -52.32
N LEU P 311 31.50 44.54 -53.56
CA LEU P 311 31.34 45.85 -54.09
C LEU P 311 30.35 46.66 -53.29
N THR P 312 29.14 46.14 -53.12
CA THR P 312 28.12 46.77 -52.27
C THR P 312 27.26 45.66 -51.67
N ALA P 313 26.77 45.82 -50.47
CA ALA P 313 25.94 44.81 -49.85
C ALA P 313 24.87 45.47 -49.01
N SER P 314 23.75 44.76 -48.82
CA SER P 314 22.64 45.27 -48.05
C SER P 314 22.07 44.18 -47.16
N ALA P 315 21.56 44.59 -46.00
CA ALA P 315 21.04 43.69 -44.99
C ALA P 315 19.69 44.23 -44.53
N MET P 316 18.65 43.45 -44.76
CA MET P 316 17.30 43.81 -44.37
C MET P 316 16.97 43.07 -43.09
N PHE P 317 17.09 43.79 -41.97
CA PHE P 317 16.82 43.19 -40.67
C PHE P 317 15.33 43.23 -40.38
N ARG P 318 14.92 42.24 -39.58
CA ARG P 318 13.51 42.12 -39.22
C ARG P 318 13.42 41.79 -37.74
N GLY P 319 12.56 42.50 -37.01
CA GLY P 319 12.32 42.27 -35.62
C GLY P 319 12.46 43.57 -34.82
N ARG P 320 12.26 43.43 -33.50
CA ARG P 320 12.53 44.53 -32.59
C ARG P 320 14.01 44.43 -32.20
N MET P 321 14.84 45.30 -32.82
CA MET P 321 16.19 45.42 -32.32
C MET P 321 16.58 46.89 -32.20
N SER P 322 17.67 47.15 -31.52
CA SER P 322 18.17 48.50 -31.32
C SER P 322 19.03 48.94 -32.49
N THR P 323 18.84 50.18 -32.92
CA THR P 323 19.45 50.60 -34.17
C THR P 323 20.94 50.95 -34.05
N LYS P 324 21.37 51.28 -32.83
CA LYS P 324 22.78 51.53 -32.61
C LYS P 324 23.56 50.23 -32.73
N GLU P 325 23.05 49.13 -32.18
CA GLU P 325 23.66 47.85 -32.35
C GLU P 325 23.62 47.36 -33.79
N VAL P 326 22.66 47.85 -34.58
CA VAL P 326 22.70 47.60 -35.99
C VAL P 326 23.89 48.28 -36.67
N ASP P 327 23.97 49.57 -36.60
CA ASP P 327 24.89 50.29 -37.52
C ASP P 327 26.32 50.30 -37.00
N GLU P 328 26.54 50.11 -35.70
CA GLU P 328 27.83 49.83 -35.13
C GLU P 328 28.33 48.45 -35.55
N GLN P 329 27.41 47.46 -35.69
CA GLN P 329 27.87 46.17 -36.14
C GLN P 329 28.26 46.16 -37.62
N MET P 330 27.61 46.96 -38.41
CA MET P 330 27.98 47.12 -39.80
C MET P 330 29.33 47.82 -39.94
N LEU P 331 29.63 48.71 -38.96
CA LEU P 331 30.95 49.30 -38.90
C LEU P 331 31.96 48.28 -38.40
N ASN P 332 31.55 47.40 -37.48
CA ASN P 332 32.42 46.41 -36.89
C ASN P 332 32.91 45.43 -37.95
N VAL P 333 31.99 45.01 -38.80
CA VAL P 333 32.29 44.02 -39.82
C VAL P 333 33.15 44.64 -40.91
N GLN P 334 32.98 45.95 -41.16
CA GLN P 334 33.72 46.60 -42.21
C GLN P 334 35.18 46.80 -41.81
N ASN P 335 35.42 47.04 -40.50
CA ASN P 335 36.78 47.53 -40.16
C ASN P 335 37.78 46.37 -40.05
N LYS P 336 37.29 45.27 -39.44
CA LYS P 336 38.11 44.08 -39.31
C LYS P 336 38.21 43.30 -40.61
N ASN P 337 37.13 43.19 -41.37
CA ASN P 337 37.25 42.61 -42.69
C ASN P 337 37.44 43.72 -43.73
N SER P 338 38.47 44.56 -43.55
CA SER P 338 38.79 45.65 -44.41
C SER P 338 39.27 45.19 -45.79
N SER P 339 40.03 44.07 -45.80
CA SER P 339 40.55 43.55 -47.04
C SER P 339 39.49 42.79 -47.84
N TYR P 340 38.34 42.44 -47.21
CA TYR P 340 37.28 41.73 -47.89
C TYR P 340 36.24 42.65 -48.50
N PHE P 341 36.47 43.95 -48.44
CA PHE P 341 35.65 44.94 -49.09
C PHE P 341 36.45 45.73 -50.10
N VAL P 342 35.71 46.39 -51.01
CA VAL P 342 36.34 47.22 -52.00
C VAL P 342 36.67 48.59 -51.39
N GLU P 343 37.76 49.21 -51.88
CA GLU P 343 38.34 50.36 -51.21
C GLU P 343 37.77 51.68 -51.67
N TRP P 344 37.42 51.77 -52.99
CA TRP P 344 37.05 53.06 -53.55
C TRP P 344 35.60 53.48 -53.27
N ILE P 345 34.87 52.65 -52.54
CA ILE P 345 33.58 52.97 -51.99
C ILE P 345 33.73 53.01 -50.48
N PRO P 346 33.63 54.19 -49.84
CA PRO P 346 33.44 54.24 -48.40
C PRO P 346 32.05 53.69 -47.96
N ASN P 347 32.08 53.07 -46.78
CA ASN P 347 30.89 52.69 -46.04
C ASN P 347 29.92 51.87 -46.88
N ASN P 348 30.40 50.64 -47.20
CA ASN P 348 29.74 49.83 -48.23
C ASN P 348 28.40 49.24 -47.80
N MET P 349 28.08 49.24 -46.51
CA MET P 349 26.90 48.49 -46.07
C MET P 349 25.63 49.34 -46.16
N LYS P 350 24.52 48.71 -46.49
CA LYS P 350 23.21 49.33 -46.34
C LYS P 350 22.42 48.49 -45.34
N SER P 351 21.73 49.21 -44.45
CA SER P 351 20.91 48.56 -43.44
C SER P 351 19.47 49.07 -43.55
N SER P 352 18.53 48.20 -43.23
CA SER P 352 17.13 48.52 -43.20
C SER P 352 16.44 47.72 -42.11
N VAL P 353 15.57 48.40 -41.32
CA VAL P 353 14.99 47.72 -40.17
C VAL P 353 13.48 47.69 -40.39
N CYS P 354 12.94 46.47 -40.41
CA CYS P 354 11.51 46.28 -40.25
C CYS P 354 11.13 45.91 -38.82
N ASP P 355 9.91 46.08 -38.51
CA ASP P 355 9.39 45.84 -37.17
C ASP P 355 8.75 44.48 -37.06
N ILE P 356 8.56 43.73 -38.16
CA ILE P 356 7.84 42.46 -38.06
C ILE P 356 8.81 41.34 -38.34
N PRO P 357 9.08 40.48 -37.34
CA PRO P 357 9.95 39.32 -37.60
C PRO P 357 9.10 38.25 -38.26
N PRO P 358 9.73 37.27 -38.97
CA PRO P 358 8.95 36.18 -39.55
C PRO P 358 8.37 35.31 -38.45
N LYS P 359 7.35 34.55 -38.82
CA LYS P 359 6.58 33.76 -37.87
C LYS P 359 7.44 32.63 -37.30
N GLY P 360 7.48 32.56 -35.98
CA GLY P 360 8.18 31.52 -35.27
C GLY P 360 9.56 31.95 -34.80
N LEU P 361 10.15 33.02 -35.41
CA LEU P 361 11.41 33.53 -34.95
C LEU P 361 11.24 34.85 -34.25
N LYS P 362 12.33 35.30 -33.61
CA LYS P 362 12.24 36.58 -32.89
C LYS P 362 12.94 37.68 -33.69
N MET P 363 13.97 37.31 -34.45
CA MET P 363 14.76 38.28 -35.19
C MET P 363 15.36 37.56 -36.39
N SER P 364 15.44 38.24 -37.53
CA SER P 364 15.99 37.64 -38.73
C SER P 364 16.64 38.72 -39.59
N VAL P 365 17.46 38.25 -40.53
CA VAL P 365 18.08 39.15 -41.49
C VAL P 365 18.20 38.45 -42.82
N THR P 366 17.98 39.20 -43.88
CA THR P 366 18.16 38.68 -45.23
C THR P 366 19.20 39.55 -45.94
N PHE P 367 20.11 38.90 -46.61
CA PHE P 367 21.33 39.51 -47.08
C PHE P 367 21.37 39.47 -48.59
N VAL P 368 21.50 40.65 -49.19
CA VAL P 368 21.63 40.75 -50.64
C VAL P 368 22.91 41.51 -50.91
N GLY P 369 23.82 40.89 -51.60
CA GLY P 369 25.18 41.40 -51.72
C GLY P 369 25.72 41.29 -53.14
N ASN P 370 26.36 42.31 -53.62
CA ASN P 370 26.98 42.37 -54.93
C ASN P 370 28.44 42.11 -54.75
N SER P 371 28.92 40.89 -55.03
CA SER P 371 30.30 40.51 -54.86
C SER P 371 31.00 40.40 -56.22
N THR P 372 32.33 40.54 -56.19
CA THR P 372 33.11 40.27 -57.40
C THR P 372 33.56 38.82 -57.47
N ALA P 373 33.17 38.02 -56.46
CA ALA P 373 33.46 36.58 -56.49
C ALA P 373 32.39 35.87 -57.31
N ILE P 374 31.36 36.58 -57.81
CA ILE P 374 30.38 35.93 -58.67
C ILE P 374 30.93 35.80 -60.12
N GLN P 375 32.18 36.30 -60.33
CA GLN P 375 32.86 36.02 -61.57
C GLN P 375 33.16 34.53 -61.72
N GLU P 376 33.19 33.73 -60.67
CA GLU P 376 33.56 32.35 -60.77
C GLU P 376 32.52 31.52 -61.55
N MET P 377 31.24 31.90 -61.34
CA MET P 377 30.20 31.17 -62.04
C MET P 377 30.07 31.63 -63.50
N PHE P 378 30.32 32.90 -63.72
CA PHE P 378 30.44 33.45 -65.06
C PHE P 378 31.69 32.88 -65.73
N LYS P 379 32.74 32.47 -65.03
CA LYS P 379 33.86 31.85 -65.67
C LYS P 379 33.62 30.36 -65.82
N ARG P 380 32.98 29.70 -64.80
CA ARG P 380 32.92 28.23 -64.87
C ARG P 380 31.92 27.78 -65.92
N VAL P 381 30.86 28.51 -66.10
CA VAL P 381 29.89 28.21 -67.16
C VAL P 381 30.48 28.62 -68.50
N SER P 382 31.27 29.67 -68.56
CA SER P 382 31.80 30.20 -69.78
C SER P 382 32.82 29.23 -70.38
N ASP P 383 33.69 28.65 -69.54
CA ASP P 383 34.68 27.73 -70.08
C ASP P 383 34.02 26.40 -70.40
N GLN P 384 32.95 26.00 -69.74
CA GLN P 384 32.16 24.86 -70.14
C GLN P 384 31.48 25.10 -71.50
N PHE P 385 31.04 26.35 -71.73
CA PHE P 385 30.40 26.70 -72.97
C PHE P 385 31.43 26.70 -74.11
N THR P 386 32.59 27.25 -73.84
CA THR P 386 33.60 27.38 -74.88
C THR P 386 34.23 26.03 -75.17
N ALA P 387 34.23 25.11 -74.23
CA ALA P 387 34.75 23.76 -74.46
C ALA P 387 33.86 23.00 -75.43
N MET P 388 32.55 23.14 -75.27
CA MET P 388 31.64 22.37 -76.12
C MET P 388 31.38 23.03 -77.47
N PHE P 389 31.55 24.35 -77.54
CA PHE P 389 31.41 25.08 -78.78
C PHE P 389 32.59 24.93 -79.74
N ARG P 390 33.75 24.65 -79.17
CA ARG P 390 34.98 24.41 -79.93
C ARG P 390 34.82 23.17 -80.79
N ARG P 391 34.13 22.16 -80.28
CA ARG P 391 33.88 20.94 -81.01
C ARG P 391 32.49 20.89 -81.61
N LYS P 392 31.75 21.97 -81.55
CA LYS P 392 30.44 22.17 -82.15
C LYS P 392 29.45 21.07 -81.72
N ALA P 393 29.49 20.72 -80.43
CA ALA P 393 28.70 19.63 -79.92
C ALA P 393 27.30 20.14 -79.62
N PHE P 394 26.29 19.31 -79.86
CA PHE P 394 24.90 19.55 -79.50
C PHE P 394 24.34 20.81 -80.16
N LEU P 395 24.95 21.28 -81.27
CA LEU P 395 24.46 22.55 -81.79
C LEU P 395 23.31 22.37 -82.78
N HIS P 396 23.10 21.18 -83.29
CA HIS P 396 22.16 20.92 -84.35
C HIS P 396 20.72 21.02 -83.87
N TRP P 397 20.49 20.88 -82.56
CA TRP P 397 19.17 21.15 -82.02
C TRP P 397 18.87 22.65 -81.85
N TYR P 398 19.88 23.48 -81.91
CA TYR P 398 19.66 24.91 -81.96
C TYR P 398 19.65 25.40 -83.41
N THR P 399 20.65 24.98 -84.18
CA THR P 399 20.86 25.44 -85.53
C THR P 399 19.81 24.91 -86.48
N GLY P 400 19.19 23.79 -86.15
CA GLY P 400 17.98 23.28 -86.80
C GLY P 400 16.74 24.12 -86.40
N GLU P 401 16.84 24.91 -85.33
CA GLU P 401 15.67 25.50 -84.72
C GLU P 401 15.58 27.00 -85.02
N GLY P 402 16.66 27.61 -85.49
CA GLY P 402 16.56 29.02 -85.85
C GLY P 402 17.64 29.88 -85.28
N MET P 403 18.39 29.42 -84.26
CA MET P 403 19.53 30.21 -83.82
C MET P 403 20.75 29.72 -84.56
N ASP P 404 21.37 30.56 -85.41
CA ASP P 404 22.61 30.19 -86.02
C ASP P 404 23.78 30.60 -85.10
N GLU P 405 25.00 30.40 -85.61
CA GLU P 405 26.23 30.44 -84.90
C GLU P 405 26.59 31.85 -84.55
N MET P 406 26.03 32.90 -85.19
CA MET P 406 26.38 34.27 -84.87
C MET P 406 26.02 34.69 -83.41
N GLU P 407 24.87 34.21 -83.01
CA GLU P 407 24.38 34.76 -81.70
C GLU P 407 25.05 34.02 -80.56
N PHE P 408 25.53 32.80 -80.80
CA PHE P 408 26.27 32.09 -79.76
C PHE P 408 27.65 32.69 -79.57
N THR P 409 28.29 33.21 -80.68
CA THR P 409 29.52 33.95 -80.45
C THR P 409 29.22 35.27 -79.74
N GLU P 410 28.08 35.87 -80.03
CA GLU P 410 27.58 37.06 -79.37
C GLU P 410 27.34 36.79 -77.89
N ALA P 411 26.79 35.63 -77.57
CA ALA P 411 26.43 35.29 -76.20
C ALA P 411 27.69 35.15 -75.36
N GLU P 412 28.73 34.51 -75.94
CA GLU P 412 29.99 34.36 -75.23
C GLU P 412 30.70 35.69 -75.09
N SER P 413 30.61 36.55 -76.10
CA SER P 413 31.22 37.86 -76.05
C SER P 413 30.56 38.74 -74.99
N ASN P 414 29.23 38.65 -74.83
CA ASN P 414 28.57 39.34 -73.78
C ASN P 414 29.02 38.87 -72.35
N MET P 415 29.12 37.59 -72.22
CA MET P 415 29.28 37.03 -70.87
C MET P 415 30.74 37.02 -70.44
N ASN P 416 31.64 36.85 -71.39
CA ASN P 416 33.08 36.99 -71.10
C ASN P 416 33.45 38.43 -70.78
N ASP P 417 32.76 39.37 -71.42
CA ASP P 417 32.97 40.78 -71.08
C ASP P 417 32.45 41.09 -69.68
N LEU P 418 31.39 40.39 -69.24
CA LEU P 418 30.89 40.57 -67.88
C LEU P 418 31.90 40.05 -66.86
N VAL P 419 32.65 39.01 -67.20
CA VAL P 419 33.72 38.51 -66.37
C VAL P 419 34.84 39.57 -66.29
N SER P 420 35.13 40.21 -67.42
CA SER P 420 36.19 41.19 -67.52
C SER P 420 35.88 42.44 -66.70
N GLU P 421 34.61 42.83 -66.65
CA GLU P 421 34.22 44.05 -65.95
C GLU P 421 34.27 43.83 -64.45
N TYR P 422 34.01 42.60 -63.98
CA TYR P 422 34.17 42.31 -62.57
C TYR P 422 35.63 42.28 -62.15
N GLN P 423 36.51 41.82 -63.07
CA GLN P 423 37.96 41.85 -62.82
C GLN P 423 38.44 43.30 -62.91
N GLN P 424 37.77 44.14 -63.72
CA GLN P 424 38.18 45.52 -63.92
C GLN P 424 38.04 46.33 -62.63
N TYR P 425 37.06 45.96 -61.78
CA TYR P 425 36.74 46.68 -60.58
C TYR P 425 37.23 45.97 -59.33
N GLN P 426 38.32 45.20 -59.46
CA GLN P 426 38.95 44.55 -58.33
C GLN P 426 40.47 44.65 -58.42
N MET Q 1 -48.43 56.34 -75.73
CA MET Q 1 -47.08 56.77 -75.63
C MET Q 1 -46.23 56.23 -76.78
N ARG Q 2 -45.01 55.74 -76.46
CA ARG Q 2 -44.15 55.19 -77.47
C ARG Q 2 -44.20 53.66 -77.46
N GLU Q 3 -44.31 53.10 -78.67
CA GLU Q 3 -44.36 51.64 -78.82
C GLU Q 3 -43.37 51.23 -79.88
N ILE Q 4 -42.74 50.07 -79.67
CA ILE Q 4 -41.89 49.46 -80.69
C ILE Q 4 -42.57 48.20 -81.20
N VAL Q 5 -42.72 48.12 -82.51
CA VAL Q 5 -43.22 46.93 -83.15
C VAL Q 5 -42.08 45.99 -83.53
N HIS Q 6 -42.17 44.75 -83.03
CA HIS Q 6 -41.09 43.79 -83.19
C HIS Q 6 -41.45 42.79 -84.27
N VAL Q 7 -40.62 42.61 -85.28
CA VAL Q 7 -41.01 41.87 -86.48
C VAL Q 7 -39.88 40.90 -86.81
N GLN Q 8 -40.23 39.61 -86.89
CA GLN Q 8 -39.37 38.48 -86.83
C GLN Q 8 -39.48 37.72 -88.15
N GLY Q 9 -38.35 37.43 -88.74
CA GLY Q 9 -38.31 36.65 -89.97
C GLY Q 9 -37.36 35.48 -89.84
N GLY Q 10 -37.78 34.32 -90.40
CA GLY Q 10 -36.84 33.22 -90.61
C GLY Q 10 -36.68 32.35 -89.36
N GLN Q 11 -35.98 31.22 -89.54
CA GLN Q 11 -35.74 30.30 -88.44
C GLN Q 11 -34.80 30.92 -87.41
N CYS Q 12 -33.77 31.61 -87.89
CA CYS Q 12 -32.82 32.23 -86.99
C CYS Q 12 -33.47 33.37 -86.20
N GLY Q 13 -34.28 34.18 -86.93
CA GLY Q 13 -34.96 35.29 -86.29
C GLY Q 13 -35.96 34.84 -85.18
N ASN Q 14 -36.64 33.75 -85.46
CA ASN Q 14 -37.66 33.29 -84.53
C ASN Q 14 -37.07 32.62 -83.31
N GLN Q 15 -35.90 31.96 -83.45
CA GLN Q 15 -35.24 31.42 -82.28
C GLN Q 15 -34.52 32.51 -81.47
N ILE Q 16 -34.06 33.56 -82.13
CA ILE Q 16 -33.49 34.68 -81.41
C ILE Q 16 -34.62 35.53 -80.75
N GLY Q 17 -35.75 35.59 -81.41
CA GLY Q 17 -36.84 36.41 -80.95
C GLY Q 17 -37.67 35.73 -79.88
N ALA Q 18 -37.57 34.37 -79.80
CA ALA Q 18 -38.15 33.63 -78.70
C ALA Q 18 -37.45 34.00 -77.39
N LYS Q 19 -36.19 34.32 -77.41
CA LYS Q 19 -35.48 34.65 -76.22
C LYS Q 19 -35.64 36.11 -75.86
N PHE Q 20 -36.03 36.95 -76.85
CA PHE Q 20 -36.40 38.31 -76.49
C PHE Q 20 -37.68 38.31 -75.70
N TRP Q 21 -38.61 37.43 -76.03
CA TRP Q 21 -39.87 37.32 -75.34
C TRP Q 21 -39.69 36.55 -74.09
N GLU Q 22 -38.52 36.02 -73.74
CA GLU Q 22 -38.16 35.48 -72.47
C GLU Q 22 -37.48 36.54 -71.60
N VAL Q 23 -36.57 37.34 -72.21
CA VAL Q 23 -35.76 38.18 -71.35
C VAL Q 23 -36.49 39.48 -71.00
N ILE Q 24 -37.32 39.94 -71.88
CA ILE Q 24 -38.21 41.10 -71.63
C ILE Q 24 -39.34 40.63 -70.74
N SER Q 25 -39.83 39.39 -70.85
CA SER Q 25 -40.92 38.92 -70.04
C SER Q 25 -40.53 38.90 -68.53
N ASP Q 26 -39.32 38.42 -68.29
CA ASP Q 26 -38.97 38.26 -66.85
C ASP Q 26 -38.48 39.57 -66.32
N GLU Q 27 -37.98 40.47 -67.17
CA GLU Q 27 -37.55 41.79 -66.67
C GLU Q 27 -38.79 42.64 -66.36
N HIS Q 28 -39.87 42.46 -67.12
CA HIS Q 28 -41.11 43.17 -66.78
C HIS Q 28 -42.04 42.37 -65.91
N GLY Q 29 -41.69 41.12 -65.62
CA GLY Q 29 -42.44 40.30 -64.65
C GLY Q 29 -43.74 39.75 -65.22
N ILE Q 30 -43.73 39.29 -66.48
CA ILE Q 30 -44.93 38.80 -67.13
C ILE Q 30 -44.90 37.28 -67.10
N ASP Q 31 -46.05 36.77 -66.60
CA ASP Q 31 -46.25 35.31 -66.50
C ASP Q 31 -46.51 34.81 -67.89
N PRO Q 32 -45.93 33.63 -68.29
CA PRO Q 32 -46.28 33.06 -69.61
C PRO Q 32 -47.76 32.76 -69.82
N THR Q 33 -48.53 32.66 -68.72
CA THR Q 33 -49.97 32.53 -68.86
C THR Q 33 -50.63 33.88 -69.20
N GLY Q 34 -49.93 34.97 -69.11
CA GLY Q 34 -50.40 36.27 -69.58
C GLY Q 34 -50.28 37.25 -68.42
N THR Q 35 -50.44 36.79 -67.16
CA THR Q 35 -50.68 37.76 -66.10
C THR Q 35 -49.37 38.34 -65.59
N TYR Q 36 -49.49 39.25 -64.65
CA TYR Q 36 -48.36 39.93 -64.06
C TYR Q 36 -48.10 39.43 -62.63
N CYS Q 37 -46.82 39.30 -62.29
CA CYS Q 37 -46.48 38.96 -60.92
C CYS Q 37 -45.18 39.67 -60.56
N GLY Q 38 -45.10 40.24 -59.34
CA GLY Q 38 -43.89 40.95 -58.99
C GLY Q 38 -44.11 42.27 -58.24
N ASP Q 39 -45.37 42.70 -58.12
CA ASP Q 39 -45.87 43.78 -57.28
C ASP Q 39 -44.97 45.01 -57.14
N SER Q 40 -44.51 45.55 -58.28
CA SER Q 40 -43.74 46.76 -58.32
C SER Q 40 -44.23 47.64 -59.46
N ASP Q 41 -44.33 48.95 -59.21
CA ASP Q 41 -44.87 49.90 -60.16
C ASP Q 41 -43.93 50.11 -61.35
N LEU Q 42 -42.62 50.05 -61.12
CA LEU Q 42 -41.69 50.57 -62.14
C LEU Q 42 -41.63 49.67 -63.37
N GLN Q 43 -41.93 48.38 -63.21
CA GLN Q 43 -42.06 47.51 -64.39
C GLN Q 43 -43.32 47.83 -65.18
N LEU Q 44 -44.38 48.22 -64.46
CA LEU Q 44 -45.72 48.30 -65.06
C LEU Q 44 -46.09 49.67 -65.61
N GLU Q 45 -45.23 50.65 -65.29
CA GLU Q 45 -45.53 52.04 -65.68
C GLU Q 45 -45.35 52.18 -67.20
N ARG Q 46 -44.29 51.52 -67.70
CA ARG Q 46 -43.96 51.68 -69.11
C ARG Q 46 -43.90 50.31 -69.73
N ILE Q 47 -45.06 49.80 -70.06
CA ILE Q 47 -45.22 48.43 -70.52
C ILE Q 47 -45.80 48.43 -71.94
N ASN Q 48 -46.39 49.55 -72.35
CA ASN Q 48 -46.96 49.65 -73.67
C ASN Q 48 -45.91 49.71 -74.77
N VAL Q 49 -44.64 49.81 -74.39
CA VAL Q 49 -43.56 49.82 -75.36
C VAL Q 49 -43.44 48.47 -76.05
N PHE Q 50 -43.82 47.39 -75.36
CA PHE Q 50 -43.69 46.05 -75.92
C PHE Q 50 -44.95 45.22 -75.80
N TYR Q 51 -45.94 45.66 -75.01
CA TYR Q 51 -47.09 44.82 -74.74
C TYR Q 51 -48.38 45.59 -75.04
N ASN Q 52 -49.47 44.86 -75.11
CA ASN Q 52 -50.82 45.41 -75.28
C ASN Q 52 -51.73 44.77 -74.24
N GLU Q 53 -52.59 45.58 -73.65
CA GLU Q 53 -53.67 45.12 -72.78
C GLU Q 53 -54.70 44.36 -73.61
N ALA Q 54 -55.29 43.33 -72.98
CA ALA Q 54 -56.21 42.45 -73.73
C ALA Q 54 -57.58 42.34 -73.05
N THR Q 55 -57.91 43.33 -72.20
CA THR Q 55 -59.17 43.44 -71.45
C THR Q 55 -59.54 42.19 -70.65
N GLY Q 56 -58.54 41.35 -70.43
CA GLY Q 56 -58.62 40.24 -69.51
C GLY Q 56 -57.56 40.43 -68.45
N GLY Q 57 -56.80 41.53 -68.63
CA GLY Q 57 -55.67 41.81 -67.77
C GLY Q 57 -54.35 41.26 -68.31
N ARG Q 58 -54.43 40.41 -69.36
CA ARG Q 58 -53.23 39.77 -69.85
C ARG Q 58 -52.55 40.65 -70.90
N PHE Q 59 -51.25 40.42 -71.06
CA PHE Q 59 -50.42 41.20 -71.93
C PHE Q 59 -49.98 40.39 -73.13
N VAL Q 60 -50.30 40.90 -74.31
CA VAL Q 60 -49.94 40.21 -75.57
C VAL Q 60 -48.85 41.01 -76.25
N PRO Q 61 -47.77 40.34 -76.71
CA PRO Q 61 -46.66 41.07 -77.33
C PRO Q 61 -47.06 41.73 -78.64
N ARG Q 62 -46.38 42.83 -78.92
CA ARG Q 62 -46.53 43.52 -80.20
C ARG Q 62 -45.54 42.92 -81.21
N ALA Q 63 -45.69 41.60 -81.45
CA ALA Q 63 -44.73 40.87 -82.23
C ALA Q 63 -45.35 40.32 -83.51
N ILE Q 64 -44.63 40.44 -84.63
CA ILE Q 64 -45.05 39.96 -85.91
C ILE Q 64 -44.18 38.83 -86.37
N LEU Q 65 -44.74 37.64 -86.49
CA LEU Q 65 -43.90 36.42 -86.63
C LEU Q 65 -44.15 36.01 -88.06
N MET Q 66 -43.08 35.88 -88.84
CA MET Q 66 -43.27 35.56 -90.26
C MET Q 66 -42.19 34.55 -90.66
N ASP Q 67 -42.61 33.45 -91.27
CA ASP Q 67 -41.72 32.46 -91.82
C ASP Q 67 -42.35 31.73 -92.97
N LEU Q 68 -41.56 31.07 -93.81
CA LEU Q 68 -42.12 30.40 -94.98
C LEU Q 68 -42.31 28.90 -94.79
N GLU Q 69 -41.97 28.40 -93.62
CA GLU Q 69 -42.16 27.02 -93.24
C GLU Q 69 -42.81 27.05 -91.86
N PRO Q 70 -43.76 26.15 -91.57
CA PRO Q 70 -44.39 26.12 -90.24
C PRO Q 70 -43.55 25.43 -89.16
N GLY Q 71 -42.37 24.91 -89.51
CA GLY Q 71 -41.62 24.04 -88.63
C GLY Q 71 -41.02 24.74 -87.43
N THR Q 72 -40.42 25.93 -87.65
CA THR Q 72 -39.95 26.75 -86.58
C THR Q 72 -41.10 27.45 -85.87
N MET Q 73 -42.28 27.59 -86.49
CA MET Q 73 -43.41 28.13 -85.80
C MET Q 73 -44.02 27.14 -84.82
N ASP Q 74 -43.88 25.84 -85.10
CA ASP Q 74 -44.28 24.81 -84.16
C ASP Q 74 -43.37 24.87 -82.93
N SER Q 75 -42.09 25.17 -83.15
CA SER Q 75 -41.11 25.20 -82.07
C SER Q 75 -41.39 26.36 -81.12
N VAL Q 76 -41.83 27.50 -81.69
CA VAL Q 76 -42.03 28.68 -80.89
C VAL Q 76 -43.22 28.52 -79.95
N ARG Q 77 -44.33 27.91 -80.50
CA ARG Q 77 -45.54 27.90 -79.67
C ARG Q 77 -45.40 26.80 -78.65
N ALA Q 78 -44.63 25.70 -78.96
CA ALA Q 78 -44.56 24.57 -78.05
C ALA Q 78 -43.72 24.90 -76.80
N GLY Q 79 -42.77 25.87 -76.96
CA GLY Q 79 -41.76 26.03 -75.95
C GLY Q 79 -42.28 26.84 -74.76
N PRO Q 80 -41.38 27.21 -73.84
CA PRO Q 80 -41.74 28.16 -72.78
C PRO Q 80 -41.96 29.54 -73.39
N PHE Q 81 -42.83 30.31 -72.75
CA PHE Q 81 -43.25 31.62 -73.21
C PHE Q 81 -43.84 31.55 -74.60
N GLY Q 82 -44.52 30.43 -74.90
CA GLY Q 82 -45.02 30.22 -76.26
C GLY Q 82 -46.51 30.49 -76.36
N GLN Q 83 -47.18 30.55 -75.21
CA GLN Q 83 -48.60 30.85 -75.22
C GLN Q 83 -48.86 32.35 -75.23
N LEU Q 84 -47.78 33.12 -75.19
CA LEU Q 84 -47.92 34.57 -74.98
C LEU Q 84 -48.45 35.26 -76.23
N PHE Q 85 -48.00 34.79 -77.39
CA PHE Q 85 -48.28 35.43 -78.66
C PHE Q 85 -49.73 35.24 -79.07
N ARG Q 86 -50.24 36.24 -79.78
CA ARG Q 86 -51.55 36.11 -80.43
C ARG Q 86 -51.40 35.21 -81.65
N PRO Q 87 -52.27 34.20 -81.85
CA PRO Q 87 -52.17 33.33 -83.01
C PRO Q 87 -52.38 34.02 -84.36
N ASP Q 88 -53.12 35.11 -84.38
CA ASP Q 88 -53.32 35.88 -85.59
C ASP Q 88 -52.07 36.67 -85.97
N ASN Q 89 -51.16 36.91 -85.02
CA ASN Q 89 -49.86 37.47 -85.37
C ASN Q 89 -48.94 36.48 -86.05
N PHE Q 90 -49.24 35.17 -85.92
CA PHE Q 90 -48.54 34.16 -86.69
C PHE Q 90 -49.03 34.21 -88.12
N VAL Q 91 -48.11 34.25 -89.08
CA VAL Q 91 -48.44 34.09 -90.48
C VAL Q 91 -47.46 33.03 -90.99
N PHE Q 92 -48.03 32.09 -91.76
CA PHE Q 92 -47.33 30.91 -92.22
C PHE Q 92 -47.00 30.97 -93.68
N GLY Q 93 -45.98 30.20 -94.08
CA GLY Q 93 -45.83 29.79 -95.45
C GLY Q 93 -45.88 28.28 -95.52
N GLN Q 94 -46.23 27.76 -96.72
CA GLN Q 94 -46.29 26.31 -96.80
C GLN Q 94 -45.13 25.69 -97.57
N THR Q 95 -44.58 26.43 -98.54
CA THR Q 95 -43.60 25.83 -99.44
C THR Q 95 -42.18 25.94 -98.87
N GLY Q 96 -41.79 27.18 -98.48
CA GLY Q 96 -40.45 27.34 -97.95
C GLY Q 96 -39.47 27.78 -99.03
N ALA Q 97 -38.79 28.90 -98.80
CA ALA Q 97 -37.73 29.37 -99.67
C ALA Q 97 -36.47 28.61 -99.33
N GLY Q 98 -36.07 27.69 -100.25
CA GLY Q 98 -34.96 26.81 -99.96
C GLY Q 98 -33.62 27.51 -100.10
N ASN Q 99 -33.33 28.47 -99.23
CA ASN Q 99 -32.13 29.29 -99.26
C ASN Q 99 -31.94 29.96 -100.60
N ASN Q 100 -33.07 30.36 -101.19
CA ASN Q 100 -33.06 31.14 -102.41
C ASN Q 100 -33.58 32.55 -102.10
N TRP Q 101 -32.71 33.54 -102.25
CA TRP Q 101 -33.11 34.92 -102.04
C TRP Q 101 -34.15 35.39 -103.05
N ALA Q 102 -34.07 34.87 -104.24
CA ALA Q 102 -35.01 35.20 -105.32
C ALA Q 102 -36.44 34.83 -104.97
N LYS Q 103 -36.66 33.64 -104.53
CA LYS Q 103 -38.04 33.20 -104.21
C LYS Q 103 -38.41 33.73 -102.83
N GLY Q 104 -37.47 34.15 -102.01
CA GLY Q 104 -37.83 34.87 -100.78
C GLY Q 104 -38.31 36.28 -101.07
N HIS Q 105 -37.76 36.93 -102.10
CA HIS Q 105 -38.09 38.30 -102.38
C HIS Q 105 -39.12 38.44 -103.51
N TYR Q 106 -39.14 37.55 -104.49
CA TYR Q 106 -39.92 37.80 -105.70
C TYR Q 106 -41.06 36.80 -105.80
N THR Q 107 -40.78 35.50 -105.62
CA THR Q 107 -41.71 34.49 -106.06
C THR Q 107 -42.67 34.05 -104.96
N GLU Q 108 -42.12 33.54 -103.87
CA GLU Q 108 -42.92 32.99 -102.80
C GLU Q 108 -43.35 34.06 -101.79
N GLY Q 109 -42.50 35.08 -101.66
CA GLY Q 109 -42.80 36.19 -100.77
C GLY Q 109 -43.83 37.14 -101.31
N ALA Q 110 -44.14 37.10 -102.61
CA ALA Q 110 -45.08 38.01 -103.21
C ALA Q 110 -46.52 37.76 -102.75
N GLU Q 111 -46.85 36.48 -102.54
CA GLU Q 111 -48.23 36.17 -102.16
C GLU Q 111 -48.39 36.27 -100.65
N LEU Q 112 -47.32 36.43 -99.93
CA LEU Q 112 -47.40 36.40 -98.45
C LEU Q 112 -47.23 37.80 -97.86
N ILE Q 113 -46.57 38.70 -98.60
CA ILE Q 113 -46.30 40.03 -98.09
C ILE Q 113 -47.60 40.82 -97.91
N ASP Q 114 -48.58 40.57 -98.75
CA ASP Q 114 -49.88 41.20 -98.65
C ASP Q 114 -50.57 40.83 -97.33
N SER Q 115 -50.33 39.61 -96.85
CA SER Q 115 -50.93 39.16 -95.60
C SER Q 115 -50.18 39.74 -94.41
N VAL Q 116 -48.86 39.74 -94.45
CA VAL Q 116 -48.07 40.13 -93.29
C VAL Q 116 -48.08 41.65 -93.13
N LEU Q 117 -48.18 42.39 -94.23
CA LEU Q 117 -48.29 43.83 -94.15
C LEU Q 117 -49.64 44.27 -93.59
N ASP Q 118 -50.66 43.42 -93.76
CA ASP Q 118 -51.95 43.67 -93.17
C ASP Q 118 -51.86 43.57 -91.66
N VAL Q 119 -51.10 42.62 -91.14
CA VAL Q 119 -51.00 42.41 -89.71
C VAL Q 119 -50.16 43.53 -89.07
N VAL Q 120 -49.16 44.02 -89.79
CA VAL Q 120 -48.31 45.07 -89.26
C VAL Q 120 -49.11 46.39 -89.22
N ARG Q 121 -49.99 46.62 -90.19
CA ARG Q 121 -50.77 47.83 -90.18
C ARG Q 121 -51.81 47.79 -89.08
N LYS Q 122 -52.34 46.59 -88.73
CA LYS Q 122 -53.28 46.52 -87.63
C LYS Q 122 -52.61 46.90 -86.31
N GLU Q 123 -51.37 46.48 -86.13
CA GLU Q 123 -50.62 46.83 -84.94
C GLU Q 123 -50.08 48.27 -84.94
N ALA Q 124 -49.68 48.75 -86.11
CA ALA Q 124 -49.00 50.05 -86.22
C ALA Q 124 -49.96 51.20 -86.05
N GLU Q 125 -51.03 51.14 -86.81
CA GLU Q 125 -52.03 52.24 -86.85
C GLU Q 125 -52.97 52.11 -85.67
N GLY Q 126 -52.99 50.94 -85.02
CA GLY Q 126 -53.90 50.64 -83.91
C GLY Q 126 -53.55 51.42 -82.65
N CYS Q 127 -52.30 52.00 -82.56
CA CYS Q 127 -51.96 52.68 -81.33
C CYS Q 127 -52.26 54.20 -81.47
N ASP Q 128 -51.81 54.96 -80.47
CA ASP Q 128 -51.82 56.41 -80.55
C ASP Q 128 -50.84 56.89 -81.60
N CYS Q 129 -49.56 56.65 -81.35
CA CYS Q 129 -48.44 57.23 -82.08
C CYS Q 129 -47.25 56.30 -81.92
N LEU Q 130 -46.69 55.87 -83.05
CA LEU Q 130 -45.68 54.81 -83.01
C LEU Q 130 -44.30 55.44 -82.92
N GLN Q 131 -43.33 54.70 -82.33
CA GLN Q 131 -41.97 55.21 -82.37
C GLN Q 131 -41.20 54.63 -83.56
N GLY Q 132 -41.17 53.30 -83.59
CA GLY Q 132 -40.24 52.65 -84.56
C GLY Q 132 -40.52 51.16 -84.63
N PHE Q 133 -39.83 50.50 -85.51
CA PHE Q 133 -39.88 49.10 -85.78
C PHE Q 133 -38.49 48.51 -85.61
N GLN Q 134 -38.49 47.23 -85.18
CA GLN Q 134 -37.27 46.52 -84.99
C GLN Q 134 -37.40 45.13 -85.57
N ILE Q 135 -36.33 44.68 -86.26
CA ILE Q 135 -36.36 43.48 -87.09
C ILE Q 135 -35.26 42.53 -86.66
N THR Q 136 -35.58 41.25 -86.52
CA THR Q 136 -34.56 40.22 -86.34
C THR Q 136 -34.66 39.27 -87.50
N HIS Q 137 -33.57 39.00 -88.20
CA HIS Q 137 -33.47 38.01 -89.25
C HIS Q 137 -32.02 37.60 -89.46
N SER Q 138 -31.76 36.81 -90.51
CA SER Q 138 -30.50 36.45 -91.02
C SER Q 138 -30.21 37.08 -92.39
N LEU Q 139 -28.94 37.00 -92.79
CA LEU Q 139 -28.61 37.29 -94.17
C LEU Q 139 -28.27 36.04 -94.97
N GLY Q 140 -27.93 34.94 -94.29
CA GLY Q 140 -27.49 33.77 -95.02
C GLY Q 140 -28.62 32.92 -95.59
N GLY Q 141 -29.79 33.04 -94.95
CA GLY Q 141 -30.95 32.21 -95.25
C GLY Q 141 -31.78 32.84 -96.38
N GLY Q 142 -32.81 32.09 -96.76
CA GLY Q 142 -33.73 32.51 -97.82
C GLY Q 142 -34.95 33.23 -97.27
N THR Q 143 -35.63 32.65 -96.30
CA THR Q 143 -36.89 33.14 -95.79
C THR Q 143 -36.65 34.25 -94.77
N GLY Q 144 -35.45 34.38 -94.18
CA GLY Q 144 -35.18 35.51 -93.32
C GLY Q 144 -34.72 36.71 -94.13
N SER Q 145 -33.78 36.44 -95.06
CA SER Q 145 -33.08 37.48 -95.80
C SER Q 145 -33.90 37.94 -96.99
N GLY Q 146 -34.77 37.08 -97.55
CA GLY Q 146 -35.56 37.43 -98.73
C GLY Q 146 -36.83 38.18 -98.28
N MET Q 147 -37.64 37.53 -97.43
CA MET Q 147 -38.93 38.08 -97.14
C MET Q 147 -38.82 39.19 -96.06
N GLY Q 148 -37.74 39.10 -95.22
CA GLY Q 148 -37.55 40.11 -94.21
C GLY Q 148 -37.08 41.42 -94.83
N THR Q 149 -36.24 41.33 -95.88
CA THR Q 149 -35.75 42.55 -96.49
C THR Q 149 -36.79 43.15 -97.43
N LEU Q 150 -37.72 42.29 -97.93
CA LEU Q 150 -38.81 42.84 -98.73
C LEU Q 150 -39.74 43.62 -97.83
N LEU Q 151 -39.93 43.13 -96.58
CA LEU Q 151 -40.83 43.81 -95.68
C LEU Q 151 -40.25 45.17 -95.30
N ILE Q 152 -38.93 45.26 -95.17
CA ILE Q 152 -38.28 46.51 -94.82
C ILE Q 152 -38.53 47.54 -95.93
N SER Q 153 -38.47 47.09 -97.20
CA SER Q 153 -38.70 47.99 -98.32
C SER Q 153 -40.17 48.45 -98.38
N LYS Q 154 -41.09 47.54 -98.08
CA LYS Q 154 -42.50 47.86 -98.16
C LYS Q 154 -42.96 48.78 -97.01
N VAL Q 155 -42.42 48.58 -95.82
CA VAL Q 155 -42.87 49.35 -94.68
C VAL Q 155 -42.24 50.72 -94.65
N ARG Q 156 -41.07 50.87 -95.30
CA ARG Q 156 -40.44 52.18 -95.43
C ARG Q 156 -41.24 53.07 -96.37
N GLU Q 157 -41.89 52.50 -97.36
CA GLU Q 157 -42.75 53.24 -98.26
C GLU Q 157 -43.99 53.83 -97.54
N GLU Q 158 -44.43 53.22 -96.48
CA GLU Q 158 -45.57 53.69 -95.76
C GLU Q 158 -45.14 54.62 -94.64
N TYR Q 159 -44.08 54.25 -93.89
CA TYR Q 159 -43.63 54.98 -92.74
C TYR Q 159 -42.20 55.43 -92.94
N PRO Q 160 -41.96 56.56 -93.62
CA PRO Q 160 -40.58 56.95 -93.93
C PRO Q 160 -39.78 57.53 -92.77
N ASP Q 161 -40.46 58.13 -91.79
CA ASP Q 161 -39.76 58.92 -90.78
C ASP Q 161 -39.55 58.14 -89.49
N ARG Q 162 -40.04 56.87 -89.41
CA ARG Q 162 -39.84 56.09 -88.21
C ARG Q 162 -38.54 55.32 -88.27
N ILE Q 163 -38.05 54.96 -87.09
CA ILE Q 163 -36.68 54.42 -87.04
C ILE Q 163 -36.79 52.91 -87.33
N MET Q 164 -35.67 52.37 -87.80
CA MET Q 164 -35.52 50.97 -87.99
C MET Q 164 -34.20 50.45 -87.41
N GLU Q 165 -34.40 49.52 -86.41
CA GLU Q 165 -33.23 48.97 -85.75
C GLU Q 165 -33.26 47.46 -85.99
N THR Q 166 -32.26 46.92 -86.67
CA THR Q 166 -32.35 45.57 -87.18
C THR Q 166 -31.11 44.77 -86.73
N PHE Q 167 -31.38 43.56 -86.24
CA PHE Q 167 -30.32 42.57 -86.14
C PHE Q 167 -30.28 41.65 -87.32
N SER Q 168 -29.24 41.75 -88.14
CA SER Q 168 -29.00 40.71 -89.15
C SER Q 168 -27.73 39.96 -88.79
N VAL Q 169 -27.85 38.63 -88.81
CA VAL Q 169 -26.67 37.81 -88.51
C VAL Q 169 -25.95 37.51 -89.83
N PHE Q 170 -24.62 37.79 -89.83
CA PHE Q 170 -23.93 37.79 -91.10
C PHE Q 170 -23.44 36.40 -91.44
N PRO Q 171 -23.03 36.12 -92.69
CA PRO Q 171 -22.19 34.94 -92.94
C PRO Q 171 -20.95 34.90 -92.09
N SER Q 172 -20.56 33.70 -91.72
CA SER Q 172 -19.43 33.41 -90.88
C SER Q 172 -18.12 33.74 -91.59
N PRO Q 173 -17.10 34.23 -90.85
CA PRO Q 173 -15.80 34.49 -91.50
C PRO Q 173 -15.05 33.24 -91.98
N LYS Q 174 -14.86 32.28 -91.09
CA LYS Q 174 -13.99 31.17 -91.37
C LYS Q 174 -14.73 30.07 -92.14
N VAL Q 175 -15.70 29.48 -91.53
CA VAL Q 175 -16.41 28.33 -92.13
C VAL Q 175 -17.87 28.68 -92.04
N SER Q 176 -18.64 28.54 -93.12
CA SER Q 176 -20.02 28.92 -93.14
C SER Q 176 -20.81 27.83 -93.83
N ASP Q 177 -22.02 27.60 -93.28
CA ASP Q 177 -22.96 26.72 -93.93
C ASP Q 177 -23.61 27.45 -95.10
N THR Q 178 -24.49 26.74 -95.81
CA THR Q 178 -25.44 27.35 -96.74
C THR Q 178 -24.66 28.04 -97.85
N VAL Q 179 -24.12 27.22 -98.76
CA VAL Q 179 -23.17 27.53 -99.80
C VAL Q 179 -23.52 28.80 -100.57
N VAL Q 180 -24.80 29.12 -100.71
CA VAL Q 180 -25.15 30.43 -101.23
C VAL Q 180 -25.24 31.42 -100.05
N GLU Q 181 -24.07 31.74 -99.50
CA GLU Q 181 -23.96 32.86 -98.57
C GLU Q 181 -23.79 34.19 -99.31
N PRO Q 182 -22.83 34.37 -100.24
CA PRO Q 182 -22.62 35.70 -100.79
C PRO Q 182 -23.75 36.17 -101.68
N TYR Q 183 -24.51 35.27 -102.26
CA TYR Q 183 -25.65 35.62 -103.09
C TYR Q 183 -26.74 36.12 -102.20
N ASN Q 184 -26.95 35.60 -100.95
CA ASN Q 184 -27.96 36.04 -100.05
C ASN Q 184 -27.55 37.30 -99.28
N ALA Q 185 -26.27 37.42 -99.02
CA ALA Q 185 -25.72 38.56 -98.27
C ALA Q 185 -25.70 39.80 -99.15
N THR Q 186 -25.08 39.72 -100.29
CA THR Q 186 -24.81 40.93 -101.10
C THR Q 186 -26.12 41.49 -101.67
N LEU Q 187 -27.01 40.60 -102.06
CA LEU Q 187 -28.33 40.94 -102.55
C LEU Q 187 -29.19 41.58 -101.46
N SER Q 188 -28.93 41.26 -100.21
CA SER Q 188 -29.70 41.82 -99.12
C SER Q 188 -29.13 43.15 -98.67
N VAL Q 189 -27.82 43.29 -98.70
CA VAL Q 189 -27.17 44.47 -98.13
C VAL Q 189 -27.47 45.71 -98.97
N HIS Q 190 -27.54 45.58 -100.30
CA HIS Q 190 -27.72 46.76 -101.12
C HIS Q 190 -29.15 47.28 -101.01
N GLN Q 191 -30.08 46.47 -100.53
CA GLN Q 191 -31.41 46.97 -100.22
C GLN Q 191 -31.51 47.36 -98.75
N LEU Q 192 -30.59 46.87 -97.92
CA LEU Q 192 -30.62 47.17 -96.49
C LEU Q 192 -29.89 48.48 -96.20
N VAL Q 193 -28.96 48.90 -97.09
CA VAL Q 193 -28.31 50.18 -96.84
C VAL Q 193 -29.22 51.32 -97.28
N GLU Q 194 -30.21 51.03 -98.16
CA GLU Q 194 -31.11 52.07 -98.62
C GLU Q 194 -32.41 52.12 -97.82
N ASN Q 195 -32.72 51.11 -97.00
CA ASN Q 195 -34.00 51.09 -96.34
C ASN Q 195 -33.91 50.87 -94.85
N ALA Q 196 -32.70 50.76 -94.26
CA ALA Q 196 -32.68 50.52 -92.80
C ALA Q 196 -31.92 51.67 -92.13
N ASP Q 197 -32.44 52.07 -90.97
CA ASP Q 197 -31.89 53.22 -90.29
C ASP Q 197 -30.65 52.89 -89.46
N GLU Q 198 -30.68 51.75 -88.78
CA GLU Q 198 -29.55 51.25 -88.01
C GLU Q 198 -29.56 49.72 -88.13
N VAL Q 199 -28.41 49.16 -88.39
CA VAL Q 199 -28.27 47.72 -88.43
C VAL Q 199 -27.06 47.37 -87.61
N GLN Q 200 -27.22 46.47 -86.62
CA GLN Q 200 -26.07 46.06 -85.83
C GLN Q 200 -25.85 44.58 -86.02
N VAL Q 201 -24.65 44.19 -86.36
CA VAL Q 201 -24.37 42.91 -86.95
C VAL Q 201 -23.89 41.94 -85.84
N ILE Q 202 -24.37 40.70 -86.02
CA ILE Q 202 -24.04 39.58 -85.14
C ILE Q 202 -23.44 38.44 -85.96
N ASP Q 203 -22.42 37.82 -85.36
CA ASP Q 203 -21.75 36.71 -86.06
C ASP Q 203 -21.80 35.50 -85.17
N ASN Q 204 -22.08 34.33 -85.75
CA ASN Q 204 -22.08 33.09 -85.01
C ASN Q 204 -20.71 32.68 -84.56
N GLU Q 205 -19.68 32.99 -85.38
CA GLU Q 205 -18.30 32.79 -84.98
C GLU Q 205 -17.90 33.70 -83.83
N ALA Q 206 -18.52 34.90 -83.78
CA ALA Q 206 -18.19 35.78 -82.69
C ALA Q 206 -18.77 35.23 -81.37
N LEU Q 207 -20.01 34.67 -81.50
CA LEU Q 207 -20.67 34.16 -80.28
C LEU Q 207 -20.00 32.87 -79.86
N TYR Q 208 -19.42 32.07 -80.75
CA TYR Q 208 -18.68 30.90 -80.35
C TYR Q 208 -17.42 31.30 -79.59
N ASP Q 209 -16.78 32.41 -79.97
CA ASP Q 209 -15.61 32.87 -79.22
C ASP Q 209 -16.00 33.31 -77.79
N ILE Q 210 -17.11 34.01 -77.72
CA ILE Q 210 -17.53 34.61 -76.45
C ILE Q 210 -17.89 33.51 -75.45
N CYS Q 211 -18.65 32.55 -75.92
CA CYS Q 211 -19.14 31.49 -75.02
C CYS Q 211 -18.04 30.52 -74.61
N PHE Q 212 -16.94 30.47 -75.42
CA PHE Q 212 -15.84 29.58 -75.05
C PHE Q 212 -14.87 30.27 -74.09
N ARG Q 213 -14.44 31.46 -74.43
CA ARG Q 213 -13.33 32.10 -73.75
C ARG Q 213 -13.76 32.92 -72.52
N THR Q 214 -14.97 33.48 -72.55
CA THR Q 214 -15.41 34.34 -71.46
C THR Q 214 -16.41 33.58 -70.58
N LEU Q 215 -17.46 33.00 -71.22
CA LEU Q 215 -18.43 32.28 -70.48
C LEU Q 215 -17.93 30.91 -69.95
N LYS Q 216 -16.90 30.39 -70.61
CA LYS Q 216 -16.26 29.13 -70.29
C LYS Q 216 -17.25 27.97 -70.29
N LEU Q 217 -18.22 27.98 -71.19
CA LEU Q 217 -19.16 26.91 -71.31
C LEU Q 217 -18.54 25.85 -72.22
N THR Q 218 -18.64 24.60 -71.78
CA THR Q 218 -18.11 23.48 -72.54
C THR Q 218 -19.00 23.11 -73.72
N THR Q 219 -20.32 23.19 -73.54
CA THR Q 219 -21.28 22.82 -74.54
C THR Q 219 -22.27 23.97 -74.77
N PRO Q 220 -21.90 24.99 -75.58
CA PRO Q 220 -22.83 26.06 -75.87
C PRO Q 220 -23.87 25.67 -76.93
N THR Q 221 -25.13 25.72 -76.53
CA THR Q 221 -26.23 25.39 -77.43
C THR Q 221 -26.68 26.72 -78.03
N TYR Q 222 -27.48 26.64 -79.12
CA TYR Q 222 -28.07 27.85 -79.67
C TYR Q 222 -29.15 28.41 -78.76
N GLY Q 223 -29.64 27.67 -77.77
CA GLY Q 223 -30.43 28.20 -76.69
C GLY Q 223 -29.63 29.22 -75.86
N ASP Q 224 -28.37 28.89 -75.61
CA ASP Q 224 -27.48 29.74 -74.85
C ASP Q 224 -26.95 30.88 -75.74
N LEU Q 225 -26.73 30.62 -77.03
CA LEU Q 225 -26.17 31.67 -77.87
C LEU Q 225 -27.16 32.80 -78.10
N ASN Q 226 -28.42 32.40 -78.33
CA ASN Q 226 -29.48 33.37 -78.58
C ASN Q 226 -29.81 34.14 -77.31
N HIS Q 227 -29.56 33.53 -76.14
CA HIS Q 227 -29.81 34.19 -74.88
C HIS Q 227 -28.84 35.35 -74.69
N LEU Q 228 -27.62 35.19 -75.19
CA LEU Q 228 -26.61 36.22 -75.04
C LEU Q 228 -26.92 37.40 -75.97
N VAL Q 229 -27.36 37.10 -77.20
CA VAL Q 229 -27.69 38.17 -78.13
C VAL Q 229 -28.94 38.89 -77.67
N SER Q 230 -29.88 38.15 -77.07
CA SER Q 230 -31.11 38.75 -76.57
C SER Q 230 -30.84 39.66 -75.39
N ALA Q 231 -29.80 39.38 -74.60
CA ALA Q 231 -29.43 40.24 -73.49
C ALA Q 231 -28.98 41.61 -73.98
N ALA Q 232 -28.23 41.63 -75.09
CA ALA Q 232 -27.81 42.92 -75.64
C ALA Q 232 -28.97 43.62 -76.34
N MET Q 233 -29.88 42.84 -76.91
CA MET Q 233 -31.03 43.40 -77.61
C MET Q 233 -32.02 44.02 -76.65
N SER Q 234 -32.08 43.58 -75.37
CA SER Q 234 -32.80 44.29 -74.33
C SER Q 234 -32.06 45.60 -73.99
N GLY Q 235 -30.75 45.60 -74.05
CA GLY Q 235 -29.96 46.67 -73.46
C GLY Q 235 -30.01 47.97 -74.27
N VAL Q 236 -30.22 47.84 -75.58
CA VAL Q 236 -30.23 48.98 -76.47
C VAL Q 236 -31.56 49.72 -76.34
N THR Q 237 -32.61 49.02 -75.94
CA THR Q 237 -33.93 49.64 -75.79
C THR Q 237 -34.36 49.71 -74.32
N CYS Q 238 -33.41 49.56 -73.39
CA CYS Q 238 -33.78 49.47 -71.97
C CYS Q 238 -34.18 50.83 -71.48
N CYS Q 239 -33.49 51.85 -71.93
CA CYS Q 239 -33.65 53.20 -71.42
C CYS Q 239 -34.97 53.83 -71.86
N LEU Q 240 -35.61 53.31 -72.93
CA LEU Q 240 -37.01 53.63 -73.19
C LEU Q 240 -37.92 53.12 -72.06
N ARG Q 241 -37.60 51.96 -71.48
CA ARG Q 241 -38.59 51.31 -70.62
C ARG Q 241 -38.40 51.63 -69.13
N PHE Q 242 -37.19 52.14 -68.77
CA PHE Q 242 -37.05 52.45 -67.34
C PHE Q 242 -36.42 53.86 -67.23
N PRO Q 243 -36.80 54.64 -66.20
CA PRO Q 243 -36.24 55.96 -66.02
C PRO Q 243 -34.78 55.92 -65.57
N GLY Q 244 -34.15 57.11 -65.66
CA GLY Q 244 -32.70 57.13 -65.54
C GLY Q 244 -32.22 58.55 -65.30
N GLN Q 245 -30.95 58.69 -64.95
CA GLN Q 245 -30.28 59.96 -64.75
C GLN Q 245 -30.05 60.64 -66.08
N LEU Q 246 -29.57 59.87 -67.07
CA LEU Q 246 -29.37 60.43 -68.41
C LEU Q 246 -30.04 59.50 -69.42
N ASN Q 247 -31.19 59.94 -69.90
CA ASN Q 247 -32.06 59.11 -70.71
C ASN Q 247 -31.59 59.06 -72.16
N SER Q 248 -31.88 57.96 -72.83
CA SER Q 248 -31.57 57.77 -74.22
C SER Q 248 -32.64 56.86 -74.85
N ASP Q 249 -32.95 57.13 -76.10
CA ASP Q 249 -33.79 56.29 -76.92
C ASP Q 249 -33.00 55.69 -78.08
N LEU Q 250 -33.68 55.01 -79.00
CA LEU Q 250 -33.06 54.61 -80.25
C LEU Q 250 -32.83 55.82 -81.14
N ARG Q 251 -33.71 56.80 -81.13
CA ARG Q 251 -33.51 57.99 -81.94
C ARG Q 251 -32.41 58.86 -81.38
N LYS Q 252 -32.19 58.81 -80.07
CA LYS Q 252 -31.06 59.46 -79.44
C LYS Q 252 -29.75 58.87 -79.99
N LEU Q 253 -29.75 57.55 -80.12
CA LEU Q 253 -28.58 56.82 -80.61
C LEU Q 253 -28.46 57.03 -82.11
N ALA Q 254 -29.57 57.18 -82.82
CA ALA Q 254 -29.59 57.30 -84.26
C ALA Q 254 -28.98 58.62 -84.73
N VAL Q 255 -29.32 59.70 -84.04
CA VAL Q 255 -28.85 61.02 -84.48
C VAL Q 255 -27.36 61.16 -84.15
N ASN Q 256 -26.85 60.40 -83.19
CA ASN Q 256 -25.58 60.63 -82.60
C ASN Q 256 -24.48 59.75 -83.21
N LEU Q 257 -24.82 58.55 -83.62
CA LEU Q 257 -23.79 57.55 -83.91
C LEU Q 257 -23.63 57.28 -85.41
N ILE Q 258 -24.51 57.83 -86.22
CA ILE Q 258 -24.42 57.69 -87.67
C ILE Q 258 -24.08 59.08 -88.21
N PRO Q 259 -22.82 59.32 -88.60
CA PRO Q 259 -22.42 60.68 -88.98
C PRO Q 259 -22.86 61.04 -90.40
N PHE Q 260 -22.82 60.03 -91.30
CA PHE Q 260 -23.29 60.15 -92.65
C PHE Q 260 -24.25 59.01 -92.93
N PRO Q 261 -25.26 59.21 -93.82
CA PRO Q 261 -26.36 58.26 -93.93
C PRO Q 261 -25.99 56.87 -94.47
N ARG Q 262 -24.85 56.73 -95.12
CA ARG Q 262 -24.52 55.45 -95.72
C ARG Q 262 -23.95 54.50 -94.66
N LEU Q 263 -23.19 55.07 -93.67
CA LEU Q 263 -22.51 54.17 -92.78
C LEU Q 263 -23.21 54.05 -91.45
N HIS Q 264 -23.97 52.98 -91.26
CA HIS Q 264 -24.75 52.79 -90.07
C HIS Q 264 -24.74 51.31 -89.66
N PHE Q 265 -23.60 50.62 -89.86
CA PHE Q 265 -23.42 49.28 -89.39
C PHE Q 265 -22.63 49.24 -88.08
N PHE Q 266 -23.23 48.60 -87.08
CA PHE Q 266 -22.71 48.68 -85.74
C PHE Q 266 -22.16 47.37 -85.21
N LEU Q 267 -21.26 47.47 -84.25
CA LEU Q 267 -20.80 46.37 -83.44
C LEU Q 267 -21.58 46.39 -82.12
N ILE Q 268 -21.85 45.21 -81.58
CA ILE Q 268 -22.42 45.08 -80.25
C ILE Q 268 -21.44 44.36 -79.35
N GLY Q 269 -21.43 44.79 -78.08
CA GLY Q 269 -20.76 44.08 -77.00
C GLY Q 269 -21.62 44.05 -75.75
N PHE Q 270 -21.25 43.21 -74.80
CA PHE Q 270 -21.95 43.18 -73.52
C PHE Q 270 -20.97 42.97 -72.40
N ALA Q 271 -21.20 43.61 -71.26
CA ALA Q 271 -20.46 43.31 -70.03
C ALA Q 271 -21.43 43.52 -68.87
N PRO Q 272 -21.32 42.78 -67.76
CA PRO Q 272 -20.27 41.79 -67.47
C PRO Q 272 -20.55 40.41 -68.02
N LEU Q 273 -19.48 39.65 -68.32
CA LEU Q 273 -19.59 38.28 -68.79
C LEU Q 273 -18.53 37.46 -68.10
N THR Q 274 -18.90 36.79 -67.02
CA THR Q 274 -18.05 35.87 -66.29
C THR Q 274 -18.80 34.57 -66.11
N SER Q 275 -18.03 33.49 -65.95
CA SER Q 275 -18.53 32.14 -65.83
C SER Q 275 -19.23 31.96 -64.48
N ARG Q 276 -19.82 30.79 -64.33
CA ARG Q 276 -20.63 30.42 -63.19
C ARG Q 276 -19.85 30.46 -61.88
N GLY Q 277 -18.60 30.02 -61.94
CA GLY Q 277 -17.71 29.99 -60.81
C GLY Q 277 -17.28 31.36 -60.36
N SER Q 278 -17.16 32.33 -61.22
CA SER Q 278 -16.54 33.61 -61.00
C SER Q 278 -17.64 34.66 -60.84
N GLN Q 279 -18.93 34.29 -60.56
CA GLN Q 279 -19.85 35.29 -60.08
C GLN Q 279 -19.49 35.82 -58.69
N GLN Q 280 -19.00 34.95 -57.84
CA GLN Q 280 -18.72 35.33 -56.46
C GLN Q 280 -17.37 36.04 -56.31
N TYR Q 281 -16.53 35.94 -57.34
CA TYR Q 281 -15.12 36.30 -57.25
C TYR Q 281 -14.83 37.66 -57.88
N ARG Q 282 -15.69 38.17 -58.77
CA ARG Q 282 -15.33 39.38 -59.50
C ARG Q 282 -15.89 40.64 -58.87
N ALA Q 283 -15.08 41.68 -58.75
CA ALA Q 283 -15.45 42.92 -58.10
C ALA Q 283 -16.18 43.83 -59.07
N LEU Q 284 -17.51 44.02 -58.90
CA LEU Q 284 -18.30 44.63 -59.95
C LEU Q 284 -18.21 46.15 -59.91
N SER Q 285 -17.31 46.69 -60.78
CA SER Q 285 -17.12 48.13 -60.71
C SER Q 285 -17.22 48.71 -62.13
N VAL Q 286 -17.48 50.02 -62.17
CA VAL Q 286 -17.46 50.71 -63.47
C VAL Q 286 -16.07 50.68 -64.11
N PRO Q 287 -14.93 50.83 -63.42
CA PRO Q 287 -13.63 50.68 -64.08
C PRO Q 287 -13.37 49.31 -64.68
N GLU Q 288 -13.87 48.24 -64.04
CA GLU Q 288 -13.68 46.92 -64.63
C GLU Q 288 -14.60 46.67 -65.82
N LEU Q 289 -15.76 47.30 -65.77
CA LEU Q 289 -16.77 47.18 -66.83
C LEU Q 289 -16.24 47.82 -68.10
N THR Q 290 -15.57 48.95 -67.99
CA THR Q 290 -15.09 49.65 -69.18
C THR Q 290 -13.89 48.95 -69.78
N GLN Q 291 -13.15 48.17 -68.99
CA GLN Q 291 -12.03 47.41 -69.52
C GLN Q 291 -12.52 46.20 -70.29
N GLN Q 292 -13.60 45.57 -69.81
CA GLN Q 292 -14.17 44.44 -70.52
C GLN Q 292 -14.91 44.92 -71.78
N MET Q 293 -15.41 46.14 -71.77
CA MET Q 293 -16.21 46.66 -72.85
C MET Q 293 -15.33 47.00 -74.05
N PHE Q 294 -14.08 47.51 -73.80
CA PHE Q 294 -13.20 47.84 -74.89
C PHE Q 294 -12.25 46.69 -75.18
N ASP Q 295 -12.79 45.53 -75.51
CA ASP Q 295 -12.02 44.36 -75.82
C ASP Q 295 -12.64 43.73 -77.06
N ALA Q 296 -11.81 43.25 -77.98
CA ALA Q 296 -12.27 42.53 -79.14
C ALA Q 296 -12.94 41.21 -78.71
N LYS Q 297 -12.53 40.64 -77.58
CA LYS Q 297 -13.07 39.38 -77.15
C LYS Q 297 -14.43 39.52 -76.49
N ASN Q 298 -14.90 40.77 -76.26
CA ASN Q 298 -16.28 40.94 -75.82
C ASN Q 298 -17.18 41.12 -77.02
N MET Q 299 -16.69 41.48 -78.20
CA MET Q 299 -17.54 41.86 -79.26
C MET Q 299 -18.31 40.74 -79.90
N MET Q 300 -19.56 41.00 -80.24
CA MET Q 300 -20.44 40.07 -80.89
C MET Q 300 -20.33 40.22 -82.38
N CYS Q 301 -19.31 40.93 -82.90
CA CYS Q 301 -18.98 40.96 -84.31
C CYS Q 301 -17.57 40.39 -84.47
N ALA Q 302 -17.42 39.52 -85.46
CA ALA Q 302 -16.18 38.74 -85.63
C ALA Q 302 -15.16 39.58 -86.41
N SER Q 303 -14.85 40.75 -85.83
CA SER Q 303 -13.87 41.64 -86.40
C SER Q 303 -12.95 42.04 -85.26
N ASP Q 304 -11.74 42.45 -85.73
CA ASP Q 304 -10.79 43.10 -84.81
C ASP Q 304 -10.91 44.59 -84.88
N PRO Q 305 -11.44 45.29 -83.85
CA PRO Q 305 -11.60 46.75 -83.95
C PRO Q 305 -10.29 47.53 -83.86
N ARG Q 306 -9.21 46.88 -83.46
CA ARG Q 306 -7.93 47.55 -83.32
C ARG Q 306 -7.26 47.68 -84.67
N HIS Q 307 -7.78 47.05 -85.72
CA HIS Q 307 -7.22 47.24 -87.06
C HIS Q 307 -7.74 48.50 -87.72
N GLY Q 308 -8.76 49.13 -87.17
CA GLY Q 308 -9.34 50.37 -87.69
C GLY Q 308 -9.58 51.36 -86.58
N ARG Q 309 -10.49 52.32 -86.79
CA ARG Q 309 -10.71 53.40 -85.83
C ARG Q 309 -12.20 53.45 -85.52
N TYR Q 310 -12.55 53.57 -84.25
CA TYR Q 310 -13.94 53.78 -83.88
C TYR Q 310 -14.37 55.18 -84.32
N LEU Q 311 -15.29 55.27 -85.27
CA LEU Q 311 -15.74 56.53 -85.80
C LEU Q 311 -16.59 57.23 -84.73
N THR Q 312 -17.62 56.52 -84.27
CA THR Q 312 -18.43 56.96 -83.14
C THR Q 312 -18.85 55.74 -82.34
N ALA Q 313 -18.94 55.89 -81.02
CA ALA Q 313 -19.20 54.74 -80.17
C ALA Q 313 -20.10 55.17 -79.00
N SER Q 314 -20.82 54.22 -78.41
CA SER Q 314 -21.78 54.58 -77.38
C SER Q 314 -21.89 53.47 -76.37
N ALA Q 315 -22.15 53.81 -75.12
CA ALA Q 315 -22.28 52.87 -74.03
C ALA Q 315 -23.51 53.22 -73.20
N MET Q 316 -24.46 52.31 -73.19
CA MET Q 316 -25.71 52.43 -72.46
C MET Q 316 -25.55 51.65 -71.16
N PHE Q 317 -25.27 52.37 -70.09
CA PHE Q 317 -25.05 51.77 -68.80
C PHE Q 317 -26.38 51.57 -68.10
N ARG Q 318 -26.41 50.58 -67.21
CA ARG Q 318 -27.61 50.28 -66.47
C ARG Q 318 -27.26 50.00 -65.02
N GLY Q 319 -27.99 50.64 -64.10
CA GLY Q 319 -27.84 50.39 -62.67
C GLY Q 319 -27.68 51.64 -61.87
N ARG Q 320 -27.96 51.54 -60.55
CA ARG Q 320 -27.83 52.64 -59.63
C ARG Q 320 -26.36 52.92 -59.27
N MET Q 321 -25.76 53.90 -59.87
CA MET Q 321 -24.31 53.94 -60.08
C MET Q 321 -23.90 55.39 -60.22
N SER Q 322 -22.62 55.65 -59.94
CA SER Q 322 -22.14 57.04 -59.89
C SER Q 322 -21.69 57.49 -61.27
N THR Q 323 -22.04 58.70 -61.64
CA THR Q 323 -21.87 59.18 -62.99
C THR Q 323 -20.48 59.71 -63.23
N LYS Q 324 -19.69 59.99 -62.22
CA LYS Q 324 -18.35 60.52 -62.49
C LYS Q 324 -17.45 59.48 -63.15
N GLU Q 325 -17.45 58.33 -62.56
CA GLU Q 325 -16.73 57.16 -63.03
C GLU Q 325 -17.29 56.66 -64.36
N VAL Q 326 -18.54 56.96 -64.67
CA VAL Q 326 -19.02 56.77 -66.02
C VAL Q 326 -18.32 57.76 -66.95
N ASP Q 327 -18.23 59.00 -66.52
CA ASP Q 327 -17.81 60.06 -67.46
C ASP Q 327 -16.28 60.13 -67.59
N GLU Q 328 -15.60 59.95 -66.47
CA GLU Q 328 -14.15 60.08 -66.43
C GLU Q 328 -13.51 58.85 -67.05
N GLN Q 329 -14.16 57.67 -66.94
CA GLN Q 329 -13.53 56.53 -67.60
C GLN Q 329 -13.68 56.60 -69.13
N MET Q 330 -14.76 57.20 -69.60
CA MET Q 330 -14.93 57.42 -71.01
C MET Q 330 -13.95 58.45 -71.55
N LEU Q 331 -13.56 59.40 -70.67
CA LEU Q 331 -12.49 60.31 -71.01
C LEU Q 331 -11.15 59.60 -70.98
N ASN Q 332 -10.99 58.65 -70.03
CA ASN Q 332 -9.72 57.96 -69.83
C ASN Q 332 -9.40 57.11 -71.05
N VAL Q 333 -10.41 56.44 -71.57
CA VAL Q 333 -10.20 55.53 -72.69
C VAL Q 333 -9.94 56.33 -73.98
N GLN Q 334 -10.50 57.54 -74.08
CA GLN Q 334 -10.27 58.34 -75.26
C GLN Q 334 -8.87 58.93 -75.28
N ASN Q 335 -8.32 59.20 -74.10
CA ASN Q 335 -6.96 59.70 -73.99
C ASN Q 335 -5.94 58.56 -74.17
N LYS Q 336 -6.20 57.39 -73.64
CA LYS Q 336 -5.22 56.34 -73.67
C LYS Q 336 -5.07 55.69 -75.06
N ASN Q 337 -6.19 55.34 -75.64
CA ASN Q 337 -6.24 54.72 -76.95
C ASN Q 337 -6.49 55.81 -77.96
N SER Q 338 -5.47 56.63 -78.19
CA SER Q 338 -5.58 57.75 -79.15
C SER Q 338 -5.78 57.25 -80.61
N SER Q 339 -5.05 56.19 -80.93
CA SER Q 339 -4.99 55.76 -82.33
C SER Q 339 -6.18 54.89 -82.70
N TYR Q 340 -6.98 54.45 -81.72
CA TYR Q 340 -8.15 53.62 -81.96
C TYR Q 340 -9.41 54.44 -82.12
N PHE Q 341 -9.29 55.77 -82.08
CA PHE Q 341 -10.38 56.69 -82.33
C PHE Q 341 -10.03 57.57 -83.49
N VAL Q 342 -11.05 58.10 -84.14
CA VAL Q 342 -10.84 59.01 -85.26
C VAL Q 342 -10.64 60.41 -84.68
N GLU Q 343 -9.91 61.24 -85.41
CA GLU Q 343 -9.38 62.49 -84.84
C GLU Q 343 -10.34 63.67 -85.05
N TRP Q 344 -10.98 63.72 -86.20
CA TRP Q 344 -11.74 64.90 -86.59
C TRP Q 344 -13.17 64.83 -86.06
N ILE Q 345 -13.51 63.82 -85.24
CA ILE Q 345 -14.66 64.02 -84.32
C ILE Q 345 -14.16 63.99 -82.89
N PRO Q 346 -13.99 65.12 -82.20
CA PRO Q 346 -13.42 65.09 -80.85
C PRO Q 346 -14.46 64.60 -79.85
N ASN Q 347 -13.98 63.82 -78.85
CA ASN Q 347 -14.85 63.24 -77.85
C ASN Q 347 -15.99 62.44 -78.49
N ASN Q 348 -15.63 61.34 -79.13
CA ASN Q 348 -16.43 60.44 -79.90
C ASN Q 348 -17.46 59.65 -79.07
N MET Q 349 -17.45 59.73 -77.74
CA MET Q 349 -18.11 58.78 -76.91
C MET Q 349 -19.45 59.27 -76.38
N LYS Q 350 -20.44 58.37 -76.40
CA LYS Q 350 -21.74 58.73 -75.83
C LYS Q 350 -22.01 57.83 -74.63
N SER Q 351 -22.43 58.47 -73.53
CA SER Q 351 -22.80 57.70 -72.35
C SER Q 351 -24.24 57.99 -71.99
N SER Q 352 -24.90 56.95 -71.47
CA SER Q 352 -26.28 57.09 -70.99
C SER Q 352 -26.44 56.15 -69.80
N VAL Q 353 -27.07 56.66 -68.74
CA VAL Q 353 -27.20 55.90 -67.52
C VAL Q 353 -28.67 55.65 -67.23
N CYS Q 354 -29.07 54.39 -67.22
CA CYS Q 354 -30.42 54.01 -66.88
C CYS Q 354 -30.39 53.33 -65.51
N ASP Q 355 -31.36 53.58 -64.67
CA ASP Q 355 -31.17 53.34 -63.23
C ASP Q 355 -31.53 51.91 -62.81
N ILE Q 356 -32.19 51.13 -63.68
CA ILE Q 356 -32.65 49.83 -63.27
C ILE Q 356 -31.84 48.76 -64.05
N PRO Q 357 -31.01 47.97 -63.35
CA PRO Q 357 -30.15 47.02 -64.01
C PRO Q 357 -30.97 45.79 -64.38
N PRO Q 358 -30.47 44.93 -65.28
CA PRO Q 358 -31.14 43.67 -65.57
C PRO Q 358 -31.12 42.76 -64.36
N LYS Q 359 -32.05 41.79 -64.37
CA LYS Q 359 -32.26 40.92 -63.25
C LYS Q 359 -31.06 40.00 -63.03
N GLY Q 360 -30.57 40.00 -61.79
CA GLY Q 360 -29.48 39.10 -61.41
C GLY Q 360 -28.11 39.77 -61.46
N LEU Q 361 -28.00 40.96 -62.14
CA LEU Q 361 -26.83 41.78 -61.96
C LEU Q 361 -27.18 43.01 -61.08
N LYS Q 362 -26.15 43.75 -60.76
CA LYS Q 362 -26.33 45.04 -60.10
C LYS Q 362 -25.91 46.19 -61.00
N MET Q 363 -25.08 45.92 -62.00
CA MET Q 363 -24.65 46.92 -62.96
C MET Q 363 -24.28 46.23 -64.26
N SER Q 364 -24.65 46.85 -65.38
CA SER Q 364 -24.40 46.26 -66.69
C SER Q 364 -24.20 47.38 -67.72
N VAL Q 365 -23.66 46.99 -68.86
CA VAL Q 365 -23.46 47.97 -69.93
C VAL Q 365 -23.65 47.26 -71.28
N THR Q 366 -24.25 47.98 -72.19
CA THR Q 366 -24.42 47.53 -73.54
C THR Q 366 -23.71 48.49 -74.49
N PHE Q 367 -22.88 47.95 -75.37
CA PHE Q 367 -21.95 48.78 -76.11
C PHE Q 367 -22.27 48.66 -77.59
N VAL Q 368 -22.48 49.83 -78.21
CA VAL Q 368 -22.52 49.92 -79.66
C VAL Q 368 -21.32 50.74 -80.18
N GLY Q 369 -20.84 50.32 -81.32
CA GLY Q 369 -19.76 51.07 -81.97
C GLY Q 369 -19.93 51.11 -83.47
N ASN Q 370 -19.84 52.29 -84.08
CA ASN Q 370 -19.66 52.45 -85.50
C ASN Q 370 -18.18 52.45 -85.83
N SER Q 371 -17.65 51.28 -86.24
CA SER Q 371 -16.23 51.19 -86.53
C SER Q 371 -15.96 51.12 -88.04
N THR Q 372 -14.78 51.59 -88.43
CA THR Q 372 -14.32 51.45 -89.80
C THR Q 372 -13.51 50.15 -89.96
N ALA Q 373 -13.43 49.34 -88.91
CA ALA Q 373 -12.88 48.00 -89.02
C ALA Q 373 -13.91 47.03 -89.55
N ILE Q 374 -15.12 47.46 -89.84
CA ILE Q 374 -16.15 46.61 -90.43
C ILE Q 374 -15.91 46.38 -91.93
N GLN Q 375 -14.83 46.96 -92.45
CA GLN Q 375 -14.38 46.71 -93.79
C GLN Q 375 -14.00 45.24 -93.97
N GLU Q 376 -13.64 44.50 -92.88
CA GLU Q 376 -13.23 43.13 -93.02
C GLU Q 376 -14.38 42.24 -93.43
N MET Q 377 -15.61 42.58 -93.01
CA MET Q 377 -16.76 41.80 -93.42
C MET Q 377 -17.12 42.09 -94.86
N PHE Q 378 -17.14 43.38 -95.19
CA PHE Q 378 -17.68 43.75 -96.51
C PHE Q 378 -16.71 43.34 -97.61
N LYS Q 379 -15.39 43.37 -97.28
CA LYS Q 379 -14.42 42.93 -98.30
C LYS Q 379 -14.46 41.40 -98.43
N ARG Q 380 -14.70 40.72 -97.29
CA ARG Q 380 -14.66 39.27 -97.28
C ARG Q 380 -15.86 38.70 -98.00
N VAL Q 381 -17.03 39.37 -97.85
CA VAL Q 381 -18.20 38.88 -98.56
C VAL Q 381 -18.08 39.29 -100.02
N SER Q 382 -17.48 40.44 -100.31
CA SER Q 382 -17.47 40.91 -101.69
C SER Q 382 -16.54 40.07 -102.55
N ASP Q 383 -15.39 39.70 -102.03
CA ASP Q 383 -14.47 38.91 -102.87
C ASP Q 383 -14.95 37.48 -102.95
N GLN Q 384 -15.68 36.96 -101.96
CA GLN Q 384 -16.32 35.66 -102.11
C GLN Q 384 -17.43 35.73 -103.17
N PHE Q 385 -18.13 36.85 -103.20
CA PHE Q 385 -19.14 37.12 -104.21
C PHE Q 385 -18.53 37.30 -105.56
N THR Q 386 -17.42 38.02 -105.64
CA THR Q 386 -16.80 38.29 -106.94
C THR Q 386 -16.18 37.00 -107.52
N ALA Q 387 -15.74 36.09 -106.63
CA ALA Q 387 -15.11 34.88 -107.12
C ALA Q 387 -16.14 33.93 -107.72
N MET Q 388 -17.33 33.89 -107.08
CA MET Q 388 -18.38 32.99 -107.44
C MET Q 388 -19.23 33.55 -108.59
N PHE Q 389 -19.16 34.88 -108.87
CA PHE Q 389 -19.90 35.49 -109.91
C PHE Q 389 -19.20 35.51 -111.28
N ARG Q 390 -17.87 35.46 -111.27
CA ARG Q 390 -17.07 35.56 -112.47
C ARG Q 390 -17.35 34.35 -113.41
N ARG Q 391 -17.60 33.20 -112.82
CA ARG Q 391 -17.93 32.11 -113.72
C ARG Q 391 -19.32 31.58 -113.39
N LYS Q 392 -20.17 32.48 -112.99
CA LYS Q 392 -21.65 32.36 -113.09
C LYS Q 392 -22.15 31.15 -112.36
N ALA Q 393 -21.59 30.90 -111.16
CA ALA Q 393 -22.02 29.72 -110.39
C ALA Q 393 -23.34 30.07 -109.67
N PHE Q 394 -24.24 29.08 -109.63
CA PHE Q 394 -25.51 29.11 -108.92
C PHE Q 394 -26.40 30.28 -109.36
N LEU Q 395 -26.21 30.81 -110.57
CA LEU Q 395 -26.99 32.00 -110.93
C LEU Q 395 -28.38 31.66 -111.49
N HIS Q 396 -28.53 30.43 -111.99
CA HIS Q 396 -29.65 30.04 -112.80
C HIS Q 396 -30.83 29.77 -111.88
N TRP Q 397 -30.70 29.66 -110.53
CA TRP Q 397 -31.96 29.70 -109.79
C TRP Q 397 -32.48 31.13 -109.61
N TYR Q 398 -31.51 32.07 -109.50
CA TYR Q 398 -31.91 33.45 -109.29
C TYR Q 398 -32.36 34.17 -110.58
N THR Q 399 -31.75 33.74 -111.70
CA THR Q 399 -32.26 34.09 -113.02
C THR Q 399 -33.55 33.32 -113.31
N GLY Q 400 -33.72 32.16 -112.69
CA GLY Q 400 -34.92 31.37 -112.91
C GLY Q 400 -36.17 31.92 -112.24
N GLU Q 401 -35.98 32.80 -111.26
CA GLU Q 401 -37.15 33.34 -110.56
C GLU Q 401 -37.47 34.77 -110.94
N GLY Q 402 -36.73 35.32 -111.92
CA GLY Q 402 -37.12 36.59 -112.55
C GLY Q 402 -36.18 37.75 -112.27
N MET Q 403 -34.92 37.46 -111.89
CA MET Q 403 -33.93 38.51 -111.84
C MET Q 403 -33.25 38.74 -113.20
N ASP Q 404 -32.29 39.57 -113.22
CA ASP Q 404 -31.32 39.63 -114.30
C ASP Q 404 -29.90 39.61 -113.74
N GLU Q 405 -28.95 39.53 -114.66
CA GLU Q 405 -27.52 39.65 -114.39
C GLU Q 405 -27.17 41.06 -113.94
N MET Q 406 -27.90 42.05 -114.39
CA MET Q 406 -27.65 43.43 -114.10
C MET Q 406 -27.89 43.82 -112.64
N GLU Q 407 -28.83 43.14 -111.99
CA GLU Q 407 -29.07 43.40 -110.59
C GLU Q 407 -27.94 42.88 -109.72
N PHE Q 408 -27.25 41.87 -110.15
CA PHE Q 408 -26.08 41.36 -109.44
C PHE Q 408 -24.92 42.32 -109.54
N THR Q 409 -24.73 42.92 -110.70
CA THR Q 409 -23.64 43.87 -110.87
C THR Q 409 -23.91 45.12 -110.05
N GLU Q 410 -25.21 45.52 -109.96
CA GLU Q 410 -25.54 46.68 -109.16
C GLU Q 410 -25.33 46.37 -107.68
N ALA Q 411 -25.64 45.15 -107.28
CA ALA Q 411 -25.52 44.75 -105.87
C ALA Q 411 -24.07 44.77 -105.42
N GLU Q 412 -23.17 44.30 -106.30
CA GLU Q 412 -21.75 44.36 -106.00
C GLU Q 412 -21.24 45.81 -105.96
N SER Q 413 -21.73 46.63 -106.89
CA SER Q 413 -21.23 48.00 -107.02
C SER Q 413 -21.66 48.85 -105.82
N ASN Q 414 -22.90 48.63 -105.36
CA ASN Q 414 -23.46 49.37 -104.25
C ASN Q 414 -22.72 49.04 -102.94
N MET Q 415 -22.23 47.81 -102.81
CA MET Q 415 -21.54 47.43 -101.61
C MET Q 415 -20.04 47.69 -101.74
N ASN Q 416 -19.49 47.69 -102.94
CA ASN Q 416 -18.07 47.97 -103.11
C ASN Q 416 -17.73 49.44 -102.80
N ASP Q 417 -18.68 50.33 -103.11
CA ASP Q 417 -18.52 51.72 -102.74
C ASP Q 417 -18.61 51.91 -101.24
N LEU Q 418 -19.36 51.07 -100.55
CA LEU Q 418 -19.46 51.13 -99.10
C LEU Q 418 -18.12 50.72 -98.48
N VAL Q 419 -17.39 49.82 -99.10
CA VAL Q 419 -16.07 49.46 -98.62
C VAL Q 419 -15.13 50.66 -98.79
N SER Q 420 -15.25 51.38 -99.91
CA SER Q 420 -14.31 52.45 -100.20
C SER Q 420 -14.57 53.66 -99.29
N GLU Q 421 -15.86 53.87 -98.94
CA GLU Q 421 -16.18 55.04 -98.16
C GLU Q 421 -15.83 54.81 -96.70
N TYR Q 422 -15.73 53.57 -96.21
CA TYR Q 422 -15.10 53.35 -94.92
C TYR Q 422 -13.61 53.63 -94.98
N GLN Q 423 -12.98 53.24 -96.07
CA GLN Q 423 -11.52 53.38 -96.25
C GLN Q 423 -11.18 54.85 -96.42
N GLN Q 424 -12.08 55.68 -96.93
CA GLN Q 424 -11.84 57.09 -97.14
C GLN Q 424 -11.59 57.84 -95.82
N TYR Q 425 -12.25 57.36 -94.75
CA TYR Q 425 -12.24 58.04 -93.46
C TYR Q 425 -11.44 57.22 -92.45
N GLN Q 426 -10.42 56.48 -92.92
CA GLN Q 426 -9.57 55.67 -92.06
C GLN Q 426 -8.13 56.19 -92.06
N MET R 1 -99.84 55.83 -83.89
CA MET R 1 -98.44 56.18 -84.20
C MET R 1 -98.19 55.93 -85.69
N ARG R 2 -97.00 55.52 -86.01
CA ARG R 2 -96.55 55.18 -87.35
C ARG R 2 -96.29 53.67 -87.33
N GLU R 3 -96.56 53.03 -88.48
CA GLU R 3 -96.49 51.59 -88.59
C GLU R 3 -95.71 51.23 -89.86
N ILE R 4 -95.01 50.09 -89.79
CA ILE R 4 -94.43 49.46 -90.97
C ILE R 4 -95.19 48.19 -91.26
N VAL R 5 -95.66 48.09 -92.51
CA VAL R 5 -96.27 46.87 -93.00
C VAL R 5 -95.19 46.06 -93.71
N HIS R 6 -95.03 44.81 -93.27
CA HIS R 6 -93.97 43.96 -93.78
C HIS R 6 -94.55 43.01 -94.82
N VAL R 7 -93.85 42.91 -95.96
CA VAL R 7 -94.24 42.00 -97.02
C VAL R 7 -93.05 41.14 -97.39
N GLN R 8 -93.28 39.84 -97.40
CA GLN R 8 -92.19 38.83 -97.43
C GLN R 8 -92.49 37.97 -98.66
N GLY R 9 -91.63 37.99 -99.64
CA GLY R 9 -91.91 37.36 -100.92
C GLY R 9 -90.76 36.49 -101.39
N GLY R 10 -91.12 35.31 -101.92
CA GLY R 10 -90.14 34.32 -102.36
C GLY R 10 -89.62 33.45 -101.24
N GLN R 11 -88.87 32.41 -101.57
CA GLN R 11 -88.25 31.54 -100.60
C GLN R 11 -87.15 32.26 -99.85
N CYS R 12 -86.37 33.06 -100.53
CA CYS R 12 -85.33 33.87 -99.88
C CYS R 12 -85.93 34.90 -98.95
N GLY R 13 -86.99 35.57 -99.42
CA GLY R 13 -87.61 36.63 -98.63
C GLY R 13 -88.27 36.11 -97.37
N ASN R 14 -88.84 34.90 -97.46
CA ASN R 14 -89.53 34.32 -96.32
C ASN R 14 -88.52 33.88 -95.26
N GLN R 15 -87.39 33.32 -95.68
CA GLN R 15 -86.48 32.90 -94.60
C GLN R 15 -85.55 33.99 -94.16
N ILE R 16 -85.42 35.09 -94.88
CA ILE R 16 -84.76 36.28 -94.35
C ILE R 16 -85.72 36.99 -93.39
N GLY R 17 -87.02 36.95 -93.75
CA GLY R 17 -88.01 37.64 -92.94
C GLY R 17 -88.39 36.84 -91.70
N ALA R 18 -88.26 35.52 -91.75
CA ALA R 18 -88.53 34.68 -90.60
C ALA R 18 -87.53 34.95 -89.48
N LYS R 19 -86.27 35.24 -89.87
CA LYS R 19 -85.28 35.53 -88.84
C LYS R 19 -85.31 36.99 -88.49
N PHE R 20 -85.91 37.84 -89.33
CA PHE R 20 -86.11 39.23 -88.94
C PHE R 20 -87.08 39.32 -87.76
N TRP R 21 -88.16 38.52 -87.83
CA TRP R 21 -89.13 38.56 -86.77
C TRP R 21 -88.64 37.85 -85.53
N GLU R 22 -87.57 37.06 -85.67
CA GLU R 22 -86.95 36.45 -84.52
C GLU R 22 -86.17 37.50 -83.72
N VAL R 23 -85.51 38.42 -84.41
CA VAL R 23 -84.64 39.36 -83.73
C VAL R 23 -85.46 40.52 -83.17
N ILE R 24 -86.57 40.89 -83.86
CA ILE R 24 -87.36 42.00 -83.35
C ILE R 24 -88.20 41.55 -82.17
N SER R 25 -88.69 40.31 -82.19
CA SER R 25 -89.39 39.74 -81.05
C SER R 25 -88.50 39.61 -79.85
N ASP R 26 -87.21 39.27 -80.07
CA ASP R 26 -86.26 39.15 -79.00
C ASP R 26 -85.95 40.54 -78.36
N GLU R 27 -85.92 41.57 -79.24
CA GLU R 27 -85.58 42.84 -78.68
C GLU R 27 -86.75 43.51 -78.05
N HIS R 28 -87.97 43.18 -78.41
CA HIS R 28 -89.16 43.68 -77.72
C HIS R 28 -89.61 42.76 -76.63
N GLY R 29 -88.94 41.61 -76.44
CA GLY R 29 -89.26 40.68 -75.38
C GLY R 29 -90.53 39.87 -75.62
N ILE R 30 -90.76 39.38 -76.82
CA ILE R 30 -91.96 38.62 -77.11
C ILE R 30 -91.59 37.14 -77.16
N ASP R 31 -92.29 36.37 -76.34
CA ASP R 31 -92.28 34.93 -76.32
C ASP R 31 -92.79 34.41 -77.66
N PRO R 32 -92.24 33.32 -78.22
CA PRO R 32 -92.80 32.76 -79.45
C PRO R 32 -94.27 32.37 -79.38
N THR R 33 -94.79 32.18 -78.17
CA THR R 33 -96.22 31.95 -78.03
C THR R 33 -97.02 33.25 -78.16
N GLY R 34 -96.37 34.40 -78.10
CA GLY R 34 -97.04 35.68 -78.36
C GLY R 34 -97.18 36.57 -77.13
N THR R 35 -96.81 36.04 -75.96
CA THR R 35 -96.90 36.82 -74.75
C THR R 35 -95.67 37.71 -74.60
N TYR R 36 -95.71 38.61 -73.63
CA TYR R 36 -94.58 39.46 -73.32
C TYR R 36 -93.94 39.01 -72.00
N CYS R 37 -92.60 39.10 -71.94
CA CYS R 37 -91.86 38.95 -70.72
C CYS R 37 -90.72 39.96 -70.72
N GLY R 38 -90.44 40.57 -69.55
CA GLY R 38 -89.27 41.43 -69.50
C GLY R 38 -89.42 42.65 -68.61
N ASP R 39 -90.68 43.03 -68.33
CA ASP R 39 -91.09 44.06 -67.37
C ASP R 39 -90.26 45.35 -67.48
N SER R 40 -90.31 45.96 -68.66
CA SER R 40 -89.63 47.20 -68.95
C SER R 40 -90.54 47.99 -69.89
N ASP R 41 -90.64 49.31 -69.64
CA ASP R 41 -91.53 50.16 -70.39
C ASP R 41 -90.99 50.44 -71.78
N LEU R 42 -89.68 50.52 -71.91
CA LEU R 42 -89.07 51.00 -73.16
C LEU R 42 -89.26 50.02 -74.32
N GLN R 43 -89.41 48.75 -73.99
CA GLN R 43 -89.63 47.71 -75.00
C GLN R 43 -91.05 47.83 -75.57
N LEU R 44 -92.02 48.21 -74.72
CA LEU R 44 -93.42 47.97 -74.98
C LEU R 44 -94.15 49.23 -75.42
N GLU R 45 -93.54 50.41 -75.19
CA GLU R 45 -94.27 51.67 -75.41
C GLU R 45 -94.50 51.89 -76.90
N ARG R 46 -93.55 51.44 -77.74
CA ARG R 46 -93.72 51.58 -79.17
C ARG R 46 -93.61 50.22 -79.81
N ILE R 47 -94.73 49.51 -79.78
CA ILE R 47 -94.81 48.15 -80.27
C ILE R 47 -95.77 48.08 -81.44
N ASN R 48 -96.61 49.07 -81.61
CA ASN R 48 -97.57 49.09 -82.70
C ASN R 48 -96.89 49.38 -84.04
N VAL R 49 -95.60 49.68 -84.05
CA VAL R 49 -94.90 49.89 -85.31
C VAL R 49 -94.75 48.57 -86.06
N PHE R 50 -94.69 47.45 -85.34
CA PHE R 50 -94.53 46.15 -85.99
C PHE R 50 -95.56 45.11 -85.56
N TYR R 51 -96.34 45.39 -84.51
CA TYR R 51 -97.22 44.37 -83.95
C TYR R 51 -98.64 44.93 -83.84
N ASN R 52 -99.58 44.01 -83.64
CA ASN R 52 -100.97 44.29 -83.42
C ASN R 52 -101.45 43.55 -82.19
N GLU R 53 -102.23 44.22 -81.35
CA GLU R 53 -102.92 43.61 -80.22
C GLU R 53 -104.01 42.68 -80.77
N ALA R 54 -104.23 41.55 -80.07
CA ALA R 54 -105.16 40.54 -80.52
C ALA R 54 -106.24 40.22 -79.49
N THR R 55 -106.51 41.18 -78.58
CA THR R 55 -107.54 41.14 -77.55
C THR R 55 -107.47 39.91 -76.66
N GLY R 56 -106.37 39.16 -76.73
CA GLY R 56 -106.05 38.12 -75.79
C GLY R 56 -104.72 38.45 -75.16
N GLY R 57 -104.21 39.62 -75.52
CA GLY R 57 -102.96 40.16 -75.03
C GLY R 57 -101.73 39.69 -75.82
N ARG R 58 -101.95 38.86 -76.86
CA ARG R 58 -100.84 38.44 -77.68
C ARG R 58 -100.59 39.44 -78.80
N PHE R 59 -99.33 39.44 -79.27
CA PHE R 59 -98.97 40.36 -80.34
C PHE R 59 -98.71 39.61 -81.63
N VAL R 60 -99.39 40.00 -82.69
CA VAL R 60 -99.24 39.36 -83.97
C VAL R 60 -98.54 40.31 -84.93
N PRO R 61 -97.55 39.84 -85.70
CA PRO R 61 -96.83 40.69 -86.62
C PRO R 61 -97.71 41.23 -87.75
N ARG R 62 -97.39 42.44 -88.20
CA ARG R 62 -98.07 43.01 -89.34
C ARG R 62 -97.36 42.59 -90.63
N ALA R 63 -97.24 41.26 -90.82
CA ALA R 63 -96.44 40.72 -91.91
C ALA R 63 -97.36 39.92 -92.83
N ILE R 64 -97.08 40.03 -94.14
CA ILE R 64 -97.80 39.28 -95.14
C ILE R 64 -96.79 38.37 -95.82
N LEU R 65 -97.02 37.07 -95.70
CA LEU R 65 -96.13 36.07 -96.20
C LEU R 65 -96.66 35.58 -97.54
N MET R 66 -95.84 35.64 -98.61
CA MET R 66 -96.35 35.46 -99.95
C MET R 66 -95.36 34.63 -100.74
N ASP R 67 -95.87 33.59 -101.39
CA ASP R 67 -95.07 32.68 -102.18
C ASP R 67 -95.99 31.99 -103.18
N LEU R 68 -95.42 31.44 -104.24
CA LEU R 68 -96.18 30.62 -105.18
C LEU R 68 -95.98 29.12 -104.94
N GLU R 69 -95.13 28.76 -103.98
CA GLU R 69 -94.80 27.35 -103.78
C GLU R 69 -94.95 27.04 -102.32
N PRO R 70 -95.77 26.04 -101.93
CA PRO R 70 -96.18 25.90 -100.54
C PRO R 70 -95.14 25.27 -99.64
N GLY R 71 -93.96 24.93 -100.15
CA GLY R 71 -92.87 24.33 -99.42
C GLY R 71 -92.31 25.22 -98.29
N THR R 72 -91.95 26.43 -98.69
CA THR R 72 -91.10 27.25 -97.80
C THR R 72 -91.94 27.91 -96.72
N MET R 73 -93.22 28.10 -96.98
CA MET R 73 -94.11 28.66 -95.98
C MET R 73 -94.45 27.63 -94.91
N ASP R 74 -94.43 26.34 -95.27
CA ASP R 74 -94.58 25.29 -94.27
C ASP R 74 -93.37 25.26 -93.35
N SER R 75 -92.21 25.53 -93.90
CA SER R 75 -90.95 25.51 -93.17
C SER R 75 -90.90 26.64 -92.14
N VAL R 76 -91.45 27.81 -92.52
CA VAL R 76 -91.45 28.97 -91.64
C VAL R 76 -92.43 28.74 -90.49
N ARG R 77 -93.59 28.15 -90.79
CA ARG R 77 -94.60 27.86 -89.78
C ARG R 77 -94.11 26.83 -88.77
N ALA R 78 -93.41 25.81 -89.25
CA ALA R 78 -92.99 24.68 -88.41
C ALA R 78 -91.83 25.05 -87.49
N GLY R 79 -91.06 26.07 -87.86
CA GLY R 79 -89.89 26.47 -87.12
C GLY R 79 -90.23 27.21 -85.85
N PRO R 80 -89.20 27.64 -85.10
CA PRO R 80 -89.43 28.50 -83.94
C PRO R 80 -89.88 29.89 -84.42
N PHE R 81 -90.67 30.55 -83.58
CA PHE R 81 -91.31 31.81 -83.87
C PHE R 81 -92.17 31.71 -85.12
N GLY R 82 -92.77 30.54 -85.34
CA GLY R 82 -93.59 30.33 -86.53
C GLY R 82 -95.07 30.42 -86.20
N GLN R 83 -95.39 30.25 -84.92
CA GLN R 83 -96.76 30.36 -84.44
C GLN R 83 -97.14 31.83 -84.20
N LEU R 84 -96.19 32.73 -84.41
CA LEU R 84 -96.43 34.15 -84.17
C LEU R 84 -97.31 34.73 -85.27
N PHE R 85 -97.08 34.32 -86.50
CA PHE R 85 -97.78 34.92 -87.64
C PHE R 85 -99.24 34.47 -87.70
N ARG R 86 -100.08 35.37 -88.23
CA ARG R 86 -101.48 35.06 -88.42
C ARG R 86 -101.64 34.11 -89.60
N PRO R 87 -102.41 33.02 -89.46
CA PRO R 87 -102.58 32.06 -90.56
C PRO R 87 -103.26 32.61 -91.79
N ASP R 88 -104.10 33.64 -91.64
CA ASP R 88 -104.74 34.27 -92.76
C ASP R 88 -103.76 35.11 -93.58
N ASN R 89 -102.66 35.55 -92.95
CA ASN R 89 -101.67 36.34 -93.65
C ASN R 89 -100.82 35.51 -94.62
N PHE R 90 -100.82 34.21 -94.49
CA PHE R 90 -100.22 33.34 -95.48
C PHE R 90 -101.09 33.29 -96.74
N VAL R 91 -100.44 33.50 -97.89
CA VAL R 91 -101.11 33.37 -99.16
C VAL R 91 -100.33 32.39 -99.99
N PHE R 92 -100.83 31.18 -100.07
CA PHE R 92 -100.12 30.13 -100.81
C PHE R 92 -100.34 30.31 -102.33
N GLY R 93 -99.42 29.70 -103.06
CA GLY R 93 -99.64 29.36 -104.45
C GLY R 93 -99.49 27.88 -104.67
N GLN R 94 -99.94 27.44 -105.85
CA GLN R 94 -99.91 25.99 -106.12
C GLN R 94 -98.86 25.64 -107.15
N THR R 95 -98.71 26.49 -108.18
CA THR R 95 -97.95 26.06 -109.35
C THR R 95 -96.44 26.31 -109.18
N GLY R 96 -96.09 27.53 -108.88
CA GLY R 96 -94.69 27.90 -108.71
C GLY R 96 -94.09 28.48 -109.97
N ALA R 97 -93.50 29.68 -109.81
CA ALA R 97 -92.79 30.31 -110.92
C ALA R 97 -91.39 29.72 -110.97
N GLY R 98 -91.13 28.92 -112.00
CA GLY R 98 -89.89 28.18 -112.10
C GLY R 98 -88.74 29.07 -112.56
N ASN R 99 -88.32 30.04 -111.71
CA ASN R 99 -87.30 31.01 -112.02
C ASN R 99 -87.55 31.73 -113.35
N ASN R 100 -88.84 31.96 -113.63
CA ASN R 100 -89.28 32.64 -114.81
C ASN R 100 -89.95 33.94 -114.33
N TRP R 101 -89.35 35.07 -114.74
CA TRP R 101 -89.91 36.36 -114.38
C TRP R 101 -91.29 36.59 -115.01
N ALA R 102 -91.52 36.05 -116.16
CA ALA R 102 -92.80 36.13 -116.85
C ALA R 102 -93.95 35.55 -116.04
N LYS R 103 -93.78 34.35 -115.55
CA LYS R 103 -94.84 33.70 -114.79
C LYS R 103 -94.90 34.26 -113.36
N GLY R 104 -93.82 34.93 -112.89
CA GLY R 104 -93.88 35.63 -111.62
C GLY R 104 -94.69 36.92 -111.75
N HIS R 105 -94.57 37.58 -112.90
CA HIS R 105 -95.16 38.91 -113.05
C HIS R 105 -96.55 38.81 -113.74
N TYR R 106 -96.61 38.10 -114.85
CA TYR R 106 -97.76 38.32 -115.73
C TYR R 106 -98.86 37.27 -115.64
N THR R 107 -98.47 36.02 -115.76
CA THR R 107 -99.44 34.96 -115.97
C THR R 107 -99.84 34.28 -114.66
N GLU R 108 -98.88 33.87 -113.81
CA GLU R 108 -99.29 33.21 -112.60
C GLU R 108 -99.31 34.16 -111.41
N GLY R 109 -98.63 35.30 -111.53
CA GLY R 109 -98.66 36.33 -110.52
C GLY R 109 -99.99 37.08 -110.48
N ALA R 110 -100.70 37.11 -111.61
CA ALA R 110 -101.92 37.91 -111.72
C ALA R 110 -103.07 37.30 -110.92
N GLU R 111 -103.11 35.96 -110.86
CA GLU R 111 -104.26 35.34 -110.21
C GLU R 111 -104.08 35.25 -108.70
N LEU R 112 -102.89 35.59 -108.20
CA LEU R 112 -102.67 35.57 -106.76
C LEU R 112 -102.59 36.98 -106.19
N ILE R 113 -102.36 37.98 -107.05
CA ILE R 113 -102.14 39.34 -106.56
C ILE R 113 -103.44 39.91 -105.99
N ASP R 114 -104.59 39.48 -106.50
CA ASP R 114 -105.86 39.91 -105.92
C ASP R 114 -106.03 39.43 -104.49
N SER R 115 -105.48 38.26 -104.20
CA SER R 115 -105.62 37.65 -102.88
C SER R 115 -104.67 38.33 -101.88
N VAL R 116 -103.46 38.66 -102.32
CA VAL R 116 -102.49 39.24 -101.40
C VAL R 116 -102.83 40.72 -101.21
N LEU R 117 -103.37 41.38 -102.23
CA LEU R 117 -103.62 42.82 -102.11
C LEU R 117 -104.79 43.11 -101.19
N ASP R 118 -105.70 42.16 -101.06
CA ASP R 118 -106.81 42.24 -100.12
C ASP R 118 -106.27 42.22 -98.69
N VAL R 119 -105.27 41.39 -98.42
CA VAL R 119 -104.74 41.23 -97.08
C VAL R 119 -103.90 42.45 -96.71
N VAL R 120 -103.20 43.05 -97.68
CA VAL R 120 -102.38 44.21 -97.42
C VAL R 120 -103.28 45.42 -97.13
N ARG R 121 -104.40 45.52 -97.84
CA ARG R 121 -105.30 46.62 -97.60
C ARG R 121 -106.01 46.48 -96.25
N LYS R 122 -106.26 45.23 -95.82
CA LYS R 122 -106.86 44.98 -94.52
C LYS R 122 -105.93 45.47 -93.41
N GLU R 123 -104.63 45.25 -93.56
CA GLU R 123 -103.67 45.70 -92.60
C GLU R 123 -103.36 47.20 -92.69
N ALA R 124 -103.34 47.73 -93.90
CA ALA R 124 -102.90 49.11 -94.15
C ALA R 124 -103.95 50.12 -93.70
N GLU R 125 -105.22 49.84 -94.00
CA GLU R 125 -106.29 50.77 -93.67
C GLU R 125 -106.67 50.68 -92.19
N GLY R 126 -106.24 49.63 -91.51
CA GLY R 126 -106.56 49.32 -90.14
C GLY R 126 -106.05 50.33 -89.11
N CYS R 127 -105.02 51.08 -89.46
CA CYS R 127 -104.40 51.96 -88.47
C CYS R 127 -104.83 53.40 -88.75
N ASP R 128 -104.29 54.33 -87.96
CA ASP R 128 -104.64 55.75 -88.08
C ASP R 128 -104.09 56.33 -89.39
N CYS R 129 -102.76 56.32 -89.51
CA CYS R 129 -102.03 56.54 -90.72
C CYS R 129 -100.73 55.75 -90.64
N LEU R 130 -100.47 54.92 -91.66
CA LEU R 130 -99.25 54.11 -91.67
C LEU R 130 -98.12 54.93 -92.26
N GLN R 131 -96.90 54.56 -91.94
CA GLN R 131 -95.70 55.24 -92.40
C GLN R 131 -95.23 54.72 -93.77
N GLY R 132 -95.12 53.41 -93.88
CA GLY R 132 -94.62 52.84 -95.11
C GLY R 132 -94.54 51.33 -95.07
N PHE R 133 -93.97 50.79 -96.12
CA PHE R 133 -93.91 49.37 -96.39
C PHE R 133 -92.46 48.94 -96.56
N GLN R 134 -92.17 47.71 -96.09
CA GLN R 134 -90.85 47.18 -96.31
C GLN R 134 -90.99 45.76 -96.87
N ILE R 135 -90.17 45.49 -97.89
CA ILE R 135 -90.28 44.25 -98.64
C ILE R 135 -88.92 43.55 -98.60
N THR R 136 -88.97 42.25 -98.25
CA THR R 136 -87.79 41.42 -98.37
C THR R 136 -88.03 40.38 -99.46
N HIS R 137 -87.15 40.37 -100.46
CA HIS R 137 -87.28 39.47 -101.58
C HIS R 137 -85.96 39.26 -102.27
N SER R 138 -85.98 38.36 -103.26
CA SER R 138 -84.82 38.05 -104.05
C SER R 138 -85.05 38.47 -105.50
N LEU R 139 -83.95 38.86 -106.18
CA LEU R 139 -84.09 39.26 -107.57
C LEU R 139 -83.57 38.23 -108.53
N GLY R 140 -82.89 37.17 -108.06
CA GLY R 140 -82.46 36.12 -108.93
C GLY R 140 -83.51 35.01 -109.10
N GLY R 141 -84.63 35.10 -108.42
CA GLY R 141 -85.63 34.09 -108.60
C GLY R 141 -86.82 34.58 -109.38
N GLY R 142 -87.86 33.72 -109.39
CA GLY R 142 -89.07 33.98 -110.15
C GLY R 142 -90.16 34.65 -109.31
N THR R 143 -90.47 34.07 -108.15
CA THR R 143 -91.58 34.55 -107.37
C THR R 143 -91.18 35.74 -106.49
N GLY R 144 -89.90 35.97 -106.26
CA GLY R 144 -89.47 37.12 -105.50
C GLY R 144 -89.34 38.34 -106.43
N SER R 145 -88.73 38.07 -107.61
CA SER R 145 -88.43 39.14 -108.56
C SER R 145 -89.62 39.50 -109.43
N GLY R 146 -90.49 38.50 -109.74
CA GLY R 146 -91.62 38.71 -110.63
C GLY R 146 -92.80 39.23 -109.81
N MET R 147 -93.23 38.44 -108.80
CA MET R 147 -94.50 38.79 -108.17
C MET R 147 -94.29 39.86 -107.10
N GLY R 148 -93.07 39.90 -106.56
CA GLY R 148 -92.74 40.91 -105.57
C GLY R 148 -92.67 42.30 -106.20
N THR R 149 -92.17 42.39 -107.43
CA THR R 149 -92.08 43.67 -108.09
C THR R 149 -93.43 44.07 -108.67
N LEU R 150 -94.31 43.13 -108.89
CA LEU R 150 -95.69 43.45 -109.30
C LEU R 150 -96.42 44.10 -108.14
N LEU R 151 -96.18 43.57 -106.95
CA LEU R 151 -96.83 44.11 -105.76
C LEU R 151 -96.37 45.56 -105.49
N ILE R 152 -95.10 45.83 -105.76
CA ILE R 152 -94.55 47.16 -105.60
C ILE R 152 -95.25 48.13 -106.55
N SER R 153 -95.52 47.70 -107.76
CA SER R 153 -96.22 48.50 -108.76
C SER R 153 -97.67 48.76 -108.35
N LYS R 154 -98.34 47.76 -107.76
CA LYS R 154 -99.73 47.92 -107.41
C LYS R 154 -99.90 48.80 -106.15
N VAL R 155 -98.99 48.67 -105.20
CA VAL R 155 -99.13 49.39 -103.96
C VAL R 155 -98.69 50.85 -104.11
N ARG R 156 -97.81 51.11 -105.07
CA ARG R 156 -97.42 52.49 -105.36
C ARG R 156 -98.56 53.20 -106.08
N GLU R 157 -99.39 52.52 -106.83
CA GLU R 157 -100.54 53.11 -107.47
C GLU R 157 -101.61 53.47 -106.44
N GLU R 158 -101.69 52.67 -105.36
CA GLU R 158 -102.75 52.86 -104.39
C GLU R 158 -102.34 53.91 -103.35
N TYR R 159 -101.12 53.79 -102.85
CA TYR R 159 -100.63 54.62 -101.74
C TYR R 159 -99.35 55.33 -102.23
N PRO R 160 -99.48 56.47 -102.94
CA PRO R 160 -98.34 56.95 -103.73
C PRO R 160 -97.28 57.68 -102.90
N ASP R 161 -97.68 58.26 -101.77
CA ASP R 161 -96.85 59.17 -101.02
C ASP R 161 -96.26 58.49 -99.80
N ARG R 162 -96.46 57.20 -99.60
CA ARG R 162 -95.86 56.51 -98.46
C ARG R 162 -94.51 55.93 -98.85
N ILE R 163 -93.68 55.73 -97.85
CA ILE R 163 -92.32 55.29 -98.12
C ILE R 163 -92.30 53.80 -98.44
N MET R 164 -91.29 53.42 -99.22
CA MET R 164 -91.22 52.05 -99.71
C MET R 164 -89.73 51.67 -99.70
N GLU R 165 -89.37 50.91 -98.67
CA GLU R 165 -88.04 50.39 -98.52
C GLU R 165 -88.01 48.90 -98.88
N THR R 166 -86.93 48.59 -99.59
CA THR R 166 -86.79 47.22 -100.16
C THR R 166 -85.47 46.67 -99.68
N PHE R 167 -85.44 45.54 -98.97
CA PHE R 167 -84.29 44.73 -98.76
C PHE R 167 -84.24 43.62 -99.80
N SER R 168 -83.45 43.84 -100.82
CA SER R 168 -83.41 42.95 -101.97
C SER R 168 -82.00 42.39 -102.06
N VAL R 169 -81.91 41.07 -102.27
CA VAL R 169 -80.67 40.44 -102.59
C VAL R 169 -80.55 40.41 -104.10
N PHE R 170 -79.31 40.58 -104.56
CA PHE R 170 -79.01 40.63 -105.99
C PHE R 170 -78.30 39.35 -106.38
N PRO R 171 -78.15 39.07 -107.69
CA PRO R 171 -77.18 38.04 -108.10
C PRO R 171 -75.78 38.28 -107.58
N SER R 172 -75.11 37.18 -107.23
CA SER R 172 -73.72 37.25 -106.79
C SER R 172 -72.84 37.41 -108.02
N PRO R 173 -71.69 38.12 -107.90
CA PRO R 173 -70.77 38.27 -109.01
C PRO R 173 -70.13 36.96 -109.52
N LYS R 174 -69.50 36.19 -108.61
CA LYS R 174 -68.44 35.30 -109.10
C LYS R 174 -69.02 33.96 -109.54
N VAL R 175 -69.61 33.22 -108.61
CA VAL R 175 -70.33 32.01 -109.01
C VAL R 175 -71.77 32.16 -108.53
N SER R 176 -72.73 31.83 -109.37
CA SER R 176 -74.08 32.35 -109.22
C SER R 176 -75.05 31.34 -109.74
N ASP R 177 -76.13 31.16 -108.96
CA ASP R 177 -77.12 30.13 -109.16
C ASP R 177 -78.12 30.60 -110.19
N THR R 178 -79.05 29.73 -110.60
CA THR R 178 -80.26 30.07 -111.33
C THR R 178 -79.91 30.82 -112.62
N VAL R 179 -79.45 30.07 -113.61
CA VAL R 179 -78.73 30.50 -114.80
C VAL R 179 -79.34 31.72 -115.47
N VAL R 180 -80.67 31.87 -115.40
CA VAL R 180 -81.24 33.13 -115.84
C VAL R 180 -81.32 34.07 -114.64
N GLU R 181 -80.13 34.55 -114.23
CA GLU R 181 -80.03 35.68 -113.33
C GLU R 181 -80.18 37.02 -114.04
N PRO R 182 -79.44 37.34 -115.13
CA PRO R 182 -79.50 38.68 -115.68
C PRO R 182 -80.86 39.00 -116.31
N TYR R 183 -81.60 37.97 -116.77
CA TYR R 183 -82.94 38.23 -117.24
C TYR R 183 -83.87 38.69 -116.11
N ASN R 184 -83.76 38.01 -114.99
CA ASN R 184 -84.63 38.28 -113.85
C ASN R 184 -84.26 39.60 -113.19
N ALA R 185 -82.96 39.86 -113.07
CA ALA R 185 -82.45 41.03 -112.37
C ALA R 185 -82.76 42.29 -113.17
N THR R 186 -82.48 42.27 -114.48
CA THR R 186 -82.63 43.49 -115.27
C THR R 186 -84.10 43.87 -115.42
N LEU R 187 -84.96 42.86 -115.58
CA LEU R 187 -86.39 43.10 -115.69
C LEU R 187 -87.00 43.57 -114.38
N SER R 188 -86.35 43.24 -113.26
CA SER R 188 -86.89 43.63 -111.97
C SER R 188 -86.40 45.01 -111.56
N VAL R 189 -85.20 45.40 -112.00
CA VAL R 189 -84.65 46.70 -111.62
C VAL R 189 -85.46 47.83 -112.25
N HIS R 190 -85.87 47.69 -113.49
CA HIS R 190 -86.52 48.86 -114.12
C HIS R 190 -87.93 49.05 -113.59
N GLN R 191 -88.48 48.01 -112.97
CA GLN R 191 -89.75 48.07 -112.28
C GLN R 191 -89.59 48.51 -110.84
N LEU R 192 -88.35 48.67 -110.39
CA LEU R 192 -88.05 49.00 -109.00
C LEU R 192 -87.36 50.36 -108.90
N VAL R 193 -86.79 50.84 -109.99
CA VAL R 193 -86.20 52.17 -110.01
C VAL R 193 -87.28 53.23 -110.09
N GLU R 194 -88.47 52.85 -110.61
CA GLU R 194 -89.51 53.86 -110.74
C GLU R 194 -90.49 53.83 -109.57
N ASN R 195 -90.51 52.76 -108.76
CA ASN R 195 -91.59 52.53 -107.85
C ASN R 195 -91.12 52.25 -106.43
N ALA R 196 -89.82 52.36 -106.12
CA ALA R 196 -89.37 52.16 -104.74
C ALA R 196 -88.59 53.39 -104.32
N ASP R 197 -88.74 53.72 -103.03
CA ASP R 197 -88.18 54.97 -102.52
C ASP R 197 -86.71 54.76 -102.09
N GLU R 198 -86.39 53.62 -101.49
CA GLU R 198 -85.05 53.30 -101.10
C GLU R 198 -84.86 51.80 -101.20
N VAL R 199 -83.77 51.40 -101.88
CA VAL R 199 -83.48 50.01 -102.13
C VAL R 199 -82.08 49.72 -101.59
N GLN R 200 -82.01 48.70 -100.76
CA GLN R 200 -80.80 48.39 -100.04
C GLN R 200 -80.34 47.00 -100.50
N VAL R 201 -79.11 46.98 -101.05
CA VAL R 201 -78.67 45.83 -101.82
C VAL R 201 -77.86 44.90 -100.93
N ILE R 202 -78.11 43.59 -101.08
CA ILE R 202 -77.40 42.54 -100.38
C ILE R 202 -76.87 41.56 -101.43
N ASP R 203 -75.68 41.01 -101.22
CA ASP R 203 -75.21 39.85 -101.96
C ASP R 203 -74.94 38.73 -100.98
N ASN R 204 -75.17 37.50 -101.43
CA ASN R 204 -74.85 36.32 -100.64
C ASN R 204 -73.35 36.13 -100.52
N GLU R 205 -72.62 36.44 -101.59
CA GLU R 205 -71.19 36.22 -101.61
C GLU R 205 -70.46 37.22 -100.72
N ALA R 206 -71.04 38.40 -100.56
CA ALA R 206 -70.47 39.37 -99.64
C ALA R 206 -70.69 38.87 -98.20
N LEU R 207 -71.82 38.26 -97.93
CA LEU R 207 -72.13 37.73 -96.61
C LEU R 207 -71.26 36.54 -96.27
N TYR R 208 -70.92 35.71 -97.27
CA TYR R 208 -70.00 34.61 -97.07
C TYR R 208 -68.61 35.14 -96.74
N ASP R 209 -68.21 36.25 -97.38
CA ASP R 209 -66.91 36.85 -97.13
C ASP R 209 -66.85 37.38 -95.69
N ILE R 210 -67.96 37.97 -95.22
CA ILE R 210 -68.01 38.49 -93.88
C ILE R 210 -67.87 37.35 -92.87
N CYS R 211 -68.58 36.25 -93.10
CA CYS R 211 -68.62 35.18 -92.13
C CYS R 211 -67.32 34.38 -92.14
N PHE R 212 -66.50 34.49 -93.21
CA PHE R 212 -65.22 33.80 -93.22
C PHE R 212 -64.13 34.65 -92.54
N ARG R 213 -64.01 35.90 -92.97
CA ARG R 213 -62.83 36.64 -92.59
C ARG R 213 -63.03 37.51 -91.38
N THR R 214 -64.25 37.86 -91.00
CA THR R 214 -64.47 38.66 -89.80
C THR R 214 -65.02 37.77 -88.69
N LEU R 215 -66.12 37.04 -88.97
CA LEU R 215 -66.74 36.27 -87.94
C LEU R 215 -65.99 34.99 -87.59
N LYS R 216 -65.18 34.53 -88.55
CA LYS R 216 -64.39 33.30 -88.40
C LYS R 216 -65.28 32.09 -88.08
N LEU R 217 -66.47 32.05 -88.66
CA LEU R 217 -67.40 30.96 -88.47
C LEU R 217 -67.07 29.96 -89.59
N THR R 218 -66.90 28.70 -89.20
CA THR R 218 -66.30 27.71 -90.09
C THR R 218 -67.32 27.18 -91.08
N THR R 219 -68.55 26.98 -90.63
CA THR R 219 -69.63 26.44 -91.43
C THR R 219 -70.84 27.39 -91.36
N PRO R 220 -70.86 28.49 -92.15
CA PRO R 220 -72.00 29.37 -92.13
C PRO R 220 -73.18 28.87 -92.93
N THR R 221 -74.28 28.61 -92.25
CA THR R 221 -75.52 28.18 -92.89
C THR R 221 -76.32 29.40 -93.28
N TYR R 222 -77.45 29.18 -93.94
CA TYR R 222 -78.30 30.33 -94.31
C TYR R 222 -79.00 30.91 -93.08
N GLY R 223 -79.05 30.17 -91.98
CA GLY R 223 -79.50 30.74 -90.71
C GLY R 223 -78.59 31.86 -90.23
N ASP R 224 -77.31 31.72 -90.41
CA ASP R 224 -76.31 32.66 -89.94
C ASP R 224 -76.24 33.87 -90.88
N LEU R 225 -76.41 33.65 -92.18
CA LEU R 225 -76.41 34.74 -93.15
C LEU R 225 -77.64 35.63 -92.95
N ASN R 226 -78.79 35.01 -92.72
CA ASN R 226 -80.03 35.74 -92.50
C ASN R 226 -80.00 36.51 -91.18
N HIS R 227 -79.21 36.03 -90.23
CA HIS R 227 -79.08 36.69 -88.95
C HIS R 227 -78.32 38.00 -89.09
N LEU R 228 -77.38 38.03 -90.04
CA LEU R 228 -76.60 39.23 -90.29
C LEU R 228 -77.44 40.28 -91.01
N VAL R 229 -78.28 39.85 -91.96
CA VAL R 229 -79.13 40.78 -92.68
C VAL R 229 -80.20 41.30 -91.73
N SER R 230 -80.70 40.45 -90.82
CA SER R 230 -81.72 40.88 -89.87
C SER R 230 -81.17 41.91 -88.89
N ALA R 231 -79.85 41.83 -88.58
CA ALA R 231 -79.24 42.80 -87.69
C ALA R 231 -79.25 44.19 -88.33
N ALA R 232 -78.99 44.25 -89.63
CA ALA R 232 -78.99 45.51 -90.35
C ALA R 232 -80.43 46.01 -90.54
N MET R 233 -81.39 45.11 -90.66
CA MET R 233 -82.78 45.47 -90.85
C MET R 233 -83.35 46.13 -89.59
N SER R 234 -82.88 45.65 -88.41
CA SER R 234 -83.32 46.26 -87.18
C SER R 234 -82.64 47.60 -86.94
N GLY R 235 -81.43 47.76 -87.46
CA GLY R 235 -80.70 48.99 -87.20
C GLY R 235 -81.20 50.17 -88.00
N VAL R 236 -81.93 49.95 -89.11
CA VAL R 236 -82.42 51.06 -89.90
C VAL R 236 -83.63 51.69 -89.16
N THR R 237 -84.34 50.89 -88.39
CA THR R 237 -85.63 51.27 -87.85
C THR R 237 -85.60 51.31 -86.31
N CYS R 238 -84.45 51.59 -85.75
CA CYS R 238 -84.31 51.67 -84.30
C CYS R 238 -85.06 52.87 -83.73
N CYS R 239 -84.99 54.01 -84.46
CA CYS R 239 -85.46 55.24 -83.90
C CYS R 239 -86.99 55.30 -83.83
N LEU R 240 -87.67 54.47 -84.67
CA LEU R 240 -89.11 54.38 -84.58
C LEU R 240 -89.52 53.71 -83.27
N ARG R 241 -88.73 52.71 -82.83
CA ARG R 241 -89.20 51.82 -81.78
C ARG R 241 -88.67 52.22 -80.43
N PHE R 242 -87.59 52.99 -80.37
CA PHE R 242 -86.97 53.31 -79.09
C PHE R 242 -86.62 54.79 -79.10
N PRO R 243 -86.59 55.43 -77.91
CA PRO R 243 -86.18 56.83 -77.83
C PRO R 243 -84.67 56.99 -78.04
N GLY R 244 -84.27 58.24 -78.18
CA GLY R 244 -82.88 58.55 -78.42
C GLY R 244 -82.67 60.07 -78.36
N GLN R 245 -81.41 60.45 -78.45
CA GLN R 245 -80.98 61.81 -78.46
C GLN R 245 -81.27 62.46 -79.80
N LEU R 246 -81.04 61.74 -80.90
CA LEU R 246 -81.31 62.26 -82.22
C LEU R 246 -82.05 61.19 -83.01
N ASN R 247 -83.33 61.38 -83.18
CA ASN R 247 -84.17 60.35 -83.84
C ASN R 247 -84.08 60.50 -85.36
N SER R 248 -84.27 59.42 -86.07
CA SER R 248 -84.35 59.42 -87.51
C SER R 248 -85.23 58.29 -88.01
N ASP R 249 -86.37 58.56 -88.63
CA ASP R 249 -87.18 57.47 -89.17
C ASP R 249 -86.79 57.23 -90.62
N LEU R 250 -87.64 56.49 -91.35
CA LEU R 250 -87.29 56.06 -92.69
C LEU R 250 -87.36 57.22 -93.65
N ARG R 251 -88.31 58.15 -93.46
CA ARG R 251 -88.41 59.27 -94.38
C ARG R 251 -87.29 60.28 -94.12
N LYS R 252 -86.79 60.32 -92.86
CA LYS R 252 -85.63 61.12 -92.54
C LYS R 252 -84.41 60.62 -93.32
N LEU R 253 -84.30 59.30 -93.46
CA LEU R 253 -83.20 58.71 -94.17
C LEU R 253 -83.32 58.95 -95.67
N ALA R 254 -84.57 58.98 -96.17
CA ALA R 254 -84.78 59.13 -97.61
C ALA R 254 -84.46 60.54 -98.08
N VAL R 255 -84.84 61.53 -97.31
CA VAL R 255 -84.63 62.93 -97.71
C VAL R 255 -83.15 63.29 -97.60
N ASN R 256 -82.40 62.57 -96.79
CA ASN R 256 -81.05 62.91 -96.46
C ASN R 256 -80.03 62.08 -97.25
N LEU R 257 -80.46 61.06 -98.02
CA LEU R 257 -79.48 60.27 -98.72
C LEU R 257 -79.55 60.52 -100.24
N ILE R 258 -80.78 60.73 -100.80
CA ILE R 258 -80.90 60.60 -102.23
C ILE R 258 -81.08 62.01 -102.80
N PRO R 259 -80.08 62.52 -103.55
CA PRO R 259 -80.21 63.80 -104.19
C PRO R 259 -81.13 63.80 -105.40
N PHE R 260 -81.13 62.69 -106.18
CA PHE R 260 -82.00 62.65 -107.36
C PHE R 260 -82.84 61.40 -107.31
N PRO R 261 -84.12 61.41 -107.74
CA PRO R 261 -85.02 60.30 -107.47
C PRO R 261 -84.68 58.98 -108.14
N ARG R 262 -83.87 59.02 -109.21
CA ARG R 262 -83.50 57.90 -110.02
C ARG R 262 -82.46 57.03 -109.32
N LEU R 263 -81.63 57.61 -108.51
CA LEU R 263 -80.53 56.91 -107.85
C LEU R 263 -80.89 56.73 -106.37
N HIS R 264 -81.28 55.50 -106.00
CA HIS R 264 -81.64 55.26 -104.61
C HIS R 264 -81.12 53.89 -104.14
N PHE R 265 -79.96 53.49 -104.61
CA PHE R 265 -79.44 52.16 -104.28
C PHE R 265 -78.31 52.26 -103.27
N PHE R 266 -78.47 51.52 -102.17
CA PHE R 266 -77.67 51.74 -101.00
C PHE R 266 -76.84 50.54 -100.64
N LEU R 267 -75.67 50.80 -100.03
CA LEU R 267 -74.84 49.78 -99.46
C LEU R 267 -75.08 49.71 -97.95
N ILE R 268 -75.13 48.49 -97.43
CA ILE R 268 -75.48 48.28 -96.02
C ILE R 268 -74.31 47.64 -95.28
N GLY R 269 -74.07 48.13 -94.07
CA GLY R 269 -72.96 47.65 -93.27
C GLY R 269 -73.35 47.56 -91.81
N PHE R 270 -72.65 46.71 -91.06
CA PHE R 270 -72.96 46.56 -89.65
C PHE R 270 -71.69 46.45 -88.84
N ALA R 271 -71.67 47.05 -87.66
CA ALA R 271 -70.51 46.98 -86.78
C ALA R 271 -70.99 47.07 -85.35
N PRO R 272 -70.41 46.35 -84.38
CA PRO R 272 -69.22 45.50 -84.54
C PRO R 272 -69.56 44.08 -84.97
N LEU R 273 -68.59 43.40 -85.59
CA LEU R 273 -68.74 41.99 -85.95
C LEU R 273 -67.42 41.29 -85.63
N THR R 274 -67.35 40.65 -84.47
CA THR R 274 -66.13 39.99 -84.05
C THR R 274 -66.39 38.51 -83.73
N SER R 275 -65.34 37.72 -83.89
CA SER R 275 -65.35 36.32 -83.60
C SER R 275 -65.45 36.11 -82.09
N ARG R 276 -65.73 34.87 -81.72
CA ARG R 276 -65.86 34.51 -80.30
C ARG R 276 -64.52 34.65 -79.58
N GLY R 277 -63.42 34.33 -80.30
CA GLY R 277 -62.10 34.39 -79.75
C GLY R 277 -61.65 35.84 -79.51
N SER R 278 -62.03 36.76 -80.37
CA SER R 278 -61.54 38.11 -80.32
C SER R 278 -62.55 39.05 -79.67
N GLN R 279 -63.61 38.51 -79.05
CA GLN R 279 -64.62 39.33 -78.42
C GLN R 279 -64.05 40.03 -77.18
N GLN R 280 -63.21 39.31 -76.44
CA GLN R 280 -62.72 39.74 -75.15
C GLN R 280 -61.49 40.61 -75.29
N TYR R 281 -60.95 40.80 -76.51
CA TYR R 281 -59.75 41.57 -76.71
C TYR R 281 -59.98 43.03 -77.09
N ARG R 282 -61.21 43.40 -77.42
CA ARG R 282 -61.43 44.64 -78.17
C ARG R 282 -61.99 45.71 -77.23
N ALA R 283 -61.59 46.96 -77.46
CA ALA R 283 -62.15 48.12 -76.79
C ALA R 283 -63.36 48.61 -77.58
N LEU R 284 -64.58 48.42 -77.03
CA LEU R 284 -65.77 48.62 -77.84
C LEU R 284 -66.18 50.07 -77.67
N SER R 285 -65.67 50.90 -78.58
CA SER R 285 -65.78 52.35 -78.43
C SER R 285 -66.16 52.96 -79.78
N VAL R 286 -66.60 54.22 -79.76
CA VAL R 286 -67.05 54.89 -80.96
C VAL R 286 -65.96 54.99 -82.03
N PRO R 287 -64.67 55.29 -81.72
CA PRO R 287 -63.64 55.22 -82.75
C PRO R 287 -63.43 53.87 -83.40
N GLU R 288 -63.63 52.79 -82.67
CA GLU R 288 -63.55 51.46 -83.22
C GLU R 288 -64.72 51.09 -84.11
N LEU R 289 -65.89 51.66 -83.80
CA LEU R 289 -67.07 51.42 -84.62
C LEU R 289 -66.90 52.05 -86.00
N THR R 290 -66.35 53.26 -86.01
CA THR R 290 -66.26 54.02 -87.23
C THR R 290 -65.14 53.50 -88.12
N GLN R 291 -64.15 52.82 -87.54
CA GLN R 291 -63.10 52.23 -88.37
C GLN R 291 -63.61 50.96 -89.03
N GLN R 292 -64.39 50.19 -88.30
CA GLN R 292 -64.87 48.92 -88.82
C GLN R 292 -65.96 49.12 -89.86
N MET R 293 -66.71 50.22 -89.73
CA MET R 293 -67.83 50.45 -90.63
C MET R 293 -67.33 50.92 -92.00
N PHE R 294 -66.25 51.69 -92.05
CA PHE R 294 -65.58 52.05 -93.28
C PHE R 294 -64.47 51.05 -93.61
N ASP R 295 -64.93 49.86 -93.98
CA ASP R 295 -64.07 48.89 -94.63
C ASP R 295 -64.86 48.41 -95.85
N ALA R 296 -64.13 48.13 -96.94
CA ALA R 296 -64.63 47.23 -97.98
C ALA R 296 -64.91 45.83 -97.45
N LYS R 297 -64.19 45.43 -96.42
CA LYS R 297 -64.26 44.14 -95.80
C LYS R 297 -65.53 43.99 -94.95
N ASN R 298 -66.30 45.07 -94.72
CA ASN R 298 -67.42 44.97 -93.84
C ASN R 298 -68.75 45.16 -94.55
N MET R 299 -68.71 45.55 -95.81
CA MET R 299 -69.96 45.98 -96.46
C MET R 299 -70.69 44.75 -96.97
N MET R 300 -72.03 44.77 -96.88
CA MET R 300 -72.83 43.60 -97.23
C MET R 300 -73.30 43.74 -98.67
N CYS R 301 -72.60 44.49 -99.50
CA CYS R 301 -72.71 44.48 -100.93
C CYS R 301 -71.36 44.07 -101.50
N ALA R 302 -71.34 43.21 -102.53
CA ALA R 302 -70.16 42.90 -103.29
C ALA R 302 -69.72 44.02 -104.26
N SER R 303 -69.68 45.24 -103.76
CA SER R 303 -69.14 46.33 -104.55
C SER R 303 -68.09 47.03 -103.70
N ASP R 304 -66.86 47.06 -104.21
CA ASP R 304 -65.74 47.64 -103.47
C ASP R 304 -65.91 49.18 -103.46
N PRO R 305 -66.13 49.79 -102.29
CA PRO R 305 -66.51 51.19 -102.24
C PRO R 305 -65.39 52.17 -102.55
N ARG R 306 -64.14 51.70 -102.50
CA ARG R 306 -63.03 52.62 -102.73
C ARG R 306 -62.82 52.85 -104.22
N HIS R 307 -63.51 52.10 -105.08
CA HIS R 307 -63.42 52.36 -106.52
C HIS R 307 -64.30 53.51 -106.97
N GLY R 308 -65.19 54.01 -106.09
CA GLY R 308 -66.05 55.12 -106.38
C GLY R 308 -65.95 56.23 -105.31
N ARG R 309 -66.99 57.08 -105.29
CA ARG R 309 -67.12 58.09 -104.28
C ARG R 309 -68.45 57.94 -103.59
N TYR R 310 -68.43 58.06 -102.27
CA TYR R 310 -69.66 58.13 -101.49
C TYR R 310 -70.33 59.46 -101.79
N LEU R 311 -71.52 59.37 -102.40
CA LEU R 311 -72.31 60.55 -102.68
C LEU R 311 -72.86 61.11 -101.38
N THR R 312 -73.51 60.27 -100.59
CA THR R 312 -74.09 60.64 -99.31
C THR R 312 -74.16 59.38 -98.46
N ALA R 313 -73.92 59.49 -97.15
CA ALA R 313 -73.97 58.31 -96.32
C ALA R 313 -74.54 58.65 -94.96
N SER R 314 -75.05 57.63 -94.27
CA SER R 314 -75.67 57.82 -92.97
C SER R 314 -75.29 56.68 -92.04
N ALA R 315 -75.23 56.96 -90.74
CA ALA R 315 -74.86 56.04 -89.71
C ALA R 315 -75.87 56.14 -88.57
N MET R 316 -76.60 55.06 -88.34
CA MET R 316 -77.55 54.97 -87.25
C MET R 316 -76.91 54.27 -86.07
N PHE R 317 -76.46 55.05 -85.10
CA PHE R 317 -75.83 54.51 -83.92
C PHE R 317 -76.88 54.06 -82.91
N ARG R 318 -76.46 53.11 -82.08
CA ARG R 318 -77.29 52.67 -80.98
C ARG R 318 -76.42 52.49 -79.76
N GLY R 319 -76.95 52.95 -78.62
CA GLY R 319 -76.38 52.71 -77.31
C GLY R 319 -76.22 54.03 -76.55
N ARG R 320 -75.79 53.91 -75.30
CA ARG R 320 -75.41 55.07 -74.51
C ARG R 320 -74.01 55.53 -74.87
N MET R 321 -73.91 56.59 -75.66
CA MET R 321 -72.63 57.00 -76.18
C MET R 321 -72.59 58.52 -76.23
N SER R 322 -71.37 59.06 -76.31
CA SER R 322 -71.22 60.51 -76.19
C SER R 322 -71.27 61.11 -77.59
N THR R 323 -71.97 62.22 -77.72
CA THR R 323 -72.36 62.65 -79.06
C THR R 323 -71.28 63.46 -79.75
N LYS R 324 -70.29 63.97 -79.00
CA LYS R 324 -69.21 64.68 -79.70
C LYS R 324 -68.34 63.68 -80.44
N GLU R 325 -68.03 62.53 -79.85
CA GLU R 325 -67.30 61.54 -80.63
C GLU R 325 -68.15 60.91 -81.71
N VAL R 326 -69.44 60.99 -81.62
CA VAL R 326 -70.31 60.70 -82.75
C VAL R 326 -70.11 61.76 -83.85
N ASP R 327 -69.90 63.00 -83.47
CA ASP R 327 -69.77 64.05 -84.44
C ASP R 327 -68.33 64.14 -85.00
N GLU R 328 -67.35 64.03 -84.11
CA GLU R 328 -65.96 64.33 -84.47
C GLU R 328 -65.39 63.17 -85.26
N GLN R 329 -65.82 61.94 -84.99
CA GLN R 329 -65.32 60.81 -85.77
C GLN R 329 -65.92 60.83 -87.19
N MET R 330 -67.17 61.33 -87.33
CA MET R 330 -67.75 61.45 -88.63
C MET R 330 -67.08 62.59 -89.42
N LEU R 331 -66.56 63.60 -88.70
CA LEU R 331 -65.72 64.61 -89.33
C LEU R 331 -64.36 64.01 -89.70
N ASN R 332 -63.85 63.12 -88.84
CA ASN R 332 -62.53 62.56 -89.01
C ASN R 332 -62.45 61.69 -90.25
N VAL R 333 -63.53 60.94 -90.49
CA VAL R 333 -63.56 60.05 -91.63
C VAL R 333 -63.69 60.82 -92.93
N GLN R 334 -64.30 61.99 -92.92
CA GLN R 334 -64.42 62.79 -94.13
C GLN R 334 -63.07 63.44 -94.46
N ASN R 335 -62.31 63.81 -93.43
CA ASN R 335 -61.12 64.60 -93.65
C ASN R 335 -59.93 63.76 -94.09
N LYS R 336 -59.77 62.60 -93.46
CA LYS R 336 -58.54 61.83 -93.68
C LYS R 336 -58.59 61.07 -95.00
N ASN R 337 -59.68 60.38 -95.23
CA ASN R 337 -59.95 59.71 -96.49
C ASN R 337 -60.81 60.67 -97.32
N SER R 338 -60.18 61.75 -97.75
CA SER R 338 -60.90 62.81 -98.43
C SER R 338 -61.21 62.47 -99.84
N SER R 339 -60.50 61.58 -100.52
CA SER R 339 -60.70 61.30 -101.93
C SER R 339 -61.96 60.47 -102.19
N TYR R 340 -62.54 59.84 -101.15
CA TYR R 340 -63.61 58.90 -101.32
C TYR R 340 -64.97 59.56 -101.14
N PHE R 341 -64.97 60.88 -100.93
CA PHE R 341 -66.23 61.60 -100.85
C PHE R 341 -66.32 62.66 -101.92
N VAL R 342 -67.53 62.94 -102.37
CA VAL R 342 -67.73 63.83 -103.50
C VAL R 342 -67.68 65.27 -103.03
N GLU R 343 -67.27 66.17 -103.91
CA GLU R 343 -66.85 67.52 -103.55
C GLU R 343 -67.99 68.54 -103.49
N TRP R 344 -69.00 68.39 -104.34
CA TRP R 344 -70.06 69.38 -104.41
C TRP R 344 -71.14 69.19 -103.35
N ILE R 345 -70.98 68.19 -102.47
CA ILE R 345 -71.74 68.07 -101.25
C ILE R 345 -70.82 68.36 -100.07
N PRO R 346 -71.00 69.48 -99.35
CA PRO R 346 -70.38 69.61 -98.03
C PRO R 346 -71.01 68.65 -97.00
N ASN R 347 -70.17 68.14 -96.11
CA ASN R 347 -70.55 67.41 -94.92
C ASN R 347 -71.55 66.32 -95.18
N ASN R 348 -71.05 65.26 -95.91
CA ASN R 348 -71.88 64.22 -96.49
C ASN R 348 -72.57 63.30 -95.47
N MET R 349 -72.22 63.39 -94.16
CA MET R 349 -72.59 62.30 -93.29
C MET R 349 -73.76 62.68 -92.39
N LYS R 350 -74.66 61.73 -92.21
CA LYS R 350 -75.78 61.89 -91.30
C LYS R 350 -75.63 60.94 -90.12
N SER R 351 -75.81 61.52 -88.92
CA SER R 351 -75.76 60.70 -87.72
C SER R 351 -77.11 60.72 -87.00
N SER R 352 -77.48 59.55 -86.45
CA SER R 352 -78.56 59.46 -85.52
C SER R 352 -78.15 58.55 -84.36
N VAL R 353 -78.54 58.98 -83.15
CA VAL R 353 -78.20 58.24 -81.96
C VAL R 353 -79.48 57.74 -81.30
N CYS R 354 -79.59 56.41 -81.19
CA CYS R 354 -80.60 55.80 -80.39
C CYS R 354 -79.98 55.27 -79.10
N ASP R 355 -80.78 55.22 -78.05
CA ASP R 355 -80.23 54.93 -76.75
C ASP R 355 -80.26 53.47 -76.41
N ILE R 356 -80.86 52.62 -77.25
CA ILE R 356 -81.04 51.20 -76.88
C ILE R 356 -80.17 50.37 -77.81
N PRO R 357 -79.10 49.73 -77.30
CA PRO R 357 -78.27 48.91 -78.17
C PRO R 357 -78.96 47.57 -78.38
N PRO R 358 -78.53 46.77 -79.37
CA PRO R 358 -79.01 45.39 -79.49
C PRO R 358 -78.58 44.53 -78.31
N LYS R 359 -79.30 43.45 -78.12
CA LYS R 359 -79.19 42.64 -76.92
C LYS R 359 -77.84 41.94 -76.85
N GLY R 360 -77.14 42.12 -75.73
CA GLY R 360 -75.84 41.50 -75.51
C GLY R 360 -74.65 42.36 -75.91
N LEU R 361 -74.91 43.49 -76.58
CA LEU R 361 -73.85 44.43 -76.94
C LEU R 361 -74.10 45.70 -76.13
N LYS R 362 -73.08 46.58 -76.19
CA LYS R 362 -73.17 47.85 -75.48
C LYS R 362 -73.29 49.03 -76.47
N MET R 363 -72.80 48.85 -77.68
CA MET R 363 -72.88 49.90 -78.68
C MET R 363 -72.80 49.28 -80.06
N SER R 364 -73.61 49.78 -81.00
CA SER R 364 -73.59 49.28 -82.36
C SER R 364 -73.93 50.40 -83.33
N VAL R 365 -73.69 50.12 -84.62
CA VAL R 365 -73.96 51.08 -85.67
C VAL R 365 -74.38 50.30 -86.92
N THR R 366 -75.30 50.89 -87.66
CA THR R 366 -75.67 50.41 -88.98
C THR R 366 -75.38 51.50 -89.98
N PHE R 367 -74.80 51.13 -91.12
CA PHE R 367 -74.38 52.06 -92.12
C PHE R 367 -75.22 51.90 -93.38
N VAL R 368 -75.83 53.01 -93.82
CA VAL R 368 -76.48 53.02 -95.11
C VAL R 368 -75.82 54.11 -95.94
N GLY R 369 -75.24 53.70 -97.08
CA GLY R 369 -74.50 54.65 -97.86
C GLY R 369 -74.88 54.62 -99.34
N ASN R 370 -75.09 55.80 -99.92
CA ASN R 370 -75.32 55.93 -101.35
C ASN R 370 -73.99 56.14 -102.05
N SER R 371 -73.46 55.04 -102.60
CA SER R 371 -72.15 55.10 -103.25
C SER R 371 -72.35 54.96 -104.77
N THR R 372 -71.40 55.57 -105.49
CA THR R 372 -71.39 55.39 -106.94
C THR R 372 -70.51 54.20 -107.34
N ALA R 373 -70.00 53.44 -106.34
CA ALA R 373 -69.33 52.20 -106.63
C ALA R 373 -70.32 51.04 -106.86
N ILE R 374 -71.62 51.33 -106.73
CA ILE R 374 -72.64 50.36 -107.09
C ILE R 374 -72.86 50.34 -108.61
N GLN R 375 -72.17 51.19 -109.33
CA GLN R 375 -72.11 51.12 -110.79
C GLN R 375 -71.49 49.81 -111.25
N GLU R 376 -70.59 49.25 -110.45
CA GLU R 376 -69.86 48.04 -110.81
C GLU R 376 -70.80 46.84 -110.85
N MET R 377 -71.83 46.83 -110.01
CA MET R 377 -72.78 45.75 -110.02
C MET R 377 -73.73 45.84 -111.21
N PHE R 378 -74.18 47.04 -111.52
CA PHE R 378 -75.13 47.19 -112.63
C PHE R 378 -74.46 46.96 -113.95
N LYS R 379 -73.16 47.24 -114.06
CA LYS R 379 -72.42 46.93 -115.27
C LYS R 379 -72.24 45.43 -115.44
N ARG R 380 -72.06 44.71 -114.34
CA ARG R 380 -71.85 43.28 -114.38
C ARG R 380 -73.13 42.56 -114.78
N VAL R 381 -74.28 43.06 -114.32
CA VAL R 381 -75.54 42.46 -114.72
C VAL R 381 -75.85 42.84 -116.18
N SER R 382 -75.49 44.05 -116.58
CA SER R 382 -75.89 44.56 -117.88
C SER R 382 -75.10 43.86 -118.96
N ASP R 383 -73.81 43.65 -118.75
CA ASP R 383 -73.02 42.98 -119.78
C ASP R 383 -73.34 41.50 -119.84
N GLN R 384 -73.76 40.88 -118.72
CA GLN R 384 -74.25 39.52 -118.77
C GLN R 384 -75.59 39.45 -119.50
N PHE R 385 -76.40 40.49 -119.35
CA PHE R 385 -77.69 40.57 -120.02
C PHE R 385 -77.50 40.75 -121.52
N THR R 386 -76.56 41.61 -121.90
CA THR R 386 -76.32 41.87 -123.30
C THR R 386 -75.64 40.69 -123.97
N ALA R 387 -74.91 39.89 -123.22
CA ALA R 387 -74.29 38.64 -123.70
C ALA R 387 -75.35 37.65 -124.16
N MET R 388 -76.39 37.51 -123.38
CA MET R 388 -77.42 36.51 -123.62
C MET R 388 -78.47 37.03 -124.61
N PHE R 389 -78.71 38.34 -124.63
CA PHE R 389 -79.84 38.85 -125.39
C PHE R 389 -79.61 38.93 -126.90
N ARG R 390 -78.35 39.12 -127.25
CA ARG R 390 -77.89 39.23 -128.63
C ARG R 390 -78.10 37.90 -129.32
N ARG R 391 -78.01 36.78 -128.61
CA ARG R 391 -78.20 35.48 -129.17
C ARG R 391 -79.59 34.93 -128.94
N LYS R 392 -80.48 35.74 -128.32
CA LYS R 392 -81.87 35.36 -128.08
C LYS R 392 -81.95 34.09 -127.21
N ALA R 393 -81.02 33.91 -126.27
CA ALA R 393 -80.95 32.71 -125.47
C ALA R 393 -81.97 32.78 -124.35
N PHE R 394 -82.62 31.64 -124.07
CA PHE R 394 -83.62 31.48 -123.02
C PHE R 394 -84.79 32.46 -123.14
N LEU R 395 -85.05 32.96 -124.35
CA LEU R 395 -86.03 34.02 -124.51
C LEU R 395 -87.44 33.46 -124.66
N HIS R 396 -87.57 32.22 -125.14
CA HIS R 396 -88.89 31.70 -125.47
C HIS R 396 -89.71 31.37 -124.23
N TRP R 397 -89.03 31.20 -123.09
CA TRP R 397 -89.76 31.04 -121.84
C TRP R 397 -90.40 32.35 -121.38
N TYR R 398 -89.83 33.47 -121.81
CA TYR R 398 -90.36 34.77 -121.42
C TYR R 398 -91.32 35.26 -122.51
N THR R 399 -90.93 35.16 -123.77
CA THR R 399 -91.68 35.78 -124.86
C THR R 399 -92.93 34.96 -125.15
N GLY R 400 -92.86 33.66 -124.84
CA GLY R 400 -94.02 32.79 -125.12
C GLY R 400 -95.11 32.93 -124.05
N GLU R 401 -94.80 33.57 -122.94
CA GLU R 401 -95.63 33.53 -121.75
C GLU R 401 -96.36 34.83 -121.53
N GLY R 402 -96.24 35.81 -122.45
CA GLY R 402 -97.17 36.94 -122.43
C GLY R 402 -96.48 38.27 -122.32
N MET R 403 -95.13 38.36 -122.42
CA MET R 403 -94.49 39.61 -122.69
C MET R 403 -93.99 39.66 -124.14
N ASP R 404 -93.52 40.84 -124.48
CA ASP R 404 -93.06 41.19 -125.81
C ASP R 404 -91.56 41.43 -125.78
N GLU R 405 -90.99 41.48 -126.99
CA GLU R 405 -89.56 41.68 -127.23
C GLU R 405 -89.15 43.10 -126.79
N MET R 406 -90.10 44.06 -126.85
CA MET R 406 -89.77 45.44 -126.60
C MET R 406 -89.54 45.73 -125.14
N GLU R 407 -90.09 44.95 -124.24
CA GLU R 407 -89.91 45.17 -122.81
C GLU R 407 -88.47 44.84 -122.38
N PHE R 408 -87.79 43.93 -123.10
CA PHE R 408 -86.41 43.65 -122.79
C PHE R 408 -85.50 44.81 -123.19
N THR R 409 -85.81 45.41 -124.34
CA THR R 409 -85.02 46.53 -124.82
C THR R 409 -85.24 47.74 -123.93
N GLU R 410 -86.45 47.90 -123.40
CA GLU R 410 -86.74 48.99 -122.47
C GLU R 410 -86.00 48.76 -121.17
N ALA R 411 -85.91 47.51 -120.73
CA ALA R 411 -85.27 47.18 -119.46
C ALA R 411 -83.77 47.50 -119.52
N GLU R 412 -83.15 47.17 -120.66
CA GLU R 412 -81.73 47.44 -120.84
C GLU R 412 -81.49 48.94 -120.98
N SER R 413 -82.39 49.65 -121.64
CA SER R 413 -82.25 51.08 -121.83
C SER R 413 -82.39 51.83 -120.52
N ASN R 414 -83.32 51.39 -119.67
CA ASN R 414 -83.55 52.03 -118.38
C ASN R 414 -82.38 51.75 -117.44
N MET R 415 -81.78 50.57 -117.53
CA MET R 415 -80.65 50.29 -116.65
C MET R 415 -79.34 50.91 -117.17
N ASN R 416 -79.23 51.08 -118.50
CA ASN R 416 -78.08 51.78 -119.02
C ASN R 416 -78.16 53.28 -118.71
N ASP R 417 -79.35 53.83 -118.60
CA ASP R 417 -79.51 55.21 -118.17
C ASP R 417 -79.14 55.37 -116.70
N LEU R 418 -79.39 54.32 -115.91
CA LEU R 418 -79.01 54.36 -114.50
C LEU R 418 -77.49 54.31 -114.36
N VAL R 419 -76.83 53.61 -115.27
CA VAL R 419 -75.37 53.55 -115.31
C VAL R 419 -74.84 54.94 -115.67
N SER R 420 -75.50 55.63 -116.62
CA SER R 420 -75.00 56.89 -117.13
C SER R 420 -75.14 57.97 -116.07
N GLU R 421 -76.21 57.88 -115.25
CA GLU R 421 -76.41 58.92 -114.25
C GLU R 421 -75.38 58.81 -113.10
N TYR R 422 -74.96 57.58 -112.79
CA TYR R 422 -73.91 57.40 -111.82
C TYR R 422 -72.56 57.91 -112.32
N GLN R 423 -72.31 57.74 -113.62
CA GLN R 423 -71.00 58.05 -114.18
C GLN R 423 -70.77 59.56 -114.22
N GLN R 424 -71.85 60.34 -114.33
CA GLN R 424 -71.68 61.77 -114.44
C GLN R 424 -71.26 62.37 -113.11
N TYR R 425 -71.39 61.72 -111.97
CA TYR R 425 -71.01 62.28 -110.70
C TYR R 425 -69.64 61.85 -110.20
N GLN R 426 -69.11 60.77 -110.73
CA GLN R 426 -67.78 60.29 -110.32
C GLN R 426 -66.60 60.95 -111.06
N MET S 1 -45.99 6.53 47.46
CA MET S 1 -46.75 7.73 47.74
C MET S 1 -48.03 7.79 46.88
N ARG S 2 -48.01 8.62 45.82
CA ARG S 2 -49.14 8.74 44.95
C ARG S 2 -48.84 8.07 43.64
N GLU S 3 -49.61 7.05 43.25
CA GLU S 3 -49.38 6.29 42.06
C GLU S 3 -50.72 5.86 41.48
N VAL S 4 -50.65 5.23 40.30
CA VAL S 4 -51.76 4.56 39.68
C VAL S 4 -51.29 3.18 39.20
N ILE S 5 -52.19 2.21 39.30
CA ILE S 5 -51.88 0.84 38.97
C ILE S 5 -52.54 0.49 37.64
N SER S 6 -51.74 0.02 36.67
CA SER S 6 -52.23 -0.31 35.36
C SER S 6 -52.49 -1.82 35.25
N ILE S 7 -53.64 -2.13 34.65
CA ILE S 7 -53.98 -3.52 34.32
C ILE S 7 -54.10 -3.65 32.82
N HIS S 8 -53.48 -4.67 32.26
CA HIS S 8 -53.65 -5.01 30.84
C HIS S 8 -54.25 -6.41 30.75
N VAL S 9 -55.47 -6.49 30.23
CA VAL S 9 -56.13 -7.77 30.04
C VAL S 9 -56.46 -7.94 28.59
N GLY S 10 -56.17 -9.09 28.03
CA GLY S 10 -56.48 -9.36 26.62
C GLY S 10 -55.39 -8.94 25.65
N GLN S 11 -55.45 -9.42 24.44
CA GLN S 11 -54.31 -9.28 23.51
C GLN S 11 -54.12 -7.81 23.09
N ALA S 12 -55.22 -7.15 22.82
CA ALA S 12 -55.18 -5.73 22.48
C ALA S 12 -54.66 -4.90 23.64
N GLY S 13 -55.07 -5.24 24.86
CA GLY S 13 -54.62 -4.55 26.05
C GLY S 13 -53.10 -4.70 26.24
N ILE S 14 -52.59 -5.91 25.99
CA ILE S 14 -51.19 -6.18 26.24
C ILE S 14 -50.33 -5.44 25.21
N GLN S 15 -50.72 -5.51 23.91
CA GLN S 15 -49.84 -4.92 22.92
C GLN S 15 -49.96 -3.40 22.90
N ILE S 16 -51.09 -2.85 23.31
CA ILE S 16 -51.18 -1.40 23.53
C ILE S 16 -50.33 -1.04 24.74
N GLY S 17 -50.39 -1.87 25.77
CA GLY S 17 -49.61 -1.60 26.97
C GLY S 17 -48.12 -1.76 26.77
N ASN S 18 -47.71 -2.60 25.80
CA ASN S 18 -46.32 -2.74 25.44
C ASN S 18 -45.79 -1.45 24.84
N ALA S 19 -46.62 -0.82 24.01
CA ALA S 19 -46.24 0.46 23.42
C ALA S 19 -46.31 1.57 24.47
N CYS S 20 -47.23 1.46 25.42
CA CYS S 20 -47.38 2.46 26.46
C CYS S 20 -46.19 2.48 27.40
N TRP S 21 -45.71 1.29 27.77
CA TRP S 21 -44.61 1.20 28.70
C TRP S 21 -43.25 1.41 28.03
N GLU S 22 -43.20 1.28 26.69
CA GLU S 22 -41.97 1.63 26.02
C GLU S 22 -41.83 3.14 25.93
N LEU S 23 -42.96 3.86 25.83
CA LEU S 23 -42.91 5.32 25.83
C LEU S 23 -42.54 5.84 27.21
N PHE S 24 -43.09 5.22 28.26
CA PHE S 24 -42.85 5.65 29.62
C PHE S 24 -41.41 5.48 30.06
N CYS S 25 -40.77 4.42 29.54
CA CYS S 25 -39.40 4.13 29.90
C CYS S 25 -38.47 5.16 29.28
N LEU S 26 -38.74 5.56 28.05
CA LEU S 26 -37.90 6.56 27.38
C LEU S 26 -38.16 7.96 27.92
N GLU S 27 -39.38 8.22 28.43
CA GLU S 27 -39.69 9.51 28.97
C GLU S 27 -38.93 9.83 30.27
N HIS S 28 -38.80 8.80 31.10
CA HIS S 28 -38.07 8.92 32.35
C HIS S 28 -36.62 8.54 32.21
N GLY S 29 -36.22 8.07 31.01
CA GLY S 29 -34.83 7.72 30.73
C GLY S 29 -34.40 6.43 31.46
N ILE S 30 -35.28 5.52 31.59
CA ILE S 30 -35.13 4.22 32.20
C ILE S 30 -34.90 3.25 31.05
N GLN S 31 -33.85 2.44 31.19
CA GLN S 31 -33.38 1.56 30.12
C GLN S 31 -34.26 0.31 30.14
N PRO S 32 -34.32 -0.50 29.08
CA PRO S 32 -34.90 -1.83 29.13
C PRO S 32 -34.47 -2.76 30.25
N ASP S 33 -33.28 -2.53 30.83
CA ASP S 33 -32.88 -3.29 32.00
C ASP S 33 -33.74 -2.89 33.19
N GLY S 34 -34.03 -1.60 33.33
CA GLY S 34 -34.83 -1.10 34.42
C GLY S 34 -34.10 -0.08 35.28
N GLN S 35 -32.84 0.28 34.91
CA GLN S 35 -32.09 1.26 35.62
C GLN S 35 -31.94 2.58 34.90
N MET S 36 -31.72 3.59 35.68
CA MET S 36 -31.47 4.94 35.16
C MET S 36 -29.97 5.24 35.19
N PRO S 37 -29.43 5.91 34.15
CA PRO S 37 -27.98 6.10 34.05
C PRO S 37 -27.58 7.37 34.85
N ASP S 47 -37.81 12.02 41.84
CA ASP S 47 -39.06 11.42 42.37
C ASP S 47 -40.19 11.59 41.37
N ALA S 48 -39.82 11.90 40.12
CA ALA S 48 -40.77 12.06 39.03
C ALA S 48 -41.35 10.71 38.58
N PHE S 49 -40.58 9.64 38.78
CA PHE S 49 -40.92 8.33 38.28
C PHE S 49 -41.70 7.54 39.30
N ASN S 50 -42.21 8.16 40.36
CA ASN S 50 -42.84 7.39 41.44
C ASN S 50 -44.25 6.98 41.00
N THR S 51 -44.88 7.71 40.07
CA THR S 51 -46.31 7.49 39.87
C THR S 51 -46.58 6.27 39.00
N PHE S 52 -45.59 5.75 38.33
CA PHE S 52 -45.70 4.61 37.43
C PHE S 52 -44.72 3.47 37.76
N PHE S 53 -43.69 3.74 38.54
CA PHE S 53 -42.67 2.81 38.85
C PHE S 53 -42.53 2.60 40.35
N SER S 54 -42.24 1.33 40.74
CA SER S 54 -41.64 1.17 42.05
C SER S 54 -40.12 1.18 41.95
N GLU S 55 -39.51 1.25 43.12
CA GLU S 55 -38.04 1.24 43.23
C GLU S 55 -37.65 0.01 44.04
N THR S 56 -36.79 -0.83 43.46
CA THR S 56 -36.42 -2.08 44.08
C THR S 56 -34.91 -2.13 44.36
N GLY S 57 -34.58 -2.10 45.65
CA GLY S 57 -33.14 -2.21 46.00
C GLY S 57 -32.35 -0.95 45.71
N ALA S 58 -31.43 -0.95 44.73
CA ALA S 58 -30.61 0.15 44.36
C ALA S 58 -30.81 0.35 42.85
N GLY S 59 -31.46 1.46 42.45
CA GLY S 59 -31.33 1.96 41.10
C GLY S 59 -32.19 1.24 40.06
N LYS S 60 -33.00 0.26 40.50
CA LYS S 60 -33.96 -0.34 39.60
C LYS S 60 -35.25 0.47 39.61
N HIS S 61 -35.98 0.31 38.49
CA HIS S 61 -37.40 0.68 38.41
C HIS S 61 -38.12 -0.51 37.86
N VAL S 62 -39.14 -1.00 38.56
CA VAL S 62 -40.05 -2.03 38.08
C VAL S 62 -41.44 -1.41 37.92
N PRO S 63 -42.14 -1.74 36.82
CA PRO S 63 -43.40 -1.02 36.52
C PRO S 63 -44.51 -1.46 37.46
N ARG S 64 -45.47 -0.59 37.61
CA ARG S 64 -46.73 -0.82 38.29
C ARG S 64 -47.77 -1.27 37.29
N CYS S 65 -47.54 -2.50 36.79
CA CYS S 65 -48.47 -3.06 35.83
C CYS S 65 -48.65 -4.54 36.14
N VAL S 66 -49.76 -5.08 35.65
CA VAL S 66 -49.98 -6.51 35.55
C VAL S 66 -50.36 -6.84 34.12
N PHE S 67 -49.83 -7.97 33.62
CA PHE S 67 -50.25 -8.51 32.35
C PHE S 67 -51.07 -9.76 32.58
N LEU S 68 -52.31 -9.76 32.08
CA LEU S 68 -53.11 -10.96 32.17
C LEU S 68 -53.58 -11.34 30.74
N ASP S 69 -53.39 -12.63 30.49
CA ASP S 69 -53.96 -13.26 29.34
C ASP S 69 -54.23 -14.73 29.56
N LEU S 70 -55.26 -15.31 28.98
CA LEU S 70 -55.54 -16.73 29.13
C LEU S 70 -54.72 -17.56 28.17
N GLU S 71 -54.22 -17.04 27.10
CA GLU S 71 -53.32 -17.75 26.22
C GLU S 71 -51.91 -17.34 26.60
N PRO S 72 -50.91 -18.23 26.52
CA PRO S 72 -49.51 -17.82 26.68
C PRO S 72 -48.93 -17.03 25.50
N THR S 73 -49.55 -17.08 24.33
CA THR S 73 -48.81 -16.79 23.10
C THR S 73 -48.53 -15.30 22.91
N VAL S 74 -49.18 -14.40 23.66
CA VAL S 74 -48.83 -12.98 23.50
C VAL S 74 -47.92 -12.51 24.65
N VAL S 75 -48.06 -13.14 25.80
CA VAL S 75 -47.41 -12.67 27.02
C VAL S 75 -46.06 -13.36 27.18
N ASP S 76 -45.92 -14.60 26.72
CA ASP S 76 -44.62 -15.26 26.82
C ASP S 76 -43.67 -14.67 25.81
N GLU S 77 -44.18 -14.13 24.73
CA GLU S 77 -43.37 -13.48 23.71
C GLU S 77 -42.83 -12.14 24.22
N VAL S 78 -43.47 -11.53 25.19
CA VAL S 78 -42.92 -10.38 25.87
C VAL S 78 -41.84 -10.84 26.85
N ARG S 79 -42.05 -11.99 27.48
CA ARG S 79 -41.08 -12.53 28.43
C ARG S 79 -39.79 -12.94 27.73
N THR S 80 -39.82 -13.18 26.40
CA THR S 80 -38.62 -13.52 25.69
C THR S 80 -38.13 -12.39 24.80
N GLY S 81 -38.83 -11.27 24.76
CA GLY S 81 -38.50 -10.10 23.96
C GLY S 81 -37.39 -9.26 24.58
N THR S 82 -37.38 -7.97 24.18
CA THR S 82 -36.34 -7.07 24.69
C THR S 82 -36.59 -6.69 26.15
N TYR S 83 -37.84 -6.60 26.55
CA TYR S 83 -38.23 -6.23 27.90
C TYR S 83 -38.30 -7.44 28.81
N ARG S 84 -37.21 -8.22 28.90
CA ARG S 84 -37.29 -9.41 29.72
C ARG S 84 -37.19 -9.09 31.20
N HIS S 85 -36.22 -8.26 31.52
CA HIS S 85 -35.89 -8.00 32.94
C HIS S 85 -36.51 -6.69 33.44
N LEU S 86 -37.27 -6.04 32.57
CA LEU S 86 -37.94 -4.81 32.99
C LEU S 86 -39.10 -5.13 33.91
N PHE S 87 -39.89 -6.16 33.53
CA PHE S 87 -41.02 -6.51 34.39
C PHE S 87 -40.60 -7.54 35.42
N HIS S 88 -41.20 -7.47 36.58
CA HIS S 88 -41.10 -8.54 37.57
C HIS S 88 -41.78 -9.78 36.99
N PRO S 89 -41.16 -10.98 37.13
CA PRO S 89 -41.65 -12.19 36.50
C PRO S 89 -43.06 -12.62 36.92
N GLU S 90 -43.60 -12.15 38.08
CA GLU S 90 -44.77 -12.78 38.63
C GLU S 90 -46.07 -12.10 38.18
N GLN S 91 -45.95 -10.82 37.76
CA GLN S 91 -47.20 -10.19 37.35
C GLN S 91 -47.49 -10.36 35.87
N LEU S 92 -46.65 -11.09 35.15
CA LEU S 92 -46.89 -11.57 33.79
C LEU S 92 -47.54 -12.95 33.80
N ILE S 93 -48.86 -12.93 33.71
CA ILE S 93 -49.71 -14.09 34.00
C ILE S 93 -50.15 -14.59 32.64
N SER S 94 -49.99 -15.91 32.47
CA SER S 94 -50.57 -16.65 31.36
C SER S 94 -51.39 -17.80 31.95
N GLY S 95 -52.52 -18.05 31.30
CA GLY S 95 -53.38 -19.17 31.58
C GLY S 95 -52.95 -20.43 30.81
N LYS S 96 -53.93 -21.30 30.50
CA LYS S 96 -53.56 -22.48 29.71
C LYS S 96 -54.16 -22.48 28.31
N GLU S 97 -55.46 -22.13 28.22
CA GLU S 97 -56.12 -22.10 26.92
C GLU S 97 -56.81 -20.75 26.72
N ASP S 98 -56.91 -20.32 25.46
CA ASP S 98 -57.44 -19.04 25.06
C ASP S 98 -58.97 -18.99 25.34
N ALA S 99 -59.45 -17.76 25.51
CA ALA S 99 -60.86 -17.57 25.84
C ALA S 99 -61.74 -17.78 24.62
N ALA S 100 -61.18 -17.60 23.40
CA ALA S 100 -61.87 -17.95 22.16
C ALA S 100 -63.19 -17.17 22.01
N ASN S 101 -63.10 -15.84 21.99
CA ASN S 101 -64.14 -14.93 21.53
C ASN S 101 -65.47 -15.17 22.24
N ASN S 102 -65.42 -15.66 23.49
CA ASN S 102 -66.62 -15.86 24.24
C ASN S 102 -66.50 -15.00 25.50
N PHE S 103 -67.54 -14.17 25.69
CA PHE S 103 -67.73 -13.55 26.99
C PHE S 103 -67.92 -14.59 28.11
N ALA S 104 -68.67 -15.66 27.78
CA ALA S 104 -69.05 -16.60 28.83
C ALA S 104 -67.83 -17.41 29.29
N ARG S 105 -66.88 -17.65 28.34
CA ARG S 105 -65.74 -18.46 28.73
C ARG S 105 -64.81 -17.66 29.60
N GLY S 106 -64.62 -16.37 29.26
CA GLY S 106 -63.72 -15.52 30.04
C GLY S 106 -64.30 -15.19 31.44
N HIS S 107 -65.60 -15.32 31.61
CA HIS S 107 -66.28 -14.90 32.80
C HIS S 107 -66.57 -16.01 33.79
N TYR S 108 -66.89 -17.21 33.30
CA TYR S 108 -67.37 -18.27 34.15
C TYR S 108 -66.40 -19.43 34.24
N THR S 109 -65.89 -19.94 33.10
CA THR S 109 -65.24 -21.23 33.18
C THR S 109 -63.74 -21.09 33.42
N ILE S 110 -63.07 -20.43 32.47
CA ILE S 110 -61.60 -20.38 32.55
C ILE S 110 -61.11 -19.07 33.18
N GLY S 111 -61.99 -18.12 33.36
CA GLY S 111 -61.67 -16.88 34.03
C GLY S 111 -61.48 -16.97 35.51
N LYS S 112 -61.96 -18.04 36.19
CA LYS S 112 -61.86 -18.13 37.64
C LYS S 112 -60.39 -18.32 38.13
N GLU S 113 -59.62 -18.96 37.29
CA GLU S 113 -58.34 -19.50 37.69
C GLU S 113 -57.27 -18.43 37.66
N ILE S 114 -57.50 -17.30 36.98
CA ILE S 114 -56.46 -16.28 36.91
C ILE S 114 -56.79 -15.05 37.76
N VAL S 115 -58.08 -14.87 38.11
CA VAL S 115 -58.43 -13.72 38.92
C VAL S 115 -57.95 -13.92 40.35
N ASP S 116 -57.97 -15.18 40.83
CA ASP S 116 -57.41 -15.50 42.13
C ASP S 116 -55.94 -15.10 42.29
N LEU S 117 -55.17 -15.34 41.27
CA LEU S 117 -53.75 -14.94 41.35
C LEU S 117 -53.60 -13.42 41.15
N SER S 118 -54.48 -12.85 40.30
CA SER S 118 -54.23 -11.46 39.85
C SER S 118 -54.62 -10.50 40.94
N LEU S 119 -55.71 -10.77 41.67
CA LEU S 119 -56.10 -9.86 42.74
C LEU S 119 -55.09 -9.85 43.91
N ASP S 120 -54.40 -10.96 44.12
CA ASP S 120 -53.36 -11.02 45.13
C ASP S 120 -52.17 -10.12 44.77
N ARG S 121 -51.84 -10.08 43.48
CA ARG S 121 -50.73 -9.26 43.01
C ARG S 121 -51.11 -7.80 43.03
N ILE S 122 -52.36 -7.48 42.71
CA ILE S 122 -52.84 -6.09 42.79
C ILE S 122 -52.84 -5.61 44.26
N ARG S 123 -53.19 -6.49 45.18
CA ARG S 123 -53.11 -6.26 46.61
C ARG S 123 -51.71 -5.98 47.07
N LYS S 124 -50.75 -6.75 46.59
CA LYS S 124 -49.34 -6.57 46.98
C LYS S 124 -48.81 -5.24 46.43
N LEU S 125 -49.34 -4.80 45.28
CA LEU S 125 -48.87 -3.61 44.62
C LEU S 125 -49.55 -2.38 45.22
N ALA S 126 -50.73 -2.54 45.83
CA ALA S 126 -51.48 -1.42 46.34
C ALA S 126 -51.18 -1.14 47.80
N ASP S 127 -50.63 -2.10 48.53
CA ASP S 127 -50.45 -1.97 49.96
C ASP S 127 -49.11 -1.33 50.37
N ASN S 128 -48.33 -0.85 49.41
CA ASN S 128 -47.13 -0.14 49.73
C ASN S 128 -47.43 1.23 50.35
N CYS S 129 -48.33 1.96 49.75
CA CYS S 129 -48.63 3.34 50.14
C CYS S 129 -50.14 3.58 50.03
N THR S 130 -50.66 4.44 50.93
CA THR S 130 -52.01 4.93 50.73
C THR S 130 -52.07 6.03 49.67
N GLY S 131 -53.27 6.40 49.33
CA GLY S 131 -53.45 7.53 48.40
C GLY S 131 -53.28 7.05 46.97
N LEU S 132 -53.84 5.86 46.69
CA LEU S 132 -53.87 5.31 45.35
C LEU S 132 -54.74 6.18 44.47
N GLN S 133 -54.17 6.65 43.35
CA GLN S 133 -54.94 7.55 42.50
C GLN S 133 -56.04 6.82 41.72
N GLY S 134 -55.67 5.69 41.16
CA GLY S 134 -56.66 4.94 40.42
C GLY S 134 -56.17 3.63 39.83
N PHE S 135 -57.01 3.13 38.92
CA PHE S 135 -56.72 1.99 38.09
C PHE S 135 -56.75 2.41 36.61
N LEU S 136 -55.75 2.00 35.84
CA LEU S 136 -55.75 2.23 34.42
C LEU S 136 -55.85 0.89 33.73
N MET S 137 -57.05 0.55 33.26
CA MET S 137 -57.31 -0.81 32.77
C MET S 137 -57.49 -0.77 31.25
N PHE S 138 -56.73 -1.59 30.53
CA PHE S 138 -56.71 -1.56 29.09
C PHE S 138 -57.27 -2.91 28.58
N ASN S 139 -58.29 -2.81 27.74
CA ASN S 139 -58.82 -4.03 27.17
C ASN S 139 -59.44 -3.71 25.79
N ALA S 140 -59.69 -4.79 25.04
CA ALA S 140 -60.65 -4.77 23.96
C ALA S 140 -62.04 -5.24 24.45
N VAL S 141 -63.02 -4.74 23.69
CA VAL S 141 -64.41 -5.00 24.06
C VAL S 141 -64.95 -6.17 23.24
N GLY S 142 -64.59 -6.26 21.97
CA GLY S 142 -65.15 -7.28 21.08
C GLY S 142 -64.53 -8.66 21.27
N GLY S 143 -63.42 -8.74 21.99
CA GLY S 143 -62.73 -9.99 22.21
C GLY S 143 -63.30 -10.79 23.40
N GLY S 144 -62.70 -11.94 23.64
CA GLY S 144 -63.16 -12.89 24.63
C GLY S 144 -62.63 -12.60 26.03
N THR S 145 -61.32 -12.64 26.16
CA THR S 145 -60.66 -12.43 27.43
C THR S 145 -60.61 -10.98 27.82
N GLY S 146 -60.65 -10.08 26.83
CA GLY S 146 -60.66 -8.65 27.06
C GLY S 146 -61.94 -8.23 27.71
N SER S 147 -63.08 -8.90 27.44
CA SER S 147 -64.33 -8.52 28.05
C SER S 147 -64.55 -9.39 29.30
N GLY S 148 -64.41 -10.74 29.16
CA GLY S 148 -64.75 -11.59 30.22
C GLY S 148 -63.88 -11.57 31.42
N LEU S 149 -62.56 -11.69 31.23
CA LEU S 149 -61.63 -11.54 32.34
C LEU S 149 -61.61 -10.08 32.85
N GLY S 150 -61.85 -9.15 31.92
CA GLY S 150 -61.84 -7.75 32.26
C GLY S 150 -62.98 -7.42 33.20
N CYS S 151 -64.17 -8.01 32.95
CA CYS S 151 -65.30 -7.77 33.80
C CYS S 151 -65.06 -8.36 35.20
N LEU S 152 -64.52 -9.60 35.24
CA LEU S 152 -64.37 -10.30 36.49
C LEU S 152 -63.38 -9.59 37.39
N LEU S 153 -62.32 -9.05 36.78
CA LEU S 153 -61.33 -8.33 37.57
C LEU S 153 -61.89 -7.00 38.05
N LEU S 154 -62.72 -6.34 37.21
CA LEU S 154 -63.20 -5.02 37.59
C LEU S 154 -64.29 -5.09 38.64
N GLU S 155 -65.11 -6.16 38.59
CA GLU S 155 -66.16 -6.31 39.59
C GLU S 155 -65.52 -6.61 40.94
N ARG S 156 -64.47 -7.44 40.95
CA ARG S 156 -63.87 -7.81 42.21
C ARG S 156 -63.04 -6.67 42.81
N LEU S 157 -62.46 -5.82 41.94
CA LEU S 157 -61.76 -4.66 42.44
C LEU S 157 -62.70 -3.60 42.97
N SER S 158 -63.91 -3.51 42.41
CA SER S 158 -64.86 -2.52 42.88
C SER S 158 -65.36 -2.82 44.31
N VAL S 159 -65.48 -4.12 44.62
CA VAL S 159 -65.98 -4.52 45.91
C VAL S 159 -64.90 -4.36 46.99
N ASP S 160 -63.67 -4.62 46.66
CA ASP S 160 -62.55 -4.66 47.60
C ASP S 160 -61.99 -3.26 47.84
N TYR S 161 -61.71 -2.52 46.77
CA TYR S 161 -61.42 -1.09 46.85
C TYR S 161 -62.67 -0.37 46.39
N GLY S 162 -63.38 0.33 47.34
CA GLY S 162 -64.59 1.00 47.03
C GLY S 162 -64.39 2.27 46.14
N LYS S 163 -63.69 3.23 46.75
CA LYS S 163 -63.83 4.61 46.27
C LYS S 163 -62.70 5.03 45.39
N LYS S 164 -61.85 4.10 44.98
CA LYS S 164 -60.78 4.45 44.04
C LYS S 164 -61.31 4.53 42.61
N SER S 165 -60.76 5.49 41.85
CA SER S 165 -61.22 5.73 40.50
C SER S 165 -60.73 4.65 39.55
N LYS S 166 -61.52 4.29 38.56
CA LYS S 166 -61.11 3.33 37.55
C LYS S 166 -61.28 3.94 36.17
N LEU S 167 -60.15 4.32 35.52
CA LEU S 167 -60.16 4.66 34.12
C LEU S 167 -59.96 3.40 33.24
N ASN S 168 -60.80 3.35 32.17
CA ASN S 168 -60.81 2.19 31.33
C ASN S 168 -60.61 2.66 29.93
N PHE S 169 -59.70 2.18 29.13
CA PHE S 169 -59.50 2.51 27.75
C PHE S 169 -59.88 1.31 26.88
N CYS S 170 -61.09 1.41 26.33
CA CYS S 170 -61.68 0.30 25.58
C CYS S 170 -61.41 0.54 24.09
N SER S 171 -60.84 -0.51 23.46
CA SER S 171 -60.61 -0.52 22.03
C SER S 171 -61.90 -1.01 21.35
N TRP S 172 -62.84 -0.09 21.20
CA TRP S 172 -64.18 -0.34 20.83
C TRP S 172 -64.27 -0.89 19.43
N PRO S 173 -65.20 -1.85 19.17
CA PRO S 173 -65.41 -2.32 17.80
C PRO S 173 -65.94 -1.22 16.87
N SER S 174 -65.51 -1.34 15.62
CA SER S 174 -65.66 -0.31 14.63
C SER S 174 -67.12 -0.26 14.15
N PRO S 175 -67.56 0.90 13.62
CA PRO S 175 -68.77 0.95 12.80
C PRO S 175 -68.74 0.06 11.57
N GLN S 176 -67.58 -0.03 10.87
CA GLN S 176 -67.60 -0.81 9.63
C GLN S 176 -66.93 -2.19 9.77
N VAL S 177 -65.71 -2.17 10.21
CA VAL S 177 -64.81 -3.32 10.27
C VAL S 177 -65.05 -4.07 11.59
N SER S 178 -65.07 -5.40 11.51
CA SER S 178 -65.18 -6.17 12.74
C SER S 178 -64.00 -7.07 13.06
N THR S 179 -63.52 -7.81 12.05
CA THR S 179 -62.47 -8.85 12.19
C THR S 179 -62.87 -9.95 13.17
N ALA S 180 -64.18 -10.10 13.40
CA ALA S 180 -64.76 -11.14 14.21
C ALA S 180 -66.28 -11.06 14.08
N VAL S 181 -66.98 -12.18 14.24
CA VAL S 181 -68.41 -12.17 13.94
C VAL S 181 -69.26 -12.17 15.19
N VAL S 182 -68.68 -12.49 16.32
CA VAL S 182 -69.35 -12.51 17.61
C VAL S 182 -69.09 -11.19 18.32
N GLU S 183 -68.52 -10.19 17.62
CA GLU S 183 -68.33 -8.90 18.28
C GLU S 183 -69.64 -8.18 18.71
N PRO S 184 -70.81 -8.27 18.00
CA PRO S 184 -71.98 -7.65 18.59
C PRO S 184 -72.44 -8.33 19.87
N TYR S 185 -72.21 -9.65 19.99
CA TYR S 185 -72.56 -10.35 21.19
C TYR S 185 -71.61 -10.01 22.31
N ASN S 186 -70.31 -9.90 22.01
CA ASN S 186 -69.35 -9.60 23.03
C ASN S 186 -69.51 -8.15 23.57
N SER S 187 -69.92 -7.24 22.69
CA SER S 187 -69.80 -5.82 23.05
C SER S 187 -71.00 -5.40 23.91
N VAL S 188 -72.20 -5.89 23.59
CA VAL S 188 -73.37 -5.50 24.32
C VAL S 188 -73.37 -6.15 25.72
N LEU S 189 -72.82 -7.42 25.79
CA LEU S 189 -72.80 -8.04 27.09
C LEU S 189 -71.75 -7.43 28.00
N SER S 190 -70.69 -6.83 27.43
CA SER S 190 -69.68 -6.19 28.23
C SER S 190 -70.18 -4.87 28.79
N THR S 191 -70.95 -4.10 28.00
CA THR S 191 -71.37 -2.79 28.45
C THR S 191 -72.33 -2.88 29.64
N HIS S 192 -73.10 -3.97 29.71
CA HIS S 192 -73.97 -4.14 30.84
C HIS S 192 -73.19 -4.35 32.12
N SER S 193 -71.99 -4.98 32.04
CA SER S 193 -71.17 -5.09 33.22
C SER S 193 -70.12 -4.00 33.30
N LEU S 194 -70.10 -3.03 32.35
CA LEU S 194 -69.17 -1.92 32.39
C LEU S 194 -69.73 -0.65 32.98
N LEU S 195 -71.06 -0.53 32.97
CA LEU S 195 -71.72 0.68 33.36
C LEU S 195 -71.62 0.90 34.87
N GLU S 196 -71.75 -0.18 35.66
CA GLU S 196 -71.77 -0.12 37.09
C GLU S 196 -70.41 -0.49 37.69
N HIS S 197 -69.36 -0.60 36.89
CA HIS S 197 -68.04 -0.78 37.50
C HIS S 197 -67.00 0.30 37.19
N THR S 198 -67.15 0.93 36.01
CA THR S 198 -66.11 1.89 35.64
C THR S 198 -66.53 3.32 35.95
N ASP S 199 -65.56 4.15 36.14
CA ASP S 199 -65.80 5.56 36.47
C ASP S 199 -65.63 6.40 35.21
N VAL S 200 -64.55 6.17 34.46
CA VAL S 200 -64.35 6.89 33.21
C VAL S 200 -63.93 5.89 32.12
N ALA S 201 -64.75 5.79 31.08
CA ALA S 201 -64.50 4.83 30.01
C ALA S 201 -64.27 5.59 28.71
N VAL S 202 -63.05 5.42 28.18
CA VAL S 202 -62.66 6.20 27.01
C VAL S 202 -62.67 5.33 25.77
N MET S 203 -63.42 5.78 24.76
CA MET S 203 -63.73 4.91 23.62
C MET S 203 -62.74 5.17 22.52
N LEU S 204 -61.98 4.13 22.12
CA LEU S 204 -61.04 4.24 21.03
C LEU S 204 -61.49 3.30 19.91
N ASP S 205 -61.40 3.73 18.68
CA ASP S 205 -61.72 2.93 17.51
C ASP S 205 -60.49 2.58 16.66
N ASN S 206 -60.62 1.63 15.73
CA ASN S 206 -59.49 1.17 14.97
C ASN S 206 -59.30 1.92 13.67
N GLU S 207 -60.41 2.00 12.90
CA GLU S 207 -60.27 2.56 11.57
C GLU S 207 -60.18 4.08 11.60
N ALA S 208 -60.52 4.68 12.70
CA ALA S 208 -60.23 6.10 12.92
C ALA S 208 -58.72 6.38 12.93
N ILE S 209 -57.97 5.53 13.64
CA ILE S 209 -56.54 5.74 13.69
C ILE S 209 -55.88 5.20 12.43
N TYR S 210 -56.56 4.27 11.73
CA TYR S 210 -56.12 3.93 10.37
C TYR S 210 -56.28 5.16 9.46
N ASP S 211 -57.38 5.88 9.58
CA ASP S 211 -57.66 7.01 8.76
C ASP S 211 -56.84 8.23 9.15
N ILE S 212 -56.48 8.33 10.44
CA ILE S 212 -55.57 9.39 10.86
C ILE S 212 -54.21 9.17 10.23
N CYS S 213 -53.75 7.93 10.22
CA CYS S 213 -52.42 7.64 9.68
C CYS S 213 -52.41 7.71 8.16
N ARG S 214 -53.60 7.64 7.52
CA ARG S 214 -53.66 7.73 6.08
C ARG S 214 -53.60 9.17 5.62
N ARG S 215 -54.25 10.10 6.32
CA ARG S 215 -54.27 11.47 5.84
C ARG S 215 -53.12 12.31 6.41
N ASN S 216 -52.95 12.20 7.72
CA ASN S 216 -52.11 13.17 8.45
C ASN S 216 -50.67 12.69 8.54
N LEU S 217 -50.46 11.40 8.82
CA LEU S 217 -49.15 10.83 8.89
C LEU S 217 -48.60 10.43 7.52
N ASP S 218 -49.51 10.34 6.48
CA ASP S 218 -49.15 10.09 5.12
C ASP S 218 -48.20 8.91 4.92
N ILE S 219 -48.47 7.80 5.61
CA ILE S 219 -47.80 6.54 5.47
C ILE S 219 -48.87 5.60 4.93
N GLU S 220 -48.55 4.85 3.90
CA GLU S 220 -49.54 4.11 3.16
C GLU S 220 -49.90 2.80 3.85
N ARG S 221 -48.91 2.16 4.58
CA ARG S 221 -49.24 0.90 5.19
C ARG S 221 -48.84 0.86 6.65
N PRO S 222 -49.51 1.60 7.55
CA PRO S 222 -49.33 1.31 8.98
C PRO S 222 -50.18 0.13 9.44
N THR S 223 -49.76 -0.43 10.54
CA THR S 223 -50.28 -1.67 11.11
C THR S 223 -50.64 -1.39 12.56
N TYR S 224 -50.89 -2.42 13.37
CA TYR S 224 -51.30 -2.32 14.75
C TYR S 224 -50.21 -1.72 15.61
N THR S 225 -48.94 -1.83 15.23
CA THR S 225 -47.87 -1.24 16.00
C THR S 225 -47.89 0.30 15.89
N ASN S 226 -48.35 0.82 14.76
CA ASN S 226 -48.48 2.23 14.56
C ASN S 226 -49.74 2.76 15.19
N LEU S 227 -50.77 1.94 15.36
CA LEU S 227 -51.97 2.33 16.11
C LEU S 227 -51.57 2.53 17.59
N ASN S 228 -50.70 1.64 18.11
CA ASN S 228 -50.47 1.60 19.52
C ASN S 228 -49.55 2.73 19.99
N ARG S 229 -48.72 3.25 19.10
CA ARG S 229 -47.88 4.40 19.40
C ARG S 229 -48.76 5.63 19.62
N LEU S 230 -49.81 5.77 18.80
CA LEU S 230 -50.70 6.92 18.88
C LEU S 230 -51.53 6.86 20.15
N ILE S 231 -51.89 5.63 20.57
CA ILE S 231 -52.63 5.44 21.81
C ILE S 231 -51.72 5.77 22.98
N ALA S 232 -50.44 5.40 22.87
CA ALA S 232 -49.47 5.63 23.94
C ALA S 232 -49.26 7.12 24.17
N GLN S 233 -49.33 7.91 23.08
CA GLN S 233 -49.15 9.35 23.21
C GLN S 233 -50.31 10.00 23.91
N VAL S 234 -51.50 9.44 23.75
CA VAL S 234 -52.69 9.97 24.42
C VAL S 234 -52.58 9.69 25.93
N ILE S 235 -52.16 8.50 26.29
CA ILE S 235 -52.09 8.13 27.70
C ILE S 235 -50.98 8.93 28.40
N SER S 236 -49.88 9.17 27.69
CA SER S 236 -48.79 9.94 28.26
C SER S 236 -49.23 11.39 28.52
N SER S 237 -50.01 11.94 27.59
CA SER S 237 -50.48 13.31 27.73
C SER S 237 -51.57 13.41 28.81
N LEU S 238 -52.29 12.31 29.06
CA LEU S 238 -53.33 12.29 30.07
C LEU S 238 -52.72 12.37 31.46
N THR S 239 -51.65 11.60 31.68
CA THR S 239 -51.06 11.48 33.00
C THR S 239 -49.79 12.31 33.11
N ALA S 240 -49.61 13.28 32.23
CA ALA S 240 -48.45 14.17 32.25
C ALA S 240 -48.44 15.05 33.49
N SER S 241 -49.63 15.41 33.99
CA SER S 241 -49.74 16.30 35.13
C SER S 241 -49.27 15.61 36.41
N LEU S 242 -49.48 14.33 36.50
CA LEU S 242 -49.04 13.57 37.67
C LEU S 242 -47.52 13.43 37.70
N ARG S 243 -46.89 13.39 36.52
CA ARG S 243 -45.46 13.11 36.44
C ARG S 243 -44.65 14.40 36.56
N PHE S 244 -45.09 15.45 35.87
CA PHE S 244 -44.25 16.62 35.69
C PHE S 244 -44.95 17.84 36.21
N ASP S 245 -44.18 18.88 36.54
CA ASP S 245 -44.70 20.14 37.01
C ASP S 245 -45.34 20.91 35.83
N GLY S 246 -46.37 21.66 36.14
CA GLY S 246 -46.90 22.57 35.14
C GLY S 246 -47.56 23.78 35.76
N ALA S 247 -47.92 24.70 34.85
CA ALA S 247 -48.52 25.98 35.23
C ALA S 247 -49.92 25.81 35.77
N LEU S 248 -50.70 24.88 35.18
CA LEU S 248 -52.00 24.53 35.75
C LEU S 248 -52.19 23.02 35.64
N ASN S 249 -51.95 22.34 36.74
CA ASN S 249 -51.94 20.88 36.73
C ASN S 249 -53.31 20.35 37.14
N VAL S 250 -53.60 19.12 36.67
CA VAL S 250 -54.78 18.42 37.04
C VAL S 250 -54.41 16.99 37.53
N ASP S 251 -55.44 16.34 37.85
CA ASP S 251 -55.34 15.07 38.65
C ASP S 251 -56.21 14.03 37.97
N VAL S 252 -55.97 12.76 38.28
CA VAL S 252 -56.79 11.69 37.69
C VAL S 252 -58.11 11.57 38.42
N THR S 253 -58.13 11.93 39.69
CA THR S 253 -59.31 11.90 40.53
C THR S 253 -60.23 13.06 40.15
N GLU S 254 -59.71 14.12 39.54
CA GLU S 254 -60.53 15.29 39.28
C GLU S 254 -61.30 15.17 37.96
N PHE S 255 -60.92 14.20 37.08
CA PHE S 255 -61.60 14.04 35.82
C PHE S 255 -63.05 13.56 35.96
N GLN S 256 -63.32 12.69 36.93
CA GLN S 256 -64.70 12.32 37.16
C GLN S 256 -65.49 13.48 37.78
N THR S 257 -64.84 14.37 38.50
CA THR S 257 -65.57 15.57 38.92
C THR S 257 -65.67 16.58 37.82
N ASN S 258 -64.91 16.48 36.75
CA ASN S 258 -64.89 17.41 35.65
C ASN S 258 -65.88 17.02 34.51
N LEU S 259 -66.11 15.71 34.37
CA LEU S 259 -66.55 15.24 33.03
C LEU S 259 -67.87 14.48 33.11
N VAL S 260 -68.28 14.00 34.31
CA VAL S 260 -69.46 13.19 34.32
C VAL S 260 -70.54 13.96 35.05
N PRO S 261 -71.57 14.49 34.33
CA PRO S 261 -72.69 15.12 35.01
C PRO S 261 -73.68 14.19 35.66
N TYR S 262 -73.82 12.96 35.14
CA TYR S 262 -74.75 11.99 35.71
C TYR S 262 -74.01 10.68 35.86
N PRO S 263 -74.37 9.83 36.86
CA PRO S 263 -73.61 8.62 37.16
C PRO S 263 -73.43 7.63 36.00
N ARG S 264 -74.40 7.54 35.11
CA ARG S 264 -74.42 6.61 34.02
C ARG S 264 -73.64 7.14 32.80
N ILE S 265 -73.44 8.43 32.71
CA ILE S 265 -72.90 9.05 31.51
C ILE S 265 -71.41 9.21 31.69
N HIS S 266 -70.64 8.20 31.27
CA HIS S 266 -69.20 8.28 31.38
C HIS S 266 -68.55 7.61 30.19
N PHE S 267 -69.14 7.83 28.99
CA PHE S 267 -68.47 7.42 27.78
C PHE S 267 -67.91 8.60 27.02
N MET S 268 -66.59 8.73 26.92
CA MET S 268 -65.96 9.86 26.36
C MET S 268 -65.01 9.51 25.20
N LEU S 269 -64.83 10.50 24.30
CA LEU S 269 -63.99 10.33 23.15
C LEU S 269 -62.57 10.74 23.43
N SER S 270 -61.75 10.72 22.39
CA SER S 270 -60.40 11.23 22.47
C SER S 270 -60.04 12.00 21.21
N SER S 271 -59.07 12.90 21.35
CA SER S 271 -58.51 13.61 20.22
C SER S 271 -57.07 14.00 20.56
N TYR S 272 -56.24 14.08 19.54
CA TYR S 272 -54.86 14.47 19.74
C TYR S 272 -54.47 15.35 18.57
N ALA S 273 -53.66 16.38 18.85
CA ALA S 273 -53.03 17.17 17.82
C ALA S 273 -51.76 17.74 18.43
N PRO S 274 -50.69 17.98 17.68
CA PRO S 274 -50.59 17.69 16.23
C PRO S 274 -50.15 16.27 15.90
N ILE S 275 -50.66 15.75 14.82
CA ILE S 275 -50.25 14.46 14.30
C ILE S 275 -49.76 14.72 12.90
N ILE S 276 -48.47 15.02 12.77
CA ILE S 276 -47.94 15.45 11.49
C ILE S 276 -46.66 14.67 11.21
N SER S 277 -46.42 14.41 9.93
CA SER S 277 -45.22 13.75 9.49
C SER S 277 -44.01 14.70 9.56
N ALA S 278 -42.85 14.07 9.50
CA ALA S 278 -41.60 14.84 9.52
C ALA S 278 -41.36 15.59 8.23
N GLU S 279 -41.96 15.13 7.15
CA GLU S 279 -41.75 15.75 5.83
C GLU S 279 -42.60 17.03 5.77
N LYS S 280 -43.79 17.03 6.36
CA LYS S 280 -44.65 18.18 6.24
C LYS S 280 -44.69 18.99 7.50
N ALA S 281 -43.86 18.74 8.50
CA ALA S 281 -43.73 19.53 9.70
C ALA S 281 -43.18 20.92 9.41
N TYR S 282 -42.37 20.99 8.34
CA TYR S 282 -41.70 22.20 7.92
C TYR S 282 -42.68 23.26 7.47
N HIS S 283 -43.83 22.82 6.92
CA HIS S 283 -44.81 23.71 6.38
C HIS S 283 -45.92 24.15 7.33
N GLU S 284 -45.86 23.70 8.59
CA GLU S 284 -46.75 24.36 9.58
C GLU S 284 -45.97 24.84 10.78
N GLN S 285 -46.13 26.13 11.07
CA GLN S 285 -45.53 26.61 12.33
C GLN S 285 -46.60 26.41 13.39
N LEU S 286 -46.43 25.59 14.37
CA LEU S 286 -47.59 24.98 15.05
C LEU S 286 -48.00 25.77 16.28
N SER S 287 -48.82 26.81 16.06
CA SER S 287 -49.20 27.70 17.12
C SER S 287 -50.45 27.16 17.83
N VAL S 288 -50.65 27.66 19.05
CA VAL S 288 -51.70 27.23 19.94
C VAL S 288 -53.07 27.49 19.32
N ALA S 289 -53.16 28.57 18.52
CA ALA S 289 -54.39 28.89 17.82
C ALA S 289 -54.78 27.82 16.80
N GLU S 290 -53.81 27.27 16.09
CA GLU S 290 -54.15 26.36 15.01
C GLU S 290 -54.29 24.93 15.52
N ILE S 291 -53.54 24.55 16.55
CA ILE S 291 -53.58 23.17 17.02
C ILE S 291 -54.86 22.90 17.79
N THR S 292 -55.50 23.93 18.31
CA THR S 292 -56.77 23.74 18.97
C THR S 292 -57.95 23.67 17.95
N ASN S 293 -57.76 24.29 16.76
CA ASN S 293 -58.76 24.13 15.75
C ASN S 293 -58.67 22.76 15.10
N SER S 294 -57.46 22.23 14.96
CA SER S 294 -57.28 20.88 14.46
C SER S 294 -57.77 19.80 15.47
N ALA S 295 -57.83 20.16 16.75
CA ALA S 295 -58.30 19.24 17.76
C ALA S 295 -59.80 19.04 17.64
N PHE S 296 -60.54 20.08 17.31
CA PHE S 296 -61.98 20.00 17.20
C PHE S 296 -62.45 19.60 15.81
N GLU S 297 -61.53 19.46 14.88
CA GLU S 297 -61.85 19.09 13.50
C GLU S 297 -62.35 17.66 13.49
N PRO S 298 -63.50 17.36 12.85
CA PRO S 298 -64.15 16.07 13.04
C PRO S 298 -63.37 14.88 12.48
N ALA S 299 -62.45 15.13 11.54
CA ALA S 299 -61.68 14.04 10.97
C ALA S 299 -60.45 13.73 11.82
N SER S 300 -60.26 14.42 12.95
CA SER S 300 -59.07 14.26 13.78
C SER S 300 -59.43 13.55 15.07
N MET S 301 -60.72 13.23 15.35
CA MET S 301 -60.96 12.49 16.56
C MET S 301 -60.61 11.03 16.39
N MET S 302 -60.47 10.30 17.48
CA MET S 302 -60.05 8.91 17.39
C MET S 302 -61.18 7.97 17.83
N ALA S 303 -62.39 8.26 17.35
CA ALA S 303 -63.49 7.32 17.59
C ALA S 303 -64.38 7.05 16.37
N LYS S 304 -64.27 7.90 15.33
CA LYS S 304 -65.08 7.70 14.11
C LYS S 304 -66.59 7.74 14.47
N CYS S 305 -66.99 8.85 15.03
CA CYS S 305 -68.39 9.25 15.00
C CYS S 305 -68.44 10.74 14.72
N ASP S 306 -69.32 11.08 13.80
CA ASP S 306 -69.41 12.44 13.32
C ASP S 306 -70.03 13.31 14.40
N PRO S 307 -69.32 14.31 14.95
CA PRO S 307 -69.89 15.13 16.00
C PRO S 307 -70.84 16.24 15.55
N ARG S 308 -71.10 16.34 14.26
CA ARG S 308 -71.98 17.37 13.73
C ARG S 308 -73.42 17.15 14.16
N HIS S 309 -73.84 15.93 14.37
CA HIS S 309 -75.09 15.56 15.00
C HIS S 309 -74.89 15.30 16.49
N GLY S 310 -73.94 16.01 17.11
CA GLY S 310 -73.74 15.88 18.53
C GLY S 310 -73.70 17.22 19.27
N LYS S 311 -74.18 17.23 20.54
CA LYS S 311 -73.95 18.40 21.35
C LYS S 311 -73.00 18.07 22.50
N TYR S 312 -71.88 18.81 22.49
CA TYR S 312 -70.84 18.65 23.52
C TYR S 312 -71.37 18.96 24.91
N MET S 313 -70.98 18.10 25.90
CA MET S 313 -71.46 18.23 27.24
C MET S 313 -70.37 18.71 28.22
N ALA S 314 -69.16 18.19 28.05
CA ALA S 314 -68.00 18.64 28.79
C ALA S 314 -66.75 18.35 27.95
N CYS S 315 -65.74 19.21 28.07
CA CYS S 315 -64.50 18.99 27.36
C CYS S 315 -63.32 19.29 28.30
N CYS S 316 -62.33 18.37 28.23
CA CYS S 316 -61.15 18.55 29.06
C CYS S 316 -59.91 18.53 28.17
N LEU S 317 -59.20 19.65 28.18
CA LEU S 317 -58.07 19.87 27.30
C LEU S 317 -56.77 19.93 28.08
N MET S 318 -55.85 19.01 27.73
CA MET S 318 -54.56 18.98 28.36
C MET S 318 -53.51 19.50 27.36
N TYR S 319 -53.05 20.71 27.58
CA TYR S 319 -51.96 21.25 26.79
C TYR S 319 -50.62 20.81 27.36
N ARG S 320 -49.66 20.57 26.48
CA ARG S 320 -48.38 20.06 26.84
C ARG S 320 -47.30 20.80 26.07
N GLY S 321 -46.26 21.22 26.79
CA GLY S 321 -45.15 21.92 26.13
C GLY S 321 -45.17 23.43 26.41
N ASP S 322 -44.40 24.14 25.63
CA ASP S 322 -44.21 25.57 25.71
C ASP S 322 -45.47 26.30 25.21
N VAL S 323 -46.48 26.25 26.06
CA VAL S 323 -47.71 26.98 25.85
C VAL S 323 -47.83 27.98 27.01
N VAL S 324 -48.04 29.23 26.65
CA VAL S 324 -48.37 30.28 27.57
C VAL S 324 -49.90 30.32 27.78
N PRO S 325 -50.40 30.66 28.97
CA PRO S 325 -51.82 30.53 29.25
C PRO S 325 -52.80 31.41 28.45
N LYS S 326 -52.31 32.52 27.93
CA LYS S 326 -53.33 33.49 27.44
C LYS S 326 -53.77 33.12 26.06
N ASP S 327 -52.90 32.57 25.25
CA ASP S 327 -53.28 32.15 23.88
C ASP S 327 -54.01 30.81 23.92
N VAL S 328 -54.01 30.10 25.02
CA VAL S 328 -55.04 29.08 25.30
C VAL S 328 -56.39 29.79 25.48
N ASN S 329 -56.41 30.88 26.24
CA ASN S 329 -57.60 31.64 26.52
C ASN S 329 -58.12 32.30 25.25
N ALA S 330 -57.23 32.74 24.39
CA ALA S 330 -57.62 33.33 23.10
C ALA S 330 -58.19 32.26 22.17
N ALA S 331 -57.62 31.05 22.23
CA ALA S 331 -57.97 29.98 21.32
C ALA S 331 -59.31 29.36 21.70
N VAL S 332 -59.57 29.24 23.00
CA VAL S 332 -60.82 28.65 23.44
C VAL S 332 -61.95 29.65 23.28
N ALA S 333 -61.65 30.95 23.26
CA ALA S 333 -62.67 31.95 23.02
C ALA S 333 -63.18 31.86 21.57
N THR S 334 -62.24 31.60 20.64
CA THR S 334 -62.63 31.49 19.26
C THR S 334 -63.48 30.24 19.03
N ILE S 335 -63.16 29.17 19.78
CA ILE S 335 -63.88 27.92 19.69
C ILE S 335 -65.34 28.11 20.13
N LYS S 336 -65.54 28.85 21.22
CA LYS S 336 -66.88 29.04 21.75
C LYS S 336 -67.72 29.84 20.76
N THR S 337 -67.09 30.83 20.10
CA THR S 337 -67.85 31.66 19.20
C THR S 337 -68.13 30.97 17.87
N LYS S 338 -67.35 29.95 17.51
CA LYS S 338 -67.56 29.20 16.28
C LYS S 338 -68.84 28.42 16.39
N ARG S 339 -69.61 28.42 15.29
CA ARG S 339 -70.96 27.86 15.31
C ARG S 339 -71.02 26.42 14.83
N THR S 340 -69.92 25.87 14.32
CA THR S 340 -69.90 24.48 13.89
C THR S 340 -69.80 23.55 15.10
N ILE S 341 -69.31 24.04 16.24
CA ILE S 341 -69.09 23.22 17.41
C ILE S 341 -70.18 23.56 18.40
N GLN S 342 -71.18 22.62 18.57
CA GLN S 342 -72.39 22.98 19.29
C GLN S 342 -72.37 22.44 20.71
N PHE S 343 -72.47 23.34 21.71
CA PHE S 343 -72.57 22.86 23.07
C PHE S 343 -74.05 22.87 23.49
N VAL S 344 -74.33 22.07 24.53
CA VAL S 344 -75.68 21.94 25.00
C VAL S 344 -76.04 23.18 25.82
N ASP S 345 -77.34 23.52 25.85
CA ASP S 345 -77.81 24.73 26.43
C ASP S 345 -77.64 24.74 27.95
N TRP S 346 -77.71 23.57 28.63
CA TRP S 346 -77.71 23.59 30.08
C TRP S 346 -76.31 23.67 30.70
N CYS S 347 -75.27 23.63 29.86
CA CYS S 347 -73.90 23.64 30.35
C CYS S 347 -73.14 24.82 29.73
N PRO S 348 -73.28 26.04 30.29
CA PRO S 348 -72.77 27.23 29.61
C PRO S 348 -71.25 27.30 29.55
N THR S 349 -70.60 26.95 30.67
CA THR S 349 -69.16 26.72 30.64
C THR S 349 -68.90 25.22 30.48
N GLY S 350 -68.07 24.88 29.50
CA GLY S 350 -67.88 23.49 29.16
C GLY S 350 -66.42 23.11 28.96
N PHE S 351 -65.49 23.92 29.49
CA PHE S 351 -64.08 23.67 29.24
C PHE S 351 -63.31 23.60 30.55
N LYS S 352 -62.38 22.65 30.62
CA LYS S 352 -61.30 22.68 31.59
C LYS S 352 -59.99 22.62 30.83
N CYS S 353 -59.13 23.61 31.05
CA CYS S 353 -57.81 23.51 30.44
C CYS S 353 -56.76 23.27 31.52
N GLY S 354 -55.84 22.34 31.23
CA GLY S 354 -54.65 22.16 32.00
C GLY S 354 -53.38 22.23 31.13
N ILE S 355 -52.35 22.82 31.70
CA ILE S 355 -51.08 23.09 31.03
C ILE S 355 -49.98 22.35 31.78
N ASN S 356 -49.13 21.70 31.01
CA ASN S 356 -47.92 21.05 31.51
C ASN S 356 -46.72 21.59 30.76
N TYR S 357 -45.55 21.58 31.37
CA TYR S 357 -44.40 22.27 30.82
C TYR S 357 -43.62 21.37 29.86
N GLN S 358 -43.56 20.07 30.14
CA GLN S 358 -42.62 19.21 29.41
C GLN S 358 -43.25 18.83 28.07
N PRO S 359 -42.57 19.09 26.94
CA PRO S 359 -43.13 18.73 25.64
C PRO S 359 -43.14 17.22 25.47
N PRO S 360 -44.00 16.68 24.58
CA PRO S 360 -44.02 15.25 24.32
C PRO S 360 -42.71 14.76 23.72
N THR S 361 -42.23 13.61 24.16
CA THR S 361 -41.15 12.91 23.53
C THR S 361 -41.55 12.25 22.18
N VAL S 362 -40.55 12.11 21.37
CA VAL S 362 -40.66 11.31 20.15
C VAL S 362 -39.92 9.99 20.40
N VAL S 363 -40.54 8.92 19.94
CA VAL S 363 -39.87 7.63 19.89
C VAL S 363 -38.91 7.64 18.71
N PRO S 364 -37.65 7.21 18.89
CA PRO S 364 -36.72 7.05 17.77
C PRO S 364 -37.20 6.00 16.79
N GLY S 365 -37.07 6.31 15.49
CA GLY S 365 -37.53 5.46 14.43
C GLY S 365 -39.04 5.41 14.30
N GLY S 366 -39.77 6.25 15.03
CA GLY S 366 -41.20 6.34 14.87
C GLY S 366 -41.57 7.24 13.71
N ASP S 367 -42.84 7.55 13.62
CA ASP S 367 -43.41 8.34 12.56
C ASP S 367 -43.91 9.71 13.08
N LEU S 368 -43.59 10.07 14.34
CA LEU S 368 -44.08 11.37 14.78
C LEU S 368 -42.97 12.34 14.63
N ALA S 369 -43.35 13.64 14.38
CA ALA S 369 -42.33 14.70 14.32
C ALA S 369 -42.22 15.45 15.63
N LYS S 370 -41.02 15.95 15.92
CA LYS S 370 -40.75 16.62 17.19
C LYS S 370 -41.48 17.95 17.23
N VAL S 371 -42.46 18.07 18.16
CA VAL S 371 -43.25 19.28 18.19
C VAL S 371 -43.05 19.94 19.55
N MET S 372 -43.22 21.26 19.59
CA MET S 372 -42.93 22.01 20.80
C MET S 372 -44.16 22.04 21.72
N ARG S 373 -45.35 21.78 21.18
CA ARG S 373 -46.59 21.88 21.92
C ARG S 373 -47.60 20.89 21.36
N ALA S 374 -48.49 20.40 22.24
CA ALA S 374 -49.44 19.38 21.87
C ALA S 374 -50.70 19.51 22.73
N VAL S 375 -51.82 19.06 22.13
CA VAL S 375 -53.11 19.13 22.76
C VAL S 375 -53.75 17.75 22.76
N CYS S 376 -54.24 17.36 23.93
CA CYS S 376 -54.96 16.13 24.10
C CYS S 376 -56.33 16.43 24.65
N MET S 377 -57.38 15.97 23.99
CA MET S 377 -58.75 16.24 24.37
C MET S 377 -59.43 14.95 24.77
N ILE S 378 -60.11 14.96 25.94
CA ILE S 378 -61.10 13.97 26.26
C ILE S 378 -62.44 14.67 26.46
N SER S 379 -63.43 14.28 25.66
CA SER S 379 -64.68 15.02 25.64
C SER S 379 -65.87 14.11 25.82
N ASN S 380 -66.87 14.57 26.57
CA ASN S 380 -68.16 13.92 26.66
C ASN S 380 -69.10 14.65 25.68
N SER S 381 -69.74 13.87 24.82
CA SER S 381 -70.63 14.41 23.82
C SER S 381 -71.81 13.48 23.64
N THR S 382 -72.88 14.01 23.01
CA THR S 382 -74.06 13.21 22.81
C THR S 382 -73.99 12.49 21.46
N ALA S 383 -72.84 12.55 20.78
CA ALA S 383 -72.68 11.80 19.54
C ALA S 383 -72.50 10.30 19.80
N ILE S 384 -72.26 9.92 21.04
CA ILE S 384 -72.14 8.52 21.44
C ILE S 384 -73.46 7.78 21.33
N ALA S 385 -74.54 8.48 21.17
CA ALA S 385 -75.85 7.83 20.90
C ALA S 385 -75.82 7.04 19.60
N GLU S 386 -75.06 7.47 18.64
CA GLU S 386 -74.89 6.87 17.34
C GLU S 386 -74.06 5.59 17.45
N VAL S 387 -73.08 5.58 18.34
CA VAL S 387 -72.17 4.46 18.43
C VAL S 387 -72.87 3.29 19.12
N PHE S 388 -73.87 3.59 19.97
CA PHE S 388 -74.59 2.55 20.64
C PHE S 388 -75.79 2.10 19.85
N SER S 389 -76.43 3.02 19.13
CA SER S 389 -77.66 2.68 18.40
C SER S 389 -77.34 1.83 17.19
N ARG S 390 -76.13 2.03 16.60
CA ARG S 390 -75.72 1.18 15.51
C ARG S 390 -75.34 -0.22 16.05
N MET S 391 -74.78 -0.27 17.25
CA MET S 391 -74.39 -1.53 17.80
C MET S 391 -75.60 -2.36 18.24
N ASP S 392 -76.65 -1.66 18.66
CA ASP S 392 -77.89 -2.28 19.06
C ASP S 392 -78.55 -2.95 17.85
N HIS S 393 -78.43 -2.32 16.71
CA HIS S 393 -78.94 -2.84 15.44
C HIS S 393 -78.18 -4.10 15.02
N LYS S 394 -76.85 -4.14 15.25
CA LYS S 394 -76.07 -5.29 14.94
C LYS S 394 -76.43 -6.50 15.81
N PHE S 395 -76.81 -6.20 17.09
CA PHE S 395 -77.09 -7.29 18.01
C PHE S 395 -78.42 -7.95 17.66
N ASP S 396 -79.44 -7.17 17.50
CA ASP S 396 -80.80 -7.72 17.47
C ASP S 396 -81.08 -8.39 16.15
N LEU S 397 -80.45 -7.94 15.06
CA LEU S 397 -80.52 -8.66 13.78
C LEU S 397 -79.81 -10.00 13.86
N MET S 398 -78.72 -10.09 14.57
CA MET S 398 -78.05 -11.35 14.85
C MET S 398 -78.84 -12.21 15.84
N TYR S 399 -79.42 -11.60 16.82
CA TYR S 399 -80.26 -12.21 17.83
C TYR S 399 -81.63 -12.54 17.38
N ALA S 400 -82.02 -12.10 16.20
CA ALA S 400 -83.36 -12.26 15.62
C ALA S 400 -83.80 -13.72 15.61
N LYS S 401 -82.88 -14.60 15.25
CA LYS S 401 -83.16 -16.03 15.27
C LYS S 401 -82.07 -16.81 16.00
N ARG S 402 -81.57 -16.20 17.05
CA ARG S 402 -80.72 -16.83 18.06
C ARG S 402 -79.48 -17.47 17.47
N ALA S 403 -78.77 -16.71 16.64
CA ALA S 403 -77.53 -17.19 16.06
C ALA S 403 -76.40 -17.10 17.10
N PHE S 404 -75.55 -18.12 17.09
CA PHE S 404 -74.36 -18.24 17.93
C PHE S 404 -74.71 -18.30 19.41
N VAL S 405 -75.96 -18.56 19.78
CA VAL S 405 -76.36 -18.44 21.17
C VAL S 405 -75.95 -19.68 21.97
N HIS S 406 -75.91 -20.85 21.31
CA HIS S 406 -75.66 -22.10 22.00
C HIS S 406 -74.23 -22.18 22.51
N TRP S 407 -73.31 -21.40 21.91
CA TRP S 407 -71.97 -21.32 22.46
C TRP S 407 -71.92 -20.55 23.76
N TYR S 408 -72.81 -19.56 23.91
CA TYR S 408 -72.83 -18.79 25.15
C TYR S 408 -73.62 -19.50 26.24
N VAL S 409 -74.72 -20.10 25.88
CA VAL S 409 -75.55 -20.87 26.77
C VAL S 409 -74.85 -22.11 27.28
N GLY S 410 -74.10 -22.76 26.41
CA GLY S 410 -73.43 -24.01 26.80
C GLY S 410 -72.22 -23.76 27.69
N GLU S 411 -71.72 -22.52 27.68
CA GLU S 411 -70.50 -22.18 28.42
C GLU S 411 -70.77 -21.71 29.84
N GLY S 412 -71.99 -21.33 30.13
CA GLY S 412 -72.38 -21.04 31.51
C GLY S 412 -73.34 -19.88 31.68
N MET S 413 -73.58 -19.10 30.63
CA MET S 413 -74.51 -18.00 30.72
C MET S 413 -75.94 -18.50 30.58
N GLU S 414 -76.86 -17.72 31.14
CA GLU S 414 -78.28 -18.10 31.08
C GLU S 414 -78.93 -17.38 29.90
N GLU S 415 -79.74 -18.14 29.12
CA GLU S 415 -80.43 -17.53 28.02
C GLU S 415 -81.47 -16.58 28.57
N GLY S 416 -81.36 -15.29 28.06
CA GLY S 416 -82.23 -14.29 28.63
C GLY S 416 -81.47 -13.20 29.36
N GLU S 417 -80.23 -13.52 29.73
CA GLU S 417 -79.31 -12.51 30.21
C GLU S 417 -78.94 -11.48 29.13
N PHE S 418 -78.99 -11.98 27.89
CA PHE S 418 -78.94 -11.17 26.68
C PHE S 418 -80.08 -10.18 26.65
N SER S 419 -81.26 -10.53 27.09
CA SER S 419 -82.39 -9.64 27.06
C SER S 419 -82.22 -8.43 28.02
N GLU S 420 -81.74 -8.72 29.22
CA GLU S 420 -81.57 -7.60 30.16
C GLU S 420 -80.38 -6.78 29.82
N ALA S 421 -79.34 -7.33 29.20
CA ALA S 421 -78.22 -6.51 28.73
C ALA S 421 -78.70 -5.55 27.59
N ARG S 422 -79.62 -6.04 26.78
CA ARG S 422 -80.14 -5.26 25.68
C ARG S 422 -80.99 -4.10 26.19
N GLU S 423 -81.83 -4.36 27.17
CA GLU S 423 -82.69 -3.33 27.75
C GLU S 423 -81.85 -2.30 28.54
N ASP S 424 -80.71 -2.75 29.08
CA ASP S 424 -79.82 -1.82 29.74
C ASP S 424 -79.19 -0.86 28.71
N LEU S 425 -78.79 -1.41 27.57
CA LEU S 425 -78.27 -0.56 26.50
C LEU S 425 -79.36 0.30 25.90
N ALA S 426 -80.61 -0.16 25.88
CA ALA S 426 -81.73 0.65 25.47
C ALA S 426 -81.94 1.83 26.42
N ALA S 427 -81.72 1.63 27.70
CA ALA S 427 -81.81 2.69 28.68
C ALA S 427 -80.69 3.72 28.47
N LEU S 428 -79.51 3.23 28.04
CA LEU S 428 -78.41 4.14 27.77
C LEU S 428 -78.67 4.96 26.50
N GLU S 429 -79.34 4.38 25.53
CA GLU S 429 -79.86 5.08 24.35
C GLU S 429 -80.79 6.26 24.71
N LYS S 430 -81.71 5.94 25.54
CA LYS S 430 -82.88 6.84 25.77
C LYS S 430 -82.42 8.01 26.64
N ASP S 431 -81.45 7.80 27.50
CA ASP S 431 -81.00 8.86 28.41
C ASP S 431 -80.21 9.92 27.64
N TYR S 432 -79.41 9.52 26.65
CA TYR S 432 -78.72 10.42 25.76
C TYR S 432 -79.68 11.27 24.93
N GLU S 433 -80.80 10.68 24.51
CA GLU S 433 -81.78 11.41 23.75
C GLU S 433 -82.52 12.42 24.62
N GLU S 434 -82.76 12.08 25.89
CA GLU S 434 -83.47 12.93 26.81
C GLU S 434 -82.60 14.12 27.25
N VAL S 435 -81.29 13.93 27.30
CA VAL S 435 -80.40 14.99 27.73
C VAL S 435 -80.24 16.05 26.65
N GLY S 436 -80.28 15.65 25.39
CA GLY S 436 -80.01 16.50 24.26
C GLY S 436 -81.15 17.46 23.89
N ILE S 437 -82.29 17.40 24.57
CA ILE S 437 -83.41 18.27 24.23
C ILE S 437 -83.26 19.69 24.82
N MET T 1 -20.21 -22.43 80.41
CA MET T 1 -20.67 -21.09 80.03
C MET T 1 -22.19 -21.16 79.81
N ARG T 2 -22.63 -20.74 78.62
CA ARG T 2 -24.01 -20.98 78.21
C ARG T 2 -23.95 -22.05 77.14
N GLU T 3 -24.31 -23.29 77.48
CA GLU T 3 -24.05 -24.38 76.50
C GLU T 3 -25.29 -25.22 76.31
N VAL T 4 -25.50 -25.71 75.07
CA VAL T 4 -26.66 -26.51 74.77
C VAL T 4 -26.25 -27.82 74.10
N ILE T 5 -26.97 -28.89 74.45
CA ILE T 5 -26.65 -30.22 74.00
C ILE T 5 -27.65 -30.64 72.94
N SER T 6 -27.15 -31.01 71.75
CA SER T 6 -28.01 -31.43 70.68
C SER T 6 -28.03 -32.95 70.58
N ILE T 7 -29.25 -33.52 70.49
CA ILE T 7 -29.42 -34.94 70.33
C ILE T 7 -30.11 -35.16 68.97
N HIS T 8 -29.52 -36.04 68.18
CA HIS T 8 -30.10 -36.43 66.91
C HIS T 8 -30.41 -37.92 66.92
N VAL T 9 -31.69 -38.25 66.83
CA VAL T 9 -32.14 -39.63 66.86
C VAL T 9 -32.91 -39.92 65.59
N GLY T 10 -32.56 -41.05 64.97
CA GLY T 10 -33.19 -41.47 63.73
C GLY T 10 -32.49 -40.97 62.50
N GLN T 11 -32.90 -41.43 61.34
CA GLN T 11 -32.27 -41.04 60.07
C GLN T 11 -32.57 -39.58 59.76
N ALA T 12 -33.80 -39.13 60.03
CA ALA T 12 -34.16 -37.75 59.85
C ALA T 12 -33.37 -36.84 60.75
N GLY T 13 -33.19 -37.28 62.00
CA GLY T 13 -32.41 -36.51 62.96
C GLY T 13 -30.94 -36.35 62.51
N ILE T 14 -30.38 -37.43 61.98
CA ILE T 14 -28.98 -37.43 61.60
C ILE T 14 -28.76 -36.51 60.39
N GLN T 15 -29.62 -36.65 59.38
CA GLN T 15 -29.41 -35.88 58.16
C GLN T 15 -29.75 -34.41 58.33
N ILE T 16 -30.69 -34.10 59.21
CA ILE T 16 -30.93 -32.70 59.59
C ILE T 16 -29.72 -32.20 60.38
N GLY T 17 -29.18 -33.05 61.26
CA GLY T 17 -28.02 -32.68 62.05
C GLY T 17 -26.76 -32.51 61.19
N ASN T 18 -26.68 -33.21 60.07
CA ASN T 18 -25.57 -33.04 59.16
C ASN T 18 -25.56 -31.63 58.57
N ALA T 19 -26.77 -31.14 58.22
CA ALA T 19 -26.91 -29.82 57.67
C ALA T 19 -26.73 -28.77 58.76
N CYS T 20 -27.16 -29.09 60.01
CA CYS T 20 -27.06 -28.08 61.05
C CYS T 20 -25.59 -27.89 61.47
N TRP T 21 -24.85 -28.98 61.50
CA TRP T 21 -23.45 -28.91 61.91
C TRP T 21 -22.54 -28.45 60.80
N GLU T 22 -22.99 -28.46 59.55
CA GLU T 22 -22.28 -27.80 58.47
C GLU T 22 -22.36 -26.28 58.66
N LEU T 23 -23.55 -25.83 59.01
CA LEU T 23 -23.82 -24.38 59.10
C LEU T 23 -23.10 -23.80 60.31
N PHE T 24 -23.11 -24.51 61.43
CA PHE T 24 -22.51 -24.02 62.66
C PHE T 24 -20.99 -23.93 62.56
N CYS T 25 -20.40 -24.85 61.79
CA CYS T 25 -18.96 -24.84 61.57
C CYS T 25 -18.58 -23.66 60.69
N LEU T 26 -19.39 -23.35 59.70
CA LEU T 26 -19.05 -22.28 58.77
C LEU T 26 -19.29 -20.90 59.40
N GLU T 27 -20.27 -20.82 60.31
CA GLU T 27 -20.59 -19.55 60.93
C GLU T 27 -19.54 -19.13 61.94
N HIS T 28 -18.97 -20.09 62.65
CA HIS T 28 -17.88 -19.82 63.57
C HIS T 28 -16.51 -19.96 62.94
N GLY T 29 -16.47 -20.35 61.66
CA GLY T 29 -15.24 -20.37 60.88
C GLY T 29 -14.29 -21.48 61.31
N ILE T 30 -14.82 -22.63 61.74
CA ILE T 30 -13.95 -23.75 62.01
C ILE T 30 -13.97 -24.66 60.79
N GLN T 31 -12.82 -25.29 60.52
CA GLN T 31 -12.66 -26.19 59.40
C GLN T 31 -13.28 -27.53 59.73
N PRO T 32 -13.59 -28.40 58.74
CA PRO T 32 -13.93 -29.78 59.00
C PRO T 32 -12.99 -30.60 59.87
N ASP T 33 -11.72 -30.18 59.99
CA ASP T 33 -10.84 -30.86 60.92
C ASP T 33 -11.28 -30.53 62.36
N GLY T 34 -11.66 -29.27 62.61
CA GLY T 34 -12.13 -28.88 63.91
C GLY T 34 -11.36 -27.71 64.49
N GLN T 35 -10.29 -27.26 63.82
CA GLN T 35 -9.50 -26.18 64.39
C GLN T 35 -9.56 -24.97 63.44
N MET T 36 -9.77 -23.80 64.03
CA MET T 36 -9.94 -22.62 63.22
C MET T 36 -8.59 -21.99 62.94
N PRO T 37 -8.38 -21.36 61.76
CA PRO T 37 -7.27 -20.41 61.59
C PRO T 37 -7.67 -19.02 62.17
N ASP T 47 -14.99 -16.54 72.11
CA ASP T 47 -15.67 -17.53 72.98
C ASP T 47 -17.17 -17.49 72.69
N ALA T 48 -17.52 -17.02 71.50
CA ALA T 48 -18.89 -17.05 71.00
C ALA T 48 -19.31 -18.47 70.58
N PHE T 49 -18.33 -19.29 70.22
CA PHE T 49 -18.58 -20.64 69.74
C PHE T 49 -18.74 -21.66 70.87
N ASN T 50 -18.67 -21.22 72.12
CA ASN T 50 -18.69 -22.09 73.27
C ASN T 50 -20.06 -22.74 73.47
N THR T 51 -21.09 -22.20 72.87
CA THR T 51 -22.43 -22.73 73.07
C THR T 51 -22.68 -24.01 72.29
N PHE T 52 -21.85 -24.26 71.27
CA PHE T 52 -22.02 -25.40 70.37
C PHE T 52 -20.77 -26.26 70.31
N PHE T 53 -19.60 -25.71 70.66
CA PHE T 53 -18.35 -26.40 70.51
C PHE T 53 -17.62 -26.41 71.82
N SER T 54 -16.87 -27.50 72.07
CA SER T 54 -16.03 -27.60 73.23
C SER T 54 -14.61 -27.24 72.82
N GLU T 55 -13.66 -27.41 73.75
CA GLU T 55 -12.27 -27.14 73.56
C GLU T 55 -11.51 -28.45 73.74
N THR T 56 -10.62 -28.72 72.78
CA THR T 56 -9.76 -29.89 72.87
C THR T 56 -8.35 -29.45 72.51
N GLY T 57 -7.62 -28.96 73.53
CA GLY T 57 -6.16 -28.87 73.49
C GLY T 57 -5.67 -27.81 72.52
N ALA T 58 -4.91 -28.28 71.46
CA ALA T 58 -4.38 -27.35 70.49
C ALA T 58 -5.44 -26.96 69.45
N GLY T 59 -6.38 -26.12 69.85
CA GLY T 59 -7.22 -25.32 68.99
C GLY T 59 -8.37 -26.09 68.38
N LYS T 60 -8.53 -27.38 68.68
CA LYS T 60 -9.65 -28.12 68.12
C LYS T 60 -10.93 -27.83 68.88
N HIS T 61 -12.04 -27.74 68.15
CA HIS T 61 -13.33 -27.58 68.77
C HIS T 61 -14.25 -28.70 68.27
N VAL T 62 -14.77 -29.46 69.23
CA VAL T 62 -15.54 -30.65 68.99
C VAL T 62 -17.00 -30.43 69.40
N PRO T 63 -17.95 -30.85 68.54
CA PRO T 63 -19.33 -30.48 68.73
C PRO T 63 -19.97 -31.14 69.95
N ARG T 64 -20.98 -30.44 70.48
CA ARG T 64 -21.66 -30.89 71.69
C ARG T 64 -22.92 -31.66 71.29
N CYS T 65 -22.75 -32.77 70.56
CA CYS T 65 -23.83 -33.46 69.94
C CYS T 65 -23.64 -34.97 70.08
N VAL T 66 -24.76 -35.68 70.02
CA VAL T 66 -24.76 -37.12 69.95
C VAL T 66 -25.61 -37.54 68.75
N PHE T 67 -25.10 -38.55 68.03
CA PHE T 67 -25.83 -39.20 66.97
C PHE T 67 -26.28 -40.56 67.42
N LEU T 68 -27.59 -40.81 67.34
CA LEU T 68 -28.16 -42.10 67.66
C LEU T 68 -28.94 -42.62 66.45
N ASP T 69 -28.59 -43.82 66.01
CA ASP T 69 -29.51 -44.59 65.17
C ASP T 69 -29.19 -46.08 65.40
N LEU T 70 -30.23 -46.89 65.32
CA LEU T 70 -30.10 -48.32 65.50
C LEU T 70 -29.57 -49.00 64.21
N GLU T 71 -29.72 -48.39 63.07
CA GLU T 71 -29.23 -48.94 61.85
C GLU T 71 -27.87 -48.30 61.52
N PRO T 72 -26.88 -49.09 61.10
CA PRO T 72 -25.54 -48.55 60.92
C PRO T 72 -25.33 -47.75 59.65
N THR T 73 -26.26 -47.86 58.68
CA THR T 73 -26.01 -47.39 57.34
C THR T 73 -26.02 -45.86 57.24
N VAL T 74 -26.52 -45.13 58.27
CA VAL T 74 -26.46 -43.68 58.15
C VAL T 74 -25.33 -43.12 59.03
N VAL T 75 -25.00 -43.81 60.12
CA VAL T 75 -24.04 -43.25 61.04
C VAL T 75 -22.61 -43.67 60.71
N ASP T 76 -22.44 -44.86 60.12
CA ASP T 76 -21.12 -45.25 59.67
C ASP T 76 -20.72 -44.42 58.43
N GLU T 77 -21.71 -43.99 57.66
CA GLU T 77 -21.51 -43.21 56.48
C GLU T 77 -21.12 -41.78 56.84
N VAL T 78 -21.45 -41.31 58.04
CA VAL T 78 -20.92 -40.06 58.53
C VAL T 78 -19.46 -40.25 58.95
N ARG T 79 -19.15 -41.41 59.52
CA ARG T 79 -17.80 -41.70 59.98
C ARG T 79 -16.84 -41.83 58.79
N THR T 80 -17.36 -42.13 57.59
CA THR T 80 -16.53 -42.28 56.42
C THR T 80 -16.58 -41.07 55.49
N GLY T 81 -17.51 -40.14 55.76
CA GLY T 81 -17.66 -38.94 54.96
C GLY T 81 -16.68 -37.86 55.34
N THR T 82 -17.02 -36.60 55.00
CA THR T 82 -16.07 -35.50 55.02
C THR T 82 -15.74 -35.09 56.47
N TYR T 83 -16.74 -35.16 57.35
CA TYR T 83 -16.59 -34.76 58.73
C TYR T 83 -16.21 -35.99 59.57
N ARG T 84 -15.05 -36.56 59.28
CA ARG T 84 -14.64 -37.74 60.03
C ARG T 84 -14.07 -37.30 61.40
N HIS T 85 -13.23 -36.27 61.38
CA HIS T 85 -12.47 -35.95 62.58
C HIS T 85 -13.09 -34.81 63.39
N LEU T 86 -14.22 -34.29 62.88
CA LEU T 86 -14.89 -33.23 63.62
C LEU T 86 -15.56 -33.83 64.85
N PHE T 87 -16.24 -34.96 64.67
CA PHE T 87 -16.96 -35.58 65.75
C PHE T 87 -16.07 -36.51 66.55
N HIS T 88 -16.35 -36.57 67.85
CA HIS T 88 -15.75 -37.58 68.70
C HIS T 88 -16.22 -38.94 68.27
N PRO T 89 -15.34 -39.95 68.19
CA PRO T 89 -15.74 -41.26 67.67
C PRO T 89 -16.87 -41.97 68.40
N GLU T 90 -17.03 -41.71 69.70
CA GLU T 90 -18.15 -42.39 70.38
C GLU T 90 -19.23 -41.38 70.71
N GLN T 91 -19.24 -40.23 70.08
CA GLN T 91 -20.46 -39.41 70.02
C GLN T 91 -21.40 -39.91 68.92
N LEU T 92 -20.96 -40.81 68.07
CA LEU T 92 -21.74 -41.39 67.00
C LEU T 92 -22.00 -42.82 67.42
N ILE T 93 -23.18 -43.07 67.96
CA ILE T 93 -23.56 -44.38 68.48
C ILE T 93 -24.44 -45.08 67.44
N SER T 94 -24.07 -46.30 67.11
CA SER T 94 -24.78 -47.10 66.12
C SER T 94 -25.14 -48.45 66.70
N GLY T 95 -26.33 -48.95 66.36
CA GLY T 95 -26.76 -50.26 66.78
C GLY T 95 -26.39 -51.33 65.76
N LYS T 96 -27.17 -52.41 65.75
CA LYS T 96 -26.93 -53.52 64.85
C LYS T 96 -28.05 -53.71 63.86
N GLU T 97 -29.30 -53.64 64.30
CA GLU T 97 -30.45 -53.78 63.40
C GLU T 97 -31.37 -52.60 63.57
N ASP T 98 -32.05 -52.21 62.46
CA ASP T 98 -32.95 -51.06 62.49
C ASP T 98 -34.19 -51.35 63.32
N ALA T 99 -34.86 -50.31 63.79
CA ALA T 99 -36.16 -50.47 64.46
C ALA T 99 -37.27 -50.87 63.47
N ALA T 100 -37.08 -50.51 62.17
CA ALA T 100 -37.94 -50.93 61.09
C ALA T 100 -39.41 -50.52 61.32
N ASN T 101 -39.62 -49.21 61.41
CA ASN T 101 -40.93 -48.58 61.42
C ASN T 101 -41.83 -49.11 62.52
N ASN T 102 -41.23 -49.58 63.60
CA ASN T 102 -42.01 -50.19 64.67
C ASN T 102 -41.70 -49.45 65.95
N PHE T 103 -42.73 -48.85 66.54
CA PHE T 103 -42.58 -48.18 67.81
C PHE T 103 -42.20 -49.17 68.91
N ALA T 104 -42.78 -50.34 68.87
CA ALA T 104 -42.54 -51.35 69.90
C ALA T 104 -41.10 -51.86 69.84
N ARG T 105 -40.51 -51.92 68.66
CA ARG T 105 -39.16 -52.40 68.53
C ARG T 105 -38.17 -51.38 69.13
N GLY T 106 -38.40 -50.11 68.82
CA GLY T 106 -37.49 -49.05 69.24
C GLY T 106 -37.60 -48.75 70.75
N HIS T 107 -38.70 -49.14 71.36
CA HIS T 107 -38.98 -48.81 72.73
C HIS T 107 -38.70 -49.96 73.69
N TYR T 108 -38.95 -51.21 73.28
CA TYR T 108 -38.89 -52.33 74.21
C TYR T 108 -37.74 -53.28 73.92
N THR T 109 -37.55 -53.68 72.67
CA THR T 109 -36.70 -54.83 72.43
C THR T 109 -35.25 -54.42 72.18
N ILE T 110 -35.04 -53.64 71.13
CA ILE T 110 -33.68 -53.35 70.70
C ILE T 110 -33.26 -51.97 71.16
N GLY T 111 -34.21 -51.14 71.61
CA GLY T 111 -33.88 -49.78 72.02
C GLY T 111 -33.02 -49.68 73.31
N LYS T 112 -33.27 -50.64 74.18
CA LYS T 112 -32.76 -50.62 75.55
C LYS T 112 -31.26 -50.93 75.61
N GLU T 113 -30.71 -51.59 74.56
CA GLU T 113 -29.30 -51.91 74.59
C GLU T 113 -28.40 -50.72 74.26
N ILE T 114 -28.95 -49.68 73.67
CA ILE T 114 -28.10 -48.56 73.26
C ILE T 114 -28.43 -47.30 74.04
N VAL T 115 -29.51 -47.29 74.80
CA VAL T 115 -29.88 -46.16 75.64
C VAL T 115 -28.84 -45.98 76.75
N ASP T 116 -28.32 -47.08 77.30
CA ASP T 116 -27.31 -46.98 78.34
C ASP T 116 -26.04 -46.33 77.85
N LEU T 117 -25.65 -46.63 76.62
CA LEU T 117 -24.49 -45.99 76.00
C LEU T 117 -24.78 -44.54 75.68
N SER T 118 -26.03 -44.20 75.38
CA SER T 118 -26.40 -42.84 75.05
C SER T 118 -26.37 -41.95 76.28
N LEU T 119 -26.88 -42.46 77.41
CA LEU T 119 -26.91 -41.71 78.65
C LEU T 119 -25.51 -41.49 79.20
N ASP T 120 -24.60 -42.41 78.94
CA ASP T 120 -23.23 -42.26 79.39
C ASP T 120 -22.55 -41.10 78.65
N ARG T 121 -22.86 -40.96 77.36
CA ARG T 121 -22.27 -39.90 76.56
C ARG T 121 -22.86 -38.55 76.96
N ILE T 122 -24.17 -38.53 77.23
CA ILE T 122 -24.83 -37.29 77.60
C ILE T 122 -24.35 -36.80 78.96
N ARG T 123 -24.12 -37.74 79.89
CA ARG T 123 -23.65 -37.39 81.22
C ARG T 123 -22.25 -36.81 81.18
N LYS T 124 -21.38 -37.39 80.35
CA LYS T 124 -20.03 -36.91 80.25
C LYS T 124 -19.97 -35.56 79.58
N LEU T 125 -20.93 -35.29 78.70
CA LEU T 125 -20.95 -34.03 77.96
C LEU T 125 -21.63 -32.93 78.77
N ALA T 126 -22.46 -33.30 79.75
CA ALA T 126 -23.17 -32.31 80.55
C ALA T 126 -22.39 -31.92 81.81
N ASP T 127 -21.48 -32.77 82.26
CA ASP T 127 -20.72 -32.52 83.47
C ASP T 127 -19.41 -31.84 83.23
N ASN T 128 -19.15 -31.41 81.98
CA ASN T 128 -17.92 -30.68 81.68
C ASN T 128 -17.96 -29.29 82.33
N CYS T 129 -19.09 -28.61 82.23
CA CYS T 129 -19.35 -27.32 82.83
C CYS T 129 -20.79 -27.29 83.33
N THR T 130 -21.04 -26.48 84.36
CA THR T 130 -22.37 -26.12 84.76
C THR T 130 -22.93 -25.03 83.86
N GLY T 131 -24.15 -24.60 84.14
CA GLY T 131 -24.83 -23.59 83.34
C GLY T 131 -25.31 -24.16 82.01
N LEU T 132 -25.64 -25.47 82.04
CA LEU T 132 -26.24 -26.12 80.87
C LEU T 132 -27.60 -25.51 80.60
N GLN T 133 -27.76 -24.93 79.41
CA GLN T 133 -28.95 -24.18 79.11
C GLN T 133 -30.15 -25.07 78.86
N GLY T 134 -29.95 -26.13 78.09
CA GLY T 134 -31.06 -26.95 77.64
C GLY T 134 -30.62 -28.03 76.66
N PHE T 135 -31.62 -28.80 76.20
CA PHE T 135 -31.38 -29.90 75.26
C PHE T 135 -32.22 -29.71 74.00
N LEU T 136 -31.60 -29.92 72.86
CA LEU T 136 -32.28 -29.85 71.57
C LEU T 136 -32.35 -31.26 70.98
N MET T 137 -33.57 -31.71 70.62
CA MET T 137 -33.75 -33.03 70.08
C MET T 137 -34.30 -32.92 68.65
N PHE T 138 -33.69 -33.67 67.71
CA PHE T 138 -34.21 -33.77 66.38
C PHE T 138 -34.62 -35.20 66.08
N ASN T 139 -35.88 -35.43 65.71
CA ASN T 139 -36.32 -36.77 65.46
C ASN T 139 -37.48 -36.80 64.48
N ALA T 140 -37.72 -38.01 63.93
CA ALA T 140 -38.84 -38.20 63.04
C ALA T 140 -39.93 -38.92 63.80
N VAL T 141 -41.15 -38.34 63.83
CA VAL T 141 -42.24 -38.99 64.54
C VAL T 141 -42.79 -40.21 63.78
N GLY T 142 -42.68 -40.16 62.46
CA GLY T 142 -43.24 -41.22 61.63
C GLY T 142 -42.33 -42.43 61.50
N GLY T 143 -41.07 -42.31 61.94
CA GLY T 143 -40.14 -43.42 61.83
C GLY T 143 -40.20 -44.35 63.02
N GLY T 144 -39.32 -45.36 63.00
CA GLY T 144 -39.27 -46.33 64.09
C GLY T 144 -38.41 -45.85 65.25
N THR T 145 -37.12 -45.63 64.98
CA THR T 145 -36.19 -45.32 66.05
C THR T 145 -36.33 -43.86 66.47
N GLY T 146 -36.78 -42.99 65.59
CA GLY T 146 -36.95 -41.58 65.92
C GLY T 146 -38.11 -41.39 66.90
N SER T 147 -39.12 -42.28 66.84
CA SER T 147 -40.19 -42.24 67.81
C SER T 147 -39.88 -43.13 69.03
N GLY T 148 -39.39 -44.34 68.77
CA GLY T 148 -39.20 -45.36 69.80
C GLY T 148 -38.08 -45.00 70.77
N LEU T 149 -36.91 -44.80 70.24
CA LEU T 149 -35.72 -44.46 71.04
C LEU T 149 -35.87 -43.03 71.57
N GLY T 150 -36.58 -42.18 70.86
CA GLY T 150 -36.80 -40.81 71.30
C GLY T 150 -37.60 -40.78 72.61
N CYS T 151 -38.61 -41.64 72.72
CA CYS T 151 -39.42 -41.69 73.91
C CYS T 151 -38.60 -42.20 75.09
N LEU T 152 -37.80 -43.26 74.86
CA LEU T 152 -36.98 -43.79 75.94
C LEU T 152 -35.95 -42.76 76.43
N LEU T 153 -35.43 -41.97 75.49
CA LEU T 153 -34.40 -41.01 75.85
C LEU T 153 -35.00 -39.84 76.57
N LEU T 154 -36.22 -39.44 76.25
CA LEU T 154 -36.88 -38.37 76.98
C LEU T 154 -37.29 -38.81 78.40
N GLU T 155 -37.66 -40.10 78.55
CA GLU T 155 -37.99 -40.60 79.85
C GLU T 155 -36.78 -40.60 80.78
N ARG T 156 -35.63 -41.02 80.24
CA ARG T 156 -34.42 -41.14 81.02
C ARG T 156 -33.83 -39.75 81.30
N LEU T 157 -34.03 -38.80 80.41
CA LEU T 157 -33.51 -37.47 80.61
C LEU T 157 -34.33 -36.70 81.60
N SER T 158 -35.63 -36.93 81.62
CA SER T 158 -36.53 -36.17 82.51
C SER T 158 -36.30 -36.56 83.97
N VAL T 159 -35.93 -37.82 84.22
CA VAL T 159 -35.71 -38.26 85.58
C VAL T 159 -34.38 -37.75 86.11
N ASP T 160 -33.35 -37.64 85.29
CA ASP T 160 -32.04 -37.22 85.76
C ASP T 160 -31.91 -35.69 85.77
N TYR T 161 -32.10 -35.10 84.61
CA TYR T 161 -32.00 -33.64 84.46
C TYR T 161 -33.41 -33.05 84.42
N GLY T 162 -33.98 -32.91 85.62
CA GLY T 162 -35.40 -32.57 85.76
C GLY T 162 -35.71 -31.12 85.35
N LYS T 163 -34.83 -30.20 85.74
CA LYS T 163 -35.14 -28.78 85.66
C LYS T 163 -34.85 -28.17 84.25
N LYS T 164 -34.08 -28.90 83.48
CA LYS T 164 -33.59 -28.35 82.23
C LYS T 164 -34.62 -28.43 81.12
N SER T 165 -34.60 -27.43 80.25
CA SER T 165 -35.57 -27.29 79.16
C SER T 165 -35.24 -28.32 78.07
N LYS T 166 -36.30 -28.88 77.47
CA LYS T 166 -36.17 -29.77 76.35
C LYS T 166 -36.92 -29.24 75.12
N LEU T 167 -36.16 -28.76 74.14
CA LEU T 167 -36.77 -28.34 72.89
C LEU T 167 -36.73 -29.48 71.87
N ASN T 168 -37.84 -29.69 71.18
CA ASN T 168 -37.96 -30.81 70.26
C ASN T 168 -38.32 -30.26 68.89
N PHE T 169 -37.69 -30.81 67.85
CA PHE T 169 -37.99 -30.42 66.47
C PHE T 169 -38.40 -31.68 65.72
N CYS T 170 -39.70 -31.91 65.69
CA CYS T 170 -40.26 -33.15 65.20
C CYS T 170 -40.67 -33.01 63.74
N SER T 171 -40.18 -33.92 62.89
CA SER T 171 -40.57 -33.98 61.51
C SER T 171 -41.88 -34.74 61.36
N TRP T 172 -42.97 -34.00 61.58
CA TRP T 172 -44.32 -34.52 61.65
C TRP T 172 -44.71 -35.03 60.23
N PRO T 173 -45.50 -36.09 60.15
CA PRO T 173 -46.00 -36.54 58.85
C PRO T 173 -46.96 -35.57 58.21
N SER T 174 -46.92 -35.46 56.90
CA SER T 174 -47.78 -34.58 56.11
C SER T 174 -49.19 -35.16 56.01
N PRO T 175 -50.22 -34.31 55.83
CA PRO T 175 -51.58 -34.82 55.65
C PRO T 175 -51.79 -35.69 54.41
N GLN T 176 -51.12 -35.34 53.26
CA GLN T 176 -51.28 -36.23 52.12
C GLN T 176 -50.11 -37.22 51.93
N VAL T 177 -48.88 -36.70 51.95
CA VAL T 177 -47.76 -37.58 51.60
C VAL T 177 -47.16 -38.11 52.88
N SER T 178 -46.97 -39.43 53.04
CA SER T 178 -46.57 -40.00 54.29
C SER T 178 -45.41 -40.96 54.14
N THR T 179 -45.33 -41.75 53.04
CA THR T 179 -44.33 -42.76 52.79
C THR T 179 -44.36 -43.85 53.87
N ALA T 180 -45.51 -43.98 54.59
CA ALA T 180 -45.71 -45.06 55.51
C ALA T 180 -47.19 -45.38 55.62
N VAL T 181 -47.50 -46.64 55.88
CA VAL T 181 -48.84 -46.98 56.37
C VAL T 181 -48.82 -47.19 57.88
N VAL T 182 -47.64 -47.36 58.47
CA VAL T 182 -47.56 -47.55 59.91
C VAL T 182 -47.34 -46.20 60.61
N GLU T 183 -47.25 -45.12 59.80
CA GLU T 183 -47.00 -43.83 60.43
C GLU T 183 -48.17 -43.29 61.27
N PRO T 184 -49.47 -43.55 60.99
CA PRO T 184 -50.50 -43.16 61.95
C PRO T 184 -50.35 -43.83 63.32
N TYR T 185 -49.84 -45.06 63.33
CA TYR T 185 -49.62 -45.74 64.58
C TYR T 185 -48.44 -45.14 65.35
N ASN T 186 -47.37 -44.81 64.61
CA ASN T 186 -46.20 -44.26 65.26
C ASN T 186 -46.45 -42.86 65.77
N SER T 187 -47.31 -42.10 65.11
CA SER T 187 -47.55 -40.72 65.47
C SER T 187 -48.35 -40.58 66.77
N VAL T 188 -49.41 -41.41 66.88
CA VAL T 188 -50.26 -41.36 68.04
C VAL T 188 -49.55 -41.91 69.27
N LEU T 189 -48.72 -42.90 69.07
CA LEU T 189 -47.95 -43.51 70.15
C LEU T 189 -46.86 -42.58 70.67
N SER T 190 -46.33 -41.75 69.80
CA SER T 190 -45.27 -40.84 70.18
C SER T 190 -45.81 -39.62 70.89
N THR T 191 -47.00 -39.19 70.51
CA THR T 191 -47.63 -38.01 71.10
C THR T 191 -47.93 -38.22 72.60
N HIS T 192 -48.21 -39.45 72.98
CA HIS T 192 -48.36 -39.83 74.37
C HIS T 192 -47.11 -39.64 75.12
N SER T 193 -45.97 -39.90 74.52
CA SER T 193 -44.65 -39.69 75.18
C SER T 193 -44.19 -38.21 75.22
N LEU T 194 -44.50 -37.44 74.18
CA LEU T 194 -43.92 -36.08 74.14
C LEU T 194 -44.91 -35.00 74.61
N LEU T 195 -46.04 -35.45 75.17
CA LEU T 195 -46.88 -34.55 75.96
C LEU T 195 -46.20 -34.22 77.30
N GLU T 196 -45.73 -35.27 77.97
CA GLU T 196 -45.38 -35.04 79.41
C GLU T 196 -43.89 -35.02 79.59
N HIS T 197 -43.12 -34.98 78.56
CA HIS T 197 -41.65 -35.01 78.70
C HIS T 197 -40.98 -33.87 77.93
N THR T 198 -41.60 -33.50 76.78
CA THR T 198 -41.02 -32.46 75.97
C THR T 198 -41.58 -31.13 76.43
N ASP T 199 -40.73 -30.12 76.50
CA ASP T 199 -41.16 -28.83 77.06
C ASP T 199 -41.76 -27.92 75.98
N VAL T 200 -41.09 -27.86 74.83
CA VAL T 200 -41.57 -27.11 73.68
C VAL T 200 -41.23 -27.93 72.45
N ALA T 201 -42.27 -28.24 71.64
CA ALA T 201 -42.14 -28.97 70.42
C ALA T 201 -42.55 -28.07 69.24
N VAL T 202 -41.67 -28.03 68.25
CA VAL T 202 -41.87 -27.26 67.03
C VAL T 202 -42.13 -28.27 65.91
N MET T 203 -43.21 -27.99 65.18
CA MET T 203 -43.83 -28.96 64.28
C MET T 203 -43.29 -28.66 62.87
N LEU T 204 -42.62 -29.67 62.28
CA LEU T 204 -42.02 -29.49 60.97
C LEU T 204 -42.69 -30.44 60.00
N ASP T 205 -43.09 -29.93 58.84
CA ASP T 205 -43.74 -30.81 57.86
C ASP T 205 -42.92 -30.81 56.58
N ASN T 206 -42.84 -31.99 55.92
CA ASN T 206 -41.93 -32.12 54.81
C ASN T 206 -42.47 -31.48 53.53
N GLU T 207 -43.75 -31.70 53.27
CA GLU T 207 -44.30 -31.18 52.02
C GLU T 207 -44.61 -29.70 52.12
N ALA T 208 -44.64 -29.17 53.32
CA ALA T 208 -44.69 -27.72 53.50
C ALA T 208 -43.41 -27.05 53.00
N ILE T 209 -42.26 -27.65 53.31
CA ILE T 209 -41.00 -27.09 52.90
C ILE T 209 -40.76 -27.43 51.43
N TYR T 210 -41.39 -28.52 50.92
CA TYR T 210 -41.35 -28.76 49.50
C TYR T 210 -42.01 -27.64 48.72
N ASP T 211 -43.17 -27.17 49.19
CA ASP T 211 -43.88 -26.16 48.45
C ASP T 211 -43.26 -24.77 48.61
N ILE T 212 -42.60 -24.57 49.76
CA ILE T 212 -41.88 -23.32 49.98
C ILE T 212 -40.72 -23.23 48.98
N CYS T 213 -39.99 -24.35 48.81
CA CYS T 213 -38.86 -24.35 47.92
C CYS T 213 -39.28 -24.34 46.44
N ARG T 214 -40.52 -24.69 46.18
CA ARG T 214 -40.99 -24.73 44.80
C ARG T 214 -41.42 -23.35 44.33
N ARG T 215 -42.07 -22.54 45.23
CA ARG T 215 -42.55 -21.27 44.77
C ARG T 215 -41.58 -20.15 45.06
N ASN T 216 -40.85 -20.19 46.17
CA ASN T 216 -40.02 -19.05 46.57
C ASN T 216 -38.63 -19.12 45.93
N LEU T 217 -37.99 -20.24 46.13
CA LEU T 217 -36.62 -20.43 45.59
C LEU T 217 -36.66 -21.09 44.22
N ASP T 218 -37.82 -21.51 43.77
CA ASP T 218 -38.09 -21.95 42.39
C ASP T 218 -37.21 -23.13 42.02
N ILE T 219 -37.16 -24.14 42.91
CA ILE T 219 -36.62 -25.45 42.54
C ILE T 219 -37.80 -26.39 42.31
N GLU T 220 -37.88 -26.92 41.09
CA GLU T 220 -38.90 -27.85 40.70
C GLU T 220 -38.76 -29.25 41.31
N ARG T 221 -37.53 -29.68 41.54
CA ARG T 221 -37.23 -31.03 41.96
C ARG T 221 -36.31 -31.02 43.19
N PRO T 222 -36.79 -30.62 44.38
CA PRO T 222 -35.92 -30.62 45.56
C PRO T 222 -35.78 -31.97 46.22
N THR T 223 -34.77 -32.07 47.05
CA THR T 223 -34.42 -33.33 47.71
C THR T 223 -34.32 -33.06 49.20
N TYR T 224 -33.90 -34.06 49.96
CA TYR T 224 -33.77 -33.93 51.40
C TYR T 224 -32.65 -33.00 51.79
N THR T 225 -31.63 -32.88 50.93
CA THR T 225 -30.51 -31.99 51.22
C THR T 225 -30.93 -30.53 51.07
N ASN T 226 -31.90 -30.25 50.25
CA ASN T 226 -32.43 -28.89 50.10
C ASN T 226 -33.32 -28.55 51.29
N LEU T 227 -34.02 -29.55 51.83
CA LEU T 227 -34.92 -29.31 52.92
C LEU T 227 -34.13 -29.01 54.18
N ASN T 228 -33.02 -29.72 54.37
CA ASN T 228 -32.30 -29.66 55.64
C ASN T 228 -31.49 -28.37 55.77
N ARG T 229 -31.14 -27.74 54.68
CA ARG T 229 -30.47 -26.44 54.71
C ARG T 229 -31.43 -25.38 55.31
N LEU T 230 -32.71 -25.47 54.90
CA LEU T 230 -33.70 -24.51 55.36
C LEU T 230 -34.01 -24.74 56.84
N ILE T 231 -33.97 -26.00 57.28
CA ILE T 231 -34.19 -26.33 58.68
C ILE T 231 -33.00 -25.82 59.50
N ALA T 232 -31.79 -25.91 58.93
CA ALA T 232 -30.58 -25.49 59.62
C ALA T 232 -30.60 -23.98 59.83
N GLN T 233 -31.18 -23.23 58.89
CA GLN T 233 -31.24 -21.78 59.03
C GLN T 233 -32.21 -21.38 60.14
N VAL T 234 -33.26 -22.18 60.37
CA VAL T 234 -34.22 -21.89 61.42
C VAL T 234 -33.56 -22.12 62.78
N ILE T 235 -32.80 -23.21 62.90
CA ILE T 235 -32.17 -23.54 64.17
C ILE T 235 -31.08 -22.52 64.49
N SER T 236 -30.36 -22.07 63.48
CA SER T 236 -29.33 -21.07 63.68
C SER T 236 -29.93 -19.75 64.14
N SER T 237 -31.09 -19.39 63.60
CA SER T 237 -31.77 -18.16 64.00
C SER T 237 -32.38 -18.27 65.40
N LEU T 238 -32.70 -19.51 65.82
CA LEU T 238 -33.26 -19.71 67.15
C LEU T 238 -32.18 -19.49 68.23
N THR T 239 -30.98 -20.01 67.97
CA THR T 239 -29.91 -19.99 68.94
C THR T 239 -28.88 -18.90 68.64
N ALA T 240 -29.25 -17.93 67.81
CA ALA T 240 -28.33 -16.85 67.45
C ALA T 240 -28.11 -15.93 68.62
N SER T 241 -29.13 -15.79 69.51
CA SER T 241 -29.01 -14.84 70.60
C SER T 241 -28.04 -15.36 71.66
N LEU T 242 -27.92 -16.71 71.80
CA LEU T 242 -26.94 -17.23 72.73
C LEU T 242 -25.52 -17.04 72.22
N ARG T 243 -25.32 -17.06 70.92
CA ARG T 243 -23.97 -17.07 70.36
C ARG T 243 -23.45 -15.63 70.18
N PHE T 244 -24.33 -14.73 69.68
CA PHE T 244 -23.85 -13.42 69.30
C PHE T 244 -24.54 -12.34 70.10
N ASP T 245 -23.90 -11.18 70.20
CA ASP T 245 -24.44 -10.06 70.94
C ASP T 245 -25.52 -9.37 70.12
N GLY T 246 -26.54 -8.86 70.77
CA GLY T 246 -27.61 -8.19 70.06
C GLY T 246 -28.26 -7.13 70.97
N ALA T 247 -29.24 -6.46 70.36
CA ALA T 247 -30.06 -5.45 71.01
C ALA T 247 -30.99 -6.08 72.06
N LEU T 248 -31.55 -7.23 71.77
CA LEU T 248 -32.56 -7.85 72.58
C LEU T 248 -32.39 -9.36 72.51
N ASN T 249 -31.72 -9.90 73.56
CA ASN T 249 -31.39 -11.30 73.55
C ASN T 249 -32.47 -12.12 74.23
N VAL T 250 -32.60 -13.35 73.77
CA VAL T 250 -33.56 -14.32 74.26
C VAL T 250 -32.83 -15.64 74.35
N ASP T 251 -32.94 -16.33 75.51
CA ASP T 251 -32.33 -17.62 75.73
C ASP T 251 -33.27 -18.78 75.40
N VAL T 252 -32.92 -20.00 75.77
CA VAL T 252 -33.88 -21.09 75.62
C VAL T 252 -34.89 -21.12 76.75
N THR T 253 -34.50 -20.59 77.91
CA THR T 253 -35.43 -20.41 79.03
C THR T 253 -36.42 -19.31 78.75
N GLU T 254 -36.14 -18.40 77.85
CA GLU T 254 -36.99 -17.31 77.43
C GLU T 254 -38.20 -17.76 76.59
N PHE T 255 -38.05 -18.90 75.93
CA PHE T 255 -39.07 -19.38 75.02
C PHE T 255 -40.26 -19.92 75.83
N GLN T 256 -39.95 -20.68 76.87
CA GLN T 256 -40.97 -21.42 77.57
C GLN T 256 -41.90 -20.48 78.35
N THR T 257 -41.35 -19.35 78.81
CA THR T 257 -42.16 -18.47 79.63
C THR T 257 -43.12 -17.65 78.77
N ASN T 258 -42.83 -17.48 77.50
CA ASN T 258 -43.41 -16.48 76.62
C ASN T 258 -44.33 -17.17 75.63
N LEU T 259 -44.25 -18.50 75.47
CA LEU T 259 -44.95 -19.10 74.33
C LEU T 259 -45.99 -20.12 74.78
N VAL T 260 -45.80 -20.72 75.99
CA VAL T 260 -46.68 -21.81 76.34
C VAL T 260 -47.45 -21.34 77.56
N PRO T 261 -48.74 -20.96 77.43
CA PRO T 261 -49.52 -20.54 78.57
C PRO T 261 -49.99 -21.67 79.48
N TYR T 262 -50.21 -22.88 78.89
CA TYR T 262 -50.77 -23.97 79.68
C TYR T 262 -49.90 -25.19 79.55
N PRO T 263 -49.77 -26.04 80.59
CA PRO T 263 -48.76 -27.11 80.60
C PRO T 263 -48.81 -28.09 79.44
N ARG T 264 -50.02 -28.38 78.94
CA ARG T 264 -50.24 -29.35 77.90
C ARG T 264 -50.02 -28.75 76.50
N ILE T 265 -50.12 -27.45 76.38
CA ILE T 265 -50.19 -26.79 75.07
C ILE T 265 -48.78 -26.32 74.75
N HIS T 266 -48.02 -27.15 74.02
CA HIS T 266 -46.70 -26.66 73.64
C HIS T 266 -46.34 -27.04 72.20
N PHE T 267 -47.34 -27.04 71.34
CA PHE T 267 -47.13 -27.41 69.94
C PHE T 267 -47.22 -26.19 69.06
N MET T 268 -46.17 -25.88 68.38
CA MET T 268 -46.03 -24.54 67.75
C MET T 268 -45.49 -24.71 66.35
N LEU T 269 -45.79 -23.73 65.50
CA LEU T 269 -45.42 -23.72 64.09
C LEU T 269 -44.12 -22.96 63.96
N SER T 270 -43.65 -22.89 62.71
CA SER T 270 -42.43 -22.17 62.39
C SER T 270 -42.60 -21.48 61.06
N SER T 271 -41.79 -20.44 60.85
CA SER T 271 -41.80 -19.69 59.59
C SER T 271 -40.47 -18.99 59.48
N TYR T 272 -40.04 -18.71 58.28
CA TYR T 272 -38.78 -17.99 58.03
C TYR T 272 -39.01 -17.12 56.83
N ALA T 273 -38.42 -15.92 56.86
CA ALA T 273 -38.38 -15.02 55.73
C ALA T 273 -37.06 -14.25 55.84
N PRO T 274 -36.40 -13.92 54.72
CA PRO T 274 -36.85 -14.28 53.37
C PRO T 274 -36.28 -15.58 52.90
N ILE T 275 -37.07 -16.37 52.14
CA ILE T 275 -36.59 -17.52 51.42
C ILE T 275 -36.44 -17.14 49.95
N ILE T 276 -35.22 -16.62 49.66
CA ILE T 276 -35.07 -15.96 48.37
C ILE T 276 -33.87 -16.52 47.64
N SER T 277 -34.01 -16.63 46.34
CA SER T 277 -32.98 -17.22 45.48
C SER T 277 -31.93 -16.17 45.15
N ALA T 278 -31.03 -16.48 44.22
CA ALA T 278 -29.97 -15.59 43.81
C ALA T 278 -30.53 -14.50 42.89
N GLU T 279 -31.49 -14.85 42.01
CA GLU T 279 -31.85 -13.86 40.98
C GLU T 279 -32.78 -12.80 41.59
N LYS T 280 -33.60 -13.21 42.49
CA LYS T 280 -34.67 -12.37 43.03
C LYS T 280 -34.16 -11.47 44.16
N ALA T 281 -33.06 -11.87 44.83
CA ALA T 281 -32.67 -11.16 46.04
C ALA T 281 -31.98 -9.83 45.68
N TYR T 282 -31.29 -9.87 44.54
CA TYR T 282 -30.51 -8.73 44.08
C TYR T 282 -31.43 -7.58 43.68
N HIS T 283 -32.63 -7.95 43.17
CA HIS T 283 -33.56 -6.99 42.61
C HIS T 283 -34.63 -6.49 43.59
N GLU T 284 -34.49 -6.82 44.87
CA GLU T 284 -35.55 -6.59 45.83
C GLU T 284 -35.07 -5.84 47.05
N GLN T 285 -35.84 -4.86 47.51
CA GLN T 285 -35.69 -4.33 48.85
C GLN T 285 -36.22 -5.28 49.92
N LEU T 286 -35.33 -5.78 50.77
CA LEU T 286 -35.75 -6.63 51.85
C LEU T 286 -36.03 -5.82 53.10
N SER T 287 -37.17 -5.11 53.08
CA SER T 287 -37.45 -4.18 54.20
C SER T 287 -37.82 -4.96 55.46
N VAL T 288 -37.68 -4.35 56.60
CA VAL T 288 -38.09 -5.00 57.87
C VAL T 288 -39.61 -5.20 57.87
N ALA T 289 -40.32 -4.26 57.23
CA ALA T 289 -41.78 -4.30 57.14
C ALA T 289 -42.17 -5.43 56.22
N GLU T 290 -41.42 -5.72 55.15
CA GLU T 290 -41.85 -6.66 54.16
C GLU T 290 -41.50 -8.10 54.54
N ILE T 291 -40.39 -8.28 55.30
CA ILE T 291 -40.05 -9.63 55.71
C ILE T 291 -40.95 -10.08 56.85
N THR T 292 -41.54 -9.14 57.57
CA THR T 292 -42.47 -9.52 58.62
C THR T 292 -43.88 -9.77 58.04
N ASN T 293 -44.18 -9.14 56.89
CA ASN T 293 -45.44 -9.40 56.25
C ASN T 293 -45.41 -10.76 55.58
N SER T 294 -44.26 -11.14 55.01
CA SER T 294 -44.09 -12.46 54.41
C SER T 294 -44.07 -13.57 55.45
N ALA T 295 -43.70 -13.23 56.70
CA ALA T 295 -43.65 -14.22 57.75
C ALA T 295 -45.06 -14.64 58.17
N PHE T 296 -45.99 -13.69 58.16
CA PHE T 296 -47.34 -13.95 58.61
C PHE T 296 -48.25 -14.37 57.48
N GLU T 297 -47.72 -14.46 56.24
CA GLU T 297 -48.50 -14.93 55.12
C GLU T 297 -48.84 -16.39 55.33
N PRO T 298 -50.12 -16.83 55.19
CA PRO T 298 -50.52 -18.14 55.70
C PRO T 298 -49.87 -19.33 54.97
N ALA T 299 -49.47 -19.11 53.71
CA ALA T 299 -48.87 -20.26 53.02
C ALA T 299 -47.38 -20.32 53.25
N SER T 300 -46.81 -19.36 53.95
CA SER T 300 -45.35 -19.25 54.16
C SER T 300 -44.95 -19.85 55.54
N MET T 301 -45.93 -20.47 56.23
CA MET T 301 -45.60 -21.32 57.34
C MET T 301 -44.97 -22.63 56.85
N MET T 302 -44.30 -23.28 57.78
CA MET T 302 -43.46 -24.43 57.51
C MET T 302 -44.07 -25.72 58.10
N ALA T 303 -45.40 -25.82 58.07
CA ALA T 303 -46.06 -26.93 58.75
C ALA T 303 -47.25 -27.48 57.99
N LYS T 304 -47.70 -26.82 56.89
CA LYS T 304 -48.92 -27.18 56.19
C LYS T 304 -50.11 -27.19 57.16
N CYS T 305 -50.32 -26.01 57.77
CA CYS T 305 -51.37 -25.87 58.75
C CYS T 305 -51.92 -24.48 58.64
N ASP T 306 -53.07 -24.34 57.96
CA ASP T 306 -53.56 -23.03 57.55
C ASP T 306 -54.01 -22.29 58.80
N PRO T 307 -53.39 -21.14 59.17
CA PRO T 307 -53.73 -20.50 60.43
C PRO T 307 -54.95 -19.59 60.36
N ARG T 308 -55.63 -19.53 59.20
CA ARG T 308 -56.82 -18.71 59.12
C ARG T 308 -57.97 -19.25 59.97
N HIS T 309 -58.04 -20.55 60.13
CA HIS T 309 -59.01 -21.19 60.99
C HIS T 309 -58.38 -21.53 62.35
N GLY T 310 -57.53 -20.66 62.83
CA GLY T 310 -56.92 -20.75 64.13
C GLY T 310 -56.78 -19.38 64.76
N LYS T 311 -56.44 -19.40 66.05
CA LYS T 311 -56.24 -18.18 66.81
C LYS T 311 -54.81 -18.18 67.32
N TYR T 312 -54.08 -17.11 67.10
CA TYR T 312 -52.68 -17.04 67.50
C TYR T 312 -52.67 -16.81 69.00
N MET T 313 -52.08 -17.72 69.75
CA MET T 313 -52.04 -17.54 71.21
C MET T 313 -50.87 -16.66 71.63
N ALA T 314 -49.73 -16.86 71.00
CA ALA T 314 -48.47 -16.20 71.36
C ALA T 314 -47.51 -16.40 70.19
N CYS T 315 -46.67 -15.40 69.92
CA CYS T 315 -45.81 -15.40 68.75
C CYS T 315 -44.49 -14.75 69.16
N CYS T 316 -43.39 -15.33 68.63
CA CYS T 316 -42.07 -14.85 68.93
C CYS T 316 -41.31 -14.62 67.64
N LEU T 317 -40.76 -13.41 67.50
CA LEU T 317 -40.10 -13.05 66.23
C LEU T 317 -38.62 -12.80 66.51
N MET T 318 -37.79 -13.51 65.77
CA MET T 318 -36.34 -13.47 65.97
C MET T 318 -35.71 -12.78 64.75
N TYR T 319 -35.39 -11.49 64.92
CA TYR T 319 -34.80 -10.72 63.85
C TYR T 319 -33.31 -10.90 63.88
N ARG T 320 -32.70 -10.93 62.69
CA ARG T 320 -31.27 -11.15 62.61
C ARG T 320 -30.71 -10.28 61.51
N GLY T 321 -29.74 -9.41 61.83
CA GLY T 321 -29.12 -8.60 60.82
C GLY T 321 -29.15 -7.12 61.12
N ASP T 322 -29.12 -6.29 60.07
CA ASP T 322 -29.18 -4.84 60.20
C ASP T 322 -30.64 -4.45 60.45
N VAL T 323 -31.09 -4.74 61.67
CA VAL T 323 -32.45 -4.47 62.09
C VAL T 323 -32.42 -3.41 63.20
N VAL T 324 -33.07 -2.30 62.94
CA VAL T 324 -33.20 -1.24 63.93
C VAL T 324 -34.48 -1.51 64.72
N PRO T 325 -34.52 -1.26 66.05
CA PRO T 325 -35.72 -1.55 66.81
C PRO T 325 -36.95 -0.71 66.52
N LYS T 326 -36.78 0.44 65.86
CA LYS T 326 -37.94 1.26 65.55
C LYS T 326 -38.72 0.69 64.38
N ASP T 327 -38.05 0.03 63.43
CA ASP T 327 -38.74 -0.57 62.32
C ASP T 327 -39.42 -1.88 62.72
N VAL T 328 -38.95 -2.50 63.82
CA VAL T 328 -39.67 -3.65 64.35
C VAL T 328 -41.00 -3.20 64.92
N ASN T 329 -41.00 -2.12 65.68
CA ASN T 329 -42.16 -1.59 66.35
C ASN T 329 -43.16 -1.08 65.31
N ALA T 330 -42.65 -0.49 64.21
CA ALA T 330 -43.54 -0.02 63.16
C ALA T 330 -44.18 -1.19 62.41
N ALA T 331 -43.39 -2.27 62.23
CA ALA T 331 -43.84 -3.40 61.42
C ALA T 331 -44.84 -4.26 62.18
N VAL T 332 -44.63 -4.40 63.49
CA VAL T 332 -45.52 -5.26 64.26
C VAL T 332 -46.82 -4.52 64.53
N ALA T 333 -46.81 -3.18 64.49
CA ALA T 333 -48.04 -2.42 64.65
C ALA T 333 -48.97 -2.64 63.45
N THR T 334 -48.39 -2.75 62.25
CA THR T 334 -49.19 -2.98 61.08
C THR T 334 -49.83 -4.38 61.13
N ILE T 335 -49.12 -5.35 61.68
CA ILE T 335 -49.62 -6.70 61.78
C ILE T 335 -50.81 -6.77 62.72
N LYS T 336 -50.72 -6.05 63.85
CA LYS T 336 -51.79 -6.06 64.83
C LYS T 336 -53.06 -5.44 64.24
N THR T 337 -52.87 -4.39 63.44
CA THR T 337 -54.03 -3.69 62.91
C THR T 337 -54.65 -4.43 61.74
N LYS T 338 -53.91 -5.33 61.08
CA LYS T 338 -54.45 -6.14 60.02
C LYS T 338 -55.48 -7.11 60.59
N ARG T 339 -56.60 -7.25 59.86
CA ARG T 339 -57.78 -7.88 60.42
C ARG T 339 -57.86 -9.38 60.12
N THR T 340 -57.05 -9.87 59.15
CA THR T 340 -57.33 -11.24 58.70
C THR T 340 -56.79 -12.29 59.69
N ILE T 341 -55.74 -11.92 60.39
CA ILE T 341 -55.21 -12.77 61.46
C ILE T 341 -55.88 -12.38 62.76
N GLN T 342 -56.43 -13.41 63.44
CA GLN T 342 -57.08 -13.19 64.71
C GLN T 342 -56.18 -13.64 65.88
N PHE T 343 -56.07 -12.75 66.85
CA PHE T 343 -55.46 -13.12 68.12
C PHE T 343 -56.56 -13.43 69.15
N VAL T 344 -56.14 -14.14 70.17
CA VAL T 344 -57.08 -14.64 71.17
C VAL T 344 -57.43 -13.50 72.10
N ASP T 345 -58.62 -13.52 72.69
CA ASP T 345 -59.13 -12.35 73.41
C ASP T 345 -58.38 -12.18 74.74
N TRP T 346 -57.92 -13.26 75.36
CA TRP T 346 -57.33 -13.16 76.68
C TRP T 346 -55.84 -12.84 76.65
N CYS T 347 -55.26 -12.64 75.47
CA CYS T 347 -53.83 -12.39 75.34
C CYS T 347 -53.64 -11.10 74.56
N PRO T 348 -53.69 -9.94 75.23
CA PRO T 348 -53.64 -8.67 74.50
C PRO T 348 -52.27 -8.38 73.87
N THR T 349 -51.21 -8.65 74.61
CA THR T 349 -49.86 -8.56 74.06
C THR T 349 -49.41 -9.97 73.71
N GLY T 350 -49.02 -10.19 72.46
CA GLY T 350 -48.66 -11.53 72.05
C GLY T 350 -47.37 -11.62 71.26
N PHE T 351 -46.49 -10.59 71.39
CA PHE T 351 -45.38 -10.45 70.47
C PHE T 351 -44.03 -10.39 71.20
N LYS T 352 -43.02 -10.92 70.47
CA LYS T 352 -41.65 -10.80 70.89
C LYS T 352 -40.81 -10.07 69.85
N CYS T 353 -39.99 -9.13 70.38
CA CYS T 353 -38.88 -8.63 69.55
C CYS T 353 -37.59 -9.22 70.13
N GLY T 354 -36.85 -9.99 69.30
CA GLY T 354 -35.58 -10.49 69.68
C GLY T 354 -34.65 -10.18 68.49
N ILE T 355 -33.75 -9.24 68.74
CA ILE T 355 -33.01 -8.58 67.65
C ILE T 355 -31.52 -8.84 67.81
N ASN T 356 -30.91 -9.37 66.76
CA ASN T 356 -29.51 -9.73 66.79
C ASN T 356 -28.73 -9.03 65.70
N TYR T 357 -27.43 -8.82 65.94
CA TYR T 357 -26.66 -8.02 65.02
C TYR T 357 -26.12 -8.79 63.82
N GLN T 358 -25.82 -10.06 64.00
CA GLN T 358 -25.13 -10.84 62.98
C GLN T 358 -26.11 -11.20 61.86
N PRO T 359 -25.77 -10.85 60.59
CA PRO T 359 -26.53 -11.31 59.44
C PRO T 359 -26.45 -12.82 59.27
N PRO T 360 -27.46 -13.45 58.63
CA PRO T 360 -27.41 -14.90 58.42
C PRO T 360 -26.25 -15.31 57.54
N THR T 361 -25.58 -16.39 57.92
CA THR T 361 -24.39 -16.81 57.16
C THR T 361 -24.80 -17.82 56.11
N VAL T 362 -24.31 -17.68 54.87
CA VAL T 362 -24.79 -18.50 53.78
C VAL T 362 -23.74 -19.57 53.47
N VAL T 363 -24.22 -20.78 53.26
CA VAL T 363 -23.33 -21.85 52.83
C VAL T 363 -23.01 -21.67 51.35
N PRO T 364 -21.74 -21.72 50.94
CA PRO T 364 -21.39 -21.69 49.52
C PRO T 364 -21.93 -22.91 48.79
N GLY T 365 -22.44 -22.69 47.58
CA GLY T 365 -23.03 -23.74 46.78
C GLY T 365 -24.40 -24.19 47.31
N GLY T 366 -24.96 -23.43 48.27
CA GLY T 366 -26.32 -23.69 48.70
C GLY T 366 -27.33 -23.03 47.77
N ASP T 367 -28.49 -22.72 48.33
CA ASP T 367 -29.59 -22.21 47.52
C ASP T 367 -30.01 -20.82 47.96
N LEU T 368 -29.68 -20.43 49.19
CA LEU T 368 -30.04 -19.09 49.65
C LEU T 368 -29.04 -18.07 49.12
N ALA T 369 -29.46 -16.80 49.13
CA ALA T 369 -28.56 -15.70 48.81
C ALA T 369 -28.14 -14.99 50.10
N LYS T 370 -27.10 -14.17 49.99
CA LYS T 370 -26.71 -13.26 51.07
C LYS T 370 -27.78 -12.18 51.21
N VAL T 371 -28.43 -12.15 52.37
CA VAL T 371 -29.42 -11.15 52.67
C VAL T 371 -28.94 -10.41 53.90
N MET T 372 -29.40 -9.15 54.02
CA MET T 372 -28.89 -8.32 55.09
C MET T 372 -29.69 -8.49 56.37
N ARG T 373 -30.92 -9.02 56.26
CA ARG T 373 -31.74 -9.22 57.44
C ARG T 373 -32.69 -10.39 57.18
N ALA T 374 -33.05 -11.06 58.28
CA ALA T 374 -33.98 -12.16 58.22
C ALA T 374 -34.83 -12.20 59.50
N VAL T 375 -35.98 -12.88 59.36
CA VAL T 375 -36.88 -13.02 60.49
C VAL T 375 -37.31 -14.45 60.61
N CYS T 376 -37.23 -15.02 61.80
CA CYS T 376 -37.66 -16.37 62.07
C CYS T 376 -38.73 -16.36 63.14
N MET T 377 -39.87 -16.95 62.83
CA MET T 377 -41.06 -16.84 63.64
C MET T 377 -41.42 -18.21 64.20
N ILE T 378 -41.61 -18.27 65.52
CA ILE T 378 -42.17 -19.45 66.15
C ILE T 378 -43.44 -19.04 66.88
N SER T 379 -44.55 -19.64 66.46
CA SER T 379 -45.86 -19.15 66.94
C SER T 379 -46.68 -20.30 67.44
N ASN T 380 -47.33 -20.11 68.59
CA ASN T 380 -48.22 -21.10 69.17
C ASN T 380 -49.65 -20.66 68.81
N SER T 381 -50.41 -21.57 68.23
CA SER T 381 -51.71 -21.23 67.68
C SER T 381 -52.66 -22.39 67.93
N THR T 382 -53.94 -22.10 67.83
CA THR T 382 -54.99 -23.08 68.01
C THR T 382 -55.32 -23.74 66.68
N ALA T 383 -54.54 -23.45 65.63
CA ALA T 383 -54.70 -24.16 64.35
C ALA T 383 -54.20 -25.60 64.42
N ILE T 384 -53.48 -25.95 65.47
CA ILE T 384 -52.90 -27.27 65.64
C ILE T 384 -53.98 -28.33 65.86
N ALA T 385 -55.24 -27.91 66.10
CA ALA T 385 -56.32 -28.86 66.22
C ALA T 385 -56.52 -29.66 64.93
N GLU T 386 -56.25 -29.04 63.79
CA GLU T 386 -56.48 -29.73 62.51
C GLU T 386 -55.37 -30.75 62.23
N VAL T 387 -54.15 -30.46 62.71
CA VAL T 387 -53.05 -31.37 62.38
C VAL T 387 -53.13 -32.62 63.25
N PHE T 388 -53.79 -32.54 64.39
CA PHE T 388 -54.07 -33.70 65.20
C PHE T 388 -55.33 -34.42 64.78
N SER T 389 -56.29 -33.70 64.22
CA SER T 389 -57.52 -34.28 63.74
C SER T 389 -57.27 -35.11 62.49
N ARG T 390 -56.27 -34.73 61.66
CA ARG T 390 -56.05 -35.50 60.47
C ARG T 390 -55.40 -36.87 60.78
N MET T 391 -54.50 -36.83 61.79
CA MET T 391 -53.86 -38.05 62.19
C MET T 391 -54.83 -38.91 63.00
N ASP T 392 -55.76 -38.25 63.70
CA ASP T 392 -56.75 -38.98 64.48
C ASP T 392 -57.67 -39.75 63.57
N HIS T 393 -57.99 -39.15 62.42
CA HIS T 393 -58.88 -39.80 61.47
C HIS T 393 -58.25 -41.00 60.82
N LYS T 394 -56.94 -40.89 60.52
CA LYS T 394 -56.24 -42.00 59.89
C LYS T 394 -56.06 -43.16 60.87
N PHE T 395 -55.94 -42.84 62.19
CA PHE T 395 -55.76 -43.87 63.18
C PHE T 395 -57.03 -44.67 63.41
N ASP T 396 -58.18 -44.01 63.35
CA ASP T 396 -59.46 -44.64 63.59
C ASP T 396 -59.82 -45.61 62.49
N LEU T 397 -59.42 -45.31 61.26
CA LEU T 397 -59.72 -46.19 60.14
C LEU T 397 -58.90 -47.50 60.25
N MET T 398 -57.65 -47.33 60.66
CA MET T 398 -56.72 -48.44 60.64
C MET T 398 -56.98 -49.35 61.83
N TYR T 399 -57.28 -48.75 62.99
CA TYR T 399 -57.52 -49.51 64.21
C TYR T 399 -58.90 -50.12 64.27
N ALA T 400 -59.81 -49.71 63.34
CA ALA T 400 -61.15 -50.25 63.25
C ALA T 400 -61.15 -51.76 63.08
N LYS T 401 -60.22 -52.29 62.31
CA LYS T 401 -60.10 -53.73 62.20
C LYS T 401 -58.68 -54.20 62.44
N ARG T 402 -57.98 -53.53 63.35
CA ARG T 402 -56.75 -53.99 63.96
C ARG T 402 -55.67 -54.36 62.95
N ALA T 403 -55.44 -53.50 61.96
CA ALA T 403 -54.41 -53.67 60.98
C ALA T 403 -53.05 -53.38 61.56
N PHE T 404 -52.05 -54.21 61.23
CA PHE T 404 -50.64 -54.01 61.61
C PHE T 404 -50.42 -53.99 63.13
N VAL T 405 -51.38 -54.56 63.86
CA VAL T 405 -51.33 -54.55 65.31
C VAL T 405 -50.44 -55.69 65.80
N HIS T 406 -50.41 -56.81 65.05
CA HIS T 406 -49.71 -58.01 65.48
C HIS T 406 -48.20 -57.79 65.49
N TRP T 407 -47.71 -56.83 64.72
CA TRP T 407 -46.30 -56.46 64.79
C TRP T 407 -45.97 -55.76 66.10
N TYR T 408 -46.92 -54.98 66.62
CA TYR T 408 -46.68 -54.24 67.84
C TYR T 408 -46.88 -55.11 69.09
N VAL T 409 -47.90 -55.95 69.05
CA VAL T 409 -48.23 -56.81 70.16
C VAL T 409 -47.17 -57.89 70.38
N GLY T 410 -46.59 -58.37 69.26
CA GLY T 410 -45.62 -59.43 69.32
C GLY T 410 -44.27 -59.00 69.89
N GLU T 411 -44.00 -57.69 69.96
CA GLU T 411 -42.68 -57.26 70.41
C GLU T 411 -42.59 -56.96 71.90
N GLY T 412 -43.74 -56.92 72.57
CA GLY T 412 -43.81 -56.67 73.99
C GLY T 412 -44.91 -55.71 74.44
N MET T 413 -45.38 -54.88 73.52
CA MET T 413 -46.39 -53.89 73.84
C MET T 413 -47.76 -54.55 73.95
N GLU T 414 -48.53 -54.24 75.00
CA GLU T 414 -49.83 -54.84 75.16
C GLU T 414 -50.86 -54.15 74.24
N GLU T 415 -51.92 -54.86 73.93
CA GLU T 415 -53.09 -54.19 73.36
C GLU T 415 -53.71 -53.30 74.41
N GLY T 416 -53.82 -52.02 74.19
CA GLY T 416 -54.44 -51.15 75.19
C GLY T 416 -53.63 -49.89 75.31
N GLU T 417 -52.32 -49.95 75.00
CA GLU T 417 -51.60 -48.68 74.85
C GLU T 417 -52.02 -47.96 73.58
N PHE T 418 -52.53 -48.71 72.59
CA PHE T 418 -53.24 -48.11 71.46
C PHE T 418 -54.49 -47.38 71.94
N SER T 419 -55.22 -48.01 72.85
CA SER T 419 -56.50 -47.48 73.32
C SER T 419 -56.25 -46.23 74.17
N GLU T 420 -55.23 -46.30 75.04
CA GLU T 420 -55.01 -45.21 76.00
C GLU T 420 -54.46 -44.01 75.29
N ALA T 421 -53.60 -44.24 74.27
CA ALA T 421 -53.05 -43.08 73.55
C ALA T 421 -54.13 -42.42 72.71
N ARG T 422 -55.19 -43.11 72.30
CA ARG T 422 -56.24 -42.52 71.54
C ARG T 422 -57.01 -41.45 72.33
N GLU T 423 -57.36 -41.85 73.61
CA GLU T 423 -58.13 -40.84 74.37
C GLU T 423 -57.24 -39.74 74.84
N ASP T 424 -55.93 -40.01 74.96
CA ASP T 424 -54.99 -38.94 75.31
C ASP T 424 -54.91 -37.92 74.17
N LEU T 425 -54.88 -38.39 72.92
CA LEU T 425 -54.93 -37.47 71.80
C LEU T 425 -56.29 -36.78 71.72
N ALA T 426 -57.35 -37.48 72.06
CA ALA T 426 -58.68 -36.89 72.15
C ALA T 426 -58.74 -35.81 73.24
N ALA T 427 -58.05 -36.03 74.32
CA ALA T 427 -57.95 -35.04 75.40
C ALA T 427 -57.19 -33.80 74.93
N LEU T 428 -56.18 -34.01 74.07
CA LEU T 428 -55.40 -32.90 73.57
C LEU T 428 -56.22 -32.06 72.59
N GLU T 429 -57.06 -32.74 71.80
CA GLU T 429 -57.92 -32.07 70.84
C GLU T 429 -58.97 -31.21 71.53
N LYS T 430 -59.52 -31.73 72.64
CA LYS T 430 -60.53 -31.00 73.36
C LYS T 430 -59.92 -29.81 74.08
N ASP T 431 -58.61 -29.92 74.44
CA ASP T 431 -57.95 -28.81 75.14
C ASP T 431 -57.75 -27.62 74.20
N TYR T 432 -57.41 -27.88 72.94
CA TYR T 432 -57.25 -26.81 71.96
C TYR T 432 -58.57 -26.15 71.62
N GLU T 433 -59.66 -26.93 71.64
CA GLU T 433 -60.97 -26.37 71.36
C GLU T 433 -61.45 -25.47 72.51
N GLU T 434 -61.11 -25.87 73.74
CA GLU T 434 -61.61 -25.15 74.90
C GLU T 434 -60.85 -23.84 75.11
N VAL T 435 -59.60 -23.80 74.66
CA VAL T 435 -58.79 -22.60 74.87
C VAL T 435 -59.17 -21.54 73.85
N GLY T 436 -59.69 -21.87 72.69
CA GLY T 436 -60.17 -20.94 71.69
C GLY T 436 -61.63 -20.57 71.94
N ILE T 437 -61.95 -20.12 73.13
CA ILE T 437 -63.22 -19.58 73.57
C ILE T 437 -62.85 -18.26 74.17
N MET U 1 30.08 -39.53 87.34
CA MET U 1 29.31 -38.58 88.24
C MET U 1 28.22 -39.37 88.97
N ARG U 2 27.00 -39.23 88.51
CA ARG U 2 25.88 -40.04 88.90
C ARG U 2 25.61 -41.04 87.78
N GLU U 3 25.56 -42.32 88.18
CA GLU U 3 25.28 -43.33 87.15
C GLU U 3 24.36 -44.39 87.78
N VAL U 4 23.71 -45.14 86.94
CA VAL U 4 22.98 -46.34 87.30
C VAL U 4 23.36 -47.45 86.33
N ILE U 5 23.52 -48.66 86.88
CA ILE U 5 23.93 -49.81 86.11
C ILE U 5 22.73 -50.71 85.92
N SER U 6 22.41 -51.02 84.64
CA SER U 6 21.28 -51.88 84.34
C SER U 6 21.76 -53.30 84.06
N ILE U 7 21.12 -54.28 84.71
CA ILE U 7 21.43 -55.67 84.50
C ILE U 7 20.19 -56.34 83.95
N HIS U 8 20.35 -57.04 82.83
CA HIS U 8 19.23 -57.73 82.21
C HIS U 8 19.59 -59.19 82.10
N VAL U 9 18.88 -60.04 82.84
CA VAL U 9 19.17 -61.46 82.89
C VAL U 9 17.90 -62.21 82.46
N GLY U 10 18.14 -63.19 81.56
CA GLY U 10 17.06 -63.96 81.03
C GLY U 10 16.53 -63.40 79.74
N GLN U 11 15.66 -64.17 79.09
CA GLN U 11 15.05 -63.75 77.84
C GLN U 11 14.12 -62.56 78.07
N ALA U 12 13.34 -62.61 79.17
CA ALA U 12 12.41 -61.55 79.48
C ALA U 12 13.18 -60.27 79.80
N GLY U 13 14.31 -60.40 80.53
CA GLY U 13 15.11 -59.25 80.87
C GLY U 13 15.68 -58.56 79.62
N ILE U 14 16.13 -59.39 78.67
CA ILE U 14 16.76 -58.86 77.47
C ILE U 14 15.75 -58.16 76.59
N GLN U 15 14.59 -58.78 76.37
CA GLN U 15 13.60 -58.19 75.48
C GLN U 15 12.93 -56.96 76.09
N ILE U 16 12.79 -56.92 77.41
CA ILE U 16 12.36 -55.71 78.07
C ILE U 16 13.45 -54.64 77.93
N GLY U 17 14.70 -55.07 78.08
CA GLY U 17 15.82 -54.16 77.95
C GLY U 17 16.02 -53.64 76.54
N ASN U 18 15.59 -54.41 75.52
CA ASN U 18 15.65 -53.92 74.17
C ASN U 18 14.72 -52.72 73.97
N ALA U 19 13.53 -52.83 74.58
CA ALA U 19 12.59 -51.72 74.51
C ALA U 19 13.02 -50.56 75.41
N CYS U 20 13.69 -50.88 76.51
CA CYS U 20 14.13 -49.89 77.48
C CYS U 20 15.23 -49.02 76.89
N TRP U 21 16.16 -49.67 76.18
CA TRP U 21 17.28 -48.95 75.63
C TRP U 21 16.95 -48.24 74.33
N GLU U 22 15.86 -48.65 73.67
CA GLU U 22 15.46 -47.92 72.49
C GLU U 22 14.80 -46.62 72.89
N LEU U 23 14.10 -46.60 74.03
CA LEU U 23 13.50 -45.38 74.52
C LEU U 23 14.56 -44.39 75.01
N PHE U 24 15.58 -44.89 75.68
CA PHE U 24 16.63 -44.07 76.24
C PHE U 24 17.47 -43.40 75.17
N CYS U 25 17.67 -44.13 74.06
CA CYS U 25 18.45 -43.61 72.95
C CYS U 25 17.67 -42.50 72.25
N LEU U 26 16.34 -42.68 72.12
CA LEU U 26 15.54 -41.71 71.40
C LEU U 26 15.31 -40.45 72.23
N GLU U 27 15.25 -40.61 73.55
CA GLU U 27 14.98 -39.46 74.41
C GLU U 27 16.18 -38.54 74.51
N HIS U 28 17.38 -39.10 74.49
CA HIS U 28 18.59 -38.31 74.52
C HIS U 28 19.12 -38.03 73.12
N GLY U 29 18.44 -38.55 72.09
CA GLY U 29 18.74 -38.22 70.71
C GLY U 29 20.05 -38.80 70.22
N ILE U 30 20.40 -40.00 70.68
CA ILE U 30 21.55 -40.67 70.10
C ILE U 30 21.04 -41.66 69.06
N GLN U 31 21.81 -41.81 67.98
CA GLN U 31 21.49 -42.73 66.91
C GLN U 31 21.87 -44.14 67.32
N PRO U 32 21.35 -45.20 66.66
CA PRO U 32 21.87 -46.55 66.83
C PRO U 32 23.37 -46.75 66.66
N ASP U 33 24.07 -45.84 65.99
CA ASP U 33 25.51 -45.91 65.94
C ASP U 33 26.09 -45.58 67.33
N GLY U 34 25.51 -44.59 67.98
CA GLY U 34 25.92 -44.25 69.34
C GLY U 34 26.34 -42.79 69.48
N GLN U 35 26.32 -42.03 68.39
CA GLN U 35 26.82 -40.66 68.47
C GLN U 35 25.68 -39.70 68.15
N MET U 36 25.54 -38.65 68.95
CA MET U 36 24.46 -37.71 68.69
C MET U 36 24.89 -36.69 67.64
N PRO U 37 23.98 -36.23 66.78
CA PRO U 37 24.26 -35.06 65.93
C PRO U 37 24.23 -33.72 66.66
N ASP U 47 24.71 -32.92 79.51
CA ASP U 47 25.19 -33.82 80.59
C ASP U 47 24.02 -34.62 81.16
N ALA U 48 22.89 -34.62 80.44
CA ALA U 48 21.73 -35.38 80.86
C ALA U 48 21.89 -36.88 80.63
N PHE U 49 22.75 -37.22 79.67
CA PHE U 49 22.88 -38.61 79.24
C PHE U 49 23.88 -39.36 80.11
N ASN U 50 24.51 -38.71 81.13
CA ASN U 50 25.63 -39.38 81.77
C ASN U 50 25.18 -40.54 82.69
N THR U 51 23.88 -40.50 83.07
CA THR U 51 23.45 -41.52 84.03
C THR U 51 23.16 -42.86 83.35
N PHE U 52 23.05 -42.85 82.04
CA PHE U 52 22.76 -44.09 81.30
C PHE U 52 23.78 -44.40 80.22
N PHE U 53 24.50 -43.38 79.73
CA PHE U 53 25.43 -43.60 78.65
C PHE U 53 26.79 -43.05 79.07
N SER U 54 27.84 -43.75 78.61
CA SER U 54 29.19 -43.34 78.88
C SER U 54 29.70 -42.49 77.72
N GLU U 55 30.98 -42.11 77.81
CA GLU U 55 31.63 -41.32 76.78
C GLU U 55 32.77 -42.16 76.22
N THR U 56 32.76 -42.33 74.90
CA THR U 56 33.80 -43.13 74.26
C THR U 56 34.24 -42.39 73.03
N GLY U 57 35.48 -41.90 72.98
CA GLY U 57 36.01 -41.27 71.80
C GLY U 57 35.32 -39.94 71.40
N ALA U 58 35.04 -39.87 70.13
CA ALA U 58 34.57 -38.64 69.49
C ALA U 58 33.07 -38.80 69.40
N GLY U 59 32.34 -38.38 70.45
CA GLY U 59 30.91 -38.18 70.45
C GLY U 59 30.12 -39.47 70.58
N LYS U 60 30.77 -40.63 70.64
CA LYS U 60 30.05 -41.87 70.83
C LYS U 60 29.68 -42.09 72.30
N HIS U 61 28.50 -42.62 72.52
CA HIS U 61 28.03 -42.94 73.85
C HIS U 61 27.60 -44.40 73.89
N VAL U 62 28.07 -45.16 74.86
CA VAL U 62 27.84 -46.57 75.00
C VAL U 62 27.06 -46.85 76.28
N PRO U 63 26.05 -47.72 76.25
CA PRO U 63 25.19 -47.92 77.42
C PRO U 63 25.88 -48.62 78.57
N ARG U 64 25.38 -48.31 79.77
CA ARG U 64 25.93 -48.84 81.01
C ARG U 64 25.16 -50.08 81.43
N CYS U 65 25.24 -51.13 80.60
CA CYS U 65 24.35 -52.26 80.78
C CYS U 65 25.13 -53.56 80.54
N VAL U 66 24.58 -54.64 81.08
CA VAL U 66 24.99 -55.99 80.76
C VAL U 66 23.73 -56.77 80.36
N PHE U 67 23.89 -57.56 79.31
CA PHE U 67 22.97 -58.56 78.86
C PHE U 67 23.49 -59.93 79.20
N LEU U 68 22.69 -60.69 79.94
CA LEU U 68 23.06 -62.02 80.37
C LEU U 68 21.96 -63.00 79.92
N ASP U 69 22.38 -64.02 79.18
CA ASP U 69 21.57 -65.18 78.97
C ASP U 69 22.46 -66.40 78.74
N LEU U 70 22.00 -67.56 79.20
CA LEU U 70 22.71 -68.78 78.98
C LEU U 70 22.44 -69.37 77.60
N GLU U 71 21.38 -69.01 76.95
CA GLU U 71 21.15 -69.48 75.60
C GLU U 71 21.58 -68.37 74.65
N PRO U 72 22.26 -68.69 73.54
CA PRO U 72 22.73 -67.67 72.61
C PRO U 72 21.64 -67.07 71.72
N THR U 73 20.48 -67.71 71.64
CA THR U 73 19.50 -67.42 70.61
C THR U 73 18.84 -66.06 70.74
N VAL U 74 18.94 -65.38 71.88
CA VAL U 74 18.33 -64.07 72.02
C VAL U 74 19.39 -62.97 71.95
N VAL U 75 20.61 -63.27 72.38
CA VAL U 75 21.63 -62.25 72.45
C VAL U 75 22.42 -62.16 71.16
N ASP U 76 22.55 -63.27 70.42
CA ASP U 76 23.16 -63.22 69.09
C ASP U 76 22.29 -62.44 68.11
N GLU U 77 20.98 -62.51 68.32
CA GLU U 77 20.02 -61.85 67.47
C GLU U 77 20.02 -60.36 67.75
N VAL U 78 20.48 -59.92 68.93
CA VAL U 78 20.71 -58.51 69.17
C VAL U 78 21.99 -58.08 68.45
N ARG U 79 22.98 -58.97 68.43
CA ARG U 79 24.25 -58.65 67.78
C ARG U 79 24.10 -58.54 66.27
N THR U 80 23.04 -59.12 65.71
CA THR U 80 22.82 -59.07 64.27
C THR U 80 21.70 -58.11 63.89
N GLY U 81 20.99 -57.57 64.88
CA GLY U 81 19.92 -56.61 64.65
C GLY U 81 20.47 -55.19 64.47
N THR U 82 19.58 -54.21 64.58
CA THR U 82 19.83 -52.85 64.16
C THR U 82 20.83 -52.15 65.09
N TYR U 83 20.75 -52.46 66.38
CA TYR U 83 21.61 -51.87 67.38
C TYR U 83 22.82 -52.77 67.58
N ARG U 84 23.63 -52.91 66.53
CA ARG U 84 24.83 -53.74 66.68
C ARG U 84 25.91 -52.96 67.42
N HIS U 85 26.12 -51.72 66.99
CA HIS U 85 27.32 -50.98 67.42
C HIS U 85 26.99 -49.99 68.53
N LEU U 86 25.73 -49.97 68.99
CA LEU U 86 25.41 -49.19 70.17
C LEU U 86 26.02 -49.89 71.39
N PHE U 87 25.88 -51.25 71.46
CA PHE U 87 26.35 -51.90 72.65
C PHE U 87 27.81 -52.30 72.50
N HIS U 88 28.48 -52.24 73.67
CA HIS U 88 29.85 -52.68 73.75
C HIS U 88 29.87 -54.19 73.54
N PRO U 89 30.83 -54.74 72.79
CA PRO U 89 30.79 -56.14 72.43
C PRO U 89 30.77 -57.16 73.57
N GLU U 90 31.37 -56.80 74.70
CA GLU U 90 31.33 -57.78 75.82
C GLU U 90 30.42 -57.23 76.91
N GLN U 91 29.50 -56.36 76.60
CA GLN U 91 28.32 -56.16 77.43
C GLN U 91 27.26 -57.23 77.17
N LEU U 92 27.40 -57.99 76.06
CA LEU U 92 26.41 -58.98 75.70
C LEU U 92 27.07 -60.32 75.96
N ILE U 93 26.78 -60.92 77.11
CA ILE U 93 27.40 -62.16 77.55
C ILE U 93 26.44 -63.31 77.28
N SER U 94 26.93 -64.34 76.59
CA SER U 94 26.12 -65.45 76.15
C SER U 94 26.78 -66.76 76.58
N GLY U 95 25.92 -67.71 76.94
CA GLY U 95 26.42 -69.01 77.37
C GLY U 95 26.44 -69.99 76.21
N LYS U 96 26.35 -71.29 76.55
CA LYS U 96 26.31 -72.33 75.54
C LYS U 96 24.98 -73.07 75.54
N GLU U 97 24.44 -73.40 76.71
CA GLU U 97 23.19 -74.15 76.78
C GLU U 97 22.21 -73.44 77.70
N ASP U 98 20.92 -73.54 77.38
CA ASP U 98 19.86 -72.87 78.10
C ASP U 98 19.68 -73.45 79.50
N ALA U 99 19.18 -72.63 80.45
CA ALA U 99 18.98 -73.15 81.79
C ALA U 99 17.77 -74.10 81.87
N ALA U 100 16.84 -73.94 80.92
CA ALA U 100 15.70 -74.83 80.72
C ALA U 100 14.84 -74.97 81.95
N ASN U 101 14.25 -73.85 82.38
CA ASN U 101 13.21 -73.75 83.40
C ASN U 101 13.60 -74.46 84.70
N ASN U 102 14.89 -74.46 84.99
CA ASN U 102 15.38 -75.14 86.17
C ASN U 102 16.12 -74.15 87.04
N PHE U 103 15.63 -73.95 88.25
CA PHE U 103 16.34 -73.08 89.18
C PHE U 103 17.70 -73.65 89.55
N ALA U 104 17.75 -74.97 89.72
CA ALA U 104 18.97 -75.65 90.14
C ALA U 104 20.06 -75.57 89.09
N ARG U 105 19.65 -75.56 87.80
CA ARG U 105 20.61 -75.39 86.73
C ARG U 105 21.21 -73.99 86.74
N GLY U 106 20.35 -72.98 87.00
CA GLY U 106 20.76 -71.59 87.05
C GLY U 106 21.75 -71.22 88.17
N HIS U 107 21.66 -71.99 89.26
CA HIS U 107 22.65 -71.72 90.35
C HIS U 107 23.93 -72.62 90.27
N TYR U 108 23.71 -73.88 90.07
CA TYR U 108 24.77 -74.85 90.42
C TYR U 108 25.48 -75.56 89.30
N THR U 109 24.79 -75.76 88.20
CA THR U 109 25.37 -76.45 87.06
C THR U 109 26.05 -75.45 86.12
N ILE U 110 25.25 -74.57 85.53
CA ILE U 110 25.76 -73.77 84.42
C ILE U 110 26.14 -72.37 84.89
N GLY U 111 25.52 -71.95 86.01
CA GLY U 111 25.62 -70.53 86.35
C GLY U 111 26.92 -70.14 87.00
N LYS U 112 27.73 -71.08 87.44
CA LYS U 112 29.02 -70.95 88.02
C LYS U 112 30.05 -70.52 87.02
N GLU U 113 29.81 -70.65 85.70
CA GLU U 113 30.76 -70.36 84.65
C GLU U 113 30.55 -69.05 83.91
N ILE U 114 29.39 -68.46 84.09
CA ILE U 114 29.05 -67.19 83.42
C ILE U 114 29.02 -66.03 84.42
N VAL U 115 28.90 -66.34 85.73
CA VAL U 115 28.85 -65.28 86.72
C VAL U 115 30.20 -64.62 86.85
N ASP U 116 31.30 -65.35 86.68
CA ASP U 116 32.63 -64.76 86.75
C ASP U 116 32.83 -63.75 85.63
N LEU U 117 32.32 -64.02 84.43
CA LEU U 117 32.43 -63.08 83.34
C LEU U 117 31.51 -61.87 83.59
N SER U 118 30.37 -62.09 84.28
CA SER U 118 29.44 -61.02 84.53
C SER U 118 30.00 -60.03 85.57
N LEU U 119 30.63 -60.58 86.63
CA LEU U 119 31.17 -59.74 87.67
C LEU U 119 32.36 -58.92 87.18
N ASP U 120 33.12 -59.46 86.22
CA ASP U 120 34.22 -58.71 85.67
C ASP U 120 33.73 -57.48 84.90
N ARG U 121 32.62 -57.66 84.19
CA ARG U 121 32.06 -56.59 83.40
C ARG U 121 31.44 -55.53 84.28
N ILE U 122 30.78 -55.97 85.36
CA ILE U 122 30.13 -55.03 86.27
C ILE U 122 31.18 -54.20 87.00
N ARG U 123 32.29 -54.84 87.38
CA ARG U 123 33.34 -54.14 88.11
C ARG U 123 33.99 -53.06 87.25
N LYS U 124 34.22 -53.39 85.98
CA LYS U 124 34.84 -52.45 85.06
C LYS U 124 33.90 -51.30 84.75
N LEU U 125 32.60 -51.55 84.79
CA LEU U 125 31.61 -50.53 84.47
C LEU U 125 31.30 -49.67 85.69
N ALA U 126 31.57 -50.18 86.90
CA ALA U 126 31.27 -49.44 88.12
C ALA U 126 32.45 -48.54 88.53
N ASP U 127 33.68 -48.93 88.18
CA ASP U 127 34.84 -48.28 88.80
C ASP U 127 35.38 -47.17 87.89
N ASN U 128 34.68 -46.81 86.82
CA ASN U 128 35.11 -45.63 86.07
C ASN U 128 34.83 -44.34 86.85
N CYS U 129 33.68 -44.26 87.50
CA CYS U 129 33.38 -43.09 88.33
C CYS U 129 32.66 -43.49 89.61
N THR U 130 33.06 -42.85 90.71
CA THR U 130 32.37 -43.03 91.99
C THR U 130 31.11 -42.19 92.01
N GLY U 131 30.04 -42.57 92.73
CA GLY U 131 28.78 -41.92 92.63
C GLY U 131 27.72 -42.82 92.01
N LEU U 132 27.94 -44.14 92.08
CA LEU U 132 26.98 -45.09 91.52
C LEU U 132 25.73 -45.06 92.35
N GLN U 133 24.61 -44.69 91.74
CA GLN U 133 23.37 -44.48 92.46
C GLN U 133 22.76 -45.83 92.87
N GLY U 134 22.76 -46.79 91.95
CA GLY U 134 22.14 -48.05 92.18
C GLY U 134 22.37 -49.03 91.01
N PHE U 135 21.73 -50.20 91.17
CA PHE U 135 21.59 -51.21 90.17
C PHE U 135 20.13 -51.47 89.86
N LEU U 136 19.81 -51.49 88.57
CA LEU U 136 18.50 -51.94 88.11
C LEU U 136 18.64 -53.35 87.53
N MET U 137 17.85 -54.29 88.10
CA MET U 137 17.84 -55.66 87.63
C MET U 137 16.49 -55.94 86.96
N PHE U 138 16.55 -56.57 85.80
CA PHE U 138 15.37 -57.00 85.08
C PHE U 138 15.43 -58.51 84.90
N ASN U 139 14.42 -59.22 85.38
CA ASN U 139 14.45 -60.67 85.29
C ASN U 139 13.02 -61.21 85.31
N ALA U 140 12.92 -62.46 84.85
CA ALA U 140 11.68 -63.21 85.01
C ALA U 140 11.91 -64.19 86.15
N VAL U 141 11.04 -64.22 87.13
CA VAL U 141 11.12 -65.25 88.16
C VAL U 141 10.49 -66.53 87.72
N GLY U 142 9.72 -66.58 86.61
CA GLY U 142 9.15 -67.80 86.09
C GLY U 142 10.19 -68.68 85.38
N GLY U 143 11.27 -68.03 84.90
CA GLY U 143 12.20 -68.76 84.04
C GLY U 143 13.31 -69.44 84.81
N GLY U 144 14.23 -70.02 84.06
CA GLY U 144 15.39 -70.71 84.61
C GLY U 144 16.54 -69.73 84.87
N THR U 145 17.03 -69.09 83.83
CA THR U 145 18.22 -68.27 83.96
C THR U 145 17.89 -66.92 84.59
N GLY U 146 16.67 -66.46 84.43
CA GLY U 146 16.24 -65.20 85.03
C GLY U 146 16.13 -65.32 86.54
N SER U 147 15.78 -66.49 87.02
CA SER U 147 15.58 -66.73 88.44
C SER U 147 16.86 -67.27 89.08
N GLY U 148 17.45 -68.28 88.44
CA GLY U 148 18.61 -68.97 88.99
C GLY U 148 19.84 -68.10 88.96
N LEU U 149 20.17 -67.62 87.76
CA LEU U 149 21.37 -66.79 87.62
C LEU U 149 21.15 -65.41 88.24
N GLY U 150 19.91 -64.98 88.28
CA GLY U 150 19.54 -63.71 88.90
C GLY U 150 19.86 -63.72 90.40
N CYS U 151 19.59 -64.83 91.07
CA CYS U 151 19.92 -64.96 92.48
C CYS U 151 21.43 -64.95 92.68
N LEU U 152 22.16 -65.68 91.84
CA LEU U 152 23.60 -65.81 92.00
C LEU U 152 24.30 -64.47 91.80
N LEU U 153 23.78 -63.65 90.88
CA LEU U 153 24.33 -62.33 90.69
C LEU U 153 24.01 -61.42 91.88
N LEU U 154 22.85 -61.56 92.51
CA LEU U 154 22.52 -60.68 93.62
C LEU U 154 23.28 -61.07 94.90
N GLU U 155 23.56 -62.41 95.06
CA GLU U 155 24.36 -62.80 96.19
C GLU U 155 25.80 -62.26 96.05
N ARG U 156 26.34 -62.34 94.84
CA ARG U 156 27.69 -61.88 94.61
C ARG U 156 27.80 -60.36 94.63
N LEU U 157 26.76 -59.68 94.19
CA LEU U 157 26.79 -58.22 94.18
C LEU U 157 26.68 -57.62 95.55
N SER U 158 25.89 -58.31 96.40
CA SER U 158 25.65 -57.76 97.76
C SER U 158 26.90 -57.91 98.61
N VAL U 159 27.75 -58.92 98.34
CA VAL U 159 28.94 -59.09 99.14
C VAL U 159 30.02 -58.07 98.76
N ASP U 160 30.11 -57.68 97.50
CA ASP U 160 31.17 -56.79 97.08
C ASP U 160 30.73 -55.33 97.20
N TYR U 161 29.63 -55.00 96.52
CA TYR U 161 29.09 -53.64 96.56
C TYR U 161 27.91 -53.60 97.53
N GLY U 162 28.27 -53.46 98.80
CA GLY U 162 27.35 -53.68 99.91
C GLY U 162 26.21 -52.68 100.05
N LYS U 163 26.56 -51.38 100.14
CA LYS U 163 25.58 -50.38 100.51
C LYS U 163 24.89 -49.77 99.31
N LYS U 164 25.15 -50.28 98.09
CA LYS U 164 24.48 -49.70 96.94
C LYS U 164 23.05 -50.23 96.78
N SER U 165 22.16 -49.35 96.32
CA SER U 165 20.75 -49.67 96.22
C SER U 165 20.50 -50.60 95.02
N LYS U 166 19.59 -51.56 95.21
CA LYS U 166 19.45 -52.65 94.24
C LYS U 166 17.98 -52.83 93.93
N LEU U 167 17.49 -52.15 92.88
CA LEU U 167 16.10 -52.23 92.49
C LEU U 167 15.86 -53.37 91.50
N ASN U 168 14.76 -54.06 91.67
CA ASN U 168 14.49 -55.25 90.88
C ASN U 168 13.11 -55.10 90.26
N PHE U 169 12.98 -55.56 89.01
CA PHE U 169 11.73 -55.56 88.28
C PHE U 169 11.49 -56.98 87.85
N CYS U 170 10.70 -57.69 88.68
CA CYS U 170 10.39 -59.08 88.43
C CYS U 170 9.11 -59.23 87.66
N SER U 171 9.16 -59.97 86.55
CA SER U 171 8.00 -60.35 85.78
C SER U 171 7.36 -61.56 86.46
N TRP U 172 6.51 -61.26 87.46
CA TRP U 172 5.91 -62.26 88.29
C TRP U 172 4.88 -63.05 87.43
N PRO U 173 4.75 -64.37 87.67
CA PRO U 173 3.77 -65.15 86.94
C PRO U 173 2.32 -64.76 87.25
N SER U 174 1.51 -64.86 86.20
CA SER U 174 0.12 -64.48 86.22
C SER U 174 -0.71 -65.49 86.97
N PRO U 175 -1.88 -65.09 87.50
CA PRO U 175 -2.82 -66.05 88.09
C PRO U 175 -3.34 -67.13 87.15
N GLN U 176 -3.64 -66.77 85.91
CA GLN U 176 -4.21 -67.66 84.92
C GLN U 176 -3.18 -68.06 83.86
N VAL U 177 -2.41 -67.14 83.34
CA VAL U 177 -1.55 -67.30 82.20
C VAL U 177 -0.18 -67.80 82.64
N SER U 178 0.33 -68.86 82.00
CA SER U 178 1.54 -69.44 82.54
C SER U 178 2.72 -69.51 81.55
N THR U 179 2.45 -70.14 80.41
CA THR U 179 3.47 -70.48 79.38
C THR U 179 4.61 -71.32 79.93
N ALA U 180 4.40 -72.02 81.04
CA ALA U 180 5.43 -72.87 81.66
C ALA U 180 4.80 -73.51 82.90
N VAL U 181 5.12 -74.79 83.13
CA VAL U 181 4.33 -75.52 84.12
C VAL U 181 5.11 -75.73 85.40
N VAL U 182 6.43 -75.56 85.37
CA VAL U 182 7.26 -75.71 86.55
C VAL U 182 7.54 -74.35 87.16
N GLU U 183 6.82 -73.30 86.66
CA GLU U 183 7.00 -71.98 87.23
C GLU U 183 6.56 -71.81 88.68
N PRO U 184 5.59 -72.54 89.27
CA PRO U 184 5.41 -72.51 90.72
C PRO U 184 6.65 -72.88 91.51
N TYR U 185 7.47 -73.82 90.99
CA TYR U 185 8.70 -74.14 91.67
C TYR U 185 9.72 -73.00 91.62
N ASN U 186 9.86 -72.41 90.43
CA ASN U 186 11.00 -71.50 90.26
C ASN U 186 10.75 -70.17 90.99
N SER U 187 9.52 -69.77 91.11
CA SER U 187 9.16 -68.46 91.62
C SER U 187 9.19 -68.49 93.13
N VAL U 188 8.81 -69.58 93.80
CA VAL U 188 8.94 -69.71 95.23
C VAL U 188 10.40 -69.73 95.66
N LEU U 189 11.23 -70.39 94.89
CA LEU U 189 12.64 -70.53 95.23
C LEU U 189 13.40 -69.21 95.01
N SER U 190 12.90 -68.39 94.04
CA SER U 190 13.51 -67.11 93.80
C SER U 190 13.09 -66.12 94.87
N THR U 191 11.86 -66.16 95.33
CA THR U 191 11.37 -65.26 96.34
C THR U 191 12.11 -65.41 97.67
N HIS U 192 12.50 -66.65 97.98
CA HIS U 192 13.30 -66.90 99.14
C HIS U 192 14.65 -66.27 99.04
N SER U 193 15.20 -66.28 97.83
CA SER U 193 16.53 -65.67 97.60
C SER U 193 16.51 -64.13 97.48
N LEU U 194 15.53 -63.58 96.81
CA LEU U 194 15.48 -62.15 96.52
C LEU U 194 14.88 -61.32 97.65
N LEU U 195 14.41 -62.00 98.71
CA LEU U 195 13.92 -61.28 99.87
C LEU U 195 15.04 -60.62 100.65
N GLU U 196 16.16 -61.31 100.78
CA GLU U 196 17.29 -60.85 101.54
C GLU U 196 18.36 -60.23 100.64
N HIS U 197 18.09 -59.95 99.39
CA HIS U 197 19.13 -59.30 98.57
C HIS U 197 18.65 -57.99 97.92
N THR U 198 17.35 -57.96 97.57
CA THR U 198 16.91 -56.80 96.77
C THR U 198 16.35 -55.80 97.77
N ASP U 199 16.57 -54.53 97.46
CA ASP U 199 16.13 -53.43 98.31
C ASP U 199 14.69 -53.00 98.00
N VAL U 200 14.35 -52.91 96.71
CA VAL U 200 12.99 -52.62 96.27
C VAL U 200 12.68 -53.53 95.09
N ALA U 201 11.58 -54.29 95.22
CA ALA U 201 11.15 -55.19 94.16
C ALA U 201 9.76 -54.77 93.68
N VAL U 202 9.64 -54.58 92.38
CA VAL U 202 8.37 -54.18 91.77
C VAL U 202 7.86 -55.38 90.97
N MET U 203 6.59 -55.72 91.18
CA MET U 203 5.93 -56.78 90.45
C MET U 203 5.32 -56.27 89.13
N LEU U 204 5.75 -56.93 88.05
CA LEU U 204 5.11 -56.79 86.76
C LEU U 204 4.44 -58.11 86.38
N ASP U 205 3.15 -58.01 86.01
CA ASP U 205 2.40 -59.18 85.61
C ASP U 205 2.01 -59.02 84.14
N ASN U 206 2.02 -60.17 83.42
CA ASN U 206 1.76 -60.12 82.00
C ASN U 206 0.29 -59.95 81.67
N GLU U 207 -0.59 -60.58 82.42
CA GLU U 207 -2.01 -60.43 82.24
C GLU U 207 -2.53 -59.05 82.64
N ALA U 208 -1.75 -58.39 83.54
CA ALA U 208 -2.11 -57.04 83.91
C ALA U 208 -1.89 -56.09 82.73
N ILE U 209 -0.78 -56.28 82.01
CA ILE U 209 -0.50 -55.41 80.87
C ILE U 209 -1.34 -55.82 79.69
N TYR U 210 -1.78 -57.08 79.66
CA TYR U 210 -2.71 -57.54 78.63
C TYR U 210 -4.02 -56.80 78.76
N ASP U 211 -4.54 -56.64 79.99
CA ASP U 211 -5.82 -56.00 80.11
C ASP U 211 -5.73 -54.48 79.98
N ILE U 212 -4.55 -53.92 80.29
CA ILE U 212 -4.32 -52.51 80.06
C ILE U 212 -4.38 -52.22 78.56
N CYS U 213 -3.74 -53.10 77.75
CA CYS U 213 -3.71 -52.87 76.34
C CYS U 213 -5.06 -53.15 75.69
N ARG U 214 -5.94 -53.91 76.38
CA ARG U 214 -7.23 -54.21 75.81
C ARG U 214 -8.19 -53.04 76.03
N ARG U 215 -8.18 -52.45 77.22
CA ARG U 215 -9.22 -51.46 77.52
C ARG U 215 -8.76 -50.04 77.24
N ASN U 216 -7.47 -49.73 77.33
CA ASN U 216 -7.02 -48.38 77.10
C ASN U 216 -6.67 -48.16 75.62
N LEU U 217 -5.86 -49.06 75.07
CA LEU U 217 -5.35 -48.90 73.72
C LEU U 217 -6.25 -49.52 72.69
N ASP U 218 -7.23 -50.32 73.12
CA ASP U 218 -8.11 -51.12 72.28
C ASP U 218 -7.32 -51.97 71.28
N ILE U 219 -6.30 -52.66 71.80
CA ILE U 219 -5.54 -53.63 71.02
C ILE U 219 -6.01 -55.02 71.46
N GLU U 220 -6.65 -55.71 70.51
CA GLU U 220 -7.29 -56.99 70.83
C GLU U 220 -6.27 -58.13 70.93
N ARG U 221 -5.19 -58.04 70.18
CA ARG U 221 -4.15 -59.04 70.06
C ARG U 221 -2.79 -58.39 70.28
N PRO U 222 -2.41 -58.05 71.52
CA PRO U 222 -1.06 -57.54 71.74
C PRO U 222 -0.03 -58.65 71.86
N THR U 223 1.21 -58.24 71.68
CA THR U 223 2.35 -59.14 71.72
C THR U 223 3.30 -58.62 72.81
N TYR U 224 4.42 -59.31 72.96
CA TYR U 224 5.38 -58.99 74.00
C TYR U 224 6.07 -57.66 73.72
N THR U 225 6.16 -57.25 72.44
CA THR U 225 6.82 -56.00 72.16
C THR U 225 5.94 -54.82 72.54
N ASN U 226 4.62 -55.00 72.55
CA ASN U 226 3.73 -53.93 73.00
C ASN U 226 3.74 -53.84 74.54
N LEU U 227 4.01 -54.96 75.21
CA LEU U 227 4.10 -54.97 76.65
C LEU U 227 5.36 -54.21 77.09
N ASN U 228 6.45 -54.39 76.35
CA ASN U 228 7.74 -53.90 76.79
C ASN U 228 7.89 -52.43 76.57
N ARG U 229 7.13 -51.84 75.64
CA ARG U 229 7.12 -50.39 75.48
C ARG U 229 6.53 -49.72 76.72
N LEU U 230 5.47 -50.34 77.26
CA LEU U 230 4.79 -49.78 78.43
C LEU U 230 5.67 -49.91 79.67
N ILE U 231 6.45 -50.99 79.73
CA ILE U 231 7.38 -51.20 80.84
C ILE U 231 8.50 -50.18 80.73
N ALA U 232 8.93 -49.88 79.50
CA ALA U 232 10.02 -48.94 79.26
C ALA U 232 9.62 -47.53 79.69
N GLN U 233 8.33 -47.19 79.54
CA GLN U 233 7.85 -45.87 79.92
C GLN U 233 7.86 -45.72 81.45
N VAL U 234 7.63 -46.82 82.17
CA VAL U 234 7.63 -46.79 83.62
C VAL U 234 9.07 -46.57 84.12
N ILE U 235 10.04 -47.25 83.50
CA ILE U 235 11.42 -47.15 83.95
C ILE U 235 11.96 -45.75 83.63
N SER U 236 11.55 -45.19 82.49
CA SER U 236 11.97 -43.86 82.11
C SER U 236 11.42 -42.83 83.09
N SER U 237 10.18 -43.00 83.53
CA SER U 237 9.58 -42.08 84.48
C SER U 237 10.18 -42.22 85.87
N LEU U 238 10.72 -43.41 86.19
CA LEU U 238 11.37 -43.58 87.48
C LEU U 238 12.69 -42.82 87.56
N THR U 239 13.47 -42.87 86.49
CA THR U 239 14.79 -42.31 86.45
C THR U 239 14.82 -40.96 85.73
N ALA U 240 13.65 -40.32 85.56
CA ALA U 240 13.61 -39.05 84.85
C ALA U 240 14.22 -37.95 85.70
N SER U 241 14.13 -38.07 87.03
CA SER U 241 14.64 -37.03 87.91
C SER U 241 16.17 -37.02 87.92
N LEU U 242 16.78 -38.16 87.74
CA LEU U 242 18.23 -38.26 87.66
C LEU U 242 18.74 -37.65 86.36
N ARG U 243 17.96 -37.70 85.28
CA ARG U 243 18.47 -37.26 83.98
C ARG U 243 18.17 -35.80 83.75
N PHE U 244 16.96 -35.33 84.12
CA PHE U 244 16.54 -33.99 83.76
C PHE U 244 16.26 -33.18 85.02
N ASP U 245 16.23 -31.86 84.85
CA ASP U 245 15.91 -30.91 85.89
C ASP U 245 14.44 -30.98 86.28
N GLY U 246 14.15 -30.78 87.54
CA GLY U 246 12.75 -30.75 87.94
C GLY U 246 12.50 -29.81 89.10
N ALA U 247 11.22 -29.51 89.29
CA ALA U 247 10.75 -28.65 90.37
C ALA U 247 10.93 -29.32 91.72
N LEU U 248 10.65 -30.63 91.78
CA LEU U 248 10.77 -31.40 92.99
C LEU U 248 11.30 -32.77 92.63
N ASN U 249 12.60 -32.97 92.83
CA ASN U 249 13.26 -34.17 92.33
C ASN U 249 13.24 -35.30 93.34
N VAL U 250 13.25 -36.50 92.80
CA VAL U 250 13.32 -37.73 93.63
C VAL U 250 14.24 -38.68 92.93
N ASP U 251 15.30 -39.17 93.55
CA ASP U 251 16.23 -40.08 92.88
C ASP U 251 15.99 -41.52 93.35
N VAL U 252 16.92 -42.43 93.14
CA VAL U 252 16.77 -43.83 93.41
C VAL U 252 16.89 -44.12 94.91
N THR U 253 17.63 -43.26 95.65
CA THR U 253 17.71 -43.43 97.08
C THR U 253 16.43 -42.95 97.75
N GLU U 254 15.62 -42.12 97.09
CA GLU U 254 14.38 -41.63 97.68
C GLU U 254 13.26 -42.68 97.58
N PHE U 255 13.38 -43.67 96.66
CA PHE U 255 12.38 -44.69 96.60
C PHE U 255 12.43 -45.63 97.80
N GLN U 256 13.66 -46.05 98.12
CA GLN U 256 13.77 -47.10 99.16
C GLN U 256 13.47 -46.50 100.54
N THR U 257 13.81 -45.20 100.71
CA THR U 257 13.64 -44.63 102.04
C THR U 257 12.22 -44.24 102.33
N ASN U 258 11.38 -44.12 101.29
CA ASN U 258 10.02 -43.64 101.43
C ASN U 258 9.02 -44.75 101.25
N LEU U 259 9.45 -45.94 100.77
CA LEU U 259 8.50 -47.01 100.54
C LEU U 259 8.70 -48.24 101.42
N VAL U 260 9.78 -48.36 102.12
CA VAL U 260 10.07 -49.64 102.79
C VAL U 260 10.05 -49.51 104.29
N PRO U 261 8.94 -49.72 104.99
CA PRO U 261 8.82 -49.42 106.42
C PRO U 261 9.51 -50.44 107.36
N TYR U 262 9.61 -51.67 106.87
CA TYR U 262 10.27 -52.77 107.51
C TYR U 262 11.15 -53.45 106.48
N PRO U 263 12.31 -54.03 106.89
CA PRO U 263 13.29 -54.50 105.90
C PRO U 263 12.77 -55.56 104.91
N ARG U 264 11.86 -56.41 105.36
CA ARG U 264 11.34 -57.52 104.63
C ARG U 264 10.18 -57.12 103.75
N ILE U 265 9.53 -56.01 104.03
CA ILE U 265 8.34 -55.57 103.28
C ILE U 265 8.82 -54.61 102.21
N HIS U 266 9.11 -55.12 101.02
CA HIS U 266 9.51 -54.20 99.96
C HIS U 266 8.93 -54.62 98.60
N PHE U 267 7.76 -55.24 98.62
CA PHE U 267 7.12 -55.72 97.41
C PHE U 267 5.96 -54.83 96.99
N MET U 268 6.05 -54.24 95.85
CA MET U 268 5.29 -53.01 95.54
C MET U 268 4.78 -53.07 94.12
N LEU U 269 3.69 -52.38 93.87
CA LEU U 269 2.91 -52.42 92.64
C LEU U 269 3.37 -51.24 91.80
N SER U 270 2.72 -51.16 90.62
CA SER U 270 2.95 -50.05 89.72
C SER U 270 1.64 -49.63 89.07
N SER U 271 1.60 -48.39 88.59
CA SER U 271 0.58 -47.93 87.69
C SER U 271 1.15 -46.78 86.85
N TYR U 272 0.65 -46.68 85.61
CA TYR U 272 1.05 -45.59 84.76
C TYR U 272 -0.19 -45.00 84.10
N ALA U 273 -0.21 -43.67 84.03
CA ALA U 273 -1.38 -42.98 83.50
C ALA U 273 -0.93 -41.63 82.98
N PRO U 274 -1.40 -41.17 81.80
CA PRO U 274 -2.32 -41.92 80.94
C PRO U 274 -1.61 -42.84 79.95
N ILE U 275 -2.26 -43.94 79.61
CA ILE U 275 -1.92 -44.78 78.48
C ILE U 275 -3.09 -44.67 77.51
N ILE U 276 -2.93 -43.74 76.56
CA ILE U 276 -4.02 -43.44 75.65
C ILE U 276 -3.48 -43.46 74.23
N SER U 277 -4.32 -43.97 73.33
CA SER U 277 -3.98 -44.04 71.92
C SER U 277 -4.21 -42.70 71.24
N ALA U 278 -3.92 -42.63 69.96
CA ALA U 278 -4.02 -41.40 69.20
C ALA U 278 -5.48 -40.99 68.96
N GLU U 279 -6.39 -41.97 69.00
CA GLU U 279 -7.78 -41.67 68.69
C GLU U 279 -8.44 -41.05 69.89
N LYS U 280 -8.02 -41.38 71.12
CA LYS U 280 -8.65 -40.94 72.33
C LYS U 280 -7.96 -39.71 72.94
N ALA U 281 -6.69 -39.50 72.61
CA ALA U 281 -5.93 -38.38 73.14
C ALA U 281 -6.43 -37.02 72.63
N TYR U 282 -7.07 -37.08 71.48
CA TYR U 282 -7.58 -35.95 70.74
C TYR U 282 -8.70 -35.26 71.51
N HIS U 283 -9.45 -36.06 72.31
CA HIS U 283 -10.76 -35.54 72.75
C HIS U 283 -10.80 -35.33 74.23
N GLU U 284 -9.94 -35.93 75.04
CA GLU U 284 -9.85 -35.60 76.44
C GLU U 284 -8.78 -34.56 76.68
N GLN U 285 -9.09 -33.54 77.49
CA GLN U 285 -8.06 -32.87 78.29
C GLN U 285 -7.51 -33.80 79.39
N LEU U 286 -6.21 -33.96 79.36
CA LEU U 286 -5.51 -34.78 80.33
C LEU U 286 -5.09 -33.92 81.52
N SER U 287 -6.06 -33.50 82.33
CA SER U 287 -5.76 -32.66 83.48
C SER U 287 -5.02 -33.46 84.56
N VAL U 288 -4.32 -32.75 85.42
CA VAL U 288 -3.54 -33.35 86.49
C VAL U 288 -4.47 -34.08 87.47
N ALA U 289 -5.70 -33.59 87.62
CA ALA U 289 -6.67 -34.23 88.48
C ALA U 289 -7.11 -35.58 87.93
N GLU U 290 -7.25 -35.68 86.62
CA GLU U 290 -7.83 -36.88 86.01
C GLU U 290 -6.76 -37.94 85.76
N ILE U 291 -5.52 -37.53 85.53
CA ILE U 291 -4.46 -38.51 85.32
C ILE U 291 -4.05 -39.15 86.66
N THR U 292 -4.31 -38.44 87.76
CA THR U 292 -4.03 -39.03 89.06
C THR U 292 -5.19 -39.88 89.54
N ASN U 293 -6.40 -39.62 89.04
CA ASN U 293 -7.55 -40.46 89.35
C ASN U 293 -7.43 -41.78 88.64
N SER U 294 -6.95 -41.74 87.38
CA SER U 294 -6.77 -42.96 86.60
C SER U 294 -5.61 -43.80 87.11
N ALA U 295 -4.66 -43.17 87.82
CA ALA U 295 -3.51 -43.89 88.36
C ALA U 295 -3.95 -44.80 89.52
N PHE U 296 -4.91 -44.32 90.33
CA PHE U 296 -5.37 -45.08 91.47
C PHE U 296 -6.53 -46.01 91.12
N GLU U 297 -6.97 -46.04 89.88
CA GLU U 297 -8.02 -46.93 89.46
C GLU U 297 -7.55 -48.38 89.61
N PRO U 298 -8.34 -49.29 90.20
CA PRO U 298 -7.91 -50.68 90.35
C PRO U 298 -7.69 -51.45 89.05
N ALA U 299 -8.32 -51.00 87.96
CA ALA U 299 -8.18 -51.67 86.69
C ALA U 299 -6.95 -51.17 85.96
N SER U 300 -6.23 -50.18 86.48
CA SER U 300 -5.06 -49.61 85.85
C SER U 300 -3.76 -50.09 86.48
N MET U 301 -3.85 -51.12 87.29
CA MET U 301 -2.68 -51.61 88.03
C MET U 301 -1.85 -52.45 87.09
N MET U 302 -0.59 -52.65 87.47
CA MET U 302 0.39 -53.31 86.63
C MET U 302 0.79 -54.67 87.19
N ALA U 303 -0.05 -55.27 88.09
CA ALA U 303 0.38 -56.52 88.70
C ALA U 303 -0.76 -57.52 88.87
N LYS U 304 -1.97 -57.18 88.46
CA LYS U 304 -3.14 -58.07 88.57
C LYS U 304 -3.34 -58.48 90.04
N CYS U 305 -3.53 -57.47 90.87
CA CYS U 305 -3.99 -57.63 92.21
C CYS U 305 -4.88 -56.42 92.52
N ASP U 306 -6.07 -56.80 92.93
CA ASP U 306 -7.09 -55.82 93.28
C ASP U 306 -6.69 -55.12 94.57
N PRO U 307 -6.47 -53.80 94.58
CA PRO U 307 -6.10 -53.10 95.81
C PRO U 307 -7.24 -52.78 96.78
N ARG U 308 -8.45 -53.22 96.48
CA ARG U 308 -9.55 -53.08 97.41
C ARG U 308 -9.36 -53.94 98.65
N HIS U 309 -8.70 -55.11 98.50
CA HIS U 309 -8.47 -55.95 99.64
C HIS U 309 -7.08 -55.73 100.27
N GLY U 310 -6.59 -54.50 100.18
CA GLY U 310 -5.49 -54.10 101.03
C GLY U 310 -5.51 -52.68 101.42
N LYS U 311 -4.51 -52.29 102.20
CA LYS U 311 -4.34 -50.95 102.72
C LYS U 311 -2.98 -50.47 102.21
N TYR U 312 -2.98 -49.23 101.68
CA TYR U 312 -1.76 -48.66 101.15
C TYR U 312 -0.87 -48.27 102.31
N MET U 313 0.32 -48.83 102.32
CA MET U 313 1.30 -48.50 103.37
C MET U 313 2.04 -47.20 103.02
N ALA U 314 2.36 -47.00 101.76
CA ALA U 314 3.22 -45.90 101.30
C ALA U 314 3.05 -45.78 99.80
N CYS U 315 3.09 -44.55 99.29
CA CYS U 315 2.80 -44.31 97.90
C CYS U 315 3.70 -43.22 97.36
N CYS U 316 4.21 -43.39 96.13
CA CYS U 316 5.14 -42.46 95.52
C CYS U 316 4.68 -42.15 94.12
N LEU U 317 4.43 -40.89 93.82
CA LEU U 317 3.87 -40.40 92.58
C LEU U 317 4.91 -39.54 91.86
N MET U 318 5.23 -39.96 90.65
CA MET U 318 6.20 -39.28 89.82
C MET U 318 5.48 -38.60 88.65
N TYR U 319 5.28 -37.30 88.78
CA TYR U 319 4.66 -36.52 87.72
C TYR U 319 5.73 -36.09 86.74
N ARG U 320 5.34 -36.06 85.46
CA ARG U 320 6.30 -35.77 84.42
C ARG U 320 5.64 -34.93 83.36
N GLY U 321 6.11 -33.74 83.10
CA GLY U 321 5.56 -32.93 82.02
C GLY U 321 5.25 -31.53 82.48
N ASP U 322 4.21 -30.89 81.89
CA ASP U 322 3.80 -29.55 82.31
C ASP U 322 2.93 -29.73 83.54
N VAL U 323 3.57 -30.08 84.67
CA VAL U 323 2.88 -30.33 85.91
C VAL U 323 3.15 -29.21 86.88
N VAL U 324 2.12 -28.44 87.26
CA VAL U 324 2.34 -27.36 88.20
C VAL U 324 2.28 -27.93 89.62
N PRO U 325 3.10 -27.47 90.57
CA PRO U 325 2.98 -27.94 91.94
C PRO U 325 1.71 -27.67 92.70
N LYS U 326 0.91 -26.70 92.24
CA LYS U 326 -0.36 -26.40 92.86
C LYS U 326 -1.38 -27.54 92.61
N ASP U 327 -1.36 -28.05 91.37
CA ASP U 327 -2.38 -29.00 90.97
C ASP U 327 -2.09 -30.40 91.53
N VAL U 328 -0.82 -30.65 91.90
CA VAL U 328 -0.51 -31.91 92.53
C VAL U 328 -1.13 -31.94 93.92
N ASN U 329 -1.02 -30.85 94.67
CA ASN U 329 -1.52 -30.77 96.02
C ASN U 329 -3.03 -30.83 96.03
N ALA U 330 -3.67 -30.24 95.02
CA ALA U 330 -5.13 -30.30 94.94
C ALA U 330 -5.59 -31.71 94.57
N ALA U 331 -4.80 -32.40 93.73
CA ALA U 331 -5.20 -33.70 93.22
C ALA U 331 -5.01 -34.79 94.28
N VAL U 332 -3.94 -34.67 95.07
CA VAL U 332 -3.66 -35.69 96.07
C VAL U 332 -4.59 -35.50 97.26
N ALA U 333 -5.11 -34.28 97.48
CA ALA U 333 -6.06 -34.06 98.56
C ALA U 333 -7.38 -34.75 98.24
N THR U 334 -7.77 -34.76 96.97
CA THR U 334 -9.00 -35.42 96.58
C THR U 334 -8.89 -36.93 96.79
N ILE U 335 -7.70 -37.49 96.55
CA ILE U 335 -7.48 -38.90 96.70
C ILE U 335 -7.61 -39.30 98.16
N LYS U 336 -7.04 -38.49 99.06
CA LYS U 336 -7.07 -38.79 100.48
C LYS U 336 -8.51 -38.76 101.00
N THR U 337 -9.32 -37.82 100.48
CA THR U 337 -10.67 -37.69 100.97
C THR U 337 -11.58 -38.77 100.41
N LYS U 338 -11.24 -39.35 99.25
CA LYS U 338 -12.05 -40.42 98.69
C LYS U 338 -11.88 -41.67 99.55
N ARG U 339 -13.01 -42.35 99.84
CA ARG U 339 -12.99 -43.35 100.88
C ARG U 339 -12.87 -44.76 100.35
N THR U 340 -12.90 -44.94 99.03
CA THR U 340 -12.67 -46.26 98.45
C THR U 340 -11.18 -46.65 98.53
N ILE U 341 -10.29 -45.67 98.61
CA ILE U 341 -8.89 -45.94 98.83
C ILE U 341 -8.62 -45.70 100.31
N GLN U 342 -8.01 -46.70 100.94
CA GLN U 342 -7.80 -46.75 102.36
C GLN U 342 -6.30 -46.70 102.63
N PHE U 343 -5.93 -45.92 103.66
CA PHE U 343 -4.53 -45.96 104.12
C PHE U 343 -4.51 -46.62 105.49
N VAL U 344 -3.34 -47.16 105.81
CA VAL U 344 -3.17 -47.81 107.09
C VAL U 344 -2.96 -46.73 108.14
N ASP U 345 -3.32 -47.04 109.38
CA ASP U 345 -3.35 -46.06 110.47
C ASP U 345 -1.95 -45.61 110.85
N TRP U 346 -0.92 -46.47 110.71
CA TRP U 346 0.39 -46.12 111.21
C TRP U 346 1.23 -45.33 110.22
N CYS U 347 0.67 -45.00 109.05
CA CYS U 347 1.34 -44.07 108.15
C CYS U 347 0.42 -42.91 107.79
N PRO U 348 0.24 -41.91 108.65
CA PRO U 348 -0.84 -40.94 108.47
C PRO U 348 -0.64 -40.01 107.27
N THR U 349 0.60 -39.55 107.07
CA THR U 349 0.98 -38.96 105.80
C THR U 349 1.68 -40.02 104.97
N GLY U 350 1.20 -40.29 103.76
CA GLY U 350 1.59 -41.50 103.06
C GLY U 350 1.92 -41.29 101.59
N PHE U 351 2.29 -40.04 101.25
CA PHE U 351 2.50 -39.66 99.87
C PHE U 351 3.87 -39.02 99.72
N LYS U 352 4.47 -39.31 98.55
CA LYS U 352 5.63 -38.70 97.99
C LYS U 352 5.27 -38.13 96.62
N CYS U 353 5.66 -36.89 96.45
CA CYS U 353 5.38 -36.27 95.13
C CYS U 353 6.72 -35.96 94.51
N GLY U 354 6.79 -36.18 93.20
CA GLY U 354 7.98 -35.77 92.44
C GLY U 354 7.57 -35.22 91.10
N ILE U 355 8.08 -34.05 90.72
CA ILE U 355 7.66 -33.35 89.52
C ILE U 355 8.88 -33.09 88.67
N ASN U 356 8.80 -33.49 87.38
CA ASN U 356 9.85 -33.19 86.41
C ASN U 356 9.24 -32.40 85.26
N TYR U 357 10.08 -31.66 84.55
CA TYR U 357 9.52 -30.76 83.51
C TYR U 357 9.46 -31.49 82.17
N GLN U 358 10.31 -32.52 81.92
CA GLN U 358 10.40 -33.11 80.63
C GLN U 358 9.19 -34.00 80.33
N PRO U 359 8.46 -33.75 79.23
CA PRO U 359 7.36 -34.61 78.87
C PRO U 359 7.86 -35.98 78.43
N PRO U 360 7.02 -37.04 78.51
CA PRO U 360 7.42 -38.35 78.01
C PRO U 360 7.65 -38.34 76.52
N THR U 361 8.70 -39.04 76.08
CA THR U 361 9.04 -39.12 74.67
C THR U 361 8.33 -40.32 74.06
N VAL U 362 7.81 -40.13 72.84
CA VAL U 362 7.05 -41.21 72.21
C VAL U 362 7.92 -41.83 71.12
N VAL U 363 7.91 -43.16 71.11
CA VAL U 363 8.60 -43.88 70.06
C VAL U 363 7.77 -43.83 68.79
N PRO U 364 8.37 -43.49 67.63
CA PRO U 364 7.66 -43.56 66.35
C PRO U 364 7.28 -45.00 66.02
N GLY U 365 6.08 -45.15 65.49
CA GLY U 365 5.54 -46.45 65.15
C GLY U 365 5.14 -47.27 66.38
N GLY U 366 5.11 -46.62 67.56
CA GLY U 366 4.59 -47.29 68.74
C GLY U 366 3.06 -47.28 68.79
N ASP U 367 2.56 -47.40 70.01
CA ASP U 367 1.11 -47.46 70.19
C ASP U 367 0.61 -46.29 71.04
N LEU U 368 1.49 -45.64 71.82
CA LEU U 368 1.10 -44.52 72.64
C LEU U 368 1.04 -43.26 71.82
N ALA U 369 0.29 -42.27 72.32
CA ALA U 369 0.23 -40.95 71.73
C ALA U 369 1.12 -39.99 72.51
N LYS U 370 1.43 -38.86 71.85
CA LYS U 370 2.20 -37.80 72.49
C LYS U 370 1.33 -37.10 73.53
N VAL U 371 1.75 -37.20 74.79
CA VAL U 371 0.97 -36.63 75.87
C VAL U 371 1.83 -35.57 76.56
N MET U 372 1.15 -34.59 77.14
CA MET U 372 1.84 -33.43 77.68
C MET U 372 2.27 -33.67 79.11
N ARG U 373 1.65 -34.63 79.79
CA ARG U 373 1.93 -34.93 81.19
C ARG U 373 1.57 -36.40 81.43
N ALA U 374 2.27 -37.00 82.40
CA ALA U 374 2.05 -38.37 82.81
C ALA U 374 2.38 -38.53 84.28
N VAL U 375 1.89 -39.64 84.84
CA VAL U 375 2.14 -40.04 86.21
C VAL U 375 2.62 -41.48 86.19
N CYS U 376 3.65 -41.75 86.98
CA CYS U 376 4.01 -43.12 87.32
C CYS U 376 3.90 -43.29 88.82
N MET U 377 3.13 -44.28 89.24
CA MET U 377 2.87 -44.47 90.66
C MET U 377 3.42 -45.82 91.09
N ILE U 378 4.21 -45.81 92.17
CA ILE U 378 4.68 -47.01 92.81
C ILE U 378 4.16 -47.01 94.25
N SER U 379 3.40 -48.09 94.54
CA SER U 379 2.73 -48.13 95.85
C SER U 379 3.06 -49.42 96.56
N ASN U 380 3.34 -49.32 97.84
CA ASN U 380 3.52 -50.48 98.71
C ASN U 380 2.21 -50.69 99.46
N SER U 381 1.65 -51.90 99.37
CA SER U 381 0.33 -52.14 99.92
C SER U 381 0.31 -53.51 100.60
N THR U 382 -0.74 -53.72 101.38
CA THR U 382 -0.96 -55.00 102.03
C THR U 382 -1.75 -55.93 101.13
N ALA U 383 -2.06 -55.50 99.91
CA ALA U 383 -2.78 -56.34 98.96
C ALA U 383 -1.85 -57.38 98.35
N ILE U 384 -0.53 -57.23 98.55
CA ILE U 384 0.44 -58.17 98.00
C ILE U 384 0.37 -59.51 98.74
N ALA U 385 -0.34 -59.56 99.88
CA ALA U 385 -0.52 -60.82 100.58
C ALA U 385 -1.25 -61.84 99.72
N GLU U 386 -2.17 -61.39 98.86
CA GLU U 386 -2.96 -62.33 98.07
C GLU U 386 -2.13 -62.84 96.89
N VAL U 387 -1.19 -62.05 96.37
CA VAL U 387 -0.46 -62.49 95.20
C VAL U 387 0.61 -63.52 95.59
N PHE U 388 1.02 -63.51 96.86
CA PHE U 388 1.85 -64.58 97.40
C PHE U 388 1.02 -65.77 97.86
N SER U 389 -0.19 -65.54 98.31
CA SER U 389 -1.03 -66.60 98.85
C SER U 389 -1.56 -67.48 97.76
N ARG U 390 -1.80 -66.91 96.56
CA ARG U 390 -2.21 -67.75 95.45
C ARG U 390 -1.06 -68.61 94.94
N MET U 391 0.13 -68.04 94.96
CA MET U 391 1.38 -68.74 94.72
C MET U 391 1.66 -69.75 95.81
N ASP U 392 1.27 -69.46 97.04
CA ASP U 392 1.55 -70.37 98.16
C ASP U 392 0.71 -71.63 97.98
N HIS U 393 -0.54 -71.44 97.46
CA HIS U 393 -1.42 -72.59 97.33
C HIS U 393 -0.94 -73.49 96.18
N LYS U 394 -0.42 -72.87 95.11
CA LYS U 394 -0.08 -73.65 93.94
C LYS U 394 1.15 -74.52 94.18
N PHE U 395 2.07 -74.03 95.02
CA PHE U 395 3.30 -74.78 95.29
C PHE U 395 2.99 -75.98 96.17
N ASP U 396 2.04 -75.81 97.14
CA ASP U 396 1.76 -76.87 98.07
C ASP U 396 1.05 -78.04 97.40
N LEU U 397 0.20 -77.69 96.42
CA LEU U 397 -0.61 -78.64 95.68
C LEU U 397 0.25 -79.57 94.84
N MET U 398 1.49 -79.13 94.45
CA MET U 398 2.28 -79.93 93.58
C MET U 398 3.58 -80.48 94.19
N TYR U 399 4.04 -79.85 95.28
CA TYR U 399 5.12 -80.43 96.05
C TYR U 399 4.65 -81.56 96.97
N ALA U 400 3.36 -81.64 97.20
CA ALA U 400 2.78 -82.61 98.13
C ALA U 400 3.10 -84.04 97.72
N LYS U 401 3.14 -84.32 96.37
CA LYS U 401 3.58 -85.64 95.99
C LYS U 401 4.76 -85.59 95.02
N ARG U 402 5.65 -84.62 95.27
CA ARG U 402 6.99 -84.58 94.76
C ARG U 402 7.06 -84.65 93.23
N ALA U 403 6.17 -83.91 92.55
CA ALA U 403 6.19 -83.85 91.10
C ALA U 403 7.30 -82.90 90.67
N PHE U 404 7.99 -83.22 89.60
CA PHE U 404 9.03 -82.38 88.98
C PHE U 404 10.22 -82.05 89.94
N VAL U 405 10.35 -82.89 90.97
CA VAL U 405 11.37 -82.66 91.97
C VAL U 405 12.71 -83.23 91.49
N HIS U 406 12.65 -84.32 90.75
CA HIS U 406 13.82 -85.11 90.35
C HIS U 406 14.70 -84.32 89.39
N TRP U 407 14.13 -83.34 88.68
CA TRP U 407 14.98 -82.48 87.86
C TRP U 407 15.84 -81.54 88.72
N TYR U 408 15.27 -81.12 89.85
CA TYR U 408 15.94 -80.16 90.71
C TYR U 408 16.95 -80.85 91.62
N VAL U 409 16.58 -82.03 92.14
CA VAL U 409 17.45 -82.76 93.03
C VAL U 409 18.65 -83.33 92.27
N GLY U 410 18.44 -83.71 91.02
CA GLY U 410 19.50 -84.26 90.19
C GLY U 410 20.53 -83.21 89.77
N GLU U 411 20.16 -81.94 89.83
CA GLU U 411 21.00 -80.89 89.31
C GLU U 411 21.82 -80.19 90.38
N GLY U 412 21.64 -80.55 91.66
CA GLY U 412 22.57 -80.12 92.69
C GLY U 412 21.93 -79.78 94.05
N MET U 413 20.72 -79.21 93.95
CA MET U 413 20.08 -78.74 95.16
C MET U 413 19.37 -79.90 95.88
N GLU U 414 19.23 -79.72 97.19
CA GLU U 414 18.66 -80.78 98.03
C GLU U 414 17.18 -80.52 98.22
N GLU U 415 16.37 -81.58 98.24
CA GLU U 415 15.06 -81.53 98.88
C GLU U 415 15.21 -81.20 100.36
N GLY U 416 14.58 -80.11 100.81
CA GLY U 416 14.98 -79.45 102.02
C GLY U 416 15.20 -77.97 101.75
N GLU U 417 15.76 -77.70 100.58
CA GLU U 417 15.78 -76.31 100.06
C GLU U 417 14.36 -75.92 99.68
N PHE U 418 13.57 -76.90 99.20
CA PHE U 418 12.15 -76.69 98.95
C PHE U 418 11.41 -76.35 100.24
N SER U 419 11.75 -77.09 101.31
CA SER U 419 11.01 -76.91 102.56
C SER U 419 11.42 -75.59 103.22
N GLU U 420 12.70 -75.23 103.13
CA GLU U 420 13.20 -74.00 103.70
C GLU U 420 12.62 -72.77 102.97
N ALA U 421 12.48 -72.87 101.65
CA ALA U 421 11.92 -71.79 100.87
C ALA U 421 10.44 -71.61 101.16
N ARG U 422 9.76 -72.74 101.43
CA ARG U 422 8.33 -72.70 101.69
C ARG U 422 8.06 -72.01 103.04
N GLU U 423 8.87 -72.35 104.06
CA GLU U 423 8.68 -71.72 105.35
C GLU U 423 9.08 -70.28 105.36
N ASP U 424 10.01 -69.91 104.48
CA ASP U 424 10.38 -68.50 104.33
C ASP U 424 9.20 -67.72 103.73
N LEU U 425 8.54 -68.31 102.73
CA LEU U 425 7.36 -67.67 102.17
C LEU U 425 6.20 -67.65 103.18
N ALA U 426 6.11 -68.69 104.01
CA ALA U 426 5.12 -68.71 105.08
C ALA U 426 5.39 -67.61 106.10
N ALA U 427 6.67 -67.34 106.37
CA ALA U 427 7.08 -66.27 107.26
C ALA U 427 6.72 -64.91 106.66
N LEU U 428 6.82 -64.79 105.34
CA LEU U 428 6.49 -63.54 104.67
C LEU U 428 4.97 -63.30 104.71
N GLU U 429 4.19 -64.36 104.61
CA GLU U 429 2.74 -64.29 104.66
C GLU U 429 2.28 -63.83 106.04
N LYS U 430 2.93 -64.35 107.10
CA LYS U 430 2.58 -63.95 108.43
C LYS U 430 3.02 -62.52 108.72
N ASP U 431 4.06 -62.06 108.05
CA ASP U 431 4.56 -60.70 108.22
C ASP U 431 3.58 -59.68 107.65
N TYR U 432 2.97 -59.98 106.50
CA TYR U 432 1.97 -59.10 105.93
C TYR U 432 0.70 -59.04 106.79
N GLU U 433 0.37 -60.16 107.43
CA GLU U 433 -0.82 -60.19 108.26
C GLU U 433 -0.60 -59.40 109.55
N GLU U 434 0.64 -59.43 110.08
CA GLU U 434 0.92 -58.77 111.33
C GLU U 434 0.98 -57.24 111.15
N VAL U 435 1.42 -56.83 109.98
CA VAL U 435 1.63 -55.39 109.74
C VAL U 435 0.30 -54.74 109.44
N GLY U 436 -0.69 -55.45 108.91
CA GLY U 436 -1.97 -54.90 108.52
C GLY U 436 -2.92 -54.70 109.67
N ILE U 437 -2.53 -54.77 110.93
CA ILE U 437 -3.42 -54.61 112.06
C ILE U 437 -3.79 -53.13 112.29
N MET V 1 63.25 -30.30 47.33
CA MET V 1 63.78 -29.44 48.40
C MET V 1 64.34 -30.38 49.50
N ARG V 2 63.40 -31.01 50.15
CA ARG V 2 63.64 -31.92 51.27
C ARG V 2 63.25 -33.30 50.78
N GLU V 3 64.18 -34.25 50.74
CA GLU V 3 63.77 -35.56 50.22
C GLU V 3 64.52 -36.67 50.98
N VAL V 4 63.95 -37.85 50.95
CA VAL V 4 64.62 -39.09 51.32
C VAL V 4 64.24 -40.14 50.28
N ILE V 5 65.22 -40.97 49.94
CA ILE V 5 65.10 -41.93 48.84
C ILE V 5 64.99 -43.32 49.43
N SER V 6 63.97 -44.06 48.99
CA SER V 6 63.74 -45.44 49.42
C SER V 6 64.32 -46.46 48.44
N ILE V 7 65.06 -47.41 48.95
CA ILE V 7 65.64 -48.48 48.16
C ILE V 7 65.10 -49.80 48.68
N HIS V 8 64.55 -50.60 47.78
CA HIS V 8 64.00 -51.89 48.14
C HIS V 8 64.75 -52.96 47.35
N VAL V 9 65.47 -53.82 48.04
CA VAL V 9 66.22 -54.89 47.40
C VAL V 9 65.75 -56.23 47.95
N GLY V 10 65.52 -57.13 47.01
CA GLY V 10 65.06 -58.47 47.33
C GLY V 10 63.54 -58.54 47.29
N GLN V 11 63.05 -59.77 47.43
CA GLN V 11 61.63 -60.05 47.43
C GLN V 11 60.96 -59.46 48.67
N ALA V 12 61.63 -59.61 49.83
CA ALA V 12 61.11 -59.07 51.07
C ALA V 12 61.08 -57.57 51.03
N GLY V 13 62.12 -56.95 50.44
CA GLY V 13 62.16 -55.50 50.34
C GLY V 13 61.02 -54.98 49.47
N ILE V 14 60.73 -55.68 48.37
CA ILE V 14 59.70 -55.23 47.44
C ILE V 14 58.33 -55.35 48.07
N GLN V 15 58.03 -56.47 48.72
CA GLN V 15 56.69 -56.68 49.25
C GLN V 15 56.44 -55.83 50.50
N ILE V 16 57.50 -55.54 51.28
CA ILE V 16 57.36 -54.58 52.35
C ILE V 16 57.19 -53.21 51.77
N GLY V 17 57.90 -52.90 50.68
CA GLY V 17 57.77 -51.61 49.98
C GLY V 17 56.38 -51.44 49.39
N ASN V 18 55.75 -52.53 48.96
CA ASN V 18 54.43 -52.45 48.39
C ASN V 18 53.41 -52.01 49.45
N ALA V 19 53.56 -52.54 50.66
CA ALA V 19 52.67 -52.14 51.75
C ALA V 19 53.04 -50.73 52.23
N CYS V 20 54.33 -50.37 52.16
CA CYS V 20 54.75 -49.05 52.59
C CYS V 20 54.21 -47.94 51.68
N TRP V 21 54.25 -48.20 50.38
CA TRP V 21 53.82 -47.20 49.42
C TRP V 21 52.32 -47.17 49.24
N GLU V 22 51.61 -48.23 49.68
CA GLU V 22 50.17 -48.13 49.70
C GLU V 22 49.72 -47.22 50.83
N LEU V 23 50.44 -47.28 51.96
CA LEU V 23 50.08 -46.47 53.11
C LEU V 23 50.41 -45.00 52.84
N PHE V 24 51.57 -44.76 52.21
CA PHE V 24 52.01 -43.39 51.97
C PHE V 24 51.13 -42.68 50.96
N CYS V 25 50.62 -43.44 49.98
CA CYS V 25 49.74 -42.85 48.97
C CYS V 25 48.40 -42.49 49.60
N LEU V 26 47.91 -43.35 50.49
CA LEU V 26 46.58 -43.16 51.03
C LEU V 26 46.57 -42.07 52.10
N GLU V 27 47.69 -41.92 52.81
CA GLU V 27 47.74 -40.88 53.84
C GLU V 27 47.89 -39.51 53.23
N HIS V 28 48.55 -39.38 52.11
CA HIS V 28 48.65 -38.12 51.37
C HIS V 28 47.47 -37.89 50.41
N GLY V 29 46.63 -38.91 50.26
CA GLY V 29 45.47 -38.80 49.41
C GLY V 29 45.76 -38.76 47.94
N ILE V 30 46.81 -39.45 47.49
CA ILE V 30 46.98 -39.60 46.04
C ILE V 30 46.41 -40.95 45.65
N GLN V 31 45.83 -41.01 44.48
CA GLN V 31 45.20 -42.20 43.92
C GLN V 31 46.28 -43.11 43.36
N PRO V 32 46.03 -44.41 43.15
CA PRO V 32 46.93 -45.27 42.38
C PRO V 32 47.41 -44.77 41.03
N ASP V 33 46.67 -43.84 40.40
CA ASP V 33 47.17 -43.24 39.17
C ASP V 33 48.35 -42.33 39.49
N GLY V 34 48.25 -41.58 40.60
CA GLY V 34 49.25 -40.64 41.00
C GLY V 34 48.75 -39.21 41.09
N GLN V 35 47.45 -38.98 40.74
CA GLN V 35 46.97 -37.61 40.79
C GLN V 35 46.00 -37.37 41.93
N MET V 36 46.37 -36.40 42.76
CA MET V 36 45.53 -36.18 43.94
C MET V 36 44.34 -35.31 43.58
N PRO V 37 43.12 -35.61 44.11
CA PRO V 37 41.97 -34.78 43.83
C PRO V 37 41.95 -33.66 44.87
N ASP V 47 53.03 -28.82 50.35
CA ASP V 47 54.44 -29.25 50.26
C ASP V 47 54.73 -30.34 51.29
N ALA V 48 53.66 -30.94 51.82
CA ALA V 48 53.77 -32.01 52.80
C ALA V 48 54.22 -33.32 52.13
N PHE V 49 53.89 -33.46 50.82
CA PHE V 49 54.18 -34.75 50.19
C PHE V 49 55.60 -34.82 49.62
N ASN V 50 56.35 -33.71 49.72
CA ASN V 50 57.51 -33.54 48.82
C ASN V 50 58.66 -34.42 49.27
N THR V 51 58.63 -34.94 50.49
CA THR V 51 59.76 -35.75 50.97
C THR V 51 59.73 -37.16 50.39
N PHE V 52 58.59 -37.58 49.85
CA PHE V 52 58.45 -38.94 49.32
C PHE V 52 57.94 -38.96 47.90
N PHE V 53 57.32 -37.86 47.41
CA PHE V 53 56.80 -37.88 46.06
C PHE V 53 57.36 -36.70 45.28
N SER V 54 57.53 -36.91 43.96
CA SER V 54 57.98 -35.87 43.10
C SER V 54 56.78 -35.16 42.48
N GLU V 55 57.13 -34.15 41.68
CA GLU V 55 56.10 -33.45 40.90
C GLU V 55 56.37 -33.65 39.42
N THR V 56 55.40 -34.29 38.74
CA THR V 56 55.60 -34.75 37.38
C THR V 56 54.45 -34.26 36.52
N GLY V 57 54.59 -33.01 36.05
CA GLY V 57 53.63 -32.29 35.25
C GLY V 57 52.32 -32.03 36.00
N ALA V 58 51.21 -32.38 35.35
CA ALA V 58 49.89 -31.85 35.71
C ALA V 58 49.30 -32.54 36.92
N GLY V 59 49.81 -32.16 38.09
CA GLY V 59 49.32 -32.64 39.39
C GLY V 59 49.65 -34.13 39.74
N LYS V 60 50.58 -34.65 38.96
CA LYS V 60 50.95 -36.04 39.11
C LYS V 60 52.13 -36.21 40.04
N HIS V 61 52.02 -37.26 40.90
CA HIS V 61 53.11 -37.48 41.85
C HIS V 61 53.70 -38.88 41.70
N VAL V 62 55.01 -38.94 41.53
CA VAL V 62 55.70 -40.20 41.33
C VAL V 62 56.64 -40.47 42.52
N PRO V 63 56.63 -41.69 43.06
CA PRO V 63 57.42 -41.98 44.27
C PRO V 63 58.92 -41.98 44.01
N ARG V 64 59.65 -41.66 45.08
CA ARG V 64 61.09 -41.58 45.05
C ARG V 64 61.64 -42.91 45.56
N CYS V 65 61.39 -43.97 44.79
CA CYS V 65 61.84 -45.28 45.21
C CYS V 65 62.40 -46.05 44.03
N VAL V 66 63.26 -47.03 44.36
CA VAL V 66 63.74 -48.00 43.39
C VAL V 66 63.47 -49.41 43.91
N PHE V 67 63.01 -50.26 43.01
CA PHE V 67 62.72 -51.65 43.28
C PHE V 67 63.75 -52.49 42.55
N LEU V 68 64.47 -53.31 43.31
CA LEU V 68 65.53 -54.15 42.76
C LEU V 68 65.27 -55.59 43.17
N ASP V 69 65.16 -56.47 42.15
CA ASP V 69 65.37 -57.88 42.38
C ASP V 69 66.00 -58.47 41.10
N LEU V 70 66.76 -59.54 41.32
CA LEU V 70 67.32 -60.29 40.21
C LEU V 70 66.31 -61.25 39.59
N GLU V 71 65.29 -61.65 40.32
CA GLU V 71 64.26 -62.45 39.68
C GLU V 71 63.11 -61.54 39.28
N PRO V 72 62.54 -61.68 38.08
CA PRO V 72 61.50 -60.76 37.63
C PRO V 72 60.12 -61.00 38.22
N THR V 73 59.90 -62.16 38.83
CA THR V 73 58.58 -62.65 39.17
C THR V 73 57.86 -61.84 40.24
N VAL V 74 58.55 -60.99 40.99
CA VAL V 74 57.88 -60.20 42.03
C VAL V 74 57.71 -58.76 41.60
N VAL V 75 58.56 -58.30 40.70
CA VAL V 75 58.50 -56.91 40.22
C VAL V 75 57.57 -56.80 39.03
N ASP V 76 57.46 -57.87 38.22
CA ASP V 76 56.53 -57.88 37.09
C ASP V 76 55.08 -57.88 37.59
N GLU V 77 54.86 -58.45 38.78
CA GLU V 77 53.51 -58.49 39.33
C GLU V 77 53.09 -57.13 39.86
N VAL V 78 54.06 -56.29 40.19
CA VAL V 78 53.79 -54.90 40.51
C VAL V 78 53.50 -54.12 39.24
N ARG V 79 54.21 -54.47 38.14
CA ARG V 79 54.02 -53.80 36.87
C ARG V 79 52.64 -54.11 36.29
N THR V 80 52.04 -55.19 36.69
CA THR V 80 50.81 -55.68 36.06
C THR V 80 49.59 -55.48 36.97
N GLY V 81 49.83 -55.14 38.24
CA GLY V 81 48.76 -54.91 39.19
C GLY V 81 48.18 -53.50 39.08
N THR V 82 47.55 -53.06 40.17
CA THR V 82 46.83 -51.80 40.20
C THR V 82 47.78 -50.60 40.19
N TYR V 83 48.91 -50.74 40.85
CA TYR V 83 49.85 -49.61 40.93
C TYR V 83 50.88 -49.63 39.82
N ARG V 84 50.42 -49.74 38.56
CA ARG V 84 51.30 -49.84 37.44
C ARG V 84 51.65 -48.46 36.98
N HIS V 85 50.77 -47.45 37.05
CA HIS V 85 51.10 -46.12 36.59
C HIS V 85 51.68 -45.20 37.66
N LEU V 86 51.71 -45.71 38.88
CA LEU V 86 52.22 -44.91 39.97
C LEU V 86 53.73 -44.81 39.86
N PHE V 87 54.38 -45.95 39.63
CA PHE V 87 55.84 -45.97 39.58
C PHE V 87 56.33 -45.68 38.18
N HIS V 88 57.46 -44.98 38.14
CA HIS V 88 58.17 -44.77 36.89
C HIS V 88 58.67 -46.10 36.39
N PRO V 89 58.55 -46.39 35.08
CA PRO V 89 58.96 -47.70 34.56
C PRO V 89 60.43 -48.06 34.74
N GLU V 90 61.33 -47.07 34.89
CA GLU V 90 62.71 -47.41 35.14
C GLU V 90 63.06 -47.55 36.62
N GLN V 91 62.10 -47.25 37.50
CA GLN V 91 62.36 -47.42 38.91
C GLN V 91 62.14 -48.87 39.35
N LEU V 92 61.58 -49.72 38.51
CA LEU V 92 61.36 -51.11 38.82
C LEU V 92 62.33 -51.91 37.96
N ILE V 93 63.46 -52.28 38.54
CA ILE V 93 64.55 -52.91 37.83
C ILE V 93 64.52 -54.41 38.12
N SER V 94 64.57 -55.22 37.07
CA SER V 94 64.56 -56.65 37.16
C SER V 94 65.76 -57.25 36.43
N GLY V 95 66.28 -58.34 36.98
CA GLY V 95 67.22 -59.17 36.27
C GLY V 95 66.52 -60.26 35.47
N LYS V 96 67.27 -61.31 35.20
CA LYS V 96 66.83 -62.45 34.44
C LYS V 96 66.81 -63.73 35.28
N GLU V 97 67.88 -63.96 36.08
CA GLU V 97 67.91 -65.14 36.92
C GLU V 97 68.07 -64.75 38.40
N ASP V 98 67.56 -65.59 39.27
CA ASP V 98 67.56 -65.40 40.70
C ASP V 98 68.94 -65.58 41.28
N ALA V 99 69.23 -65.08 42.48
CA ALA V 99 70.43 -65.29 43.22
C ALA V 99 70.48 -66.65 43.95
N ALA V 100 69.31 -67.21 44.22
CA ALA V 100 69.12 -68.53 44.78
C ALA V 100 69.81 -68.69 46.14
N ASN V 101 69.36 -67.88 47.11
CA ASN V 101 69.75 -67.98 48.52
C ASN V 101 71.28 -67.96 48.71
N ASN V 102 71.97 -67.29 47.81
CA ASN V 102 73.42 -67.32 47.83
C ASN V 102 74.00 -65.95 47.91
N PHE V 103 74.73 -65.69 48.99
CA PHE V 103 75.43 -64.42 49.13
C PHE V 103 76.47 -64.26 48.03
N ALA V 104 77.17 -65.34 47.68
CA ALA V 104 78.27 -65.25 46.73
C ALA V 104 77.72 -64.93 45.32
N ARG V 105 76.51 -65.43 45.02
CA ARG V 105 75.94 -65.16 43.71
C ARG V 105 75.53 -63.71 43.59
N GLY V 106 74.90 -63.20 44.62
CA GLY V 106 74.34 -61.82 44.65
C GLY V 106 75.45 -60.76 44.69
N HIS V 107 76.64 -61.14 45.15
CA HIS V 107 77.71 -60.20 45.35
C HIS V 107 78.73 -60.20 44.19
N TYR V 108 79.03 -61.39 43.66
CA TYR V 108 80.14 -61.49 42.72
C TYR V 108 79.71 -61.82 41.29
N THR V 109 78.82 -62.80 41.13
CA THR V 109 78.61 -63.38 39.82
C THR V 109 77.51 -62.65 39.05
N ILE V 110 76.30 -62.63 39.61
CA ILE V 110 75.14 -62.18 38.84
C ILE V 110 74.79 -60.73 39.23
N GLY V 111 75.37 -60.21 40.35
CA GLY V 111 74.89 -58.94 40.82
C GLY V 111 75.41 -57.73 40.03
N LYS V 112 76.52 -57.90 39.33
CA LYS V 112 77.31 -56.76 38.88
C LYS V 112 76.65 -56.03 37.71
N GLU V 113 75.81 -56.76 36.95
CA GLU V 113 75.24 -56.13 35.75
C GLU V 113 73.98 -55.38 36.09
N ILE V 114 73.47 -55.43 37.31
CA ILE V 114 72.24 -54.74 37.66
C ILE V 114 72.54 -53.52 38.53
N VAL V 115 73.71 -53.50 39.21
CA VAL V 115 73.99 -52.41 40.13
C VAL V 115 74.26 -51.13 39.33
N ASP V 116 74.84 -51.23 38.17
CA ASP V 116 75.10 -50.06 37.32
C ASP V 116 73.79 -49.39 36.88
N LEU V 117 72.76 -50.20 36.58
CA LEU V 117 71.47 -49.65 36.24
C LEU V 117 70.78 -49.06 37.46
N SER V 118 71.06 -49.63 38.64
CA SER V 118 70.46 -49.15 39.88
C SER V 118 71.04 -47.79 40.27
N LEU V 119 72.35 -47.64 40.14
CA LEU V 119 73.01 -46.40 40.50
C LEU V 119 72.64 -45.27 39.56
N ASP V 120 72.33 -45.57 38.31
CA ASP V 120 71.89 -44.55 37.38
C ASP V 120 70.55 -43.97 37.80
N ARG V 121 69.66 -44.85 38.29
CA ARG V 121 68.34 -44.40 38.71
C ARG V 121 68.42 -43.63 40.02
N ILE V 122 69.29 -44.07 40.91
CA ILE V 122 69.45 -43.41 42.21
C ILE V 122 70.06 -42.03 42.03
N ARG V 123 70.99 -41.89 41.09
CA ARG V 123 71.65 -40.61 40.86
C ARG V 123 70.65 -39.60 40.28
N LYS V 124 69.80 -40.06 39.37
CA LYS V 124 68.80 -39.18 38.77
C LYS V 124 67.74 -38.76 39.80
N LEU V 125 67.48 -39.63 40.77
CA LEU V 125 66.48 -39.38 41.78
C LEU V 125 67.03 -38.53 42.93
N ALA V 126 68.37 -38.50 43.09
CA ALA V 126 69.00 -37.76 44.18
C ALA V 126 69.44 -36.35 43.74
N ASP V 127 69.56 -36.10 42.46
CA ASP V 127 70.26 -34.87 42.03
C ASP V 127 69.30 -33.68 41.83
N ASN V 128 68.00 -33.92 42.04
CA ASN V 128 67.03 -32.88 41.72
C ASN V 128 67.11 -31.72 42.73
N CYS V 129 67.27 -32.04 44.02
CA CYS V 129 67.52 -31.04 45.04
C CYS V 129 68.60 -31.52 46.00
N THR V 130 69.38 -30.59 46.52
CA THR V 130 70.25 -30.86 47.65
C THR V 130 69.47 -30.88 48.95
N GLY V 131 70.18 -31.17 50.03
CA GLY V 131 69.57 -31.31 51.34
C GLY V 131 68.79 -32.61 51.46
N LEU V 132 69.23 -33.64 50.72
CA LEU V 132 68.70 -34.98 50.83
C LEU V 132 69.01 -35.53 52.22
N GLN V 133 67.96 -36.00 52.90
CA GLN V 133 68.13 -36.46 54.25
C GLN V 133 68.88 -37.81 54.32
N GLY V 134 68.55 -38.73 53.41
CA GLY V 134 69.28 -39.96 53.35
C GLY V 134 68.59 -41.05 52.55
N PHE V 135 68.94 -42.29 52.84
CA PHE V 135 68.46 -43.45 52.14
C PHE V 135 67.79 -44.38 53.10
N LEU V 136 66.51 -44.78 52.84
CA LEU V 136 65.95 -45.96 53.48
C LEU V 136 66.20 -47.21 52.64
N MET V 137 66.76 -48.24 53.24
CA MET V 137 67.01 -49.49 52.57
C MET V 137 66.18 -50.58 53.26
N PHE V 138 65.48 -51.37 52.44
CA PHE V 138 64.72 -52.50 52.93
C PHE V 138 65.26 -53.77 52.29
N ASN V 139 65.73 -54.73 53.10
CA ASN V 139 66.21 -55.97 52.55
C ASN V 139 65.95 -57.13 53.49
N ALA V 140 66.10 -58.36 52.92
CA ALA V 140 66.12 -59.55 53.77
C ALA V 140 67.56 -60.00 53.87
N VAL V 141 68.04 -60.16 55.12
CA VAL V 141 69.39 -60.61 55.35
C VAL V 141 69.56 -62.11 55.06
N GLY V 142 68.48 -62.86 55.20
CA GLY V 142 68.52 -64.30 55.00
C GLY V 142 68.48 -64.70 53.52
N GLY V 143 68.14 -63.77 52.63
CA GLY V 143 68.04 -64.05 51.23
C GLY V 143 69.33 -63.95 50.47
N GLY V 144 69.22 -64.16 49.16
CA GLY V 144 70.36 -64.10 48.26
C GLY V 144 70.62 -62.68 47.77
N THR V 145 69.65 -62.11 47.05
CA THR V 145 69.80 -60.82 46.45
C THR V 145 69.63 -59.71 47.49
N GLY V 146 68.86 -59.99 48.56
CA GLY V 146 68.68 -58.98 49.59
C GLY V 146 69.96 -58.79 50.40
N SER V 147 70.77 -59.84 50.53
CA SER V 147 72.00 -59.77 51.28
C SER V 147 73.19 -59.44 50.38
N GLY V 148 73.29 -60.16 49.27
CA GLY V 148 74.43 -60.06 48.37
C GLY V 148 74.47 -58.73 47.64
N LEU V 149 73.36 -58.44 46.94
CA LEU V 149 73.30 -57.20 46.17
C LEU V 149 73.20 -56.00 47.12
N GLY V 150 72.62 -56.22 48.29
CA GLY V 150 72.41 -55.19 49.27
C GLY V 150 73.73 -54.66 49.79
N CYS V 151 74.73 -55.53 50.01
CA CYS V 151 76.02 -55.04 50.43
C CYS V 151 76.68 -54.20 49.30
N LEU V 152 76.59 -54.73 48.07
CA LEU V 152 77.34 -54.15 46.96
C LEU V 152 76.81 -52.76 46.63
N LEU V 153 75.48 -52.59 46.75
CA LEU V 153 74.94 -51.27 46.45
C LEU V 153 75.26 -50.30 47.57
N LEU V 154 75.34 -50.76 48.82
CA LEU V 154 75.71 -49.88 49.92
C LEU V 154 77.19 -49.50 49.88
N GLU V 155 78.06 -50.40 49.39
CA GLU V 155 79.44 -50.06 49.20
C GLU V 155 79.63 -48.92 48.20
N ARG V 156 78.91 -49.02 47.09
CA ARG V 156 79.04 -48.03 46.05
C ARG V 156 78.38 -46.70 46.42
N LEU V 157 77.32 -46.77 47.21
CA LEU V 157 76.67 -45.57 47.71
C LEU V 157 77.52 -44.88 48.76
N SER V 158 78.29 -45.62 49.53
CA SER V 158 79.17 -45.06 50.53
C SER V 158 80.31 -44.26 49.91
N VAL V 159 80.78 -44.67 48.76
CA VAL V 159 81.86 -44.00 48.05
C VAL V 159 81.36 -42.69 47.43
N ASP V 160 80.14 -42.67 46.90
CA ASP V 160 79.62 -41.55 46.15
C ASP V 160 79.01 -40.51 47.12
N TYR V 161 78.01 -40.94 47.88
CA TYR V 161 77.28 -40.11 48.80
C TYR V 161 77.79 -40.43 50.21
N GLY V 162 78.91 -39.77 50.54
CA GLY V 162 79.61 -40.07 51.78
C GLY V 162 78.88 -39.72 53.09
N LYS V 163 78.55 -38.43 53.23
CA LYS V 163 78.21 -37.88 54.55
C LYS V 163 76.71 -37.95 54.83
N LYS V 164 75.95 -38.65 54.03
CA LYS V 164 74.51 -38.74 54.12
C LYS V 164 74.05 -40.04 54.80
N SER V 165 72.88 -39.99 55.41
CA SER V 165 72.40 -41.04 56.27
C SER V 165 71.98 -42.28 55.51
N LYS V 166 72.30 -43.48 55.99
CA LYS V 166 71.85 -44.69 55.29
C LYS V 166 71.21 -45.63 56.29
N LEU V 167 69.88 -45.58 56.39
CA LEU V 167 69.15 -46.36 57.37
C LEU V 167 68.70 -47.69 56.74
N ASN V 168 68.76 -48.75 57.50
CA ASN V 168 68.46 -50.10 57.01
C ASN V 168 67.37 -50.70 57.89
N PHE V 169 66.43 -51.41 57.24
CA PHE V 169 65.43 -52.19 57.92
C PHE V 169 65.55 -53.63 57.45
N CYS V 170 66.30 -54.40 58.25
CA CYS V 170 66.66 -55.76 57.87
C CYS V 170 65.69 -56.76 58.46
N SER V 171 65.16 -57.63 57.63
CA SER V 171 64.32 -58.76 58.04
C SER V 171 65.27 -59.89 58.49
N TRP V 172 65.62 -59.77 59.78
CA TRP V 172 66.56 -60.65 60.42
C TRP V 172 65.95 -62.05 60.53
N PRO V 173 66.75 -63.11 60.43
CA PRO V 173 66.25 -64.46 60.70
C PRO V 173 65.81 -64.67 62.14
N SER V 174 64.76 -65.46 62.29
CA SER V 174 64.17 -65.77 63.57
C SER V 174 65.03 -66.81 64.29
N PRO V 175 64.98 -66.87 65.64
CA PRO V 175 65.74 -67.86 66.39
C PRO V 175 65.38 -69.32 66.09
N GLN V 176 64.10 -69.62 65.90
CA GLN V 176 63.70 -70.98 65.61
C GLN V 176 63.28 -71.17 64.17
N VAL V 177 62.51 -70.26 63.57
CA VAL V 177 61.92 -70.51 62.26
C VAL V 177 62.79 -69.81 61.22
N SER V 178 63.12 -70.50 60.14
CA SER V 178 64.08 -69.94 59.20
C SER V 178 63.59 -69.95 57.76
N THR V 179 62.96 -71.04 57.32
CA THR V 179 62.51 -71.26 55.95
C THR V 179 63.65 -71.17 54.93
N ALA V 180 64.88 -71.39 55.41
CA ALA V 180 66.07 -71.43 54.57
C ALA V 180 67.20 -72.08 55.36
N VAL V 181 67.96 -72.99 54.70
CA VAL V 181 68.86 -73.81 55.48
C VAL V 181 70.31 -73.35 55.30
N VAL V 182 70.59 -72.57 54.28
CA VAL V 182 71.92 -71.96 54.13
C VAL V 182 71.96 -70.56 54.74
N GLU V 183 70.86 -70.19 55.40
CA GLU V 183 70.65 -68.84 55.92
C GLU V 183 71.63 -68.44 57.01
N PRO V 184 72.16 -69.29 57.92
CA PRO V 184 73.27 -68.88 58.77
C PRO V 184 74.51 -68.39 58.01
N TYR V 185 74.77 -68.94 56.83
CA TYR V 185 75.87 -68.46 56.03
C TYR V 185 75.59 -67.06 55.46
N ASN V 186 74.38 -66.84 54.98
CA ASN V 186 74.06 -65.54 54.39
C ASN V 186 73.99 -64.45 55.47
N SER V 187 73.58 -64.84 56.70
CA SER V 187 73.34 -63.84 57.71
C SER V 187 74.67 -63.32 58.31
N VAL V 188 75.64 -64.23 58.52
CA VAL V 188 76.89 -63.81 59.13
C VAL V 188 77.71 -63.01 58.12
N LEU V 189 77.61 -63.38 56.83
CA LEU V 189 78.35 -62.66 55.81
C LEU V 189 77.78 -61.29 55.54
N SER V 190 76.47 -61.12 55.77
CA SER V 190 75.84 -59.83 55.54
C SER V 190 76.16 -58.90 56.68
N THR V 191 76.13 -59.43 57.91
CA THR V 191 76.26 -58.60 59.10
C THR V 191 77.67 -58.04 59.20
N HIS V 192 78.68 -58.77 58.63
CA HIS V 192 80.01 -58.23 58.59
C HIS V 192 80.06 -56.94 57.75
N SER V 193 79.29 -56.95 56.65
CA SER V 193 79.40 -55.86 55.72
C SER V 193 78.36 -54.80 55.94
N LEU V 194 77.31 -55.09 56.69
CA LEU V 194 76.36 -54.07 57.17
C LEU V 194 76.84 -53.36 58.42
N LEU V 195 77.90 -53.90 59.04
CA LEU V 195 78.62 -53.20 60.09
C LEU V 195 79.38 -52.01 59.54
N GLU V 196 79.99 -52.16 58.35
CA GLU V 196 80.98 -51.16 57.94
C GLU V 196 80.41 -49.98 57.12
N HIS V 197 79.21 -50.20 56.60
CA HIS V 197 78.67 -49.19 55.65
C HIS V 197 77.18 -49.07 55.81
N THR V 198 76.69 -49.02 57.04
CA THR V 198 75.29 -48.66 57.31
C THR V 198 75.30 -47.84 58.59
N ASP V 199 74.47 -46.77 58.67
CA ASP V 199 74.50 -45.90 59.80
C ASP V 199 73.60 -46.36 60.95
N VAL V 200 72.41 -46.79 60.62
CA VAL V 200 71.40 -47.22 61.58
C VAL V 200 70.69 -48.43 61.01
N ALA V 201 70.68 -49.53 61.73
CA ALA V 201 70.08 -50.79 61.32
C ALA V 201 69.03 -51.18 62.34
N VAL V 202 67.80 -51.41 61.88
CA VAL V 202 66.73 -51.89 62.72
C VAL V 202 66.43 -53.34 62.34
N MET V 203 66.37 -54.19 63.36
CA MET V 203 66.08 -55.61 63.17
C MET V 203 64.57 -55.86 63.25
N LEU V 204 64.05 -56.43 62.20
CA LEU V 204 62.65 -56.83 62.14
C LEU V 204 62.56 -58.35 61.98
N ASP V 205 62.30 -59.04 63.06
CA ASP V 205 62.15 -60.50 63.05
C ASP V 205 60.75 -60.85 62.59
N ASN V 206 60.64 -61.97 61.88
CA ASN V 206 59.35 -62.41 61.36
C ASN V 206 58.47 -62.99 62.45
N GLU V 207 59.05 -63.84 63.31
CA GLU V 207 58.18 -64.50 64.27
C GLU V 207 57.85 -63.60 65.45
N ALA V 208 58.61 -62.51 65.59
CA ALA V 208 58.24 -61.44 66.50
C ALA V 208 56.92 -60.78 66.10
N ILE V 209 56.76 -60.51 64.82
CA ILE V 209 55.52 -59.88 64.35
C ILE V 209 54.42 -60.95 64.29
N TYR V 210 54.79 -62.22 64.11
CA TYR V 210 53.80 -63.29 64.15
C TYR V 210 53.12 -63.37 65.49
N ASP V 211 53.91 -63.31 66.57
CA ASP V 211 53.27 -63.48 67.88
C ASP V 211 52.61 -62.20 68.35
N ILE V 212 53.07 -61.05 67.82
CA ILE V 212 52.37 -59.79 68.08
C ILE V 212 50.96 -59.85 67.47
N CYS V 213 50.86 -60.37 66.26
CA CYS V 213 49.56 -60.46 65.63
C CYS V 213 48.67 -61.54 66.26
N ARG V 214 49.29 -62.51 66.95
CA ARG V 214 48.54 -63.57 67.58
C ARG V 214 47.93 -63.14 68.90
N ARG V 215 48.62 -62.27 69.65
CA ARG V 215 48.12 -61.82 70.94
C ARG V 215 47.26 -60.55 70.80
N ASN V 216 47.71 -59.60 69.99
CA ASN V 216 47.13 -58.26 70.00
C ASN V 216 45.98 -58.13 69.02
N LEU V 217 46.21 -58.59 67.79
CA LEU V 217 45.16 -58.49 66.77
C LEU V 217 44.23 -59.72 66.79
N ASP V 218 44.61 -60.76 67.52
CA ASP V 218 43.91 -62.04 67.61
C ASP V 218 43.67 -62.65 66.24
N ILE V 219 44.71 -62.67 65.41
CA ILE V 219 44.64 -63.42 64.15
C ILE V 219 45.49 -64.67 64.31
N GLU V 220 44.84 -65.82 64.16
CA GLU V 220 45.50 -67.11 64.33
C GLU V 220 46.37 -67.47 63.13
N ARG V 221 46.01 -67.01 61.93
CA ARG V 221 46.63 -67.43 60.70
C ARG V 221 46.98 -66.22 59.85
N PRO V 222 48.01 -65.42 60.21
CA PRO V 222 48.38 -64.29 59.39
C PRO V 222 49.26 -64.70 58.21
N THR V 223 49.34 -63.75 57.27
CA THR V 223 50.19 -63.95 56.11
C THR V 223 51.29 -62.87 56.13
N TYR V 224 52.10 -62.87 55.06
CA TYR V 224 53.15 -61.88 54.92
C TYR V 224 52.57 -60.48 54.72
N THR V 225 51.37 -60.38 54.16
CA THR V 225 50.77 -59.08 53.91
C THR V 225 50.34 -58.41 55.23
N ASN V 226 50.01 -59.21 56.24
CA ASN V 226 49.66 -58.63 57.51
C ASN V 226 50.90 -58.27 58.31
N LEU V 227 52.04 -58.92 58.02
CA LEU V 227 53.31 -58.47 58.59
C LEU V 227 53.70 -57.12 57.98
N ASN V 228 53.47 -56.95 56.70
CA ASN V 228 54.01 -55.80 55.99
C ASN V 228 53.22 -54.53 56.29
N ARG V 229 51.94 -54.70 56.66
CA ARG V 229 51.14 -53.55 57.09
C ARG V 229 51.69 -52.98 58.38
N LEU V 230 52.10 -53.86 59.28
CA LEU V 230 52.62 -53.46 60.59
C LEU V 230 53.96 -52.78 60.43
N ILE V 231 54.77 -53.24 59.46
CA ILE V 231 56.05 -52.62 59.16
C ILE V 231 55.81 -51.25 58.56
N ALA V 232 54.78 -51.12 57.73
CA ALA V 232 54.46 -49.86 57.08
C ALA V 232 54.05 -48.80 58.10
N GLN V 233 53.37 -49.23 59.17
CA GLN V 233 52.94 -48.30 60.20
C GLN V 233 54.14 -47.78 60.99
N VAL V 234 55.19 -48.60 61.13
CA VAL V 234 56.39 -48.18 61.85
C VAL V 234 57.13 -47.14 61.01
N ILE V 235 57.22 -47.34 59.70
CA ILE V 235 57.95 -46.42 58.85
C ILE V 235 57.20 -45.10 58.76
N SER V 236 55.87 -45.15 58.73
CA SER V 236 55.08 -43.95 58.68
C SER V 236 55.25 -43.12 59.95
N SER V 237 55.31 -43.80 61.10
CA SER V 237 55.46 -43.11 62.36
C SER V 237 56.87 -42.56 62.52
N LEU V 238 57.88 -43.20 61.84
CA LEU V 238 59.24 -42.74 61.93
C LEU V 238 59.40 -41.41 61.20
N THR V 239 58.81 -41.32 60.02
CA THR V 239 59.02 -40.18 59.14
C THR V 239 57.84 -39.23 59.20
N ALA V 240 57.00 -39.30 60.25
CA ALA V 240 55.84 -38.41 60.26
C ALA V 240 56.24 -36.94 60.54
N SER V 241 57.28 -36.78 61.30
CA SER V 241 57.79 -35.46 61.67
C SER V 241 58.46 -34.78 60.49
N LEU V 242 59.04 -35.53 59.57
CA LEU V 242 59.62 -35.00 58.36
C LEU V 242 58.55 -34.46 57.42
N ARG V 243 57.37 -35.10 57.41
CA ARG V 243 56.36 -34.75 56.42
C ARG V 243 55.43 -33.69 56.95
N PHE V 244 55.04 -33.79 58.22
CA PHE V 244 53.87 -33.06 58.76
C PHE V 244 54.36 -32.15 59.89
N ASP V 245 53.45 -31.32 60.37
CA ASP V 245 53.68 -30.44 61.47
C ASP V 245 53.68 -31.24 62.80
N GLY V 246 54.49 -30.76 63.72
CA GLY V 246 54.64 -31.44 64.98
C GLY V 246 54.87 -30.47 66.13
N ALA V 247 54.53 -30.92 67.34
CA ALA V 247 54.81 -30.17 68.55
C ALA V 247 56.32 -30.16 68.85
N LEU V 248 56.96 -31.30 68.65
CA LEU V 248 58.38 -31.44 68.89
C LEU V 248 58.92 -32.44 67.90
N ASN V 249 59.44 -31.98 66.77
CA ASN V 249 59.71 -32.86 65.65
C ASN V 249 61.11 -33.45 65.68
N VAL V 250 61.25 -34.60 65.05
CA VAL V 250 62.50 -35.33 65.02
C VAL V 250 62.80 -35.75 63.58
N ASP V 251 64.03 -35.47 63.15
CA ASP V 251 64.50 -35.80 61.82
C ASP V 251 65.30 -37.08 61.82
N VAL V 252 65.75 -37.47 60.63
CA VAL V 252 66.49 -38.72 60.49
C VAL V 252 67.94 -38.53 60.89
N THR V 253 68.46 -37.29 60.75
CA THR V 253 69.82 -37.01 61.23
C THR V 253 69.88 -36.96 62.75
N GLU V 254 68.75 -36.74 63.40
CA GLU V 254 68.64 -36.67 64.85
C GLU V 254 68.73 -38.06 65.51
N PHE V 255 68.41 -39.14 64.76
CA PHE V 255 68.50 -40.46 65.32
C PHE V 255 69.93 -40.90 65.53
N GLN V 256 70.80 -40.62 64.57
CA GLN V 256 72.14 -41.19 64.66
C GLN V 256 72.96 -40.49 65.72
N THR V 257 72.65 -39.24 66.03
CA THR V 257 73.29 -38.51 67.12
C THR V 257 72.82 -39.05 68.47
N ASN V 258 71.57 -39.55 68.54
CA ASN V 258 70.94 -39.83 69.80
C ASN V 258 70.93 -41.31 70.17
N LEU V 259 71.15 -42.19 69.19
CA LEU V 259 71.00 -43.61 69.44
C LEU V 259 72.27 -44.39 69.11
N VAL V 260 73.28 -43.77 68.51
CA VAL V 260 74.51 -44.47 68.24
C VAL V 260 75.61 -43.92 69.12
N PRO V 261 75.98 -44.59 70.22
CA PRO V 261 77.02 -44.05 71.10
C PRO V 261 78.45 -44.27 70.60
N TYR V 262 78.66 -45.36 69.88
CA TYR V 262 79.96 -45.73 69.32
C TYR V 262 79.67 -46.27 67.94
N PRO V 263 80.60 -46.13 66.96
CA PRO V 263 80.34 -46.47 65.56
C PRO V 263 79.87 -47.89 65.28
N ARG V 264 80.32 -48.86 66.08
CA ARG V 264 79.96 -50.24 65.80
C ARG V 264 78.63 -50.64 66.42
N ILE V 265 78.13 -49.87 67.43
CA ILE V 265 76.83 -50.18 67.98
C ILE V 265 75.78 -49.36 67.23
N HIS V 266 75.17 -49.99 66.22
CA HIS V 266 74.02 -49.31 65.62
C HIS V 266 72.89 -50.27 65.31
N PHE V 267 72.73 -51.27 66.18
CA PHE V 267 71.68 -52.26 66.03
C PHE V 267 70.60 -52.01 67.06
N MET V 268 69.41 -51.65 66.59
CA MET V 268 68.33 -51.24 67.42
C MET V 268 67.08 -52.08 67.13
N LEU V 269 66.25 -52.18 68.18
CA LEU V 269 65.01 -52.91 68.15
C LEU V 269 63.90 -51.95 67.75
N SER V 270 62.69 -52.50 67.68
CA SER V 270 61.50 -51.67 67.45
C SER V 270 60.37 -52.16 68.35
N SER V 271 59.42 -51.27 68.62
CA SER V 271 58.13 -51.63 69.15
C SER V 271 57.09 -50.61 68.71
N TYR V 272 55.85 -51.10 68.51
CA TYR V 272 54.79 -50.19 68.14
C TYR V 272 53.55 -50.48 68.96
N ALA V 273 52.89 -49.41 69.39
CA ALA V 273 51.77 -49.58 70.31
C ALA V 273 50.90 -48.34 70.21
N PRO V 274 49.55 -48.47 70.19
CA PRO V 274 48.85 -49.76 70.18
C PRO V 274 48.64 -50.33 68.78
N ILE V 275 48.67 -51.65 68.67
CA ILE V 275 48.11 -52.33 67.51
C ILE V 275 47.02 -53.21 68.08
N ILE V 276 45.80 -52.67 67.99
CA ILE V 276 44.64 -53.40 68.45
C ILE V 276 43.59 -53.42 67.33
N SER V 277 42.83 -54.50 67.32
CA SER V 277 41.74 -54.66 66.37
C SER V 277 40.52 -53.85 66.77
N ALA V 278 39.55 -53.79 65.87
CA ALA V 278 38.33 -53.05 66.08
C ALA V 278 37.45 -53.66 67.18
N GLU V 279 37.63 -54.92 67.49
CA GLU V 279 36.88 -55.62 68.48
C GLU V 279 37.34 -55.21 69.86
N LYS V 280 38.59 -54.86 70.09
CA LYS V 280 39.07 -54.53 71.41
C LYS V 280 39.70 -53.13 71.49
N ALA V 281 39.39 -52.29 70.54
CA ALA V 281 39.71 -50.84 70.65
C ALA V 281 38.60 -50.15 71.39
N TYR V 282 37.39 -50.66 71.30
CA TYR V 282 36.21 -50.08 71.89
C TYR V 282 36.27 -50.02 73.40
N HIS V 283 36.96 -50.96 73.99
CA HIS V 283 37.06 -51.19 75.42
C HIS V 283 38.33 -50.58 76.02
N GLU V 284 39.30 -50.11 75.19
CA GLU V 284 40.54 -49.66 75.75
C GLU V 284 40.56 -48.13 75.79
N GLN V 285 40.95 -47.61 76.97
CA GLN V 285 41.13 -46.17 77.03
C GLN V 285 42.58 -45.92 76.65
N LEU V 286 42.83 -45.27 75.49
CA LEU V 286 44.19 -45.38 74.95
C LEU V 286 45.03 -44.20 75.36
N SER V 287 45.27 -44.08 76.68
CA SER V 287 45.97 -42.95 77.25
C SER V 287 47.45 -43.04 76.86
N VAL V 288 48.11 -41.89 76.93
CA VAL V 288 49.52 -41.80 76.59
C VAL V 288 50.35 -42.61 77.59
N ALA V 289 49.87 -42.73 78.83
CA ALA V 289 50.58 -43.49 79.84
C ALA V 289 50.53 -44.99 79.52
N GLU V 290 49.41 -45.47 78.98
CA GLU V 290 49.21 -46.89 78.82
C GLU V 290 49.83 -47.38 77.49
N ILE V 291 49.85 -46.51 76.47
CA ILE V 291 50.43 -46.91 75.20
C ILE V 291 51.95 -46.91 75.29
N THR V 292 52.50 -46.13 76.23
CA THR V 292 53.95 -46.16 76.40
C THR V 292 54.37 -47.28 77.33
N ASN V 293 53.46 -47.77 78.17
CA ASN V 293 53.74 -48.93 78.99
C ASN V 293 53.77 -50.18 78.11
N SER V 294 52.84 -50.25 77.16
CA SER V 294 52.76 -51.37 76.23
C SER V 294 53.90 -51.36 75.22
N ALA V 295 54.50 -50.19 74.99
CA ALA V 295 55.63 -50.11 74.05
C ALA V 295 56.87 -50.77 74.65
N PHE V 296 57.06 -50.61 75.96
CA PHE V 296 58.24 -51.14 76.61
C PHE V 296 58.04 -52.55 77.12
N GLU V 297 56.84 -53.11 76.95
CA GLU V 297 56.56 -54.47 77.38
C GLU V 297 57.37 -55.43 76.52
N PRO V 298 58.08 -56.41 77.09
CA PRO V 298 58.98 -57.26 76.30
C PRO V 298 58.27 -58.15 75.29
N ALA V 299 56.97 -58.40 75.47
CA ALA V 299 56.22 -59.21 74.51
C ALA V 299 55.79 -58.41 73.29
N SER V 300 55.99 -57.09 73.30
CA SER V 300 55.60 -56.25 72.19
C SER V 300 56.80 -55.82 71.34
N MET V 301 57.97 -56.37 71.64
CA MET V 301 59.15 -56.01 70.87
C MET V 301 59.10 -56.77 69.54
N MET V 302 59.83 -56.21 68.56
CA MET V 302 59.73 -56.64 67.20
C MET V 302 61.03 -57.29 66.73
N ALA V 303 61.68 -58.03 67.64
CA ALA V 303 62.89 -58.74 67.29
C ALA V 303 62.96 -60.15 67.88
N LYS V 304 62.01 -60.51 68.77
CA LYS V 304 62.07 -61.72 69.57
C LYS V 304 63.39 -61.75 70.35
N CYS V 305 63.57 -60.71 71.17
CA CYS V 305 64.75 -60.52 71.96
C CYS V 305 64.30 -59.83 73.23
N ASP V 306 64.23 -60.61 74.31
CA ASP V 306 63.74 -60.12 75.58
C ASP V 306 64.74 -59.12 76.13
N PRO V 307 64.39 -57.84 76.33
CA PRO V 307 65.34 -56.87 76.85
C PRO V 307 65.55 -56.88 78.36
N ARG V 308 64.96 -57.84 79.08
CA ARG V 308 65.21 -58.02 80.48
C ARG V 308 66.64 -58.47 80.75
N HIS V 309 67.25 -59.21 79.84
CA HIS V 309 68.64 -59.58 79.99
C HIS V 309 69.57 -58.65 79.21
N GLY V 310 69.23 -57.39 79.19
CA GLY V 310 70.04 -56.35 78.61
C GLY V 310 69.91 -55.07 79.41
N LYS V 311 70.70 -54.07 79.02
CA LYS V 311 70.61 -52.73 79.54
C LYS V 311 70.31 -51.81 78.36
N TYR V 312 69.30 -50.93 78.55
CA TYR V 312 68.94 -50.01 77.50
C TYR V 312 70.02 -48.93 77.43
N MET V 313 70.66 -48.84 76.28
CA MET V 313 71.71 -47.84 76.07
C MET V 313 71.12 -46.48 75.72
N ALA V 314 70.07 -46.46 74.91
CA ALA V 314 69.45 -45.26 74.39
C ALA V 314 68.05 -45.61 73.89
N CYS V 315 67.09 -44.70 74.04
CA CYS V 315 65.73 -45.00 73.66
C CYS V 315 65.07 -43.79 73.03
N CYS V 316 64.32 -43.98 71.96
CA CYS V 316 63.70 -42.93 71.20
C CYS V 316 62.23 -43.23 71.00
N LEU V 317 61.37 -42.31 71.49
CA LEU V 317 59.93 -42.46 71.42
C LEU V 317 59.33 -41.45 70.46
N MET V 318 58.61 -41.94 69.46
CA MET V 318 57.86 -41.10 68.55
C MET V 318 56.37 -41.23 68.84
N TYR V 319 55.83 -40.22 69.48
CA TYR V 319 54.38 -40.16 69.71
C TYR V 319 53.72 -39.52 68.50
N ARG V 320 52.53 -40.01 68.18
CA ARG V 320 51.81 -39.53 67.03
C ARG V 320 50.34 -39.42 67.38
N GLY V 321 49.76 -38.23 67.27
CA GLY V 321 48.33 -38.08 67.40
C GLY V 321 48.03 -36.96 68.39
N ASP V 322 46.90 -37.08 69.13
CA ASP V 322 46.54 -36.07 70.13
C ASP V 322 47.33 -36.38 71.39
N VAL V 323 48.63 -36.07 71.34
CA VAL V 323 49.52 -36.23 72.47
C VAL V 323 50.00 -34.86 72.91
N VAL V 324 49.75 -34.54 74.18
CA VAL V 324 50.26 -33.33 74.78
C VAL V 324 51.65 -33.63 75.33
N PRO V 325 52.60 -32.68 75.33
CA PRO V 325 53.89 -32.91 75.95
C PRO V 325 53.94 -33.15 77.45
N LYS V 326 52.85 -32.75 78.17
CA LYS V 326 52.87 -32.97 79.60
C LYS V 326 52.59 -34.43 79.95
N ASP V 327 51.78 -35.12 79.13
CA ASP V 327 51.52 -36.52 79.38
C ASP V 327 52.69 -37.41 78.97
N VAL V 328 53.55 -36.90 78.09
CA VAL V 328 54.76 -37.62 77.74
C VAL V 328 55.69 -37.64 78.95
N ASN V 329 55.85 -36.49 79.59
CA ASN V 329 56.75 -36.36 80.73
C ASN V 329 56.26 -37.18 81.92
N ALA V 330 54.92 -37.21 82.07
CA ALA V 330 54.34 -37.98 83.16
C ALA V 330 54.50 -39.49 82.89
N ALA V 331 54.43 -39.90 81.62
CA ALA V 331 54.47 -41.29 81.28
C ALA V 331 55.90 -41.85 81.31
N VAL V 332 56.87 -41.05 80.87
CA VAL V 332 58.24 -41.53 80.78
C VAL V 332 58.85 -41.58 82.17
N ALA V 333 58.33 -40.77 83.11
CA ALA V 333 58.82 -40.79 84.48
C ALA V 333 58.51 -42.13 85.16
N THR V 334 57.33 -42.71 84.83
CA THR V 334 57.00 -43.99 85.41
C THR V 334 57.93 -45.09 84.91
N ILE V 335 58.35 -45.00 83.66
CA ILE V 335 59.22 -45.98 83.05
C ILE V 335 60.59 -45.94 83.72
N LYS V 336 61.09 -44.72 83.99
CA LYS V 336 62.40 -44.58 84.60
C LYS V 336 62.38 -45.16 86.03
N THR V 337 61.27 -44.98 86.74
CA THR V 337 61.22 -45.44 88.11
C THR V 337 61.02 -46.96 88.18
N LYS V 338 60.47 -47.58 87.14
CA LYS V 338 60.24 -49.01 87.14
C LYS V 338 61.55 -49.79 87.17
N ARG V 339 61.58 -50.83 87.98
CA ARG V 339 62.84 -51.51 88.25
C ARG V 339 63.10 -52.73 87.36
N THR V 340 62.09 -53.18 86.65
CA THR V 340 62.29 -54.29 85.72
C THR V 340 63.02 -53.82 84.45
N ILE V 341 62.84 -52.56 84.11
CA ILE V 341 63.54 -51.94 82.98
C ILE V 341 64.67 -51.10 83.59
N GLN V 342 65.87 -51.34 83.13
CA GLN V 342 67.04 -50.74 83.69
C GLN V 342 67.83 -50.19 82.53
N PHE V 343 68.63 -49.19 82.89
CA PHE V 343 69.45 -48.40 81.95
C PHE V 343 70.90 -48.61 82.31
N VAL V 344 71.77 -48.31 81.35
CA VAL V 344 73.19 -48.39 81.56
C VAL V 344 73.64 -47.16 82.35
N ASP V 345 74.73 -47.32 83.10
CA ASP V 345 75.14 -46.34 84.09
C ASP V 345 75.67 -45.08 83.40
N TRP V 346 76.27 -45.19 82.20
CA TRP V 346 76.91 -44.03 81.61
C TRP V 346 75.96 -43.19 80.77
N CYS V 347 74.69 -43.52 80.74
CA CYS V 347 73.67 -42.73 80.05
C CYS V 347 72.57 -42.31 81.03
N PRO V 348 72.78 -41.22 81.78
CA PRO V 348 71.86 -40.86 82.87
C PRO V 348 70.48 -40.40 82.38
N THR V 349 70.47 -39.58 81.35
CA THR V 349 69.26 -39.27 80.60
C THR V 349 69.27 -40.14 79.36
N GLY V 350 68.17 -40.88 79.14
CA GLY V 350 68.24 -41.87 78.08
C GLY V 350 67.04 -41.87 77.14
N PHE V 351 66.44 -40.69 76.97
CA PHE V 351 65.21 -40.52 76.21
C PHE V 351 65.36 -39.47 75.17
N LYS V 352 64.77 -39.73 74.00
CA LYS V 352 64.52 -38.72 72.98
C LYS V 352 63.03 -38.79 72.66
N CYS V 353 62.36 -37.64 72.73
CA CYS V 353 60.94 -37.59 72.46
C CYS V 353 60.68 -36.90 71.12
N GLY V 354 59.66 -37.41 70.45
CA GLY V 354 59.08 -36.77 69.29
C GLY V 354 57.57 -36.76 69.40
N ILE V 355 56.92 -35.62 69.17
CA ILE V 355 55.47 -35.56 69.08
C ILE V 355 55.05 -35.02 67.75
N ASN V 356 54.13 -35.72 67.10
CA ASN V 356 53.60 -35.30 65.80
C ASN V 356 52.08 -35.24 65.88
N TYR V 357 51.48 -34.41 65.04
CA TYR V 357 50.07 -34.09 65.19
C TYR V 357 49.17 -35.09 64.51
N GLN V 358 49.58 -35.57 63.35
CA GLN V 358 48.63 -36.23 62.42
C GLN V 358 48.45 -37.66 62.88
N PRO V 359 47.21 -38.09 63.17
CA PRO V 359 47.02 -39.42 63.78
C PRO V 359 47.25 -40.51 62.72
N PRO V 360 47.58 -41.73 63.14
CA PRO V 360 47.96 -42.78 62.17
C PRO V 360 46.76 -43.17 61.29
N THR V 361 47.05 -43.36 60.01
CA THR V 361 46.00 -43.54 59.02
C THR V 361 45.74 -45.02 58.84
N VAL V 362 44.45 -45.40 58.72
CA VAL V 362 44.11 -46.80 58.61
C VAL V 362 43.76 -47.12 57.17
N VAL V 363 44.29 -48.24 56.69
CA VAL V 363 43.92 -48.74 55.38
C VAL V 363 42.55 -49.41 55.50
N PRO V 364 41.59 -49.10 54.61
CA PRO V 364 40.32 -49.81 54.59
C PRO V 364 40.51 -51.28 54.24
N GLY V 365 39.76 -52.13 54.94
CA GLY V 365 39.85 -53.56 54.74
C GLY V 365 41.13 -54.15 55.36
N GLY V 366 41.89 -53.35 56.12
CA GLY V 366 43.02 -53.87 56.86
C GLY V 366 42.56 -54.44 58.19
N ASP V 367 43.53 -54.58 59.12
CA ASP V 367 43.23 -55.25 60.37
C ASP V 367 43.50 -54.38 61.57
N LEU V 368 43.99 -53.15 61.40
CA LEU V 368 44.13 -52.20 62.50
C LEU V 368 42.78 -51.51 62.73
N ALA V 369 42.68 -50.78 63.82
CA ALA V 369 41.57 -49.90 64.11
C ALA V 369 42.06 -48.46 63.97
N LYS V 370 41.09 -47.54 63.74
CA LYS V 370 41.41 -46.13 63.75
C LYS V 370 41.63 -45.67 65.20
N VAL V 371 42.84 -45.25 65.50
CA VAL V 371 43.25 -44.97 66.85
C VAL V 371 43.72 -43.52 66.88
N MET V 372 43.57 -42.89 68.05
CA MET V 372 43.72 -41.46 68.14
C MET V 372 45.18 -41.11 68.43
N ARG V 373 45.95 -42.05 68.98
CA ARG V 373 47.34 -41.78 69.33
C ARG V 373 48.09 -43.11 69.32
N ALA V 374 49.38 -43.01 69.00
CA ALA V 374 50.25 -44.18 68.89
C ALA V 374 51.67 -43.80 69.23
N VAL V 375 52.48 -44.81 69.55
CA VAL V 375 53.88 -44.68 69.86
C VAL V 375 54.66 -45.66 68.99
N CYS V 376 55.76 -45.18 68.43
CA CYS V 376 56.77 -46.04 67.85
C CYS V 376 58.07 -45.84 68.60
N MET V 377 58.63 -46.94 69.04
CA MET V 377 59.80 -46.90 69.92
C MET V 377 60.95 -47.61 69.23
N ILE V 378 62.11 -46.93 69.14
CA ILE V 378 63.33 -47.52 68.66
C ILE V 378 64.36 -47.42 69.77
N SER V 379 64.87 -48.59 70.18
CA SER V 379 65.75 -48.65 71.33
C SER V 379 67.04 -49.36 70.98
N ASN V 380 68.16 -48.84 71.46
CA ASN V 380 69.43 -49.52 71.40
C ASN V 380 69.67 -50.18 72.74
N SER V 381 69.96 -51.48 72.74
CA SER V 381 70.14 -52.20 73.99
C SER V 381 71.31 -53.16 73.88
N THR V 382 71.73 -53.66 75.05
CA THR V 382 72.80 -54.64 75.10
C THR V 382 72.25 -56.04 74.96
N ALA V 383 70.92 -56.17 74.83
CA ALA V 383 70.31 -57.49 74.65
C ALA V 383 70.55 -58.01 73.23
N ILE V 384 71.08 -57.21 72.34
CA ILE V 384 71.38 -57.57 70.97
C ILE V 384 72.55 -58.58 70.93
N ALA V 385 73.27 -58.74 72.07
CA ALA V 385 74.32 -59.73 72.16
C ALA V 385 73.79 -61.15 71.90
N GLU V 386 72.52 -61.41 72.29
CA GLU V 386 71.99 -62.76 72.15
C GLU V 386 71.65 -63.06 70.69
N VAL V 387 71.28 -62.05 69.90
CA VAL V 387 70.83 -62.34 68.55
C VAL V 387 72.04 -62.71 67.64
N PHE V 388 73.19 -62.20 68.00
CA PHE V 388 74.39 -62.54 67.26
C PHE V 388 75.06 -63.77 67.85
N SER V 389 74.89 -64.02 69.16
CA SER V 389 75.41 -65.21 69.79
C SER V 389 74.66 -66.45 69.33
N ARG V 390 73.39 -66.32 68.99
CA ARG V 390 72.65 -67.46 68.50
C ARG V 390 73.07 -67.85 67.08
N MET V 391 73.38 -66.82 66.28
CA MET V 391 73.86 -67.08 64.94
C MET V 391 75.30 -67.58 64.99
N ASP V 392 76.07 -67.22 66.04
CA ASP V 392 77.39 -67.71 66.23
C ASP V 392 77.38 -69.22 66.44
N HIS V 393 76.37 -69.73 67.15
CA HIS V 393 76.28 -71.16 67.38
C HIS V 393 75.92 -71.90 66.09
N LYS V 394 74.99 -71.32 65.36
CA LYS V 394 74.43 -71.99 64.18
C LYS V 394 75.45 -72.04 63.03
N PHE V 395 76.31 -71.05 62.99
CA PHE V 395 77.31 -70.96 61.95
C PHE V 395 78.46 -71.89 62.20
N ASP V 396 78.88 -72.02 63.43
CA ASP V 396 79.99 -72.88 63.81
C ASP V 396 79.66 -74.35 63.65
N LEU V 397 78.40 -74.72 63.85
CA LEU V 397 77.95 -76.08 63.62
C LEU V 397 78.02 -76.47 62.14
N MET V 398 77.65 -75.56 61.30
CA MET V 398 77.56 -75.83 59.85
C MET V 398 78.98 -75.87 59.27
N TYR V 399 79.78 -74.89 59.66
CA TYR V 399 81.08 -74.66 59.05
C TYR V 399 82.15 -75.61 59.57
N ALA V 400 81.87 -76.30 60.66
CA ALA V 400 82.84 -77.23 61.26
C ALA V 400 83.20 -78.36 60.29
N LYS V 401 82.23 -78.82 59.51
CA LYS V 401 82.52 -79.82 58.49
C LYS V 401 82.04 -79.38 57.11
N ARG V 402 82.09 -78.06 56.88
CA ARG V 402 82.07 -77.50 55.54
C ARG V 402 80.82 -77.85 54.76
N ALA V 403 79.67 -77.67 55.37
CA ALA V 403 78.39 -77.81 54.68
C ALA V 403 78.14 -76.60 53.80
N PHE V 404 77.65 -76.81 52.59
CA PHE V 404 77.25 -75.80 51.63
C PHE V 404 78.39 -74.87 51.23
N VAL V 405 79.66 -75.20 51.52
CA VAL V 405 80.71 -74.21 51.30
C VAL V 405 81.16 -74.18 49.84
N HIS V 406 81.08 -75.34 49.20
CA HIS V 406 81.52 -75.54 47.82
C HIS V 406 80.65 -74.76 46.86
N TRP V 407 79.41 -74.43 47.24
CA TRP V 407 78.59 -73.57 46.41
C TRP V 407 79.10 -72.14 46.42
N TYR V 408 79.65 -71.71 47.55
CA TYR V 408 80.10 -70.33 47.67
C TYR V 408 81.49 -70.15 47.08
N VAL V 409 82.36 -71.13 47.32
CA VAL V 409 83.73 -71.01 46.87
C VAL V 409 83.81 -71.16 45.35
N GLY V 410 82.91 -72.01 44.78
CA GLY V 410 83.03 -72.30 43.37
C GLY V 410 82.56 -71.12 42.49
N GLU V 411 81.74 -70.22 43.10
CA GLU V 411 81.13 -69.21 42.25
C GLU V 411 81.77 -67.83 42.47
N GLY V 412 82.85 -67.75 43.24
CA GLY V 412 83.58 -66.49 43.19
C GLY V 412 84.18 -66.00 44.51
N MET V 413 83.69 -66.52 45.61
CA MET V 413 84.28 -66.25 46.91
C MET V 413 85.57 -67.09 47.10
N GLU V 414 86.41 -66.58 47.98
CA GLU V 414 87.51 -67.42 48.47
C GLU V 414 87.10 -67.95 49.86
N GLU V 415 87.64 -69.12 50.18
CA GLU V 415 87.65 -69.61 51.53
C GLU V 415 88.46 -68.68 52.43
N GLY V 416 87.79 -68.23 53.51
CA GLY V 416 88.49 -67.32 54.40
C GLY V 416 87.67 -66.03 54.61
N GLU V 417 86.78 -65.76 53.68
CA GLU V 417 85.77 -64.74 53.88
C GLU V 417 84.76 -65.17 54.95
N PHE V 418 84.59 -66.51 55.09
CA PHE V 418 83.82 -67.05 56.19
C PHE V 418 84.57 -66.79 57.50
N SER V 419 85.88 -66.93 57.49
CA SER V 419 86.69 -66.80 58.69
C SER V 419 86.76 -65.33 59.11
N GLU V 420 86.87 -64.41 58.13
CA GLU V 420 86.95 -63.00 58.41
C GLU V 420 85.61 -62.48 58.95
N ALA V 421 84.50 -63.00 58.42
CA ALA V 421 83.19 -62.58 58.87
C ALA V 421 82.93 -63.09 60.29
N ARG V 422 83.47 -64.27 60.61
CA ARG V 422 83.25 -64.87 61.91
C ARG V 422 83.99 -64.08 62.98
N GLU V 423 85.24 -63.69 62.68
CA GLU V 423 86.03 -62.95 63.66
C GLU V 423 85.48 -61.54 63.82
N ASP V 424 84.85 -60.99 62.76
CA ASP V 424 84.24 -59.69 62.89
C ASP V 424 83.03 -59.76 63.80
N LEU V 425 82.24 -60.81 63.67
CA LEU V 425 81.10 -61.01 64.56
C LEU V 425 81.56 -61.30 65.98
N ALA V 426 82.70 -62.01 66.12
CA ALA V 426 83.25 -62.25 67.45
C ALA V 426 83.71 -60.95 68.09
N ALA V 427 84.25 -60.03 67.25
CA ALA V 427 84.67 -58.74 67.75
C ALA V 427 83.46 -57.91 68.18
N LEU V 428 82.33 -58.07 67.47
CA LEU V 428 81.13 -57.33 67.81
C LEU V 428 80.53 -57.82 69.11
N GLU V 429 80.62 -59.14 69.36
CA GLU V 429 80.12 -59.69 70.60
C GLU V 429 80.89 -59.22 71.80
N LYS V 430 82.21 -59.13 71.63
CA LYS V 430 83.05 -58.64 72.72
C LYS V 430 82.82 -57.15 72.95
N ASP V 431 82.44 -56.41 71.92
CA ASP V 431 82.19 -54.98 72.03
C ASP V 431 80.91 -54.71 72.84
N TYR V 432 79.88 -55.50 72.62
CA TYR V 432 78.64 -55.35 73.37
C TYR V 432 78.82 -55.73 74.83
N GLU V 433 79.70 -56.71 75.09
CA GLU V 433 79.96 -57.16 76.45
C GLU V 433 80.77 -56.11 77.21
N GLU V 434 81.67 -55.42 76.52
CA GLU V 434 82.52 -54.42 77.17
C GLU V 434 81.74 -53.16 77.51
N VAL V 435 80.71 -52.86 76.72
CA VAL V 435 79.92 -51.65 76.92
C VAL V 435 78.98 -51.85 78.12
N GLY V 436 78.49 -53.03 78.32
CA GLY V 436 77.48 -53.36 79.33
C GLY V 436 78.04 -53.51 80.73
N ILE V 437 79.32 -53.25 81.00
CA ILE V 437 79.93 -53.40 82.31
C ILE V 437 79.55 -52.19 83.21
N MET W 1 56.18 -13.69 -0.02
CA MET W 1 57.07 -12.73 0.70
C MET W 1 58.34 -13.45 1.12
N ARG W 2 58.51 -13.77 2.42
CA ARG W 2 59.71 -14.43 2.87
C ARG W 2 59.40 -15.91 3.07
N GLU W 3 60.02 -16.74 2.22
CA GLU W 3 59.62 -18.13 2.09
C GLU W 3 60.85 -18.99 1.87
N VAL W 4 60.66 -20.29 2.05
CA VAL W 4 61.67 -21.30 1.92
C VAL W 4 61.12 -22.44 1.07
N ILE W 5 61.99 -22.95 0.20
CA ILE W 5 61.61 -23.94 -0.81
C ILE W 5 62.22 -25.26 -0.36
N SER W 6 61.38 -26.27 -0.32
CA SER W 6 61.72 -27.63 0.07
C SER W 6 61.97 -28.49 -1.18
N ILE W 7 63.12 -29.18 -1.19
CA ILE W 7 63.50 -30.05 -2.26
C ILE W 7 63.65 -31.44 -1.65
N HIS W 8 62.97 -32.42 -2.25
CA HIS W 8 63.05 -33.80 -1.77
C HIS W 8 63.55 -34.66 -2.90
N VAL W 9 64.73 -35.24 -2.70
CA VAL W 9 65.39 -36.03 -3.75
C VAL W 9 65.62 -37.43 -3.19
N GLY W 10 65.20 -38.39 -4.01
CA GLY W 10 65.28 -39.78 -3.68
C GLY W 10 63.99 -40.24 -2.94
N GLN W 11 63.99 -41.57 -2.71
CA GLN W 11 62.92 -42.20 -1.99
C GLN W 11 62.86 -41.74 -0.54
N ALA W 12 64.05 -41.62 0.10
CA ALA W 12 64.09 -41.21 1.50
C ALA W 12 63.62 -39.78 1.65
N GLY W 13 64.01 -38.93 0.67
CA GLY W 13 63.58 -37.53 0.71
C GLY W 13 62.08 -37.42 0.58
N ILE W 14 61.48 -38.24 -0.30
CA ILE W 14 60.05 -38.14 -0.56
C ILE W 14 59.26 -38.61 0.66
N GLN W 15 59.65 -39.74 1.25
CA GLN W 15 58.87 -40.29 2.34
C GLN W 15 59.04 -39.48 3.63
N ILE W 16 60.22 -38.86 3.81
CA ILE W 16 60.40 -37.93 4.91
C ILE W 16 59.57 -36.69 4.62
N GLY W 17 59.53 -36.25 3.37
CA GLY W 17 58.75 -35.08 2.98
C GLY W 17 57.26 -35.32 3.10
N ASN W 18 56.82 -36.58 2.94
CA ASN W 18 55.42 -36.90 3.13
C ASN W 18 55.01 -36.69 4.59
N ALA W 19 55.88 -37.07 5.51
CA ALA W 19 55.63 -36.86 6.92
C ALA W 19 55.76 -35.38 7.27
N CYS W 20 56.67 -34.68 6.60
CA CYS W 20 56.91 -33.28 6.89
C CYS W 20 55.72 -32.41 6.48
N TRP W 21 55.17 -32.72 5.30
CA TRP W 21 54.09 -31.91 4.78
C TRP W 21 52.75 -32.31 5.36
N GLU W 22 52.65 -33.51 5.98
CA GLU W 22 51.43 -33.81 6.71
C GLU W 22 51.41 -33.03 8.01
N LEU W 23 52.58 -32.82 8.61
CA LEU W 23 52.66 -32.08 9.86
C LEU W 23 52.40 -30.59 9.63
N PHE W 24 52.95 -30.07 8.52
CA PHE W 24 52.80 -28.66 8.20
C PHE W 24 51.37 -28.30 7.85
N CYS W 25 50.66 -29.22 7.24
CA CYS W 25 49.25 -28.99 6.89
C CYS W 25 48.40 -28.98 8.15
N LEU W 26 48.70 -29.84 9.12
CA LEU W 26 47.90 -29.87 10.33
C LEU W 26 48.20 -28.70 11.26
N GLU W 27 49.41 -28.20 11.22
CA GLU W 27 49.82 -27.07 12.03
C GLU W 27 49.14 -25.77 11.57
N HIS W 28 48.95 -25.61 10.30
CA HIS W 28 48.25 -24.48 9.73
C HIS W 28 46.78 -24.73 9.51
N GLY W 29 46.34 -25.94 9.76
CA GLY W 29 44.92 -26.31 9.73
C GLY W 29 44.34 -26.35 8.31
N ILE W 30 45.14 -26.73 7.32
CA ILE W 30 44.58 -26.89 5.99
C ILE W 30 44.26 -28.36 5.75
N GLN W 31 43.20 -28.63 5.02
CA GLN W 31 42.78 -29.92 4.55
C GLN W 31 43.71 -30.44 3.45
N PRO W 32 43.72 -31.76 3.21
CA PRO W 32 44.38 -32.32 2.03
C PRO W 32 43.99 -31.73 0.67
N ASP W 33 42.80 -31.10 0.57
CA ASP W 33 42.49 -30.41 -0.67
C ASP W 33 43.38 -29.17 -0.83
N GLY W 34 43.64 -28.47 0.27
CA GLY W 34 44.52 -27.33 0.25
C GLY W 34 43.86 -26.07 0.78
N GLN W 35 42.60 -26.18 1.25
CA GLN W 35 41.86 -24.97 1.58
C GLN W 35 41.57 -24.96 3.08
N MET W 36 41.89 -23.83 3.75
CA MET W 36 41.56 -23.81 5.17
C MET W 36 40.08 -23.38 5.35
N PRO W 37 39.36 -23.94 6.33
CA PRO W 37 38.00 -23.52 6.59
C PRO W 37 37.96 -22.25 7.45
N ASP W 47 48.55 -14.71 7.64
CA ASP W 47 49.63 -14.67 6.63
C ASP W 47 50.92 -15.25 7.20
N ALA W 48 50.80 -15.96 8.33
CA ALA W 48 51.92 -16.58 9.01
C ALA W 48 52.43 -17.82 8.24
N PHE W 49 51.54 -18.45 7.49
CA PHE W 49 51.82 -19.71 6.81
C PHE W 49 52.45 -19.49 5.45
N ASN W 50 52.70 -18.23 5.06
CA ASN W 50 53.19 -17.93 3.73
C ASN W 50 54.61 -18.37 3.52
N THR W 51 55.33 -18.73 4.53
CA THR W 51 56.69 -19.23 4.45
C THR W 51 56.78 -20.63 3.83
N PHE W 52 55.67 -21.40 3.83
CA PHE W 52 55.66 -22.73 3.31
C PHE W 52 54.61 -22.96 2.21
N PHE W 53 53.62 -22.10 2.11
CA PHE W 53 52.52 -22.26 1.19
C PHE W 53 52.39 -21.05 0.32
N SER W 54 51.88 -21.28 -0.90
CA SER W 54 51.56 -20.19 -1.81
C SER W 54 50.08 -19.94 -1.74
N GLU W 55 49.62 -18.68 -1.95
CA GLU W 55 48.20 -18.44 -1.98
C GLU W 55 47.71 -18.53 -3.41
N THR W 56 46.69 -19.38 -3.60
CA THR W 56 46.08 -19.46 -4.93
C THR W 56 44.55 -19.28 -4.81
N GLY W 57 44.03 -18.24 -5.44
CA GLY W 57 42.63 -18.12 -5.69
C GLY W 57 41.72 -17.94 -4.47
N ALA W 58 40.67 -18.77 -4.51
CA ALA W 58 39.67 -18.76 -3.43
C ALA W 58 40.14 -19.65 -2.27
N GLY W 59 41.12 -19.17 -1.52
CA GLY W 59 41.47 -19.63 -0.20
C GLY W 59 42.29 -20.91 -0.19
N LYS W 60 42.61 -21.50 -1.34
CA LYS W 60 43.45 -22.64 -1.39
C LYS W 60 44.93 -22.28 -1.30
N HIS W 61 45.70 -23.22 -0.82
CA HIS W 61 47.15 -23.06 -0.62
C HIS W 61 47.87 -24.22 -1.23
N VAL W 62 48.94 -23.95 -1.98
CA VAL W 62 49.73 -25.04 -2.59
C VAL W 62 51.15 -25.00 -2.00
N PRO W 63 51.71 -26.16 -1.62
CA PRO W 63 53.01 -26.19 -0.98
C PRO W 63 54.15 -25.79 -1.89
N ARG W 64 55.20 -25.26 -1.28
CA ARG W 64 56.42 -24.92 -1.94
C ARG W 64 57.40 -26.08 -1.84
N CYS W 65 57.06 -27.19 -2.51
CA CYS W 65 58.00 -28.30 -2.50
C CYS W 65 58.04 -28.96 -3.87
N VAL W 66 59.17 -29.60 -4.18
CA VAL W 66 59.33 -30.40 -5.37
C VAL W 66 59.81 -31.80 -5.00
N PHE W 67 59.24 -32.79 -5.67
CA PHE W 67 59.57 -34.18 -5.42
C PHE W 67 60.34 -34.70 -6.63
N LEU W 68 61.56 -35.19 -6.39
CA LEU W 68 62.39 -35.73 -7.44
C LEU W 68 62.78 -37.16 -7.12
N ASP W 69 62.42 -38.08 -8.04
CA ASP W 69 63.01 -39.39 -8.03
C ASP W 69 63.06 -39.93 -9.45
N LEU W 70 64.06 -40.72 -9.78
CA LEU W 70 64.19 -41.41 -11.01
C LEU W 70 63.26 -42.62 -11.15
N GLU W 71 62.86 -43.21 -10.04
CA GLU W 71 61.88 -44.27 -10.14
C GLU W 71 60.49 -43.68 -9.91
N PRO W 72 59.48 -44.05 -10.71
CA PRO W 72 58.15 -43.50 -10.53
C PRO W 72 57.35 -44.10 -9.39
N THR W 73 57.80 -45.25 -8.87
CA THR W 73 57.03 -46.05 -7.94
C THR W 73 56.89 -45.41 -6.57
N VAL W 74 57.65 -44.35 -6.24
CA VAL W 74 57.51 -43.71 -4.95
C VAL W 74 56.70 -42.42 -5.02
N VAL W 75 56.65 -41.80 -6.19
CA VAL W 75 55.93 -40.56 -6.38
C VAL W 75 54.49 -40.82 -6.78
N ASP W 76 54.21 -41.95 -7.42
CA ASP W 76 52.93 -42.37 -7.87
C ASP W 76 52.05 -42.69 -6.69
N GLU W 77 52.57 -43.00 -5.48
CA GLU W 77 51.73 -43.18 -4.34
C GLU W 77 51.08 -41.86 -3.89
N VAL W 78 51.80 -40.77 -4.13
CA VAL W 78 51.31 -39.46 -3.79
C VAL W 78 50.28 -39.01 -4.81
N ARG W 79 50.50 -39.35 -6.07
CA ARG W 79 49.57 -38.96 -7.14
C ARG W 79 48.24 -39.71 -6.99
N THR W 80 48.25 -40.87 -6.29
CA THR W 80 47.02 -41.61 -6.15
C THR W 80 46.44 -41.52 -4.74
N GLY W 81 47.20 -40.95 -3.82
CA GLY W 81 46.89 -41.08 -2.38
C GLY W 81 45.87 -40.05 -1.93
N THR W 82 45.86 -39.79 -0.63
CA THR W 82 44.98 -38.76 -0.09
C THR W 82 45.49 -37.35 -0.40
N TYR W 83 46.82 -37.20 -0.44
CA TYR W 83 47.41 -35.89 -0.69
C TYR W 83 47.61 -35.57 -2.17
N ARG W 84 46.65 -35.93 -3.03
CA ARG W 84 46.86 -35.90 -4.45
C ARG W 84 46.55 -34.50 -4.94
N HIS W 85 45.57 -33.78 -4.38
CA HIS W 85 45.23 -32.47 -4.88
C HIS W 85 45.95 -31.32 -4.13
N LEU W 86 46.71 -31.67 -3.14
CA LEU W 86 47.47 -30.69 -2.40
C LEU W 86 48.58 -30.12 -3.24
N PHE W 87 49.32 -31.01 -3.89
CA PHE W 87 50.51 -30.57 -4.64
C PHE W 87 50.08 -30.28 -6.07
N HIS W 88 50.75 -29.31 -6.67
CA HIS W 88 50.64 -29.06 -8.09
C HIS W 88 51.18 -30.26 -8.84
N PRO W 89 50.51 -30.71 -9.91
CA PRO W 89 50.95 -31.91 -10.64
C PRO W 89 52.34 -31.86 -11.25
N GLU W 90 52.89 -30.66 -11.50
CA GLU W 90 54.25 -30.56 -12.01
C GLU W 90 55.28 -30.38 -10.91
N GLN W 91 54.88 -30.42 -9.65
CA GLN W 91 55.86 -30.44 -8.59
C GLN W 91 56.47 -31.84 -8.39
N LEU W 92 55.79 -32.88 -8.90
CA LEU W 92 56.18 -34.24 -8.65
C LEU W 92 56.80 -34.78 -9.95
N ILE W 93 58.12 -34.77 -10.00
CA ILE W 93 58.87 -35.05 -11.21
C ILE W 93 59.43 -36.45 -11.12
N SER W 94 59.18 -37.26 -12.14
CA SER W 94 59.58 -38.67 -12.13
C SER W 94 60.36 -39.00 -13.37
N GLY W 95 61.37 -39.86 -13.21
CA GLY W 95 62.09 -40.43 -14.32
C GLY W 95 61.44 -41.71 -14.84
N LYS W 96 62.25 -42.52 -15.51
CA LYS W 96 61.79 -43.78 -16.08
C LYS W 96 62.45 -44.99 -15.44
N GLU W 97 63.77 -44.92 -15.20
CA GLU W 97 64.49 -45.99 -14.54
C GLU W 97 65.25 -45.47 -13.33
N ASP W 98 65.39 -46.34 -12.32
CA ASP W 98 66.06 -45.99 -11.06
C ASP W 98 67.57 -45.81 -11.32
N ALA W 99 68.23 -45.05 -10.46
CA ALA W 99 69.66 -44.89 -10.48
C ALA W 99 70.39 -46.15 -10.03
N ALA W 100 69.72 -47.00 -9.23
CA ALA W 100 70.21 -48.30 -8.85
C ALA W 100 71.56 -48.22 -8.12
N ASN W 101 71.56 -47.53 -6.97
CA ASN W 101 72.62 -47.47 -5.99
C ASN W 101 73.96 -47.07 -6.64
N ASN W 102 73.88 -46.24 -7.69
CA ASN W 102 75.07 -45.72 -8.30
C ASN W 102 75.04 -44.21 -8.18
N PHE W 103 76.10 -43.66 -7.57
CA PHE W 103 76.37 -42.23 -7.71
C PHE W 103 76.62 -41.85 -9.17
N ALA W 104 77.30 -42.74 -9.93
CA ALA W 104 77.65 -42.42 -11.31
C ALA W 104 76.39 -42.33 -12.19
N ARG W 105 75.38 -43.14 -11.88
CA ARG W 105 74.16 -43.11 -12.66
C ARG W 105 73.38 -41.82 -12.42
N GLY W 106 73.29 -41.43 -11.16
CA GLY W 106 72.49 -40.27 -10.75
C GLY W 106 73.14 -38.94 -11.17
N HIS W 107 74.46 -38.97 -11.40
CA HIS W 107 75.20 -37.77 -11.67
C HIS W 107 75.51 -37.56 -13.15
N TYR W 108 75.73 -38.65 -13.92
CA TYR W 108 76.20 -38.49 -15.27
C TYR W 108 75.16 -38.95 -16.30
N THR W 109 74.59 -40.13 -16.13
CA THR W 109 73.91 -40.75 -17.24
C THR W 109 72.43 -40.41 -17.25
N ILE W 110 71.74 -40.85 -16.21
CA ILE W 110 70.27 -40.80 -16.22
C ILE W 110 69.75 -39.61 -15.43
N GLY W 111 70.62 -38.93 -14.68
CA GLY W 111 70.29 -37.74 -13.95
C GLY W 111 70.07 -36.51 -14.84
N LYS W 112 70.66 -36.50 -16.06
CA LYS W 112 70.79 -35.27 -16.81
C LYS W 112 69.44 -34.82 -17.40
N GLU W 113 68.57 -35.80 -17.67
CA GLU W 113 67.34 -35.39 -18.41
C GLU W 113 66.28 -34.95 -17.46
N ILE W 114 66.45 -35.10 -16.16
CA ILE W 114 65.44 -34.69 -15.18
C ILE W 114 65.84 -33.40 -14.46
N VAL W 115 67.14 -33.06 -14.44
CA VAL W 115 67.57 -31.90 -13.68
C VAL W 115 67.11 -30.61 -14.36
N ASP W 116 67.07 -30.59 -15.68
CA ASP W 116 66.55 -29.46 -16.44
C ASP W 116 65.08 -29.21 -16.15
N LEU W 117 64.29 -30.25 -16.00
CA LEU W 117 62.89 -30.11 -15.63
C LEU W 117 62.75 -29.65 -14.18
N SER W 118 63.69 -30.05 -13.33
CA SER W 118 63.67 -29.69 -11.91
C SER W 118 63.97 -28.20 -11.73
N LEU W 119 64.98 -27.69 -12.48
CA LEU W 119 65.35 -26.31 -12.38
C LEU W 119 64.27 -25.38 -12.92
N ASP W 120 63.48 -25.85 -13.89
CA ASP W 120 62.39 -25.05 -14.40
C ASP W 120 61.31 -24.84 -13.33
N ARG W 121 61.05 -25.89 -12.53
CA ARG W 121 60.03 -25.79 -11.50
C ARG W 121 60.56 -24.90 -10.35
N ILE W 122 61.85 -25.03 -10.03
CA ILE W 122 62.41 -24.27 -8.93
C ILE W 122 62.45 -22.78 -9.29
N ARG W 123 62.74 -22.45 -10.55
CA ARG W 123 62.88 -21.08 -10.94
C ARG W 123 61.55 -20.32 -10.84
N LYS W 124 60.45 -21.00 -11.28
CA LYS W 124 59.18 -20.27 -11.22
C LYS W 124 58.69 -20.16 -9.79
N LEU W 125 59.11 -21.12 -8.96
CA LEU W 125 58.66 -21.12 -7.57
C LEU W 125 59.49 -20.18 -6.68
N ALA W 126 60.71 -19.83 -7.15
CA ALA W 126 61.56 -18.93 -6.40
C ALA W 126 61.34 -17.48 -6.79
N ASP W 127 60.84 -17.22 -7.99
CA ASP W 127 60.70 -15.86 -8.48
C ASP W 127 59.35 -15.24 -8.18
N ASN W 128 58.49 -15.97 -7.44
CA ASN W 128 57.11 -15.49 -7.28
C ASN W 128 57.07 -14.26 -6.35
N CYS W 129 57.78 -14.28 -5.26
CA CYS W 129 57.97 -13.09 -4.42
C CYS W 129 59.34 -13.15 -3.78
N THR W 130 60.07 -12.03 -3.77
CA THR W 130 61.50 -12.11 -3.51
C THR W 130 61.78 -12.12 -2.02
N GLY W 131 63.05 -12.18 -1.66
CA GLY W 131 63.43 -12.19 -0.26
C GLY W 131 63.19 -13.56 0.37
N LEU W 132 63.29 -14.61 -0.44
CA LEU W 132 63.27 -15.97 0.02
C LEU W 132 64.58 -16.22 0.84
N GLN W 133 64.33 -17.03 1.87
CA GLN W 133 65.42 -17.37 2.75
C GLN W 133 66.41 -18.38 2.14
N GLY W 134 65.83 -19.44 1.56
CA GLY W 134 66.69 -20.46 0.99
C GLY W 134 66.04 -21.82 0.82
N PHE W 135 66.85 -22.88 0.88
CA PHE W 135 66.45 -24.19 0.40
C PHE W 135 66.58 -25.20 1.54
N LEU W 136 65.60 -26.09 1.64
CA LEU W 136 65.70 -27.26 2.49
C LEU W 136 65.75 -28.49 1.58
N MET W 137 66.90 -29.19 1.61
CA MET W 137 67.12 -30.33 0.73
C MET W 137 67.17 -31.61 1.57
N PHE W 138 66.35 -32.59 1.18
CA PHE W 138 66.22 -33.83 1.92
C PHE W 138 66.64 -34.99 1.07
N ASN W 139 67.62 -35.76 1.52
CA ASN W 139 68.15 -36.84 0.69
C ASN W 139 68.78 -37.92 1.56
N ALA W 140 68.98 -39.09 0.95
CA ALA W 140 69.73 -40.16 1.59
C ALA W 140 71.11 -40.20 0.96
N VAL W 141 72.17 -40.12 1.78
CA VAL W 141 73.51 -40.09 1.26
C VAL W 141 74.00 -41.47 0.76
N GLY W 142 73.44 -42.53 1.32
CA GLY W 142 73.86 -43.87 0.96
C GLY W 142 73.20 -44.38 -0.33
N GLY W 143 72.19 -43.67 -0.85
CA GLY W 143 71.46 -44.11 -2.00
C GLY W 143 72.09 -43.68 -3.33
N GLY W 144 71.41 -44.01 -4.43
CA GLY W 144 71.90 -43.68 -5.74
C GLY W 144 71.51 -42.26 -6.18
N THR W 145 70.19 -42.05 -6.31
CA THR W 145 69.68 -40.78 -6.78
C THR W 145 69.71 -39.73 -5.67
N GLY W 146 69.66 -40.17 -4.41
CA GLY W 146 69.75 -39.23 -3.30
C GLY W 146 71.15 -38.61 -3.21
N SER W 147 72.17 -39.33 -3.62
CA SER W 147 73.53 -38.83 -3.60
C SER W 147 73.91 -38.20 -4.94
N GLY W 148 73.61 -38.88 -6.04
CA GLY W 148 73.99 -38.48 -7.36
C GLY W 148 73.30 -37.22 -7.83
N LEU W 149 71.99 -37.31 -7.84
CA LEU W 149 71.16 -36.20 -8.31
C LEU W 149 71.17 -35.06 -7.32
N GLY W 150 71.42 -35.36 -6.03
CA GLY W 150 71.56 -34.33 -5.02
C GLY W 150 72.73 -33.39 -5.31
N CYS W 151 73.85 -33.95 -5.75
CA CYS W 151 75.02 -33.15 -6.09
C CYS W 151 74.72 -32.30 -7.33
N LEU W 152 74.09 -32.90 -8.34
CA LEU W 152 73.87 -32.20 -9.62
C LEU W 152 72.91 -31.01 -9.40
N LEU W 153 71.92 -31.20 -8.53
CA LEU W 153 70.99 -30.14 -8.25
C LEU W 153 71.64 -29.07 -7.40
N LEU W 154 72.55 -29.45 -6.49
CA LEU W 154 73.17 -28.44 -5.65
C LEU W 154 74.22 -27.63 -6.41
N GLU W 155 74.88 -28.25 -7.38
CA GLU W 155 75.83 -27.53 -8.22
C GLU W 155 75.10 -26.49 -9.07
N ARG W 156 73.94 -26.87 -9.62
CA ARG W 156 73.22 -25.96 -10.46
C ARG W 156 72.56 -24.83 -9.68
N LEU W 157 72.14 -25.14 -8.43
CA LEU W 157 71.58 -24.10 -7.59
C LEU W 157 72.65 -23.13 -7.11
N SER W 158 73.87 -23.61 -6.91
CA SER W 158 74.94 -22.78 -6.40
C SER W 158 75.38 -21.75 -7.43
N VAL W 159 75.32 -22.14 -8.73
CA VAL W 159 75.80 -21.26 -9.77
C VAL W 159 74.75 -20.19 -10.06
N ASP W 160 73.45 -20.52 -9.94
CA ASP W 160 72.41 -19.59 -10.27
C ASP W 160 72.09 -18.67 -9.08
N TYR W 161 71.70 -19.29 -7.98
CA TYR W 161 71.31 -18.58 -6.77
C TYR W 161 72.46 -18.64 -5.78
N GLY W 162 73.45 -17.76 -6.01
CA GLY W 162 74.72 -17.86 -5.33
C GLY W 162 74.67 -17.53 -3.83
N LYS W 163 73.88 -16.50 -3.46
CA LYS W 163 74.01 -15.96 -2.11
C LYS W 163 73.06 -16.59 -1.12
N LYS W 164 72.37 -17.64 -1.46
CA LYS W 164 71.24 -18.23 -0.75
C LYS W 164 71.76 -19.04 0.41
N SER W 165 70.89 -19.27 1.41
CA SER W 165 71.12 -20.28 2.45
C SER W 165 70.60 -21.63 2.00
N LYS W 166 71.45 -22.68 2.09
CA LYS W 166 71.08 -23.99 1.58
C LYS W 166 71.31 -25.02 2.67
N LEU W 167 70.23 -25.48 3.25
CA LEU W 167 70.26 -26.48 4.33
C LEU W 167 70.13 -27.88 3.69
N ASN W 168 70.85 -28.81 4.24
CA ASN W 168 70.78 -30.21 3.86
C ASN W 168 70.44 -31.06 5.04
N PHE W 169 69.53 -32.01 4.85
CA PHE W 169 69.16 -32.96 5.90
C PHE W 169 69.45 -34.36 5.30
N CYS W 170 70.62 -34.88 5.69
CA CYS W 170 71.11 -36.13 5.16
C CYS W 170 70.73 -37.28 6.09
N SER W 171 70.16 -38.32 5.51
CA SER W 171 70.01 -39.62 6.18
C SER W 171 71.31 -40.40 6.07
N TRP W 172 72.26 -40.04 6.94
CA TRP W 172 73.63 -40.56 6.84
C TRP W 172 73.63 -42.05 7.22
N PRO W 173 74.46 -42.88 6.58
CA PRO W 173 74.49 -44.31 6.91
C PRO W 173 74.97 -44.62 8.32
N SER W 174 74.36 -45.63 8.90
CA SER W 174 74.61 -46.04 10.27
C SER W 174 75.93 -46.81 10.38
N PRO W 175 76.56 -46.83 11.56
CA PRO W 175 77.82 -47.52 11.74
C PRO W 175 77.78 -49.03 11.48
N GLN W 176 76.71 -49.72 11.91
CA GLN W 176 76.60 -51.13 11.68
C GLN W 176 75.55 -51.46 10.64
N VAL W 177 74.37 -50.78 10.62
CA VAL W 177 73.30 -51.26 9.77
C VAL W 177 73.28 -50.38 8.54
N SER W 178 73.26 -50.99 7.34
CA SER W 178 73.27 -50.20 6.14
C SER W 178 72.13 -50.52 5.16
N THR W 179 71.87 -51.83 4.97
CA THR W 179 70.91 -52.36 4.01
C THR W 179 71.24 -51.94 2.57
N ALA W 180 72.53 -51.65 2.32
CA ALA W 180 73.12 -51.75 0.98
C ALA W 180 74.63 -51.99 1.09
N VAL W 181 75.25 -52.40 0.00
CA VAL W 181 76.63 -52.83 0.01
C VAL W 181 77.51 -51.77 -0.63
N VAL W 182 76.94 -50.86 -1.42
CA VAL W 182 77.76 -49.90 -2.13
C VAL W 182 77.88 -48.60 -1.33
N GLU W 183 77.31 -48.58 -0.15
CA GLU W 183 77.17 -47.30 0.58
C GLU W 183 78.50 -46.67 1.04
N PRO W 184 79.59 -47.41 1.37
CA PRO W 184 80.88 -46.76 1.55
C PRO W 184 81.38 -46.00 0.33
N TYR W 185 81.08 -46.48 -0.86
CA TYR W 185 81.44 -45.74 -2.07
C TYR W 185 80.58 -44.47 -2.21
N ASN W 186 79.29 -44.63 -2.00
CA ASN W 186 78.33 -43.59 -2.27
C ASN W 186 78.45 -42.42 -1.30
N SER W 187 78.82 -42.74 -0.07
CA SER W 187 78.83 -41.74 1.02
C SER W 187 80.07 -40.88 0.90
N VAL W 188 81.21 -41.44 0.57
CA VAL W 188 82.43 -40.71 0.36
C VAL W 188 82.35 -39.81 -0.86
N LEU W 189 81.70 -40.26 -1.92
CA LEU W 189 81.55 -39.47 -3.11
C LEU W 189 80.56 -38.31 -2.91
N SER W 190 79.59 -38.51 -2.02
CA SER W 190 78.62 -37.45 -1.76
C SER W 190 79.22 -36.37 -0.89
N THR W 191 80.01 -36.80 0.11
CA THR W 191 80.56 -35.86 1.08
C THR W 191 81.63 -34.99 0.43
N HIS W 192 82.28 -35.49 -0.60
CA HIS W 192 83.19 -34.71 -1.42
C HIS W 192 82.48 -33.58 -2.09
N SER W 193 81.26 -33.83 -2.54
CA SER W 193 80.51 -32.89 -3.34
C SER W 193 79.65 -31.94 -2.49
N LEU W 194 79.12 -32.36 -1.36
CA LEU W 194 78.32 -31.47 -0.54
C LEU W 194 79.10 -30.48 0.37
N LEU W 195 80.39 -30.62 0.31
CA LEU W 195 81.34 -29.80 1.02
C LEU W 195 81.37 -28.38 0.46
N GLU W 196 81.34 -28.24 -0.85
CA GLU W 196 81.41 -26.95 -1.50
C GLU W 196 80.06 -26.50 -2.03
N HIS W 197 78.95 -27.19 -1.68
CA HIS W 197 77.67 -26.85 -2.24
C HIS W 197 76.58 -26.68 -1.22
N THR W 198 76.84 -26.68 0.07
CA THR W 198 75.83 -26.69 1.11
C THR W 198 76.35 -25.84 2.23
N ASP W 199 75.48 -25.04 2.86
CA ASP W 199 75.87 -24.14 3.92
C ASP W 199 75.80 -24.84 5.28
N VAL W 200 74.73 -25.61 5.53
CA VAL W 200 74.58 -26.35 6.77
C VAL W 200 74.03 -27.73 6.43
N ALA W 201 74.73 -28.76 6.87
CA ALA W 201 74.35 -30.15 6.65
C ALA W 201 74.13 -30.82 8.01
N VAL W 202 72.98 -31.40 8.19
CA VAL W 202 72.59 -32.07 9.42
C VAL W 202 72.54 -33.56 9.15
N MET W 203 73.27 -34.32 9.98
CA MET W 203 73.34 -35.76 9.84
C MET W 203 72.28 -36.40 10.73
N LEU W 204 71.38 -37.15 10.13
CA LEU W 204 70.49 -38.02 10.89
C LEU W 204 70.76 -39.47 10.52
N ASP W 205 71.26 -40.30 11.44
CA ASP W 205 71.30 -41.72 11.17
C ASP W 205 69.93 -42.35 11.38
N ASN W 206 69.72 -43.49 10.78
CA ASN W 206 68.58 -44.33 11.07
C ASN W 206 68.65 -45.01 12.41
N GLU W 207 69.81 -45.54 12.79
CA GLU W 207 69.85 -46.41 13.96
C GLU W 207 69.84 -45.59 15.24
N ALA W 208 70.18 -44.28 15.14
CA ALA W 208 70.01 -43.43 16.30
C ALA W 208 68.52 -43.23 16.62
N ILE W 209 67.70 -43.07 15.58
CA ILE W 209 66.28 -42.88 15.80
C ILE W 209 65.63 -44.22 16.13
N TYR W 210 66.25 -45.34 15.68
CA TYR W 210 65.79 -46.65 16.10
C TYR W 210 65.92 -46.80 17.61
N ASP W 211 67.07 -46.39 18.17
CA ASP W 211 67.29 -46.58 19.57
C ASP W 211 66.50 -45.58 20.43
N ILE W 212 66.22 -44.42 19.86
CA ILE W 212 65.37 -43.44 20.54
C ILE W 212 63.96 -44.01 20.66
N CYS W 213 63.47 -44.63 19.59
CA CYS W 213 62.12 -45.19 19.63
C CYS W 213 62.05 -46.44 20.50
N ARG W 214 63.19 -47.09 20.75
CA ARG W 214 63.17 -48.28 21.57
C ARG W 214 63.14 -47.93 23.06
N ARG W 215 63.84 -46.88 23.47
CA ARG W 215 63.92 -46.58 24.88
C ARG W 215 62.86 -45.57 25.33
N ASN W 216 62.62 -44.56 24.53
CA ASN W 216 61.76 -43.44 24.93
C ASN W 216 60.30 -43.72 24.57
N LEU W 217 60.04 -44.26 23.39
CA LEU W 217 58.66 -44.55 23.05
C LEU W 217 58.28 -45.98 23.42
N ASP W 218 59.27 -46.82 23.75
CA ASP W 218 59.11 -48.24 24.00
C ASP W 218 58.41 -48.97 22.86
N ILE W 219 58.79 -48.64 21.62
CA ILE W 219 58.27 -49.31 20.44
C ILE W 219 59.35 -50.26 19.95
N GLU W 220 59.03 -51.55 20.10
CA GLU W 220 60.03 -52.60 19.88
C GLU W 220 60.30 -52.85 18.40
N ARG W 221 59.30 -52.63 17.56
CA ARG W 221 59.31 -52.98 16.15
C ARG W 221 58.87 -51.77 15.31
N PRO W 222 59.66 -50.68 15.21
CA PRO W 222 59.22 -49.51 14.49
C PRO W 222 59.42 -49.64 12.98
N THR W 223 58.75 -48.74 12.28
CA THR W 223 58.80 -48.75 10.83
C THR W 223 59.35 -47.40 10.37
N TYR W 224 59.46 -47.26 9.03
CA TYR W 224 60.04 -46.06 8.46
C TYR W 224 59.11 -44.86 8.66
N THR W 225 57.81 -45.09 8.78
CA THR W 225 56.92 -43.96 8.96
C THR W 225 57.03 -43.36 10.36
N ASN W 226 57.41 -44.20 11.34
CA ASN W 226 57.58 -43.70 12.69
C ASN W 226 58.92 -42.99 12.85
N LEU W 227 59.90 -43.33 11.99
CA LEU W 227 61.14 -42.56 11.96
C LEU W 227 60.86 -41.19 11.34
N ASN W 228 60.00 -41.14 10.33
CA ASN W 228 59.81 -39.90 9.59
C ASN W 228 58.99 -38.88 10.36
N ARG W 229 58.14 -39.33 11.27
CA ARG W 229 57.39 -38.44 12.13
C ARG W 229 58.35 -37.68 13.06
N LEU W 230 59.36 -38.38 13.56
CA LEU W 230 60.33 -37.79 14.47
C LEU W 230 61.21 -36.78 13.75
N ILE W 231 61.52 -37.08 12.48
CA ILE W 231 62.31 -36.17 11.66
C ILE W 231 61.46 -34.92 11.37
N ALA W 232 60.17 -35.12 11.15
CA ALA W 232 59.26 -34.01 10.82
C ALA W 232 59.13 -33.07 12.00
N GLN W 233 59.20 -33.59 13.23
CA GLN W 233 59.10 -32.75 14.41
C GLN W 233 60.33 -31.88 14.57
N VAL W 234 61.50 -32.37 14.14
CA VAL W 234 62.71 -31.59 14.23
C VAL W 234 62.64 -30.42 13.24
N ILE W 235 62.15 -30.70 12.02
CA ILE W 235 62.10 -29.68 10.98
C ILE W 235 61.06 -28.63 11.35
N SER W 236 59.96 -29.05 11.96
CA SER W 236 58.91 -28.13 12.39
C SER W 236 59.44 -27.21 13.47
N SER W 237 60.25 -27.74 14.39
CA SER W 237 60.80 -26.93 15.46
C SER W 237 61.87 -25.97 14.93
N LEU W 238 62.54 -26.35 13.82
CA LEU W 238 63.53 -25.47 13.23
C LEU W 238 62.89 -24.23 12.60
N THR W 239 61.78 -24.44 11.89
CA THR W 239 61.14 -23.38 11.13
C THR W 239 59.92 -22.82 11.86
N ALA W 240 59.81 -23.08 13.17
CA ALA W 240 58.68 -22.58 13.93
C ALA W 240 58.78 -21.06 14.10
N SER W 241 60.01 -20.53 14.16
CA SER W 241 60.23 -19.13 14.40
C SER W 241 59.84 -18.29 13.19
N LEU W 242 59.94 -18.85 11.98
CA LEU W 242 59.52 -18.12 10.81
C LEU W 242 58.00 -17.99 10.75
N ARG W 243 57.30 -19.03 11.26
CA ARG W 243 55.87 -19.12 11.05
C ARG W 243 55.09 -18.52 12.18
N PHE W 244 55.59 -18.59 13.41
CA PHE W 244 54.84 -18.10 14.57
C PHE W 244 55.64 -17.02 15.26
N ASP W 245 54.94 -16.20 16.05
CA ASP W 245 55.56 -15.20 16.91
C ASP W 245 56.22 -15.90 18.11
N GLY W 246 57.30 -15.31 18.58
CA GLY W 246 57.92 -15.79 19.81
C GLY W 246 58.61 -14.68 20.56
N ALA W 247 59.05 -15.02 21.77
CA ALA W 247 59.80 -14.14 22.65
C ALA W 247 61.18 -13.81 22.08
N LEU W 248 61.85 -14.82 21.50
CA LEU W 248 63.17 -14.59 20.93
C LEU W 248 63.28 -15.48 19.71
N ASN W 249 63.06 -14.90 18.53
CA ASN W 249 62.98 -15.70 17.32
C ASN W 249 64.34 -15.83 16.63
N VAL W 250 64.49 -16.93 15.91
CA VAL W 250 65.73 -17.24 15.22
C VAL W 250 65.41 -17.73 13.82
N ASP W 251 65.97 -17.16 12.80
CA ASP W 251 65.68 -17.50 11.41
C ASP W 251 66.74 -18.43 10.85
N VAL W 252 66.66 -18.71 9.55
CA VAL W 252 67.53 -19.69 8.93
C VAL W 252 68.92 -19.08 8.66
N THR W 253 68.96 -17.76 8.45
CA THR W 253 70.26 -17.12 8.26
C THR W 253 70.98 -16.94 9.58
N GLU W 254 70.30 -17.05 10.71
CA GLU W 254 70.93 -17.05 12.03
C GLU W 254 71.69 -18.35 12.33
N PHE W 255 71.33 -19.46 11.70
CA PHE W 255 71.98 -20.73 11.97
C PHE W 255 73.37 -20.76 11.37
N GLN W 256 73.50 -20.21 10.13
CA GLN W 256 74.73 -20.30 9.42
C GLN W 256 75.73 -19.33 9.95
N THR W 257 75.45 -18.44 10.94
CA THR W 257 76.40 -17.61 11.59
C THR W 257 76.68 -17.96 13.04
N ASN W 258 75.84 -18.75 13.64
CA ASN W 258 75.92 -19.11 15.05
C ASN W 258 76.39 -20.54 15.25
N LEU W 259 76.46 -21.33 14.20
CA LEU W 259 76.83 -22.72 14.32
C LEU W 259 78.12 -23.08 13.57
N VAL W 260 78.48 -22.28 12.56
CA VAL W 260 79.52 -22.76 11.66
C VAL W 260 80.70 -21.84 11.79
N PRO W 261 81.78 -22.23 12.54
CA PRO W 261 82.88 -21.32 12.76
C PRO W 261 83.84 -21.19 11.58
N TYR W 262 83.99 -22.25 10.79
CA TYR W 262 84.88 -22.29 9.66
C TYR W 262 84.11 -22.82 8.47
N PRO W 263 84.47 -22.44 7.21
CA PRO W 263 83.68 -22.83 6.04
C PRO W 263 83.51 -24.34 5.82
N ARG W 264 84.48 -25.13 6.20
CA ARG W 264 84.43 -26.56 5.96
C ARG W 264 83.71 -27.30 7.09
N ILE W 265 83.61 -26.69 8.26
CA ILE W 265 83.00 -27.35 9.41
C ILE W 265 81.54 -26.92 9.47
N HIS W 266 80.69 -27.71 8.81
CA HIS W 266 79.27 -27.42 8.85
C HIS W 266 78.47 -28.72 8.95
N PHE W 267 79.00 -29.67 9.71
CA PHE W 267 78.34 -30.94 9.96
C PHE W 267 77.86 -30.95 11.38
N MET W 268 76.54 -30.95 11.58
CA MET W 268 75.96 -30.82 12.87
C MET W 268 75.02 -31.98 13.18
N LEU W 269 74.91 -32.24 14.49
CA LEU W 269 74.04 -33.30 14.97
C LEU W 269 72.67 -32.73 15.27
N SER W 270 71.78 -33.59 15.74
CA SER W 270 70.46 -33.13 16.17
C SER W 270 70.03 -33.84 17.44
N SER W 271 69.18 -33.20 18.22
CA SER W 271 68.51 -33.89 19.31
C SER W 271 67.15 -33.23 19.55
N TYR W 272 66.18 -34.07 19.91
CA TYR W 272 64.87 -33.54 20.24
C TYR W 272 64.39 -34.14 21.56
N ALA W 273 63.81 -33.26 22.38
CA ALA W 273 63.38 -33.68 23.69
C ALA W 273 62.23 -32.79 24.12
N PRO W 274 61.13 -33.33 24.70
CA PRO W 274 60.95 -34.75 24.94
C PRO W 274 60.34 -35.51 23.74
N ILE W 275 60.70 -36.79 23.61
CA ILE W 275 59.97 -37.69 22.76
C ILE W 275 59.39 -38.76 23.66
N ILE W 276 58.15 -38.52 24.11
CA ILE W 276 57.57 -39.36 25.12
C ILE W 276 56.18 -39.81 24.66
N SER W 277 55.86 -41.05 25.00
CA SER W 277 54.57 -41.62 24.67
C SER W 277 53.51 -41.16 25.66
N ALA W 278 52.28 -41.62 25.46
CA ALA W 278 51.17 -41.35 26.35
C ALA W 278 51.33 -42.06 27.69
N GLU W 279 52.16 -43.11 27.78
CA GLU W 279 52.35 -43.82 29.01
C GLU W 279 53.22 -42.98 29.97
N LYS W 280 54.20 -42.23 29.43
CA LYS W 280 55.22 -41.62 30.22
C LYS W 280 55.05 -40.11 30.36
N ALA W 281 54.27 -39.49 29.51
CA ALA W 281 53.91 -38.08 29.62
C ALA W 281 53.05 -37.79 30.84
N TYR W 282 52.29 -38.82 31.24
CA TYR W 282 51.37 -38.74 32.35
C TYR W 282 52.12 -38.55 33.67
N HIS W 283 53.31 -39.11 33.74
CA HIS W 283 54.05 -39.32 34.96
C HIS W 283 55.24 -38.39 35.07
N GLU W 284 55.53 -37.53 34.08
CA GLU W 284 56.70 -36.71 34.12
C GLU W 284 56.38 -35.21 34.01
N GLN W 285 57.05 -34.45 34.87
CA GLN W 285 56.98 -33.01 34.75
C GLN W 285 57.95 -32.55 33.69
N LEU W 286 57.43 -31.90 32.62
CA LEU W 286 58.33 -31.52 31.55
C LEU W 286 58.78 -30.09 31.75
N SER W 287 59.55 -29.85 32.81
CA SER W 287 60.11 -28.53 33.06
C SER W 287 61.19 -28.22 32.02
N VAL W 288 61.46 -26.93 31.84
CA VAL W 288 62.47 -26.47 30.90
C VAL W 288 63.85 -26.98 31.32
N ALA W 289 64.07 -27.16 32.62
CA ALA W 289 65.34 -27.66 33.10
C ALA W 289 65.56 -29.12 32.69
N GLU W 290 64.50 -29.91 32.72
CA GLU W 290 64.67 -31.35 32.52
C GLU W 290 64.62 -31.71 31.04
N ILE W 291 63.91 -30.92 30.22
CA ILE W 291 63.88 -31.21 28.80
C ILE W 291 65.19 -30.78 28.14
N THR W 292 65.91 -29.85 28.77
CA THR W 292 67.21 -29.47 28.22
C THR W 292 68.31 -30.39 28.72
N ASN W 293 68.09 -31.06 29.84
CA ASN W 293 69.02 -32.08 30.32
C ASN W 293 68.94 -33.31 29.43
N SER W 294 67.73 -33.67 29.03
CA SER W 294 67.51 -34.81 28.14
C SER W 294 67.96 -34.51 26.72
N ALA W 295 68.05 -33.24 26.34
CA ALA W 295 68.52 -32.87 25.01
C ALA W 295 70.03 -33.15 24.87
N PHE W 296 70.79 -32.89 25.96
CA PHE W 296 72.21 -33.07 25.93
C PHE W 296 72.63 -34.49 26.33
N GLU W 297 71.69 -35.34 26.70
CA GLU W 297 72.06 -36.69 27.10
C GLU W 297 72.51 -37.46 25.87
N PRO W 298 73.66 -38.17 25.90
CA PRO W 298 74.26 -38.67 24.66
C PRO W 298 73.44 -39.76 23.97
N ALA W 299 72.54 -40.45 24.72
CA ALA W 299 71.74 -41.47 24.07
C ALA W 299 70.51 -40.89 23.36
N SER W 300 70.26 -39.59 23.53
CA SER W 300 69.13 -38.94 22.90
C SER W 300 69.52 -38.13 21.66
N MET W 301 70.76 -38.29 21.23
CA MET W 301 71.22 -37.67 20.00
C MET W 301 70.67 -38.52 18.84
N MET W 302 70.62 -37.88 17.68
CA MET W 302 70.00 -38.42 16.50
C MET W 302 71.06 -38.67 15.43
N ALA W 303 72.30 -39.04 15.86
CA ALA W 303 73.33 -39.38 14.91
C ALA W 303 74.19 -40.56 15.32
N LYS W 304 73.94 -41.19 16.47
CA LYS W 304 74.68 -42.39 16.88
C LYS W 304 76.15 -42.13 17.00
N CYS W 305 76.48 -41.13 17.81
CA CYS W 305 77.82 -40.54 17.83
C CYS W 305 77.92 -39.92 19.21
N ASP W 306 78.64 -40.62 20.10
CA ASP W 306 78.68 -40.23 21.50
C ASP W 306 79.49 -38.96 21.60
N PRO W 307 78.93 -37.83 22.08
CA PRO W 307 79.69 -36.61 22.25
C PRO W 307 80.60 -36.53 23.47
N ARG W 308 80.70 -37.62 24.25
CA ARG W 308 81.60 -37.65 25.39
C ARG W 308 83.07 -37.59 24.95
N HIS W 309 83.39 -38.16 23.81
CA HIS W 309 84.73 -38.11 23.26
C HIS W 309 84.82 -37.05 22.19
N GLY W 310 84.13 -35.95 22.39
CA GLY W 310 84.17 -34.79 21.51
C GLY W 310 84.13 -33.52 22.37
N LYS W 311 84.36 -32.41 21.70
CA LYS W 311 84.22 -31.10 22.30
C LYS W 311 83.16 -30.34 21.54
N TYR W 312 82.15 -29.84 22.21
CA TYR W 312 81.15 -28.96 21.61
C TYR W 312 81.78 -27.65 21.13
N MET W 313 81.31 -27.18 19.98
CA MET W 313 81.84 -25.99 19.34
C MET W 313 80.76 -24.90 19.30
N ALA W 314 79.50 -25.27 19.00
CA ALA W 314 78.43 -24.30 19.16
C ALA W 314 77.13 -25.11 19.31
N CYS W 315 76.19 -24.64 20.10
CA CYS W 315 74.92 -25.34 20.18
C CYS W 315 73.77 -24.36 20.06
N CYS W 316 72.83 -24.65 19.17
CA CYS W 316 71.66 -23.86 18.96
C CYS W 316 70.40 -24.56 19.44
N LEU W 317 69.79 -23.91 20.47
CA LEU W 317 68.66 -24.45 21.17
C LEU W 317 67.37 -23.71 20.82
N MET W 318 66.41 -24.48 20.39
CA MET W 318 65.12 -23.92 19.95
C MET W 318 64.07 -24.44 20.89
N TYR W 319 63.68 -23.61 21.85
CA TYR W 319 62.63 -23.99 22.79
C TYR W 319 61.29 -23.61 22.17
N ARG W 320 60.28 -24.43 22.41
CA ARG W 320 59.00 -24.28 21.74
C ARG W 320 57.89 -24.60 22.71
N GLY W 321 57.03 -23.64 23.03
CA GLY W 321 55.94 -23.88 23.95
C GLY W 321 55.96 -22.90 25.11
N ASP W 322 55.40 -23.32 26.26
CA ASP W 322 55.29 -22.50 27.45
C ASP W 322 56.66 -22.40 28.13
N VAL W 323 57.57 -21.68 27.50
CA VAL W 323 58.92 -21.54 27.99
C VAL W 323 59.17 -20.06 28.32
N VAL W 324 59.49 -19.80 29.57
CA VAL W 324 59.82 -18.46 30.01
C VAL W 324 61.31 -18.26 29.84
N PRO W 325 61.79 -17.04 29.49
CA PRO W 325 63.22 -16.83 29.30
C PRO W 325 64.11 -16.93 30.52
N LYS W 326 63.53 -16.88 31.73
CA LYS W 326 64.36 -17.04 32.92
C LYS W 326 64.79 -18.50 33.10
N ASP W 327 63.92 -19.45 32.72
CA ASP W 327 64.23 -20.84 32.95
C ASP W 327 65.19 -21.37 31.89
N VAL W 328 65.24 -20.70 30.71
CA VAL W 328 66.26 -21.06 29.73
C VAL W 328 67.63 -20.63 30.26
N ASN W 329 67.71 -19.44 30.82
CA ASN W 329 68.96 -18.91 31.32
C ASN W 329 69.48 -19.75 32.50
N ALA W 330 68.53 -20.22 33.35
CA ALA W 330 68.92 -21.06 34.47
C ALA W 330 69.37 -22.44 34.00
N ALA W 331 68.73 -22.94 32.94
CA ALA W 331 68.99 -24.30 32.46
C ALA W 331 70.29 -24.38 31.69
N VAL W 332 70.63 -23.32 30.95
CA VAL W 332 71.89 -23.31 30.21
C VAL W 332 73.06 -23.10 31.17
N ALA W 333 72.81 -22.44 32.30
CA ALA W 333 73.83 -22.25 33.32
C ALA W 333 74.21 -23.57 33.95
N THR W 334 73.23 -24.46 34.15
CA THR W 334 73.50 -25.75 34.73
C THR W 334 74.36 -26.59 33.78
N ILE W 335 74.13 -26.46 32.47
CA ILE W 335 74.87 -27.20 31.47
C ILE W 335 76.34 -26.77 31.48
N LYS W 336 76.58 -25.46 31.58
CA LYS W 336 77.93 -24.94 31.59
C LYS W 336 78.69 -25.43 32.81
N THR W 337 78.01 -25.51 33.96
CA THR W 337 78.68 -25.90 35.17
C THR W 337 78.93 -27.42 35.22
N LYS W 338 78.16 -28.21 34.47
CA LYS W 338 78.35 -29.64 34.45
C LYS W 338 79.64 -30.00 33.75
N ARG W 339 80.34 -30.99 34.30
CA ARG W 339 81.65 -31.37 33.88
C ARG W 339 81.72 -32.40 32.76
N THR W 340 80.63 -33.09 32.49
CA THR W 340 80.76 -34.28 31.62
C THR W 340 80.87 -33.89 30.15
N ILE W 341 80.32 -32.70 29.80
CA ILE W 341 80.43 -32.17 28.46
C ILE W 341 81.75 -31.43 28.39
N GLN W 342 82.33 -31.35 27.21
CA GLN W 342 83.42 -30.40 27.01
C GLN W 342 82.93 -29.33 26.03
N PHE W 343 83.11 -28.06 26.37
CA PHE W 343 83.14 -27.02 25.34
C PHE W 343 84.59 -26.72 24.99
N VAL W 344 84.73 -26.18 23.79
CA VAL W 344 86.04 -25.80 23.30
C VAL W 344 86.43 -24.47 23.96
N ASP W 345 87.73 -24.24 24.11
CA ASP W 345 88.23 -23.13 24.90
C ASP W 345 87.93 -21.78 24.19
N TRP W 346 87.96 -21.76 22.90
CA TRP W 346 87.86 -20.51 22.14
C TRP W 346 86.44 -20.20 21.76
N CYS W 347 85.46 -20.82 22.34
CA CYS W 347 84.05 -20.39 22.36
C CYS W 347 83.63 -20.21 23.81
N PRO W 348 83.87 -19.01 24.40
CA PRO W 348 83.39 -18.73 25.76
C PRO W 348 81.86 -18.69 25.91
N THR W 349 81.19 -18.12 24.92
CA THR W 349 79.79 -18.32 24.63
C THR W 349 79.67 -19.49 23.63
N GLY W 350 78.79 -20.44 24.00
CA GLY W 350 78.53 -21.54 23.11
C GLY W 350 77.06 -21.76 22.82
N PHE W 351 76.19 -20.77 23.11
CA PHE W 351 74.79 -20.96 22.95
C PHE W 351 74.12 -19.97 22.02
N LYS W 352 73.20 -20.42 21.17
CA LYS W 352 72.20 -19.56 20.59
C LYS W 352 70.80 -20.02 20.97
N CYS W 353 70.16 -19.33 21.84
CA CYS W 353 68.96 -19.93 22.50
C CYS W 353 67.74 -19.14 22.11
N GLY W 354 66.66 -19.82 21.69
CA GLY W 354 65.55 -19.12 21.07
C GLY W 354 64.22 -19.79 21.49
N ILE W 355 63.23 -18.94 21.61
CA ILE W 355 61.97 -19.25 22.29
C ILE W 355 60.82 -18.95 21.35
N ASN W 356 59.92 -19.91 21.20
CA ASN W 356 58.71 -19.74 20.42
C ASN W 356 57.51 -20.06 21.30
N TYR W 357 56.36 -19.51 20.98
CA TYR W 357 55.18 -19.60 21.81
C TYR W 357 54.38 -20.86 21.49
N GLN W 358 54.33 -21.22 20.20
CA GLN W 358 53.41 -22.23 19.73
C GLN W 358 53.87 -23.62 20.13
N PRO W 359 53.03 -24.39 20.84
CA PRO W 359 53.46 -25.70 21.33
C PRO W 359 53.56 -26.68 20.16
N PRO W 360 54.34 -27.76 20.26
CA PRO W 360 54.46 -28.70 19.16
C PRO W 360 53.17 -29.41 18.82
N THR W 361 52.86 -29.51 17.53
CA THR W 361 51.63 -30.15 17.13
C THR W 361 51.77 -31.69 17.05
N VAL W 362 50.66 -32.31 17.32
CA VAL W 362 50.58 -33.77 17.29
C VAL W 362 49.80 -34.17 16.04
N VAL W 363 50.31 -35.18 15.34
CA VAL W 363 49.47 -35.89 14.38
C VAL W 363 48.56 -36.83 15.15
N PRO W 364 47.24 -36.82 14.89
CA PRO W 364 46.34 -37.80 15.51
C PRO W 364 46.66 -39.21 15.05
N GLY W 365 46.60 -40.14 16.00
CA GLY W 365 46.93 -41.53 15.75
C GLY W 365 48.43 -41.76 15.60
N GLY W 366 49.25 -40.73 15.91
CA GLY W 366 50.68 -40.90 15.96
C GLY W 366 51.12 -41.52 17.28
N ASP W 367 52.42 -41.56 17.47
CA ASP W 367 53.02 -42.20 18.63
C ASP W 367 53.63 -41.20 19.64
N LEU W 368 53.43 -39.92 19.39
CA LEU W 368 53.81 -38.91 20.38
C LEU W 368 52.61 -38.55 21.21
N ALA W 369 52.88 -37.94 22.37
CA ALA W 369 51.86 -37.39 23.24
C ALA W 369 51.83 -35.86 23.12
N LYS W 370 50.73 -35.28 23.60
CA LYS W 370 50.57 -33.85 23.63
C LYS W 370 51.50 -33.21 24.66
N VAL W 371 52.48 -32.42 24.18
CA VAL W 371 53.49 -31.94 25.10
C VAL W 371 53.43 -30.41 25.11
N MET W 372 53.68 -29.86 26.30
CA MET W 372 53.43 -28.42 26.45
C MET W 372 54.66 -27.61 26.06
N ARG W 373 55.84 -28.24 26.09
CA ARG W 373 57.08 -27.55 25.73
C ARG W 373 58.06 -28.61 25.25
N ALA W 374 58.92 -28.18 24.31
CA ALA W 374 59.90 -29.06 23.70
C ALA W 374 61.14 -28.25 23.33
N VAL W 375 62.22 -29.00 23.11
CA VAL W 375 63.50 -28.44 22.70
C VAL W 375 63.97 -29.21 21.46
N CYS W 376 64.48 -28.43 20.50
CA CYS W 376 65.25 -29.02 19.43
C CYS W 376 66.64 -28.39 19.47
N MET W 377 67.67 -29.27 19.50
CA MET W 377 69.03 -28.83 19.49
C MET W 377 69.68 -29.22 18.15
N ILE W 378 70.39 -28.24 17.59
CA ILE W 378 71.36 -28.53 16.54
C ILE W 378 72.73 -28.07 16.99
N SER W 379 73.66 -29.01 17.08
CA SER W 379 74.92 -28.80 17.79
C SER W 379 76.10 -29.19 16.90
N ASN W 380 77.14 -28.42 16.98
CA ASN W 380 78.37 -28.69 16.26
C ASN W 380 79.37 -29.22 17.23
N SER W 381 79.94 -30.40 16.96
CA SER W 381 80.94 -30.95 17.89
C SER W 381 82.09 -31.57 17.11
N THR W 382 83.18 -31.85 17.81
CA THR W 382 84.32 -32.52 17.23
C THR W 382 84.17 -34.03 17.34
N ALA W 383 83.01 -34.52 17.80
CA ALA W 383 82.75 -35.94 17.84
C ALA W 383 82.49 -36.51 16.43
N ILE W 384 82.24 -35.63 15.45
CA ILE W 384 82.00 -36.02 14.08
C ILE W 384 83.23 -36.59 13.41
N ALA W 385 84.40 -36.47 14.06
CA ALA W 385 85.61 -37.10 13.56
C ALA W 385 85.45 -38.63 13.44
N GLU W 386 84.65 -39.23 14.36
CA GLU W 386 84.52 -40.67 14.35
C GLU W 386 83.61 -41.14 13.20
N VAL W 387 82.62 -40.31 12.84
CA VAL W 387 81.65 -40.76 11.86
C VAL W 387 82.24 -40.67 10.47
N PHE W 388 83.26 -39.81 10.29
CA PHE W 388 83.94 -39.77 9.00
C PHE W 388 85.10 -40.77 8.96
N SER W 389 85.72 -41.06 10.14
CA SER W 389 86.78 -42.02 10.18
C SER W 389 86.25 -43.45 9.95
N ARG W 390 85.00 -43.70 10.37
CA ARG W 390 84.51 -45.05 10.24
C ARG W 390 84.13 -45.35 8.79
N MET W 391 83.64 -44.33 8.08
CA MET W 391 83.34 -44.53 6.67
C MET W 391 84.64 -44.57 5.88
N ASP W 392 85.68 -43.88 6.36
CA ASP W 392 86.96 -43.87 5.71
C ASP W 392 87.58 -45.27 5.72
N HIS W 393 87.38 -45.98 6.84
CA HIS W 393 87.97 -47.31 6.92
C HIS W 393 87.25 -48.30 6.01
N LYS W 394 85.93 -48.16 5.97
CA LYS W 394 85.11 -49.09 5.21
C LYS W 394 85.30 -48.91 3.69
N PHE W 395 85.59 -47.67 3.27
CA PHE W 395 85.90 -47.37 1.91
C PHE W 395 87.27 -47.92 1.51
N ASP W 396 88.23 -47.88 2.43
CA ASP W 396 89.56 -48.40 2.16
C ASP W 396 89.56 -49.90 2.04
N LEU W 397 88.68 -50.60 2.76
CA LEU W 397 88.60 -52.04 2.66
C LEU W 397 88.04 -52.46 1.28
N MET W 398 87.04 -51.71 0.82
CA MET W 398 86.36 -52.10 -0.40
C MET W 398 87.19 -51.76 -1.63
N TYR W 399 87.85 -50.60 -1.57
CA TYR W 399 88.68 -50.12 -2.66
C TYR W 399 90.02 -50.78 -2.77
N ALA W 400 90.40 -51.54 -1.70
CA ALA W 400 91.67 -52.26 -1.62
C ALA W 400 91.90 -53.16 -2.82
N LYS W 401 90.85 -53.86 -3.24
CA LYS W 401 90.99 -54.68 -4.45
C LYS W 401 89.82 -54.45 -5.37
N ARG W 402 89.38 -53.22 -5.44
CA ARG W 402 88.57 -52.66 -6.54
C ARG W 402 87.26 -53.42 -6.76
N ALA W 403 86.54 -53.59 -5.66
CA ALA W 403 85.22 -54.20 -5.70
C ALA W 403 84.22 -53.11 -6.09
N PHE W 404 83.23 -53.52 -6.89
CA PHE W 404 82.08 -52.72 -7.30
C PHE W 404 82.48 -51.46 -8.08
N VAL W 405 83.68 -51.41 -8.60
CA VAL W 405 84.17 -50.20 -9.26
C VAL W 405 83.63 -50.12 -10.69
N HIS W 406 83.45 -51.28 -11.32
CA HIS W 406 83.16 -51.39 -12.74
C HIS W 406 81.77 -50.85 -13.06
N TRP W 407 80.88 -50.83 -12.10
CA TRP W 407 79.59 -50.18 -12.30
C TRP W 407 79.74 -48.63 -12.41
N TYR W 408 80.69 -48.10 -11.67
CA TYR W 408 80.87 -46.67 -11.64
C TYR W 408 81.70 -46.20 -12.83
N VAL W 409 82.76 -46.94 -13.14
CA VAL W 409 83.68 -46.56 -14.19
C VAL W 409 83.03 -46.70 -15.57
N GLY W 410 82.22 -47.73 -15.71
CA GLY W 410 81.58 -48.02 -17.00
C GLY W 410 80.44 -47.05 -17.29
N GLU W 411 79.93 -46.37 -16.25
CA GLU W 411 78.75 -45.55 -16.35
C GLU W 411 79.08 -44.07 -16.38
N GLY W 412 80.35 -43.70 -16.55
CA GLY W 412 80.65 -42.33 -16.94
C GLY W 412 81.97 -41.81 -16.28
N MET W 413 82.09 -42.14 -15.00
CA MET W 413 83.06 -41.48 -14.17
C MET W 413 84.41 -42.15 -14.30
N GLU W 414 85.46 -41.37 -14.08
CA GLU W 414 86.83 -41.85 -14.28
C GLU W 414 87.42 -42.30 -12.96
N GLU W 415 88.11 -43.46 -12.98
CA GLU W 415 88.67 -43.96 -11.73
C GLU W 415 89.82 -43.04 -11.32
N GLY W 416 89.77 -42.49 -10.14
CA GLY W 416 90.53 -41.30 -9.84
C GLY W 416 89.67 -40.28 -9.13
N GLU W 417 88.38 -40.28 -9.50
CA GLU W 417 87.43 -39.50 -8.71
C GLU W 417 87.20 -40.14 -7.34
N PHE W 418 87.41 -41.43 -7.25
CA PHE W 418 87.47 -42.13 -5.96
C PHE W 418 88.66 -41.63 -5.16
N SER W 419 89.81 -41.44 -5.84
CA SER W 419 91.03 -41.04 -5.16
C SER W 419 90.92 -39.60 -4.68
N GLU W 420 90.32 -38.73 -5.52
CA GLU W 420 90.17 -37.33 -5.18
C GLU W 420 89.18 -37.16 -4.03
N ALA W 421 88.13 -37.95 -4.01
CA ALA W 421 87.13 -37.88 -2.95
C ALA W 421 87.72 -38.35 -1.64
N ARG W 422 88.62 -39.36 -1.71
CA ARG W 422 89.20 -39.93 -0.50
C ARG W 422 90.15 -38.92 0.12
N GLU W 423 90.96 -38.26 -0.68
CA GLU W 423 91.91 -37.27 -0.15
C GLU W 423 91.16 -36.04 0.38
N ASP W 424 89.99 -35.75 -0.19
CA ASP W 424 89.18 -34.67 0.33
C ASP W 424 88.65 -35.01 1.72
N LEU W 425 88.20 -36.25 1.89
CA LEU W 425 87.74 -36.71 3.19
C LEU W 425 88.91 -36.81 4.18
N ALA W 426 90.09 -37.18 3.67
CA ALA W 426 91.27 -37.21 4.54
C ALA W 426 91.63 -35.80 4.99
N ALA W 427 91.43 -34.81 4.11
CA ALA W 427 91.67 -33.41 4.47
C ALA W 427 90.67 -32.95 5.52
N LEU W 428 89.43 -33.47 5.46
CA LEU W 428 88.40 -33.07 6.42
C LEU W 428 88.72 -33.69 7.79
N GLU W 429 89.29 -34.90 7.81
CA GLU W 429 89.65 -35.53 9.06
C GLU W 429 90.78 -34.77 9.77
N LYS W 430 91.75 -34.28 8.98
CA LYS W 430 92.81 -33.52 9.60
C LYS W 430 92.31 -32.15 10.07
N ASP W 431 91.28 -31.62 9.42
CA ASP W 431 90.72 -30.33 9.78
C ASP W 431 90.00 -30.39 11.12
N TYR W 432 89.26 -31.50 11.35
CA TYR W 432 88.59 -31.66 12.63
C TYR W 432 89.57 -31.87 13.77
N GLU W 433 90.69 -32.53 13.48
CA GLU W 433 91.69 -32.75 14.49
C GLU W 433 92.40 -31.44 14.88
N GLU W 434 92.62 -30.59 13.89
CA GLU W 434 93.45 -29.39 14.12
C GLU W 434 92.65 -28.33 14.85
N VAL W 435 91.34 -28.31 14.68
CA VAL W 435 90.51 -27.28 15.29
C VAL W 435 90.34 -27.57 16.80
N GLY W 436 90.30 -28.86 17.16
CA GLY W 436 89.99 -29.27 18.52
C GLY W 436 91.15 -29.10 19.52
N ILE W 437 92.34 -28.70 19.07
CA ILE W 437 93.48 -28.72 19.98
C ILE W 437 93.56 -27.47 20.87
N MET X 1 31.31 1.87 -41.95
CA MET X 1 32.32 2.75 -41.34
C MET X 1 33.68 2.10 -41.54
N ARG X 2 34.49 2.02 -40.51
CA ARG X 2 35.78 1.37 -40.53
C ARG X 2 35.73 -0.14 -40.31
N GLU X 3 36.43 -0.88 -41.14
CA GLU X 3 36.39 -2.33 -41.08
C GLU X 3 37.76 -2.88 -41.46
N VAL X 4 37.91 -4.19 -41.27
CA VAL X 4 38.99 -4.96 -41.85
C VAL X 4 38.43 -6.20 -42.51
N ILE X 5 39.01 -6.55 -43.66
CA ILE X 5 38.44 -7.60 -44.51
C ILE X 5 39.34 -8.82 -44.39
N SER X 6 38.73 -9.97 -44.08
CA SER X 6 39.46 -11.21 -43.92
C SER X 6 39.40 -12.05 -45.19
N ILE X 7 40.55 -12.57 -45.59
CA ILE X 7 40.64 -13.50 -46.70
C ILE X 7 41.17 -14.82 -46.23
N HIS X 8 40.49 -15.93 -46.58
CA HIS X 8 40.97 -17.24 -46.20
C HIS X 8 41.23 -18.07 -47.45
N VAL X 9 42.51 -18.35 -47.72
CA VAL X 9 42.89 -18.99 -48.96
C VAL X 9 43.64 -20.27 -48.64
N GLY X 10 43.16 -21.39 -49.23
CA GLY X 10 43.75 -22.67 -48.89
C GLY X 10 43.05 -23.33 -47.68
N GLN X 11 43.32 -24.61 -47.49
CA GLN X 11 42.57 -25.41 -46.55
C GLN X 11 42.84 -24.97 -45.10
N ALA X 12 44.10 -24.71 -44.81
CA ALA X 12 44.53 -24.27 -43.50
C ALA X 12 43.91 -22.92 -43.14
N GLY X 13 43.89 -22.01 -44.15
CA GLY X 13 43.29 -20.72 -43.93
C GLY X 13 41.82 -20.79 -43.64
N ILE X 14 41.12 -21.70 -44.36
CA ILE X 14 39.68 -21.81 -44.22
C ILE X 14 39.34 -22.42 -42.87
N GLN X 15 40.01 -23.46 -42.44
CA GLN X 15 39.67 -24.12 -41.17
C GLN X 15 40.06 -23.28 -39.98
N ILE X 16 41.13 -22.49 -40.10
CA ILE X 16 41.45 -21.53 -39.05
C ILE X 16 40.37 -20.44 -39.04
N GLY X 17 39.95 -20.02 -40.25
CA GLY X 17 38.91 -19.01 -40.36
C GLY X 17 37.56 -19.49 -39.89
N ASN X 18 37.31 -20.80 -39.99
CA ASN X 18 36.10 -21.43 -39.50
C ASN X 18 36.04 -21.29 -37.98
N ALA X 19 37.16 -21.49 -37.31
CA ALA X 19 37.23 -21.34 -35.87
C ALA X 19 37.14 -19.86 -35.49
N CYS X 20 37.73 -18.99 -36.34
CA CYS X 20 37.77 -17.56 -36.04
C CYS X 20 36.36 -16.95 -36.12
N TRP X 21 35.58 -17.40 -37.11
CA TRP X 21 34.26 -16.85 -37.28
C TRP X 21 33.21 -17.41 -36.32
N GLU X 22 33.50 -18.57 -35.73
CA GLU X 22 32.63 -19.02 -34.67
C GLU X 22 32.85 -18.21 -33.40
N LEU X 23 34.10 -17.81 -33.16
CA LEU X 23 34.40 -17.01 -31.99
C LEU X 23 33.84 -15.59 -32.12
N PHE X 24 33.95 -15.02 -33.32
CA PHE X 24 33.50 -13.65 -33.55
C PHE X 24 31.98 -13.54 -33.47
N CYS X 25 31.28 -14.60 -33.86
CA CYS X 25 29.83 -14.61 -33.78
C CYS X 25 29.38 -14.68 -32.31
N LEU X 26 30.10 -15.47 -31.50
CA LEU X 26 29.70 -15.60 -30.11
C LEU X 26 30.08 -14.38 -29.28
N GLU X 27 31.14 -13.68 -29.66
CA GLU X 27 31.57 -12.51 -28.92
C GLU X 27 30.61 -11.34 -29.11
N HIS X 28 30.05 -11.20 -30.31
CA HIS X 28 29.08 -10.16 -30.59
C HIS X 28 27.66 -10.62 -30.38
N GLY X 29 27.48 -11.92 -30.05
CA GLY X 29 26.18 -12.47 -29.75
C GLY X 29 25.25 -12.55 -30.97
N ILE X 30 25.81 -12.83 -32.14
CA ILE X 30 24.96 -13.07 -33.28
C ILE X 30 24.80 -14.58 -33.46
N GLN X 31 23.64 -14.98 -33.94
CA GLN X 31 23.29 -16.37 -34.14
C GLN X 31 23.91 -16.84 -35.44
N PRO X 32 24.09 -18.16 -35.68
CA PRO X 32 24.45 -18.66 -37.00
C PRO X 32 23.62 -18.19 -38.20
N ASP X 33 22.38 -17.76 -37.96
CA ASP X 33 21.55 -17.19 -38.97
C ASP X 33 22.13 -15.87 -39.40
N GLY X 34 22.59 -15.07 -38.45
CA GLY X 34 23.20 -13.76 -38.67
C GLY X 34 22.43 -12.64 -38.01
N GLN X 35 21.33 -12.95 -37.32
CA GLN X 35 20.55 -11.89 -36.70
C GLN X 35 20.59 -12.00 -35.17
N MET X 36 20.96 -10.89 -34.54
CA MET X 36 21.08 -10.92 -33.10
C MET X 36 19.72 -10.64 -32.47
N PRO X 37 19.38 -11.26 -31.34
CA PRO X 37 18.21 -10.84 -30.57
C PRO X 37 18.48 -9.57 -29.73
N ASP X 47 26.97 -0.81 -33.14
CA ASP X 47 27.92 -0.31 -34.16
C ASP X 47 29.35 -0.60 -33.70
N ALA X 48 29.49 -1.49 -32.69
CA ALA X 48 30.81 -1.99 -32.33
C ALA X 48 31.23 -3.11 -33.27
N PHE X 49 30.23 -3.94 -33.66
CA PHE X 49 30.52 -5.11 -34.49
C PHE X 49 30.53 -4.79 -35.96
N ASN X 50 30.43 -3.53 -36.34
CA ASN X 50 30.54 -3.04 -37.69
C ASN X 50 31.93 -3.26 -38.28
N THR X 51 32.93 -3.48 -37.47
CA THR X 51 34.27 -3.66 -38.01
C THR X 51 34.48 -5.05 -38.60
N PHE X 52 33.62 -6.00 -38.29
CA PHE X 52 33.71 -7.36 -38.84
C PHE X 52 32.43 -7.83 -39.50
N PHE X 53 31.30 -7.22 -39.20
CA PHE X 53 30.02 -7.60 -39.75
C PHE X 53 29.38 -6.43 -40.46
N SER X 54 28.71 -6.72 -41.57
CA SER X 54 27.94 -5.71 -42.27
C SER X 54 26.48 -5.71 -41.77
N GLU X 55 25.66 -4.90 -42.39
CA GLU X 55 24.27 -4.75 -42.05
C GLU X 55 23.41 -5.16 -43.22
N THR X 56 22.49 -6.08 -43.02
CA THR X 56 21.74 -6.64 -44.16
C THR X 56 20.26 -6.70 -43.79
N GLY X 57 19.59 -5.56 -43.93
CA GLY X 57 18.16 -5.46 -43.74
C GLY X 57 17.76 -5.56 -42.28
N ALA X 58 16.75 -6.40 -42.04
CA ALA X 58 16.09 -6.49 -40.73
C ALA X 58 16.91 -7.33 -39.74
N GLY X 59 17.99 -6.72 -39.25
CA GLY X 59 18.78 -7.23 -38.16
C GLY X 59 19.74 -8.33 -38.55
N LYS X 60 19.78 -8.74 -39.81
CA LYS X 60 20.76 -9.78 -40.20
C LYS X 60 22.10 -9.14 -40.49
N HIS X 61 23.17 -9.82 -40.12
CA HIS X 61 24.55 -9.42 -40.29
C HIS X 61 25.31 -10.44 -41.12
N VAL X 62 26.14 -9.91 -42.05
CA VAL X 62 26.95 -10.82 -42.87
C VAL X 62 28.41 -10.54 -42.57
N PRO X 63 29.26 -11.58 -42.41
CA PRO X 63 30.68 -11.36 -42.22
C PRO X 63 31.39 -10.79 -43.43
N ARG X 64 32.47 -10.06 -43.14
CA ARG X 64 33.31 -9.50 -44.15
C ARG X 64 34.48 -10.43 -44.43
N CYS X 65 34.13 -11.57 -45.02
CA CYS X 65 35.18 -12.54 -45.31
C CYS X 65 34.93 -13.16 -46.69
N VAL X 66 36.03 -13.57 -47.31
CA VAL X 66 35.96 -14.32 -48.55
C VAL X 66 36.71 -15.64 -48.39
N PHE X 67 36.02 -16.73 -48.74
CA PHE X 67 36.60 -18.05 -48.64
C PHE X 67 36.96 -18.59 -50.02
N LEU X 68 38.27 -18.81 -50.22
CA LEU X 68 38.72 -19.03 -51.60
C LEU X 68 39.56 -20.28 -51.61
N ASP X 69 39.16 -21.24 -52.44
CA ASP X 69 39.82 -22.53 -52.49
C ASP X 69 39.55 -23.15 -53.83
N LEU X 70 40.53 -23.91 -54.33
CA LEU X 70 40.41 -24.51 -55.66
C LEU X 70 39.74 -25.86 -55.52
N GLU X 71 40.02 -26.64 -54.44
CA GLU X 71 39.31 -27.86 -54.22
C GLU X 71 37.97 -27.53 -53.58
N PRO X 72 36.87 -28.17 -54.03
CA PRO X 72 35.56 -27.88 -53.44
C PRO X 72 35.32 -28.49 -52.06
N THR X 73 36.15 -29.47 -51.66
CA THR X 73 35.79 -30.36 -50.57
C THR X 73 35.84 -29.69 -49.21
N VAL X 74 36.46 -28.51 -49.07
CA VAL X 74 36.46 -27.85 -47.77
C VAL X 74 35.43 -26.72 -47.70
N VAL X 75 35.11 -26.14 -48.84
CA VAL X 75 34.21 -24.99 -48.88
C VAL X 75 32.75 -25.47 -49.03
N ASP X 76 32.55 -26.60 -49.73
CA ASP X 76 31.21 -27.10 -49.91
C ASP X 76 30.66 -27.65 -48.60
N GLU X 77 31.55 -28.11 -47.73
CA GLU X 77 31.15 -28.64 -46.43
C GLU X 77 30.71 -27.50 -45.50
N VAL X 78 31.18 -26.29 -45.75
CA VAL X 78 30.74 -25.15 -45.00
C VAL X 78 29.37 -24.72 -45.53
N ARG X 79 29.17 -24.85 -46.88
CA ARG X 79 27.88 -24.31 -47.36
C ARG X 79 26.73 -25.26 -47.00
N THR X 80 27.05 -26.49 -46.61
CA THR X 80 26.02 -27.43 -46.17
C THR X 80 26.01 -27.62 -44.67
N GLY X 81 26.96 -27.01 -43.95
CA GLY X 81 27.07 -27.07 -42.51
C GLY X 81 26.09 -26.15 -41.80
N THR X 82 26.36 -25.97 -40.50
CA THR X 82 25.44 -25.21 -39.65
C THR X 82 25.53 -23.72 -39.90
N TYR X 83 26.69 -23.21 -40.32
CA TYR X 83 26.81 -21.82 -40.73
C TYR X 83 26.54 -21.69 -42.22
N ARG X 84 25.38 -22.15 -42.68
CA ARG X 84 25.09 -22.09 -44.08
C ARG X 84 24.66 -20.68 -44.48
N HIS X 85 23.77 -20.09 -43.67
CA HIS X 85 23.18 -18.80 -44.01
C HIS X 85 23.88 -17.65 -43.32
N LEU X 86 24.99 -17.90 -42.64
CA LEU X 86 25.78 -16.81 -42.12
C LEU X 86 26.45 -16.03 -43.24
N PHE X 87 27.05 -16.74 -44.15
CA PHE X 87 27.83 -16.14 -45.22
C PHE X 87 26.89 -15.90 -46.42
N HIS X 88 27.18 -14.84 -47.14
CA HIS X 88 26.56 -14.62 -48.44
C HIS X 88 26.99 -15.73 -49.39
N PRO X 89 26.05 -16.26 -50.20
CA PRO X 89 26.39 -17.37 -51.09
C PRO X 89 27.47 -17.10 -52.13
N GLU X 90 27.73 -15.85 -52.48
CA GLU X 90 28.82 -15.53 -53.38
C GLU X 90 30.20 -15.38 -52.72
N GLN X 91 30.18 -15.31 -51.40
CA GLN X 91 31.43 -15.13 -50.69
C GLN X 91 32.15 -16.46 -50.47
N LEU X 92 31.53 -17.61 -50.82
CA LEU X 92 32.22 -18.88 -50.78
C LEU X 92 32.57 -19.27 -52.21
N ILE X 93 33.84 -19.02 -52.58
CA ILE X 93 34.28 -19.24 -53.94
C ILE X 93 35.03 -20.56 -54.04
N SER X 94 34.64 -21.38 -55.00
CA SER X 94 35.18 -22.73 -55.15
C SER X 94 35.59 -22.95 -56.60
N GLY X 95 36.71 -23.66 -56.75
CA GLY X 95 37.21 -23.98 -58.08
C GLY X 95 36.70 -25.31 -58.58
N LYS X 96 37.54 -25.96 -59.40
CA LYS X 96 37.23 -27.28 -59.90
C LYS X 96 38.26 -28.31 -59.39
N GLU X 97 39.54 -27.98 -59.41
CA GLU X 97 40.51 -29.01 -59.08
C GLU X 97 41.67 -28.44 -58.33
N ASP X 98 42.29 -29.30 -57.51
CA ASP X 98 43.24 -28.91 -56.46
C ASP X 98 44.52 -28.39 -57.10
N ALA X 99 45.23 -27.54 -56.33
CA ALA X 99 46.59 -27.14 -56.74
C ALA X 99 47.60 -28.29 -56.62
N ALA X 100 47.31 -29.20 -55.69
CA ALA X 100 48.09 -30.40 -55.38
C ALA X 100 49.54 -30.05 -55.05
N ASN X 101 49.73 -29.26 -53.97
CA ASN X 101 51.03 -28.99 -53.38
C ASN X 101 52.04 -28.45 -54.40
N ASN X 102 51.55 -27.77 -55.42
CA ASN X 102 52.38 -27.24 -56.48
C ASN X 102 52.21 -25.74 -56.51
N PHE X 103 53.33 -25.03 -56.31
CA PHE X 103 53.29 -23.58 -56.35
C PHE X 103 52.94 -23.08 -57.74
N ALA X 104 53.46 -23.76 -58.76
CA ALA X 104 53.22 -23.40 -60.15
C ALA X 104 51.74 -23.57 -60.50
N ARG X 105 51.04 -24.55 -59.91
CA ARG X 105 49.66 -24.74 -60.25
C ARG X 105 48.80 -23.61 -59.69
N GLY X 106 49.09 -23.24 -58.43
CA GLY X 106 48.30 -22.27 -57.71
C GLY X 106 48.51 -20.85 -58.25
N HIS X 107 49.67 -20.61 -58.90
CA HIS X 107 50.06 -19.27 -59.23
C HIS X 107 49.89 -19.01 -60.72
N TYR X 108 50.01 -20.00 -61.58
CA TYR X 108 50.06 -19.75 -63.03
C TYR X 108 48.89 -20.42 -63.71
N THR X 109 48.62 -21.71 -63.42
CA THR X 109 47.79 -22.48 -64.34
C THR X 109 46.32 -22.39 -63.99
N ILE X 110 45.95 -22.81 -62.79
CA ILE X 110 44.55 -22.89 -62.45
C ILE X 110 44.12 -21.67 -61.62
N GLY X 111 45.10 -20.95 -61.05
CA GLY X 111 44.72 -19.86 -60.17
C GLY X 111 44.26 -18.61 -60.87
N LYS X 112 44.57 -18.44 -62.16
CA LYS X 112 44.26 -17.21 -62.85
C LYS X 112 42.78 -17.01 -63.13
N GLU X 113 42.04 -18.11 -63.19
CA GLU X 113 40.62 -18.02 -63.55
C GLU X 113 39.77 -17.61 -62.35
N ILE X 114 40.29 -17.81 -61.12
CA ILE X 114 39.46 -17.65 -59.95
C ILE X 114 39.82 -16.39 -59.16
N VAL X 115 40.99 -15.82 -59.44
CA VAL X 115 41.41 -14.57 -58.80
C VAL X 115 40.53 -13.43 -59.31
N ASP X 116 40.12 -13.47 -60.60
CA ASP X 116 39.27 -12.41 -61.11
C ASP X 116 37.91 -12.36 -60.43
N LEU X 117 37.37 -13.54 -60.11
CA LEU X 117 36.12 -13.61 -59.38
C LEU X 117 36.31 -13.18 -57.92
N SER X 118 37.51 -13.43 -57.37
CA SER X 118 37.79 -13.07 -55.99
C SER X 118 37.92 -11.55 -55.84
N LEU X 119 38.61 -10.91 -56.79
CA LEU X 119 38.79 -9.47 -56.74
C LEU X 119 37.48 -8.70 -56.94
N ASP X 120 36.56 -9.29 -57.71
CA ASP X 120 35.26 -8.66 -57.89
C ASP X 120 34.47 -8.66 -56.58
N ARG X 121 34.59 -9.75 -55.82
CA ARG X 121 33.89 -9.89 -54.58
C ARG X 121 34.47 -8.95 -53.52
N ILE X 122 35.81 -8.85 -53.52
CA ILE X 122 36.47 -8.02 -52.53
C ILE X 122 36.20 -6.56 -52.80
N ARG X 123 36.11 -6.17 -54.07
CA ARG X 123 35.83 -4.78 -54.42
C ARG X 123 34.42 -4.38 -54.00
N LYS X 124 33.46 -5.29 -54.18
CA LYS X 124 32.08 -5.02 -53.80
C LYS X 124 31.96 -4.92 -52.27
N LEU X 125 32.81 -5.66 -51.54
CA LEU X 125 32.74 -5.67 -50.10
C LEU X 125 33.50 -4.47 -49.51
N ALA X 126 34.46 -3.93 -50.24
CA ALA X 126 35.31 -2.85 -49.72
C ALA X 126 34.72 -1.48 -50.01
N ASP X 127 33.88 -1.35 -51.05
CA ASP X 127 33.49 -0.02 -51.50
C ASP X 127 32.18 0.45 -50.90
N ASN X 128 31.64 -0.29 -49.93
CA ASN X 128 30.47 0.17 -49.20
C ASN X 128 30.84 1.35 -48.30
N CYS X 129 31.97 1.29 -47.61
CA CYS X 129 32.40 2.36 -46.71
C CYS X 129 33.90 2.56 -46.85
N THR X 130 34.32 3.82 -46.73
CA THR X 130 35.74 4.13 -46.66
C THR X 130 36.26 3.90 -45.25
N GLY X 131 37.55 4.12 -45.07
CA GLY X 131 38.17 3.92 -43.78
C GLY X 131 38.51 2.45 -43.60
N LEU X 132 38.95 1.80 -44.68
CA LEU X 132 39.40 0.42 -44.62
C LEU X 132 40.66 0.32 -43.81
N GLN X 133 40.65 -0.45 -42.73
CA GLN X 133 41.82 -0.60 -41.90
C GLN X 133 42.90 -1.43 -42.57
N GLY X 134 42.47 -2.55 -43.17
CA GLY X 134 43.45 -3.44 -43.74
C GLY X 134 42.87 -4.73 -44.25
N PHE X 135 43.77 -5.71 -44.44
CA PHE X 135 43.40 -7.05 -44.82
C PHE X 135 43.97 -8.02 -43.83
N LEU X 136 43.23 -9.07 -43.52
CA LEU X 136 43.67 -10.17 -42.68
C LEU X 136 43.60 -11.40 -43.56
N MET X 137 44.77 -11.87 -43.99
CA MET X 137 44.84 -12.99 -44.94
C MET X 137 45.37 -14.18 -44.19
N PHE X 138 44.71 -15.33 -44.32
CA PHE X 138 45.09 -16.55 -43.64
C PHE X 138 45.47 -17.57 -44.70
N ASN X 139 46.68 -18.12 -44.55
CA ASN X 139 47.15 -19.08 -45.52
C ASN X 139 48.11 -20.06 -44.84
N ALA X 140 48.37 -21.17 -45.51
CA ALA X 140 49.52 -22.00 -45.26
C ALA X 140 50.69 -21.60 -46.19
N VAL X 141 51.81 -22.20 -45.90
CA VAL X 141 53.09 -21.86 -46.54
C VAL X 141 53.42 -23.00 -47.50
N GLY X 142 53.33 -24.25 -46.98
CA GLY X 142 53.79 -25.37 -47.79
C GLY X 142 52.72 -25.89 -48.70
N GLY X 143 51.47 -25.44 -48.56
CA GLY X 143 50.40 -25.85 -49.49
C GLY X 143 50.46 -25.13 -50.84
N GLY X 144 50.09 -25.83 -51.93
CA GLY X 144 49.97 -25.23 -53.21
C GLY X 144 49.00 -24.06 -53.40
N THR X 145 47.79 -24.23 -52.89
CA THR X 145 46.79 -23.16 -53.06
C THR X 145 47.11 -21.98 -52.05
N GLY X 146 47.64 -22.36 -50.89
CA GLY X 146 47.87 -21.34 -49.90
C GLY X 146 49.09 -20.49 -50.21
N SER X 147 50.06 -21.06 -50.96
CA SER X 147 51.21 -20.28 -51.35
C SER X 147 51.00 -19.70 -52.75
N GLY X 148 50.45 -20.45 -53.68
CA GLY X 148 50.40 -19.96 -55.05
C GLY X 148 49.30 -18.94 -55.23
N LEU X 149 48.07 -19.23 -54.76
CA LEU X 149 47.02 -18.24 -54.89
C LEU X 149 47.25 -17.10 -53.91
N GLY X 150 47.96 -17.30 -52.85
CA GLY X 150 48.33 -16.27 -51.89
C GLY X 150 49.14 -15.13 -52.54
N CYS X 151 50.13 -15.55 -53.35
CA CYS X 151 50.97 -14.56 -54.01
C CYS X 151 50.13 -13.83 -55.07
N LEU X 152 49.33 -14.59 -55.82
CA LEU X 152 48.58 -14.02 -56.93
C LEU X 152 47.55 -13.00 -56.44
N LEU X 153 46.95 -13.28 -55.30
CA LEU X 153 45.98 -12.37 -54.70
C LEU X 153 46.67 -11.13 -54.17
N LEU X 154 47.89 -11.31 -53.60
CA LEU X 154 48.57 -10.16 -53.02
C LEU X 154 49.17 -9.27 -54.08
N GLU X 155 49.54 -9.80 -55.24
CA GLU X 155 49.97 -9.00 -56.37
C GLU X 155 48.86 -8.05 -56.83
N ARG X 156 47.64 -8.56 -56.94
CA ARG X 156 46.54 -7.73 -57.41
C ARG X 156 46.10 -6.72 -56.35
N LEU X 157 46.19 -7.12 -55.08
CA LEU X 157 45.78 -6.24 -54.01
C LEU X 157 46.78 -5.09 -53.82
N SER X 158 48.06 -5.36 -54.06
CA SER X 158 49.08 -4.35 -53.85
C SER X 158 48.98 -3.26 -54.92
N VAL X 159 48.55 -3.63 -56.14
CA VAL X 159 48.53 -2.67 -57.22
C VAL X 159 47.34 -1.70 -57.07
N ASP X 160 46.21 -2.15 -56.58
CA ASP X 160 45.06 -1.24 -56.52
C ASP X 160 45.01 -0.63 -55.13
N TYR X 161 45.06 -1.40 -54.04
CA TYR X 161 45.04 -0.80 -52.72
C TYR X 161 46.45 -0.74 -52.14
N GLY X 162 47.18 0.27 -52.59
CA GLY X 162 48.61 0.39 -52.33
C GLY X 162 48.88 0.80 -50.86
N LYS X 163 48.06 1.68 -50.31
CA LYS X 163 48.33 2.35 -49.07
C LYS X 163 47.69 1.64 -47.89
N LYS X 164 47.19 0.43 -48.06
CA LYS X 164 46.50 -0.28 -47.01
C LYS X 164 47.37 -1.38 -46.42
N SER X 165 47.25 -1.58 -45.09
CA SER X 165 48.04 -2.57 -44.40
C SER X 165 47.48 -3.97 -44.69
N LYS X 166 48.40 -4.93 -44.76
CA LYS X 166 48.07 -6.33 -45.00
C LYS X 166 48.74 -7.18 -43.93
N LEU X 167 47.97 -8.00 -43.29
CA LEU X 167 48.38 -8.86 -42.18
C LEU X 167 48.30 -10.23 -42.78
N ASN X 168 49.46 -10.98 -42.94
CA ASN X 168 49.39 -12.34 -43.39
C ASN X 168 49.69 -13.31 -42.25
N PHE X 169 48.84 -14.31 -42.09
CA PHE X 169 48.97 -15.23 -40.97
C PHE X 169 49.32 -16.67 -41.38
N CYS X 170 50.59 -16.95 -41.42
CA CYS X 170 51.16 -18.03 -42.20
C CYS X 170 51.44 -19.19 -41.26
N SER X 171 50.95 -20.39 -41.66
CA SER X 171 51.23 -21.58 -40.90
C SER X 171 52.53 -22.18 -41.39
N TRP X 172 53.66 -21.69 -40.86
CA TRP X 172 54.98 -22.06 -41.32
C TRP X 172 55.25 -23.54 -40.98
N PRO X 173 55.96 -24.28 -41.84
CA PRO X 173 56.34 -25.65 -41.53
C PRO X 173 57.30 -25.76 -40.35
N SER X 174 57.11 -26.81 -39.57
CA SER X 174 57.94 -27.12 -38.42
C SER X 174 59.26 -27.70 -38.86
N PRO X 175 60.33 -27.61 -38.04
CA PRO X 175 61.59 -28.27 -38.34
C PRO X 175 61.52 -29.78 -38.45
N GLN X 176 60.72 -30.47 -37.61
CA GLN X 176 60.74 -31.91 -37.54
C GLN X 176 59.62 -32.58 -38.36
N VAL X 177 58.44 -32.14 -38.23
CA VAL X 177 57.22 -32.76 -38.73
C VAL X 177 56.65 -31.76 -39.73
N SER X 178 56.28 -32.25 -40.94
CA SER X 178 55.84 -31.41 -42.00
C SER X 178 54.58 -31.95 -42.67
N THR X 179 54.32 -33.27 -42.71
CA THR X 179 53.13 -33.86 -43.25
C THR X 179 52.97 -33.59 -44.74
N ALA X 180 54.07 -33.24 -45.42
CA ALA X 180 54.18 -33.11 -46.85
C ALA X 180 55.65 -33.08 -47.27
N VAL X 181 55.94 -33.45 -48.52
CA VAL X 181 57.33 -33.69 -48.87
C VAL X 181 57.89 -32.53 -49.70
N VAL X 182 57.00 -31.79 -50.38
CA VAL X 182 57.51 -30.77 -51.28
C VAL X 182 57.51 -29.39 -50.60
N GLU X 183 57.26 -29.39 -49.30
CA GLU X 183 57.16 -28.18 -48.51
C GLU X 183 58.43 -27.35 -48.45
N PRO X 184 59.69 -27.83 -48.49
CA PRO X 184 60.81 -26.90 -48.66
C PRO X 184 60.74 -26.09 -49.95
N TYR X 185 60.22 -26.68 -51.02
CA TYR X 185 60.09 -25.96 -52.27
C TYR X 185 58.99 -24.91 -52.17
N ASN X 186 57.83 -25.32 -51.54
CA ASN X 186 56.73 -24.43 -51.46
C ASN X 186 57.01 -23.24 -50.53
N SER X 187 57.85 -23.45 -49.53
CA SER X 187 58.15 -22.43 -48.54
C SER X 187 59.01 -21.31 -49.09
N VAL X 188 60.05 -21.67 -49.79
CA VAL X 188 61.04 -20.70 -50.26
C VAL X 188 60.46 -19.85 -51.38
N LEU X 189 59.64 -20.48 -52.24
CA LEU X 189 58.96 -19.75 -53.30
C LEU X 189 57.89 -18.79 -52.75
N SER X 190 57.29 -19.14 -51.63
CA SER X 190 56.26 -18.32 -51.05
C SER X 190 56.87 -17.08 -50.37
N THR X 191 57.97 -17.34 -49.66
CA THR X 191 58.60 -16.31 -48.84
C THR X 191 59.24 -15.26 -49.72
N HIS X 192 59.64 -15.61 -50.94
CA HIS X 192 60.13 -14.62 -51.88
C HIS X 192 59.04 -13.60 -52.22
N SER X 193 57.80 -14.11 -52.37
CA SER X 193 56.74 -13.26 -52.85
C SER X 193 55.95 -12.65 -51.69
N LEU X 194 56.20 -13.11 -50.44
CA LEU X 194 55.58 -12.50 -49.29
C LEU X 194 56.53 -11.53 -48.56
N LEU X 195 57.66 -11.21 -49.19
CA LEU X 195 58.46 -10.08 -48.68
C LEU X 195 57.84 -8.78 -49.15
N GLU X 196 57.52 -8.72 -50.46
CA GLU X 196 57.29 -7.40 -51.06
C GLU X 196 55.81 -7.17 -51.30
N HIS X 197 54.93 -7.96 -50.70
CA HIS X 197 53.50 -7.71 -50.77
C HIS X 197 52.85 -7.59 -49.40
N THR X 198 53.50 -8.06 -48.31
CA THR X 198 52.83 -8.00 -47.04
C THR X 198 53.57 -7.03 -46.11
N ASP X 199 52.82 -6.55 -45.16
CA ASP X 199 53.32 -5.55 -44.21
C ASP X 199 53.74 -6.25 -42.92
N VAL X 200 52.88 -7.14 -42.42
CA VAL X 200 53.10 -7.83 -41.16
C VAL X 200 52.77 -9.31 -41.35
N ALA X 201 53.79 -10.16 -41.11
CA ALA X 201 53.57 -11.58 -41.17
C ALA X 201 53.79 -12.23 -39.83
N VAL X 202 52.81 -12.93 -39.27
CA VAL X 202 53.00 -13.69 -38.06
C VAL X 202 53.23 -15.18 -38.38
N MET X 203 54.23 -15.75 -37.71
CA MET X 203 54.58 -17.14 -37.88
C MET X 203 53.80 -18.01 -36.91
N LEU X 204 53.04 -18.96 -37.47
CA LEU X 204 52.43 -20.00 -36.66
C LEU X 204 52.99 -21.34 -37.04
N ASP X 205 53.41 -22.13 -36.04
CA ASP X 205 53.96 -23.43 -36.23
C ASP X 205 53.03 -24.48 -35.65
N ASN X 206 52.99 -25.65 -36.30
CA ASN X 206 52.05 -26.68 -35.85
C ASN X 206 52.58 -27.41 -34.62
N GLU X 207 53.88 -27.73 -34.60
CA GLU X 207 54.38 -28.48 -33.48
C GLU X 207 54.60 -27.60 -32.27
N ALA X 208 54.65 -26.28 -32.48
CA ALA X 208 54.68 -25.36 -31.35
C ALA X 208 53.35 -25.41 -30.59
N ILE X 209 52.24 -25.45 -31.33
CA ILE X 209 50.95 -25.49 -30.67
C ILE X 209 50.67 -26.89 -30.17
N TYR X 210 51.31 -27.90 -30.77
CA TYR X 210 51.22 -29.26 -30.26
C TYR X 210 51.82 -29.34 -28.87
N ASP X 211 52.98 -28.73 -28.67
CA ASP X 211 53.64 -28.85 -27.39
C ASP X 211 53.02 -27.93 -26.34
N ILE X 212 52.40 -26.84 -26.80
CA ILE X 212 51.66 -25.98 -25.89
C ILE X 212 50.45 -26.74 -25.34
N CYS X 213 49.77 -27.47 -26.22
CA CYS X 213 48.58 -28.20 -25.81
C CYS X 213 48.95 -29.41 -24.97
N ARG X 214 50.20 -29.88 -25.05
CA ARG X 214 50.61 -31.04 -24.28
C ARG X 214 50.95 -30.65 -22.86
N ARG X 215 51.62 -29.51 -22.67
CA ARG X 215 52.06 -29.14 -21.34
C ARG X 215 51.03 -28.30 -20.58
N ASN X 216 50.28 -27.43 -21.27
CA ASN X 216 49.38 -26.53 -20.60
C ASN X 216 47.98 -27.10 -20.46
N LEU X 217 47.45 -27.59 -21.58
CA LEU X 217 46.09 -28.15 -21.59
C LEU X 217 46.06 -29.64 -21.26
N ASP X 218 47.23 -30.25 -21.19
CA ASP X 218 47.45 -31.65 -20.84
C ASP X 218 46.68 -32.64 -21.69
N ILE X 219 46.58 -32.39 -22.96
CA ILE X 219 45.97 -33.32 -23.92
C ILE X 219 47.11 -33.83 -24.79
N GLU X 220 47.30 -35.14 -24.78
CA GLU X 220 48.41 -35.80 -25.44
C GLU X 220 48.17 -35.90 -26.96
N ARG X 221 46.91 -35.96 -27.42
CA ARG X 221 46.65 -36.24 -28.82
C ARG X 221 45.70 -35.22 -29.44
N PRO X 222 46.10 -33.95 -29.64
CA PRO X 222 45.17 -32.96 -30.17
C PRO X 222 45.13 -33.02 -31.70
N THR X 223 44.06 -32.45 -32.22
CA THR X 223 43.80 -32.45 -33.65
C THR X 223 43.76 -31.00 -34.16
N TYR X 224 43.41 -30.83 -35.42
CA TYR X 224 43.43 -29.52 -36.06
C TYR X 224 42.36 -28.60 -35.48
N THR X 225 41.27 -29.19 -34.97
CA THR X 225 40.21 -28.33 -34.45
C THR X 225 40.63 -27.72 -33.10
N ASN X 226 41.51 -28.43 -32.35
CA ASN X 226 41.97 -27.86 -31.11
C ASN X 226 43.05 -26.81 -31.34
N LEU X 227 43.79 -26.94 -32.45
CA LEU X 227 44.78 -25.94 -32.80
C LEU X 227 44.11 -24.65 -33.20
N ASN X 228 43.02 -24.75 -33.92
CA ASN X 228 42.39 -23.58 -34.54
C ASN X 228 41.63 -22.73 -33.53
N ARG X 229 41.19 -23.34 -32.44
CA ARG X 229 40.57 -22.58 -31.36
C ARG X 229 41.58 -21.65 -30.70
N LEU X 230 42.79 -22.15 -30.53
CA LEU X 230 43.86 -21.39 -29.89
C LEU X 230 44.32 -20.25 -30.79
N ILE X 231 44.31 -20.50 -32.11
CA ILE X 231 44.65 -19.48 -33.08
C ILE X 231 43.56 -18.41 -33.09
N ALA X 232 42.32 -18.83 -32.96
CA ALA X 232 41.17 -17.92 -32.97
C ALA X 232 41.22 -16.98 -31.78
N GLN X 233 41.73 -17.46 -30.63
CA GLN X 233 41.83 -16.61 -29.45
C GLN X 233 42.89 -15.54 -29.64
N VAL X 234 43.94 -15.85 -30.40
CA VAL X 234 45.00 -14.89 -30.67
C VAL X 234 44.46 -13.81 -31.59
N ILE X 235 43.68 -14.16 -32.61
CA ILE X 235 43.16 -13.18 -33.54
C ILE X 235 42.14 -12.28 -32.83
N SER X 236 41.34 -12.86 -31.93
CA SER X 236 40.35 -12.08 -31.24
C SER X 236 41.00 -11.05 -30.32
N SER X 237 42.06 -11.47 -29.65
CA SER X 237 42.78 -10.57 -28.74
C SER X 237 43.57 -9.52 -29.53
N LEU X 238 43.95 -9.82 -30.78
CA LEU X 238 44.65 -8.86 -31.61
C LEU X 238 43.76 -7.73 -32.03
N THR X 239 42.54 -8.06 -32.43
CA THR X 239 41.60 -7.09 -32.99
C THR X 239 40.54 -6.72 -31.97
N ALA X 240 40.83 -6.90 -30.68
CA ALA X 240 39.92 -6.50 -29.61
C ALA X 240 39.73 -4.99 -29.57
N SER X 241 40.80 -4.22 -29.96
CA SER X 241 40.71 -2.79 -29.89
C SER X 241 39.79 -2.20 -30.94
N LEU X 242 39.66 -2.87 -32.06
CA LEU X 242 38.77 -2.48 -33.14
C LEU X 242 37.31 -2.60 -32.68
N ARG X 243 37.00 -3.62 -31.83
CA ARG X 243 35.62 -3.85 -31.49
C ARG X 243 35.21 -3.18 -30.17
N PHE X 244 36.06 -3.23 -29.16
CA PHE X 244 35.61 -2.86 -27.82
C PHE X 244 36.43 -1.68 -27.29
N ASP X 245 35.84 -0.93 -26.37
CA ASP X 245 36.46 0.21 -25.76
C ASP X 245 37.53 -0.26 -24.76
N GLY X 246 38.59 0.53 -24.65
CA GLY X 246 39.70 0.13 -23.79
C GLY X 246 40.31 1.32 -23.06
N ALA X 247 41.10 1.04 -22.05
CA ALA X 247 41.90 2.03 -21.35
C ALA X 247 43.01 2.60 -22.24
N LEU X 248 43.65 1.75 -23.02
CA LEU X 248 44.65 2.14 -23.99
C LEU X 248 44.54 1.19 -25.18
N ASN X 249 43.87 1.65 -26.20
CA ASN X 249 43.61 0.79 -27.36
C ASN X 249 44.65 1.04 -28.45
N VAL X 250 44.88 0.01 -29.22
CA VAL X 250 45.91 -0.01 -30.25
C VAL X 250 45.39 -0.67 -31.50
N ASP X 251 45.39 0.06 -32.66
CA ASP X 251 44.70 -0.49 -33.82
C ASP X 251 45.72 -1.13 -34.78
N VAL X 252 45.24 -1.55 -35.93
CA VAL X 252 45.98 -2.41 -36.83
C VAL X 252 47.01 -1.60 -37.62
N THR X 253 46.72 -0.29 -37.82
CA THR X 253 47.69 0.54 -38.53
C THR X 253 48.89 0.85 -37.61
N GLU X 254 48.69 0.83 -36.28
CA GLU X 254 49.82 1.21 -35.46
C GLU X 254 50.53 -0.01 -34.91
N PHE X 255 50.10 -1.22 -35.20
CA PHE X 255 50.99 -2.42 -35.08
C PHE X 255 52.11 -2.36 -36.11
N GLN X 256 51.74 -1.93 -37.32
CA GLN X 256 52.59 -1.91 -38.46
C GLN X 256 53.68 -0.87 -38.30
N THR X 257 53.50 0.19 -37.49
CA THR X 257 54.51 1.18 -37.30
C THR X 257 55.34 0.97 -36.04
N ASN X 258 54.90 0.14 -35.11
CA ASN X 258 55.55 -0.02 -33.85
C ASN X 258 56.41 -1.29 -33.77
N LEU X 259 56.21 -2.24 -34.69
CA LEU X 259 56.88 -3.51 -34.60
C LEU X 259 57.79 -3.79 -35.80
N VAL X 260 57.77 -2.95 -36.84
CA VAL X 260 58.60 -3.21 -37.99
C VAL X 260 59.65 -2.12 -38.07
N PRO X 261 60.89 -2.37 -37.63
CA PRO X 261 61.88 -1.29 -37.56
C PRO X 261 62.54 -0.95 -38.90
N TYR X 262 62.66 -1.96 -39.77
CA TYR X 262 63.28 -1.83 -41.06
C TYR X 262 62.32 -2.42 -42.12
N PRO X 263 62.42 -1.99 -43.38
CA PRO X 263 61.40 -2.30 -44.37
C PRO X 263 61.11 -3.77 -44.62
N ARG X 264 62.14 -4.61 -44.54
CA ARG X 264 62.00 -6.03 -44.86
C ARG X 264 61.91 -6.86 -43.58
N ILE X 265 62.21 -6.30 -42.41
CA ILE X 265 62.18 -7.09 -41.19
C ILE X 265 60.81 -7.06 -40.54
N HIS X 266 59.91 -7.93 -40.94
CA HIS X 266 58.54 -7.83 -40.51
C HIS X 266 57.93 -9.21 -40.22
N PHE X 267 58.75 -10.11 -39.73
CA PHE X 267 58.34 -11.45 -39.38
C PHE X 267 58.34 -11.57 -37.88
N MET X 268 57.20 -11.86 -37.30
CA MET X 268 57.03 -11.84 -35.85
C MET X 268 56.46 -13.15 -35.33
N LEU X 269 56.76 -13.45 -34.06
CA LEU X 269 56.15 -14.57 -33.38
C LEU X 269 54.83 -14.18 -32.71
N SER X 270 54.26 -15.18 -32.09
CA SER X 270 53.07 -15.00 -31.26
C SER X 270 53.12 -15.80 -29.99
N SER X 271 52.53 -15.32 -28.89
CA SER X 271 52.31 -16.10 -27.71
C SER X 271 51.05 -15.67 -27.00
N TYR X 272 50.40 -16.62 -26.32
CA TYR X 272 49.20 -16.33 -25.57
C TYR X 272 49.28 -16.93 -24.18
N ALA X 273 48.78 -16.19 -23.21
CA ALA X 273 48.75 -16.67 -21.85
C ALA X 273 47.60 -15.98 -21.13
N PRO X 274 46.83 -16.69 -20.28
CA PRO X 274 47.00 -18.11 -20.01
C PRO X 274 46.23 -19.02 -20.97
N ILE X 275 46.79 -20.22 -21.21
CA ILE X 275 46.08 -21.29 -21.87
C ILE X 275 45.94 -22.42 -20.84
N ILE X 276 44.83 -22.40 -20.12
CA ILE X 276 44.67 -23.26 -18.97
C ILE X 276 43.33 -23.97 -19.04
N SER X 277 43.34 -25.21 -18.57
CA SER X 277 42.14 -26.03 -18.57
C SER X 277 41.33 -25.71 -17.34
N ALA X 278 40.13 -26.33 -17.22
CA ALA X 278 39.21 -26.08 -16.15
C ALA X 278 39.74 -26.61 -14.82
N GLU X 279 40.66 -27.58 -14.83
CA GLU X 279 41.15 -28.09 -13.56
C GLU X 279 42.20 -27.15 -13.01
N LYS X 280 43.07 -26.66 -13.89
CA LYS X 280 44.22 -25.85 -13.49
C LYS X 280 43.86 -24.40 -13.22
N ALA X 281 42.69 -23.95 -13.69
CA ALA X 281 42.16 -22.63 -13.39
C ALA X 281 41.75 -22.54 -11.91
N TYR X 282 41.37 -23.70 -11.34
CA TYR X 282 40.90 -23.78 -9.97
C TYR X 282 42.05 -23.45 -9.00
N HIS X 283 43.27 -23.83 -9.40
CA HIS X 283 44.37 -23.90 -8.48
C HIS X 283 45.34 -22.73 -8.60
N GLU X 284 45.03 -21.79 -9.44
CA GLU X 284 45.91 -20.61 -9.61
C GLU X 284 45.08 -19.37 -9.77
N GLN X 285 45.41 -18.31 -9.00
CA GLN X 285 44.99 -16.96 -9.34
C GLN X 285 45.88 -16.44 -10.46
N LEU X 286 45.26 -16.05 -11.55
CA LEU X 286 45.99 -15.63 -12.74
C LEU X 286 46.23 -14.12 -12.67
N SER X 287 47.22 -13.75 -11.84
CA SER X 287 47.58 -12.35 -11.69
C SER X 287 48.24 -11.81 -12.96
N VAL X 288 48.20 -10.50 -13.11
CA VAL X 288 48.74 -9.84 -14.30
C VAL X 288 50.26 -10.05 -14.36
N ALA X 289 50.90 -10.16 -13.22
CA ALA X 289 52.33 -10.41 -13.14
C ALA X 289 52.67 -11.80 -13.65
N GLU X 290 51.84 -12.79 -13.37
CA GLU X 290 52.16 -14.17 -13.67
C GLU X 290 51.77 -14.53 -15.12
N ILE X 291 50.73 -13.89 -15.64
CA ILE X 291 50.33 -14.18 -17.02
C ILE X 291 51.30 -13.51 -18.00
N THR X 292 51.98 -12.46 -17.54
CA THR X 292 52.99 -11.84 -18.39
C THR X 292 54.32 -12.56 -18.31
N ASN X 293 54.57 -13.26 -17.20
CA ASN X 293 55.76 -14.06 -17.07
C ASN X 293 55.66 -15.30 -17.96
N SER X 294 54.48 -15.89 -18.00
CA SER X 294 54.22 -17.07 -18.82
C SER X 294 54.20 -16.75 -20.31
N ALA X 295 53.93 -15.48 -20.64
CA ALA X 295 53.94 -15.06 -22.05
C ALA X 295 55.36 -15.03 -22.61
N PHE X 296 56.32 -14.64 -21.79
CA PHE X 296 57.70 -14.52 -22.23
C PHE X 296 58.48 -15.81 -22.01
N GLU X 297 57.84 -16.85 -21.45
CA GLU X 297 58.49 -18.12 -21.28
C GLU X 297 58.79 -18.73 -22.64
N PRO X 298 60.01 -19.23 -22.90
CA PRO X 298 60.36 -19.69 -24.25
C PRO X 298 59.57 -20.92 -24.72
N ALA X 299 59.00 -21.69 -23.78
CA ALA X 299 58.23 -22.85 -24.17
C ALA X 299 56.80 -22.49 -24.57
N SER X 300 56.40 -21.23 -24.36
CA SER X 300 55.03 -20.80 -24.63
C SER X 300 54.94 -19.98 -25.91
N MET X 301 56.03 -19.90 -26.67
CA MET X 301 55.92 -19.20 -27.95
C MET X 301 55.28 -20.14 -28.97
N MET X 302 54.72 -19.59 -30.03
CA MET X 302 53.92 -20.35 -30.94
C MET X 302 54.58 -20.46 -32.32
N ALA X 303 55.92 -20.63 -32.30
CA ALA X 303 56.65 -20.78 -33.53
C ALA X 303 57.73 -21.86 -33.51
N LYS X 304 58.00 -22.44 -32.34
CA LYS X 304 59.08 -23.43 -32.18
C LYS X 304 60.41 -22.84 -32.62
N CYS X 305 60.76 -21.74 -31.97
CA CYS X 305 61.92 -20.94 -32.33
C CYS X 305 62.41 -20.33 -31.02
N ASP X 306 63.47 -20.91 -30.49
CA ASP X 306 63.87 -20.66 -29.11
C ASP X 306 64.43 -19.26 -29.03
N PRO X 307 63.83 -18.31 -28.28
CA PRO X 307 64.30 -16.94 -28.31
C PRO X 307 65.49 -16.64 -27.39
N ARG X 308 66.07 -17.66 -26.77
CA ARG X 308 67.24 -17.43 -25.94
C ARG X 308 68.46 -17.06 -26.78
N HIS X 309 68.54 -17.58 -28.01
CA HIS X 309 69.67 -17.28 -28.87
C HIS X 309 69.24 -16.28 -29.93
N GLY X 310 68.42 -15.33 -29.54
CA GLY X 310 68.16 -14.14 -30.36
C GLY X 310 67.92 -12.96 -29.44
N LYS X 311 67.94 -11.76 -30.07
CA LYS X 311 67.75 -10.54 -29.30
C LYS X 311 66.50 -9.81 -29.77
N TYR X 312 65.61 -9.55 -28.81
CA TYR X 312 64.32 -8.94 -29.09
C TYR X 312 64.47 -7.54 -29.70
N MET X 313 63.75 -7.27 -30.81
CA MET X 313 63.77 -5.96 -31.39
C MET X 313 62.64 -5.12 -30.80
N ALA X 314 61.41 -5.67 -30.77
CA ALA X 314 60.24 -4.95 -30.36
C ALA X 314 59.22 -5.96 -29.85
N CYS X 315 58.43 -5.55 -28.84
CA CYS X 315 57.40 -6.43 -28.34
C CYS X 315 56.12 -5.64 -28.11
N CYS X 316 55.00 -6.28 -28.47
CA CYS X 316 53.68 -5.66 -28.32
C CYS X 316 52.78 -6.59 -27.53
N LEU X 317 52.28 -6.08 -26.42
CA LEU X 317 51.56 -6.86 -25.42
C LEU X 317 50.15 -6.31 -25.34
N MET X 318 49.15 -7.16 -25.69
CA MET X 318 47.77 -6.83 -25.63
C MET X 318 47.12 -7.52 -24.43
N TYR X 319 46.89 -6.74 -23.40
CA TYR X 319 46.22 -7.22 -22.21
C TYR X 319 44.72 -7.07 -22.42
N ARG X 320 43.98 -8.04 -21.88
CA ARG X 320 42.55 -8.10 -22.19
C ARG X 320 41.82 -8.57 -20.96
N GLY X 321 40.92 -7.75 -20.41
CA GLY X 321 40.15 -8.13 -19.26
C GLY X 321 40.30 -7.12 -18.12
N ASP X 322 40.13 -7.60 -16.89
CA ASP X 322 40.22 -6.80 -15.67
C ASP X 322 41.71 -6.53 -15.38
N VAL X 323 42.29 -5.65 -16.18
CA VAL X 323 43.71 -5.37 -16.09
C VAL X 323 43.91 -3.90 -15.71
N VAL X 324 44.59 -3.69 -14.60
CA VAL X 324 44.81 -2.31 -14.14
C VAL X 324 46.14 -1.87 -14.71
N PRO X 325 46.33 -0.59 -15.08
CA PRO X 325 47.61 -0.11 -15.56
C PRO X 325 48.76 -0.07 -14.56
N LYS X 326 48.49 -0.23 -13.28
CA LYS X 326 49.51 -0.43 -12.29
C LYS X 326 50.21 -1.78 -12.43
N ASP X 327 49.42 -2.81 -12.73
CA ASP X 327 49.82 -4.18 -12.77
C ASP X 327 50.64 -4.50 -13.99
N VAL X 328 50.56 -3.64 -15.03
CA VAL X 328 51.23 -3.77 -16.30
C VAL X 328 52.54 -2.98 -16.30
N ASN X 329 52.57 -1.79 -15.71
CA ASN X 329 53.81 -1.06 -15.59
C ASN X 329 54.80 -1.77 -14.65
N ALA X 330 54.25 -2.37 -13.59
CA ALA X 330 55.08 -3.13 -12.66
C ALA X 330 55.55 -4.43 -13.30
N ALA X 331 54.73 -5.02 -14.14
CA ALA X 331 55.00 -6.33 -14.74
C ALA X 331 56.04 -6.21 -15.85
N VAL X 332 55.99 -5.13 -16.63
CA VAL X 332 56.95 -4.98 -17.71
C VAL X 332 58.31 -4.55 -17.15
N ALA X 333 58.30 -3.91 -15.97
CA ALA X 333 59.55 -3.53 -15.32
C ALA X 333 60.30 -4.77 -14.84
N THR X 334 59.57 -5.79 -14.38
CA THR X 334 60.20 -7.01 -13.93
C THR X 334 60.84 -7.75 -15.11
N ILE X 335 60.21 -7.67 -16.28
CA ILE X 335 60.74 -8.31 -17.48
C ILE X 335 62.07 -7.65 -17.88
N LYS X 336 62.13 -6.32 -17.80
CA LYS X 336 63.32 -5.58 -18.11
C LYS X 336 64.49 -5.96 -17.21
N THR X 337 64.20 -6.19 -15.93
CA THR X 337 65.25 -6.48 -14.98
C THR X 337 65.73 -7.94 -15.12
N LYS X 338 64.90 -8.84 -15.67
CA LYS X 338 65.37 -10.20 -15.89
C LYS X 338 66.44 -10.23 -16.98
N ARG X 339 67.47 -11.04 -16.73
CA ARG X 339 68.66 -10.96 -17.56
C ARG X 339 68.67 -11.99 -18.70
N THR X 340 67.75 -12.96 -18.67
CA THR X 340 67.69 -13.92 -19.78
C THR X 340 66.99 -13.30 -20.98
N ILE X 341 66.14 -12.30 -20.75
CA ILE X 341 65.42 -11.67 -21.85
C ILE X 341 66.28 -10.52 -22.38
N GLN X 342 66.83 -10.78 -23.58
CA GLN X 342 67.95 -9.93 -24.01
C GLN X 342 67.50 -9.10 -25.21
N PHE X 343 67.56 -7.76 -25.07
CA PHE X 343 67.11 -6.87 -26.09
C PHE X 343 68.27 -6.41 -26.95
N VAL X 344 67.93 -5.85 -28.10
CA VAL X 344 68.93 -5.26 -28.97
C VAL X 344 69.37 -3.92 -28.38
N ASP X 345 70.60 -3.52 -28.68
CA ASP X 345 71.22 -2.36 -28.04
C ASP X 345 70.54 -1.06 -28.52
N TRP X 346 70.08 -1.00 -29.74
CA TRP X 346 69.64 0.25 -30.33
C TRP X 346 68.15 0.48 -30.10
N CYS X 347 67.48 -0.36 -29.28
CA CYS X 347 66.06 -0.10 -29.03
C CYS X 347 65.79 0.01 -27.54
N PRO X 348 66.03 1.19 -26.93
CA PRO X 348 65.84 1.33 -25.48
C PRO X 348 64.38 1.25 -25.03
N THR X 349 63.47 1.87 -25.82
CA THR X 349 62.06 1.77 -25.54
C THR X 349 61.59 0.54 -26.30
N GLY X 350 61.46 -0.53 -25.52
CA GLY X 350 61.38 -1.88 -26.09
C GLY X 350 59.94 -2.38 -26.24
N PHE X 351 58.97 -1.75 -25.59
CA PHE X 351 57.71 -2.38 -25.25
C PHE X 351 56.55 -1.49 -25.64
N LYS X 352 55.45 -2.12 -25.98
CA LYS X 352 54.22 -1.52 -26.43
C LYS X 352 53.08 -2.19 -25.66
N CYS X 353 52.26 -1.37 -25.01
CA CYS X 353 51.20 -1.94 -24.18
C CYS X 353 49.86 -1.59 -24.80
N GLY X 354 48.92 -2.51 -24.66
CA GLY X 354 47.50 -2.24 -24.93
C GLY X 354 46.65 -2.90 -23.88
N ILE X 355 45.65 -2.15 -23.36
CA ILE X 355 44.74 -2.70 -22.37
C ILE X 355 43.33 -2.54 -22.88
N ASN X 356 42.57 -3.64 -22.87
CA ASN X 356 41.17 -3.63 -23.26
C ASN X 356 40.32 -4.17 -22.13
N TYR X 357 39.06 -3.79 -22.08
CA TYR X 357 38.18 -4.10 -20.96
C TYR X 357 37.54 -5.46 -21.12
N GLN X 358 37.19 -5.84 -22.36
CA GLN X 358 36.33 -6.99 -22.56
C GLN X 358 37.10 -8.29 -22.35
N PRO X 359 36.64 -9.16 -21.44
CA PRO X 359 37.39 -10.38 -21.13
C PRO X 359 37.28 -11.35 -22.31
N PRO X 360 38.19 -12.33 -22.42
CA PRO X 360 38.04 -13.41 -23.39
C PRO X 360 36.78 -14.23 -23.18
N THR X 361 36.12 -14.55 -24.29
CA THR X 361 34.92 -15.35 -24.25
C THR X 361 35.32 -16.83 -24.38
N VAL X 362 34.48 -17.68 -23.80
CA VAL X 362 34.72 -19.12 -23.88
C VAL X 362 33.76 -19.76 -24.87
N VAL X 363 34.31 -20.61 -25.73
CA VAL X 363 33.46 -21.40 -26.62
C VAL X 363 32.88 -22.55 -25.81
N PRO X 364 31.56 -22.79 -25.86
CA PRO X 364 30.96 -23.93 -25.18
C PRO X 364 31.45 -25.25 -25.77
N GLY X 365 31.72 -26.20 -24.88
CA GLY X 365 32.23 -27.49 -25.29
C GLY X 365 33.69 -27.45 -25.72
N GLY X 366 34.37 -26.30 -25.52
CA GLY X 366 35.76 -26.22 -25.88
C GLY X 366 36.66 -26.76 -24.77
N ASP X 367 37.91 -26.33 -24.81
CA ASP X 367 38.89 -26.87 -23.87
C ASP X 367 39.51 -25.76 -23.03
N LEU X 368 39.36 -24.48 -23.39
CA LEU X 368 39.87 -23.42 -22.56
C LEU X 368 38.94 -23.13 -21.38
N ALA X 369 39.52 -22.53 -20.34
CA ALA X 369 38.72 -22.13 -19.18
C ALA X 369 38.44 -20.64 -19.19
N LYS X 370 37.32 -20.27 -18.57
CA LYS X 370 36.88 -18.89 -18.52
C LYS X 370 37.79 -18.10 -17.59
N VAL X 371 38.54 -17.12 -18.17
CA VAL X 371 39.49 -16.40 -17.35
C VAL X 371 39.07 -14.94 -17.31
N MET X 372 39.53 -14.24 -16.27
CA MET X 372 39.20 -12.85 -16.14
C MET X 372 40.17 -11.97 -16.94
N ARG X 373 41.37 -12.50 -17.27
CA ARG X 373 42.33 -11.65 -17.94
C ARG X 373 43.27 -12.54 -18.75
N ALA X 374 43.79 -11.95 -19.85
CA ALA X 374 44.70 -12.66 -20.73
C ALA X 374 45.66 -11.67 -21.36
N VAL X 375 46.76 -12.23 -21.91
CA VAL X 375 47.75 -11.49 -22.66
C VAL X 375 47.94 -12.19 -23.99
N CYS X 376 48.04 -11.39 -25.04
CA CYS X 376 48.51 -11.85 -26.33
C CYS X 376 49.73 -11.01 -26.69
N MET X 377 50.82 -11.69 -27.05
CA MET X 377 52.07 -11.07 -27.37
C MET X 377 52.39 -11.33 -28.85
N ILE X 378 52.79 -10.25 -29.53
CA ILE X 378 53.47 -10.35 -30.81
C ILE X 378 54.85 -9.74 -30.65
N SER X 379 55.87 -10.55 -30.93
CA SER X 379 57.25 -10.09 -30.70
C SER X 379 58.10 -10.23 -31.97
N ASN X 380 58.91 -9.23 -32.19
CA ASN X 380 59.87 -9.27 -33.29
C ASN X 380 61.22 -9.54 -32.68
N SER X 381 61.92 -10.58 -33.16
CA SER X 381 63.23 -10.90 -32.58
C SER X 381 64.19 -11.31 -33.67
N THR X 382 65.48 -11.40 -33.33
CA THR X 382 66.45 -11.87 -34.31
C THR X 382 66.59 -13.39 -34.27
N ALA X 383 65.74 -14.06 -33.45
CA ALA X 383 65.79 -15.51 -33.37
C ALA X 383 65.20 -16.17 -34.62
N ILE X 384 64.46 -15.40 -35.43
CA ILE X 384 63.79 -15.93 -36.61
C ILE X 384 64.81 -16.27 -37.70
N ALA X 385 66.10 -15.86 -37.51
CA ALA X 385 67.15 -16.27 -38.42
C ALA X 385 67.28 -17.80 -38.50
N GLU X 386 66.98 -18.51 -37.41
CA GLU X 386 67.08 -19.95 -37.42
C GLU X 386 65.98 -20.63 -38.22
N VAL X 387 64.80 -20.04 -38.25
CA VAL X 387 63.66 -20.65 -38.92
C VAL X 387 63.81 -20.52 -40.44
N PHE X 388 64.52 -19.48 -40.87
CA PHE X 388 64.83 -19.30 -42.28
C PHE X 388 66.07 -20.05 -42.70
N SER X 389 67.00 -20.24 -41.77
CA SER X 389 68.23 -20.98 -42.05
C SER X 389 67.91 -22.47 -42.20
N ARG X 390 66.96 -22.94 -41.40
CA ARG X 390 66.71 -24.39 -41.38
C ARG X 390 65.92 -24.78 -42.62
N MET X 391 65.03 -23.88 -43.05
CA MET X 391 64.30 -24.12 -44.29
C MET X 391 65.21 -23.96 -45.49
N ASP X 392 66.21 -23.10 -45.37
CA ASP X 392 67.21 -22.92 -46.41
C ASP X 392 68.01 -24.20 -46.60
N HIS X 393 68.31 -24.87 -45.51
CA HIS X 393 69.10 -26.08 -45.55
C HIS X 393 68.34 -27.23 -46.19
N LYS X 394 67.03 -27.31 -45.88
CA LYS X 394 66.21 -28.35 -46.46
C LYS X 394 65.98 -28.14 -47.95
N PHE X 395 66.00 -26.88 -48.41
CA PHE X 395 65.91 -26.59 -49.82
C PHE X 395 67.16 -27.02 -50.59
N ASP X 396 68.33 -26.85 -49.95
CA ASP X 396 69.59 -27.00 -50.69
C ASP X 396 69.87 -28.47 -50.95
N LEU X 397 69.43 -29.37 -50.06
CA LEU X 397 69.66 -30.78 -50.29
C LEU X 397 68.78 -31.29 -51.44
N MET X 398 67.57 -30.78 -51.50
CA MET X 398 66.59 -31.29 -52.47
C MET X 398 66.92 -30.75 -53.85
N TYR X 399 67.28 -29.46 -53.91
CA TYR X 399 67.58 -28.82 -55.18
C TYR X 399 68.94 -29.17 -55.73
N ALA X 400 69.80 -29.79 -54.91
CA ALA X 400 71.13 -30.20 -55.32
C ALA X 400 71.10 -31.12 -56.53
N LYS X 401 70.13 -32.03 -56.59
CA LYS X 401 69.99 -32.83 -57.79
C LYS X 401 68.55 -32.81 -58.29
N ARG X 402 67.86 -31.71 -58.08
CA ARG X 402 66.65 -31.36 -58.83
C ARG X 402 65.53 -32.41 -58.62
N ALA X 403 65.26 -32.75 -57.38
CA ALA X 403 64.10 -33.52 -57.00
C ALA X 403 62.83 -32.68 -57.11
N PHE X 404 61.78 -33.29 -57.69
CA PHE X 404 60.45 -32.72 -57.82
C PHE X 404 60.41 -31.44 -58.62
N VAL X 405 61.47 -31.15 -59.41
CA VAL X 405 61.51 -29.90 -60.11
C VAL X 405 60.67 -29.94 -61.38
N HIS X 406 60.56 -31.12 -61.99
CA HIS X 406 59.85 -31.31 -63.25
C HIS X 406 58.36 -31.09 -63.07
N TRP X 407 57.83 -31.23 -61.86
CA TRP X 407 56.45 -30.86 -61.60
C TRP X 407 56.23 -29.36 -61.66
N TYR X 408 57.23 -28.60 -61.24
CA TYR X 408 57.11 -27.15 -61.22
C TYR X 408 57.39 -26.56 -62.60
N VAL X 409 58.41 -27.07 -63.25
CA VAL X 409 58.87 -26.47 -64.51
C VAL X 409 57.88 -26.80 -65.62
N GLY X 410 57.30 -28.00 -65.57
CA GLY X 410 56.38 -28.41 -66.62
C GLY X 410 55.03 -27.72 -66.52
N GLU X 411 54.73 -27.14 -65.35
CA GLU X 411 53.45 -26.56 -65.06
C GLU X 411 53.36 -25.07 -65.37
N GLY X 412 54.49 -24.43 -65.63
CA GLY X 412 54.47 -23.11 -66.27
C GLY X 412 55.59 -22.20 -65.82
N MET X 413 56.21 -22.48 -64.65
CA MET X 413 57.32 -21.62 -64.27
C MET X 413 58.62 -22.11 -64.89
N GLU X 414 59.61 -21.25 -64.87
CA GLU X 414 60.92 -21.56 -65.48
C GLU X 414 61.93 -21.83 -64.37
N GLU X 415 62.78 -22.86 -64.57
CA GLU X 415 63.74 -23.18 -63.52
C GLU X 415 64.80 -22.09 -63.45
N GLY X 416 64.98 -21.41 -62.36
CA GLY X 416 65.50 -20.06 -62.35
C GLY X 416 64.68 -19.22 -61.41
N GLU X 417 63.40 -19.57 -61.22
CA GLU X 417 62.66 -18.95 -60.10
C GLU X 417 63.20 -19.48 -58.77
N PHE X 418 63.66 -20.71 -58.80
CA PHE X 418 64.20 -21.37 -57.63
C PHE X 418 65.44 -20.68 -57.13
N SER X 419 66.32 -20.32 -58.08
CA SER X 419 67.61 -19.75 -57.71
C SER X 419 67.41 -18.32 -57.21
N GLU X 420 66.49 -17.58 -57.84
CA GLU X 420 66.21 -16.21 -57.45
C GLU X 420 65.55 -16.16 -56.06
N ALA X 421 64.67 -17.11 -55.77
CA ALA X 421 64.01 -17.15 -54.49
C ALA X 421 65.02 -17.53 -53.39
N ARG X 422 65.99 -18.39 -53.73
CA ARG X 422 66.98 -18.84 -52.76
C ARG X 422 67.91 -17.68 -52.41
N GLU X 423 68.34 -16.90 -53.40
CA GLU X 423 69.23 -15.78 -53.10
C GLU X 423 68.49 -14.68 -52.35
N ASP X 424 67.17 -14.58 -52.56
CA ASP X 424 66.38 -13.63 -51.81
C ASP X 424 66.33 -14.04 -50.34
N LEU X 425 66.14 -15.34 -50.08
CA LEU X 425 66.14 -15.84 -48.71
C LEU X 425 67.55 -15.73 -48.10
N ALA X 426 68.59 -15.91 -48.93
CA ALA X 426 69.95 -15.73 -48.44
C ALA X 426 70.20 -14.27 -48.06
N ALA X 427 69.60 -13.34 -48.82
CA ALA X 427 69.70 -11.93 -48.51
C ALA X 427 68.97 -11.61 -47.20
N LEU X 428 67.87 -12.31 -46.94
CA LEU X 428 67.09 -12.07 -45.74
C LEU X 428 67.84 -12.60 -44.52
N GLU X 429 68.56 -13.72 -44.68
CA GLU X 429 69.34 -14.25 -43.58
C GLU X 429 70.49 -13.34 -43.20
N LYS X 430 71.12 -12.73 -44.20
CA LYS X 430 72.20 -11.81 -43.93
C LYS X 430 71.67 -10.53 -43.29
N ASP X 431 70.43 -10.16 -43.61
CA ASP X 431 69.79 -8.98 -43.05
C ASP X 431 69.52 -9.13 -41.55
N TYR X 432 69.08 -10.31 -41.13
CA TYR X 432 68.87 -10.57 -39.70
C TYR X 432 70.17 -10.57 -38.92
N GLU X 433 71.25 -11.03 -39.55
CA GLU X 433 72.57 -11.04 -38.88
C GLU X 433 73.09 -9.62 -38.71
N GLU X 434 72.84 -8.77 -39.72
CA GLU X 434 73.40 -7.43 -39.70
C GLU X 434 72.61 -6.52 -38.75
N VAL X 435 71.36 -6.83 -38.48
CA VAL X 435 70.53 -6.01 -37.62
C VAL X 435 70.89 -6.27 -36.17
N GLY X 436 71.34 -7.46 -35.81
CA GLY X 436 71.60 -7.86 -34.43
C GLY X 436 72.90 -7.28 -33.87
N ILE X 437 73.92 -7.29 -34.70
CA ILE X 437 75.27 -6.82 -34.35
C ILE X 437 75.38 -5.29 -34.33
N MET Y 1 -4.59 13.82 -75.55
CA MET Y 1 -3.80 14.91 -76.01
C MET Y 1 -2.34 14.60 -75.81
N ARG Y 2 -1.90 13.88 -74.78
CA ARG Y 2 -0.49 13.52 -74.70
C ARG Y 2 -0.45 12.02 -74.62
N GLU Y 3 0.03 11.36 -75.68
CA GLU Y 3 0.16 9.91 -75.70
C GLU Y 3 1.36 9.57 -76.55
N VAL Y 4 1.71 8.27 -76.59
CA VAL Y 4 2.71 7.71 -77.48
C VAL Y 4 2.16 6.41 -78.05
N ILE Y 5 2.57 6.08 -79.26
CA ILE Y 5 2.09 4.89 -79.97
C ILE Y 5 3.21 3.86 -79.96
N SER Y 6 2.87 2.68 -79.53
CA SER Y 6 3.78 1.53 -79.46
C SER Y 6 3.46 0.62 -80.64
N ILE Y 7 4.48 0.26 -81.38
CA ILE Y 7 4.45 -0.54 -82.59
C ILE Y 7 5.30 -1.77 -82.31
N HIS Y 8 4.71 -2.93 -82.50
CA HIS Y 8 5.40 -4.19 -82.25
C HIS Y 8 5.39 -4.97 -83.56
N VAL Y 9 6.56 -5.16 -84.14
CA VAL Y 9 6.70 -5.77 -85.44
C VAL Y 9 7.66 -6.94 -85.28
N GLY Y 10 7.27 -8.11 -85.81
CA GLY Y 10 8.18 -9.23 -85.75
C GLY Y 10 7.88 -10.10 -84.52
N GLN Y 11 8.53 -11.25 -84.53
CA GLN Y 11 8.28 -12.27 -83.53
C GLN Y 11 8.78 -11.82 -82.17
N ALA Y 12 9.97 -11.22 -82.16
CA ALA Y 12 10.57 -10.69 -80.92
C ALA Y 12 9.71 -9.56 -80.39
N GLY Y 13 9.24 -8.72 -81.27
CA GLY Y 13 8.47 -7.53 -80.94
C GLY Y 13 7.15 -7.90 -80.24
N ILE Y 14 6.50 -8.99 -80.71
CA ILE Y 14 5.23 -9.34 -80.13
C ILE Y 14 5.42 -9.87 -78.69
N GLN Y 15 6.38 -10.76 -78.50
CA GLN Y 15 6.60 -11.37 -77.21
C GLN Y 15 7.20 -10.40 -76.18
N ILE Y 16 8.01 -9.46 -76.66
CA ILE Y 16 8.48 -8.40 -75.78
C ILE Y 16 7.26 -7.52 -75.42
N GLY Y 17 6.41 -7.24 -76.43
CA GLY Y 17 5.27 -6.38 -76.21
C GLY Y 17 4.22 -7.00 -75.32
N ASN Y 18 4.10 -8.29 -75.38
CA ASN Y 18 3.09 -8.97 -74.51
C ASN Y 18 3.57 -8.92 -73.09
N ALA Y 19 4.89 -9.01 -72.84
CA ALA Y 19 5.40 -8.83 -71.49
C ALA Y 19 5.30 -7.37 -71.04
N CYS Y 20 5.43 -6.44 -71.98
CA CYS Y 20 5.38 -5.02 -71.70
C CYS Y 20 3.98 -4.58 -71.31
N TRP Y 21 3.00 -5.10 -72.00
CA TRP Y 21 1.59 -4.72 -71.73
C TRP Y 21 1.02 -5.54 -70.57
N GLU Y 22 1.68 -6.64 -70.16
CA GLU Y 22 1.32 -7.31 -68.93
C GLU Y 22 1.75 -6.45 -67.75
N LEU Y 23 2.91 -5.79 -67.86
CA LEU Y 23 3.41 -4.96 -66.77
C LEU Y 23 2.58 -3.69 -66.68
N PHE Y 24 2.22 -3.11 -67.82
CA PHE Y 24 1.45 -1.88 -67.85
C PHE Y 24 0.05 -2.04 -67.30
N CYS Y 25 -0.53 -3.23 -67.47
CA CYS Y 25 -1.85 -3.50 -66.93
C CYS Y 25 -1.80 -3.58 -65.40
N LEU Y 26 -0.74 -4.21 -64.88
CA LEU Y 26 -0.66 -4.39 -63.44
C LEU Y 26 -0.21 -3.11 -62.73
N GLU Y 27 0.53 -2.26 -63.42
CA GLU Y 27 1.01 -1.02 -62.83
C GLU Y 27 -0.12 -0.01 -62.68
N HIS Y 28 -1.07 0.02 -63.62
CA HIS Y 28 -2.21 0.88 -63.48
C HIS Y 28 -3.39 0.19 -62.77
N GLY Y 29 -3.26 -1.10 -62.55
CA GLY Y 29 -4.34 -1.88 -61.93
C GLY Y 29 -5.54 -2.06 -62.86
N ILE Y 30 -5.32 -2.09 -64.17
CA ILE Y 30 -6.37 -2.34 -65.12
C ILE Y 30 -6.24 -3.83 -65.52
N GLN Y 31 -7.43 -4.40 -65.58
CA GLN Y 31 -7.77 -5.82 -65.53
C GLN Y 31 -7.85 -6.35 -66.96
N PRO Y 32 -7.65 -7.66 -67.16
CA PRO Y 32 -7.71 -8.24 -68.50
C PRO Y 32 -8.96 -7.99 -69.34
N ASP Y 33 -10.05 -7.63 -68.71
CA ASP Y 33 -11.25 -7.21 -69.47
C ASP Y 33 -10.97 -5.87 -70.15
N GLY Y 34 -10.27 -4.97 -69.46
CA GLY Y 34 -9.94 -3.68 -70.00
C GLY Y 34 -10.36 -2.56 -69.09
N GLN Y 35 -11.03 -2.85 -67.99
CA GLN Y 35 -11.62 -1.83 -67.14
C GLN Y 35 -11.03 -2.03 -65.74
N MET Y 36 -10.75 -0.92 -65.07
CA MET Y 36 -10.23 -0.98 -63.72
C MET Y 36 -11.38 -1.19 -62.71
N PRO Y 37 -11.13 -1.95 -61.63
CA PRO Y 37 -12.18 -2.24 -60.66
C PRO Y 37 -12.33 -1.08 -59.65
N ASP Y 47 -5.54 10.41 -64.49
CA ASP Y 47 -5.26 10.75 -65.90
C ASP Y 47 -3.91 10.18 -66.32
N ALA Y 48 -3.34 9.30 -65.48
CA ALA Y 48 -2.09 8.65 -65.78
C ALA Y 48 -2.21 7.57 -66.86
N PHE Y 49 -3.39 7.01 -66.99
CA PHE Y 49 -3.73 6.00 -67.97
C PHE Y 49 -3.95 6.56 -69.36
N ASN Y 50 -4.06 7.88 -69.48
CA ASN Y 50 -4.38 8.47 -70.77
C ASN Y 50 -3.18 8.41 -71.73
N THR Y 51 -1.95 8.29 -71.13
CA THR Y 51 -0.80 8.37 -72.04
C THR Y 51 -0.57 7.06 -72.78
N PHE Y 52 -1.18 5.97 -72.29
CA PHE Y 52 -0.96 4.64 -72.86
C PHE Y 52 -2.24 3.95 -73.31
N PHE Y 53 -3.40 4.41 -72.82
CA PHE Y 53 -4.66 3.72 -73.02
C PHE Y 53 -5.65 4.73 -73.55
N SER Y 54 -6.72 4.21 -74.18
CA SER Y 54 -7.87 4.97 -74.55
C SER Y 54 -8.98 4.87 -73.52
N GLU Y 55 -10.07 5.56 -73.82
CA GLU Y 55 -11.37 5.27 -73.16
C GLU Y 55 -12.35 4.79 -74.25
N THR Y 56 -12.68 3.52 -74.10
CA THR Y 56 -13.61 2.83 -74.99
C THR Y 56 -14.97 2.76 -74.33
N GLY Y 57 -15.56 3.94 -74.18
CA GLY Y 57 -16.85 4.10 -73.47
C GLY Y 57 -16.70 3.87 -71.97
N ALA Y 58 -17.58 3.02 -71.43
CA ALA Y 58 -17.84 2.93 -70.00
C ALA Y 58 -16.74 2.19 -69.24
N GLY Y 59 -15.63 2.93 -69.04
CA GLY Y 59 -14.56 2.52 -68.13
C GLY Y 59 -13.60 1.50 -68.74
N LYS Y 60 -13.82 1.10 -70.00
CA LYS Y 60 -12.84 0.23 -70.63
C LYS Y 60 -11.68 1.05 -71.18
N HIS Y 61 -10.50 0.48 -71.18
CA HIS Y 61 -9.32 0.97 -71.81
C HIS Y 61 -8.84 0.00 -72.89
N VAL Y 62 -8.53 0.58 -74.06
CA VAL Y 62 -7.83 -0.16 -75.08
C VAL Y 62 -6.43 0.41 -75.26
N PRO Y 63 -5.39 -0.44 -75.35
CA PRO Y 63 -4.04 0.07 -75.50
C PRO Y 63 -3.76 0.75 -76.80
N ARG Y 64 -2.78 1.65 -76.76
CA ARG Y 64 -2.34 2.33 -77.96
C ARG Y 64 -1.15 1.58 -78.60
N CYS Y 65 -1.47 0.40 -79.10
CA CYS Y 65 -0.49 -0.47 -79.66
C CYS Y 65 -1.02 -1.15 -80.91
N VAL Y 66 -0.08 -1.48 -81.81
CA VAL Y 66 -0.40 -2.24 -83.01
C VAL Y 66 0.54 -3.42 -83.11
N PHE Y 67 -0.01 -4.57 -83.46
CA PHE Y 67 0.77 -5.81 -83.53
C PHE Y 67 0.85 -6.21 -85.00
N LEU Y 68 2.07 -6.30 -85.53
CA LEU Y 68 2.31 -6.58 -86.92
C LEU Y 68 3.21 -7.81 -87.06
N ASP Y 69 2.73 -8.78 -87.81
CA ASP Y 69 3.58 -9.89 -88.21
C ASP Y 69 2.98 -10.60 -89.41
N LEU Y 70 3.85 -11.00 -90.34
CA LEU Y 70 3.31 -11.62 -91.57
C LEU Y 70 3.03 -13.10 -91.39
N GLU Y 71 3.73 -13.75 -90.47
CA GLU Y 71 3.37 -15.10 -90.06
C GLU Y 71 2.22 -14.94 -89.06
N PRO Y 72 1.17 -15.78 -89.16
CA PRO Y 72 0.10 -15.74 -88.17
C PRO Y 72 0.44 -16.35 -86.82
N THR Y 73 1.51 -17.14 -86.74
CA THR Y 73 1.73 -18.06 -85.64
C THR Y 73 2.13 -17.34 -84.35
N VAL Y 74 2.50 -16.05 -84.39
CA VAL Y 74 2.85 -15.36 -83.17
C VAL Y 74 1.73 -14.43 -82.72
N VAL Y 75 0.91 -13.97 -83.65
CA VAL Y 75 -0.17 -13.04 -83.35
C VAL Y 75 -1.44 -13.82 -82.98
N ASP Y 76 -1.62 -15.04 -83.54
CA ASP Y 76 -2.79 -15.83 -83.24
C ASP Y 76 -2.75 -16.33 -81.80
N GLU Y 77 -1.55 -16.50 -81.25
CA GLU Y 77 -1.44 -16.94 -79.87
C GLU Y 77 -1.79 -15.84 -78.89
N VAL Y 78 -1.68 -14.59 -79.33
CA VAL Y 78 -2.16 -13.46 -78.53
C VAL Y 78 -3.68 -13.39 -78.67
N ARG Y 79 -4.20 -13.71 -79.88
CA ARG Y 79 -5.63 -13.67 -80.12
C ARG Y 79 -6.37 -14.76 -79.32
N THR Y 80 -5.66 -15.80 -78.91
CA THR Y 80 -6.27 -16.90 -78.19
C THR Y 80 -5.90 -16.89 -76.71
N GLY Y 81 -4.98 -16.00 -76.30
CA GLY Y 81 -4.51 -15.97 -74.94
C GLY Y 81 -5.44 -15.29 -73.95
N THR Y 82 -4.87 -14.87 -72.83
CA THR Y 82 -5.66 -14.29 -71.75
C THR Y 82 -6.14 -12.87 -72.08
N TYR Y 83 -5.36 -12.13 -72.86
CA TYR Y 83 -5.70 -10.81 -73.31
C TYR Y 83 -6.43 -10.92 -74.64
N ARG Y 84 -7.62 -11.50 -74.59
CA ARG Y 84 -8.46 -11.55 -75.78
C ARG Y 84 -9.15 -10.19 -75.95
N HIS Y 85 -9.70 -9.67 -74.88
CA HIS Y 85 -10.54 -8.49 -74.93
C HIS Y 85 -9.82 -7.25 -74.50
N LEU Y 86 -8.53 -7.39 -74.20
CA LEU Y 86 -7.73 -6.21 -73.86
C LEU Y 86 -7.49 -5.37 -75.12
N PHE Y 87 -7.13 -6.05 -76.21
CA PHE Y 87 -6.84 -5.31 -77.44
C PHE Y 87 -8.08 -5.18 -78.27
N HIS Y 88 -8.22 -4.05 -78.96
CA HIS Y 88 -9.25 -3.89 -79.98
C HIS Y 88 -8.90 -4.87 -81.12
N PRO Y 89 -9.92 -5.57 -81.66
CA PRO Y 89 -9.68 -6.65 -82.60
C PRO Y 89 -8.95 -6.26 -83.88
N GLU Y 90 -9.04 -4.98 -84.31
CA GLU Y 90 -8.71 -4.59 -85.66
C GLU Y 90 -7.25 -4.19 -85.82
N GLN Y 91 -6.50 -4.08 -84.70
CA GLN Y 91 -5.10 -3.75 -84.84
C GLN Y 91 -4.24 -4.97 -84.49
N LEU Y 92 -4.81 -6.16 -84.54
CA LEU Y 92 -3.98 -7.38 -84.49
C LEU Y 92 -3.72 -7.85 -85.94
N ILE Y 93 -2.72 -7.23 -86.60
CA ILE Y 93 -2.67 -7.35 -88.06
C ILE Y 93 -1.73 -8.50 -88.46
N SER Y 94 -2.41 -9.59 -88.87
CA SER Y 94 -1.64 -10.84 -89.11
C SER Y 94 -1.75 -11.28 -90.56
N GLY Y 95 -0.62 -11.66 -91.11
CA GLY Y 95 -0.55 -11.70 -92.60
C GLY Y 95 -0.90 -13.06 -93.15
N LYS Y 96 -0.15 -13.54 -94.16
CA LYS Y 96 -0.47 -14.83 -94.75
C LYS Y 96 0.66 -15.86 -94.51
N GLU Y 97 1.88 -15.49 -94.61
CA GLU Y 97 3.02 -16.36 -94.47
C GLU Y 97 4.22 -15.48 -94.12
N ASP Y 98 5.20 -16.13 -93.49
CA ASP Y 98 6.33 -15.53 -92.86
C ASP Y 98 7.27 -14.85 -93.86
N ALA Y 99 8.01 -13.88 -93.39
CA ALA Y 99 9.10 -13.27 -94.12
C ALA Y 99 10.29 -14.22 -94.33
N ALA Y 100 10.44 -15.18 -93.43
CA ALA Y 100 11.42 -16.26 -93.50
C ALA Y 100 12.85 -15.70 -93.60
N ASN Y 101 13.24 -14.99 -92.54
CA ASN Y 101 14.62 -14.59 -92.25
C ASN Y 101 15.26 -13.86 -93.40
N ASN Y 102 14.45 -13.17 -94.22
CA ASN Y 102 14.98 -12.45 -95.36
C ASN Y 102 14.52 -11.01 -95.23
N PHE Y 103 15.45 -10.09 -95.17
CA PHE Y 103 15.16 -8.67 -95.32
C PHE Y 103 14.49 -8.34 -96.64
N ALA Y 104 14.90 -8.97 -97.72
CA ALA Y 104 14.38 -8.74 -99.04
C ALA Y 104 12.88 -9.10 -99.14
N ARG Y 105 12.51 -10.18 -98.44
CA ARG Y 105 11.14 -10.64 -98.49
C ARG Y 105 10.23 -9.68 -97.73
N GLY Y 106 10.68 -9.24 -96.55
CA GLY Y 106 9.88 -8.40 -95.68
C GLY Y 106 9.73 -6.98 -96.22
N HIS Y 107 10.65 -6.56 -97.10
CA HIS Y 107 10.73 -5.20 -97.57
C HIS Y 107 10.13 -5.03 -98.96
N TYR Y 108 10.22 -6.04 -99.84
CA TYR Y 108 9.71 -5.90 -101.17
C TYR Y 108 8.46 -6.73 -101.44
N THR Y 109 8.49 -8.03 -101.14
CA THR Y 109 7.58 -8.94 -101.85
C THR Y 109 6.29 -9.13 -101.06
N ILE Y 110 6.41 -9.62 -99.81
CA ILE Y 110 5.25 -9.83 -98.99
C ILE Y 110 4.96 -8.66 -98.06
N GLY Y 111 5.90 -7.74 -97.94
CA GLY Y 111 5.73 -6.59 -97.08
C GLY Y 111 4.71 -5.53 -97.58
N LYS Y 112 4.64 -5.43 -98.92
CA LYS Y 112 3.93 -4.24 -99.42
C LYS Y 112 2.41 -4.35 -99.36
N GLU Y 113 1.91 -5.57 -99.23
CA GLU Y 113 0.49 -5.84 -99.19
C GLU Y 113 -0.12 -5.47 -97.84
N ILE Y 114 0.66 -5.39 -96.78
CA ILE Y 114 0.13 -5.26 -95.45
C ILE Y 114 0.47 -3.90 -94.85
N VAL Y 115 1.44 -3.20 -95.41
CA VAL Y 115 1.87 -1.92 -94.86
C VAL Y 115 0.79 -0.86 -95.06
N ASP Y 116 0.05 -0.91 -96.13
CA ASP Y 116 -1.11 -0.05 -96.36
C ASP Y 116 -2.17 -0.21 -95.28
N LEU Y 117 -2.43 -1.41 -94.85
CA LEU Y 117 -3.37 -1.66 -93.77
C LEU Y 117 -2.81 -1.18 -92.43
N SER Y 118 -1.47 -1.26 -92.28
CA SER Y 118 -0.83 -0.83 -91.05
C SER Y 118 -0.86 0.68 -90.92
N LEU Y 119 -0.62 1.40 -91.99
CA LEU Y 119 -0.65 2.86 -92.01
C LEU Y 119 -2.03 3.41 -91.76
N ASP Y 120 -3.05 2.71 -92.24
CA ASP Y 120 -4.43 3.11 -91.99
C ASP Y 120 -4.76 2.87 -90.52
N ARG Y 121 -4.19 1.81 -89.91
CA ARG Y 121 -4.40 1.55 -88.52
C ARG Y 121 -3.76 2.61 -87.62
N ILE Y 122 -2.54 3.02 -88.00
CA ILE Y 122 -1.78 3.98 -87.22
C ILE Y 122 -2.45 5.34 -87.32
N ARG Y 123 -2.95 5.69 -88.50
CA ARG Y 123 -3.49 7.03 -88.73
C ARG Y 123 -4.77 7.22 -87.92
N LYS Y 124 -5.63 6.18 -87.84
CA LYS Y 124 -6.85 6.35 -87.09
C LYS Y 124 -6.58 6.42 -85.60
N LEU Y 125 -5.49 5.78 -85.15
CA LEU Y 125 -5.15 5.82 -83.74
C LEU Y 125 -4.38 7.09 -83.36
N ALA Y 126 -3.74 7.74 -84.33
CA ALA Y 126 -2.91 8.91 -84.04
C ALA Y 126 -3.72 10.19 -84.09
N ASP Y 127 -4.85 10.23 -84.86
CA ASP Y 127 -5.61 11.49 -84.83
C ASP Y 127 -6.82 11.31 -83.94
N ASN Y 128 -6.80 10.40 -82.98
CA ASN Y 128 -7.72 10.41 -81.84
C ASN Y 128 -7.54 11.69 -80.99
N CYS Y 129 -6.28 12.08 -80.74
CA CYS Y 129 -5.96 13.35 -80.12
C CYS Y 129 -4.77 14.00 -80.81
N THR Y 130 -4.75 15.34 -80.70
CA THR Y 130 -3.70 16.17 -81.26
C THR Y 130 -2.59 16.27 -80.21
N GLY Y 131 -1.31 16.48 -80.67
CA GLY Y 131 -0.32 16.87 -79.67
C GLY Y 131 0.49 15.65 -79.21
N LEU Y 132 0.88 14.85 -80.20
CA LEU Y 132 1.58 13.61 -79.95
C LEU Y 132 2.94 13.79 -79.34
N GLN Y 133 3.44 12.60 -78.97
CA GLN Y 133 4.74 12.50 -78.25
C GLN Y 133 5.73 11.76 -79.14
N GLY Y 134 5.33 10.52 -79.51
CA GLY Y 134 6.35 9.72 -80.19
C GLY Y 134 5.86 8.36 -80.61
N PHE Y 135 6.83 7.60 -81.11
CA PHE Y 135 6.65 6.24 -81.63
C PHE Y 135 7.64 5.35 -80.87
N LEU Y 136 7.17 4.14 -80.63
CA LEU Y 136 7.83 3.11 -79.87
C LEU Y 136 7.83 1.94 -80.80
N MET Y 137 8.85 1.65 -81.50
CA MET Y 137 9.10 0.39 -82.21
C MET Y 137 9.75 -0.65 -81.36
N PHE Y 138 9.28 -1.86 -81.48
CA PHE Y 138 9.84 -3.08 -80.87
C PHE Y 138 10.06 -4.03 -82.00
N ASN Y 139 11.29 -4.49 -82.18
CA ASN Y 139 11.64 -5.26 -83.36
C ASN Y 139 12.96 -5.98 -83.09
N ALA Y 140 13.18 -7.05 -83.87
CA ALA Y 140 14.46 -7.70 -83.87
C ALA Y 140 15.17 -7.33 -85.13
N VAL Y 141 16.38 -6.78 -85.08
CA VAL Y 141 17.06 -6.38 -86.29
C VAL Y 141 17.73 -7.57 -86.99
N GLY Y 142 17.90 -8.70 -86.30
CA GLY Y 142 18.47 -9.88 -86.89
C GLY Y 142 17.42 -10.67 -87.70
N GLY Y 143 16.12 -10.42 -87.50
CA GLY Y 143 15.14 -11.34 -88.06
C GLY Y 143 14.67 -10.94 -89.45
N GLY Y 144 13.58 -11.61 -89.89
CA GLY Y 144 13.05 -11.31 -91.21
C GLY Y 144 12.06 -10.17 -91.22
N THR Y 145 10.93 -10.43 -90.55
CA THR Y 145 9.81 -9.49 -90.64
C THR Y 145 10.03 -8.29 -89.75
N GLY Y 146 10.77 -8.49 -88.65
CA GLY Y 146 11.00 -7.39 -87.72
C GLY Y 146 11.95 -6.36 -88.32
N SER Y 147 12.90 -6.87 -89.14
CA SER Y 147 13.93 -6.02 -89.76
C SER Y 147 13.45 -5.42 -91.07
N GLY Y 148 12.83 -6.26 -91.91
CA GLY Y 148 12.40 -5.83 -93.23
C GLY Y 148 11.19 -4.87 -93.12
N LEU Y 149 10.15 -5.41 -92.50
CA LEU Y 149 8.89 -4.67 -92.45
C LEU Y 149 8.99 -3.53 -91.46
N GLY Y 150 9.92 -3.63 -90.49
CA GLY Y 150 10.18 -2.53 -89.57
C GLY Y 150 10.67 -1.27 -90.29
N CYS Y 151 11.56 -1.46 -91.26
CA CYS Y 151 12.06 -0.34 -92.04
C CYS Y 151 10.95 0.23 -92.91
N LEU Y 152 10.13 -0.60 -93.53
CA LEU Y 152 9.05 -0.12 -94.41
C LEU Y 152 8.04 0.71 -93.61
N LEU Y 153 7.76 0.29 -92.38
CA LEU Y 153 6.89 1.04 -91.52
C LEU Y 153 7.52 2.35 -91.07
N LEU Y 154 8.82 2.33 -90.84
CA LEU Y 154 9.53 3.52 -90.40
C LEU Y 154 9.68 4.58 -91.48
N GLU Y 155 9.87 4.12 -92.71
CA GLU Y 155 10.00 5.06 -93.83
C GLU Y 155 8.65 5.67 -94.11
N ARG Y 156 7.57 4.91 -94.01
CA ARG Y 156 6.25 5.46 -94.28
C ARG Y 156 5.78 6.40 -93.19
N LEU Y 157 6.20 6.13 -91.94
CA LEU Y 157 5.88 7.03 -90.85
C LEU Y 157 6.69 8.32 -90.93
N SER Y 158 7.91 8.24 -91.45
CA SER Y 158 8.78 9.40 -91.57
C SER Y 158 8.24 10.42 -92.57
N VAL Y 159 7.59 9.92 -93.65
CA VAL Y 159 7.15 10.84 -94.67
C VAL Y 159 5.84 11.49 -94.25
N ASP Y 160 5.00 10.76 -93.50
CA ASP Y 160 3.69 11.26 -93.14
C ASP Y 160 3.75 12.12 -91.88
N TYR Y 161 4.23 11.53 -90.80
CA TYR Y 161 4.36 12.21 -89.51
C TYR Y 161 5.80 12.59 -89.31
N GLY Y 162 6.21 13.67 -89.94
CA GLY Y 162 7.61 14.05 -90.02
C GLY Y 162 8.18 14.59 -88.72
N LYS Y 163 7.39 15.28 -87.88
CA LYS Y 163 7.91 16.06 -86.81
C LYS Y 163 7.95 15.28 -85.49
N LYS Y 164 7.73 13.97 -85.51
CA LYS Y 164 7.58 13.21 -84.28
C LYS Y 164 8.81 12.38 -84.01
N SER Y 165 9.15 12.20 -82.71
CA SER Y 165 10.21 11.31 -82.30
C SER Y 165 9.84 9.85 -82.50
N LYS Y 166 10.81 9.03 -82.90
CA LYS Y 166 10.60 7.61 -83.07
C LYS Y 166 11.69 6.88 -82.26
N LEU Y 167 11.17 6.19 -81.21
CA LEU Y 167 12.02 5.42 -80.34
C LEU Y 167 12.08 3.97 -80.80
N ASN Y 168 13.26 3.36 -80.93
CA ASN Y 168 13.47 1.98 -81.17
C ASN Y 168 13.84 1.22 -79.91
N PHE Y 169 13.42 -0.01 -79.79
CA PHE Y 169 14.05 -0.99 -78.91
C PHE Y 169 14.48 -2.15 -79.74
N CYS Y 170 15.74 -2.13 -80.19
CA CYS Y 170 16.15 -3.14 -81.18
C CYS Y 170 16.90 -4.27 -80.48
N SER Y 171 16.40 -5.50 -80.64
CA SER Y 171 16.95 -6.66 -79.96
C SER Y 171 18.05 -7.20 -80.84
N TRP Y 172 19.24 -6.58 -80.73
CA TRP Y 172 20.30 -6.69 -81.74
C TRP Y 172 20.86 -8.13 -81.60
N PRO Y 173 21.30 -8.77 -82.69
CA PRO Y 173 21.97 -10.05 -82.60
C PRO Y 173 23.29 -10.00 -81.86
N SER Y 174 23.49 -11.06 -81.01
CA SER Y 174 24.55 -11.02 -80.00
C SER Y 174 25.83 -11.45 -80.72
N PRO Y 175 27.02 -11.18 -80.16
CA PRO Y 175 28.24 -11.87 -80.61
C PRO Y 175 28.22 -13.39 -80.50
N GLN Y 176 27.69 -13.94 -79.41
CA GLN Y 176 27.81 -15.40 -79.25
C GLN Y 176 26.46 -16.09 -79.45
N VAL Y 177 25.43 -15.61 -78.71
CA VAL Y 177 24.15 -16.33 -78.76
C VAL Y 177 23.27 -15.77 -79.88
N SER Y 178 22.96 -16.58 -80.88
CA SER Y 178 22.59 -15.95 -82.17
C SER Y 178 21.33 -16.60 -82.75
N THR Y 179 21.33 -17.92 -82.81
CA THR Y 179 20.21 -18.76 -83.23
C THR Y 179 19.70 -18.45 -84.63
N ALA Y 180 20.59 -17.90 -85.46
CA ALA Y 180 20.30 -17.70 -86.89
C ALA Y 180 21.58 -17.49 -87.68
N VAL Y 181 21.58 -17.83 -88.94
CA VAL Y 181 22.80 -17.83 -89.74
C VAL Y 181 22.79 -16.65 -90.70
N VAL Y 182 21.65 -16.04 -90.97
CA VAL Y 182 21.56 -14.97 -91.93
C VAL Y 182 21.65 -13.61 -91.22
N GLU Y 183 21.98 -13.62 -89.94
CA GLU Y 183 22.03 -12.41 -89.14
C GLU Y 183 23.11 -11.41 -89.58
N PRO Y 184 24.31 -11.76 -90.13
CA PRO Y 184 25.17 -10.70 -90.65
C PRO Y 184 24.55 -9.96 -91.84
N TYR Y 185 23.77 -10.70 -92.65
CA TYR Y 185 23.11 -10.07 -93.77
C TYR Y 185 21.96 -9.20 -93.33
N ASN Y 186 21.22 -9.69 -92.36
CA ASN Y 186 20.03 -9.04 -91.83
C ASN Y 186 20.39 -7.79 -91.08
N SER Y 187 21.59 -7.74 -90.47
CA SER Y 187 22.03 -6.60 -89.69
C SER Y 187 22.36 -5.42 -90.65
N VAL Y 188 23.26 -5.69 -91.58
CA VAL Y 188 23.91 -4.63 -92.35
C VAL Y 188 22.92 -4.01 -93.33
N LEU Y 189 22.05 -4.85 -93.89
CA LEU Y 189 21.01 -4.37 -94.79
C LEU Y 189 19.95 -3.55 -94.06
N SER Y 190 19.73 -3.81 -92.81
CA SER Y 190 18.76 -3.10 -92.02
C SER Y 190 19.33 -1.73 -91.63
N THR Y 191 20.58 -1.69 -91.20
CA THR Y 191 20.97 -0.57 -90.32
C THR Y 191 21.05 0.75 -91.10
N HIS Y 192 21.40 0.64 -92.38
CA HIS Y 192 21.42 1.82 -93.22
C HIS Y 192 20.02 2.40 -93.39
N SER Y 193 19.06 1.46 -93.55
CA SER Y 193 17.68 1.99 -93.70
C SER Y 193 16.97 2.11 -92.30
N LEU Y 194 17.78 1.95 -91.26
CA LEU Y 194 17.34 2.29 -89.91
C LEU Y 194 17.90 3.62 -89.45
N LEU Y 195 19.12 3.95 -89.85
CA LEU Y 195 19.91 4.99 -89.14
C LEU Y 195 19.33 6.37 -89.43
N GLU Y 196 18.98 6.62 -90.72
CA GLU Y 196 18.48 7.97 -91.03
C GLU Y 196 16.95 8.07 -90.97
N HIS Y 197 16.37 7.15 -90.23
CA HIS Y 197 14.91 7.15 -90.00
C HIS Y 197 14.56 7.13 -88.50
N THR Y 198 15.43 6.49 -87.68
CA THR Y 198 15.03 6.40 -86.28
C THR Y 198 15.72 7.51 -85.54
N ASP Y 199 15.05 8.17 -84.61
CA ASP Y 199 15.61 9.28 -83.87
C ASP Y 199 16.45 8.84 -82.67
N VAL Y 200 16.00 7.83 -81.97
CA VAL Y 200 16.55 7.32 -80.74
C VAL Y 200 16.42 5.81 -80.75
N ALA Y 201 17.47 5.07 -80.59
CA ALA Y 201 17.48 3.60 -80.70
C ALA Y 201 18.23 3.08 -79.49
N VAL Y 202 17.70 2.05 -78.81
CA VAL Y 202 18.40 1.42 -77.72
C VAL Y 202 18.89 0.04 -78.13
N MET Y 203 20.18 -0.19 -77.89
CA MET Y 203 20.88 -1.42 -78.22
C MET Y 203 20.75 -2.43 -77.07
N LEU Y 204 20.24 -3.57 -77.41
CA LEU Y 204 20.05 -4.66 -76.45
C LEU Y 204 20.64 -5.89 -77.13
N ASP Y 205 21.41 -6.71 -76.38
CA ASP Y 205 21.78 -8.03 -76.80
C ASP Y 205 21.15 -9.08 -75.90
N ASN Y 206 20.87 -10.25 -76.44
CA ASN Y 206 20.17 -11.28 -75.69
C ASN Y 206 21.05 -12.01 -74.70
N GLU Y 207 22.30 -12.26 -75.08
CA GLU Y 207 23.21 -12.93 -74.20
C GLU Y 207 23.74 -12.01 -73.11
N ALA Y 208 23.59 -10.73 -73.26
CA ALA Y 208 23.85 -9.80 -72.17
C ALA Y 208 22.87 -10.00 -71.02
N ILE Y 209 21.55 -10.16 -71.38
CA ILE Y 209 20.58 -10.37 -70.32
C ILE Y 209 20.63 -11.80 -69.84
N TYR Y 210 21.15 -12.72 -70.66
CA TYR Y 210 21.40 -14.07 -70.20
C TYR Y 210 22.43 -14.07 -69.06
N ASP Y 211 23.50 -13.32 -69.22
CA ASP Y 211 24.54 -13.32 -68.22
C ASP Y 211 24.18 -12.51 -66.98
N ILE Y 212 23.31 -11.52 -67.18
CA ILE Y 212 22.75 -10.78 -66.05
C ILE Y 212 21.90 -11.69 -65.20
N CYS Y 213 21.09 -12.51 -65.83
CA CYS Y 213 20.23 -13.45 -65.11
C CYS Y 213 21.01 -14.58 -64.47
N ARG Y 214 22.24 -14.84 -64.96
CA ARG Y 214 23.05 -15.89 -64.36
C ARG Y 214 23.71 -15.38 -63.06
N ARG Y 215 24.22 -14.15 -63.07
CA ARG Y 215 24.98 -13.70 -61.93
C ARG Y 215 24.13 -12.99 -60.85
N ASN Y 216 23.24 -12.13 -61.32
CA ASN Y 216 22.49 -11.27 -60.41
C ASN Y 216 21.19 -11.93 -59.93
N LEU Y 217 20.46 -12.56 -60.88
CA LEU Y 217 19.23 -13.23 -60.52
C LEU Y 217 19.45 -14.70 -60.09
N ASP Y 218 20.68 -15.18 -60.32
CA ASP Y 218 21.11 -16.53 -59.96
C ASP Y 218 20.26 -17.63 -60.55
N ILE Y 219 19.78 -17.44 -61.77
CA ILE Y 219 19.03 -18.44 -62.51
C ILE Y 219 19.97 -18.91 -63.61
N GLU Y 220 20.24 -20.21 -63.65
CA GLU Y 220 21.17 -20.75 -64.61
C GLU Y 220 20.55 -20.86 -66.03
N ARG Y 221 19.22 -21.12 -66.09
CA ARG Y 221 18.66 -21.66 -67.32
C ARG Y 221 17.40 -20.90 -67.69
N PRO Y 222 17.47 -19.60 -68.09
CA PRO Y 222 16.27 -18.84 -68.35
C PRO Y 222 15.71 -19.10 -69.75
N THR Y 223 14.48 -18.61 -69.94
CA THR Y 223 13.80 -18.69 -71.22
C THR Y 223 13.53 -17.28 -71.73
N TYR Y 224 12.83 -17.19 -72.87
CA TYR Y 224 12.59 -15.90 -73.50
C TYR Y 224 11.64 -15.05 -72.67
N THR Y 225 10.80 -15.64 -71.84
CA THR Y 225 9.91 -14.83 -71.01
C THR Y 225 10.68 -14.11 -69.90
N ASN Y 226 11.77 -14.75 -69.42
CA ASN Y 226 12.61 -14.07 -68.43
C ASN Y 226 13.52 -13.03 -69.07
N LEU Y 227 13.85 -13.26 -70.34
CA LEU Y 227 14.64 -12.34 -71.13
C LEU Y 227 13.82 -11.07 -71.36
N ASN Y 228 12.48 -11.21 -71.62
CA ASN Y 228 11.65 -10.10 -71.98
C ASN Y 228 11.03 -9.38 -70.78
N ARG Y 229 10.84 -10.07 -69.64
CA ARG Y 229 10.32 -9.42 -68.48
C ARG Y 229 11.22 -8.34 -67.93
N LEU Y 230 12.51 -8.59 -67.98
CA LEU Y 230 13.57 -7.64 -67.64
C LEU Y 230 13.58 -6.48 -68.63
N ILE Y 231 13.29 -6.72 -69.88
CA ILE Y 231 13.18 -5.67 -70.88
C ILE Y 231 11.97 -4.76 -70.54
N ALA Y 232 10.88 -5.40 -70.10
CA ALA Y 232 9.64 -4.72 -69.80
C ALA Y 232 9.85 -3.74 -68.61
N GLN Y 233 10.72 -4.11 -67.68
CA GLN Y 233 11.01 -3.25 -66.53
C GLN Y 233 11.76 -1.97 -66.96
N VAL Y 234 12.59 -2.11 -67.98
CA VAL Y 234 13.36 -0.98 -68.50
C VAL Y 234 12.40 -0.03 -69.23
N ILE Y 235 11.47 -0.56 -70.01
CA ILE Y 235 10.54 0.27 -70.76
C ILE Y 235 9.60 1.01 -69.80
N SER Y 236 9.19 0.33 -68.71
CA SER Y 236 8.34 0.96 -67.75
C SER Y 236 9.06 2.13 -67.05
N SER Y 237 10.33 1.94 -66.77
CA SER Y 237 11.15 2.99 -66.18
C SER Y 237 11.42 4.17 -67.13
N LEU Y 238 11.43 3.89 -68.44
CA LEU Y 238 11.63 4.96 -69.43
C LEU Y 238 10.41 5.87 -69.49
N THR Y 239 9.23 5.27 -69.49
CA THR Y 239 7.99 6.00 -69.71
C THR Y 239 7.27 6.28 -68.39
N ALA Y 240 7.99 6.15 -67.25
CA ALA Y 240 7.40 6.43 -65.95
C ALA Y 240 7.18 7.92 -65.80
N SER Y 241 7.94 8.78 -66.45
CA SER Y 241 7.75 10.22 -66.28
C SER Y 241 6.49 10.70 -66.99
N LEU Y 242 6.12 10.03 -68.09
CA LEU Y 242 4.89 10.36 -68.80
C LEU Y 242 3.68 9.91 -67.99
N ARG Y 243 3.80 8.85 -67.19
CA ARG Y 243 2.62 8.35 -66.48
C ARG Y 243 2.48 9.05 -65.13
N PHE Y 244 3.56 9.13 -64.38
CA PHE Y 244 3.44 9.36 -62.92
C PHE Y 244 4.17 10.63 -62.52
N ASP Y 245 3.63 11.28 -61.49
CA ASP Y 245 4.19 12.57 -61.10
C ASP Y 245 5.40 12.34 -60.23
N GLY Y 246 6.41 13.19 -60.38
CA GLY Y 246 7.70 12.97 -59.76
C GLY Y 246 8.33 14.35 -59.43
N ALA Y 247 9.46 14.26 -58.73
CA ALA Y 247 10.20 15.44 -58.30
C ALA Y 247 10.86 16.15 -59.48
N LEU Y 248 11.40 15.37 -60.41
CA LEU Y 248 12.06 15.90 -61.61
C LEU Y 248 11.77 14.89 -62.72
N ASN Y 249 10.82 15.21 -63.56
CA ASN Y 249 10.40 14.26 -64.59
C ASN Y 249 11.10 14.63 -65.91
N VAL Y 250 11.27 13.56 -66.73
CA VAL Y 250 11.87 13.74 -68.03
C VAL Y 250 11.04 12.93 -69.01
N ASP Y 251 10.33 13.61 -69.86
CA ASP Y 251 9.49 12.98 -70.87
C ASP Y 251 10.33 12.56 -72.10
N VAL Y 252 9.65 11.89 -73.00
CA VAL Y 252 10.35 11.28 -74.13
C VAL Y 252 10.61 12.30 -75.22
N THR Y 253 9.94 13.44 -75.23
CA THR Y 253 10.30 14.52 -76.13
C THR Y 253 11.64 15.17 -75.71
N GLU Y 254 11.97 15.11 -74.44
CA GLU Y 254 13.22 15.76 -74.04
C GLU Y 254 14.33 14.76 -73.93
N PHE Y 255 14.05 13.47 -73.73
CA PHE Y 255 15.01 12.37 -73.90
C PHE Y 255 15.64 12.32 -75.27
N GLN Y 256 14.88 12.71 -76.29
CA GLN Y 256 15.36 12.87 -77.64
C GLN Y 256 16.40 14.04 -77.70
N THR Y 257 16.03 15.10 -76.97
CA THR Y 257 16.81 16.32 -77.07
C THR Y 257 18.03 16.25 -76.17
N ASN Y 258 18.00 15.40 -75.12
CA ASN Y 258 19.09 15.43 -74.13
C ASN Y 258 20.29 14.55 -74.48
N LEU Y 259 20.07 13.49 -75.27
CA LEU Y 259 21.18 12.58 -75.54
C LEU Y 259 22.02 12.71 -76.83
N VAL Y 260 21.48 13.24 -77.93
CA VAL Y 260 22.08 12.90 -79.22
C VAL Y 260 22.99 14.04 -79.73
N PRO Y 261 24.32 13.88 -79.69
CA PRO Y 261 25.21 15.02 -79.89
C PRO Y 261 25.38 15.46 -81.33
N TYR Y 262 25.28 14.53 -82.27
CA TYR Y 262 25.41 14.69 -83.70
C TYR Y 262 24.27 13.84 -84.29
N PRO Y 263 23.76 14.23 -85.50
CA PRO Y 263 22.49 13.70 -85.98
C PRO Y 263 22.42 12.19 -86.17
N ARG Y 264 23.55 11.56 -86.55
CA ARG Y 264 23.46 10.11 -86.78
C ARG Y 264 23.73 9.30 -85.51
N ILE Y 265 24.31 9.92 -84.50
CA ILE Y 265 24.84 9.19 -83.35
C ILE Y 265 23.77 9.11 -82.27
N HIS Y 266 22.93 8.08 -82.35
CA HIS Y 266 21.84 7.88 -81.48
C HIS Y 266 21.67 6.38 -81.21
N PHE Y 267 22.78 5.69 -81.01
CA PHE Y 267 22.74 4.30 -80.57
C PHE Y 267 23.16 4.23 -79.11
N MET Y 268 22.29 3.76 -78.26
CA MET Y 268 22.54 3.79 -76.85
C MET Y 268 22.48 2.42 -76.16
N LEU Y 269 23.35 2.30 -75.17
CA LEU Y 269 23.31 1.12 -74.31
C LEU Y 269 22.34 1.34 -73.15
N SER Y 270 21.78 0.29 -72.62
CA SER Y 270 20.97 0.46 -71.42
C SER Y 270 21.59 -0.28 -70.23
N SER Y 271 21.07 0.02 -69.05
CA SER Y 271 21.50 -0.63 -67.81
C SER Y 271 20.36 -0.52 -66.81
N TYR Y 272 20.30 -1.47 -65.89
CA TYR Y 272 19.31 -1.46 -64.85
C TYR Y 272 19.90 -1.92 -63.56
N ALA Y 273 19.54 -1.29 -62.44
CA ALA Y 273 19.91 -1.76 -61.14
C ALA Y 273 18.87 -1.30 -60.14
N PRO Y 274 18.51 -2.09 -59.13
CA PRO Y 274 19.03 -3.44 -58.93
C PRO Y 274 18.21 -4.52 -59.65
N ILE Y 275 18.90 -5.59 -60.07
CA ILE Y 275 18.25 -6.82 -60.45
C ILE Y 275 18.70 -7.87 -59.44
N ILE Y 276 17.88 -8.04 -58.42
CA ILE Y 276 18.19 -8.95 -57.34
C ILE Y 276 16.97 -9.83 -57.09
N SER Y 277 17.26 -11.08 -56.70
CA SER Y 277 16.23 -12.04 -56.40
C SER Y 277 15.67 -11.78 -55.01
N ALA Y 278 14.71 -12.63 -54.60
CA ALA Y 278 14.36 -12.77 -53.20
C ALA Y 278 15.50 -13.41 -52.40
N GLU Y 279 16.46 -14.09 -53.07
CA GLU Y 279 17.55 -14.73 -52.39
C GLU Y 279 18.52 -13.69 -51.73
N LYS Y 280 18.80 -12.65 -52.48
CA LYS Y 280 19.85 -11.75 -51.94
C LYS Y 280 19.27 -10.42 -51.59
N ALA Y 281 17.96 -10.18 -51.64
CA ALA Y 281 17.43 -8.88 -51.25
C ALA Y 281 17.49 -8.69 -49.73
N TYR Y 282 17.36 -9.86 -49.04
CA TYR Y 282 17.34 -9.89 -47.58
C TYR Y 282 18.69 -9.49 -47.02
N HIS Y 283 19.74 -9.81 -47.74
CA HIS Y 283 21.11 -9.63 -47.29
C HIS Y 283 21.75 -8.33 -47.79
N GLU Y 284 20.98 -7.49 -48.49
CA GLU Y 284 21.55 -6.31 -49.10
C GLU Y 284 20.69 -5.09 -48.78
N GLN Y 285 21.37 -4.02 -48.36
CA GLN Y 285 20.76 -2.71 -48.30
C GLN Y 285 20.93 -2.11 -49.68
N LEU Y 286 19.88 -1.54 -50.24
CA LEU Y 286 19.91 -0.94 -51.55
C LEU Y 286 19.79 0.56 -51.34
N SER Y 287 20.93 1.22 -51.04
CA SER Y 287 20.89 2.68 -51.01
C SER Y 287 21.42 3.27 -52.33
N VAL Y 288 21.11 4.53 -52.55
CA VAL Y 288 21.37 5.30 -53.71
C VAL Y 288 22.83 5.28 -54.10
N ALA Y 289 23.72 5.23 -53.11
CA ALA Y 289 25.14 5.18 -53.37
C ALA Y 289 25.56 3.90 -54.14
N GLU Y 290 24.98 2.78 -53.73
CA GLU Y 290 25.44 1.51 -54.26
C GLU Y 290 24.65 1.12 -55.49
N ILE Y 291 23.41 1.56 -55.63
CA ILE Y 291 22.62 1.22 -56.81
C ILE Y 291 23.12 1.99 -58.05
N THR Y 292 23.75 3.13 -57.82
CA THR Y 292 24.32 3.87 -58.93
C THR Y 292 25.71 3.36 -59.29
N ASN Y 293 26.40 2.70 -58.34
CA ASN Y 293 27.67 2.07 -58.64
C ASN Y 293 27.40 0.81 -59.46
N SER Y 294 26.36 0.07 -59.11
CA SER Y 294 25.98 -1.14 -59.82
C SER Y 294 25.42 -0.84 -61.20
N ALA Y 295 24.91 0.38 -61.41
CA ALA Y 295 24.37 0.76 -62.70
C ALA Y 295 25.50 0.92 -63.73
N PHE Y 296 26.63 1.49 -63.27
CA PHE Y 296 27.74 1.78 -64.13
C PHE Y 296 28.73 0.63 -64.22
N GLU Y 297 28.46 -0.45 -63.51
CA GLU Y 297 29.36 -1.59 -63.44
C GLU Y 297 29.47 -2.23 -64.82
N PRO Y 298 30.68 -2.51 -65.34
CA PRO Y 298 30.85 -2.89 -66.72
C PRO Y 298 30.20 -4.19 -67.14
N ALA Y 299 29.91 -5.08 -66.18
CA ALA Y 299 29.27 -6.36 -66.47
C ALA Y 299 27.78 -6.36 -65.98
N SER Y 300 27.19 -5.16 -65.99
CA SER Y 300 25.80 -4.97 -65.57
C SER Y 300 25.05 -4.29 -66.65
N MET Y 301 25.65 -3.88 -67.78
CA MET Y 301 24.84 -3.33 -68.85
C MET Y 301 24.13 -4.43 -69.60
N MET Y 302 23.26 -4.03 -70.51
CA MET Y 302 22.42 -4.97 -71.24
C MET Y 302 22.77 -4.96 -72.73
N ALA Y 303 24.07 -4.89 -73.01
CA ALA Y 303 24.54 -4.93 -74.39
C ALA Y 303 25.73 -5.88 -74.63
N LYS Y 304 26.39 -6.31 -73.54
CA LYS Y 304 27.64 -7.07 -73.62
C LYS Y 304 28.67 -6.28 -74.44
N CYS Y 305 28.99 -5.09 -73.94
CA CYS Y 305 29.86 -4.20 -74.68
C CYS Y 305 30.71 -3.45 -73.69
N ASP Y 306 31.96 -3.93 -73.57
CA ASP Y 306 32.79 -3.60 -72.41
C ASP Y 306 33.18 -2.13 -72.53
N PRO Y 307 32.80 -1.28 -71.57
CA PRO Y 307 33.03 0.16 -71.77
C PRO Y 307 34.41 0.64 -71.32
N ARG Y 308 35.27 -0.27 -70.89
CA ARG Y 308 36.61 0.14 -70.45
C ARG Y 308 37.46 0.58 -71.62
N HIS Y 309 37.23 0.05 -72.81
CA HIS Y 309 37.81 0.54 -74.06
C HIS Y 309 36.79 1.43 -74.76
N GLY Y 310 36.00 2.17 -73.99
CA GLY Y 310 35.14 3.21 -74.53
C GLY Y 310 35.21 4.45 -73.62
N LYS Y 311 34.65 5.53 -74.10
CA LYS Y 311 34.54 6.79 -73.41
C LYS Y 311 33.06 7.12 -73.33
N TYR Y 312 32.58 7.43 -72.13
CA TYR Y 312 31.22 7.92 -71.94
C TYR Y 312 31.02 9.28 -72.60
N MET Y 313 29.85 9.49 -73.21
CA MET Y 313 29.55 10.79 -73.80
C MET Y 313 28.39 11.47 -73.07
N ALA Y 314 27.34 10.71 -72.80
CA ALA Y 314 26.10 11.22 -72.27
C ALA Y 314 25.37 10.13 -71.51
N CYS Y 315 24.82 10.51 -70.35
CA CYS Y 315 24.18 9.52 -69.51
C CYS Y 315 22.89 10.13 -68.96
N CYS Y 316 21.79 9.29 -69.03
CA CYS Y 316 20.52 9.75 -68.49
C CYS Y 316 20.01 8.71 -67.51
N LEU Y 317 19.73 9.17 -66.30
CA LEU Y 317 19.45 8.32 -65.15
C LEU Y 317 18.02 8.62 -64.72
N MET Y 318 17.18 7.53 -64.72
CA MET Y 318 15.87 7.77 -64.08
C MET Y 318 15.84 7.00 -62.77
N TYR Y 319 15.98 7.69 -61.65
CA TYR Y 319 15.77 7.11 -60.35
C TYR Y 319 14.26 7.02 -60.01
N ARG Y 320 13.90 5.92 -59.37
CA ARG Y 320 12.49 5.60 -59.26
C ARG Y 320 12.24 5.02 -57.88
N GLY Y 321 11.24 5.61 -57.19
CA GLY Y 321 11.01 5.19 -55.81
C GLY Y 321 11.38 6.26 -54.79
N ASP Y 322 11.59 5.82 -53.57
CA ASP Y 322 11.87 6.66 -52.43
C ASP Y 322 13.31 7.18 -52.49
N VAL Y 323 13.50 8.13 -53.38
CA VAL Y 323 14.86 8.66 -53.63
C VAL Y 323 14.83 10.15 -53.35
N VAL Y 324 15.70 10.61 -52.45
CA VAL Y 324 15.81 12.03 -52.18
C VAL Y 324 16.81 12.64 -53.16
N PRO Y 325 16.63 13.90 -53.59
CA PRO Y 325 17.60 14.55 -54.47
C PRO Y 325 18.97 14.81 -53.90
N LYS Y 326 19.15 14.75 -52.58
CA LYS Y 326 20.51 15.06 -52.07
C LYS Y 326 21.54 13.94 -52.40
N ASP Y 327 21.05 12.72 -52.22
CA ASP Y 327 22.02 11.62 -52.48
C ASP Y 327 21.98 11.20 -53.94
N VAL Y 328 21.05 11.70 -54.74
CA VAL Y 328 21.17 11.74 -56.18
C VAL Y 328 22.37 12.57 -56.61
N ASN Y 329 22.52 13.76 -56.03
CA ASN Y 329 23.65 14.62 -56.29
C ASN Y 329 24.98 13.93 -55.86
N ALA Y 330 24.91 13.38 -54.69
CA ALA Y 330 26.09 12.92 -53.94
C ALA Y 330 26.65 11.67 -54.60
N ALA Y 331 25.79 10.80 -55.10
CA ALA Y 331 26.20 9.53 -55.67
C ALA Y 331 26.86 9.70 -57.04
N VAL Y 332 26.35 10.63 -57.83
CA VAL Y 332 26.88 10.90 -59.14
C VAL Y 332 28.21 11.66 -59.03
N ALA Y 333 28.40 12.38 -57.94
CA ALA Y 333 29.66 13.07 -57.66
C ALA Y 333 30.78 12.05 -57.43
N THR Y 334 30.48 10.95 -56.77
CA THR Y 334 31.46 9.91 -56.54
C THR Y 334 31.86 9.25 -57.85
N ILE Y 335 30.93 9.11 -58.77
CA ILE Y 335 31.19 8.51 -60.07
C ILE Y 335 32.15 9.40 -60.87
N LYS Y 336 31.93 10.71 -60.82
CA LYS Y 336 32.78 11.64 -61.56
C LYS Y 336 34.22 11.60 -61.01
N THR Y 337 34.36 11.46 -59.71
CA THR Y 337 35.67 11.49 -59.10
C THR Y 337 36.42 10.16 -59.32
N LYS Y 338 35.69 9.05 -59.56
CA LYS Y 338 36.39 7.79 -59.77
C LYS Y 338 37.01 7.81 -61.15
N ARG Y 339 38.21 7.25 -61.25
CA ARG Y 339 39.08 7.35 -62.39
C ARG Y 339 38.91 6.21 -63.40
N THR Y 340 38.14 5.19 -63.10
CA THR Y 340 38.00 4.05 -63.98
C THR Y 340 37.14 4.40 -65.21
N ILE Y 341 36.27 5.36 -65.08
CA ILE Y 341 35.32 5.77 -66.09
C ILE Y 341 35.85 7.09 -66.62
N GLN Y 342 36.00 7.14 -67.97
CA GLN Y 342 36.47 8.41 -68.53
C GLN Y 342 35.37 9.05 -69.35
N PHE Y 343 35.01 10.28 -69.02
CA PHE Y 343 34.15 11.04 -69.92
C PHE Y 343 34.98 11.71 -70.99
N VAL Y 344 34.33 12.04 -72.09
CA VAL Y 344 35.04 12.61 -73.23
C VAL Y 344 35.35 14.07 -72.91
N ASP Y 345 36.41 14.60 -73.52
CA ASP Y 345 36.94 15.90 -73.21
C ASP Y 345 35.99 17.03 -73.60
N TRP Y 346 35.18 16.85 -74.67
CA TRP Y 346 34.33 17.94 -75.11
C TRP Y 346 32.98 18.00 -74.36
N CYS Y 347 32.76 17.09 -73.41
CA CYS Y 347 31.48 17.03 -72.73
C CYS Y 347 31.69 17.10 -71.22
N PRO Y 348 31.84 18.31 -70.64
CA PRO Y 348 32.22 18.40 -69.23
C PRO Y 348 31.12 17.95 -68.27
N THR Y 349 29.88 18.35 -68.55
CA THR Y 349 28.76 17.80 -67.79
C THR Y 349 28.12 16.73 -68.65
N GLY Y 350 27.94 15.52 -68.08
CA GLY Y 350 27.43 14.43 -68.89
C GLY Y 350 26.30 13.64 -68.23
N PHE Y 351 25.59 14.31 -67.30
CA PHE Y 351 24.58 13.60 -66.53
C PHE Y 351 23.25 14.35 -66.60
N LYS Y 352 22.18 13.57 -66.70
CA LYS Y 352 20.83 14.04 -66.50
C LYS Y 352 20.20 13.12 -65.47
N CYS Y 353 19.68 13.77 -64.41
CA CYS Y 353 19.04 12.98 -63.36
C CYS Y 353 17.53 13.26 -63.42
N GLY Y 354 16.79 12.19 -63.17
CA GLY Y 354 15.35 12.21 -63.11
C GLY Y 354 14.87 11.39 -61.91
N ILE Y 355 13.88 11.92 -61.20
CA ILE Y 355 13.31 11.30 -60.03
C ILE Y 355 11.81 11.09 -60.26
N ASN Y 356 11.35 9.86 -60.00
CA ASN Y 356 9.95 9.57 -59.98
C ASN Y 356 9.57 9.02 -58.61
N TYR Y 357 8.33 9.27 -58.19
CA TYR Y 357 7.89 8.94 -56.86
C TYR Y 357 7.38 7.51 -56.78
N GLN Y 358 6.89 6.92 -57.88
CA GLN Y 358 6.36 5.60 -57.81
C GLN Y 358 7.46 4.55 -57.69
N PRO Y 359 7.39 3.67 -56.67
CA PRO Y 359 8.27 2.53 -56.58
C PRO Y 359 8.07 1.56 -57.72
N PRO Y 360 9.12 0.77 -58.09
CA PRO Y 360 8.97 -0.17 -59.20
C PRO Y 360 7.97 -1.26 -58.84
N THR Y 361 7.16 -1.64 -59.84
CA THR Y 361 6.20 -2.70 -59.63
C THR Y 361 6.83 -4.06 -59.98
N VAL Y 362 6.45 -5.05 -59.17
CA VAL Y 362 6.91 -6.39 -59.40
C VAL Y 362 5.74 -7.22 -59.93
N VAL Y 363 6.03 -8.03 -60.92
CA VAL Y 363 5.06 -8.94 -61.49
C VAL Y 363 4.90 -10.12 -60.53
N PRO Y 364 3.65 -10.53 -60.23
CA PRO Y 364 3.42 -11.74 -59.44
C PRO Y 364 3.92 -12.99 -60.15
N GLY Y 365 4.56 -13.86 -59.37
CA GLY Y 365 5.14 -15.08 -59.89
C GLY Y 365 6.46 -14.82 -60.59
N GLY Y 366 6.91 -13.59 -60.77
CA GLY Y 366 8.18 -13.32 -61.37
C GLY Y 366 9.33 -13.45 -60.39
N ASP Y 367 10.53 -13.47 -60.92
CA ASP Y 367 11.71 -13.77 -60.12
C ASP Y 367 12.48 -12.55 -59.64
N LEU Y 368 12.04 -11.37 -60.04
CA LEU Y 368 12.56 -10.11 -59.47
C LEU Y 368 11.90 -9.83 -58.11
N ALA Y 369 12.63 -9.06 -57.31
CA ALA Y 369 12.15 -8.77 -55.96
C ALA Y 369 11.62 -7.35 -55.89
N LYS Y 370 10.73 -7.11 -54.92
CA LYS Y 370 10.23 -5.77 -54.68
C LYS Y 370 11.33 -4.92 -54.05
N VAL Y 371 11.74 -3.87 -54.75
CA VAL Y 371 12.79 -3.00 -54.26
C VAL Y 371 12.19 -1.60 -54.13
N MET Y 372 12.75 -0.86 -53.18
CA MET Y 372 12.17 0.42 -52.82
C MET Y 372 12.71 1.54 -53.71
N ARG Y 373 13.86 1.31 -54.35
CA ARG Y 373 14.41 2.29 -55.27
C ARG Y 373 15.19 1.58 -56.37
N ALA Y 374 15.16 2.20 -57.54
CA ALA Y 374 15.75 1.55 -58.73
C ALA Y 374 16.19 2.60 -59.73
N VAL Y 375 17.15 2.20 -60.58
CA VAL Y 375 17.77 3.09 -61.54
C VAL Y 375 17.70 2.40 -62.90
N CYS Y 376 17.31 3.19 -63.90
CA CYS Y 376 17.47 2.82 -65.29
C CYS Y 376 18.36 3.84 -65.97
N MET Y 377 19.38 3.33 -66.63
CA MET Y 377 20.43 4.16 -67.21
C MET Y 377 20.48 3.96 -68.72
N ILE Y 378 20.43 5.07 -69.46
CA ILE Y 378 20.58 5.04 -70.90
C ILE Y 378 21.82 5.87 -71.29
N SER Y 379 22.79 5.21 -71.92
CA SER Y 379 24.09 5.80 -72.12
C SER Y 379 24.48 5.85 -73.59
N ASN Y 380 25.04 6.99 -74.00
CA ASN Y 380 25.90 7.04 -75.17
C ASN Y 380 27.38 6.74 -74.74
N SER Y 381 28.00 5.85 -75.53
CA SER Y 381 29.42 5.63 -75.35
C SER Y 381 30.10 5.51 -76.70
N THR Y 382 31.42 5.56 -76.67
CA THR Y 382 32.24 5.26 -77.83
C THR Y 382 32.56 3.78 -77.86
N ALA Y 383 32.05 2.99 -76.93
CA ALA Y 383 32.24 1.56 -76.92
C ALA Y 383 31.39 0.91 -78.01
N ILE Y 384 30.39 1.63 -78.57
CA ILE Y 384 29.51 1.01 -79.57
C ILE Y 384 30.26 0.68 -80.88
N ALA Y 385 31.44 1.28 -81.04
CA ALA Y 385 32.27 1.05 -82.20
C ALA Y 385 32.67 -0.41 -82.33
N GLU Y 386 32.79 -1.13 -81.20
CA GLU Y 386 33.16 -2.53 -81.27
C GLU Y 386 32.04 -3.42 -81.78
N VAL Y 387 30.78 -3.06 -81.51
CA VAL Y 387 29.68 -3.91 -81.95
C VAL Y 387 29.48 -3.76 -83.45
N PHE Y 388 29.73 -2.55 -83.95
CA PHE Y 388 29.52 -2.31 -85.37
C PHE Y 388 30.70 -2.70 -86.26
N SER Y 389 31.90 -2.72 -85.65
CA SER Y 389 33.06 -3.25 -86.32
C SER Y 389 32.96 -4.77 -86.39
N ARG Y 390 32.34 -5.40 -85.37
CA ARG Y 390 32.31 -6.85 -85.37
C ARG Y 390 31.30 -7.36 -86.36
N MET Y 391 30.19 -6.63 -86.48
CA MET Y 391 29.18 -7.04 -87.47
C MET Y 391 29.64 -6.68 -88.87
N ASP Y 392 30.53 -5.68 -89.00
CA ASP Y 392 31.25 -5.47 -90.25
C ASP Y 392 32.14 -6.69 -90.58
N HIS Y 393 32.72 -7.26 -89.58
CA HIS Y 393 33.58 -8.43 -89.69
C HIS Y 393 32.78 -9.64 -90.06
N LYS Y 394 31.56 -9.81 -89.52
CA LYS Y 394 30.71 -10.92 -89.90
C LYS Y 394 30.27 -10.81 -91.37
N PHE Y 395 30.08 -9.60 -91.84
CA PHE Y 395 29.57 -9.37 -93.17
C PHE Y 395 30.60 -9.72 -94.25
N ASP Y 396 31.82 -9.24 -94.00
CA ASP Y 396 32.83 -9.22 -95.09
C ASP Y 396 33.40 -10.60 -95.25
N LEU Y 397 33.40 -11.47 -94.26
CA LEU Y 397 33.82 -12.85 -94.42
C LEU Y 397 32.84 -13.62 -95.32
N MET Y 398 31.56 -13.37 -95.11
CA MET Y 398 30.51 -14.12 -95.80
C MET Y 398 30.41 -13.68 -97.26
N TYR Y 399 30.50 -12.35 -97.44
CA TYR Y 399 30.36 -11.76 -98.76
C TYR Y 399 31.63 -11.90 -99.60
N ALA Y 400 32.75 -12.29 -98.97
CA ALA Y 400 34.02 -12.48 -99.65
C ALA Y 400 33.93 -13.47 -100.80
N LYS Y 401 33.17 -14.53 -100.63
CA LYS Y 401 32.83 -15.38 -101.79
C LYS Y 401 31.32 -15.60 -101.86
N ARG Y 402 30.55 -14.60 -101.46
CA ARG Y 402 29.18 -14.34 -101.90
C ARG Y 402 28.27 -15.53 -101.55
N ALA Y 403 28.30 -15.90 -100.29
CA ALA Y 403 27.45 -16.92 -99.74
C ALA Y 403 26.05 -16.34 -99.50
N PHE Y 404 25.02 -17.13 -99.78
CA PHE Y 404 23.62 -16.84 -99.51
C PHE Y 404 23.12 -15.60 -100.26
N VAL Y 405 23.82 -15.15 -101.29
CA VAL Y 405 23.49 -13.90 -101.94
C VAL Y 405 22.34 -14.07 -102.92
N HIS Y 406 22.21 -15.27 -103.50
CA HIS Y 406 21.25 -15.58 -104.54
C HIS Y 406 19.83 -15.47 -104.00
N TRP Y 407 19.61 -15.65 -102.70
CA TRP Y 407 18.26 -15.44 -102.20
C TRP Y 407 17.91 -13.98 -102.07
N TYR Y 408 18.93 -13.14 -101.84
CA TYR Y 408 18.69 -11.70 -101.70
C TYR Y 408 18.55 -11.04 -103.08
N VAL Y 409 19.40 -11.45 -104.02
CA VAL Y 409 19.42 -10.81 -105.33
C VAL Y 409 18.19 -11.25 -106.13
N GLY Y 410 17.79 -12.52 -105.93
CA GLY Y 410 16.69 -13.06 -106.72
C GLY Y 410 15.34 -12.55 -106.20
N GLU Y 411 15.32 -11.99 -104.97
CA GLU Y 411 14.04 -11.56 -104.43
C GLU Y 411 13.69 -10.11 -104.75
N GLY Y 412 14.68 -9.34 -105.13
CA GLY Y 412 14.40 -8.01 -105.69
C GLY Y 412 15.32 -6.90 -105.21
N MET Y 413 16.36 -7.25 -104.47
CA MET Y 413 17.38 -6.33 -104.09
C MET Y 413 18.38 -6.09 -105.23
N GLU Y 414 19.30 -5.19 -105.00
CA GLU Y 414 20.40 -4.92 -105.88
C GLU Y 414 21.67 -5.51 -105.34
N GLU Y 415 22.63 -5.69 -106.26
CA GLU Y 415 23.98 -6.08 -106.02
C GLU Y 415 24.91 -4.89 -106.10
N GLY Y 416 25.71 -4.67 -105.04
CA GLY Y 416 26.41 -3.41 -104.88
C GLY Y 416 25.67 -2.50 -103.89
N GLU Y 417 24.35 -2.77 -103.72
CA GLU Y 417 23.65 -2.17 -102.60
C GLU Y 417 24.12 -2.75 -101.26
N PHE Y 418 24.59 -4.03 -101.31
CA PHE Y 418 25.29 -4.60 -100.18
C PHE Y 418 26.59 -3.87 -99.93
N SER Y 419 27.30 -3.52 -100.99
CA SER Y 419 28.60 -2.89 -100.90
C SER Y 419 28.46 -1.47 -100.36
N GLU Y 420 27.44 -0.75 -100.84
CA GLU Y 420 27.20 0.62 -100.41
C GLU Y 420 26.76 0.66 -98.95
N ALA Y 421 25.95 -0.28 -98.54
CA ALA Y 421 25.46 -0.30 -97.16
C ALA Y 421 26.56 -0.70 -96.20
N ARG Y 422 27.55 -1.52 -96.69
CA ARG Y 422 28.75 -1.78 -95.91
C ARG Y 422 29.57 -0.49 -95.79
N GLU Y 423 29.66 0.33 -96.83
CA GLU Y 423 30.25 1.62 -96.77
C GLU Y 423 29.54 2.57 -95.82
N ASP Y 424 28.26 2.44 -95.67
CA ASP Y 424 27.52 3.22 -94.70
C ASP Y 424 27.93 2.86 -93.27
N LEU Y 425 28.06 1.54 -93.03
CA LEU Y 425 28.52 1.08 -91.75
C LEU Y 425 29.98 1.46 -91.51
N ALA Y 426 30.80 1.47 -92.58
CA ALA Y 426 32.17 1.92 -92.48
C ALA Y 426 32.22 3.40 -92.14
N ALA Y 427 31.28 4.19 -92.67
CA ALA Y 427 31.20 5.61 -92.36
C ALA Y 427 30.82 5.80 -90.89
N LEU Y 428 29.97 4.91 -90.37
CA LEU Y 428 29.50 5.04 -89.00
C LEU Y 428 30.63 4.70 -88.02
N GLU Y 429 31.45 3.70 -88.40
CA GLU Y 429 32.56 3.30 -87.53
C GLU Y 429 33.61 4.38 -87.46
N LYS Y 430 33.86 5.02 -88.61
CA LYS Y 430 34.86 6.08 -88.61
C LYS Y 430 34.35 7.32 -87.87
N ASP Y 431 33.03 7.51 -87.81
CA ASP Y 431 32.45 8.64 -87.11
C ASP Y 431 32.66 8.53 -85.60
N TYR Y 432 32.50 7.32 -85.06
CA TYR Y 432 32.72 7.10 -83.63
C TYR Y 432 34.19 7.26 -83.27
N GLU Y 433 35.09 6.88 -84.18
CA GLU Y 433 36.52 7.01 -83.92
C GLU Y 433 36.95 8.48 -83.94
N GLU Y 434 36.32 9.28 -84.82
CA GLU Y 434 36.73 10.67 -84.96
C GLU Y 434 36.19 11.51 -83.81
N VAL Y 435 35.11 11.10 -83.17
CA VAL Y 435 34.56 11.84 -82.05
C VAL Y 435 35.47 11.70 -80.79
N GLY Y 436 36.03 10.52 -80.62
CA GLY Y 436 36.71 10.14 -79.39
C GLY Y 436 38.12 10.71 -79.24
N ILE Y 437 38.66 11.45 -80.26
CA ILE Y 437 40.01 11.97 -80.02
C ILE Y 437 39.97 13.46 -79.68
N MET Z 1 -50.12 17.78 -96.42
CA MET Z 1 -49.61 19.09 -95.98
C MET Z 1 -48.21 19.32 -96.56
N ARG Z 2 -47.16 19.02 -95.76
CA ARG Z 2 -45.83 18.88 -96.30
C ARG Z 2 -45.50 17.40 -96.44
N GLU Z 3 -45.58 16.87 -97.69
CA GLU Z 3 -45.34 15.46 -97.88
C GLU Z 3 -44.45 15.25 -99.12
N VAL Z 4 -43.95 14.02 -99.22
CA VAL Z 4 -43.14 13.61 -100.35
C VAL Z 4 -43.62 12.26 -100.82
N ILE Z 5 -43.61 12.06 -102.15
CA ILE Z 5 -44.08 10.84 -102.75
C ILE Z 5 -42.88 10.01 -103.21
N SER Z 6 -42.84 8.76 -102.78
CA SER Z 6 -41.77 7.84 -103.16
C SER Z 6 -42.24 6.94 -104.30
N ILE Z 7 -41.42 6.84 -105.34
CA ILE Z 7 -41.70 5.99 -106.47
C ILE Z 7 -40.60 4.93 -106.55
N HIS Z 8 -41.00 3.67 -106.63
CA HIS Z 8 -40.07 2.56 -106.71
C HIS Z 8 -40.30 1.79 -107.98
N VAL Z 9 -39.36 1.86 -108.92
CA VAL Z 9 -39.52 1.22 -110.20
C VAL Z 9 -38.37 0.25 -110.41
N GLY Z 10 -38.67 -0.98 -110.78
CA GLY Z 10 -37.61 -1.93 -111.05
C GLY Z 10 -37.40 -2.83 -109.84
N GLN Z 11 -36.66 -3.92 -110.08
CA GLN Z 11 -36.44 -4.95 -109.07
C GLN Z 11 -35.61 -4.41 -107.93
N ALA Z 12 -34.56 -3.59 -108.24
CA ALA Z 12 -33.75 -3.00 -107.22
C ALA Z 12 -34.55 -2.06 -106.33
N GLY Z 13 -35.40 -1.27 -107.02
CA GLY Z 13 -36.22 -0.27 -106.35
C GLY Z 13 -37.19 -0.94 -105.40
N ILE Z 14 -37.75 -2.13 -105.75
CA ILE Z 14 -38.74 -2.71 -104.92
C ILE Z 14 -38.18 -3.16 -103.55
N GLN Z 15 -37.07 -3.87 -103.60
CA GLN Z 15 -36.47 -4.37 -102.37
C GLN Z 15 -35.78 -3.26 -101.58
N ILE Z 16 -35.32 -2.19 -102.27
CA ILE Z 16 -34.87 -1.02 -101.54
C ILE Z 16 -36.06 -0.36 -100.85
N GLY Z 17 -37.20 -0.33 -101.52
CA GLY Z 17 -38.43 0.19 -100.94
C GLY Z 17 -38.94 -0.66 -99.79
N ASN Z 18 -38.69 -1.96 -99.86
CA ASN Z 18 -39.04 -2.88 -98.81
C ASN Z 18 -38.26 -2.56 -97.54
N ALA Z 19 -36.97 -2.26 -97.72
CA ALA Z 19 -36.12 -1.93 -96.59
C ALA Z 19 -36.47 -0.54 -96.05
N CYS Z 20 -36.83 0.37 -96.98
CA CYS Z 20 -36.99 1.78 -96.55
C CYS Z 20 -38.29 1.93 -95.83
N TRP Z 21 -39.33 1.18 -96.25
CA TRP Z 21 -40.61 1.25 -95.52
C TRP Z 21 -40.63 0.35 -94.33
N GLU Z 22 -39.64 -0.54 -94.17
CA GLU Z 22 -39.44 -1.24 -92.89
C GLU Z 22 -39.01 -0.24 -91.81
N LEU Z 23 -38.11 0.63 -92.22
CA LEU Z 23 -37.45 1.56 -91.30
C LEU Z 23 -38.44 2.65 -90.90
N PHE Z 24 -39.22 3.13 -91.86
CA PHE Z 24 -40.20 4.19 -91.61
C PHE Z 24 -41.31 3.75 -90.70
N CYS Z 25 -41.68 2.49 -90.75
CA CYS Z 25 -42.69 1.93 -89.84
C CYS Z 25 -42.15 1.91 -88.41
N LEU Z 26 -40.90 1.53 -88.25
CA LEU Z 26 -40.35 1.38 -86.90
C LEU Z 26 -40.01 2.73 -86.28
N GLU Z 27 -39.68 3.72 -87.12
CA GLU Z 27 -39.30 5.02 -86.59
C GLU Z 27 -40.53 5.76 -86.02
N HIS Z 28 -41.68 5.59 -86.69
CA HIS Z 28 -42.91 6.19 -86.22
C HIS Z 28 -43.72 5.28 -85.34
N GLY Z 29 -43.25 4.05 -85.17
CA GLY Z 29 -43.91 3.07 -84.30
C GLY Z 29 -45.24 2.59 -84.87
N ILE Z 30 -45.41 2.54 -86.18
CA ILE Z 30 -46.65 2.08 -86.77
C ILE Z 30 -46.48 0.61 -87.10
N GLN Z 31 -47.41 -0.22 -86.57
CA GLN Z 31 -47.19 -1.67 -86.70
C GLN Z 31 -47.62 -2.14 -88.09
N PRO Z 32 -47.07 -3.27 -88.57
CA PRO Z 32 -47.33 -3.74 -89.93
C PRO Z 32 -48.77 -3.90 -90.36
N ASP Z 33 -49.72 -3.94 -89.45
CA ASP Z 33 -51.13 -3.82 -89.80
C ASP Z 33 -51.46 -2.45 -90.38
N GLY Z 34 -50.89 -1.43 -89.79
CA GLY Z 34 -51.05 -0.06 -90.37
C GLY Z 34 -51.60 0.91 -89.34
N GLN Z 35 -51.69 0.49 -88.06
CA GLN Z 35 -52.00 1.44 -87.00
C GLN Z 35 -50.82 1.46 -86.02
N MET Z 36 -50.97 2.34 -85.09
CA MET Z 36 -50.07 2.44 -83.92
C MET Z 36 -50.86 1.96 -82.70
N PRO Z 37 -50.22 1.28 -81.73
CA PRO Z 37 -50.83 1.05 -80.41
C PRO Z 37 -50.78 2.30 -79.51
N ASP Z 47 -48.70 14.62 -85.62
CA ASP Z 47 -48.79 14.94 -87.07
C ASP Z 47 -47.40 15.07 -87.68
N ALA Z 48 -46.44 14.45 -87.00
CA ALA Z 48 -45.04 14.40 -87.45
C ALA Z 48 -44.88 13.47 -88.69
N PHE Z 49 -45.72 12.47 -88.74
CA PHE Z 49 -45.62 11.40 -89.71
C PHE Z 49 -46.50 11.65 -90.91
N ASN Z 50 -46.96 12.90 -91.09
CA ASN Z 50 -47.68 13.27 -92.30
C ASN Z 50 -46.77 13.31 -93.54
N THR Z 51 -45.46 13.34 -93.32
CA THR Z 51 -44.58 13.57 -94.46
C THR Z 51 -44.37 12.31 -95.31
N PHE Z 52 -44.65 11.14 -94.74
CA PHE Z 52 -44.47 9.86 -95.39
C PHE Z 52 -45.72 9.02 -95.32
N PHE Z 53 -46.63 9.28 -94.36
CA PHE Z 53 -47.79 8.40 -94.18
C PHE Z 53 -49.06 9.25 -94.24
N SER Z 54 -50.14 8.65 -94.73
CA SER Z 54 -51.44 9.28 -94.72
C SER Z 54 -52.22 8.78 -93.52
N GLU Z 55 -53.47 9.24 -93.42
CA GLU Z 55 -54.37 8.71 -92.38
C GLU Z 55 -55.58 8.16 -93.11
N THR Z 56 -55.86 6.88 -92.93
CA THR Z 56 -57.12 6.32 -93.36
C THR Z 56 -58.04 6.18 -92.19
N GLY Z 57 -58.49 7.36 -91.72
CA GLY Z 57 -59.50 7.50 -90.65
C GLY Z 57 -58.97 7.00 -89.32
N ALA Z 58 -59.69 6.08 -88.67
CA ALA Z 58 -59.50 5.66 -87.32
C ALA Z 58 -58.22 4.82 -87.09
N GLY Z 59 -57.13 5.58 -87.03
CA GLY Z 59 -55.84 5.04 -86.58
C GLY Z 59 -55.06 4.31 -87.67
N LYS Z 60 -55.63 4.13 -88.85
CA LYS Z 60 -54.87 3.48 -89.91
C LYS Z 60 -53.99 4.48 -90.66
N HIS Z 61 -52.78 4.07 -91.00
CA HIS Z 61 -51.87 4.86 -91.78
C HIS Z 61 -51.43 4.09 -93.01
N VAL Z 62 -51.43 4.76 -94.16
CA VAL Z 62 -51.01 4.13 -95.40
C VAL Z 62 -49.84 4.90 -95.95
N PRO Z 63 -48.78 4.24 -96.46
CA PRO Z 63 -47.64 4.94 -97.03
C PRO Z 63 -47.97 5.69 -98.30
N ARG Z 64 -47.19 6.73 -98.55
CA ARG Z 64 -47.25 7.51 -99.78
C ARG Z 64 -46.23 6.96 -100.76
N CYS Z 65 -46.48 5.72 -101.23
CA CYS Z 65 -45.53 5.15 -102.18
C CYS Z 65 -46.30 4.42 -103.28
N VAL Z 66 -45.62 4.27 -104.42
CA VAL Z 66 -46.08 3.38 -105.48
C VAL Z 66 -44.95 2.41 -105.82
N PHE Z 67 -45.34 1.16 -105.98
CA PHE Z 67 -44.45 0.10 -106.42
C PHE Z 67 -44.78 -0.28 -107.83
N LEU Z 68 -43.79 -0.18 -108.72
CA LEU Z 68 -43.96 -0.51 -110.12
C LEU Z 68 -42.90 -1.58 -110.48
N ASP Z 69 -43.39 -2.67 -111.03
CA ASP Z 69 -42.48 -3.64 -111.63
C ASP Z 69 -43.20 -4.45 -112.68
N LEU Z 70 -42.53 -4.73 -113.77
CA LEU Z 70 -43.18 -5.51 -114.83
C LEU Z 70 -43.15 -7.02 -114.57
N GLU Z 71 -42.10 -7.41 -113.79
CA GLU Z 71 -42.02 -8.81 -113.37
C GLU Z 71 -42.95 -8.99 -112.17
N PRO Z 72 -43.88 -9.96 -112.20
CA PRO Z 72 -44.85 -10.06 -111.11
C PRO Z 72 -44.32 -10.72 -109.85
N THR Z 73 -43.15 -11.40 -109.95
CA THR Z 73 -42.69 -12.25 -108.88
C THR Z 73 -42.19 -11.47 -107.67
N VAL Z 74 -41.96 -10.16 -107.80
CA VAL Z 74 -41.46 -9.36 -106.70
C VAL Z 74 -42.58 -8.54 -106.07
N VAL Z 75 -43.63 -8.24 -106.82
CA VAL Z 75 -44.71 -7.43 -106.28
C VAL Z 75 -45.77 -8.33 -105.61
N ASP Z 76 -45.97 -9.53 -106.16
CA ASP Z 76 -46.94 -10.42 -105.51
C ASP Z 76 -46.35 -11.01 -104.25
N GLU Z 77 -45.02 -11.11 -104.19
CA GLU Z 77 -44.35 -11.66 -103.02
C GLU Z 77 -44.40 -10.66 -101.85
N VAL Z 78 -44.50 -9.35 -102.20
CA VAL Z 78 -44.71 -8.40 -101.12
C VAL Z 78 -46.19 -8.39 -100.74
N ARG Z 79 -47.09 -8.67 -101.69
CA ARG Z 79 -48.52 -8.72 -101.40
C ARG Z 79 -48.86 -9.89 -100.48
N THR Z 80 -48.00 -10.92 -100.44
CA THR Z 80 -48.29 -12.07 -99.60
C THR Z 80 -47.33 -12.15 -98.43
N GLY Z 81 -46.43 -11.20 -98.27
CA GLY Z 81 -45.41 -11.16 -97.23
C GLY Z 81 -45.95 -10.71 -95.89
N THR Z 82 -45.09 -10.07 -95.08
CA THR Z 82 -45.49 -9.59 -93.76
C THR Z 82 -46.38 -8.33 -93.91
N TYR Z 83 -45.95 -7.43 -94.78
CA TYR Z 83 -46.61 -6.13 -94.92
C TYR Z 83 -47.70 -6.19 -95.97
N ARG Z 84 -48.71 -7.00 -95.69
CA ARG Z 84 -49.77 -7.18 -96.68
C ARG Z 84 -50.74 -6.00 -96.62
N HIS Z 85 -51.11 -5.61 -95.41
CA HIS Z 85 -52.16 -4.62 -95.22
C HIS Z 85 -51.60 -3.24 -94.95
N LEU Z 86 -50.27 -3.09 -94.99
CA LEU Z 86 -49.69 -1.78 -94.85
C LEU Z 86 -50.02 -0.92 -96.09
N PHE Z 87 -49.82 -1.53 -97.26
CA PHE Z 87 -49.92 -0.79 -98.50
C PHE Z 87 -51.36 -0.89 -99.01
N HIS Z 88 -51.76 0.15 -99.70
CA HIS Z 88 -53.01 0.14 -100.45
C HIS Z 88 -52.91 -0.89 -101.55
N PRO Z 89 -53.96 -1.68 -101.80
CA PRO Z 89 -53.92 -2.74 -102.80
C PRO Z 89 -53.53 -2.36 -104.22
N GLU Z 90 -53.79 -1.11 -104.62
CA GLU Z 90 -53.37 -0.71 -105.97
C GLU Z 90 -52.25 0.35 -105.89
N GLN Z 91 -51.57 0.46 -104.77
CA GLN Z 91 -50.26 1.08 -104.78
C GLN Z 91 -49.15 0.12 -105.25
N LEU Z 92 -49.46 -1.17 -105.34
CA LEU Z 92 -48.51 -2.14 -105.82
C LEU Z 92 -49.02 -2.56 -107.18
N ILE Z 93 -48.40 -2.01 -108.22
CA ILE Z 93 -48.77 -2.29 -109.61
C ILE Z 93 -47.80 -3.30 -110.19
N SER Z 94 -48.34 -4.38 -110.76
CA SER Z 94 -47.52 -5.43 -111.35
C SER Z 94 -47.93 -5.61 -112.80
N GLY Z 95 -46.91 -5.90 -113.61
CA GLY Z 95 -47.10 -6.23 -115.01
C GLY Z 95 -47.31 -7.72 -115.17
N LYS Z 96 -47.03 -8.20 -116.38
CA LYS Z 96 -47.24 -9.57 -116.74
C LYS Z 96 -45.90 -10.22 -117.10
N GLU Z 97 -45.10 -9.53 -117.93
CA GLU Z 97 -43.84 -10.05 -118.39
C GLU Z 97 -42.74 -9.05 -118.12
N ASP Z 98 -41.53 -9.56 -117.91
CA ASP Z 98 -40.35 -8.79 -117.58
C ASP Z 98 -39.91 -7.94 -118.76
N ALA Z 99 -39.23 -6.84 -118.46
CA ALA Z 99 -38.60 -6.04 -119.54
C ALA Z 99 -37.32 -6.74 -119.97
N ALA Z 100 -36.62 -7.50 -119.09
CA ALA Z 100 -35.53 -8.36 -119.49
C ALA Z 100 -34.38 -7.63 -120.18
N ASN Z 101 -33.78 -6.71 -119.43
CA ASN Z 101 -32.52 -6.04 -119.79
C ASN Z 101 -32.58 -5.37 -121.15
N ASN Z 102 -33.78 -4.93 -121.52
CA ASN Z 102 -33.95 -4.28 -122.81
C ASN Z 102 -34.57 -2.91 -122.51
N PHE Z 103 -33.83 -1.87 -122.91
CA PHE Z 103 -34.33 -0.53 -122.72
C PHE Z 103 -35.55 -0.29 -123.61
N ALA Z 104 -35.53 -0.83 -124.80
CA ALA Z 104 -36.57 -0.66 -125.79
C ALA Z 104 -37.86 -1.33 -125.32
N ARG Z 105 -37.78 -2.43 -124.59
CA ARG Z 105 -38.96 -3.11 -124.12
C ARG Z 105 -39.63 -2.27 -123.02
N GLY Z 106 -38.83 -1.74 -122.11
CA GLY Z 106 -39.30 -0.97 -120.98
C GLY Z 106 -39.89 0.38 -121.38
N HIS Z 107 -39.49 0.90 -122.52
CA HIS Z 107 -39.81 2.24 -122.96
C HIS Z 107 -40.97 2.26 -123.96
N TYR Z 108 -41.01 1.29 -124.89
CA TYR Z 108 -41.87 1.44 -126.05
C TYR Z 108 -43.00 0.41 -126.07
N THR Z 109 -42.69 -0.85 -125.88
CA THR Z 109 -43.63 -1.90 -126.24
C THR Z 109 -44.47 -2.28 -125.04
N ILE Z 110 -43.84 -2.76 -123.96
CA ILE Z 110 -44.66 -3.30 -122.89
C ILE Z 110 -44.88 -2.28 -121.75
N GLY Z 111 -44.11 -1.22 -121.75
CA GLY Z 111 -44.20 -0.21 -120.73
C GLY Z 111 -45.40 0.69 -120.84
N LYS Z 112 -46.00 0.81 -122.02
CA LYS Z 112 -47.05 1.79 -122.23
C LYS Z 112 -48.38 1.42 -121.54
N GLU Z 113 -48.56 0.11 -121.29
CA GLU Z 113 -49.79 -0.38 -120.71
C GLU Z 113 -49.84 -0.14 -119.21
N ILE Z 114 -48.71 0.11 -118.57
CA ILE Z 114 -48.65 0.15 -117.12
C ILE Z 114 -48.44 1.59 -116.63
N VAL Z 115 -47.92 2.48 -117.50
CA VAL Z 115 -47.60 3.82 -117.03
C VAL Z 115 -48.88 4.60 -116.81
N ASP Z 116 -49.89 4.37 -117.64
CA ASP Z 116 -51.18 5.06 -117.47
C ASP Z 116 -51.84 4.71 -116.16
N LEU Z 117 -51.74 3.45 -115.75
CA LEU Z 117 -52.27 3.03 -114.45
C LEU Z 117 -51.44 3.61 -113.31
N SER Z 118 -50.14 3.79 -113.54
CA SER Z 118 -49.25 4.30 -112.52
C SER Z 118 -49.52 5.80 -112.26
N LEU Z 119 -49.69 6.54 -113.34
CA LEU Z 119 -49.95 7.96 -113.25
C LEU Z 119 -51.29 8.30 -112.68
N ASP Z 120 -52.25 7.40 -112.79
CA ASP Z 120 -53.54 7.59 -112.12
C ASP Z 120 -53.37 7.58 -110.59
N ARG Z 121 -52.52 6.70 -110.12
CA ARG Z 121 -52.23 6.57 -108.70
C ARG Z 121 -51.43 7.78 -108.20
N ILE Z 122 -50.47 8.25 -109.00
CA ILE Z 122 -49.68 9.40 -108.57
C ILE Z 122 -50.55 10.66 -108.54
N ARG Z 123 -51.46 10.79 -109.47
CA ARG Z 123 -52.34 11.95 -109.54
C ARG Z 123 -53.29 12.00 -108.34
N LYS Z 124 -53.80 10.85 -107.94
CA LYS Z 124 -54.69 10.77 -106.79
C LYS Z 124 -53.93 11.07 -105.49
N LEU Z 125 -52.64 10.75 -105.46
CA LEU Z 125 -51.85 10.99 -104.27
C LEU Z 125 -51.34 12.45 -104.22
N ALA Z 126 -51.23 13.09 -105.37
CA ALA Z 126 -50.70 14.45 -105.45
C ALA Z 126 -51.77 15.52 -105.36
N ASP Z 127 -53.03 15.14 -105.50
CA ASP Z 127 -54.19 15.98 -105.31
C ASP Z 127 -54.68 16.01 -103.88
N ASN Z 128 -53.96 15.35 -102.94
CA ASN Z 128 -54.39 15.33 -101.56
C ASN Z 128 -54.19 16.70 -100.92
N CYS Z 129 -53.01 17.26 -101.07
CA CYS Z 129 -52.66 18.54 -100.44
C CYS Z 129 -51.62 19.18 -101.31
N THR Z 130 -51.69 20.54 -101.47
CA THR Z 130 -50.60 21.25 -102.10
C THR Z 130 -49.47 21.47 -101.09
N GLY Z 131 -48.38 22.01 -101.61
CA GLY Z 131 -47.12 22.04 -100.88
C GLY Z 131 -46.48 20.66 -100.84
N LEU Z 132 -46.74 19.85 -101.89
CA LEU Z 132 -45.98 18.63 -102.13
C LEU Z 132 -44.51 18.93 -102.34
N GLN Z 133 -43.66 18.39 -101.44
CA GLN Z 133 -42.28 18.78 -101.40
C GLN Z 133 -41.49 18.26 -102.60
N GLY Z 134 -41.71 16.98 -102.95
CA GLY Z 134 -41.04 16.49 -104.14
C GLY Z 134 -41.32 15.01 -104.38
N PHE Z 135 -40.52 14.42 -105.27
CA PHE Z 135 -40.62 13.00 -105.57
C PHE Z 135 -39.31 12.33 -105.30
N LEU Z 136 -39.28 11.26 -104.47
CA LEU Z 136 -38.15 10.34 -104.46
C LEU Z 136 -38.34 9.15 -105.41
N MET Z 137 -37.40 8.90 -106.25
CA MET Z 137 -37.51 7.80 -107.18
C MET Z 137 -36.33 6.87 -107.05
N PHE Z 138 -36.61 5.57 -106.94
CA PHE Z 138 -35.57 4.58 -106.71
C PHE Z 138 -35.54 3.58 -107.86
N ASN Z 139 -34.39 3.43 -108.50
CA ASN Z 139 -34.36 2.54 -109.63
C ASN Z 139 -32.98 1.96 -109.84
N ALA Z 140 -32.97 0.82 -110.54
CA ALA Z 140 -31.79 0.31 -111.20
C ALA Z 140 -31.64 0.85 -112.63
N VAL Z 141 -30.36 0.99 -112.92
CA VAL Z 141 -29.90 1.58 -114.19
C VAL Z 141 -29.36 0.48 -115.09
N GLY Z 142 -28.82 -0.61 -114.56
CA GLY Z 142 -28.29 -1.68 -115.37
C GLY Z 142 -29.38 -2.60 -115.95
N GLY Z 143 -30.54 -2.60 -115.28
CA GLY Z 143 -31.60 -3.50 -115.72
C GLY Z 143 -32.51 -2.87 -116.77
N GLY Z 144 -33.60 -3.59 -117.06
CA GLY Z 144 -34.54 -3.19 -118.07
C GLY Z 144 -35.63 -2.27 -117.53
N THR Z 145 -36.40 -2.75 -116.56
CA THR Z 145 -37.57 -2.00 -116.13
C THR Z 145 -37.22 -0.86 -115.21
N GLY Z 146 -36.09 -0.96 -114.53
CA GLY Z 146 -35.51 0.13 -113.75
C GLY Z 146 -35.16 1.32 -114.68
N SER Z 147 -34.70 1.02 -115.89
CA SER Z 147 -34.19 2.06 -116.75
C SER Z 147 -35.27 2.60 -117.71
N GLY Z 148 -35.91 1.62 -118.38
CA GLY Z 148 -36.84 1.88 -119.47
C GLY Z 148 -38.13 2.50 -118.93
N LEU Z 149 -38.75 1.83 -117.96
CA LEU Z 149 -39.97 2.31 -117.39
C LEU Z 149 -39.77 3.59 -116.60
N GLY Z 150 -38.57 3.75 -116.03
CA GLY Z 150 -38.25 4.95 -115.28
C GLY Z 150 -38.27 6.19 -116.16
N CYS Z 151 -37.74 6.07 -117.38
CA CYS Z 151 -37.68 7.19 -118.28
C CYS Z 151 -39.08 7.59 -118.73
N LEU Z 152 -39.93 6.57 -119.05
CA LEU Z 152 -41.28 6.84 -119.46
C LEU Z 152 -42.07 7.51 -118.35
N LEU Z 153 -41.80 7.12 -117.11
CA LEU Z 153 -42.46 7.76 -115.98
C LEU Z 153 -42.00 9.20 -115.79
N LEU Z 154 -40.70 9.42 -115.95
CA LEU Z 154 -40.15 10.72 -115.56
C LEU Z 154 -40.40 11.75 -116.64
N GLU Z 155 -40.47 11.34 -117.89
CA GLU Z 155 -40.82 12.30 -118.95
C GLU Z 155 -42.27 12.79 -118.77
N ARG Z 156 -43.16 11.85 -118.41
CA ARG Z 156 -44.55 12.25 -118.28
C ARG Z 156 -44.82 13.02 -117.00
N LEU Z 157 -44.05 12.73 -115.96
CA LEU Z 157 -44.16 13.47 -114.70
C LEU Z 157 -43.60 14.87 -114.84
N SER Z 158 -42.58 15.05 -115.70
CA SER Z 158 -42.01 16.36 -115.93
C SER Z 158 -42.98 17.31 -116.63
N VAL Z 159 -43.81 16.78 -117.49
CA VAL Z 159 -44.78 17.55 -118.25
C VAL Z 159 -45.94 17.99 -117.36
N ASP Z 160 -46.38 17.15 -116.41
CA ASP Z 160 -47.53 17.50 -115.61
C ASP Z 160 -47.11 18.30 -114.38
N TYR Z 161 -46.24 17.69 -113.57
CA TYR Z 161 -45.78 18.30 -112.32
C TYR Z 161 -44.39 18.86 -112.53
N GLY Z 162 -44.33 20.01 -113.19
CA GLY Z 162 -43.08 20.53 -113.75
C GLY Z 162 -42.16 21.10 -112.67
N LYS Z 163 -42.78 21.86 -111.77
CA LYS Z 163 -42.06 22.76 -110.87
C LYS Z 163 -41.55 22.07 -109.59
N LYS Z 164 -41.97 20.81 -109.40
CA LYS Z 164 -41.55 20.08 -108.21
C LYS Z 164 -40.18 19.47 -108.39
N SER Z 165 -39.44 19.42 -107.28
CA SER Z 165 -38.08 18.88 -107.31
C SER Z 165 -38.15 17.34 -107.33
N LYS Z 166 -37.28 16.69 -108.06
CA LYS Z 166 -37.28 15.26 -108.19
C LYS Z 166 -35.91 14.68 -107.86
N LEU Z 167 -35.87 13.83 -106.84
CA LEU Z 167 -34.65 13.14 -106.47
C LEU Z 167 -34.67 11.76 -107.12
N ASN Z 168 -33.49 11.33 -107.61
CA ASN Z 168 -33.27 10.00 -108.10
C ASN Z 168 -32.20 9.32 -107.20
N PHE Z 169 -32.40 7.99 -107.06
CA PHE Z 169 -31.37 7.14 -106.48
C PHE Z 169 -31.09 6.05 -107.45
N CYS Z 170 -30.05 6.22 -108.28
CA CYS Z 170 -29.66 5.20 -109.23
C CYS Z 170 -28.65 4.21 -108.65
N SER Z 171 -28.94 2.93 -108.86
CA SER Z 171 -27.95 1.88 -108.64
C SER Z 171 -26.99 1.77 -109.82
N TRP Z 172 -26.05 2.65 -109.88
CA TRP Z 172 -25.02 2.72 -110.93
C TRP Z 172 -24.11 1.54 -110.90
N PRO Z 173 -23.67 0.99 -112.02
CA PRO Z 173 -22.82 -0.21 -112.01
C PRO Z 173 -21.47 0.01 -111.35
N SER Z 174 -20.99 -1.02 -110.69
CA SER Z 174 -19.59 -1.17 -110.30
C SER Z 174 -18.69 -1.34 -111.52
N PRO Z 175 -17.42 -0.85 -111.48
CA PRO Z 175 -16.49 -1.18 -112.55
C PRO Z 175 -16.16 -2.67 -112.69
N GLN Z 176 -16.30 -3.44 -111.60
CA GLN Z 176 -15.95 -4.85 -111.63
C GLN Z 176 -17.16 -5.77 -111.70
N VAL Z 177 -18.18 -5.52 -110.86
CA VAL Z 177 -19.36 -6.37 -110.85
C VAL Z 177 -20.39 -5.76 -111.78
N SER Z 178 -20.97 -6.56 -112.67
CA SER Z 178 -21.98 -6.06 -113.57
C SER Z 178 -23.26 -6.91 -113.53
N THR Z 179 -23.12 -8.25 -113.49
CA THR Z 179 -24.21 -9.21 -113.58
C THR Z 179 -25.02 -9.06 -114.86
N ALA Z 180 -24.43 -8.45 -115.89
CA ALA Z 180 -25.03 -8.31 -117.20
C ALA Z 180 -23.96 -7.87 -118.19
N VAL Z 181 -24.14 -8.26 -119.45
CA VAL Z 181 -23.22 -7.81 -120.49
C VAL Z 181 -23.86 -6.74 -121.35
N VAL Z 182 -25.18 -6.62 -121.33
CA VAL Z 182 -25.88 -5.58 -122.07
C VAL Z 182 -26.12 -4.37 -121.19
N GLU Z 183 -25.54 -4.40 -119.94
CA GLU Z 183 -25.76 -3.32 -119.01
C GLU Z 183 -25.19 -1.97 -119.46
N PRO Z 184 -24.05 -1.84 -120.20
CA PRO Z 184 -23.65 -0.50 -120.65
C PRO Z 184 -24.68 0.15 -121.59
N TYR Z 185 -25.40 -0.69 -122.38
CA TYR Z 185 -26.42 -0.17 -123.24
C TYR Z 185 -27.62 0.32 -122.47
N ASN Z 186 -28.02 -0.39 -121.41
CA ASN Z 186 -29.13 0.05 -120.59
C ASN Z 186 -28.74 1.31 -119.79
N SER Z 187 -27.44 1.45 -119.43
CA SER Z 187 -27.00 2.49 -118.59
C SER Z 187 -26.87 3.79 -119.38
N VAL Z 188 -26.33 3.76 -120.60
CA VAL Z 188 -26.09 5.05 -121.28
C VAL Z 188 -27.41 5.62 -121.76
N LEU Z 189 -28.31 4.71 -122.25
CA LEU Z 189 -29.60 5.17 -122.74
C LEU Z 189 -30.53 5.66 -121.64
N SER Z 190 -30.30 5.22 -120.36
CA SER Z 190 -30.85 5.93 -119.23
C SER Z 190 -30.19 7.28 -119.02
N THR Z 191 -28.89 7.38 -119.26
CA THR Z 191 -28.16 8.58 -118.91
C THR Z 191 -28.59 9.81 -119.71
N HIS Z 192 -28.98 9.56 -120.94
CA HIS Z 192 -29.53 10.59 -121.80
C HIS Z 192 -30.82 11.13 -121.23
N SER Z 193 -31.62 10.22 -120.71
CA SER Z 193 -32.98 10.53 -120.28
C SER Z 193 -33.03 10.88 -118.79
N LEU Z 194 -31.91 10.75 -118.03
CA LEU Z 194 -31.85 11.22 -116.69
C LEU Z 194 -31.09 12.52 -116.56
N LEU Z 195 -30.31 12.92 -117.57
CA LEU Z 195 -29.64 14.21 -117.54
C LEU Z 195 -30.62 15.36 -117.68
N GLU Z 196 -31.62 15.22 -118.51
CA GLU Z 196 -32.57 16.28 -118.77
C GLU Z 196 -33.84 16.16 -117.94
N HIS Z 197 -33.94 15.10 -117.06
CA HIS Z 197 -35.10 15.05 -116.22
C HIS Z 197 -34.83 15.04 -114.71
N THR Z 198 -33.66 14.65 -114.31
CA THR Z 198 -33.53 14.41 -112.84
C THR Z 198 -32.88 15.60 -112.24
N ASP Z 199 -33.36 16.08 -111.09
CA ASP Z 199 -32.83 17.34 -110.54
C ASP Z 199 -31.62 17.09 -109.61
N VAL Z 200 -31.68 16.03 -108.80
CA VAL Z 200 -30.51 15.52 -108.11
C VAL Z 200 -30.53 13.98 -108.24
N ALA Z 201 -29.45 13.43 -108.82
CA ALA Z 201 -29.29 12.00 -108.88
C ALA Z 201 -28.10 11.53 -108.05
N VAL Z 202 -28.32 10.57 -107.20
CA VAL Z 202 -27.31 10.10 -106.25
C VAL Z 202 -26.86 8.70 -106.66
N MET Z 203 -25.54 8.52 -106.83
CA MET Z 203 -25.05 7.28 -107.37
C MET Z 203 -24.65 6.35 -106.23
N LEU Z 204 -25.42 5.22 -106.10
CA LEU Z 204 -25.12 4.25 -105.09
C LEU Z 204 -24.66 2.96 -105.81
N ASP Z 205 -23.46 2.56 -105.41
CA ASP Z 205 -22.71 1.56 -106.15
C ASP Z 205 -22.52 0.31 -105.31
N ASN Z 206 -22.54 -0.86 -105.97
CA ASN Z 206 -22.68 -2.10 -105.24
C ASN Z 206 -21.39 -2.53 -104.55
N GLU Z 207 -20.26 -2.36 -105.22
CA GLU Z 207 -19.02 -2.82 -104.61
C GLU Z 207 -18.53 -1.84 -103.55
N ALA Z 208 -19.04 -0.61 -103.57
CA ALA Z 208 -18.76 0.32 -102.49
C ALA Z 208 -19.45 -0.15 -101.20
N ILE Z 209 -20.68 -0.62 -101.31
CA ILE Z 209 -21.40 -1.10 -100.13
C ILE Z 209 -20.88 -2.48 -99.73
N TYR Z 210 -20.34 -3.22 -100.71
CA TYR Z 210 -19.71 -4.50 -100.45
C TYR Z 210 -18.51 -4.31 -99.52
N ASP Z 211 -17.67 -3.34 -99.85
CA ASP Z 211 -16.39 -3.26 -99.13
C ASP Z 211 -16.62 -2.48 -97.85
N ILE Z 212 -17.67 -1.63 -97.77
CA ILE Z 212 -17.85 -0.88 -96.53
C ILE Z 212 -18.22 -1.80 -95.39
N CYS Z 213 -19.01 -2.79 -95.61
CA CYS Z 213 -19.29 -3.85 -94.65
C CYS Z 213 -18.10 -4.79 -94.56
N ARG Z 214 -17.13 -4.75 -95.38
CA ARG Z 214 -15.98 -5.63 -95.34
C ARG Z 214 -14.98 -5.16 -94.26
N ARG Z 215 -14.67 -3.87 -94.34
CA ARG Z 215 -13.70 -3.20 -93.54
C ARG Z 215 -14.31 -2.65 -92.26
N ASN Z 216 -15.58 -2.17 -92.24
CA ASN Z 216 -16.11 -1.69 -90.99
C ASN Z 216 -16.81 -2.78 -90.20
N LEU Z 217 -17.73 -3.48 -90.87
CA LEU Z 217 -18.62 -4.39 -90.15
C LEU Z 217 -18.05 -5.78 -90.00
N ASP Z 218 -16.93 -6.04 -90.76
CA ASP Z 218 -16.19 -7.30 -90.74
C ASP Z 218 -17.10 -8.48 -91.05
N ILE Z 219 -17.97 -8.33 -92.02
CA ILE Z 219 -18.96 -9.34 -92.37
C ILE Z 219 -18.56 -9.77 -93.77
N GLU Z 220 -18.22 -11.05 -93.93
CA GLU Z 220 -17.72 -11.54 -95.20
C GLU Z 220 -18.88 -11.84 -96.14
N ARG Z 221 -19.96 -12.46 -95.57
CA ARG Z 221 -20.99 -12.97 -96.47
C ARG Z 221 -22.40 -12.53 -96.11
N PRO Z 222 -22.74 -11.23 -96.13
CA PRO Z 222 -24.17 -10.88 -96.12
C PRO Z 222 -24.67 -10.79 -97.55
N THR Z 223 -25.97 -10.58 -97.68
CA THR Z 223 -26.68 -10.57 -98.95
C THR Z 223 -27.16 -9.18 -99.30
N TYR Z 224 -27.96 -9.07 -100.36
CA TYR Z 224 -28.44 -7.80 -100.84
C TYR Z 224 -29.40 -7.15 -99.83
N THR Z 225 -30.04 -7.92 -98.95
CA THR Z 225 -30.91 -7.32 -97.96
C THR Z 225 -30.15 -6.53 -96.91
N ASN Z 226 -28.87 -6.88 -96.65
CA ASN Z 226 -28.04 -6.10 -95.78
C ASN Z 226 -27.57 -4.79 -96.41
N LEU Z 227 -27.42 -4.81 -97.72
CA LEU Z 227 -27.07 -3.62 -98.48
C LEU Z 227 -28.24 -2.63 -98.45
N ASN Z 228 -29.48 -3.14 -98.53
CA ASN Z 228 -30.64 -2.31 -98.56
C ASN Z 228 -30.95 -1.65 -97.20
N ARG Z 229 -30.50 -2.24 -96.11
CA ARG Z 229 -30.56 -1.65 -94.81
C ARG Z 229 -29.76 -0.35 -94.74
N LEU Z 230 -28.56 -0.39 -95.33
CA LEU Z 230 -27.63 0.72 -95.35
C LEU Z 230 -28.19 1.84 -96.22
N ILE Z 231 -28.87 1.47 -97.33
CA ILE Z 231 -29.47 2.45 -98.20
C ILE Z 231 -30.65 3.10 -97.48
N ALA Z 232 -31.38 2.30 -96.68
CA ALA Z 232 -32.54 2.80 -95.96
C ALA Z 232 -32.13 3.81 -94.91
N GLN Z 233 -30.94 3.63 -94.31
CA GLN Z 233 -30.46 4.55 -93.29
C GLN Z 233 -30.10 5.89 -93.92
N VAL Z 234 -29.64 5.90 -95.18
CA VAL Z 234 -29.27 7.12 -95.83
C VAL Z 234 -30.53 7.92 -96.14
N ILE Z 235 -31.57 7.24 -96.62
CA ILE Z 235 -32.79 7.93 -97.02
C ILE Z 235 -33.50 8.45 -95.79
N SER Z 236 -33.44 7.70 -94.68
CA SER Z 236 -34.06 8.17 -93.45
C SER Z 236 -33.35 9.39 -92.92
N SER Z 237 -32.03 9.45 -93.03
CA SER Z 237 -31.27 10.58 -92.53
C SER Z 237 -31.47 11.80 -93.43
N LEU Z 238 -31.79 11.56 -94.74
CA LEU Z 238 -31.96 12.68 -95.64
C LEU Z 238 -33.27 13.41 -95.32
N THR Z 239 -34.33 12.62 -95.07
CA THR Z 239 -35.65 13.18 -94.91
C THR Z 239 -36.05 13.27 -93.44
N ALA Z 240 -35.09 13.15 -92.53
CA ALA Z 240 -35.48 13.19 -91.10
C ALA Z 240 -35.78 14.63 -90.70
N SER Z 241 -35.18 15.63 -91.38
CA SER Z 241 -35.39 17.01 -91.03
C SER Z 241 -36.80 17.48 -91.35
N LEU Z 242 -37.43 16.88 -92.39
CA LEU Z 242 -38.86 17.08 -92.59
C LEU Z 242 -39.66 16.37 -91.51
N ARG Z 243 -39.15 15.31 -90.89
CA ARG Z 243 -39.91 14.53 -89.95
C ARG Z 243 -39.89 15.10 -88.53
N PHE Z 244 -38.75 15.52 -88.07
CA PHE Z 244 -38.48 15.86 -86.70
C PHE Z 244 -37.92 17.24 -86.65
N ASP Z 245 -38.17 17.90 -85.52
CA ASP Z 245 -37.64 19.23 -85.24
C ASP Z 245 -36.17 19.12 -84.87
N GLY Z 246 -35.39 20.12 -85.21
CA GLY Z 246 -33.98 20.17 -84.86
C GLY Z 246 -33.49 21.60 -84.72
N ALA Z 247 -32.19 21.71 -84.48
CA ALA Z 247 -31.50 22.98 -84.32
C ALA Z 247 -31.46 23.79 -85.60
N LEU Z 248 -31.19 23.11 -86.71
CA LEU Z 248 -31.05 23.75 -88.01
C LEU Z 248 -31.52 22.73 -89.02
N ASN Z 249 -32.79 22.88 -89.45
CA ASN Z 249 -33.42 21.97 -90.37
C ASN Z 249 -33.05 22.27 -91.85
N VAL Z 250 -33.20 21.22 -92.64
CA VAL Z 250 -32.87 21.26 -94.05
C VAL Z 250 -34.02 20.58 -94.80
N ASP Z 251 -34.45 21.25 -95.89
CA ASP Z 251 -35.56 20.76 -96.70
C ASP Z 251 -35.05 19.99 -97.91
N VAL Z 252 -36.00 19.43 -98.65
CA VAL Z 252 -35.65 18.65 -99.83
C VAL Z 252 -35.37 19.57 -101.01
N THR Z 253 -36.03 20.74 -101.02
CA THR Z 253 -35.74 21.71 -102.08
C THR Z 253 -34.41 22.40 -101.84
N GLU Z 254 -33.82 22.31 -100.67
CA GLU Z 254 -32.51 22.83 -100.39
C GLU Z 254 -31.29 22.24 -101.17
N PHE Z 255 -31.44 20.95 -101.41
CA PHE Z 255 -30.35 20.24 -102.12
C PHE Z 255 -30.29 20.58 -103.60
N GLN Z 256 -31.44 20.82 -104.19
CA GLN Z 256 -31.56 21.27 -105.54
C GLN Z 256 -30.93 22.68 -105.74
N THR Z 257 -31.23 23.55 -104.80
CA THR Z 257 -30.76 24.93 -104.94
C THR Z 257 -29.30 25.04 -104.49
N ASN Z 258 -28.94 24.21 -103.52
CA ASN Z 258 -27.69 24.49 -102.73
C ASN Z 258 -26.52 23.61 -103.19
N LEU Z 259 -26.85 22.47 -103.81
CA LEU Z 259 -25.71 21.58 -104.12
C LEU Z 259 -25.20 21.66 -105.57
N VAL Z 260 -26.12 21.86 -106.51
CA VAL Z 260 -25.82 21.59 -107.91
C VAL Z 260 -25.66 22.91 -108.64
N PRO Z 261 -24.43 23.32 -109.00
CA PRO Z 261 -24.19 24.70 -109.41
C PRO Z 261 -24.63 25.05 -110.82
N TYR Z 262 -24.63 24.05 -111.74
CA TYR Z 262 -25.06 24.25 -113.10
C TYR Z 262 -26.08 23.19 -113.46
N PRO Z 263 -27.00 23.46 -114.40
CA PRO Z 263 -28.13 22.55 -114.66
C PRO Z 263 -27.77 21.12 -115.05
N ARG Z 264 -26.65 20.95 -115.75
CA ARG Z 264 -26.26 19.64 -116.23
C ARG Z 264 -25.42 18.88 -115.21
N ILE Z 265 -24.88 19.55 -114.21
CA ILE Z 265 -23.97 18.94 -113.25
C ILE Z 265 -24.77 18.64 -112.02
N HIS Z 266 -25.39 17.45 -111.93
CA HIS Z 266 -26.20 17.16 -110.76
C HIS Z 266 -26.06 15.69 -110.39
N PHE Z 267 -24.77 15.28 -110.32
CA PHE Z 267 -24.43 13.98 -109.77
C PHE Z 267 -23.82 14.13 -108.39
N MET Z 268 -24.04 13.02 -107.61
CA MET Z 268 -23.66 13.01 -106.20
C MET Z 268 -22.79 11.78 -105.91
N LEU Z 269 -22.05 11.90 -104.79
CA LEU Z 269 -21.42 10.80 -104.09
C LEU Z 269 -21.83 10.82 -102.64
N SER Z 270 -22.41 9.74 -102.08
CA SER Z 270 -22.95 9.80 -100.76
C SER Z 270 -22.13 8.99 -99.76
N SER Z 271 -22.40 9.23 -98.47
CA SER Z 271 -21.67 8.59 -97.41
C SER Z 271 -22.53 8.55 -96.17
N TYR Z 272 -22.28 7.57 -95.31
CA TYR Z 272 -22.92 7.54 -94.01
C TYR Z 272 -21.92 7.14 -92.97
N ALA Z 273 -22.03 7.73 -91.79
CA ALA Z 273 -21.07 7.54 -90.72
C ALA Z 273 -21.77 7.83 -89.41
N PRO Z 274 -21.55 7.07 -88.32
CA PRO Z 274 -20.63 5.93 -88.31
C PRO Z 274 -21.31 4.63 -88.70
N ILE Z 275 -20.72 4.00 -89.72
CA ILE Z 275 -21.19 2.66 -90.09
C ILE Z 275 -20.33 1.58 -89.41
N ILE Z 276 -20.68 1.35 -88.15
CA ILE Z 276 -19.75 0.77 -87.19
C ILE Z 276 -20.52 -0.31 -86.44
N SER Z 277 -19.80 -1.40 -86.11
CA SER Z 277 -20.45 -2.69 -85.89
C SER Z 277 -20.98 -2.75 -84.46
N ALA Z 278 -21.64 -3.85 -84.16
CA ALA Z 278 -22.35 -4.05 -82.91
C ALA Z 278 -21.42 -4.17 -81.71
N GLU Z 279 -20.15 -4.55 -81.95
CA GLU Z 279 -19.24 -4.94 -80.88
C GLU Z 279 -18.07 -3.97 -80.77
N LYS Z 280 -17.67 -3.36 -81.88
CA LYS Z 280 -16.62 -2.34 -81.84
C LYS Z 280 -17.17 -0.98 -81.40
N ALA Z 281 -18.47 -0.73 -81.57
CA ALA Z 281 -18.95 0.64 -81.39
C ALA Z 281 -19.10 0.95 -79.89
N TYR Z 282 -19.50 -0.09 -79.17
CA TYR Z 282 -19.75 -0.04 -77.74
C TYR Z 282 -18.47 0.23 -76.97
N HIS Z 283 -17.31 -0.14 -77.53
CA HIS Z 283 -16.00 0.20 -77.01
C HIS Z 283 -15.43 1.51 -77.59
N GLU Z 284 -16.24 2.31 -78.30
CA GLU Z 284 -15.72 3.43 -78.99
C GLU Z 284 -16.37 4.75 -78.61
N GLN Z 285 -15.54 5.78 -78.40
CA GLN Z 285 -16.07 7.12 -78.26
C GLN Z 285 -16.45 7.71 -79.62
N LEU Z 286 -17.74 8.03 -79.76
CA LEU Z 286 -18.21 8.43 -81.07
C LEU Z 286 -18.30 9.93 -81.14
N SER Z 287 -17.14 10.61 -81.11
CA SER Z 287 -17.12 12.07 -81.02
C SER Z 287 -17.50 12.66 -82.38
N VAL Z 288 -18.04 13.89 -82.33
CA VAL Z 288 -18.47 14.58 -83.53
C VAL Z 288 -17.27 14.88 -84.41
N ALA Z 289 -16.10 15.06 -83.82
CA ALA Z 289 -14.89 15.32 -84.59
C ALA Z 289 -14.48 14.10 -85.40
N GLU Z 290 -14.64 12.91 -84.85
CA GLU Z 290 -14.11 11.73 -85.49
C GLU Z 290 -15.11 11.14 -86.49
N ILE Z 291 -16.41 11.35 -86.27
CA ILE Z 291 -17.39 10.85 -87.24
C ILE Z 291 -17.40 11.75 -88.47
N THR Z 292 -16.95 12.99 -88.34
CA THR Z 292 -16.89 13.85 -89.51
C THR Z 292 -15.57 13.65 -90.25
N ASN Z 293 -14.53 13.17 -89.54
CA ASN Z 293 -13.29 12.81 -90.22
C ASN Z 293 -13.47 11.53 -91.01
N SER Z 294 -14.27 10.58 -90.45
CA SER Z 294 -14.61 9.35 -91.14
C SER Z 294 -15.52 9.60 -92.36
N ALA Z 295 -16.26 10.70 -92.35
CA ALA Z 295 -17.25 10.95 -93.39
C ALA Z 295 -16.60 11.25 -94.73
N PHE Z 296 -15.50 12.04 -94.68
CA PHE Z 296 -14.88 12.41 -95.95
C PHE Z 296 -13.82 11.39 -96.42
N GLU Z 297 -13.54 10.42 -95.53
CA GLU Z 297 -12.48 9.47 -95.90
C GLU Z 297 -13.04 8.52 -96.97
N PRO Z 298 -12.27 8.27 -98.05
CA PRO Z 298 -12.79 7.57 -99.21
C PRO Z 298 -13.24 6.14 -98.98
N ALA Z 299 -12.75 5.49 -97.92
CA ALA Z 299 -13.20 4.13 -97.63
C ALA Z 299 -14.58 4.04 -96.99
N SER Z 300 -15.13 5.23 -96.61
CA SER Z 300 -16.54 5.34 -96.25
C SER Z 300 -17.43 5.87 -97.38
N MET Z 301 -16.86 5.94 -98.59
CA MET Z 301 -17.58 6.40 -99.75
C MET Z 301 -18.61 5.40 -100.21
N MET Z 302 -19.67 5.87 -100.88
CA MET Z 302 -20.68 4.91 -101.35
C MET Z 302 -20.77 4.88 -102.84
N ALA Z 303 -19.66 5.10 -103.53
CA ALA Z 303 -19.67 4.96 -105.01
C ALA Z 303 -18.44 4.24 -105.57
N LYS Z 304 -17.44 4.00 -104.72
CA LYS Z 304 -16.14 3.44 -105.11
C LYS Z 304 -15.52 4.35 -106.19
N CYS Z 305 -15.30 5.59 -105.79
CA CYS Z 305 -14.89 6.62 -106.70
C CYS Z 305 -13.84 7.49 -105.99
N ASP Z 306 -12.58 7.29 -106.42
CA ASP Z 306 -11.46 7.81 -105.72
C ASP Z 306 -11.43 9.32 -105.79
N PRO Z 307 -11.55 10.05 -104.66
CA PRO Z 307 -11.69 11.50 -104.74
C PRO Z 307 -10.38 12.27 -104.85
N ARG Z 308 -9.25 11.58 -104.96
CA ARG Z 308 -8.00 12.34 -105.04
C ARG Z 308 -7.86 13.08 -106.37
N HIS Z 309 -8.43 12.48 -107.43
CA HIS Z 309 -8.31 13.07 -108.75
C HIS Z 309 -9.61 13.79 -109.12
N GLY Z 310 -10.29 14.34 -108.12
CA GLY Z 310 -11.39 15.26 -108.36
C GLY Z 310 -11.37 16.37 -107.32
N LYS Z 311 -12.24 17.34 -107.53
CA LYS Z 311 -12.36 18.52 -106.71
C LYS Z 311 -13.79 18.55 -106.18
N TYR Z 312 -13.94 18.70 -104.84
CA TYR Z 312 -15.26 18.72 -104.24
C TYR Z 312 -15.92 20.06 -104.61
N MET Z 313 -17.05 19.97 -105.26
CA MET Z 313 -17.77 21.14 -105.71
C MET Z 313 -18.61 21.77 -104.59
N ALA Z 314 -19.23 20.93 -103.79
CA ALA Z 314 -20.18 21.34 -102.76
C ALA Z 314 -20.42 20.11 -101.89
N CYS Z 315 -20.62 20.33 -100.58
CA CYS Z 315 -20.88 19.25 -99.67
C CYS Z 315 -22.01 19.64 -98.72
N CYS Z 316 -22.88 18.66 -98.46
CA CYS Z 316 -24.00 18.90 -97.56
C CYS Z 316 -24.01 17.82 -96.48
N LEU Z 317 -23.78 18.26 -95.23
CA LEU Z 317 -23.55 17.30 -94.15
C LEU Z 317 -24.70 17.35 -93.14
N MET Z 318 -25.48 16.25 -93.03
CA MET Z 318 -26.65 16.19 -92.24
C MET Z 318 -26.41 15.39 -90.94
N TYR Z 319 -26.27 16.15 -89.85
CA TYR Z 319 -26.02 15.54 -88.56
C TYR Z 319 -27.34 15.19 -87.92
N ARG Z 320 -27.36 14.12 -87.16
CA ARG Z 320 -28.53 13.67 -86.48
C ARG Z 320 -28.17 13.14 -85.12
N GLY Z 321 -28.97 13.43 -84.12
CA GLY Z 321 -28.76 12.96 -82.76
C GLY Z 321 -28.25 14.09 -81.84
N ASP Z 322 -27.61 13.70 -80.74
CA ASP Z 322 -27.32 14.65 -79.67
C ASP Z 322 -26.01 15.35 -80.05
N VAL Z 323 -26.10 16.23 -81.06
CA VAL Z 323 -25.01 17.07 -81.46
C VAL Z 323 -25.39 18.54 -81.21
N VAL Z 324 -24.63 19.21 -80.36
CA VAL Z 324 -24.93 20.59 -80.05
C VAL Z 324 -24.12 21.47 -81.03
N PRO Z 325 -24.74 22.58 -81.54
CA PRO Z 325 -24.30 23.17 -82.80
C PRO Z 325 -22.97 23.86 -82.84
N LYS Z 326 -22.33 24.02 -81.71
CA LYS Z 326 -20.96 24.52 -81.67
C LYS Z 326 -19.94 23.50 -82.21
N ASP Z 327 -20.19 22.22 -81.97
CA ASP Z 327 -19.12 21.26 -82.22
C ASP Z 327 -19.03 20.90 -83.72
N VAL Z 328 -20.14 21.13 -84.46
CA VAL Z 328 -20.10 20.92 -85.88
C VAL Z 328 -19.21 21.99 -86.51
N ASN Z 329 -19.35 23.24 -86.08
CA ASN Z 329 -18.60 24.33 -86.68
C ASN Z 329 -17.12 24.19 -86.36
N ALA Z 330 -16.80 23.69 -85.14
CA ALA Z 330 -15.41 23.49 -84.79
C ALA Z 330 -14.80 22.33 -85.59
N ALA Z 331 -15.63 21.29 -85.85
CA ALA Z 331 -15.13 20.08 -86.48
C ALA Z 331 -14.91 20.30 -87.99
N VAL Z 332 -15.82 21.05 -88.60
CA VAL Z 332 -15.75 21.20 -90.05
C VAL Z 332 -14.70 22.24 -90.39
N ALA Z 333 -14.30 23.11 -89.43
CA ALA Z 333 -13.20 24.03 -89.67
C ALA Z 333 -11.88 23.26 -89.83
N THR Z 334 -11.70 22.21 -89.06
CA THR Z 334 -10.50 21.41 -89.18
C THR Z 334 -10.46 20.67 -90.51
N ILE Z 335 -11.60 20.27 -91.00
CA ILE Z 335 -11.73 19.63 -92.32
C ILE Z 335 -11.37 20.68 -93.39
N LYS Z 336 -11.80 21.95 -93.23
CA LYS Z 336 -11.46 22.97 -94.19
C LYS Z 336 -9.96 23.21 -94.28
N THR Z 337 -9.30 23.16 -93.15
CA THR Z 337 -7.87 23.45 -93.09
C THR Z 337 -7.06 22.26 -93.58
N LYS Z 338 -7.62 21.02 -93.56
CA LYS Z 338 -6.92 19.87 -94.06
C LYS Z 338 -6.81 19.99 -95.58
N ARG Z 339 -5.61 19.62 -96.07
CA ARG Z 339 -5.15 19.99 -97.38
C ARG Z 339 -5.33 18.88 -98.38
N THR Z 340 -5.97 17.77 -98.06
CA THR Z 340 -6.26 16.65 -98.91
C THR Z 340 -7.75 16.52 -99.21
N ILE Z 341 -8.59 17.45 -98.74
CA ILE Z 341 -9.95 17.56 -99.25
C ILE Z 341 -9.94 18.88 -100.03
N GLN Z 342 -10.00 18.81 -101.36
CA GLN Z 342 -9.66 19.98 -102.14
C GLN Z 342 -10.85 20.54 -102.85
N PHE Z 343 -11.14 21.83 -102.67
CA PHE Z 343 -12.26 22.52 -103.23
C PHE Z 343 -12.02 23.15 -104.58
N VAL Z 344 -13.01 23.67 -105.23
CA VAL Z 344 -12.74 24.54 -106.38
C VAL Z 344 -12.36 25.92 -105.84
N ASP Z 345 -11.60 26.69 -106.60
CA ASP Z 345 -11.24 28.03 -106.17
C ASP Z 345 -12.43 28.98 -106.29
N TRP Z 346 -13.39 28.76 -107.15
CA TRP Z 346 -14.47 29.71 -107.36
C TRP Z 346 -15.73 29.34 -106.56
N CYS Z 347 -15.66 28.35 -105.70
CA CYS Z 347 -16.73 28.20 -104.68
C CYS Z 347 -16.13 28.18 -103.29
N PRO Z 348 -15.77 29.33 -102.69
CA PRO Z 348 -14.90 29.32 -101.51
C PRO Z 348 -15.55 28.77 -100.27
N THR Z 349 -16.81 29.04 -100.02
CA THR Z 349 -17.69 28.26 -99.14
C THR Z 349 -18.16 26.94 -99.75
N GLY Z 350 -18.00 25.86 -99.01
CA GLY Z 350 -18.28 24.56 -99.59
C GLY Z 350 -19.18 23.66 -98.75
N PHE Z 351 -19.76 24.20 -97.69
CA PHE Z 351 -20.42 23.39 -96.68
C PHE Z 351 -21.84 23.90 -96.43
N LYS Z 352 -22.76 22.94 -96.26
CA LYS Z 352 -24.00 23.21 -95.58
C LYS Z 352 -24.14 22.22 -94.43
N CYS Z 353 -24.27 22.74 -93.19
CA CYS Z 353 -24.54 21.85 -92.10
C CYS Z 353 -25.99 21.94 -91.63
N GLY Z 354 -26.54 20.78 -91.31
CA GLY Z 354 -27.91 20.68 -90.80
C GLY Z 354 -27.95 19.67 -89.67
N ILE Z 355 -28.61 20.07 -88.56
CA ILE Z 355 -28.60 19.32 -87.33
C ILE Z 355 -30.01 18.97 -86.92
N ASN Z 356 -30.25 17.70 -86.62
CA ASN Z 356 -31.54 17.20 -86.20
C ASN Z 356 -31.43 16.51 -84.84
N TYR Z 357 -32.53 16.43 -84.10
CA TYR Z 357 -32.46 15.99 -82.73
C TYR Z 357 -32.55 14.47 -82.59
N GLN Z 358 -33.30 13.82 -83.46
CA GLN Z 358 -33.68 12.43 -83.24
C GLN Z 358 -32.50 11.52 -83.57
N PRO Z 359 -32.09 10.65 -82.62
CA PRO Z 359 -31.08 9.65 -82.93
C PRO Z 359 -31.65 8.60 -83.90
N PRO Z 360 -30.79 7.90 -84.68
CA PRO Z 360 -31.31 6.94 -85.64
C PRO Z 360 -31.95 5.76 -84.97
N THR Z 361 -33.14 5.33 -85.50
CA THR Z 361 -33.79 4.19 -84.86
C THR Z 361 -33.26 2.93 -85.52
N VAL Z 362 -32.53 2.17 -84.76
CA VAL Z 362 -31.85 0.97 -85.28
C VAL Z 362 -32.85 -0.15 -85.48
N VAL Z 363 -32.72 -0.84 -86.59
CA VAL Z 363 -33.48 -2.05 -86.83
C VAL Z 363 -32.91 -3.19 -85.99
N PRO Z 364 -33.76 -3.91 -85.24
CA PRO Z 364 -33.26 -5.01 -84.39
C PRO Z 364 -32.71 -6.14 -85.23
N GLY Z 365 -31.59 -6.69 -84.76
CA GLY Z 365 -30.91 -7.77 -85.46
C GLY Z 365 -30.18 -7.28 -86.70
N GLY Z 366 -30.10 -5.96 -86.92
CA GLY Z 366 -29.34 -5.45 -88.05
C GLY Z 366 -27.84 -5.42 -87.76
N ASP Z 367 -27.10 -4.90 -88.67
CA ASP Z 367 -25.66 -4.73 -88.53
C ASP Z 367 -25.22 -3.34 -88.02
N LEU Z 368 -26.20 -2.45 -87.86
CA LEU Z 368 -25.93 -1.16 -87.27
C LEU Z 368 -25.86 -1.29 -85.72
N ALA Z 369 -25.19 -0.28 -85.14
CA ALA Z 369 -25.20 -0.15 -83.69
C ALA Z 369 -26.20 0.93 -83.27
N LYS Z 370 -26.63 0.86 -82.01
CA LYS Z 370 -27.58 1.87 -81.54
C LYS Z 370 -26.75 3.11 -81.19
N VAL Z 371 -26.54 3.96 -82.19
CA VAL Z 371 -25.60 5.06 -82.02
C VAL Z 371 -26.35 6.29 -81.56
N MET Z 372 -25.66 7.16 -80.87
CA MET Z 372 -26.28 8.35 -80.31
C MET Z 372 -26.26 9.50 -81.32
N ARG Z 373 -25.40 9.43 -82.34
CA ARG Z 373 -25.27 10.47 -83.34
C ARG Z 373 -24.80 9.87 -84.65
N ALA Z 374 -25.18 10.50 -85.75
CA ALA Z 374 -24.88 10.01 -87.07
C ALA Z 374 -24.80 11.15 -88.07
N VAL Z 375 -24.17 10.92 -89.20
CA VAL Z 375 -23.94 11.88 -90.26
C VAL Z 375 -24.33 11.18 -91.57
N CYS Z 376 -25.02 11.93 -92.42
CA CYS Z 376 -25.15 11.59 -93.82
C CYS Z 376 -24.57 12.69 -94.67
N MET Z 377 -23.60 12.33 -95.53
CA MET Z 377 -22.94 13.32 -96.36
C MET Z 377 -23.27 13.10 -97.82
N ILE Z 378 -23.70 14.15 -98.49
CA ILE Z 378 -23.97 14.08 -99.93
C ILE Z 378 -23.14 15.18 -100.57
N SER Z 379 -22.24 14.80 -101.48
CA SER Z 379 -21.35 15.71 -102.12
C SER Z 379 -21.49 15.72 -103.62
N ASN Z 380 -21.39 16.92 -104.23
CA ASN Z 380 -20.98 17.03 -105.61
C ASN Z 380 -19.45 17.07 -105.73
N SER Z 381 -18.87 16.28 -106.62
CA SER Z 381 -17.47 16.40 -106.92
C SER Z 381 -17.24 16.24 -108.41
N THR Z 382 -16.06 16.61 -108.87
CA THR Z 382 -15.66 16.41 -110.24
C THR Z 382 -15.01 15.05 -110.42
N ALA Z 383 -15.00 14.22 -109.38
CA ALA Z 383 -14.50 12.86 -109.46
C ALA Z 383 -15.47 11.96 -110.20
N ILE Z 384 -16.67 12.40 -110.51
CA ILE Z 384 -17.63 11.69 -111.33
C ILE Z 384 -17.16 11.50 -112.77
N ALA Z 385 -16.10 12.20 -113.17
CA ALA Z 385 -15.50 11.98 -114.47
C ALA Z 385 -15.00 10.55 -114.64
N GLU Z 386 -14.56 9.92 -113.55
CA GLU Z 386 -13.99 8.58 -113.65
C GLU Z 386 -15.12 7.55 -113.78
N VAL Z 387 -16.29 7.81 -113.20
CA VAL Z 387 -17.35 6.81 -113.24
C VAL Z 387 -17.98 6.80 -114.63
N PHE Z 388 -17.89 7.91 -115.35
CA PHE Z 388 -18.43 8.00 -116.69
C PHE Z 388 -17.42 7.57 -117.73
N SER Z 389 -16.17 7.90 -117.54
CA SER Z 389 -15.19 7.78 -118.65
C SER Z 389 -14.85 6.33 -118.90
N ARG Z 390 -14.88 5.51 -117.85
CA ARG Z 390 -14.71 4.07 -118.00
C ARG Z 390 -15.95 3.47 -118.65
N MET Z 391 -17.12 4.00 -118.35
CA MET Z 391 -18.35 3.50 -118.90
C MET Z 391 -18.46 3.82 -120.40
N ASP Z 392 -17.95 4.98 -120.75
CA ASP Z 392 -17.95 5.48 -122.11
C ASP Z 392 -17.04 4.62 -122.96
N HIS Z 393 -15.94 4.14 -122.36
CA HIS Z 393 -15.04 3.17 -123.02
C HIS Z 393 -15.76 1.84 -123.27
N LYS Z 394 -16.58 1.39 -122.29
CA LYS Z 394 -17.15 0.06 -122.41
C LYS Z 394 -18.25 0.02 -123.47
N PHE Z 395 -18.94 1.14 -123.64
CA PHE Z 395 -19.93 1.30 -124.71
C PHE Z 395 -19.28 1.34 -126.07
N ASP Z 396 -18.11 1.90 -126.20
CA ASP Z 396 -17.35 1.94 -127.43
C ASP Z 396 -16.98 0.54 -127.99
N LEU Z 397 -16.61 -0.31 -127.07
CA LEU Z 397 -16.19 -1.68 -127.41
C LEU Z 397 -17.37 -2.50 -127.86
N MET Z 398 -18.55 -2.26 -127.25
CA MET Z 398 -19.81 -2.80 -127.66
C MET Z 398 -20.23 -2.33 -129.10
N TYR Z 399 -20.50 -1.04 -129.19
CA TYR Z 399 -21.32 -0.47 -130.24
C TYR Z 399 -20.51 -0.36 -131.57
N ALA Z 400 -19.19 -0.40 -131.49
CA ALA Z 400 -18.38 -0.22 -132.68
C ALA Z 400 -18.62 -1.31 -133.73
N LYS Z 401 -18.89 -2.55 -133.25
CA LYS Z 401 -19.22 -3.62 -134.16
C LYS Z 401 -20.59 -4.21 -133.82
N ARG Z 402 -21.54 -3.27 -133.55
CA ARG Z 402 -22.96 -3.48 -133.58
C ARG Z 402 -23.42 -4.69 -132.76
N ALA Z 403 -22.81 -4.93 -131.58
CA ALA Z 403 -23.14 -6.11 -130.82
C ALA Z 403 -24.45 -5.85 -130.07
N PHE Z 404 -25.31 -6.90 -130.02
CA PHE Z 404 -26.58 -6.90 -129.32
C PHE Z 404 -27.55 -5.86 -129.85
N VAL Z 405 -27.33 -5.32 -131.05
CA VAL Z 405 -28.13 -4.21 -131.52
C VAL Z 405 -29.46 -4.69 -132.08
N HIS Z 406 -29.51 -5.92 -132.61
CA HIS Z 406 -30.71 -6.45 -133.23
C HIS Z 406 -31.84 -6.65 -132.21
N TRP Z 407 -31.46 -6.84 -130.93
CA TRP Z 407 -32.49 -6.92 -129.90
C TRP Z 407 -33.13 -5.56 -129.64
N TYR Z 408 -32.32 -4.50 -129.75
CA TYR Z 408 -32.77 -3.18 -129.43
C TYR Z 408 -33.55 -2.52 -130.55
N VAL Z 409 -33.10 -2.78 -131.81
CA VAL Z 409 -33.84 -2.32 -132.95
C VAL Z 409 -35.11 -3.09 -133.11
N GLY Z 410 -35.25 -4.32 -132.54
CA GLY Z 410 -36.41 -5.13 -132.63
C GLY Z 410 -37.72 -4.50 -132.11
N GLU Z 411 -37.54 -3.59 -131.12
CA GLU Z 411 -38.83 -3.19 -130.46
C GLU Z 411 -39.43 -1.91 -131.02
N GLY Z 412 -38.61 -1.17 -131.77
CA GLY Z 412 -39.16 0.00 -132.47
C GLY Z 412 -38.31 1.26 -132.41
N MET Z 413 -37.24 1.27 -131.60
CA MET Z 413 -36.29 2.35 -131.76
C MET Z 413 -35.26 1.98 -132.85
N GLU Z 414 -34.54 2.98 -133.30
CA GLU Z 414 -33.64 2.83 -134.42
C GLU Z 414 -32.24 3.06 -133.95
N GLU Z 415 -31.30 2.55 -134.75
CA GLU Z 415 -29.87 2.89 -134.60
C GLU Z 415 -29.68 4.40 -134.74
N GLY Z 416 -29.12 5.00 -133.72
CA GLY Z 416 -28.87 6.43 -133.76
C GLY Z 416 -29.31 7.05 -132.45
N GLU Z 417 -30.24 6.40 -131.74
CA GLU Z 417 -30.47 6.80 -130.35
C GLU Z 417 -29.32 6.39 -129.46
N PHE Z 418 -28.58 5.35 -129.87
CA PHE Z 418 -27.29 5.02 -129.27
C PHE Z 418 -26.29 6.14 -129.55
N SER Z 419 -26.31 6.69 -130.74
CA SER Z 419 -25.37 7.68 -131.18
C SER Z 419 -25.65 9.02 -130.47
N GLU Z 420 -26.94 9.36 -130.34
CA GLU Z 420 -27.31 10.61 -129.68
C GLU Z 420 -27.05 10.54 -128.20
N ALA Z 421 -27.25 9.38 -127.59
CA ALA Z 421 -26.99 9.25 -126.14
C ALA Z 421 -25.48 9.30 -125.89
N ARG Z 422 -24.69 8.79 -126.83
CA ARG Z 422 -23.24 8.77 -126.65
C ARG Z 422 -22.67 10.17 -126.75
N GLU Z 423 -23.16 10.96 -127.69
CA GLU Z 423 -22.70 12.35 -127.82
C GLU Z 423 -23.17 13.21 -126.65
N ASP Z 424 -24.31 12.84 -126.07
CA ASP Z 424 -24.78 13.52 -124.88
C ASP Z 424 -23.85 13.24 -123.71
N LEU Z 425 -23.42 12.00 -123.55
CA LEU Z 425 -22.46 11.65 -122.52
C LEU Z 425 -21.11 12.26 -122.81
N ALA Z 426 -20.73 12.40 -124.09
CA ALA Z 426 -19.50 13.08 -124.45
C ALA Z 426 -19.57 14.56 -124.06
N ALA Z 427 -20.77 15.16 -124.21
CA ALA Z 427 -20.95 16.54 -123.80
C ALA Z 427 -20.85 16.66 -122.27
N LEU Z 428 -21.33 15.65 -121.57
CA LEU Z 428 -21.31 15.67 -120.12
C LEU Z 428 -19.91 15.55 -119.56
N GLU Z 429 -19.11 14.70 -120.22
CA GLU Z 429 -17.76 14.43 -119.66
C GLU Z 429 -16.88 15.63 -119.86
N LYS Z 430 -17.02 16.29 -121.02
CA LYS Z 430 -16.20 17.47 -121.27
C LYS Z 430 -16.66 18.65 -120.40
N ASP Z 431 -17.94 18.66 -119.98
CA ASP Z 431 -18.41 19.68 -119.07
C ASP Z 431 -17.72 19.69 -117.69
N TYR Z 432 -17.14 18.60 -117.25
CA TYR Z 432 -16.54 18.55 -115.94
C TYR Z 432 -15.21 19.30 -115.92
N GLU Z 433 -14.40 19.05 -116.98
CA GLU Z 433 -13.01 19.60 -116.86
C GLU Z 433 -12.98 21.07 -117.11
N GLU Z 434 -13.87 21.57 -117.96
CA GLU Z 434 -14.07 23.02 -118.15
C GLU Z 434 -14.67 23.69 -116.92
N VAL Z 435 -15.45 22.97 -116.14
CA VAL Z 435 -15.79 23.40 -114.76
C VAL Z 435 -14.55 23.22 -113.88
N GLY Z 436 -13.81 22.13 -114.11
CA GLY Z 436 -12.72 21.75 -113.22
C GLY Z 436 -11.44 22.60 -113.34
N ILE Z 437 -11.37 23.48 -114.39
CA ILE Z 437 -10.21 24.33 -114.50
C ILE Z 437 -10.71 25.77 -114.36
N MET AA 1 -102.20 17.32 -104.55
CA MET AA 1 -101.49 18.58 -104.16
C MET AA 1 -100.51 18.95 -105.25
N ARG AA 2 -99.18 18.86 -105.00
CA ARG AA 2 -98.19 18.85 -106.04
C ARG AA 2 -97.71 17.40 -106.17
N GLU AA 3 -97.96 16.82 -107.35
CA GLU AA 3 -97.53 15.45 -107.56
C GLU AA 3 -97.03 15.29 -108.98
N VAL AA 4 -96.28 14.20 -109.20
CA VAL AA 4 -95.77 13.87 -110.51
C VAL AA 4 -96.15 12.43 -110.89
N ILE AA 5 -96.44 12.27 -112.16
CA ILE AA 5 -96.96 11.01 -112.69
C ILE AA 5 -95.86 10.35 -113.49
N SER AA 6 -95.54 9.10 -113.12
CA SER AA 6 -94.49 8.35 -113.78
C SER AA 6 -95.10 7.39 -114.80
N ILE AA 7 -94.53 7.37 -115.98
CA ILE AA 7 -94.96 6.48 -117.05
C ILE AA 7 -93.75 5.63 -117.42
N HIS AA 8 -93.94 4.32 -117.41
CA HIS AA 8 -92.90 3.38 -117.78
C HIS AA 8 -93.37 2.57 -118.96
N VAL AA 9 -92.66 2.71 -120.07
CA VAL AA 9 -93.06 2.11 -121.34
C VAL AA 9 -91.90 1.23 -121.82
N GLY AA 10 -92.24 0.00 -122.15
CA GLY AA 10 -91.27 -0.96 -122.60
C GLY AA 10 -90.71 -1.79 -121.45
N GLN AA 11 -89.90 -2.78 -121.84
CA GLN AA 11 -89.25 -3.65 -120.87
C GLN AA 11 -88.21 -2.88 -120.07
N ALA AA 12 -87.46 -2.00 -120.73
CA ALA AA 12 -86.45 -1.19 -120.06
C ALA AA 12 -87.10 -0.25 -119.07
N GLY AA 13 -88.23 0.33 -119.48
CA GLY AA 13 -88.96 1.26 -118.60
C GLY AA 13 -89.45 0.53 -117.33
N ILE AA 14 -89.94 -0.70 -117.51
CA ILE AA 14 -90.51 -1.44 -116.41
C ILE AA 14 -89.42 -1.87 -115.42
N GLN AA 15 -88.30 -2.37 -115.92
CA GLN AA 15 -87.25 -2.85 -115.04
C GLN AA 15 -86.51 -1.71 -114.34
N ILE AA 16 -86.40 -0.56 -115.01
CA ILE AA 16 -85.88 0.62 -114.35
C ILE AA 16 -86.90 1.06 -113.28
N GLY AA 17 -88.19 0.99 -113.61
CA GLY AA 17 -89.23 1.37 -112.69
C GLY AA 17 -89.36 0.46 -111.49
N ASN AA 18 -88.97 -0.84 -111.66
CA ASN AA 18 -88.97 -1.73 -110.54
C ASN AA 18 -87.93 -1.30 -109.48
N ALA AA 19 -86.77 -0.87 -109.99
CA ALA AA 19 -85.72 -0.41 -109.11
C ALA AA 19 -86.07 0.97 -108.53
N CYS AA 20 -86.78 1.79 -109.31
CA CYS AA 20 -87.10 3.14 -108.89
C CYS AA 20 -88.15 3.12 -107.76
N TRP AA 21 -89.12 2.21 -107.89
CA TRP AA 21 -90.16 2.14 -106.90
C TRP AA 21 -89.75 1.35 -105.66
N GLU AA 22 -88.69 0.56 -105.76
CA GLU AA 22 -88.13 -0.08 -104.58
C GLU AA 22 -87.41 0.97 -103.73
N LEU AA 23 -86.76 1.95 -104.38
CA LEU AA 23 -86.04 2.97 -103.67
C LEU AA 23 -87.01 3.94 -102.99
N PHE AA 24 -88.08 4.28 -103.69
CA PHE AA 24 -89.08 5.21 -103.17
C PHE AA 24 -89.83 4.65 -101.97
N CYS AA 25 -90.06 3.35 -101.99
CA CYS AA 25 -90.75 2.68 -100.88
C CYS AA 25 -89.85 2.64 -99.66
N LEU AA 26 -88.56 2.39 -99.87
CA LEU AA 26 -87.65 2.24 -98.74
C LEU AA 26 -87.31 3.58 -98.12
N GLU AA 27 -87.30 4.64 -98.95
CA GLU AA 27 -86.91 5.93 -98.40
C GLU AA 27 -88.05 6.55 -97.61
N HIS AA 28 -89.28 6.29 -97.97
CA HIS AA 28 -90.41 6.76 -97.17
C HIS AA 28 -90.86 5.74 -96.13
N GLY AA 29 -90.22 4.56 -96.12
CA GLY AA 29 -90.48 3.55 -95.12
C GLY AA 29 -91.85 2.89 -95.26
N ILE AA 30 -92.33 2.74 -96.49
CA ILE AA 30 -93.56 1.98 -96.67
C ILE AA 30 -93.17 0.56 -97.09
N GLN AA 31 -93.95 -0.40 -96.56
CA GLN AA 31 -93.62 -1.81 -96.80
C GLN AA 31 -94.20 -2.22 -98.14
N PRO AA 32 -93.73 -3.33 -98.75
CA PRO AA 32 -94.34 -3.84 -99.97
C PRO AA 32 -95.83 -4.09 -99.98
N ASP AA 33 -96.45 -4.23 -98.81
CA ASP AA 33 -97.91 -4.28 -98.73
C ASP AA 33 -98.50 -2.92 -99.14
N GLY AA 34 -97.88 -1.83 -98.69
CA GLY AA 34 -98.31 -0.51 -99.13
C GLY AA 34 -98.67 0.41 -97.97
N GLN AA 35 -98.59 -0.09 -96.74
CA GLN AA 35 -98.96 0.72 -95.59
C GLN AA 35 -97.75 0.90 -94.69
N MET AA 36 -97.52 2.14 -94.23
CA MET AA 36 -96.40 2.36 -93.35
C MET AA 36 -96.85 2.09 -91.91
N PRO AA 37 -95.97 1.56 -91.05
CA PRO AA 37 -96.24 1.50 -89.62
C PRO AA 37 -96.01 2.87 -88.92
N ASP AA 47 -96.85 13.91 -94.67
CA ASP AA 47 -97.60 14.09 -95.95
C ASP AA 47 -96.73 14.80 -96.97
N ALA AA 48 -95.42 14.82 -96.72
CA ALA AA 48 -94.43 15.33 -97.66
C ALA AA 48 -94.24 14.40 -98.86
N PHE AA 49 -94.50 13.11 -98.64
CA PHE AA 49 -94.29 12.07 -99.63
C PHE AA 49 -95.48 11.89 -100.54
N ASN AA 50 -96.45 12.76 -100.51
CA ASN AA 50 -97.65 12.78 -101.29
C ASN AA 50 -97.40 12.92 -102.79
N THR AA 51 -96.22 13.40 -103.18
CA THR AA 51 -95.89 13.62 -104.56
C THR AA 51 -95.68 12.32 -105.35
N PHE AA 52 -95.43 11.20 -104.66
CA PHE AA 52 -95.22 9.94 -105.34
C PHE AA 52 -96.21 8.82 -104.98
N PHE AA 53 -96.85 8.94 -103.82
CA PHE AA 53 -97.82 7.93 -103.40
C PHE AA 53 -99.13 8.60 -103.13
N SER AA 54 -100.21 7.91 -103.43
CA SER AA 54 -101.57 8.40 -103.18
C SER AA 54 -102.02 7.77 -101.84
N GLU AA 55 -103.28 8.05 -101.52
CA GLU AA 55 -103.86 7.61 -100.27
C GLU AA 55 -105.03 6.69 -100.58
N THR AA 56 -105.02 5.47 -100.01
CA THR AA 56 -106.13 4.58 -100.08
C THR AA 56 -106.53 4.13 -98.67
N GLY AA 57 -107.38 4.97 -98.05
CA GLY AA 57 -108.05 4.61 -96.80
C GLY AA 57 -107.11 4.47 -95.60
N ALA AA 58 -107.00 3.25 -95.05
CA ALA AA 58 -106.36 3.07 -93.76
C ALA AA 58 -104.83 3.04 -93.87
N GLY AA 59 -104.27 4.25 -94.00
CA GLY AA 59 -102.84 4.49 -93.88
C GLY AA 59 -101.96 4.02 -95.06
N LYS AA 60 -102.64 3.63 -96.14
CA LYS AA 60 -102.06 2.77 -97.17
C LYS AA 60 -101.85 3.55 -98.46
N HIS AA 61 -100.74 3.32 -99.15
CA HIS AA 61 -100.33 4.20 -100.23
C HIS AA 61 -100.11 3.41 -101.52
N VAL AA 62 -100.63 3.92 -102.62
CA VAL AA 62 -100.47 3.30 -103.92
C VAL AA 62 -99.69 4.25 -104.82
N PRO AA 63 -98.72 3.75 -105.60
CA PRO AA 63 -97.90 4.60 -106.43
C PRO AA 63 -98.61 5.29 -107.57
N ARG AA 64 -98.09 6.46 -107.95
CA ARG AA 64 -98.68 7.22 -109.05
C ARG AA 64 -98.00 6.91 -110.36
N CYS AA 65 -98.12 5.66 -110.79
CA CYS AA 65 -97.37 5.19 -111.96
C CYS AA 65 -98.25 4.31 -112.83
N VAL AA 66 -97.85 4.19 -114.09
CA VAL AA 66 -98.39 3.20 -115.00
C VAL AA 66 -97.22 2.42 -115.60
N PHE AA 67 -97.42 1.11 -115.70
CA PHE AA 67 -96.54 0.21 -116.41
C PHE AA 67 -97.18 -0.23 -117.70
N LEU AA 68 -96.51 0.00 -118.81
CA LEU AA 68 -97.01 -0.32 -120.12
C LEU AA 68 -96.00 -1.21 -120.87
N ASP AA 69 -96.56 -2.33 -121.35
CA ASP AA 69 -95.81 -3.22 -122.18
C ASP AA 69 -96.72 -4.04 -123.07
N LEU AA 70 -96.25 -4.39 -124.27
CA LEU AA 70 -96.99 -5.18 -125.19
C LEU AA 70 -96.82 -6.65 -124.93
N GLU AA 71 -95.65 -7.13 -124.45
CA GLU AA 71 -95.57 -8.50 -124.04
C GLU AA 71 -96.22 -8.64 -122.67
N PRO AA 72 -96.91 -9.75 -122.35
CA PRO AA 72 -97.30 -10.07 -121.01
C PRO AA 72 -96.21 -10.48 -120.06
N THR AA 73 -95.04 -10.86 -120.59
CA THR AA 73 -94.02 -11.53 -119.78
C THR AA 73 -93.47 -10.75 -118.56
N VAL AA 74 -93.05 -9.52 -118.79
CA VAL AA 74 -92.36 -8.73 -117.75
C VAL AA 74 -93.31 -8.01 -116.77
N VAL AA 75 -94.53 -7.82 -117.21
CA VAL AA 75 -95.56 -7.27 -116.33
C VAL AA 75 -96.26 -8.35 -115.47
N ASP AA 76 -96.38 -9.57 -115.99
CA ASP AA 76 -96.92 -10.63 -115.15
C ASP AA 76 -95.91 -11.04 -114.07
N GLU AA 77 -94.62 -10.86 -114.37
CA GLU AA 77 -93.58 -11.18 -113.42
C GLU AA 77 -93.51 -10.15 -112.30
N VAL AA 78 -94.00 -8.95 -112.53
CA VAL AA 78 -94.19 -7.99 -111.44
C VAL AA 78 -95.42 -8.39 -110.61
N ARG AA 79 -96.47 -8.86 -111.33
CA ARG AA 79 -97.73 -9.16 -110.71
C ARG AA 79 -97.63 -10.36 -109.78
N THR AA 80 -96.60 -11.21 -109.96
CA THR AA 80 -96.47 -12.39 -109.13
C THR AA 80 -95.29 -12.27 -108.16
N GLY AA 81 -94.61 -11.15 -108.15
CA GLY AA 81 -93.43 -10.90 -107.32
C GLY AA 81 -93.80 -10.57 -105.89
N THR AA 82 -92.85 -9.88 -105.22
CA THR AA 82 -93.05 -9.37 -103.87
C THR AA 82 -94.01 -8.17 -103.88
N TYR AA 83 -93.95 -7.35 -104.95
CA TYR AA 83 -94.80 -6.17 -104.99
C TYR AA 83 -96.06 -6.49 -105.77
N ARG AA 84 -96.84 -7.43 -105.25
CA ARG AA 84 -98.13 -7.73 -105.84
C ARG AA 84 -99.14 -6.64 -105.43
N HIS AA 85 -99.16 -6.32 -104.13
CA HIS AA 85 -100.24 -5.47 -103.63
C HIS AA 85 -99.85 -4.02 -103.49
N LEU AA 86 -98.61 -3.71 -103.83
CA LEU AA 86 -98.18 -2.31 -103.81
C LEU AA 86 -98.84 -1.56 -104.96
N PHE AA 87 -98.80 -2.17 -106.16
CA PHE AA 87 -99.36 -1.53 -107.32
C PHE AA 87 -100.84 -1.83 -107.46
N HIS AA 88 -101.56 -0.85 -107.97
CA HIS AA 88 -102.94 -1.04 -108.35
C HIS AA 88 -102.99 -2.03 -109.50
N PRO AA 89 -103.93 -2.99 -109.51
CA PRO AA 89 -103.92 -4.02 -110.55
C PRO AA 89 -104.09 -3.49 -112.00
N GLU AA 90 -104.72 -2.34 -112.17
CA GLU AA 90 -104.89 -1.80 -113.50
C GLU AA 90 -103.90 -0.67 -113.77
N GLN AA 91 -102.91 -0.47 -112.92
CA GLN AA 91 -101.78 0.36 -113.29
C GLN AA 91 -100.76 -0.42 -114.10
N LEU AA 92 -100.82 -1.75 -114.10
CA LEU AA 92 -99.91 -2.60 -114.82
C LEU AA 92 -100.67 -3.14 -116.02
N ILE AA 93 -100.46 -2.51 -117.17
CA ILE AA 93 -101.16 -2.84 -118.40
C ILE AA 93 -100.25 -3.70 -119.26
N SER AA 94 -100.74 -4.85 -119.70
CA SER AA 94 -99.99 -5.71 -120.59
C SER AA 94 -100.85 -6.10 -121.77
N GLY AA 95 -100.25 -6.09 -122.98
CA GLY AA 95 -100.99 -6.53 -124.15
C GLY AA 95 -100.79 -8.02 -124.42
N LYS AA 96 -100.93 -8.38 -125.70
CA LYS AA 96 -100.89 -9.83 -126.00
C LYS AA 96 -99.64 -10.27 -126.78
N GLU AA 97 -99.29 -9.44 -127.80
CA GLU AA 97 -98.11 -9.75 -128.60
C GLU AA 97 -97.09 -8.61 -128.54
N ASP AA 98 -95.83 -8.98 -128.64
CA ASP AA 98 -94.72 -8.06 -128.60
C ASP AA 98 -94.68 -7.16 -129.82
N ALA AA 99 -94.13 -5.94 -129.67
CA ALA AA 99 -93.90 -5.07 -130.81
C ALA AA 99 -92.80 -5.58 -131.73
N ALA AA 100 -91.88 -6.39 -131.19
CA ALA AA 100 -90.85 -7.10 -131.94
C ALA AA 100 -89.96 -6.13 -132.71
N ASN AA 101 -89.28 -5.25 -132.00
CA ASN AA 101 -88.20 -4.40 -132.51
C ASN AA 101 -88.62 -3.58 -133.73
N ASN AA 102 -89.91 -3.26 -133.81
CA ASN AA 102 -90.42 -2.57 -134.96
C ASN AA 102 -91.09 -1.29 -134.49
N PHE AA 103 -90.60 -0.17 -134.99
CA PHE AA 103 -91.23 1.11 -134.71
C PHE AA 103 -92.64 1.19 -135.27
N ALA AA 104 -92.82 0.66 -136.45
CA ALA AA 104 -94.10 0.71 -137.15
C ALA AA 104 -95.16 -0.11 -136.43
N ARG AA 105 -94.74 -1.21 -135.79
CA ARG AA 105 -95.68 -2.03 -135.03
C ARG AA 105 -96.16 -1.30 -133.80
N GLY AA 106 -95.27 -0.54 -133.14
CA GLY AA 106 -95.62 0.22 -131.95
C GLY AA 106 -96.61 1.37 -132.21
N HIS AA 107 -96.66 1.89 -133.41
CA HIS AA 107 -97.69 2.93 -133.65
C HIS AA 107 -98.95 2.44 -134.36
N TYR AA 108 -98.77 1.62 -135.37
CA TYR AA 108 -99.84 1.55 -136.40
C TYR AA 108 -100.63 0.23 -136.41
N THR AA 109 -99.96 -0.77 -135.97
CA THR AA 109 -100.53 -2.12 -135.93
C THR AA 109 -101.16 -2.34 -134.56
N ILE AA 110 -100.32 -2.46 -133.56
CA ILE AA 110 -100.78 -3.04 -132.29
C ILE AA 110 -100.81 -1.95 -131.23
N GLY AA 111 -100.26 -0.79 -131.48
CA GLY AA 111 -100.10 0.24 -130.45
C GLY AA 111 -101.39 0.92 -130.05
N LYS AA 112 -102.32 1.02 -131.01
CA LYS AA 112 -103.55 1.79 -130.83
C LYS AA 112 -104.52 1.09 -129.87
N GLU AA 113 -104.39 -0.20 -129.70
CA GLU AA 113 -105.31 -0.97 -128.88
C GLU AA 113 -105.03 -0.79 -127.39
N ILE AA 114 -103.82 -0.34 -127.01
CA ILE AA 114 -103.56 -0.27 -125.57
C ILE AA 114 -103.40 1.19 -125.13
N VAL AA 115 -103.22 2.11 -126.05
CA VAL AA 115 -103.01 3.51 -125.69
C VAL AA 115 -104.30 4.11 -125.12
N ASP AA 116 -105.44 3.72 -125.65
CA ASP AA 116 -106.72 4.19 -125.18
C ASP AA 116 -106.98 3.79 -123.73
N LEU AA 117 -106.60 2.55 -123.40
CA LEU AA 117 -106.72 2.08 -122.03
C LEU AA 117 -105.72 2.76 -121.11
N SER AA 118 -104.55 3.14 -121.66
CA SER AA 118 -103.52 3.79 -120.87
C SER AA 118 -103.92 5.22 -120.53
N LEU AA 119 -104.49 5.94 -121.50
CA LEU AA 119 -104.92 7.31 -121.29
C LEU AA 119 -106.09 7.40 -120.31
N ASP AA 120 -106.92 6.37 -120.23
CA ASP AA 120 -107.99 6.34 -119.26
C ASP AA 120 -107.44 6.25 -117.83
N ARG AA 121 -106.37 5.49 -117.66
CA ARG AA 121 -105.75 5.33 -116.35
C ARG AA 121 -105.02 6.61 -115.96
N ILE AA 122 -104.36 7.27 -116.94
CA ILE AA 122 -103.62 8.47 -116.65
C ILE AA 122 -104.58 9.60 -116.27
N ARG AA 123 -105.74 9.67 -116.94
CA ARG AA 123 -106.70 10.72 -116.68
C ARG AA 123 -107.29 10.57 -115.27
N LYS AA 124 -107.57 9.32 -114.87
CA LYS AA 124 -108.13 9.08 -113.56
C LYS AA 124 -107.10 9.38 -112.45
N LEU AA 125 -105.83 9.19 -112.77
CA LEU AA 125 -104.77 9.37 -111.80
C LEU AA 125 -104.31 10.82 -111.72
N ALA AA 126 -104.63 11.63 -112.77
CA ALA AA 126 -104.19 13.01 -112.79
C ALA AA 126 -105.27 13.99 -112.38
N ASP AA 127 -106.53 13.59 -112.39
CA ASP AA 127 -107.62 14.51 -112.07
C ASP AA 127 -108.03 14.46 -110.62
N ASN AA 128 -107.24 13.79 -109.77
CA ASN AA 128 -107.41 13.87 -108.32
C ASN AA 128 -107.12 15.28 -107.82
N CYS AA 129 -106.06 15.95 -108.33
CA CYS AA 129 -105.71 17.27 -107.96
C CYS AA 129 -105.39 18.11 -109.23
N THR AA 130 -105.55 19.42 -109.09
CA THR AA 130 -104.76 20.38 -109.87
C THR AA 130 -103.38 20.51 -109.24
N GLY AA 131 -102.53 21.27 -109.88
CA GLY AA 131 -101.14 21.43 -109.47
C GLY AA 131 -100.33 20.18 -109.75
N LEU AA 132 -100.71 19.47 -110.81
CA LEU AA 132 -99.91 18.36 -111.32
C LEU AA 132 -98.59 18.90 -111.87
N GLN AA 133 -97.47 18.47 -111.31
CA GLN AA 133 -96.21 19.08 -111.57
C GLN AA 133 -95.69 18.73 -112.96
N GLY AA 134 -95.77 17.46 -113.32
CA GLY AA 134 -95.39 17.03 -114.64
C GLY AA 134 -95.51 15.52 -114.81
N PHE AA 135 -94.89 15.02 -115.88
CA PHE AA 135 -94.81 13.64 -116.23
C PHE AA 135 -93.35 13.21 -116.35
N LEU AA 136 -93.05 12.03 -115.82
CA LEU AA 136 -91.79 11.36 -116.09
C LEU AA 136 -92.04 10.16 -117.00
N MET AA 137 -91.30 10.07 -118.12
CA MET AA 137 -91.34 8.92 -118.98
C MET AA 137 -89.99 8.17 -118.88
N PHE AA 138 -90.10 6.85 -118.78
CA PHE AA 138 -88.94 5.98 -118.87
C PHE AA 138 -89.11 5.03 -120.04
N ASN AA 139 -88.20 5.05 -121.00
CA ASN AA 139 -88.35 4.20 -122.16
C ASN AA 139 -87.00 3.91 -122.80
N ALA AA 140 -87.01 2.84 -123.62
CA ALA AA 140 -85.85 2.52 -124.44
C ALA AA 140 -86.20 2.98 -125.87
N VAL AA 141 -85.33 3.73 -126.48
CA VAL AA 141 -85.49 4.05 -127.89
C VAL AA 141 -84.96 2.96 -128.79
N GLY AA 142 -84.27 1.95 -128.28
CA GLY AA 142 -83.76 0.85 -129.09
C GLY AA 142 -84.86 -0.19 -129.38
N GLY AA 143 -86.02 -0.11 -128.72
CA GLY AA 143 -86.97 -1.20 -128.86
C GLY AA 143 -88.12 -0.82 -129.74
N GLY AA 144 -89.10 -1.74 -129.80
CA GLY AA 144 -90.35 -1.48 -130.53
C GLY AA 144 -91.35 -0.73 -129.68
N THR AA 145 -91.74 -1.30 -128.52
CA THR AA 145 -92.83 -0.76 -127.77
C THR AA 145 -92.38 0.47 -126.98
N GLY AA 146 -91.08 0.54 -126.63
CA GLY AA 146 -90.61 1.67 -125.86
C GLY AA 146 -90.56 2.94 -126.69
N SER AA 147 -90.19 2.72 -127.98
CA SER AA 147 -89.99 3.82 -128.94
C SER AA 147 -91.30 4.14 -129.63
N GLY AA 148 -92.01 3.11 -130.09
CA GLY AA 148 -93.21 3.33 -130.91
C GLY AA 148 -94.36 3.82 -130.04
N LEU AA 149 -94.67 3.04 -128.99
CA LEU AA 149 -95.78 3.39 -128.14
C LEU AA 149 -95.44 4.61 -127.28
N GLY AA 150 -94.15 4.85 -127.04
CA GLY AA 150 -93.72 6.05 -126.34
C GLY AA 150 -94.11 7.34 -127.08
N CYS AA 151 -93.94 7.33 -128.39
CA CYS AA 151 -94.33 8.47 -129.21
C CYS AA 151 -95.84 8.64 -129.20
N LEU AA 152 -96.58 7.56 -129.35
CA LEU AA 152 -98.04 7.61 -129.47
C LEU AA 152 -98.66 8.15 -128.17
N LEU AA 153 -98.08 7.78 -127.03
CA LEU AA 153 -98.59 8.28 -125.77
C LEU AA 153 -98.24 9.78 -125.62
N LEU AA 154 -97.07 10.18 -126.09
CA LEU AA 154 -96.65 11.56 -125.90
C LEU AA 154 -97.35 12.51 -126.86
N GLU AA 155 -97.74 12.02 -128.06
CA GLU AA 155 -98.62 12.77 -128.93
C GLU AA 155 -99.99 12.94 -128.27
N ARG AA 156 -100.49 11.89 -127.62
CA ARG AA 156 -101.78 11.97 -126.97
C ARG AA 156 -101.76 12.86 -125.73
N LEU AA 157 -100.67 12.84 -125.02
CA LEU AA 157 -100.52 13.62 -123.79
C LEU AA 157 -100.35 15.09 -124.10
N SER AA 158 -99.71 15.41 -125.24
CA SER AA 158 -99.51 16.79 -125.63
C SER AA 158 -100.82 17.46 -126.01
N VAL AA 159 -101.76 16.70 -126.56
CA VAL AA 159 -103.05 17.24 -126.96
C VAL AA 159 -103.93 17.50 -125.74
N ASP AA 160 -103.89 16.64 -124.72
CA ASP AA 160 -104.79 16.82 -123.59
C ASP AA 160 -104.19 17.78 -122.55
N TYR AA 161 -103.03 17.36 -122.05
CA TYR AA 161 -102.36 18.05 -120.96
C TYR AA 161 -101.23 18.90 -121.53
N GLY AA 162 -101.62 20.08 -122.00
CA GLY AA 162 -100.78 20.88 -122.89
C GLY AA 162 -99.54 21.51 -122.26
N LYS AA 163 -99.75 22.29 -121.18
CA LYS AA 163 -98.66 23.09 -120.65
C LYS AA 163 -97.86 22.36 -119.58
N LYS AA 164 -98.15 21.10 -119.33
CA LYS AA 164 -97.46 20.37 -118.28
C LYS AA 164 -96.08 19.90 -118.73
N SER AA 165 -95.14 19.91 -117.79
CA SER AA 165 -93.75 19.57 -118.06
C SER AA 165 -93.60 18.05 -118.26
N LYS AA 166 -92.77 17.66 -119.23
CA LYS AA 166 -92.65 16.30 -119.67
C LYS AA 166 -91.17 15.97 -119.72
N LEU AA 167 -90.70 15.23 -118.71
CA LEU AA 167 -89.31 14.80 -118.71
C LEU AA 167 -89.21 13.38 -119.25
N ASN AA 168 -88.21 13.13 -120.08
CA ASN AA 168 -87.99 11.83 -120.67
C ASN AA 168 -86.62 11.30 -120.27
N PHE AA 169 -86.55 10.03 -119.99
CA PHE AA 169 -85.31 9.34 -119.66
C PHE AA 169 -85.15 8.22 -120.66
N CYS AA 170 -84.36 8.48 -121.69
CA CYS AA 170 -84.14 7.52 -122.75
C CYS AA 170 -82.89 6.69 -122.47
N SER AA 171 -83.04 5.35 -122.46
CA SER AA 171 -81.95 4.43 -122.39
C SER AA 171 -81.41 4.25 -123.83
N TRP AA 172 -80.56 5.17 -124.17
CA TRP AA 172 -80.03 5.37 -125.48
C TRP AA 172 -79.15 4.24 -125.88
N PRO AA 173 -79.16 3.83 -127.18
CA PRO AA 173 -78.21 2.82 -127.65
C PRO AA 173 -76.76 3.27 -127.55
N SER AA 174 -75.92 2.28 -127.22
CA SER AA 174 -74.50 2.55 -126.99
C SER AA 174 -73.79 2.68 -128.31
N PRO AA 175 -72.64 3.37 -128.39
CA PRO AA 175 -71.78 3.31 -129.57
C PRO AA 175 -71.30 1.91 -129.93
N GLN AA 176 -70.90 1.11 -128.95
CA GLN AA 176 -70.27 -0.19 -129.25
C GLN AA 176 -71.18 -1.38 -129.03
N VAL AA 177 -71.82 -1.43 -127.87
CA VAL AA 177 -72.63 -2.57 -127.47
C VAL AA 177 -74.06 -2.31 -127.90
N SER AA 178 -74.72 -3.30 -128.48
CA SER AA 178 -75.95 -2.99 -129.20
C SER AA 178 -77.20 -3.73 -128.72
N THR AA 179 -77.10 -5.03 -128.56
CA THR AA 179 -78.20 -5.93 -128.21
C THR AA 179 -79.40 -5.83 -129.16
N ALA AA 180 -79.12 -5.38 -130.39
CA ALA AA 180 -80.11 -5.28 -131.46
C ALA AA 180 -79.41 -4.86 -132.74
N VAL AA 181 -79.96 -5.28 -133.90
CA VAL AA 181 -79.34 -4.84 -135.14
C VAL AA 181 -80.21 -3.75 -135.79
N VAL AA 182 -81.50 -3.73 -135.48
CA VAL AA 182 -82.39 -2.82 -136.19
C VAL AA 182 -82.59 -1.52 -135.40
N GLU AA 183 -81.85 -1.40 -134.30
CA GLU AA 183 -81.96 -0.24 -133.42
C GLU AA 183 -81.52 1.07 -134.04
N PRO AA 184 -80.59 1.21 -135.01
CA PRO AA 184 -80.43 2.48 -135.69
C PRO AA 184 -81.70 2.97 -136.40
N TYR AA 185 -82.52 2.03 -136.92
CA TYR AA 185 -83.77 2.45 -137.50
C TYR AA 185 -84.77 2.98 -136.45
N ASN AA 186 -84.85 2.27 -135.33
CA ASN AA 186 -85.82 2.66 -134.31
C ASN AA 186 -85.41 3.96 -133.62
N SER AA 187 -84.09 4.21 -133.53
CA SER AA 187 -83.60 5.35 -132.79
C SER AA 187 -83.80 6.66 -133.55
N VAL AA 188 -83.57 6.64 -134.88
CA VAL AA 188 -83.72 7.84 -135.67
C VAL AA 188 -85.20 8.20 -135.81
N LEU AA 189 -86.06 7.18 -135.90
CA LEU AA 189 -87.49 7.42 -135.98
C LEU AA 189 -88.06 7.95 -134.65
N SER AA 190 -87.48 7.55 -133.55
CA SER AA 190 -87.97 7.98 -132.25
C SER AA 190 -87.54 9.41 -131.98
N THR AA 191 -86.30 9.75 -132.35
CA THR AA 191 -85.76 11.06 -132.03
C THR AA 191 -86.47 12.16 -132.81
N HIS AA 192 -86.96 11.80 -134.02
CA HIS AA 192 -87.73 12.74 -134.80
C HIS AA 192 -89.05 13.07 -134.08
N SER AA 193 -89.63 12.08 -133.41
CA SER AA 193 -90.97 12.18 -132.94
C SER AA 193 -91.00 12.52 -131.46
N LEU AA 194 -89.88 12.42 -130.73
CA LEU AA 194 -89.79 12.92 -129.37
C LEU AA 194 -89.18 14.32 -129.31
N LEU AA 195 -88.78 14.87 -130.46
CA LEU AA 195 -88.28 16.23 -130.49
C LEU AA 195 -89.38 17.24 -130.30
N GLU AA 196 -90.56 16.99 -130.91
CA GLU AA 196 -91.68 17.86 -130.80
C GLU AA 196 -92.69 17.44 -129.74
N HIS AA 197 -92.36 16.48 -128.89
CA HIS AA 197 -93.23 16.02 -127.86
C HIS AA 197 -92.67 16.12 -126.44
N THR AA 198 -91.39 16.30 -126.26
CA THR AA 198 -90.82 16.28 -124.92
C THR AA 198 -90.34 17.69 -124.58
N ASP AA 199 -90.22 17.94 -123.30
CA ASP AA 199 -89.66 19.20 -122.83
C ASP AA 199 -88.17 19.05 -122.55
N VAL AA 200 -87.80 17.97 -121.83
CA VAL AA 200 -86.42 17.74 -121.42
C VAL AA 200 -86.15 16.25 -121.56
N ALA AA 201 -85.12 15.90 -122.34
CA ALA AA 201 -84.74 14.50 -122.52
C ALA AA 201 -83.32 14.29 -121.99
N VAL AA 202 -83.21 13.33 -121.10
CA VAL AA 202 -81.97 12.99 -120.43
C VAL AA 202 -81.48 11.66 -120.99
N MET AA 203 -80.22 11.65 -121.37
CA MET AA 203 -79.63 10.55 -122.16
C MET AA 203 -78.93 9.61 -121.17
N LEU AA 204 -79.38 8.36 -121.14
CA LEU AA 204 -78.71 7.33 -120.37
C LEU AA 204 -78.20 6.28 -121.30
N ASP AA 205 -76.93 5.89 -121.15
CA ASP AA 205 -76.34 4.87 -121.99
C ASP AA 205 -75.95 3.69 -121.10
N ASN AA 206 -76.07 2.48 -121.67
CA ASN AA 206 -75.83 1.27 -120.89
C ASN AA 206 -74.35 1.02 -120.67
N GLU AA 207 -73.53 1.23 -121.70
CA GLU AA 207 -72.12 0.88 -121.51
C GLU AA 207 -71.39 1.98 -120.72
N ALA AA 208 -72.01 3.16 -120.59
CA ALA AA 208 -71.48 4.16 -119.69
C ALA AA 208 -71.61 3.70 -118.23
N ILE AA 209 -72.73 3.10 -117.89
CA ILE AA 209 -72.93 2.63 -116.53
C ILE AA 209 -72.17 1.33 -116.32
N TYR AA 210 -71.91 0.57 -117.41
CA TYR AA 210 -71.06 -0.59 -117.32
C TYR AA 210 -69.66 -0.20 -116.89
N ASP AA 211 -69.11 0.87 -117.49
CA ASP AA 211 -67.74 1.22 -117.18
C ASP AA 211 -67.63 1.91 -115.82
N ILE AA 212 -68.71 2.59 -115.40
CA ILE AA 212 -68.73 3.20 -114.10
C ILE AA 212 -68.69 2.11 -113.02
N CYS AA 213 -69.48 1.05 -113.22
CA CYS AA 213 -69.53 0.02 -112.20
C CYS AA 213 -68.29 -0.85 -112.21
N ARG AA 214 -67.50 -0.80 -113.32
CA ARG AA 214 -66.26 -1.55 -113.33
C ARG AA 214 -65.15 -0.87 -112.52
N ARG AA 215 -65.04 0.44 -112.64
CA ARG AA 215 -63.93 1.12 -111.98
C ARG AA 215 -64.30 1.64 -110.59
N ASN AA 216 -65.52 2.07 -110.36
CA ASN AA 216 -65.88 2.75 -109.12
C ASN AA 216 -66.42 1.74 -108.10
N LEU AA 217 -67.33 0.84 -108.54
CA LEU AA 217 -67.85 -0.16 -107.63
C LEU AA 217 -67.00 -1.42 -107.61
N ASP AA 218 -66.09 -1.56 -108.59
CA ASP AA 218 -65.26 -2.74 -108.80
C ASP AA 218 -66.11 -4.00 -108.92
N ILE AA 219 -67.19 -3.92 -109.71
CA ILE AA 219 -67.97 -5.08 -110.08
C ILE AA 219 -67.60 -5.45 -111.51
N GLU AA 220 -66.96 -6.63 -111.62
CA GLU AA 220 -66.42 -7.07 -112.90
C GLU AA 220 -67.48 -7.57 -113.87
N ARG AA 221 -68.54 -8.13 -113.34
CA ARG AA 221 -69.57 -8.84 -114.11
C ARG AA 221 -70.96 -8.34 -113.72
N PRO AA 222 -71.34 -7.08 -114.02
CA PRO AA 222 -72.63 -6.57 -113.59
C PRO AA 222 -73.79 -7.02 -114.47
N THR AA 223 -74.97 -6.84 -113.93
CA THR AA 223 -76.21 -7.27 -114.55
C THR AA 223 -77.10 -6.04 -114.66
N TYR AA 224 -78.29 -6.23 -115.26
CA TYR AA 224 -79.23 -5.13 -115.43
C TYR AA 224 -79.77 -4.61 -114.10
N THR AA 225 -79.78 -5.46 -113.08
CA THR AA 225 -80.27 -5.11 -111.77
C THR AA 225 -79.29 -4.18 -111.07
N ASN AA 226 -78.02 -4.24 -111.39
CA ASN AA 226 -77.02 -3.33 -110.84
C ASN AA 226 -77.10 -1.99 -111.56
N LEU AA 227 -77.46 -2.01 -112.85
CA LEU AA 227 -77.58 -0.79 -113.62
C LEU AA 227 -78.75 0.03 -113.13
N ASN AA 228 -79.84 -0.63 -112.83
CA ASN AA 228 -81.10 0.05 -112.54
C ASN AA 228 -81.10 0.69 -111.16
N ARG AA 229 -80.30 0.18 -110.24
CA ARG AA 229 -80.12 0.82 -108.94
C ARG AA 229 -79.46 2.18 -109.09
N LEU AA 230 -78.48 2.26 -109.98
CA LEU AA 230 -77.76 3.51 -110.21
C LEU AA 230 -78.65 4.53 -110.91
N ILE AA 231 -79.54 4.06 -111.78
CA ILE AA 231 -80.50 4.92 -112.44
C ILE AA 231 -81.51 5.43 -111.40
N ALA AA 232 -81.89 4.56 -110.46
CA ALA AA 232 -82.85 4.91 -109.43
C ALA AA 232 -82.30 5.99 -108.50
N GLN AA 233 -80.99 5.97 -108.27
CA GLN AA 233 -80.37 6.98 -107.40
C GLN AA 233 -80.36 8.34 -108.08
N VAL AA 234 -80.27 8.37 -109.41
CA VAL AA 234 -80.29 9.62 -110.14
C VAL AA 234 -81.70 10.23 -110.07
N ILE AA 235 -82.73 9.39 -110.22
CA ILE AA 235 -84.09 9.89 -110.20
C ILE AA 235 -84.46 10.35 -108.81
N SER AA 236 -83.97 9.67 -107.78
CA SER AA 236 -84.21 10.03 -106.39
C SER AA 236 -83.60 11.38 -106.08
N SER AA 237 -82.39 11.63 -106.61
CA SER AA 237 -81.71 12.89 -106.36
C SER AA 237 -82.37 14.03 -107.15
N LEU AA 238 -83.00 13.69 -108.28
CA LEU AA 238 -83.68 14.68 -109.11
C LEU AA 238 -84.92 15.21 -108.39
N THR AA 239 -85.69 14.30 -107.80
CA THR AA 239 -87.00 14.64 -107.24
C THR AA 239 -86.93 14.68 -105.74
N ALA AA 240 -85.74 14.84 -105.17
CA ALA AA 240 -85.60 14.90 -103.70
C ALA AA 240 -86.23 16.17 -103.14
N SER AA 241 -86.19 17.24 -103.91
CA SER AA 241 -86.65 18.55 -103.46
C SER AA 241 -88.17 18.59 -103.33
N LEU AA 242 -88.86 17.81 -104.20
CA LEU AA 242 -90.29 17.67 -104.06
C LEU AA 242 -90.72 16.98 -102.75
N ARG AA 243 -89.91 16.09 -102.26
CA ARG AA 243 -90.27 15.20 -101.16
C ARG AA 243 -89.79 15.72 -99.81
N PHE AA 244 -88.59 16.32 -99.79
CA PHE AA 244 -87.97 16.72 -98.54
C PHE AA 244 -87.71 18.19 -98.48
N ASP AA 245 -87.54 18.72 -97.26
CA ASP AA 245 -87.29 20.14 -97.09
C ASP AA 245 -85.81 20.40 -97.32
N GLY AA 246 -85.50 21.54 -97.94
CA GLY AA 246 -84.12 21.83 -98.26
C GLY AA 246 -83.87 23.36 -98.15
N ALA AA 247 -82.57 23.68 -98.09
CA ALA AA 247 -82.11 25.04 -98.04
C ALA AA 247 -82.38 25.81 -99.32
N LEU AA 248 -82.21 25.14 -100.46
CA LEU AA 248 -82.55 25.70 -101.75
C LEU AA 248 -83.13 24.58 -102.61
N ASN AA 249 -84.44 24.56 -102.70
CA ASN AA 249 -85.22 23.61 -103.44
C ASN AA 249 -85.33 23.95 -104.93
N VAL AA 250 -85.60 22.95 -105.72
CA VAL AA 250 -85.70 22.97 -107.16
C VAL AA 250 -86.91 22.12 -107.55
N ASP AA 251 -87.70 22.62 -108.52
CA ASP AA 251 -88.92 21.97 -108.92
C ASP AA 251 -88.73 21.13 -110.17
N VAL AA 252 -89.78 20.45 -110.62
CA VAL AA 252 -89.71 19.75 -111.90
C VAL AA 252 -89.84 20.74 -113.08
N THR AA 253 -90.64 21.76 -112.86
CA THR AA 253 -90.83 22.81 -113.84
C THR AA 253 -89.66 23.74 -113.87
N GLU AA 254 -88.79 23.75 -112.88
CA GLU AA 254 -87.58 24.55 -112.86
C GLU AA 254 -86.52 24.21 -113.91
N PHE AA 255 -86.52 22.97 -114.39
CA PHE AA 255 -85.46 22.53 -115.29
C PHE AA 255 -85.62 23.14 -116.68
N GLN AA 256 -86.83 23.27 -117.16
CA GLN AA 256 -87.04 23.72 -118.51
C GLN AA 256 -86.76 25.22 -118.64
N THR AA 257 -86.93 25.99 -117.54
CA THR AA 257 -86.59 27.40 -117.63
C THR AA 257 -85.07 27.59 -117.55
N ASN AA 258 -84.38 26.68 -116.91
CA ASN AA 258 -83.02 26.85 -116.45
C ASN AA 258 -82.03 26.06 -117.29
N LEU AA 259 -82.50 25.09 -118.09
CA LEU AA 259 -81.54 24.22 -118.75
C LEU AA 259 -81.66 24.28 -120.28
N VAL AA 260 -82.86 24.67 -120.80
CA VAL AA 260 -83.03 24.48 -122.20
C VAL AA 260 -83.09 25.83 -122.90
N PRO AA 261 -82.01 26.29 -123.58
CA PRO AA 261 -81.97 27.62 -124.13
C PRO AA 261 -82.76 27.82 -125.41
N TYR AA 262 -82.93 26.75 -126.23
CA TYR AA 262 -83.71 26.83 -127.44
C TYR AA 262 -84.73 25.73 -127.45
N PRO AA 263 -85.87 25.86 -128.15
CA PRO AA 263 -86.90 24.81 -128.17
C PRO AA 263 -86.45 23.43 -128.65
N ARG AA 264 -85.51 23.40 -129.59
CA ARG AA 264 -85.09 22.08 -130.10
C ARG AA 264 -83.96 21.47 -129.27
N ILE AA 265 -83.24 22.30 -128.53
CA ILE AA 265 -82.05 21.85 -127.81
C ILE AA 265 -82.50 21.50 -126.39
N HIS AA 266 -82.79 20.23 -126.20
CA HIS AA 266 -83.15 19.78 -124.87
C HIS AA 266 -82.53 18.44 -124.53
N PHE AA 267 -81.40 18.09 -125.16
CA PHE AA 267 -80.79 16.79 -125.00
C PHE AA 267 -79.54 16.92 -124.15
N MET AA 268 -79.54 16.15 -123.05
CA MET AA 268 -78.57 16.40 -122.00
C MET AA 268 -77.69 15.19 -121.67
N LEU AA 269 -76.95 15.38 -120.59
CA LEU AA 269 -75.95 14.38 -120.17
C LEU AA 269 -75.95 14.40 -118.64
N SER AA 270 -75.95 13.25 -117.97
CA SER AA 270 -76.12 13.22 -116.56
C SER AA 270 -74.92 12.58 -115.87
N SER AA 271 -74.80 12.79 -114.56
CA SER AA 271 -73.70 12.26 -113.79
C SER AA 271 -74.16 12.14 -112.34
N TYR AA 272 -73.54 11.21 -111.63
CA TYR AA 272 -73.79 11.08 -110.22
C TYR AA 272 -72.48 10.81 -109.52
N ALA AA 273 -72.30 11.42 -108.35
CA ALA AA 273 -71.09 11.23 -107.59
C ALA AA 273 -71.43 11.50 -106.13
N PRO AA 274 -70.90 10.73 -105.15
CA PRO AA 274 -70.02 9.61 -105.40
C PRO AA 274 -70.72 8.28 -105.62
N ILE AA 275 -70.10 7.41 -106.39
CA ILE AA 275 -70.47 6.02 -106.52
C ILE AA 275 -69.31 5.21 -105.96
N ILE AA 276 -69.43 4.88 -104.67
CA ILE AA 276 -68.33 4.28 -103.95
C ILE AA 276 -68.78 3.01 -103.25
N SER AA 277 -67.88 2.02 -103.27
CA SER AA 277 -68.25 0.71 -102.72
C SER AA 277 -68.09 0.75 -101.18
N ALA AA 278 -68.55 -0.30 -100.55
CA ALA AA 278 -68.52 -0.37 -99.10
C ALA AA 278 -67.12 -0.51 -98.50
N GLU AA 279 -66.27 -1.15 -99.29
CA GLU AA 279 -64.83 -1.26 -98.94
C GLU AA 279 -64.18 0.08 -99.28
N LYS AA 280 -64.64 0.75 -100.33
CA LYS AA 280 -64.01 1.93 -100.88
C LYS AA 280 -64.26 3.18 -100.07
N ALA AA 281 -65.38 3.20 -99.30
CA ALA AA 281 -65.78 4.29 -98.46
C ALA AA 281 -64.87 4.36 -97.25
N TYR AA 282 -64.19 3.25 -96.90
CA TYR AA 282 -63.42 3.13 -95.68
C TYR AA 282 -62.31 4.19 -95.56
N HIS AA 283 -61.74 4.53 -96.69
CA HIS AA 283 -60.47 5.24 -96.72
C HIS AA 283 -60.65 6.69 -97.13
N GLU AA 284 -61.89 7.17 -97.28
CA GLU AA 284 -62.11 8.40 -98.08
C GLU AA 284 -62.96 9.39 -97.31
N GLN AA 285 -62.49 10.63 -97.31
CA GLN AA 285 -63.34 11.73 -96.86
C GLN AA 285 -64.20 12.17 -98.01
N LEU AA 286 -65.53 12.11 -97.87
CA LEU AA 286 -66.39 12.50 -98.96
C LEU AA 286 -66.73 13.99 -98.97
N SER AA 287 -65.72 14.84 -99.13
CA SER AA 287 -65.90 16.28 -99.01
C SER AA 287 -66.71 16.82 -100.18
N VAL AA 288 -67.34 17.97 -99.96
CA VAL AA 288 -68.15 18.62 -100.96
C VAL AA 288 -67.29 19.04 -102.15
N ALA AA 289 -66.02 19.36 -101.90
CA ALA AA 289 -65.12 19.74 -102.97
C ALA AA 289 -64.82 18.56 -103.90
N GLU AA 290 -64.67 17.36 -103.33
CA GLU AA 290 -64.22 16.25 -104.15
C GLU AA 290 -65.39 15.52 -104.79
N ILE AA 291 -66.58 15.58 -104.21
CA ILE AA 291 -67.73 14.94 -104.86
C ILE AA 291 -68.20 15.78 -106.05
N THR AA 292 -67.88 17.08 -106.03
CA THR AA 292 -68.21 17.92 -107.18
C THR AA 292 -67.13 17.83 -108.24
N ASN AA 293 -65.91 17.49 -107.86
CA ASN AA 293 -64.82 17.30 -108.81
C ASN AA 293 -65.04 16.03 -109.60
N SER AA 294 -65.51 14.96 -108.89
CA SER AA 294 -65.77 13.69 -109.56
C SER AA 294 -67.02 13.76 -110.45
N ALA AA 295 -67.90 14.73 -110.20
CA ALA AA 295 -69.08 14.88 -111.04
C ALA AA 295 -68.70 15.44 -112.41
N PHE AA 296 -67.76 16.37 -112.43
CA PHE AA 296 -67.32 17.00 -113.67
C PHE AA 296 -66.19 16.25 -114.36
N GLU AA 297 -65.71 15.20 -113.69
CA GLU AA 297 -64.59 14.41 -114.21
C GLU AA 297 -65.11 13.72 -115.48
N PRO AA 298 -64.49 14.02 -116.65
CA PRO AA 298 -65.13 13.73 -117.92
C PRO AA 298 -65.33 12.26 -118.23
N ALA AA 299 -64.62 11.38 -117.56
CA ALA AA 299 -64.79 9.95 -117.76
C ALA AA 299 -66.01 9.40 -117.00
N SER AA 300 -66.62 10.22 -116.13
CA SER AA 300 -67.58 9.72 -115.16
C SER AA 300 -69.00 10.20 -115.52
N MET AA 301 -69.22 10.45 -116.77
CA MET AA 301 -70.52 10.71 -117.35
C MET AA 301 -71.33 9.42 -117.39
N MET AA 302 -72.64 9.57 -117.50
CA MET AA 302 -73.54 8.44 -117.58
C MET AA 302 -74.17 8.30 -118.97
N ALA AA 303 -73.45 8.76 -120.01
CA ALA AA 303 -73.98 8.72 -121.35
C ALA AA 303 -72.95 8.33 -122.40
N LYS AA 304 -71.69 8.12 -122.04
CA LYS AA 304 -70.63 7.76 -122.99
C LYS AA 304 -70.53 8.83 -124.09
N CYS AA 305 -70.25 10.05 -123.63
CA CYS AA 305 -69.87 11.11 -124.54
C CYS AA 305 -68.88 11.96 -123.76
N ASP AA 306 -67.61 11.92 -124.19
CA ASP AA 306 -66.60 12.67 -123.53
C ASP AA 306 -66.78 14.15 -123.74
N PRO AA 307 -67.02 14.97 -122.72
CA PRO AA 307 -67.38 16.38 -122.92
C PRO AA 307 -66.20 17.33 -123.16
N ARG AA 308 -64.98 16.78 -123.32
CA ARG AA 308 -63.91 17.53 -123.95
C ARG AA 308 -64.20 17.99 -125.38
N HIS AA 309 -65.00 17.21 -126.15
CA HIS AA 309 -65.29 17.67 -127.50
C HIS AA 309 -66.66 18.39 -127.58
N GLY AA 310 -67.03 19.06 -126.50
CA GLY AA 310 -68.15 19.98 -126.55
C GLY AA 310 -67.93 21.20 -125.70
N LYS AA 311 -68.95 22.07 -125.74
CA LYS AA 311 -69.01 23.20 -124.83
C LYS AA 311 -70.25 23.05 -123.99
N TYR AA 312 -70.08 23.15 -122.67
CA TYR AA 312 -71.24 23.15 -121.76
C TYR AA 312 -72.07 24.42 -121.97
N MET AA 313 -73.41 24.26 -121.93
CA MET AA 313 -74.35 25.31 -122.28
C MET AA 313 -75.16 25.71 -121.03
N ALA AA 314 -75.61 24.72 -120.22
CA ALA AA 314 -76.23 25.06 -118.96
C ALA AA 314 -76.13 23.89 -118.02
N CYS AA 315 -75.88 24.10 -116.73
CA CYS AA 315 -75.61 22.97 -115.86
C CYS AA 315 -76.33 23.08 -114.52
N CYS AA 316 -76.89 21.97 -114.06
CA CYS AA 316 -77.73 21.97 -112.88
C CYS AA 316 -77.24 20.92 -111.89
N LEU AA 317 -76.88 21.38 -110.70
CA LEU AA 317 -76.29 20.55 -109.65
C LEU AA 317 -77.28 20.39 -108.49
N MET AA 318 -77.50 19.15 -108.16
CA MET AA 318 -78.37 18.79 -107.04
C MET AA 318 -77.51 18.22 -105.93
N TYR AA 319 -77.22 19.02 -104.90
CA TYR AA 319 -76.57 18.49 -103.73
C TYR AA 319 -77.58 17.89 -102.78
N ARG AA 320 -77.18 16.80 -102.14
CA ARG AA 320 -78.10 16.10 -101.25
C ARG AA 320 -77.31 15.63 -100.03
N GLY AA 321 -77.66 16.09 -98.86
CA GLY AA 321 -77.08 15.53 -97.64
C GLY AA 321 -76.54 16.63 -96.75
N ASP AA 322 -75.48 16.28 -96.00
CA ASP AA 322 -74.75 17.14 -95.11
C ASP AA 322 -73.90 18.11 -95.93
N VAL AA 323 -74.56 19.04 -96.58
CA VAL AA 323 -73.91 19.98 -97.48
C VAL AA 323 -74.17 21.39 -96.94
N VAL AA 324 -73.09 22.08 -96.64
CA VAL AA 324 -73.19 23.47 -96.22
C VAL AA 324 -73.15 24.35 -97.47
N PRO AA 325 -73.90 25.46 -97.54
CA PRO AA 325 -73.93 26.27 -98.76
C PRO AA 325 -72.65 27.00 -99.12
N LYS AA 326 -71.75 27.20 -98.15
CA LYS AA 326 -70.51 27.90 -98.43
C LYS AA 326 -69.53 27.01 -99.17
N ASP AA 327 -69.57 25.69 -98.90
CA ASP AA 327 -68.69 24.78 -99.60
C ASP AA 327 -69.21 24.46 -101.00
N VAL AA 328 -70.51 24.71 -101.26
CA VAL AA 328 -71.00 24.62 -102.61
C VAL AA 328 -70.41 25.75 -103.44
N ASN AA 329 -70.45 26.97 -102.88
CA ASN AA 329 -69.99 28.17 -103.56
C ASN AA 329 -68.49 28.08 -103.76
N ALA AA 330 -67.76 27.52 -102.79
CA ALA AA 330 -66.32 27.37 -102.94
C ALA AA 330 -65.98 26.34 -104.02
N ALA AA 331 -66.80 25.27 -104.09
CA ALA AA 331 -66.49 24.16 -104.98
C ALA AA 331 -66.83 24.52 -106.43
N VAL AA 332 -67.92 25.27 -106.63
CA VAL AA 332 -68.34 25.57 -107.99
C VAL AA 332 -67.46 26.69 -108.53
N ALA AA 333 -66.85 27.51 -107.66
CA ALA AA 333 -65.94 28.54 -108.15
C ALA AA 333 -64.67 27.90 -108.70
N THR AA 334 -64.21 26.81 -108.10
CA THR AA 334 -63.04 26.12 -108.58
C THR AA 334 -63.29 25.52 -109.97
N ILE AA 335 -64.52 25.02 -110.19
CA ILE AA 335 -64.86 24.41 -111.44
C ILE AA 335 -64.85 25.45 -112.56
N LYS AA 336 -65.40 26.64 -112.27
CA LYS AA 336 -65.47 27.69 -113.27
C LYS AA 336 -64.08 28.16 -113.66
N THR AA 337 -63.16 28.21 -112.69
CA THR AA 337 -61.83 28.71 -112.98
C THR AA 337 -60.98 27.63 -113.60
N LYS AA 338 -61.33 26.36 -113.52
CA LYS AA 338 -60.62 25.27 -114.17
C LYS AA 338 -60.80 25.48 -115.68
N ARG AA 339 -59.66 25.47 -116.39
CA ARG AA 339 -59.71 25.96 -117.77
C ARG AA 339 -59.87 24.80 -118.79
N THR AA 340 -59.83 23.52 -118.31
CA THR AA 340 -60.17 22.45 -119.21
C THR AA 340 -61.67 22.27 -119.28
N ILE AA 341 -62.48 22.89 -118.42
CA ILE AA 341 -63.90 22.87 -118.58
C ILE AA 341 -64.32 24.12 -119.34
N GLN AA 342 -65.02 23.92 -120.45
CA GLN AA 342 -65.30 24.94 -121.42
C GLN AA 342 -66.78 25.31 -121.42
N PHE AA 343 -67.02 26.63 -121.46
CA PHE AA 343 -68.40 27.13 -121.50
C PHE AA 343 -68.63 27.88 -122.77
N VAL AA 344 -69.91 27.98 -123.18
CA VAL AA 344 -70.27 28.71 -124.36
C VAL AA 344 -70.21 30.21 -124.04
N ASP AA 345 -69.96 31.01 -125.07
CA ASP AA 345 -69.70 32.42 -124.94
C ASP AA 345 -70.95 33.19 -124.47
N TRP AA 346 -72.13 32.73 -124.92
CA TRP AA 346 -73.33 33.56 -124.67
C TRP AA 346 -73.98 33.24 -123.33
N CYS AA 347 -73.40 32.34 -122.54
CA CYS AA 347 -73.98 31.98 -121.26
C CYS AA 347 -72.92 32.17 -120.17
N PRO AA 348 -72.76 33.42 -119.66
CA PRO AA 348 -71.68 33.69 -118.72
C PRO AA 348 -71.86 33.02 -117.35
N THR AA 349 -73.08 33.05 -116.83
CA THR AA 349 -73.42 32.32 -115.63
C THR AA 349 -74.13 31.04 -116.06
N GLY AA 350 -73.61 29.88 -115.63
CA GLY AA 350 -74.10 28.65 -116.22
C GLY AA 350 -74.44 27.58 -115.18
N PHE AA 351 -74.77 28.00 -113.97
CA PHE AA 351 -75.03 27.09 -112.89
C PHE AA 351 -76.37 27.33 -112.24
N LYS AA 352 -77.04 26.23 -111.87
CA LYS AA 352 -78.07 26.24 -110.86
C LYS AA 352 -77.67 25.24 -109.79
N CYS AA 353 -77.62 25.73 -108.54
CA CYS AA 353 -77.38 24.83 -107.43
C CYS AA 353 -78.66 24.61 -106.62
N GLY AA 354 -78.83 23.36 -106.19
CA GLY AA 354 -79.95 23.03 -105.32
C GLY AA 354 -79.47 22.11 -104.19
N ILE AA 355 -79.84 22.44 -102.95
CA ILE AA 355 -79.32 21.78 -101.78
C ILE AA 355 -80.46 21.21 -100.97
N ASN AA 356 -80.37 19.91 -100.64
CA ASN AA 356 -81.37 19.25 -99.85
C ASN AA 356 -80.76 18.64 -98.60
N TYR AA 357 -81.57 18.44 -97.56
CA TYR AA 357 -81.07 17.96 -96.30
C TYR AA 357 -80.95 16.43 -96.26
N GLN AA 358 -81.86 15.71 -96.89
CA GLN AA 358 -82.00 14.28 -96.62
C GLN AA 358 -80.91 13.50 -97.35
N PRO AA 359 -80.10 12.70 -96.62
CA PRO AA 359 -79.01 11.98 -97.25
C PRO AA 359 -79.57 10.86 -98.14
N PRO AA 360 -78.80 10.39 -99.14
CA PRO AA 360 -79.28 9.30 -99.99
C PRO AA 360 -79.45 8.00 -99.21
N THR AA 361 -80.53 7.30 -99.51
CA THR AA 361 -80.86 6.08 -98.80
C THR AA 361 -80.26 4.90 -99.53
N VAL AA 362 -79.69 3.93 -98.78
CA VAL AA 362 -79.05 2.80 -99.40
C VAL AA 362 -79.97 1.58 -99.27
N VAL AA 363 -80.07 0.85 -100.38
CA VAL AA 363 -80.83 -0.38 -100.37
C VAL AA 363 -80.00 -1.47 -99.71
N PRO AA 364 -80.57 -2.23 -98.76
CA PRO AA 364 -79.85 -3.36 -98.15
C PRO AA 364 -79.58 -4.44 -99.18
N GLY AA 365 -78.38 -5.00 -99.09
CA GLY AA 365 -77.93 -6.02 -100.03
C GLY AA 365 -77.61 -5.46 -101.41
N GLY AA 366 -77.55 -4.12 -101.53
CA GLY AA 366 -77.10 -3.51 -102.77
C GLY AA 366 -75.58 -3.48 -102.87
N ASP AA 367 -75.09 -2.60 -103.74
CA ASP AA 367 -73.65 -2.49 -103.92
C ASP AA 367 -73.12 -1.11 -103.52
N LEU AA 368 -74.00 -0.11 -103.37
CA LEU AA 368 -73.55 1.18 -102.90
C LEU AA 368 -73.35 1.16 -101.37
N ALA AA 369 -72.57 2.12 -100.91
CA ALA AA 369 -72.31 2.35 -99.51
C ALA AA 369 -73.16 3.51 -99.00
N LYS AA 370 -73.32 3.55 -97.67
CA LYS AA 370 -74.02 4.66 -97.04
C LYS AA 370 -73.15 5.90 -97.10
N VAL AA 371 -73.61 6.93 -97.80
CA VAL AA 371 -72.83 8.14 -97.96
C VAL AA 371 -73.59 9.31 -97.33
N MET AA 372 -72.81 10.29 -96.89
CA MET AA 372 -73.40 11.39 -96.14
C MET AA 372 -73.87 12.49 -97.09
N ARG AA 373 -73.29 12.55 -98.29
CA ARG AA 373 -73.59 13.64 -99.22
C ARG AA 373 -73.33 13.15 -100.64
N ALA AA 374 -74.10 13.71 -101.58
CA ALA AA 374 -74.04 13.27 -102.97
C ALA AA 374 -74.43 14.42 -103.88
N VAL AA 375 -74.03 14.29 -105.15
CA VAL AA 375 -74.32 15.26 -106.18
C VAL AA 375 -74.92 14.51 -107.36
N CYS AA 376 -75.98 15.10 -107.91
CA CYS AA 376 -76.50 14.68 -109.20
C CYS AA 376 -76.44 15.85 -110.17
N MET AA 377 -75.72 15.65 -111.29
CA MET AA 377 -75.51 16.75 -112.20
C MET AA 377 -76.15 16.45 -113.54
N ILE AA 378 -76.97 17.36 -114.01
CA ILE AA 378 -77.63 17.22 -115.31
C ILE AA 378 -77.29 18.47 -116.10
N SER AA 379 -76.62 18.27 -117.24
CA SER AA 379 -76.04 19.35 -118.01
C SER AA 379 -76.49 19.26 -119.46
N ASN AA 380 -76.65 20.43 -120.09
CA ASN AA 380 -76.75 20.52 -121.53
C ASN AA 380 -75.39 20.86 -122.10
N SER AA 381 -74.92 20.08 -123.07
CA SER AA 381 -73.68 20.39 -123.75
C SER AA 381 -73.85 20.18 -125.25
N THR AA 382 -72.87 20.72 -125.99
CA THR AA 382 -72.87 20.54 -127.43
C THR AA 382 -72.13 19.27 -127.82
N ALA AA 383 -71.72 18.45 -126.82
CA ALA AA 383 -71.08 17.19 -127.12
C ALA AA 383 -72.10 16.12 -127.59
N ILE AA 384 -73.39 16.41 -127.43
CA ILE AA 384 -74.45 15.52 -127.87
C ILE AA 384 -74.54 15.51 -129.40
N ALA AA 385 -73.87 16.42 -130.08
CA ALA AA 385 -73.80 16.45 -131.52
C ALA AA 385 -73.19 15.17 -132.08
N GLU AA 386 -72.21 14.58 -131.32
CA GLU AA 386 -71.56 13.40 -131.85
C GLU AA 386 -72.45 12.16 -131.68
N VAL AA 387 -73.28 12.14 -130.67
CA VAL AA 387 -74.10 10.94 -130.45
C VAL AA 387 -75.24 10.88 -131.48
N PHE AA 388 -75.60 12.00 -132.08
CA PHE AA 388 -76.55 12.02 -133.14
C PHE AA 388 -75.90 11.80 -134.50
N SER AA 389 -74.63 12.28 -134.65
CA SER AA 389 -73.89 12.00 -135.86
C SER AA 389 -73.56 10.51 -136.00
N ARG AA 390 -73.36 9.83 -134.89
CA ARG AA 390 -72.89 8.47 -134.94
C ARG AA 390 -74.00 7.53 -135.38
N MET AA 391 -75.25 7.82 -134.98
CA MET AA 391 -76.32 6.98 -135.48
C MET AA 391 -76.61 7.30 -136.96
N ASP AA 392 -76.38 8.56 -137.31
CA ASP AA 392 -76.59 9.05 -138.64
C ASP AA 392 -75.62 8.39 -139.61
N HIS AA 393 -74.40 8.11 -139.16
CA HIS AA 393 -73.46 7.27 -139.91
C HIS AA 393 -73.97 5.84 -140.03
N LYS AA 394 -74.57 5.33 -138.96
CA LYS AA 394 -75.12 3.99 -138.96
C LYS AA 394 -76.36 3.93 -139.84
N PHE AA 395 -77.13 5.01 -139.86
CA PHE AA 395 -78.42 4.97 -140.51
C PHE AA 395 -78.28 5.03 -142.02
N ASP AA 396 -77.34 5.81 -142.50
CA ASP AA 396 -77.11 5.95 -143.95
C ASP AA 396 -76.48 4.70 -144.52
N LEU AA 397 -75.64 4.04 -143.70
CA LEU AA 397 -74.94 2.83 -144.12
C LEU AA 397 -75.90 1.67 -144.29
N MET AA 398 -77.09 1.69 -143.66
CA MET AA 398 -78.00 0.62 -143.67
C MET AA 398 -79.22 0.88 -144.57
N TYR AA 399 -79.64 2.14 -144.63
CA TYR AA 399 -80.76 2.52 -145.45
C TYR AA 399 -80.39 2.73 -146.89
N ALA AA 400 -79.14 2.85 -147.21
CA ALA AA 400 -78.72 3.15 -148.60
C ALA AA 400 -79.18 2.09 -149.59
N LYS AA 401 -79.19 0.83 -149.18
CA LYS AA 401 -79.76 -0.21 -150.00
C LYS AA 401 -80.79 -1.02 -149.19
N ARG AA 402 -81.61 -0.27 -148.43
CA ARG AA 402 -82.94 -0.66 -148.04
C ARG AA 402 -82.99 -1.97 -147.28
N ALA AA 403 -82.06 -2.18 -146.34
CA ALA AA 403 -82.11 -3.34 -145.47
C ALA AA 403 -83.19 -3.10 -144.40
N PHE AA 404 -83.94 -4.19 -144.10
CA PHE AA 404 -84.94 -4.22 -143.06
C PHE AA 404 -86.09 -3.27 -143.31
N VAL AA 405 -86.24 -2.75 -144.53
CA VAL AA 405 -87.27 -1.74 -144.76
C VAL AA 405 -88.64 -2.38 -144.94
N HIS AA 406 -88.65 -3.60 -145.51
CA HIS AA 406 -89.89 -4.27 -145.86
C HIS AA 406 -90.65 -4.70 -144.61
N TRP AA 407 -89.95 -4.83 -143.46
CA TRP AA 407 -90.67 -5.08 -142.22
C TRP AA 407 -91.49 -3.85 -141.79
N TYR AA 408 -90.97 -2.66 -142.07
CA TYR AA 408 -91.60 -1.44 -141.61
C TYR AA 408 -92.70 -1.04 -142.58
N VAL AA 409 -92.44 -1.15 -143.91
CA VAL AA 409 -93.39 -0.58 -144.85
C VAL AA 409 -94.63 -1.48 -144.96
N GLY AA 410 -94.43 -2.80 -144.78
CA GLY AA 410 -95.57 -3.71 -144.82
C GLY AA 410 -96.40 -3.64 -143.56
N GLU AA 411 -95.92 -3.06 -142.51
CA GLU AA 411 -96.52 -3.08 -141.18
C GLU AA 411 -97.51 -1.95 -140.95
N GLY AA 412 -97.43 -0.89 -141.76
CA GLY AA 412 -98.49 0.11 -141.76
C GLY AA 412 -97.97 1.53 -141.94
N MET AA 413 -96.63 1.72 -142.01
CA MET AA 413 -96.21 3.08 -142.33
C MET AA 413 -95.65 3.10 -143.76
N GLU AA 414 -95.48 4.30 -144.27
CA GLU AA 414 -95.17 4.58 -145.66
C GLU AA 414 -93.67 4.87 -145.81
N GLU AA 415 -93.13 4.44 -146.94
CA GLU AA 415 -91.72 4.71 -147.21
C GLU AA 415 -91.55 6.20 -147.46
N GLY AA 416 -90.68 6.84 -146.70
CA GLY AA 416 -90.65 8.30 -146.77
C GLY AA 416 -90.61 8.90 -145.40
N GLU AA 417 -91.18 8.18 -144.44
CA GLU AA 417 -91.02 8.52 -143.03
C GLU AA 417 -89.58 8.25 -142.59
N PHE AA 418 -88.88 7.35 -143.26
CA PHE AA 418 -87.43 7.27 -143.09
C PHE AA 418 -86.72 8.54 -143.53
N SER AA 419 -87.19 9.08 -144.67
CA SER AA 419 -86.53 10.23 -145.25
C SER AA 419 -86.82 11.47 -144.42
N GLU AA 420 -88.08 11.59 -143.93
CA GLU AA 420 -88.48 12.73 -143.13
C GLU AA 420 -87.75 12.73 -141.78
N ALA AA 421 -87.59 11.55 -141.19
CA ALA AA 421 -86.91 11.46 -139.92
C ALA AA 421 -85.44 11.78 -140.05
N ARG AA 422 -84.85 11.42 -141.21
CA ARG AA 422 -83.44 11.64 -141.44
C ARG AA 422 -83.17 13.13 -141.60
N GLU AA 423 -84.03 13.84 -142.36
CA GLU AA 423 -83.81 15.25 -142.56
C GLU AA 423 -84.08 16.04 -141.29
N ASP AA 424 -84.95 15.50 -140.41
CA ASP AA 424 -85.18 16.15 -139.13
C ASP AA 424 -83.94 16.03 -138.26
N LEU AA 425 -83.32 14.85 -138.26
CA LEU AA 425 -82.08 14.66 -137.52
C LEU AA 425 -80.95 15.48 -138.13
N ALA AA 426 -80.94 15.63 -139.47
CA ALA AA 426 -79.96 16.48 -140.12
C ALA AA 426 -80.14 17.94 -139.70
N ALA AA 427 -81.41 18.36 -139.52
CA ALA AA 427 -81.70 19.70 -139.08
C ALA AA 427 -81.22 19.91 -137.64
N LEU AA 428 -81.33 18.84 -136.83
CA LEU AA 428 -80.92 18.96 -135.43
C LEU AA 428 -79.40 19.04 -135.32
N GLU AA 429 -78.70 18.33 -136.20
CA GLU AA 429 -77.24 18.37 -136.20
C GLU AA 429 -76.72 19.73 -136.61
N LYS AA 430 -77.38 20.36 -137.57
CA LYS AA 430 -76.98 21.69 -137.98
C LYS AA 430 -77.30 22.73 -136.90
N ASP AA 431 -78.33 22.46 -136.10
CA ASP AA 431 -78.71 23.35 -135.00
C ASP AA 431 -77.68 23.36 -133.89
N TYR AA 432 -77.12 22.20 -133.57
CA TYR AA 432 -76.07 22.11 -132.56
C TYR AA 432 -74.79 22.78 -133.03
N GLU AA 433 -74.51 22.72 -134.33
CA GLU AA 433 -73.32 23.36 -134.87
C GLU AA 433 -73.46 24.88 -134.84
N GLU AA 434 -74.67 25.38 -135.08
CA GLU AA 434 -74.90 26.82 -135.14
C GLU AA 434 -74.87 27.45 -133.73
N VAL AA 435 -75.24 26.68 -132.73
CA VAL AA 435 -75.31 27.20 -131.38
C VAL AA 435 -73.90 27.31 -130.78
N GLY AA 436 -72.94 26.48 -131.19
CA GLY AA 436 -71.62 26.44 -130.63
C GLY AA 436 -70.71 27.61 -131.04
N ILE AA 437 -71.02 28.27 -132.15
CA ILE AA 437 -70.08 29.16 -132.83
C ILE AA 437 -70.32 30.57 -132.29
N MET BA 1 -48.31 -27.99 27.86
CA MET BA 1 -48.96 -26.77 27.25
C MET BA 1 -50.22 -27.16 26.48
N ARG BA 2 -50.33 -26.74 25.25
CA ARG BA 2 -51.43 -27.16 24.38
C ARG BA 2 -50.93 -28.19 23.38
N GLU BA 3 -51.66 -29.31 23.27
CA GLU BA 3 -51.19 -30.44 22.46
C GLU BA 3 -52.31 -30.90 21.54
N ILE BA 4 -51.95 -31.21 20.29
CA ILE BA 4 -52.90 -31.79 19.35
C ILE BA 4 -52.47 -33.20 19.06
N VAL BA 5 -53.40 -34.14 19.27
CA VAL BA 5 -53.19 -35.53 18.98
C VAL BA 5 -53.67 -35.83 17.58
N HIS BA 6 -52.78 -36.41 16.76
CA HIS BA 6 -53.09 -36.76 15.40
C HIS BA 6 -53.48 -38.24 15.31
N VAL BA 7 -54.61 -38.51 14.63
CA VAL BA 7 -55.04 -39.83 14.34
C VAL BA 7 -55.23 -40.00 12.85
N GLN BA 8 -54.62 -41.03 12.29
CA GLN BA 8 -54.72 -41.27 10.84
C GLN BA 8 -55.36 -42.64 10.65
N GLY BA 9 -56.51 -42.65 9.97
CA GLY BA 9 -57.25 -43.89 9.78
C GLY BA 9 -57.56 -44.10 8.30
N GLY BA 10 -57.49 -45.37 7.90
CA GLY BA 10 -57.69 -45.75 6.53
C GLY BA 10 -56.49 -45.56 5.61
N GLN BA 11 -56.64 -46.05 4.38
CA GLN BA 11 -55.56 -45.96 3.40
C GLN BA 11 -55.35 -44.50 2.99
N CYS BA 12 -56.43 -43.77 2.79
CA CYS BA 12 -56.38 -42.38 2.42
C CYS BA 12 -55.78 -41.54 3.53
N GLY BA 13 -56.21 -41.80 4.77
CA GLY BA 13 -55.76 -41.01 5.92
C GLY BA 13 -54.26 -41.20 6.18
N ASN BA 14 -53.79 -42.44 5.96
CA ASN BA 14 -52.38 -42.74 6.21
C ASN BA 14 -51.49 -42.10 5.16
N GLN BA 15 -51.92 -42.09 3.91
CA GLN BA 15 -51.10 -41.53 2.85
C GLN BA 15 -51.15 -39.99 2.86
N ILE BA 16 -52.29 -39.41 3.28
CA ILE BA 16 -52.36 -37.97 3.34
C ILE BA 16 -51.72 -37.47 4.60
N GLY BA 17 -51.68 -38.31 5.66
CA GLY BA 17 -51.03 -37.89 6.90
C GLY BA 17 -49.52 -38.02 6.80
N ALA BA 18 -49.00 -38.92 5.98
CA ALA BA 18 -47.58 -39.06 5.75
C ALA BA 18 -47.01 -37.79 5.12
N LYS BA 19 -47.80 -37.16 4.25
CA LYS BA 19 -47.34 -35.93 3.63
C LYS BA 19 -47.57 -34.73 4.55
N PHE BA 20 -48.51 -34.86 5.49
CA PHE BA 20 -48.73 -33.82 6.45
C PHE BA 20 -47.53 -33.67 7.37
N TRP BA 21 -46.97 -34.80 7.79
CA TRP BA 21 -45.81 -34.76 8.67
C TRP BA 21 -44.54 -34.37 7.93
N GLU BA 22 -44.59 -34.44 6.60
CA GLU BA 22 -43.48 -33.96 5.79
C GLU BA 22 -43.47 -32.43 5.80
N VAL BA 23 -44.64 -31.81 5.74
CA VAL BA 23 -44.72 -30.38 5.59
C VAL BA 23 -44.56 -29.69 6.96
N ILE BA 24 -44.98 -30.35 8.05
CA ILE BA 24 -44.81 -29.75 9.35
C ILE BA 24 -43.35 -29.85 9.79
N SER BA 25 -42.71 -30.99 9.48
CA SER BA 25 -41.33 -31.19 9.87
C SER BA 25 -40.40 -30.22 9.10
N ASP BA 26 -40.70 -29.98 7.83
CA ASP BA 26 -39.79 -29.04 7.14
C ASP BA 26 -40.18 -27.63 7.46
N GLU BA 27 -41.40 -27.33 7.92
CA GLU BA 27 -41.70 -25.98 8.37
C GLU BA 27 -41.00 -25.66 9.70
N HIS BA 28 -40.86 -26.66 10.55
CA HIS BA 28 -40.12 -26.48 11.80
C HIS BA 28 -38.64 -26.84 11.67
N GLY BA 29 -38.23 -27.38 10.50
CA GLY BA 29 -36.84 -27.68 10.23
C GLY BA 29 -36.30 -28.91 10.99
N ILE BA 30 -37.09 -29.99 11.00
CA ILE BA 30 -36.69 -31.25 11.60
C ILE BA 30 -36.22 -32.20 10.51
N ASP BA 31 -35.03 -32.75 10.73
CA ASP BA 31 -34.49 -33.82 9.90
C ASP BA 31 -35.36 -35.06 10.03
N PRO BA 32 -35.58 -35.83 8.93
CA PRO BA 32 -36.39 -37.03 9.02
C PRO BA 32 -35.94 -38.07 10.05
N THR BA 33 -34.67 -38.01 10.43
CA THR BA 33 -34.17 -38.86 11.50
C THR BA 33 -34.63 -38.36 12.87
N GLY BA 34 -35.14 -37.14 12.98
CA GLY BA 34 -35.73 -36.65 14.22
C GLY BA 34 -34.95 -35.53 14.87
N THR BA 35 -33.76 -35.27 14.39
CA THR BA 35 -32.90 -34.27 14.97
C THR BA 35 -33.29 -32.88 14.42
N TYR BA 36 -32.76 -31.87 15.16
CA TYR BA 36 -33.08 -30.52 14.80
C TYR BA 36 -31.98 -29.84 14.00
N CYS BA 37 -32.37 -29.11 12.95
CA CYS BA 37 -31.39 -28.23 12.32
C CYS BA 37 -32.14 -27.00 11.85
N GLY BA 38 -31.57 -25.81 11.98
CA GLY BA 38 -32.24 -24.65 11.40
C GLY BA 38 -32.17 -23.36 12.21
N ASP BA 39 -31.71 -23.47 13.47
CA ASP BA 39 -31.22 -22.40 14.35
C ASP BA 39 -32.17 -21.19 14.34
N SER BA 40 -33.40 -21.44 14.80
CA SER BA 40 -34.33 -20.34 15.08
C SER BA 40 -35.06 -20.65 16.36
N ASP BA 41 -35.18 -19.66 17.25
CA ASP BA 41 -35.99 -19.79 18.46
C ASP BA 41 -37.47 -19.76 18.10
N LEU BA 42 -37.82 -18.95 17.10
CA LEU BA 42 -39.22 -18.65 16.81
C LEU BA 42 -39.95 -19.87 16.26
N GLN BA 43 -39.21 -20.77 15.59
CA GLN BA 43 -39.83 -21.96 15.04
C GLN BA 43 -40.10 -22.98 16.13
N LEU BA 44 -39.32 -22.98 17.19
CA LEU BA 44 -39.06 -24.11 18.07
C LEU BA 44 -39.79 -23.92 19.40
N GLU BA 45 -40.14 -22.67 19.75
CA GLU BA 45 -40.65 -22.35 21.07
C GLU BA 45 -42.01 -23.01 21.31
N ARG BA 46 -42.81 -23.20 20.25
CA ARG BA 46 -43.96 -24.08 20.34
C ARG BA 46 -43.80 -25.24 19.38
N ILE BA 47 -43.14 -26.27 19.89
CA ILE BA 47 -42.96 -27.53 19.21
C ILE BA 47 -43.73 -28.64 19.91
N ASN BA 48 -44.07 -28.44 21.17
CA ASN BA 48 -44.81 -29.41 21.93
C ASN BA 48 -46.26 -29.53 21.49
N VAL BA 49 -46.70 -28.68 20.58
CA VAL BA 49 -48.04 -28.78 20.02
C VAL BA 49 -48.20 -30.04 19.19
N PHE BA 50 -47.12 -30.51 18.59
CA PHE BA 50 -47.19 -31.73 17.77
C PHE BA 50 -46.18 -32.80 18.17
N TYR BA 51 -45.13 -32.43 18.90
CA TYR BA 51 -44.01 -33.32 19.10
C TYR BA 51 -43.70 -33.55 20.57
N ASN BA 52 -42.93 -34.62 20.80
CA ASN BA 52 -42.51 -34.98 22.15
C ASN BA 52 -41.02 -35.21 22.16
N GLU BA 53 -40.33 -34.65 23.15
CA GLU BA 53 -38.91 -34.90 23.36
C GLU BA 53 -38.69 -36.36 23.80
N ALA BA 54 -37.57 -36.92 23.33
CA ALA BA 54 -37.26 -38.31 23.55
C ALA BA 54 -35.86 -38.48 24.15
N THR BA 55 -35.42 -37.51 24.93
CA THR BA 55 -34.22 -37.47 25.77
C THR BA 55 -32.94 -37.80 25.01
N GLY BA 56 -33.02 -37.74 23.68
CA GLY BA 56 -31.82 -37.77 22.84
C GLY BA 56 -31.77 -36.48 22.03
N GLY BA 57 -32.77 -35.61 22.35
CA GLY BA 57 -32.97 -34.39 21.59
C GLY BA 57 -33.90 -34.57 20.38
N ARG BA 58 -34.32 -35.82 20.12
CA ARG BA 58 -35.13 -36.10 18.97
C ARG BA 58 -36.61 -35.90 19.27
N PHE BA 59 -37.37 -35.63 18.21
CA PHE BA 59 -38.78 -35.35 18.32
C PHE BA 59 -39.56 -36.48 17.71
N VAL BA 60 -40.50 -37.02 18.48
CA VAL BA 60 -41.41 -38.00 17.93
C VAL BA 60 -42.80 -37.38 17.82
N PRO BA 61 -43.49 -37.55 16.68
CA PRO BA 61 -44.84 -36.99 16.57
C PRO BA 61 -45.83 -37.69 17.47
N ARG BA 62 -46.84 -36.92 17.89
CA ARG BA 62 -47.99 -37.43 18.62
C ARG BA 62 -49.04 -37.96 17.64
N ALA BA 63 -48.64 -38.92 16.81
CA ALA BA 63 -49.53 -39.43 15.77
C ALA BA 63 -49.79 -40.91 16.01
N ILE BA 64 -51.03 -41.32 15.79
CA ILE BA 64 -51.46 -42.69 15.92
C ILE BA 64 -51.91 -43.15 14.53
N LEU BA 65 -51.23 -44.19 14.04
CA LEU BA 65 -51.59 -44.81 12.78
C LEU BA 65 -52.53 -45.97 13.00
N MET BA 66 -53.63 -45.98 12.26
CA MET BA 66 -54.60 -47.04 12.37
C MET BA 66 -55.03 -47.49 10.96
N ASP BA 67 -54.98 -48.80 10.72
CA ASP BA 67 -55.62 -49.40 9.58
C ASP BA 67 -55.98 -50.85 9.92
N LEU BA 68 -56.88 -51.44 9.14
CA LEU BA 68 -57.28 -52.81 9.34
C LEU BA 68 -56.58 -53.79 8.39
N GLU BA 69 -55.79 -53.27 7.46
CA GLU BA 69 -54.97 -54.13 6.62
C GLU BA 69 -53.55 -53.57 6.67
N PRO BA 70 -52.52 -54.43 6.78
CA PRO BA 70 -51.19 -53.95 7.11
C PRO BA 70 -50.40 -53.37 5.93
N GLY BA 71 -50.99 -53.33 4.74
CA GLY BA 71 -50.37 -52.91 3.52
C GLY BA 71 -49.85 -51.48 3.50
N THR BA 72 -50.75 -50.54 3.89
CA THR BA 72 -50.34 -49.13 3.68
C THR BA 72 -49.43 -48.68 4.83
N MET BA 73 -49.49 -49.34 5.96
CA MET BA 73 -48.72 -48.93 7.12
C MET BA 73 -47.23 -49.26 6.96
N ASP BA 74 -46.97 -50.34 6.26
CA ASP BA 74 -45.59 -50.68 5.87
C ASP BA 74 -45.08 -49.69 4.89
N SER BA 75 -45.90 -49.18 4.03
CA SER BA 75 -45.57 -48.20 2.98
C SER BA 75 -45.14 -46.88 3.61
N VAL BA 76 -45.84 -46.48 4.69
CA VAL BA 76 -45.51 -45.23 5.35
C VAL BA 76 -44.18 -45.36 6.09
N ARG BA 77 -43.97 -46.51 6.72
CA ARG BA 77 -42.74 -46.80 7.45
C ARG BA 77 -41.52 -46.85 6.52
N ALA BA 78 -41.67 -47.45 5.35
CA ALA BA 78 -40.57 -47.70 4.43
C ALA BA 78 -40.16 -46.42 3.69
N GLY BA 79 -41.07 -45.46 3.59
CA GLY BA 79 -40.83 -44.24 2.83
C GLY BA 79 -39.98 -43.27 3.63
N PRO BA 80 -39.80 -42.05 3.08
CA PRO BA 80 -39.13 -40.99 3.82
C PRO BA 80 -40.05 -40.52 4.95
N PHE BA 81 -39.41 -40.01 5.99
CA PHE BA 81 -40.05 -39.60 7.23
C PHE BA 81 -40.83 -40.76 7.84
N GLY BA 82 -40.29 -41.97 7.68
CA GLY BA 82 -40.98 -43.14 8.21
C GLY BA 82 -40.32 -43.62 9.52
N GLN BA 83 -39.08 -43.17 9.76
CA GLN BA 83 -38.45 -43.48 11.03
C GLN BA 83 -38.87 -42.52 12.14
N LEU BA 84 -39.67 -41.53 11.77
CA LEU BA 84 -40.06 -40.48 12.73
C LEU BA 84 -41.10 -41.03 13.71
N PHE BA 85 -42.02 -41.85 13.19
CA PHE BA 85 -43.11 -42.35 13.97
C PHE BA 85 -42.68 -43.37 15.03
N ARG BA 86 -43.44 -43.39 16.12
CA ARG BA 86 -43.21 -44.38 17.16
C ARG BA 86 -43.72 -45.74 16.70
N PRO BA 87 -42.94 -46.82 16.85
CA PRO BA 87 -43.41 -48.15 16.45
C PRO BA 87 -44.60 -48.67 17.25
N ASP BA 88 -44.74 -48.24 18.49
CA ASP BA 88 -45.86 -48.61 19.32
C ASP BA 88 -47.13 -47.90 18.87
N ASN BA 89 -47.00 -46.75 18.20
CA ASN BA 89 -48.16 -46.02 17.73
C ASN BA 89 -48.84 -46.66 16.54
N PHE BA 90 -48.14 -47.58 15.84
CA PHE BA 90 -48.79 -48.39 14.85
C PHE BA 90 -49.73 -49.41 15.47
N VAL BA 91 -50.96 -49.47 14.97
CA VAL BA 91 -51.88 -50.52 15.37
C VAL BA 91 -52.34 -51.17 14.07
N PHE BA 92 -52.20 -52.52 14.05
CA PHE BA 92 -52.48 -53.24 12.81
C PHE BA 92 -53.80 -53.98 12.92
N GLY BA 93 -54.44 -54.19 11.75
CA GLY BA 93 -55.36 -55.26 11.56
C GLY BA 93 -54.77 -56.21 10.50
N GLN BA 94 -55.10 -57.49 10.52
CA GLN BA 94 -54.53 -58.38 9.54
C GLN BA 94 -55.47 -58.74 8.36
N THR BA 95 -56.70 -58.35 8.46
CA THR BA 95 -57.77 -58.90 7.64
C THR BA 95 -58.14 -57.96 6.49
N GLY BA 96 -58.44 -56.73 6.85
CA GLY BA 96 -58.85 -55.69 5.91
C GLY BA 96 -60.33 -55.62 5.79
N ALA BA 97 -60.95 -54.45 6.15
CA ALA BA 97 -62.38 -54.26 5.97
C ALA BA 97 -62.62 -53.91 4.49
N GLY BA 98 -63.22 -54.85 3.77
CA GLY BA 98 -63.33 -54.77 2.34
C GLY BA 98 -64.44 -53.81 1.92
N ASN BA 99 -64.19 -52.51 2.12
CA ASN BA 99 -65.08 -51.43 1.75
C ASN BA 99 -66.46 -51.60 2.39
N ASN BA 100 -66.49 -52.19 3.59
CA ASN BA 100 -67.72 -52.47 4.27
C ASN BA 100 -67.73 -51.64 5.56
N TRP BA 101 -68.70 -50.71 5.64
CA TRP BA 101 -68.81 -49.86 6.80
C TRP BA 101 -69.18 -50.68 8.05
N ALA BA 102 -69.96 -51.74 7.87
CA ALA BA 102 -70.42 -52.54 8.97
C ALA BA 102 -69.24 -53.24 9.65
N LYS BA 103 -68.35 -53.86 8.92
CA LYS BA 103 -67.24 -54.54 9.54
C LYS BA 103 -66.16 -53.57 9.95
N GLY BA 104 -66.18 -52.34 9.42
CA GLY BA 104 -65.28 -51.28 9.93
C GLY BA 104 -65.76 -50.79 11.29
N HIS BA 105 -67.08 -50.73 11.50
CA HIS BA 105 -67.60 -50.15 12.72
C HIS BA 105 -67.91 -51.27 13.76
N TYR BA 106 -68.65 -52.26 13.34
CA TYR BA 106 -69.25 -53.14 14.34
C TYR BA 106 -68.51 -54.42 14.65
N THR BA 107 -68.19 -55.18 13.63
CA THR BA 107 -67.75 -56.56 13.85
C THR BA 107 -66.23 -56.72 13.89
N GLU BA 108 -65.57 -56.23 12.82
CA GLU BA 108 -64.14 -56.46 12.71
C GLU BA 108 -63.32 -55.39 13.46
N GLY BA 109 -63.93 -54.18 13.54
CA GLY BA 109 -63.27 -53.07 14.18
C GLY BA 109 -63.31 -53.17 15.70
N ALA BA 110 -64.25 -53.99 16.26
CA ALA BA 110 -64.46 -53.93 17.69
C ALA BA 110 -63.32 -54.56 18.50
N GLU BA 111 -62.65 -55.54 17.90
CA GLU BA 111 -61.56 -56.22 18.53
C GLU BA 111 -60.26 -55.44 18.38
N LEU BA 112 -60.24 -54.33 17.64
CA LEU BA 112 -59.06 -53.51 17.58
C LEU BA 112 -59.15 -52.22 18.42
N ILE BA 113 -60.37 -51.84 18.77
CA ILE BA 113 -60.61 -50.61 19.51
C ILE BA 113 -60.01 -50.63 20.89
N ASP BA 114 -59.99 -51.79 21.49
CA ASP BA 114 -59.38 -52.04 22.79
C ASP BA 114 -57.88 -51.68 22.76
N SER BA 115 -57.22 -51.92 21.64
CA SER BA 115 -55.81 -51.62 21.52
C SER BA 115 -55.57 -50.15 21.19
N VAL BA 116 -56.36 -49.60 20.27
CA VAL BA 116 -56.09 -48.26 19.78
C VAL BA 116 -56.51 -47.22 20.79
N LEU BA 117 -57.53 -47.51 21.62
CA LEU BA 117 -57.91 -46.60 22.68
C LEU BA 117 -56.83 -46.53 23.77
N ASP BA 118 -56.07 -47.61 23.94
CA ASP BA 118 -55.04 -47.68 24.94
C ASP BA 118 -53.92 -46.73 24.53
N VAL BA 119 -53.56 -46.72 23.24
CA VAL BA 119 -52.41 -45.92 22.84
C VAL BA 119 -52.80 -44.45 22.80
N VAL BA 120 -54.08 -44.15 22.47
CA VAL BA 120 -54.47 -42.75 22.42
C VAL BA 120 -54.56 -42.17 23.82
N ARG BA 121 -54.98 -42.99 24.79
CA ARG BA 121 -55.03 -42.49 26.16
C ARG BA 121 -53.63 -42.33 26.72
N LYS BA 122 -52.71 -43.17 26.33
CA LYS BA 122 -51.32 -43.10 26.81
C LYS BA 122 -50.69 -41.76 26.40
N GLU BA 123 -50.95 -41.33 25.16
CA GLU BA 123 -50.46 -40.07 24.69
C GLU BA 123 -51.22 -38.86 25.25
N ALA BA 124 -52.55 -39.03 25.47
CA ALA BA 124 -53.41 -37.96 25.91
C ALA BA 124 -53.12 -37.56 27.37
N GLU BA 125 -52.99 -38.58 28.26
CA GLU BA 125 -52.86 -38.34 29.67
C GLU BA 125 -51.44 -37.92 30.02
N GLY BA 126 -50.49 -38.16 29.12
CA GLY BA 126 -49.08 -37.93 29.38
C GLY BA 126 -48.69 -36.47 29.52
N CYS BA 127 -49.53 -35.55 29.01
CA CYS BA 127 -49.23 -34.13 29.08
C CYS BA 127 -49.85 -33.51 30.32
N ASP BA 128 -49.81 -32.19 30.42
CA ASP BA 128 -50.64 -31.48 31.42
C ASP BA 128 -52.12 -31.58 31.02
N CYS BA 129 -52.43 -30.98 29.87
CA CYS BA 129 -53.80 -30.73 29.43
C CYS BA 129 -53.81 -30.70 27.92
N LEU BA 130 -54.69 -31.50 27.33
CA LEU BA 130 -54.82 -31.59 25.88
C LEU BA 130 -55.74 -30.52 25.31
N GLN BA 131 -55.48 -30.13 24.08
CA GLN BA 131 -56.28 -29.10 23.44
C GLN BA 131 -57.34 -29.76 22.56
N GLY BA 132 -56.88 -30.62 21.65
CA GLY BA 132 -57.82 -31.18 20.67
C GLY BA 132 -57.17 -32.38 19.96
N PHE BA 133 -57.94 -32.86 19.01
CA PHE BA 133 -57.62 -33.95 18.12
C PHE BA 133 -57.78 -33.51 16.71
N GLN BA 134 -56.99 -34.12 15.82
CA GLN BA 134 -57.20 -33.98 14.41
C GLN BA 134 -57.12 -35.36 13.77
N ILE BA 135 -58.08 -35.63 12.90
CA ILE BA 135 -58.29 -36.93 12.28
C ILE BA 135 -58.29 -36.76 10.77
N THR BA 136 -57.50 -37.60 10.08
CA THR BA 136 -57.56 -37.65 8.64
C THR BA 136 -58.10 -39.02 8.22
N HIS BA 137 -59.18 -38.96 7.43
CA HIS BA 137 -59.79 -40.18 6.93
C HIS BA 137 -60.57 -39.86 5.67
N SER BA 138 -60.99 -40.94 5.00
CA SER BA 138 -61.81 -40.74 3.79
C SER BA 138 -63.15 -41.41 4.03
N LEU BA 139 -64.23 -40.80 3.51
CA LEU BA 139 -65.57 -41.31 3.82
C LEU BA 139 -66.14 -42.16 2.67
N GLY BA 140 -65.22 -42.73 1.89
CA GLY BA 140 -65.60 -43.58 0.77
C GLY BA 140 -65.37 -45.03 1.09
N GLY BA 141 -64.26 -45.31 1.81
CA GLY BA 141 -63.92 -46.75 1.98
C GLY BA 141 -64.47 -47.32 3.28
N GLY BA 142 -63.89 -48.41 3.72
CA GLY BA 142 -64.37 -49.18 4.86
C GLY BA 142 -63.67 -48.80 6.17
N THR BA 143 -62.33 -48.81 6.15
CA THR BA 143 -61.55 -48.67 7.34
C THR BA 143 -61.34 -47.22 7.75
N GLY BA 144 -61.56 -46.30 6.84
CA GLY BA 144 -61.50 -44.86 7.11
C GLY BA 144 -62.86 -44.36 7.55
N SER BA 145 -63.92 -44.81 6.86
CA SER BA 145 -65.26 -44.31 7.09
C SER BA 145 -65.96 -45.02 8.27
N GLY BA 146 -65.66 -46.27 8.51
CA GLY BA 146 -66.34 -46.95 9.60
C GLY BA 146 -65.48 -47.06 10.81
N MET BA 147 -64.26 -47.47 10.63
CA MET BA 147 -63.26 -47.68 11.63
C MET BA 147 -62.70 -46.36 12.14
N GLY BA 148 -62.72 -45.33 11.33
CA GLY BA 148 -62.33 -44.01 11.75
C GLY BA 148 -63.41 -43.42 12.62
N THR BA 149 -64.67 -43.57 12.24
CA THR BA 149 -65.75 -42.85 12.89
C THR BA 149 -66.09 -43.50 14.23
N LEU BA 150 -65.76 -44.78 14.41
CA LEU BA 150 -65.94 -45.40 15.71
C LEU BA 150 -64.98 -44.81 16.72
N LEU BA 151 -63.76 -44.54 16.28
CA LEU BA 151 -62.78 -43.90 17.14
C LEU BA 151 -63.22 -42.49 17.52
N ILE BA 152 -63.87 -41.79 16.57
CA ILE BA 152 -64.39 -40.46 16.82
C ILE BA 152 -65.44 -40.53 17.94
N SER BA 153 -66.30 -41.54 17.89
CA SER BA 153 -67.37 -41.66 18.86
C SER BA 153 -66.84 -42.01 20.24
N LYS BA 154 -65.81 -42.86 20.29
CA LYS BA 154 -65.33 -43.32 21.59
C LYS BA 154 -64.52 -42.25 22.32
N VAL BA 155 -63.73 -41.46 21.55
CA VAL BA 155 -62.86 -40.52 22.22
C VAL BA 155 -63.64 -39.26 22.59
N ARG BA 156 -64.75 -38.99 21.89
CA ARG BA 156 -65.57 -37.84 22.22
C ARG BA 156 -66.33 -38.09 23.53
N GLU BA 157 -66.72 -39.35 23.77
CA GLU BA 157 -67.44 -39.66 24.98
C GLU BA 157 -66.51 -39.68 26.18
N GLU BA 158 -65.23 -39.97 25.94
CA GLU BA 158 -64.29 -40.02 27.06
C GLU BA 158 -63.74 -38.63 27.39
N TYR BA 159 -63.52 -37.79 26.35
CA TYR BA 159 -63.08 -36.43 26.55
C TYR BA 159 -64.08 -35.47 25.95
N PRO BA 160 -65.17 -35.11 26.65
CA PRO BA 160 -66.25 -34.34 26.06
C PRO BA 160 -66.00 -32.87 25.85
N ASP BA 161 -65.11 -32.30 26.64
CA ASP BA 161 -64.71 -30.94 26.78
C ASP BA 161 -63.49 -30.62 25.98
N ARG BA 162 -63.03 -31.43 25.09
CA ARG BA 162 -61.98 -31.23 24.10
C ARG BA 162 -62.65 -31.07 22.79
N ILE BA 163 -61.93 -30.61 21.75
CA ILE BA 163 -62.42 -30.47 20.39
C ILE BA 163 -61.81 -31.52 19.46
N MET BA 164 -62.44 -31.77 18.34
CA MET BA 164 -61.86 -32.52 17.26
C MET BA 164 -62.22 -31.88 15.91
N GLU BA 165 -61.23 -31.89 15.06
CA GLU BA 165 -61.35 -31.51 13.67
C GLU BA 165 -61.02 -32.70 12.78
N THR BA 166 -61.85 -32.95 11.76
CA THR BA 166 -61.63 -34.04 10.89
C THR BA 166 -61.54 -33.59 9.43
N PHE BA 167 -60.45 -34.02 8.76
CA PHE BA 167 -60.20 -33.69 7.38
C PHE BA 167 -60.62 -34.87 6.50
N SER BA 168 -61.87 -34.77 5.98
CA SER BA 168 -62.53 -35.84 5.35
C SER BA 168 -62.62 -35.60 3.85
N VAL BA 169 -62.26 -36.67 3.08
CA VAL BA 169 -62.51 -36.55 1.64
C VAL BA 169 -63.82 -37.22 1.36
N PHE BA 170 -64.59 -36.62 0.44
CA PHE BA 170 -65.99 -37.04 0.20
C PHE BA 170 -66.05 -37.71 -1.15
N PRO BA 171 -67.16 -38.36 -1.55
CA PRO BA 171 -67.49 -38.66 -2.91
C PRO BA 171 -67.34 -37.52 -3.87
N SER BA 172 -67.29 -37.88 -5.15
CA SER BA 172 -67.09 -37.10 -6.33
C SER BA 172 -68.33 -37.16 -7.24
N PRO BA 173 -68.60 -36.11 -8.02
CA PRO BA 173 -69.66 -36.15 -9.02
C PRO BA 173 -69.54 -37.17 -10.13
N LYS BA 174 -68.43 -37.11 -10.85
CA LYS BA 174 -68.38 -37.84 -12.14
C LYS BA 174 -67.85 -39.23 -11.92
N VAL BA 175 -66.61 -39.32 -11.51
CA VAL BA 175 -65.92 -40.57 -11.25
C VAL BA 175 -66.25 -41.08 -9.85
N SER BA 176 -66.43 -42.39 -9.76
CA SER BA 176 -66.70 -42.99 -8.47
C SER BA 176 -65.78 -44.17 -8.27
N ASP BA 177 -64.77 -44.03 -7.43
CA ASP BA 177 -64.13 -45.22 -6.88
C ASP BA 177 -65.02 -45.82 -5.79
N THR BA 178 -64.78 -47.10 -5.49
CA THR BA 178 -65.46 -47.79 -4.39
C THR BA 178 -66.96 -47.77 -4.60
N VAL BA 179 -67.44 -48.61 -5.51
CA VAL BA 179 -68.82 -48.66 -6.02
C VAL BA 179 -69.88 -48.59 -4.91
N VAL BA 180 -69.57 -49.09 -3.73
CA VAL BA 180 -70.44 -48.85 -2.59
C VAL BA 180 -70.03 -47.56 -1.89
N GLU BA 181 -70.25 -46.45 -2.58
CA GLU BA 181 -69.85 -45.14 -2.11
C GLU BA 181 -70.93 -44.52 -1.23
N PRO BA 182 -72.21 -44.40 -1.70
CA PRO BA 182 -73.17 -43.60 -0.90
C PRO BA 182 -73.55 -44.31 0.39
N TYR BA 183 -73.43 -45.62 0.47
CA TYR BA 183 -73.66 -46.35 1.69
C TYR BA 183 -72.61 -46.00 2.75
N ASN BA 184 -71.35 -45.89 2.33
CA ASN BA 184 -70.32 -45.56 3.31
C ASN BA 184 -70.38 -44.12 3.76
N ALA BA 185 -70.70 -43.24 2.81
CA ALA BA 185 -70.73 -41.81 3.07
C ALA BA 185 -71.89 -41.44 3.99
N THR BA 186 -73.10 -41.94 3.68
CA THR BA 186 -74.28 -41.55 4.42
C THR BA 186 -74.24 -42.09 5.85
N LEU BA 187 -73.73 -43.32 6.00
CA LEU BA 187 -73.60 -43.91 7.33
C LEU BA 187 -72.53 -43.21 8.16
N SER BA 188 -71.57 -42.58 7.48
CA SER BA 188 -70.50 -41.90 8.21
C SER BA 188 -70.90 -40.49 8.57
N VAL BA 189 -71.70 -39.83 7.76
CA VAL BA 189 -72.06 -38.45 8.00
C VAL BA 189 -72.97 -38.33 9.24
N HIS BA 190 -73.91 -39.27 9.39
CA HIS BA 190 -74.85 -39.13 10.48
C HIS BA 190 -74.19 -39.46 11.82
N GLN BA 191 -73.06 -40.09 11.80
CA GLN BA 191 -72.26 -40.26 13.01
C GLN BA 191 -71.25 -39.11 13.18
N LEU BA 192 -70.94 -38.43 12.08
CA LEU BA 192 -69.95 -37.37 12.11
C LEU BA 192 -70.59 -36.03 12.46
N VAL BA 193 -71.89 -35.89 12.20
CA VAL BA 193 -72.58 -34.67 12.61
C VAL BA 193 -72.88 -34.72 14.11
N GLU BA 194 -72.87 -35.90 14.71
CA GLU BA 194 -73.16 -36.06 16.12
C GLU BA 194 -71.92 -36.01 17.01
N ASN BA 195 -70.72 -36.28 16.43
CA ASN BA 195 -69.59 -36.45 17.36
C ASN BA 195 -68.37 -35.66 16.95
N ALA BA 196 -68.48 -34.75 15.94
CA ALA BA 196 -67.36 -33.92 15.58
C ALA BA 196 -67.75 -32.45 15.68
N ASP BA 197 -66.79 -31.64 16.05
CA ASP BA 197 -66.94 -30.21 16.14
C ASP BA 197 -66.79 -29.52 14.80
N GLU BA 198 -65.78 -29.95 14.02
CA GLU BA 198 -65.44 -29.25 12.78
C GLU BA 198 -65.02 -30.26 11.74
N VAL BA 199 -65.60 -30.17 10.54
CA VAL BA 199 -65.20 -31.05 9.46
C VAL BA 199 -64.81 -30.15 8.29
N GLN BA 200 -63.60 -30.42 7.73
CA GLN BA 200 -63.19 -29.82 6.51
C GLN BA 200 -63.35 -30.74 5.31
N VAL BA 201 -64.10 -30.29 4.31
CA VAL BA 201 -64.48 -31.18 3.21
C VAL BA 201 -63.50 -31.01 2.05
N ILE BA 202 -63.07 -32.14 1.48
CA ILE BA 202 -62.15 -32.18 0.37
C ILE BA 202 -62.79 -33.10 -0.65
N ASP BA 203 -62.69 -32.73 -1.94
CA ASP BA 203 -63.08 -33.54 -3.05
C ASP BA 203 -61.87 -33.76 -3.94
N ASN BA 204 -61.83 -34.93 -4.60
CA ASN BA 204 -60.68 -35.27 -5.40
C ASN BA 204 -60.62 -34.46 -6.66
N GLU BA 205 -61.73 -34.03 -7.21
CA GLU BA 205 -61.92 -33.49 -8.53
C GLU BA 205 -62.07 -31.98 -8.57
N ALA BA 206 -62.29 -31.34 -7.47
CA ALA BA 206 -61.84 -29.93 -7.25
C ALA BA 206 -60.32 -29.93 -7.19
N LEU BA 207 -59.74 -30.95 -6.52
CA LEU BA 207 -58.26 -31.00 -6.39
C LEU BA 207 -57.66 -31.37 -7.72
N TYR BA 208 -58.34 -32.18 -8.57
CA TYR BA 208 -57.81 -32.42 -9.91
C TYR BA 208 -57.82 -31.15 -10.75
N ASP BA 209 -58.86 -30.34 -10.57
CA ASP BA 209 -59.02 -29.12 -11.32
C ASP BA 209 -57.91 -28.11 -10.96
N ILE BA 210 -57.54 -28.09 -9.67
CA ILE BA 210 -56.55 -27.12 -9.25
C ILE BA 210 -55.19 -27.46 -9.89
N CYS BA 211 -54.83 -28.73 -9.88
CA CYS BA 211 -53.52 -29.14 -10.37
C CYS BA 211 -53.46 -29.11 -11.89
N PHE BA 212 -54.61 -29.12 -12.57
CA PHE BA 212 -54.62 -29.04 -14.03
C PHE BA 212 -54.55 -27.62 -14.54
N ARG BA 213 -55.38 -26.71 -13.94
CA ARG BA 213 -55.47 -25.37 -14.47
C ARG BA 213 -54.45 -24.42 -13.82
N THR BA 214 -54.38 -24.41 -12.51
CA THR BA 214 -53.59 -23.40 -11.79
C THR BA 214 -52.11 -23.79 -11.66
N LEU BA 215 -51.90 -25.03 -11.26
CA LEU BA 215 -50.53 -25.49 -11.07
C LEU BA 215 -49.93 -25.92 -12.42
N LYS BA 216 -50.80 -26.20 -13.44
CA LYS BA 216 -50.31 -26.64 -14.72
C LYS BA 216 -49.37 -27.85 -14.69
N LEU BA 217 -49.69 -28.83 -13.88
CA LEU BA 217 -48.96 -30.09 -13.96
C LEU BA 217 -49.77 -31.02 -14.89
N THR BA 218 -49.06 -31.70 -15.77
CA THR BA 218 -49.66 -32.58 -16.75
C THR BA 218 -50.04 -33.91 -16.12
N THR BA 219 -49.18 -34.43 -15.24
CA THR BA 219 -49.39 -35.73 -14.62
C THR BA 219 -49.30 -35.59 -13.09
N PRO BA 220 -50.39 -35.16 -12.42
CA PRO BA 220 -50.38 -35.10 -10.97
C PRO BA 220 -50.60 -36.47 -10.32
N THR BA 221 -49.62 -36.88 -9.53
CA THR BA 221 -49.72 -38.09 -8.73
C THR BA 221 -50.38 -37.77 -7.40
N TYR BA 222 -50.56 -38.80 -6.57
CA TYR BA 222 -51.16 -38.56 -5.23
C TYR BA 222 -50.20 -37.79 -4.33
N GLY BA 223 -48.91 -37.80 -4.66
CA GLY BA 223 -47.94 -37.09 -3.84
C GLY BA 223 -48.17 -35.58 -3.89
N ASP BA 224 -48.49 -35.08 -5.08
CA ASP BA 224 -48.64 -33.64 -5.26
C ASP BA 224 -50.04 -33.20 -4.81
N LEU BA 225 -51.04 -34.06 -4.94
CA LEU BA 225 -52.38 -33.73 -4.45
C LEU BA 225 -52.41 -33.64 -2.94
N ASN BA 226 -51.73 -34.56 -2.28
CA ASN BA 226 -51.65 -34.59 -0.82
C ASN BA 226 -50.84 -33.43 -0.28
N HIS BA 227 -49.90 -32.91 -1.09
CA HIS BA 227 -49.10 -31.77 -0.70
C HIS BA 227 -49.97 -30.51 -0.63
N LEU BA 228 -50.96 -30.44 -1.52
CA LEU BA 228 -51.84 -29.30 -1.55
C LEU BA 228 -52.80 -29.31 -0.37
N VAL BA 229 -53.31 -30.49 0.00
CA VAL BA 229 -54.16 -30.59 1.19
C VAL BA 229 -53.33 -30.30 2.43
N SER BA 230 -52.13 -30.78 2.47
CA SER BA 230 -51.29 -30.71 3.68
C SER BA 230 -50.87 -29.29 3.96
N ALA BA 231 -50.71 -28.46 2.91
CA ALA BA 231 -50.36 -27.06 3.10
C ALA BA 231 -51.51 -26.31 3.80
N ALA BA 232 -52.74 -26.65 3.41
CA ALA BA 232 -53.90 -26.00 3.99
C ALA BA 232 -54.14 -26.52 5.42
N MET BA 233 -53.79 -27.80 5.67
CA MET BA 233 -54.00 -28.37 6.98
C MET BA 233 -52.98 -27.80 7.97
N SER BA 234 -51.81 -27.43 7.51
CA SER BA 234 -50.81 -26.74 8.34
C SER BA 234 -51.21 -25.29 8.50
N GLY BA 235 -51.89 -24.69 7.52
CA GLY BA 235 -52.18 -23.27 7.57
C GLY BA 235 -53.25 -22.92 8.60
N VAL BA 236 -54.14 -23.86 8.89
CA VAL BA 236 -55.25 -23.62 9.79
C VAL BA 236 -54.75 -23.64 11.24
N THR BA 237 -53.63 -24.30 11.51
CA THR BA 237 -53.07 -24.42 12.83
C THR BA 237 -51.71 -23.72 12.92
N CYS BA 238 -51.49 -22.68 12.08
CA CYS BA 238 -50.28 -21.89 12.19
C CYS BA 238 -50.26 -21.09 13.49
N CYS BA 239 -51.42 -20.57 13.90
CA CYS BA 239 -51.49 -19.60 14.96
C CYS BA 239 -51.24 -20.22 16.32
N LEU BA 240 -51.45 -21.57 16.44
CA LEU BA 240 -51.05 -22.23 17.67
C LEU BA 240 -49.52 -22.24 17.84
N ARG BA 241 -48.83 -22.36 16.72
CA ARG BA 241 -47.41 -22.66 16.74
C ARG BA 241 -46.54 -21.40 16.65
N PHE BA 242 -47.11 -20.30 16.13
CA PHE BA 242 -46.32 -19.11 15.89
C PHE BA 242 -47.09 -17.89 16.40
N PRO BA 243 -46.41 -16.81 16.80
CA PRO BA 243 -47.09 -15.60 17.20
C PRO BA 243 -47.69 -14.85 16.00
N GLY BA 244 -48.49 -13.84 16.31
CA GLY BA 244 -48.88 -12.89 15.31
C GLY BA 244 -49.57 -11.68 15.96
N GLN BA 245 -50.07 -10.79 15.09
CA GLN BA 245 -50.79 -9.62 15.62
C GLN BA 245 -52.21 -10.03 16.05
N LEU BA 246 -52.88 -10.74 15.14
CA LEU BA 246 -54.28 -11.06 15.45
C LEU BA 246 -54.42 -12.56 15.60
N ASN BA 247 -54.43 -12.99 16.87
CA ASN BA 247 -54.21 -14.40 17.16
C ASN BA 247 -55.48 -15.22 16.99
N SER BA 248 -55.29 -16.50 16.69
CA SER BA 248 -56.39 -17.43 16.54
C SER BA 248 -56.01 -18.82 17.10
N ASP BA 249 -56.99 -19.59 17.23
CA ASP BA 249 -56.94 -21.00 17.70
C ASP BA 249 -57.95 -21.80 16.92
N LEU BA 250 -58.05 -23.08 17.21
CA LEU BA 250 -59.13 -23.88 16.60
C LEU BA 250 -60.47 -23.55 17.27
N ARG BA 251 -60.44 -23.34 18.58
CA ARG BA 251 -61.66 -23.02 19.30
C ARG BA 251 -62.07 -21.58 19.03
N LYS BA 252 -61.11 -20.72 18.72
CA LYS BA 252 -61.40 -19.37 18.28
C LYS BA 252 -62.23 -19.41 16.97
N LEU BA 253 -61.79 -20.28 16.09
CA LEU BA 253 -62.46 -20.41 14.79
C LEU BA 253 -63.71 -21.20 14.94
N ALA BA 254 -63.84 -22.06 15.93
CA ALA BA 254 -65.04 -22.87 16.16
C ALA BA 254 -66.21 -21.99 16.60
N VAL BA 255 -65.94 -21.07 17.52
CA VAL BA 255 -67.01 -20.23 18.07
C VAL BA 255 -67.41 -19.19 17.04
N ASN BA 256 -66.53 -18.85 16.12
CA ASN BA 256 -66.70 -17.73 15.23
C ASN BA 256 -67.37 -18.14 13.92
N LEU BA 257 -67.25 -19.44 13.53
CA LEU BA 257 -67.80 -19.86 12.27
C LEU BA 257 -69.26 -20.43 12.33
N ILE BA 258 -69.56 -21.23 13.36
CA ILE BA 258 -70.74 -22.07 13.27
C ILE BA 258 -71.85 -21.42 14.07
N PRO BA 259 -72.94 -20.96 13.45
CA PRO BA 259 -74.02 -20.34 14.21
C PRO BA 259 -74.86 -21.35 14.99
N PHE BA 260 -75.11 -22.52 14.41
CA PHE BA 260 -75.93 -23.55 15.02
C PHE BA 260 -75.20 -24.87 14.95
N PRO BA 261 -75.29 -25.73 15.99
CA PRO BA 261 -74.31 -26.81 16.16
C PRO BA 261 -74.37 -27.91 15.11
N ARG BA 262 -75.47 -28.02 14.36
CA ARG BA 262 -75.59 -29.10 13.41
C ARG BA 262 -74.81 -28.81 12.12
N LEU BA 263 -74.65 -27.53 11.78
CA LEU BA 263 -73.99 -27.21 10.53
C LEU BA 263 -72.56 -26.75 10.77
N HIS BA 264 -71.59 -27.66 10.55
CA HIS BA 264 -70.21 -27.32 10.81
C HIS BA 264 -69.30 -27.95 9.76
N PHE BA 265 -69.77 -28.00 8.51
CA PHE BA 265 -68.94 -28.58 7.43
C PHE BA 265 -68.44 -27.46 6.53
N PHE BA 266 -67.13 -27.42 6.36
CA PHE BA 266 -66.44 -26.17 5.98
C PHE BA 266 -65.70 -26.43 4.66
N LEU BA 267 -65.48 -25.38 3.90
CA LEU BA 267 -64.79 -25.41 2.63
C LEU BA 267 -63.39 -24.88 2.83
N ILE BA 268 -62.40 -25.46 2.15
CA ILE BA 268 -61.04 -24.98 2.22
C ILE BA 268 -60.58 -24.46 0.88
N GLY BA 269 -59.84 -23.35 0.93
CA GLY BA 269 -59.11 -22.83 -0.21
C GLY BA 269 -57.72 -22.37 0.22
N PHE BA 270 -56.80 -22.29 -0.74
CA PHE BA 270 -55.45 -21.89 -0.44
C PHE BA 270 -54.91 -20.97 -1.51
N ALA BA 271 -54.14 -19.96 -1.13
CA ALA BA 271 -53.49 -19.08 -2.07
C ALA BA 271 -52.15 -18.66 -1.47
N PRO BA 272 -51.11 -18.40 -2.26
CA PRO BA 272 -51.11 -18.42 -3.72
C PRO BA 272 -50.85 -19.80 -4.32
N LEU BA 273 -51.35 -20.03 -5.54
CA LEU BA 273 -51.05 -21.26 -6.25
C LEU BA 273 -50.74 -20.94 -7.70
N THR BA 274 -49.44 -20.83 -8.01
CA THR BA 274 -49.04 -20.40 -9.33
C THR BA 274 -48.07 -21.41 -9.94
N SER BA 275 -48.15 -21.51 -11.25
CA SER BA 275 -47.30 -22.41 -12.03
C SER BA 275 -45.91 -21.81 -12.05
N ARG BA 276 -44.95 -22.62 -12.52
CA ARG BA 276 -43.58 -22.23 -12.66
C ARG BA 276 -43.41 -21.09 -13.66
N GLY BA 277 -44.24 -21.08 -14.72
CA GLY BA 277 -44.19 -20.02 -15.71
C GLY BA 277 -44.60 -18.64 -15.16
N SER BA 278 -45.65 -18.64 -14.33
CA SER BA 278 -46.23 -17.39 -13.86
C SER BA 278 -45.71 -17.02 -12.47
N GLN BA 279 -44.70 -17.71 -11.99
CA GLN BA 279 -44.13 -17.41 -10.68
C GLN BA 279 -43.38 -16.07 -10.70
N GLN BA 280 -42.67 -15.83 -11.82
CA GLN BA 280 -41.82 -14.65 -11.91
C GLN BA 280 -42.60 -13.42 -12.35
N TYR BA 281 -43.85 -13.59 -12.77
CA TYR BA 281 -44.69 -12.54 -13.33
C TYR BA 281 -45.67 -11.97 -12.35
N ARG BA 282 -45.73 -12.46 -11.14
CA ARG BA 282 -46.67 -11.93 -10.16
C ARG BA 282 -45.92 -11.21 -9.05
N ALA BA 283 -46.42 -10.01 -8.69
CA ALA BA 283 -45.87 -9.28 -7.54
C ALA BA 283 -46.79 -9.57 -6.40
N LEU BA 284 -46.43 -10.37 -5.42
CA LEU BA 284 -47.38 -10.94 -4.47
C LEU BA 284 -47.81 -9.94 -3.38
N SER BA 285 -49.07 -9.47 -3.48
CA SER BA 285 -49.56 -8.51 -2.55
C SER BA 285 -50.96 -8.94 -2.06
N VAL BA 286 -51.40 -8.29 -0.97
CA VAL BA 286 -52.64 -8.69 -0.32
C VAL BA 286 -53.85 -8.51 -1.25
N PRO BA 287 -54.00 -7.46 -2.08
CA PRO BA 287 -55.04 -7.49 -3.11
C PRO BA 287 -55.29 -8.68 -3.99
N GLU BA 288 -54.25 -9.22 -4.56
CA GLU BA 288 -54.50 -10.39 -5.46
C GLU BA 288 -54.56 -11.65 -4.66
N LEU BA 289 -54.09 -11.69 -3.42
CA LEU BA 289 -54.31 -12.85 -2.55
C LEU BA 289 -55.81 -13.02 -2.26
N THR BA 290 -56.51 -11.89 -2.02
CA THR BA 290 -57.90 -11.94 -1.71
C THR BA 290 -58.77 -12.25 -2.93
N GLN BA 291 -58.27 -11.92 -4.10
CA GLN BA 291 -58.98 -12.17 -5.34
C GLN BA 291 -58.83 -13.65 -5.71
N GLN BA 292 -57.67 -14.26 -5.43
CA GLN BA 292 -57.49 -15.66 -5.70
C GLN BA 292 -58.24 -16.50 -4.69
N MET BA 293 -58.44 -15.98 -3.47
CA MET BA 293 -59.09 -16.74 -2.43
C MET BA 293 -60.59 -16.82 -2.69
N PHE BA 294 -61.20 -15.76 -3.19
CA PHE BA 294 -62.60 -15.75 -3.56
C PHE BA 294 -62.76 -16.08 -5.04
N ASP BA 295 -62.37 -17.31 -5.39
CA ASP BA 295 -62.57 -17.80 -6.74
C ASP BA 295 -63.26 -19.16 -6.67
N ALA BA 296 -64.22 -19.35 -7.56
CA ALA BA 296 -65.00 -20.60 -7.55
C ALA BA 296 -64.13 -21.81 -7.88
N LYS BA 297 -63.14 -21.56 -8.74
CA LYS BA 297 -62.24 -22.61 -9.22
C LYS BA 297 -61.16 -22.89 -8.20
N ASN BA 298 -61.13 -22.28 -7.05
CA ASN BA 298 -60.01 -22.33 -6.11
C ASN BA 298 -60.43 -23.06 -4.84
N MET BA 299 -61.72 -23.32 -4.62
CA MET BA 299 -62.11 -24.08 -3.47
C MET BA 299 -61.81 -25.57 -3.68
N MET BA 300 -61.46 -26.24 -2.58
CA MET BA 300 -61.08 -27.64 -2.64
C MET BA 300 -62.28 -28.58 -2.51
N CYS BA 301 -63.51 -28.02 -2.53
CA CYS BA 301 -64.70 -28.83 -2.68
C CYS BA 301 -65.40 -28.43 -3.98
N ALA BA 302 -65.86 -29.45 -4.71
CA ALA BA 302 -66.42 -29.30 -6.04
C ALA BA 302 -67.90 -28.91 -5.93
N SER BA 303 -68.12 -27.79 -5.24
CA SER BA 303 -69.43 -27.16 -5.20
C SER BA 303 -69.19 -25.71 -5.59
N ASP BA 304 -69.91 -25.26 -6.62
CA ASP BA 304 -69.81 -23.89 -7.09
C ASP BA 304 -70.44 -22.95 -6.08
N PRO BA 305 -69.66 -22.07 -5.41
CA PRO BA 305 -70.21 -21.30 -4.29
C PRO BA 305 -71.12 -20.16 -4.72
N ARG BA 306 -71.22 -19.87 -6.03
CA ARG BA 306 -72.14 -18.89 -6.52
C ARG BA 306 -73.59 -19.36 -6.47
N HIS BA 307 -73.85 -20.63 -6.23
CA HIS BA 307 -75.23 -21.08 -6.09
C HIS BA 307 -75.87 -20.74 -4.72
N GLY BA 308 -74.97 -20.50 -3.74
CA GLY BA 308 -75.37 -20.25 -2.37
C GLY BA 308 -74.78 -18.93 -1.86
N ARG BA 309 -74.95 -18.74 -0.55
CA ARG BA 309 -74.46 -17.54 0.12
C ARG BA 309 -73.59 -17.97 1.30
N TYR BA 310 -72.41 -17.38 1.41
CA TYR BA 310 -71.48 -17.69 2.47
C TYR BA 310 -72.04 -17.22 3.81
N LEU BA 311 -72.29 -18.20 4.69
CA LEU BA 311 -72.88 -17.91 5.98
C LEU BA 311 -71.88 -17.18 6.88
N THR BA 312 -70.70 -17.77 7.02
CA THR BA 312 -69.60 -17.18 7.79
C THR BA 312 -68.30 -17.66 7.19
N ALA BA 313 -67.29 -16.77 7.14
CA ALA BA 313 -66.05 -17.24 6.48
C ALA BA 313 -64.87 -16.62 7.22
N SER BA 314 -63.72 -17.31 7.16
CA SER BA 314 -62.57 -16.89 7.93
C SER BA 314 -61.31 -17.03 7.06
N ALA BA 315 -60.37 -16.10 7.30
CA ALA BA 315 -59.20 -15.99 6.50
C ALA BA 315 -57.98 -15.90 7.42
N MET BA 316 -57.15 -16.96 7.33
CA MET BA 316 -55.96 -16.97 8.18
C MET BA 316 -54.79 -16.58 7.30
N PHE BA 317 -54.41 -15.29 7.35
CA PHE BA 317 -53.31 -14.79 6.60
C PHE BA 317 -52.01 -15.07 7.33
N ARG BA 318 -50.94 -15.25 6.54
CA ARG BA 318 -49.67 -15.68 7.11
C ARG BA 318 -48.58 -14.84 6.44
N GLY BA 319 -47.78 -14.21 7.31
CA GLY BA 319 -46.68 -13.40 6.82
C GLY BA 319 -46.68 -12.01 7.41
N ARG BA 320 -45.68 -11.22 7.02
CA ARG BA 320 -45.63 -9.82 7.44
C ARG BA 320 -46.45 -9.00 6.45
N MET BA 321 -47.66 -8.61 6.84
CA MET BA 321 -48.37 -7.67 5.99
C MET BA 321 -49.08 -6.62 6.84
N SER BA 322 -49.48 -5.54 6.21
CA SER BA 322 -50.16 -4.45 6.86
C SER BA 322 -51.68 -4.72 7.03
N THR BA 323 -52.17 -4.36 8.21
CA THR BA 323 -53.42 -4.97 8.64
C THR BA 323 -54.61 -4.16 8.19
N LYS BA 324 -54.48 -2.90 7.80
CA LYS BA 324 -55.61 -2.26 7.13
C LYS BA 324 -55.82 -2.86 5.75
N GLU BA 325 -54.74 -3.10 5.02
CA GLU BA 325 -54.82 -3.78 3.74
C GLU BA 325 -55.29 -5.22 3.87
N VAL BA 326 -55.16 -5.83 5.06
CA VAL BA 326 -55.96 -7.00 5.36
C VAL BA 326 -57.42 -6.59 5.50
N ASP BA 327 -57.78 -5.70 6.38
CA ASP BA 327 -59.13 -5.57 6.87
C ASP BA 327 -60.05 -4.79 5.94
N GLU BA 328 -59.50 -3.81 5.22
CA GLU BA 328 -60.32 -3.05 4.29
C GLU BA 328 -60.62 -3.88 3.05
N GLN BA 329 -59.77 -4.81 2.66
CA GLN BA 329 -60.06 -5.66 1.53
C GLN BA 329 -61.17 -6.66 1.85
N MET BA 330 -61.22 -7.14 3.08
CA MET BA 330 -62.31 -8.00 3.47
C MET BA 330 -63.63 -7.24 3.57
N LEU BA 331 -63.54 -5.94 3.86
CA LEU BA 331 -64.72 -5.08 3.75
C LEU BA 331 -65.07 -4.84 2.27
N ASN BA 332 -64.06 -4.74 1.42
CA ASN BA 332 -64.24 -4.44 0.01
C ASN BA 332 -64.99 -5.58 -0.69
N VAL BA 333 -64.60 -6.79 -0.36
CA VAL BA 333 -65.17 -7.97 -0.97
C VAL BA 333 -66.54 -8.22 -0.39
N GLN BA 334 -66.83 -7.81 0.82
CA GLN BA 334 -68.17 -7.98 1.38
C GLN BA 334 -69.16 -6.99 0.77
N ASN BA 335 -68.66 -5.83 0.41
CA ASN BA 335 -69.50 -4.78 -0.20
C ASN BA 335 -69.69 -5.09 -1.68
N LYS BA 336 -68.65 -5.59 -2.38
CA LYS BA 336 -68.78 -5.86 -3.78
C LYS BA 336 -69.53 -7.16 -4.05
N ASN BA 337 -69.24 -8.21 -3.32
CA ASN BA 337 -69.96 -9.47 -3.51
C ASN BA 337 -71.05 -9.53 -2.44
N SER BA 338 -71.99 -8.60 -2.53
CA SER BA 338 -73.04 -8.40 -1.55
C SER BA 338 -74.07 -9.53 -1.64
N SER BA 339 -74.32 -10.07 -2.83
CA SER BA 339 -75.28 -11.16 -2.99
C SER BA 339 -74.65 -12.50 -2.61
N TYR BA 340 -73.32 -12.57 -2.46
CA TYR BA 340 -72.67 -13.84 -2.19
C TYR BA 340 -72.50 -14.09 -0.68
N PHE BA 341 -73.00 -13.18 0.16
CA PHE BA 341 -72.97 -13.35 1.58
C PHE BA 341 -74.40 -13.29 2.14
N VAL BA 342 -74.46 -13.57 3.43
CA VAL BA 342 -75.76 -13.68 4.09
C VAL BA 342 -76.03 -12.30 4.67
N GLU BA 343 -77.30 -11.93 4.79
CA GLU BA 343 -77.69 -10.58 5.19
C GLU BA 343 -77.83 -10.39 6.70
N TRP BA 344 -78.25 -11.43 7.40
CA TRP BA 344 -78.57 -11.29 8.81
C TRP BA 344 -77.35 -11.44 9.70
N ILE BA 345 -76.13 -11.63 9.10
CA ILE BA 345 -74.91 -11.41 9.87
C ILE BA 345 -74.21 -10.19 9.29
N PRO BA 346 -74.14 -9.09 10.03
CA PRO BA 346 -73.21 -8.00 9.65
C PRO BA 346 -71.77 -8.40 9.95
N ASN BA 347 -70.83 -8.02 9.08
CA ASN BA 347 -69.46 -8.49 9.08
C ASN BA 347 -69.43 -10.03 9.14
N ASN BA 348 -69.79 -10.65 8.05
CA ASN BA 348 -69.62 -12.07 7.78
C ASN BA 348 -68.16 -12.59 7.82
N MET BA 349 -67.17 -11.71 7.66
CA MET BA 349 -65.80 -12.20 7.54
C MET BA 349 -65.00 -12.09 8.81
N LYS BA 350 -64.13 -13.03 9.04
CA LYS BA 350 -63.22 -13.09 10.16
C LYS BA 350 -61.81 -13.12 9.62
N SER BA 351 -60.89 -12.38 10.27
CA SER BA 351 -59.52 -12.31 9.86
C SER BA 351 -58.60 -12.78 10.98
N SER BA 352 -57.45 -13.32 10.56
CA SER BA 352 -56.37 -13.66 11.46
C SER BA 352 -55.05 -13.37 10.75
N VAL BA 353 -54.10 -12.79 11.49
CA VAL BA 353 -52.78 -12.52 10.96
C VAL BA 353 -51.73 -13.25 11.72
N CYS BA 354 -51.10 -14.24 11.11
CA CYS BA 354 -50.08 -15.13 11.70
C CYS BA 354 -48.77 -14.67 11.04
N ASP BA 355 -47.75 -14.52 11.91
CA ASP BA 355 -46.62 -13.67 11.55
C ASP BA 355 -45.55 -14.37 10.70
N ILE BA 356 -45.64 -15.70 10.62
CA ILE BA 356 -44.64 -16.53 10.00
C ILE BA 356 -45.19 -17.10 8.72
N PRO BA 357 -44.65 -16.71 7.55
CA PRO BA 357 -45.18 -17.21 6.28
C PRO BA 357 -44.59 -18.61 6.05
N PRO BA 358 -45.16 -19.39 5.13
CA PRO BA 358 -44.60 -20.69 4.81
C PRO BA 358 -43.24 -20.56 4.16
N LYS BA 359 -42.49 -21.67 4.22
CA LYS BA 359 -41.09 -21.68 3.78
C LYS BA 359 -41.02 -21.51 2.28
N GLY BA 360 -40.24 -20.50 1.84
CA GLY BA 360 -40.04 -20.19 0.44
C GLY BA 360 -40.93 -19.05 -0.04
N LEU BA 361 -42.18 -19.06 0.43
CA LEU BA 361 -43.16 -18.03 0.03
C LEU BA 361 -43.08 -16.85 1.01
N LYS BA 362 -43.75 -15.79 0.64
CA LYS BA 362 -43.58 -14.56 1.43
C LYS BA 362 -44.91 -14.18 2.09
N MET BA 363 -46.02 -14.53 1.41
CA MET BA 363 -47.32 -14.08 1.91
C MET BA 363 -48.37 -15.10 1.50
N SER BA 364 -49.16 -15.67 2.45
CA SER BA 364 -50.08 -16.73 2.05
C SER BA 364 -51.34 -16.63 2.91
N VAL BA 365 -52.38 -17.32 2.43
CA VAL BA 365 -53.67 -17.27 3.10
C VAL BA 365 -54.34 -18.62 2.96
N THR BA 366 -54.99 -19.04 4.04
CA THR BA 366 -55.82 -20.26 3.98
C THR BA 366 -57.22 -19.85 4.36
N PHE BA 367 -58.17 -20.30 3.55
CA PHE BA 367 -59.54 -19.80 3.66
C PHE BA 367 -60.45 -20.95 4.08
N VAL BA 368 -61.18 -20.70 5.17
CA VAL BA 368 -62.10 -21.66 5.69
C VAL BA 368 -63.47 -21.00 5.76
N GLY BA 369 -64.42 -21.55 4.98
CA GLY BA 369 -65.69 -20.92 4.83
C GLY BA 369 -66.86 -21.87 5.13
N ASN BA 370 -67.82 -21.41 5.93
CA ASN BA 370 -69.08 -22.10 6.08
C ASN BA 370 -70.06 -21.60 5.03
N SER BA 371 -70.17 -22.33 3.92
CA SER BA 371 -71.08 -21.98 2.84
C SER BA 371 -72.33 -22.86 2.88
N THR BA 372 -73.41 -22.32 2.32
CA THR BA 372 -74.62 -23.11 2.15
C THR BA 372 -74.65 -23.78 0.79
N ALA BA 373 -73.54 -23.71 0.05
CA ALA BA 373 -73.42 -24.38 -1.24
C ALA BA 373 -73.16 -25.91 -1.09
N ILE BA 374 -73.08 -26.38 0.12
CA ILE BA 374 -73.02 -27.80 0.40
C ILE BA 374 -74.40 -28.41 0.41
N GLN BA 375 -75.41 -27.67 0.11
CA GLN BA 375 -76.77 -28.20 -0.11
C GLN BA 375 -76.77 -29.17 -1.32
N GLU BA 376 -75.95 -28.79 -2.31
CA GLU BA 376 -75.98 -29.57 -3.57
C GLU BA 376 -75.24 -30.90 -3.35
N MET BA 377 -74.27 -30.92 -2.52
CA MET BA 377 -73.37 -32.06 -2.35
C MET BA 377 -74.06 -33.15 -1.53
N PHE BA 378 -74.67 -32.74 -0.44
CA PHE BA 378 -75.36 -33.68 0.43
C PHE BA 378 -76.61 -34.24 -0.25
N LYS BA 379 -77.23 -33.43 -1.09
CA LYS BA 379 -78.37 -33.89 -1.88
C LYS BA 379 -77.91 -34.86 -2.96
N ARG BA 380 -76.75 -34.70 -3.51
CA ARG BA 380 -76.19 -35.60 -4.53
C ARG BA 380 -75.89 -36.98 -3.93
N VAL BA 381 -75.38 -37.01 -2.73
CA VAL BA 381 -75.13 -38.28 -2.08
C VAL BA 381 -76.45 -38.92 -1.61
N SER BA 382 -77.41 -38.08 -1.24
CA SER BA 382 -78.71 -38.56 -0.78
C SER BA 382 -79.48 -39.22 -1.95
N ASP BA 383 -79.40 -38.61 -3.17
CA ASP BA 383 -80.12 -39.21 -4.26
C ASP BA 383 -79.46 -40.50 -4.75
N GLN BA 384 -78.13 -40.54 -4.64
CA GLN BA 384 -77.41 -41.78 -4.94
C GLN BA 384 -77.74 -42.85 -3.90
N PHE BA 385 -77.95 -42.44 -2.65
CA PHE BA 385 -78.38 -43.36 -1.61
C PHE BA 385 -79.78 -43.90 -1.88
N THR BA 386 -80.68 -43.03 -2.28
CA THR BA 386 -82.06 -43.45 -2.49
C THR BA 386 -82.18 -44.35 -3.75
N ALA BA 387 -81.28 -44.14 -4.72
CA ALA BA 387 -81.30 -44.93 -5.92
C ALA BA 387 -80.87 -46.39 -5.64
N MET BA 388 -79.88 -46.56 -4.76
CA MET BA 388 -79.38 -47.88 -4.47
C MET BA 388 -80.14 -48.56 -3.35
N PHE BA 389 -81.00 -47.85 -2.60
CA PHE BA 389 -81.71 -48.41 -1.50
C PHE BA 389 -83.09 -48.94 -1.86
N ARG BA 390 -83.74 -48.34 -2.91
CA ARG BA 390 -85.05 -48.81 -3.31
C ARG BA 390 -84.96 -50.20 -3.92
N ARG BA 391 -83.84 -50.49 -4.57
CA ARG BA 391 -83.61 -51.83 -5.12
C ARG BA 391 -82.89 -52.76 -4.15
N LYS BA 392 -82.52 -52.24 -3.01
CA LYS BA 392 -81.85 -52.88 -1.88
C LYS BA 392 -80.58 -53.55 -2.34
N ALA BA 393 -79.81 -52.86 -3.20
CA ALA BA 393 -78.61 -53.39 -3.79
C ALA BA 393 -77.48 -53.31 -2.76
N PHE BA 394 -76.63 -54.36 -2.81
CA PHE BA 394 -75.41 -54.50 -2.02
C PHE BA 394 -75.67 -54.42 -0.52
N LEU BA 395 -76.89 -54.76 -0.09
CA LEU BA 395 -77.23 -54.60 1.32
C LEU BA 395 -76.81 -55.79 2.16
N HIS BA 396 -76.70 -56.95 1.54
CA HIS BA 396 -76.45 -58.19 2.26
C HIS BA 396 -75.03 -58.28 2.77
N TRP BA 397 -74.11 -57.48 2.19
CA TRP BA 397 -72.78 -57.35 2.74
C TRP BA 397 -72.76 -56.55 4.03
N TYR BA 398 -73.74 -55.71 4.25
CA TYR BA 398 -73.84 -54.96 5.51
C TYR BA 398 -74.71 -55.74 6.49
N THR BA 399 -75.85 -56.25 6.04
CA THR BA 399 -76.88 -56.75 6.93
C THR BA 399 -76.47 -58.06 7.61
N GLY BA 400 -75.51 -58.80 6.98
CA GLY BA 400 -75.01 -59.99 7.61
C GLY BA 400 -74.07 -59.78 8.79
N GLU BA 401 -73.62 -58.55 9.02
CA GLU BA 401 -72.62 -58.32 10.09
C GLU BA 401 -73.27 -57.49 11.19
N GLY BA 402 -74.55 -57.66 11.42
CA GLY BA 402 -75.31 -57.11 12.54
C GLY BA 402 -75.89 -55.71 12.25
N MET BA 403 -75.94 -55.31 11.00
CA MET BA 403 -76.67 -54.14 10.60
C MET BA 403 -78.17 -54.37 10.55
N ASP BA 404 -78.87 -53.23 10.62
CA ASP BA 404 -80.34 -53.29 10.54
C ASP BA 404 -80.79 -52.43 9.40
N GLU BA 405 -81.97 -52.76 8.86
CA GLU BA 405 -82.61 -51.98 7.79
C GLU BA 405 -83.07 -50.62 8.29
N MET BA 406 -83.37 -50.51 9.53
CA MET BA 406 -83.82 -49.31 10.22
C MET BA 406 -82.70 -48.29 10.36
N GLU BA 407 -81.45 -48.73 10.45
CA GLU BA 407 -80.35 -47.80 10.59
C GLU BA 407 -80.09 -47.05 9.29
N PHE BA 408 -80.42 -47.65 8.15
CA PHE BA 408 -80.25 -46.96 6.88
C PHE BA 408 -81.30 -45.89 6.72
N THR BA 409 -82.52 -46.15 7.17
CA THR BA 409 -83.59 -45.17 7.08
C THR BA 409 -83.30 -44.00 8.02
N GLU BA 410 -82.69 -44.30 9.18
CA GLU BA 410 -82.31 -43.25 10.12
C GLU BA 410 -81.18 -42.42 9.52
N ALA BA 411 -80.26 -43.05 8.80
CA ALA BA 411 -79.11 -42.35 8.24
C ALA BA 411 -79.56 -41.36 7.18
N GLU BA 412 -80.54 -41.79 6.33
CA GLU BA 412 -81.04 -40.91 5.30
C GLU BA 412 -81.85 -39.78 5.91
N SER BA 413 -82.61 -40.07 6.96
CA SER BA 413 -83.44 -39.05 7.59
C SER BA 413 -82.58 -38.00 8.29
N ASN BA 414 -81.49 -38.44 8.93
CA ASN BA 414 -80.60 -37.55 9.62
C ASN BA 414 -79.80 -36.70 8.64
N MET BA 415 -79.53 -37.18 7.45
CA MET BA 415 -78.74 -36.40 6.54
C MET BA 415 -79.64 -35.53 5.65
N ASN BA 416 -80.86 -35.96 5.36
CA ASN BA 416 -81.81 -35.12 4.64
C ASN BA 416 -82.26 -33.94 5.49
N ASP BA 417 -82.29 -34.12 6.84
CA ASP BA 417 -82.59 -32.98 7.69
C ASP BA 417 -81.43 -31.97 7.68
N LEU BA 418 -80.21 -32.44 7.49
CA LEU BA 418 -79.07 -31.54 7.39
C LEU BA 418 -79.14 -30.70 6.11
N VAL BA 419 -79.66 -31.31 5.05
CA VAL BA 419 -79.87 -30.62 3.78
C VAL BA 419 -80.94 -29.55 3.98
N SER BA 420 -81.99 -29.85 4.76
CA SER BA 420 -83.11 -28.96 4.96
C SER BA 420 -82.71 -27.66 5.66
N GLU BA 421 -81.71 -27.72 6.59
CA GLU BA 421 -81.40 -26.47 7.25
C GLU BA 421 -80.58 -25.54 6.35
N TYR BA 422 -79.79 -26.11 5.47
CA TYR BA 422 -79.03 -25.33 4.52
C TYR BA 422 -79.95 -24.66 3.49
N GLN BA 423 -81.05 -25.38 3.10
CA GLN BA 423 -81.97 -24.79 2.17
C GLN BA 423 -82.80 -23.68 2.82
N GLN BA 424 -83.02 -23.85 4.10
CA GLN BA 424 -83.88 -22.95 4.89
C GLN BA 424 -83.22 -21.58 5.02
N TYR BA 425 -81.86 -21.54 5.01
CA TYR BA 425 -81.14 -20.35 5.38
C TYR BA 425 -80.49 -19.70 4.16
N GLN BA 426 -81.16 -19.75 3.04
CA GLN BA 426 -80.74 -19.12 1.79
C GLN BA 426 -81.65 -17.91 1.56
N MET CA 1 -22.27 -56.45 61.09
CA MET CA 1 -23.50 -55.92 60.63
C MET CA 1 -24.56 -56.99 60.47
N ARG CA 2 -25.34 -56.98 59.39
CA ARG CA 2 -26.25 -58.05 59.06
C ARG CA 2 -25.63 -58.82 57.88
N GLU CA 3 -25.92 -60.15 57.88
CA GLU CA 3 -25.71 -60.97 56.69
C GLU CA 3 -27.04 -61.67 56.36
N ILE CA 4 -27.24 -61.89 55.06
CA ILE CA 4 -28.31 -62.69 54.53
C ILE CA 4 -27.73 -63.99 54.00
N VAL CA 5 -28.29 -65.10 54.53
CA VAL CA 5 -27.88 -66.41 54.11
C VAL CA 5 -28.75 -66.88 52.95
N HIS CA 6 -28.08 -67.31 51.90
CA HIS CA 6 -28.77 -67.69 50.66
C HIS CA 6 -28.86 -69.19 50.56
N VAL CA 7 -30.07 -69.70 50.33
CA VAL CA 7 -30.28 -71.16 50.34
C VAL CA 7 -31.05 -71.50 49.09
N GLN CA 8 -30.46 -72.36 48.27
CA GLN CA 8 -30.86 -72.56 46.87
C GLN CA 8 -31.24 -74.02 46.73
N GLY CA 9 -32.44 -74.29 46.33
CA GLY CA 9 -32.93 -75.67 46.27
C GLY CA 9 -33.62 -75.94 44.95
N GLY CA 10 -33.37 -77.16 44.45
CA GLY CA 10 -33.95 -77.68 43.24
C GLY CA 10 -33.35 -77.15 41.95
N GLN CA 11 -33.88 -77.64 40.83
CA GLN CA 11 -33.30 -77.31 39.54
C GLN CA 11 -33.53 -75.83 39.20
N CYS CA 12 -34.75 -75.38 39.47
CA CYS CA 12 -35.11 -74.00 39.19
C CYS CA 12 -34.38 -73.05 40.10
N GLY CA 13 -34.30 -73.44 41.40
CA GLY CA 13 -33.66 -72.59 42.39
C GLY CA 13 -32.18 -72.41 42.15
N ASN CA 14 -31.53 -73.47 41.64
CA ASN CA 14 -30.10 -73.40 41.35
C ASN CA 14 -29.85 -72.51 40.15
N GLN CA 15 -30.64 -72.67 39.12
CA GLN CA 15 -30.35 -72.02 37.83
C GLN CA 15 -30.76 -70.57 37.83
N ILE CA 16 -31.80 -70.21 38.59
CA ILE CA 16 -32.15 -68.80 38.70
C ILE CA 16 -31.15 -68.12 39.69
N GLY CA 17 -30.75 -68.89 40.67
CA GLY CA 17 -29.98 -68.35 41.77
C GLY CA 17 -28.50 -68.28 41.43
N ALA CA 18 -28.02 -69.12 40.52
CA ALA CA 18 -26.63 -69.01 40.04
C ALA CA 18 -26.43 -67.69 39.29
N LYS CA 19 -27.44 -67.23 38.62
CA LYS CA 19 -27.42 -65.99 37.87
C LYS CA 19 -27.76 -64.83 38.77
N PHE CA 20 -28.34 -65.05 39.93
CA PHE CA 20 -28.44 -64.02 40.96
C PHE CA 20 -27.04 -63.61 41.43
N TRP CA 21 -26.18 -64.55 41.63
CA TRP CA 21 -24.81 -64.29 42.04
C TRP CA 21 -23.96 -63.71 40.93
N GLU CA 22 -24.44 -63.82 39.69
CA GLU CA 22 -23.79 -63.19 38.56
C GLU CA 22 -24.01 -61.67 38.63
N VAL CA 23 -25.23 -61.25 39.02
CA VAL CA 23 -25.56 -59.85 38.96
C VAL CA 23 -25.07 -59.14 40.22
N ILE CA 24 -25.03 -59.85 41.36
CA ILE CA 24 -24.56 -59.22 42.58
C ILE CA 24 -23.05 -59.07 42.56
N SER CA 25 -22.35 -60.07 41.98
CA SER CA 25 -20.90 -59.97 41.84
C SER CA 25 -20.54 -58.86 40.87
N ASP CA 26 -21.34 -58.65 39.82
CA ASP CA 26 -21.11 -57.59 38.87
C ASP CA 26 -21.33 -56.20 39.53
N GLU CA 27 -22.32 -56.14 40.42
CA GLU CA 27 -22.64 -54.89 41.06
C GLU CA 27 -21.60 -54.51 42.11
N HIS CA 28 -21.03 -55.51 42.76
CA HIS CA 28 -19.96 -55.29 43.72
C HIS CA 28 -18.59 -55.36 43.09
N GLY CA 29 -18.49 -55.74 41.80
CA GLY CA 29 -17.22 -55.73 41.09
C GLY CA 29 -16.31 -56.91 41.52
N ILE CA 30 -16.87 -58.11 41.59
CA ILE CA 30 -16.12 -59.28 41.96
C ILE CA 30 -15.76 -60.07 40.72
N ASP CA 31 -14.46 -60.29 40.54
CA ASP CA 31 -13.91 -61.14 39.51
C ASP CA 31 -14.34 -62.58 39.80
N PRO CA 32 -14.62 -63.41 38.78
CA PRO CA 32 -14.99 -64.79 39.01
C PRO CA 32 -13.98 -65.62 39.80
N THR CA 33 -12.73 -65.17 39.83
CA THR CA 33 -11.73 -65.82 40.67
C THR CA 33 -11.89 -65.41 42.13
N GLY CA 34 -12.66 -64.38 42.43
CA GLY CA 34 -12.96 -64.01 43.82
C GLY CA 34 -12.35 -62.67 44.23
N THR CA 35 -11.47 -62.14 43.42
CA THR CA 35 -10.79 -60.91 43.75
C THR CA 35 -11.66 -59.70 43.41
N TYR CA 36 -11.30 -58.56 43.98
CA TYR CA 36 -12.04 -57.34 43.68
C TYR CA 36 -11.32 -56.51 42.61
N CYS CA 37 -12.11 -55.92 41.73
CA CYS CA 37 -11.58 -54.89 40.83
C CYS CA 37 -12.62 -53.79 40.69
N GLY CA 38 -12.21 -52.53 40.65
CA GLY CA 38 -13.17 -51.47 40.43
C GLY CA 38 -12.98 -50.21 41.27
N ASP CA 39 -11.96 -50.22 42.13
CA ASP CA 39 -11.43 -49.11 42.89
C ASP CA 39 -12.41 -48.06 43.39
N SER CA 40 -13.45 -48.52 44.07
CA SER CA 40 -14.43 -47.63 44.71
C SER CA 40 -14.79 -48.16 46.09
N ASP CA 41 -14.93 -47.29 47.06
CA ASP CA 41 -15.20 -47.62 48.44
C ASP CA 41 -16.63 -48.17 48.62
N LEU CA 42 -17.58 -47.66 47.83
CA LEU CA 42 -18.99 -47.84 48.13
C LEU CA 42 -19.43 -49.30 47.92
N GLN CA 43 -18.73 -50.04 47.03
CA GLN CA 43 -19.11 -51.43 46.86
C GLN CA 43 -18.67 -52.29 48.07
N LEU CA 44 -17.50 -51.93 48.60
CA LEU CA 44 -16.78 -52.84 49.49
C LEU CA 44 -16.99 -52.53 50.97
N GLU CA 45 -17.63 -51.37 51.24
CA GLU CA 45 -17.89 -50.99 52.62
C GLU CA 45 -18.96 -51.90 53.22
N ARG CA 46 -19.92 -52.33 52.42
CA ARG CA 46 -20.94 -53.23 52.90
C ARG CA 46 -20.96 -54.44 51.99
N ILE CA 47 -20.04 -55.37 52.24
CA ILE CA 47 -19.93 -56.54 51.39
C ILE CA 47 -20.26 -57.82 52.16
N ASN CA 48 -20.20 -57.72 53.47
CA ASN CA 48 -20.46 -58.86 54.35
C ASN CA 48 -21.94 -59.22 54.39
N VAL CA 49 -22.80 -58.47 53.74
CA VAL CA 49 -24.20 -58.85 53.66
C VAL CA 49 -24.39 -60.11 52.82
N PHE CA 50 -23.51 -60.31 51.83
CA PHE CA 50 -23.61 -61.46 50.94
C PHE CA 50 -22.33 -62.26 50.77
N TYR CA 51 -21.22 -61.73 51.28
CA TYR CA 51 -19.93 -62.36 51.07
C TYR CA 51 -19.19 -62.58 52.37
N ASN CA 52 -18.17 -63.42 52.31
CA ASN CA 52 -17.36 -63.79 53.46
C ASN CA 52 -15.91 -63.74 53.05
N GLU CA 53 -15.07 -63.11 53.89
CA GLU CA 53 -13.63 -63.08 53.72
C GLU CA 53 -13.07 -64.48 53.86
N ALA CA 54 -12.02 -64.78 53.08
CA ALA CA 54 -11.48 -66.14 53.05
C ALA CA 54 -9.98 -66.16 53.34
N THR CA 55 -9.48 -65.16 54.05
CA THR CA 55 -8.10 -64.97 54.51
C THR CA 55 -7.08 -65.05 53.38
N GLY CA 56 -7.54 -65.00 52.14
CA GLY CA 56 -6.65 -64.88 51.00
C GLY CA 56 -7.05 -63.64 50.22
N GLY CA 57 -7.99 -62.91 50.80
CA GLY CA 57 -8.50 -61.70 50.19
C GLY CA 57 -9.71 -61.92 49.29
N ARG CA 58 -10.04 -63.17 49.02
CA ARG CA 58 -11.12 -63.49 48.10
C ARG CA 58 -12.43 -63.58 48.88
N PHE CA 59 -13.52 -63.34 48.14
CA PHE CA 59 -14.84 -63.28 48.72
C PHE CA 59 -15.64 -64.47 48.25
N VAL CA 60 -16.18 -65.22 49.19
CA VAL CA 60 -16.99 -66.38 48.88
C VAL CA 60 -18.43 -66.08 49.24
N PRO CA 61 -19.41 -66.44 48.41
CA PRO CA 61 -20.79 -66.22 48.73
C PRO CA 61 -21.27 -67.02 49.94
N ARG CA 62 -22.22 -66.44 50.68
CA ARG CA 62 -22.80 -67.15 51.80
C ARG CA 62 -24.01 -67.97 51.32
N ALA CA 63 -23.76 -68.82 50.34
CA ALA CA 63 -24.82 -69.52 49.63
C ALA CA 63 -24.67 -71.02 49.84
N ILE CA 64 -25.81 -71.69 50.05
CA ILE CA 64 -25.86 -73.12 50.20
C ILE CA 64 -26.64 -73.67 49.01
N LEU CA 65 -25.99 -74.54 48.25
CA LEU CA 65 -26.61 -75.24 47.15
C LEU CA 65 -27.13 -76.59 47.61
N MET CA 66 -28.38 -76.88 47.29
CA MET CA 66 -29.04 -78.11 47.64
C MET CA 66 -29.78 -78.65 46.39
N ASP CA 67 -29.55 -79.95 46.11
CA ASP CA 67 -30.35 -80.70 45.20
C ASP CA 67 -30.28 -82.17 45.61
N LEU CA 68 -31.19 -82.98 45.07
CA LEU CA 68 -31.19 -84.41 45.21
C LEU CA 68 -30.62 -85.11 44.00
N GLU CA 69 -30.18 -84.40 42.99
CA GLU CA 69 -29.60 -84.97 41.80
C GLU CA 69 -28.34 -84.17 41.49
N PRO CA 70 -27.22 -84.82 41.14
CA PRO CA 70 -25.96 -84.10 40.97
C PRO CA 70 -25.81 -83.35 39.64
N GLY CA 71 -26.80 -83.43 38.77
CA GLY CA 71 -26.67 -82.97 37.38
C GLY CA 71 -26.51 -81.45 37.26
N THR CA 72 -27.44 -80.76 37.94
CA THR CA 72 -27.54 -79.32 37.75
C THR CA 72 -26.48 -78.58 38.56
N MET CA 73 -25.95 -79.18 39.57
CA MET CA 73 -24.85 -78.60 40.34
C MET CA 73 -23.54 -78.69 39.56
N ASP CA 74 -23.39 -79.69 38.69
CA ASP CA 74 -22.25 -79.76 37.80
C ASP CA 74 -22.32 -78.63 36.78
N SER CA 75 -23.53 -78.30 36.35
CA SER CA 75 -23.75 -77.27 35.35
C SER CA 75 -23.42 -75.88 35.92
N VAL CA 76 -23.76 -75.68 37.20
CA VAL CA 76 -23.51 -74.40 37.84
C VAL CA 76 -22.03 -74.21 38.07
N ARG CA 77 -21.32 -75.27 38.46
CA ARG CA 77 -19.90 -75.22 38.71
C ARG CA 77 -19.11 -74.95 37.43
N ALA CA 78 -19.53 -75.58 36.34
CA ALA CA 78 -18.80 -75.52 35.07
C ALA CA 78 -18.97 -74.17 34.37
N GLY CA 79 -20.06 -73.45 34.68
CA GLY CA 79 -20.36 -72.19 34.05
C GLY CA 79 -19.48 -71.06 34.57
N PRO CA 80 -19.66 -69.84 34.03
CA PRO CA 80 -18.97 -68.68 34.57
C PRO CA 80 -19.52 -68.35 35.96
N PHE CA 81 -18.65 -67.79 36.81
CA PHE CA 81 -18.95 -67.51 38.20
C PHE CA 81 -19.36 -68.79 38.93
N GLY CA 82 -18.75 -69.91 38.54
CA GLY CA 82 -19.05 -71.18 39.16
C GLY CA 82 -17.98 -71.57 40.19
N GLN CA 83 -16.81 -70.97 40.02
CA GLN CA 83 -15.71 -71.22 40.95
C GLN CA 83 -15.82 -70.32 42.17
N LEU CA 84 -16.84 -69.46 42.21
CA LEU CA 84 -17.02 -68.53 43.31
C LEU CA 84 -17.48 -69.25 44.58
N PHE CA 85 -18.34 -70.24 44.40
CA PHE CA 85 -18.93 -70.94 45.54
C PHE CA 85 -17.93 -71.87 46.21
N ARG CA 86 -18.12 -72.06 47.51
CA ARG CA 86 -17.34 -73.01 48.26
C ARG CA 86 -17.80 -74.42 47.90
N PRO CA 87 -16.86 -75.36 47.61
CA PRO CA 87 -17.24 -76.75 47.33
C PRO CA 87 -17.91 -77.48 48.48
N ASP CA 88 -17.62 -77.09 49.72
CA ASP CA 88 -18.25 -77.68 50.89
C ASP CA 88 -19.71 -77.24 50.99
N ASN CA 89 -20.07 -76.09 50.40
CA ASN CA 89 -21.44 -75.62 50.45
C ASN CA 89 -22.38 -76.41 49.53
N PHE CA 90 -21.85 -77.16 48.60
CA PHE CA 90 -22.64 -78.11 47.84
C PHE CA 90 -23.04 -79.30 48.73
N VAL CA 91 -24.32 -79.63 48.72
CA VAL CA 91 -24.79 -80.86 49.33
C VAL CA 91 -25.56 -81.62 48.26
N PHE CA 92 -25.11 -82.88 48.05
CA PHE CA 92 -25.58 -83.63 46.90
C PHE CA 92 -26.56 -84.72 47.32
N GLY CA 93 -27.45 -85.06 46.37
CA GLY CA 93 -28.17 -86.30 46.49
C GLY CA 93 -27.84 -87.20 45.28
N GLN CA 94 -28.15 -88.48 45.48
CA GLN CA 94 -27.81 -89.44 44.44
C GLN CA 94 -29.04 -89.94 43.68
N THR CA 95 -30.17 -90.06 44.38
CA THR CA 95 -31.32 -90.74 43.82
C THR CA 95 -32.19 -89.80 42.99
N GLY CA 96 -32.59 -88.66 43.60
CA GLY CA 96 -33.42 -87.71 42.90
C GLY CA 96 -34.91 -87.93 43.16
N ALA CA 97 -35.58 -86.85 43.56
CA ALA CA 97 -37.02 -86.91 43.73
C ALA CA 97 -37.68 -86.70 42.40
N GLY CA 98 -38.28 -87.76 41.85
CA GLY CA 98 -38.95 -87.70 40.58
C GLY CA 98 -40.29 -86.95 40.67
N ASN CA 99 -40.21 -85.64 40.86
CA ASN CA 99 -41.35 -84.73 40.90
C ASN CA 99 -42.36 -85.16 41.97
N ASN CA 100 -41.85 -85.75 43.05
CA ASN CA 100 -42.69 -86.26 44.11
C ASN CA 100 -42.39 -85.48 45.37
N TRP CA 101 -43.36 -84.72 45.85
CA TRP CA 101 -43.24 -83.96 47.08
C TRP CA 101 -43.07 -84.89 48.29
N ALA CA 102 -43.64 -86.07 48.27
CA ALA CA 102 -43.52 -87.00 49.36
C ALA CA 102 -42.06 -87.42 49.59
N LYS CA 103 -41.41 -87.83 48.52
CA LYS CA 103 -40.02 -88.27 48.66
C LYS CA 103 -39.07 -87.09 48.75
N GLY CA 104 -39.52 -85.91 48.37
CA GLY CA 104 -38.74 -84.68 48.62
C GLY CA 104 -38.75 -84.31 50.11
N HIS CA 105 -39.90 -84.52 50.75
CA HIS CA 105 -40.09 -84.01 52.09
C HIS CA 105 -39.96 -85.07 53.15
N TYR CA 106 -40.50 -86.25 52.92
CA TYR CA 106 -40.60 -87.23 54.01
C TYR CA 106 -39.45 -88.25 54.00
N THR CA 107 -39.25 -88.89 52.87
CA THR CA 107 -38.51 -90.14 52.85
C THR CA 107 -37.08 -89.88 52.41
N GLU CA 108 -36.89 -89.32 51.20
CA GLU CA 108 -35.56 -89.20 50.66
C GLU CA 108 -34.83 -87.93 51.11
N GLY CA 109 -35.65 -86.91 51.35
CA GLY CA 109 -35.19 -85.61 51.84
C GLY CA 109 -34.74 -85.66 53.29
N ALA CA 110 -35.19 -86.66 54.06
CA ALA CA 110 -34.86 -86.76 55.47
C ALA CA 110 -33.40 -87.11 55.70
N GLU CA 111 -32.81 -87.89 54.81
CA GLU CA 111 -31.42 -88.30 55.06
C GLU CA 111 -30.45 -87.26 54.52
N LEU CA 112 -30.94 -86.21 53.83
CA LEU CA 112 -30.02 -85.15 53.43
C LEU CA 112 -30.20 -83.88 54.30
N ILE CA 113 -31.34 -83.78 54.99
CA ILE CA 113 -31.68 -82.55 55.68
C ILE CA 113 -30.77 -82.34 56.88
N ASP CA 114 -30.29 -83.44 57.50
CA ASP CA 114 -29.39 -83.31 58.62
C ASP CA 114 -28.04 -82.72 58.16
N SER CA 115 -27.66 -83.02 56.91
CA SER CA 115 -26.37 -82.57 56.39
C SER CA 115 -26.45 -81.10 55.97
N VAL CA 116 -27.59 -80.70 55.38
CA VAL CA 116 -27.73 -79.33 54.94
C VAL CA 116 -28.00 -78.42 56.14
N LEU CA 117 -28.64 -78.93 57.18
CA LEU CA 117 -28.80 -78.19 58.42
C LEU CA 117 -27.47 -77.95 59.14
N ASP CA 118 -26.52 -78.84 58.94
CA ASP CA 118 -25.21 -78.72 59.53
C ASP CA 118 -24.48 -77.53 58.88
N VAL CA 119 -24.62 -77.40 57.55
CA VAL CA 119 -23.86 -76.38 56.86
C VAL CA 119 -24.52 -75.01 57.10
N VAL CA 120 -25.84 -74.99 57.27
CA VAL CA 120 -26.51 -73.71 57.51
C VAL CA 120 -26.20 -73.22 58.91
N ARG CA 121 -26.06 -74.12 59.87
CA ARG CA 121 -25.73 -73.72 61.22
C ARG CA 121 -24.28 -73.20 61.27
N LYS CA 122 -23.39 -73.81 60.48
CA LYS CA 122 -22.00 -73.42 60.52
C LYS CA 122 -21.82 -71.98 60.02
N GLU CA 123 -22.54 -71.65 58.96
CA GLU CA 123 -22.29 -70.36 58.29
C GLU CA 123 -23.23 -69.33 58.84
N ALA CA 124 -24.29 -69.63 59.64
CA ALA CA 124 -25.13 -68.69 60.27
C ALA CA 124 -24.62 -68.30 61.64
N GLU CA 125 -24.10 -69.23 62.42
CA GLU CA 125 -23.62 -68.88 63.76
C GLU CA 125 -22.23 -68.21 63.70
N GLY CA 126 -21.55 -68.35 62.55
CA GLY CA 126 -20.18 -67.89 62.41
C GLY CA 126 -20.05 -66.37 62.37
N CYS CA 127 -21.11 -65.68 62.12
CA CYS CA 127 -21.16 -64.24 61.88
C CYS CA 127 -21.54 -63.56 63.21
N ASP CA 128 -21.58 -62.23 63.17
CA ASP CA 128 -21.84 -61.43 64.36
C ASP CA 128 -23.30 -61.61 64.80
N CYS CA 129 -24.21 -61.17 63.94
CA CYS CA 129 -25.64 -61.35 64.12
C CYS CA 129 -26.27 -61.29 62.74
N LEU CA 130 -27.06 -62.31 62.39
CA LEU CA 130 -27.67 -62.40 61.08
C LEU CA 130 -28.99 -61.65 61.05
N GLN CA 131 -29.39 -61.22 59.83
CA GLN CA 131 -30.72 -60.62 59.69
C GLN CA 131 -31.77 -61.67 59.29
N GLY CA 132 -31.47 -62.43 58.25
CA GLY CA 132 -32.47 -63.36 57.76
C GLY CA 132 -31.91 -64.25 56.66
N PHE CA 133 -32.84 -64.97 56.05
CA PHE CA 133 -32.55 -65.97 55.05
C PHE CA 133 -33.34 -65.64 53.81
N GLN CA 134 -32.79 -66.06 52.66
CA GLN CA 134 -33.45 -65.91 51.38
C GLN CA 134 -33.36 -67.27 50.68
N ILE CA 135 -34.53 -67.72 50.22
CA ILE CA 135 -34.66 -69.08 49.70
C ILE CA 135 -35.23 -69.03 48.28
N THR CA 136 -34.54 -69.68 47.36
CA THR CA 136 -34.92 -69.67 45.98
C THR CA 136 -35.25 -71.09 45.54
N HIS CA 137 -36.49 -71.29 45.07
CA HIS CA 137 -36.89 -72.61 44.59
C HIS CA 137 -38.11 -72.45 43.69
N SER CA 138 -38.63 -73.60 43.23
CA SER CA 138 -39.86 -73.69 42.51
C SER CA 138 -40.88 -74.49 43.31
N LEU CA 139 -42.12 -74.47 42.90
CA LEU CA 139 -43.20 -75.21 43.54
C LEU CA 139 -43.63 -76.37 42.69
N GLY CA 140 -43.28 -76.46 41.39
CA GLY CA 140 -43.90 -77.49 40.57
C GLY CA 140 -43.26 -78.89 40.73
N GLY CA 141 -41.98 -78.83 41.01
CA GLY CA 141 -41.12 -80.01 41.05
C GLY CA 141 -41.06 -80.59 42.47
N GLY CA 142 -40.16 -81.55 42.61
CA GLY CA 142 -40.10 -82.38 43.81
C GLY CA 142 -39.03 -81.88 44.80
N THR CA 143 -37.81 -81.66 44.32
CA THR CA 143 -36.70 -81.37 45.17
C THR CA 143 -36.66 -79.88 45.56
N GLY CA 144 -37.35 -79.00 44.75
CA GLY CA 144 -37.37 -77.62 45.18
C GLY CA 144 -38.52 -77.35 46.13
N SER CA 145 -39.68 -77.98 45.80
CA SER CA 145 -40.88 -77.76 46.60
C SER CA 145 -40.88 -78.60 47.88
N GLY CA 146 -40.38 -79.83 47.82
CA GLY CA 146 -40.50 -80.75 48.94
C GLY CA 146 -39.32 -80.59 49.91
N MET CA 147 -38.07 -80.70 49.36
CA MET CA 147 -36.95 -80.67 50.27
C MET CA 147 -36.56 -79.22 50.63
N GLY CA 148 -36.93 -78.29 49.73
CA GLY CA 148 -36.71 -76.88 50.02
C GLY CA 148 -37.62 -76.38 51.15
N THR CA 149 -38.87 -76.87 51.17
CA THR CA 149 -39.78 -76.39 52.19
C THR CA 149 -39.54 -77.10 53.51
N LEU CA 150 -38.86 -78.27 53.49
CA LEU CA 150 -38.48 -78.93 54.72
C LEU CA 150 -37.40 -78.08 55.41
N LEU CA 151 -36.47 -77.50 54.62
CA LEU CA 151 -35.48 -76.66 55.24
C LEU CA 151 -36.11 -75.41 55.83
N ILE CA 152 -37.16 -74.90 55.18
CA ILE CA 152 -37.87 -73.73 55.67
C ILE CA 152 -38.49 -74.04 57.03
N SER CA 153 -39.06 -75.24 57.18
CA SER CA 153 -39.68 -75.62 58.44
C SER CA 153 -38.65 -75.80 59.54
N LYS CA 154 -37.49 -76.37 59.19
CA LYS CA 154 -36.48 -76.63 60.20
C LYS CA 154 -35.76 -75.37 60.67
N VAL CA 155 -35.52 -74.44 59.75
CA VAL CA 155 -34.75 -73.26 60.12
C VAL CA 155 -35.66 -72.24 60.83
N ARG CA 156 -36.97 -72.30 60.57
CA ARG CA 156 -37.89 -71.45 61.29
C ARG CA 156 -38.04 -71.84 62.75
N GLU CA 157 -37.92 -73.14 63.02
CA GLU CA 157 -37.86 -73.63 64.40
C GLU CA 157 -36.56 -73.20 65.08
N GLU CA 158 -35.48 -73.07 64.32
CA GLU CA 158 -34.17 -72.82 64.93
C GLU CA 158 -33.95 -71.33 65.20
N TYR CA 159 -34.31 -70.52 64.24
CA TYR CA 159 -34.18 -69.08 64.26
C TYR CA 159 -35.56 -68.45 64.10
N PRO CA 160 -36.30 -68.25 65.21
CA PRO CA 160 -37.69 -67.82 65.14
C PRO CA 160 -37.87 -66.33 64.80
N ASP CA 161 -36.89 -65.52 65.13
CA ASP CA 161 -36.97 -64.08 65.05
C ASP CA 161 -36.33 -63.52 63.80
N ARG CA 162 -35.65 -64.33 62.98
CA ARG CA 162 -35.10 -63.81 61.74
C ARG CA 162 -36.13 -63.87 60.62
N ILE CA 163 -36.00 -62.96 59.68
CA ILE CA 163 -36.89 -62.89 58.54
C ILE CA 163 -36.58 -64.02 57.57
N MET CA 164 -37.61 -64.41 56.81
CA MET CA 164 -37.48 -65.55 55.92
C MET CA 164 -38.25 -65.24 54.62
N GLU CA 165 -37.47 -64.84 53.60
CA GLU CA 165 -38.11 -64.37 52.39
C GLU CA 165 -37.74 -65.30 51.23
N THR CA 166 -38.72 -65.61 50.41
CA THR CA 166 -38.61 -66.69 49.44
C THR CA 166 -39.00 -66.17 48.07
N PHE CA 167 -38.12 -66.50 47.10
CA PHE CA 167 -38.38 -66.18 45.70
C PHE CA 167 -38.81 -67.46 45.03
N SER CA 168 -40.12 -67.66 44.96
CA SER CA 168 -40.71 -68.94 44.59
C SER CA 168 -41.43 -68.77 43.26
N VAL CA 169 -41.18 -69.72 42.38
CA VAL CA 169 -41.78 -69.73 41.07
C VAL CA 169 -42.96 -70.67 41.23
N PHE CA 170 -44.17 -70.15 40.98
CA PHE CA 170 -45.38 -70.89 41.17
C PHE CA 170 -45.63 -71.73 39.89
N PRO CA 171 -46.59 -72.66 39.91
CA PRO CA 171 -47.18 -73.19 38.72
C PRO CA 171 -47.58 -72.17 37.66
N SER CA 172 -47.42 -72.60 36.43
CA SER CA 172 -47.78 -71.86 35.27
C SER CA 172 -49.31 -71.83 35.14
N PRO CA 173 -49.87 -70.74 34.56
CA PRO CA 173 -51.24 -70.75 34.07
C PRO CA 173 -51.56 -71.80 32.99
N LYS CA 174 -50.85 -71.75 31.90
CA LYS CA 174 -51.42 -72.26 30.63
C LYS CA 174 -50.59 -73.47 30.20
N VAL CA 175 -49.27 -73.27 29.99
CA VAL CA 175 -48.48 -74.39 29.51
C VAL CA 175 -47.71 -74.99 30.68
N SER CA 176 -47.80 -76.30 30.85
CA SER CA 176 -47.39 -76.86 32.10
C SER CA 176 -46.74 -78.21 31.81
N ASP CA 177 -45.44 -78.32 32.05
CA ASP CA 177 -44.84 -79.64 32.25
C ASP CA 177 -45.05 -80.03 33.71
N THR CA 178 -44.61 -81.23 34.10
CA THR CA 178 -44.84 -81.88 35.37
C THR CA 178 -46.33 -81.90 35.68
N VAL CA 179 -47.05 -82.83 35.02
CA VAL CA 179 -48.49 -83.04 35.12
C VAL CA 179 -48.97 -83.09 36.57
N VAL CA 180 -48.12 -83.58 37.48
CA VAL CA 180 -48.46 -83.51 38.89
C VAL CA 180 -47.95 -82.19 39.46
N GLU CA 181 -48.52 -81.11 39.02
CA GLU CA 181 -48.20 -79.78 39.53
C GLU CA 181 -49.03 -79.41 40.74
N PRO CA 182 -50.38 -79.50 40.71
CA PRO CA 182 -51.15 -78.95 41.83
C PRO CA 182 -51.00 -79.75 43.11
N TYR CA 183 -50.61 -80.99 43.05
CA TYR CA 183 -50.26 -81.74 44.25
C TYR CA 183 -49.04 -81.16 44.97
N ASN CA 184 -48.01 -80.84 44.15
CA ASN CA 184 -46.79 -80.30 44.74
C ASN CA 184 -47.00 -78.87 45.22
N ALA CA 185 -47.76 -78.09 44.44
CA ALA CA 185 -48.02 -76.70 44.75
C ALA CA 185 -48.85 -76.52 46.02
N THR CA 186 -49.94 -77.26 46.14
CA THR CA 186 -50.86 -77.10 47.26
C THR CA 186 -50.22 -77.56 48.56
N LEU CA 187 -49.46 -78.64 48.49
CA LEU CA 187 -48.77 -79.16 49.66
C LEU CA 187 -47.64 -78.23 50.11
N SER CA 188 -47.10 -77.44 49.17
CA SER CA 188 -46.01 -76.56 49.51
C SER CA 188 -46.52 -75.22 50.02
N VAL CA 189 -47.68 -74.77 49.54
CA VAL CA 189 -48.18 -73.48 49.96
C VAL CA 189 -48.68 -73.56 51.42
N HIS CA 190 -49.31 -74.68 51.82
CA HIS CA 190 -49.88 -74.68 53.15
C HIS CA 190 -48.79 -74.83 54.21
N GLN CA 191 -47.61 -75.28 53.79
CA GLN CA 191 -46.46 -75.29 54.69
C GLN CA 191 -45.67 -73.98 54.59
N LEU CA 192 -45.87 -73.24 53.51
CA LEU CA 192 -45.18 -71.98 53.31
C LEU CA 192 -45.95 -70.82 53.95
N VAL CA 193 -47.26 -71.01 54.19
CA VAL CA 193 -48.02 -69.95 54.86
C VAL CA 193 -47.72 -69.95 56.36
N GLU CA 194 -47.24 -71.08 56.91
CA GLU CA 194 -46.97 -71.13 58.32
C GLU CA 194 -45.51 -70.82 58.68
N ASN CA 195 -44.60 -70.86 57.72
CA ASN CA 195 -43.19 -70.76 58.08
C ASN CA 195 -42.41 -69.76 57.25
N ALA CA 196 -43.09 -68.98 56.36
CA ALA CA 196 -42.34 -67.95 55.64
C ALA CA 196 -42.98 -66.59 55.97
N ASP CA 197 -42.07 -65.62 56.09
CA ASP CA 197 -42.51 -64.26 56.40
C ASP CA 197 -42.93 -63.49 55.15
N GLU CA 198 -42.22 -63.68 54.06
CA GLU CA 198 -42.51 -63.04 52.80
C GLU CA 198 -42.32 -64.01 51.63
N VAL CA 199 -43.33 -64.11 50.78
CA VAL CA 199 -43.23 -64.96 49.60
C VAL CA 199 -43.49 -64.11 48.36
N GLN CA 200 -42.61 -64.19 47.41
CA GLN CA 200 -42.67 -63.32 46.24
C GLN CA 200 -42.80 -64.22 45.01
N VAL CA 201 -43.89 -64.02 44.27
CA VAL CA 201 -44.32 -64.98 43.30
C VAL CA 201 -43.80 -64.63 41.91
N ILE CA 202 -43.32 -65.66 41.19
CA ILE CA 202 -42.86 -65.55 39.82
C ILE CA 202 -43.57 -66.62 39.01
N ASP CA 203 -43.98 -66.27 37.80
CA ASP CA 203 -44.53 -67.20 36.85
C ASP CA 203 -43.68 -67.18 35.59
N ASN CA 204 -43.51 -68.33 34.94
CA ASN CA 204 -42.77 -68.39 33.71
C ASN CA 204 -43.54 -67.75 32.57
N GLU CA 205 -44.89 -67.88 32.58
CA GLU CA 205 -45.64 -67.30 31.48
C GLU CA 205 -45.73 -65.79 31.62
N ALA CA 206 -45.61 -65.28 32.82
CA ALA CA 206 -45.49 -63.84 33.04
C ALA CA 206 -44.17 -63.34 32.47
N LEU CA 207 -43.10 -64.10 32.63
CA LEU CA 207 -41.78 -63.73 32.16
C LEU CA 207 -41.73 -63.76 30.63
N TYR CA 208 -42.45 -64.74 30.03
CA TYR CA 208 -42.55 -64.82 28.59
C TYR CA 208 -43.33 -63.61 28.04
N ASP CA 209 -44.34 -63.19 28.77
CA ASP CA 209 -45.15 -62.05 28.38
C ASP CA 209 -44.33 -60.76 28.39
N ILE CA 210 -43.47 -60.64 29.40
CA ILE CA 210 -42.61 -59.46 29.53
C ILE CA 210 -41.64 -59.41 28.35
N CYS CA 211 -41.03 -60.56 28.04
CA CYS CA 211 -39.99 -60.59 27.01
C CYS CA 211 -40.58 -60.51 25.60
N PHE CA 212 -41.90 -60.69 25.43
CA PHE CA 212 -42.50 -60.56 24.14
C PHE CA 212 -42.82 -59.13 23.76
N ARG CA 213 -43.47 -58.40 24.63
CA ARG CA 213 -43.86 -57.03 24.19
C ARG CA 213 -42.84 -56.00 24.63
N THR CA 214 -42.18 -56.20 25.79
CA THR CA 214 -41.37 -55.08 26.32
C THR CA 214 -39.91 -55.18 25.88
N LEU CA 215 -39.33 -56.33 26.11
CA LEU CA 215 -37.93 -56.54 25.79
C LEU CA 215 -37.75 -56.83 24.30
N LYS CA 216 -38.83 -57.27 23.63
CA LYS CA 216 -38.78 -57.59 22.20
C LYS CA 216 -37.75 -58.65 21.88
N LEU CA 217 -37.58 -59.61 22.76
CA LEU CA 217 -36.60 -60.67 22.52
C LEU CA 217 -37.31 -61.79 21.77
N THR CA 218 -36.73 -62.23 20.65
CA THR CA 218 -37.45 -63.09 19.72
C THR CA 218 -37.44 -64.54 20.21
N THR CA 219 -36.29 -64.95 20.73
CA THR CA 219 -36.05 -66.31 21.19
C THR CA 219 -35.53 -66.30 22.62
N PRO CA 220 -36.39 -66.11 23.64
CA PRO CA 220 -35.92 -66.03 25.00
C PRO CA 220 -35.63 -67.39 25.61
N THR CA 221 -34.38 -67.59 26.00
CA THR CA 221 -33.93 -68.77 26.72
C THR CA 221 -34.14 -68.57 28.20
N TYR CA 222 -33.78 -69.59 28.97
CA TYR CA 222 -33.88 -69.52 30.44
C TYR CA 222 -32.87 -68.52 31.00
N GLY CA 223 -31.80 -68.25 30.25
CA GLY CA 223 -30.76 -67.39 30.79
C GLY CA 223 -31.27 -65.95 30.95
N ASP CA 224 -32.04 -65.51 29.96
CA ASP CA 224 -32.52 -64.14 29.94
C ASP CA 224 -33.72 -63.95 30.83
N LEU CA 225 -34.53 -64.99 31.05
CA LEU CA 225 -35.60 -64.93 32.04
C LEU CA 225 -34.99 -64.85 33.45
N ASN CA 226 -33.88 -65.59 33.71
CA ASN CA 226 -33.27 -65.55 35.00
C ASN CA 226 -32.61 -64.21 35.28
N HIS CA 227 -32.17 -63.53 34.20
CA HIS CA 227 -31.53 -62.23 34.34
C HIS CA 227 -32.56 -61.21 34.79
N LEU CA 228 -33.80 -61.36 34.31
CA LEU CA 228 -34.84 -60.40 34.62
C LEU CA 228 -35.28 -60.56 36.09
N VAL CA 229 -35.38 -61.85 36.53
CA VAL CA 229 -35.81 -62.11 37.88
C VAL CA 229 -34.70 -61.67 38.84
N SER CA 230 -33.44 -61.87 38.44
CA SER CA 230 -32.33 -61.49 39.29
C SER CA 230 -32.22 -59.99 39.43
N ALA CA 231 -32.65 -59.23 38.42
CA ALA CA 231 -32.62 -57.78 38.51
C ALA CA 231 -33.57 -57.28 39.61
N ALA CA 232 -34.76 -57.92 39.67
CA ALA CA 232 -35.71 -57.50 40.69
C ALA CA 232 -35.29 -58.01 42.07
N MET CA 233 -34.62 -59.15 42.10
CA MET CA 233 -34.21 -59.79 43.35
C MET CA 233 -33.11 -58.98 44.01
N SER CA 234 -32.24 -58.35 43.18
CA SER CA 234 -31.16 -57.55 43.76
C SER CA 234 -31.68 -56.22 44.20
N GLY CA 235 -32.79 -55.73 43.59
CA GLY CA 235 -33.33 -54.44 43.98
C GLY CA 235 -33.99 -54.46 45.36
N VAL CA 236 -34.39 -55.58 45.88
CA VAL CA 236 -35.03 -55.70 47.16
C VAL CA 236 -34.04 -55.48 48.31
N THR CA 237 -32.75 -55.76 48.05
CA THR CA 237 -31.71 -55.52 49.02
C THR CA 237 -30.74 -54.44 48.53
N CYS CA 238 -31.24 -53.40 47.92
CA CYS CA 238 -30.43 -52.25 47.55
C CYS CA 238 -29.99 -51.49 48.80
N CYS CA 239 -30.93 -51.35 49.73
CA CYS CA 239 -30.72 -50.49 50.89
C CYS CA 239 -29.69 -51.10 51.86
N LEU CA 240 -29.58 -52.43 51.84
CA LEU CA 240 -28.68 -53.10 52.74
C LEU CA 240 -27.25 -52.86 52.31
N ARG CA 241 -27.01 -52.82 51.01
CA ARG CA 241 -25.62 -52.88 50.50
C ARG CA 241 -25.11 -51.48 50.20
N PHE CA 242 -26.02 -50.51 49.99
CA PHE CA 242 -25.54 -49.19 49.58
C PHE CA 242 -26.30 -48.15 50.39
N PRO CA 243 -25.67 -46.98 50.65
CA PRO CA 243 -26.36 -45.92 51.38
C PRO CA 243 -27.44 -45.24 50.53
N GLY CA 244 -28.25 -44.46 51.23
CA GLY CA 244 -29.38 -43.86 50.54
C GLY CA 244 -30.05 -42.83 51.46
N GLN CA 245 -30.96 -42.08 50.86
CA GLN CA 245 -31.67 -41.02 51.56
C GLN CA 245 -32.76 -41.62 52.45
N LEU CA 246 -33.45 -42.66 51.97
CA LEU CA 246 -34.43 -43.34 52.77
C LEU CA 246 -34.20 -44.83 52.75
N ASN CA 247 -33.63 -45.36 53.80
CA ASN CA 247 -33.22 -46.77 53.85
C ASN CA 247 -34.40 -47.68 54.13
N SER CA 248 -34.38 -48.90 53.59
CA SER CA 248 -35.42 -49.86 53.92
C SER CA 248 -34.90 -51.28 53.78
N ASP CA 249 -34.74 -52.02 54.88
CA ASP CA 249 -34.26 -53.39 54.77
C ASP CA 249 -35.48 -54.32 54.69
N LEU CA 250 -35.22 -55.63 54.91
CA LEU CA 250 -36.26 -56.61 54.70
C LEU CA 250 -37.31 -56.51 55.80
N ARG CA 251 -36.91 -56.21 57.04
CA ARG CA 251 -37.89 -56.13 58.10
C ARG CA 251 -38.74 -54.88 58.00
N LYS CA 252 -38.15 -53.82 57.39
CA LYS CA 252 -38.90 -52.61 57.10
C LYS CA 252 -40.02 -52.93 56.10
N LEU CA 253 -39.72 -53.79 55.13
CA LEU CA 253 -40.66 -54.14 54.11
C LEU CA 253 -41.74 -55.05 54.67
N ALA CA 254 -41.38 -55.89 55.65
CA ALA CA 254 -42.34 -56.88 56.16
C ALA CA 254 -43.40 -56.19 57.03
N VAL CA 255 -42.97 -55.22 57.84
CA VAL CA 255 -43.90 -54.56 58.74
C VAL CA 255 -44.83 -53.63 57.98
N ASN CA 256 -44.42 -53.19 56.80
CA ASN CA 256 -45.11 -52.19 56.04
C ASN CA 256 -46.05 -52.80 54.98
N LEU CA 257 -45.88 -54.07 54.64
CA LEU CA 257 -46.66 -54.67 53.59
C LEU CA 257 -47.67 -55.68 54.11
N ILE CA 258 -47.51 -56.15 55.35
CA ILE CA 258 -48.30 -57.30 55.80
C ILE CA 258 -49.22 -56.76 56.88
N PRO CA 259 -50.52 -56.58 56.61
CA PRO CA 259 -51.44 -56.13 57.64
C PRO CA 259 -51.82 -57.24 58.62
N PHE CA 260 -52.00 -58.46 58.10
CA PHE CA 260 -52.39 -59.60 58.91
C PHE CA 260 -51.47 -60.76 58.60
N PRO CA 261 -51.05 -61.57 59.59
CA PRO CA 261 -49.89 -62.45 59.41
C PRO CA 261 -50.10 -63.59 58.41
N ARG CA 262 -51.37 -63.94 58.11
CA ARG CA 262 -51.58 -65.05 57.20
C ARG CA 262 -51.36 -64.67 55.74
N LEU CA 263 -51.58 -63.44 55.41
CA LEU CA 263 -51.55 -62.97 54.03
C LEU CA 263 -50.24 -62.22 53.77
N HIS CA 264 -49.28 -62.88 53.15
CA HIS CA 264 -47.98 -62.31 52.91
C HIS CA 264 -47.45 -62.80 51.57
N PHE CA 265 -48.33 -62.86 50.55
CA PHE CA 265 -47.91 -63.17 49.20
C PHE CA 265 -47.86 -61.91 48.37
N PHE CA 266 -46.75 -61.72 47.72
CA PHE CA 266 -46.41 -60.47 47.05
C PHE CA 266 -46.28 -60.64 45.56
N LEU CA 267 -46.42 -59.50 44.86
CA LEU CA 267 -46.33 -59.40 43.41
C LEU CA 267 -45.15 -58.53 43.04
N ILE CA 268 -44.34 -58.96 42.06
CA ILE CA 268 -43.07 -58.29 41.80
C ILE CA 268 -43.07 -57.72 40.39
N GLY CA 269 -42.54 -56.50 40.30
CA GLY CA 269 -42.34 -55.85 39.01
C GLY CA 269 -41.03 -55.09 39.03
N PHE CA 270 -40.51 -54.82 37.83
CA PHE CA 270 -39.23 -54.14 37.69
C PHE CA 270 -39.34 -53.15 36.54
N ALA CA 271 -38.67 -52.01 36.67
CA ALA CA 271 -38.69 -50.97 35.66
C ALA CA 271 -37.36 -50.24 35.75
N PRO CA 272 -36.78 -49.73 34.65
CA PRO CA 272 -37.35 -49.72 33.31
C PRO CA 272 -37.04 -50.98 32.50
N LEU CA 273 -37.88 -51.29 31.50
CA LEU CA 273 -37.67 -52.41 30.63
C LEU CA 273 -37.92 -52.03 29.19
N THR CA 274 -36.84 -51.74 28.48
CA THR CA 274 -36.90 -51.37 27.07
C THR CA 274 -35.97 -52.25 26.27
N SER CA 275 -36.30 -52.41 24.99
CA SER CA 275 -35.53 -53.17 24.04
C SER CA 275 -34.25 -52.42 23.75
N ARG CA 276 -33.32 -53.13 23.10
CA ARG CA 276 -32.02 -52.56 22.74
C ARG CA 276 -32.20 -51.45 21.71
N GLY CA 277 -33.17 -51.64 20.79
CA GLY CA 277 -33.43 -50.66 19.74
C GLY CA 277 -33.99 -49.35 20.29
N SER CA 278 -34.88 -49.46 21.30
CA SER CA 278 -35.58 -48.30 21.81
C SER CA 278 -34.95 -47.73 23.08
N GLN CA 279 -33.73 -48.15 23.36
CA GLN CA 279 -32.98 -47.78 24.57
C GLN CA 279 -32.71 -46.28 24.60
N GLN CA 280 -32.37 -45.70 23.44
CA GLN CA 280 -31.89 -44.32 23.47
C GLN CA 280 -33.06 -43.35 23.29
N TYR CA 281 -34.28 -43.85 23.07
CA TYR CA 281 -35.42 -43.03 22.66
C TYR CA 281 -36.33 -42.61 23.80
N ARG CA 282 -36.07 -43.07 25.01
CA ARG CA 282 -36.97 -42.88 26.13
C ARG CA 282 -36.42 -41.80 27.06
N ALA CA 283 -37.33 -41.03 27.65
CA ALA CA 283 -37.02 -40.01 28.65
C ALA CA 283 -37.00 -40.66 30.03
N LEU CA 284 -35.82 -40.82 30.64
CA LEU CA 284 -35.75 -41.69 31.81
C LEU CA 284 -36.00 -40.84 33.05
N SER CA 285 -37.27 -40.72 33.40
CA SER CA 285 -37.65 -39.74 34.42
C SER CA 285 -38.66 -40.40 35.35
N VAL CA 286 -38.79 -39.85 36.52
CA VAL CA 286 -39.60 -40.38 37.60
C VAL CA 286 -41.07 -40.51 37.22
N PRO CA 287 -41.75 -39.59 36.46
CA PRO CA 287 -43.05 -39.95 35.90
C PRO CA 287 -43.09 -41.18 35.01
N GLU CA 288 -42.06 -41.43 34.24
CA GLU CA 288 -42.13 -42.52 33.26
C GLU CA 288 -41.86 -43.86 33.94
N LEU CA 289 -41.03 -43.83 35.02
CA LEU CA 289 -40.73 -45.06 35.73
C LEU CA 289 -41.98 -45.51 36.49
N THR CA 290 -42.72 -44.55 37.05
CA THR CA 290 -43.86 -44.93 37.87
C THR CA 290 -45.03 -45.38 37.01
N GLN CA 291 -45.08 -44.98 35.74
CA GLN CA 291 -46.13 -45.44 34.86
C GLN CA 291 -45.85 -46.84 34.38
N GLN CA 292 -44.57 -47.19 34.16
CA GLN CA 292 -44.22 -48.51 33.74
C GLN CA 292 -44.36 -49.49 34.93
N MET CA 293 -44.20 -48.99 36.17
CA MET CA 293 -44.25 -49.93 37.26
C MET CA 293 -45.66 -50.22 37.67
N PHE CA 294 -46.62 -49.34 37.49
CA PHE CA 294 -48.03 -49.62 37.77
C PHE CA 294 -48.69 -49.93 36.43
N ASP CA 295 -48.29 -51.05 35.84
CA ASP CA 295 -48.88 -51.55 34.63
C ASP CA 295 -49.08 -53.04 34.84
N ALA CA 296 -50.25 -53.56 34.40
CA ALA CA 296 -50.54 -54.96 34.51
C ALA CA 296 -49.57 -55.80 33.67
N LYS CA 297 -49.08 -55.22 32.56
CA LYS CA 297 -48.24 -55.94 31.64
C LYS CA 297 -46.80 -55.92 32.14
N ASN CA 298 -46.47 -55.37 33.30
CA ASN CA 298 -45.11 -55.35 33.78
C ASN CA 298 -44.87 -56.30 34.97
N MET CA 299 -45.93 -56.90 35.47
CA MET CA 299 -45.85 -57.73 36.65
C MET CA 299 -45.28 -59.10 36.30
N MET CA 300 -44.57 -59.68 37.26
CA MET CA 300 -43.98 -60.99 37.13
C MET CA 300 -44.93 -62.06 37.64
N CYS CA 301 -46.21 -61.75 37.83
CA CYS CA 301 -47.24 -62.78 38.04
C CYS CA 301 -48.28 -62.57 36.95
N ALA CA 302 -48.75 -63.63 36.31
CA ALA CA 302 -49.75 -63.51 35.26
C ALA CA 302 -51.15 -63.48 35.85
N SER CA 303 -51.35 -62.58 36.81
CA SER CA 303 -52.63 -62.39 37.45
C SER CA 303 -52.93 -60.89 37.41
N ASP CA 304 -54.09 -60.53 36.88
CA ASP CA 304 -54.38 -59.17 36.57
C ASP CA 304 -54.59 -58.35 37.82
N PRO CA 305 -53.74 -57.35 38.14
CA PRO CA 305 -53.94 -56.54 39.33
C PRO CA 305 -55.14 -55.58 39.28
N ARG CA 306 -55.70 -55.37 38.09
CA ARG CA 306 -56.85 -54.49 37.98
C ARG CA 306 -58.13 -55.18 38.45
N HIS CA 307 -58.09 -56.50 38.57
CA HIS CA 307 -59.22 -57.32 38.98
C HIS CA 307 -59.34 -57.34 40.47
N GLY CA 308 -58.34 -56.83 41.23
CA GLY CA 308 -58.31 -56.84 42.68
C GLY CA 308 -58.04 -55.42 43.21
N ARG CA 309 -57.63 -55.35 44.46
CA ARG CA 309 -57.33 -54.08 45.12
C ARG CA 309 -55.95 -54.27 45.76
N TYR CA 310 -55.06 -53.27 45.53
CA TYR CA 310 -53.81 -53.30 46.24
C TYR CA 310 -54.03 -52.99 47.71
N LEU CA 311 -53.73 -53.96 48.58
CA LEU CA 311 -53.91 -53.76 50.00
C LEU CA 311 -52.83 -52.79 50.50
N THR CA 312 -51.57 -53.11 50.21
CA THR CA 312 -50.44 -52.24 50.50
C THR CA 312 -49.37 -52.55 49.47
N ALA CA 313 -48.58 -51.57 49.08
CA ALA CA 313 -47.55 -51.75 48.09
C ALA CA 313 -46.34 -50.92 48.41
N SER CA 314 -45.18 -51.32 47.88
CA SER CA 314 -43.93 -50.63 48.12
C SER CA 314 -43.13 -50.49 46.85
N ALA CA 315 -42.42 -49.34 46.76
CA ALA CA 315 -41.56 -49.10 45.61
C ALA CA 315 -40.18 -48.69 46.14
N MET CA 316 -39.20 -49.52 45.79
CA MET CA 316 -37.84 -49.23 46.21
C MET CA 316 -37.10 -48.64 45.01
N PHE CA 317 -36.97 -47.29 45.02
CA PHE CA 317 -36.25 -46.64 43.96
C PHE CA 317 -34.75 -46.70 44.13
N ARG CA 318 -34.04 -46.64 43.02
CA ARG CA 318 -32.58 -46.62 43.05
C ARG CA 318 -32.05 -45.60 42.06
N GLY CA 319 -31.12 -44.78 42.52
CA GLY CA 319 -30.45 -43.78 41.71
C GLY CA 319 -30.58 -42.37 42.34
N ARG CA 320 -29.85 -41.45 41.73
CA ARG CA 320 -29.84 -40.07 42.13
C ARG CA 320 -31.07 -39.34 41.58
N MET CA 321 -32.02 -39.09 42.47
CA MET CA 321 -33.32 -38.59 42.06
C MET CA 321 -33.82 -37.57 43.07
N SER CA 322 -34.91 -36.89 42.73
CA SER CA 322 -35.44 -35.87 43.62
C SER CA 322 -36.55 -36.48 44.46
N THR CA 323 -36.50 -36.21 45.79
CA THR CA 323 -37.37 -36.96 46.67
C THR CA 323 -38.80 -36.40 46.72
N LYS CA 324 -38.98 -35.13 46.30
CA LYS CA 324 -40.34 -34.64 46.23
C LYS CA 324 -41.05 -35.30 45.05
N GLU CA 325 -40.35 -35.37 43.91
CA GLU CA 325 -40.97 -35.90 42.71
C GLU CA 325 -41.26 -37.38 42.81
N VAL CA 326 -40.51 -38.08 43.61
CA VAL CA 326 -40.79 -39.47 43.90
C VAL CA 326 -41.98 -39.51 44.84
N ASP CA 327 -42.12 -38.55 45.75
CA ASP CA 327 -43.22 -38.57 46.70
C ASP CA 327 -44.52 -38.08 46.09
N GLU CA 328 -44.44 -37.07 45.21
CA GLU CA 328 -45.63 -36.50 44.60
C GLU CA 328 -46.24 -37.48 43.59
N GLN CA 329 -45.39 -38.18 42.88
CA GLN CA 329 -45.85 -39.16 41.90
C GLN CA 329 -46.53 -40.35 42.55
N MET CA 330 -46.01 -40.75 43.72
CA MET CA 330 -46.62 -41.83 44.48
C MET CA 330 -47.97 -41.37 45.04
N LEU CA 331 -48.15 -40.09 45.30
CA LEU CA 331 -49.44 -39.55 45.63
C LEU CA 331 -50.33 -39.44 44.39
N ASN CA 332 -49.72 -39.15 43.25
CA ASN CA 332 -50.42 -38.96 41.98
C ASN CA 332 -51.08 -40.26 41.54
N VAL CA 333 -50.41 -41.39 41.78
CA VAL CA 333 -50.95 -42.67 41.39
C VAL CA 333 -52.15 -43.06 42.27
N GLN CA 334 -52.16 -42.63 43.51
CA GLN CA 334 -53.25 -42.96 44.40
C GLN CA 334 -54.48 -42.12 44.07
N ASN CA 335 -54.29 -40.91 43.55
CA ASN CA 335 -55.39 -40.04 43.27
C ASN CA 335 -56.20 -40.42 42.03
N LYS CA 336 -55.54 -40.87 40.96
CA LYS CA 336 -56.27 -41.42 39.82
C LYS CA 336 -56.84 -42.81 40.12
N ASN CA 337 -55.94 -43.68 40.62
CA ASN CA 337 -56.33 -45.09 40.72
C ASN CA 337 -56.86 -45.40 42.10
N SER CA 338 -57.89 -44.68 42.52
CA SER CA 338 -58.50 -44.81 43.82
C SER CA 338 -59.30 -46.11 43.89
N SER CA 339 -59.90 -46.56 42.78
CA SER CA 339 -60.66 -47.79 42.74
C SER CA 339 -59.76 -49.02 42.70
N TYR CA 340 -58.45 -48.87 42.45
CA TYR CA 340 -57.55 -50.00 42.46
C TYR CA 340 -56.91 -50.25 43.82
N PHE CA 341 -57.25 -49.44 44.80
CA PHE CA 341 -56.69 -49.50 46.12
C PHE CA 341 -57.80 -49.72 47.16
N VAL CA 342 -57.34 -50.06 48.35
CA VAL CA 342 -58.25 -50.31 49.46
C VAL CA 342 -58.44 -48.98 50.19
N GLU CA 343 -59.59 -48.82 50.82
CA GLU CA 343 -59.97 -47.55 51.42
C GLU CA 343 -59.54 -47.43 52.89
N TRP CA 344 -59.55 -48.53 53.63
CA TRP CA 344 -59.38 -48.43 55.08
C TRP CA 344 -57.90 -48.39 55.48
N ILE CA 345 -56.98 -48.41 54.51
CA ILE CA 345 -55.60 -48.03 54.75
C ILE CA 345 -55.31 -46.74 53.98
N PRO CA 346 -55.14 -45.61 54.67
CA PRO CA 346 -54.74 -44.39 53.95
C PRO CA 346 -53.27 -44.47 53.56
N ASN CA 347 -52.93 -43.91 52.40
CA ASN CA 347 -51.59 -43.88 51.84
C ASN CA 347 -50.95 -45.28 51.90
N ASN CA 348 -51.42 -46.12 50.99
CA ASN CA 348 -51.00 -47.51 50.87
C ASN CA 348 -49.54 -47.72 50.43
N MET CA 349 -48.82 -46.69 50.04
CA MET CA 349 -47.61 -46.80 49.26
C MET CA 349 -46.39 -46.45 50.12
N LYS CA 350 -45.28 -47.17 49.84
CA LYS CA 350 -44.04 -46.92 50.50
C LYS CA 350 -43.01 -46.43 49.48
N SER CA 351 -42.20 -45.45 49.93
CA SER CA 351 -41.01 -45.10 49.16
C SER CA 351 -39.74 -45.39 49.97
N SER CA 352 -38.72 -45.86 49.23
CA SER CA 352 -37.36 -45.84 49.71
C SER CA 352 -36.46 -45.50 48.51
N VAL CA 353 -35.40 -44.76 48.80
CA VAL CA 353 -34.44 -44.31 47.85
C VAL CA 353 -33.08 -44.92 48.22
N CYS CA 354 -32.52 -45.65 47.27
CA CYS CA 354 -31.11 -46.02 47.29
C CYS CA 354 -30.38 -45.14 46.29
N ASP CA 355 -29.20 -44.68 46.67
CA ASP CA 355 -28.46 -43.72 45.87
C ASP CA 355 -27.59 -44.38 44.81
N ILE CA 356 -27.48 -45.72 44.79
CA ILE CA 356 -26.68 -46.39 43.80
C ILE CA 356 -27.57 -47.17 42.85
N PRO CA 357 -27.68 -46.75 41.58
CA PRO CA 357 -28.55 -47.46 40.64
C PRO CA 357 -27.84 -48.72 40.18
N PRO CA 358 -28.56 -49.70 39.59
CA PRO CA 358 -27.92 -50.88 39.04
C PRO CA 358 -27.04 -50.51 37.84
N LYS CA 359 -26.14 -51.43 37.53
CA LYS CA 359 -25.14 -51.26 36.52
C LYS CA 359 -25.76 -51.11 35.13
N GLY CA 360 -25.38 -50.03 34.45
CA GLY CA 360 -25.82 -49.78 33.09
C GLY CA 360 -27.01 -48.82 33.01
N LEU CA 361 -27.71 -48.60 34.14
CA LEU CA 361 -28.82 -47.66 34.16
C LEU CA 361 -28.42 -46.47 35.01
N LYS CA 362 -29.27 -45.42 34.99
CA LYS CA 362 -29.11 -44.28 35.84
C LYS CA 362 -30.22 -44.20 36.88
N MET CA 363 -31.34 -44.88 36.63
CA MET CA 363 -32.46 -44.88 37.58
C MET CA 363 -33.28 -46.12 37.41
N SER CA 364 -33.77 -46.69 38.49
CA SER CA 364 -34.53 -47.95 38.44
C SER CA 364 -35.44 -48.03 39.64
N VAL CA 365 -36.44 -48.93 39.55
CA VAL CA 365 -37.36 -49.13 40.65
C VAL CA 365 -37.76 -50.60 40.65
N THR CA 366 -37.95 -51.14 41.85
CA THR CA 366 -38.58 -52.46 41.98
C THR CA 366 -39.85 -52.29 42.79
N PHE CA 367 -40.90 -52.96 42.32
CA PHE CA 367 -42.21 -52.86 42.92
C PHE CA 367 -42.55 -54.20 43.60
N VAL CA 368 -42.93 -54.10 44.86
CA VAL CA 368 -43.44 -55.26 45.55
C VAL CA 368 -44.76 -54.85 46.14
N GLY CA 369 -45.85 -55.53 45.74
CA GLY CA 369 -47.15 -55.21 46.21
C GLY CA 369 -47.92 -56.38 46.81
N ASN CA 370 -48.58 -56.14 47.93
CA ASN CA 370 -49.51 -57.10 48.51
C ASN CA 370 -50.91 -56.85 47.93
N SER CA 371 -51.26 -57.63 46.91
CA SER CA 371 -52.52 -57.44 46.24
C SER CA 371 -53.46 -58.59 46.55
N THR CA 372 -54.76 -58.29 46.50
CA THR CA 372 -55.74 -59.35 46.66
C THR CA 372 -56.14 -59.93 45.29
N ALA CA 373 -55.46 -59.48 44.23
CA ALA CA 373 -55.63 -60.10 42.92
C ALA CA 373 -54.84 -61.41 42.80
N ILE CA 374 -54.04 -61.75 43.83
CA ILE CA 374 -53.34 -63.02 43.83
C ILE CA 374 -54.28 -64.18 44.24
N GLN CA 375 -55.54 -63.83 44.56
CA GLN CA 375 -56.54 -64.84 44.79
C GLN CA 375 -56.84 -65.62 43.51
N GLU CA 376 -56.59 -65.03 42.33
CA GLU CA 376 -56.84 -65.70 41.07
C GLU CA 376 -55.92 -66.90 40.87
N MET CA 377 -54.69 -66.81 41.39
CA MET CA 377 -53.73 -67.88 41.31
C MET CA 377 -54.10 -69.01 42.26
N PHE CA 378 -54.49 -68.68 43.49
CA PHE CA 378 -54.78 -69.74 44.45
C PHE CA 378 -56.06 -70.48 44.09
N LYS CA 379 -56.99 -69.79 43.44
CA LYS CA 379 -58.20 -70.45 42.98
C LYS CA 379 -57.89 -71.38 41.80
N ARG CA 380 -56.94 -70.99 40.95
CA ARG CA 380 -56.58 -71.75 39.79
C ARG CA 380 -55.86 -73.04 40.17
N VAL CA 381 -55.03 -72.98 41.22
CA VAL CA 381 -54.38 -74.17 41.69
C VAL CA 381 -55.38 -75.04 42.46
N SER CA 382 -56.30 -74.42 43.16
CA SER CA 382 -57.24 -75.16 44.00
C SER CA 382 -58.22 -75.95 43.14
N ASP CA 383 -58.70 -75.38 42.05
CA ASP CA 383 -59.61 -76.11 41.19
C ASP CA 383 -58.94 -77.23 40.43
N GLN CA 384 -57.67 -77.03 40.10
CA GLN CA 384 -56.86 -78.11 39.50
C GLN CA 384 -56.60 -79.20 40.52
N PHE CA 385 -56.43 -78.81 41.78
CA PHE CA 385 -56.25 -79.77 42.87
C PHE CA 385 -57.53 -80.55 43.12
N THR CA 386 -58.67 -79.89 43.12
CA THR CA 386 -59.92 -80.54 43.44
C THR CA 386 -60.34 -81.44 42.28
N ALA CA 387 -59.92 -81.13 41.04
CA ALA CA 387 -60.28 -81.98 39.92
C ALA CA 387 -59.54 -83.32 40.00
N MET CA 388 -58.26 -83.28 40.43
CA MET CA 388 -57.46 -84.46 40.49
C MET CA 388 -57.68 -85.24 41.80
N PHE CA 389 -58.22 -84.62 42.84
CA PHE CA 389 -58.37 -85.24 44.12
C PHE CA 389 -59.67 -85.98 44.28
N ARG CA 390 -60.75 -85.56 43.58
CA ARG CA 390 -62.02 -86.24 43.68
C ARG CA 390 -61.92 -87.63 43.06
N ARG CA 391 -61.07 -87.75 42.02
CA ARG CA 391 -60.91 -89.00 41.31
C ARG CA 391 -59.72 -89.79 41.82
N LYS CA 392 -59.06 -89.29 42.94
CA LYS CA 392 -57.99 -89.99 43.59
C LYS CA 392 -56.85 -90.30 42.65
N ALA CA 393 -56.55 -89.42 41.69
CA ALA CA 393 -55.56 -89.73 40.66
C ALA CA 393 -54.18 -89.39 41.25
N PHE CA 394 -53.20 -90.24 40.88
CA PHE CA 394 -51.78 -90.07 41.22
C PHE CA 394 -51.54 -89.98 42.72
N LEU CA 395 -52.47 -90.58 43.52
CA LEU CA 395 -52.30 -90.53 44.95
C LEU CA 395 -51.39 -91.66 45.45
N HIS CA 396 -51.27 -92.76 44.66
CA HIS CA 396 -50.55 -93.90 45.13
C HIS CA 396 -49.03 -93.67 45.17
N TRP CA 397 -48.56 -92.69 44.43
CA TRP CA 397 -47.16 -92.32 44.55
C TRP CA 397 -46.86 -91.61 45.89
N TYR CA 398 -47.87 -90.93 46.43
CA TYR CA 398 -47.71 -90.17 47.64
C TYR CA 398 -48.08 -91.02 48.86
N THR CA 399 -49.13 -91.84 48.74
CA THR CA 399 -49.53 -92.74 49.80
C THR CA 399 -48.53 -93.88 49.98
N GLY CA 400 -47.85 -94.23 48.89
CA GLY CA 400 -46.87 -95.31 48.90
C GLY CA 400 -45.55 -94.92 49.52
N GLU CA 401 -45.32 -93.63 49.75
CA GLU CA 401 -44.08 -93.17 50.38
C GLU CA 401 -44.17 -93.04 51.90
N GLY CA 402 -45.41 -93.12 52.44
CA GLY CA 402 -45.63 -92.94 53.85
C GLY CA 402 -46.46 -91.72 54.20
N MET CA 403 -47.19 -91.15 53.21
CA MET CA 403 -47.94 -89.93 53.48
C MET CA 403 -49.43 -90.25 53.49
N ASP CA 404 -50.16 -89.67 54.48
CA ASP CA 404 -51.53 -90.02 54.65
C ASP CA 404 -52.44 -89.25 53.73
N GLU CA 405 -53.67 -89.72 53.64
CA GLU CA 405 -54.73 -89.12 52.84
C GLU CA 405 -55.14 -87.75 53.44
N MET CA 406 -55.02 -87.64 54.76
CA MET CA 406 -55.73 -86.59 55.49
C MET CA 406 -55.09 -85.22 55.31
N GLU CA 407 -53.80 -85.20 55.07
CA GLU CA 407 -53.10 -83.92 54.92
C GLU CA 407 -53.38 -83.33 53.56
N PHE CA 408 -53.85 -84.05 52.57
CA PHE CA 408 -54.34 -83.46 51.34
C PHE CA 408 -55.64 -82.65 51.56
N THR CA 409 -56.51 -83.19 52.38
CA THR CA 409 -57.74 -82.48 52.71
C THR CA 409 -57.41 -81.26 53.58
N GLU CA 410 -56.37 -81.39 54.44
CA GLU CA 410 -55.94 -80.27 55.24
C GLU CA 410 -55.34 -79.16 54.36
N ALA CA 411 -54.63 -79.55 53.30
CA ALA CA 411 -53.98 -78.59 52.42
C ALA CA 411 -55.03 -77.80 51.66
N GLU CA 412 -56.08 -78.48 51.20
CA GLU CA 412 -57.14 -77.80 50.48
C GLU CA 412 -57.94 -76.88 51.40
N SER CA 413 -58.15 -77.32 52.65
CA SER CA 413 -58.87 -76.51 53.62
C SER CA 413 -58.08 -75.26 53.99
N ASN CA 414 -56.76 -75.38 54.11
CA ASN CA 414 -55.91 -74.26 54.40
C ASN CA 414 -55.87 -73.22 53.25
N MET CA 415 -55.89 -73.72 52.03
CA MET CA 415 -55.77 -72.79 50.90
C MET CA 415 -57.12 -72.22 50.50
N ASN CA 416 -58.20 -72.93 50.75
CA ASN CA 416 -59.54 -72.36 50.59
C ASN CA 416 -59.81 -71.30 51.63
N ASP CA 417 -59.25 -71.44 52.83
CA ASP CA 417 -59.39 -70.39 53.82
C ASP CA 417 -58.55 -69.17 53.44
N LEU CA 418 -57.40 -69.43 52.78
CA LEU CA 418 -56.54 -68.34 52.35
C LEU CA 418 -57.20 -67.55 51.23
N VAL CA 419 -57.98 -68.31 50.36
CA VAL CA 419 -58.71 -67.63 49.32
C VAL CA 419 -59.81 -66.76 49.93
N SER CA 420 -60.46 -67.27 50.96
CA SER CA 420 -61.61 -66.61 51.56
C SER CA 420 -61.19 -65.36 52.30
N GLU CA 421 -59.98 -65.39 52.89
CA GLU CA 421 -59.51 -64.25 53.66
C GLU CA 421 -59.10 -63.11 52.75
N TYR CA 422 -58.62 -63.42 51.54
CA TYR CA 422 -58.37 -62.38 50.56
C TYR CA 422 -59.67 -61.75 50.07
N GLN CA 423 -60.71 -62.55 49.92
CA GLN CA 423 -61.97 -62.13 49.37
C GLN CA 423 -62.68 -61.16 50.30
N GLN CA 424 -62.45 -61.26 51.62
CA GLN CA 424 -63.10 -60.43 52.59
C GLN CA 424 -62.68 -58.95 52.44
N TYR CA 425 -61.45 -58.72 51.96
CA TYR CA 425 -60.86 -57.40 51.93
C TYR CA 425 -60.82 -56.87 50.49
N GLN CA 426 -61.60 -57.45 49.55
CA GLN CA 426 -61.85 -56.78 48.30
C GLN CA 426 -63.10 -55.88 48.33
N MET DA 1 27.90 -73.71 69.13
CA MET DA 1 26.56 -73.76 69.65
C MET DA 1 26.14 -75.23 69.84
N ARG DA 2 24.84 -75.43 69.76
CA ARG DA 2 24.16 -76.71 69.99
C ARG DA 2 24.02 -77.49 68.70
N GLU DA 3 24.28 -78.79 68.79
CA GLU DA 3 24.12 -79.67 67.64
C GLU DA 3 23.27 -80.88 68.06
N ILE DA 4 22.47 -81.37 67.14
CA ILE DA 4 21.73 -82.62 67.32
C ILE DA 4 22.30 -83.64 66.34
N VAL DA 5 22.73 -84.77 66.89
CA VAL DA 5 23.24 -85.86 66.09
C VAL DA 5 22.09 -86.83 65.78
N HIS DA 6 21.92 -87.08 64.49
CA HIS DA 6 20.77 -87.83 64.00
C HIS DA 6 21.16 -89.26 63.72
N VAL DA 7 20.38 -90.21 64.23
CA VAL DA 7 20.66 -91.62 64.05
C VAL DA 7 19.42 -92.29 63.50
N GLN DA 8 19.56 -92.97 62.37
CA GLN DA 8 18.42 -93.59 61.70
C GLN DA 8 18.67 -95.08 61.64
N GLY DA 9 17.75 -95.85 62.23
CA GLY DA 9 17.89 -97.29 62.29
C GLY DA 9 16.70 -98.03 61.73
N GLY DA 10 17.01 -99.11 61.00
CA GLY DA 10 16.01 -99.94 60.34
C GLY DA 10 15.59 -99.38 58.99
N GLN DA 11 14.78 -100.16 58.27
CA GLN DA 11 14.26 -99.74 56.98
C GLN DA 11 13.26 -98.61 57.16
N CYS DA 12 12.41 -98.70 58.21
CA CYS DA 12 11.43 -97.66 58.45
C CYS DA 12 12.13 -96.38 58.89
N GLY DA 13 13.16 -96.49 59.75
CA GLY DA 13 13.84 -95.33 60.28
C GLY DA 13 14.62 -94.59 59.17
N ASN DA 14 15.17 -95.34 58.22
CA ASN DA 14 15.94 -94.74 57.16
C ASN DA 14 15.05 -94.00 56.19
N GLN DA 15 13.88 -94.58 55.87
CA GLN DA 15 13.01 -93.94 54.91
C GLN DA 15 12.22 -92.79 55.52
N ILE DA 16 11.95 -92.85 56.84
CA ILE DA 16 11.33 -91.71 57.49
C ILE DA 16 12.33 -90.64 57.76
N GLY DA 17 13.61 -91.02 57.95
CA GLY DA 17 14.66 -90.04 58.15
C GLY DA 17 15.10 -89.40 56.85
N ALA DA 18 15.02 -90.10 55.74
CA ALA DA 18 15.32 -89.56 54.42
C ALA DA 18 14.34 -88.44 54.07
N LYS DA 19 13.10 -88.57 54.49
CA LYS DA 19 12.09 -87.56 54.26
C LYS DA 19 12.20 -86.43 55.28
N PHE DA 20 12.78 -86.72 56.44
CA PHE DA 20 13.02 -85.69 57.42
C PHE DA 20 14.06 -84.70 56.90
N TRP DA 21 15.11 -85.21 56.26
CA TRP DA 21 16.13 -84.35 55.74
C TRP DA 21 15.69 -83.63 54.49
N GLU DA 22 14.57 -84.07 53.88
CA GLU DA 22 14.00 -83.32 52.78
C GLU DA 22 13.34 -82.04 53.29
N VAL DA 23 12.69 -82.12 54.45
CA VAL DA 23 11.93 -80.97 54.91
C VAL DA 23 12.85 -79.99 55.64
N ILE DA 24 13.92 -80.49 56.27
CA ILE DA 24 14.84 -79.59 56.94
C ILE DA 24 15.71 -78.85 55.93
N SER DA 25 16.11 -79.53 54.87
CA SER DA 25 16.88 -78.89 53.81
C SER DA 25 16.06 -77.86 53.08
N ASP DA 26 14.75 -78.12 52.89
CA ASP DA 26 13.87 -77.17 52.25
C ASP DA 26 13.64 -75.94 53.15
N GLU DA 27 13.60 -76.18 54.46
CA GLU DA 27 13.36 -75.09 55.38
C GLU DA 27 14.57 -74.19 55.51
N HIS DA 28 15.78 -74.78 55.41
CA HIS DA 28 16.99 -73.99 55.44
C HIS DA 28 17.47 -73.59 54.07
N GLY DA 29 16.81 -74.08 53.00
CA GLY DA 29 17.12 -73.67 51.64
C GLY DA 29 18.42 -74.31 51.10
N ILE DA 30 18.57 -75.62 51.32
CA ILE DA 30 19.71 -76.35 50.86
C ILE DA 30 19.33 -77.12 49.60
N ASP DA 31 20.08 -76.86 48.54
CA ASP DA 31 20.02 -77.56 47.27
C ASP DA 31 20.47 -79.00 47.52
N PRO DA 32 19.86 -80.00 46.84
CA PRO DA 32 20.31 -81.38 46.99
C PRO DA 32 21.79 -81.64 46.69
N THR DA 33 22.40 -80.75 45.91
CA THR DA 33 23.83 -80.85 45.67
C THR DA 33 24.63 -80.34 46.87
N GLY DA 34 24.01 -79.64 47.81
CA GLY DA 34 24.68 -79.25 49.05
C GLY DA 34 24.84 -77.74 49.19
N THR DA 35 24.60 -77.00 48.10
CA THR DA 35 24.82 -75.57 48.15
C THR DA 35 23.62 -74.87 48.78
N TYR DA 36 23.84 -73.62 49.17
CA TYR DA 36 22.74 -72.83 49.71
C TYR DA 36 22.18 -71.90 48.63
N CYS DA 37 20.86 -71.75 48.67
CA CYS DA 37 20.21 -70.74 47.85
C CYS DA 37 19.07 -70.11 48.68
N GLY DA 38 18.90 -68.80 48.55
CA GLY DA 38 17.73 -68.18 49.16
C GLY DA 38 17.99 -66.74 49.61
N ASP DA 39 19.25 -66.43 49.94
CA ASP DA 39 19.74 -65.10 50.32
C ASP DA 39 18.87 -64.52 51.49
N SER DA 40 18.80 -65.25 52.60
CA SER DA 40 18.40 -64.68 53.87
C SER DA 40 19.33 -65.18 54.96
N ASP DA 41 19.76 -64.27 55.84
CA ASP DA 41 20.74 -64.60 56.87
C ASP DA 41 20.11 -65.43 57.98
N LEU DA 42 18.85 -65.26 58.25
CA LEU DA 42 18.09 -65.99 59.23
C LEU DA 42 18.00 -67.48 58.95
N GLN DA 43 18.10 -67.87 57.70
CA GLN DA 43 18.09 -69.26 57.32
C GLN DA 43 19.37 -69.97 57.75
N LEU DA 44 20.51 -69.25 57.69
CA LEU DA 44 21.83 -69.86 57.78
C LEU DA 44 22.46 -69.66 59.15
N GLU DA 45 21.84 -68.82 59.99
CA GLU DA 45 22.49 -68.38 61.24
C GLU DA 45 22.63 -69.55 62.22
N ARG DA 46 21.69 -70.47 62.21
CA ARG DA 46 21.82 -71.67 63.01
C ARG DA 46 21.64 -72.85 62.10
N ILE DA 47 22.76 -73.22 61.47
CA ILE DA 47 22.77 -74.35 60.54
C ILE DA 47 23.62 -75.48 61.13
N ASN DA 48 24.46 -75.19 62.09
CA ASN DA 48 25.28 -76.22 62.73
C ASN DA 48 24.45 -77.10 63.65
N VAL DA 49 23.17 -76.82 63.85
CA VAL DA 49 22.33 -77.69 64.63
C VAL DA 49 22.09 -79.01 63.90
N PHE DA 50 22.14 -79.01 62.57
CA PHE DA 50 21.87 -80.21 61.80
C PHE DA 50 22.92 -80.49 60.74
N TYR DA 51 23.80 -79.53 60.45
CA TYR DA 51 24.70 -79.68 59.32
C TYR DA 51 26.13 -79.42 59.76
N ASN DA 52 27.06 -79.79 58.86
CA ASN DA 52 28.48 -79.56 59.04
C ASN DA 52 28.99 -78.91 57.75
N GLU DA 53 29.86 -77.91 57.91
CA GLU DA 53 30.64 -77.34 56.82
C GLU DA 53 31.65 -78.37 56.31
N ALA DA 54 31.89 -78.38 55.00
CA ALA DA 54 32.62 -79.52 54.42
C ALA DA 54 33.77 -79.04 53.53
N THR DA 55 34.30 -77.86 53.82
CA THR DA 55 35.45 -77.20 53.20
C THR DA 55 35.33 -77.06 51.70
N GLY DA 56 34.12 -77.28 51.17
CA GLY DA 56 33.86 -77.02 49.77
C GLY DA 56 32.72 -76.02 49.68
N GLY DA 57 32.26 -75.60 50.89
CA GLY DA 57 31.10 -74.74 50.96
C GLY DA 57 29.78 -75.51 51.10
N ARG DA 58 29.83 -76.84 50.97
CA ARG DA 58 28.62 -77.63 51.01
C ARG DA 58 28.31 -78.01 52.46
N PHE DA 59 27.01 -78.29 52.70
CA PHE DA 59 26.59 -78.73 54.00
C PHE DA 59 26.22 -80.19 53.99
N VAL DA 60 26.81 -80.96 54.90
CA VAL DA 60 26.54 -82.38 54.98
C VAL DA 60 25.81 -82.65 56.29
N PRO DA 61 24.74 -83.47 56.26
CA PRO DA 61 23.98 -83.73 57.49
C PRO DA 61 24.76 -84.50 58.52
N ARG DA 62 24.46 -84.23 59.79
CA ARG DA 62 25.11 -84.94 60.87
C ARG DA 62 24.32 -86.20 61.21
N ALA DA 63 24.10 -87.04 60.20
CA ALA DA 63 23.20 -88.17 60.27
C ALA DA 63 23.96 -89.47 60.06
N ILE DA 64 23.59 -90.48 60.84
CA ILE DA 64 24.24 -91.79 60.79
C ILE DA 64 23.15 -92.77 60.38
N LEU DA 65 23.32 -93.36 59.19
CA LEU DA 65 22.38 -94.30 58.64
C LEU DA 65 22.81 -95.72 58.97
N MET DA 66 21.90 -96.50 59.54
CA MET DA 66 22.27 -97.79 60.14
C MET DA 66 21.20 -98.81 59.82
N ASP DA 67 21.60 -99.94 59.26
CA ASP DA 67 20.66 -101.02 58.93
C ASP DA 67 21.51 -102.28 58.71
N LEU DA 68 20.84 -103.43 58.79
CA LEU DA 68 21.46 -104.71 58.67
C LEU DA 68 21.28 -105.33 57.29
N GLU DA 69 20.62 -104.65 56.38
CA GLU DA 69 20.50 -105.17 55.01
C GLU DA 69 20.76 -104.03 54.07
N PRO DA 70 21.51 -104.20 52.98
CA PRO DA 70 21.96 -103.08 52.17
C PRO DA 70 20.95 -102.48 51.21
N GLY DA 71 19.73 -103.06 51.17
CA GLY DA 71 18.72 -102.66 50.21
C GLY DA 71 18.18 -101.26 50.42
N THR DA 72 17.86 -100.89 51.66
CA THR DA 72 17.17 -99.65 51.93
C THR DA 72 18.13 -98.47 51.87
N MET DA 73 19.46 -98.71 52.07
CA MET DA 73 20.35 -97.58 51.88
C MET DA 73 20.60 -97.27 50.41
N ASP DA 74 20.45 -98.25 49.56
CA ASP DA 74 20.53 -98.04 48.12
C ASP DA 74 19.34 -97.16 47.67
N SER DA 75 18.17 -97.39 48.31
CA SER DA 75 16.98 -96.65 47.95
C SER DA 75 17.10 -95.18 48.34
N VAL DA 76 17.70 -94.95 49.50
CA VAL DA 76 17.84 -93.59 50.02
C VAL DA 76 18.86 -92.82 49.19
N ARG DA 77 19.95 -93.49 48.78
CA ARG DA 77 20.99 -92.86 48.00
C ARG DA 77 20.49 -92.48 46.61
N ALA DA 78 19.69 -93.37 46.00
CA ALA DA 78 19.25 -93.19 44.63
C ALA DA 78 18.17 -92.13 44.50
N GLY DA 79 17.45 -91.85 45.58
CA GLY DA 79 16.35 -90.91 45.57
C GLY DA 79 16.84 -89.47 45.55
N PRO DA 80 15.90 -88.51 45.52
CA PRO DA 80 16.24 -87.11 45.63
C PRO DA 80 16.73 -86.82 47.05
N PHE DA 81 17.62 -85.83 47.15
CA PHE DA 81 18.31 -85.47 48.39
C PHE DA 81 19.07 -86.67 48.94
N GLY DA 82 19.59 -87.51 48.05
CA GLY DA 82 20.29 -88.71 48.44
C GLY DA 82 21.81 -88.53 48.37
N GLN DA 83 22.22 -87.52 47.60
CA GLN DA 83 23.64 -87.22 47.49
C GLN DA 83 24.09 -86.31 48.62
N LEU DA 84 23.15 -85.92 49.50
CA LEU DA 84 23.48 -85.01 50.59
C LEU DA 84 24.31 -85.72 51.67
N PHE DA 85 23.97 -86.97 51.94
CA PHE DA 85 24.60 -87.68 53.05
C PHE DA 85 26.03 -88.09 52.73
N ARG DA 86 26.84 -88.15 53.78
CA ARG DA 86 28.22 -88.59 53.64
C ARG DA 86 28.27 -90.09 53.45
N PRO DA 87 29.01 -90.61 52.46
CA PRO DA 87 29.02 -92.06 52.22
C PRO DA 87 29.64 -92.88 53.35
N ASP DA 88 30.56 -92.28 54.12
CA ASP DA 88 31.12 -92.96 55.27
C ASP DA 88 30.12 -93.11 56.40
N ASN DA 89 29.10 -92.26 56.44
CA ASN DA 89 28.09 -92.35 57.47
C ASN DA 89 27.14 -93.53 57.29
N PHE DA 90 27.09 -94.11 56.11
CA PHE DA 90 26.42 -95.37 55.91
C PHE DA 90 27.17 -96.51 56.56
N VAL DA 91 26.48 -97.33 57.34
CA VAL DA 91 27.03 -98.55 57.86
C VAL DA 91 26.11 -99.69 57.42
N PHE DA 92 26.75 -100.71 56.85
CA PHE DA 92 25.98 -101.80 56.23
C PHE DA 92 26.02 -103.04 57.09
N GLY DA 93 24.93 -103.81 56.99
CA GLY DA 93 24.98 -105.21 57.36
C GLY DA 93 24.70 -106.07 56.11
N GLN DA 94 25.14 -107.32 56.16
CA GLN DA 94 24.93 -108.17 55.03
C GLN DA 94 23.89 -109.26 55.28
N THR DA 95 23.67 -109.68 56.53
CA THR DA 95 22.79 -110.80 56.77
C THR DA 95 21.32 -110.38 56.86
N GLY DA 96 21.06 -109.41 57.75
CA GLY DA 96 19.72 -108.92 57.98
C GLY DA 96 19.03 -109.65 59.11
N ALA DA 97 18.54 -108.89 60.11
CA ALA DA 97 17.78 -109.47 61.19
C ALA DA 97 16.34 -109.65 60.72
N GLY DA 98 15.94 -110.89 60.51
CA GLY DA 98 14.66 -111.21 59.92
C GLY DA 98 13.52 -111.04 60.91
N ASN DA 99 13.23 -109.79 61.29
CA ASN DA 99 12.17 -109.45 62.24
C ASN DA 99 12.38 -110.15 63.58
N ASN DA 100 13.65 -110.39 63.93
CA ASN DA 100 13.98 -111.08 65.16
C ASN DA 100 14.74 -110.10 66.04
N TRP DA 101 14.16 -109.76 67.19
CA TRP DA 101 14.77 -108.86 68.12
C TRP DA 101 16.06 -109.43 68.70
N ALA DA 102 16.09 -110.75 68.89
CA ALA DA 102 17.23 -111.40 69.50
C ALA DA 102 18.48 -111.25 68.62
N LYS DA 103 18.36 -111.51 67.33
CA LYS DA 103 19.49 -111.42 66.45
C LYS DA 103 19.77 -109.98 66.09
N GLY DA 104 18.83 -109.06 66.30
CA GLY DA 104 19.17 -107.64 66.18
C GLY DA 104 19.99 -107.15 67.36
N HIS DA 105 19.67 -107.65 68.55
CA HIS DA 105 20.29 -107.14 69.77
C HIS DA 105 21.46 -107.98 70.27
N TYR DA 106 21.52 -109.24 69.93
CA TYR DA 106 22.58 -110.10 70.45
C TYR DA 106 23.53 -110.52 69.33
N THR DA 107 22.98 -111.11 68.29
CA THR DA 107 23.70 -112.02 67.42
C THR DA 107 24.32 -111.30 66.23
N GLU DA 108 23.54 -110.63 65.43
CA GLU DA 108 24.03 -109.98 64.23
C GLU DA 108 24.42 -108.54 64.56
N GLY DA 109 23.66 -107.92 65.49
CA GLY DA 109 23.82 -106.51 65.74
C GLY DA 109 25.07 -106.18 66.55
N ALA DA 110 25.60 -107.18 67.26
CA ALA DA 110 26.74 -107.00 68.14
C ALA DA 110 28.02 -106.73 67.37
N GLU DA 111 28.16 -107.34 66.20
CA GLU DA 111 29.40 -107.15 65.43
C GLU DA 111 29.31 -105.91 64.58
N LEU DA 112 28.17 -105.23 64.53
CA LEU DA 112 28.03 -103.99 63.78
C LEU DA 112 28.01 -102.77 64.69
N ILE DA 113 27.69 -103.00 65.99
CA ILE DA 113 27.51 -101.86 66.89
C ILE DA 113 28.85 -101.19 67.17
N ASP DA 114 29.93 -101.94 67.16
CA ASP DA 114 31.25 -101.34 67.36
C ASP DA 114 31.61 -100.42 66.21
N SER DA 115 31.14 -100.75 65.01
CA SER DA 115 31.46 -99.96 63.82
C SER DA 115 30.64 -98.68 63.76
N VAL DA 116 29.36 -98.77 64.17
CA VAL DA 116 28.52 -97.59 64.16
C VAL DA 116 28.87 -96.67 65.34
N LEU DA 117 29.36 -97.24 66.44
CA LEU DA 117 29.74 -96.44 67.59
C LEU DA 117 30.97 -95.58 67.35
N ASP DA 118 31.82 -96.02 66.44
CA ASP DA 118 32.96 -95.19 66.03
C ASP DA 118 32.48 -93.96 65.27
N VAL DA 119 31.49 -94.10 64.45
CA VAL DA 119 30.97 -93.02 63.63
C VAL DA 119 30.18 -92.04 64.49
N VAL DA 120 29.50 -92.52 65.51
CA VAL DA 120 28.72 -91.66 66.39
C VAL DA 120 29.68 -90.82 67.25
N ARG DA 121 30.80 -91.43 67.67
CA ARG DA 121 31.76 -90.68 68.45
C ARG DA 121 32.47 -89.66 67.58
N LYS DA 122 32.67 -89.92 66.31
CA LYS DA 122 33.32 -89.01 65.38
C LYS DA 122 32.52 -87.72 65.25
N GLU DA 123 31.18 -87.79 65.18
CA GLU DA 123 30.47 -86.51 65.13
C GLU DA 123 30.17 -85.95 66.47
N ALA DA 124 30.15 -86.73 67.54
CA ALA DA 124 29.85 -86.26 68.91
C ALA DA 124 31.01 -85.38 69.40
N GLU DA 125 32.23 -85.94 69.32
CA GLU DA 125 33.41 -85.33 69.85
C GLU DA 125 33.92 -84.20 68.99
N GLY DA 126 33.49 -84.15 67.76
CA GLY DA 126 33.93 -83.21 66.73
C GLY DA 126 33.61 -81.74 67.06
N CYS DA 127 32.54 -81.55 67.81
CA CYS DA 127 32.14 -80.21 68.21
C CYS DA 127 32.44 -80.03 69.72
N ASP DA 128 32.17 -78.79 70.17
CA ASP DA 128 32.53 -78.33 71.49
C ASP DA 128 31.73 -79.08 72.55
N CYS DA 129 30.39 -78.91 72.55
CA CYS DA 129 29.49 -79.68 73.37
C CYS DA 129 28.19 -79.84 72.62
N LEU DA 130 27.72 -81.10 72.49
CA LEU DA 130 26.48 -81.32 71.73
C LEU DA 130 25.28 -81.16 72.68
N GLN DA 131 24.16 -80.87 72.07
CA GLN DA 131 22.88 -80.75 72.73
C GLN DA 131 22.18 -82.09 72.98
N GLY DA 132 22.25 -82.99 72.01
CA GLY DA 132 21.67 -84.32 72.25
C GLY DA 132 21.52 -85.11 70.96
N PHE DA 133 20.75 -86.18 71.04
CA PHE DA 133 20.62 -87.16 69.97
C PHE DA 133 19.16 -87.32 69.60
N GLN DA 134 18.94 -87.63 68.33
CA GLN DA 134 17.57 -87.88 67.87
C GLN DA 134 17.56 -89.13 67.00
N ILE DA 135 16.74 -90.10 67.38
CA ILE DA 135 16.82 -91.47 66.89
C ILE DA 135 15.45 -91.87 66.34
N THR DA 136 15.44 -92.35 65.11
CA THR DA 136 14.18 -92.68 64.46
C THR DA 136 14.23 -94.14 64.07
N HIS DA 137 13.31 -94.94 64.57
CA HIS DA 137 13.29 -96.36 64.29
C HIS DA 137 11.89 -96.92 64.49
N SER DA 138 11.79 -98.23 64.18
CA SER DA 138 10.50 -98.91 64.25
C SER DA 138 10.59 -100.01 65.33
N LEU DA 139 9.51 -100.20 66.07
CA LEU DA 139 9.53 -101.21 67.10
C LEU DA 139 8.90 -102.55 66.71
N GLY DA 140 8.39 -102.58 65.47
CA GLY DA 140 7.80 -103.82 64.98
C GLY DA 140 8.85 -104.78 64.38
N GLY DA 141 9.91 -104.15 63.85
CA GLY DA 141 10.87 -104.92 63.07
C GLY DA 141 12.04 -105.40 63.94
N GLY DA 142 13.06 -105.89 63.23
CA GLY DA 142 14.17 -106.55 63.90
C GLY DA 142 15.36 -105.62 64.06
N THR DA 143 15.80 -104.99 62.97
CA THR DA 143 17.03 -104.22 63.00
C THR DA 143 16.76 -102.80 63.47
N GLY DA 144 15.55 -102.35 63.49
CA GLY DA 144 15.12 -101.05 64.04
C GLY DA 144 14.91 -101.15 65.54
N SER DA 145 14.22 -102.22 65.94
CA SER DA 145 13.86 -102.40 67.36
C SER DA 145 15.00 -103.03 68.16
N GLY DA 146 15.76 -103.93 67.53
CA GLY DA 146 16.76 -104.71 68.27
C GLY DA 146 18.09 -104.01 68.30
N MET DA 147 18.58 -103.75 67.08
CA MET DA 147 19.91 -103.16 66.94
C MET DA 147 19.87 -101.66 67.17
N GLY DA 148 18.70 -101.05 66.91
CA GLY DA 148 18.54 -99.63 67.15
C GLY DA 148 18.53 -99.32 68.66
N THR DA 149 17.89 -100.20 69.42
CA THR DA 149 17.79 -99.95 70.85
C THR DA 149 19.07 -100.35 71.56
N LEU DA 150 19.89 -101.19 70.93
CA LEU DA 150 21.20 -101.49 71.49
C LEU DA 150 22.09 -100.24 71.41
N LEU DA 151 21.98 -99.50 70.32
CA LEU DA 151 22.71 -98.25 70.19
C LEU DA 151 22.25 -97.23 71.24
N ILE DA 152 20.94 -97.23 71.53
CA ILE DA 152 20.37 -96.34 72.52
C ILE DA 152 20.99 -96.64 73.89
N SER DA 153 21.17 -97.94 74.21
CA SER DA 153 21.79 -98.30 75.47
C SER DA 153 23.29 -97.89 75.52
N LYS DA 154 23.97 -98.08 74.41
CA LYS DA 154 25.41 -97.96 74.39
C LYS DA 154 25.87 -96.53 74.33
N VAL DA 155 25.09 -95.63 73.67
CA VAL DA 155 25.41 -94.23 73.69
C VAL DA 155 25.00 -93.61 75.02
N ARG DA 156 24.09 -94.21 75.77
CA ARG DA 156 23.63 -93.66 77.00
C ARG DA 156 24.70 -93.72 78.10
N GLU DA 157 25.50 -94.84 78.09
CA GLU DA 157 26.51 -94.82 79.20
C GLU DA 157 27.68 -93.89 78.88
N GLU DA 158 27.88 -93.67 77.58
CA GLU DA 158 29.01 -92.85 77.11
C GLU DA 158 28.68 -91.36 77.16
N TYR DA 159 27.41 -90.99 76.88
CA TYR DA 159 26.94 -89.63 77.05
C TYR DA 159 25.77 -89.62 77.99
N PRO DA 160 26.00 -89.57 79.31
CA PRO DA 160 24.89 -89.69 80.27
C PRO DA 160 24.02 -88.43 80.41
N ASP DA 161 24.62 -87.26 80.17
CA ASP DA 161 23.94 -86.01 80.51
C ASP DA 161 23.31 -85.37 79.27
N ARG DA 162 23.45 -85.98 78.09
CA ARG DA 162 22.83 -85.40 76.91
C ARG DA 162 21.42 -85.92 76.74
N ILE DA 163 20.58 -85.11 76.12
CA ILE DA 163 19.19 -85.46 75.93
C ILE DA 163 19.08 -86.51 74.81
N MET DA 164 18.00 -87.29 74.90
CA MET DA 164 17.89 -88.47 74.06
C MET DA 164 16.46 -88.64 73.59
N GLU DA 165 16.21 -88.20 72.38
CA GLU DA 165 14.80 -88.05 71.91
C GLU DA 165 14.57 -89.02 70.75
N THR DA 166 13.50 -89.79 70.88
CA THR DA 166 13.27 -90.92 69.99
C THR DA 166 11.90 -90.81 69.34
N PHE DA 167 11.89 -91.01 68.03
CA PHE DA 167 10.66 -91.14 67.24
C PHE DA 167 10.45 -92.60 66.97
N SER DA 168 9.58 -93.24 67.73
CA SER DA 168 9.35 -94.69 67.51
C SER DA 168 7.94 -94.91 66.99
N VAL DA 169 7.85 -95.68 65.90
CA VAL DA 169 6.56 -96.13 65.44
C VAL DA 169 6.25 -97.46 66.10
N PHE DA 170 5.01 -97.63 66.53
CA PHE DA 170 4.62 -98.75 67.36
C PHE DA 170 3.85 -99.75 66.51
N PRO DA 171 3.71 -101.01 66.99
CA PRO DA 171 2.74 -101.91 66.42
C PRO DA 171 1.32 -101.35 66.34
N SER DA 172 0.68 -101.73 65.23
CA SER DA 172 -0.64 -101.26 64.90
C SER DA 172 -1.68 -101.95 65.80
N PRO DA 173 -2.78 -101.27 66.14
CA PRO DA 173 -3.89 -101.94 66.82
C PRO DA 173 -4.60 -103.03 66.02
N LYS DA 174 -5.09 -102.67 64.86
CA LYS DA 174 -6.06 -103.49 64.14
C LYS DA 174 -5.31 -104.48 63.25
N VAL DA 175 -4.55 -103.94 62.27
CA VAL DA 175 -3.95 -104.85 61.30
C VAL DA 175 -2.48 -104.97 61.62
N SER DA 176 -2.01 -106.22 61.70
CA SER DA 176 -0.64 -106.38 62.19
C SER DA 176 0.16 -107.27 61.22
N ASP DA 177 1.04 -106.63 60.52
CA ASP DA 177 2.09 -107.28 59.77
C ASP DA 177 3.18 -107.70 60.76
N THR DA 178 4.18 -108.43 60.27
CA THR DA 178 5.33 -108.92 60.98
C THR DA 178 4.95 -109.63 62.28
N VAL DA 179 4.43 -110.87 62.14
CA VAL DA 179 3.55 -111.53 63.11
C VAL DA 179 4.10 -111.49 64.53
N VAL DA 180 5.42 -111.47 64.69
CA VAL DA 180 5.98 -111.23 66.00
C VAL DA 180 6.18 -109.73 66.18
N GLU DA 181 5.03 -109.02 66.33
CA GLU DA 181 5.03 -107.64 66.79
C GLU DA 181 5.18 -107.56 68.33
N PRO DA 182 4.35 -108.24 69.15
CA PRO DA 182 4.39 -107.97 70.58
C PRO DA 182 5.68 -108.45 71.24
N TYR DA 183 6.34 -109.46 70.66
CA TYR DA 183 7.63 -109.86 71.18
C TYR DA 183 8.69 -108.76 70.96
N ASN DA 184 8.65 -108.15 69.79
CA ASN DA 184 9.63 -107.11 69.47
C ASN DA 184 9.34 -105.84 70.25
N ALA DA 185 8.06 -105.51 70.39
CA ALA DA 185 7.63 -104.30 71.06
C ALA DA 185 7.93 -104.36 72.56
N THR DA 186 7.57 -105.44 73.22
CA THR DA 186 7.71 -105.53 74.66
C THR DA 186 9.17 -105.58 75.07
N LEU DA 187 9.98 -106.31 74.28
CA LEU DA 187 11.41 -106.37 74.57
C LEU DA 187 12.11 -105.05 74.29
N SER DA 188 11.53 -104.22 73.43
CA SER DA 188 12.15 -102.92 73.15
C SER DA 188 11.73 -101.88 74.17
N VAL DA 189 10.50 -101.93 74.65
CA VAL DA 189 9.99 -100.87 75.50
C VAL DA 189 10.63 -100.92 76.88
N HIS DA 190 10.82 -102.15 77.40
CA HIS DA 190 11.28 -102.29 78.75
C HIS DA 190 12.75 -101.88 78.86
N GLN DA 191 13.47 -101.89 77.70
CA GLN DA 191 14.82 -101.42 77.67
C GLN DA 191 14.87 -99.95 77.29
N LEU DA 192 13.79 -99.42 76.70
CA LEU DA 192 13.75 -98.04 76.27
C LEU DA 192 13.22 -97.15 77.38
N VAL DA 193 12.56 -97.73 78.41
CA VAL DA 193 12.01 -96.90 79.46
C VAL DA 193 13.09 -96.37 80.41
N GLU DA 194 14.21 -97.07 80.47
CA GLU DA 194 15.28 -96.67 81.36
C GLU DA 194 16.39 -95.94 80.64
N ASN DA 195 16.40 -95.87 79.33
CA ASN DA 195 17.49 -95.34 78.55
C ASN DA 195 17.11 -94.31 77.51
N ALA DA 196 15.88 -93.80 77.56
CA ALA DA 196 15.48 -92.72 76.64
C ALA DA 196 14.91 -91.58 77.47
N ASP DA 197 15.20 -90.35 77.03
CA ASP DA 197 14.73 -89.20 77.78
C ASP DA 197 13.31 -88.79 77.41
N GLU DA 198 13.00 -88.85 76.12
CA GLU DA 198 11.65 -88.47 75.66
C GLU DA 198 11.36 -89.24 74.39
N VAL DA 199 10.20 -89.86 74.35
CA VAL DA 199 9.80 -90.86 73.39
C VAL DA 199 8.46 -90.43 72.83
N GLN DA 200 8.38 -90.35 71.51
CA GLN DA 200 7.22 -89.69 70.89
C GLN DA 200 6.59 -90.72 69.95
N VAL DA 201 5.38 -91.20 70.30
CA VAL DA 201 4.93 -92.47 69.76
C VAL DA 201 4.02 -92.22 68.58
N ILE DA 202 4.20 -93.00 67.51
CA ILE DA 202 3.51 -92.84 66.25
C ILE DA 202 2.93 -94.19 65.85
N ASP DA 203 1.73 -94.19 65.31
CA ASP DA 203 1.07 -95.38 64.81
C ASP DA 203 0.71 -95.18 63.37
N ASN DA 204 0.80 -96.25 62.56
CA ASN DA 204 0.53 -96.12 61.15
C ASN DA 204 -0.97 -95.96 60.91
N GLU DA 205 -1.80 -96.62 61.72
CA GLU DA 205 -3.24 -96.50 61.51
C GLU DA 205 -3.73 -95.16 62.00
N ALA DA 206 -3.05 -94.51 62.91
CA ALA DA 206 -3.36 -93.12 63.25
C ALA DA 206 -3.10 -92.19 62.05
N LEU DA 207 -1.99 -92.46 61.36
CA LEU DA 207 -1.57 -91.66 60.23
C LEU DA 207 -2.52 -91.86 59.05
N TYR DA 208 -3.01 -93.10 58.89
CA TYR DA 208 -3.99 -93.42 57.85
C TYR DA 208 -5.30 -92.71 58.14
N ASP DA 209 -5.68 -92.61 59.42
CA ASP DA 209 -6.90 -91.93 59.81
C ASP DA 209 -6.81 -90.44 59.47
N ILE DA 210 -5.65 -89.86 59.69
CA ILE DA 210 -5.41 -88.45 59.40
C ILE DA 210 -5.55 -88.22 57.88
N CYS DA 211 -4.94 -89.09 57.10
CA CYS DA 211 -4.91 -88.90 55.66
C CYS DA 211 -6.26 -89.19 55.01
N PHE DA 212 -7.13 -89.94 55.71
CA PHE DA 212 -8.45 -90.23 55.16
C PHE DA 212 -9.45 -89.16 55.51
N ARG DA 213 -9.51 -88.81 56.79
CA ARG DA 213 -10.58 -87.98 57.31
C ARG DA 213 -10.28 -86.48 57.19
N THR DA 214 -9.01 -86.10 57.30
CA THR DA 214 -8.67 -84.68 57.32
C THR DA 214 -8.08 -84.26 55.97
N LEU DA 215 -7.06 -84.99 55.53
CA LEU DA 215 -6.33 -84.56 54.34
C LEU DA 215 -7.08 -84.89 53.05
N LYS DA 216 -8.02 -85.82 53.11
CA LYS DA 216 -8.82 -86.26 51.98
C LYS DA 216 -7.93 -86.77 50.83
N LEU DA 217 -6.86 -87.44 51.16
CA LEU DA 217 -6.01 -88.03 50.13
C LEU DA 217 -6.54 -89.42 49.86
N THR DA 218 -6.75 -89.75 48.57
CA THR DA 218 -7.40 -91.00 48.23
C THR DA 218 -6.44 -92.18 48.32
N THR DA 219 -5.19 -91.97 47.88
CA THR DA 219 -4.19 -93.01 47.86
C THR DA 219 -2.93 -92.54 48.60
N PRO DA 220 -2.91 -92.59 49.94
CA PRO DA 220 -1.70 -92.21 50.66
C PRO DA 220 -0.63 -93.29 50.67
N THR DA 221 0.52 -92.95 50.09
CA THR DA 221 1.64 -93.90 50.11
C THR DA 221 2.48 -93.67 51.35
N TYR DA 222 3.53 -94.47 51.52
CA TYR DA 222 4.44 -94.27 52.65
C TYR DA 222 5.24 -92.98 52.50
N GLY DA 223 5.34 -92.45 51.26
CA GLY DA 223 5.99 -91.16 51.09
C GLY DA 223 5.18 -90.05 51.72
N ASP DA 224 3.87 -90.12 51.67
CA ASP DA 224 2.98 -89.10 52.16
C ASP DA 224 2.85 -89.22 53.69
N LEU DA 225 2.88 -90.44 54.22
CA LEU DA 225 2.81 -90.64 55.66
C LEU DA 225 4.07 -90.12 56.33
N ASN DA 226 5.23 -90.36 55.73
CA ASN DA 226 6.50 -89.89 56.25
C ASN DA 226 6.61 -88.37 56.18
N HIS DA 227 5.91 -87.76 55.26
CA HIS DA 227 5.91 -86.31 55.16
C HIS DA 227 5.20 -85.67 56.36
N LEU DA 228 4.17 -86.37 56.86
CA LEU DA 228 3.42 -85.89 58.01
C LEU DA 228 4.24 -86.03 59.30
N VAL DA 229 4.96 -87.13 59.43
CA VAL DA 229 5.79 -87.35 60.60
C VAL DA 229 6.97 -86.38 60.58
N SER DA 230 7.50 -86.09 59.38
CA SER DA 230 8.60 -85.16 59.24
C SER DA 230 8.18 -83.74 59.60
N ALA DA 231 6.91 -83.40 59.36
CA ALA DA 231 6.39 -82.08 59.70
C ALA DA 231 6.40 -81.88 61.21
N ALA DA 232 6.03 -82.93 61.95
CA ALA DA 232 5.98 -82.86 63.40
C ALA DA 232 7.41 -82.88 63.97
N MET DA 233 8.31 -83.59 63.29
CA MET DA 233 9.66 -83.72 63.89
C MET DA 233 10.42 -82.45 63.63
N SER DA 234 10.10 -81.67 62.59
CA SER DA 234 10.79 -80.39 62.42
C SER DA 234 10.20 -79.37 63.36
N GLY DA 235 8.93 -79.50 63.75
CA GLY DA 235 8.33 -78.48 64.60
C GLY DA 235 8.81 -78.55 66.04
N VAL DA 236 9.26 -79.71 66.48
CA VAL DA 236 9.69 -79.89 67.84
C VAL DA 236 11.08 -79.28 68.03
N THR DA 237 11.85 -79.17 66.97
CA THR DA 237 13.20 -78.63 67.02
C THR DA 237 13.30 -77.31 66.24
N CYS DA 238 12.17 -76.65 65.99
CA CYS DA 238 12.18 -75.43 65.20
C CYS DA 238 12.82 -74.30 65.99
N CYS DA 239 12.53 -74.26 67.28
CA CYS DA 239 12.94 -73.18 68.16
C CYS DA 239 14.44 -73.19 68.41
N LEU DA 240 15.11 -74.30 68.25
CA LEU DA 240 16.55 -74.38 68.29
C LEU DA 240 17.15 -73.65 67.10
N ARG DA 241 16.52 -73.73 65.95
CA ARG DA 241 17.11 -73.31 64.70
C ARG DA 241 16.72 -71.88 64.32
N PHE DA 242 15.63 -71.37 64.89
CA PHE DA 242 15.15 -70.05 64.55
C PHE DA 242 14.84 -69.27 65.81
N PRO DA 243 14.92 -67.92 65.76
CA PRO DA 243 14.56 -67.11 66.92
C PRO DA 243 13.05 -67.07 67.13
N GLY DA 244 12.67 -66.51 68.27
CA GLY DA 244 11.28 -66.33 68.58
C GLY DA 244 11.12 -65.46 69.83
N GLN DA 245 9.87 -65.19 70.17
CA GLN DA 245 9.50 -64.39 71.31
C GLN DA 245 9.69 -65.20 72.60
N LEU DA 246 9.31 -66.47 72.57
CA LEU DA 246 9.37 -67.31 73.73
C LEU DA 246 10.06 -68.64 73.38
N ASN DA 247 11.31 -68.74 73.84
CA ASN DA 247 12.19 -69.76 73.31
C ASN DA 247 12.00 -71.07 74.07
N SER DA 248 12.23 -72.19 73.37
CA SER DA 248 12.07 -73.50 73.93
C SER DA 248 12.91 -74.54 73.26
N ASP DA 249 13.92 -75.11 73.90
CA ASP DA 249 14.73 -76.17 73.33
C ASP DA 249 14.16 -77.53 73.68
N LEU DA 250 14.92 -78.58 73.43
CA LEU DA 250 14.42 -79.94 73.71
C LEU DA 250 14.41 -80.19 75.20
N ARG DA 251 15.42 -79.70 75.91
CA ARG DA 251 15.51 -79.89 77.35
C ARG DA 251 14.48 -79.04 78.08
N LYS DA 252 14.12 -77.89 77.47
CA LYS DA 252 13.04 -77.06 77.98
C LYS DA 252 11.73 -77.83 77.95
N LEU DA 253 11.52 -78.61 76.88
CA LEU DA 253 10.32 -79.40 76.73
C LEU DA 253 10.30 -80.56 77.71
N ALA DA 254 11.49 -81.12 78.00
CA ALA DA 254 11.55 -82.35 78.81
C ALA DA 254 11.27 -82.03 80.27
N VAL DA 255 11.77 -80.89 80.75
CA VAL DA 255 11.59 -80.54 82.14
C VAL DA 255 10.17 -80.13 82.44
N ASN DA 256 9.42 -79.73 81.41
CA ASN DA 256 8.05 -79.30 81.58
C ASN DA 256 7.04 -80.40 81.22
N LEU DA 257 7.47 -81.57 80.77
CA LEU DA 257 6.57 -82.63 80.41
C LEU DA 257 6.70 -83.87 81.27
N ILE DA 258 7.76 -84.00 82.05
CA ILE DA 258 8.01 -85.27 82.74
C ILE DA 258 7.85 -85.00 84.22
N PRO DA 259 6.76 -85.42 84.83
CA PRO DA 259 6.62 -85.30 86.30
C PRO DA 259 7.44 -86.35 87.04
N PHE DA 260 7.45 -87.57 86.52
CA PHE DA 260 8.16 -88.69 87.12
C PHE DA 260 8.95 -89.39 86.05
N PRO DA 261 10.20 -89.84 86.31
CA PRO DA 261 11.13 -90.19 85.24
C PRO DA 261 10.73 -91.41 84.40
N ARG DA 262 9.84 -92.25 84.90
CA ARG DA 262 9.47 -93.47 84.23
C ARG DA 262 8.50 -93.20 83.07
N LEU DA 263 7.71 -92.15 83.18
CA LEU DA 263 6.69 -91.89 82.18
C LEU DA 263 7.15 -90.74 81.28
N HIS DA 264 7.58 -91.12 80.07
CA HIS DA 264 8.08 -90.14 79.12
C HIS DA 264 7.60 -90.47 77.69
N PHE DA 265 6.34 -90.88 77.59
CA PHE DA 265 5.74 -91.21 76.31
C PHE DA 265 4.76 -90.13 75.92
N PHE DA 266 4.90 -89.66 74.70
CA PHE DA 266 4.16 -88.51 74.23
C PHE DA 266 3.26 -88.86 73.06
N LEU DA 267 2.19 -88.09 72.94
CA LEU DA 267 1.33 -88.08 71.78
C LEU DA 267 1.69 -86.86 70.94
N ILE DA 268 1.75 -87.04 69.62
CA ILE DA 268 2.21 -85.98 68.72
C ILE DA 268 1.09 -85.56 67.79
N GLY DA 269 0.99 -84.24 67.59
CA GLY DA 269 -0.05 -83.69 66.73
C GLY DA 269 0.48 -82.57 65.86
N PHE DA 270 -0.09 -82.42 64.65
CA PHE DA 270 0.33 -81.29 63.83
C PHE DA 270 -0.90 -80.61 63.22
N ALA DA 271 -0.85 -79.28 63.19
CA ALA DA 271 -1.96 -78.48 62.70
C ALA DA 271 -1.36 -77.24 62.05
N PRO DA 272 -1.93 -76.68 60.97
CA PRO DA 272 -3.18 -77.11 60.36
C PRO DA 272 -3.02 -78.22 59.33
N LEU DA 273 -4.10 -78.99 59.14
CA LEU DA 273 -4.16 -80.03 58.14
C LEU DA 273 -5.51 -79.95 57.43
N THR DA 274 -5.48 -79.37 56.24
CA THR DA 274 -6.63 -79.27 55.36
C THR DA 274 -6.27 -79.83 54.00
N SER DA 275 -7.31 -80.30 53.28
CA SER DA 275 -7.18 -80.80 51.94
C SER DA 275 -6.85 -79.67 50.99
N ARG DA 276 -6.43 -80.06 49.77
CA ARG DA 276 -6.06 -79.09 48.76
C ARG DA 276 -7.28 -78.25 48.33
N GLY DA 277 -8.46 -78.91 48.29
CA GLY DA 277 -9.68 -78.22 47.90
C GLY DA 277 -10.13 -77.16 48.92
N SER DA 278 -9.96 -77.49 50.20
CA SER DA 278 -10.50 -76.68 51.28
C SER DA 278 -9.43 -75.78 51.89
N GLN DA 279 -8.27 -75.63 51.20
CA GLN DA 279 -7.20 -74.79 51.72
C GLN DA 279 -7.58 -73.33 51.77
N GLN DA 280 -8.29 -72.88 50.75
CA GLN DA 280 -8.56 -71.45 50.61
C GLN DA 280 -9.81 -71.04 51.39
N TYR DA 281 -10.56 -72.01 51.92
CA TYR DA 281 -11.84 -71.74 52.54
C TYR DA 281 -11.77 -71.73 54.07
N ARG DA 282 -10.59 -72.06 54.64
CA ARG DA 282 -10.55 -72.10 56.10
C ARG DA 282 -9.81 -70.89 56.65
N ALA DA 283 -10.37 -70.27 57.67
CA ALA DA 283 -9.77 -69.26 58.54
C ALA DA 283 -8.58 -69.78 59.39
N LEU DA 284 -7.38 -69.30 59.07
CA LEU DA 284 -6.21 -69.79 59.77
C LEU DA 284 -5.87 -68.73 60.81
N SER DA 285 -6.25 -69.02 62.06
CA SER DA 285 -6.06 -68.13 63.18
C SER DA 285 -5.61 -68.97 64.37
N VAL DA 286 -5.16 -68.33 65.46
CA VAL DA 286 -4.76 -69.05 66.65
C VAL DA 286 -5.91 -69.86 67.27
N PRO DA 287 -7.18 -69.37 67.35
CA PRO DA 287 -8.24 -70.22 67.87
C PRO DA 287 -8.53 -71.47 67.05
N GLU DA 288 -8.37 -71.39 65.72
CA GLU DA 288 -8.61 -72.54 64.89
C GLU DA 288 -7.48 -73.55 64.97
N LEU DA 289 -6.26 -73.08 65.26
CA LEU DA 289 -5.13 -73.97 65.41
C LEU DA 289 -5.30 -74.82 66.66
N THR DA 290 -5.75 -74.18 67.73
CA THR DA 290 -5.82 -74.88 69.01
C THR DA 290 -7.01 -75.81 69.05
N GLN DA 291 -8.03 -75.57 68.23
CA GLN DA 291 -9.18 -76.46 68.17
C GLN DA 291 -8.81 -77.71 67.39
N GLN DA 292 -8.01 -77.58 66.34
CA GLN DA 292 -7.60 -78.75 65.59
C GLN DA 292 -6.56 -79.55 66.36
N MET DA 293 -5.80 -78.88 67.23
CA MET DA 293 -4.74 -79.53 68.00
C MET DA 293 -5.34 -80.43 69.08
N PHE DA 294 -6.41 -79.98 69.74
CA PHE DA 294 -7.12 -80.78 70.72
C PHE DA 294 -8.28 -81.51 70.09
N ASP DA 295 -7.96 -82.40 69.18
CA ASP DA 295 -8.93 -83.24 68.54
C ASP DA 295 -8.34 -84.62 68.37
N ALA DA 296 -9.13 -85.67 68.66
CA ALA DA 296 -8.62 -87.02 68.71
C ALA DA 296 -8.19 -87.48 67.31
N LYS DA 297 -8.84 -86.91 66.25
CA LYS DA 297 -8.46 -87.42 64.93
C LYS DA 297 -7.20 -86.74 64.40
N ASN DA 298 -6.62 -85.79 65.15
CA ASN DA 298 -5.38 -85.15 64.73
C ASN DA 298 -4.15 -85.67 65.49
N MET DA 299 -4.34 -86.55 66.42
CA MET DA 299 -3.23 -87.19 67.10
C MET DA 299 -2.62 -88.27 66.23
N MET DA 300 -1.28 -88.34 66.24
CA MET DA 300 -0.56 -89.29 65.40
C MET DA 300 -0.32 -90.58 66.18
N CYS DA 301 -0.99 -90.75 67.33
CA CYS DA 301 -0.97 -92.01 68.06
C CYS DA 301 -2.42 -92.51 68.14
N ALA DA 302 -2.57 -93.82 67.92
CA ALA DA 302 -3.89 -94.42 67.77
C ALA DA 302 -4.50 -94.73 69.14
N SER DA 303 -4.44 -93.78 70.06
CA SER DA 303 -5.00 -93.91 71.37
C SER DA 303 -5.86 -92.68 71.61
N ASP DA 304 -7.13 -92.91 71.93
CA ASP DA 304 -8.09 -91.83 72.02
C ASP DA 304 -7.84 -91.04 73.29
N PRO DA 305 -7.44 -89.75 73.21
CA PRO DA 305 -7.11 -88.99 74.39
C PRO DA 305 -8.29 -88.60 75.28
N ARG DA 306 -9.50 -88.76 74.78
CA ARG DA 306 -10.67 -88.40 75.57
C ARG DA 306 -10.98 -89.46 76.62
N HIS DA 307 -10.36 -90.66 76.51
CA HIS DA 307 -10.61 -91.63 77.57
C HIS DA 307 -9.78 -91.41 78.85
N GLY DA 308 -8.68 -90.70 78.62
CA GLY DA 308 -7.65 -90.47 79.65
C GLY DA 308 -7.66 -89.00 80.05
N ARG DA 309 -6.63 -88.62 80.79
CA ARG DA 309 -6.45 -87.25 81.24
C ARG DA 309 -5.04 -86.83 80.84
N TYR DA 310 -4.96 -85.62 80.25
CA TYR DA 310 -3.65 -85.07 79.91
C TYR DA 310 -2.95 -84.69 81.20
N LEU DA 311 -1.84 -85.35 81.46
CA LEU DA 311 -1.07 -85.08 82.68
C LEU DA 311 -0.36 -83.74 82.50
N THR DA 312 0.37 -83.58 81.40
CA THR DA 312 0.98 -82.33 81.05
C THR DA 312 1.07 -82.26 79.53
N ALA DA 313 0.85 -81.05 78.96
CA ALA DA 313 0.92 -80.92 77.52
C ALA DA 313 1.67 -79.64 77.14
N SER DA 314 2.19 -79.64 75.89
CA SER DA 314 2.92 -78.49 75.40
C SER DA 314 2.59 -78.23 73.94
N ALA DA 315 2.63 -76.97 73.51
CA ALA DA 315 2.36 -76.54 72.18
C ALA DA 315 3.48 -75.60 71.72
N MET DA 316 4.19 -76.03 70.66
CA MET DA 316 5.16 -75.19 70.00
C MET DA 316 4.54 -74.54 68.80
N PHE DA 317 4.17 -73.26 68.97
CA PHE DA 317 3.62 -72.49 67.86
C PHE DA 317 4.74 -71.93 67.00
N ARG DA 318 4.40 -71.74 65.73
CA ARG DA 318 5.36 -71.19 64.78
C ARG DA 318 4.65 -70.15 63.92
N GLY DA 319 5.29 -68.99 63.76
CA GLY DA 319 4.80 -67.93 62.90
C GLY DA 319 4.61 -66.60 63.65
N ARG DA 320 4.14 -65.62 62.90
CA ARG DA 320 3.89 -64.29 63.39
C ARG DA 320 2.55 -64.25 64.13
N MET DA 321 2.64 -64.19 65.47
CA MET DA 321 1.44 -64.35 66.27
C MET DA 321 1.42 -63.34 67.44
N SER DA 322 0.24 -63.19 68.00
CA SER DA 322 0.16 -62.34 69.19
C SER DA 322 0.09 -63.25 70.41
N THR DA 323 0.88 -62.90 71.42
CA THR DA 323 1.09 -63.83 72.52
C THR DA 323 -0.02 -63.81 73.56
N LYS DA 324 -0.86 -62.80 73.55
CA LYS DA 324 -2.09 -62.85 74.35
C LYS DA 324 -3.02 -63.90 73.76
N GLU DA 325 -3.19 -63.90 72.46
CA GLU DA 325 -4.12 -64.80 71.80
C GLU DA 325 -3.69 -66.27 71.95
N VAL DA 326 -2.35 -66.47 72.04
CA VAL DA 326 -1.89 -67.81 72.25
C VAL DA 326 -2.15 -68.16 73.71
N ASP DA 327 -2.04 -67.17 74.62
CA ASP DA 327 -2.13 -67.50 76.03
C ASP DA 327 -3.57 -67.56 76.50
N GLU DA 328 -4.48 -66.74 75.89
CA GLU DA 328 -5.87 -66.79 76.29
C GLU DA 328 -6.54 -68.08 75.80
N GLN DA 329 -6.14 -68.54 74.61
CA GLN DA 329 -6.69 -69.76 74.08
C GLN DA 329 -6.20 -70.99 74.85
N MET DA 330 -4.95 -70.91 75.33
CA MET DA 330 -4.42 -72.00 76.12
C MET DA 330 -5.11 -72.04 77.49
N LEU DA 331 -5.57 -70.86 77.98
CA LEU DA 331 -6.38 -70.85 79.18
C LEU DA 331 -7.78 -71.35 78.87
N ASN DA 332 -8.28 -71.03 77.67
CA ASN DA 332 -9.65 -71.37 77.29
C ASN DA 332 -9.85 -72.87 77.20
N VAL DA 333 -8.84 -73.56 76.68
CA VAL DA 333 -8.91 -74.99 76.49
C VAL DA 333 -8.84 -75.72 77.84
N GLN DA 334 -8.14 -75.15 78.82
CA GLN DA 334 -8.07 -75.78 80.12
C GLN DA 334 -9.38 -75.60 80.90
N ASN DA 335 -10.07 -74.49 80.67
CA ASN DA 335 -11.32 -74.23 81.32
C ASN DA 335 -12.46 -74.95 80.66
N LYS DA 336 -12.46 -75.13 79.35
CA LYS DA 336 -13.56 -75.81 78.68
C LYS DA 336 -13.47 -77.32 78.89
N ASN DA 337 -12.28 -77.88 78.62
CA ASN DA 337 -12.09 -79.30 78.75
C ASN DA 337 -11.50 -79.62 80.12
N SER DA 338 -12.23 -79.25 81.18
CA SER DA 338 -11.71 -79.29 82.53
C SER DA 338 -11.55 -80.72 83.05
N SER DA 339 -12.43 -81.62 82.63
CA SER DA 339 -12.40 -83.01 83.04
C SER DA 339 -11.31 -83.79 82.30
N TYR DA 340 -10.72 -83.26 81.26
CA TYR DA 340 -9.70 -83.94 80.51
C TYR DA 340 -8.27 -83.61 80.96
N PHE DA 341 -8.17 -82.83 82.02
CA PHE DA 341 -6.91 -82.50 82.63
C PHE DA 341 -6.81 -83.01 84.05
N VAL DA 342 -5.56 -83.11 84.50
CA VAL DA 342 -5.31 -83.63 85.83
C VAL DA 342 -5.34 -82.45 86.79
N GLU DA 343 -5.78 -82.71 88.03
CA GLU DA 343 -6.13 -81.61 88.92
C GLU DA 343 -4.97 -81.17 89.82
N TRP DA 344 -4.09 -82.06 90.18
CA TRP DA 344 -3.02 -81.76 91.12
C TRP DA 344 -1.82 -81.08 90.46
N ILE DA 345 -1.88 -80.82 89.15
CA ILE DA 345 -1.01 -79.86 88.50
C ILE DA 345 -1.87 -78.70 88.04
N PRO DA 346 -1.75 -77.50 88.65
CA PRO DA 346 -2.33 -76.30 88.08
C PRO DA 346 -1.64 -75.88 86.77
N ASN DA 347 -2.46 -75.36 85.85
CA ASN DA 347 -2.02 -74.72 84.63
C ASN DA 347 -1.02 -75.55 83.85
N ASN DA 348 -1.52 -76.71 83.34
CA ASN DA 348 -0.78 -77.83 82.85
C ASN DA 348 -0.04 -77.54 81.54
N MET DA 349 -0.17 -76.40 80.91
CA MET DA 349 0.18 -76.21 79.53
C MET DA 349 1.44 -75.38 79.40
N LYS DA 350 2.31 -75.78 78.44
CA LYS DA 350 3.42 -74.96 78.02
C LYS DA 350 3.17 -74.43 76.62
N SER DA 351 3.43 -73.14 76.49
CA SER DA 351 3.33 -72.50 75.17
C SER DA 351 4.67 -71.87 74.82
N SER DA 352 4.97 -71.89 73.54
CA SER DA 352 6.28 -71.47 73.02
C SER DA 352 6.06 -70.97 71.60
N VAL DA 353 6.64 -69.81 71.31
CA VAL DA 353 6.37 -69.11 70.06
C VAL DA 353 7.71 -68.99 69.34
N CYS DA 354 7.74 -69.57 68.14
CA CYS DA 354 8.82 -69.32 67.20
C CYS DA 354 8.29 -68.42 66.10
N ASP DA 355 9.10 -67.51 65.59
CA ASP DA 355 8.59 -66.50 64.68
C ASP DA 355 8.82 -66.91 63.22
N ILE DA 356 9.37 -68.10 62.93
CA ILE DA 356 9.53 -68.51 61.54
C ILE DA 356 8.59 -69.66 61.25
N PRO DA 357 7.57 -69.46 60.40
CA PRO DA 357 6.61 -70.52 60.13
C PRO DA 357 7.22 -71.49 59.15
N PRO DA 358 6.65 -72.72 59.01
CA PRO DA 358 7.16 -73.65 58.02
C PRO DA 358 6.87 -73.13 56.61
N LYS DA 359 7.57 -73.71 55.65
CA LYS DA 359 7.50 -73.37 54.25
C LYS DA 359 6.08 -73.65 53.70
N GLY DA 360 5.49 -72.62 53.11
CA GLY DA 360 4.18 -72.69 52.51
C GLY DA 360 3.08 -72.16 53.43
N LEU DA 361 3.26 -72.18 54.75
CA LEU DA 361 2.22 -71.76 55.65
C LEU DA 361 2.58 -70.44 56.31
N LYS DA 362 1.57 -69.83 56.93
CA LYS DA 362 1.82 -68.61 57.68
C LYS DA 362 1.81 -68.84 59.19
N MET DA 363 1.18 -69.92 59.65
CA MET DA 363 1.20 -70.31 61.03
C MET DA 363 1.08 -71.83 61.14
N SER DA 364 1.75 -72.42 62.13
CA SER DA 364 1.59 -73.81 62.44
C SER DA 364 1.79 -74.05 63.94
N VAL DA 365 1.38 -75.24 64.39
CA VAL DA 365 1.57 -75.64 65.75
C VAL DA 365 1.85 -77.14 65.78
N THR DA 366 2.75 -77.52 66.68
CA THR DA 366 3.05 -78.90 66.94
C THR DA 366 2.76 -79.18 68.41
N PHE DA 367 2.08 -80.31 68.65
CA PHE DA 367 1.59 -80.61 69.96
C PHE DA 367 2.32 -81.84 70.49
N VAL DA 368 2.90 -81.69 71.70
CA VAL DA 368 3.35 -82.84 72.43
C VAL DA 368 2.55 -82.93 73.72
N GLY DA 369 1.95 -84.09 73.94
CA GLY DA 369 1.17 -84.26 75.17
C GLY DA 369 1.50 -85.54 75.91
N ASN DA 370 1.74 -85.41 77.21
CA ASN DA 370 1.95 -86.56 78.07
C ASN DA 370 0.61 -86.99 78.64
N SER DA 371 -0.01 -87.99 78.01
CA SER DA 371 -1.35 -88.39 78.35
C SER DA 371 -1.32 -89.75 79.02
N THR DA 372 -2.32 -89.98 79.89
CA THR DA 372 -2.49 -91.29 80.48
C THR DA 372 -3.42 -92.16 79.62
N ALA DA 373 -3.82 -91.67 78.46
CA ALA DA 373 -4.51 -92.48 77.46
C ALA DA 373 -3.54 -93.36 76.68
N ILE DA 374 -2.24 -93.24 76.92
CA ILE DA 374 -1.29 -94.14 76.31
C ILE DA 374 -1.23 -95.50 77.04
N GLN DA 375 -1.99 -95.60 78.13
CA GLN DA 375 -2.17 -96.86 78.81
C GLN DA 375 -2.93 -97.85 77.92
N GLU DA 376 -3.74 -97.36 76.99
CA GLU DA 376 -4.57 -98.21 76.16
C GLU DA 376 -3.71 -99.04 75.19
N MET DA 377 -2.62 -98.39 74.66
CA MET DA 377 -1.86 -99.22 73.70
C MET DA 377 -0.83 -100.00 74.44
N PHE DA 378 -0.35 -99.65 75.64
CA PHE DA 378 0.49 -100.57 76.37
C PHE DA 378 -0.26 -101.79 76.86
N LYS DA 379 -1.55 -101.63 77.12
CA LYS DA 379 -2.39 -102.76 77.48
C LYS DA 379 -2.63 -103.68 76.29
N ARG DA 380 -2.76 -103.07 75.10
CA ARG DA 380 -3.02 -103.82 73.88
C ARG DA 380 -1.80 -104.62 73.48
N VAL DA 381 -0.60 -104.06 73.69
CA VAL DA 381 0.60 -104.81 73.40
C VAL DA 381 0.82 -105.89 74.46
N SER DA 382 0.46 -105.59 75.71
CA SER DA 382 0.79 -106.47 76.81
C SER DA 382 -0.06 -107.71 76.75
N ASP DA 383 -1.35 -107.56 76.46
CA ASP DA 383 -2.22 -108.74 76.40
C ASP DA 383 -1.94 -109.56 75.16
N GLN DA 384 -1.49 -108.92 74.06
CA GLN DA 384 -1.07 -109.68 72.90
C GLN DA 384 0.23 -110.44 73.21
N PHE DA 385 1.10 -109.84 74.02
CA PHE DA 385 2.32 -110.48 74.42
C PHE DA 385 2.08 -111.65 75.33
N THR DA 386 1.15 -111.47 76.28
CA THR DA 386 0.88 -112.51 77.25
C THR DA 386 0.12 -113.66 76.59
N ALA DA 387 -0.63 -113.40 75.51
CA ALA DA 387 -1.35 -114.46 74.84
C ALA DA 387 -0.38 -115.38 74.09
N MET DA 388 0.66 -114.79 73.49
CA MET DA 388 1.61 -115.61 72.76
C MET DA 388 2.66 -116.25 73.67
N PHE DA 389 2.93 -115.65 74.83
CA PHE DA 389 3.97 -116.14 75.70
C PHE DA 389 3.52 -117.32 76.56
N ARG DA 390 2.24 -117.37 76.92
CA ARG DA 390 1.76 -118.48 77.75
C ARG DA 390 1.75 -119.76 76.94
N ARG DA 391 1.53 -119.62 75.62
CA ARG DA 391 1.53 -120.75 74.69
C ARG DA 391 2.93 -121.03 74.14
N LYS DA 392 3.90 -120.21 74.48
CA LYS DA 392 5.30 -120.34 74.13
C LYS DA 392 5.47 -120.42 72.61
N ALA DA 393 4.70 -119.61 71.88
CA ALA DA 393 4.72 -119.57 70.43
C ALA DA 393 5.90 -118.69 70.04
N PHE DA 394 6.60 -119.12 68.96
CA PHE DA 394 7.70 -118.41 68.34
C PHE DA 394 8.83 -118.08 69.30
N LEU DA 395 8.97 -118.90 70.37
CA LEU DA 395 9.99 -118.60 71.35
C LEU DA 395 11.35 -119.16 70.97
N HIS DA 396 11.36 -120.23 70.16
CA HIS DA 396 12.59 -120.93 69.88
C HIS DA 396 13.50 -120.12 68.94
N TRP DA 397 12.91 -119.17 68.21
CA TRP DA 397 13.71 -118.28 67.40
C TRP DA 397 14.45 -117.26 68.27
N TYR DA 398 13.91 -116.94 69.46
CA TYR DA 398 14.51 -116.01 70.35
C TYR DA 398 15.45 -116.68 71.33
N THR DA 399 15.05 -117.86 71.84
CA THR DA 399 15.84 -118.59 72.82
C THR DA 399 17.09 -119.20 72.15
N GLY DA 400 16.98 -119.45 70.81
CA GLY DA 400 18.12 -120.06 70.14
C GLY DA 400 19.17 -119.07 69.74
N GLU DA 401 19.00 -117.78 70.02
CA GLU DA 401 20.01 -116.78 69.72
C GLU DA 401 20.73 -116.29 70.95
N GLY DA 402 20.75 -117.11 72.00
CA GLY DA 402 21.47 -116.88 73.25
C GLY DA 402 20.73 -115.98 74.27
N MET DA 403 19.39 -115.96 74.11
CA MET DA 403 18.58 -115.18 75.03
C MET DA 403 17.89 -116.10 76.03
N ASP DA 404 17.92 -115.76 77.34
CA ASP DA 404 17.22 -116.62 78.26
C ASP DA 404 15.73 -116.27 78.28
N GLU DA 405 14.95 -117.25 78.78
CA GLU DA 405 13.51 -117.13 78.87
C GLU DA 405 13.11 -116.10 79.92
N MET DA 406 13.98 -115.88 80.92
CA MET DA 406 13.68 -115.02 82.04
C MET DA 406 13.64 -113.54 81.68
N GLU DA 407 14.29 -113.14 80.58
CA GLU DA 407 14.22 -111.78 80.14
C GLU DA 407 12.84 -111.45 79.57
N PHE DA 408 12.08 -112.38 79.12
CA PHE DA 408 10.71 -112.16 78.68
C PHE DA 408 9.80 -111.87 79.87
N THR DA 409 10.00 -112.59 80.97
CA THR DA 409 9.21 -112.39 82.16
C THR DA 409 9.56 -111.05 82.78
N GLU DA 410 10.85 -110.65 82.70
CA GLU DA 410 11.26 -109.35 83.19
C GLU DA 410 10.65 -108.24 82.33
N ALA DA 411 10.55 -108.47 81.01
CA ALA DA 411 10.03 -107.47 80.11
C ALA DA 411 8.56 -107.20 80.38
N GLU DA 412 7.82 -108.28 80.63
CA GLU DA 412 6.38 -108.14 80.88
C GLU DA 412 6.14 -107.50 82.22
N SER DA 413 6.99 -107.84 83.23
CA SER DA 413 6.83 -107.26 84.55
C SER DA 413 7.16 -105.76 84.52
N ASN DA 414 8.17 -105.37 83.74
CA ASN DA 414 8.53 -103.99 83.60
C ASN DA 414 7.42 -103.16 82.92
N MET DA 415 6.82 -103.74 81.92
CA MET DA 415 5.86 -102.99 81.11
C MET DA 415 4.49 -102.99 81.76
N ASN DA 416 4.15 -104.05 82.51
CA ASN DA 416 2.90 -104.03 83.27
C ASN DA 416 2.96 -103.03 84.42
N ASP DA 417 4.18 -102.81 84.98
CA ASP DA 417 4.32 -101.76 85.97
C ASP DA 417 4.15 -100.38 85.38
N LEU DA 418 4.54 -100.22 84.12
CA LEU DA 418 4.36 -98.94 83.43
C LEU DA 418 2.87 -98.65 83.21
N VAL DA 419 2.10 -99.69 82.97
CA VAL DA 419 0.65 -99.59 82.83
C VAL DA 419 0.04 -99.17 84.17
N SER DA 420 0.56 -99.76 85.26
CA SER DA 420 0.00 -99.53 86.58
C SER DA 420 0.29 -98.11 87.06
N GLU DA 421 1.45 -97.58 86.66
CA GLU DA 421 1.85 -96.24 87.09
C GLU DA 421 1.02 -95.17 86.35
N TYR DA 422 0.61 -95.43 85.12
CA TYR DA 422 -0.32 -94.55 84.45
C TYR DA 422 -1.69 -94.53 85.10
N GLN DA 423 -2.14 -95.68 85.60
CA GLN DA 423 -3.47 -95.85 86.11
C GLN DA 423 -3.69 -95.05 87.41
N GLN DA 424 -2.62 -94.87 88.18
CA GLN DA 424 -2.81 -94.18 89.46
C GLN DA 424 -3.02 -92.70 89.27
N TYR DA 425 -2.69 -92.11 88.15
CA TYR DA 425 -2.86 -90.68 87.90
C TYR DA 425 -4.05 -90.42 86.97
N GLN DA 426 -4.91 -91.39 86.75
CA GLN DA 426 -6.17 -91.13 86.07
C GLN DA 426 -7.33 -90.71 86.99
N MET EA 1 62.99 -64.50 29.20
CA MET EA 1 63.35 -64.96 30.55
C MET EA 1 63.83 -66.39 30.53
N ARG EA 2 63.43 -67.17 31.50
CA ARG EA 2 63.91 -68.53 31.77
C ARG EA 2 63.06 -69.56 31.04
N GLU EA 3 63.73 -70.53 30.47
CA GLU EA 3 63.06 -71.67 29.81
C GLU EA 3 63.70 -72.96 30.36
N ILE EA 4 62.89 -74.00 30.45
CA ILE EA 4 63.32 -75.34 30.72
C ILE EA 4 63.14 -76.18 29.46
N VAL EA 5 64.25 -76.81 29.04
CA VAL EA 5 64.18 -77.72 27.92
C VAL EA 5 63.94 -79.13 28.44
N HIS EA 6 62.88 -79.77 27.90
CA HIS EA 6 62.50 -81.08 28.35
C HIS EA 6 63.00 -82.12 27.35
N VAL EA 7 63.64 -83.16 27.87
CA VAL EA 7 64.20 -84.23 27.05
C VAL EA 7 63.66 -85.54 27.60
N GLN EA 8 63.09 -86.33 26.70
CA GLN EA 8 62.46 -87.59 27.06
C GLN EA 8 63.21 -88.71 26.36
N GLY EA 9 63.74 -89.65 27.14
CA GLY EA 9 64.46 -90.76 26.58
C GLY EA 9 63.87 -92.10 27.04
N GLY EA 10 63.84 -93.03 26.09
CA GLY EA 10 63.35 -94.37 26.33
C GLY EA 10 61.82 -94.44 26.17
N GLN EA 11 61.34 -95.71 26.25
CA GLN EA 11 59.91 -95.95 26.25
C GLN EA 11 59.30 -95.44 27.56
N CYS EA 12 60.00 -95.62 28.68
CA CYS EA 12 59.52 -95.07 29.94
C CYS EA 12 59.40 -93.57 29.94
N GLY EA 13 60.42 -92.92 29.43
CA GLY EA 13 60.53 -91.45 29.43
C GLY EA 13 59.44 -90.84 28.52
N ASN EA 14 59.13 -91.51 27.41
CA ASN EA 14 58.12 -91.00 26.52
C ASN EA 14 56.71 -91.09 27.13
N GLN EA 15 56.44 -92.20 27.81
CA GLN EA 15 55.13 -92.42 28.38
C GLN EA 15 54.93 -91.63 29.68
N ILE EA 16 56.01 -91.37 30.41
CA ILE EA 16 55.93 -90.51 31.59
C ILE EA 16 55.85 -89.05 31.16
N GLY EA 17 56.53 -88.74 30.06
CA GLY EA 17 56.59 -87.37 29.60
C GLY EA 17 55.35 -86.96 28.82
N ALA EA 18 54.64 -87.96 28.23
CA ALA EA 18 53.40 -87.65 27.53
C ALA EA 18 52.34 -87.17 28.51
N LYS EA 19 52.36 -87.71 29.74
CA LYS EA 19 51.39 -87.30 30.73
C LYS EA 19 51.85 -86.02 31.43
N PHE EA 20 53.16 -85.74 31.38
CA PHE EA 20 53.63 -84.48 31.93
C PHE EA 20 53.10 -83.31 31.09
N TRP EA 21 53.11 -83.47 29.77
CA TRP EA 21 52.62 -82.43 28.90
C TRP EA 21 51.11 -82.32 28.90
N GLU EA 22 50.46 -83.38 29.39
CA GLU EA 22 49.01 -83.36 29.55
C GLU EA 22 48.64 -82.48 30.74
N VAL EA 23 49.43 -82.55 31.80
CA VAL EA 23 49.06 -81.87 33.02
C VAL EA 23 49.49 -80.40 32.95
N ILE EA 24 50.58 -80.10 32.23
CA ILE EA 24 51.02 -78.71 32.14
C ILE EA 24 50.14 -77.95 31.17
N SER EA 25 49.71 -78.62 30.09
CA SER EA 25 48.79 -77.99 29.13
C SER EA 25 47.44 -77.75 29.79
N ASP EA 26 46.99 -78.63 30.67
CA ASP EA 26 45.74 -78.46 31.37
C ASP EA 26 45.85 -77.33 32.41
N GLU EA 27 47.02 -77.19 33.00
CA GLU EA 27 47.23 -76.16 34.00
C GLU EA 27 47.29 -74.77 33.37
N HIS EA 28 47.87 -74.70 32.16
CA HIS EA 28 47.94 -73.46 31.43
C HIS EA 28 46.78 -73.28 30.48
N GLY EA 29 45.89 -74.27 30.37
CA GLY EA 29 44.65 -74.13 29.60
C GLY EA 29 44.87 -74.21 28.09
N ILE EA 30 45.69 -75.15 27.64
CA ILE EA 30 46.03 -75.33 26.26
C ILE EA 30 45.23 -76.48 25.71
N ASP EA 31 44.49 -76.18 24.62
CA ASP EA 31 43.74 -77.19 23.87
C ASP EA 31 44.78 -78.11 23.22
N PRO EA 32 44.49 -79.42 23.07
CA PRO EA 32 45.32 -80.30 22.25
C PRO EA 32 45.54 -79.84 20.82
N THR EA 33 44.71 -78.94 20.31
CA THR EA 33 44.94 -78.30 19.03
C THR EA 33 46.09 -77.29 19.07
N GLY EA 34 46.42 -76.80 20.29
CA GLY EA 34 47.52 -75.87 20.51
C GLY EA 34 47.07 -74.46 20.82
N THR EA 35 45.74 -74.23 20.83
CA THR EA 35 45.25 -72.90 21.11
C THR EA 35 45.14 -72.70 22.62
N TYR EA 36 44.82 -71.48 23.03
CA TYR EA 36 44.55 -71.20 24.42
C TYR EA 36 43.07 -70.94 24.64
N CYS EA 37 42.55 -71.41 25.77
CA CYS EA 37 41.23 -71.02 26.23
C CYS EA 37 41.29 -70.84 27.75
N GLY EA 38 40.59 -69.83 28.27
CA GLY EA 38 40.48 -69.72 29.70
C GLY EA 38 40.61 -68.27 30.25
N ASP EA 39 40.81 -67.31 29.36
CA ASP EA 39 40.75 -65.87 29.58
C ASP EA 39 41.26 -65.35 30.93
N SER EA 40 42.47 -65.75 31.30
CA SER EA 40 43.13 -65.28 32.52
C SER EA 40 44.59 -65.03 32.23
N ASP EA 41 45.12 -63.92 32.76
CA ASP EA 41 46.47 -63.45 32.55
C ASP EA 41 47.50 -64.37 33.21
N LEU EA 42 47.16 -65.00 34.34
CA LEU EA 42 48.14 -65.67 35.17
C LEU EA 42 48.71 -66.91 34.49
N GLN EA 43 48.00 -67.51 33.54
CA GLN EA 43 48.58 -68.64 32.84
C GLN EA 43 49.64 -68.19 31.83
N LEU EA 44 49.35 -67.07 31.16
CA LEU EA 44 50.08 -66.72 29.92
C LEU EA 44 51.20 -65.70 30.17
N GLU EA 45 51.26 -65.17 31.39
CA GLU EA 45 52.29 -64.22 31.78
C GLU EA 45 53.67 -64.91 31.80
N ARG EA 46 53.70 -66.17 32.22
CA ARG EA 46 54.92 -66.93 32.25
C ARG EA 46 54.62 -68.22 31.54
N ILE EA 47 54.69 -68.16 30.20
CA ILE EA 47 54.39 -69.35 29.39
C ILE EA 47 55.64 -69.79 28.63
N ASN EA 48 56.63 -68.87 28.51
CA ASN EA 48 57.84 -69.20 27.79
C ASN EA 48 58.73 -70.16 28.56
N VAL EA 49 58.36 -70.51 29.84
CA VAL EA 49 59.15 -71.47 30.55
C VAL EA 49 59.05 -72.86 29.93
N PHE EA 50 57.90 -73.15 29.30
CA PHE EA 50 57.76 -74.46 28.67
C PHE EA 50 57.32 -74.42 27.21
N TYR EA 51 56.83 -73.27 26.75
CA TYR EA 51 56.22 -73.21 25.43
C TYR EA 51 56.88 -72.16 24.55
N ASN EA 52 56.64 -72.31 23.26
CA ASN EA 52 57.17 -71.39 22.26
C ASN EA 52 56.03 -70.93 21.37
N GLU EA 53 55.97 -69.61 21.15
CA GLU EA 53 55.00 -69.01 20.25
C GLU EA 53 55.33 -69.42 18.82
N ALA EA 54 54.28 -69.58 18.00
CA ALA EA 54 54.40 -69.93 16.61
C ALA EA 54 53.77 -68.88 15.68
N THR EA 55 53.49 -67.66 16.21
CA THR EA 55 52.95 -66.53 15.45
C THR EA 55 51.70 -66.85 14.60
N GLY EA 56 51.07 -67.97 14.95
CA GLY EA 56 49.75 -68.34 14.49
C GLY EA 56 48.88 -68.53 15.70
N GLY EA 57 49.42 -68.15 16.84
CA GLY EA 57 48.76 -68.18 18.12
C GLY EA 57 49.08 -69.48 18.87
N ARG EA 58 49.64 -70.50 18.21
CA ARG EA 58 49.71 -71.80 18.88
C ARG EA 58 51.00 -71.91 19.68
N PHE EA 59 50.95 -72.78 20.68
CA PHE EA 59 52.10 -72.99 21.54
C PHE EA 59 52.63 -74.39 21.29
N VAL EA 60 53.93 -74.49 21.02
CA VAL EA 60 54.58 -75.78 20.88
C VAL EA 60 55.50 -76.00 22.07
N PRO EA 61 55.51 -77.23 22.65
CA PRO EA 61 56.39 -77.49 23.80
C PRO EA 61 57.86 -77.52 23.36
N ARG EA 62 58.67 -77.16 24.33
CA ARG EA 62 60.12 -77.19 24.27
C ARG EA 62 60.63 -78.60 24.58
N ALA EA 63 60.15 -79.60 23.85
CA ALA EA 63 60.38 -81.00 24.21
C ALA EA 63 61.14 -81.72 23.12
N ILE EA 64 62.07 -82.58 23.51
CA ILE EA 64 62.84 -83.41 22.59
C ILE EA 64 62.52 -84.84 22.91
N LEU EA 65 61.81 -85.55 22.01
CA LEU EA 65 61.54 -86.95 22.12
C LEU EA 65 62.67 -87.79 21.51
N MET EA 66 63.12 -88.77 22.26
CA MET EA 66 64.29 -89.56 21.80
C MET EA 66 64.07 -91.00 22.18
N ASP EA 67 64.23 -91.91 21.25
CA ASP EA 67 64.15 -93.36 21.48
C ASP EA 67 64.83 -94.05 20.30
N LEU EA 68 65.20 -95.30 20.51
CA LEU EA 68 65.95 -96.06 19.52
C LEU EA 68 65.04 -97.06 18.81
N GLU EA 69 63.75 -97.08 19.11
CA GLU EA 69 62.83 -97.96 18.37
C GLU EA 69 61.62 -97.14 18.02
N PRO EA 70 61.07 -97.26 16.80
CA PRO EA 70 60.06 -96.30 16.35
C PRO EA 70 58.64 -96.53 16.88
N GLY EA 71 58.44 -97.61 17.67
CA GLY EA 71 57.12 -97.99 18.13
C GLY EA 71 56.55 -97.01 19.15
N THR EA 72 57.36 -96.62 20.14
CA THR EA 72 56.83 -96.03 21.33
C THR EA 72 56.47 -94.54 21.09
N MET EA 73 57.17 -93.90 20.13
CA MET EA 73 56.79 -92.52 19.92
C MET EA 73 55.70 -92.43 18.89
N ASP EA 74 55.37 -93.50 18.16
CA ASP EA 74 54.12 -93.55 17.39
C ASP EA 74 52.94 -93.53 18.37
N SER EA 75 53.11 -94.19 19.53
CA SER EA 75 52.02 -94.28 20.49
C SER EA 75 51.71 -92.92 21.12
N VAL EA 76 52.78 -92.14 21.37
CA VAL EA 76 52.60 -90.84 22.00
C VAL EA 76 51.98 -89.87 21.01
N ARG EA 77 52.38 -89.94 19.74
CA ARG EA 77 51.83 -89.07 18.71
C ARG EA 77 50.36 -89.35 18.46
N ALA EA 78 49.98 -90.62 18.46
CA ALA EA 78 48.61 -91.03 18.11
C ALA EA 78 47.61 -90.72 19.22
N GLY EA 79 48.09 -90.61 20.46
CA GLY EA 79 47.25 -90.41 21.61
C GLY EA 79 46.79 -88.96 21.71
N PRO EA 80 46.01 -88.65 22.76
CA PRO EA 80 45.60 -87.27 22.99
C PRO EA 80 46.80 -86.44 23.42
N PHE EA 81 46.73 -85.14 23.10
CA PHE EA 81 47.82 -84.21 23.33
C PHE EA 81 49.09 -84.65 22.63
N GLY EA 82 48.96 -85.35 21.50
CA GLY EA 82 50.11 -85.85 20.78
C GLY EA 82 50.40 -84.97 19.56
N GLN EA 83 49.42 -84.17 19.14
CA GLN EA 83 49.61 -83.25 18.05
C GLN EA 83 50.25 -81.95 18.54
N LEU EA 84 50.51 -81.85 19.84
CA LEU EA 84 51.09 -80.64 20.40
C LEU EA 84 52.56 -80.50 20.01
N PHE EA 85 53.26 -81.62 20.01
CA PHE EA 85 54.71 -81.63 19.82
C PHE EA 85 55.06 -81.36 18.36
N ARG EA 86 56.23 -80.74 18.18
CA ARG EA 86 56.76 -80.51 16.86
C ARG EA 86 57.27 -81.82 16.25
N PRO EA 87 56.91 -82.15 15.01
CA PRO EA 87 57.33 -83.42 14.42
C PRO EA 87 58.83 -83.57 14.21
N ASP EA 88 59.53 -82.44 14.02
CA ASP EA 88 60.97 -82.47 13.88
C ASP EA 88 61.66 -82.76 15.19
N ASN EA 89 61.00 -82.50 16.32
CA ASN EA 89 61.59 -82.76 17.62
C ASN EA 89 61.65 -84.24 17.96
N PHE EA 90 60.87 -85.07 17.27
CA PHE EA 90 61.02 -86.51 17.41
C PHE EA 90 62.31 -86.98 16.72
N VAL EA 91 63.11 -87.78 17.41
CA VAL EA 91 64.24 -88.43 16.77
C VAL EA 91 64.08 -89.95 16.88
N PHE EA 92 64.25 -90.63 15.74
CA PHE EA 92 63.95 -92.05 15.67
C PHE EA 92 65.24 -92.89 15.64
N GLY EA 93 65.07 -94.11 16.16
CA GLY EA 93 66.08 -95.11 15.85
C GLY EA 93 65.40 -96.29 15.20
N GLN EA 94 66.20 -97.08 14.47
CA GLN EA 94 65.58 -98.21 13.79
C GLN EA 94 66.00 -99.54 14.40
N THR EA 95 67.18 -99.63 15.04
CA THR EA 95 67.67 -100.91 15.50
C THR EA 95 67.12 -101.27 16.87
N GLY EA 96 67.31 -100.36 17.84
CA GLY EA 96 66.87 -100.59 19.21
C GLY EA 96 67.95 -101.24 20.06
N ALA EA 97 68.22 -100.62 21.21
CA ALA EA 97 69.11 -101.20 22.21
C ALA EA 97 68.29 -102.20 23.02
N GLY EA 98 68.61 -103.49 22.85
CA GLY EA 98 67.82 -104.53 23.48
C GLY EA 98 68.13 -104.68 24.96
N ASN EA 99 67.79 -103.68 25.76
CA ASN EA 99 68.05 -103.63 27.19
C ASN EA 99 69.54 -103.81 27.49
N ASN EA 100 70.40 -103.35 26.58
CA ASN EA 100 71.83 -103.47 26.70
C ASN EA 100 72.37 -102.03 26.82
N TRP EA 101 73.00 -101.77 27.96
CA TRP EA 101 73.52 -100.45 28.25
C TRP EA 101 74.69 -100.11 27.32
N ALA EA 102 75.49 -101.14 26.98
CA ALA EA 102 76.70 -100.88 26.21
C ALA EA 102 76.31 -100.44 24.79
N LYS EA 103 75.32 -101.17 24.16
CA LYS EA 103 74.98 -100.76 22.84
C LYS EA 103 74.08 -99.54 22.82
N GLY EA 104 73.47 -99.20 23.95
CA GLY EA 104 72.77 -97.91 24.08
C GLY EA 104 73.72 -96.76 24.19
N HIS EA 105 74.85 -96.96 24.82
CA HIS EA 105 75.77 -95.86 25.10
C HIS EA 105 76.87 -95.77 24.03
N TYR EA 106 77.39 -96.91 23.56
CA TYR EA 106 78.55 -96.88 22.71
C TYR EA 106 78.19 -97.08 21.24
N THR EA 107 77.38 -98.09 20.90
CA THR EA 107 77.32 -98.41 19.49
C THR EA 107 76.13 -97.76 18.76
N GLU EA 108 74.92 -98.01 19.29
CA GLU EA 108 73.73 -97.52 18.65
C GLU EA 108 73.37 -96.11 19.13
N GLY EA 109 73.94 -95.64 20.22
CA GLY EA 109 73.77 -94.29 20.67
C GLY EA 109 74.55 -93.29 19.83
N ALA EA 110 75.70 -93.73 19.33
CA ALA EA 110 76.70 -92.85 18.75
C ALA EA 110 76.21 -92.25 17.43
N GLU EA 111 75.43 -93.05 16.66
CA GLU EA 111 75.06 -92.49 15.35
C GLU EA 111 73.78 -91.70 15.49
N LEU EA 112 73.07 -91.76 16.65
CA LEU EA 112 71.90 -90.91 16.79
C LEU EA 112 72.16 -89.65 17.63
N ILE EA 113 73.22 -89.65 18.40
CA ILE EA 113 73.55 -88.53 19.27
C ILE EA 113 73.88 -87.28 18.47
N ASP EA 114 74.47 -87.43 17.32
CA ASP EA 114 74.78 -86.33 16.44
C ASP EA 114 73.50 -85.63 15.97
N SER EA 115 72.43 -86.40 15.79
CA SER EA 115 71.16 -85.83 15.35
C SER EA 115 70.44 -85.15 16.52
N VAL EA 116 70.42 -85.80 17.67
CA VAL EA 116 69.60 -85.32 18.77
C VAL EA 116 70.28 -84.15 19.46
N LEU EA 117 71.60 -84.09 19.46
CA LEU EA 117 72.29 -82.94 20.01
C LEU EA 117 72.14 -81.71 19.12
N ASP EA 118 71.89 -81.93 17.83
CA ASP EA 118 71.61 -80.85 16.91
C ASP EA 118 70.27 -80.21 17.27
N VAL EA 119 69.28 -81.03 17.62
CA VAL EA 119 67.96 -80.53 17.91
C VAL EA 119 67.94 -79.80 19.25
N VAL EA 120 68.75 -80.26 20.21
CA VAL EA 120 68.79 -79.65 21.52
C VAL EA 120 69.48 -78.28 21.42
N ARG EA 121 70.51 -78.19 20.57
CA ARG EA 121 71.20 -76.93 20.42
C ARG EA 121 70.34 -75.93 19.68
N LYS EA 122 69.49 -76.41 18.74
CA LYS EA 122 68.61 -75.50 18.02
C LYS EA 122 67.60 -74.88 19.00
N GLU EA 123 67.07 -75.69 19.84
CA GLU EA 123 65.89 -75.32 20.64
C GLU EA 123 66.31 -74.53 21.88
N ALA EA 124 67.40 -74.95 22.48
CA ALA EA 124 67.85 -74.38 23.78
C ALA EA 124 68.45 -73.00 23.57
N GLU EA 125 69.30 -72.87 22.54
CA GLU EA 125 70.02 -71.66 22.26
C GLU EA 125 69.13 -70.60 21.59
N GLY EA 126 68.01 -71.04 21.06
CA GLY EA 126 67.09 -70.19 20.31
C GLY EA 126 66.35 -69.17 21.12
N CYS EA 127 66.38 -69.21 22.45
CA CYS EA 127 65.79 -68.20 23.28
C CYS EA 127 66.81 -67.11 23.61
N ASP EA 128 66.43 -66.21 24.53
CA ASP EA 128 67.32 -65.30 25.20
C ASP EA 128 68.31 -66.10 26.07
N CYS EA 129 67.80 -66.79 27.10
CA CYS EA 129 68.64 -67.20 28.24
C CYS EA 129 68.07 -68.42 28.89
N LEU EA 130 68.84 -69.51 28.95
CA LEU EA 130 68.27 -70.78 29.40
C LEU EA 130 68.36 -70.90 30.92
N GLN EA 131 67.41 -71.59 31.49
CA GLN EA 131 67.42 -71.89 32.93
C GLN EA 131 68.02 -73.25 33.18
N GLY EA 132 67.64 -74.26 32.42
CA GLY EA 132 68.34 -75.55 32.49
C GLY EA 132 67.53 -76.61 31.73
N PHE EA 133 67.82 -77.88 32.03
CA PHE EA 133 67.28 -79.01 31.37
C PHE EA 133 66.59 -79.90 32.37
N GLN EA 134 65.58 -80.64 31.91
CA GLN EA 134 65.03 -81.74 32.67
C GLN EA 134 64.91 -82.97 31.78
N ILE EA 135 65.29 -84.11 32.35
CA ILE EA 135 65.36 -85.37 31.62
C ILE EA 135 64.51 -86.41 32.35
N THR EA 136 63.62 -87.08 31.60
CA THR EA 136 62.84 -88.17 32.12
C THR EA 136 63.24 -89.46 31.43
N HIS EA 137 63.63 -90.45 32.20
CA HIS EA 137 64.16 -91.71 31.67
C HIS EA 137 64.14 -92.76 32.75
N SER EA 138 64.47 -93.98 32.33
CA SER EA 138 64.51 -95.13 33.22
C SER EA 138 65.96 -95.64 33.23
N LEU EA 139 66.39 -96.13 34.42
CA LEU EA 139 67.73 -96.63 34.58
C LEU EA 139 67.81 -98.14 34.55
N GLY EA 140 66.76 -98.81 34.09
CA GLY EA 140 66.73 -100.23 33.92
C GLY EA 140 66.71 -100.63 32.48
N GLY EA 141 66.34 -99.70 31.55
CA GLY EA 141 66.25 -100.06 30.14
C GLY EA 141 67.59 -99.87 29.42
N GLY EA 142 67.55 -99.95 28.10
CA GLY EA 142 68.68 -99.77 27.24
C GLY EA 142 68.82 -98.33 26.73
N THR EA 143 67.76 -97.83 26.10
CA THR EA 143 67.83 -96.54 25.46
C THR EA 143 67.58 -95.40 26.43
N GLY EA 144 66.93 -95.68 27.54
CA GLY EA 144 66.69 -94.66 28.57
C GLY EA 144 67.95 -94.46 29.44
N SER EA 145 68.66 -95.55 29.69
CA SER EA 145 69.74 -95.60 30.63
C SER EA 145 71.08 -95.43 29.90
N GLY EA 146 71.19 -95.95 28.68
CA GLY EA 146 72.45 -95.96 27.98
C GLY EA 146 72.60 -94.69 27.16
N MET EA 147 71.68 -94.51 26.24
CA MET EA 147 71.75 -93.42 25.28
C MET EA 147 71.29 -92.11 25.95
N GLY EA 148 70.40 -92.23 26.95
CA GLY EA 148 69.91 -91.09 27.67
C GLY EA 148 70.99 -90.45 28.52
N THR EA 149 71.81 -91.27 29.12
CA THR EA 149 72.87 -90.76 29.99
C THR EA 149 74.04 -90.26 29.16
N LEU EA 150 74.17 -90.73 27.92
CA LEU EA 150 75.20 -90.20 27.03
C LEU EA 150 74.86 -88.78 26.65
N LEU EA 151 73.55 -88.50 26.45
CA LEU EA 151 73.13 -87.14 26.14
C LEU EA 151 73.42 -86.23 27.35
N ILE EA 152 73.23 -86.75 28.56
CA ILE EA 152 73.49 -86.00 29.76
C ILE EA 152 74.95 -85.62 29.84
N SER EA 153 75.84 -86.53 29.47
CA SER EA 153 77.27 -86.27 29.50
C SER EA 153 77.67 -85.23 28.46
N LYS EA 154 77.06 -85.30 27.27
CA LYS EA 154 77.42 -84.37 26.22
C LYS EA 154 76.89 -82.94 26.47
N VAL EA 155 75.69 -82.84 27.01
CA VAL EA 155 75.08 -81.53 27.18
C VAL EA 155 75.64 -80.85 28.43
N ARG EA 156 76.17 -81.62 29.39
CA ARG EA 156 76.81 -81.02 30.54
C ARG EA 156 78.16 -80.41 30.15
N GLU EA 157 78.84 -81.01 29.19
CA GLU EA 157 80.12 -80.49 28.73
C GLU EA 157 79.92 -79.24 27.89
N GLU EA 158 78.75 -79.10 27.24
CA GLU EA 158 78.50 -77.93 26.42
C GLU EA 158 77.97 -76.77 27.28
N TYR EA 159 77.10 -77.08 28.24
CA TYR EA 159 76.52 -76.11 29.12
C TYR EA 159 76.84 -76.45 30.56
N PRO EA 160 78.01 -76.02 31.08
CA PRO EA 160 78.42 -76.44 32.41
C PRO EA 160 77.72 -75.75 33.57
N ASP EA 161 77.24 -74.51 33.34
CA ASP EA 161 76.72 -73.73 34.47
C ASP EA 161 75.19 -73.78 34.54
N ARG EA 162 74.53 -74.47 33.63
CA ARG EA 162 73.08 -74.57 33.67
C ARG EA 162 72.67 -75.76 34.53
N ILE EA 163 71.48 -75.66 35.11
CA ILE EA 163 70.98 -76.71 35.96
C ILE EA 163 70.53 -77.91 35.16
N MET EA 164 70.60 -79.09 35.80
CA MET EA 164 70.40 -80.32 35.06
C MET EA 164 69.76 -81.30 36.04
N GLU EA 165 68.42 -81.42 35.95
CA GLU EA 165 67.69 -82.28 36.84
C GLU EA 165 67.07 -83.44 36.06
N THR EA 166 66.98 -84.59 36.73
CA THR EA 166 66.52 -85.81 36.11
C THR EA 166 65.43 -86.40 37.01
N PHE EA 167 64.41 -86.95 36.34
CA PHE EA 167 63.43 -87.79 37.03
C PHE EA 167 63.70 -89.19 36.55
N SER EA 168 64.44 -89.96 37.36
CA SER EA 168 64.85 -91.30 36.93
C SER EA 168 64.15 -92.36 37.77
N VAL EA 169 63.55 -93.33 37.09
CA VAL EA 169 62.92 -94.44 37.76
C VAL EA 169 63.95 -95.55 37.83
N PHE EA 170 64.16 -96.08 39.04
CA PHE EA 170 65.19 -97.07 39.31
C PHE EA 170 64.63 -98.44 39.14
N PRO EA 171 65.44 -99.51 39.21
CA PRO EA 171 64.93 -100.86 39.42
C PRO EA 171 64.01 -100.94 40.64
N SER EA 172 63.00 -101.79 40.47
CA SER EA 172 62.10 -102.17 41.55
C SER EA 172 62.83 -103.10 42.52
N PRO EA 173 62.50 -103.05 43.82
CA PRO EA 173 63.00 -104.05 44.75
C PRO EA 173 62.59 -105.50 44.52
N LYS EA 174 61.28 -105.74 44.43
CA LYS EA 174 60.80 -107.10 44.58
C LYS EA 174 60.81 -107.84 43.25
N VAL EA 175 60.04 -107.32 42.27
CA VAL EA 175 60.01 -107.99 40.97
C VAL EA 175 60.81 -107.15 40.00
N SER EA 176 61.64 -107.87 39.21
CA SER EA 176 62.56 -107.16 38.33
C SER EA 176 62.43 -107.69 36.91
N ASP EA 177 61.71 -106.90 36.10
CA ASP EA 177 61.70 -107.16 34.67
C ASP EA 177 62.99 -106.65 34.05
N THR EA 178 63.29 -107.11 32.86
CA THR EA 178 64.56 -106.87 32.15
C THR EA 178 65.73 -107.31 33.03
N VAL EA 179 65.95 -108.63 33.05
CA VAL EA 179 66.81 -109.38 33.96
C VAL EA 179 68.18 -108.74 34.16
N VAL EA 180 68.70 -108.03 33.16
CA VAL EA 180 69.89 -107.24 33.38
C VAL EA 180 69.46 -105.84 33.84
N GLU EA 181 68.96 -105.79 35.07
CA GLU EA 181 68.72 -104.54 35.76
C GLU EA 181 69.99 -104.01 36.44
N PRO EA 182 70.72 -104.78 37.27
CA PRO EA 182 71.81 -104.16 38.03
C PRO EA 182 72.98 -103.73 37.18
N TYR EA 183 73.17 -104.37 36.02
CA TYR EA 183 74.21 -103.92 35.10
C TYR EA 183 73.84 -102.56 34.49
N ASN EA 184 72.57 -102.36 34.16
CA ASN EA 184 72.17 -101.09 33.58
C ASN EA 184 72.15 -100.00 34.63
N ALA EA 185 71.71 -100.33 35.84
CA ALA EA 185 71.56 -99.37 36.92
C ALA EA 185 72.90 -98.87 37.40
N THR EA 186 73.84 -99.79 37.67
CA THR EA 186 75.12 -99.41 38.27
C THR EA 186 75.95 -98.61 37.28
N LEU EA 187 75.89 -99.02 35.98
CA LEU EA 187 76.64 -98.29 34.97
C LEU EA 187 76.05 -96.91 34.70
N SER EA 188 74.76 -96.74 34.99
CA SER EA 188 74.13 -95.45 34.76
C SER EA 188 74.31 -94.52 35.93
N VAL EA 189 74.40 -95.05 37.15
CA VAL EA 189 74.52 -94.20 38.31
C VAL EA 189 75.88 -93.54 38.35
N HIS EA 190 76.96 -94.21 37.96
CA HIS EA 190 78.27 -93.56 38.11
C HIS EA 190 78.47 -92.48 37.07
N GLN EA 191 77.67 -92.51 36.00
CA GLN EA 191 77.66 -91.43 35.02
C GLN EA 191 76.66 -90.33 35.43
N LEU EA 192 75.69 -90.70 36.27
CA LEU EA 192 74.67 -89.77 36.68
C LEU EA 192 75.09 -89.04 37.96
N VAL EA 193 76.04 -89.60 38.70
CA VAL EA 193 76.53 -88.93 39.91
C VAL EA 193 77.52 -87.87 39.49
N GLU EA 194 78.17 -88.06 38.33
CA GLU EA 194 79.25 -87.11 37.98
C GLU EA 194 78.77 -86.04 37.01
N ASN EA 195 77.64 -86.28 36.32
CA ASN EA 195 77.32 -85.36 35.22
C ASN EA 195 75.87 -84.84 35.30
N ALA EA 196 75.26 -84.90 36.46
CA ALA EA 196 73.92 -84.51 36.75
C ALA EA 196 73.95 -83.76 38.07
N ASP EA 197 73.04 -82.77 38.22
CA ASP EA 197 73.05 -81.86 39.34
C ASP EA 197 71.98 -82.21 40.38
N GLU EA 198 70.81 -82.68 39.95
CA GLU EA 198 69.82 -83.17 40.89
C GLU EA 198 69.11 -84.39 40.29
N VAL EA 199 68.97 -85.41 41.10
CA VAL EA 199 68.35 -86.67 40.71
C VAL EA 199 67.22 -86.94 41.68
N GLN EA 200 66.02 -87.19 41.15
CA GLN EA 200 64.93 -87.64 41.97
C GLN EA 200 64.60 -89.09 41.62
N VAL EA 201 64.66 -89.94 42.65
CA VAL EA 201 64.51 -91.35 42.43
C VAL EA 201 63.07 -91.80 42.62
N ILE EA 202 62.57 -92.62 41.70
CA ILE EA 202 61.22 -93.13 41.72
C ILE EA 202 61.32 -94.65 41.57
N ASP EA 203 60.48 -95.37 42.35
CA ASP EA 203 60.36 -96.79 42.23
C ASP EA 203 58.92 -97.12 41.82
N ASN EA 204 58.79 -98.17 41.01
CA ASN EA 204 57.48 -98.59 40.56
C ASN EA 204 56.70 -99.25 41.70
N GLU EA 205 57.40 -99.98 42.56
CA GLU EA 205 56.74 -100.66 43.66
C GLU EA 205 56.31 -99.67 44.72
N ALA EA 206 56.98 -98.53 44.83
CA ALA EA 206 56.52 -97.47 45.72
C ALA EA 206 55.21 -96.88 45.18
N LEU EA 207 55.12 -96.73 43.85
CA LEU EA 207 53.95 -96.17 43.21
C LEU EA 207 52.76 -97.12 43.34
N TYR EA 208 53.04 -98.43 43.26
CA TYR EA 208 51.99 -99.44 43.44
C TYR EA 208 51.49 -99.42 44.87
N ASP EA 209 52.38 -99.19 45.82
CA ASP EA 209 52.01 -99.14 47.23
C ASP EA 209 51.11 -97.94 47.51
N ILE EA 210 51.42 -96.81 46.85
CA ILE EA 210 50.62 -95.60 47.03
C ILE EA 210 49.22 -95.85 46.47
N CYS EA 211 49.13 -96.46 45.29
CA CYS EA 211 47.84 -96.64 44.65
C CYS EA 211 46.96 -97.69 45.35
N PHE EA 212 47.61 -98.60 46.12
CA PHE EA 212 46.84 -99.63 46.79
C PHE EA 212 46.38 -99.19 48.15
N ARG EA 213 47.26 -98.57 48.94
CA ARG EA 213 46.97 -98.27 50.31
C ARG EA 213 46.29 -96.92 50.49
N THR EA 214 46.59 -95.95 49.63
CA THR EA 214 46.02 -94.62 49.80
C THR EA 214 44.96 -94.39 48.73
N LEU EA 215 45.32 -94.53 47.46
CA LEU EA 215 44.43 -94.13 46.39
C LEU EA 215 43.32 -95.12 46.13
N LYS EA 216 43.52 -96.35 46.54
CA LYS EA 216 42.46 -97.39 46.51
C LYS EA 216 41.92 -97.60 45.08
N LEU EA 217 42.86 -97.57 44.11
CA LEU EA 217 42.53 -98.02 42.77
C LEU EA 217 42.63 -99.53 42.72
N THR EA 218 41.66 -100.17 42.10
CA THR EA 218 41.64 -101.62 41.96
C THR EA 218 42.60 -102.09 40.86
N THR EA 219 42.61 -101.35 39.76
CA THR EA 219 43.42 -101.66 38.60
C THR EA 219 44.25 -100.45 38.20
N PRO EA 220 45.38 -100.18 38.88
CA PRO EA 220 46.21 -99.04 38.47
C PRO EA 220 47.09 -99.33 37.27
N THR EA 221 46.83 -98.68 36.15
CA THR EA 221 47.57 -98.89 34.93
C THR EA 221 48.72 -97.91 34.90
N TYR EA 222 49.57 -97.99 33.86
CA TYR EA 222 50.67 -97.06 33.73
C TYR EA 222 50.22 -95.64 33.44
N GLY EA 223 48.97 -95.48 32.97
CA GLY EA 223 48.42 -94.14 32.86
C GLY EA 223 48.28 -93.44 34.21
N ASP EA 224 47.87 -94.19 35.21
CA ASP EA 224 47.61 -93.65 36.53
C ASP EA 224 48.91 -93.47 37.30
N LEU EA 225 49.90 -94.35 37.08
CA LEU EA 225 51.18 -94.21 37.73
C LEU EA 225 51.92 -92.97 37.22
N ASN EA 226 51.86 -92.76 35.90
CA ASN EA 226 52.51 -91.62 35.27
C ASN EA 226 51.84 -90.31 35.66
N HIS EA 227 50.55 -90.38 35.99
CA HIS EA 227 49.82 -89.20 36.39
C HIS EA 227 50.30 -88.71 37.75
N LEU EA 228 50.69 -89.66 38.61
CA LEU EA 228 51.18 -89.31 39.93
C LEU EA 228 52.57 -88.69 39.85
N VAL EA 229 53.42 -89.22 38.97
CA VAL EA 229 54.76 -88.69 38.81
C VAL EA 229 54.69 -87.31 38.16
N SER EA 230 53.73 -87.13 37.23
CA SER EA 230 53.57 -85.85 36.57
C SER EA 230 53.08 -84.77 37.54
N ALA EA 231 52.31 -85.18 38.57
CA ALA EA 231 51.84 -84.24 39.58
C ALA EA 231 53.01 -83.67 40.38
N ALA EA 232 53.98 -84.53 40.69
CA ALA EA 232 55.16 -84.11 41.42
C ALA EA 232 56.08 -83.28 40.53
N MET EA 233 56.09 -83.57 39.22
CA MET EA 233 56.94 -82.84 38.30
C MET EA 233 56.43 -81.40 38.13
N SER EA 234 55.10 -81.22 38.19
CA SER EA 234 54.54 -79.90 38.09
C SER EA 234 54.76 -79.10 39.38
N GLY EA 235 54.85 -79.79 40.52
CA GLY EA 235 54.97 -79.10 41.79
C GLY EA 235 56.36 -78.46 42.00
N VAL EA 236 57.37 -79.10 41.38
CA VAL EA 236 58.73 -78.63 41.64
C VAL EA 236 59.02 -77.39 40.79
N THR EA 237 58.24 -77.17 39.71
CA THR EA 237 58.43 -76.03 38.84
C THR EA 237 57.22 -75.09 38.91
N CYS EA 238 56.53 -75.05 40.05
CA CYS EA 238 55.42 -74.12 40.22
C CYS EA 238 55.88 -72.66 40.22
N CYS EA 239 57.02 -72.42 40.89
CA CYS EA 239 57.45 -71.05 41.12
C CYS EA 239 57.96 -70.38 39.84
N LEU EA 240 58.42 -71.21 38.91
CA LEU EA 240 58.87 -70.74 37.61
C LEU EA 240 57.69 -70.16 36.83
N ARG EA 241 56.49 -70.71 37.00
CA ARG EA 241 55.39 -70.40 36.14
C ARG EA 241 54.36 -69.49 36.77
N PHE EA 242 54.33 -69.41 38.08
CA PHE EA 242 53.27 -68.67 38.78
C PHE EA 242 53.96 -67.89 39.90
N PRO EA 243 53.38 -66.72 40.28
CA PRO EA 243 53.91 -65.97 41.42
C PRO EA 243 53.59 -66.64 42.75
N GLY EA 244 54.21 -66.12 43.80
CA GLY EA 244 54.01 -66.70 45.12
C GLY EA 244 54.39 -65.68 46.20
N GLN EA 245 54.10 -66.07 47.45
CA GLN EA 245 54.55 -65.36 48.62
C GLN EA 245 56.06 -65.58 48.83
N LEU EA 246 56.50 -66.82 48.63
CA LEU EA 246 57.91 -67.12 48.84
C LEU EA 246 58.42 -67.91 47.65
N ASN EA 247 59.17 -67.26 46.77
CA ASN EA 247 59.56 -67.87 45.50
C ASN EA 247 60.75 -68.82 45.66
N SER EA 248 60.76 -69.84 44.78
CA SER EA 248 61.82 -70.83 44.83
C SER EA 248 62.01 -71.46 43.48
N ASP EA 249 63.11 -71.19 42.78
CA ASP EA 249 63.42 -71.78 41.50
C ASP EA 249 64.15 -73.11 41.75
N LEU EA 250 64.60 -73.77 40.67
CA LEU EA 250 65.24 -75.06 40.80
C LEU EA 250 66.61 -74.93 41.45
N ARG EA 251 67.33 -73.85 41.14
CA ARG EA 251 68.65 -73.66 41.69
C ARG EA 251 68.57 -73.25 43.16
N LYS EA 252 67.47 -72.60 43.54
CA LYS EA 252 67.22 -72.30 44.94
C LYS EA 252 67.04 -73.58 45.72
N LEU EA 253 66.40 -74.58 45.13
CA LEU EA 253 66.20 -75.88 45.77
C LEU EA 253 67.55 -76.63 45.88
N ALA EA 254 68.41 -76.45 44.87
CA ALA EA 254 69.67 -77.19 44.82
C ALA EA 254 70.65 -76.71 45.89
N VAL EA 255 70.71 -75.40 46.12
CA VAL EA 255 71.66 -74.85 47.05
C VAL EA 255 71.24 -75.16 48.49
N ASN EA 256 69.96 -75.46 48.71
CA ASN EA 256 69.55 -75.83 50.05
C ASN EA 256 69.57 -77.32 50.34
N LEU EA 257 69.42 -78.16 49.32
CA LEU EA 257 69.29 -79.59 49.56
C LEU EA 257 70.61 -80.36 49.41
N ILE EA 258 71.63 -79.74 48.80
CA ILE EA 258 72.85 -80.49 48.52
C ILE EA 258 73.93 -79.89 49.40
N PRO EA 259 74.34 -80.59 50.47
CA PRO EA 259 75.42 -80.09 51.31
C PRO EA 259 76.80 -80.31 50.67
N PHE EA 260 76.97 -81.44 50.01
CA PHE EA 260 78.23 -81.86 49.41
C PHE EA 260 77.92 -82.34 48.00
N PRO EA 261 78.80 -82.06 47.01
CA PRO EA 261 78.42 -82.20 45.61
C PRO EA 261 78.14 -83.62 45.13
N ARG EA 262 78.60 -84.62 45.85
CA ARG EA 262 78.45 -86.00 45.40
C ARG EA 262 77.01 -86.51 45.67
N LEU EA 263 76.40 -86.00 46.74
CA LEU EA 263 75.15 -86.58 47.19
C LEU EA 263 73.99 -85.67 46.80
N HIS EA 264 73.27 -86.04 45.75
CA HIS EA 264 72.16 -85.24 45.28
C HIS EA 264 71.02 -86.14 44.81
N PHE EA 265 70.81 -87.28 45.48
CA PHE EA 265 69.71 -88.16 45.14
C PHE EA 265 68.60 -88.02 46.18
N PHE EA 266 67.40 -87.71 45.68
CA PHE EA 266 66.37 -87.09 46.50
C PHE EA 266 65.14 -88.01 46.42
N LEU EA 267 64.28 -87.91 47.46
CA LEU EA 267 63.04 -88.60 47.52
C LEU EA 267 61.93 -87.61 47.18
N ILE EA 268 60.88 -88.09 46.50
CA ILE EA 268 59.71 -87.30 46.22
C ILE EA 268 58.51 -87.83 47.02
N GLY EA 269 57.67 -86.86 47.40
CA GLY EA 269 56.31 -87.20 47.85
C GLY EA 269 55.33 -86.15 47.29
N PHE EA 270 54.06 -86.54 47.25
CA PHE EA 270 53.01 -85.60 46.90
C PHE EA 270 51.85 -85.77 47.86
N ALA EA 271 51.22 -84.66 48.23
CA ALA EA 271 50.08 -84.64 49.12
C ALA EA 271 49.19 -83.48 48.70
N PRO EA 272 47.85 -83.57 48.79
CA PRO EA 272 47.12 -84.71 49.35
C PRO EA 272 46.84 -85.82 48.34
N LEU EA 273 46.67 -87.05 48.87
CA LEU EA 273 46.29 -88.19 48.07
C LEU EA 273 45.22 -88.97 48.81
N THR EA 274 43.97 -88.76 48.44
CA THR EA 274 42.87 -89.56 48.92
C THR EA 274 42.08 -90.09 47.73
N SER EA 275 41.42 -91.23 47.97
CA SER EA 275 40.54 -91.89 47.04
C SER EA 275 39.29 -91.04 46.84
N ARG EA 276 38.50 -91.42 45.86
CA ARG EA 276 37.22 -90.80 45.54
C ARG EA 276 36.25 -90.87 46.69
N GLY EA 277 36.24 -91.97 47.41
CA GLY EA 277 35.42 -92.19 48.59
C GLY EA 277 35.72 -91.22 49.74
N SER EA 278 37.01 -91.02 49.98
CA SER EA 278 37.45 -90.23 51.14
C SER EA 278 37.78 -88.78 50.77
N GLN EA 279 37.39 -88.36 49.58
CA GLN EA 279 37.62 -87.00 49.13
C GLN EA 279 36.81 -85.99 49.94
N GLN EA 280 35.56 -86.36 50.20
CA GLN EA 280 34.64 -85.40 50.83
C GLN EA 280 34.73 -85.46 52.35
N TYR EA 281 35.47 -86.41 52.90
CA TYR EA 281 35.56 -86.59 54.35
C TYR EA 281 36.86 -86.00 54.93
N ARG EA 282 37.79 -85.57 54.07
CA ARG EA 282 39.10 -85.23 54.63
C ARG EA 282 39.30 -83.73 54.65
N ALA EA 283 39.71 -83.21 55.80
CA ALA EA 283 39.92 -81.78 56.02
C ALA EA 283 41.26 -81.31 55.46
N LEU EA 284 41.24 -80.49 54.41
CA LEU EA 284 42.44 -80.06 53.76
C LEU EA 284 42.99 -78.80 54.39
N SER EA 285 44.10 -78.89 55.08
CA SER EA 285 44.70 -77.78 55.81
C SER EA 285 46.19 -78.05 55.84
N VAL EA 286 46.96 -77.01 56.18
CA VAL EA 286 48.42 -77.09 56.16
C VAL EA 286 48.93 -78.13 57.17
N PRO EA 287 48.39 -78.27 58.41
CA PRO EA 287 48.82 -79.36 59.28
C PRO EA 287 48.54 -80.76 58.76
N GLU EA 288 47.46 -80.94 58.02
CA GLU EA 288 47.12 -82.22 57.43
C GLU EA 288 48.02 -82.56 56.24
N LEU EA 289 48.49 -81.54 55.54
CA LEU EA 289 49.36 -81.74 54.40
C LEU EA 289 50.71 -82.23 54.89
N THR EA 290 51.20 -81.65 55.97
CA THR EA 290 52.54 -81.94 56.44
C THR EA 290 52.59 -83.31 57.12
N GLN EA 291 51.46 -83.78 57.64
CA GLN EA 291 51.46 -85.10 58.26
C GLN EA 291 51.37 -86.16 57.20
N GLN EA 292 50.66 -85.91 56.09
CA GLN EA 292 50.63 -86.88 55.00
C GLN EA 292 51.98 -86.91 54.26
N MET EA 293 52.71 -85.80 54.29
CA MET EA 293 53.96 -85.69 53.57
C MET EA 293 55.06 -86.52 54.24
N PHE EA 294 55.09 -86.55 55.59
CA PHE EA 294 56.09 -87.29 56.31
C PHE EA 294 55.66 -88.73 56.62
N ASP EA 295 55.48 -89.48 55.55
CA ASP EA 295 54.97 -90.84 55.68
C ASP EA 295 55.72 -91.69 54.71
N ALA EA 296 56.18 -92.87 55.12
CA ALA EA 296 56.81 -93.80 54.17
C ALA EA 296 55.79 -94.29 53.14
N LYS EA 297 54.52 -94.32 53.51
CA LYS EA 297 53.44 -94.77 52.63
C LYS EA 297 53.12 -93.75 51.53
N ASN EA 298 53.63 -92.53 51.65
CA ASN EA 298 53.42 -91.49 50.65
C ASN EA 298 54.66 -91.24 49.81
N MET EA 299 55.79 -91.81 50.18
CA MET EA 299 57.02 -91.54 49.48
C MET EA 299 57.06 -92.34 48.17
N MET EA 300 57.61 -91.71 47.12
CA MET EA 300 57.69 -92.36 45.83
C MET EA 300 58.99 -93.15 45.68
N CYS EA 301 59.70 -93.38 46.79
CA CYS EA 301 60.81 -94.31 46.80
C CYS EA 301 60.48 -95.43 47.79
N ALA EA 302 60.78 -96.69 47.42
CA ALA EA 302 60.66 -97.83 48.27
C ALA EA 302 61.80 -97.94 49.28
N SER EA 303 62.14 -96.81 49.94
CA SER EA 303 63.06 -96.83 51.03
C SER EA 303 62.38 -96.17 52.20
N ASP EA 304 62.33 -96.88 53.33
CA ASP EA 304 61.74 -96.35 54.55
C ASP EA 304 62.65 -95.24 55.08
N PRO EA 305 62.17 -93.97 55.14
CA PRO EA 305 62.99 -92.90 55.70
C PRO EA 305 63.21 -92.95 57.20
N ARG EA 306 62.52 -93.78 57.90
CA ARG EA 306 62.65 -93.89 59.36
C ARG EA 306 63.90 -94.73 59.68
N HIS EA 307 64.49 -95.42 58.71
CA HIS EA 307 65.72 -96.16 58.96
C HIS EA 307 66.95 -95.29 58.91
N GLY EA 308 66.81 -94.04 58.43
CA GLY EA 308 67.90 -93.10 58.23
C GLY EA 308 67.54 -91.75 58.83
N ARG EA 309 68.23 -90.71 58.39
CA ARG EA 309 68.06 -89.35 58.87
C ARG EA 309 67.87 -88.50 57.61
N TYR EA 310 66.92 -87.57 57.65
CA TYR EA 310 66.86 -86.54 56.63
C TYR EA 310 68.03 -85.59 56.86
N LEU EA 311 68.94 -85.53 55.87
CA LEU EA 311 70.03 -84.58 55.93
C LEU EA 311 69.47 -83.17 55.71
N THR EA 312 68.68 -82.98 54.64
CA THR EA 312 67.98 -81.75 54.38
C THR EA 312 66.71 -82.08 53.63
N ALA EA 313 65.64 -81.29 53.84
CA ALA EA 313 64.38 -81.52 53.16
C ALA EA 313 63.79 -80.18 52.69
N SER EA 314 62.76 -80.23 51.90
CA SER EA 314 62.10 -79.10 51.32
C SER EA 314 60.63 -79.44 51.15
N ALA EA 315 59.76 -78.40 51.30
CA ALA EA 315 58.37 -78.53 50.97
C ALA EA 315 58.00 -77.35 50.07
N MET EA 316 57.58 -77.65 48.83
CA MET EA 316 57.02 -76.62 47.96
C MET EA 316 55.51 -76.67 48.03
N PHE EA 317 54.95 -75.77 48.79
CA PHE EA 317 53.50 -75.70 48.95
C PHE EA 317 52.89 -74.91 47.80
N ARG EA 318 51.64 -75.23 47.48
CA ARG EA 318 50.90 -74.51 46.49
C ARG EA 318 49.49 -74.19 46.98
N GLY EA 319 49.09 -72.92 46.83
CA GLY EA 319 47.74 -72.52 47.17
C GLY EA 319 47.73 -71.30 48.09
N ARG EA 320 46.51 -70.84 48.36
CA ARG EA 320 46.29 -69.68 49.20
C ARG EA 320 46.34 -70.08 50.67
N MET EA 321 47.46 -69.77 51.33
CA MET EA 321 47.67 -70.31 52.66
C MET EA 321 48.39 -69.30 53.51
N SER EA 322 48.37 -69.52 54.82
CA SER EA 322 49.07 -68.64 55.75
C SER EA 322 50.48 -69.15 55.95
N THR EA 323 51.42 -68.21 55.96
CA THR EA 323 52.83 -68.63 56.02
C THR EA 323 53.29 -68.95 57.44
N LYS EA 324 52.57 -68.49 58.44
CA LYS EA 324 52.92 -68.86 59.80
C LYS EA 324 52.58 -70.32 60.04
N GLU EA 325 51.43 -70.81 59.55
CA GLU EA 325 51.11 -72.20 59.62
C GLU EA 325 52.05 -73.06 58.79
N VAL EA 326 52.63 -72.48 57.75
CA VAL EA 326 53.69 -73.17 57.04
C VAL EA 326 54.94 -73.22 57.91
N ASP EA 327 55.20 -72.15 58.62
CA ASP EA 327 56.43 -72.03 59.38
C ASP EA 327 56.36 -72.74 60.72
N GLU EA 328 55.15 -72.83 61.33
CA GLU EA 328 55.02 -73.52 62.58
C GLU EA 328 55.10 -75.04 62.34
N GLN EA 329 54.54 -75.49 61.19
CA GLN EA 329 54.47 -76.92 61.01
C GLN EA 329 55.84 -77.51 60.67
N MET EA 330 56.66 -76.74 59.97
CA MET EA 330 58.01 -77.17 59.66
C MET EA 330 58.86 -77.14 60.93
N LEU EA 331 58.52 -76.27 61.89
CA LEU EA 331 59.14 -76.33 63.20
C LEU EA 331 58.64 -77.55 63.98
N ASN EA 332 57.34 -77.84 63.81
CA ASN EA 332 56.68 -78.90 64.59
C ASN EA 332 57.24 -80.25 64.23
N VAL EA 333 57.53 -80.45 62.95
CA VAL EA 333 58.02 -81.75 62.50
C VAL EA 333 59.45 -81.97 62.95
N GLN EA 334 60.24 -80.90 63.10
CA GLN EA 334 61.60 -81.06 63.54
C GLN EA 334 61.66 -81.35 65.03
N ASN EA 335 60.70 -80.83 65.79
CA ASN EA 335 60.70 -80.99 67.23
C ASN EA 335 60.22 -82.38 67.65
N LYS EA 336 59.18 -82.90 66.99
CA LYS EA 336 58.62 -84.18 67.38
C LYS EA 336 59.49 -85.33 66.88
N ASN EA 337 59.83 -85.30 65.60
CA ASN EA 337 60.72 -86.27 65.03
C ASN EA 337 62.17 -85.84 65.13
N SER EA 338 62.68 -85.80 66.33
CA SER EA 338 64.05 -85.42 66.60
C SER EA 338 65.06 -86.45 66.07
N SER EA 339 64.72 -87.74 66.09
CA SER EA 339 65.68 -88.76 65.70
C SER EA 339 65.83 -88.85 64.18
N TYR EA 340 64.88 -88.30 63.42
CA TYR EA 340 64.87 -88.42 61.97
C TYR EA 340 65.51 -87.25 61.30
N PHE EA 341 66.05 -86.32 62.08
CA PHE EA 341 66.80 -85.20 61.47
C PHE EA 341 68.23 -85.21 61.94
N VAL EA 342 69.10 -84.68 61.13
CA VAL EA 342 70.51 -84.57 61.45
C VAL EA 342 70.73 -83.36 62.34
N GLU EA 343 71.74 -83.42 63.20
CA GLU EA 343 71.91 -82.44 64.28
C GLU EA 343 72.74 -81.22 63.84
N TRP EA 344 73.75 -81.45 63.01
CA TRP EA 344 74.74 -80.42 62.74
C TRP EA 344 74.29 -79.45 61.64
N ILE EA 345 73.08 -79.62 61.10
CA ILE EA 345 72.41 -78.57 60.36
C ILE EA 345 71.17 -78.18 61.12
N PRO EA 346 71.09 -76.98 61.70
CA PRO EA 346 69.83 -76.51 62.28
C PRO EA 346 68.83 -76.13 61.19
N ASN EA 347 67.55 -76.37 61.47
CA ASN EA 347 66.45 -76.06 60.55
C ASN EA 347 66.73 -76.69 59.18
N ASN EA 348 66.57 -78.02 59.16
CA ASN EA 348 66.78 -78.85 57.99
C ASN EA 348 65.81 -78.63 56.83
N MET EA 349 64.77 -77.88 57.00
CA MET EA 349 63.69 -77.78 56.05
C MET EA 349 63.67 -76.40 55.42
N LYS EA 350 63.34 -76.35 54.12
CA LYS EA 350 63.06 -75.13 53.40
C LYS EA 350 61.61 -75.16 52.93
N SER EA 351 60.95 -73.98 53.07
CA SER EA 351 59.59 -73.82 52.66
C SER EA 351 59.45 -72.79 51.53
N SER EA 352 58.47 -73.06 50.67
CA SER EA 352 58.18 -72.24 49.51
C SER EA 352 56.67 -72.25 49.31
N VAL EA 353 56.13 -71.08 49.01
CA VAL EA 353 54.71 -70.92 48.80
C VAL EA 353 54.50 -70.43 47.37
N CYS EA 354 53.79 -71.21 46.58
CA CYS EA 354 53.29 -70.78 45.29
C CYS EA 354 51.79 -70.54 45.43
N ASP EA 355 51.29 -69.51 44.77
CA ASP EA 355 49.94 -69.04 45.08
C ASP EA 355 48.83 -69.75 44.31
N ILE EA 356 49.20 -70.41 43.21
CA ILE EA 356 48.24 -71.02 42.30
C ILE EA 356 48.29 -72.53 42.51
N PRO EA 357 47.21 -73.14 43.04
CA PRO EA 357 47.27 -74.57 43.34
C PRO EA 357 47.02 -75.34 42.04
N PRO EA 358 47.27 -76.64 41.99
CA PRO EA 358 46.79 -77.47 40.91
C PRO EA 358 45.26 -77.50 40.82
N LYS EA 359 44.79 -77.81 39.60
CA LYS EA 359 43.38 -77.63 39.29
C LYS EA 359 42.51 -78.63 40.05
N GLY EA 360 41.51 -78.08 40.73
CA GLY EA 360 40.56 -78.89 41.49
C GLY EA 360 40.92 -79.01 42.98
N LEU EA 361 42.14 -78.67 43.34
CA LEU EA 361 42.51 -78.72 44.76
C LEU EA 361 42.77 -77.33 45.27
N LYS EA 362 42.47 -77.10 46.55
CA LYS EA 362 42.64 -75.78 47.11
C LYS EA 362 44.03 -75.57 47.70
N MET EA 363 44.71 -76.68 47.98
CA MET EA 363 46.04 -76.64 48.60
C MET EA 363 46.72 -77.96 48.28
N SER EA 364 48.02 -77.89 48.00
CA SER EA 364 48.82 -79.09 47.74
C SER EA 364 50.26 -78.81 48.16
N VAL EA 365 51.06 -79.85 48.22
CA VAL EA 365 52.47 -79.75 48.55
C VAL EA 365 53.19 -80.87 47.81
N THR EA 366 54.42 -80.56 47.38
CA THR EA 366 55.35 -81.54 46.91
C THR EA 366 56.57 -81.53 47.85
N PHE EA 367 57.10 -82.73 48.07
CA PHE EA 367 58.14 -82.93 49.05
C PHE EA 367 59.41 -83.38 48.34
N VAL EA 368 60.52 -82.68 48.63
CA VAL EA 368 61.82 -83.16 48.25
C VAL EA 368 62.62 -83.39 49.52
N GLY EA 369 63.15 -84.60 49.65
CA GLY EA 369 63.99 -84.86 50.83
C GLY EA 369 65.31 -85.55 50.49
N ASN EA 370 66.41 -84.97 50.93
CA ASN EA 370 67.72 -85.57 50.79
C ASN EA 370 67.99 -86.44 52.01
N SER EA 371 67.74 -87.75 51.89
CA SER EA 371 67.88 -88.64 53.02
C SER EA 371 69.07 -89.55 52.85
N THR EA 372 69.63 -90.03 53.96
CA THR EA 372 70.63 -91.06 54.01
C THR EA 372 69.99 -92.45 54.08
N ALA EA 373 68.66 -92.53 54.00
CA ALA EA 373 67.95 -93.79 53.88
C ALA EA 373 67.98 -94.31 52.45
N ILE EA 374 68.50 -93.51 51.50
CA ILE EA 374 68.58 -94.02 50.13
C ILE EA 374 69.86 -94.84 49.96
N GLN EA 375 70.63 -95.01 51.05
CA GLN EA 375 71.74 -95.95 51.05
C GLN EA 375 71.22 -97.38 50.85
N GLU EA 376 69.98 -97.64 51.34
CA GLU EA 376 69.45 -98.99 51.30
C GLU EA 376 69.08 -99.36 49.89
N MET EA 377 68.78 -98.44 49.01
CA MET EA 377 68.54 -98.67 47.59
C MET EA 377 69.85 -99.11 46.91
N PHE EA 378 70.90 -98.34 47.16
CA PHE EA 378 72.15 -98.54 46.41
C PHE EA 378 72.82 -99.84 46.86
N LYS EA 379 72.63 -100.24 48.12
CA LYS EA 379 73.17 -101.49 48.59
C LYS EA 379 72.45 -102.70 47.94
N ARG EA 380 71.14 -102.54 47.71
CA ARG EA 380 70.33 -103.58 47.09
C ARG EA 380 70.70 -103.75 45.62
N VAL EA 381 71.05 -102.70 44.94
CA VAL EA 381 71.55 -102.76 43.59
C VAL EA 381 72.96 -103.36 43.57
N SER EA 382 73.75 -103.01 44.54
CA SER EA 382 75.18 -103.30 44.59
C SER EA 382 75.38 -104.78 44.83
N ASP EA 383 74.61 -105.37 45.74
CA ASP EA 383 74.77 -106.80 46.01
C ASP EA 383 74.21 -107.63 44.85
N GLN EA 384 73.21 -107.15 44.15
CA GLN EA 384 72.70 -107.80 42.96
C GLN EA 384 73.73 -107.70 41.85
N PHE EA 385 74.44 -106.57 41.78
CA PHE EA 385 75.46 -106.39 40.74
C PHE EA 385 76.65 -107.31 41.02
N THR EA 386 77.05 -107.38 42.31
CA THR EA 386 78.22 -108.15 42.66
C THR EA 386 77.93 -109.63 42.58
N ALA EA 387 76.66 -110.05 42.72
CA ALA EA 387 76.32 -111.46 42.57
C ALA EA 387 76.54 -111.95 41.13
N MET EA 388 76.19 -111.13 40.18
CA MET EA 388 76.27 -111.58 38.79
C MET EA 388 77.62 -111.26 38.18
N PHE EA 389 78.33 -110.27 38.70
CA PHE EA 389 79.64 -109.91 38.15
C PHE EA 389 80.73 -110.86 38.60
N ARG EA 390 80.57 -111.47 39.78
CA ARG EA 390 81.55 -112.41 40.30
C ARG EA 390 81.64 -113.64 39.41
N ARG EA 391 80.50 -114.04 38.85
CA ARG EA 391 80.42 -115.21 38.00
C ARG EA 391 80.41 -114.81 36.53
N LYS EA 392 80.55 -113.50 36.22
CA LYS EA 392 80.64 -113.05 34.84
C LYS EA 392 79.40 -113.44 34.03
N ALA EA 393 78.23 -113.36 34.66
CA ALA EA 393 76.98 -113.67 34.00
C ALA EA 393 76.54 -112.48 33.15
N PHE EA 394 76.03 -112.76 31.95
CA PHE EA 394 75.53 -111.80 30.99
C PHE EA 394 76.56 -110.73 30.62
N LEU EA 395 77.85 -111.05 30.74
CA LEU EA 395 78.87 -110.04 30.53
C LEU EA 395 79.28 -109.93 29.08
N HIS EA 396 79.10 -110.99 28.31
CA HIS EA 396 79.58 -111.05 26.95
C HIS EA 396 78.73 -110.20 26.03
N TRP EA 397 77.50 -109.88 26.43
CA TRP EA 397 76.73 -108.92 25.63
C TRP EA 397 77.21 -107.50 25.84
N TYR EA 398 77.80 -107.23 27.03
CA TYR EA 398 78.31 -105.90 27.32
C TYR EA 398 79.72 -105.72 26.80
N THR EA 399 80.53 -106.75 27.00
CA THR EA 399 81.93 -106.70 26.57
C THR EA 399 82.04 -106.80 25.06
N GLY EA 400 81.05 -107.41 24.42
CA GLY EA 400 81.00 -107.57 22.96
C GLY EA 400 80.72 -106.27 22.24
N GLU EA 401 80.22 -105.24 22.91
CA GLU EA 401 79.85 -104.01 22.26
C GLU EA 401 80.89 -102.89 22.48
N GLY EA 402 82.01 -103.21 23.12
CA GLY EA 402 83.17 -102.34 23.08
C GLY EA 402 83.69 -102.01 24.47
N MET EA 403 83.00 -102.35 25.56
CA MET EA 403 83.56 -101.98 26.84
C MET EA 403 84.60 -102.98 27.34
N ASP EA 404 85.39 -102.50 28.28
CA ASP EA 404 86.38 -103.29 28.96
C ASP EA 404 85.83 -103.67 30.35
N GLU EA 405 86.54 -104.65 30.93
CA GLU EA 405 86.23 -105.22 32.22
C GLU EA 405 86.43 -104.20 33.34
N MET EA 406 87.32 -103.24 33.14
CA MET EA 406 87.67 -102.25 34.13
C MET EA 406 86.57 -101.25 34.41
N GLU EA 407 85.70 -101.00 33.47
CA GLU EA 407 84.62 -100.07 33.62
C GLU EA 407 83.55 -100.60 34.59
N PHE EA 408 83.41 -101.92 34.68
CA PHE EA 408 82.48 -102.49 35.62
C PHE EA 408 83.01 -102.36 37.05
N THR EA 409 84.31 -102.52 37.23
CA THR EA 409 84.92 -102.40 38.54
C THR EA 409 84.86 -100.95 39.00
N GLU EA 410 85.01 -100.01 38.04
CA GLU EA 410 84.89 -98.59 38.37
C GLU EA 410 83.46 -98.27 38.77
N ALA EA 411 82.48 -98.89 38.11
CA ALA EA 411 81.07 -98.62 38.38
C ALA EA 411 80.72 -99.07 39.79
N GLU EA 412 81.23 -100.26 40.20
CA GLU EA 412 80.99 -100.76 41.54
C GLU EA 412 81.67 -99.87 42.59
N SER EA 413 82.90 -99.41 42.29
CA SER EA 413 83.65 -98.63 43.24
C SER EA 413 83.00 -97.23 43.45
N ASN EA 414 82.53 -96.67 42.36
CA ASN EA 414 81.92 -95.35 42.37
C ASN EA 414 80.55 -95.41 43.01
N MET EA 415 79.84 -96.54 43.00
CA MET EA 415 78.62 -96.61 43.74
C MET EA 415 78.89 -96.95 45.22
N ASN EA 416 79.89 -97.80 45.47
CA ASN EA 416 80.08 -98.28 46.85
C ASN EA 416 80.64 -97.18 47.74
N ASP EA 417 81.43 -96.30 47.18
CA ASP EA 417 81.92 -95.13 47.93
C ASP EA 417 80.78 -94.17 48.20
N LEU EA 418 79.78 -94.10 47.31
CA LEU EA 418 78.62 -93.26 47.57
C LEU EA 418 77.79 -93.81 48.73
N VAL EA 419 77.76 -95.12 48.88
CA VAL EA 419 77.10 -95.78 49.99
C VAL EA 419 77.85 -95.44 51.28
N SER EA 420 79.20 -95.43 51.20
CA SER EA 420 80.01 -95.17 52.37
C SER EA 420 79.89 -93.72 52.82
N GLU EA 421 79.69 -92.82 51.91
CA GLU EA 421 79.52 -91.40 52.13
C GLU EA 421 78.21 -91.09 52.86
N TYR EA 422 77.16 -91.83 52.54
CA TYR EA 422 75.90 -91.70 53.23
C TYR EA 422 76.00 -92.20 54.65
N GLN EA 423 76.82 -93.25 54.88
CA GLN EA 423 77.07 -93.78 56.22
C GLN EA 423 77.83 -92.72 57.08
N GLN EA 424 78.65 -91.84 56.42
CA GLN EA 424 79.44 -90.91 57.17
C GLN EA 424 78.58 -89.85 57.88
N TYR EA 425 77.43 -89.54 57.29
CA TYR EA 425 76.54 -88.50 57.80
C TYR EA 425 75.33 -89.06 58.53
N GLN EA 426 75.38 -90.32 58.93
CA GLN EA 426 74.22 -91.02 59.47
C GLN EA 426 74.65 -91.39 60.89
N MET FA 1 56.61 -47.51 -19.51
CA MET FA 1 57.32 -47.50 -18.18
C MET FA 1 58.47 -48.51 -18.23
N ARG FA 2 58.58 -49.38 -17.22
CA ARG FA 2 59.55 -50.46 -17.25
C ARG FA 2 58.84 -51.77 -17.63
N GLU FA 3 59.44 -52.49 -18.58
CA GLU FA 3 58.80 -53.69 -19.11
C GLU FA 3 59.83 -54.80 -19.12
N ILE FA 4 59.39 -56.02 -18.75
CA ILE FA 4 60.24 -57.19 -18.84
C ILE FA 4 59.65 -58.10 -19.93
N VAL FA 5 60.50 -58.44 -20.90
CA VAL FA 5 60.12 -59.36 -21.93
C VAL FA 5 60.56 -60.75 -21.53
N HIS FA 6 59.60 -61.70 -21.51
CA HIS FA 6 59.89 -63.09 -21.18
C HIS FA 6 60.15 -63.91 -22.44
N VAL FA 7 61.25 -64.65 -22.46
CA VAL FA 7 61.55 -65.57 -23.51
C VAL FA 7 61.86 -66.94 -22.89
N GLN FA 8 61.08 -67.96 -23.26
CA GLN FA 8 61.23 -69.24 -22.67
C GLN FA 8 61.64 -70.26 -23.73
N GLY FA 9 62.76 -70.96 -23.43
CA GLY FA 9 63.23 -71.96 -24.32
C GLY FA 9 63.35 -73.36 -23.73
N GLY FA 10 63.12 -74.32 -24.58
CA GLY FA 10 63.23 -75.75 -24.29
C GLY FA 10 61.92 -76.27 -23.65
N GLN FA 11 61.90 -77.59 -23.46
CA GLN FA 11 60.83 -78.27 -22.77
C GLN FA 11 60.85 -77.88 -21.29
N CYS FA 12 62.04 -77.74 -20.68
CA CYS FA 12 62.09 -77.34 -19.30
C CYS FA 12 61.61 -75.91 -19.10
N GLY FA 13 62.02 -75.03 -20.00
CA GLY FA 13 61.67 -73.62 -19.92
C GLY FA 13 60.17 -73.39 -20.11
N ASN FA 14 59.55 -74.18 -20.98
CA ASN FA 14 58.13 -74.05 -21.23
C ASN FA 14 57.31 -74.52 -20.04
N GLN FA 15 57.72 -75.60 -19.40
CA GLN FA 15 56.97 -76.12 -18.26
C GLN FA 15 57.19 -75.27 -17.00
N ILE FA 16 58.39 -74.68 -16.86
CA ILE FA 16 58.64 -73.82 -15.74
C ILE FA 16 58.02 -72.45 -15.98
N GLY FA 17 57.93 -72.05 -17.23
CA GLY FA 17 57.39 -70.73 -17.56
C GLY FA 17 55.88 -70.76 -17.60
N ALA FA 18 55.28 -71.93 -17.91
CA ALA FA 18 53.83 -72.00 -17.92
C ALA FA 18 53.26 -71.83 -16.51
N LYS FA 19 54.00 -72.33 -15.52
CA LYS FA 19 53.56 -72.21 -14.14
C LYS FA 19 53.94 -70.83 -13.59
N PHE FA 20 54.93 -70.17 -14.20
CA PHE FA 20 55.27 -68.83 -13.79
C PHE FA 20 54.14 -67.88 -14.14
N TRP FA 21 53.55 -68.04 -15.31
CA TRP FA 21 52.44 -67.20 -15.72
C TRP FA 21 51.16 -67.54 -14.96
N GLU FA 22 51.13 -68.70 -14.35
CA GLU FA 22 50.00 -69.08 -13.52
C GLU FA 22 50.07 -68.31 -12.19
N VAL FA 23 51.27 -68.16 -11.66
CA VAL FA 23 51.44 -67.60 -10.34
C VAL FA 23 51.42 -66.06 -10.41
N ILE FA 24 51.87 -65.49 -11.54
CA ILE FA 24 51.84 -64.03 -11.66
C ILE FA 24 50.43 -63.59 -11.98
N SER FA 25 49.72 -64.33 -12.80
CA SER FA 25 48.36 -63.95 -13.19
C SER FA 25 47.42 -64.05 -11.98
N ASP FA 26 47.60 -65.03 -11.12
CA ASP FA 26 46.84 -65.18 -9.90
C ASP FA 26 47.17 -64.07 -8.89
N GLU FA 27 48.41 -63.64 -8.88
CA GLU FA 27 48.84 -62.58 -7.97
C GLU FA 27 48.29 -61.22 -8.42
N HIS FA 28 48.18 -61.02 -9.72
CA HIS FA 28 47.58 -59.81 -10.24
C HIS FA 28 46.05 -59.93 -10.45
N GLY FA 29 45.51 -61.15 -10.31
CA GLY FA 29 44.09 -61.34 -10.44
C GLY FA 29 43.59 -61.35 -11.89
N ILE FA 30 44.29 -62.05 -12.76
CA ILE FA 30 43.88 -62.20 -14.15
C ILE FA 30 43.26 -63.57 -14.32
N ASP FA 31 42.03 -63.58 -14.83
CA ASP FA 31 41.36 -64.82 -15.25
C ASP FA 31 42.13 -65.44 -16.41
N PRO FA 32 42.19 -66.76 -16.55
CA PRO FA 32 42.75 -67.37 -17.77
C PRO FA 32 42.10 -66.92 -19.08
N THR FA 33 40.87 -66.40 -19.01
CA THR FA 33 40.21 -65.79 -20.13
C THR FA 33 40.84 -64.43 -20.52
N GLY FA 34 41.57 -63.82 -19.58
CA GLY FA 34 42.28 -62.57 -19.82
C GLY FA 34 41.66 -61.38 -19.13
N THR FA 35 40.54 -61.59 -18.41
CA THR FA 35 39.87 -60.42 -17.87
C THR FA 35 40.38 -60.24 -16.47
N TYR FA 36 40.27 -59.01 -15.96
CA TYR FA 36 40.62 -58.76 -14.54
C TYR FA 36 39.44 -59.01 -13.61
N CYS FA 37 39.71 -59.59 -12.47
CA CYS FA 37 38.74 -59.58 -11.36
C CYS FA 37 39.48 -59.39 -10.05
N GLY FA 38 38.97 -58.55 -9.17
CA GLY FA 38 39.63 -58.42 -7.88
C GLY FA 38 39.66 -57.02 -7.29
N ASP FA 39 39.12 -56.04 -8.03
CA ASP FA 39 38.81 -54.69 -7.61
C ASP FA 39 39.78 -54.02 -6.63
N SER FA 40 41.08 -54.06 -6.96
CA SER FA 40 42.10 -53.37 -6.19
C SER FA 40 43.02 -52.62 -7.16
N ASP FA 41 43.35 -51.38 -6.78
CA ASP FA 41 44.09 -50.48 -7.64
C ASP FA 41 45.56 -50.89 -7.74
N LEU FA 42 46.10 -51.45 -6.66
CA LEU FA 42 47.48 -51.86 -6.58
C LEU FA 42 47.82 -52.99 -7.55
N GLN FA 43 46.83 -53.81 -7.94
CA GLN FA 43 47.09 -54.84 -8.90
C GLN FA 43 47.33 -54.29 -10.31
N LEU FA 44 46.61 -53.22 -10.64
CA LEU FA 44 46.54 -52.74 -12.02
C LEU FA 44 47.50 -51.58 -12.28
N GLU FA 45 48.05 -50.99 -11.21
CA GLU FA 45 48.89 -49.81 -11.36
C GLU FA 45 50.20 -50.16 -12.06
N ARG FA 46 50.71 -51.37 -11.78
CA ARG FA 46 51.93 -51.79 -12.45
C ARG FA 46 51.63 -53.16 -13.06
N ILE FA 47 50.97 -53.12 -14.22
CA ILE FA 47 50.62 -54.32 -14.94
C ILE FA 47 51.36 -54.36 -16.27
N ASN FA 48 51.80 -53.19 -16.75
CA ASN FA 48 52.51 -53.15 -18.03
C ASN FA 48 53.92 -53.72 -17.91
N VAL FA 49 54.36 -54.08 -16.72
CA VAL FA 49 55.65 -54.74 -16.55
C VAL FA 49 55.65 -56.12 -17.20
N PHE FA 50 54.50 -56.79 -17.26
CA PHE FA 50 54.41 -58.13 -17.78
C PHE FA 50 53.29 -58.32 -18.78
N TYR FA 51 52.40 -57.34 -18.93
CA TYR FA 51 51.24 -57.52 -19.76
C TYR FA 51 51.11 -56.41 -20.78
N ASN FA 52 50.28 -56.70 -21.80
CA ASN FA 52 49.99 -55.76 -22.86
C ASN FA 52 48.46 -55.70 -23.01
N GLU FA 53 47.96 -54.45 -23.16
CA GLU FA 53 46.58 -54.20 -23.50
C GLU FA 53 46.30 -54.70 -24.92
N ALA FA 54 45.06 -55.19 -25.10
CA ALA FA 54 44.64 -55.70 -26.39
C ALA FA 54 43.42 -54.97 -26.96
N THR FA 55 43.15 -53.75 -26.47
CA THR FA 55 42.07 -52.85 -26.85
C THR FA 55 40.68 -53.50 -26.83
N GLY FA 56 40.59 -54.66 -26.17
CA GLY FA 56 39.32 -55.27 -25.84
C GLY FA 56 39.27 -55.45 -24.33
N GLY FA 57 40.30 -54.88 -23.69
CA GLY FA 57 40.43 -54.87 -22.25
C GLY FA 57 41.17 -56.08 -21.69
N ARG FA 58 41.51 -57.04 -22.54
CA ARG FA 58 42.17 -58.25 -22.07
C ARG FA 58 43.68 -58.03 -22.05
N PHE FA 59 44.34 -58.81 -21.21
CA PHE FA 59 45.78 -58.64 -21.00
C PHE FA 59 46.47 -59.88 -21.56
N VAL FA 60 47.46 -59.67 -22.42
CA VAL FA 60 48.22 -60.76 -22.95
C VAL FA 60 49.65 -60.66 -22.40
N PRO FA 61 50.27 -61.79 -22.02
CA PRO FA 61 51.65 -61.78 -21.56
C PRO FA 61 52.64 -61.36 -22.64
N ARG FA 62 53.71 -60.71 -22.19
CA ARG FA 62 54.80 -60.36 -23.09
C ARG FA 62 55.80 -61.51 -23.18
N ALA FA 63 55.31 -62.69 -23.55
CA ALA FA 63 56.09 -63.91 -23.46
C ALA FA 63 56.26 -64.52 -24.85
N ILE FA 64 57.45 -65.04 -25.11
CA ILE FA 64 57.81 -65.68 -26.35
C ILE FA 64 58.12 -67.13 -26.01
N LEU FA 65 57.35 -68.04 -26.59
CA LEU FA 65 57.61 -69.46 -26.46
C LEU FA 65 58.49 -69.96 -27.61
N MET FA 66 59.56 -70.67 -27.23
CA MET FA 66 60.50 -71.20 -28.19
C MET FA 66 60.83 -72.65 -27.83
N ASP FA 67 60.71 -73.53 -28.82
CA ASP FA 67 61.17 -74.91 -28.72
C ASP FA 67 61.33 -75.42 -30.16
N LEU FA 68 62.06 -76.53 -30.30
CA LEU FA 68 62.32 -77.11 -31.61
C LEU FA 68 61.43 -78.32 -31.91
N GLU FA 69 60.49 -78.64 -31.01
CA GLU FA 69 59.58 -79.72 -31.21
C GLU FA 69 58.18 -79.17 -30.95
N PRO FA 70 57.18 -79.59 -31.77
CA PRO FA 70 55.82 -79.11 -31.59
C PRO FA 70 55.04 -79.72 -30.42
N GLY FA 71 55.65 -80.66 -29.70
CA GLY FA 71 54.94 -81.43 -28.68
C GLY FA 71 54.61 -80.57 -27.44
N THR FA 72 55.62 -79.88 -26.95
CA THR FA 72 55.54 -79.30 -25.61
C THR FA 72 54.71 -78.02 -25.63
N MET FA 73 54.69 -77.34 -26.80
CA MET FA 73 53.91 -76.13 -26.89
C MET FA 73 52.43 -76.46 -27.07
N ASP FA 74 52.11 -77.64 -27.60
CA ASP FA 74 50.73 -78.09 -27.64
C ASP FA 74 50.23 -78.35 -26.21
N SER FA 75 51.12 -78.85 -25.35
CA SER FA 75 50.79 -79.18 -23.98
C SER FA 75 50.52 -77.91 -23.17
N VAL FA 76 51.29 -76.86 -23.44
CA VAL FA 76 51.15 -75.61 -22.72
C VAL FA 76 49.84 -74.92 -23.12
N ARG FA 77 49.52 -74.97 -24.43
CA ARG FA 77 48.31 -74.35 -24.93
C ARG FA 77 47.05 -75.04 -24.41
N ALA FA 78 47.10 -76.37 -24.34
CA ALA FA 78 45.92 -77.16 -23.98
C ALA FA 78 45.62 -77.10 -22.49
N GLY FA 79 46.61 -76.77 -21.67
CA GLY FA 79 46.47 -76.75 -20.23
C GLY FA 79 45.73 -75.51 -19.77
N PRO FA 80 45.55 -75.38 -18.44
CA PRO FA 80 44.96 -74.16 -17.89
C PRO FA 80 45.95 -73.01 -18.04
N PHE FA 81 45.39 -71.80 -18.17
CA PHE FA 81 46.15 -70.59 -18.44
C PHE FA 81 46.95 -70.71 -19.73
N GLY FA 82 46.41 -71.46 -20.68
CA GLY FA 82 47.10 -71.68 -21.95
C GLY FA 82 46.55 -70.79 -23.06
N GLN FA 83 45.33 -70.31 -22.84
CA GLN FA 83 44.71 -69.40 -23.79
C GLN FA 83 45.16 -67.96 -23.55
N LEU FA 84 46.00 -67.75 -22.53
CA LEU FA 84 46.47 -66.42 -22.20
C LEU FA 84 47.46 -65.91 -23.25
N PHE FA 85 48.33 -66.80 -23.71
CA PHE FA 85 49.38 -66.42 -24.64
C PHE FA 85 48.82 -66.16 -26.03
N ARG FA 86 49.50 -65.26 -26.75
CA ARG FA 86 49.17 -65.01 -28.14
C ARG FA 86 49.71 -66.18 -28.98
N PRO FA 87 48.88 -66.73 -29.90
CA PRO FA 87 49.33 -67.81 -30.76
C PRO FA 87 50.47 -67.47 -31.70
N ASP FA 88 50.62 -66.21 -32.07
CA ASP FA 88 51.73 -65.77 -32.91
C ASP FA 88 53.05 -65.78 -32.13
N ASN FA 89 52.98 -65.68 -30.81
CA ASN FA 89 54.19 -65.68 -29.99
C ASN FA 89 54.81 -67.07 -29.87
N PHE FA 90 54.08 -68.11 -30.19
CA PHE FA 90 54.65 -69.44 -30.31
C PHE FA 90 55.50 -69.53 -31.58
N VAL FA 91 56.72 -70.04 -31.44
CA VAL FA 91 57.59 -70.30 -32.57
C VAL FA 91 58.00 -71.76 -32.46
N PHE FA 92 57.35 -72.56 -33.27
CA PHE FA 92 57.61 -73.99 -33.36
C PHE FA 92 58.90 -74.28 -34.10
N GLY FA 93 59.45 -75.46 -33.80
CA GLY FA 93 60.36 -76.14 -34.70
C GLY FA 93 59.75 -77.47 -35.09
N GLN FA 94 60.17 -78.03 -36.22
CA GLN FA 94 59.61 -79.26 -36.69
C GLN FA 94 60.46 -80.50 -36.41
N THR FA 95 61.77 -80.30 -36.64
CA THR FA 95 62.68 -81.45 -36.66
C THR FA 95 63.23 -81.70 -35.27
N GLY FA 96 63.69 -80.66 -34.52
CA GLY FA 96 64.17 -80.97 -33.19
C GLY FA 96 65.67 -81.32 -33.08
N ALA FA 97 66.22 -80.75 -32.04
CA ALA FA 97 67.64 -80.99 -31.72
C ALA FA 97 67.62 -82.14 -30.73
N GLY FA 98 68.22 -83.26 -31.12
CA GLY FA 98 68.24 -84.45 -30.30
C GLY FA 98 69.28 -84.34 -29.20
N ASN FA 99 68.99 -83.49 -28.19
CA ASN FA 99 69.80 -83.32 -26.99
C ASN FA 99 71.27 -83.01 -27.34
N ASN FA 100 71.46 -82.30 -28.45
CA ASN FA 100 72.77 -81.97 -28.97
C ASN FA 100 72.86 -80.46 -28.96
N TRP FA 101 73.87 -79.98 -28.25
CA TRP FA 101 74.11 -78.52 -28.15
C TRP FA 101 74.55 -77.99 -29.52
N ALA FA 102 75.35 -78.80 -30.25
CA ALA FA 102 75.99 -78.22 -31.46
C ALA FA 102 74.90 -78.01 -32.52
N LYS FA 103 73.97 -79.00 -32.69
CA LYS FA 103 72.94 -78.80 -33.65
C LYS FA 103 71.84 -77.84 -33.14
N GLY FA 104 71.77 -77.63 -31.87
CA GLY FA 104 70.90 -76.60 -31.29
C GLY FA 104 71.46 -75.22 -31.49
N HIS FA 105 72.74 -75.04 -31.54
CA HIS FA 105 73.37 -73.72 -31.63
C HIS FA 105 73.80 -73.41 -33.05
N TYR FA 106 74.35 -74.39 -33.79
CA TYR FA 106 74.90 -74.09 -35.09
C TYR FA 106 73.96 -74.45 -36.23
N THR FA 107 73.33 -75.64 -36.22
CA THR FA 107 72.66 -76.01 -37.44
C THR FA 107 71.15 -75.68 -37.41
N GLU FA 108 70.45 -76.17 -36.41
CA GLU FA 108 69.00 -76.20 -36.46
C GLU FA 108 68.36 -74.92 -35.93
N GLY FA 109 69.07 -74.27 -35.01
CA GLY FA 109 68.69 -72.94 -34.53
C GLY FA 109 68.99 -71.86 -35.53
N ALA FA 110 69.83 -72.09 -36.50
CA ALA FA 110 70.19 -71.15 -37.55
C ALA FA 110 69.03 -70.89 -38.51
N GLU FA 111 68.18 -71.89 -38.74
CA GLU FA 111 67.03 -71.69 -39.58
C GLU FA 111 65.88 -71.01 -38.81
N LEU FA 112 65.98 -70.84 -37.53
CA LEU FA 112 64.84 -70.53 -36.69
C LEU FA 112 65.04 -69.23 -35.96
N ILE FA 113 66.31 -68.86 -35.66
CA ILE FA 113 66.55 -67.75 -34.71
C ILE FA 113 66.16 -66.44 -35.34
N ASP FA 114 66.20 -66.30 -36.65
CA ASP FA 114 65.76 -65.10 -37.32
C ASP FA 114 64.26 -64.89 -37.12
N SER FA 115 63.49 -65.97 -37.00
CA SER FA 115 62.05 -65.86 -36.84
C SER FA 115 61.70 -65.52 -35.41
N VAL FA 116 62.41 -66.10 -34.43
CA VAL FA 116 62.07 -65.78 -33.04
C VAL FA 116 62.63 -64.39 -32.67
N LEU FA 117 63.71 -63.98 -33.29
CA LEU FA 117 64.24 -62.64 -33.10
C LEU FA 117 63.34 -61.58 -33.70
N ASP FA 118 62.56 -61.94 -34.71
CA ASP FA 118 61.55 -61.05 -35.27
C ASP FA 118 60.46 -60.79 -34.23
N VAL FA 119 60.06 -61.79 -33.50
CA VAL FA 119 58.98 -61.66 -32.53
C VAL FA 119 59.46 -60.89 -31.30
N VAL FA 120 60.71 -61.06 -30.94
CA VAL FA 120 61.29 -60.38 -29.79
C VAL FA 120 61.44 -58.89 -30.11
N ARG FA 121 61.75 -58.52 -31.36
CA ARG FA 121 61.83 -57.15 -31.75
C ARG FA 121 60.45 -56.46 -31.66
N LYS FA 122 59.39 -57.18 -32.01
CA LYS FA 122 58.05 -56.60 -32.02
C LYS FA 122 57.62 -56.25 -30.61
N GLU FA 123 57.94 -57.12 -29.64
CA GLU FA 123 57.57 -56.85 -28.26
C GLU FA 123 58.50 -55.83 -27.59
N ALA FA 124 59.79 -55.84 -27.95
CA ALA FA 124 60.78 -55.00 -27.32
C ALA FA 124 60.61 -53.53 -27.70
N GLU FA 125 60.41 -53.29 -29.01
CA GLU FA 125 60.41 -51.91 -29.52
C GLU FA 125 59.07 -51.25 -29.25
N GLY FA 126 58.03 -52.05 -28.91
CA GLY FA 126 56.68 -51.50 -28.89
C GLY FA 126 56.38 -50.45 -27.81
N CYS FA 127 57.17 -50.52 -26.73
CA CYS FA 127 56.92 -49.56 -25.63
C CYS FA 127 57.89 -48.41 -25.67
N ASP FA 128 57.97 -47.61 -24.65
CA ASP FA 128 58.82 -46.43 -24.54
C ASP FA 128 60.29 -46.87 -24.54
N CYS FA 129 60.67 -47.56 -23.46
CA CYS FA 129 62.02 -47.96 -23.12
C CYS FA 129 61.90 -49.19 -22.23
N LEU FA 130 62.66 -50.23 -22.62
CA LEU FA 130 62.57 -51.55 -22.00
C LEU FA 130 63.51 -51.60 -20.79
N GLN FA 131 63.14 -52.45 -19.84
CA GLN FA 131 63.94 -52.59 -18.63
C GLN FA 131 64.88 -53.78 -18.77
N GLY FA 132 64.34 -54.95 -19.11
CA GLY FA 132 65.19 -56.13 -19.20
C GLY FA 132 64.49 -57.25 -19.97
N PHE FA 133 65.22 -58.37 -20.06
CA PHE FA 133 64.75 -59.63 -20.52
C PHE FA 133 64.89 -60.69 -19.44
N GLN FA 134 64.03 -61.69 -19.51
CA GLN FA 134 64.09 -62.81 -18.57
C GLN FA 134 63.95 -64.10 -19.40
N ILE FA 135 64.81 -65.04 -19.07
CA ILE FA 135 64.96 -66.28 -19.81
C ILE FA 135 64.88 -67.47 -18.91
N THR FA 136 64.02 -68.44 -19.17
CA THR FA 136 63.95 -69.66 -18.41
C THR FA 136 64.29 -70.82 -19.34
N HIS FA 137 65.30 -71.59 -18.98
CA HIS FA 137 65.80 -72.67 -19.84
C HIS FA 137 66.62 -73.64 -19.01
N SER FA 138 67.02 -74.72 -19.69
CA SER FA 138 67.76 -75.80 -19.05
C SER FA 138 69.12 -75.90 -19.73
N LEU FA 139 70.16 -76.21 -18.92
CA LEU FA 139 71.51 -76.32 -19.48
C LEU FA 139 71.94 -77.77 -19.46
N GLY FA 140 71.02 -78.69 -19.63
CA GLY FA 140 71.28 -80.11 -19.79
C GLY FA 140 70.81 -80.59 -21.13
N GLY FA 141 69.85 -79.92 -21.75
CA GLY FA 141 69.22 -80.38 -22.98
C GLY FA 141 69.93 -79.76 -24.19
N GLY FA 142 69.29 -79.92 -25.35
CA GLY FA 142 69.69 -79.41 -26.61
C GLY FA 142 69.16 -78.05 -26.96
N THR FA 143 67.87 -77.81 -26.83
CA THR FA 143 67.28 -76.60 -27.41
C THR FA 143 67.38 -75.44 -26.40
N GLY FA 144 67.22 -75.78 -25.12
CA GLY FA 144 67.30 -74.72 -24.10
C GLY FA 144 68.75 -74.35 -23.77
N SER FA 145 69.68 -75.29 -24.04
CA SER FA 145 71.08 -75.00 -23.80
C SER FA 145 71.69 -74.43 -25.07
N GLY FA 146 71.30 -74.92 -26.25
CA GLY FA 146 71.96 -74.56 -27.49
C GLY FA 146 71.37 -73.31 -28.10
N MET FA 147 70.15 -73.36 -28.41
CA MET FA 147 69.52 -72.23 -29.15
C MET FA 147 69.04 -71.19 -28.16
N GLY FA 148 68.86 -71.56 -26.87
CA GLY FA 148 68.60 -70.57 -25.83
C GLY FA 148 69.80 -69.65 -25.61
N THR FA 149 70.97 -70.18 -25.64
CA THR FA 149 72.18 -69.39 -25.42
C THR FA 149 72.55 -68.62 -26.69
N LEU FA 150 72.11 -69.13 -27.85
CA LEU FA 150 72.35 -68.38 -29.08
C LEU FA 150 71.48 -67.14 -29.10
N LEU FA 151 70.25 -67.29 -28.59
CA LEU FA 151 69.36 -66.14 -28.48
C LEU FA 151 69.94 -65.11 -27.51
N ILE FA 152 70.58 -65.56 -26.44
CA ILE FA 152 71.21 -64.68 -25.47
C ILE FA 152 72.30 -63.87 -26.14
N SER FA 153 73.09 -64.50 -27.01
CA SER FA 153 74.16 -63.82 -27.71
C SER FA 153 73.60 -62.78 -28.70
N LYS FA 154 72.50 -63.12 -29.38
CA LYS FA 154 71.93 -62.20 -30.34
C LYS FA 154 71.22 -60.99 -29.70
N VAL FA 155 70.55 -61.24 -28.59
CA VAL FA 155 69.78 -60.19 -27.95
C VAL FA 155 70.66 -59.27 -27.13
N ARG FA 156 71.85 -59.75 -26.72
CA ARG FA 156 72.83 -58.86 -26.10
C ARG FA 156 73.42 -57.91 -27.17
N GLU FA 157 73.59 -58.38 -28.35
CA GLU FA 157 74.22 -57.61 -29.41
C GLU FA 157 73.31 -56.50 -29.92
N GLU FA 158 72.02 -56.71 -29.85
CA GLU FA 158 71.02 -55.73 -30.23
C GLU FA 158 70.76 -54.77 -29.08
N TYR FA 159 70.66 -55.28 -27.84
CA TYR FA 159 70.34 -54.42 -26.70
C TYR FA 159 71.45 -54.53 -25.66
N PRO FA 160 72.54 -53.75 -25.79
CA PRO FA 160 73.72 -53.99 -24.96
C PRO FA 160 73.61 -53.47 -23.53
N ASP FA 161 72.77 -52.44 -23.30
CA ASP FA 161 72.71 -51.80 -22.02
C ASP FA 161 71.53 -52.30 -21.19
N ARG FA 162 70.71 -53.23 -21.72
CA ARG FA 162 69.60 -53.73 -20.95
C ARG FA 162 70.02 -54.95 -20.16
N ILE FA 163 69.38 -55.15 -19.02
CA ILE FA 163 69.78 -56.30 -18.21
C ILE FA 163 69.11 -57.56 -18.80
N MET FA 164 69.72 -58.69 -18.47
CA MET FA 164 69.35 -59.93 -19.13
C MET FA 164 69.56 -61.06 -18.13
N GLU FA 165 68.47 -61.47 -17.48
CA GLU FA 165 68.58 -62.38 -16.36
C GLU FA 165 67.97 -63.73 -16.71
N THR FA 166 68.70 -64.80 -16.36
CA THR FA 166 68.28 -66.11 -16.73
C THR FA 166 68.11 -67.00 -15.49
N PHE FA 167 66.98 -67.73 -15.48
CA PHE FA 167 66.75 -68.80 -14.55
C PHE FA 167 67.08 -70.13 -15.21
N SER FA 168 68.27 -70.62 -14.89
CA SER FA 168 68.82 -71.79 -15.54
C SER FA 168 68.89 -72.92 -14.53
N VAL FA 169 68.40 -74.09 -14.94
CA VAL FA 169 68.64 -75.28 -14.16
C VAL FA 169 69.91 -75.95 -14.70
N PHE FA 170 70.66 -76.55 -13.80
CA PHE FA 170 71.90 -77.22 -14.11
C PHE FA 170 71.70 -78.72 -14.08
N PRO FA 171 72.63 -79.48 -14.69
CA PRO FA 171 72.70 -80.91 -14.42
C PRO FA 171 72.78 -81.27 -12.95
N SER FA 172 72.12 -82.37 -12.61
CA SER FA 172 72.11 -82.90 -11.26
C SER FA 172 73.44 -83.57 -10.97
N PRO FA 173 73.95 -83.49 -9.71
CA PRO FA 173 75.20 -84.16 -9.36
C PRO FA 173 75.19 -85.68 -9.44
N LYS FA 174 74.20 -86.32 -8.76
CA LYS FA 174 74.27 -87.74 -8.55
C LYS FA 174 73.72 -88.52 -9.73
N VAL FA 175 72.47 -88.25 -10.18
CA VAL FA 175 71.90 -88.96 -11.29
C VAL FA 175 71.78 -87.99 -12.47
N SER FA 176 71.98 -88.54 -13.67
CA SER FA 176 71.94 -87.71 -14.84
C SER FA 176 71.08 -88.33 -15.93
N ASP FA 177 69.86 -87.80 -16.11
CA ASP FA 177 69.16 -88.04 -17.37
C ASP FA 177 69.76 -87.16 -18.47
N THR FA 178 69.57 -87.54 -19.71
CA THR FA 178 70.27 -87.03 -20.90
C THR FA 178 71.79 -87.11 -20.68
N VAL FA 179 72.31 -88.34 -20.85
CA VAL FA 179 73.65 -88.78 -20.49
C VAL FA 179 74.73 -87.79 -20.95
N VAL FA 180 74.51 -87.08 -22.05
CA VAL FA 180 75.42 -86.04 -22.42
C VAL FA 180 74.95 -84.74 -21.78
N GLU FA 181 75.07 -84.66 -20.45
CA GLU FA 181 74.92 -83.43 -19.72
C GLU FA 181 76.20 -82.59 -19.69
N PRO FA 182 77.38 -83.09 -19.34
CA PRO FA 182 78.50 -82.18 -19.12
C PRO FA 182 79.00 -81.51 -20.41
N TYR FA 183 78.77 -82.15 -21.57
CA TYR FA 183 79.10 -81.47 -22.81
C TYR FA 183 78.19 -80.26 -23.07
N ASN FA 184 76.91 -80.42 -22.76
CA ASN FA 184 75.96 -79.33 -22.99
C ASN FA 184 76.14 -78.24 -21.95
N ALA FA 185 76.43 -78.62 -20.71
CA ALA FA 185 76.56 -77.68 -19.61
C ALA FA 185 77.79 -76.80 -19.77
N THR FA 186 78.96 -77.45 -20.07
CA THR FA 186 80.19 -76.72 -20.12
C THR FA 186 80.22 -75.77 -21.31
N LEU FA 187 79.66 -76.18 -22.45
CA LEU FA 187 79.60 -75.35 -23.62
C LEU FA 187 78.64 -74.15 -23.41
N SER FA 188 77.64 -74.36 -22.54
CA SER FA 188 76.62 -73.33 -22.42
C SER FA 188 76.98 -72.31 -21.36
N VAL FA 189 77.77 -72.71 -20.34
CA VAL FA 189 78.25 -71.78 -19.36
C VAL FA 189 79.25 -70.84 -19.98
N HIS FA 190 80.10 -71.27 -20.89
CA HIS FA 190 81.07 -70.39 -21.50
C HIS FA 190 80.44 -69.29 -22.36
N GLN FA 191 79.27 -69.60 -22.85
CA GLN FA 191 78.44 -68.68 -23.62
C GLN FA 191 77.60 -67.76 -22.72
N LEU FA 192 77.40 -68.26 -21.48
CA LEU FA 192 76.53 -67.56 -20.56
C LEU FA 192 77.34 -66.72 -19.59
N VAL FA 193 78.63 -66.98 -19.42
CA VAL FA 193 79.47 -66.15 -18.57
C VAL FA 193 79.82 -64.86 -19.29
N GLU FA 194 79.77 -64.88 -20.62
CA GLU FA 194 80.21 -63.71 -21.38
C GLU FA 194 78.99 -62.86 -21.79
N ASN FA 195 77.79 -63.43 -21.84
CA ASN FA 195 76.71 -62.68 -22.43
C ASN FA 195 75.45 -62.51 -21.53
N ALA FA 196 75.36 -63.31 -20.49
CA ALA FA 196 74.26 -63.03 -19.55
C ALA FA 196 74.68 -61.98 -18.53
N ASP FA 197 73.68 -61.37 -17.92
CA ASP FA 197 73.97 -60.36 -16.91
C ASP FA 197 73.91 -60.98 -15.51
N GLU FA 198 72.88 -61.77 -15.23
CA GLU FA 198 72.71 -62.38 -13.93
C GLU FA 198 72.07 -63.76 -14.15
N VAL FA 199 72.69 -64.75 -13.53
CA VAL FA 199 72.35 -66.14 -13.75
C VAL FA 199 72.01 -66.78 -12.43
N GLN FA 200 70.81 -67.32 -12.32
CA GLN FA 200 70.34 -67.79 -11.01
C GLN FA 200 70.11 -69.30 -11.12
N VAL FA 201 70.83 -70.02 -10.28
CA VAL FA 201 71.18 -71.41 -10.56
C VAL FA 201 70.24 -72.29 -9.75
N ILE FA 202 69.68 -73.31 -10.41
CA ILE FA 202 68.71 -74.22 -9.81
C ILE FA 202 69.20 -75.62 -10.11
N ASP FA 203 69.08 -76.51 -9.12
CA ASP FA 203 69.43 -77.90 -9.26
C ASP FA 203 68.17 -78.71 -8.93
N ASN FA 204 67.97 -79.81 -9.66
CA ASN FA 204 66.79 -80.62 -9.46
C ASN FA 204 66.89 -81.39 -8.15
N GLU FA 205 68.09 -81.81 -7.78
CA GLU FA 205 68.25 -82.61 -6.57
C GLU FA 205 68.10 -81.74 -5.34
N ALA FA 206 68.40 -80.43 -5.44
CA ALA FA 206 68.11 -79.55 -4.33
C ALA FA 206 66.60 -79.38 -4.17
N LEU FA 207 65.88 -79.33 -5.27
CA LEU FA 207 64.43 -79.17 -5.25
C LEU FA 207 63.75 -80.41 -4.69
N TYR FA 208 64.32 -81.60 -5.00
CA TYR FA 208 63.80 -82.84 -4.46
C TYR FA 208 64.03 -82.90 -2.97
N ASP FA 209 65.18 -82.38 -2.51
CA ASP FA 209 65.50 -82.38 -1.09
C ASP FA 209 64.53 -81.49 -0.33
N ILE FA 210 64.18 -80.35 -0.94
CA ILE FA 210 63.27 -79.42 -0.29
C ILE FA 210 61.90 -80.06 -0.17
N CYS FA 211 61.44 -80.72 -1.24
CA CYS FA 211 60.12 -81.31 -1.27
C CYS FA 211 60.05 -82.57 -0.40
N PHE FA 212 61.14 -83.17 -0.02
CA PHE FA 212 61.12 -84.34 0.83
C PHE FA 212 61.19 -83.94 2.29
N ARG FA 213 62.17 -83.12 2.64
CA ARG FA 213 62.53 -82.89 4.02
C ARG FA 213 61.76 -81.73 4.63
N THR FA 214 61.34 -80.74 3.84
CA THR FA 214 60.64 -79.60 4.40
C THR FA 214 59.15 -79.68 4.08
N LEU FA 215 58.83 -79.82 2.79
CA LEU FA 215 57.44 -79.79 2.37
C LEU FA 215 56.73 -81.11 2.65
N LYS FA 216 57.50 -82.19 2.84
CA LYS FA 216 56.99 -83.51 3.20
C LYS FA 216 55.97 -83.99 2.20
N LEU FA 217 56.14 -83.70 0.88
CA LEU FA 217 55.33 -84.34 -0.14
C LEU FA 217 55.94 -85.71 -0.44
N THR FA 218 55.08 -86.71 -0.52
CA THR FA 218 55.51 -88.08 -0.78
C THR FA 218 55.88 -88.30 -2.24
N THR FA 219 55.06 -87.73 -3.13
CA THR FA 219 55.19 -87.87 -4.56
C THR FA 219 55.20 -86.48 -5.20
N PRO FA 220 56.35 -85.78 -5.21
CA PRO FA 220 56.42 -84.50 -5.91
C PRO FA 220 56.59 -84.67 -7.41
N THR FA 221 55.60 -84.14 -8.17
CA THR FA 221 55.71 -84.19 -9.61
C THR FA 221 56.47 -82.94 -10.10
N TYR FA 222 56.60 -82.82 -11.41
CA TYR FA 222 57.17 -81.62 -11.99
C TYR FA 222 56.26 -80.41 -11.83
N GLY FA 223 54.98 -80.63 -11.61
CA GLY FA 223 54.05 -79.56 -11.30
C GLY FA 223 54.42 -78.85 -10.01
N ASP FA 224 54.82 -79.62 -9.01
CA ASP FA 224 55.11 -79.08 -7.70
C ASP FA 224 56.51 -78.45 -7.66
N LEU FA 225 57.46 -79.03 -8.42
CA LEU FA 225 58.79 -78.48 -8.49
C LEU FA 225 58.80 -77.12 -9.20
N ASN FA 226 58.03 -77.03 -10.28
CA ASN FA 226 57.93 -75.79 -11.05
C ASN FA 226 57.22 -74.70 -10.27
N HIS FA 227 56.33 -75.12 -9.36
CA HIS FA 227 55.61 -74.16 -8.52
C HIS FA 227 56.56 -73.49 -7.55
N LEU FA 228 57.56 -74.22 -7.09
CA LEU FA 228 58.54 -73.71 -6.14
C LEU FA 228 59.47 -72.72 -6.82
N VAL FA 229 59.88 -73.04 -8.05
CA VAL FA 229 60.77 -72.16 -8.78
C VAL FA 229 60.02 -70.89 -9.19
N SER FA 230 58.72 -71.04 -9.53
CA SER FA 230 57.92 -69.89 -9.92
C SER FA 230 57.69 -68.94 -8.74
N ALA FA 231 57.66 -69.50 -7.51
CA ALA FA 231 57.48 -68.66 -6.33
C ALA FA 231 58.70 -67.75 -6.14
N ALA FA 232 59.89 -68.28 -6.41
CA ALA FA 232 61.11 -67.50 -6.27
C ALA FA 232 61.23 -66.51 -7.43
N MET FA 233 60.70 -66.87 -8.62
CA MET FA 233 60.78 -66.00 -9.77
C MET FA 233 59.89 -64.76 -9.57
N SER FA 234 58.75 -64.95 -8.87
CA SER FA 234 57.89 -63.81 -8.59
C SER FA 234 58.46 -62.92 -7.50
N GLY FA 235 59.23 -63.50 -6.60
CA GLY FA 235 59.75 -62.73 -5.47
C GLY FA 235 60.86 -61.76 -5.88
N VAL FA 236 61.58 -62.08 -6.97
CA VAL FA 236 62.70 -61.25 -7.37
C VAL FA 236 62.19 -59.98 -8.07
N THR FA 237 60.98 -60.04 -8.62
CA THR FA 237 60.38 -58.88 -9.29
C THR FA 237 59.12 -58.45 -8.53
N CYS FA 238 59.13 -58.54 -7.22
CA CYS FA 238 58.08 -57.98 -6.37
C CYS FA 238 58.03 -56.44 -6.50
N CYS FA 239 59.23 -55.86 -6.46
CA CYS FA 239 59.37 -54.42 -6.34
C CYS FA 239 58.96 -53.70 -7.63
N LEU FA 240 59.09 -54.43 -8.76
CA LEU FA 240 58.72 -53.84 -10.04
C LEU FA 240 57.20 -53.67 -10.11
N ARG FA 241 56.44 -54.58 -9.47
CA ARG FA 241 55.04 -54.66 -9.71
C ARG FA 241 54.24 -54.08 -8.56
N PHE FA 242 54.82 -53.90 -7.40
CA PHE FA 242 54.09 -53.41 -6.22
C PHE FA 242 54.95 -52.39 -5.51
N PRO FA 243 54.32 -51.41 -4.83
CA PRO FA 243 55.09 -50.43 -4.06
C PRO FA 243 55.65 -51.04 -2.78
N GLY FA 244 56.56 -50.29 -2.16
CA GLY FA 244 57.30 -50.85 -1.05
C GLY FA 244 58.03 -49.75 -0.30
N GLN FA 245 58.43 -50.08 0.96
CA GLN FA 245 59.09 -49.13 1.82
C GLN FA 245 60.54 -48.93 1.38
N LEU FA 246 61.20 -50.02 1.00
CA LEU FA 246 62.57 -49.94 0.50
C LEU FA 246 62.68 -50.69 -0.81
N ASN FA 247 62.64 -49.93 -1.89
CA ASN FA 247 62.40 -50.50 -3.23
C ASN FA 247 63.72 -50.99 -3.81
N SER FA 248 63.61 -52.05 -4.63
CA SER FA 248 64.79 -52.69 -5.19
C SER FA 248 64.47 -53.32 -6.50
N ASP FA 249 64.92 -52.75 -7.63
CA ASP FA 249 64.73 -53.30 -8.94
C ASP FA 249 65.71 -54.44 -9.24
N LEU FA 250 65.72 -54.88 -10.47
CA LEU FA 250 66.67 -55.95 -10.83
C LEU FA 250 68.07 -55.38 -10.97
N ARG FA 251 68.18 -54.15 -11.47
CA ARG FA 251 69.51 -53.54 -11.63
C ARG FA 251 70.05 -53.09 -10.29
N LYS FA 252 69.14 -52.79 -9.34
CA LYS FA 252 69.52 -52.50 -7.97
C LYS FA 252 70.18 -53.72 -7.35
N LEU FA 253 69.66 -54.92 -7.66
CA LEU FA 253 70.20 -56.16 -7.15
C LEU FA 253 71.55 -56.46 -7.82
N ALA FA 254 71.69 -56.08 -9.09
CA ALA FA 254 72.88 -56.40 -9.86
C ALA FA 254 74.09 -55.62 -9.38
N VAL FA 255 73.90 -54.34 -9.05
CA VAL FA 255 75.00 -53.50 -8.64
C VAL FA 255 75.53 -53.92 -7.25
N ASN FA 256 74.63 -54.50 -6.46
CA ASN FA 256 74.99 -54.82 -5.09
C ASN FA 256 75.50 -56.25 -4.89
N LEU FA 257 75.18 -57.14 -5.81
CA LEU FA 257 75.57 -58.54 -5.66
C LEU FA 257 76.86 -58.95 -6.34
N ILE FA 258 77.19 -58.26 -7.43
CA ILE FA 258 78.28 -58.71 -8.30
C ILE FA 258 79.52 -57.88 -8.03
N PRO FA 259 80.57 -58.43 -7.41
CA PRO FA 259 81.76 -57.64 -7.15
C PRO FA 259 82.62 -57.40 -8.38
N PHE FA 260 82.75 -58.40 -9.23
CA PHE FA 260 83.58 -58.44 -10.42
C PHE FA 260 82.73 -59.05 -11.52
N PRO FA 261 82.87 -58.60 -12.80
CA PRO FA 261 81.87 -58.88 -13.82
C PRO FA 261 81.77 -60.33 -14.25
N ARG FA 262 82.82 -61.14 -13.98
CA ARG FA 262 82.81 -62.52 -14.45
C ARG FA 262 81.90 -63.40 -13.58
N LEU FA 263 81.78 -63.04 -12.27
CA LEU FA 263 81.06 -63.92 -11.39
C LEU FA 263 79.67 -63.33 -11.11
N HIS FA 264 78.66 -63.94 -11.70
CA HIS FA 264 77.29 -63.49 -11.46
C HIS FA 264 76.35 -64.70 -11.37
N PHE FA 265 76.80 -65.75 -10.72
CA PHE FA 265 76.03 -66.97 -10.55
C PHE FA 265 75.54 -67.06 -9.12
N PHE FA 266 74.19 -67.19 -8.99
CA PHE FA 266 73.55 -66.92 -7.72
C PHE FA 266 72.85 -68.15 -7.20
N LEU FA 267 72.65 -68.15 -5.89
CA LEU FA 267 71.89 -69.21 -5.22
C LEU FA 267 70.54 -68.62 -4.87
N ILE FA 268 69.47 -69.43 -4.99
CA ILE FA 268 68.14 -68.96 -4.67
C ILE FA 268 67.59 -69.75 -3.50
N GLY FA 269 66.87 -69.04 -2.60
CA GLY FA 269 66.11 -69.64 -1.56
C GLY FA 269 64.74 -69.01 -1.42
N PHE FA 270 63.84 -69.77 -0.80
CA PHE FA 270 62.51 -69.24 -0.54
C PHE FA 270 62.09 -69.62 0.88
N ALA FA 271 61.39 -68.72 1.55
CA ALA FA 271 60.90 -68.94 2.89
C ALA FA 271 59.62 -68.14 3.06
N PRO FA 272 58.60 -68.64 3.81
CA PRO FA 272 58.63 -69.93 4.51
C PRO FA 272 58.20 -71.10 3.64
N LEU FA 273 58.64 -72.29 4.01
CA LEU FA 273 58.28 -73.54 3.36
C LEU FA 273 58.02 -74.56 4.45
N THR FA 274 56.72 -74.79 4.69
CA THR FA 274 56.27 -75.71 5.71
C THR FA 274 55.28 -76.67 5.08
N SER FA 275 55.16 -77.86 5.72
CA SER FA 275 54.25 -78.89 5.28
C SER FA 275 52.83 -78.45 5.58
N ARG FA 276 51.85 -79.18 5.06
CA ARG FA 276 50.44 -78.95 5.38
C ARG FA 276 50.16 -79.17 6.87
N GLY FA 277 50.83 -80.18 7.45
CA GLY FA 277 50.70 -80.49 8.85
C GLY FA 277 51.21 -79.39 9.78
N SER FA 278 52.34 -78.81 9.41
CA SER FA 278 53.12 -77.91 10.26
C SER FA 278 52.87 -76.47 9.89
N GLN FA 279 51.77 -76.19 9.12
CA GLN FA 279 51.38 -74.78 8.95
C GLN FA 279 50.87 -74.17 10.28
N GLN FA 280 50.18 -74.96 11.06
CA GLN FA 280 49.53 -74.40 12.23
C GLN FA 280 50.44 -74.42 13.44
N TYR FA 281 51.62 -75.07 13.34
CA TYR FA 281 52.52 -75.12 14.50
C TYR FA 281 53.58 -73.99 14.50
N ARG FA 282 53.74 -73.32 13.36
CA ARG FA 282 54.97 -72.56 13.19
C ARG FA 282 54.70 -71.06 13.31
N ALA FA 283 55.53 -70.38 14.09
CA ALA FA 283 55.74 -68.95 14.14
C ALA FA 283 56.10 -68.25 12.81
N LEU FA 284 55.25 -67.43 12.27
CA LEU FA 284 55.69 -66.57 11.17
C LEU FA 284 56.16 -65.23 11.68
N SER FA 285 57.44 -64.96 11.72
CA SER FA 285 57.99 -63.67 12.07
C SER FA 285 59.24 -63.43 11.27
N VAL FA 286 59.76 -62.20 11.27
CA VAL FA 286 60.98 -61.87 10.55
C VAL FA 286 62.19 -62.67 11.04
N PRO FA 287 62.42 -62.87 12.37
CA PRO FA 287 63.56 -63.67 12.80
C PRO FA 287 63.57 -65.11 12.35
N GLU FA 288 62.41 -65.73 12.26
CA GLU FA 288 62.35 -67.12 11.80
C GLU FA 288 62.56 -67.24 10.30
N LEU FA 289 62.16 -66.19 9.58
CA LEU FA 289 62.32 -66.18 8.13
C LEU FA 289 63.78 -66.11 7.75
N THR FA 290 64.55 -65.31 8.50
CA THR FA 290 65.95 -65.14 8.19
C THR FA 290 66.76 -66.38 8.56
N GLN FA 291 66.28 -67.20 9.50
CA GLN FA 291 66.96 -68.40 9.87
C GLN FA 291 66.72 -69.49 8.83
N GLN FA 292 65.54 -69.53 8.24
CA GLN FA 292 65.23 -70.50 7.22
C GLN FA 292 65.91 -70.10 5.92
N MET FA 293 66.17 -68.80 5.71
CA MET FA 293 66.86 -68.42 4.48
C MET FA 293 68.34 -68.83 4.49
N PHE FA 294 69.00 -68.62 5.61
CA PHE FA 294 70.41 -68.96 5.80
C PHE FA 294 70.60 -70.39 6.29
N ASP FA 295 70.09 -71.33 5.56
CA ASP FA 295 69.98 -72.71 5.96
C ASP FA 295 70.21 -73.55 4.72
N ALA FA 296 71.15 -74.52 4.84
CA ALA FA 296 71.69 -75.13 3.62
C ALA FA 296 70.62 -76.02 2.97
N LYS FA 297 69.70 -76.56 3.78
CA LYS FA 297 68.68 -77.44 3.21
C LYS FA 297 67.57 -76.68 2.50
N ASN FA 298 67.57 -75.35 2.59
CA ASN FA 298 66.52 -74.53 2.01
C ASN FA 298 67.11 -73.65 0.89
N MET FA 299 68.11 -74.14 0.21
CA MET FA 299 68.70 -73.57 -0.98
C MET FA 299 68.23 -74.40 -2.19
N MET FA 300 68.00 -73.71 -3.32
CA MET FA 300 67.62 -74.37 -4.54
C MET FA 300 68.83 -74.79 -5.36
N CYS FA 301 70.04 -74.69 -4.80
CA CYS FA 301 71.23 -75.22 -5.41
C CYS FA 301 71.82 -76.31 -4.52
N ALA FA 302 72.22 -77.43 -5.13
CA ALA FA 302 72.79 -78.55 -4.41
C ALA FA 302 74.28 -78.31 -4.12
N SER FA 303 74.63 -77.11 -3.68
CA SER FA 303 76.00 -76.85 -3.28
C SER FA 303 75.95 -76.24 -1.88
N ASP FA 304 76.64 -76.86 -0.95
CA ASP FA 304 76.54 -76.52 0.45
C ASP FA 304 77.20 -75.18 0.70
N PRO FA 305 76.43 -74.14 1.12
CA PRO FA 305 76.99 -72.82 1.25
C PRO FA 305 77.94 -72.64 2.44
N ARG FA 306 77.92 -73.62 3.39
CA ARG FA 306 78.79 -73.45 4.55
C ARG FA 306 80.22 -73.87 4.21
N HIS FA 307 80.47 -74.45 3.05
CA HIS FA 307 81.83 -74.78 2.66
C HIS FA 307 82.59 -73.59 2.11
N GLY FA 308 81.91 -72.46 1.86
CA GLY FA 308 82.49 -71.29 1.25
C GLY FA 308 82.18 -70.04 2.06
N ARG FA 309 82.21 -68.91 1.38
CA ARG FA 309 81.90 -67.62 1.96
C ARG FA 309 80.84 -67.01 1.07
N TYR FA 310 79.80 -66.43 1.69
CA TYR FA 310 78.93 -65.52 0.97
C TYR FA 310 79.70 -64.25 0.68
N LEU FA 311 79.91 -63.98 -0.62
CA LEU FA 311 80.60 -62.77 -1.04
C LEU FA 311 79.68 -61.59 -0.80
N THR FA 312 78.45 -61.65 -1.32
CA THR FA 312 77.40 -60.69 -0.98
C THR FA 312 76.09 -61.45 -1.16
N ALA FA 313 75.09 -61.10 -0.33
CA ALA FA 313 73.80 -61.69 -0.43
C ALA FA 313 72.72 -60.66 -0.25
N SER FA 314 71.52 -60.98 -0.73
CA SER FA 314 70.40 -60.06 -0.68
C SER FA 314 69.12 -60.81 -0.29
N ALA FA 315 68.26 -60.11 0.43
CA ALA FA 315 67.00 -60.66 0.88
C ALA FA 315 65.87 -59.71 0.54
N MET FA 316 65.01 -60.15 -0.38
CA MET FA 316 63.88 -59.34 -0.82
C MET FA 316 62.64 -59.88 -0.08
N PHE FA 317 62.26 -59.12 0.93
CA PHE FA 317 61.16 -59.51 1.79
C PHE FA 317 59.87 -58.99 1.16
N ARG FA 318 58.75 -59.63 1.50
CA ARG FA 318 57.45 -59.20 1.08
C ARG FA 318 56.49 -59.27 2.26
N GLY FA 319 55.68 -58.22 2.40
CA GLY FA 319 54.63 -58.20 3.41
C GLY FA 319 54.71 -56.97 4.33
N ARG FA 320 53.70 -56.84 5.16
CA ARG FA 320 53.65 -55.76 6.14
C ARG FA 320 54.44 -56.16 7.37
N MET FA 321 55.64 -55.63 7.52
CA MET FA 321 56.49 -55.98 8.64
C MET FA 321 57.28 -54.75 9.08
N SER FA 322 58.08 -54.91 10.14
CA SER FA 322 58.86 -53.83 10.68
C SER FA 322 60.27 -53.89 10.11
N THR FA 323 60.80 -52.69 9.83
CA THR FA 323 62.08 -52.66 9.13
C THR FA 323 63.25 -52.72 10.09
N LYS FA 324 63.04 -52.47 11.39
CA LYS FA 324 64.15 -52.69 12.32
C LYS FA 324 64.37 -54.17 12.50
N GLU FA 325 63.33 -55.01 12.56
CA GLU FA 325 63.54 -56.44 12.57
C GLU FA 325 64.15 -56.95 11.28
N VAL FA 326 63.90 -56.24 10.18
CA VAL FA 326 64.60 -56.54 8.95
C VAL FA 326 66.07 -56.14 9.10
N ASP FA 327 66.33 -55.01 9.75
CA ASP FA 327 67.67 -54.50 9.86
C ASP FA 327 68.53 -55.23 10.91
N GLU FA 328 67.88 -55.61 12.01
CA GLU FA 328 68.61 -56.21 13.12
C GLU FA 328 68.98 -57.66 12.78
N GLN FA 329 68.10 -58.33 12.00
CA GLN FA 329 68.38 -59.72 11.69
C GLN FA 329 69.51 -59.86 10.68
N MET FA 330 69.62 -58.87 9.76
CA MET FA 330 70.73 -58.95 8.84
C MET FA 330 72.03 -58.57 9.54
N LEU FA 331 71.95 -57.80 10.63
CA LEU FA 331 73.11 -57.60 11.46
C LEU FA 331 73.43 -58.88 12.25
N ASN FA 332 72.37 -59.57 12.69
CA ASN FA 332 72.53 -60.73 13.54
C ASN FA 332 73.20 -61.86 12.84
N VAL FA 333 72.87 -62.03 11.53
CA VAL FA 333 73.42 -63.16 10.81
C VAL FA 333 74.89 -62.92 10.49
N GLN FA 334 75.29 -61.67 10.34
CA GLN FA 334 76.69 -61.39 10.04
C GLN FA 334 77.55 -61.54 11.29
N ASN FA 335 76.96 -61.27 12.46
CA ASN FA 335 77.70 -61.38 13.72
C ASN FA 335 77.76 -62.82 14.17
N LYS FA 336 76.67 -63.60 14.00
CA LYS FA 336 76.68 -64.95 14.53
C LYS FA 336 77.45 -65.89 13.61
N ASN FA 337 77.15 -65.84 12.33
CA ASN FA 337 77.83 -66.69 11.35
C ASN FA 337 78.91 -65.79 10.73
N SER FA 338 79.93 -65.50 11.56
CA SER FA 338 81.00 -64.63 11.14
C SER FA 338 81.91 -65.29 10.08
N SER FA 339 82.09 -66.59 10.18
CA SER FA 339 83.05 -67.31 9.35
C SER FA 339 82.53 -67.51 7.93
N TYR FA 340 81.25 -67.35 7.70
CA TYR FA 340 80.62 -67.67 6.41
C TYR FA 340 80.50 -66.39 5.57
N PHE FA 341 81.05 -65.27 6.03
CA PHE FA 341 81.04 -64.07 5.22
C PHE FA 341 82.45 -63.61 4.94
N VAL FA 342 82.62 -62.92 3.82
CA VAL FA 342 83.91 -62.41 3.42
C VAL FA 342 84.19 -61.12 4.17
N GLU FA 343 85.48 -60.84 4.41
CA GLU FA 343 85.86 -59.83 5.40
C GLU FA 343 86.05 -58.45 4.77
N TRP FA 344 86.52 -58.40 3.53
CA TRP FA 344 86.85 -57.15 2.89
C TRP FA 344 85.63 -56.47 2.28
N ILE FA 345 84.42 -57.07 2.40
CA ILE FA 345 83.20 -56.31 2.14
C ILE FA 345 82.43 -56.14 3.45
N PRO FA 346 82.38 -54.93 4.00
CA PRO FA 346 81.63 -54.73 5.24
C PRO FA 346 80.15 -54.67 4.95
N ASN FA 347 79.32 -55.24 5.84
CA ASN FA 347 77.89 -55.36 5.62
C ASN FA 347 77.59 -56.00 4.27
N ASN FA 348 77.88 -57.28 4.13
CA ASN FA 348 77.64 -58.07 2.96
C ASN FA 348 76.17 -58.29 2.58
N MET FA 349 75.22 -57.94 3.47
CA MET FA 349 73.83 -58.18 3.23
C MET FA 349 73.07 -56.91 2.78
N LYS FA 350 72.15 -57.14 1.86
CA LYS FA 350 71.24 -56.12 1.37
C LYS FA 350 69.83 -56.58 1.66
N SER FA 351 68.98 -55.65 2.10
CA SER FA 351 67.60 -55.89 2.41
C SER FA 351 66.69 -55.01 1.55
N SER FA 352 65.48 -55.51 1.35
CA SER FA 352 64.48 -54.85 0.52
C SER FA 352 63.12 -55.25 1.06
N VAL FA 353 62.21 -54.28 1.14
CA VAL FA 353 60.87 -54.49 1.66
C VAL FA 353 59.89 -54.21 0.53
N CYS FA 354 59.08 -55.22 0.21
CA CYS FA 354 57.92 -55.04 -0.67
C CYS FA 354 56.70 -55.18 0.23
N ASP FA 355 55.67 -54.33 -0.04
CA ASP FA 355 54.53 -54.29 0.83
C ASP FA 355 53.47 -55.36 0.56
N ILE FA 356 53.53 -56.01 -0.60
CA ILE FA 356 52.46 -56.93 -0.98
C ILE FA 356 53.00 -58.34 -0.98
N PRO FA 357 52.56 -59.20 -0.05
CA PRO FA 357 53.14 -60.54 0.05
C PRO FA 357 52.50 -61.42 -1.03
N PRO FA 358 53.02 -62.62 -1.29
CA PRO FA 358 52.32 -63.61 -2.09
C PRO FA 358 51.02 -64.06 -1.42
N LYS FA 359 50.12 -64.57 -2.28
CA LYS FA 359 48.76 -64.81 -1.88
C LYS FA 359 48.68 -65.95 -0.87
N GLY FA 360 48.01 -65.66 0.25
CA GLY FA 360 47.79 -66.65 1.29
C GLY FA 360 48.81 -66.52 2.43
N LEU FA 361 49.96 -65.90 2.19
CA LEU FA 361 50.97 -65.83 3.23
C LEU FA 361 51.12 -64.39 3.71
N LYS FA 362 51.37 -64.25 5.01
CA LYS FA 362 51.35 -62.90 5.56
C LYS FA 362 52.69 -62.21 5.37
N MET FA 363 53.74 -63.00 5.20
CA MET FA 363 55.12 -62.48 5.18
C MET FA 363 55.95 -63.56 4.52
N SER FA 364 56.86 -63.14 3.64
CA SER FA 364 57.63 -64.11 2.83
C SER FA 364 58.90 -63.44 2.37
N VAL FA 365 59.88 -64.22 1.94
CA VAL FA 365 61.18 -63.71 1.56
C VAL FA 365 61.73 -64.59 0.45
N THR FA 366 62.44 -63.94 -0.47
CA THR FA 366 63.28 -64.61 -1.43
C THR FA 366 64.73 -64.20 -1.18
N PHE FA 367 65.61 -65.19 -1.27
CA PHE FA 367 67.00 -64.99 -0.99
C PHE FA 367 67.81 -65.18 -2.24
N VAL FA 368 68.63 -64.18 -2.58
CA VAL FA 368 69.58 -64.33 -3.66
C VAL FA 368 70.97 -64.10 -3.11
N GLY FA 369 71.83 -65.14 -3.16
CA GLY FA 369 73.15 -64.97 -2.62
C GLY FA 369 74.28 -65.32 -3.60
N ASN FA 370 75.28 -64.44 -3.68
CA ASN FA 370 76.46 -64.70 -4.49
C ASN FA 370 77.50 -65.37 -3.60
N SER FA 371 77.57 -66.71 -3.70
CA SER FA 371 78.49 -67.45 -2.87
C SER FA 371 79.66 -68.00 -3.71
N THR FA 372 80.78 -68.22 -3.04
CA THR FA 372 81.92 -68.87 -3.63
C THR FA 372 81.87 -70.38 -3.41
N ALA FA 373 80.79 -70.86 -2.78
CA ALA FA 373 80.57 -72.31 -2.65
C ALA FA 373 79.97 -72.88 -3.92
N ILE FA 374 79.68 -72.04 -4.92
CA ILE FA 374 79.13 -72.52 -6.19
C ILE FA 374 80.27 -73.10 -7.07
N GLN FA 375 81.51 -73.02 -6.56
CA GLN FA 375 82.59 -73.73 -7.22
C GLN FA 375 82.41 -75.22 -7.09
N GLU FA 376 81.63 -75.76 -6.17
CA GLU FA 376 81.41 -77.17 -6.02
C GLU FA 376 80.71 -77.77 -7.26
N MET FA 377 79.78 -76.97 -7.87
CA MET FA 377 79.11 -77.51 -9.02
C MET FA 377 79.97 -77.40 -10.26
N PHE FA 378 80.71 -76.29 -10.38
CA PHE FA 378 81.57 -76.09 -11.53
C PHE FA 378 82.72 -77.09 -11.55
N LYS FA 379 83.20 -77.52 -10.37
CA LYS FA 379 84.23 -78.53 -10.34
C LYS FA 379 83.68 -79.90 -10.75
N ARG FA 380 82.45 -80.17 -10.33
CA ARG FA 380 81.86 -81.48 -10.55
C ARG FA 380 81.55 -81.72 -12.03
N VAL FA 381 81.04 -80.66 -12.64
CA VAL FA 381 80.73 -80.75 -14.07
C VAL FA 381 82.01 -80.67 -14.87
N SER FA 382 83.04 -79.95 -14.39
CA SER FA 382 84.28 -79.93 -15.13
C SER FA 382 84.97 -81.28 -15.12
N ASP FA 383 84.95 -81.99 -14.01
CA ASP FA 383 85.58 -83.29 -13.92
C ASP FA 383 84.83 -84.34 -14.74
N GLN FA 384 83.50 -84.21 -14.82
CA GLN FA 384 82.72 -85.10 -15.65
C GLN FA 384 82.98 -84.79 -17.13
N PHE FA 385 83.20 -83.50 -17.44
CA PHE FA 385 83.47 -83.15 -18.81
C PHE FA 385 84.87 -83.59 -19.22
N THR FA 386 85.83 -83.44 -18.32
CA THR FA 386 87.20 -83.79 -18.64
C THR FA 386 87.39 -85.26 -18.69
N ALA FA 387 86.56 -86.04 -17.98
CA ALA FA 387 86.64 -87.51 -18.04
C ALA FA 387 86.23 -88.00 -19.42
N MET FA 388 85.21 -87.40 -19.99
CA MET FA 388 84.68 -87.89 -21.26
C MET FA 388 85.45 -87.31 -22.46
N PHE FA 389 86.05 -86.12 -22.28
CA PHE FA 389 86.68 -85.45 -23.38
C PHE FA 389 88.08 -85.98 -23.69
N ARG FA 390 88.74 -86.57 -22.68
CA ARG FA 390 90.05 -87.15 -22.85
C ARG FA 390 89.98 -88.34 -23.80
N ARG FA 391 88.86 -89.08 -23.75
CA ARG FA 391 88.69 -90.23 -24.59
C ARG FA 391 87.85 -89.90 -25.83
N LYS FA 392 87.42 -88.64 -25.98
CA LYS FA 392 86.63 -88.23 -27.12
C LYS FA 392 85.35 -89.06 -27.29
N ALA FA 393 84.69 -89.33 -26.18
CA ALA FA 393 83.39 -89.97 -26.17
C ALA FA 393 82.31 -89.00 -26.59
N PHE FA 394 81.37 -89.47 -27.44
CA PHE FA 394 80.21 -88.72 -27.90
C PHE FA 394 80.59 -87.42 -28.61
N LEU FA 395 81.82 -87.29 -29.11
CA LEU FA 395 82.24 -86.01 -29.69
C LEU FA 395 81.87 -85.93 -31.17
N HIS FA 396 81.73 -87.09 -31.83
CA HIS FA 396 81.44 -87.09 -33.26
C HIS FA 396 80.00 -86.67 -33.55
N TRP FA 397 79.14 -86.76 -32.54
CA TRP FA 397 77.78 -86.27 -32.60
C TRP FA 397 77.77 -84.75 -32.60
N TYR FA 398 78.80 -84.06 -32.10
CA TYR FA 398 78.90 -82.64 -32.13
C TYR FA 398 79.76 -82.18 -33.29
N THR FA 399 80.91 -82.80 -33.47
CA THR FA 399 81.90 -82.38 -34.45
C THR FA 399 81.42 -82.64 -35.87
N GLY FA 400 80.51 -83.62 -36.05
CA GLY FA 400 79.92 -83.88 -37.34
C GLY FA 400 79.02 -82.75 -37.93
N GLU FA 401 78.49 -81.93 -37.01
CA GLU FA 401 77.56 -80.89 -37.49
C GLU FA 401 78.18 -79.49 -37.41
N GLY FA 402 79.46 -79.39 -37.13
CA GLY FA 402 80.19 -78.16 -37.51
C GLY FA 402 80.79 -77.41 -36.32
N MET FA 403 81.15 -78.17 -35.28
CA MET FA 403 81.98 -77.53 -34.23
C MET FA 403 83.44 -77.94 -34.40
N ASP FA 404 84.36 -76.99 -34.24
CA ASP FA 404 85.75 -77.35 -34.24
C ASP FA 404 86.15 -77.91 -32.88
N GLU FA 405 87.30 -78.58 -32.88
CA GLU FA 405 87.87 -79.21 -31.70
C GLU FA 405 88.30 -78.17 -30.67
N MET FA 406 88.66 -76.95 -31.17
CA MET FA 406 89.17 -75.93 -30.29
C MET FA 406 88.13 -75.31 -29.40
N GLU FA 407 86.89 -75.34 -29.78
CA GLU FA 407 85.81 -74.76 -29.01
C GLU FA 407 85.56 -75.55 -27.71
N PHE FA 408 85.86 -76.88 -27.73
CA PHE FA 408 85.70 -77.61 -26.50
C PHE FA 408 86.80 -77.28 -25.49
N THR FA 409 88.00 -77.08 -26.00
CA THR FA 409 89.14 -76.73 -25.15
C THR FA 409 88.95 -75.33 -24.56
N GLU FA 410 88.35 -74.43 -25.36
CA GLU FA 410 88.06 -73.09 -24.87
C GLU FA 410 86.99 -73.15 -23.78
N ALA FA 411 86.00 -74.04 -23.95
CA ALA FA 411 84.92 -74.16 -22.99
C ALA FA 411 85.45 -74.65 -21.64
N GLU FA 412 86.36 -75.61 -21.68
CA GLU FA 412 86.94 -76.16 -20.46
C GLU FA 412 87.84 -75.14 -19.78
N SER FA 413 88.59 -74.36 -20.58
CA SER FA 413 89.48 -73.36 -20.02
C SER FA 413 88.69 -72.22 -19.35
N ASN FA 414 87.58 -71.83 -19.98
CA ASN FA 414 86.75 -70.77 -19.44
C ASN FA 414 86.02 -71.21 -18.19
N MET FA 415 85.68 -72.48 -18.10
CA MET FA 415 85.02 -72.97 -16.88
C MET FA 415 86.07 -73.23 -15.78
N ASN FA 416 87.29 -73.62 -16.16
CA ASN FA 416 88.28 -73.92 -15.15
C ASN FA 416 88.78 -72.66 -14.47
N ASP FA 417 89.02 -71.64 -15.27
CA ASP FA 417 89.61 -70.41 -14.71
C ASP FA 417 88.57 -69.67 -13.88
N LEU FA 418 87.31 -69.83 -14.13
CA LEU FA 418 86.23 -69.30 -13.30
C LEU FA 418 86.24 -69.94 -11.91
N VAL FA 419 86.59 -71.19 -11.82
CA VAL FA 419 86.76 -71.88 -10.56
C VAL FA 419 87.96 -71.30 -9.81
N SER FA 420 89.03 -71.01 -10.52
CA SER FA 420 90.23 -70.43 -9.89
C SER FA 420 89.99 -69.00 -9.39
N GLU FA 421 89.15 -68.27 -10.07
CA GLU FA 421 88.68 -66.95 -9.72
C GLU FA 421 87.83 -66.96 -8.44
N TYR FA 422 87.05 -67.99 -8.21
CA TYR FA 422 86.32 -68.13 -7.00
C TYR FA 422 87.24 -68.41 -5.81
N GLN FA 423 88.30 -69.17 -6.06
CA GLN FA 423 89.23 -69.58 -5.03
C GLN FA 423 90.04 -68.36 -4.52
N GLN FA 424 90.28 -67.40 -5.38
CA GLN FA 424 91.08 -66.26 -5.00
C GLN FA 424 90.34 -65.35 -4.07
N TYR FA 425 89.03 -65.37 -3.99
CA TYR FA 425 88.26 -64.60 -3.02
C TYR FA 425 87.72 -65.46 -1.92
N GLN FA 426 88.16 -66.69 -1.74
CA GLN FA 426 87.58 -67.63 -0.79
C GLN FA 426 88.24 -67.51 0.60
N MET GA 1 32.22 -32.09 -61.10
CA MET GA 1 33.35 -32.04 -60.13
C MET GA 1 34.56 -32.77 -60.72
N ARG GA 2 35.21 -33.59 -59.89
CA ARG GA 2 36.25 -34.49 -60.37
C ARG GA 2 35.67 -35.91 -60.54
N GLU GA 3 36.00 -36.51 -61.69
CA GLU GA 3 35.44 -37.79 -62.07
C GLU GA 3 36.56 -38.74 -62.49
N ILE GA 4 36.46 -40.00 -62.06
CA ILE GA 4 37.38 -41.03 -62.49
C ILE GA 4 36.67 -42.02 -63.39
N VAL GA 5 37.22 -42.22 -64.58
CA VAL GA 5 36.71 -43.22 -65.49
C VAL GA 5 37.45 -44.53 -65.28
N HIS GA 6 36.70 -45.61 -65.05
CA HIS GA 6 37.29 -46.92 -64.83
C HIS GA 6 37.30 -47.73 -66.13
N VAL GA 7 38.43 -48.36 -66.42
CA VAL GA 7 38.58 -49.34 -67.46
C VAL GA 7 39.06 -50.65 -66.85
N GLN GA 8 38.35 -51.73 -67.18
CA GLN GA 8 38.77 -53.05 -66.73
C GLN GA 8 39.14 -53.92 -67.92
N GLY GA 9 40.38 -54.39 -67.99
CA GLY GA 9 40.86 -55.11 -69.14
C GLY GA 9 41.47 -56.46 -68.75
N GLY GA 10 41.10 -57.48 -69.56
CA GLY GA 10 41.51 -58.83 -69.35
C GLY GA 10 40.75 -59.58 -68.28
N GLN GA 11 41.07 -60.88 -68.14
CA GLN GA 11 40.37 -61.73 -67.20
C GLN GA 11 40.69 -61.31 -65.76
N CYS GA 12 41.96 -60.97 -65.49
CA CYS GA 12 42.35 -60.58 -64.16
C CYS GA 12 41.73 -59.24 -63.80
N GLY GA 13 41.74 -58.30 -64.77
CA GLY GA 13 41.20 -56.99 -64.52
C GLY GA 13 39.71 -56.96 -64.25
N ASN GA 14 39.00 -57.84 -64.94
CA ASN GA 14 37.54 -57.92 -64.79
C ASN GA 14 37.18 -58.52 -63.44
N GLN GA 15 37.91 -59.56 -63.01
CA GLN GA 15 37.59 -60.21 -61.75
C GLN GA 15 38.06 -59.39 -60.55
N ILE GA 16 39.12 -58.58 -60.71
CA ILE GA 16 39.51 -57.66 -59.66
C ILE GA 16 38.58 -56.47 -59.65
N GLY GA 17 38.12 -56.06 -60.80
CA GLY GA 17 37.32 -54.87 -60.95
C GLY GA 17 35.86 -55.11 -60.60
N ALA GA 18 35.37 -56.31 -60.82
CA ALA GA 18 33.99 -56.64 -60.43
C ALA GA 18 33.83 -56.60 -58.91
N LYS GA 19 34.90 -56.99 -58.20
CA LYS GA 19 34.86 -56.94 -56.76
C LYS GA 19 35.16 -55.54 -56.24
N PHE GA 20 35.84 -54.73 -57.05
CA PHE GA 20 36.07 -53.35 -56.69
C PHE GA 20 34.76 -52.58 -56.63
N TRP GA 21 33.88 -52.84 -57.59
CA TRP GA 21 32.61 -52.14 -57.62
C TRP GA 21 31.67 -52.66 -56.55
N GLU GA 22 31.98 -53.84 -55.99
CA GLU GA 22 31.22 -54.33 -54.85
C GLU GA 22 31.54 -53.54 -53.59
N VAL GA 23 32.80 -53.19 -53.42
CA VAL GA 23 33.23 -52.55 -52.17
C VAL GA 23 32.96 -51.05 -52.23
N ILE GA 24 32.98 -50.45 -53.42
CA ILE GA 24 32.65 -49.03 -53.53
C ILE GA 24 31.13 -48.82 -53.36
N SER GA 25 30.36 -49.69 -53.97
CA SER GA 25 28.90 -49.56 -53.92
C SER GA 25 28.37 -49.79 -52.52
N ASP GA 26 28.96 -50.71 -51.79
CA ASP GA 26 28.58 -50.97 -50.42
C ASP GA 26 28.97 -49.82 -49.50
N GLU GA 27 30.09 -49.17 -49.81
CA GLU GA 27 30.56 -48.06 -49.02
C GLU GA 27 29.69 -46.82 -49.24
N HIS GA 28 29.20 -46.65 -50.46
CA HIS GA 28 28.30 -45.54 -50.74
C HIS GA 28 26.81 -45.92 -50.56
N GLY GA 29 26.53 -47.21 -50.31
CA GLY GA 29 25.18 -47.63 -50.05
C GLY GA 29 24.30 -47.76 -51.30
N ILE GA 30 24.85 -48.34 -52.35
CA ILE GA 30 24.11 -48.61 -53.58
C ILE GA 30 23.73 -50.08 -53.62
N ASP GA 31 22.44 -50.31 -53.80
CA ASP GA 31 21.93 -51.68 -54.05
C ASP GA 31 22.42 -52.16 -55.39
N PRO GA 32 22.65 -53.45 -55.62
CA PRO GA 32 22.81 -54.00 -56.99
C PRO GA 32 21.79 -53.57 -58.03
N THR GA 33 20.60 -53.17 -57.61
CA THR GA 33 19.62 -52.66 -58.54
C THR GA 33 19.87 -51.21 -58.82
N GLY GA 34 20.87 -50.53 -58.22
CA GLY GA 34 21.23 -49.15 -58.45
C GLY GA 34 20.55 -48.16 -57.49
N THR GA 35 19.73 -48.68 -56.60
CA THR GA 35 18.86 -47.77 -55.84
C THR GA 35 19.60 -47.48 -54.56
N TYR GA 36 19.35 -46.32 -53.95
CA TYR GA 36 20.11 -45.97 -52.74
C TYR GA 36 19.38 -46.46 -51.48
N CYS GA 37 20.15 -46.93 -50.51
CA CYS GA 37 19.61 -47.08 -49.16
C CYS GA 37 20.69 -46.68 -48.16
N GLY GA 38 20.33 -46.00 -47.08
CA GLY GA 38 21.35 -45.73 -46.08
C GLY GA 38 21.28 -44.32 -45.46
N ASP GA 39 20.35 -43.50 -45.93
CA ASP GA 39 19.90 -42.24 -45.36
C ASP GA 39 20.97 -41.36 -44.69
N SER GA 40 22.06 -41.11 -45.42
CA SER GA 40 23.10 -40.20 -44.95
C SER GA 40 23.50 -39.30 -46.14
N ASP GA 41 23.69 -38.02 -45.84
CA ASP GA 41 23.99 -37.04 -46.89
C ASP GA 41 25.43 -37.21 -47.38
N LEU GA 42 26.33 -37.62 -46.50
CA LEU GA 42 27.74 -37.74 -46.78
C LEU GA 42 28.06 -38.80 -47.82
N GLN GA 43 27.17 -39.84 -47.90
CA GLN GA 43 27.39 -40.84 -48.93
C GLN GA 43 27.11 -40.31 -50.34
N LEU GA 44 26.12 -39.43 -50.44
CA LEU GA 44 25.55 -39.07 -51.74
C LEU GA 44 26.13 -37.75 -52.28
N GLU GA 45 26.81 -37.00 -51.40
CA GLU GA 45 27.21 -35.65 -51.79
C GLU GA 45 28.31 -35.66 -52.84
N ARG GA 46 29.17 -36.65 -52.75
CA ARG GA 46 30.20 -36.87 -53.76
C ARG GA 46 30.03 -38.31 -54.23
N ILE GA 47 29.15 -38.48 -55.20
CA ILE GA 47 28.93 -39.78 -55.81
C ILE GA 47 29.30 -39.76 -57.28
N ASN GA 48 29.37 -38.55 -57.85
CA ASN GA 48 29.63 -38.40 -59.28
C ASN GA 48 31.08 -38.72 -59.63
N VAL GA 49 31.93 -38.98 -58.64
CA VAL GA 49 33.30 -39.37 -58.92
C VAL GA 49 33.34 -40.75 -59.59
N PHE GA 50 32.35 -41.62 -59.31
CA PHE GA 50 32.35 -42.95 -59.86
C PHE GA 50 31.02 -43.36 -60.47
N TYR GA 51 29.96 -42.56 -60.26
CA TYR GA 51 28.65 -42.95 -60.70
C TYR GA 51 28.01 -41.89 -61.57
N ASN GA 52 26.98 -42.34 -62.31
CA ASN GA 52 26.22 -41.47 -63.18
C ASN GA 52 24.73 -41.66 -62.88
N GLU GA 53 24.00 -40.54 -62.70
CA GLU GA 53 22.57 -40.59 -62.57
C GLU GA 53 21.92 -40.97 -63.87
N ALA GA 54 20.85 -41.79 -63.88
CA ALA GA 54 20.25 -42.29 -65.06
C ALA GA 54 18.75 -41.97 -65.14
N THR GA 55 18.29 -40.94 -64.40
CA THR GA 55 16.96 -40.37 -64.39
C THR GA 55 15.85 -41.39 -64.17
N GLY GA 56 16.20 -42.61 -63.76
CA GLY GA 56 15.30 -43.54 -63.13
C GLY GA 56 15.55 -43.52 -61.62
N GLY GA 57 16.52 -42.63 -61.28
CA GLY GA 57 17.04 -42.53 -59.93
C GLY GA 57 18.21 -43.46 -59.67
N ARG GA 58 18.52 -44.36 -60.60
CA ARG GA 58 19.53 -45.36 -60.35
C ARG GA 58 20.91 -44.83 -60.77
N PHE GA 59 21.93 -45.42 -60.17
CA PHE GA 59 23.29 -45.05 -60.36
C PHE GA 59 24.02 -46.14 -61.13
N VAL GA 60 24.65 -45.75 -62.24
CA VAL GA 60 25.39 -46.70 -63.04
C VAL GA 60 26.87 -46.36 -62.91
N PRO GA 61 27.76 -47.36 -62.79
CA PRO GA 61 29.18 -47.09 -62.72
C PRO GA 61 29.73 -46.54 -64.04
N ARG GA 62 30.75 -45.68 -63.92
CA ARG GA 62 31.45 -45.15 -65.06
C ARG GA 62 32.58 -46.09 -65.45
N ALA GA 63 32.21 -47.35 -65.75
CA ALA GA 63 33.20 -48.38 -66.03
C ALA GA 63 33.05 -48.84 -67.49
N ILE GA 64 34.17 -49.14 -68.12
CA ILE GA 64 34.23 -49.75 -69.41
C ILE GA 64 34.85 -51.14 -69.27
N LEU GA 65 34.08 -52.16 -69.64
CA LEU GA 65 34.60 -53.51 -69.55
C LEU GA 65 35.16 -53.96 -70.89
N MET GA 66 36.42 -54.43 -70.93
CA MET GA 66 37.05 -54.88 -72.11
C MET GA 66 37.67 -56.27 -71.91
N ASP GA 67 37.35 -57.17 -72.86
CA ASP GA 67 38.02 -58.43 -72.99
C ASP GA 67 38.08 -58.84 -74.46
N LEU GA 68 38.71 -59.95 -74.75
CA LEU GA 68 38.64 -60.47 -76.14
C LEU GA 68 37.93 -61.78 -76.21
N GLU GA 69 37.38 -62.26 -75.10
CA GLU GA 69 36.59 -63.48 -75.05
C GLU GA 69 35.31 -63.12 -74.29
N PRO GA 70 34.15 -63.63 -74.71
CA PRO GA 70 32.90 -63.36 -74.00
C PRO GA 70 32.69 -64.12 -72.70
N GLY GA 71 33.66 -64.99 -72.32
CA GLY GA 71 33.54 -65.85 -71.16
C GLY GA 71 33.52 -65.10 -69.84
N THR GA 72 34.44 -64.19 -69.65
CA THR GA 72 34.60 -63.56 -68.34
C THR GA 72 33.54 -62.48 -68.12
N MET GA 73 33.02 -61.91 -69.21
CA MET GA 73 31.97 -60.93 -69.09
C MET GA 73 30.63 -61.60 -68.81
N ASP GA 74 30.47 -62.86 -69.23
CA ASP GA 74 29.29 -63.63 -68.87
C ASP GA 74 29.31 -63.91 -67.36
N SER GA 75 30.51 -64.13 -66.81
CA SER GA 75 30.69 -64.45 -65.41
C SER GA 75 30.33 -63.26 -64.53
N VAL GA 76 30.72 -62.05 -65.01
CA VAL GA 76 30.47 -60.85 -64.23
C VAL GA 76 28.98 -60.53 -64.25
N ARG GA 77 28.34 -60.70 -65.39
CA ARG GA 77 26.92 -60.44 -65.52
C ARG GA 77 26.07 -61.37 -64.70
N ALA GA 78 26.45 -62.65 -64.67
CA ALA GA 78 25.65 -63.68 -64.00
C ALA GA 78 25.77 -63.61 -62.48
N GLY GA 79 26.84 -63.02 -61.98
CA GLY GA 79 27.10 -62.95 -60.56
C GLY GA 79 26.26 -61.83 -59.93
N PRO GA 80 26.45 -61.60 -58.61
CA PRO GA 80 25.86 -60.45 -57.95
C PRO GA 80 26.51 -59.17 -58.49
N PHE GA 81 25.74 -58.09 -58.42
CA PHE GA 81 26.20 -56.74 -58.78
C PHE GA 81 26.63 -56.72 -60.24
N GLY GA 82 25.99 -57.54 -61.09
CA GLY GA 82 26.36 -57.54 -62.49
C GLY GA 82 25.44 -56.69 -63.38
N GLN GA 83 24.23 -56.53 -62.84
CA GLN GA 83 23.24 -55.72 -63.54
C GLN GA 83 23.37 -54.27 -63.15
N LEU GA 84 24.37 -53.92 -62.36
CA LEU GA 84 24.76 -52.53 -62.11
C LEU GA 84 25.34 -51.87 -63.36
N PHE GA 85 26.15 -52.68 -64.10
CA PHE GA 85 26.76 -52.20 -65.32
C PHE GA 85 25.83 -51.87 -66.44
N ARG GA 86 26.22 -50.91 -67.25
CA ARG GA 86 25.50 -50.62 -68.49
C ARG GA 86 25.82 -51.68 -69.52
N PRO GA 87 24.82 -52.27 -70.18
CA PRO GA 87 25.10 -53.36 -71.14
C PRO GA 87 25.88 -52.91 -72.37
N ASP GA 88 25.72 -51.63 -72.79
CA ASP GA 88 26.50 -51.25 -73.97
C ASP GA 88 27.84 -50.76 -73.51
N ASN GA 89 28.16 -50.64 -72.23
CA ASN GA 89 29.52 -50.38 -71.78
C ASN GA 89 30.44 -51.60 -71.93
N PHE GA 90 29.85 -52.79 -72.10
CA PHE GA 90 30.63 -53.95 -72.45
C PHE GA 90 31.09 -53.86 -73.90
N VAL GA 91 32.33 -54.25 -74.16
CA VAL GA 91 32.82 -54.53 -75.49
C VAL GA 91 33.31 -55.96 -75.57
N PHE GA 92 32.90 -56.66 -76.64
CA PHE GA 92 33.26 -58.06 -76.81
C PHE GA 92 34.36 -58.27 -77.82
N GLY GA 93 35.13 -59.33 -77.60
CA GLY GA 93 35.85 -59.97 -78.67
C GLY GA 93 35.33 -61.40 -78.82
N GLN GA 94 35.49 -61.97 -80.00
CA GLN GA 94 35.08 -63.33 -80.22
C GLN GA 94 36.25 -64.28 -80.38
N THR GA 95 37.41 -63.80 -80.82
CA THR GA 95 38.54 -64.64 -81.14
C THR GA 95 39.36 -64.98 -79.91
N GLY GA 96 39.79 -63.96 -79.15
CA GLY GA 96 40.58 -64.20 -77.97
C GLY GA 96 42.09 -64.11 -78.31
N ALA GA 97 42.81 -63.28 -77.56
CA ALA GA 97 44.23 -63.23 -77.56
C ALA GA 97 44.82 -64.42 -76.83
N GLY GA 98 45.44 -65.33 -77.63
CA GLY GA 98 45.87 -66.58 -77.04
C GLY GA 98 47.13 -66.46 -76.20
N ASN GA 99 47.01 -65.79 -75.07
CA ASN GA 99 48.11 -65.42 -74.15
C ASN GA 99 49.27 -64.75 -74.90
N ASN GA 100 48.92 -63.97 -75.90
CA ASN GA 100 49.92 -63.41 -76.82
C ASN GA 100 49.79 -61.92 -76.76
N TRP GA 101 50.86 -61.28 -76.34
CA TRP GA 101 50.94 -59.83 -76.29
C TRP GA 101 50.85 -59.20 -77.67
N ALA GA 102 51.43 -59.88 -78.66
CA ALA GA 102 51.51 -59.32 -80.01
C ALA GA 102 50.11 -59.25 -80.60
N LYS GA 103 49.32 -60.35 -80.46
CA LYS GA 103 48.01 -60.31 -81.06
C LYS GA 103 47.03 -59.51 -80.21
N GLY GA 104 47.37 -59.25 -78.94
CA GLY GA 104 46.55 -58.32 -78.17
C GLY GA 104 46.80 -56.88 -78.55
N HIS GA 105 48.06 -56.57 -78.85
CA HIS GA 105 48.45 -55.18 -79.12
C HIS GA 105 48.40 -54.81 -80.59
N TYR GA 106 48.67 -55.76 -81.48
CA TYR GA 106 48.79 -55.39 -82.88
C TYR GA 106 47.59 -55.88 -83.69
N THR GA 107 47.20 -57.16 -83.58
CA THR GA 107 46.39 -57.66 -84.69
C THR GA 107 44.88 -57.61 -84.40
N GLU GA 108 44.49 -58.32 -83.38
CA GLU GA 108 43.05 -58.49 -83.11
C GLU GA 108 42.65 -57.56 -82.01
N GLY GA 109 43.50 -56.80 -81.37
CA GLY GA 109 43.10 -55.71 -80.50
C GLY GA 109 42.84 -54.46 -81.29
N ALA GA 110 43.53 -54.27 -82.42
CA ALA GA 110 43.34 -53.10 -83.28
C ALA GA 110 42.00 -53.12 -83.99
N GLU GA 111 41.42 -54.27 -84.21
CA GLU GA 111 40.08 -54.39 -84.78
C GLU GA 111 39.01 -54.16 -83.71
N LEU GA 112 39.35 -54.03 -82.45
CA LEU GA 112 38.39 -53.75 -81.42
C LEU GA 112 38.53 -52.33 -80.89
N ILE GA 113 39.75 -51.76 -80.98
CA ILE GA 113 40.13 -50.60 -80.15
C ILE GA 113 39.35 -49.38 -80.59
N ASP GA 114 38.98 -49.28 -81.86
CA ASP GA 114 38.18 -48.17 -82.33
C ASP GA 114 36.80 -48.18 -81.71
N SER GA 115 36.27 -49.38 -81.41
CA SER GA 115 34.98 -49.49 -80.73
C SER GA 115 35.08 -49.14 -79.24
N VAL GA 116 36.17 -49.52 -78.61
CA VAL GA 116 36.40 -49.26 -77.23
C VAL GA 116 36.64 -47.75 -76.95
N LEU GA 117 37.31 -47.08 -77.93
CA LEU GA 117 37.57 -45.68 -77.79
C LEU GA 117 36.26 -44.85 -77.86
N ASP GA 118 35.25 -45.37 -78.58
CA ASP GA 118 33.98 -44.71 -78.62
C ASP GA 118 33.30 -44.71 -77.26
N VAL GA 119 33.39 -45.81 -76.54
CA VAL GA 119 32.67 -45.92 -75.29
C VAL GA 119 33.38 -45.12 -74.19
N VAL GA 120 34.70 -45.06 -74.28
CA VAL GA 120 35.44 -44.33 -73.26
C VAL GA 120 35.26 -42.82 -73.49
N ARG GA 121 35.14 -42.39 -74.74
CA ARG GA 121 34.91 -40.98 -75.00
C ARG GA 121 33.50 -40.58 -74.60
N LYS GA 122 32.54 -41.49 -74.73
CA LYS GA 122 31.16 -41.18 -74.38
C LYS GA 122 31.04 -40.90 -72.89
N GLU GA 123 31.75 -41.67 -72.06
CA GLU GA 123 31.69 -41.43 -70.63
C GLU GA 123 32.57 -40.26 -70.18
N ALA GA 124 33.71 -40.06 -70.87
CA ALA GA 124 34.66 -39.05 -70.49
C ALA GA 124 34.15 -37.63 -70.76
N GLU GA 125 33.61 -37.44 -71.97
CA GLU GA 125 33.25 -36.10 -72.44
C GLU GA 125 31.91 -35.70 -71.88
N GLY GA 126 31.13 -36.68 -71.34
CA GLY GA 126 29.76 -36.36 -70.92
C GLY GA 126 29.71 -35.58 -69.62
N CYS GA 127 30.82 -35.05 -69.13
CA CYS GA 127 30.93 -34.41 -67.84
C CYS GA 127 31.62 -33.06 -67.99
N ASP GA 128 31.82 -32.37 -66.87
CA ASP GA 128 32.40 -31.03 -66.86
C ASP GA 128 33.87 -31.08 -67.30
N CYS GA 129 34.67 -31.74 -66.48
CA CYS GA 129 36.11 -31.86 -66.63
C CYS GA 129 36.53 -33.03 -65.73
N LEU GA 130 37.25 -34.00 -66.31
CA LEU GA 130 37.54 -35.21 -65.55
C LEU GA 130 38.88 -35.01 -64.87
N GLN GA 131 39.06 -35.73 -63.74
CA GLN GA 131 40.32 -35.82 -63.03
C GLN GA 131 41.28 -36.84 -63.68
N GLY GA 132 40.77 -38.00 -64.05
CA GLY GA 132 41.59 -38.97 -64.66
C GLY GA 132 40.99 -40.33 -64.85
N PHE GA 133 41.89 -41.29 -65.13
CA PHE GA 133 41.49 -42.65 -65.48
C PHE GA 133 42.12 -43.62 -64.49
N GLN GA 134 41.46 -44.76 -64.34
CA GLN GA 134 42.04 -45.88 -63.63
C GLN GA 134 41.81 -47.14 -64.46
N ILE GA 135 42.88 -47.92 -64.59
CA ILE GA 135 42.89 -49.17 -65.34
C ILE GA 135 43.31 -50.29 -64.40
N THR GA 136 42.50 -51.36 -64.36
CA THR GA 136 42.87 -52.56 -63.66
C THR GA 136 43.11 -53.69 -64.65
N HIS GA 137 44.31 -54.26 -64.60
CA HIS GA 137 44.74 -55.22 -65.62
C HIS GA 137 45.87 -56.07 -65.06
N SER GA 138 46.29 -57.01 -65.92
CA SER GA 138 47.40 -57.91 -65.61
C SER GA 138 48.54 -57.66 -66.58
N LEU GA 139 49.78 -57.85 -66.09
CA LEU GA 139 50.92 -57.72 -67.00
C LEU GA 139 51.53 -59.08 -67.31
N GLY GA 140 50.71 -60.11 -67.33
CA GLY GA 140 51.18 -61.46 -67.61
C GLY GA 140 50.58 -61.96 -68.92
N GLY GA 141 49.38 -61.52 -69.25
CA GLY GA 141 48.62 -62.29 -70.25
C GLY GA 141 48.70 -61.68 -71.62
N GLY GA 142 47.66 -61.97 -72.46
CA GLY GA 142 47.60 -61.31 -73.78
C GLY GA 142 46.69 -60.09 -73.77
N THR GA 143 45.44 -60.28 -73.31
CA THR GA 143 44.45 -59.22 -73.48
C THR GA 143 44.54 -58.20 -72.34
N GLY GA 144 45.09 -58.61 -71.20
CA GLY GA 144 45.22 -57.64 -70.10
C GLY GA 144 46.49 -56.81 -70.27
N SER GA 145 47.52 -57.35 -70.88
CA SER GA 145 48.82 -56.76 -70.99
C SER GA 145 49.01 -56.11 -72.33
N GLY GA 146 48.39 -56.64 -73.37
CA GLY GA 146 48.64 -56.16 -74.75
C GLY GA 146 47.67 -55.03 -75.08
N MET GA 147 46.41 -55.42 -75.05
CA MET GA 147 45.37 -54.50 -75.48
C MET GA 147 44.90 -53.65 -74.38
N GLY GA 148 45.21 -53.95 -73.13
CA GLY GA 148 45.09 -53.02 -71.98
C GLY GA 148 46.01 -51.82 -72.21
N THR GA 149 47.23 -52.13 -72.61
CA THR GA 149 48.27 -51.14 -72.77
C THR GA 149 48.08 -50.31 -74.02
N LEU GA 150 47.34 -50.84 -75.01
CA LEU GA 150 47.00 -50.10 -76.18
C LEU GA 150 46.04 -48.98 -75.83
N LEU GA 151 45.12 -49.26 -74.91
CA LEU GA 151 44.21 -48.22 -74.46
C LEU GA 151 44.96 -47.12 -73.74
N ILE GA 152 45.98 -47.50 -72.98
CA ILE GA 152 46.82 -46.56 -72.25
C ILE GA 152 47.51 -45.63 -73.23
N SER GA 153 48.01 -46.17 -74.34
CA SER GA 153 48.69 -45.37 -75.34
C SER GA 153 47.72 -44.42 -76.06
N LYS GA 154 46.51 -44.89 -76.33
CA LYS GA 154 45.56 -44.09 -77.08
C LYS GA 154 44.95 -42.98 -76.24
N VAL GA 155 44.71 -43.24 -74.95
CA VAL GA 155 44.02 -42.25 -74.13
C VAL GA 155 45.04 -41.25 -73.63
N ARG GA 156 46.33 -41.58 -73.58
CA ARG GA 156 47.33 -40.58 -73.24
C ARG GA 156 47.51 -39.55 -74.35
N GLU GA 157 47.35 -40.00 -75.61
CA GLU GA 157 47.40 -39.10 -76.74
C GLU GA 157 46.19 -38.17 -76.76
N GLU GA 158 45.06 -38.64 -76.25
CA GLU GA 158 43.84 -37.86 -76.32
C GLU GA 158 43.74 -36.89 -75.14
N TYR GA 159 44.13 -37.35 -73.95
CA TYR GA 159 43.96 -36.55 -72.73
C TYR GA 159 45.30 -36.41 -72.04
N PRO GA 160 46.15 -35.45 -72.48
CA PRO GA 160 47.54 -35.45 -72.03
C PRO GA 160 47.76 -34.90 -70.61
N ASP GA 161 46.87 -34.03 -70.16
CA ASP GA 161 47.11 -33.31 -68.90
C ASP GA 161 46.32 -33.95 -67.75
N ARG GA 162 45.56 -35.00 -67.99
CA ARG GA 162 44.82 -35.68 -66.95
C ARG GA 162 45.65 -36.80 -66.37
N ILE GA 163 45.31 -37.16 -65.11
CA ILE GA 163 46.09 -38.20 -64.46
C ILE GA 163 45.67 -39.57 -64.97
N MET GA 164 46.54 -40.55 -64.86
CA MET GA 164 46.11 -41.93 -65.00
C MET GA 164 46.83 -42.82 -64.01
N GLU GA 165 46.11 -43.70 -63.39
CA GLU GA 165 46.61 -44.73 -62.52
C GLU GA 165 46.32 -46.11 -63.11
N THR GA 166 47.30 -47.01 -63.02
CA THR GA 166 47.06 -48.39 -63.35
C THR GA 166 47.39 -49.32 -62.19
N PHE GA 167 46.45 -50.20 -61.88
CA PHE GA 167 46.64 -51.20 -60.85
C PHE GA 167 46.92 -52.53 -61.57
N SER GA 168 48.22 -52.85 -61.66
CA SER GA 168 48.69 -53.96 -62.44
C SER GA 168 49.26 -55.04 -61.53
N VAL GA 169 48.87 -56.27 -61.79
CA VAL GA 169 49.62 -57.38 -61.17
C VAL GA 169 50.81 -57.78 -62.06
N PHE GA 170 51.82 -58.27 -61.44
CA PHE GA 170 53.08 -58.65 -62.04
C PHE GA 170 53.23 -60.20 -61.93
N PRO GA 171 54.06 -60.80 -62.80
CA PRO GA 171 54.52 -62.16 -62.57
C PRO GA 171 55.15 -62.38 -61.19
N SER GA 172 54.94 -63.58 -60.69
CA SER GA 172 55.69 -64.10 -59.55
C SER GA 172 56.80 -65.07 -59.97
N PRO GA 173 57.95 -65.04 -59.30
CA PRO GA 173 59.04 -65.96 -59.65
C PRO GA 173 58.75 -67.45 -59.41
N LYS GA 174 58.38 -67.80 -58.20
CA LYS GA 174 58.39 -69.13 -57.68
C LYS GA 174 57.29 -70.05 -58.25
N VAL GA 175 56.08 -69.53 -58.55
CA VAL GA 175 55.21 -70.21 -59.48
C VAL GA 175 54.91 -69.21 -60.61
N SER GA 176 54.98 -69.74 -61.85
CA SER GA 176 54.62 -68.92 -62.97
C SER GA 176 53.67 -69.69 -63.86
N ASP GA 177 52.41 -69.33 -63.83
CA ASP GA 177 51.50 -69.72 -64.91
C ASP GA 177 51.75 -68.80 -66.10
N THR GA 178 51.22 -69.17 -67.24
CA THR GA 178 51.37 -68.49 -68.53
C THR GA 178 52.85 -68.35 -68.85
N VAL GA 179 53.46 -69.43 -69.32
CA VAL GA 179 54.88 -69.63 -69.55
C VAL GA 179 55.55 -68.44 -70.25
N VAL GA 180 54.82 -67.74 -71.11
CA VAL GA 180 55.35 -66.48 -71.61
C VAL GA 180 54.95 -65.36 -70.67
N GLU GA 181 55.56 -65.35 -69.48
CA GLU GA 181 55.46 -64.21 -68.57
C GLU GA 181 56.45 -63.10 -68.94
N PRO GA 182 57.78 -63.36 -69.08
CA PRO GA 182 58.69 -62.25 -69.24
C PRO GA 182 58.54 -61.55 -70.59
N TYR GA 183 58.04 -62.25 -71.61
CA TYR GA 183 57.77 -61.61 -72.88
C TYR GA 183 56.59 -60.64 -72.76
N ASN GA 184 55.57 -61.01 -72.02
CA ASN GA 184 54.43 -60.12 -71.85
C ASN GA 184 54.79 -58.94 -70.93
N ALA GA 185 55.55 -59.22 -69.88
CA ALA GA 185 55.82 -58.22 -68.86
C ALA GA 185 56.75 -57.15 -69.38
N THR GA 186 57.86 -57.57 -70.05
CA THR GA 186 58.86 -56.60 -70.46
C THR GA 186 58.33 -55.74 -71.59
N LEU GA 187 57.53 -56.33 -72.49
CA LEU GA 187 56.96 -55.56 -73.58
C LEU GA 187 55.91 -54.57 -73.08
N SER GA 188 55.28 -54.89 -71.93
CA SER GA 188 54.22 -54.03 -71.44
C SER GA 188 54.76 -52.90 -70.60
N VAL GA 189 55.91 -53.15 -69.91
CA VAL GA 189 56.47 -52.13 -69.07
C VAL GA 189 57.05 -51.03 -69.93
N HIS GA 190 57.60 -51.29 -71.13
CA HIS GA 190 58.19 -50.26 -71.93
C HIS GA 190 57.18 -49.19 -72.38
N GLN GA 191 55.97 -49.68 -72.56
CA GLN GA 191 54.87 -48.77 -72.92
C GLN GA 191 54.20 -48.14 -71.67
N LEU GA 192 54.42 -48.81 -70.54
CA LEU GA 192 53.79 -48.36 -69.31
C LEU GA 192 54.68 -47.40 -68.52
N VAL GA 193 55.96 -47.36 -68.84
CA VAL GA 193 56.87 -46.35 -68.28
C VAL GA 193 56.60 -45.01 -68.94
N GLU GA 194 56.13 -45.04 -70.17
CA GLU GA 194 56.06 -43.85 -71.01
C GLU GA 194 54.64 -43.29 -71.02
N ASN GA 195 53.63 -44.09 -70.67
CA ASN GA 195 52.27 -43.57 -70.93
C ASN GA 195 51.35 -43.64 -69.72
N ALA GA 196 51.76 -44.20 -68.63
CA ALA GA 196 51.11 -44.20 -67.35
C ALA GA 196 51.85 -43.31 -66.32
N ASP GA 197 51.10 -42.83 -65.37
CA ASP GA 197 51.51 -41.80 -64.45
C ASP GA 197 51.79 -42.37 -63.07
N GLU GA 198 50.90 -43.23 -62.59
CA GLU GA 198 51.18 -43.96 -61.36
C GLU GA 198 50.79 -45.42 -61.46
N VAL GA 199 51.74 -46.30 -61.21
CA VAL GA 199 51.51 -47.73 -61.42
C VAL GA 199 51.80 -48.43 -60.09
N GLN GA 200 50.74 -49.16 -59.63
CA GLN GA 200 50.86 -49.83 -58.36
C GLN GA 200 50.91 -51.33 -58.56
N VAL GA 201 51.98 -51.92 -58.01
CA VAL GA 201 52.35 -53.27 -58.33
C VAL GA 201 51.75 -54.24 -57.32
N ILE GA 202 51.21 -55.35 -57.86
CA ILE GA 202 50.63 -56.41 -57.06
C ILE GA 202 51.31 -57.72 -57.44
N ASP GA 203 51.59 -58.56 -56.47
CA ASP GA 203 52.05 -59.92 -56.74
C ASP GA 203 51.03 -60.87 -56.11
N ASN GA 204 50.79 -61.98 -56.77
CA ASN GA 204 49.86 -62.98 -56.28
C ASN GA 204 50.46 -63.71 -55.08
N GLU GA 205 51.76 -63.95 -55.12
CA GLU GA 205 52.42 -64.70 -54.06
C GLU GA 205 52.55 -63.83 -52.82
N ALA GA 206 52.60 -62.50 -52.98
CA ALA GA 206 52.59 -61.65 -51.81
C ALA GA 206 51.21 -61.65 -51.19
N LEU GA 207 50.14 -61.75 -51.99
CA LEU GA 207 48.79 -61.82 -51.47
C LEU GA 207 48.58 -63.15 -50.75
N TYR GA 208 49.19 -64.24 -51.25
CA TYR GA 208 49.13 -65.52 -50.58
C TYR GA 208 49.80 -65.47 -49.21
N ASP GA 209 50.93 -64.77 -49.15
CA ASP GA 209 51.71 -64.66 -47.94
C ASP GA 209 50.97 -63.88 -46.89
N ILE GA 210 50.25 -62.85 -47.32
CA ILE GA 210 49.37 -62.09 -46.41
C ILE GA 210 48.27 -63.01 -45.89
N CYS GA 211 47.68 -63.80 -46.76
CA CYS GA 211 46.64 -64.73 -46.41
C CYS GA 211 47.07 -65.86 -45.51
N PHE GA 212 48.32 -66.19 -45.47
CA PHE GA 212 48.87 -67.30 -44.70
C PHE GA 212 49.32 -66.81 -43.36
N ARG GA 213 50.06 -65.71 -43.30
CA ARG GA 213 50.74 -65.27 -42.12
C ARG GA 213 49.86 -64.37 -41.27
N THR GA 214 49.02 -63.54 -41.89
CA THR GA 214 48.27 -62.53 -41.15
C THR GA 214 46.82 -62.96 -41.03
N LEU GA 215 46.18 -63.26 -42.18
CA LEU GA 215 44.76 -63.51 -42.18
C LEU GA 215 44.43 -64.91 -41.65
N LYS GA 216 45.42 -65.82 -41.62
CA LYS GA 216 45.27 -67.19 -41.18
C LYS GA 216 44.14 -67.92 -41.93
N LEU GA 217 43.96 -67.63 -43.21
CA LEU GA 217 42.95 -68.28 -44.01
C LEU GA 217 43.49 -69.59 -44.54
N THR GA 218 42.73 -70.65 -44.43
CA THR GA 218 43.18 -71.98 -44.85
C THR GA 218 43.14 -72.12 -46.38
N THR GA 219 42.04 -71.68 -46.96
CA THR GA 219 41.75 -71.86 -48.38
C THR GA 219 41.42 -70.51 -49.02
N PRO GA 220 42.41 -69.68 -49.36
CA PRO GA 220 42.10 -68.41 -50.02
C PRO GA 220 41.82 -68.56 -51.50
N THR GA 221 40.61 -68.22 -51.90
CA THR GA 221 40.19 -68.25 -53.29
C THR GA 221 40.52 -66.92 -53.93
N TYR GA 222 40.26 -66.83 -55.24
CA TYR GA 222 40.52 -65.56 -55.95
C TYR GA 222 39.52 -64.49 -55.52
N GLY GA 223 38.36 -64.90 -54.95
CA GLY GA 223 37.43 -63.91 -54.46
C GLY GA 223 38.00 -63.16 -53.27
N ASP GA 224 38.75 -63.82 -52.42
CA ASP GA 224 39.28 -63.22 -51.22
C ASP GA 224 40.55 -62.41 -51.54
N LEU GA 225 41.33 -62.86 -52.53
CA LEU GA 225 42.52 -62.11 -52.93
C LEU GA 225 42.11 -60.78 -53.60
N ASN GA 226 41.09 -60.83 -54.44
CA ASN GA 226 40.61 -59.64 -55.12
C ASN GA 226 39.98 -58.64 -54.15
N HIS GA 227 39.44 -59.17 -53.05
CA HIS GA 227 38.83 -58.31 -52.04
C HIS GA 227 39.90 -57.49 -51.34
N LEU GA 228 41.08 -58.07 -51.17
CA LEU GA 228 42.17 -57.39 -50.50
C LEU GA 228 42.75 -56.28 -51.37
N VAL GA 229 42.88 -56.56 -52.67
CA VAL GA 229 43.40 -55.57 -53.58
C VAL GA 229 42.40 -54.45 -53.77
N SER GA 230 41.10 -54.79 -53.77
CA SER GA 230 40.05 -53.79 -53.90
C SER GA 230 40.00 -52.87 -52.68
N ALA GA 231 40.37 -53.38 -51.51
CA ALA GA 231 40.39 -52.56 -50.30
C ALA GA 231 41.45 -51.46 -50.41
N ALA GA 232 42.60 -51.81 -50.99
CA ALA GA 232 43.66 -50.83 -51.16
C ALA GA 232 43.32 -49.86 -52.29
N MET GA 233 42.59 -50.34 -53.29
CA MET GA 233 42.19 -49.51 -54.43
C MET GA 233 41.17 -48.46 -54.01
N SER GA 234 40.33 -48.79 -53.04
CA SER GA 234 39.35 -47.87 -52.50
C SER GA 234 40.01 -46.83 -51.61
N GLY GA 235 41.11 -47.21 -50.95
CA GLY GA 235 41.73 -46.31 -49.99
C GLY GA 235 42.49 -45.18 -50.68
N VAL GA 236 42.94 -45.40 -51.92
CA VAL GA 236 43.73 -44.39 -52.60
C VAL GA 236 42.82 -43.29 -53.15
N THR GA 237 41.55 -43.63 -53.38
CA THR GA 237 40.58 -42.65 -53.88
C THR GA 237 39.51 -42.34 -52.84
N CYS GA 238 39.79 -42.57 -51.56
CA CYS GA 238 38.88 -42.30 -50.49
C CYS GA 238 38.72 -40.79 -50.32
N CYS GA 239 39.84 -40.06 -50.45
CA CYS GA 239 39.85 -38.65 -50.15
C CYS GA 239 39.10 -37.83 -51.21
N LEU GA 240 38.96 -38.36 -52.41
CA LEU GA 240 38.15 -37.74 -53.45
C LEU GA 240 36.68 -37.78 -53.05
N ARG GA 241 36.23 -38.84 -52.44
CA ARG GA 241 34.79 -39.08 -52.26
C ARG GA 241 34.31 -38.60 -50.88
N PHE GA 242 35.23 -38.43 -49.93
CA PHE GA 242 34.87 -38.05 -48.60
C PHE GA 242 35.68 -36.90 -48.09
N PRO GA 243 35.12 -36.05 -47.21
CA PRO GA 243 35.90 -34.96 -46.62
C PRO GA 243 36.87 -35.49 -45.57
N GLY GA 244 37.76 -34.61 -45.15
CA GLY GA 244 38.69 -34.94 -44.09
C GLY GA 244 39.38 -33.67 -43.57
N GLN GA 245 40.22 -33.87 -42.57
CA GLN GA 245 40.99 -32.84 -41.96
C GLN GA 245 42.15 -32.42 -42.84
N LEU GA 246 42.82 -33.36 -43.48
CA LEU GA 246 43.93 -33.08 -44.37
C LEU GA 246 43.70 -33.83 -45.67
N ASN GA 247 43.35 -33.06 -46.70
CA ASN GA 247 42.88 -33.66 -47.95
C ASN GA 247 44.07 -34.03 -48.82
N SER GA 248 43.91 -35.09 -49.62
CA SER GA 248 44.86 -35.43 -50.65
C SER GA 248 44.20 -36.21 -51.75
N ASP GA 249 44.05 -35.67 -52.97
CA ASP GA 249 43.58 -36.41 -54.10
C ASP GA 249 44.74 -37.08 -54.83
N LEU GA 250 44.44 -37.55 -56.04
CA LEU GA 250 45.38 -38.34 -56.81
C LEU GA 250 46.52 -37.48 -57.33
N ARG GA 251 46.28 -36.21 -57.62
CA ARG GA 251 47.35 -35.33 -58.07
C ARG GA 251 48.29 -34.97 -56.94
N LYS GA 252 47.80 -34.97 -55.72
CA LYS GA 252 48.64 -34.75 -54.54
C LYS GA 252 49.61 -35.92 -54.41
N LEU GA 253 49.14 -37.15 -54.72
CA LEU GA 253 50.04 -38.29 -54.64
C LEU GA 253 51.03 -38.29 -55.81
N ALA GA 254 50.65 -37.73 -56.95
CA ALA GA 254 51.54 -37.60 -58.09
C ALA GA 254 52.72 -36.66 -57.82
N VAL GA 255 52.44 -35.52 -57.16
CA VAL GA 255 53.46 -34.52 -56.95
C VAL GA 255 54.44 -35.01 -55.87
N ASN GA 256 53.89 -35.79 -54.92
CA ASN GA 256 54.66 -36.04 -53.69
C ASN GA 256 55.48 -37.33 -53.75
N LEU GA 257 55.06 -38.28 -54.63
CA LEU GA 257 55.74 -39.57 -54.61
C LEU GA 257 56.68 -39.73 -55.82
N ILE GA 258 56.63 -38.82 -56.82
CA ILE GA 258 57.46 -39.04 -57.98
C ILE GA 258 58.53 -37.97 -57.99
N PRO GA 259 59.78 -38.32 -57.65
CA PRO GA 259 60.85 -37.32 -57.69
C PRO GA 259 61.34 -37.06 -59.11
N PHE GA 260 61.43 -38.10 -59.92
CA PHE GA 260 61.93 -38.06 -61.28
C PHE GA 260 60.95 -38.84 -62.15
N PRO GA 261 60.64 -38.34 -63.38
CA PRO GA 261 59.41 -38.75 -64.05
C PRO GA 261 59.37 -40.19 -64.52
N ARG GA 262 60.54 -40.84 -64.64
CA ARG GA 262 60.60 -42.20 -65.14
C ARG GA 262 60.13 -43.22 -64.10
N LEU GA 263 60.35 -42.91 -62.83
CA LEU GA 263 60.17 -43.90 -61.78
C LEU GA 263 58.89 -43.58 -61.02
N HIS GA 264 57.84 -44.36 -61.30
CA HIS GA 264 56.55 -44.16 -60.66
C HIS GA 264 55.92 -45.52 -60.35
N PHE GA 265 56.72 -46.52 -60.00
CA PHE GA 265 56.14 -47.81 -59.66
C PHE GA 265 56.18 -48.03 -58.14
N PHE GA 266 55.00 -48.29 -57.57
CA PHE GA 266 54.80 -48.11 -56.15
C PHE GA 266 54.42 -49.43 -55.51
N LEU GA 267 54.71 -49.55 -54.22
CA LEU GA 267 54.28 -50.69 -53.44
C LEU GA 267 53.00 -50.29 -52.69
N ILE GA 268 52.06 -51.21 -52.55
CA ILE GA 268 50.82 -50.94 -51.86
C ILE GA 268 50.71 -51.85 -50.65
N GLY GA 269 50.13 -51.28 -49.58
CA GLY GA 269 49.84 -52.03 -48.38
C GLY GA 269 48.48 -51.59 -47.82
N PHE GA 270 47.85 -52.46 -47.02
CA PHE GA 270 46.68 -52.08 -46.29
C PHE GA 270 46.76 -52.60 -44.86
N ALA GA 271 46.25 -51.80 -43.92
CA ALA GA 271 46.21 -52.16 -42.52
C ALA GA 271 44.95 -51.55 -41.94
N PRO GA 272 44.28 -52.17 -40.95
CA PRO GA 272 44.73 -53.42 -40.28
C PRO GA 272 44.22 -54.67 -40.99
N LEU GA 273 44.94 -55.76 -40.82
CA LEU GA 273 44.60 -57.06 -41.38
C LEU GA 273 44.88 -58.11 -40.31
N THR GA 274 43.80 -58.54 -39.66
CA THR GA 274 43.87 -59.50 -38.58
C THR GA 274 42.93 -60.66 -38.85
N SER GA 275 43.28 -61.82 -38.28
CA SER GA 275 42.48 -63.01 -38.40
C SER GA 275 41.18 -62.85 -37.61
N ARG GA 276 40.22 -63.75 -37.86
CA ARG GA 276 38.93 -63.65 -37.19
C ARG GA 276 39.09 -63.93 -35.68
N GLY GA 277 40.01 -64.86 -35.36
CA GLY GA 277 40.23 -65.22 -33.96
C GLY GA 277 40.88 -64.09 -33.17
N SER GA 278 41.82 -63.38 -33.82
CA SER GA 278 42.65 -62.39 -33.14
C SER GA 278 42.12 -60.98 -33.35
N GLN GA 279 40.89 -60.85 -33.85
CA GLN GA 279 40.27 -59.53 -34.02
C GLN GA 279 39.95 -58.91 -32.66
N GLN GA 280 39.49 -59.73 -31.74
CA GLN GA 280 39.01 -59.24 -30.46
C GLN GA 280 40.14 -59.15 -29.46
N TYR GA 281 41.35 -59.58 -29.79
CA TYR GA 281 42.52 -59.49 -28.95
C TYR GA 281 43.45 -58.34 -29.32
N ARG GA 282 43.13 -57.57 -30.34
CA ARG GA 282 44.06 -56.57 -30.83
C ARG GA 282 43.64 -55.18 -30.37
N ALA GA 283 44.60 -54.42 -29.89
CA ALA GA 283 44.56 -52.95 -29.75
C ALA GA 283 44.64 -52.22 -31.08
N LEU GA 284 43.53 -51.62 -31.53
CA LEU GA 284 43.57 -50.79 -32.72
C LEU GA 284 43.88 -49.35 -32.30
N SER GA 285 45.08 -48.89 -32.59
CA SER GA 285 45.42 -47.49 -32.36
C SER GA 285 46.32 -47.03 -33.47
N VAL GA 286 46.49 -45.71 -33.60
CA VAL GA 286 47.34 -45.15 -34.64
C VAL GA 286 48.80 -45.59 -34.49
N PRO GA 287 49.43 -45.66 -33.30
CA PRO GA 287 50.83 -46.08 -33.26
C PRO GA 287 51.10 -47.51 -33.69
N GLU GA 288 50.15 -48.40 -33.39
CA GLU GA 288 50.31 -49.80 -33.78
C GLU GA 288 50.04 -49.99 -35.26
N LEU GA 289 49.17 -49.13 -35.83
CA LEU GA 289 48.86 -49.21 -37.24
C LEU GA 289 50.07 -48.87 -38.07
N THR GA 290 50.90 -47.91 -37.64
CA THR GA 290 52.07 -47.54 -38.40
C THR GA 290 53.15 -48.63 -38.36
N GLN GA 291 53.15 -49.48 -37.32
CA GLN GA 291 54.12 -50.54 -37.26
C GLN GA 291 53.74 -51.69 -38.18
N GLN GA 292 52.42 -51.95 -38.29
CA GLN GA 292 51.96 -52.99 -39.17
C GLN GA 292 52.08 -52.53 -40.64
N MET GA 293 51.99 -51.22 -40.87
CA MET GA 293 52.02 -50.69 -42.22
C MET GA 293 53.44 -50.75 -42.79
N PHE GA 294 54.46 -50.50 -41.99
CA PHE GA 294 55.84 -50.60 -42.40
C PHE GA 294 56.40 -51.98 -42.07
N ASP GA 295 55.80 -53.01 -42.67
CA ASP GA 295 56.28 -54.35 -42.59
C ASP GA 295 56.31 -54.95 -43.98
N ALA GA 296 57.35 -55.73 -44.26
CA ALA GA 296 57.42 -56.48 -45.51
C ALA GA 296 56.28 -57.52 -45.59
N LYS GA 297 55.80 -58.00 -44.45
CA LYS GA 297 54.75 -59.00 -44.44
C LYS GA 297 53.38 -58.41 -44.72
N ASN GA 298 53.26 -57.08 -44.82
CA ASN GA 298 51.97 -56.47 -45.09
C ASN GA 298 51.87 -55.90 -46.51
N MET GA 299 52.99 -55.81 -47.20
CA MET GA 299 53.05 -55.19 -48.50
C MET GA 299 52.56 -56.18 -49.54
N MET GA 300 51.83 -55.67 -50.54
CA MET GA 300 51.19 -56.52 -51.52
C MET GA 300 52.09 -56.81 -52.71
N CYS GA 301 53.38 -56.42 -52.62
CA CYS GA 301 54.34 -56.80 -53.64
C CYS GA 301 55.43 -57.64 -52.97
N ALA GA 302 55.81 -58.73 -53.66
CA ALA GA 302 56.71 -59.74 -53.11
C ALA GA 302 58.17 -59.29 -53.27
N SER GA 303 58.46 -58.07 -52.87
CA SER GA 303 59.79 -57.54 -52.87
C SER GA 303 60.02 -56.95 -51.49
N ASP GA 304 61.07 -57.41 -50.82
CA ASP GA 304 61.39 -56.98 -49.47
C ASP GA 304 61.91 -55.55 -49.54
N PRO GA 305 61.20 -54.56 -48.92
CA PRO GA 305 61.69 -53.21 -48.84
C PRO GA 305 62.92 -52.97 -48.00
N ARG GA 306 63.33 -53.95 -47.21
CA ARG GA 306 64.52 -53.83 -46.39
C ARG GA 306 65.80 -53.96 -47.23
N HIS GA 307 65.70 -54.40 -48.47
CA HIS GA 307 66.86 -54.48 -49.34
C HIS GA 307 67.25 -53.11 -49.94
N GLY GA 308 66.36 -52.13 -49.84
CA GLY GA 308 66.60 -50.82 -50.40
C GLY GA 308 66.17 -49.73 -49.44
N ARG GA 309 66.07 -48.51 -49.97
CA ARG GA 309 65.73 -47.34 -49.20
C ARG GA 309 64.52 -46.65 -49.83
N TYR GA 310 63.52 -46.33 -49.00
CA TYR GA 310 62.34 -45.70 -49.49
C TYR GA 310 62.63 -44.27 -49.93
N LEU GA 311 62.41 -44.05 -51.23
CA LEU GA 311 62.64 -42.74 -51.81
C LEU GA 311 61.59 -41.74 -51.30
N THR GA 312 60.31 -42.10 -51.39
CA THR GA 312 59.26 -41.37 -50.68
C THR GA 312 58.17 -42.36 -50.31
N ALA GA 313 57.51 -42.14 -49.17
CA ALA GA 313 56.36 -42.98 -48.85
C ALA GA 313 55.20 -42.13 -48.30
N SER GA 314 54.00 -42.64 -48.52
CA SER GA 314 52.80 -41.88 -48.17
C SER GA 314 51.76 -42.78 -47.53
N ALA GA 315 51.01 -42.24 -46.59
CA ALA GA 315 50.06 -43.02 -45.81
C ALA GA 315 48.75 -42.27 -45.74
N MET GA 316 47.72 -42.83 -46.37
CA MET GA 316 46.41 -42.20 -46.42
C MET GA 316 45.54 -42.87 -45.34
N PHE GA 317 45.41 -42.15 -44.22
CA PHE GA 317 44.68 -42.66 -43.09
C PHE GA 317 43.20 -42.36 -43.27
N ARG GA 318 42.38 -43.21 -42.66
CA ARG GA 318 40.93 -43.04 -42.75
C ARG GA 318 40.34 -43.29 -41.38
N GLY GA 319 39.42 -42.43 -40.96
CA GLY GA 319 38.73 -42.56 -39.70
C GLY GA 319 38.86 -41.34 -38.80
N ARG GA 320 38.27 -41.51 -37.62
CA ARG GA 320 38.34 -40.41 -36.65
C ARG GA 320 39.56 -40.69 -35.78
N MET GA 321 40.62 -39.93 -36.01
CA MET GA 321 41.82 -40.05 -35.24
C MET GA 321 42.40 -38.64 -34.97
N SER GA 322 43.45 -38.58 -34.15
CA SER GA 322 44.13 -37.32 -33.94
C SER GA 322 45.25 -37.22 -34.95
N THR GA 323 45.39 -35.98 -35.54
CA THR GA 323 46.40 -35.84 -36.56
C THR GA 323 47.81 -35.64 -36.00
N LYS GA 324 47.94 -35.34 -34.70
CA LYS GA 324 49.25 -35.34 -34.10
C LYS GA 324 49.77 -36.75 -33.99
N GLU GA 325 48.95 -37.75 -33.65
CA GLU GA 325 49.39 -39.11 -33.65
C GLU GA 325 49.76 -39.61 -35.05
N VAL GA 326 49.09 -39.02 -36.07
CA VAL GA 326 49.50 -39.33 -37.42
C VAL GA 326 50.85 -38.69 -37.72
N ASP GA 327 51.02 -37.48 -37.20
CA ASP GA 327 52.22 -36.69 -37.52
C ASP GA 327 53.43 -37.16 -36.68
N GLU GA 328 53.21 -37.60 -35.45
CA GLU GA 328 54.31 -38.00 -34.61
C GLU GA 328 54.80 -39.39 -35.01
N GLN GA 329 53.85 -40.29 -35.37
CA GLN GA 329 54.29 -41.65 -35.69
C GLN GA 329 55.04 -41.73 -37.01
N MET GA 330 54.65 -40.88 -37.96
CA MET GA 330 55.36 -40.80 -39.22
C MET GA 330 56.73 -40.16 -39.02
N LEU GA 331 56.89 -39.32 -38.02
CA LEU GA 331 58.20 -38.84 -37.62
C LEU GA 331 58.99 -39.96 -36.94
N ASN GA 332 58.29 -40.77 -36.13
CA ASN GA 332 58.92 -41.83 -35.37
C ASN GA 332 59.54 -42.89 -36.26
N VAL GA 333 58.85 -43.20 -37.35
CA VAL GA 333 59.33 -44.21 -38.26
C VAL GA 333 60.55 -43.72 -39.04
N GLN GA 334 60.65 -42.43 -39.29
CA GLN GA 334 61.81 -41.91 -40.00
C GLN GA 334 63.03 -41.88 -39.10
N ASN GA 335 62.81 -41.63 -37.81
CA ASN GA 335 63.92 -41.49 -36.88
C ASN GA 335 64.45 -42.85 -36.44
N LYS GA 336 63.55 -43.82 -36.24
CA LYS GA 336 63.96 -45.14 -35.82
C LYS GA 336 64.57 -45.93 -36.98
N ASN GA 337 63.91 -45.93 -38.12
CA ASN GA 337 64.40 -46.69 -39.26
C ASN GA 337 65.12 -45.70 -40.17
N SER GA 338 66.26 -45.21 -39.67
CA SER GA 338 67.00 -44.17 -40.40
C SER GA 338 67.62 -44.69 -41.71
N SER GA 339 68.06 -45.95 -41.71
CA SER GA 339 68.81 -46.45 -42.87
C SER GA 339 67.87 -46.88 -44.00
N TYR GA 340 66.58 -47.03 -43.70
CA TYR GA 340 65.60 -47.50 -44.68
C TYR GA 340 64.91 -46.32 -45.36
N PHE GA 341 65.32 -45.11 -45.08
CA PHE GA 341 64.85 -43.96 -45.87
C PHE GA 341 66.08 -43.25 -46.41
N VAL GA 342 65.93 -42.61 -47.57
CA VAL GA 342 67.06 -42.06 -48.27
C VAL GA 342 67.33 -40.66 -47.69
N GLU GA 343 68.60 -40.22 -47.75
CA GLU GA 343 69.03 -39.10 -46.94
C GLU GA 343 68.92 -37.77 -47.64
N TRP GA 344 69.01 -37.71 -48.99
CA TRP GA 344 69.03 -36.42 -49.63
C TRP GA 344 67.64 -35.82 -49.83
N ILE GA 345 66.59 -36.51 -49.37
CA ILE GA 345 65.28 -35.91 -49.18
C ILE GA 345 65.00 -35.83 -47.69
N PRO GA 346 64.98 -34.62 -47.10
CA PRO GA 346 64.41 -34.46 -45.76
C PRO GA 346 62.90 -34.65 -45.78
N ASN GA 347 62.38 -35.22 -44.68
CA ASN GA 347 60.95 -35.42 -44.49
C ASN GA 347 60.37 -36.24 -45.64
N ASN GA 348 60.75 -37.50 -45.66
CA ASN GA 348 60.26 -38.53 -46.55
C ASN GA 348 58.80 -38.90 -46.37
N MET GA 349 58.17 -38.55 -45.26
CA MET GA 349 56.81 -39.02 -44.99
C MET GA 349 55.72 -38.14 -45.56
N LYS GA 350 54.65 -38.70 -46.04
CA LYS GA 350 53.46 -37.89 -46.40
C LYS GA 350 52.27 -38.49 -45.71
N SER GA 351 51.43 -37.63 -45.17
CA SER GA 351 50.27 -38.12 -44.41
C SER GA 351 49.04 -37.41 -44.93
N SER GA 352 47.89 -38.10 -44.91
CA SER GA 352 46.60 -37.48 -45.14
C SER GA 352 45.58 -38.19 -44.26
N VAL GA 353 44.65 -37.41 -43.70
CA VAL GA 353 43.63 -37.96 -42.83
C VAL GA 353 42.27 -37.69 -43.46
N CYS GA 354 41.54 -38.77 -43.77
CA CYS GA 354 40.17 -38.69 -44.15
C CYS GA 354 39.30 -39.20 -43.03
N ASP GA 355 38.09 -38.64 -42.87
CA ASP GA 355 37.33 -38.91 -41.65
C ASP GA 355 36.24 -39.94 -41.90
N ILE GA 356 36.15 -40.62 -43.07
CA ILE GA 356 35.20 -41.69 -43.20
C ILE GA 356 35.92 -43.02 -43.30
N PRO GA 357 35.83 -43.90 -42.29
CA PRO GA 357 36.61 -45.13 -42.33
C PRO GA 357 35.87 -46.14 -43.23
N PRO GA 358 36.51 -47.24 -43.60
CA PRO GA 358 35.81 -48.31 -44.30
C PRO GA 358 34.79 -48.99 -43.38
N LYS GA 359 33.83 -49.65 -43.98
CA LYS GA 359 32.66 -50.13 -43.27
C LYS GA 359 33.03 -51.27 -42.32
N GLY GA 360 32.68 -51.12 -41.05
CA GLY GA 360 32.95 -52.13 -40.04
C GLY GA 360 34.25 -51.86 -39.26
N LEU GA 361 35.13 -51.04 -39.76
CA LEU GA 361 36.37 -50.76 -39.02
C LEU GA 361 36.39 -49.33 -38.56
N LYS GA 362 36.97 -49.07 -37.39
CA LYS GA 362 36.96 -47.71 -36.89
C LYS GA 362 38.04 -46.84 -37.54
N MET GA 363 39.06 -47.48 -38.09
CA MET GA 363 40.26 -46.83 -38.57
C MET GA 363 40.92 -47.75 -39.60
N SER GA 364 41.48 -47.15 -40.66
CA SER GA 364 42.32 -47.88 -41.57
C SER GA 364 43.41 -46.96 -42.13
N VAL GA 365 44.41 -47.57 -42.77
CA VAL GA 365 45.39 -46.83 -43.53
C VAL GA 365 45.77 -47.61 -44.78
N THR GA 366 46.01 -46.87 -45.84
CA THR GA 366 46.51 -47.45 -47.07
C THR GA 366 47.86 -46.82 -47.41
N PHE GA 367 48.83 -47.68 -47.73
CA PHE GA 367 50.20 -47.24 -47.78
C PHE GA 367 50.70 -47.34 -49.22
N VAL GA 368 51.22 -46.23 -49.72
CA VAL GA 368 51.81 -46.19 -51.04
C VAL GA 368 53.26 -45.75 -50.87
N GLY GA 369 54.18 -46.66 -51.24
CA GLY GA 369 55.57 -46.34 -51.01
C GLY GA 369 56.41 -46.50 -52.29
N ASN GA 370 57.16 -45.44 -52.62
CA ASN GA 370 58.04 -45.48 -53.75
C ASN GA 370 59.42 -45.93 -53.28
N SER GA 371 59.71 -47.21 -53.39
CA SER GA 371 60.94 -47.80 -52.91
C SER GA 371 61.89 -48.09 -54.06
N THR GA 372 63.16 -48.16 -53.76
CA THR GA 372 64.17 -48.61 -54.71
C THR GA 372 64.35 -50.14 -54.66
N ALA GA 373 63.58 -50.81 -53.81
CA ALA GA 373 63.70 -52.26 -53.67
C ALA GA 373 62.95 -52.99 -54.78
N ILE GA 374 62.20 -52.25 -55.62
CA ILE GA 374 61.51 -52.89 -56.73
C ILE GA 374 62.49 -53.04 -57.90
N GLN GA 375 63.75 -52.69 -57.73
CA GLN GA 375 64.80 -53.08 -58.65
C GLN GA 375 64.90 -54.63 -58.74
N GLU GA 376 64.63 -55.29 -57.65
CA GLU GA 376 64.80 -56.72 -57.54
C GLU GA 376 63.78 -57.46 -58.36
N MET GA 377 62.57 -56.88 -58.51
CA MET GA 377 61.57 -57.48 -59.39
C MET GA 377 61.94 -57.23 -60.86
N PHE GA 378 62.38 -56.04 -61.18
CA PHE GA 378 62.71 -55.69 -62.54
C PHE GA 378 63.94 -56.44 -63.02
N LYS GA 379 64.88 -56.72 -62.11
CA LYS GA 379 66.04 -57.51 -62.46
C LYS GA 379 65.65 -58.97 -62.68
N ARG GA 380 64.67 -59.47 -61.91
CA ARG GA 380 64.28 -60.86 -62.00
C ARG GA 380 63.54 -61.13 -63.31
N VAL GA 381 62.72 -60.14 -63.74
CA VAL GA 381 62.02 -60.32 -64.99
C VAL GA 381 62.97 -60.12 -66.16
N SER GA 382 63.97 -59.24 -65.97
CA SER GA 382 64.96 -59.02 -67.03
C SER GA 382 65.81 -60.28 -67.24
N ASP GA 383 66.20 -60.94 -66.19
CA ASP GA 383 67.02 -62.14 -66.30
C ASP GA 383 66.23 -63.30 -66.87
N GLN GA 384 64.94 -63.38 -66.57
CA GLN GA 384 64.08 -64.38 -67.18
C GLN GA 384 63.87 -64.07 -68.65
N PHE GA 385 63.82 -62.78 -68.99
CA PHE GA 385 63.67 -62.38 -70.39
C PHE GA 385 64.95 -62.72 -71.16
N THR GA 386 66.11 -62.43 -70.55
CA THR GA 386 67.36 -62.60 -71.24
C THR GA 386 67.70 -64.07 -71.39
N ALA GA 387 67.17 -64.95 -70.48
CA ALA GA 387 67.41 -66.37 -70.59
C ALA GA 387 66.73 -66.93 -71.86
N MET GA 388 65.51 -66.48 -72.11
CA MET GA 388 64.76 -67.04 -73.22
C MET GA 388 65.07 -66.34 -74.54
N PHE GA 389 65.50 -65.08 -74.50
CA PHE GA 389 65.65 -64.32 -75.73
C PHE GA 389 66.95 -64.62 -76.46
N ARG GA 390 67.96 -65.09 -75.73
CA ARG GA 390 69.24 -65.46 -76.33
C ARG GA 390 69.05 -66.66 -77.26
N ARG GA 391 68.13 -67.56 -76.88
CA ARG GA 391 67.88 -68.73 -77.67
C ARG GA 391 66.65 -68.57 -78.54
N LYS GA 392 66.01 -67.39 -78.52
CA LYS GA 392 64.87 -67.07 -79.38
C LYS GA 392 63.72 -68.05 -79.18
N ALA GA 393 63.49 -68.45 -77.93
CA ALA GA 393 62.47 -69.40 -77.59
C ALA GA 393 61.14 -68.65 -77.51
N PHE GA 394 60.07 -69.27 -78.04
CA PHE GA 394 58.71 -68.76 -78.04
C PHE GA 394 58.59 -67.39 -78.70
N LEU GA 395 59.51 -67.03 -79.58
CA LEU GA 395 59.53 -65.74 -80.21
C LEU GA 395 58.67 -65.77 -81.47
N HIS GA 396 58.51 -66.94 -82.09
CA HIS GA 396 57.91 -67.03 -83.41
C HIS GA 396 56.42 -66.77 -83.36
N TRP GA 397 55.80 -66.91 -82.16
CA TRP GA 397 54.40 -66.49 -82.06
C TRP GA 397 54.24 -64.98 -82.08
N TYR GA 398 55.29 -64.25 -81.65
CA TYR GA 398 55.25 -62.83 -81.59
C TYR GA 398 55.78 -62.21 -82.86
N THR GA 399 56.85 -62.79 -83.44
CA THR GA 399 57.43 -62.28 -84.66
C THR GA 399 56.51 -62.58 -85.86
N GLY GA 400 55.73 -63.66 -85.74
CA GLY GA 400 54.84 -64.05 -86.83
C GLY GA 400 53.57 -63.23 -86.88
N GLU GA 401 53.31 -62.42 -85.87
CA GLU GA 401 52.10 -61.61 -85.73
C GLU GA 401 52.39 -60.15 -86.05
N GLY GA 402 53.61 -59.81 -86.56
CA GLY GA 402 53.83 -58.51 -87.12
C GLY GA 402 54.80 -57.62 -86.30
N MET GA 403 55.74 -58.29 -85.64
CA MET GA 403 56.76 -57.59 -84.90
C MET GA 403 58.12 -57.76 -85.59
N ASP GA 404 59.02 -56.86 -85.18
CA ASP GA 404 60.43 -57.01 -85.53
C ASP GA 404 61.24 -57.37 -84.28
N GLU GA 405 62.46 -57.83 -84.54
CA GLU GA 405 63.41 -58.27 -83.54
C GLU GA 405 63.87 -57.09 -82.66
N MET GA 406 63.87 -55.89 -83.23
CA MET GA 406 64.38 -54.70 -82.62
C MET GA 406 63.54 -54.21 -81.44
N GLU GA 407 62.21 -54.52 -81.46
CA GLU GA 407 61.37 -54.07 -80.40
C GLU GA 407 61.65 -54.80 -79.08
N PHE GA 408 62.16 -56.05 -79.17
CA PHE GA 408 62.51 -56.74 -77.95
C PHE GA 408 63.76 -56.18 -77.32
N THR GA 409 64.72 -55.80 -78.15
CA THR GA 409 65.97 -55.24 -77.67
C THR GA 409 65.71 -53.86 -77.05
N GLU GA 410 64.76 -53.11 -77.64
CA GLU GA 410 64.42 -51.81 -77.09
C GLU GA 410 63.68 -51.98 -75.78
N ALA GA 411 62.86 -53.04 -75.64
CA ALA GA 411 62.13 -53.29 -74.40
C ALA GA 411 63.11 -53.59 -73.26
N GLU GA 412 64.10 -54.41 -73.55
CA GLU GA 412 65.07 -54.82 -72.54
C GLU GA 412 65.97 -53.68 -72.17
N SER GA 413 66.31 -52.81 -73.12
CA SER GA 413 67.11 -51.61 -72.83
C SER GA 413 66.39 -50.64 -71.90
N ASN GA 414 65.10 -50.49 -72.12
CA ASN GA 414 64.26 -49.59 -71.34
C ASN GA 414 64.05 -50.11 -69.93
N MET GA 415 63.98 -51.46 -69.77
CA MET GA 415 63.87 -52.01 -68.43
C MET GA 415 65.24 -52.01 -67.74
N ASN GA 416 66.32 -52.22 -68.50
CA ASN GA 416 67.63 -52.21 -67.90
C ASN GA 416 68.03 -50.80 -67.50
N ASP GA 417 67.55 -49.78 -68.25
CA ASP GA 417 67.84 -48.42 -67.83
C ASP GA 417 67.04 -48.08 -66.56
N LEU GA 418 65.86 -48.70 -66.38
CA LEU GA 418 65.07 -48.46 -65.19
C LEU GA 418 65.76 -49.03 -63.95
N VAL GA 419 66.46 -50.17 -64.15
CA VAL GA 419 67.19 -50.76 -63.05
C VAL GA 419 68.37 -49.88 -62.69
N SER GA 420 69.01 -49.28 -63.69
CA SER GA 420 70.19 -48.46 -63.47
C SER GA 420 69.85 -47.18 -62.71
N GLU GA 421 68.68 -46.62 -62.93
CA GLU GA 421 68.31 -45.40 -62.26
C GLU GA 421 67.97 -45.65 -60.78
N TYR GA 422 67.43 -46.83 -60.47
CA TYR GA 422 67.21 -47.18 -59.10
C TYR GA 422 68.49 -47.43 -58.32
N GLN GA 423 69.52 -47.95 -59.01
CA GLN GA 423 70.83 -48.09 -58.42
C GLN GA 423 71.50 -46.74 -58.17
N GLN GA 424 71.16 -45.79 -59.02
CA GLN GA 424 71.75 -44.45 -58.97
C GLN GA 424 71.33 -43.71 -57.69
N TYR GA 425 70.13 -44.00 -57.20
CA TYR GA 425 69.57 -43.33 -56.04
C TYR GA 425 69.58 -44.20 -54.81
N GLN GA 426 70.38 -45.27 -54.78
CA GLN GA 426 70.31 -46.21 -53.66
C GLN GA 426 71.09 -45.78 -52.37
N MET HA 1 -5.14 -20.99 -95.90
CA MET HA 1 -4.34 -20.72 -94.67
C MET HA 1 -2.88 -20.98 -95.04
N ARG HA 2 -2.10 -21.81 -94.28
CA ARG HA 2 -0.95 -22.46 -94.97
C ARG HA 2 -1.25 -23.94 -95.03
N GLU HA 3 -1.22 -24.58 -96.23
CA GLU HA 3 -1.39 -26.01 -96.30
C GLU HA 3 -0.24 -26.59 -97.17
N ILE HA 4 0.11 -27.82 -96.80
CA ILE HA 4 1.08 -28.64 -97.48
C ILE HA 4 0.37 -29.79 -98.18
N VAL HA 5 0.59 -29.89 -99.49
CA VAL HA 5 0.01 -30.94 -100.28
C VAL HA 5 1.02 -32.09 -100.38
N HIS HA 6 0.54 -33.28 -100.00
CA HIS HA 6 1.40 -34.45 -99.95
C HIS HA 6 1.21 -35.31 -101.18
N VAL HA 7 2.31 -35.71 -101.79
CA VAL HA 7 2.27 -36.57 -102.97
C VAL HA 7 3.14 -37.79 -102.70
N GLN HA 8 2.56 -38.97 -102.85
CA GLN HA 8 3.31 -40.19 -102.58
C GLN HA 8 3.40 -41.01 -103.85
N GLY HA 9 4.64 -41.28 -104.29
CA GLY HA 9 4.86 -42.01 -105.50
C GLY HA 9 5.77 -43.21 -105.28
N GLY HA 10 5.51 -44.27 -106.04
CA GLY HA 10 6.36 -45.45 -106.00
C GLY HA 10 5.98 -46.41 -104.88
N GLN HA 11 6.62 -47.58 -104.95
CA GLN HA 11 6.37 -48.62 -103.96
C GLN HA 11 6.92 -48.21 -102.60
N CYS HA 12 8.10 -47.60 -102.58
CA CYS HA 12 8.70 -47.13 -101.35
C CYS HA 12 7.83 -45.99 -100.74
N GLY HA 13 7.47 -45.05 -101.64
CA GLY HA 13 6.88 -43.79 -101.20
C GLY HA 13 5.50 -43.99 -100.59
N ASN HA 14 4.75 -44.96 -101.11
CA ASN HA 14 3.42 -45.21 -100.62
C ASN HA 14 3.44 -45.79 -99.20
N GLN HA 15 4.37 -46.69 -98.94
CA GLN HA 15 4.43 -47.33 -97.65
C GLN HA 15 5.12 -46.43 -96.61
N ILE HA 16 6.06 -45.61 -97.06
CA ILE HA 16 6.71 -44.69 -96.13
C ILE HA 16 5.80 -43.50 -95.85
N GLY HA 17 4.93 -43.16 -96.81
CA GLY HA 17 3.94 -42.13 -96.52
C GLY HA 17 2.74 -42.70 -95.77
N ALA HA 18 2.50 -44.02 -95.86
CA ALA HA 18 1.48 -44.67 -95.07
C ALA HA 18 1.81 -44.58 -93.57
N LYS HA 19 3.07 -44.62 -93.22
CA LYS HA 19 3.51 -44.49 -91.86
C LYS HA 19 3.54 -43.05 -91.41
N PHE HA 20 3.66 -42.13 -92.37
CA PHE HA 20 3.65 -40.72 -92.02
C PHE HA 20 2.26 -40.35 -91.50
N TRP HA 21 1.21 -40.84 -92.20
CA TRP HA 21 -0.13 -40.43 -91.79
C TRP HA 21 -0.58 -41.24 -90.59
N GLU HA 22 0.17 -42.33 -90.28
CA GLU HA 22 -0.11 -43.08 -89.06
C GLU HA 22 0.37 -42.28 -87.86
N VAL HA 23 1.53 -41.64 -88.00
CA VAL HA 23 2.14 -40.99 -86.84
C VAL HA 23 1.52 -39.60 -86.64
N ILE HA 24 1.12 -38.96 -87.73
CA ILE HA 24 0.66 -37.58 -87.65
C ILE HA 24 -0.78 -37.61 -87.14
N SER HA 25 -1.59 -38.63 -87.55
CA SER HA 25 -2.96 -38.62 -87.13
C SER HA 25 -3.08 -38.87 -85.62
N ASP HA 26 -2.23 -39.73 -85.07
CA ASP HA 26 -2.37 -39.99 -83.64
C ASP HA 26 -1.57 -38.96 -82.91
N GLU HA 27 -0.67 -38.19 -83.50
CA GLU HA 27 -0.06 -37.06 -82.78
C GLU HA 27 -1.07 -35.93 -82.64
N HIS HA 28 -1.90 -35.72 -83.65
CA HIS HA 28 -2.96 -34.72 -83.56
C HIS HA 28 -4.28 -35.29 -82.97
N GLY HA 29 -4.37 -36.60 -82.81
CA GLY HA 29 -5.50 -37.22 -82.20
C GLY HA 29 -6.72 -37.38 -83.09
N ILE HA 30 -6.51 -37.89 -84.30
CA ILE HA 30 -7.58 -38.28 -85.22
C ILE HA 30 -7.68 -39.81 -85.24
N ASP HA 31 -8.88 -40.31 -85.01
CA ASP HA 31 -9.26 -41.67 -85.21
C ASP HA 31 -9.06 -42.12 -86.65
N PRO HA 32 -8.77 -43.38 -86.93
CA PRO HA 32 -8.86 -43.93 -88.28
C PRO HA 32 -10.17 -43.70 -89.02
N THR HA 33 -11.26 -43.46 -88.29
CA THR HA 33 -12.51 -43.14 -88.94
C THR HA 33 -12.53 -41.69 -89.42
N GLY HA 34 -11.59 -40.84 -88.92
CA GLY HA 34 -11.55 -39.47 -89.41
C GLY HA 34 -11.90 -38.44 -88.34
N THR HA 35 -12.64 -38.86 -87.35
CA THR HA 35 -13.15 -37.97 -86.34
C THR HA 35 -12.08 -37.66 -85.30
N TYR HA 36 -12.28 -36.57 -84.59
CA TYR HA 36 -11.30 -36.15 -83.60
C TYR HA 36 -11.65 -36.72 -82.22
N CYS HA 37 -10.63 -37.12 -81.47
CA CYS HA 37 -10.79 -37.27 -80.01
C CYS HA 37 -9.54 -36.71 -79.34
N GLY HA 38 -9.64 -36.03 -78.24
CA GLY HA 38 -8.41 -35.65 -77.54
C GLY HA 38 -8.47 -34.31 -76.83
N ASP HA 39 -9.60 -33.61 -76.93
CA ASP HA 39 -10.01 -32.45 -76.14
C ASP HA 39 -8.91 -31.46 -75.76
N SER HA 40 -8.12 -31.04 -76.72
CA SER HA 40 -7.10 -30.02 -76.55
C SER HA 40 -7.14 -29.10 -77.77
N ASP HA 41 -7.08 -27.79 -77.48
CA ASP HA 41 -7.33 -26.80 -78.52
C ASP HA 41 -6.11 -26.68 -79.43
N LEU HA 42 -4.92 -26.89 -78.89
CA LEU HA 42 -3.66 -26.75 -79.62
C LEU HA 42 -3.54 -27.82 -80.72
N GLN HA 43 -4.23 -28.99 -80.54
CA GLN HA 43 -4.18 -30.00 -81.56
C GLN HA 43 -4.98 -29.62 -82.79
N LEU HA 44 -6.06 -28.84 -82.63
CA LEU HA 44 -7.02 -28.64 -83.69
C LEU HA 44 -6.81 -27.27 -84.37
N GLU HA 45 -6.15 -26.31 -83.67
CA GLU HA 45 -6.17 -24.96 -84.20
C GLU HA 45 -5.33 -24.83 -85.47
N ARG HA 46 -4.26 -25.64 -85.57
CA ARG HA 46 -3.58 -25.83 -86.84
C ARG HA 46 -3.63 -27.28 -87.23
N ILE HA 47 -4.74 -27.63 -87.87
CA ILE HA 47 -4.94 -28.94 -88.45
C ILE HA 47 -5.06 -28.81 -89.96
N ASN HA 48 -5.39 -27.64 -90.45
CA ASN HA 48 -5.64 -27.38 -91.87
C ASN HA 48 -4.34 -27.40 -92.65
N VAL HA 49 -3.18 -27.53 -92.01
CA VAL HA 49 -1.92 -27.68 -92.73
C VAL HA 49 -1.91 -29.01 -93.51
N PHE HA 50 -2.59 -30.02 -93.00
CA PHE HA 50 -2.52 -31.36 -93.56
C PHE HA 50 -3.88 -32.00 -93.76
N TYR HA 51 -4.94 -31.40 -93.17
CA TYR HA 51 -6.25 -32.01 -93.28
C TYR HA 51 -7.28 -31.05 -93.85
N ASN HA 52 -8.34 -31.63 -94.38
CA ASN HA 52 -9.40 -30.88 -95.06
C ASN HA 52 -10.75 -31.34 -94.55
N GLU HA 53 -11.60 -30.40 -94.12
CA GLU HA 53 -12.90 -30.73 -93.57
C GLU HA 53 -13.82 -31.26 -94.65
N ALA HA 54 -14.69 -32.20 -94.33
CA ALA HA 54 -15.56 -32.87 -95.27
C ALA HA 54 -17.02 -32.80 -94.82
N THR HA 55 -17.40 -31.76 -94.08
CA THR HA 55 -18.74 -31.36 -93.69
C THR HA 55 -19.53 -32.47 -93.02
N GLY HA 56 -18.84 -33.53 -92.59
CA GLY HA 56 -19.38 -34.51 -91.67
C GLY HA 56 -18.72 -34.32 -90.29
N GLY HA 57 -17.83 -33.33 -90.30
CA GLY HA 57 -16.90 -33.05 -89.21
C GLY HA 57 -15.60 -33.83 -89.32
N ARG HA 58 -15.50 -34.76 -90.23
CA ARG HA 58 -14.35 -35.64 -90.31
C ARG HA 58 -13.34 -35.03 -91.25
N PHE HA 59 -12.11 -35.45 -91.15
CA PHE HA 59 -11.00 -34.94 -91.93
C PHE HA 59 -10.59 -35.96 -92.99
N VAL HA 60 -10.19 -35.41 -94.09
CA VAL HA 60 -9.45 -36.20 -95.11
C VAL HA 60 -8.04 -35.61 -95.16
N PRO HA 61 -7.02 -36.46 -95.25
CA PRO HA 61 -5.66 -36.00 -95.56
C PRO HA 61 -5.56 -35.42 -96.95
N ARG HA 62 -4.69 -34.42 -97.10
CA ARG HA 62 -4.45 -33.80 -98.38
C ARG HA 62 -3.32 -34.55 -99.09
N ALA HA 63 -3.52 -35.86 -99.30
CA ALA HA 63 -2.49 -36.71 -99.87
C ALA HA 63 -2.97 -37.28 -101.19
N ILE HA 64 -2.06 -37.37 -102.16
CA ILE HA 64 -2.35 -37.94 -103.45
C ILE HA 64 -1.48 -39.19 -103.63
N LEU HA 65 -2.16 -40.33 -103.75
CA LEU HA 65 -1.40 -41.58 -103.70
C LEU HA 65 -1.28 -42.10 -105.12
N MET HA 66 -0.06 -42.35 -105.61
CA MET HA 66 0.03 -42.49 -107.09
C MET HA 66 1.12 -43.43 -107.43
N ASP HA 67 0.86 -44.55 -108.12
CA ASP HA 67 1.78 -45.54 -108.54
C ASP HA 67 1.17 -46.32 -109.71
N LEU HA 68 2.00 -47.11 -110.42
CA LEU HA 68 1.68 -47.76 -111.61
C LEU HA 68 1.27 -49.23 -111.46
N GLU HA 69 1.27 -49.74 -110.24
CA GLU HA 69 0.88 -51.14 -110.04
C GLU HA 69 -0.17 -51.23 -108.95
N PRO HA 70 -1.32 -51.88 -109.18
CA PRO HA 70 -2.46 -51.72 -108.28
C PRO HA 70 -2.38 -52.49 -106.98
N GLY HA 71 -1.31 -53.28 -106.78
CA GLY HA 71 -1.10 -54.03 -105.55
C GLY HA 71 -0.82 -53.14 -104.36
N THR HA 72 0.03 -52.11 -104.51
CA THR HA 72 0.50 -51.34 -103.42
C THR HA 72 -0.56 -50.36 -102.95
N MET HA 73 -1.55 -49.99 -103.81
CA MET HA 73 -2.60 -49.15 -103.25
C MET HA 73 -3.60 -49.94 -102.38
N ASP HA 74 -3.76 -51.20 -102.77
CA ASP HA 74 -4.60 -52.09 -101.98
C ASP HA 74 -3.94 -52.43 -100.66
N SER HA 75 -2.57 -52.43 -100.63
CA SER HA 75 -1.85 -52.57 -99.38
C SER HA 75 -2.09 -51.35 -98.46
N VAL HA 76 -2.20 -50.16 -99.06
CA VAL HA 76 -2.48 -48.96 -98.33
C VAL HA 76 -3.86 -48.98 -97.66
N ARG HA 77 -4.85 -49.43 -98.36
CA ARG HA 77 -6.22 -49.51 -97.87
C ARG HA 77 -6.32 -50.56 -96.73
N ALA HA 78 -5.64 -51.70 -96.93
CA ALA HA 78 -5.77 -52.82 -96.03
C ALA HA 78 -5.03 -52.61 -94.71
N GLY HA 79 -4.02 -51.69 -94.72
CA GLY HA 79 -3.34 -51.28 -93.50
C GLY HA 79 -4.27 -50.39 -92.66
N PRO HA 80 -3.92 -50.24 -91.36
CA PRO HA 80 -4.67 -49.34 -90.49
C PRO HA 80 -4.43 -47.90 -90.93
N PHE HA 81 -5.39 -47.04 -90.62
CA PHE HA 81 -5.39 -45.65 -91.02
C PHE HA 81 -5.37 -45.55 -92.56
N GLY HA 82 -6.00 -46.52 -93.22
CA GLY HA 82 -6.03 -46.56 -94.66
C GLY HA 82 -7.37 -46.06 -95.20
N GLN HA 83 -8.40 -45.96 -94.33
CA GLN HA 83 -9.67 -45.46 -94.75
C GLN HA 83 -9.70 -43.92 -94.72
N LEU HA 84 -8.58 -43.30 -94.34
CA LEU HA 84 -8.53 -41.86 -94.25
C LEU HA 84 -8.50 -41.22 -95.61
N PHE HA 85 -7.79 -41.84 -96.56
CA PHE HA 85 -7.63 -41.35 -97.91
C PHE HA 85 -8.92 -41.57 -98.68
N ARG HA 86 -9.01 -40.93 -99.85
CA ARG HA 86 -10.14 -40.85 -100.73
C ARG HA 86 -9.91 -41.77 -101.92
N PRO HA 87 -10.93 -42.46 -102.43
CA PRO HA 87 -10.87 -43.13 -103.73
C PRO HA 87 -10.62 -42.21 -104.92
N ASP HA 88 -11.04 -40.95 -104.84
CA ASP HA 88 -10.71 -40.04 -105.95
C ASP HA 88 -9.22 -39.64 -105.95
N ASN HA 89 -8.65 -39.65 -104.76
CA ASN HA 89 -7.22 -39.30 -104.62
C ASN HA 89 -6.37 -40.50 -104.99
N PHE HA 90 -6.94 -41.73 -104.92
CA PHE HA 90 -6.19 -42.90 -105.35
C PHE HA 90 -6.17 -42.90 -106.88
N VAL HA 91 -5.00 -42.88 -107.45
CA VAL HA 91 -4.83 -42.92 -108.90
C VAL HA 91 -3.83 -44.04 -109.15
N PHE HA 92 -4.25 -44.97 -110.02
CA PHE HA 92 -3.56 -46.28 -110.11
C PHE HA 92 -2.86 -46.36 -111.46
N GLY HA 93 -2.25 -47.43 -111.72
CA GLY HA 93 -1.77 -47.84 -113.03
C GLY HA 93 -2.04 -49.31 -113.11
N GLN HA 94 -2.14 -49.85 -114.35
CA GLN HA 94 -2.41 -51.26 -114.47
C GLN HA 94 -1.29 -52.00 -115.13
N THR HA 95 -0.20 -51.40 -115.59
CA THR HA 95 0.87 -52.06 -116.29
C THR HA 95 2.05 -52.36 -115.38
N GLY HA 96 2.54 -51.33 -114.72
CA GLY HA 96 3.65 -51.40 -113.80
C GLY HA 96 4.95 -51.04 -114.49
N ALA HA 97 5.65 -49.98 -114.01
CA ALA HA 97 6.92 -49.61 -114.59
C ALA HA 97 8.00 -50.51 -113.97
N GLY HA 98 8.52 -51.43 -114.77
CA GLY HA 98 9.26 -52.55 -114.23
C GLY HA 98 10.71 -52.12 -113.97
N ASN HA 99 10.91 -51.25 -112.95
CA ASN HA 99 12.20 -50.73 -112.57
C ASN HA 99 12.94 -50.09 -113.74
N ASN HA 100 12.18 -49.50 -114.65
CA ASN HA 100 12.74 -48.93 -115.85
C ASN HA 100 12.48 -47.43 -115.83
N TRP HA 101 13.54 -46.64 -115.75
CA TRP HA 101 13.36 -45.19 -115.53
C TRP HA 101 12.80 -44.56 -116.81
N ALA HA 102 13.16 -45.08 -117.97
CA ALA HA 102 12.72 -44.46 -119.23
C ALA HA 102 11.20 -44.61 -119.38
N LYS HA 103 10.71 -45.86 -119.14
CA LYS HA 103 9.27 -46.02 -119.31
C LYS HA 103 8.48 -45.51 -118.12
N GLY HA 104 9.19 -45.31 -116.99
CA GLY HA 104 8.63 -44.67 -115.80
C GLY HA 104 8.42 -43.19 -116.04
N HIS HA 105 9.34 -42.56 -116.78
CA HIS HA 105 9.28 -41.12 -116.99
C HIS HA 105 8.57 -40.77 -118.30
N TYR HA 106 8.87 -41.51 -119.39
CA TYR HA 106 8.35 -41.00 -120.64
C TYR HA 106 7.05 -41.60 -121.16
N THR HA 107 7.07 -42.91 -121.31
CA THR HA 107 5.99 -43.49 -122.17
C THR HA 107 4.82 -44.05 -121.36
N GLU HA 108 5.13 -44.87 -120.33
CA GLU HA 108 4.11 -45.33 -119.44
C GLU HA 108 3.69 -44.33 -118.35
N GLY HA 109 4.63 -43.44 -118.05
CA GLY HA 109 4.40 -42.35 -117.14
C GLY HA 109 3.51 -41.25 -117.72
N ALA HA 110 3.40 -41.14 -119.02
CA ALA HA 110 2.68 -40.00 -119.58
C ALA HA 110 1.17 -40.18 -119.49
N GLU HA 111 0.68 -41.45 -119.44
CA GLU HA 111 -0.76 -41.58 -119.45
C GLU HA 111 -1.35 -41.50 -118.04
N LEU HA 112 -0.50 -41.30 -117.01
CA LEU HA 112 -1.01 -41.01 -115.69
C LEU HA 112 -0.88 -39.54 -115.30
N ILE HA 113 -0.08 -38.79 -115.99
CA ILE HA 113 0.26 -37.43 -115.62
C ILE HA 113 -0.96 -36.52 -115.70
N ASP HA 114 -1.84 -36.78 -116.71
CA ASP HA 114 -3.02 -35.95 -116.82
C ASP HA 114 -3.96 -36.14 -115.63
N SER HA 115 -3.96 -37.38 -115.09
CA SER HA 115 -4.85 -37.69 -113.99
C SER HA 115 -4.32 -37.14 -112.67
N VAL HA 116 -2.99 -37.25 -112.49
CA VAL HA 116 -2.42 -36.84 -111.22
C VAL HA 116 -2.31 -35.32 -111.15
N LEU HA 117 -2.13 -34.67 -112.31
CA LEU HA 117 -2.09 -33.20 -112.30
C LEU HA 117 -3.48 -32.63 -112.05
N ASP HA 118 -4.51 -33.39 -112.43
CA ASP HA 118 -5.88 -32.95 -112.23
C ASP HA 118 -6.18 -32.93 -110.72
N VAL HA 119 -5.71 -33.97 -110.02
CA VAL HA 119 -6.06 -34.12 -108.62
C VAL HA 119 -5.24 -33.14 -107.78
N VAL HA 120 -4.01 -32.85 -108.22
CA VAL HA 120 -3.20 -31.91 -107.44
C VAL HA 120 -3.71 -30.49 -107.63
N ARG HA 121 -4.25 -30.17 -108.79
CA ARG HA 121 -4.82 -28.85 -109.00
C ARG HA 121 -6.12 -28.70 -108.20
N LYS HA 122 -6.88 -29.78 -108.08
CA LYS HA 122 -8.14 -29.75 -107.35
C LYS HA 122 -7.90 -29.40 -105.88
N GLU HA 123 -6.85 -30.00 -105.29
CA GLU HA 123 -6.53 -29.73 -103.91
C GLU HA 123 -5.82 -28.40 -103.71
N ALA HA 124 -5.00 -27.99 -104.68
CA ALA HA 124 -4.19 -26.79 -104.58
C ALA HA 124 -5.05 -25.53 -104.66
N GLU HA 125 -5.98 -25.50 -105.63
CA GLU HA 125 -6.76 -24.31 -105.88
C GLU HA 125 -7.89 -24.18 -104.86
N GLY HA 126 -8.23 -25.26 -104.19
CA GLY HA 126 -9.39 -25.34 -103.32
C GLY HA 126 -9.30 -24.47 -102.06
N CYS HA 127 -8.05 -24.22 -101.64
CA CYS HA 127 -7.78 -23.50 -100.40
C CYS HA 127 -7.54 -22.02 -100.69
N ASP HA 128 -7.11 -21.28 -99.67
CA ASP HA 128 -6.82 -19.86 -99.81
C ASP HA 128 -5.59 -19.66 -100.70
N CYS HA 129 -4.46 -20.11 -100.21
CA CYS HA 129 -3.14 -19.99 -100.79
C CYS HA 129 -2.25 -21.01 -100.01
N LEU HA 130 -1.56 -21.88 -100.76
CA LEU HA 130 -0.78 -22.90 -100.13
C LEU HA 130 0.66 -22.46 -99.92
N GLN HA 131 1.35 -23.28 -99.08
CA GLN HA 131 2.76 -22.97 -98.83
C GLN HA 131 3.65 -23.86 -99.71
N GLY HA 132 3.36 -25.18 -99.75
CA GLY HA 132 4.34 -26.05 -100.30
C GLY HA 132 3.91 -27.48 -100.54
N PHE HA 133 4.87 -28.23 -101.11
CA PHE HA 133 4.62 -29.61 -101.47
C PHE HA 133 5.61 -30.51 -100.68
N GLN HA 134 5.16 -31.72 -100.44
CA GLN HA 134 6.10 -32.72 -99.92
C GLN HA 134 5.87 -34.02 -100.65
N ILE HA 135 6.96 -34.61 -101.11
CA ILE HA 135 6.97 -35.71 -102.07
C ILE HA 135 7.84 -36.80 -101.45
N THR HA 136 7.23 -38.00 -101.34
CA THR HA 136 7.92 -39.14 -100.75
C THR HA 136 8.06 -40.21 -101.81
N HIS HA 137 9.33 -40.57 -102.09
CA HIS HA 137 9.64 -41.46 -103.19
C HIS HA 137 11.01 -42.07 -102.94
N SER HA 138 11.40 -42.96 -103.87
CA SER HA 138 12.68 -43.61 -103.86
C SER HA 138 13.42 -43.23 -105.12
N LEU HA 139 14.77 -43.16 -105.04
CA LEU HA 139 15.57 -42.93 -106.23
C LEU HA 139 16.22 -44.22 -106.76
N GLY HA 140 15.68 -45.36 -106.41
CA GLY HA 140 16.20 -46.63 -106.84
C GLY HA 140 15.30 -47.34 -107.84
N GLY HA 141 13.99 -47.10 -107.71
CA GLY HA 141 13.02 -47.90 -108.50
C GLY HA 141 12.70 -47.21 -109.83
N GLY HA 142 11.64 -47.63 -110.46
CA GLY HA 142 11.11 -47.11 -111.70
C GLY HA 142 10.04 -46.05 -111.50
N THR HA 143 9.02 -46.36 -110.73
CA THR HA 143 7.84 -45.49 -110.66
C THR HA 143 8.08 -44.36 -109.63
N GLY HA 144 8.98 -44.59 -108.66
CA GLY HA 144 9.25 -43.57 -107.67
C GLY HA 144 10.27 -42.53 -108.21
N SER HA 145 11.16 -42.99 -109.05
CA SER HA 145 12.32 -42.25 -109.51
C SER HA 145 12.05 -41.65 -110.90
N GLY HA 146 11.28 -42.36 -111.74
CA GLY HA 146 11.02 -41.78 -113.07
C GLY HA 146 9.68 -41.02 -113.04
N MET HA 147 8.63 -41.68 -112.64
CA MET HA 147 7.29 -41.19 -112.75
C MET HA 147 6.97 -40.20 -111.62
N GLY HA 148 7.60 -40.46 -110.48
CA GLY HA 148 7.42 -39.56 -109.33
C GLY HA 148 8.12 -38.22 -109.58
N THR HA 149 9.29 -38.29 -110.21
CA THR HA 149 10.06 -37.10 -110.50
C THR HA 149 9.49 -36.34 -111.68
N LEU HA 150 8.70 -37.00 -112.53
CA LEU HA 150 7.98 -36.30 -113.58
C LEU HA 150 6.92 -35.42 -112.98
N LEU HA 151 6.26 -35.85 -111.92
CA LEU HA 151 5.31 -35.01 -111.24
C LEU HA 151 6.00 -33.80 -110.61
N ILE HA 152 7.24 -33.98 -110.11
CA ILE HA 152 8.00 -32.89 -109.55
C ILE HA 152 8.25 -31.83 -110.64
N SER HA 153 8.58 -32.28 -111.86
CA SER HA 153 8.90 -31.39 -112.94
C SER HA 153 7.67 -30.62 -113.41
N LYS HA 154 6.52 -31.31 -113.45
CA LYS HA 154 5.32 -30.69 -114.00
C LYS HA 154 4.69 -29.74 -112.99
N VAL HA 155 4.77 -30.04 -111.70
CA VAL HA 155 4.13 -29.15 -110.73
C VAL HA 155 5.01 -27.93 -110.45
N ARG HA 156 6.32 -28.10 -110.60
CA ARG HA 156 7.22 -26.96 -110.42
C ARG HA 156 7.13 -26.01 -111.60
N GLU HA 157 6.84 -26.55 -112.81
CA GLU HA 157 6.58 -25.68 -113.96
C GLU HA 157 5.27 -24.94 -113.81
N GLU HA 158 4.32 -25.48 -113.06
CA GLU HA 158 3.02 -24.87 -112.85
C GLU HA 158 3.09 -23.78 -111.77
N TYR HA 159 3.76 -24.10 -110.67
CA TYR HA 159 3.87 -23.27 -109.49
C TYR HA 159 5.33 -23.02 -109.22
N PRO HA 160 5.92 -21.97 -109.85
CA PRO HA 160 7.34 -21.72 -109.68
C PRO HA 160 7.76 -21.10 -108.36
N ASP HA 161 6.84 -20.39 -107.69
CA ASP HA 161 7.29 -19.63 -106.50
C ASP HA 161 7.04 -20.36 -105.18
N ARG HA 162 6.37 -21.52 -105.24
CA ARG HA 162 6.06 -22.20 -103.97
C ARG HA 162 7.17 -23.20 -103.67
N ILE HA 163 7.37 -23.44 -102.40
CA ILE HA 163 8.43 -24.36 -101.97
C ILE HA 163 8.01 -25.80 -102.22
N MET HA 164 8.93 -26.69 -102.33
CA MET HA 164 8.64 -28.12 -102.26
C MET HA 164 9.81 -28.85 -101.68
N GLU HA 165 9.50 -29.86 -100.88
CA GLU HA 165 10.44 -30.71 -100.17
C GLU HA 165 10.26 -32.14 -100.63
N THR HA 166 11.35 -32.90 -100.67
CA THR HA 166 11.31 -34.31 -100.97
C THR HA 166 11.97 -35.12 -99.84
N PHE HA 167 11.30 -36.20 -99.47
CA PHE HA 167 11.94 -37.20 -98.63
C PHE HA 167 12.32 -38.39 -99.49
N SER HA 168 13.58 -38.42 -99.92
CA SER HA 168 13.96 -39.39 -100.95
C SER HA 168 14.97 -40.38 -100.39
N VAL HA 169 14.72 -41.64 -100.58
CA VAL HA 169 15.67 -42.67 -100.19
C VAL HA 169 16.63 -42.94 -101.34
N PHE HA 170 17.85 -43.25 -100.99
CA PHE HA 170 18.95 -43.34 -101.96
C PHE HA 170 19.43 -44.78 -102.04
N PRO HA 171 20.16 -45.15 -103.11
CA PRO HA 171 20.89 -46.42 -103.07
C PRO HA 171 21.83 -46.56 -101.89
N SER HA 172 21.87 -47.77 -101.34
CA SER HA 172 22.81 -48.09 -100.26
C SER HA 172 24.17 -48.31 -100.92
N PRO HA 173 25.28 -48.02 -100.22
CA PRO HA 173 26.60 -48.43 -100.65
C PRO HA 173 26.86 -49.92 -100.81
N LYS HA 174 26.59 -50.72 -99.75
CA LYS HA 174 27.05 -52.09 -99.77
C LYS HA 174 26.10 -53.02 -100.51
N VAL HA 175 24.86 -53.10 -100.01
CA VAL HA 175 23.88 -53.99 -100.62
C VAL HA 175 22.90 -53.16 -101.47
N SER HA 176 22.55 -53.71 -102.61
CA SER HA 176 21.68 -53.01 -103.52
C SER HA 176 20.56 -53.92 -103.98
N ASP HA 177 19.32 -53.61 -103.65
CA ASP HA 177 18.20 -54.15 -104.39
C ASP HA 177 18.09 -53.43 -105.73
N THR HA 178 17.31 -53.97 -106.65
CA THR HA 178 16.96 -53.35 -107.92
C THR HA 178 18.22 -52.99 -108.70
N VAL HA 179 18.81 -54.04 -109.30
CA VAL HA 179 20.18 -54.11 -109.79
C VAL HA 179 20.57 -52.90 -110.64
N VAL HA 180 19.63 -52.30 -111.33
CA VAL HA 180 19.90 -51.04 -112.01
C VAL HA 180 19.61 -49.90 -111.01
N GLU HA 181 20.54 -49.75 -110.07
CA GLU HA 181 20.54 -48.61 -109.18
C GLU HA 181 21.21 -47.37 -109.77
N PRO HA 182 22.45 -47.44 -110.29
CA PRO HA 182 23.12 -46.19 -110.65
C PRO HA 182 22.51 -45.50 -111.86
N TYR HA 183 21.87 -46.26 -112.72
CA TYR HA 183 21.15 -45.70 -113.86
C TYR HA 183 19.92 -44.96 -113.39
N ASN HA 184 19.20 -45.48 -112.41
CA ASN HA 184 18.00 -44.84 -111.93
C ASN HA 184 18.35 -43.60 -111.10
N ALA HA 185 19.44 -43.71 -110.30
CA ALA HA 185 19.74 -42.65 -109.35
C ALA HA 185 20.31 -41.44 -110.10
N THR HA 186 21.25 -41.68 -111.02
CA THR HA 186 21.93 -40.60 -111.71
C THR HA 186 20.96 -39.85 -112.64
N LEU HA 187 20.08 -40.61 -113.29
CA LEU HA 187 19.09 -39.97 -114.16
C LEU HA 187 18.04 -39.23 -113.38
N SER HA 188 17.84 -39.57 -112.12
CA SER HA 188 16.85 -38.86 -111.30
C SER HA 188 17.45 -37.58 -110.70
N VAL HA 189 18.73 -37.65 -110.33
CA VAL HA 189 19.35 -36.56 -109.59
C VAL HA 189 19.55 -35.36 -110.51
N HIS HA 190 19.81 -35.54 -111.81
CA HIS HA 190 20.11 -34.43 -112.65
C HIS HA 190 18.86 -33.56 -112.90
N GLN HA 191 17.65 -34.12 -112.68
CA GLN HA 191 16.56 -33.14 -112.72
C GLN HA 191 16.04 -32.87 -111.32
N LEU HA 192 16.53 -33.61 -110.32
CA LEU HA 192 16.18 -33.31 -108.93
C LEU HA 192 17.06 -32.21 -108.32
N VAL HA 193 18.22 -31.97 -108.90
CA VAL HA 193 19.01 -30.80 -108.55
C VAL HA 193 18.41 -29.55 -109.20
N GLU HA 194 17.68 -29.72 -110.29
CA GLU HA 194 17.29 -28.59 -111.13
C GLU HA 194 15.96 -27.95 -110.66
N ASN HA 195 15.05 -28.79 -110.19
CA ASN HA 195 13.71 -28.25 -109.93
C ASN HA 195 13.12 -28.77 -108.61
N ALA HA 196 13.96 -28.99 -107.66
CA ALA HA 196 13.61 -29.36 -106.29
C ALA HA 196 14.32 -28.40 -105.32
N ASP HA 197 13.66 -28.05 -104.25
CA ASP HA 197 14.17 -27.00 -103.38
C ASP HA 197 15.00 -27.63 -102.26
N GLU HA 198 14.48 -28.69 -101.65
CA GLU HA 198 15.16 -29.33 -100.55
C GLU HA 198 14.97 -30.83 -100.61
N VAL HA 199 16.10 -31.58 -100.71
CA VAL HA 199 15.99 -32.99 -100.98
C VAL HA 199 16.81 -33.66 -99.88
N GLN HA 200 16.07 -34.28 -98.97
CA GLN HA 200 16.72 -34.74 -97.73
C GLN HA 200 16.70 -36.30 -97.74
N VAL HA 201 17.92 -36.81 -97.59
CA VAL HA 201 18.29 -38.12 -98.02
C VAL HA 201 18.15 -39.10 -96.86
N ILE HA 202 17.63 -40.28 -97.22
CA ILE HA 202 17.53 -41.43 -96.34
C ILE HA 202 18.27 -42.61 -96.97
N ASP HA 203 19.06 -43.27 -96.18
CA ASP HA 203 19.93 -44.33 -96.70
C ASP HA 203 19.71 -45.57 -95.89
N ASN HA 204 19.49 -46.72 -96.58
CA ASN HA 204 18.97 -47.89 -95.87
C ASN HA 204 20.07 -48.51 -95.05
N GLU HA 205 21.33 -48.44 -95.50
CA GLU HA 205 22.41 -49.07 -94.74
C GLU HA 205 22.64 -48.36 -93.36
N ALA HA 206 22.46 -47.01 -93.46
CA ALA HA 206 22.64 -46.25 -92.24
C ALA HA 206 21.47 -46.48 -91.31
N LEU HA 207 20.25 -46.65 -91.90
CA LEU HA 207 19.04 -46.84 -91.14
C LEU HA 207 19.07 -48.18 -90.44
N TYR HA 208 19.65 -49.21 -91.06
CA TYR HA 208 19.80 -50.50 -90.40
C TYR HA 208 20.80 -50.38 -89.26
N ASP HA 209 21.86 -49.65 -89.50
CA ASP HA 209 22.98 -49.58 -88.56
C ASP HA 209 22.60 -48.89 -87.27
N ILE HA 210 21.76 -47.87 -87.38
CA ILE HA 210 21.14 -47.23 -86.21
C ILE HA 210 20.28 -48.27 -85.47
N CYS HA 211 19.50 -49.08 -86.19
CA CYS HA 211 18.62 -50.02 -85.58
C CYS HA 211 19.34 -51.20 -84.92
N PHE HA 212 20.58 -51.46 -85.30
CA PHE HA 212 21.33 -52.54 -84.70
C PHE HA 212 22.07 -52.04 -83.45
N ARG HA 213 22.83 -50.95 -83.59
CA ARG HA 213 23.76 -50.63 -82.52
C ARG HA 213 23.20 -49.65 -81.52
N THR HA 214 22.25 -48.80 -81.92
CA THR HA 214 21.76 -47.75 -81.01
C THR HA 214 20.41 -48.15 -80.41
N LEU HA 215 19.47 -48.55 -81.26
CA LEU HA 215 18.17 -48.99 -80.72
C LEU HA 215 18.26 -50.41 -80.14
N LYS HA 216 19.25 -51.18 -80.57
CA LYS HA 216 19.41 -52.58 -80.22
C LYS HA 216 18.18 -53.41 -80.47
N LEU HA 217 17.46 -53.14 -81.57
CA LEU HA 217 16.39 -54.02 -82.01
C LEU HA 217 16.98 -55.22 -82.78
N THR HA 218 16.37 -56.37 -82.59
CA THR HA 218 16.92 -57.61 -83.15
C THR HA 218 16.38 -57.79 -84.56
N THR HA 219 15.05 -57.66 -84.73
CA THR HA 219 14.42 -58.04 -85.99
C THR HA 219 13.59 -56.88 -86.54
N PRO HA 220 14.20 -55.87 -87.18
CA PRO HA 220 13.44 -54.74 -87.68
C PRO HA 220 12.74 -55.04 -89.00
N THR HA 221 11.41 -54.94 -88.98
CA THR HA 221 10.65 -55.07 -90.22
C THR HA 221 10.54 -53.72 -90.90
N TYR HA 222 9.95 -53.71 -92.08
CA TYR HA 222 9.74 -52.47 -92.81
C TYR HA 222 8.72 -51.58 -92.13
N GLY HA 223 7.86 -52.15 -91.26
CA GLY HA 223 6.95 -51.29 -90.53
C GLY HA 223 7.71 -50.39 -89.53
N ASP HA 224 8.66 -51.03 -88.86
CA ASP HA 224 9.43 -50.36 -87.81
C ASP HA 224 10.55 -49.54 -88.43
N LEU HA 225 11.09 -49.98 -89.59
CA LEU HA 225 12.12 -49.25 -90.28
C LEU HA 225 11.62 -47.91 -90.78
N ASN HA 226 10.39 -47.90 -91.35
CA ASN HA 226 9.81 -46.67 -91.87
C ASN HA 226 9.45 -45.72 -90.76
N HIS HA 227 9.15 -46.28 -89.59
CA HIS HA 227 8.57 -45.55 -88.47
C HIS HA 227 9.52 -44.47 -87.96
N LEU HA 228 10.79 -44.78 -87.97
CA LEU HA 228 11.81 -43.83 -87.54
C LEU HA 228 12.03 -42.75 -88.57
N VAL HA 229 11.94 -43.03 -89.83
CA VAL HA 229 12.04 -42.06 -90.91
C VAL HA 229 10.83 -41.13 -90.87
N SER HA 230 9.66 -41.69 -90.56
CA SER HA 230 8.44 -40.91 -90.46
C SER HA 230 8.49 -39.97 -89.23
N ALA HA 231 9.21 -40.36 -88.19
CA ALA HA 231 9.42 -39.53 -87.01
C ALA HA 231 10.23 -38.28 -87.37
N ALA HA 232 11.22 -38.44 -88.22
CA ALA HA 232 12.03 -37.32 -88.67
C ALA HA 232 11.23 -36.45 -89.66
N MET HA 233 10.34 -37.05 -90.43
CA MET HA 233 9.51 -36.32 -91.36
C MET HA 233 8.51 -35.40 -90.61
N SER HA 234 8.04 -35.86 -89.46
CA SER HA 234 7.17 -35.07 -88.62
C SER HA 234 7.92 -33.95 -87.91
N GLY HA 235 9.21 -34.14 -87.64
CA GLY HA 235 9.99 -33.16 -86.92
C GLY HA 235 10.31 -31.92 -87.76
N VAL HA 236 10.34 -32.09 -89.09
CA VAL HA 236 10.69 -30.96 -89.94
C VAL HA 236 9.48 -30.03 -90.10
N THR HA 237 8.29 -30.56 -89.92
CA THR HA 237 7.07 -29.76 -90.03
C THR HA 237 6.34 -29.61 -88.69
N CYS HA 238 7.06 -29.83 -87.59
CA CYS HA 238 6.48 -29.73 -86.27
C CYS HA 238 6.10 -28.27 -85.95
N CYS HA 239 7.01 -27.38 -86.33
CA CYS HA 239 6.93 -25.99 -85.93
C CYS HA 239 5.79 -25.26 -86.64
N LEU HA 240 5.41 -25.77 -87.83
CA LEU HA 240 4.29 -25.19 -88.56
C LEU HA 240 3.00 -25.45 -87.82
N ARG HA 241 2.87 -26.61 -87.17
CA ARG HA 241 1.54 -27.00 -86.66
C ARG HA 241 1.30 -26.53 -85.20
N PHE HA 242 2.31 -26.09 -84.54
CA PHE HA 242 2.33 -25.87 -83.12
C PHE HA 242 3.05 -24.58 -82.81
N PRO HA 243 2.64 -23.85 -81.74
CA PRO HA 243 3.40 -22.68 -81.32
C PRO HA 243 4.71 -23.06 -80.64
N GLY HA 244 5.53 -22.08 -80.36
CA GLY HA 244 6.74 -22.28 -79.59
C GLY HA 244 7.37 -20.93 -79.26
N GLN HA 245 8.55 -21.01 -78.62
CA GLN HA 245 9.34 -19.86 -78.27
C GLN HA 245 9.98 -19.24 -79.51
N LEU HA 246 10.47 -20.08 -80.43
CA LEU HA 246 10.98 -19.57 -81.69
C LEU HA 246 10.35 -20.39 -82.82
N ASN HA 247 9.40 -19.76 -83.52
CA ASN HA 247 8.76 -20.33 -84.67
C ASN HA 247 9.61 -20.41 -85.92
N SER HA 248 9.36 -21.44 -86.72
CA SER HA 248 10.20 -21.69 -87.89
C SER HA 248 9.42 -22.54 -88.87
N ASP HA 249 9.46 -22.20 -90.17
CA ASP HA 249 8.70 -22.90 -91.20
C ASP HA 249 9.66 -23.59 -92.16
N LEU HA 250 9.13 -24.21 -93.23
CA LEU HA 250 9.95 -24.82 -94.24
C LEU HA 250 10.68 -23.75 -95.04
N ARG HA 251 10.06 -22.57 -95.29
CA ARG HA 251 10.76 -21.66 -96.17
C ARG HA 251 11.90 -20.94 -95.43
N LYS HA 252 11.72 -20.80 -94.12
CA LYS HA 252 12.82 -20.21 -93.34
C LYS HA 252 13.88 -21.23 -93.15
N LEU HA 253 13.67 -22.51 -93.26
CA LEU HA 253 14.73 -23.52 -93.27
C LEU HA 253 15.51 -23.41 -94.59
N ALA HA 254 14.80 -23.10 -95.66
CA ALA HA 254 15.39 -23.08 -96.99
C ALA HA 254 16.27 -21.87 -97.19
N VAL HA 255 15.87 -20.70 -96.68
CA VAL HA 255 16.66 -19.49 -96.82
C VAL HA 255 17.96 -19.58 -96.01
N ASN HA 256 17.97 -20.41 -94.98
CA ASN HA 256 18.97 -20.41 -93.96
C ASN HA 256 19.98 -21.55 -94.19
N LEU HA 257 19.59 -22.61 -94.87
CA LEU HA 257 20.50 -23.75 -94.95
C LEU HA 257 21.15 -23.91 -96.31
N ILE HA 258 20.68 -23.18 -97.34
CA ILE HA 258 21.22 -23.34 -98.66
C ILE HA 258 22.04 -22.11 -99.01
N PRO HA 259 23.39 -22.25 -99.01
CA PRO HA 259 24.24 -21.11 -99.34
C PRO HA 259 24.28 -20.79 -100.82
N PHE HA 260 24.28 -21.81 -101.64
CA PHE HA 260 24.36 -21.67 -103.11
C PHE HA 260 23.33 -22.63 -103.68
N PRO HA 261 22.59 -22.26 -104.76
CA PRO HA 261 21.32 -22.93 -105.06
C PRO HA 261 21.45 -24.38 -105.53
N ARG HA 262 22.62 -24.79 -105.97
CA ARG HA 262 22.77 -26.14 -106.53
C ARG HA 262 22.92 -27.17 -105.42
N LEU HA 263 23.47 -26.76 -104.26
CA LEU HA 263 23.70 -27.73 -103.20
C LEU HA 263 22.60 -27.64 -102.13
N HIS HA 264 21.62 -28.55 -102.21
CA HIS HA 264 20.51 -28.53 -101.30
C HIS HA 264 20.14 -29.98 -100.94
N PHE HA 265 21.16 -30.80 -100.66
CA PHE HA 265 20.96 -32.13 -100.14
C PHE HA 265 21.23 -32.19 -98.66
N PHE HA 266 20.23 -32.70 -97.90
CA PHE HA 266 20.42 -32.64 -96.45
C PHE HA 266 20.55 -34.01 -95.81
N LEU HA 267 21.21 -34.07 -94.71
CA LEU HA 267 21.24 -35.23 -93.82
C LEU HA 267 20.16 -35.06 -92.75
N ILE HA 268 19.48 -36.16 -92.39
CA ILE HA 268 18.50 -36.09 -91.35
C ILE HA 268 18.97 -36.94 -90.16
N GLY HA 269 18.67 -36.42 -88.97
CA GLY HA 269 18.96 -37.11 -87.74
C GLY HA 269 17.84 -36.91 -86.75
N PHE HA 270 17.72 -37.89 -85.83
CA PHE HA 270 16.71 -37.82 -84.80
C PHE HA 270 17.30 -38.21 -83.46
N ALA HA 271 16.86 -37.51 -82.41
CA ALA HA 271 17.23 -37.80 -81.05
C ALA HA 271 16.00 -37.54 -80.19
N PRO HA 272 15.74 -38.30 -79.11
CA PRO HA 272 16.61 -39.34 -78.59
C PRO HA 272 16.42 -40.72 -79.23
N LEU HA 273 17.47 -41.54 -79.18
CA LEU HA 273 17.46 -42.88 -79.70
C LEU HA 273 18.05 -43.86 -78.68
N THR HA 274 17.14 -44.61 -78.04
CA THR HA 274 17.59 -45.39 -76.90
C THR HA 274 17.16 -46.86 -77.05
N SER HA 275 17.96 -47.74 -76.49
CA SER HA 275 17.57 -49.16 -76.42
C SER HA 275 16.46 -49.30 -75.39
N ARG HA 276 15.72 -50.41 -75.45
CA ARG HA 276 14.59 -50.57 -74.52
C ARG HA 276 15.09 -50.78 -73.09
N GLY HA 277 16.20 -51.49 -72.98
CA GLY HA 277 16.87 -51.78 -71.70
C GLY HA 277 17.42 -50.51 -71.04
N SER HA 278 18.02 -49.64 -71.87
CA SER HA 278 18.75 -48.49 -71.35
C SER HA 278 17.92 -47.22 -71.41
N GLN HA 279 16.61 -47.37 -71.60
CA GLN HA 279 15.68 -46.24 -71.57
C GLN HA 279 15.60 -45.65 -70.16
N GLN HA 280 15.62 -46.52 -69.15
CA GLN HA 280 15.46 -46.10 -67.78
C GLN HA 280 16.74 -45.54 -67.15
N TYR HA 281 17.87 -45.72 -67.82
CA TYR HA 281 19.18 -45.42 -67.30
C TYR HA 281 19.74 -44.11 -67.84
N ARG HA 282 19.04 -43.41 -68.69
CA ARG HA 282 19.57 -42.30 -69.47
C ARG HA 282 18.91 -41.01 -68.96
N ALA HA 283 19.72 -39.94 -68.87
CA ALA HA 283 19.21 -38.68 -68.34
C ALA HA 283 18.88 -37.83 -69.51
N LEU HA 284 17.60 -37.65 -69.85
CA LEU HA 284 17.20 -36.87 -71.03
C LEU HA 284 17.25 -35.36 -70.71
N SER HA 285 18.31 -34.74 -71.19
CA SER HA 285 18.56 -33.34 -70.96
C SER HA 285 19.20 -32.80 -72.22
N VAL HA 286 19.25 -31.44 -72.30
CA VAL HA 286 19.81 -30.77 -73.45
C VAL HA 286 21.29 -31.09 -73.66
N PRO HA 287 22.17 -31.21 -72.61
CA PRO HA 287 23.53 -31.63 -72.89
C PRO HA 287 23.71 -32.99 -73.54
N GLU HA 288 22.82 -33.95 -73.27
CA GLU HA 288 23.01 -35.20 -73.99
C GLU HA 288 22.37 -35.23 -75.37
N LEU HA 289 21.34 -34.42 -75.54
CA LEU HA 289 20.63 -34.32 -76.82
C LEU HA 289 21.54 -33.77 -77.92
N THR HA 290 22.36 -32.79 -77.57
CA THR HA 290 23.35 -32.23 -78.44
C THR HA 290 24.48 -33.22 -78.76
N GLN HA 291 24.74 -34.20 -77.92
CA GLN HA 291 25.70 -35.22 -78.23
C GLN HA 291 25.21 -36.20 -79.29
N GLN HA 292 23.94 -36.55 -79.18
CA GLN HA 292 23.37 -37.54 -80.09
C GLN HA 292 23.14 -36.91 -81.48
N MET HA 293 22.88 -35.64 -81.51
CA MET HA 293 22.65 -34.92 -82.77
C MET HA 293 23.95 -34.78 -83.60
N PHE HA 294 25.07 -34.50 -82.95
CA PHE HA 294 26.40 -34.75 -83.48
C PHE HA 294 26.90 -36.10 -82.98
N ASP HA 295 26.21 -37.16 -83.44
CA ASP HA 295 26.82 -38.49 -83.39
C ASP HA 295 26.96 -39.02 -84.83
N ALA HA 296 28.10 -39.60 -85.11
CA ALA HA 296 28.33 -40.12 -86.46
C ALA HA 296 27.41 -41.30 -86.78
N LYS HA 297 27.12 -42.06 -85.71
CA LYS HA 297 26.31 -43.28 -85.88
C LYS HA 297 24.84 -42.92 -85.84
N ASN HA 298 24.44 -41.66 -85.80
CA ASN HA 298 23.04 -41.29 -85.61
C ASN HA 298 22.47 -40.60 -86.83
N MET HA 299 23.26 -40.41 -87.89
CA MET HA 299 22.72 -39.86 -89.11
C MET HA 299 22.02 -40.95 -89.90
N MET HA 300 20.95 -40.56 -90.60
CA MET HA 300 20.21 -41.51 -91.40
C MET HA 300 20.75 -41.63 -92.83
N CYS HA 301 21.93 -41.04 -93.09
CA CYS HA 301 22.58 -41.16 -94.37
C CYS HA 301 23.93 -41.84 -94.27
N ALA HA 302 24.22 -42.78 -95.16
CA ALA HA 302 25.34 -43.69 -95.04
C ALA HA 302 26.65 -43.05 -95.47
N SER HA 303 26.92 -41.84 -94.99
CA SER HA 303 28.17 -41.15 -95.23
C SER HA 303 28.68 -40.70 -93.88
N ASP HA 304 29.95 -40.99 -93.59
CA ASP HA 304 30.57 -40.59 -92.35
C ASP HA 304 30.77 -39.07 -92.35
N PRO HA 305 30.10 -38.33 -91.44
CA PRO HA 305 30.21 -36.88 -91.45
C PRO HA 305 31.54 -36.33 -90.92
N ARG HA 306 32.36 -37.20 -90.32
CA ARG HA 306 33.65 -36.75 -89.81
C ARG HA 306 34.67 -36.59 -90.93
N HIS HA 307 34.35 -37.08 -92.15
CA HIS HA 307 35.27 -36.91 -93.25
C HIS HA 307 35.14 -35.53 -93.90
N GLY HA 308 34.09 -34.77 -93.57
CA GLY HA 308 33.86 -33.47 -94.12
C GLY HA 308 33.57 -32.44 -93.02
N ARG HA 309 33.08 -31.28 -93.46
CA ARG HA 309 32.69 -30.21 -92.57
C ARG HA 309 31.24 -29.83 -92.83
N TYR HA 310 30.49 -29.67 -91.74
CA TYR HA 310 29.10 -29.23 -91.84
C TYR HA 310 29.09 -27.77 -92.30
N LEU HA 311 28.55 -27.57 -93.50
CA LEU HA 311 28.55 -26.27 -94.12
C LEU HA 311 27.54 -25.38 -93.40
N THR HA 312 26.29 -25.85 -93.26
CA THR HA 312 25.31 -25.25 -92.39
C THR HA 312 24.48 -26.38 -91.79
N ALA HA 313 23.97 -26.21 -90.59
CA ALA HA 313 23.10 -27.19 -89.97
C ALA HA 313 22.03 -26.50 -89.16
N SER HA 314 20.91 -27.20 -88.96
CA SER HA 314 19.81 -26.64 -88.20
C SER HA 314 19.22 -27.73 -87.30
N ALA HA 315 18.67 -27.30 -86.17
CA ALA HA 315 18.12 -28.19 -85.18
C ALA HA 315 16.77 -27.62 -84.75
N MET HA 316 15.73 -28.43 -84.98
CA MET HA 316 14.38 -28.13 -84.51
C MET HA 316 14.16 -28.91 -83.22
N PHE HA 317 14.26 -28.20 -82.12
CA PHE HA 317 13.98 -28.71 -80.79
C PHE HA 317 12.48 -28.71 -80.53
N ARG HA 318 12.08 -29.68 -79.71
CA ARG HA 318 10.67 -29.82 -79.37
C ARG HA 318 10.57 -30.15 -77.90
N GLY HA 319 9.69 -29.48 -77.17
CA GLY HA 319 9.46 -29.67 -75.76
C GLY HA 319 9.75 -28.32 -74.99
N ARG HA 320 9.70 -28.46 -73.68
CA ARG HA 320 9.82 -27.29 -72.83
C ARG HA 320 11.28 -27.29 -72.40
N MET HA 321 12.08 -26.41 -73.01
CA MET HA 321 13.45 -26.32 -72.54
C MET HA 321 13.90 -24.85 -72.47
N SER HA 322 14.96 -24.62 -71.75
CA SER HA 322 15.51 -23.29 -71.56
C SER HA 322 16.41 -22.90 -72.73
N THR HA 323 16.27 -21.67 -73.20
CA THR HA 323 16.83 -21.34 -74.50
C THR HA 323 18.31 -20.99 -74.43
N LYS HA 324 18.83 -20.64 -73.25
CA LYS HA 324 20.26 -20.32 -73.23
C LYS HA 324 21.09 -21.58 -73.41
N GLU HA 325 20.73 -22.63 -72.73
CA GLU HA 325 21.37 -23.93 -72.89
C GLU HA 325 21.09 -24.53 -74.24
N VAL HA 326 20.02 -24.12 -74.92
CA VAL HA 326 19.93 -24.43 -76.34
C VAL HA 326 21.04 -23.71 -77.15
N ASP HA 327 21.22 -22.47 -76.80
CA ASP HA 327 22.03 -21.60 -77.65
C ASP HA 327 23.49 -21.67 -77.34
N GLU HA 328 23.84 -21.81 -76.06
CA GLU HA 328 25.23 -21.95 -75.65
C GLU HA 328 25.78 -23.32 -76.04
N GLN HA 329 24.95 -24.32 -76.08
CA GLN HA 329 25.36 -25.64 -76.55
C GLN HA 329 25.71 -25.66 -78.04
N MET HA 330 25.02 -24.91 -78.82
CA MET HA 330 25.35 -24.75 -80.23
C MET HA 330 26.66 -24.01 -80.43
N LEU HA 331 26.97 -23.12 -79.49
CA LEU HA 331 28.28 -22.50 -79.46
C LEU HA 331 29.33 -23.48 -78.95
N ASN HA 332 28.96 -24.35 -78.02
CA ASN HA 332 29.84 -25.34 -77.44
C ASN HA 332 30.31 -26.34 -78.50
N VAL HA 333 29.38 -26.76 -79.34
CA VAL HA 333 29.67 -27.73 -80.38
C VAL HA 333 30.53 -27.09 -81.47
N GLN HA 334 30.33 -25.81 -81.72
CA GLN HA 334 31.05 -25.12 -82.78
C GLN HA 334 32.51 -24.90 -82.39
N ASN HA 335 32.77 -24.68 -81.10
CA ASN HA 335 34.14 -24.27 -80.74
C ASN HA 335 35.08 -25.49 -80.65
N LYS HA 336 34.56 -26.53 -79.99
CA LYS HA 336 35.34 -27.73 -79.72
C LYS HA 336 35.42 -28.61 -80.95
N ASN HA 337 34.31 -28.76 -81.72
CA ASN HA 337 34.48 -29.39 -83.02
C ASN HA 337 34.69 -28.33 -84.08
N SER HA 338 35.74 -27.52 -83.92
CA SER HA 338 36.08 -26.46 -84.85
C SER HA 338 36.55 -27.01 -86.20
N SER HA 339 37.28 -28.17 -86.16
CA SER HA 339 37.75 -28.76 -87.39
C SER HA 339 36.65 -29.53 -88.11
N TYR HA 340 35.53 -29.82 -87.46
CA TYR HA 340 34.40 -30.47 -88.10
C TYR HA 340 33.38 -29.45 -88.64
N PHE HA 341 33.67 -28.15 -88.45
CA PHE HA 341 32.84 -27.12 -89.02
C PHE HA 341 33.59 -26.29 -90.06
N VAL HA 342 32.79 -25.55 -90.84
CA VAL HA 342 33.38 -24.73 -91.87
C VAL HA 342 33.71 -23.37 -91.25
N GLU HA 343 34.79 -22.75 -91.75
CA GLU HA 343 35.36 -21.60 -91.04
C GLU HA 343 34.82 -20.29 -91.60
N TRP HA 344 34.59 -20.25 -92.93
CA TRP HA 344 34.26 -18.96 -93.54
C TRP HA 344 32.78 -18.62 -93.45
N ILE HA 345 31.98 -19.49 -92.79
CA ILE HA 345 30.67 -19.06 -92.28
C ILE HA 345 30.74 -19.04 -90.75
N PRO HA 346 30.74 -17.85 -90.13
CA PRO HA 346 30.47 -17.75 -88.70
C PRO HA 346 29.01 -18.09 -88.40
N ASN HA 347 28.79 -18.68 -87.24
CA ASN HA 347 27.50 -19.14 -86.76
C ASN HA 347 26.84 -20.04 -87.80
N ASN HA 348 27.41 -21.24 -87.91
CA ASN HA 348 26.91 -22.34 -88.72
C ASN HA 348 25.59 -22.91 -88.22
N MET HA 349 25.10 -22.58 -87.04
CA MET HA 349 24.00 -23.31 -86.43
C MET HA 349 22.69 -22.51 -86.48
N LYS HA 350 21.58 -23.20 -86.73
CA LYS HA 350 20.28 -22.62 -86.53
C LYS HA 350 19.57 -23.43 -85.45
N SER HA 351 18.95 -22.69 -84.50
CA SER HA 351 18.12 -23.37 -83.53
C SER HA 351 16.68 -22.85 -83.62
N SER HA 352 15.75 -23.84 -83.49
CA SER HA 352 14.34 -23.53 -83.55
C SER HA 352 13.59 -24.31 -82.50
N VAL HA 353 12.74 -23.61 -81.72
CA VAL HA 353 12.20 -24.25 -80.51
C VAL HA 353 10.68 -24.28 -80.67
N CYS HA 354 10.13 -25.49 -80.69
CA CYS HA 354 8.70 -25.69 -80.66
C CYS HA 354 8.42 -26.03 -79.20
N ASP HA 355 7.20 -25.93 -78.78
CA ASP HA 355 6.88 -26.17 -77.41
C ASP HA 355 5.98 -27.38 -77.23
N ILE HA 356 5.71 -28.17 -78.28
CA ILE HA 356 4.98 -29.41 -78.15
C ILE HA 356 5.92 -30.55 -78.42
N PRO HA 357 6.18 -31.41 -77.43
CA PRO HA 357 7.02 -32.59 -77.65
C PRO HA 357 6.19 -33.65 -78.33
N PRO HA 358 6.81 -34.64 -79.01
CA PRO HA 358 6.05 -35.74 -79.59
C PRO HA 358 5.42 -36.57 -78.51
N LYS HA 359 4.47 -37.39 -78.89
CA LYS HA 359 3.76 -38.32 -78.04
C LYS HA 359 4.75 -39.38 -77.50
N GLY HA 360 4.79 -39.48 -76.15
CA GLY HA 360 5.61 -40.45 -75.49
C GLY HA 360 6.92 -39.84 -74.97
N LEU HA 361 7.42 -38.76 -75.57
CA LEU HA 361 8.71 -38.26 -75.18
C LEU HA 361 8.58 -36.94 -74.42
N LYS HA 362 9.65 -36.62 -73.69
CA LYS HA 362 9.62 -35.35 -72.98
C LYS HA 362 10.32 -34.23 -73.74
N MET HA 363 11.26 -34.60 -74.61
CA MET HA 363 11.98 -33.69 -75.47
C MET HA 363 12.42 -34.45 -76.71
N SER HA 364 12.47 -33.75 -77.84
CA SER HA 364 13.01 -34.29 -79.06
C SER HA 364 13.74 -33.22 -79.86
N VAL HA 365 14.61 -33.72 -80.74
CA VAL HA 365 15.31 -32.85 -81.66
C VAL HA 365 15.39 -33.55 -83.02
N THR HA 366 15.16 -32.76 -84.05
CA THR HA 366 15.21 -33.26 -85.41
C THR HA 366 16.23 -32.37 -86.14
N PHE HA 367 17.12 -33.04 -86.84
CA PHE HA 367 18.39 -32.40 -87.22
C PHE HA 367 18.49 -32.44 -88.72
N VAL HA 368 18.65 -31.28 -89.32
CA VAL HA 368 18.75 -31.16 -90.76
C VAL HA 368 20.08 -30.46 -91.06
N GLY HA 369 20.95 -31.18 -91.77
CA GLY HA 369 22.30 -30.63 -91.89
C GLY HA 369 22.83 -30.72 -93.33
N ASN HA 370 23.39 -29.63 -93.79
CA ASN HA 370 24.04 -29.57 -95.10
C ASN HA 370 25.50 -29.85 -94.93
N SER HA 371 25.92 -31.11 -95.16
CA SER HA 371 27.33 -31.45 -94.98
C SER HA 371 28.03 -31.61 -96.33
N THR HA 372 29.36 -31.42 -96.30
CA THR HA 372 30.14 -31.69 -97.50
C THR HA 372 30.65 -33.13 -97.54
N ALA HA 373 30.24 -33.92 -96.54
CA ALA HA 373 30.61 -35.34 -96.55
C ALA HA 373 29.68 -36.16 -97.45
N ILE HA 374 28.63 -35.49 -98.01
CA ILE HA 374 27.75 -36.28 -98.87
C ILE HA 374 28.33 -36.27 -100.30
N GLN HA 375 29.52 -35.68 -100.49
CA GLN HA 375 30.22 -35.87 -101.75
C GLN HA 375 30.62 -37.34 -101.94
N GLU HA 376 30.83 -38.07 -100.85
CA GLU HA 376 31.28 -39.44 -100.92
C GLU HA 376 30.17 -40.34 -101.44
N MET HA 377 28.92 -40.02 -101.12
CA MET HA 377 27.81 -40.83 -101.58
C MET HA 377 27.52 -40.56 -103.04
N PHE HA 378 27.62 -39.30 -103.47
CA PHE HA 378 27.51 -39.02 -104.89
C PHE HA 378 28.70 -39.58 -105.67
N LYS HA 379 29.86 -39.70 -105.04
CA LYS HA 379 31.00 -40.32 -105.70
C LYS HA 379 30.79 -41.81 -105.85
N ARG HA 380 30.14 -42.45 -104.87
CA ARG HA 380 29.93 -43.87 -104.90
C ARG HA 380 28.91 -44.25 -105.98
N VAL HA 381 27.89 -43.41 -106.16
CA VAL HA 381 26.92 -43.68 -107.20
C VAL HA 381 27.53 -43.37 -108.57
N SER HA 382 28.36 -42.33 -108.62
CA SER HA 382 28.86 -41.84 -109.90
C SER HA 382 29.87 -42.80 -110.47
N ASP HA 383 30.74 -43.35 -109.64
CA ASP HA 383 31.74 -44.30 -110.18
C ASP HA 383 31.08 -45.62 -110.49
N GLN HA 384 30.00 -46.02 -109.81
CA GLN HA 384 29.24 -47.17 -110.21
C GLN HA 384 28.54 -46.92 -111.58
N PHE HA 385 28.10 -45.68 -111.78
CA PHE HA 385 27.47 -45.32 -113.02
C PHE HA 385 28.47 -45.32 -114.19
N THR HA 386 29.63 -44.76 -113.93
CA THR HA 386 30.62 -44.61 -114.98
C THR HA 386 31.25 -45.95 -115.30
N ALA HA 387 31.27 -46.88 -114.33
CA ALA HA 387 31.85 -48.20 -114.61
C ALA HA 387 30.97 -48.99 -115.57
N MET HA 388 29.65 -48.87 -115.39
CA MET HA 388 28.74 -49.65 -116.21
C MET HA 388 28.45 -48.97 -117.55
N PHE HA 389 28.61 -47.67 -117.62
CA PHE HA 389 28.40 -46.92 -118.84
C PHE HA 389 29.56 -47.08 -119.85
N ARG HA 390 30.77 -47.39 -119.35
CA ARG HA 390 31.90 -47.58 -120.23
C ARG HA 390 31.71 -48.84 -121.09
N ARG HA 391 31.06 -49.84 -120.51
CA ARG HA 391 30.80 -51.08 -121.21
C ARG HA 391 29.36 -51.14 -121.74
N LYS HA 392 28.62 -50.04 -121.61
CA LYS HA 392 27.32 -49.85 -122.24
C LYS HA 392 26.32 -50.92 -121.80
N ALA HA 393 26.38 -51.32 -120.55
CA ALA HA 393 25.59 -52.40 -120.02
C ALA HA 393 24.17 -51.90 -119.73
N PHE HA 394 23.21 -52.79 -119.97
CA PHE HA 394 21.79 -52.60 -119.65
C PHE HA 394 21.20 -51.35 -120.29
N LEU HA 395 21.79 -50.92 -121.44
CA LEU HA 395 21.33 -49.68 -122.04
C LEU HA 395 20.12 -49.88 -122.94
N HIS HA 396 19.90 -51.05 -123.45
CA HIS HA 396 18.90 -51.29 -124.47
C HIS HA 396 17.49 -51.24 -123.89
N TRP HA 397 17.34 -51.36 -122.56
CA TRP HA 397 16.05 -51.09 -121.97
C TRP HA 397 15.69 -49.62 -121.92
N TYR HA 398 16.71 -48.76 -121.96
CA TYR HA 398 16.46 -47.32 -122.03
C TYR HA 398 16.45 -46.85 -123.48
N THR HA 399 17.46 -47.24 -124.24
CA THR HA 399 17.70 -46.72 -125.58
C THR HA 399 16.70 -47.28 -126.57
N GLY HA 400 16.08 -48.42 -126.28
CA GLY HA 400 14.87 -48.88 -126.96
C GLY HA 400 13.62 -48.04 -126.60
N GLU HA 401 13.70 -47.27 -125.51
CA GLU HA 401 12.54 -46.62 -124.97
C GLU HA 401 12.47 -45.13 -125.29
N GLY HA 402 13.58 -44.56 -125.66
CA GLY HA 402 13.66 -43.15 -126.07
C GLY HA 402 14.62 -42.34 -125.20
N MET HA 403 15.62 -42.99 -124.63
CA MET HA 403 16.68 -42.25 -123.95
C MET HA 403 17.81 -42.28 -124.96
N ASP HA 404 18.24 -41.13 -125.41
CA ASP HA 404 19.45 -41.02 -126.19
C ASP HA 404 20.68 -41.11 -125.30
N GLU HA 405 21.80 -41.35 -125.94
CA GLU HA 405 23.10 -41.49 -125.30
C GLU HA 405 23.57 -40.17 -124.72
N MET HA 406 23.10 -39.04 -125.32
CA MET HA 406 23.57 -37.72 -124.90
C MET HA 406 23.09 -37.31 -123.53
N GLU HA 407 21.91 -37.77 -123.13
CA GLU HA 407 21.42 -37.27 -121.82
C GLU HA 407 22.08 -38.01 -120.69
N PHE HA 408 22.59 -39.23 -120.95
CA PHE HA 408 23.33 -39.92 -119.88
C PHE HA 408 24.70 -39.28 -119.69
N THR HA 409 25.34 -38.79 -120.77
CA THR HA 409 26.57 -38.03 -120.58
C THR HA 409 26.27 -36.70 -119.90
N GLU HA 410 25.14 -36.12 -120.18
CA GLU HA 410 24.62 -34.94 -119.51
C GLU HA 410 24.40 -35.19 -118.02
N ALA HA 411 23.86 -36.35 -117.71
CA ALA HA 411 23.51 -36.69 -116.32
C ALA HA 411 24.77 -36.84 -115.48
N GLU HA 412 25.80 -37.47 -116.08
CA GLU HA 412 27.07 -37.62 -115.40
C GLU HA 412 27.78 -36.29 -115.26
N SER HA 413 27.67 -35.43 -116.25
CA SER HA 413 28.24 -34.08 -116.21
C SER HA 413 27.59 -33.24 -115.12
N ASN HA 414 26.27 -33.35 -114.94
CA ASN HA 414 25.58 -32.69 -113.89
C ASN HA 414 26.06 -33.15 -112.46
N MET HA 415 26.23 -34.43 -112.35
CA MET HA 415 26.46 -35.02 -111.02
C MET HA 415 27.93 -34.94 -110.64
N ASN HA 416 28.83 -35.04 -111.63
CA ASN HA 416 30.26 -34.84 -111.38
C ASN HA 416 30.55 -33.38 -111.06
N ASP HA 417 29.78 -32.46 -111.62
CA ASP HA 417 29.93 -31.06 -111.25
C ASP HA 417 29.47 -30.82 -109.79
N LEU HA 418 28.49 -31.60 -109.32
CA LEU HA 418 28.03 -31.48 -107.97
C LEU HA 418 29.11 -31.98 -106.99
N VAL HA 419 29.90 -32.98 -107.41
CA VAL HA 419 31.01 -33.40 -106.57
C VAL HA 419 32.08 -32.34 -106.55
N SER HA 420 32.30 -31.66 -107.67
CA SER HA 420 33.31 -30.61 -107.82
C SER HA 420 32.99 -29.42 -106.90
N GLU HA 421 31.72 -29.10 -106.76
CA GLU HA 421 31.35 -27.90 -106.00
C GLU HA 421 31.45 -28.15 -104.51
N TYR HA 422 31.22 -29.40 -104.07
CA TYR HA 422 31.46 -29.71 -102.67
C TYR HA 422 32.93 -29.77 -102.35
N GLN HA 423 33.78 -30.17 -103.34
CA GLN HA 423 35.23 -30.08 -103.15
C GLN HA 423 35.66 -28.60 -103.21
N GLN HA 424 34.93 -27.78 -103.94
CA GLN HA 424 35.29 -26.37 -104.10
C GLN HA 424 35.15 -25.62 -102.76
N TYR HA 425 34.17 -26.03 -101.96
CA TYR HA 425 33.89 -25.33 -100.70
C TYR HA 425 34.58 -25.93 -99.45
N GLN HA 426 35.18 -27.08 -99.66
CA GLN HA 426 35.84 -27.78 -98.55
C GLN HA 426 37.35 -27.56 -98.61
N MET IA 1 -50.75 -15.34 -115.65
CA MET IA 1 -49.39 -14.76 -115.98
C MET IA 1 -48.68 -15.70 -116.92
N ARG IA 2 -47.42 -16.05 -116.68
CA ARG IA 2 -46.50 -16.64 -117.63
C ARG IA 2 -46.59 -18.17 -117.67
N GLU IA 3 -46.59 -18.71 -118.87
CA GLU IA 3 -46.75 -20.15 -119.04
C GLU IA 3 -45.73 -20.65 -120.05
N ILE IA 4 -45.18 -21.84 -119.80
CA ILE IA 4 -44.31 -22.51 -120.77
C ILE IA 4 -45.02 -23.72 -121.29
N VAL IA 5 -45.13 -23.83 -122.60
CA VAL IA 5 -45.70 -25.01 -123.24
C VAL IA 5 -44.56 -25.99 -123.57
N HIS IA 6 -44.75 -27.21 -123.11
CA HIS IA 6 -43.72 -28.24 -123.33
C HIS IA 6 -44.14 -29.17 -124.45
N VAL IA 7 -43.25 -29.39 -125.40
CA VAL IA 7 -43.55 -30.19 -126.59
C VAL IA 7 -42.43 -31.21 -126.74
N GLN IA 8 -42.79 -32.49 -126.80
CA GLN IA 8 -41.85 -33.57 -126.87
C GLN IA 8 -42.03 -34.31 -128.17
N GLY IA 9 -40.91 -34.46 -128.93
CA GLY IA 9 -40.93 -35.25 -130.13
C GLY IA 9 -39.94 -36.41 -130.11
N GLY IA 10 -40.36 -37.56 -130.67
CA GLY IA 10 -39.44 -38.67 -130.88
C GLY IA 10 -39.23 -39.55 -129.64
N GLN IA 11 -38.51 -40.65 -129.80
CA GLN IA 11 -38.33 -41.59 -128.71
C GLN IA 11 -37.46 -41.00 -127.61
N CYS IA 12 -36.39 -40.33 -128.04
CA CYS IA 12 -35.50 -39.67 -127.09
C CYS IA 12 -36.20 -38.52 -126.36
N GLY IA 13 -36.98 -37.73 -127.12
CA GLY IA 13 -37.68 -36.60 -126.53
C GLY IA 13 -38.74 -37.00 -125.52
N ASN IA 14 -39.41 -38.11 -125.79
CA ASN IA 14 -40.45 -38.60 -124.89
C ASN IA 14 -39.87 -39.13 -123.61
N GLN IA 15 -38.75 -39.83 -123.69
CA GLN IA 15 -38.15 -40.41 -122.50
C GLN IA 15 -37.41 -39.36 -121.67
N ILE IA 16 -36.88 -38.32 -122.33
CA ILE IA 16 -36.27 -37.22 -121.58
C ILE IA 16 -37.35 -36.31 -121.02
N GLY IA 17 -38.47 -36.21 -121.70
CA GLY IA 17 -39.58 -35.37 -121.26
C GLY IA 17 -40.40 -36.03 -120.14
N ALA IA 18 -40.42 -37.38 -120.15
CA ALA IA 18 -41.04 -38.14 -119.07
C ALA IA 18 -40.29 -37.88 -117.73
N LYS IA 19 -39.02 -37.67 -117.79
CA LYS IA 19 -38.24 -37.42 -116.61
C LYS IA 19 -38.14 -35.95 -116.29
N PHE IA 20 -38.49 -35.08 -117.22
CA PHE IA 20 -38.74 -33.67 -116.88
C PHE IA 20 -39.93 -33.56 -115.95
N TRP IA 21 -40.98 -34.33 -116.24
CA TRP IA 21 -42.18 -34.27 -115.43
C TRP IA 21 -41.98 -35.03 -114.10
N GLU IA 22 -40.91 -35.81 -114.01
CA GLU IA 22 -40.56 -36.43 -112.75
C GLU IA 22 -39.90 -35.40 -111.82
N VAL IA 23 -39.03 -34.56 -112.41
CA VAL IA 23 -38.21 -33.71 -111.58
C VAL IA 23 -38.96 -32.45 -111.20
N ILE IA 24 -39.83 -31.98 -112.06
CA ILE IA 24 -40.67 -30.81 -111.78
C ILE IA 24 -41.77 -31.20 -110.82
N SER IA 25 -42.34 -32.32 -110.98
CA SER IA 25 -43.47 -32.81 -110.19
C SER IA 25 -43.10 -32.98 -108.72
N ASP IA 26 -41.88 -33.55 -108.50
CA ASP IA 26 -41.54 -33.72 -107.06
C ASP IA 26 -41.04 -32.43 -106.50
N GLU IA 27 -40.53 -31.51 -107.32
CA GLU IA 27 -40.07 -30.22 -106.83
C GLU IA 27 -41.27 -29.34 -106.44
N HIS IA 28 -42.37 -29.47 -107.18
CA HIS IA 28 -43.58 -28.74 -106.85
C HIS IA 28 -44.53 -29.53 -105.99
N GLY IA 29 -44.21 -30.80 -105.72
CA GLY IA 29 -44.99 -31.62 -104.81
C GLY IA 29 -46.33 -32.06 -105.41
N ILE IA 30 -46.30 -32.51 -106.69
CA ILE IA 30 -47.48 -33.08 -107.30
C ILE IA 30 -47.41 -34.59 -107.18
N ASP IA 31 -48.49 -35.11 -106.52
CA ASP IA 31 -48.69 -36.56 -106.41
C ASP IA 31 -48.96 -37.09 -107.82
N PRO IA 32 -48.39 -38.30 -108.16
CA PRO IA 32 -48.64 -38.81 -109.51
C PRO IA 32 -50.10 -39.09 -109.83
N THR IA 33 -50.94 -39.19 -108.81
CA THR IA 33 -52.37 -39.29 -109.04
C THR IA 33 -52.98 -37.95 -109.39
N GLY IA 34 -52.28 -36.86 -109.24
CA GLY IA 34 -52.73 -35.54 -109.71
C GLY IA 34 -52.72 -34.57 -108.55
N THR IA 35 -52.87 -35.07 -107.29
CA THR IA 35 -53.15 -34.13 -106.23
C THR IA 35 -51.86 -33.52 -105.70
N TYR IA 36 -52.03 -32.59 -104.76
CA TYR IA 36 -50.91 -31.89 -104.17
C TYR IA 36 -50.65 -32.41 -102.75
N CYS IA 37 -49.37 -32.55 -102.41
CA CYS IA 37 -48.99 -32.81 -101.04
C CYS IA 37 -47.72 -32.07 -100.73
N GLY IA 38 -47.60 -31.47 -99.54
CA GLY IA 38 -46.37 -30.78 -99.21
C GLY IA 38 -46.55 -29.45 -98.47
N ASP IA 39 -47.80 -29.04 -98.25
CA ASP IA 39 -48.24 -27.97 -97.38
C ASP IA 39 -47.35 -26.73 -97.28
N SER IA 40 -46.96 -26.19 -98.43
CA SER IA 40 -46.18 -24.96 -98.50
C SER IA 40 -46.71 -24.10 -99.63
N ASP IA 41 -46.86 -22.80 -99.34
CA ASP IA 41 -47.47 -21.86 -100.28
C ASP IA 41 -46.53 -21.55 -101.43
N LEU IA 42 -45.22 -21.54 -101.18
CA LEU IA 42 -44.24 -21.17 -102.20
C LEU IA 42 -44.17 -22.18 -103.34
N GLN IA 43 -44.55 -23.42 -103.07
CA GLN IA 43 -44.67 -24.45 -104.10
C GLN IA 43 -45.82 -24.16 -105.05
N LEU IA 44 -46.90 -23.59 -104.56
CA LEU IA 44 -48.18 -23.49 -105.22
C LEU IA 44 -48.40 -22.13 -105.89
N GLU IA 45 -47.58 -21.14 -105.51
CA GLU IA 45 -47.83 -19.77 -105.93
C GLU IA 45 -47.58 -19.60 -107.42
N ARG IA 46 -46.61 -20.34 -107.95
CA ARG IA 46 -46.35 -20.31 -109.38
C ARG IA 46 -46.42 -21.75 -109.87
N ILE IA 47 -47.64 -22.17 -110.15
CA ILE IA 47 -47.89 -23.51 -110.64
C ILE IA 47 -48.45 -23.46 -112.05
N ASN IA 48 -49.00 -22.27 -112.46
CA ASN IA 48 -49.59 -22.20 -113.78
C ASN IA 48 -48.53 -22.14 -114.88
N VAL IA 49 -47.26 -22.04 -114.50
CA VAL IA 49 -46.20 -21.99 -115.49
C VAL IA 49 -46.05 -23.36 -116.16
N PHE IA 50 -46.41 -24.45 -115.46
CA PHE IA 50 -46.28 -25.76 -116.06
C PHE IA 50 -47.55 -26.61 -115.95
N TYR IA 51 -48.53 -26.19 -115.16
CA TYR IA 51 -49.68 -27.06 -114.88
C TYR IA 51 -50.98 -26.30 -115.15
N ASN IA 52 -52.06 -27.05 -115.22
CA ASN IA 52 -53.40 -26.50 -115.40
C ASN IA 52 -54.31 -27.16 -114.35
N GLU IA 53 -55.15 -26.33 -113.74
CA GLU IA 53 -56.22 -26.79 -112.87
C GLU IA 53 -57.26 -27.54 -113.68
N ALA IA 54 -57.85 -28.59 -113.08
CA ALA IA 54 -58.77 -29.46 -113.80
C ALA IA 54 -60.13 -29.58 -113.08
N THR IA 55 -60.47 -28.58 -112.25
CA THR IA 55 -61.72 -28.45 -111.50
C THR IA 55 -62.07 -29.68 -110.67
N GLY IA 56 -61.05 -30.51 -110.43
CA GLY IA 56 -61.11 -31.59 -109.47
C GLY IA 56 -60.05 -31.34 -108.41
N GLY IA 57 -59.30 -30.25 -108.64
CA GLY IA 57 -58.15 -29.92 -107.84
C GLY IA 57 -56.85 -30.55 -108.35
N ARG IA 58 -56.94 -31.42 -109.36
CA ARG IA 58 -55.76 -32.09 -109.87
C ARG IA 58 -55.10 -31.23 -110.96
N PHE IA 59 -53.80 -31.48 -111.13
CA PHE IA 59 -52.98 -30.70 -112.02
C PHE IA 59 -52.58 -31.55 -113.21
N VAL IA 60 -52.87 -31.03 -114.41
CA VAL IA 60 -52.47 -31.72 -115.61
C VAL IA 60 -51.38 -30.89 -116.29
N PRO IA 61 -50.31 -31.56 -116.78
CA PRO IA 61 -49.22 -30.82 -117.42
C PRO IA 61 -49.63 -30.16 -118.71
N ARG IA 62 -48.97 -29.06 -119.01
CA ARG IA 62 -49.14 -28.37 -120.29
C ARG IA 62 -48.15 -28.95 -121.30
N ALA IA 63 -48.27 -30.28 -121.52
CA ALA IA 63 -47.32 -31.00 -122.34
C ALA IA 63 -48.02 -31.56 -123.57
N ILE IA 64 -47.34 -31.52 -124.71
CA ILE IA 64 -47.79 -32.19 -125.92
C ILE IA 64 -46.81 -33.28 -126.27
N LEU IA 65 -47.27 -34.51 -126.24
CA LEU IA 65 -46.42 -35.66 -126.54
C LEU IA 65 -46.68 -36.07 -127.98
N MET IA 66 -45.64 -36.16 -128.80
CA MET IA 66 -45.87 -36.37 -130.23
C MET IA 66 -44.81 -37.33 -130.76
N ASP IA 67 -45.23 -38.38 -131.44
CA ASP IA 67 -44.37 -39.42 -131.93
C ASP IA 67 -44.97 -40.20 -133.05
N LEU IA 68 -44.20 -40.91 -133.86
CA LEU IA 68 -44.75 -41.62 -134.99
C LEU IA 68 -44.94 -43.10 -134.78
N GLU IA 69 -44.45 -43.59 -133.61
CA GLU IA 69 -44.66 -45.00 -133.28
C GLU IA 69 -45.27 -45.02 -131.88
N PRO IA 70 -46.30 -45.85 -131.67
CA PRO IA 70 -46.96 -45.84 -130.35
C PRO IA 70 -46.25 -46.63 -129.27
N GLY IA 71 -45.08 -47.25 -129.60
CA GLY IA 71 -44.40 -48.12 -128.66
C GLY IA 71 -43.77 -47.40 -127.49
N THR IA 72 -43.13 -46.25 -127.73
CA THR IA 72 -42.64 -45.40 -126.68
C THR IA 72 -43.77 -44.67 -125.96
N MET IA 73 -44.94 -44.50 -126.59
CA MET IA 73 -46.05 -43.91 -125.92
C MET IA 73 -46.69 -44.87 -124.91
N ASP IA 74 -46.59 -46.17 -125.19
CA ASP IA 74 -47.04 -47.18 -124.25
C ASP IA 74 -46.14 -47.16 -123.02
N SER IA 75 -44.85 -46.91 -123.23
CA SER IA 75 -43.87 -46.93 -122.16
C SER IA 75 -44.10 -45.75 -121.22
N VAL IA 76 -44.49 -44.58 -121.77
CA VAL IA 76 -44.65 -43.40 -120.98
C VAL IA 76 -45.84 -43.52 -120.05
N ARG IA 77 -46.95 -44.07 -120.61
CA ARG IA 77 -48.18 -44.07 -119.77
C ARG IA 77 -48.05 -45.17 -118.71
N ALA IA 78 -47.36 -46.30 -119.07
CA ALA IA 78 -47.29 -47.42 -118.15
C ALA IA 78 -46.35 -47.19 -116.98
N GLY IA 79 -45.41 -46.25 -117.15
CA GLY IA 79 -44.43 -45.96 -116.11
C GLY IA 79 -45.00 -45.18 -114.96
N PRO IA 80 -44.17 -44.86 -113.95
CA PRO IA 80 -44.61 -43.97 -112.87
C PRO IA 80 -44.76 -42.56 -113.44
N PHE IA 81 -45.69 -41.81 -112.81
CA PHE IA 81 -46.02 -40.46 -113.25
C PHE IA 81 -46.52 -40.47 -114.68
N GLY IA 82 -47.20 -41.56 -115.08
CA GLY IA 82 -47.68 -41.69 -116.44
C GLY IA 82 -49.17 -41.39 -116.54
N GLN IA 83 -49.86 -41.39 -115.39
CA GLN IA 83 -51.26 -41.06 -115.38
C GLN IA 83 -51.47 -39.55 -115.32
N LEU IA 84 -50.37 -38.78 -115.26
CA LEU IA 84 -50.49 -37.35 -115.05
C LEU IA 84 -51.00 -36.65 -116.33
N PHE IA 85 -50.53 -37.13 -117.47
CA PHE IA 85 -50.79 -36.49 -118.75
C PHE IA 85 -52.23 -36.71 -119.18
N ARG IA 86 -52.76 -35.73 -119.90
CA ARG IA 86 -54.06 -35.88 -120.54
C ARG IA 86 -53.92 -36.79 -121.75
N PRO IA 87 -54.80 -37.80 -121.92
CA PRO IA 87 -54.71 -38.69 -123.09
C PRO IA 87 -54.94 -38.00 -124.44
N ASP IA 88 -55.68 -36.91 -124.46
CA ASP IA 88 -55.91 -36.14 -125.66
C ASP IA 88 -54.66 -35.36 -126.06
N ASN IA 89 -53.73 -35.12 -125.13
CA ASN IA 89 -52.46 -34.51 -125.49
C ASN IA 89 -51.51 -35.49 -126.18
N PHE IA 90 -51.80 -36.80 -126.07
CA PHE IA 90 -51.09 -37.80 -126.80
C PHE IA 90 -51.51 -37.78 -128.25
N VAL IA 91 -50.55 -37.68 -129.18
CA VAL IA 91 -50.84 -37.85 -130.58
C VAL IA 91 -49.99 -39.00 -131.12
N PHE IA 92 -50.67 -39.91 -131.81
CA PHE IA 92 -49.98 -41.12 -132.27
C PHE IA 92 -49.70 -41.04 -133.76
N GLY IA 93 -48.61 -41.73 -134.13
CA GLY IA 93 -48.45 -42.16 -135.51
C GLY IA 93 -48.50 -43.69 -135.56
N GLN IA 94 -48.86 -44.19 -136.74
CA GLN IA 94 -48.94 -45.64 -136.86
C GLN IA 94 -47.80 -46.23 -137.69
N THR IA 95 -47.25 -45.45 -138.62
CA THR IA 95 -46.27 -46.00 -139.55
C THR IA 95 -44.87 -45.95 -138.97
N GLY IA 96 -44.44 -44.75 -138.53
CA GLY IA 96 -43.10 -44.58 -138.01
C GLY IA 96 -42.15 -44.13 -139.11
N ALA IA 97 -41.50 -42.93 -138.96
CA ALA IA 97 -40.53 -42.48 -139.92
C ALA IA 97 -39.19 -43.18 -139.63
N GLY IA 98 -38.83 -44.13 -140.52
CA GLY IA 98 -37.78 -45.07 -140.22
C GLY IA 98 -36.40 -44.44 -140.41
N ASN IA 99 -36.04 -43.56 -139.47
CA ASN IA 99 -34.78 -42.81 -139.47
C ASN IA 99 -34.61 -42.05 -140.76
N ASN IA 100 -35.73 -41.59 -141.34
CA ASN IA 100 -35.71 -40.86 -142.60
C ASN IA 100 -36.23 -39.46 -142.28
N TRP IA 101 -35.37 -38.48 -142.53
CA TRP IA 101 -35.73 -37.09 -142.27
C TRP IA 101 -36.79 -36.63 -143.25
N ALA IA 102 -36.69 -37.15 -144.50
CA ALA IA 102 -37.58 -36.64 -145.55
C ALA IA 102 -39.00 -37.11 -145.26
N LYS IA 103 -39.18 -38.40 -144.90
CA LYS IA 103 -40.54 -38.82 -144.61
C LYS IA 103 -41.03 -38.34 -143.23
N GLY IA 104 -40.10 -37.96 -142.39
CA GLY IA 104 -40.38 -37.36 -141.10
C GLY IA 104 -40.87 -35.92 -141.28
N HIS IA 105 -40.42 -35.20 -142.28
CA HIS IA 105 -40.73 -33.83 -142.43
C HIS IA 105 -41.73 -33.60 -143.58
N TYR IA 106 -41.62 -34.31 -144.69
CA TYR IA 106 -42.39 -33.94 -145.86
C TYR IA 106 -43.58 -34.87 -146.13
N THR IA 107 -43.40 -36.19 -146.04
CA THR IA 107 -44.50 -37.03 -146.47
C THR IA 107 -45.40 -37.48 -145.33
N GLU IA 108 -44.81 -38.11 -144.31
CA GLU IA 108 -45.64 -38.76 -143.28
C GLU IA 108 -46.02 -37.77 -142.17
N GLY IA 109 -45.11 -36.83 -141.93
CA GLY IA 109 -45.38 -35.80 -140.92
C GLY IA 109 -46.28 -34.72 -141.42
N ALA IA 110 -46.58 -34.64 -142.72
CA ALA IA 110 -47.52 -33.69 -143.27
C ALA IA 110 -48.96 -33.98 -142.84
N GLU IA 111 -49.29 -35.28 -142.61
CA GLU IA 111 -50.67 -35.59 -142.27
C GLU IA 111 -50.96 -35.36 -140.78
N LEU IA 112 -49.89 -35.48 -139.96
CA LEU IA 112 -50.06 -35.41 -138.51
C LEU IA 112 -49.73 -34.05 -137.91
N ILE IA 113 -49.12 -33.18 -138.68
CA ILE IA 113 -48.76 -31.84 -138.24
C ILE IA 113 -50.01 -31.00 -138.04
N ASP IA 114 -51.09 -31.27 -138.83
CA ASP IA 114 -52.30 -30.53 -138.59
C ASP IA 114 -52.93 -30.88 -137.25
N SER IA 115 -52.74 -32.14 -136.85
CA SER IA 115 -53.34 -32.65 -135.62
C SER IA 115 -52.55 -32.19 -134.41
N VAL IA 116 -51.19 -32.17 -134.54
CA VAL IA 116 -50.40 -31.77 -133.40
C VAL IA 116 -50.43 -30.25 -133.23
N LEU IA 117 -50.61 -29.51 -134.33
CA LEU IA 117 -50.79 -28.07 -134.23
C LEU IA 117 -52.12 -27.70 -133.58
N ASP IA 118 -53.11 -28.55 -133.73
CA ASP IA 118 -54.42 -28.35 -133.16
C ASP IA 118 -54.33 -28.43 -131.64
N VAL IA 119 -53.56 -29.41 -131.14
CA VAL IA 119 -53.50 -29.61 -129.71
C VAL IA 119 -52.62 -28.55 -129.07
N VAL IA 120 -51.62 -28.04 -129.77
CA VAL IA 120 -50.81 -26.96 -129.23
C VAL IA 120 -51.66 -25.66 -129.12
N ARG IA 121 -52.46 -25.42 -130.13
CA ARG IA 121 -53.18 -24.14 -130.20
C ARG IA 121 -54.29 -24.11 -129.17
N LYS IA 122 -54.90 -25.28 -128.86
CA LYS IA 122 -55.98 -25.30 -127.89
C LYS IA 122 -55.47 -24.83 -126.50
N GLU IA 123 -54.30 -25.33 -126.14
CA GLU IA 123 -53.78 -25.04 -124.83
C GLU IA 123 -52.97 -23.76 -124.80
N ALA IA 124 -52.38 -23.33 -125.89
CA ALA IA 124 -51.62 -22.06 -125.97
C ALA IA 124 -52.57 -20.86 -125.92
N GLU IA 125 -53.65 -20.90 -126.68
CA GLU IA 125 -54.55 -19.75 -126.75
C GLU IA 125 -55.49 -19.72 -125.53
N GLY IA 126 -55.60 -20.85 -124.85
CA GLY IA 126 -56.57 -21.10 -123.80
C GLY IA 126 -56.22 -20.34 -122.52
N CYS IA 127 -54.96 -19.84 -122.37
CA CYS IA 127 -54.61 -19.15 -121.15
C CYS IA 127 -54.83 -17.64 -121.31
N ASP IA 128 -54.36 -16.87 -120.32
CA ASP IA 128 -54.24 -15.44 -120.42
C ASP IA 128 -53.19 -15.07 -121.48
N CYS IA 129 -51.93 -15.44 -121.21
CA CYS IA 129 -50.77 -14.92 -121.92
C CYS IA 129 -49.67 -15.95 -121.87
N LEU IA 130 -49.15 -16.32 -123.04
CA LEU IA 130 -48.07 -17.32 -123.08
C LEU IA 130 -46.74 -16.61 -122.98
N GLN IA 131 -45.74 -17.28 -122.43
CA GLN IA 131 -44.37 -16.76 -122.46
C GLN IA 131 -43.62 -17.35 -123.63
N GLY IA 132 -43.60 -18.68 -123.74
CA GLY IA 132 -42.79 -19.29 -124.78
C GLY IA 132 -43.01 -20.80 -124.78
N PHE IA 133 -42.24 -21.46 -125.64
CA PHE IA 133 -42.34 -22.89 -125.87
C PHE IA 133 -40.95 -23.50 -125.61
N GLN IA 134 -41.02 -24.76 -125.18
CA GLN IA 134 -39.85 -25.55 -124.91
C GLN IA 134 -40.03 -26.91 -125.58
N ILE IA 135 -39.02 -27.32 -126.30
CA ILE IA 135 -39.08 -28.41 -127.30
C ILE IA 135 -37.90 -29.32 -127.05
N THR IA 136 -38.18 -30.60 -127.00
CA THR IA 136 -37.19 -31.62 -126.63
C THR IA 136 -37.20 -32.62 -127.73
N HIS IA 137 -36.06 -32.92 -128.37
CA HIS IA 137 -35.99 -33.97 -129.36
C HIS IA 137 -34.58 -34.49 -129.50
N SER IA 138 -34.40 -35.44 -130.42
CA SER IA 138 -33.12 -35.89 -130.90
C SER IA 138 -32.88 -35.50 -132.34
N LEU IA 139 -31.60 -35.35 -132.73
CA LEU IA 139 -31.31 -35.03 -134.11
C LEU IA 139 -30.80 -36.19 -134.91
N GLY IA 140 -30.47 -37.32 -134.28
CA GLY IA 140 -29.94 -38.45 -135.05
C GLY IA 140 -31.02 -39.28 -135.76
N GLY IA 141 -32.21 -39.25 -135.14
CA GLY IA 141 -33.34 -40.03 -135.63
C GLY IA 141 -34.18 -39.27 -136.67
N GLY IA 142 -35.25 -39.87 -137.08
CA GLY IA 142 -36.16 -39.36 -138.07
C GLY IA 142 -37.37 -38.68 -137.48
N THR IA 143 -38.03 -39.27 -136.45
CA THR IA 143 -39.29 -38.80 -135.97
C THR IA 143 -39.08 -37.65 -134.97
N GLY IA 144 -37.90 -37.45 -134.39
CA GLY IA 144 -37.75 -36.25 -133.59
C GLY IA 144 -37.11 -35.16 -134.42
N SER IA 145 -36.19 -35.49 -135.32
CA SER IA 145 -35.39 -34.55 -136.08
C SER IA 145 -36.16 -34.02 -137.30
N GLY IA 146 -37.06 -34.84 -137.92
CA GLY IA 146 -37.80 -34.34 -139.05
C GLY IA 146 -39.09 -33.59 -138.62
N MET IA 147 -39.91 -34.30 -137.86
CA MET IA 147 -41.25 -33.81 -137.59
C MET IA 147 -41.24 -32.79 -136.44
N GLY IA 148 -40.24 -32.89 -135.57
CA GLY IA 148 -40.06 -31.94 -134.49
C GLY IA 148 -39.65 -30.57 -135.01
N THR IA 149 -38.81 -30.54 -136.03
CA THR IA 149 -38.38 -29.25 -136.56
C THR IA 149 -39.42 -28.69 -137.51
N LEU IA 150 -40.31 -29.54 -138.04
CA LEU IA 150 -41.46 -29.06 -138.79
C LEU IA 150 -42.40 -28.31 -137.84
N LEU IA 151 -42.56 -28.86 -136.62
CA LEU IA 151 -43.41 -28.19 -135.66
C LEU IA 151 -42.81 -26.85 -135.26
N ILE IA 152 -41.46 -26.81 -135.15
CA ILE IA 152 -40.79 -25.58 -134.78
C ILE IA 152 -41.07 -24.49 -135.81
N SER IA 153 -41.05 -24.88 -137.13
CA SER IA 153 -41.16 -23.81 -138.12
C SER IA 153 -42.62 -23.38 -138.19
N LYS IA 154 -43.53 -24.35 -138.02
CA LYS IA 154 -44.96 -24.04 -138.16
C LYS IA 154 -45.52 -23.20 -137.01
N VAL IA 155 -44.97 -23.31 -135.82
CA VAL IA 155 -45.48 -22.52 -134.72
C VAL IA 155 -44.89 -21.11 -134.72
N ARG IA 156 -43.74 -20.94 -135.37
CA ARG IA 156 -43.13 -19.63 -135.55
C ARG IA 156 -43.98 -18.75 -136.46
N GLU IA 157 -44.71 -19.36 -137.41
CA GLU IA 157 -45.59 -18.59 -138.26
C GLU IA 157 -46.79 -18.02 -137.49
N GLU IA 158 -47.22 -18.68 -136.42
CA GLU IA 158 -48.30 -18.16 -135.62
C GLU IA 158 -47.76 -17.18 -134.58
N TYR IA 159 -46.67 -17.56 -133.90
CA TYR IA 159 -46.18 -16.84 -132.75
C TYR IA 159 -44.75 -16.40 -132.97
N PRO IA 160 -44.51 -15.28 -133.66
CA PRO IA 160 -43.13 -14.88 -133.98
C PRO IA 160 -42.34 -14.29 -132.82
N ASP IA 161 -43.02 -13.69 -131.84
CA ASP IA 161 -42.38 -12.88 -130.84
C ASP IA 161 -42.19 -13.65 -129.53
N ARG IA 162 -42.64 -14.94 -129.46
CA ARG IA 162 -42.43 -15.68 -128.24
C ARG IA 162 -41.10 -16.41 -128.28
N ILE IA 163 -40.57 -16.68 -127.11
CA ILE IA 163 -39.29 -17.36 -127.01
C ILE IA 163 -39.48 -18.85 -127.29
N MET IA 164 -38.38 -19.46 -127.78
CA MET IA 164 -38.41 -20.86 -128.06
C MET IA 164 -37.02 -21.39 -127.65
N GLU IA 165 -37.07 -22.21 -126.58
CA GLU IA 165 -35.92 -22.98 -126.20
C GLU IA 165 -36.02 -24.46 -126.55
N THR IA 166 -34.94 -24.97 -127.11
CA THR IA 166 -34.96 -26.34 -127.62
C THR IA 166 -33.78 -27.10 -127.07
N PHE IA 167 -34.04 -28.30 -126.54
CA PHE IA 167 -33.00 -29.24 -126.16
C PHE IA 167 -32.98 -30.31 -127.25
N SER IA 168 -31.98 -30.24 -128.09
CA SER IA 168 -31.68 -31.28 -129.06
C SER IA 168 -30.39 -32.00 -128.67
N VAL IA 169 -30.47 -33.33 -128.70
CA VAL IA 169 -29.28 -34.12 -128.47
C VAL IA 169 -28.61 -34.38 -129.83
N PHE IA 170 -27.29 -34.03 -129.88
CA PHE IA 170 -26.65 -34.04 -131.18
C PHE IA 170 -26.08 -35.40 -131.46
N PRO IA 171 -25.63 -35.69 -132.70
CA PRO IA 171 -24.73 -36.82 -132.93
C PRO IA 171 -23.52 -36.82 -132.01
N SER IA 172 -23.14 -38.03 -131.63
CA SER IA 172 -21.97 -38.30 -130.83
C SER IA 172 -20.70 -38.08 -131.66
N PRO IA 173 -19.60 -37.73 -131.03
CA PRO IA 173 -18.30 -37.65 -131.71
C PRO IA 173 -17.78 -38.94 -132.35
N LYS IA 174 -17.61 -39.95 -131.55
CA LYS IA 174 -16.75 -41.08 -131.97
C LYS IA 174 -17.64 -42.29 -132.29
N VAL IA 175 -18.56 -42.68 -131.43
CA VAL IA 175 -19.56 -43.67 -131.78
C VAL IA 175 -20.74 -43.07 -132.55
N SER IA 176 -21.31 -43.83 -133.43
CA SER IA 176 -22.42 -43.32 -134.22
C SER IA 176 -23.59 -44.28 -134.21
N ASP IA 177 -24.61 -43.99 -133.42
CA ASP IA 177 -25.89 -44.68 -133.61
C ASP IA 177 -26.59 -44.10 -134.84
N THR IA 178 -27.47 -44.88 -135.46
CA THR IA 178 -28.34 -44.40 -136.53
C THR IA 178 -27.55 -43.84 -137.68
N VAL IA 179 -26.93 -44.70 -138.48
CA VAL IA 179 -25.87 -44.37 -139.45
C VAL IA 179 -26.22 -43.16 -140.34
N VAL IA 180 -27.49 -42.98 -140.62
CA VAL IA 180 -27.92 -41.75 -141.29
C VAL IA 180 -27.99 -40.45 -140.50
N GLU IA 181 -27.22 -40.29 -139.45
CA GLU IA 181 -27.12 -39.22 -138.54
C GLU IA 181 -26.53 -37.94 -139.06
N PRO IA 182 -25.48 -37.91 -139.90
CA PRO IA 182 -25.05 -36.62 -140.44
C PRO IA 182 -26.04 -36.01 -141.41
N TYR IA 183 -26.85 -36.87 -142.10
CA TYR IA 183 -27.85 -36.33 -142.98
C TYR IA 183 -28.98 -35.69 -142.17
N ASN IA 184 -29.36 -36.34 -141.05
CA ASN IA 184 -30.43 -35.82 -140.24
C ASN IA 184 -30.04 -34.56 -139.50
N ALA IA 185 -28.78 -34.51 -139.04
CA ALA IA 185 -28.30 -33.35 -138.31
C ALA IA 185 -28.23 -32.09 -139.17
N THR IA 186 -27.64 -32.19 -140.32
CA THR IA 186 -27.41 -31.01 -141.18
C THR IA 186 -28.74 -30.47 -141.72
N LEU IA 187 -29.66 -31.39 -142.06
CA LEU IA 187 -30.97 -31.00 -142.54
C LEU IA 187 -31.81 -30.34 -141.44
N SER IA 188 -31.52 -30.69 -140.17
CA SER IA 188 -32.26 -30.12 -139.08
C SER IA 188 -31.66 -28.75 -138.68
N VAL IA 189 -30.36 -28.61 -138.73
CA VAL IA 189 -29.72 -27.42 -138.19
C VAL IA 189 -30.04 -26.18 -139.02
N HIS IA 190 -30.08 -26.34 -140.33
CA HIS IA 190 -30.28 -25.19 -141.21
C HIS IA 190 -31.71 -24.72 -141.14
N GLN IA 191 -32.63 -25.51 -140.61
CA GLN IA 191 -33.97 -25.01 -140.34
C GLN IA 191 -34.09 -24.57 -138.89
N LEU IA 192 -33.18 -25.03 -138.03
CA LEU IA 192 -33.24 -24.71 -136.60
C LEU IA 192 -32.54 -23.37 -136.35
N VAL IA 193 -31.63 -22.92 -137.25
CA VAL IA 193 -30.94 -21.70 -136.94
C VAL IA 193 -31.82 -20.48 -137.26
N GLU IA 194 -32.87 -20.68 -138.14
CA GLU IA 194 -33.68 -19.51 -138.40
C GLU IA 194 -34.99 -19.52 -137.62
N ASN IA 195 -35.32 -20.58 -136.92
CA ASN IA 195 -36.62 -20.74 -136.32
C ASN IA 195 -36.61 -21.02 -134.82
N ALA IA 196 -35.42 -21.05 -134.18
CA ALA IA 196 -35.36 -21.30 -132.76
C ALA IA 196 -34.55 -20.16 -132.12
N ASP IA 197 -34.96 -19.76 -130.93
CA ASP IA 197 -34.32 -18.64 -130.28
C ASP IA 197 -33.08 -19.02 -129.50
N GLU IA 198 -33.12 -20.16 -128.84
CA GLU IA 198 -31.99 -20.70 -128.11
C GLU IA 198 -32.04 -22.21 -128.20
N VAL IA 199 -30.96 -22.84 -128.69
CA VAL IA 199 -30.82 -24.27 -128.61
C VAL IA 199 -29.57 -24.60 -127.82
N GLN IA 200 -29.78 -25.43 -126.78
CA GLN IA 200 -28.59 -25.81 -126.00
C GLN IA 200 -28.43 -27.33 -126.13
N VAL IA 201 -27.24 -27.72 -126.53
CA VAL IA 201 -26.96 -29.00 -127.09
C VAL IA 201 -26.48 -29.95 -125.97
N ILE IA 202 -26.96 -31.19 -126.14
CA ILE IA 202 -26.60 -32.29 -125.25
C ILE IA 202 -25.99 -33.44 -126.05
N ASP IA 203 -24.93 -33.99 -125.48
CA ASP IA 203 -24.20 -35.05 -126.19
C ASP IA 203 -24.16 -36.28 -125.32
N ASN IA 204 -24.41 -37.45 -125.93
CA ASN IA 204 -24.53 -38.67 -125.16
C ASN IA 204 -23.19 -39.13 -124.63
N GLU IA 205 -22.13 -38.91 -125.39
CA GLU IA 205 -20.77 -39.22 -124.94
C GLU IA 205 -20.35 -38.25 -123.86
N ALA IA 206 -20.91 -37.01 -123.87
CA ALA IA 206 -20.60 -36.13 -122.77
C ALA IA 206 -21.23 -36.63 -121.47
N LEU IA 207 -22.48 -37.16 -121.61
CA LEU IA 207 -23.20 -37.63 -120.43
C LEU IA 207 -22.60 -38.92 -119.92
N TYR IA 208 -22.04 -39.75 -120.79
CA TYR IA 208 -21.34 -40.96 -120.37
C TYR IA 208 -20.08 -40.59 -119.62
N ASP IA 209 -19.40 -39.50 -120.03
CA ASP IA 209 -18.20 -39.06 -119.35
C ASP IA 209 -18.56 -38.57 -117.93
N ILE IA 210 -19.67 -37.85 -117.83
CA ILE IA 210 -20.06 -37.29 -116.54
C ILE IA 210 -20.41 -38.40 -115.57
N CYS IA 211 -21.17 -39.38 -116.03
CA CYS IA 211 -21.65 -40.44 -115.16
C CYS IA 211 -20.54 -41.41 -114.77
N PHE IA 212 -19.42 -41.44 -115.58
CA PHE IA 212 -18.33 -42.32 -115.20
C PHE IA 212 -17.39 -41.66 -114.21
N ARG IA 213 -16.93 -40.44 -114.51
CA ARG IA 213 -15.83 -39.94 -113.67
C ARG IA 213 -16.30 -39.00 -112.61
N THR IA 214 -17.52 -38.46 -112.64
CA THR IA 214 -17.96 -37.59 -111.56
C THR IA 214 -18.96 -38.35 -110.69
N LEU IA 215 -20.00 -38.95 -111.34
CA LEU IA 215 -20.98 -39.66 -110.60
C LEU IA 215 -20.50 -41.01 -110.03
N LYS IA 216 -19.40 -41.54 -110.60
CA LYS IA 216 -18.82 -42.80 -110.26
C LYS IA 216 -19.83 -43.93 -110.36
N LEU IA 217 -20.76 -43.91 -111.31
CA LEU IA 217 -21.71 -45.00 -111.46
C LEU IA 217 -21.07 -46.06 -112.33
N THR IA 218 -21.17 -47.30 -111.89
CA THR IA 218 -20.58 -48.42 -112.61
C THR IA 218 -21.44 -48.82 -113.82
N THR IA 219 -22.76 -48.77 -113.66
CA THR IA 219 -23.71 -49.14 -114.67
C THR IA 219 -24.69 -47.97 -114.90
N PRO IA 220 -24.32 -46.98 -115.73
CA PRO IA 220 -25.25 -45.94 -116.10
C PRO IA 220 -26.29 -46.38 -117.15
N THR IA 221 -27.55 -46.29 -116.73
CA THR IA 221 -28.64 -46.59 -117.64
C THR IA 221 -29.19 -45.25 -118.09
N TYR IA 222 -30.08 -45.35 -119.12
CA TYR IA 222 -30.71 -44.16 -119.65
C TYR IA 222 -31.76 -43.64 -118.70
N GLY IA 223 -32.16 -44.36 -117.65
CA GLY IA 223 -32.84 -43.72 -116.53
C GLY IA 223 -31.96 -42.68 -115.84
N ASP IA 224 -30.68 -43.03 -115.65
CA ASP IA 224 -29.78 -42.14 -114.94
C ASP IA 224 -29.27 -41.03 -115.85
N LEU IA 225 -29.11 -41.34 -117.15
CA LEU IA 225 -28.63 -40.35 -118.08
C LEU IA 225 -29.65 -39.24 -118.28
N ASN IA 226 -30.95 -39.63 -118.37
CA ASN IA 226 -31.99 -38.64 -118.58
C ASN IA 226 -32.18 -37.78 -117.32
N HIS IA 227 -31.88 -38.38 -116.16
CA HIS IA 227 -32.15 -37.73 -114.90
C HIS IA 227 -31.24 -36.54 -114.70
N LEU IA 228 -29.98 -36.68 -115.19
CA LEU IA 228 -29.02 -35.61 -114.97
C LEU IA 228 -29.33 -34.43 -115.89
N VAL IA 229 -29.75 -34.77 -117.16
CA VAL IA 229 -30.05 -33.69 -118.08
C VAL IA 229 -31.34 -33.02 -117.68
N SER IA 230 -32.28 -33.77 -117.12
CA SER IA 230 -33.54 -33.19 -116.66
C SER IA 230 -33.33 -32.27 -115.46
N ALA IA 231 -32.30 -32.53 -114.65
CA ALA IA 231 -31.97 -31.66 -113.52
C ALA IA 231 -31.53 -30.28 -114.02
N ALA IA 232 -30.76 -30.25 -115.11
CA ALA IA 232 -30.34 -28.97 -115.66
C ALA IA 232 -31.50 -28.28 -116.39
N MET IA 233 -32.38 -29.08 -116.98
CA MET IA 233 -33.54 -28.55 -117.69
C MET IA 233 -34.55 -27.93 -116.75
N SER IA 234 -34.61 -28.36 -115.47
CA SER IA 234 -35.35 -27.65 -114.45
C SER IA 234 -34.62 -26.31 -114.11
N GLY IA 235 -33.32 -26.31 -114.18
CA GLY IA 235 -32.54 -25.24 -113.60
C GLY IA 235 -32.62 -23.91 -114.38
N VAL IA 236 -32.85 -24.03 -115.68
CA VAL IA 236 -32.86 -22.84 -116.52
C VAL IA 236 -34.21 -22.15 -116.41
N THR IA 237 -35.26 -22.88 -116.02
CA THR IA 237 -36.56 -22.25 -115.84
C THR IA 237 -37.00 -22.20 -114.37
N CYS IA 238 -36.05 -22.36 -113.46
CA CYS IA 238 -36.35 -22.42 -112.03
C CYS IA 238 -36.75 -21.05 -111.54
N CYS IA 239 -36.07 -20.01 -112.04
CA CYS IA 239 -36.22 -18.68 -111.53
C CYS IA 239 -37.56 -18.06 -111.93
N LEU IA 240 -38.21 -18.58 -112.98
CA LEU IA 240 -39.60 -18.24 -113.25
C LEU IA 240 -40.53 -18.75 -112.14
N ARG IA 241 -40.21 -19.92 -111.57
CA ARG IA 241 -41.16 -20.60 -110.70
C ARG IA 241 -40.94 -20.27 -109.20
N PHE IA 242 -39.72 -19.79 -108.86
CA PHE IA 242 -39.50 -19.49 -107.45
C PHE IA 242 -38.88 -18.10 -107.34
N PRO IA 243 -39.24 -17.31 -106.30
CA PRO IA 243 -38.71 -15.96 -106.18
C PRO IA 243 -37.26 -15.96 -105.74
N GLY IA 244 -36.64 -14.78 -105.84
CA GLY IA 244 -35.18 -14.77 -105.73
C GLY IA 244 -34.69 -13.35 -105.50
N GLN IA 245 -33.41 -13.27 -105.13
CA GLN IA 245 -32.68 -12.05 -104.89
C GLN IA 245 -32.41 -11.33 -106.20
N LEU IA 246 -32.02 -12.08 -107.23
CA LEU IA 246 -31.81 -11.50 -108.55
C LEU IA 246 -32.53 -12.40 -109.56
N ASN IA 247 -33.67 -11.91 -110.04
CA ASN IA 247 -34.55 -12.72 -110.86
C ASN IA 247 -34.08 -12.79 -112.31
N SER IA 248 -34.43 -13.92 -112.96
CA SER IA 248 -34.10 -14.14 -114.33
C SER IA 248 -35.19 -15.01 -114.98
N ASP IA 249 -35.52 -14.69 -116.22
CA ASP IA 249 -36.43 -15.48 -117.02
C ASP IA 249 -35.70 -16.09 -118.20
N LEU IA 250 -36.46 -16.68 -119.13
CA LEU IA 250 -35.91 -17.12 -120.39
C LEU IA 250 -35.57 -15.94 -121.27
N ARG IA 251 -36.36 -14.87 -121.23
CA ARG IA 251 -36.08 -13.71 -122.05
C ARG IA 251 -34.89 -12.93 -121.50
N LYS IA 252 -34.66 -13.02 -120.18
CA LYS IA 252 -33.48 -12.46 -119.57
C LYS IA 252 -32.24 -13.14 -120.11
N LEU IA 253 -32.32 -14.47 -120.32
CA LEU IA 253 -31.19 -15.21 -120.82
C LEU IA 253 -30.98 -14.91 -122.32
N ALA IA 254 -32.08 -14.69 -123.04
CA ALA IA 254 -31.97 -14.64 -124.51
C ALA IA 254 -31.37 -13.30 -124.94
N VAL IA 255 -31.74 -12.21 -124.25
CA VAL IA 255 -31.23 -10.92 -124.66
C VAL IA 255 -29.76 -10.77 -124.26
N ASN IA 256 -29.31 -11.54 -123.30
CA ASN IA 256 -28.07 -11.30 -122.61
C ASN IA 256 -26.96 -12.22 -123.10
N LEU IA 257 -27.29 -13.36 -123.70
CA LEU IA 257 -26.28 -14.33 -124.08
C LEU IA 257 -26.06 -14.39 -125.59
N ILE IA 258 -26.95 -13.78 -126.37
CA ILE IA 258 -26.90 -13.90 -127.81
C ILE IA 258 -26.51 -12.53 -128.36
N PRO IA 259 -25.27 -12.36 -128.80
CA PRO IA 259 -24.82 -11.05 -129.29
C PRO IA 259 -25.31 -10.77 -130.70
N PHE IA 260 -25.33 -11.81 -131.54
CA PHE IA 260 -25.73 -11.76 -132.92
C PHE IA 260 -26.81 -12.83 -133.12
N PRO IA 261 -27.77 -12.61 -134.05
CA PRO IA 261 -28.89 -13.51 -134.20
C PRO IA 261 -28.57 -14.92 -134.69
N ARG IA 262 -27.41 -15.12 -135.28
CA ARG IA 262 -27.09 -16.42 -135.86
C ARG IA 262 -26.54 -17.34 -134.77
N LEU IA 263 -25.73 -16.78 -133.80
CA LEU IA 263 -25.03 -17.62 -132.89
C LEU IA 263 -25.77 -17.80 -131.57
N HIS IA 264 -26.50 -18.92 -131.42
CA HIS IA 264 -27.29 -19.12 -130.23
C HIS IA 264 -27.23 -20.60 -129.84
N PHE IA 265 -26.09 -21.27 -130.03
CA PHE IA 265 -25.89 -22.59 -129.52
C PHE IA 265 -25.15 -22.66 -128.20
N PHE IA 266 -25.76 -23.30 -127.20
CA PHE IA 266 -25.24 -23.13 -125.84
C PHE IA 266 -24.77 -24.48 -125.29
N LEU IA 267 -23.84 -24.41 -124.33
CA LEU IA 267 -23.33 -25.52 -123.59
C LEU IA 267 -23.93 -25.52 -122.20
N ILE IA 268 -24.22 -26.69 -121.66
CA ILE IA 268 -24.81 -26.85 -120.35
C ILE IA 268 -23.87 -27.55 -119.40
N GLY IA 269 -23.87 -27.09 -118.14
CA GLY IA 269 -23.12 -27.73 -117.08
C GLY IA 269 -23.97 -27.74 -115.79
N PHE IA 270 -23.60 -28.67 -114.89
CA PHE IA 270 -24.32 -28.73 -113.64
C PHE IA 270 -23.38 -28.93 -112.48
N ALA IA 271 -23.64 -28.22 -111.36
CA ALA IA 271 -22.94 -28.52 -110.11
C ALA IA 271 -23.95 -28.37 -108.98
N PRO IA 272 -23.80 -29.11 -107.86
CA PRO IA 272 -22.69 -30.04 -107.59
C PRO IA 272 -22.96 -31.44 -108.12
N LEU IA 273 -21.89 -32.20 -108.39
CA LEU IA 273 -21.99 -33.57 -108.82
C LEU IA 273 -20.92 -34.38 -108.09
N THR IA 274 -21.33 -35.05 -107.03
CA THR IA 274 -20.55 -36.04 -106.34
C THR IA 274 -21.40 -37.30 -106.20
N SER IA 275 -20.70 -38.44 -106.06
CA SER IA 275 -21.28 -39.74 -105.96
C SER IA 275 -22.06 -39.88 -104.63
N ARG IA 276 -22.73 -41.01 -104.53
CA ARG IA 276 -23.51 -41.39 -103.39
C ARG IA 276 -22.64 -41.55 -102.13
N GLY IA 277 -21.39 -42.05 -102.30
CA GLY IA 277 -20.52 -42.16 -101.15
C GLY IA 277 -19.61 -41.00 -100.90
N SER IA 278 -19.88 -39.82 -101.42
CA SER IA 278 -19.16 -38.58 -101.23
C SER IA 278 -20.15 -37.47 -100.89
N GLN IA 279 -21.48 -37.66 -101.00
CA GLN IA 279 -22.36 -36.51 -101.05
C GLN IA 279 -22.46 -35.83 -99.68
N GLN IA 280 -22.47 -36.65 -98.61
CA GLN IA 280 -22.46 -36.07 -97.27
C GLN IA 280 -21.04 -36.03 -96.76
N TYR IA 281 -20.03 -36.23 -97.58
CA TYR IA 281 -18.62 -36.19 -97.23
C TYR IA 281 -17.96 -34.87 -97.55
N ARG IA 282 -18.61 -34.00 -98.29
CA ARG IA 282 -17.90 -32.92 -99.01
C ARG IA 282 -18.58 -31.57 -98.71
N ALA IA 283 -17.77 -30.53 -98.49
CA ALA IA 283 -18.15 -29.23 -98.07
C ALA IA 283 -18.69 -28.40 -99.25
N LEU IA 284 -19.96 -28.07 -99.19
CA LEU IA 284 -20.63 -27.27 -100.20
C LEU IA 284 -20.34 -25.78 -100.06
N SER IA 285 -19.49 -25.25 -100.96
CA SER IA 285 -19.22 -23.82 -100.83
C SER IA 285 -19.33 -23.15 -102.19
N VAL IA 286 -19.59 -21.86 -102.17
CA VAL IA 286 -19.71 -21.09 -103.41
C VAL IA 286 -18.40 -21.05 -104.20
N PRO IA 287 -17.19 -20.92 -103.61
CA PRO IA 287 -15.97 -21.09 -104.40
C PRO IA 287 -15.78 -22.46 -105.03
N GLU IA 288 -16.27 -23.52 -104.40
CA GLU IA 288 -16.19 -24.84 -104.98
C GLU IA 288 -17.18 -25.05 -106.13
N LEU IA 289 -18.30 -24.34 -106.09
CA LEU IA 289 -19.28 -24.41 -107.15
C LEU IA 289 -18.72 -23.80 -108.43
N THR IA 290 -17.99 -22.69 -108.30
CA THR IA 290 -17.43 -22.05 -109.48
C THR IA 290 -16.25 -22.84 -110.05
N GLN IA 291 -15.60 -23.67 -109.23
CA GLN IA 291 -14.54 -24.51 -109.72
C GLN IA 291 -15.07 -25.68 -110.51
N GLN IA 292 -16.21 -26.24 -110.07
CA GLN IA 292 -16.83 -27.32 -110.80
C GLN IA 292 -17.49 -26.83 -112.05
N MET IA 293 -17.91 -25.55 -112.08
CA MET IA 293 -18.59 -24.96 -113.22
C MET IA 293 -17.61 -24.80 -114.39
N PHE IA 294 -16.40 -24.27 -114.08
CA PHE IA 294 -15.47 -23.93 -115.15
C PHE IA 294 -14.45 -25.02 -115.38
N ASP IA 295 -14.90 -26.22 -115.57
CA ASP IA 295 -14.05 -27.38 -115.76
C ASP IA 295 -14.69 -28.29 -116.79
N ALA IA 296 -13.86 -28.74 -117.77
CA ALA IA 296 -14.39 -29.33 -118.98
C ALA IA 296 -15.08 -30.65 -118.68
N LYS IA 297 -14.69 -31.34 -117.60
CA LYS IA 297 -15.25 -32.64 -117.27
C LYS IA 297 -16.58 -32.46 -116.55
N ASN IA 298 -17.17 -31.25 -116.42
CA ASN IA 298 -18.53 -31.11 -116.02
C ASN IA 298 -19.47 -30.80 -117.19
N MET IA 299 -18.96 -30.29 -118.27
CA MET IA 299 -19.81 -29.72 -119.31
C MET IA 299 -20.41 -30.81 -120.17
N MET IA 300 -21.69 -30.65 -120.53
CA MET IA 300 -22.51 -31.69 -121.10
C MET IA 300 -22.50 -31.55 -122.61
N CYS IA 301 -21.48 -30.95 -123.20
CA CYS IA 301 -21.19 -31.02 -124.62
C CYS IA 301 -19.87 -31.72 -124.87
N ALA IA 302 -19.80 -32.60 -125.84
CA ALA IA 302 -18.62 -33.24 -126.36
C ALA IA 302 -17.69 -32.31 -127.14
N SER IA 303 -17.31 -31.24 -126.48
CA SER IA 303 -16.28 -30.31 -126.92
C SER IA 303 -15.42 -30.09 -125.67
N ASP IA 304 -14.09 -30.04 -125.80
CA ASP IA 304 -13.28 -29.33 -124.84
C ASP IA 304 -13.39 -27.84 -125.02
N PRO IA 305 -13.98 -27.09 -124.06
CA PRO IA 305 -14.15 -25.66 -124.22
C PRO IA 305 -12.86 -24.84 -124.15
N ARG IA 306 -11.75 -25.47 -123.73
CA ARG IA 306 -10.48 -24.80 -123.68
C ARG IA 306 -9.88 -24.58 -125.07
N HIS IA 307 -10.45 -25.18 -126.12
CA HIS IA 307 -9.98 -24.92 -127.45
C HIS IA 307 -10.47 -23.58 -128.03
N GLY IA 308 -11.47 -22.97 -127.39
CA GLY IA 308 -12.04 -21.72 -127.84
C GLY IA 308 -12.16 -20.71 -126.71
N ARG IA 309 -13.06 -19.73 -126.90
CA ARG IA 309 -13.31 -18.71 -125.91
C ARG IA 309 -14.80 -18.71 -125.61
N TYR IA 310 -15.14 -18.51 -124.35
CA TYR IA 310 -16.52 -18.23 -123.98
C TYR IA 310 -16.91 -16.86 -124.46
N LEU IA 311 -17.82 -16.78 -125.44
CA LEU IA 311 -18.24 -15.49 -125.97
C LEU IA 311 -19.09 -14.76 -124.93
N THR IA 312 -20.11 -15.43 -124.40
CA THR IA 312 -20.91 -14.97 -123.29
C THR IA 312 -21.40 -16.16 -122.49
N ALA IA 313 -21.47 -16.01 -121.18
CA ALA IA 313 -21.76 -17.18 -120.33
C ALA IA 313 -22.59 -16.69 -119.14
N SER IA 314 -23.30 -17.61 -118.50
CA SER IA 314 -24.27 -17.25 -117.46
C SER IA 314 -24.37 -18.42 -116.51
N ALA IA 315 -24.64 -18.12 -115.22
CA ALA IA 315 -24.76 -19.09 -114.17
C ALA IA 315 -25.98 -18.75 -113.32
N MET IA 316 -26.96 -19.65 -113.31
CA MET IA 316 -28.17 -19.49 -112.53
C MET IA 316 -28.02 -20.29 -111.25
N PHE IA 317 -27.71 -19.59 -110.17
CA PHE IA 317 -27.52 -20.22 -108.87
C PHE IA 317 -28.88 -20.39 -108.19
N ARG IA 318 -28.94 -21.37 -107.31
CA ARG IA 318 -30.17 -21.64 -106.55
C ARG IA 318 -29.80 -21.94 -105.11
N GLY IA 319 -30.54 -21.34 -104.17
CA GLY IA 319 -30.39 -21.60 -102.75
C GLY IA 319 -30.30 -20.34 -101.94
N ARG IA 320 -30.54 -20.43 -100.63
CA ARG IA 320 -30.34 -19.34 -99.71
C ARG IA 320 -28.85 -19.09 -99.44
N MET IA 321 -28.32 -18.07 -100.00
CA MET IA 321 -26.83 -18.00 -100.09
C MET IA 321 -26.46 -16.59 -100.40
N SER IA 322 -25.29 -16.12 -99.87
CA SER IA 322 -24.92 -14.73 -99.95
C SER IA 322 -24.32 -14.36 -101.32
N THR IA 323 -24.59 -13.15 -101.75
CA THR IA 323 -24.41 -12.75 -103.11
C THR IA 323 -23.10 -12.00 -103.35
N LYS IA 324 -22.39 -11.54 -102.33
CA LYS IA 324 -21.08 -10.99 -102.58
C LYS IA 324 -20.09 -12.08 -103.01
N GLU IA 325 -20.13 -13.23 -102.35
CA GLU IA 325 -19.36 -14.37 -102.72
C GLU IA 325 -19.76 -14.92 -104.08
N VAL IA 326 -21.02 -14.70 -104.48
CA VAL IA 326 -21.40 -15.03 -105.83
C VAL IA 326 -20.72 -14.06 -106.81
N ASP IA 327 -20.67 -12.78 -106.40
CA ASP IA 327 -20.18 -11.78 -107.33
C ASP IA 327 -18.65 -11.70 -107.35
N GLU IA 328 -18.01 -11.94 -106.22
CA GLU IA 328 -16.57 -11.77 -106.15
C GLU IA 328 -15.87 -12.95 -106.83
N GLN IA 329 -16.48 -14.15 -106.66
CA GLN IA 329 -15.88 -15.33 -107.27
C GLN IA 329 -16.11 -15.33 -108.77
N MET IA 330 -17.25 -14.74 -109.22
CA MET IA 330 -17.52 -14.68 -110.62
C MET IA 330 -16.60 -13.69 -111.31
N LEU IA 331 -16.17 -12.65 -110.54
CA LEU IA 331 -15.15 -11.74 -111.10
C LEU IA 331 -13.80 -12.45 -111.05
N ASN IA 332 -13.57 -13.27 -109.99
CA ASN IA 332 -12.26 -13.88 -109.82
C ASN IA 332 -11.96 -14.88 -110.94
N VAL IA 333 -12.98 -15.60 -111.39
CA VAL IA 333 -12.78 -16.60 -112.40
C VAL IA 333 -12.55 -15.96 -113.77
N GLN IA 334 -13.09 -14.76 -114.00
CA GLN IA 334 -12.77 -14.05 -115.24
C GLN IA 334 -11.35 -13.50 -115.20
N ASN IA 335 -10.83 -13.19 -114.02
CA ASN IA 335 -9.49 -12.74 -113.83
C ASN IA 335 -8.40 -13.80 -114.06
N LYS IA 336 -8.66 -15.08 -113.63
CA LYS IA 336 -7.64 -16.08 -113.93
C LYS IA 336 -7.72 -16.57 -115.38
N ASN IA 337 -8.94 -16.82 -115.87
CA ASN IA 337 -9.14 -17.31 -117.20
C ASN IA 337 -9.25 -16.20 -118.22
N SER IA 338 -8.23 -15.35 -118.28
CA SER IA 338 -8.23 -14.13 -119.06
C SER IA 338 -8.25 -14.43 -120.58
N SER IA 339 -7.54 -15.47 -120.99
CA SER IA 339 -7.47 -15.85 -122.39
C SER IA 339 -8.70 -16.62 -122.84
N TYR IA 340 -9.53 -17.07 -121.92
CA TYR IA 340 -10.69 -17.94 -122.15
C TYR IA 340 -11.97 -17.12 -122.40
N PHE IA 341 -11.85 -15.78 -122.36
CA PHE IA 341 -12.97 -14.92 -122.61
C PHE IA 341 -12.70 -14.02 -123.77
N VAL IA 342 -13.73 -13.53 -124.44
CA VAL IA 342 -13.58 -12.59 -125.52
C VAL IA 342 -13.36 -11.17 -124.94
N GLU IA 343 -12.67 -10.34 -125.70
CA GLU IA 343 -12.22 -9.05 -125.20
C GLU IA 343 -13.23 -7.91 -125.39
N TRP IA 344 -13.89 -7.92 -126.49
CA TRP IA 344 -14.77 -6.85 -126.94
C TRP IA 344 -16.16 -6.92 -126.31
N ILE IA 345 -16.40 -7.83 -125.39
CA ILE IA 345 -17.50 -7.82 -124.46
C ILE IA 345 -16.93 -7.67 -123.06
N PRO IA 346 -17.12 -6.55 -122.37
CA PRO IA 346 -16.62 -6.44 -121.00
C PRO IA 346 -17.52 -7.20 -120.03
N ASN IA 347 -16.88 -7.83 -119.02
CA ASN IA 347 -17.53 -8.59 -117.97
C ASN IA 347 -18.58 -9.56 -118.54
N ASN IA 348 -18.07 -10.61 -119.14
CA ASN IA 348 -18.81 -11.57 -119.94
C ASN IA 348 -19.83 -12.43 -119.19
N MET IA 349 -19.82 -12.40 -117.85
CA MET IA 349 -20.57 -13.35 -117.08
C MET IA 349 -21.81 -12.76 -116.46
N LYS IA 350 -22.89 -13.55 -116.46
CA LYS IA 350 -24.15 -13.19 -115.87
C LYS IA 350 -24.41 -14.12 -114.68
N SER IA 351 -24.92 -13.47 -113.60
CA SER IA 351 -25.35 -14.22 -112.44
C SER IA 351 -26.84 -13.99 -112.19
N SER IA 352 -27.45 -15.03 -111.65
CA SER IA 352 -28.83 -14.99 -111.20
C SER IA 352 -28.94 -15.84 -109.94
N VAL IA 353 -29.63 -15.31 -108.93
CA VAL IA 353 -29.75 -16.01 -107.65
C VAL IA 353 -31.22 -16.29 -107.41
N CYS IA 354 -31.57 -17.57 -107.33
CA CYS IA 354 -32.92 -17.97 -106.96
C CYS IA 354 -32.85 -18.58 -105.58
N ASP IA 355 -33.84 -18.33 -104.74
CA ASP IA 355 -33.70 -18.59 -103.32
C ASP IA 355 -34.03 -20.03 -102.92
N ILE IA 356 -34.67 -20.80 -103.81
CA ILE IA 356 -35.16 -22.10 -103.43
C ILE IA 356 -34.38 -23.16 -104.20
N PRO IA 357 -33.55 -23.98 -103.51
CA PRO IA 357 -32.70 -24.92 -104.19
C PRO IA 357 -33.55 -26.14 -104.56
N PRO IA 358 -33.07 -27.02 -105.46
CA PRO IA 358 -33.76 -28.28 -105.71
C PRO IA 358 -33.71 -29.19 -104.48
N LYS IA 359 -34.65 -30.13 -104.47
CA LYS IA 359 -34.82 -31.03 -103.35
C LYS IA 359 -33.61 -31.93 -103.17
N GLY IA 360 -33.15 -31.99 -101.94
CA GLY IA 360 -32.05 -32.89 -101.54
C GLY IA 360 -30.69 -32.22 -101.51
N LEU IA 361 -30.52 -31.15 -102.26
CA LEU IA 361 -29.37 -30.25 -102.18
C LEU IA 361 -29.68 -29.04 -101.31
N LYS IA 362 -28.67 -28.30 -100.97
CA LYS IA 362 -28.83 -27.06 -100.23
C LYS IA 362 -28.51 -25.84 -101.10
N MET IA 363 -27.68 -26.03 -102.10
CA MET IA 363 -27.22 -25.01 -103.01
C MET IA 363 -26.79 -25.68 -104.30
N SER IA 364 -27.17 -25.08 -105.44
CA SER IA 364 -26.89 -25.67 -106.74
C SER IA 364 -26.76 -24.58 -107.78
N VAL IA 365 -26.21 -24.94 -108.94
CA VAL IA 365 -26.08 -23.98 -110.03
C VAL IA 365 -26.24 -24.71 -111.35
N THR IA 366 -26.85 -24.03 -112.32
CA THR IA 366 -26.92 -24.50 -113.69
C THR IA 366 -26.21 -23.51 -114.60
N PHE IA 367 -25.35 -24.05 -115.47
CA PHE IA 367 -24.46 -23.16 -116.24
C PHE IA 367 -24.85 -23.24 -117.71
N VAL IA 368 -25.06 -22.08 -118.31
CA VAL IA 368 -25.04 -21.99 -119.77
C VAL IA 368 -23.78 -21.24 -120.28
N GLY IA 369 -23.47 -21.52 -121.47
CA GLY IA 369 -22.33 -20.86 -122.13
C GLY IA 369 -22.54 -20.80 -123.60
N ASN IA 370 -22.49 -19.59 -124.21
CA ASN IA 370 -22.32 -19.44 -125.64
C ASN IA 370 -20.84 -19.44 -125.98
N SER IA 371 -20.32 -20.57 -126.40
CA SER IA 371 -18.90 -20.71 -126.68
C SER IA 371 -18.64 -20.79 -128.18
N THR IA 372 -17.48 -20.33 -128.61
CA THR IA 372 -16.99 -20.52 -129.97
C THR IA 372 -16.21 -21.83 -130.07
N ALA IA 373 -16.16 -22.64 -129.01
CA ALA IA 373 -15.67 -24.00 -129.07
C ALA IA 373 -16.69 -24.95 -129.68
N ILE IA 374 -17.91 -24.48 -129.93
CA ILE IA 374 -18.92 -25.28 -130.61
C ILE IA 374 -18.67 -25.29 -132.11
N GLN IA 375 -17.65 -24.59 -132.58
CA GLN IA 375 -17.18 -24.70 -133.94
C GLN IA 375 -16.69 -26.11 -134.22
N GLU IA 376 -16.14 -26.77 -133.22
CA GLU IA 376 -15.53 -28.10 -133.36
C GLU IA 376 -16.62 -29.13 -133.66
N MET IA 377 -17.80 -28.95 -133.09
CA MET IA 377 -18.88 -29.89 -133.26
C MET IA 377 -19.52 -29.68 -134.61
N PHE IA 378 -19.72 -28.42 -135.01
CA PHE IA 378 -20.38 -28.18 -136.27
C PHE IA 378 -19.48 -28.56 -137.45
N LYS IA 379 -18.17 -28.44 -137.26
CA LYS IA 379 -17.22 -28.86 -138.29
C LYS IA 379 -17.17 -30.37 -138.38
N ARG IA 380 -17.34 -31.08 -137.24
CA ARG IA 380 -17.30 -32.53 -137.24
C ARG IA 380 -18.52 -33.11 -137.96
N VAL IA 381 -19.69 -32.46 -137.82
CA VAL IA 381 -20.84 -32.93 -138.56
C VAL IA 381 -20.69 -32.54 -140.05
N SER IA 382 -20.12 -31.38 -140.29
CA SER IA 382 -20.08 -30.84 -141.64
C SER IA 382 -19.14 -31.66 -142.53
N ASP IA 383 -17.98 -32.03 -142.01
CA ASP IA 383 -17.03 -32.79 -142.82
C ASP IA 383 -17.49 -34.22 -142.95
N GLN IA 384 -18.24 -34.77 -141.99
CA GLN IA 384 -18.84 -36.07 -142.15
C GLN IA 384 -19.93 -36.02 -143.20
N PHE IA 385 -20.65 -34.90 -143.27
CA PHE IA 385 -21.61 -34.67 -144.33
C PHE IA 385 -20.93 -34.52 -145.68
N THR IA 386 -19.83 -33.80 -145.72
CA THR IA 386 -19.12 -33.55 -146.95
C THR IA 386 -18.46 -34.82 -147.50
N ALA IA 387 -18.08 -35.74 -146.60
CA ALA IA 387 -17.45 -36.98 -147.02
C ALA IA 387 -18.49 -37.87 -147.73
N MET IA 388 -19.67 -37.93 -147.16
CA MET IA 388 -20.68 -38.87 -147.62
C MET IA 388 -21.48 -38.31 -148.79
N PHE IA 389 -21.56 -37.00 -148.93
CA PHE IA 389 -22.30 -36.39 -150.01
C PHE IA 389 -21.56 -36.41 -151.35
N ARG IA 390 -20.23 -36.47 -151.27
CA ARG IA 390 -19.39 -36.53 -152.46
C ARG IA 390 -19.59 -37.83 -153.19
N ARG IA 391 -19.90 -38.92 -152.45
CA ARG IA 391 -20.18 -40.20 -153.06
C ARG IA 391 -21.65 -40.41 -153.39
N LYS IA 392 -22.48 -39.45 -153.00
CA LYS IA 392 -23.93 -39.47 -153.13
C LYS IA 392 -24.53 -40.77 -152.52
N ALA IA 393 -24.05 -41.00 -151.27
CA ALA IA 393 -24.48 -42.21 -150.58
C ALA IA 393 -25.83 -41.91 -149.91
N PHE IA 394 -26.70 -42.92 -149.88
CA PHE IA 394 -27.97 -42.93 -149.17
C PHE IA 394 -28.88 -41.77 -149.56
N LEU IA 395 -28.71 -41.25 -150.78
CA LEU IA 395 -29.52 -40.11 -151.18
C LEU IA 395 -30.90 -40.53 -151.72
N HIS IA 396 -31.01 -41.75 -152.22
CA HIS IA 396 -32.21 -42.18 -152.93
C HIS IA 396 -33.37 -42.42 -151.97
N TRP IA 397 -33.05 -42.64 -150.68
CA TRP IA 397 -34.17 -42.70 -149.73
C TRP IA 397 -34.72 -41.33 -149.40
N TYR IA 398 -33.89 -40.30 -149.54
CA TYR IA 398 -34.36 -38.92 -149.30
C TYR IA 398 -35.00 -38.33 -150.54
N THR IA 399 -34.39 -38.56 -151.69
CA THR IA 399 -34.84 -38.01 -152.95
C THR IA 399 -36.11 -38.72 -153.43
N GLY IA 400 -36.38 -39.97 -152.92
CA GLY IA 400 -37.62 -40.62 -153.22
C GLY IA 400 -38.84 -40.07 -152.49
N GLU IA 401 -38.69 -39.18 -151.56
CA GLU IA 401 -39.81 -38.63 -150.81
C GLU IA 401 -40.06 -37.18 -151.20
N GLY IA 402 -39.30 -36.60 -152.16
CA GLY IA 402 -39.60 -35.27 -152.62
C GLY IA 402 -38.52 -34.22 -152.32
N MET IA 403 -37.31 -34.65 -152.06
CA MET IA 403 -36.22 -33.70 -151.86
C MET IA 403 -35.60 -33.26 -153.18
N ASP IA 404 -34.64 -32.38 -153.15
CA ASP IA 404 -33.72 -32.25 -154.27
C ASP IA 404 -32.29 -32.25 -153.78
N GLU IA 405 -31.38 -32.32 -154.75
CA GLU IA 405 -29.94 -32.15 -154.53
C GLU IA 405 -29.61 -30.72 -154.16
N MET IA 406 -30.40 -29.77 -154.57
CA MET IA 406 -30.20 -28.36 -154.29
C MET IA 406 -30.44 -28.01 -152.81
N GLU IA 407 -31.37 -28.73 -152.19
CA GLU IA 407 -31.69 -28.43 -150.80
C GLU IA 407 -30.60 -28.97 -149.88
N PHE IA 408 -29.91 -30.02 -150.32
CA PHE IA 408 -28.79 -30.56 -149.51
C PHE IA 408 -27.61 -29.64 -149.63
N THR IA 409 -27.38 -29.03 -150.78
CA THR IA 409 -26.27 -28.10 -150.92
C THR IA 409 -26.53 -26.84 -150.10
N GLU IA 410 -27.79 -26.41 -150.03
CA GLU IA 410 -28.15 -25.26 -149.22
C GLU IA 410 -27.98 -25.58 -147.74
N ALA IA 411 -28.29 -26.83 -147.34
CA ALA IA 411 -28.14 -27.23 -145.95
C ALA IA 411 -26.67 -27.19 -145.56
N GLU IA 412 -25.78 -27.65 -146.42
CA GLU IA 412 -24.36 -27.57 -146.19
C GLU IA 412 -23.86 -26.10 -146.08
N SER IA 413 -24.33 -25.29 -146.97
CA SER IA 413 -23.74 -23.98 -147.25
C SER IA 413 -23.98 -23.02 -146.11
N ASN IA 414 -25.17 -23.01 -145.58
CA ASN IA 414 -25.48 -21.97 -144.53
C ASN IA 414 -24.90 -22.45 -143.21
N MET IA 415 -24.76 -23.77 -143.02
CA MET IA 415 -24.11 -24.27 -141.82
C MET IA 415 -22.58 -24.18 -141.91
N ASN IA 416 -22.03 -24.20 -143.11
CA ASN IA 416 -20.61 -23.92 -143.30
C ASN IA 416 -20.27 -22.46 -142.96
N ASP IA 417 -21.21 -21.55 -143.30
CA ASP IA 417 -21.01 -20.17 -142.96
C ASP IA 417 -21.15 -19.96 -141.45
N LEU IA 418 -21.94 -20.79 -140.77
CA LEU IA 418 -22.07 -20.70 -139.32
C LEU IA 418 -20.76 -21.11 -138.65
N VAL IA 419 -20.02 -22.03 -139.26
CA VAL IA 419 -18.72 -22.42 -138.75
C VAL IA 419 -17.74 -21.23 -138.91
N SER IA 420 -17.83 -20.52 -140.03
CA SER IA 420 -16.89 -19.46 -140.32
C SER IA 420 -17.15 -18.25 -139.41
N GLU IA 421 -18.43 -18.02 -139.08
CA GLU IA 421 -18.73 -16.87 -138.26
C GLU IA 421 -18.41 -17.10 -136.82
N TYR IA 422 -18.35 -18.31 -136.36
CA TYR IA 422 -17.75 -18.65 -135.03
C TYR IA 422 -16.27 -18.36 -135.06
N GLN IA 423 -15.61 -18.70 -136.16
CA GLN IA 423 -14.18 -18.50 -136.37
C GLN IA 423 -13.88 -17.03 -136.51
N GLN IA 424 -14.82 -16.23 -137.01
CA GLN IA 424 -14.60 -14.80 -137.21
C GLN IA 424 -14.41 -14.07 -135.86
N TYR IA 425 -15.02 -14.58 -134.78
CA TYR IA 425 -14.95 -13.92 -133.50
C TYR IA 425 -14.05 -14.67 -132.52
N GLN IA 426 -13.11 -15.44 -133.03
CA GLN IA 426 -12.18 -16.21 -132.20
C GLN IA 426 -10.73 -15.72 -132.40
N MET JA 1 -102.50 -16.11 -124.34
CA MET JA 1 -101.10 -15.68 -124.48
C MET JA 1 -100.64 -15.89 -125.94
N ARG JA 2 -99.36 -16.17 -126.06
CA ARG JA 2 -98.76 -16.53 -127.36
C ARG JA 2 -98.55 -18.04 -127.42
N GLU JA 3 -99.00 -18.65 -128.51
CA GLU JA 3 -99.17 -20.08 -128.61
C GLU JA 3 -98.59 -20.59 -129.91
N ILE JA 4 -97.90 -21.73 -129.84
CA ILE JA 4 -97.28 -22.32 -131.01
C ILE JA 4 -98.01 -23.61 -131.35
N VAL JA 5 -98.47 -23.71 -132.59
CA VAL JA 5 -99.04 -24.95 -133.09
C VAL JA 5 -97.95 -25.75 -133.77
N HIS JA 6 -97.77 -27.01 -133.33
CA HIS JA 6 -96.72 -27.85 -133.86
C HIS JA 6 -97.31 -28.80 -134.89
N VAL JA 7 -96.58 -28.92 -136.02
CA VAL JA 7 -96.94 -29.87 -137.05
C VAL JA 7 -95.69 -30.74 -137.30
N GLN JA 8 -95.90 -32.05 -137.28
CA GLN JA 8 -94.92 -33.02 -137.64
C GLN JA 8 -95.31 -33.73 -138.93
N GLY JA 9 -94.45 -33.69 -139.92
CA GLY JA 9 -94.72 -34.41 -141.16
C GLY JA 9 -93.56 -35.28 -141.58
N GLY JA 10 -93.91 -36.45 -142.12
CA GLY JA 10 -92.94 -37.46 -142.55
C GLY JA 10 -92.45 -38.33 -141.40
N GLN JA 11 -91.74 -39.40 -141.70
CA GLN JA 11 -91.14 -40.26 -140.72
C GLN JA 11 -90.03 -39.55 -139.97
N CYS JA 12 -89.23 -38.77 -140.65
CA CYS JA 12 -88.18 -37.97 -140.01
C CYS JA 12 -88.79 -36.91 -139.09
N GLY JA 13 -89.83 -36.24 -139.58
CA GLY JA 13 -90.45 -35.17 -138.80
C GLY JA 13 -91.14 -35.68 -137.54
N ASN JA 14 -91.72 -36.87 -137.63
CA ASN JA 14 -92.42 -37.47 -136.50
C ASN JA 14 -91.41 -37.87 -135.41
N GLN JA 15 -90.27 -38.45 -135.81
CA GLN JA 15 -89.38 -38.88 -134.77
C GLN JA 15 -88.43 -37.81 -134.31
N ILE JA 16 -88.30 -36.71 -135.03
CA ILE JA 16 -87.60 -35.54 -134.49
C ILE JA 16 -88.53 -34.82 -133.50
N GLY JA 17 -89.84 -34.83 -133.87
CA GLY JA 17 -90.83 -34.15 -133.04
C GLY JA 17 -91.21 -34.97 -131.80
N ALA JA 18 -91.07 -36.28 -131.87
CA ALA JA 18 -91.31 -37.16 -130.74
C ALA JA 18 -90.32 -36.85 -129.60
N LYS JA 19 -89.08 -36.55 -129.98
CA LYS JA 19 -88.11 -36.25 -128.96
C LYS JA 19 -88.09 -34.77 -128.63
N PHE JA 20 -88.73 -33.93 -129.45
CA PHE JA 20 -88.95 -32.55 -129.06
C PHE JA 20 -89.88 -32.47 -127.85
N TRP JA 21 -90.93 -33.29 -127.89
CA TRP JA 21 -91.89 -33.28 -126.81
C TRP JA 21 -91.33 -34.01 -125.59
N GLU JA 22 -90.25 -34.73 -125.73
CA GLU JA 22 -89.57 -35.34 -124.62
C GLU JA 22 -88.83 -34.24 -123.80
N VAL JA 23 -88.24 -33.27 -124.50
CA VAL JA 23 -87.41 -32.32 -123.81
C VAL JA 23 -88.27 -31.19 -123.25
N ILE JA 24 -89.39 -30.87 -123.93
CA ILE JA 24 -90.25 -29.81 -123.44
C ILE JA 24 -91.05 -30.27 -122.24
N SER JA 25 -91.48 -31.54 -122.26
CA SER JA 25 -92.17 -32.11 -121.11
C SER JA 25 -91.26 -32.20 -119.91
N ASP JA 26 -89.99 -32.52 -120.13
CA ASP JA 26 -89.03 -32.60 -119.05
C ASP JA 26 -88.72 -31.21 -118.48
N GLU JA 27 -88.72 -30.21 -119.36
CA GLU JA 27 -88.40 -28.86 -118.94
C GLU JA 27 -89.54 -28.25 -118.15
N HIS JA 28 -90.77 -28.60 -118.52
CA HIS JA 28 -91.94 -28.11 -117.80
C HIS JA 28 -92.41 -29.09 -116.76
N GLY JA 29 -91.75 -30.25 -116.62
CA GLY JA 29 -92.02 -31.17 -115.53
C GLY JA 29 -93.33 -31.94 -115.71
N ILE JA 30 -93.57 -32.45 -116.91
CA ILE JA 30 -94.76 -33.20 -117.22
C ILE JA 30 -94.38 -34.69 -117.25
N ASP JA 31 -95.10 -35.44 -116.42
CA ASP JA 31 -95.07 -36.88 -116.37
C ASP JA 31 -95.56 -37.42 -117.68
N PRO JA 32 -94.98 -38.53 -118.22
CA PRO JA 32 -95.51 -39.13 -119.45
C PRO JA 32 -97.00 -39.51 -119.40
N THR JA 33 -97.54 -39.67 -118.18
CA THR JA 33 -98.97 -39.90 -118.09
C THR JA 33 -99.78 -38.60 -118.28
N GLY JA 34 -99.12 -37.46 -118.22
CA GLY JA 34 -99.78 -36.18 -118.50
C GLY JA 34 -99.96 -35.28 -117.28
N THR JA 35 -99.60 -35.80 -116.10
CA THR JA 35 -99.71 -35.00 -114.90
C THR JA 35 -98.50 -34.10 -114.74
N TYR JA 36 -98.54 -33.23 -113.74
CA TYR JA 36 -97.41 -32.38 -113.41
C TYR JA 36 -96.77 -32.86 -112.10
N CYS JA 37 -95.42 -32.80 -112.06
CA CYS JA 37 -94.68 -32.97 -110.84
C CYS JA 37 -93.52 -31.96 -110.82
N GLY JA 38 -93.24 -31.40 -109.64
CA GLY JA 38 -92.07 -30.54 -109.55
C GLY JA 38 -92.20 -29.39 -108.57
N ASP JA 39 -93.46 -29.01 -108.27
CA ASP JA 39 -93.89 -27.97 -107.35
C ASP JA 39 -93.07 -26.69 -107.46
N SER JA 40 -93.07 -26.09 -108.66
CA SER JA 40 -92.41 -24.82 -108.93
C SER JA 40 -93.32 -23.99 -109.84
N ASP JA 41 -93.38 -22.67 -109.57
CA ASP JA 41 -94.38 -21.85 -110.17
C ASP JA 41 -93.95 -21.43 -111.56
N LEU JA 42 -92.67 -21.00 -111.69
CA LEU JA 42 -92.19 -20.43 -112.95
C LEU JA 42 -92.18 -21.43 -114.11
N GLN JA 43 -92.10 -22.68 -113.80
CA GLN JA 43 -92.15 -23.83 -114.69
C GLN JA 43 -93.52 -23.96 -115.33
N LEU JA 44 -94.59 -23.63 -114.63
CA LEU JA 44 -95.95 -23.95 -115.03
C LEU JA 44 -96.68 -22.70 -115.56
N GLU JA 45 -96.15 -21.50 -115.30
CA GLU JA 45 -96.91 -20.27 -115.50
C GLU JA 45 -97.16 -20.01 -116.98
N ARG JA 46 -96.20 -20.41 -117.85
CA ARG JA 46 -96.42 -20.23 -119.27
C ARG JA 46 -96.36 -21.58 -119.96
N ILE JA 47 -97.51 -22.28 -119.86
CA ILE JA 47 -97.56 -23.65 -120.34
C ILE JA 47 -98.55 -23.77 -121.51
N ASN JA 48 -99.40 -22.77 -121.67
CA ASN JA 48 -100.36 -22.78 -122.76
C ASN JA 48 -99.70 -22.50 -124.11
N VAL JA 49 -98.41 -22.20 -124.14
CA VAL JA 49 -97.74 -21.98 -125.41
C VAL JA 49 -97.58 -23.32 -126.14
N PHE JA 50 -97.51 -24.45 -125.41
CA PHE JA 50 -97.34 -25.74 -126.05
C PHE JA 50 -98.35 -26.79 -125.59
N TYR JA 51 -99.12 -26.50 -124.55
CA TYR JA 51 -100.01 -27.49 -123.98
C TYR JA 51 -101.42 -26.92 -123.88
N ASN JA 52 -102.37 -27.84 -123.68
CA ASN JA 52 -103.77 -27.56 -123.46
C ASN JA 52 -104.25 -28.31 -122.24
N GLU JA 53 -105.07 -27.65 -121.43
CA GLU JA 53 -105.77 -28.27 -120.30
C GLU JA 53 -106.83 -29.24 -120.89
N ALA JA 54 -107.05 -30.35 -120.18
CA ALA JA 54 -107.98 -31.36 -120.63
C ALA JA 54 -109.06 -31.66 -119.58
N THR JA 55 -109.32 -30.70 -118.69
CA THR JA 55 -110.34 -30.71 -117.64
C THR JA 55 -110.28 -31.94 -116.74
N GLY JA 56 -109.18 -32.68 -116.81
CA GLY JA 56 -108.87 -33.71 -115.85
C GLY JA 56 -107.52 -33.39 -115.22
N GLY JA 57 -107.03 -32.20 -115.60
CA GLY JA 57 -105.78 -31.70 -115.07
C GLY JA 57 -104.56 -32.08 -115.91
N ARG JA 58 -104.76 -32.95 -116.91
CA ARG JA 58 -103.64 -33.40 -117.71
C ARG JA 58 -103.43 -32.45 -118.89
N PHE JA 59 -102.19 -32.45 -119.37
CA PHE JA 59 -101.78 -31.53 -120.42
C PHE JA 59 -101.54 -32.28 -121.71
N VAL JA 60 -102.20 -31.86 -122.77
CA VAL JA 60 -102.06 -32.49 -124.07
C VAL JA 60 -101.35 -31.54 -125.01
N PRO JA 61 -100.37 -32.02 -125.79
CA PRO JA 61 -99.65 -31.17 -126.71
C PRO JA 61 -100.51 -30.62 -127.84
N ARG JA 62 -100.17 -29.42 -128.28
CA ARG JA 62 -100.85 -28.82 -129.43
C ARG JA 62 -100.15 -29.24 -130.72
N ALA JA 63 -100.05 -30.57 -130.92
CA ALA JA 63 -99.24 -31.10 -132.00
C ALA JA 63 -100.16 -31.88 -132.95
N ILE JA 64 -99.85 -31.79 -134.24
CA ILE JA 64 -100.54 -32.54 -135.27
C ILE JA 64 -99.52 -33.46 -135.93
N LEU JA 65 -99.79 -34.73 -135.84
CA LEU JA 65 -98.90 -35.76 -136.41
C LEU JA 65 -99.46 -36.17 -137.76
N MET JA 66 -98.64 -36.10 -138.80
CA MET JA 66 -99.05 -36.34 -140.16
C MET JA 66 -98.01 -37.26 -140.84
N ASP JA 67 -98.57 -38.28 -141.49
CA ASP JA 67 -97.78 -39.13 -142.38
C ASP JA 67 -98.79 -39.79 -143.33
N LEU JA 68 -98.28 -40.32 -144.43
CA LEU JA 68 -99.12 -41.05 -145.39
C LEU JA 68 -98.92 -42.55 -145.24
N GLU JA 69 -98.14 -43.03 -144.29
CA GLU JA 69 -97.95 -44.45 -144.09
C GLU JA 69 -98.01 -44.69 -142.59
N PRO JA 70 -98.71 -45.74 -142.11
CA PRO JA 70 -98.97 -45.88 -140.69
C PRO JA 70 -97.84 -46.46 -139.87
N GLY JA 71 -96.68 -46.70 -140.48
CA GLY JA 71 -95.52 -47.25 -139.80
C GLY JA 71 -94.97 -46.42 -138.64
N THR JA 72 -94.77 -45.13 -138.87
CA THR JA 72 -93.96 -44.37 -137.92
C THR JA 72 -94.83 -43.95 -136.72
N MET JA 73 -96.11 -43.80 -136.95
CA MET JA 73 -96.98 -43.25 -135.92
C MET JA 73 -97.29 -44.28 -134.83
N ASP JA 74 -97.29 -45.58 -135.21
CA ASP JA 74 -97.40 -46.63 -134.23
C ASP JA 74 -96.18 -46.66 -133.33
N SER JA 75 -95.02 -46.37 -133.91
CA SER JA 75 -93.76 -46.40 -133.17
C SER JA 75 -93.71 -45.28 -132.14
N VAL JA 76 -94.25 -44.11 -132.52
CA VAL JA 76 -94.24 -42.96 -131.63
C VAL JA 76 -95.21 -43.18 -130.47
N ARG JA 77 -96.37 -43.76 -130.76
CA ARG JA 77 -97.38 -44.05 -129.75
C ARG JA 77 -96.89 -45.09 -128.74
N ALA JA 78 -96.20 -46.11 -129.23
CA ALA JA 78 -95.79 -47.24 -128.40
C ALA JA 78 -94.62 -46.89 -127.49
N GLY JA 79 -93.85 -45.87 -127.85
CA GLY JA 79 -92.68 -45.46 -127.10
C GLY JA 79 -93.04 -44.72 -125.83
N PRO JA 80 -92.02 -44.28 -125.07
CA PRO JA 80 -92.27 -43.42 -123.92
C PRO JA 80 -92.71 -42.05 -124.40
N PHE JA 81 -93.53 -41.39 -123.56
CA PHE JA 81 -94.14 -40.11 -123.86
C PHE JA 81 -94.99 -40.22 -125.12
N GLY JA 82 -95.60 -41.39 -125.35
CA GLY JA 82 -96.41 -41.61 -126.52
C GLY JA 82 -97.90 -41.50 -126.18
N GLN JA 83 -98.22 -41.64 -124.90
CA GLN JA 83 -99.59 -41.51 -124.45
C GLN JA 83 -99.95 -40.04 -124.22
N LEU JA 84 -98.97 -39.13 -124.43
CA LEU JA 84 -99.21 -37.72 -124.20
C LEU JA 84 -100.10 -37.12 -125.28
N PHE JA 85 -99.88 -37.56 -126.52
CA PHE JA 85 -100.57 -36.98 -127.66
C PHE JA 85 -102.03 -37.39 -127.72
N ARG JA 86 -102.84 -36.50 -128.28
CA ARG JA 86 -104.25 -36.81 -128.49
C ARG JA 86 -104.38 -37.75 -129.68
N PRO JA 87 -105.16 -38.85 -129.55
CA PRO JA 87 -105.28 -39.81 -130.65
C PRO JA 87 -105.96 -39.26 -131.90
N ASP JA 88 -106.81 -38.25 -131.75
CA ASP JA 88 -107.46 -37.60 -132.86
C ASP JA 88 -106.48 -36.75 -133.65
N ASN JA 89 -105.37 -36.32 -133.04
CA ASN JA 89 -104.39 -35.52 -133.73
C ASN JA 89 -103.55 -36.32 -134.74
N PHE JA 90 -103.55 -37.62 -134.61
CA PHE JA 90 -102.95 -38.45 -135.65
C PHE JA 90 -103.83 -38.50 -136.89
N VAL JA 91 -103.25 -38.21 -138.07
CA VAL JA 91 -103.98 -38.34 -139.29
C VAL JA 91 -103.21 -39.27 -140.21
N PHE JA 92 -103.61 -40.53 -140.21
CA PHE JA 92 -102.91 -41.56 -140.93
C PHE JA 92 -103.19 -41.51 -142.43
N GLY JA 93 -102.24 -42.13 -143.15
CA GLY JA 93 -102.53 -42.48 -144.53
C GLY JA 93 -102.31 -43.97 -144.72
N GLN JA 94 -102.70 -44.43 -145.89
CA GLN JA 94 -102.68 -45.89 -146.13
C GLN JA 94 -101.62 -46.28 -147.14
N THR JA 95 -101.47 -45.46 -148.19
CA THR JA 95 -100.69 -45.90 -149.36
C THR JA 95 -99.20 -45.61 -149.18
N GLY JA 96 -98.90 -44.35 -148.88
CA GLY JA 96 -97.54 -43.89 -148.69
C GLY JA 96 -97.00 -43.30 -149.99
N ALA JA 97 -96.36 -42.13 -149.83
CA ALA JA 97 -95.63 -41.50 -150.91
C ALA JA 97 -94.29 -42.18 -151.04
N GLY JA 98 -94.10 -42.92 -152.15
CA GLY JA 98 -92.87 -43.66 -152.32
C GLY JA 98 -91.70 -42.77 -152.75
N ASN JA 99 -91.28 -41.83 -151.90
CA ASN JA 99 -90.24 -40.87 -152.13
C ASN JA 99 -90.49 -40.09 -153.42
N ASN JA 100 -91.77 -39.84 -153.72
CA ASN JA 100 -92.17 -39.13 -154.92
C ASN JA 100 -92.84 -37.86 -154.43
N TRP JA 101 -92.21 -36.71 -154.84
CA TRP JA 101 -92.77 -35.43 -154.41
C TRP JA 101 -94.12 -35.17 -155.07
N ALA JA 102 -94.32 -35.68 -156.27
CA ALA JA 102 -95.54 -35.46 -157.02
C ALA JA 102 -96.74 -36.07 -156.31
N LYS JA 103 -96.64 -37.32 -155.85
CA LYS JA 103 -97.80 -37.91 -155.18
C LYS JA 103 -97.89 -37.43 -153.74
N GLY JA 104 -96.83 -36.84 -153.19
CA GLY JA 104 -96.94 -36.16 -151.90
C GLY JA 104 -97.74 -34.85 -152.02
N HIS JA 105 -97.52 -34.15 -153.13
CA HIS JA 105 -98.04 -32.81 -153.26
C HIS JA 105 -99.30 -32.72 -154.12
N TYR JA 106 -99.45 -33.57 -155.10
CA TYR JA 106 -100.55 -33.41 -156.06
C TYR JA 106 -101.64 -34.48 -155.83
N THR JA 107 -101.26 -35.76 -155.84
CA THR JA 107 -102.26 -36.76 -156.10
C THR JA 107 -102.65 -37.51 -154.85
N GLU JA 108 -101.74 -37.89 -153.93
CA GLU JA 108 -102.11 -38.71 -152.83
C GLU JA 108 -102.24 -37.91 -151.56
N GLY JA 109 -101.40 -36.86 -151.42
CA GLY JA 109 -101.42 -35.96 -150.30
C GLY JA 109 -102.64 -35.05 -150.33
N ALA JA 110 -103.22 -34.83 -151.52
CA ALA JA 110 -104.30 -33.86 -151.68
C ALA JA 110 -105.59 -34.34 -151.04
N GLU JA 111 -105.83 -35.65 -151.07
CA GLU JA 111 -107.07 -36.18 -150.52
C GLU JA 111 -106.95 -36.40 -149.03
N LEU JA 112 -105.76 -36.21 -148.44
CA LEU JA 112 -105.63 -36.29 -146.98
C LEU JA 112 -105.50 -34.90 -146.36
N ILE JA 113 -105.16 -33.88 -147.15
CA ILE JA 113 -104.90 -32.55 -146.67
C ILE JA 113 -106.15 -31.92 -146.08
N ASP JA 114 -107.30 -32.25 -146.61
CA ASP JA 114 -108.58 -31.80 -146.07
C ASP JA 114 -108.79 -32.29 -144.64
N SER JA 115 -108.28 -33.46 -144.32
CA SER JA 115 -108.42 -34.05 -143.01
C SER JA 115 -107.46 -33.42 -142.02
N VAL JA 116 -106.24 -33.13 -142.44
CA VAL JA 116 -105.28 -32.54 -141.49
C VAL JA 116 -105.61 -31.04 -141.30
N LEU JA 117 -106.16 -30.38 -142.34
CA LEU JA 117 -106.44 -28.97 -142.23
C LEU JA 117 -107.62 -28.69 -141.30
N ASP JA 118 -108.52 -29.68 -141.18
CA ASP JA 118 -109.62 -29.59 -140.24
C ASP JA 118 -109.07 -29.60 -138.82
N VAL JA 119 -108.08 -30.42 -138.54
CA VAL JA 119 -107.55 -30.58 -137.21
C VAL JA 119 -106.73 -29.35 -136.82
N VAL JA 120 -106.03 -28.75 -137.79
CA VAL JA 120 -105.21 -27.59 -137.51
C VAL JA 120 -106.13 -26.39 -137.23
N ARG JA 121 -107.25 -26.30 -137.94
CA ARG JA 121 -108.15 -25.18 -137.72
C ARG JA 121 -108.86 -25.32 -136.38
N LYS JA 122 -109.14 -26.57 -135.96
CA LYS JA 122 -109.76 -26.80 -134.67
C LYS JA 122 -108.83 -26.32 -133.55
N GLU JA 123 -107.54 -26.60 -133.70
CA GLU JA 123 -106.53 -26.20 -132.74
C GLU JA 123 -106.19 -24.73 -132.81
N ALA JA 124 -106.19 -24.14 -134.00
CA ALA JA 124 -105.78 -22.75 -134.21
C ALA JA 124 -106.83 -21.78 -133.67
N GLU JA 125 -108.10 -22.05 -133.98
CA GLU JA 125 -109.16 -21.12 -133.64
C GLU JA 125 -109.58 -21.25 -132.19
N GLY JA 126 -109.14 -22.35 -131.52
CA GLY JA 126 -109.43 -22.57 -130.11
C GLY JA 126 -108.72 -21.59 -129.18
N CYS JA 127 -107.72 -20.87 -129.64
CA CYS JA 127 -106.94 -19.99 -128.80
C CYS JA 127 -107.50 -18.57 -128.87
N ASP JA 128 -106.96 -17.71 -128.01
CA ASP JA 128 -107.37 -16.30 -127.99
C ASP JA 128 -106.84 -15.61 -129.26
N CYS JA 129 -105.51 -15.56 -129.37
CA CYS JA 129 -104.78 -15.26 -130.58
C CYS JA 129 -103.45 -16.00 -130.50
N LEU JA 130 -103.16 -16.76 -131.54
CA LEU JA 130 -101.95 -17.58 -131.61
C LEU JA 130 -100.82 -16.73 -132.19
N GLN JA 131 -99.60 -17.16 -131.94
CA GLN JA 131 -98.40 -16.57 -132.48
C GLN JA 131 -98.04 -17.11 -133.86
N GLY JA 132 -98.01 -18.42 -134.00
CA GLY JA 132 -97.60 -18.99 -135.28
C GLY JA 132 -97.36 -20.48 -135.18
N PHE JA 133 -96.80 -21.01 -136.25
CA PHE JA 133 -96.73 -22.43 -136.51
C PHE JA 133 -95.29 -22.87 -136.69
N GLN JA 134 -95.00 -24.10 -136.26
CA GLN JA 134 -93.68 -24.66 -136.49
C GLN JA 134 -93.82 -26.06 -137.07
N ILE JA 135 -92.97 -26.34 -138.09
CA ILE JA 135 -93.02 -27.61 -138.76
C ILE JA 135 -91.64 -28.27 -138.66
N THR JA 136 -91.64 -29.56 -138.28
CA THR JA 136 -90.47 -30.38 -138.48
C THR JA 136 -90.76 -31.42 -139.57
N HIS JA 137 -89.90 -31.42 -140.59
CA HIS JA 137 -90.08 -32.31 -141.72
C HIS JA 137 -88.78 -32.53 -142.46
N SER JA 138 -88.87 -33.43 -143.45
CA SER JA 138 -87.67 -33.80 -144.20
C SER JA 138 -87.83 -33.42 -145.65
N LEU JA 139 -86.77 -32.90 -146.26
CA LEU JA 139 -86.89 -32.49 -147.66
C LEU JA 139 -86.33 -33.53 -148.66
N GLY JA 140 -85.88 -34.66 -148.12
CA GLY JA 140 -85.42 -35.70 -149.03
C GLY JA 140 -86.51 -36.75 -149.27
N GLY JA 141 -87.65 -36.66 -148.60
CA GLY JA 141 -88.60 -37.72 -148.79
C GLY JA 141 -89.80 -37.26 -149.57
N GLY JA 142 -90.86 -38.12 -149.52
CA GLY JA 142 -92.10 -37.87 -150.23
C GLY JA 142 -93.14 -37.14 -149.36
N THR JA 143 -93.42 -37.69 -148.19
CA THR JA 143 -94.51 -37.19 -147.37
C THR JA 143 -94.07 -36.03 -146.51
N GLY JA 144 -92.78 -35.85 -146.29
CA GLY JA 144 -92.26 -34.68 -145.56
C GLY JA 144 -92.14 -33.48 -146.51
N SER JA 145 -91.56 -33.77 -147.70
CA SER JA 145 -91.23 -32.68 -148.63
C SER JA 145 -92.43 -32.31 -149.50
N GLY JA 146 -93.28 -33.30 -149.84
CA GLY JA 146 -94.37 -33.04 -150.76
C GLY JA 146 -95.62 -32.58 -149.99
N MET JA 147 -96.05 -33.45 -149.06
CA MET JA 147 -97.31 -33.22 -148.38
C MET JA 147 -97.16 -32.19 -147.26
N GLY JA 148 -95.94 -32.13 -146.72
CA GLY JA 148 -95.64 -31.20 -145.65
C GLY JA 148 -95.65 -29.75 -146.15
N THR JA 149 -95.10 -29.58 -147.37
CA THR JA 149 -95.01 -28.24 -147.92
C THR JA 149 -96.34 -27.79 -148.50
N LEU JA 150 -97.22 -28.74 -148.80
CA LEU JA 150 -98.58 -28.39 -149.24
C LEU JA 150 -99.35 -27.81 -148.07
N LEU JA 151 -99.13 -28.33 -146.87
CA LEU JA 151 -99.77 -27.77 -145.68
C LEU JA 151 -99.27 -26.34 -145.44
N ILE JA 152 -97.97 -26.11 -145.70
CA ILE JA 152 -97.42 -24.76 -145.57
C ILE JA 152 -98.09 -23.79 -146.52
N SER JA 153 -98.36 -24.24 -147.74
CA SER JA 153 -99.03 -23.41 -148.73
C SER JA 153 -100.48 -23.11 -148.33
N LYS JA 154 -101.18 -24.10 -147.74
CA LYS JA 154 -102.56 -23.93 -147.43
C LYS JA 154 -102.75 -23.06 -146.18
N VAL JA 155 -101.85 -23.18 -145.20
CA VAL JA 155 -102.02 -22.45 -143.97
C VAL JA 155 -101.54 -21.02 -144.13
N ARG JA 156 -100.64 -20.76 -145.08
CA ARG JA 156 -100.25 -19.39 -145.38
C ARG JA 156 -101.39 -18.68 -146.10
N GLU JA 157 -102.22 -19.35 -146.85
CA GLU JA 157 -103.36 -18.74 -147.50
C GLU JA 157 -104.43 -18.38 -146.45
N GLU JA 158 -104.53 -19.18 -145.38
CA GLU JA 158 -105.60 -19.00 -144.42
C GLU JA 158 -105.21 -17.96 -143.37
N TYR JA 159 -103.98 -18.05 -142.89
CA TYR JA 159 -103.48 -17.21 -141.79
C TYR JA 159 -102.22 -16.50 -142.31
N PRO JA 160 -102.36 -15.37 -143.02
CA PRO JA 160 -101.22 -14.87 -143.80
C PRO JA 160 -100.18 -14.11 -142.97
N ASP JA 161 -100.61 -13.53 -141.84
CA ASP JA 161 -99.78 -12.61 -141.09
C ASP JA 161 -99.18 -13.29 -139.86
N ARG JA 162 -99.45 -14.59 -139.64
CA ARG JA 162 -98.85 -15.26 -138.50
C ARG JA 162 -97.48 -15.88 -138.94
N ILE JA 163 -96.62 -16.03 -137.98
CA ILE JA 163 -95.26 -16.40 -138.24
C ILE JA 163 -95.17 -17.89 -138.55
N MET JA 164 -94.14 -18.22 -139.36
CA MET JA 164 -94.08 -19.57 -139.89
C MET JA 164 -92.62 -20.02 -139.87
N GLU JA 165 -92.31 -20.86 -138.88
CA GLU JA 165 -90.96 -21.36 -138.69
C GLU JA 165 -90.93 -22.85 -139.06
N THR JA 166 -89.86 -23.17 -139.77
CA THR JA 166 -89.65 -24.56 -140.23
C THR JA 166 -88.30 -25.01 -139.77
N PHE JA 167 -88.23 -26.16 -139.13
CA PHE JA 167 -87.07 -26.97 -138.91
C PHE JA 167 -87.03 -28.04 -140.00
N SER JA 168 -86.15 -27.80 -140.97
CA SER JA 168 -86.05 -28.72 -142.11
C SER JA 168 -84.72 -29.45 -142.06
N VAL JA 169 -84.70 -30.73 -142.29
CA VAL JA 169 -83.49 -31.45 -142.64
C VAL JA 169 -83.35 -31.44 -144.15
N PHE JA 170 -82.10 -31.24 -144.60
CA PHE JA 170 -81.84 -31.17 -146.03
C PHE JA 170 -81.13 -32.45 -146.47
N PRO JA 171 -81.00 -32.70 -147.78
CA PRO JA 171 -80.05 -33.71 -148.25
C PRO JA 171 -78.62 -33.46 -147.76
N SER JA 172 -77.94 -34.56 -147.45
CA SER JA 172 -76.54 -34.51 -147.02
C SER JA 172 -75.66 -34.23 -148.23
N PRO JA 173 -74.53 -33.52 -148.05
CA PRO JA 173 -73.57 -33.33 -149.13
C PRO JA 173 -72.90 -34.60 -149.67
N LYS JA 174 -72.29 -35.39 -148.78
CA LYS JA 174 -71.44 -36.47 -149.27
C LYS JA 174 -72.27 -37.73 -149.56
N VAL JA 175 -72.91 -38.25 -148.52
CA VAL JA 175 -73.60 -39.53 -148.64
C VAL JA 175 -75.08 -39.27 -148.89
N SER JA 176 -75.63 -40.06 -149.83
CA SER JA 176 -76.95 -39.72 -150.35
C SER JA 176 -77.89 -40.92 -150.26
N ASP JA 177 -78.71 -40.91 -149.22
CA ASP JA 177 -79.88 -41.80 -149.20
C ASP JA 177 -80.94 -41.27 -150.17
N THR JA 178 -81.85 -42.13 -150.58
CA THR JA 178 -83.07 -41.73 -151.29
C THR JA 178 -82.70 -41.01 -152.60
N VAL JA 179 -82.29 -41.82 -153.59
CA VAL JA 179 -81.56 -41.41 -154.79
C VAL JA 179 -82.20 -40.20 -155.49
N VAL JA 180 -83.51 -40.05 -155.40
CA VAL JA 180 -84.11 -38.81 -155.87
C VAL JA 180 -84.14 -37.82 -154.70
N GLU JA 181 -82.95 -37.32 -154.37
CA GLU JA 181 -82.83 -36.18 -153.46
C GLU JA 181 -83.02 -34.85 -154.20
N PRO JA 182 -82.31 -34.54 -155.31
CA PRO JA 182 -82.36 -33.18 -155.83
C PRO JA 182 -83.71 -32.82 -156.43
N TYR JA 183 -84.47 -33.83 -156.90
CA TYR JA 183 -85.81 -33.55 -157.37
C TYR JA 183 -86.73 -33.11 -156.23
N ASN JA 184 -86.60 -33.82 -155.10
CA ASN JA 184 -87.48 -33.54 -153.97
C ASN JA 184 -87.09 -32.22 -153.31
N ALA JA 185 -85.78 -31.97 -153.20
CA ALA JA 185 -85.27 -30.80 -152.54
C ALA JA 185 -85.57 -29.52 -153.32
N THR JA 186 -85.32 -29.53 -154.61
CA THR JA 186 -85.48 -28.32 -155.43
C THR JA 186 -86.96 -27.94 -155.55
N LEU JA 187 -87.81 -28.95 -155.69
CA LEU JA 187 -89.25 -28.70 -155.78
C LEU JA 187 -89.83 -28.25 -154.46
N SER JA 188 -89.17 -28.58 -153.35
CA SER JA 188 -89.67 -28.17 -152.05
C SER JA 188 -89.19 -26.77 -151.68
N VAL JA 189 -87.99 -26.40 -152.13
CA VAL JA 189 -87.44 -25.12 -151.74
C VAL JA 189 -88.21 -23.97 -152.43
N HIS JA 190 -88.60 -24.12 -153.67
CA HIS JA 190 -89.22 -22.94 -154.33
C HIS JA 190 -90.63 -22.74 -153.85
N GLN JA 191 -91.22 -23.78 -153.22
CA GLN JA 191 -92.54 -23.67 -152.61
C GLN JA 191 -92.38 -23.32 -151.12
N LEU JA 192 -91.12 -23.28 -150.59
CA LEU JA 192 -90.86 -22.93 -149.22
C LEU JA 192 -90.22 -21.53 -149.11
N VAL JA 193 -89.66 -21.01 -150.18
CA VAL JA 193 -89.09 -19.68 -150.16
C VAL JA 193 -90.17 -18.62 -150.24
N GLU JA 194 -91.34 -18.99 -150.78
CA GLU JA 194 -92.42 -18.02 -150.90
C GLU JA 194 -93.41 -18.11 -149.75
N ASN JA 195 -93.39 -19.18 -148.94
CA ASN JA 195 -94.47 -19.46 -148.02
C ASN JA 195 -93.98 -19.71 -146.59
N ALA JA 196 -92.68 -19.55 -146.30
CA ALA JA 196 -92.22 -19.73 -144.94
C ALA JA 196 -91.44 -18.48 -144.52
N ASP JA 197 -91.60 -18.13 -143.24
CA ASP JA 197 -91.05 -16.86 -142.76
C ASP JA 197 -89.60 -17.03 -142.30
N GLU JA 198 -89.28 -18.14 -141.64
CA GLU JA 198 -87.92 -18.49 -141.32
C GLU JA 198 -87.75 -20.00 -141.45
N VAL JA 199 -86.67 -20.40 -142.10
CA VAL JA 199 -86.35 -21.77 -142.36
C VAL JA 199 -84.94 -22.04 -141.81
N GLN JA 200 -84.83 -23.04 -140.98
CA GLN JA 200 -83.56 -23.30 -140.34
C GLN JA 200 -83.08 -24.68 -140.67
N VAL JA 201 -81.88 -24.76 -141.21
CA VAL JA 201 -81.48 -25.96 -141.96
C VAL JA 201 -80.63 -26.83 -141.03
N ILE JA 202 -80.87 -28.12 -141.12
CA ILE JA 202 -80.20 -29.19 -140.40
C ILE JA 202 -79.73 -30.22 -141.42
N ASP JA 203 -78.55 -30.78 -141.17
CA ASP JA 203 -78.02 -31.87 -141.97
C ASP JA 203 -77.74 -33.04 -141.05
N ASN JA 204 -77.95 -34.25 -141.53
CA ASN JA 204 -77.63 -35.45 -140.78
C ASN JA 204 -76.11 -35.62 -140.68
N GLU JA 205 -75.40 -35.28 -141.75
CA GLU JA 205 -73.96 -35.50 -141.77
C GLU JA 205 -73.25 -34.52 -140.86
N ALA JA 206 -73.83 -33.33 -140.69
CA ALA JA 206 -73.28 -32.37 -139.74
C ALA JA 206 -73.50 -32.90 -138.32
N LEU JA 207 -74.63 -33.52 -138.06
CA LEU JA 207 -74.94 -34.05 -136.74
C LEU JA 207 -74.05 -35.24 -136.42
N TYR JA 208 -73.70 -36.07 -137.42
CA TYR JA 208 -72.78 -37.16 -137.22
C TYR JA 208 -71.39 -36.62 -136.88
N ASP JA 209 -71.00 -35.50 -137.54
CA ASP JA 209 -69.71 -34.93 -137.28
C ASP JA 209 -69.62 -34.38 -135.85
N ILE JA 210 -70.72 -33.79 -135.39
CA ILE JA 210 -70.76 -33.23 -134.04
C ILE JA 210 -70.66 -34.35 -133.03
N CYS JA 211 -71.37 -35.44 -133.24
CA CYS JA 211 -71.40 -36.52 -132.26
C CYS JA 211 -70.09 -37.30 -132.24
N PHE JA 212 -69.29 -37.22 -133.33
CA PHE JA 212 -68.01 -37.91 -133.32
C PHE JA 212 -66.92 -37.05 -132.69
N ARG JA 213 -66.79 -35.80 -133.16
CA ARG JA 213 -65.61 -35.04 -132.84
C ARG JA 213 -65.79 -34.13 -131.64
N THR JA 214 -67.01 -33.80 -131.24
CA THR JA 214 -67.22 -33.04 -130.02
C THR JA 214 -67.72 -33.96 -128.91
N LEU JA 215 -68.79 -34.74 -129.19
CA LEU JA 215 -69.40 -35.49 -128.13
C LEU JA 215 -68.62 -36.74 -127.74
N LYS JA 216 -67.82 -37.24 -128.68
CA LYS JA 216 -67.15 -38.53 -128.56
C LYS JA 216 -68.13 -39.69 -128.19
N LEU JA 217 -69.33 -39.65 -128.75
CA LEU JA 217 -70.26 -40.73 -128.50
C LEU JA 217 -70.02 -41.81 -129.57
N THR JA 218 -69.83 -43.06 -129.16
CA THR JA 218 -69.17 -44.02 -130.02
C THR JA 218 -70.13 -44.60 -131.06
N THR JA 219 -71.37 -44.81 -130.67
CA THR JA 219 -72.42 -45.39 -131.47
C THR JA 219 -73.63 -44.47 -131.49
N PRO JA 220 -73.64 -43.39 -132.30
CA PRO JA 220 -74.77 -42.48 -132.29
C PRO JA 220 -75.95 -42.98 -133.08
N THR JA 221 -77.07 -43.20 -132.39
CA THR JA 221 -78.29 -43.67 -133.03
C THR JA 221 -79.09 -42.44 -133.43
N TYR JA 222 -80.22 -42.66 -134.10
CA TYR JA 222 -81.08 -41.53 -134.50
C TYR JA 222 -81.76 -40.92 -133.28
N GLY JA 223 -81.82 -41.65 -132.17
CA GLY JA 223 -82.30 -41.07 -130.91
C GLY JA 223 -81.40 -39.94 -130.43
N ASP JA 224 -80.11 -40.09 -130.58
CA ASP JA 224 -79.12 -39.15 -130.09
C ASP JA 224 -79.02 -37.96 -131.04
N LEU JA 225 -79.19 -38.19 -132.35
CA LEU JA 225 -79.17 -37.10 -133.31
C LEU JA 225 -80.41 -36.20 -133.12
N ASN JA 226 -81.56 -36.82 -132.89
CA ASN JA 226 -82.80 -36.10 -132.68
C ASN JA 226 -82.78 -35.31 -131.37
N HIS JA 227 -82.00 -35.80 -130.40
CA HIS JA 227 -81.88 -35.13 -129.12
C HIS JA 227 -81.14 -33.83 -129.27
N LEU JA 228 -80.17 -33.80 -130.19
CA LEU JA 228 -79.37 -32.60 -130.42
C LEU JA 228 -80.20 -31.54 -131.14
N VAL JA 229 -81.02 -31.97 -132.11
CA VAL JA 229 -81.85 -31.02 -132.83
C VAL JA 229 -82.95 -30.50 -131.91
N SER JA 230 -83.46 -31.36 -131.01
CA SER JA 230 -84.50 -30.95 -130.09
C SER JA 230 -83.98 -29.94 -129.08
N ALA JA 231 -82.67 -30.01 -128.74
CA ALA JA 231 -82.09 -29.06 -127.81
C ALA JA 231 -82.09 -27.65 -128.42
N ALA JA 232 -81.80 -27.57 -129.72
CA ALA JA 232 -81.79 -26.29 -130.40
C ALA JA 232 -83.22 -25.80 -130.62
N MET JA 233 -84.16 -26.70 -130.80
CA MET JA 233 -85.56 -26.35 -131.01
C MET JA 233 -86.17 -25.73 -129.76
N SER JA 234 -85.72 -26.21 -128.57
CA SER JA 234 -86.21 -25.63 -127.34
C SER JA 234 -85.58 -24.26 -127.08
N GLY JA 235 -84.35 -24.07 -127.57
CA GLY JA 235 -83.64 -22.84 -127.26
C GLY JA 235 -84.16 -21.63 -128.01
N VAL JA 236 -84.79 -21.88 -129.19
CA VAL JA 236 -85.24 -20.74 -129.99
C VAL JA 236 -86.54 -20.19 -129.40
N THR JA 237 -87.28 -21.02 -128.65
CA THR JA 237 -88.54 -20.62 -128.07
C THR JA 237 -88.47 -20.56 -126.54
N CYS JA 238 -87.26 -20.39 -125.99
CA CYS JA 238 -87.09 -20.39 -124.56
C CYS JA 238 -87.74 -19.16 -123.92
N CYS JA 239 -87.60 -18.01 -124.60
CA CYS JA 239 -88.01 -16.75 -124.02
C CYS JA 239 -89.53 -16.63 -123.94
N LEU JA 240 -90.26 -17.38 -124.78
CA LEU JA 240 -91.70 -17.40 -124.69
C LEU JA 240 -92.16 -18.05 -123.39
N ARG JA 241 -91.44 -19.10 -122.96
CA ARG JA 241 -92.00 -19.95 -121.90
C ARG JA 241 -91.43 -19.57 -120.53
N PHE JA 242 -90.30 -18.84 -120.50
CA PHE JA 242 -89.72 -18.48 -119.24
C PHE JA 242 -89.38 -17.00 -119.21
N PRO JA 243 -89.38 -16.38 -118.02
CA PRO JA 243 -88.97 -14.97 -117.91
C PRO JA 243 -87.47 -14.81 -118.09
N GLY JA 244 -87.06 -13.56 -118.23
CA GLY JA 244 -85.67 -13.28 -118.54
C GLY JA 244 -85.42 -11.77 -118.46
N GLN JA 245 -84.14 -11.43 -118.55
CA GLN JA 245 -83.68 -10.06 -118.59
C GLN JA 245 -83.99 -9.42 -119.93
N LEU JA 246 -83.79 -10.17 -121.02
CA LEU JA 246 -84.11 -9.61 -122.33
C LEU JA 246 -84.88 -10.62 -123.13
N ASN JA 247 -86.19 -10.46 -123.23
CA ASN JA 247 -87.06 -11.44 -123.89
C ASN JA 247 -87.00 -11.30 -125.40
N SER JA 248 -87.21 -12.43 -126.09
CA SER JA 248 -87.24 -12.42 -127.54
C SER JA 248 -88.10 -13.55 -128.05
N ASP JA 249 -89.22 -13.26 -128.73
CA ASP JA 249 -90.02 -14.29 -129.33
C ASP JA 249 -89.53 -14.66 -130.72
N LEU JA 250 -90.34 -15.42 -131.44
CA LEU JA 250 -89.94 -15.85 -132.77
C LEU JA 250 -90.00 -14.69 -133.75
N ARG JA 251 -90.98 -13.78 -133.60
CA ARG JA 251 -91.10 -12.67 -134.50
C ARG JA 251 -90.02 -11.63 -134.23
N LYS JA 252 -89.55 -11.57 -132.97
CA LYS JA 252 -88.43 -10.73 -132.62
C LYS JA 252 -87.18 -11.19 -133.37
N LEU JA 253 -87.02 -12.51 -133.48
CA LEU JA 253 -85.88 -13.08 -134.16
C LEU JA 253 -85.99 -12.84 -135.69
N ALA JA 254 -87.23 -12.87 -136.19
CA ALA JA 254 -87.43 -12.77 -137.63
C ALA JA 254 -87.17 -11.35 -138.14
N VAL JA 255 -87.61 -10.37 -137.38
CA VAL JA 255 -87.49 -8.96 -137.81
C VAL JA 255 -86.03 -8.52 -137.68
N ASN JA 256 -85.25 -9.20 -136.84
CA ASN JA 256 -83.93 -8.75 -136.49
C ASN JA 256 -82.84 -9.55 -137.21
N LEU JA 257 -83.22 -10.59 -138.00
CA LEU JA 257 -82.19 -11.30 -138.72
C LEU JA 257 -82.21 -11.00 -140.23
N ILE JA 258 -83.41 -11.02 -140.85
CA ILE JA 258 -83.51 -11.17 -142.28
C ILE JA 258 -83.76 -9.81 -142.92
N PRO JA 259 -82.78 -9.28 -143.69
CA PRO JA 259 -82.95 -7.98 -144.31
C PRO JA 259 -83.92 -7.96 -145.48
N PHE JA 260 -83.93 -9.04 -146.29
CA PHE JA 260 -84.84 -9.06 -147.45
C PHE JA 260 -85.62 -10.36 -147.44
N PRO JA 261 -86.91 -10.37 -147.83
CA PRO JA 261 -87.77 -11.51 -147.54
C PRO JA 261 -87.42 -12.82 -148.25
N ARG JA 262 -86.63 -12.74 -149.34
CA ARG JA 262 -86.29 -13.86 -150.15
C ARG JA 262 -85.21 -14.72 -149.49
N LEU JA 263 -84.35 -14.13 -148.67
CA LEU JA 263 -83.33 -14.92 -147.99
C LEU JA 263 -83.72 -15.07 -146.52
N HIS JA 264 -84.14 -16.26 -146.14
CA HIS JA 264 -84.47 -16.51 -144.74
C HIS JA 264 -83.96 -17.88 -144.28
N PHE JA 265 -82.79 -18.28 -144.74
CA PHE JA 265 -82.21 -19.58 -144.46
C PHE JA 265 -81.12 -19.50 -143.42
N PHE JA 266 -81.28 -20.30 -142.36
CA PHE JA 266 -80.47 -20.11 -141.17
C PHE JA 266 -79.57 -21.30 -140.89
N LEU JA 267 -78.46 -21.01 -140.22
CA LEU JA 267 -77.61 -22.02 -139.61
C LEU JA 267 -77.95 -22.10 -138.12
N ILE JA 268 -78.01 -23.32 -137.59
CA ILE JA 268 -78.30 -23.51 -136.17
C ILE JA 268 -77.11 -24.14 -135.48
N GLY JA 269 -76.84 -23.67 -134.26
CA GLY JA 269 -75.81 -24.24 -133.42
C GLY JA 269 -76.28 -24.32 -131.97
N PHE JA 270 -75.61 -25.16 -131.20
CA PHE JA 270 -75.89 -25.26 -129.78
C PHE JA 270 -74.59 -25.37 -129.01
N ALA JA 271 -74.54 -24.76 -127.82
CA ALA JA 271 -73.41 -24.90 -126.93
C ALA JA 271 -73.93 -24.80 -125.51
N PRO JA 272 -73.31 -25.47 -124.51
CA PRO JA 272 -72.08 -26.28 -124.63
C PRO JA 272 -72.36 -27.72 -125.02
N LEU JA 273 -71.38 -28.40 -125.59
CA LEU JA 273 -71.51 -29.78 -126.04
C LEU JA 273 -70.19 -30.48 -125.67
N THR JA 274 -70.24 -31.27 -124.62
CA THR JA 274 -68.99 -31.80 -124.06
C THR JA 274 -69.08 -33.31 -123.94
N SER JA 275 -67.94 -33.98 -124.04
CA SER JA 275 -67.89 -35.42 -123.85
C SER JA 275 -68.09 -35.74 -122.38
N ARG JA 276 -68.37 -37.02 -122.09
CA ARG JA 276 -68.57 -37.43 -120.69
C ARG JA 276 -67.25 -37.32 -119.91
N GLY JA 277 -66.13 -37.62 -120.60
CA GLY JA 277 -64.82 -37.60 -119.97
C GLY JA 277 -64.37 -36.18 -119.67
N SER JA 278 -64.74 -35.20 -120.49
CA SER JA 278 -64.23 -33.86 -120.39
C SER JA 278 -65.26 -32.92 -119.79
N GLN JA 279 -66.35 -33.44 -119.22
CA GLN JA 279 -67.37 -32.55 -118.66
C GLN JA 279 -66.87 -31.81 -117.41
N GLN JA 280 -66.09 -32.51 -116.61
CA GLN JA 280 -65.61 -32.02 -115.34
C GLN JA 280 -64.40 -31.08 -115.50
N TYR JA 281 -63.80 -31.05 -116.67
CA TYR JA 281 -62.57 -30.32 -116.89
C TYR JA 281 -62.77 -28.99 -117.59
N ARG JA 282 -63.96 -28.68 -118.09
CA ARG JA 282 -64.20 -27.41 -118.77
C ARG JA 282 -64.75 -26.33 -117.83
N ALA JA 283 -64.20 -25.13 -117.95
CA ALA JA 283 -64.62 -23.99 -117.14
C ALA JA 283 -65.82 -23.34 -117.81
N LEU JA 284 -67.04 -23.57 -117.25
CA LEU JA 284 -68.23 -23.22 -118.00
C LEU JA 284 -68.59 -21.77 -117.73
N SER JA 285 -68.13 -20.92 -118.66
CA SER JA 285 -68.25 -19.48 -118.48
C SER JA 285 -68.74 -18.86 -119.78
N VAL JA 286 -69.16 -17.61 -119.74
CA VAL JA 286 -69.73 -16.94 -120.91
C VAL JA 286 -68.71 -16.82 -122.06
N PRO JA 287 -67.41 -16.50 -121.83
CA PRO JA 287 -66.44 -16.57 -122.91
C PRO JA 287 -66.24 -17.93 -123.56
N GLU JA 288 -66.38 -19.00 -122.80
CA GLU JA 288 -66.26 -20.34 -123.34
C GLU JA 288 -67.48 -20.75 -124.15
N LEU JA 289 -68.65 -20.20 -123.81
CA LEU JA 289 -69.85 -20.50 -124.56
C LEU JA 289 -69.73 -19.88 -125.97
N THR JA 290 -69.23 -18.66 -126.04
CA THR JA 290 -69.21 -17.94 -127.30
C THR JA 290 -68.09 -18.44 -128.19
N GLN JA 291 -67.06 -19.08 -127.63
CA GLN JA 291 -66.00 -19.63 -128.47
C GLN JA 291 -66.48 -20.94 -129.09
N GLN JA 292 -67.28 -21.72 -128.35
CA GLN JA 292 -67.79 -22.94 -128.91
C GLN JA 292 -68.90 -22.66 -129.92
N MET JA 293 -69.60 -21.54 -129.75
CA MET JA 293 -70.71 -21.18 -130.62
C MET JA 293 -70.21 -20.76 -132.00
N PHE JA 294 -69.11 -19.98 -132.05
CA PHE JA 294 -68.54 -19.55 -133.31
C PHE JA 294 -67.43 -20.52 -133.72
N ASP JA 295 -67.84 -21.72 -134.05
CA ASP JA 295 -66.94 -22.74 -134.53
C ASP JA 295 -67.64 -23.40 -135.70
N ALA JA 296 -66.90 -23.65 -136.79
CA ALA JA 296 -67.42 -24.41 -137.90
C ALA JA 296 -67.75 -25.85 -137.50
N LYS JA 297 -67.05 -26.37 -136.51
CA LYS JA 297 -67.21 -27.73 -136.06
C LYS JA 297 -68.48 -27.90 -135.20
N ASN JA 298 -69.16 -26.81 -134.87
CA ASN JA 298 -70.30 -26.90 -133.98
C ASN JA 298 -71.64 -26.62 -134.67
N MET JA 299 -71.58 -26.21 -135.92
CA MET JA 299 -72.81 -25.77 -136.61
C MET JA 299 -73.52 -27.03 -137.12
N MET JA 300 -74.86 -27.02 -137.05
CA MET JA 300 -75.61 -28.23 -137.34
C MET JA 300 -76.01 -28.26 -138.82
N CYS JA 301 -75.44 -27.36 -139.66
CA CYS JA 301 -75.50 -27.52 -141.09
C CYS JA 301 -74.07 -27.67 -141.60
N ALA JA 302 -73.89 -28.61 -142.56
CA ALA JA 302 -72.57 -28.91 -143.08
C ALA JA 302 -72.26 -27.90 -144.22
N SER JA 303 -72.36 -26.60 -143.90
CA SER JA 303 -71.84 -25.57 -144.74
C SER JA 303 -70.84 -24.76 -143.90
N ASP JA 304 -69.64 -24.67 -144.41
CA ASP JA 304 -68.53 -24.07 -143.65
C ASP JA 304 -68.70 -22.56 -143.59
N PRO JA 305 -68.97 -21.98 -142.41
CA PRO JA 305 -69.40 -20.58 -142.36
C PRO JA 305 -68.26 -19.58 -142.59
N ARG JA 306 -67.02 -20.03 -142.57
CA ARG JA 306 -65.92 -19.12 -142.79
C ARG JA 306 -65.72 -18.83 -144.27
N HIS JA 307 -66.40 -19.56 -145.15
CA HIS JA 307 -66.32 -19.27 -146.58
C HIS JA 307 -67.25 -18.11 -146.97
N GLY JA 308 -68.15 -17.70 -146.11
CA GLY JA 308 -69.09 -16.65 -146.40
C GLY JA 308 -69.11 -15.56 -145.31
N ARG JA 309 -69.81 -14.48 -145.63
CA ARG JA 309 -70.01 -13.46 -144.58
C ARG JA 309 -71.24 -13.87 -143.84
N TYR JA 310 -71.21 -13.78 -142.51
CA TYR JA 310 -72.45 -13.73 -141.72
C TYR JA 310 -73.12 -12.38 -142.00
N LEU JA 311 -74.31 -12.47 -142.60
CA LEU JA 311 -75.09 -11.27 -142.87
C LEU JA 311 -75.61 -10.70 -141.57
N THR JA 312 -76.28 -11.53 -140.77
CA THR JA 312 -76.79 -11.13 -139.46
C THR JA 312 -76.91 -12.40 -138.62
N ALA JA 313 -76.61 -12.31 -137.33
CA ALA JA 313 -76.67 -13.51 -136.50
C ALA JA 313 -77.19 -13.17 -135.13
N SER JA 314 -77.72 -14.18 -134.42
CA SER JA 314 -78.35 -13.98 -133.13
C SER JA 314 -77.96 -15.12 -132.19
N ALA JA 315 -77.90 -14.81 -130.90
CA ALA JA 315 -77.56 -15.76 -129.87
C ALA JA 315 -78.57 -15.63 -128.73
N MET JA 316 -79.35 -16.70 -128.53
CA MET JA 316 -80.32 -16.74 -127.46
C MET JA 316 -79.71 -17.48 -126.28
N PHE JA 317 -79.22 -16.70 -125.30
CA PHE JA 317 -78.66 -17.29 -124.11
C PHE JA 317 -79.72 -17.72 -123.12
N ARG JA 318 -79.37 -18.71 -122.31
CA ARG JA 318 -80.22 -19.15 -121.24
C ARG JA 318 -79.44 -19.37 -119.98
N GLY JA 319 -79.90 -18.89 -118.86
CA GLY JA 319 -79.30 -19.12 -117.53
C GLY JA 319 -79.13 -17.79 -116.80
N ARG JA 320 -78.87 -17.88 -115.49
CA ARG JA 320 -78.48 -16.74 -114.69
C ARG JA 320 -77.03 -16.35 -114.95
N MET JA 321 -76.83 -15.29 -115.72
CA MET JA 321 -75.52 -14.92 -116.18
C MET JA 321 -75.40 -13.40 -116.17
N SER JA 322 -74.18 -12.91 -116.36
CA SER JA 322 -73.96 -11.47 -116.22
C SER JA 322 -74.04 -10.84 -117.61
N THR JA 323 -74.75 -9.73 -117.73
CA THR JA 323 -75.16 -9.24 -119.02
C THR JA 323 -74.10 -8.41 -119.68
N LYS JA 324 -73.06 -7.96 -118.94
CA LYS JA 324 -71.97 -7.26 -119.59
C LYS JA 324 -71.21 -8.23 -120.51
N GLU JA 325 -70.86 -9.38 -119.98
CA GLU JA 325 -70.08 -10.25 -120.93
C GLU JA 325 -71.01 -11.01 -121.77
N VAL JA 326 -72.34 -10.93 -121.64
CA VAL JA 326 -73.21 -11.31 -122.74
C VAL JA 326 -73.01 -10.29 -123.88
N ASP JA 327 -72.89 -9.00 -123.52
CA ASP JA 327 -72.81 -7.99 -124.54
C ASP JA 327 -71.39 -7.82 -125.11
N GLU JA 328 -70.40 -7.86 -124.21
CA GLU JA 328 -69.03 -7.50 -124.58
C GLU JA 328 -68.41 -8.65 -125.36
N GLN JA 329 -68.80 -9.89 -125.09
CA GLN JA 329 -68.25 -11.00 -125.87
C GLN JA 329 -68.83 -11.00 -127.29
N MET JA 330 -70.07 -10.57 -127.46
CA MET JA 330 -70.63 -10.43 -128.78
C MET JA 330 -69.98 -9.30 -129.55
N LEU JA 331 -69.50 -8.28 -128.83
CA LEU JA 331 -68.68 -7.25 -129.46
C LEU JA 331 -67.29 -7.81 -129.78
N ASN JA 332 -66.77 -8.66 -128.90
CA ASN JA 332 -65.43 -9.21 -129.01
C ASN JA 332 -65.29 -10.09 -130.23
N VAL JA 333 -66.34 -10.86 -130.51
CA VAL JA 333 -66.32 -11.78 -131.64
C VAL JA 333 -66.44 -11.01 -132.95
N GLN JA 334 -67.07 -9.86 -132.96
CA GLN JA 334 -67.18 -9.09 -134.19
C GLN JA 334 -65.84 -8.40 -134.49
N ASN JA 335 -65.11 -8.00 -133.44
CA ASN JA 335 -63.93 -7.20 -133.66
C ASN JA 335 -62.71 -8.00 -134.09
N LYS JA 336 -62.54 -9.16 -133.49
CA LYS JA 336 -61.37 -9.99 -133.80
C LYS JA 336 -61.53 -10.71 -135.14
N ASN JA 337 -62.69 -11.34 -135.34
CA ASN JA 337 -62.90 -12.03 -136.62
C ASN JA 337 -63.73 -11.10 -137.49
N SER JA 338 -63.09 -9.98 -137.88
CA SER JA 338 -63.79 -8.92 -138.57
C SER JA 338 -64.06 -9.28 -140.00
N SER JA 339 -63.32 -10.17 -140.65
CA SER JA 339 -63.45 -10.46 -142.05
C SER JA 339 -64.71 -11.29 -142.36
N TYR JA 340 -65.32 -11.93 -141.33
CA TYR JA 340 -66.39 -12.87 -141.54
C TYR JA 340 -67.75 -12.22 -141.42
N PHE JA 341 -67.77 -10.90 -141.20
CA PHE JA 341 -69.04 -10.19 -141.05
C PHE JA 341 -69.14 -9.13 -142.12
N VAL JA 342 -70.35 -8.85 -142.56
CA VAL JA 342 -70.59 -7.95 -143.66
C VAL JA 342 -70.55 -6.51 -143.14
N GLU JA 343 -70.19 -5.57 -144.00
CA GLU JA 343 -69.83 -4.22 -143.63
C GLU JA 343 -71.03 -3.26 -143.55
N TRP JA 344 -72.03 -3.45 -144.41
CA TRP JA 344 -73.11 -2.48 -144.47
C TRP JA 344 -74.19 -2.71 -143.41
N ILE JA 345 -74.03 -3.73 -142.55
CA ILE JA 345 -74.78 -3.81 -141.32
C ILE JA 345 -73.83 -3.60 -140.15
N PRO JA 346 -73.91 -2.46 -139.44
CA PRO JA 346 -73.22 -2.34 -138.17
C PRO JA 346 -73.82 -3.26 -137.07
N ASN JA 347 -72.93 -3.74 -136.21
CA ASN JA 347 -73.26 -4.46 -135.01
C ASN JA 347 -74.25 -5.59 -135.25
N ASN JA 348 -73.76 -6.61 -135.96
CA ASN JA 348 -74.53 -7.68 -136.53
C ASN JA 348 -75.14 -8.64 -135.52
N MET JA 349 -74.77 -8.58 -134.23
CA MET JA 349 -75.27 -9.56 -133.30
C MET JA 349 -76.56 -9.07 -132.62
N LYS JA 350 -77.45 -10.05 -132.40
CA LYS JA 350 -78.57 -9.91 -131.52
C LYS JA 350 -78.38 -10.83 -130.31
N SER JA 351 -78.63 -10.28 -129.13
CA SER JA 351 -78.54 -11.06 -127.92
C SER JA 351 -79.88 -11.07 -127.19
N SER JA 352 -80.21 -12.23 -126.59
CA SER JA 352 -81.32 -12.29 -125.67
C SER JA 352 -80.95 -13.23 -124.52
N VAL JA 353 -81.37 -12.82 -123.30
CA VAL JA 353 -81.06 -13.56 -122.12
C VAL JA 353 -82.34 -14.08 -121.48
N CYS JA 354 -82.47 -15.39 -121.38
CA CYS JA 354 -83.45 -16.04 -120.54
C CYS JA 354 -82.79 -16.53 -119.24
N ASP JA 355 -83.61 -16.64 -118.22
CA ASP JA 355 -83.09 -16.84 -116.90
C ASP JA 355 -83.10 -18.29 -116.48
N ILE JA 356 -83.80 -19.20 -117.19
CA ILE JA 356 -83.91 -20.57 -116.72
C ILE JA 356 -83.14 -21.49 -117.65
N PRO JA 357 -82.03 -22.09 -117.20
CA PRO JA 357 -81.22 -22.90 -118.10
C PRO JA 357 -81.86 -24.27 -118.24
N PRO JA 358 -81.46 -25.06 -119.25
CA PRO JA 358 -81.94 -26.43 -119.35
C PRO JA 358 -81.42 -27.28 -118.21
N LYS JA 359 -82.10 -28.39 -117.97
CA LYS JA 359 -81.90 -29.19 -116.77
C LYS JA 359 -80.54 -29.86 -116.79
N GLY JA 360 -79.75 -29.66 -115.73
CA GLY JA 360 -78.42 -30.23 -115.62
C GLY JA 360 -77.30 -29.31 -116.12
N LEU JA 361 -77.62 -28.26 -116.79
CA LEU JA 361 -76.57 -27.33 -117.26
C LEU JA 361 -76.78 -26.00 -116.55
N LYS JA 362 -75.69 -25.27 -116.30
CA LYS JA 362 -75.89 -24.01 -115.59
C LYS JA 362 -76.19 -22.86 -116.57
N MET JA 363 -75.70 -23.00 -117.80
CA MET JA 363 -75.97 -21.97 -118.79
C MET JA 363 -75.75 -22.52 -120.17
N SER JA 364 -76.55 -22.07 -121.14
CA SER JA 364 -76.47 -22.54 -122.51
C SER JA 364 -76.86 -21.46 -123.49
N VAL JA 365 -76.60 -21.74 -124.76
CA VAL JA 365 -76.88 -20.77 -125.82
C VAL JA 365 -77.29 -21.51 -127.07
N THR JA 366 -78.18 -20.92 -127.82
CA THR JA 366 -78.55 -21.41 -129.14
C THR JA 366 -78.26 -20.33 -130.16
N PHE JA 367 -77.63 -20.71 -131.26
CA PHE JA 367 -77.15 -19.77 -132.24
C PHE JA 367 -77.93 -19.90 -133.54
N VAL JA 368 -78.49 -18.79 -133.98
CA VAL JA 368 -79.19 -18.74 -135.25
C VAL JA 368 -78.52 -17.67 -136.09
N GLY JA 369 -77.94 -18.10 -137.24
CA GLY JA 369 -77.23 -17.15 -138.05
C GLY JA 369 -77.69 -17.18 -139.52
N ASN JA 370 -77.89 -15.98 -140.07
CA ASN JA 370 -78.15 -15.84 -141.50
C ASN JA 370 -76.82 -15.65 -142.23
N SER JA 371 -76.28 -16.73 -142.76
CA SER JA 371 -75.00 -16.70 -143.43
C SER JA 371 -75.22 -16.86 -144.92
N THR JA 372 -74.28 -16.25 -145.69
CA THR JA 372 -74.32 -16.42 -147.12
C THR JA 372 -73.42 -17.60 -147.54
N ALA JA 373 -72.95 -18.39 -146.58
CA ALA JA 373 -72.36 -19.69 -146.85
C ALA JA 373 -73.41 -20.77 -147.18
N ILE JA 374 -74.67 -20.45 -147.12
CA ILE JA 374 -75.74 -21.30 -147.58
C ILE JA 374 -75.87 -21.31 -149.10
N GLN JA 375 -75.08 -20.47 -149.77
CA GLN JA 375 -74.95 -20.51 -151.21
C GLN JA 375 -74.35 -21.85 -151.66
N GLU JA 376 -73.47 -22.41 -150.81
CA GLU JA 376 -72.71 -23.61 -151.15
C GLU JA 376 -73.66 -24.80 -151.19
N MET JA 377 -74.72 -24.81 -150.37
CA MET JA 377 -75.65 -25.91 -150.39
C MET JA 377 -76.57 -25.83 -151.59
N PHE JA 378 -77.04 -24.63 -151.91
CA PHE JA 378 -78.00 -24.51 -153.01
C PHE JA 378 -77.29 -24.71 -154.34
N LYS JA 379 -76.00 -24.44 -154.43
CA LYS JA 379 -75.22 -24.79 -155.61
C LYS JA 379 -75.08 -26.32 -155.75
N ARG JA 380 -74.90 -26.99 -154.63
CA ARG JA 380 -74.67 -28.44 -154.61
C ARG JA 380 -75.95 -29.18 -155.01
N VAL JA 381 -77.09 -28.68 -154.56
CA VAL JA 381 -78.36 -29.31 -154.95
C VAL JA 381 -78.68 -28.94 -156.40
N SER JA 382 -78.34 -27.74 -156.81
CA SER JA 382 -78.73 -27.28 -158.14
C SER JA 382 -77.94 -27.98 -159.22
N ASP JA 383 -76.66 -28.19 -159.00
CA ASP JA 383 -75.86 -28.90 -160.02
C ASP JA 383 -76.20 -30.39 -160.04
N GLN JA 384 -76.60 -30.96 -158.90
CA GLN JA 384 -77.10 -32.32 -158.92
C GLN JA 384 -78.44 -32.41 -159.65
N PHE JA 385 -79.25 -31.36 -159.50
CA PHE JA 385 -80.54 -31.29 -160.19
C PHE JA 385 -80.35 -31.13 -161.68
N THR JA 386 -79.41 -30.30 -162.09
CA THR JA 386 -79.20 -30.03 -163.51
C THR JA 386 -78.51 -31.21 -164.16
N ALA JA 387 -77.77 -32.01 -163.41
CA ALA JA 387 -77.15 -33.24 -163.94
C ALA JA 387 -78.24 -34.26 -164.32
N MET JA 388 -79.26 -34.39 -163.49
CA MET JA 388 -80.28 -35.39 -163.60
C MET JA 388 -81.40 -34.91 -164.52
N PHE JA 389 -81.58 -33.60 -164.75
CA PHE JA 389 -82.71 -33.09 -165.49
C PHE JA 389 -82.46 -32.96 -166.99
N ARG JA 390 -81.21 -32.74 -167.36
CA ARG JA 390 -80.79 -32.63 -168.74
C ARG JA 390 -81.02 -33.95 -169.47
N ARG JA 391 -80.88 -35.04 -168.78
CA ARG JA 391 -81.02 -36.38 -169.32
C ARG JA 391 -82.38 -36.96 -169.00
N LYS JA 392 -83.30 -36.16 -168.38
CA LYS JA 392 -84.67 -36.55 -168.14
C LYS JA 392 -84.78 -37.84 -167.34
N ALA JA 393 -83.88 -38.03 -166.36
CA ALA JA 393 -83.86 -39.28 -165.58
C ALA JA 393 -84.90 -39.13 -164.48
N PHE JA 394 -85.60 -40.24 -164.18
CA PHE JA 394 -86.58 -40.36 -163.12
C PHE JA 394 -87.72 -39.37 -163.26
N LEU JA 395 -87.98 -38.90 -164.47
CA LEU JA 395 -88.97 -37.85 -164.66
C LEU JA 395 -90.37 -38.40 -164.80
N HIS JA 396 -90.50 -39.65 -165.24
CA HIS JA 396 -91.82 -40.18 -165.55
C HIS JA 396 -92.60 -40.52 -164.27
N TRP JA 397 -91.91 -40.65 -163.15
CA TRP JA 397 -92.60 -40.77 -161.88
C TRP JA 397 -93.24 -39.46 -161.44
N TYR JA 398 -92.67 -38.33 -161.88
CA TYR JA 398 -93.15 -37.03 -161.52
C TYR JA 398 -94.17 -36.52 -162.53
N THR JA 399 -93.86 -36.72 -163.82
CA THR JA 399 -94.73 -36.25 -164.89
C THR JA 399 -95.97 -37.12 -164.98
N GLY JA 400 -95.88 -38.35 -164.53
CA GLY JA 400 -97.00 -39.29 -164.58
C GLY JA 400 -98.08 -38.97 -163.54
N GLU JA 401 -97.72 -38.19 -162.52
CA GLU JA 401 -98.61 -37.96 -161.40
C GLU JA 401 -99.24 -36.58 -161.43
N GLY JA 402 -99.04 -35.83 -162.54
CA GLY JA 402 -99.89 -34.66 -162.77
C GLY JA 402 -99.14 -33.34 -162.80
N MET JA 403 -97.81 -33.37 -162.90
CA MET JA 403 -97.06 -32.15 -163.10
C MET JA 403 -96.43 -32.18 -164.50
N ASP JA 404 -95.97 -31.01 -164.89
CA ASP JA 404 -95.38 -30.75 -166.18
C ASP JA 404 -93.91 -30.37 -166.06
N GLU JA 405 -93.20 -30.32 -167.18
CA GLU JA 405 -91.80 -30.02 -167.28
C GLU JA 405 -91.48 -28.60 -166.86
N MET JA 406 -92.45 -27.69 -167.06
CA MET JA 406 -92.09 -26.27 -166.71
C MET JA 406 -92.25 -26.03 -165.24
N GLU JA 407 -92.80 -26.83 -164.43
CA GLU JA 407 -92.68 -26.73 -162.97
C GLU JA 407 -91.25 -26.99 -162.50
N PHE JA 408 -90.56 -27.87 -163.20
CA PHE JA 408 -89.14 -28.14 -162.93
C PHE JA 408 -88.31 -26.96 -163.41
N THR JA 409 -88.70 -26.32 -164.54
CA THR JA 409 -87.93 -25.18 -165.01
C THR JA 409 -88.11 -24.00 -164.05
N GLU JA 410 -89.30 -23.87 -163.47
CA GLU JA 410 -89.58 -22.83 -162.48
C GLU JA 410 -88.78 -23.10 -161.22
N ALA JA 411 -88.64 -24.38 -160.84
CA ALA JA 411 -87.93 -24.74 -159.62
C ALA JA 411 -86.46 -24.37 -159.74
N GLU JA 412 -85.87 -24.64 -160.91
CA GLU JA 412 -84.49 -24.30 -161.13
C GLU JA 412 -84.29 -22.79 -161.20
N SER JA 413 -85.24 -22.08 -161.81
CA SER JA 413 -85.11 -20.65 -161.98
C SER JA 413 -85.22 -19.93 -160.65
N ASN JA 414 -86.14 -20.41 -159.78
CA ASN JA 414 -86.34 -19.76 -158.47
C ASN JA 414 -85.14 -20.04 -157.57
N MET JA 415 -84.54 -21.25 -157.70
CA MET JA 415 -83.41 -21.52 -156.83
C MET JA 415 -82.12 -20.90 -157.35
N ASN JA 416 -82.01 -20.72 -158.68
CA ASN JA 416 -80.87 -20.01 -159.21
C ASN JA 416 -80.91 -18.52 -158.85
N ASP JA 417 -82.12 -17.96 -158.77
CA ASP JA 417 -82.25 -16.59 -158.35
C ASP JA 417 -81.90 -16.43 -156.86
N LEU JA 418 -82.20 -17.48 -156.09
CA LEU JA 418 -81.90 -17.44 -154.66
C LEU JA 418 -80.39 -17.50 -154.43
N VAL JA 419 -79.69 -18.24 -155.32
CA VAL JA 419 -78.24 -18.29 -155.24
C VAL JA 419 -77.66 -16.94 -155.62
N SER JA 420 -78.26 -16.28 -156.60
CA SER JA 420 -77.72 -15.01 -157.11
C SER JA 420 -77.90 -13.90 -156.07
N GLU JA 421 -78.98 -13.96 -155.30
CA GLU JA 421 -79.22 -12.91 -154.32
C GLU JA 421 -78.28 -13.04 -153.12
N TYR JA 422 -77.88 -14.26 -152.79
CA TYR JA 422 -76.88 -14.45 -151.76
C TYR JA 422 -75.50 -13.93 -152.20
N GLN JA 423 -75.21 -14.09 -153.48
CA GLN JA 423 -73.91 -13.77 -154.02
C GLN JA 423 -73.65 -12.28 -154.04
N GLN JA 424 -74.73 -11.47 -154.15
CA GLN JA 424 -74.57 -10.04 -154.20
C GLN JA 424 -74.04 -9.47 -152.87
N TYR JA 425 -74.31 -10.13 -151.76
CA TYR JA 425 -74.00 -9.59 -150.45
C TYR JA 425 -72.77 -10.26 -149.82
N GLN JA 426 -72.00 -11.05 -150.62
CA GLN JA 426 -70.70 -11.47 -150.14
C GLN JA 426 -69.62 -10.57 -150.75
#